data_9B45
#
_entry.id   9B45
#
loop_
_entity.id
_entity.type
_entity.pdbx_description
1 polymer 'gp45-a Baseplate wedge 1'
2 polymer 'gp47 Tail fiber'
3 polymer 'gp34 helical bundle'
4 polymer 'gp38 Ripcord-1'
5 polymer 'gp41 Tape measure protein'
6 polymer 'gp42 Tail hub'
7 polymer 'gp39 Ripcord-2'
8 polymer 'gp46 Baseplate wedge 2'
9 polymer 'gp37 Baseplate tube'
10 polymer 'gp35 Sheath initiator'
11 polymer 'gp44 Tail tip'
#
loop_
_entity_poly.entity_id
_entity_poly.type
_entity_poly.pdbx_seq_one_letter_code
_entity_poly.pdbx_strand_id
1 'polypeptide(L)'
;MANYNYIVDTGVIVADTADVLSDVEAEFRAALGANINLAASTPQGSLVAAEAIARSSVMRNEARIANTINPNVSFGTFLD
AICALMGIERGSDLSTFGYGVQVTGRSQTRISTGSRVQTPAGAIFTVLSDVTIPAGGVATIDIKSQEYGNIPLPVGNLII
IDGTIGWSGAKVIASTRVDPGSRQMSDAELKNARVNRLAIQGRNSTMAIKAYVSAVPNVTSVNVIENNTGAVQVVNGVSF
TLPYAVWVCVAGNPDKQAVADALWAAHNGGTPWDYGATNNGVPVDGPNGVPVRDPASGRKYVVKWTTPIMYDGYVNVTVQ
QGSSSVAPEAIQNAVVNYAQGKVEGEEGLVVGASLSAFEVAGAIAREIPGIYIKLCQVACVAAGSPAPAPGDFTSEYVMS
AFGQATISVGNVRVTFV
;
j,k,l,m,n,o,q,p,r,s,t,u
2 'polypeptide(L)'
;MITPELIPSPFAAQGDKDPIPQTSSTGFANLRDGYTPDYEISLASNNPQAKAVERKIQNQLFFIATQNAQAWQRQMAPPW
FQGMPGGYEQNAEVVRVGNDGIMRRYRSMVNANASDPLSSTTWEEQPAWSAMRSNIPMPAGGPGLSSGGEVITTGRNFND
LLNGTWEFFSDSVVIASQNAPVYPASAGAAAGMLEAKSWISGSNTFCVQRYTDRVGNVAVRGLNAGAWTNWMYAVNVMAL
QQGRVTYGVAAGPANAYTLTLVPQLQGGLVDGMILRVKFNTMNTGASTINVSGLGAKAIVGAANFPLTGGELGQGLIAEL
VFDAAGDRWRILAGAPRIQVGNADQDYQAPSWKQVKDYVASQKLTEVDWADVVNKPNVAIQDTTPWFANLELSDARPFID
FHFNNNRAKDFDYRFISEADGSMAFYSRQGSAGPTQDILFSRSNVTFLQPRLDVAKNLAYIANSGPLWQNTTADQPGWKF
TFAQGVDANNNAVIAVNTTNPDGSYRSQIMRWDWASTNVIFNNRPLFAGQYVPWDSGNFDPSTKLTVNATNQIAGPTGIR
NTNGNTGNMNTWGSGSTTASYGNAAIQIFGKGGGEPAAIYFDNSQTGWYLGMDKDGQLKRAGWSLGNNSYVITDELNIRN
HINGMAARPVWGGNEFWGPWNFNPNTKLTLGAFNDSQHTRMVNSAAKDVGIAAMTSYGDAAMSFFNYEASTPTGNRAAVI
SFVRNGARGVLFGLDTDNKLKWGGYSLGAVAFEIADSNNLMSLWSSHAAAPNWNGQTIWRSGNFNPDTKATLAARNTTSS
PTIFSYGASGIASTGQVGALVVENNSVTNTAAAITFHSPQKYQVNFGLDADNVVKIGGGTMGGVAYPIIHSGNYNNYINQ
ALVQVGLGGVGSYAILAVFDTSAPAASIAPGTIMDSSKLFYSSCDSTYRSSASPTGTWRCMGYVYNRDSTNGDSASLFQR
VT
;
2,3,4
3 'polypeptide(L)'
;MKKIPLTAVPNQAISFNAGSSYWKIRLYQNMDMMNADISRDGVIVCHGVRCFGGIPLLQYSRQYRPDYGNFVFDRDADWT
LFGDGINLFYLDGAEFAEYQALATRKE
;
A,B,C,D,E,F
4 'polypeptide(L)'
;MMLGIFTSLLSSRSFSIVDQNTNQLVAADLRISRVNTRFSSVGQRHMLEDGKTKMDSRTIHPMEIIVEVFCPSIDVVDQI
NQLLLDRDTLYKVITRGMVFERMMCTSEALNQTPDMISATPARLTFSQVLVQNPKPIMFRNAGDSSMIDRGLALAEDVVG
SAGDLFDYAVNGVQNAADLF
;
S,T,U
5 'polypeptide(L)'
;MSSDLDEFILRYEADTARAERNLEHLQNQIRRVNSASTSGLQDLRHFADGAATELGRVVPQIDSVTSAIRGMNAQLAIGA
TGVALVAAGVKAFMNTRDQYNQQRIQAMDIGIAPARLEEYQRKFVRQSGGTISREQGAEMTKNLADTFRRAYRDIGRVGP
EARILRMAGVDVGSFQKGMRPLNDIITDLATKMAKLKPDEISAYADALGVSRDYLSTLAKIGPAMGKVTEMTTAELQSRV
QGESNIQKFNDALANLNQTFTTLENRVGEKLAPAFTKLIEIIDKIVQAIPNEVESFAKDTKSRWEDGVLGKATVGSDILS
LLSPGALLGRLAAWGTRRGMEESGLIDKDKVPGAQTSEDLAKKQEDQDKATKSMKELEKLADQTTKSTNDFAVAINMFSG
AVSSFANAVDERQAWAAWAGEIGRAVGMGSTAPTSRATGVYPHAIYDQSKSGAAGQVFGEPIGAQSLRNRMFSPQRKAEP
VTVPSYINDIIKDASKMYNIPELDIKKLIYTESRFNARATSEAGAKGLMQLMPEIAKAYGITDVYDPRQNILGGTRLLRE
NLDRANGDMRLALTYYHGGLDPKNWGPRTRAYPGLVMSAPIELMEEAQRKQKAAAMTVANETFAPEGGDMDIRPYDGGRL
ETPDQGKKEDERREARRYDDRVVRPEIRIIDRMPDRSDGEILKMSRRQEADRADSGFRKFPNQVRGETKQNIQAQLTAGA
IAQVIGVNPNQIMRREISRSDLLFGYNQAILGKQQEIKAAATEANNVFLSPAKLAEATAKVNAASREMDILRTYGEQLLK
SAPERGQELTIGRIDMLVNVTGANSPEEAREIFSKQTADQLTTAIQDAQNDSATKILY
;
a,b,c
6 'polypeptide(L)'
;MKKRILRVTFNMPYGPEVIREDLDVRVRIMKAALRIQNRATMEIFGLTTQLRESLLSQFTAWKHRQRQVGREDELMIKVS
VEAGYSDQGREQVSRVFVGEVAIVDIISPPPDIGIRIQCYTRQIDRTKTIRNMPPANTTFVKFVEWGANEMGLNFICDTS
YNDQVLKNPGRSITVASAILASIQDMYMPDVAAFVDDDILIVKDRDKVIRPDEVTNVNSFVGIPSWSEWGVEFQCLFEPS
IRVAGGVAVESLMNPSVNGNYVITALEYDLASRDRPFYIKVMGSPAA
;
d,e,f
7 'polypeptide(L)'
;MNSFLKSILNTPTLTIRDDVTKLPVWKSLQVKKVEIYSPASVVSKPLATKDQTEAQVYTEALDIDVKNGKIIQPVRLRIN
AICPDLSTVESIMNAFNDNTSTFAITSKSILADKMAIMTLDVDQSPDMLNAAEINMEFEQVEPPVLNEFDPAFPQDSPTY
GVQIQSLSDANLLDLGAIGDSISSAAKSLYNRVTSYF
;
V,W,X
8 'polypeptide(L)'
;MTLPAYNSDIQQALKWLHNQAPGITGLIQRKAQWYDRFSRQFWANWERDVFHLKTANPFGLMVWCIILGTPSKGFGLYPK
NSSWAFGRLRQNFIYSGTQVPPPADASPGGNFYGGGNAEILNLDEIRKVLQLRYVALISNGSIAYINRMLRYIFNDDEPW
DEATGLYFYLMDSTGENGPVENLAIYRKDWEGMVLLSSSPRTNHVLTSTPASDADWPGVDPAASGIPVTVETASATAPDG
SATVCKLTKPAGSTAYVSAPIDGPLGSGSTVTFSFFAKAGSTRFIAIQSAADFPSRADAVFDLDSGNVISDQMLDSSVVS
ARMIRLENGWWRCVLTTKTVSSSFRAAYVAPAETNFSWIDSNSSAAIDVLIWGAQIELGDTPTGYLETTGAPVTMTDYVL
QNAQTGTVKFTQPLPTGVEAYWTGDWKGGTAAEPARFAVGNGTQDTFTLSDPAYIGLPTSGAFKLEYRVGPALNLSPQLI
NLMNDRAVGIMPTCAGCDVKVIQE
;
v,w,x,y,z,1
9 'polypeptide(L)'
;MINVSGFGTGIVIVSASSFPMGFSLSKFADDESPISSKELEPFGYEMLYDGGLFAFDKAAPLEVSVSVIAGSEDDINLRI
LLNSKKGSFRFLPGIIPDMTTLVATLPDGGRTVLSNGTIIKGPAIDTIQNTGRRKGNTYTFVFGSYLGAQTARQAISNVI
QSVLEVV
;
M,N,O,P,Q,R
10 'polypeptide(L)'
;MSTSTIRTGTNNDILLDDNGNMVILRDVEACAQDVRAAMLMRTGENIFDVNSGVGYFEYIFSPQKSYDDARKSIADAILS
SPDVTGIEQLDIDITGEVFGVDAKVITIHGPVTTGV
;
G,H,I,J,K,L
11 'polypeptide(L)'
;MSNISLTSAKAPDRTRLIAALDARSRRDALDFEVMIPAQVVQYDRAENIATIQPLITWVDTEHNAVQRHQLVDIPVISMG
AGGFHISFPIQQGDIGWIYAADRDTSQFLESLSMSKPNTGRIHKFEHGLFIPDVFRRYTINSEDSAAMVIQSTSGATRIS
IRGDNIKITAPSNVTVDTPQANFTGNVTIANTLVVNGINVNNHGHLENNPPDARTKGGMIA
;
g,h,i
#
# COMPACT_ATOMS: atom_id res chain seq x y z
N ALA A 2 9.41 61.50 13.37
CA ALA A 2 10.42 60.60 13.91
C ALA A 2 10.10 60.22 15.35
N ASN A 3 9.62 61.19 16.13
CA ASN A 3 9.24 60.93 17.52
C ASN A 3 7.90 60.22 17.63
N TYR A 4 7.12 60.19 16.56
CA TYR A 4 5.75 59.63 16.56
C TYR A 4 4.95 60.38 17.62
N ASN A 5 4.06 59.71 18.33
CA ASN A 5 3.33 60.30 19.45
C ASN A 5 3.32 59.25 20.56
N TYR A 6 4.35 59.28 21.40
CA TYR A 6 4.45 58.28 22.46
C TYR A 6 3.51 58.56 23.62
N ILE A 7 2.54 59.46 23.45
CA ILE A 7 1.56 59.73 24.49
C ILE A 7 0.27 58.99 24.22
N VAL A 8 -0.24 59.09 22.99
CA VAL A 8 -1.49 58.49 22.52
C VAL A 8 -2.59 58.69 23.57
N ASP A 9 -3.62 57.86 23.55
CA ASP A 9 -4.69 57.97 24.53
C ASP A 9 -4.71 56.84 25.54
N THR A 10 -4.17 55.67 25.21
CA THR A 10 -4.22 54.53 26.13
C THR A 10 -3.00 54.51 27.03
N GLY A 11 -2.68 55.66 27.61
CA GLY A 11 -1.49 55.78 28.43
C GLY A 11 -0.24 55.97 27.58
N VAL A 12 0.87 56.21 28.26
CA VAL A 12 2.13 56.51 27.59
C VAL A 12 2.77 55.22 27.11
N ILE A 13 3.06 55.14 25.82
CA ILE A 13 3.79 54.02 25.25
C ILE A 13 5.28 54.32 25.28
N VAL A 14 6.05 53.44 25.88
CA VAL A 14 7.50 53.59 26.01
C VAL A 14 8.16 52.54 25.12
N ALA A 15 9.00 53.00 24.20
CA ALA A 15 9.72 52.12 23.31
C ALA A 15 11.09 51.78 23.88
N ASP A 16 11.75 50.81 23.25
CA ASP A 16 13.05 50.37 23.74
C ASP A 16 14.13 51.40 23.41
N THR A 17 15.17 51.41 24.25
CA THR A 17 16.26 52.35 24.04
C THR A 17 17.00 52.05 22.75
N ALA A 18 17.00 50.80 22.30
CA ALA A 18 17.52 50.52 20.96
C ALA A 18 16.75 51.30 19.91
N ASP A 19 15.42 51.31 20.01
CA ASP A 19 14.60 52.02 19.03
C ASP A 19 14.82 53.53 19.10
N VAL A 20 14.87 54.09 20.31
CA VAL A 20 15.04 55.54 20.41
C VAL A 20 16.44 55.94 19.96
N LEU A 21 17.45 55.11 20.25
CA LEU A 21 18.79 55.38 19.76
C LEU A 21 18.84 55.31 18.24
N SER A 22 18.12 54.36 17.65
CA SER A 22 18.06 54.29 16.19
C SER A 22 17.40 55.54 15.62
N ASP A 23 16.34 56.02 16.26
CA ASP A 23 15.69 57.25 15.79
C ASP A 23 16.64 58.44 15.87
N VAL A 24 17.35 58.58 16.99
CA VAL A 24 18.29 59.70 17.13
C VAL A 24 19.42 59.59 16.12
N GLU A 25 19.92 58.38 15.90
CA GLU A 25 20.97 58.15 14.92
C GLU A 25 20.49 58.50 13.52
N ALA A 26 19.25 58.14 13.18
CA ALA A 26 18.71 58.50 11.87
C ALA A 26 18.56 60.01 11.73
N GLU A 27 18.13 60.69 12.79
CA GLU A 27 18.02 62.14 12.76
C GLU A 27 19.37 62.79 12.52
N PHE A 28 20.40 62.35 13.25
CA PHE A 28 21.74 62.90 13.08
C PHE A 28 22.28 62.60 11.69
N ARG A 29 22.01 61.40 11.18
CA ARG A 29 22.48 61.02 9.85
C ARG A 29 21.82 61.88 8.78
N ALA A 30 20.53 62.16 8.93
CA ALA A 30 19.87 63.03 7.97
C ALA A 30 20.36 64.48 8.08
N ALA A 31 20.70 64.92 9.29
CA ALA A 31 21.11 66.30 9.48
C ALA A 31 22.53 66.55 9.00
N LEU A 32 23.51 65.84 9.58
CA LEU A 32 24.91 66.16 9.32
C LEU A 32 25.38 65.58 7.98
N GLY A 33 25.07 64.32 7.71
CA GLY A 33 25.50 63.70 6.48
C GLY A 33 25.07 62.25 6.36
N ALA A 34 24.77 61.81 5.14
CA ALA A 34 24.22 60.48 4.93
C ALA A 34 25.17 59.36 5.33
N ASN A 35 26.47 59.65 5.41
CA ASN A 35 27.47 58.64 5.74
C ASN A 35 28.44 59.17 6.80
N ILE A 36 27.90 59.88 7.78
CA ILE A 36 28.71 60.37 8.89
C ILE A 36 29.04 59.21 9.82
N ASN A 37 30.24 59.22 10.39
CA ASN A 37 30.64 58.18 11.32
C ASN A 37 30.00 58.42 12.67
N LEU A 38 28.95 57.69 12.97
CA LEU A 38 28.29 57.78 14.28
C LEU A 38 28.87 56.76 15.26
N ALA A 39 30.20 56.74 15.37
CA ALA A 39 30.86 55.93 16.38
C ALA A 39 30.83 56.68 17.72
N ALA A 40 30.80 55.92 18.80
CA ALA A 40 30.61 56.51 20.12
C ALA A 40 31.78 57.38 20.56
N SER A 41 32.97 57.17 20.00
CA SER A 41 34.12 57.99 20.36
C SER A 41 34.17 59.31 19.61
N THR A 42 33.45 59.45 18.51
CA THR A 42 33.40 60.67 17.74
C THR A 42 32.51 61.70 18.43
N PRO A 43 32.73 63.00 18.18
CA PRO A 43 31.84 64.01 18.77
C PRO A 43 30.38 63.85 18.35
N GLN A 44 30.13 63.50 17.09
CA GLN A 44 28.75 63.27 16.66
C GLN A 44 28.15 62.07 17.36
N GLY A 45 28.95 61.01 17.56
CA GLY A 45 28.47 59.87 18.31
C GLY A 45 28.19 60.21 19.76
N SER A 46 29.01 61.06 20.36
CA SER A 46 28.75 61.52 21.72
C SER A 46 27.45 62.31 21.80
N LEU A 47 27.21 63.17 20.82
CA LEU A 47 25.96 63.92 20.78
C LEU A 47 24.77 62.98 20.58
N VAL A 48 24.93 61.95 19.75
CA VAL A 48 23.86 60.97 19.54
C VAL A 48 23.56 60.24 20.84
N ALA A 49 24.61 59.82 21.56
CA ALA A 49 24.39 59.13 22.82
C ALA A 49 23.72 60.04 23.84
N ALA A 50 24.09 61.32 23.87
CA ALA A 50 23.45 62.26 24.77
C ALA A 50 21.97 62.40 24.45
N GLU A 51 21.65 62.62 23.18
CA GLU A 51 20.25 62.77 22.78
C GLU A 51 19.47 61.47 22.90
N ALA A 52 20.16 60.34 23.00
CA ALA A 52 19.49 59.06 23.26
C ALA A 52 19.24 58.83 24.75
N ILE A 53 20.14 59.28 25.62
CA ILE A 53 19.84 59.22 27.05
C ILE A 53 18.69 60.16 27.39
N ALA A 54 18.76 61.40 26.89
CA ALA A 54 17.57 62.22 26.83
C ALA A 54 16.61 61.63 25.81
N ARG A 55 15.39 62.15 25.79
CA ARG A 55 14.34 61.66 24.91
C ARG A 55 13.96 60.24 25.29
N SER A 56 14.66 59.64 26.25
CA SER A 56 14.28 58.41 26.92
C SER A 56 14.07 58.62 28.41
N SER A 57 14.92 59.43 29.05
CA SER A 57 14.63 59.81 30.43
C SER A 57 13.26 60.47 30.55
N VAL A 58 12.92 61.33 29.59
CA VAL A 58 11.64 62.03 29.64
C VAL A 58 10.48 61.06 29.38
N MET A 59 10.65 60.14 28.42
CA MET A 59 9.60 59.16 28.17
C MET A 59 9.35 58.30 29.41
N ARG A 60 10.42 57.85 30.06
CA ARG A 60 10.27 57.04 31.25
C ARG A 60 9.66 57.82 32.40
N ASN A 61 10.03 59.10 32.56
CA ASN A 61 9.41 59.92 33.60
C ASN A 61 7.92 60.11 33.34
N GLU A 62 7.55 60.39 32.09
CA GLU A 62 6.15 60.59 31.77
C GLU A 62 5.34 59.33 31.98
N ALA A 63 5.86 58.18 31.55
CA ALA A 63 5.18 56.92 31.81
C ALA A 63 5.14 56.62 33.30
N ARG A 64 6.13 57.09 34.05
CA ARG A 64 6.14 56.88 35.50
C ARG A 64 5.02 57.65 36.18
N ILE A 65 4.74 58.87 35.72
CA ILE A 65 3.78 59.71 36.41
C ILE A 65 2.58 60.03 35.53
N ALA A 66 2.23 59.12 34.63
CA ALA A 66 1.12 59.37 33.73
C ALA A 66 -0.23 59.37 34.46
N ASN A 67 -0.65 58.21 34.96
CA ASN A 67 -1.95 58.09 35.63
C ASN A 67 -1.77 58.17 37.14
N THR A 68 -1.15 59.25 37.61
CA THR A 68 -0.76 59.33 39.01
C THR A 68 -1.88 59.77 39.94
N ILE A 69 -2.98 60.31 39.42
CA ILE A 69 -4.07 60.69 40.30
C ILE A 69 -4.96 59.51 40.66
N ASN A 70 -4.79 58.37 40.00
CA ASN A 70 -5.52 57.17 40.38
C ASN A 70 -4.96 56.64 41.68
N PRO A 71 -5.76 56.56 42.76
CA PRO A 71 -5.20 56.19 44.06
C PRO A 71 -4.89 54.72 44.19
N ASN A 72 -5.51 53.86 43.39
CA ASN A 72 -5.34 52.42 43.53
C ASN A 72 -3.93 51.95 43.21
N VAL A 73 -3.15 52.73 42.45
CA VAL A 73 -1.90 52.22 41.94
C VAL A 73 -0.85 53.33 41.97
N SER A 74 -1.07 54.32 42.83
CA SER A 74 -0.13 55.42 43.03
C SER A 74 1.02 55.00 43.94
N PHE A 75 1.94 55.93 44.19
CA PHE A 75 3.13 55.61 44.96
C PHE A 75 3.72 56.87 45.59
N GLY A 76 4.43 56.67 46.70
CA GLY A 76 5.26 57.72 47.28
C GLY A 76 4.49 58.96 47.70
N THR A 77 5.10 60.13 47.45
CA THR A 77 4.52 61.39 47.84
C THR A 77 3.16 61.60 47.18
N PHE A 78 2.97 61.05 45.98
CA PHE A 78 1.72 61.21 45.27
C PHE A 78 0.59 60.52 46.03
N LEU A 79 0.87 59.30 46.50
CA LEU A 79 -0.07 58.56 47.34
C LEU A 79 -0.28 59.28 48.67
N ASP A 80 0.77 59.87 49.23
CA ASP A 80 0.60 60.64 50.46
C ASP A 80 -0.35 61.81 50.25
N ALA A 81 -0.19 62.53 49.14
CA ALA A 81 -1.07 63.65 48.85
C ALA A 81 -2.51 63.21 48.64
N ILE A 82 -2.70 62.10 47.92
CA ILE A 82 -4.06 61.61 47.70
C ILE A 82 -4.69 61.16 49.01
N CYS A 83 -3.94 60.45 49.85
CA CYS A 83 -4.47 59.95 51.11
C CYS A 83 -4.71 61.06 52.13
N ALA A 84 -3.97 62.17 52.03
CA ALA A 84 -4.18 63.27 52.98
C ALA A 84 -5.50 63.98 52.76
N LEU A 85 -6.17 63.77 51.63
CA LEU A 85 -7.46 64.40 51.42
C LEU A 85 -8.53 63.88 52.39
N MET A 86 -8.41 62.62 52.80
CA MET A 86 -9.33 62.04 53.77
C MET A 86 -8.76 62.01 55.18
N GLY A 87 -7.64 62.70 55.42
CA GLY A 87 -7.02 62.74 56.72
C GLY A 87 -6.03 61.64 57.01
N ILE A 88 -5.90 60.66 56.11
CA ILE A 88 -4.94 59.57 56.30
C ILE A 88 -3.55 60.10 55.96
N GLU A 89 -2.65 60.04 56.93
CA GLU A 89 -1.30 60.58 56.78
C GLU A 89 -0.29 59.49 57.08
N ARG A 90 0.67 59.30 56.17
CA ARG A 90 1.75 58.35 56.41
C ARG A 90 2.60 58.82 57.59
N GLY A 91 2.93 57.89 58.48
CA GLY A 91 3.67 58.23 59.67
C GLY A 91 5.13 58.54 59.38
N SER A 92 5.84 58.92 60.44
CA SER A 92 7.26 59.20 60.37
C SER A 92 8.05 58.11 61.06
N ASP A 93 9.13 57.65 60.41
CA ASP A 93 9.92 56.54 60.92
C ASP A 93 10.94 57.07 61.93
N LEU A 94 10.55 57.02 63.20
CA LEU A 94 11.40 57.44 64.30
C LEU A 94 12.06 56.21 64.94
N SER A 95 12.71 56.41 66.07
CA SER A 95 13.35 55.33 66.80
C SER A 95 13.16 55.55 68.29
N THR A 96 13.29 54.46 69.05
CA THR A 96 13.22 54.55 70.50
C THR A 96 14.30 55.49 71.02
N PHE A 97 13.95 56.29 72.02
CA PHE A 97 14.81 57.39 72.47
C PHE A 97 15.00 57.34 73.99
N GLY A 98 15.43 56.19 74.49
CA GLY A 98 15.55 55.99 75.93
C GLY A 98 16.43 57.03 76.59
N TYR A 99 15.99 57.56 77.72
CA TYR A 99 16.74 58.58 78.45
C TYR A 99 16.94 58.17 79.89
N GLY A 100 18.02 58.66 80.47
CA GLY A 100 18.32 58.35 81.86
C GLY A 100 18.74 56.92 82.12
N VAL A 101 19.31 56.24 81.13
CA VAL A 101 19.77 54.87 81.33
C VAL A 101 20.96 54.89 82.29
N GLN A 102 20.86 54.10 83.36
CA GLN A 102 21.91 54.09 84.37
C GLN A 102 23.16 53.40 83.83
N VAL A 103 24.31 54.00 84.07
CA VAL A 103 25.60 53.42 83.71
C VAL A 103 26.47 53.37 84.97
N THR A 104 27.02 52.20 85.25
CA THR A 104 27.91 52.00 86.37
C THR A 104 29.32 51.73 85.86
N GLY A 105 30.30 52.38 86.49
CA GLY A 105 31.69 52.21 86.11
C GLY A 105 32.63 52.54 87.25
N ARG A 106 33.73 53.23 86.96
CA ARG A 106 34.68 53.58 88.00
C ARG A 106 35.30 54.94 87.69
N SER A 107 35.61 55.68 88.76
CA SER A 107 36.30 56.95 88.69
C SER A 107 35.69 57.90 87.66
N GLN A 108 36.51 58.32 86.68
CA GLN A 108 36.12 59.29 85.68
C GLN A 108 36.12 58.68 84.28
N THR A 109 35.58 57.48 84.16
CA THR A 109 35.46 56.84 82.86
C THR A 109 34.56 57.67 81.94
N ARG A 110 35.01 57.86 80.71
CA ARG A 110 34.28 58.67 79.74
C ARG A 110 33.61 57.75 78.71
N ILE A 111 32.30 57.89 78.57
CA ILE A 111 31.53 57.15 77.59
C ILE A 111 31.34 58.03 76.37
N SER A 112 31.75 57.53 75.21
CA SER A 112 31.74 58.28 73.96
C SER A 112 30.47 58.00 73.17
N THR A 113 30.24 58.82 72.15
CA THR A 113 29.04 58.71 71.33
C THR A 113 29.04 57.39 70.55
N GLY A 114 27.87 56.79 70.43
CA GLY A 114 27.72 55.55 69.69
C GLY A 114 28.41 54.36 70.31
N SER A 115 28.33 54.23 71.64
CA SER A 115 28.96 53.10 72.31
C SER A 115 28.25 51.77 72.04
N ARG A 116 27.04 51.81 71.47
CA ARG A 116 26.35 50.62 70.97
C ARG A 116 26.13 49.58 72.07
N VAL A 117 25.29 49.95 73.05
CA VAL A 117 24.80 48.97 74.01
C VAL A 117 23.78 48.06 73.32
N GLN A 118 23.42 46.98 73.99
CA GLN A 118 22.50 46.01 73.42
C GLN A 118 21.50 45.54 74.47
N THR A 119 20.25 45.38 74.04
CA THR A 119 19.24 44.77 74.87
C THR A 119 19.40 43.24 74.85
N PRO A 120 18.81 42.54 75.82
CA PRO A 120 18.96 41.08 75.85
C PRO A 120 18.49 40.38 74.58
N ALA A 121 17.51 40.95 73.87
CA ALA A 121 17.03 40.38 72.61
C ALA A 121 17.35 41.36 71.49
N GLY A 122 18.56 41.26 70.94
CA GLY A 122 18.97 42.14 69.85
C GLY A 122 18.86 43.59 70.23
N ALA A 123 18.34 44.40 69.30
CA ALA A 123 17.97 45.78 69.55
C ALA A 123 19.15 46.61 70.04
N ILE A 124 20.12 46.79 69.15
CA ILE A 124 21.30 47.59 69.47
C ILE A 124 20.90 49.06 69.58
N PHE A 125 21.30 49.69 70.67
CA PHE A 125 21.04 51.11 70.93
C PHE A 125 22.35 51.88 70.98
N THR A 126 22.39 53.03 70.33
CA THR A 126 23.58 53.86 70.27
C THR A 126 23.49 55.00 71.27
N VAL A 127 24.58 55.23 72.00
CA VAL A 127 24.65 56.36 72.92
C VAL A 127 24.74 57.65 72.11
N LEU A 128 23.89 58.62 72.42
CA LEU A 128 23.82 59.85 71.65
C LEU A 128 24.44 61.05 72.35
N SER A 129 25.01 60.87 73.54
CA SER A 129 25.63 61.98 74.25
C SER A 129 26.80 61.47 75.06
N ASP A 130 27.96 62.11 74.89
CA ASP A 130 29.14 61.74 75.66
C ASP A 130 28.94 62.11 77.12
N VAL A 131 29.34 61.20 78.01
CA VAL A 131 29.20 61.44 79.45
C VAL A 131 30.49 61.07 80.15
N THR A 132 30.61 61.55 81.39
CA THR A 132 31.73 61.22 82.26
C THR A 132 31.19 60.77 83.60
N ILE A 133 31.65 59.62 84.07
CA ILE A 133 31.13 59.06 85.33
C ILE A 133 31.65 59.89 86.50
N PRO A 134 30.81 60.29 87.45
CA PRO A 134 31.29 61.07 88.60
C PRO A 134 31.95 60.21 89.66
N ALA A 135 32.32 60.82 90.78
CA ALA A 135 33.00 60.08 91.85
C ALA A 135 32.10 59.04 92.50
N GLY A 136 30.77 59.19 92.39
CA GLY A 136 29.88 58.19 92.93
C GLY A 136 29.94 56.87 92.19
N GLY A 137 30.32 56.91 90.92
CA GLY A 137 30.53 55.71 90.13
C GLY A 137 29.40 55.33 89.21
N VAL A 138 28.28 56.07 89.23
CA VAL A 138 27.12 55.79 88.41
C VAL A 138 26.59 57.10 87.84
N ALA A 139 26.11 57.05 86.59
CA ALA A 139 25.60 58.23 85.91
C ALA A 139 24.42 57.83 85.03
N THR A 140 23.91 58.79 84.26
CA THR A 140 22.78 58.56 83.36
C THR A 140 23.15 58.98 81.94
N ILE A 141 22.71 58.19 80.95
CA ILE A 141 23.00 58.44 79.54
C ILE A 141 21.71 58.41 78.73
N ASP A 142 21.82 58.84 77.49
CA ASP A 142 20.72 58.87 76.53
C ASP A 142 21.06 57.96 75.34
N ILE A 143 20.16 57.04 75.03
CA ILE A 143 20.39 56.07 73.97
C ILE A 143 19.25 56.16 72.95
N LYS A 144 19.60 55.89 71.69
CA LYS A 144 18.68 55.93 70.56
C LYS A 144 18.77 54.64 69.79
N SER A 145 17.62 54.10 69.40
CA SER A 145 17.57 52.83 68.69
C SER A 145 18.20 52.98 67.32
N GLN A 146 19.10 52.05 66.97
CA GLN A 146 19.75 52.10 65.67
C GLN A 146 18.75 51.86 64.54
N GLU A 147 17.83 50.92 64.74
CA GLU A 147 16.77 50.67 63.76
C GLU A 147 15.61 51.63 64.00
N TYR A 148 14.49 51.37 63.34
CA TYR A 148 13.30 52.22 63.43
C TYR A 148 12.11 51.40 63.92
N GLY A 149 11.19 52.08 64.58
CA GLY A 149 9.96 51.47 65.06
C GLY A 149 9.88 51.47 66.57
N ASN A 150 8.83 50.81 67.06
CA ASN A 150 8.60 50.68 68.51
C ASN A 150 9.44 49.51 69.05
N ILE A 151 10.73 49.78 69.16
CA ILE A 151 11.69 48.79 69.67
C ILE A 151 11.53 48.70 71.19
N PRO A 152 11.26 47.53 71.73
CA PRO A 152 11.07 47.42 73.18
C PRO A 152 12.37 47.65 73.94
N LEU A 153 12.28 48.41 75.03
CA LEU A 153 13.40 48.65 75.93
C LEU A 153 12.94 48.36 77.35
N PRO A 154 12.80 47.08 77.70
CA PRO A 154 12.29 46.73 79.03
C PRO A 154 13.31 47.04 80.11
N VAL A 155 12.81 47.17 81.35
CA VAL A 155 13.67 47.43 82.48
C VAL A 155 14.53 46.19 82.73
N GLY A 156 15.84 46.40 82.80
CA GLY A 156 16.76 45.30 82.98
C GLY A 156 18.19 45.76 82.77
N ASN A 157 19.09 44.79 82.85
CA ASN A 157 20.52 45.05 82.73
C ASN A 157 20.90 45.06 81.25
N LEU A 158 21.18 46.26 80.72
CA LEU A 158 21.64 46.37 79.34
C LEU A 158 23.05 45.82 79.21
N ILE A 159 23.28 45.01 78.20
CA ILE A 159 24.62 44.48 77.94
C ILE A 159 25.32 45.43 76.99
N ILE A 160 26.66 45.46 77.07
CA ILE A 160 27.48 46.38 76.30
C ILE A 160 28.20 45.60 75.21
N ILE A 161 28.10 46.09 73.97
CA ILE A 161 28.80 45.47 72.86
C ILE A 161 30.16 46.13 72.72
N ASP A 162 30.18 47.45 72.58
CA ASP A 162 31.40 48.23 72.43
C ASP A 162 31.57 49.02 73.72
N GLY A 163 32.45 48.53 74.59
CA GLY A 163 32.67 49.14 75.90
C GLY A 163 34.10 49.64 76.04
N THR A 164 34.23 50.81 76.65
CA THR A 164 35.54 51.36 76.97
C THR A 164 36.09 50.71 78.23
N ILE A 165 37.33 51.04 78.56
CA ILE A 165 37.97 50.51 79.75
C ILE A 165 37.50 51.31 80.96
N GLY A 166 36.82 50.64 81.90
CA GLY A 166 36.29 51.27 83.09
C GLY A 166 34.77 51.15 83.20
N TRP A 167 34.08 51.10 82.06
CA TRP A 167 32.63 51.00 82.07
C TRP A 167 32.22 49.60 82.53
N SER A 168 31.51 49.53 83.67
CA SER A 168 31.12 48.24 84.22
C SER A 168 29.86 47.70 83.55
N GLY A 169 28.80 48.50 83.52
CA GLY A 169 27.56 47.99 82.94
C GLY A 169 26.54 49.10 82.77
N ALA A 170 25.40 48.71 82.18
CA ALA A 170 24.28 49.60 81.96
C ALA A 170 22.99 48.91 82.36
N LYS A 171 22.08 49.67 82.96
CA LYS A 171 20.80 49.15 83.41
C LYS A 171 19.70 50.14 83.04
N VAL A 172 18.55 49.61 82.64
CA VAL A 172 17.38 50.43 82.36
C VAL A 172 16.60 50.54 83.67
N ILE A 173 16.89 51.59 84.44
CA ILE A 173 16.14 51.81 85.66
C ILE A 173 14.70 52.19 85.32
N ALA A 174 13.84 52.09 86.32
CA ALA A 174 12.43 52.40 86.12
C ALA A 174 12.16 53.88 85.90
N SER A 175 13.15 54.75 86.18
CA SER A 175 13.02 56.17 85.90
C SER A 175 13.25 56.51 84.44
N THR A 176 13.78 55.58 83.66
CA THR A 176 14.06 55.86 82.26
C THR A 176 12.78 56.13 81.49
N ARG A 177 12.79 57.21 80.71
CA ARG A 177 11.66 57.57 79.86
C ARG A 177 11.92 56.94 78.49
N VAL A 178 11.27 55.80 78.24
CA VAL A 178 11.46 55.06 77.00
C VAL A 178 10.49 55.64 75.98
N ASP A 179 10.94 56.65 75.26
CA ASP A 179 10.10 57.28 74.24
C ASP A 179 9.99 56.35 73.03
N PRO A 180 8.79 55.91 72.67
CA PRO A 180 8.65 54.96 71.57
C PRO A 180 8.84 55.62 70.21
N GLY A 181 9.12 54.78 69.21
CA GLY A 181 9.29 55.22 67.85
C GLY A 181 8.17 54.75 66.95
N SER A 182 8.41 54.87 65.64
CA SER A 182 7.42 54.47 64.65
C SER A 182 8.15 54.02 63.39
N ARG A 183 7.45 53.25 62.57
CA ARG A 183 8.03 52.57 61.41
C ARG A 183 7.33 53.01 60.12
N GLN A 184 7.02 54.30 60.03
CA GLN A 184 6.44 54.91 58.82
C GLN A 184 5.17 54.15 58.44
N MET A 185 4.84 54.12 57.15
CA MET A 185 3.67 53.41 56.66
C MET A 185 3.90 53.07 55.19
N SER A 186 3.64 51.81 54.83
CA SER A 186 3.87 51.35 53.48
C SER A 186 2.79 51.88 52.54
N ASP A 187 3.11 51.87 51.24
CA ASP A 187 2.16 52.31 50.23
C ASP A 187 0.97 51.36 50.14
N ALA A 188 1.22 50.06 50.28
CA ALA A 188 0.11 49.11 50.34
C ALA A 188 -0.78 49.40 51.52
N GLU A 189 -0.19 49.71 52.68
CA GLU A 189 -0.99 50.05 53.86
C GLU A 189 -1.77 51.34 53.64
N LEU A 190 -1.19 52.30 52.90
CA LEU A 190 -1.91 53.54 52.63
C LEU A 190 -3.12 53.30 51.73
N LYS A 191 -2.93 52.54 50.65
CA LYS A 191 -4.06 52.18 49.80
C LYS A 191 -5.11 51.41 50.60
N ASN A 192 -4.65 50.54 51.50
CA ASN A 192 -5.55 49.76 52.33
C ASN A 192 -6.35 50.65 53.28
N ALA A 193 -5.71 51.67 53.85
CA ALA A 193 -6.41 52.59 54.73
C ALA A 193 -7.42 53.42 53.96
N ARG A 194 -7.08 53.81 52.73
CA ARG A 194 -8.05 54.48 51.87
C ARG A 194 -9.25 53.59 51.63
N VAL A 195 -9.01 52.30 51.38
CA VAL A 195 -10.11 51.36 51.17
C VAL A 195 -10.97 51.26 52.42
N ASN A 196 -10.34 51.22 53.59
CA ASN A 196 -11.11 51.17 54.84
C ASN A 196 -11.98 52.40 55.01
N ARG A 197 -11.42 53.58 54.74
CA ARG A 197 -12.21 54.81 54.89
C ARG A 197 -13.36 54.84 53.90
N LEU A 198 -13.12 54.37 52.66
CA LEU A 198 -14.18 54.31 51.67
C LEU A 198 -15.28 53.34 52.09
N ALA A 199 -14.91 52.18 52.63
CA ALA A 199 -15.89 51.23 53.11
C ALA A 199 -16.71 51.82 54.25
N ILE A 200 -16.05 52.56 55.14
CA ILE A 200 -16.76 53.20 56.25
C ILE A 200 -17.74 54.24 55.74
N GLN A 201 -17.33 55.04 54.77
CA GLN A 201 -18.19 56.14 54.31
C GLN A 201 -18.91 55.82 53.01
N GLY A 202 -19.13 54.54 52.75
CA GLY A 202 -20.04 54.17 51.68
C GLY A 202 -21.30 53.54 52.22
N ARG A 203 -21.69 53.93 53.44
CA ARG A 203 -22.82 53.34 54.13
C ARG A 203 -23.77 54.43 54.60
N ASN A 204 -25.05 54.09 54.65
CA ASN A 204 -26.07 55.00 55.15
C ASN A 204 -26.22 54.85 56.66
N SER A 205 -27.25 55.52 57.21
CA SER A 205 -27.39 55.65 58.66
C SER A 205 -27.55 54.29 59.33
N THR A 206 -28.63 53.58 59.01
CA THR A 206 -28.94 52.34 59.71
C THR A 206 -27.90 51.26 59.44
N MET A 207 -27.40 51.19 58.21
CA MET A 207 -26.40 50.18 57.86
C MET A 207 -25.11 50.42 58.64
N ALA A 208 -24.69 51.68 58.72
CA ALA A 208 -23.50 52.01 59.52
C ALA A 208 -23.74 51.74 61.00
N ILE A 209 -24.94 52.04 61.49
CA ILE A 209 -25.26 51.73 62.88
C ILE A 209 -25.07 50.25 63.14
N LYS A 210 -25.69 49.40 62.31
CA LYS A 210 -25.62 47.97 62.55
C LYS A 210 -24.17 47.48 62.49
N ALA A 211 -23.41 47.95 61.50
CA ALA A 211 -22.02 47.49 61.38
C ALA A 211 -21.19 47.89 62.59
N TYR A 212 -21.24 49.17 62.96
CA TYR A 212 -20.39 49.65 64.04
C TYR A 212 -20.75 49.01 65.37
N VAL A 213 -22.06 48.81 65.61
CA VAL A 213 -22.47 48.24 66.90
C VAL A 213 -22.42 46.72 66.93
N SER A 214 -22.32 46.06 65.77
CA SER A 214 -22.07 44.63 65.75
C SER A 214 -20.59 44.30 65.84
N ALA A 215 -19.73 45.22 65.39
CA ALA A 215 -18.30 45.03 65.56
C ALA A 215 -17.88 45.01 67.04
N VAL A 216 -18.69 45.59 67.91
CA VAL A 216 -18.39 45.60 69.35
C VAL A 216 -18.45 44.17 69.89
N PRO A 217 -17.53 43.75 70.75
CA PRO A 217 -17.62 42.42 71.34
C PRO A 217 -18.84 42.30 72.24
N ASN A 218 -19.26 41.05 72.44
CA ASN A 218 -20.38 40.65 73.30
C ASN A 218 -21.74 41.08 72.75
N VAL A 219 -21.79 41.66 71.56
CA VAL A 219 -23.04 42.07 70.95
C VAL A 219 -23.51 40.92 70.06
N THR A 220 -24.48 40.15 70.55
CA THR A 220 -24.94 38.98 69.81
C THR A 220 -25.77 39.39 68.59
N SER A 221 -26.67 40.36 68.75
CA SER A 221 -27.56 40.76 67.67
C SER A 221 -27.98 42.21 67.88
N VAL A 222 -28.49 42.81 66.80
CA VAL A 222 -28.87 44.21 66.81
C VAL A 222 -30.04 44.42 65.85
N ASN A 223 -30.97 45.27 66.24
CA ASN A 223 -32.13 45.60 65.43
C ASN A 223 -32.19 47.11 65.26
N VAL A 224 -32.06 47.57 64.02
CA VAL A 224 -32.03 49.00 63.71
C VAL A 224 -33.27 49.34 62.91
N ILE A 225 -33.98 50.40 63.33
CA ILE A 225 -35.27 50.78 62.79
C ILE A 225 -35.26 52.29 62.57
N GLU A 226 -35.75 52.73 61.41
CA GLU A 226 -35.78 54.14 61.07
C GLU A 226 -37.21 54.58 60.78
N ASN A 227 -37.64 55.68 61.42
CA ASN A 227 -39.02 56.13 61.24
C ASN A 227 -39.29 56.55 59.79
N ASN A 228 -38.63 57.62 59.35
CA ASN A 228 -38.68 58.08 57.96
C ASN A 228 -40.12 58.36 57.49
N THR A 229 -40.94 58.88 58.40
CA THR A 229 -42.33 59.14 58.05
C THR A 229 -42.83 60.53 58.46
N GLY A 230 -42.14 61.23 59.36
CA GLY A 230 -42.64 62.50 59.83
C GLY A 230 -43.96 62.40 60.57
N ALA A 231 -44.18 61.31 61.28
CA ALA A 231 -45.42 61.11 62.02
C ALA A 231 -45.16 60.09 63.11
N VAL A 232 -45.54 60.42 64.34
CA VAL A 232 -45.35 59.52 65.47
C VAL A 232 -46.32 58.35 65.30
N GLN A 233 -45.79 57.18 64.94
CA GLN A 233 -46.63 56.03 64.66
C GLN A 233 -45.79 54.77 64.73
N VAL A 234 -46.47 53.64 64.66
CA VAL A 234 -45.83 52.35 64.49
C VAL A 234 -45.55 52.14 63.01
N VAL A 235 -44.31 51.81 62.67
CA VAL A 235 -43.99 51.57 61.27
C VAL A 235 -44.24 50.08 61.01
N ASN A 236 -43.44 49.21 61.62
CA ASN A 236 -43.70 47.78 61.57
C ASN A 236 -43.39 47.10 62.89
N GLY A 237 -43.87 47.66 64.01
CA GLY A 237 -43.83 46.96 65.28
C GLY A 237 -43.32 47.76 66.46
N VAL A 238 -42.77 48.95 66.24
CA VAL A 238 -42.22 49.79 67.31
C VAL A 238 -42.95 51.12 67.29
N SER A 239 -43.45 51.52 68.45
CA SER A 239 -44.17 52.80 68.58
C SER A 239 -43.14 53.89 68.83
N PHE A 240 -42.88 54.71 67.82
CA PHE A 240 -41.91 55.79 67.95
C PHE A 240 -42.49 56.91 68.81
N THR A 241 -41.68 57.93 69.06
CA THR A 241 -42.10 59.07 69.86
C THR A 241 -41.81 60.42 69.21
N LEU A 242 -40.94 60.49 68.21
CA LEU A 242 -40.74 61.71 67.44
C LEU A 242 -40.93 61.41 65.96
N PRO A 243 -41.40 62.40 65.20
CA PRO A 243 -41.68 62.15 63.77
C PRO A 243 -40.47 61.72 62.97
N TYR A 244 -39.29 62.23 63.29
CA TYR A 244 -38.06 61.90 62.58
C TYR A 244 -37.05 61.36 63.60
N ALA A 245 -36.83 60.05 63.57
CA ALA A 245 -35.93 59.45 64.55
C ALA A 245 -35.50 58.07 64.07
N VAL A 246 -34.49 57.54 64.76
CA VAL A 246 -34.00 56.20 64.55
C VAL A 246 -33.87 55.52 65.89
N TRP A 247 -34.22 54.24 65.93
CA TRP A 247 -34.30 53.43 67.14
C TRP A 247 -33.44 52.19 66.98
N VAL A 248 -32.58 51.93 67.95
CA VAL A 248 -31.63 50.83 67.86
C VAL A 248 -31.74 50.00 69.14
N CYS A 249 -31.86 48.68 68.97
CA CYS A 249 -31.91 47.74 70.08
C CYS A 249 -30.70 46.81 69.98
N VAL A 250 -29.97 46.67 71.08
CA VAL A 250 -28.73 45.92 71.12
C VAL A 250 -28.87 44.77 72.12
N ALA A 251 -28.57 43.55 71.67
CA ALA A 251 -28.63 42.38 72.53
C ALA A 251 -27.28 42.19 73.22
N GLY A 252 -27.10 41.06 73.89
CA GLY A 252 -25.86 40.78 74.56
C GLY A 252 -25.70 41.64 75.80
N ASN A 253 -24.51 41.53 76.40
CA ASN A 253 -24.13 42.31 77.57
C ASN A 253 -22.74 42.90 77.35
N PRO A 254 -22.61 43.84 76.43
CA PRO A 254 -21.32 44.46 76.14
C PRO A 254 -21.03 45.58 77.12
N ASP A 255 -19.92 46.28 76.90
CA ASP A 255 -19.61 47.46 77.69
C ASP A 255 -20.45 48.63 77.20
N LYS A 256 -21.14 49.29 78.14
CA LYS A 256 -22.04 50.38 77.79
C LYS A 256 -21.28 51.51 77.10
N GLN A 257 -20.11 51.86 77.61
CA GLN A 257 -19.31 52.91 76.98
C GLN A 257 -18.86 52.50 75.59
N ALA A 258 -18.50 51.22 75.42
CA ALA A 258 -18.06 50.74 74.10
C ALA A 258 -19.18 50.85 73.08
N VAL A 259 -20.37 50.36 73.41
CA VAL A 259 -21.46 50.42 72.44
C VAL A 259 -21.90 51.86 72.23
N ALA A 260 -21.81 52.70 73.26
CA ALA A 260 -22.14 54.11 73.09
C ALA A 260 -21.16 54.79 72.14
N ASP A 261 -19.87 54.48 72.27
CA ASP A 261 -18.89 55.03 71.35
C ASP A 261 -19.12 54.53 69.93
N ALA A 262 -19.51 53.26 69.78
CA ALA A 262 -19.84 52.76 68.44
C ALA A 262 -21.05 53.50 67.87
N LEU A 263 -22.09 53.69 68.68
CA LEU A 263 -23.26 54.45 68.25
C LEU A 263 -22.85 55.83 67.79
N TRP A 264 -22.01 56.50 68.58
CA TRP A 264 -21.59 57.86 68.27
C TRP A 264 -20.77 57.90 66.99
N ALA A 265 -19.84 56.96 66.82
CA ALA A 265 -18.99 56.96 65.63
C ALA A 265 -19.79 56.67 64.38
N ALA A 266 -20.86 55.88 64.49
CA ALA A 266 -21.69 55.56 63.34
C ALA A 266 -22.90 56.49 63.20
N HIS A 267 -23.04 57.47 64.07
CA HIS A 267 -24.24 58.29 64.08
C HIS A 267 -24.38 59.10 62.81
N ASN A 268 -25.59 59.10 62.24
CA ASN A 268 -25.84 59.77 60.97
C ASN A 268 -25.83 61.29 61.11
N GLY A 269 -26.35 61.81 62.20
CA GLY A 269 -26.46 63.24 62.34
C GLY A 269 -27.87 63.76 62.23
N GLY A 270 -28.23 64.74 63.06
CA GLY A 270 -29.48 65.45 62.88
C GLY A 270 -30.66 64.61 63.29
N THR A 271 -30.73 63.41 62.73
CA THR A 271 -31.75 62.45 63.14
C THR A 271 -31.41 62.01 64.55
N PRO A 272 -32.26 62.26 65.54
CA PRO A 272 -31.92 61.92 66.91
C PRO A 272 -32.36 60.51 67.27
N TRP A 273 -31.75 59.99 68.33
CA TRP A 273 -32.19 58.70 68.80
C TRP A 273 -33.46 58.85 69.62
N ASP A 274 -34.15 57.74 69.83
CA ASP A 274 -35.30 57.72 70.72
C ASP A 274 -35.32 56.43 71.52
N TYR A 275 -35.89 56.51 72.71
CA TYR A 275 -36.12 55.31 73.51
C TYR A 275 -37.44 54.64 73.16
N GLY A 276 -38.20 55.20 72.23
CA GLY A 276 -39.52 54.68 71.92
C GLY A 276 -40.52 55.03 73.00
N ALA A 277 -41.72 54.48 72.84
CA ALA A 277 -42.73 54.60 73.88
C ALA A 277 -42.43 53.62 75.00
N THR A 278 -43.31 53.56 75.99
CA THR A 278 -43.11 52.65 77.11
C THR A 278 -43.20 51.21 76.63
N ASN A 279 -42.37 50.35 77.23
CA ASN A 279 -42.32 48.93 76.90
C ASN A 279 -42.06 48.70 75.41
N ASN A 280 -41.18 49.53 74.84
CA ASN A 280 -40.72 49.38 73.47
C ASN A 280 -39.26 48.96 73.42
N GLY A 281 -38.87 48.07 74.32
CA GLY A 281 -37.47 47.77 74.54
C GLY A 281 -36.98 48.55 75.75
N VAL A 282 -36.21 47.91 76.62
CA VAL A 282 -35.82 48.47 77.90
C VAL A 282 -35.08 49.80 77.71
N PRO A 283 -35.67 50.92 78.11
CA PRO A 283 -34.97 52.22 77.98
C PRO A 283 -33.97 52.42 79.12
N VAL A 284 -32.92 51.59 79.10
CA VAL A 284 -31.93 51.58 80.17
C VAL A 284 -31.10 52.87 80.11
N ASP A 285 -30.32 53.12 81.15
CA ASP A 285 -29.53 54.33 81.36
C ASP A 285 -30.39 55.55 81.67
N GLY A 286 -31.66 55.34 82.01
CA GLY A 286 -32.53 56.42 82.41
C GLY A 286 -33.15 57.14 81.24
N PRO A 287 -34.00 58.12 81.52
CA PRO A 287 -34.62 58.89 80.43
C PRO A 287 -33.61 59.62 79.56
N ASN A 288 -32.52 60.09 80.15
CA ASN A 288 -31.44 60.72 79.39
C ASN A 288 -30.45 59.67 78.93
N GLY A 289 -29.95 59.84 77.71
CA GLY A 289 -29.07 58.85 77.13
C GLY A 289 -27.66 58.90 77.70
N VAL A 290 -26.84 57.97 77.22
CA VAL A 290 -25.45 57.89 77.69
C VAL A 290 -24.63 58.98 77.00
N PRO A 291 -23.86 59.78 77.73
CA PRO A 291 -22.94 60.71 77.10
C PRO A 291 -21.58 60.09 76.84
N VAL A 292 -21.00 60.44 75.69
CA VAL A 292 -19.67 60.00 75.29
C VAL A 292 -18.87 61.23 74.90
N ARG A 293 -17.55 61.09 74.96
CA ARG A 293 -16.65 62.14 74.52
C ARG A 293 -16.22 61.86 73.09
N ASP A 294 -16.45 62.82 72.21
CA ASP A 294 -15.99 62.69 70.83
C ASP A 294 -14.48 62.62 70.82
N PRO A 295 -13.88 61.60 70.21
CA PRO A 295 -12.41 61.56 70.13
C PRO A 295 -11.84 62.75 69.40
N ALA A 296 -12.61 63.34 68.47
CA ALA A 296 -12.11 64.43 67.66
C ALA A 296 -12.02 65.73 68.45
N SER A 297 -13.13 66.13 69.08
CA SER A 297 -13.19 67.38 69.83
C SER A 297 -13.71 67.10 71.23
N GLY A 298 -13.29 67.92 72.17
CA GLY A 298 -13.71 67.76 73.55
C GLY A 298 -15.21 67.83 73.78
N ARG A 299 -15.98 68.20 72.78
CA ARG A 299 -17.44 68.24 72.93
C ARG A 299 -18.00 66.83 73.09
N LYS A 300 -18.88 66.68 74.06
CA LYS A 300 -19.54 65.39 74.29
C LYS A 300 -20.77 65.28 73.41
N TYR A 301 -21.31 64.07 73.31
CA TYR A 301 -22.54 63.81 72.59
C TYR A 301 -23.32 62.73 73.32
N VAL A 302 -24.64 62.81 73.30
CA VAL A 302 -25.47 61.84 74.00
C VAL A 302 -26.13 60.91 72.97
N VAL A 303 -26.14 59.62 73.28
CA VAL A 303 -26.76 58.61 72.42
C VAL A 303 -27.71 57.77 73.26
N LYS A 304 -28.83 57.37 72.65
CA LYS A 304 -29.86 56.59 73.33
C LYS A 304 -30.06 55.29 72.58
N TRP A 305 -30.02 54.18 73.32
CA TRP A 305 -30.29 52.87 72.74
C TRP A 305 -30.91 51.98 73.82
N THR A 306 -31.61 50.96 73.36
CA THR A 306 -32.41 50.10 74.24
C THR A 306 -31.92 48.66 74.18
N THR A 307 -32.06 47.96 75.30
CA THR A 307 -31.84 46.52 75.34
C THR A 307 -33.16 45.79 75.12
N PRO A 308 -33.14 44.58 74.56
CA PRO A 308 -34.40 43.92 74.21
C PRO A 308 -35.20 43.53 75.44
N ILE A 309 -36.52 43.47 75.24
CA ILE A 309 -37.42 42.95 76.26
C ILE A 309 -37.10 41.47 76.44
N MET A 310 -36.57 41.11 77.60
CA MET A 310 -36.18 39.73 77.86
C MET A 310 -37.41 38.87 78.09
N TYR A 311 -37.44 37.71 77.42
CA TYR A 311 -38.52 36.76 77.58
C TYR A 311 -37.92 35.40 77.94
N ASP A 312 -38.54 34.71 78.86
CA ASP A 312 -38.13 33.35 79.22
C ASP A 312 -38.97 32.37 78.39
N GLY A 313 -38.29 31.49 77.66
CA GLY A 313 -38.98 30.57 76.80
C GLY A 313 -38.93 29.14 77.30
N TYR A 314 -40.11 28.55 77.51
CA TYR A 314 -40.23 27.17 77.95
C TYR A 314 -40.68 26.32 76.78
N VAL A 315 -40.10 25.14 76.65
CA VAL A 315 -40.39 24.23 75.54
C VAL A 315 -40.73 22.86 76.12
N ASN A 316 -41.92 22.36 75.77
CA ASN A 316 -42.33 21.02 76.15
C ASN A 316 -42.20 20.10 74.94
N VAL A 317 -41.50 18.98 75.12
CA VAL A 317 -41.40 17.97 74.08
C VAL A 317 -41.79 16.64 74.67
N THR A 318 -42.43 15.79 73.86
CA THR A 318 -42.90 14.48 74.31
C THR A 318 -42.34 13.38 73.41
N VAL A 319 -41.02 13.38 73.25
CA VAL A 319 -40.38 12.55 72.24
C VAL A 319 -40.52 11.07 72.58
N GLN A 320 -40.56 10.24 71.53
CA GLN A 320 -40.54 8.79 71.63
C GLN A 320 -39.13 8.31 71.32
N GLN A 321 -38.59 7.52 72.24
CA GLN A 321 -37.22 7.02 72.14
C GLN A 321 -37.08 6.05 70.97
N GLY A 322 -35.97 6.17 70.25
CA GLY A 322 -35.67 5.30 69.14
C GLY A 322 -34.87 4.08 69.57
N SER A 323 -34.23 3.45 68.58
CA SER A 323 -33.40 2.28 68.86
C SER A 323 -32.20 2.65 69.73
N SER A 324 -31.53 3.75 69.40
CA SER A 324 -30.38 4.19 70.16
C SER A 324 -30.84 4.91 71.43
N SER A 325 -30.04 4.77 72.50
CA SER A 325 -30.36 5.41 73.75
C SER A 325 -29.87 6.85 73.75
N VAL A 326 -30.75 7.76 74.17
CA VAL A 326 -30.39 9.16 74.34
C VAL A 326 -30.94 9.65 75.68
N ALA A 327 -30.26 10.62 76.25
CA ALA A 327 -30.66 11.20 77.52
C ALA A 327 -31.39 12.51 77.28
N PRO A 328 -32.33 12.88 78.16
CA PRO A 328 -33.03 14.16 77.98
C PRO A 328 -32.10 15.36 78.05
N GLU A 329 -30.97 15.23 78.76
CA GLU A 329 -30.00 16.30 78.79
C GLU A 329 -29.44 16.60 77.41
N ALA A 330 -29.33 15.59 76.54
CA ALA A 330 -28.88 15.82 75.18
C ALA A 330 -29.85 16.71 74.42
N ILE A 331 -31.15 16.42 74.54
CA ILE A 331 -32.16 17.25 73.88
C ILE A 331 -32.14 18.67 74.44
N GLN A 332 -32.04 18.79 75.77
CA GLN A 332 -32.00 20.11 76.37
C GLN A 332 -30.80 20.90 75.90
N ASN A 333 -29.63 20.27 75.83
CA ASN A 333 -28.43 20.98 75.40
C ASN A 333 -28.51 21.34 73.93
N ALA A 334 -29.09 20.47 73.10
CA ALA A 334 -29.28 20.81 71.70
C ALA A 334 -30.18 22.03 71.54
N VAL A 335 -31.29 22.06 72.28
CA VAL A 335 -32.19 23.20 72.22
C VAL A 335 -31.49 24.47 72.70
N VAL A 336 -30.73 24.36 73.79
CA VAL A 336 -30.05 25.54 74.34
C VAL A 336 -29.00 26.05 73.36
N ASN A 337 -28.24 25.15 72.74
CA ASN A 337 -27.26 25.57 71.75
C ASN A 337 -27.93 26.26 70.56
N TYR A 338 -29.03 25.68 70.08
CA TYR A 338 -29.74 26.30 68.96
C TYR A 338 -30.24 27.69 69.34
N ALA A 339 -30.83 27.83 70.53
CA ALA A 339 -31.34 29.12 70.95
C ALA A 339 -30.22 30.14 71.09
N GLN A 340 -29.08 29.72 71.66
CA GLN A 340 -27.91 30.59 71.72
C GLN A 340 -27.35 30.92 70.35
N GLY A 341 -27.67 30.13 69.33
CA GLY A 341 -27.19 30.39 67.99
C GLY A 341 -25.86 29.78 67.65
N LYS A 342 -25.45 28.74 68.37
CA LYS A 342 -24.17 28.09 68.12
C LYS A 342 -24.21 27.15 66.93
N VAL A 343 -25.39 26.93 66.34
CA VAL A 343 -25.51 26.09 65.16
C VAL A 343 -25.24 26.91 63.91
N GLU A 344 -24.96 26.22 62.81
CA GLU A 344 -24.72 26.88 61.54
C GLU A 344 -26.03 27.08 60.78
N GLY A 345 -26.08 28.16 60.00
CA GLY A 345 -27.25 28.44 59.19
C GLY A 345 -28.35 29.17 59.94
N GLU A 346 -28.94 28.50 60.93
CA GLU A 346 -30.02 29.09 61.70
C GLU A 346 -29.48 30.17 62.63
N GLU A 347 -30.12 31.34 62.60
CA GLU A 347 -29.68 32.45 63.45
C GLU A 347 -29.90 32.16 64.93
N GLY A 348 -31.05 31.57 65.27
CA GLY A 348 -31.40 31.33 66.65
C GLY A 348 -32.40 32.35 67.16
N LEU A 349 -32.37 32.54 68.48
CA LEU A 349 -33.29 33.46 69.15
C LEU A 349 -32.62 34.82 69.34
N VAL A 350 -32.44 35.51 68.21
CA VAL A 350 -31.94 36.89 68.20
C VAL A 350 -33.10 37.81 68.50
N VAL A 351 -32.81 39.10 68.72
CA VAL A 351 -33.88 40.07 68.94
C VAL A 351 -34.78 40.13 67.71
N GLY A 352 -36.08 40.26 67.96
CA GLY A 352 -37.03 40.27 66.87
C GLY A 352 -37.09 38.96 66.10
N ALA A 353 -36.89 37.84 66.79
CA ALA A 353 -37.02 36.51 66.21
C ALA A 353 -38.09 35.74 66.96
N SER A 354 -39.05 35.21 66.22
CA SER A 354 -40.19 34.54 66.84
C SER A 354 -39.82 33.12 67.26
N LEU A 355 -40.48 32.66 68.32
CA LEU A 355 -40.20 31.36 68.94
C LEU A 355 -41.20 30.35 68.40
N SER A 356 -40.76 29.49 67.48
CA SER A 356 -41.63 28.53 66.82
C SER A 356 -41.27 27.11 67.23
N ALA A 357 -42.27 26.38 67.72
CA ALA A 357 -42.06 24.99 68.12
C ALA A 357 -41.65 24.12 66.94
N PHE A 358 -42.10 24.47 65.73
CA PHE A 358 -41.65 23.73 64.55
C PHE A 358 -40.16 23.90 64.33
N GLU A 359 -39.66 25.13 64.49
CA GLU A 359 -38.22 25.36 64.37
C GLU A 359 -37.45 24.63 65.48
N VAL A 360 -37.99 24.64 66.70
CA VAL A 360 -37.35 23.92 67.79
C VAL A 360 -37.30 22.43 67.50
N ALA A 361 -38.39 21.87 66.96
CA ALA A 361 -38.42 20.47 66.58
C ALA A 361 -37.41 20.17 65.48
N GLY A 362 -37.28 21.09 64.53
CA GLY A 362 -36.28 20.92 63.49
C GLY A 362 -34.86 20.89 64.04
N ALA A 363 -34.57 21.78 64.97
CA ALA A 363 -33.25 21.77 65.62
C ALA A 363 -33.03 20.49 66.42
N ILE A 364 -34.05 20.06 67.16
CA ILE A 364 -33.95 18.82 67.94
C ILE A 364 -33.67 17.65 67.03
N ALA A 365 -34.36 17.59 65.89
CA ALA A 365 -34.09 16.52 64.94
C ALA A 365 -32.68 16.61 64.36
N ARG A 366 -32.25 17.82 63.96
CA ARG A 366 -30.96 17.92 63.27
C ARG A 366 -29.80 17.61 64.22
N GLU A 367 -30.00 17.81 65.52
CA GLU A 367 -28.96 17.41 66.46
C GLU A 367 -29.11 15.96 66.93
N ILE A 368 -30.33 15.44 66.98
CA ILE A 368 -30.59 14.08 67.43
C ILE A 368 -31.46 13.34 66.42
N PRO A 369 -30.90 12.83 65.33
CA PRO A 369 -31.71 12.04 64.39
C PRO A 369 -32.07 10.68 64.97
N GLY A 370 -33.15 10.12 64.44
CA GLY A 370 -33.57 8.78 64.83
C GLY A 370 -34.73 8.74 65.80
N ILE A 371 -34.71 9.62 66.81
CA ILE A 371 -35.82 9.73 67.74
C ILE A 371 -37.07 10.20 67.00
N TYR A 372 -38.24 9.85 67.52
CA TYR A 372 -39.50 10.22 66.86
C TYR A 372 -40.17 11.31 67.69
N ILE A 373 -40.38 12.47 67.09
CA ILE A 373 -40.97 13.58 67.81
C ILE A 373 -42.48 13.50 67.71
N LYS A 374 -43.16 13.47 68.85
CA LYS A 374 -44.62 13.39 68.89
C LYS A 374 -45.26 14.76 68.97
N LEU A 375 -44.94 15.52 70.01
CA LEU A 375 -45.53 16.85 70.17
C LEU A 375 -44.51 17.78 70.81
N CYS A 376 -44.36 18.96 70.21
CA CYS A 376 -43.52 20.03 70.69
C CYS A 376 -44.36 21.30 70.84
N GLN A 377 -44.24 21.95 71.99
CA GLN A 377 -44.99 23.15 72.30
C GLN A 377 -44.06 24.18 72.92
N VAL A 378 -44.39 25.45 72.74
CA VAL A 378 -43.58 26.54 73.26
C VAL A 378 -44.45 27.50 74.04
N ALA A 379 -43.83 28.19 74.99
CA ALA A 379 -44.51 29.22 75.78
C ALA A 379 -43.49 30.27 76.16
N CYS A 380 -43.98 31.51 76.31
CA CYS A 380 -43.13 32.65 76.60
C CYS A 380 -43.69 33.42 77.79
N VAL A 381 -42.82 33.77 78.73
CA VAL A 381 -43.21 34.55 79.90
C VAL A 381 -42.20 35.67 80.10
N ALA A 382 -42.54 36.59 81.00
CA ALA A 382 -41.59 37.62 81.37
C ALA A 382 -40.49 37.03 82.24
N ALA A 383 -39.34 37.70 82.26
CA ALA A 383 -38.20 37.23 83.04
C ALA A 383 -38.51 37.28 84.53
N GLY A 384 -38.07 36.26 85.25
CA GLY A 384 -38.31 36.20 86.68
C GLY A 384 -39.76 36.04 87.06
N SER A 385 -40.48 35.18 86.34
CA SER A 385 -41.90 34.96 86.55
C SER A 385 -42.18 33.47 86.66
N PRO A 386 -43.28 33.07 87.29
CA PRO A 386 -43.60 31.65 87.40
C PRO A 386 -43.76 31.01 86.04
N ALA A 387 -43.38 29.74 85.95
CA ALA A 387 -43.46 29.01 84.70
C ALA A 387 -44.92 28.90 84.26
N PRO A 388 -45.19 28.95 82.95
CA PRO A 388 -46.58 28.89 82.49
C PRO A 388 -47.24 27.57 82.85
N ALA A 389 -48.52 27.63 83.17
CA ALA A 389 -49.28 26.44 83.51
C ALA A 389 -49.53 25.59 82.27
N PRO A 390 -49.78 24.30 82.44
CA PRO A 390 -50.14 23.47 81.28
C PRO A 390 -51.41 23.99 80.60
N GLY A 391 -51.41 23.91 79.27
CA GLY A 391 -52.45 24.48 78.46
C GLY A 391 -52.10 25.85 77.89
N ASP A 392 -51.29 26.62 78.60
CA ASP A 392 -50.78 27.87 78.06
C ASP A 392 -49.81 27.64 76.91
N PHE A 393 -49.19 26.47 76.84
CA PHE A 393 -48.29 26.15 75.76
C PHE A 393 -49.04 26.09 74.43
N THR A 394 -48.41 26.62 73.39
CA THR A 394 -48.99 26.63 72.05
C THR A 394 -47.96 26.11 71.06
N SER A 395 -48.38 25.99 69.79
CA SER A 395 -47.51 25.47 68.75
C SER A 395 -46.55 26.52 68.20
N GLU A 396 -46.77 27.80 68.50
CA GLU A 396 -45.88 28.86 68.03
C GLU A 396 -46.15 30.16 68.77
N TYR A 397 -45.10 30.82 69.23
CA TYR A 397 -45.21 32.12 69.89
C TYR A 397 -44.50 33.16 69.04
N VAL A 398 -45.22 34.21 68.67
CA VAL A 398 -44.65 35.31 67.88
C VAL A 398 -44.23 36.41 68.85
N MET A 399 -43.10 37.05 68.54
CA MET A 399 -42.53 38.07 69.41
C MET A 399 -42.44 39.39 68.67
N SER A 400 -42.37 40.47 69.44
CA SER A 400 -42.29 41.80 68.86
C SER A 400 -40.90 42.05 68.27
N ALA A 401 -40.69 43.28 67.80
CA ALA A 401 -39.42 43.67 67.21
C ALA A 401 -38.40 44.11 68.23
N PHE A 402 -38.74 44.11 69.52
CA PHE A 402 -37.85 44.60 70.57
C PHE A 402 -37.75 43.61 71.71
N GLY A 403 -37.87 42.32 71.43
CA GLY A 403 -37.78 41.30 72.44
C GLY A 403 -36.81 40.21 72.04
N GLN A 404 -36.32 39.49 73.04
CA GLN A 404 -35.41 38.37 72.83
C GLN A 404 -35.76 37.26 73.80
N ALA A 405 -35.89 36.04 73.27
CA ALA A 405 -36.27 34.88 74.06
C ALA A 405 -35.03 34.08 74.43
N THR A 406 -34.93 33.71 75.70
CA THR A 406 -33.83 32.91 76.21
C THR A 406 -34.39 31.59 76.74
N ILE A 407 -33.78 30.48 76.33
CA ILE A 407 -34.17 29.15 76.76
C ILE A 407 -32.98 28.52 77.50
N SER A 408 -33.19 28.17 78.76
CA SER A 408 -32.18 27.48 79.54
C SER A 408 -32.43 25.98 79.52
N VAL A 409 -31.52 25.24 80.13
CA VAL A 409 -31.66 23.78 80.17
C VAL A 409 -32.87 23.37 80.99
N GLY A 410 -33.16 24.11 82.07
CA GLY A 410 -34.28 23.77 82.92
C GLY A 410 -35.65 24.12 82.35
N ASN A 411 -35.69 24.96 81.33
CA ASN A 411 -36.95 25.37 80.71
C ASN A 411 -37.40 24.39 79.63
N VAL A 412 -36.65 23.33 79.38
CA VAL A 412 -37.03 22.31 78.41
C VAL A 412 -37.54 21.10 79.19
N ARG A 413 -38.85 20.86 79.10
CA ARG A 413 -39.48 19.72 79.74
C ARG A 413 -39.58 18.59 78.73
N VAL A 414 -38.77 17.55 78.91
CA VAL A 414 -38.69 16.43 77.98
C VAL A 414 -39.42 15.24 78.59
N THR A 415 -40.32 14.65 77.81
CA THR A 415 -41.06 13.47 78.22
C THR A 415 -40.72 12.34 77.25
N PHE A 416 -40.42 11.17 77.80
CA PHE A 416 -40.08 10.00 77.00
C PHE A 416 -41.32 9.12 76.93
N VAL A 417 -42.08 9.26 75.85
CA VAL A 417 -43.33 8.52 75.72
C VAL A 417 -43.08 7.25 74.91
N ALA B 2 18.45 50.04 -40.48
CA ALA B 2 19.20 49.69 -39.29
C ALA B 2 18.99 50.73 -38.19
N ASN B 3 18.82 51.99 -38.59
CA ASN B 3 18.56 53.06 -37.63
C ASN B 3 17.17 52.98 -37.03
N TYR B 4 16.30 52.14 -37.57
CA TYR B 4 14.90 52.01 -37.13
C TYR B 4 14.23 53.39 -37.30
N ASN B 5 13.31 53.72 -36.40
CA ASN B 5 12.69 55.04 -36.34
C ASN B 5 12.90 55.51 -34.91
N TYR B 6 14.04 56.14 -34.64
CA TYR B 6 14.28 56.63 -33.29
C TYR B 6 13.56 57.94 -33.02
N ILE B 7 12.78 58.42 -33.97
CA ILE B 7 12.02 59.65 -33.79
C ILE B 7 10.61 59.34 -33.31
N VAL B 8 9.91 58.47 -34.04
CA VAL B 8 8.54 58.01 -33.76
C VAL B 8 7.64 59.18 -33.37
N ASP B 9 6.51 58.90 -32.74
CA ASP B 9 5.60 59.95 -32.31
C ASP B 9 5.64 60.21 -30.82
N THR B 10 5.95 59.22 -30.00
CA THR B 10 5.94 59.42 -28.55
C THR B 10 7.28 59.92 -28.04
N GLY B 11 7.80 60.98 -28.66
CA GLY B 11 9.10 61.50 -28.30
C GLY B 11 10.23 60.68 -28.90
N VAL B 12 11.44 61.20 -28.76
CA VAL B 12 12.61 60.54 -29.33
C VAL B 12 12.96 59.32 -28.49
N ILE B 13 13.05 58.16 -29.13
CA ILE B 13 13.45 56.93 -28.46
C ILE B 13 14.94 56.71 -28.72
N VAL B 14 15.73 56.78 -27.66
CA VAL B 14 17.18 56.65 -27.74
C VAL B 14 17.56 55.28 -27.19
N ALA B 15 18.40 54.56 -27.94
CA ALA B 15 18.83 53.24 -27.56
C ALA B 15 20.23 53.27 -26.96
N ASP B 16 20.66 52.14 -26.43
CA ASP B 16 21.96 52.05 -25.79
C ASP B 16 23.09 52.10 -26.83
N THR B 17 24.24 52.62 -26.39
CA THR B 17 25.36 52.72 -27.32
C THR B 17 25.84 51.33 -27.73
N ALA B 18 25.61 50.31 -26.91
CA ALA B 18 25.95 48.95 -27.33
C ALA B 18 25.13 48.54 -28.54
N ASP B 19 23.83 48.86 -28.53
CA ASP B 19 22.99 48.56 -29.69
C ASP B 19 23.39 49.39 -30.90
N VAL B 20 23.70 50.67 -30.68
CA VAL B 20 24.12 51.52 -31.79
C VAL B 20 25.42 50.99 -32.40
N LEU B 21 26.38 50.64 -31.56
CA LEU B 21 27.66 50.11 -32.03
C LEU B 21 27.47 48.78 -32.75
N SER B 22 26.57 47.93 -32.25
CA SER B 22 26.27 46.68 -32.94
C SER B 22 25.68 46.94 -34.32
N ASP B 23 24.80 47.94 -34.43
CA ASP B 23 24.22 48.27 -35.72
C ASP B 23 25.30 48.76 -36.70
N VAL B 24 26.19 49.63 -36.23
CA VAL B 24 27.26 50.13 -37.09
C VAL B 24 28.19 48.99 -37.48
N GLU B 25 28.48 48.08 -36.55
CA GLU B 25 29.33 46.94 -36.85
C GLU B 25 28.69 46.04 -37.89
N ALA B 26 27.38 45.81 -37.78
CA ALA B 26 26.70 45.00 -38.79
C ALA B 26 26.72 45.68 -40.15
N GLU B 27 26.53 47.00 -40.18
CA GLU B 27 26.60 47.73 -41.44
C GLU B 27 27.98 47.60 -42.08
N PHE B 28 29.02 47.76 -41.27
CA PHE B 28 30.39 47.67 -41.79
C PHE B 28 30.70 46.24 -42.25
N ARG B 29 30.21 45.24 -41.52
CA ARG B 29 30.44 43.85 -41.89
C ARG B 29 29.72 43.50 -43.18
N ALA B 30 28.53 44.06 -43.40
CA ALA B 30 27.84 43.83 -44.66
C ALA B 30 28.48 44.61 -45.81
N ALA B 31 29.08 45.76 -45.52
CA ALA B 31 29.64 46.59 -46.58
C ALA B 31 31.00 46.07 -47.04
N LEU B 32 31.95 45.93 -46.11
CA LEU B 32 33.33 45.63 -46.50
C LEU B 32 33.53 44.13 -46.71
N GLY B 33 33.20 43.31 -45.71
CA GLY B 33 33.36 41.88 -45.83
C GLY B 33 32.74 41.12 -44.68
N ALA B 34 32.29 39.90 -44.95
CA ALA B 34 31.55 39.14 -43.94
C ALA B 34 32.40 38.74 -42.75
N ASN B 35 33.72 38.76 -42.88
CA ASN B 35 34.62 38.31 -41.83
C ASN B 35 35.76 39.29 -41.63
N ILE B 36 35.45 40.58 -41.70
CA ILE B 36 36.47 41.62 -41.53
C ILE B 36 36.76 41.80 -40.05
N ASN B 37 38.03 41.98 -39.72
CA ASN B 37 38.44 42.18 -38.33
C ASN B 37 38.06 43.59 -37.89
N LEU B 38 36.96 43.70 -37.16
CA LEU B 38 36.51 44.99 -36.64
C LEU B 38 37.07 45.26 -35.25
N ALA B 39 38.38 45.13 -35.12
CA ALA B 39 39.07 45.46 -33.89
C ALA B 39 39.38 46.94 -33.85
N ALA B 40 39.37 47.51 -32.65
CA ALA B 40 39.50 48.96 -32.50
C ALA B 40 40.84 49.50 -32.98
N SER B 41 41.85 48.64 -33.10
CA SER B 41 43.16 49.10 -33.55
C SER B 41 43.30 49.12 -35.06
N THR B 42 42.42 48.44 -35.79
CA THR B 42 42.39 48.37 -37.24
C THR B 42 41.68 49.59 -37.82
N PRO B 43 41.98 49.96 -39.07
CA PRO B 43 41.28 51.12 -39.67
C PRO B 43 39.77 50.96 -39.72
N GLN B 44 39.28 49.77 -40.06
CA GLN B 44 37.84 49.57 -40.10
C GLN B 44 37.23 49.71 -38.71
N GLY B 45 37.92 49.21 -37.69
CA GLY B 45 37.45 49.39 -36.32
C GLY B 45 37.46 50.84 -35.89
N SER B 46 38.46 51.59 -36.34
CA SER B 46 38.50 53.02 -36.05
C SER B 46 37.31 53.74 -36.69
N LEU B 47 36.99 53.40 -37.94
CA LEU B 47 35.82 53.97 -38.59
C LEU B 47 34.55 53.58 -37.87
N VAL B 48 34.47 52.33 -37.39
CA VAL B 48 33.30 51.88 -36.66
C VAL B 48 33.13 52.66 -35.37
N ALA B 49 34.23 52.88 -34.64
CA ALA B 49 34.15 53.66 -33.41
C ALA B 49 33.75 55.10 -33.69
N ALA B 50 34.26 55.67 -34.80
CA ALA B 50 33.87 57.03 -35.16
C ALA B 50 32.38 57.12 -35.44
N GLU B 51 31.85 56.19 -36.22
CA GLU B 51 30.42 56.21 -36.52
C GLU B 51 29.57 55.70 -35.37
N ALA B 52 30.18 55.15 -34.32
CA ALA B 52 29.45 54.84 -33.10
C ALA B 52 29.36 56.04 -32.18
N ILE B 53 30.39 56.88 -32.14
CA ILE B 53 30.25 58.17 -31.45
C ILE B 53 29.26 59.05 -32.18
N ALA B 54 29.39 59.13 -33.50
CA ALA B 54 28.29 59.63 -34.31
C ALA B 54 27.10 58.68 -34.18
N ARG B 55 25.94 59.13 -34.63
CA ARG B 55 24.75 58.30 -34.62
C ARG B 55 24.30 58.04 -33.19
N SER B 56 25.08 58.54 -32.22
CA SER B 56 24.69 58.60 -30.82
C SER B 56 24.77 60.00 -30.26
N SER B 57 25.76 60.79 -30.67
CA SER B 57 25.71 62.21 -30.34
C SER B 57 24.44 62.86 -30.86
N VAL B 58 24.04 62.49 -32.09
CA VAL B 58 22.82 63.05 -32.67
C VAL B 58 21.59 62.54 -31.93
N MET B 59 21.56 61.26 -31.59
CA MET B 59 20.46 60.71 -30.81
C MET B 59 20.28 61.49 -29.51
N ARG B 60 21.37 61.69 -28.78
CA ARG B 60 21.31 62.41 -27.52
C ARG B 60 20.89 63.86 -27.72
N ASN B 61 21.40 64.54 -28.76
CA ASN B 61 21.02 65.92 -29.00
C ASN B 61 19.53 66.03 -29.31
N GLU B 62 19.02 65.14 -30.14
CA GLU B 62 17.61 65.16 -30.49
C GLU B 62 16.73 64.90 -29.27
N ALA B 63 17.10 63.91 -28.46
CA ALA B 63 16.34 63.67 -27.23
C ALA B 63 16.49 64.82 -26.24
N ARG B 64 17.59 65.58 -26.33
CA ARG B 64 17.77 66.73 -25.46
C ARG B 64 16.87 67.89 -25.86
N ILE B 65 16.63 68.08 -27.15
CA ILE B 65 15.87 69.24 -27.59
C ILE B 65 14.58 68.84 -28.30
N ALA B 66 14.02 67.69 -27.94
CA ALA B 66 12.78 67.25 -28.58
C ALA B 66 11.59 68.08 -28.15
N ASN B 67 11.22 68.02 -26.86
CA ASN B 67 10.09 68.78 -26.35
C ASN B 67 10.55 70.05 -25.63
N THR B 68 11.34 70.85 -26.34
CA THR B 68 11.90 72.06 -25.75
C THR B 68 10.94 73.23 -25.73
N ILE B 69 9.82 73.15 -26.46
CA ILE B 69 8.88 74.26 -26.49
C ILE B 69 7.89 74.20 -25.33
N ASN B 70 7.80 73.08 -24.63
CA ASN B 70 6.97 73.01 -23.45
C ASN B 70 7.67 73.72 -22.30
N PRO B 71 7.10 74.80 -21.76
CA PRO B 71 7.82 75.57 -20.73
C PRO B 71 7.99 74.85 -19.42
N ASN B 72 7.14 73.87 -19.12
CA ASN B 72 7.25 73.19 -17.83
C ASN B 72 8.51 72.35 -17.73
N VAL B 73 9.21 72.12 -18.84
CA VAL B 73 10.39 71.26 -18.84
C VAL B 73 11.54 71.83 -19.67
N SER B 74 11.42 73.08 -20.08
CA SER B 74 12.53 73.70 -20.80
C SER B 74 13.71 73.92 -19.85
N PHE B 75 14.83 74.33 -20.43
CA PHE B 75 16.04 74.52 -19.64
C PHE B 75 16.94 75.56 -20.30
N GLY B 76 17.68 76.29 -19.47
CA GLY B 76 18.71 77.17 -19.97
C GLY B 76 18.19 78.24 -20.91
N THR B 77 18.89 78.39 -22.04
CA THR B 77 18.57 79.47 -22.97
C THR B 77 17.18 79.33 -23.57
N PHE B 78 16.70 78.10 -23.76
CA PHE B 78 15.33 77.92 -24.21
C PHE B 78 14.34 78.49 -23.19
N LEU B 79 14.57 78.23 -21.90
CA LEU B 79 13.72 78.81 -20.87
C LEU B 79 13.81 80.34 -20.86
N ASP B 80 15.03 80.88 -21.02
CA ASP B 80 15.16 82.32 -21.07
C ASP B 80 14.37 82.91 -22.24
N ALA B 81 14.46 82.26 -23.40
CA ALA B 81 13.72 82.75 -24.57
C ALA B 81 12.21 82.69 -24.34
N ILE B 82 11.72 81.60 -23.73
CA ILE B 82 10.29 81.47 -23.51
C ILE B 82 9.80 82.51 -22.50
N CYS B 83 10.53 82.69 -21.40
CA CYS B 83 10.11 83.66 -20.39
C CYS B 83 10.31 85.11 -20.82
N ALA B 84 11.18 85.37 -21.79
CA ALA B 84 11.28 86.72 -22.33
C ALA B 84 10.02 87.14 -23.05
N LEU B 85 9.13 86.21 -23.38
CA LEU B 85 7.85 86.56 -23.98
C LEU B 85 6.94 87.27 -23.00
N MET B 86 6.97 86.87 -21.73
CA MET B 86 6.21 87.55 -20.68
C MET B 86 7.09 88.46 -19.82
N GLY B 87 8.35 88.64 -20.20
CA GLY B 87 9.19 89.63 -19.56
C GLY B 87 10.00 89.14 -18.39
N ILE B 88 9.86 87.86 -18.02
CA ILE B 88 10.71 87.28 -16.98
C ILE B 88 12.09 87.09 -17.60
N GLU B 89 13.01 87.97 -17.25
CA GLU B 89 14.37 87.95 -17.80
C GLU B 89 15.33 87.49 -16.71
N ARG B 90 16.02 86.40 -16.97
CA ARG B 90 17.03 85.92 -16.04
C ARG B 90 18.13 86.97 -15.90
N GLY B 91 18.47 87.31 -14.67
CA GLY B 91 19.45 88.35 -14.42
C GLY B 91 20.86 87.92 -14.71
N SER B 92 21.78 88.85 -14.52
CA SER B 92 23.21 88.59 -14.65
C SER B 92 23.80 88.33 -13.27
N ASP B 93 24.92 87.60 -13.27
CA ASP B 93 25.62 87.26 -12.04
C ASP B 93 26.78 88.26 -11.87
N LEU B 94 26.51 89.31 -11.10
CA LEU B 94 27.50 90.35 -10.85
C LEU B 94 28.18 90.12 -9.51
N SER B 95 28.97 91.08 -9.07
CA SER B 95 29.63 91.02 -7.78
C SER B 95 29.63 92.41 -7.16
N THR B 96 29.75 92.44 -5.82
CA THR B 96 29.90 93.72 -5.13
C THR B 96 31.17 94.41 -5.60
N PHE B 97 31.09 95.72 -5.79
CA PHE B 97 32.12 96.48 -6.52
C PHE B 97 32.55 97.70 -5.72
N GLY B 98 32.96 97.46 -4.47
CA GLY B 98 33.30 98.56 -3.58
C GLY B 98 34.39 99.48 -4.11
N TYR B 99 34.19 100.79 -3.97
CA TYR B 99 35.15 101.78 -4.42
C TYR B 99 35.51 102.71 -3.28
N GLY B 100 36.71 103.28 -3.37
CA GLY B 100 37.16 104.20 -2.34
C GLY B 100 37.43 103.58 -1.00
N VAL B 101 37.75 102.28 -0.96
CA VAL B 101 38.04 101.62 0.30
C VAL B 101 39.27 102.27 0.91
N GLN B 102 39.13 102.76 2.15
CA GLN B 102 40.14 103.58 2.80
C GLN B 102 41.22 102.67 3.38
N VAL B 103 42.44 102.75 2.84
CA VAL B 103 43.53 101.91 3.29
C VAL B 103 44.64 102.80 3.86
N THR B 104 45.13 102.41 5.04
CA THR B 104 46.22 103.09 5.69
C THR B 104 47.46 102.21 5.64
N GLY B 105 48.58 102.81 5.25
CA GLY B 105 49.84 102.09 5.18
C GLY B 105 50.98 102.91 5.73
N ARG B 106 52.14 102.83 5.09
CA ARG B 106 53.30 103.63 5.51
C ARG B 106 54.09 104.05 4.28
N SER B 107 54.69 105.24 4.38
CA SER B 107 55.57 105.78 3.35
C SER B 107 54.95 105.71 1.96
N GLN B 108 55.56 104.92 1.08
CA GLN B 108 55.15 104.79 -0.31
C GLN B 108 54.95 103.32 -0.66
N THR B 109 54.20 102.62 0.21
CA THR B 109 53.91 101.21 -0.01
C THR B 109 53.04 101.03 -1.25
N ARG B 110 53.35 100.01 -2.04
CA ARG B 110 52.63 99.72 -3.26
C ARG B 110 51.71 98.53 -3.07
N ILE B 111 50.46 98.68 -3.50
CA ILE B 111 49.43 97.66 -3.37
C ILE B 111 49.19 97.08 -4.75
N SER B 112 49.33 95.75 -4.84
CA SER B 112 49.23 95.00 -6.07
C SER B 112 47.84 94.36 -6.19
N THR B 113 47.52 93.94 -7.41
CA THR B 113 46.21 93.35 -7.68
C THR B 113 46.05 92.02 -6.96
N GLY B 114 44.84 91.76 -6.49
CA GLY B 114 44.52 90.47 -5.89
C GLY B 114 45.00 90.28 -4.48
N SER B 115 45.11 91.36 -3.69
CA SER B 115 45.54 91.22 -2.31
C SER B 115 44.52 90.49 -1.45
N ARG B 116 43.28 90.35 -1.92
CA ARG B 116 42.28 89.50 -1.29
C ARG B 116 42.00 89.91 0.16
N VAL B 117 41.47 91.12 0.31
CA VAL B 117 40.99 91.53 1.62
C VAL B 117 39.77 90.70 2.00
N GLN B 118 39.41 90.76 3.28
CA GLN B 118 38.29 89.98 3.79
C GLN B 118 37.42 90.82 4.70
N THR B 119 36.11 90.60 4.61
CA THR B 119 35.18 91.22 5.54
C THR B 119 35.19 90.46 6.86
N PRO B 120 34.65 91.06 7.93
CA PRO B 120 34.62 90.35 9.22
C PRO B 120 33.92 89.01 9.16
N ALA B 121 32.95 88.83 8.27
CA ALA B 121 32.24 87.56 8.11
C ALA B 121 32.47 87.05 6.69
N GLY B 122 33.58 86.33 6.49
CA GLY B 122 33.89 85.78 5.18
C GLY B 122 33.99 86.87 4.12
N ALA B 123 33.43 86.57 2.94
CA ALA B 123 33.24 87.55 1.88
C ALA B 123 34.57 88.16 1.43
N ILE B 124 35.39 87.32 0.81
CA ILE B 124 36.69 87.75 0.29
C ILE B 124 36.48 88.68 -0.90
N PHE B 125 37.11 89.86 -0.85
CA PHE B 125 37.11 90.83 -1.93
C PHE B 125 38.53 91.02 -2.47
N THR B 126 38.69 90.94 -3.78
CA THR B 126 39.99 91.13 -4.42
C THR B 126 40.11 92.56 -4.93
N VAL B 127 41.23 93.21 -4.65
CA VAL B 127 41.49 94.55 -5.15
C VAL B 127 41.82 94.48 -6.63
N LEU B 128 41.19 95.35 -7.42
CA LEU B 128 41.31 95.29 -8.88
C LEU B 128 42.10 96.44 -9.46
N SER B 129 42.72 97.29 -8.63
CA SER B 129 43.49 98.43 -9.12
C SER B 129 44.73 98.60 -8.27
N ASP B 130 45.90 98.52 -8.90
CA ASP B 130 47.15 98.73 -8.20
C ASP B 130 47.28 100.20 -7.81
N VAL B 131 47.85 100.45 -6.64
CA VAL B 131 47.89 101.82 -6.13
C VAL B 131 49.07 101.99 -5.17
N THR B 132 49.75 103.12 -5.27
CA THR B 132 50.84 103.46 -4.37
C THR B 132 50.38 104.50 -3.36
N ILE B 133 50.65 104.24 -2.08
CA ILE B 133 50.19 105.14 -1.02
C ILE B 133 51.04 106.40 -1.02
N PRO B 134 50.45 107.60 -1.00
CA PRO B 134 51.26 108.83 -1.02
C PRO B 134 51.93 109.12 0.31
N ALA B 135 52.59 110.28 0.40
CA ALA B 135 53.38 110.62 1.58
C ALA B 135 52.52 110.78 2.83
N GLY B 136 51.22 111.02 2.68
CA GLY B 136 50.34 111.06 3.83
C GLY B 136 50.13 109.72 4.49
N GLY B 137 50.49 108.64 3.82
CA GLY B 137 50.35 107.30 4.38
C GLY B 137 48.97 106.71 4.27
N VAL B 138 48.07 107.34 3.51
CA VAL B 138 46.67 106.97 3.44
C VAL B 138 46.19 107.09 1.99
N ALA B 139 45.42 106.10 1.53
CA ALA B 139 44.95 106.07 0.15
C ALA B 139 43.59 105.38 0.08
N THR B 140 43.05 105.30 -1.15
CA THR B 140 41.80 104.62 -1.42
C THR B 140 41.97 103.64 -2.58
N ILE B 141 41.33 102.48 -2.45
CA ILE B 141 41.45 101.40 -3.43
C ILE B 141 40.07 100.99 -3.93
N ASP B 142 40.06 100.11 -4.93
CA ASP B 142 38.85 99.56 -5.53
C ASP B 142 38.89 98.05 -5.42
N ILE B 143 37.81 97.45 -4.88
CA ILE B 143 37.74 96.01 -4.66
C ILE B 143 36.45 95.46 -5.26
N LYS B 144 36.52 94.19 -5.67
CA LYS B 144 35.38 93.46 -6.21
C LYS B 144 35.30 92.11 -5.52
N SER B 145 34.08 91.71 -5.16
CA SER B 145 33.89 90.46 -4.44
C SER B 145 34.20 89.27 -5.35
N GLN B 146 34.89 88.28 -4.77
CA GLN B 146 35.22 87.07 -5.52
C GLN B 146 33.97 86.27 -5.85
N GLU B 147 33.03 86.20 -4.91
CA GLU B 147 31.79 85.45 -5.10
C GLU B 147 30.75 86.33 -5.80
N TYR B 148 29.52 85.84 -5.88
CA TYR B 148 28.45 86.51 -6.60
C TYR B 148 27.28 86.80 -5.66
N GLY B 149 26.55 87.87 -5.95
CA GLY B 149 25.34 88.21 -5.23
C GLY B 149 25.50 89.46 -4.39
N ASN B 150 24.45 89.73 -3.61
CA ASN B 150 24.41 90.89 -2.72
C ASN B 150 25.25 90.59 -1.48
N ILE B 151 26.56 90.68 -1.65
CA ILE B 151 27.49 90.46 -0.56
C ILE B 151 27.57 91.74 0.28
N PRO B 152 27.27 91.67 1.57
CA PRO B 152 27.28 92.90 2.38
C PRO B 152 28.69 93.43 2.56
N LEU B 153 28.83 94.75 2.48
CA LEU B 153 30.09 95.44 2.71
C LEU B 153 29.83 96.62 3.65
N PRO B 154 29.61 96.33 4.93
CA PRO B 154 29.26 97.40 5.87
C PRO B 154 30.47 98.27 6.23
N VAL B 155 30.17 99.42 6.82
CA VAL B 155 31.22 100.33 7.26
C VAL B 155 31.98 99.71 8.41
N GLY B 156 33.29 99.63 8.28
CA GLY B 156 34.12 99.06 9.33
C GLY B 156 35.47 98.70 8.79
N ASN B 157 36.38 98.39 9.73
CA ASN B 157 37.74 98.03 9.36
C ASN B 157 37.75 96.64 8.71
N LEU B 158 38.49 96.51 7.62
CA LEU B 158 38.57 95.26 6.87
C LEU B 158 39.85 94.53 7.24
N ILE B 159 39.73 93.23 7.44
CA ILE B 159 40.89 92.39 7.76
C ILE B 159 41.53 91.95 6.45
N ILE B 160 42.86 91.98 6.42
CA ILE B 160 43.64 91.68 5.23
C ILE B 160 44.11 90.23 5.31
N ILE B 161 43.91 89.49 4.22
CA ILE B 161 44.33 88.09 4.16
C ILE B 161 45.74 88.02 3.60
N ASP B 162 45.94 88.58 2.41
CA ASP B 162 47.25 88.60 1.75
C ASP B 162 47.72 90.04 1.70
N GLY B 163 48.65 90.38 2.59
CA GLY B 163 49.13 91.75 2.71
C GLY B 163 50.63 91.83 2.48
N THR B 164 51.06 92.92 1.85
CA THR B 164 52.48 93.17 1.63
C THR B 164 53.10 93.83 2.86
N ILE B 165 54.36 94.21 2.75
CA ILE B 165 55.06 94.91 3.82
C ILE B 165 54.81 96.39 3.68
N GLY B 166 54.19 97.00 4.68
CA GLY B 166 53.87 98.41 4.70
C GLY B 166 52.39 98.70 4.86
N TRP B 167 51.54 97.79 4.43
CA TRP B 167 50.09 97.99 4.51
C TRP B 167 49.63 97.80 5.95
N SER B 168 49.12 98.88 6.56
CA SER B 168 48.68 98.79 7.96
C SER B 168 47.30 98.17 8.07
N GLY B 169 46.32 98.71 7.35
CA GLY B 169 44.98 98.17 7.45
C GLY B 169 44.06 98.77 6.41
N ALA B 170 42.84 98.23 6.38
CA ALA B 170 41.80 98.68 5.47
C ALA B 170 40.50 98.87 6.23
N LYS B 171 39.70 99.83 5.79
CA LYS B 171 38.42 100.14 6.42
C LYS B 171 37.50 100.70 5.33
N VAL B 172 36.21 100.61 5.59
CA VAL B 172 35.20 101.06 4.62
C VAL B 172 34.51 102.31 5.15
N ILE B 173 35.00 103.48 4.77
CA ILE B 173 34.35 104.72 5.16
C ILE B 173 32.98 104.82 4.50
N ALA B 174 32.10 105.63 5.08
CA ALA B 174 30.76 105.76 4.53
C ALA B 174 30.76 106.44 3.17
N SER B 175 31.85 107.11 2.81
CA SER B 175 31.97 107.71 1.48
C SER B 175 32.21 106.68 0.39
N THR B 176 32.50 105.44 0.74
CA THR B 176 32.66 104.38 -0.24
C THR B 176 31.35 104.13 -0.98
N ARG B 177 31.47 103.85 -2.28
CA ARG B 177 30.31 103.55 -3.11
C ARG B 177 30.21 102.03 -3.22
N VAL B 178 29.58 101.42 -2.22
CA VAL B 178 29.37 99.97 -2.24
C VAL B 178 28.30 99.65 -3.28
N ASP B 179 28.70 99.00 -4.36
CA ASP B 179 27.80 98.73 -5.46
C ASP B 179 27.26 97.31 -5.34
N PRO B 180 25.97 97.12 -5.18
CA PRO B 180 25.44 95.76 -5.01
C PRO B 180 25.58 94.94 -6.28
N GLY B 181 25.70 93.63 -6.10
CA GLY B 181 25.82 92.67 -7.18
C GLY B 181 24.50 91.97 -7.46
N SER B 182 24.61 90.78 -8.04
CA SER B 182 23.42 89.98 -8.35
C SER B 182 23.83 88.52 -8.48
N ARG B 183 22.89 87.63 -8.18
CA ARG B 183 23.14 86.20 -8.06
C ARG B 183 22.37 85.41 -9.12
N GLN B 184 22.07 86.03 -10.25
CA GLN B 184 21.37 85.39 -11.37
C GLN B 184 20.01 84.87 -10.87
N MET B 185 19.48 83.86 -11.55
CA MET B 185 18.18 83.28 -11.23
C MET B 185 18.05 81.96 -11.96
N SER B 186 17.63 80.91 -11.24
CA SER B 186 17.71 79.55 -11.72
C SER B 186 16.49 79.18 -12.56
N ASP B 187 16.50 77.94 -13.08
CA ASP B 187 15.38 77.47 -13.91
C ASP B 187 14.16 77.19 -13.06
N ALA B 188 14.34 76.68 -11.85
CA ALA B 188 13.22 76.51 -10.94
C ALA B 188 12.56 77.86 -10.63
N GLU B 189 13.38 78.88 -10.40
CA GLU B 189 12.83 80.22 -10.19
C GLU B 189 12.18 80.77 -11.45
N LEU B 190 12.72 80.44 -12.63
CA LEU B 190 12.09 80.88 -13.87
C LEU B 190 10.69 80.29 -14.01
N LYS B 191 10.55 79.00 -13.73
CA LYS B 191 9.23 78.37 -13.77
C LYS B 191 8.33 78.93 -12.68
N ASN B 192 8.91 79.25 -11.51
CA ASN B 192 8.16 79.91 -10.45
C ASN B 192 7.54 81.19 -10.96
N ALA B 193 8.35 82.04 -11.60
CA ALA B 193 7.85 83.32 -12.09
C ALA B 193 6.85 83.12 -13.21
N ARG B 194 7.06 82.12 -14.07
CA ARG B 194 6.09 81.87 -15.14
C ARG B 194 4.73 81.49 -14.57
N VAL B 195 4.70 80.59 -13.59
CA VAL B 195 3.42 80.18 -13.03
C VAL B 195 2.79 81.32 -12.22
N ASN B 196 3.63 82.14 -11.59
CA ASN B 196 3.11 83.34 -10.91
C ASN B 196 2.45 84.29 -11.89
N ARG B 197 3.09 84.52 -13.04
CA ARG B 197 2.51 85.38 -14.06
C ARG B 197 1.22 84.80 -14.61
N LEU B 198 1.18 83.47 -14.77
CA LEU B 198 -0.03 82.81 -15.23
C LEU B 198 -1.17 82.98 -14.23
N ALA B 199 -0.88 82.84 -12.94
CA ALA B 199 -1.90 83.06 -11.93
C ALA B 199 -2.38 84.50 -11.94
N ILE B 200 -1.47 85.45 -12.13
CA ILE B 200 -1.85 86.86 -12.18
C ILE B 200 -2.74 87.13 -13.39
N GLN B 201 -2.41 86.55 -14.54
CA GLN B 201 -3.16 86.83 -15.77
C GLN B 201 -4.15 85.71 -16.11
N GLY B 202 -4.61 85.01 -15.09
CA GLY B 202 -5.72 84.11 -15.27
C GLY B 202 -6.90 84.45 -14.39
N ARG B 203 -7.11 85.74 -14.12
CA ARG B 203 -8.23 86.20 -13.32
C ARG B 203 -9.00 87.28 -14.09
N ASN B 204 -10.30 87.36 -13.80
CA ASN B 204 -11.12 88.43 -14.33
C ASN B 204 -10.99 89.64 -13.42
N SER B 205 -11.76 90.69 -13.71
CA SER B 205 -11.65 91.94 -12.96
C SER B 205 -11.97 91.74 -11.50
N THR B 206 -13.05 91.01 -11.19
CA THR B 206 -13.51 90.90 -9.82
C THR B 206 -12.54 90.10 -8.96
N MET B 207 -12.11 88.94 -9.45
CA MET B 207 -11.14 88.14 -8.69
C MET B 207 -9.80 88.85 -8.58
N ALA B 208 -9.38 89.55 -9.63
CA ALA B 208 -8.14 90.30 -9.55
C ALA B 208 -8.21 91.36 -8.47
N ILE B 209 -9.32 92.11 -8.42
CA ILE B 209 -9.48 93.13 -7.40
C ILE B 209 -9.46 92.51 -6.01
N LYS B 210 -10.22 91.42 -5.83
CA LYS B 210 -10.29 90.79 -4.52
C LYS B 210 -8.92 90.33 -4.05
N ALA B 211 -8.19 89.61 -4.91
CA ALA B 211 -6.89 89.10 -4.52
C ALA B 211 -5.90 90.22 -4.22
N TYR B 212 -5.83 91.22 -5.10
CA TYR B 212 -4.84 92.28 -4.91
C TYR B 212 -5.13 93.11 -3.66
N VAL B 213 -6.40 93.43 -3.41
CA VAL B 213 -6.72 94.25 -2.25
C VAL B 213 -6.54 93.46 -0.96
N SER B 214 -6.93 92.18 -0.96
CA SER B 214 -6.70 91.35 0.21
C SER B 214 -5.22 91.11 0.48
N ALA B 215 -4.37 91.22 -0.54
CA ALA B 215 -2.94 91.06 -0.31
C ALA B 215 -2.38 92.20 0.54
N VAL B 216 -3.02 93.35 0.55
CA VAL B 216 -2.52 94.51 1.29
C VAL B 216 -2.61 94.23 2.78
N PRO B 217 -1.62 94.60 3.58
CA PRO B 217 -1.72 94.41 5.04
C PRO B 217 -2.80 95.28 5.65
N ASN B 218 -3.28 94.85 6.81
CA ASN B 218 -4.32 95.50 7.60
C ASN B 218 -5.68 95.52 6.92
N VAL B 219 -5.85 94.79 5.83
CA VAL B 219 -7.12 94.72 5.13
C VAL B 219 -7.94 93.59 5.75
N THR B 220 -8.98 93.93 6.51
CA THR B 220 -9.79 92.91 7.17
C THR B 220 -10.54 92.06 6.15
N SER B 221 -11.24 92.70 5.23
CA SER B 221 -12.04 91.98 4.25
C SER B 221 -12.38 92.90 3.09
N VAL B 222 -13.00 92.31 2.07
CA VAL B 222 -13.20 92.96 0.79
C VAL B 222 -14.61 92.65 0.29
N ASN B 223 -15.19 93.58 -0.46
CA ASN B 223 -16.47 93.35 -1.10
C ASN B 223 -16.44 94.03 -2.46
N VAL B 224 -16.30 93.23 -3.52
CA VAL B 224 -16.23 93.72 -4.89
C VAL B 224 -17.54 93.37 -5.57
N ILE B 225 -18.21 94.37 -6.12
CA ILE B 225 -19.51 94.21 -6.75
C ILE B 225 -19.48 94.91 -8.10
N GLU B 226 -20.03 94.27 -9.12
CA GLU B 226 -19.89 94.74 -10.50
C GLU B 226 -21.24 95.02 -11.13
N ASN B 227 -21.35 96.17 -11.82
CA ASN B 227 -22.62 96.56 -12.43
C ASN B 227 -23.06 95.59 -13.53
N ASN B 228 -22.33 95.55 -14.64
CA ASN B 228 -22.57 94.63 -15.74
C ASN B 228 -24.02 94.69 -16.23
N THR B 229 -24.59 95.89 -16.30
CA THR B 229 -25.96 96.06 -16.76
C THR B 229 -26.17 97.20 -17.74
N GLY B 230 -25.28 98.19 -17.79
CA GLY B 230 -25.51 99.34 -18.64
C GLY B 230 -26.70 100.19 -18.24
N ALA B 231 -26.99 100.27 -16.94
CA ALA B 231 -28.11 101.05 -16.44
C ALA B 231 -27.88 101.32 -14.96
N VAL B 232 -27.94 102.58 -14.56
CA VAL B 232 -27.72 102.96 -13.17
C VAL B 232 -28.85 102.40 -12.32
N GLN B 233 -28.52 101.50 -11.41
CA GLN B 233 -29.55 100.93 -10.51
C GLN B 233 -28.88 100.34 -9.26
N VAL B 234 -29.61 100.28 -8.14
CA VAL B 234 -29.05 99.64 -6.91
C VAL B 234 -29.33 98.14 -7.04
N VAL B 235 -28.61 97.48 -7.96
CA VAL B 235 -28.86 96.03 -8.20
C VAL B 235 -28.58 95.26 -6.91
N ASN B 236 -27.44 95.55 -6.26
CA ASN B 236 -27.08 94.81 -5.02
C ASN B 236 -26.40 95.76 -4.02
N GLY B 237 -27.19 96.47 -3.21
CA GLY B 237 -26.60 97.33 -2.15
C GLY B 237 -26.24 98.72 -2.63
N VAL B 238 -25.51 98.82 -3.74
CA VAL B 238 -25.02 100.17 -4.18
C VAL B 238 -25.65 100.55 -5.53
N SER B 239 -26.22 101.76 -5.60
CA SER B 239 -26.77 102.25 -6.89
C SER B 239 -25.61 102.73 -7.76
N PHE B 240 -25.16 101.89 -8.70
CA PHE B 240 -23.99 102.25 -9.55
C PHE B 240 -24.28 103.54 -10.32
N THR B 241 -23.75 104.68 -9.86
CA THR B 241 -23.94 105.96 -10.51
C THR B 241 -23.48 105.96 -11.97
N LEU B 242 -22.86 104.89 -12.45
CA LEU B 242 -22.42 104.77 -13.82
C LEU B 242 -22.91 103.46 -14.40
N PRO B 243 -23.18 103.41 -15.71
CA PRO B 243 -23.76 102.19 -16.29
C PRO B 243 -22.79 101.03 -16.32
N TYR B 244 -21.54 101.25 -16.70
CA TYR B 244 -20.52 100.21 -16.77
C TYR B 244 -19.44 100.54 -15.74
N ALA B 245 -19.46 99.87 -14.60
CA ALA B 245 -18.50 100.18 -13.56
C ALA B 245 -18.43 99.04 -12.55
N VAL B 246 -17.46 99.14 -11.65
CA VAL B 246 -17.29 98.22 -10.54
C VAL B 246 -17.10 99.05 -9.28
N TRP B 247 -17.60 98.52 -8.17
CA TRP B 247 -17.61 99.18 -6.88
C TRP B 247 -16.91 98.27 -5.88
N VAL B 248 -16.12 98.86 -4.99
CA VAL B 248 -15.27 98.10 -4.10
C VAL B 248 -15.35 98.69 -2.69
N CYS B 249 -15.41 97.80 -1.70
CA CYS B 249 -15.38 98.18 -0.30
C CYS B 249 -14.26 97.41 0.39
N VAL B 250 -13.42 98.15 1.13
CA VAL B 250 -12.25 97.58 1.80
C VAL B 250 -12.37 97.88 3.28
N ALA B 251 -12.22 96.85 4.12
CA ALA B 251 -12.31 97.02 5.55
C ALA B 251 -10.93 97.29 6.15
N GLY B 252 -10.84 97.28 7.47
CA GLY B 252 -9.57 97.47 8.14
C GLY B 252 -9.10 98.92 8.11
N ASN B 253 -7.84 99.10 8.50
CA ASN B 253 -7.18 100.40 8.50
C ASN B 253 -5.83 100.31 7.78
N PRO B 254 -5.85 100.04 6.48
CA PRO B 254 -4.60 99.86 5.73
C PRO B 254 -4.06 101.20 5.26
N ASP B 255 -2.95 101.14 4.53
CA ASP B 255 -2.35 102.34 3.99
C ASP B 255 -3.06 102.72 2.70
N LYS B 256 -3.49 103.98 2.61
CA LYS B 256 -4.26 104.44 1.46
C LYS B 256 -3.47 104.29 0.17
N GLN B 257 -2.19 104.70 0.18
CA GLN B 257 -1.38 104.61 -1.02
C GLN B 257 -1.18 103.17 -1.44
N ALA B 258 -0.93 102.27 -0.48
CA ALA B 258 -0.73 100.86 -0.82
C ALA B 258 -1.98 100.24 -1.41
N VAL B 259 -3.14 100.52 -0.80
CA VAL B 259 -4.39 99.98 -1.33
C VAL B 259 -4.67 100.53 -2.73
N ALA B 260 -4.43 101.83 -2.93
CA ALA B 260 -4.64 102.42 -4.24
C ALA B 260 -3.72 101.80 -5.28
N ASP B 261 -2.45 101.57 -4.91
CA ASP B 261 -1.51 100.97 -5.85
C ASP B 261 -1.91 99.54 -6.20
N ALA B 262 -2.36 98.77 -5.22
CA ALA B 262 -2.81 97.41 -5.50
C ALA B 262 -4.04 97.42 -6.41
N LEU B 263 -4.99 98.30 -6.13
CA LEU B 263 -6.18 98.40 -6.98
C LEU B 263 -5.79 98.80 -8.41
N TRP B 264 -4.86 99.74 -8.54
CA TRP B 264 -4.43 100.16 -9.86
C TRP B 264 -3.73 99.02 -10.59
N ALA B 265 -2.90 98.25 -9.88
CA ALA B 265 -2.24 97.10 -10.50
C ALA B 265 -3.23 96.03 -10.91
N ALA B 266 -4.35 95.89 -10.21
CA ALA B 266 -5.36 94.92 -10.57
C ALA B 266 -6.48 95.51 -11.43
N HIS B 267 -6.33 96.75 -11.87
CA HIS B 267 -7.40 97.41 -12.60
C HIS B 267 -7.55 96.82 -14.00
N ASN B 268 -8.78 96.43 -14.34
CA ASN B 268 -9.08 95.96 -15.69
C ASN B 268 -9.05 97.09 -16.70
N GLY B 269 -9.33 98.32 -16.27
CA GLY B 269 -9.31 99.43 -17.18
C GLY B 269 -10.64 99.69 -17.85
N GLY B 270 -10.82 100.91 -18.35
CA GLY B 270 -11.94 101.32 -19.17
C GLY B 270 -13.21 101.36 -18.38
N THR B 271 -13.53 100.25 -17.72
CA THR B 271 -14.56 100.24 -16.71
C THR B 271 -14.07 101.07 -15.54
N PRO B 272 -14.64 102.26 -15.31
CA PRO B 272 -14.10 103.14 -14.28
C PRO B 272 -14.64 102.78 -12.90
N TRP B 273 -13.97 103.31 -11.89
CA TRP B 273 -14.43 103.18 -10.53
C TRP B 273 -15.41 104.30 -10.21
N ASP B 274 -16.47 103.95 -9.49
CA ASP B 274 -17.44 104.92 -9.00
C ASP B 274 -17.47 104.84 -7.48
N TYR B 275 -17.42 106.01 -6.83
CA TYR B 275 -17.56 106.08 -5.39
C TYR B 275 -18.94 105.64 -4.92
N GLY B 276 -19.91 105.54 -5.83
CA GLY B 276 -21.27 105.26 -5.47
C GLY B 276 -22.05 106.51 -5.11
N ALA B 277 -23.34 106.34 -4.90
CA ALA B 277 -24.20 107.44 -4.53
C ALA B 277 -23.96 107.83 -3.08
N THR B 278 -24.73 108.79 -2.59
CA THR B 278 -24.61 109.22 -1.20
C THR B 278 -25.01 108.08 -0.27
N ASN B 279 -24.25 107.94 0.82
CA ASN B 279 -24.46 106.88 1.81
C ASN B 279 -24.44 105.50 1.15
N ASN B 280 -23.49 105.30 0.24
CA ASN B 280 -23.19 104.00 -0.36
C ASN B 280 -21.77 103.60 0.01
N GLY B 281 -21.42 103.78 1.27
CA GLY B 281 -20.04 103.74 1.73
C GLY B 281 -19.56 105.14 2.06
N VAL B 282 -18.29 105.20 2.46
CA VAL B 282 -17.70 106.50 2.78
C VAL B 282 -16.71 106.85 1.67
N PRO B 283 -17.06 107.76 0.76
CA PRO B 283 -16.14 108.11 -0.32
C PRO B 283 -14.97 108.95 0.17
N VAL B 284 -13.93 108.28 0.68
CA VAL B 284 -12.80 109.00 1.23
C VAL B 284 -12.00 109.68 0.12
N ASP B 285 -11.09 110.57 0.54
CA ASP B 285 -10.20 111.31 -0.36
C ASP B 285 -10.96 112.21 -1.32
N GLY B 286 -12.08 112.78 -0.85
CA GLY B 286 -12.79 113.79 -1.61
C GLY B 286 -13.58 113.22 -2.77
N PRO B 287 -14.24 114.10 -3.52
CA PRO B 287 -15.03 113.64 -4.68
C PRO B 287 -14.19 113.15 -5.84
N ASN B 288 -12.89 113.47 -5.86
CA ASN B 288 -12.00 113.01 -6.92
C ASN B 288 -11.22 111.79 -6.45
N GLY B 289 -10.89 110.92 -7.41
CA GLY B 289 -10.21 109.68 -7.08
C GLY B 289 -8.78 109.88 -6.66
N VAL B 290 -8.23 108.86 -6.02
CA VAL B 290 -6.84 108.92 -5.54
C VAL B 290 -5.89 108.78 -6.73
N PRO B 291 -4.95 109.70 -6.92
CA PRO B 291 -3.95 109.54 -7.98
C PRO B 291 -2.74 108.76 -7.51
N VAL B 292 -2.30 107.84 -8.37
CA VAL B 292 -1.14 106.99 -8.13
C VAL B 292 -0.23 107.10 -9.36
N ARG B 293 1.05 106.83 -9.15
CA ARG B 293 2.01 106.79 -10.25
C ARG B 293 2.16 105.35 -10.70
N ASP B 294 1.89 105.11 -11.97
CA ASP B 294 2.12 103.79 -12.53
C ASP B 294 3.61 103.47 -12.49
N PRO B 295 4.03 102.37 -11.85
CA PRO B 295 5.46 102.05 -11.82
C PRO B 295 6.03 101.86 -13.21
N ALA B 296 5.19 101.48 -14.16
CA ALA B 296 5.61 101.30 -15.54
C ALA B 296 6.03 102.62 -16.16
N SER B 297 5.09 103.55 -16.31
CA SER B 297 5.35 104.85 -16.89
C SER B 297 4.93 105.92 -15.90
N GLY B 298 5.71 107.00 -15.82
CA GLY B 298 5.46 108.05 -14.85
C GLY B 298 4.08 108.68 -14.92
N ARG B 299 3.25 108.22 -15.85
CA ARG B 299 1.88 108.68 -15.97
C ARG B 299 1.06 108.23 -14.77
N LYS B 300 0.28 109.15 -14.21
CA LYS B 300 -0.56 108.86 -13.07
C LYS B 300 -1.85 108.19 -13.53
N TYR B 301 -2.63 107.68 -12.57
CA TYR B 301 -4.01 107.30 -12.80
C TYR B 301 -4.77 107.53 -11.51
N VAL B 302 -6.06 107.87 -11.59
CA VAL B 302 -6.89 107.99 -10.39
C VAL B 302 -7.76 106.75 -10.28
N VAL B 303 -7.88 106.24 -9.06
CA VAL B 303 -8.65 105.06 -8.75
C VAL B 303 -9.53 105.40 -7.55
N LYS B 304 -10.74 104.82 -7.50
CA LYS B 304 -11.71 105.14 -6.47
C LYS B 304 -12.14 103.88 -5.73
N TRP B 305 -12.12 103.96 -4.40
CA TRP B 305 -12.64 102.89 -3.55
C TRP B 305 -13.22 103.51 -2.29
N THR B 306 -14.14 102.77 -1.67
CA THR B 306 -14.90 103.28 -0.54
C THR B 306 -14.73 102.37 0.67
N THR B 307 -14.54 102.99 1.83
CA THR B 307 -14.56 102.26 3.09
C THR B 307 -16.00 102.07 3.57
N PRO B 308 -16.30 101.02 4.31
CA PRO B 308 -17.67 100.79 4.76
C PRO B 308 -18.10 101.83 5.79
N ILE B 309 -19.41 102.03 5.88
CA ILE B 309 -19.95 102.91 6.91
C ILE B 309 -19.88 102.19 8.25
N MET B 310 -19.08 102.73 9.17
CA MET B 310 -18.85 102.08 10.44
C MET B 310 -20.13 102.04 11.25
N TYR B 311 -20.38 100.92 11.92
CA TYR B 311 -21.56 100.75 12.74
C TYR B 311 -21.15 100.30 14.14
N ASP B 312 -21.74 100.92 15.15
CA ASP B 312 -21.55 100.49 16.53
C ASP B 312 -22.63 99.45 16.84
N GLY B 313 -22.20 98.22 17.09
CA GLY B 313 -23.11 97.15 17.46
C GLY B 313 -23.23 97.08 18.97
N TYR B 314 -24.43 96.73 19.43
CA TYR B 314 -24.72 96.56 20.83
C TYR B 314 -25.39 95.21 21.02
N VAL B 315 -24.96 94.48 22.05
CA VAL B 315 -25.44 93.12 22.27
C VAL B 315 -25.89 92.98 23.72
N ASN B 316 -27.13 92.56 23.91
CA ASN B 316 -27.65 92.18 25.23
C ASN B 316 -27.66 90.67 25.33
N VAL B 317 -27.18 90.15 26.44
CA VAL B 317 -27.27 88.72 26.73
C VAL B 317 -27.75 88.55 28.17
N THR B 318 -28.57 87.53 28.40
CA THR B 318 -29.20 87.30 29.69
C THR B 318 -28.88 85.89 30.20
N VAL B 319 -27.60 85.53 30.14
CA VAL B 319 -27.19 84.17 30.46
C VAL B 319 -27.50 83.82 31.91
N GLN B 320 -27.64 82.53 32.16
CA GLN B 320 -27.80 81.94 33.48
C GLN B 320 -26.51 81.20 33.83
N GLN B 321 -25.96 81.55 34.99
CA GLN B 321 -24.69 80.98 35.43
C GLN B 321 -24.85 79.50 35.74
N GLY B 322 -23.89 78.70 35.30
CA GLY B 322 -23.90 77.27 35.51
C GLY B 322 -23.16 76.87 36.77
N SER B 323 -22.80 75.58 36.83
CA SER B 323 -22.05 75.08 37.98
C SER B 323 -20.68 75.74 38.07
N SER B 324 -20.00 75.91 36.94
CA SER B 324 -18.71 76.57 36.91
C SER B 324 -18.89 78.09 36.96
N SER B 325 -18.07 78.75 37.78
CA SER B 325 -18.12 80.20 37.88
C SER B 325 -17.50 80.83 36.65
N VAL B 326 -18.18 81.83 36.10
CA VAL B 326 -17.69 82.58 34.95
C VAL B 326 -17.88 84.06 35.22
N ALA B 327 -17.09 84.87 34.53
CA ALA B 327 -17.16 86.32 34.66
C ALA B 327 -17.75 86.94 33.41
N PRO B 328 -18.49 88.04 33.53
CA PRO B 328 -19.04 88.68 32.32
C PRO B 328 -17.97 89.20 31.38
N GLU B 329 -16.79 89.55 31.90
CA GLU B 329 -15.72 90.00 31.04
C GLU B 329 -15.27 88.91 30.08
N ALA B 330 -15.31 87.64 30.52
CA ALA B 330 -15.01 86.55 29.60
C ALA B 330 -16.02 86.48 28.47
N ILE B 331 -17.31 86.68 28.78
CA ILE B 331 -18.34 86.70 27.75
C ILE B 331 -18.06 87.81 26.75
N GLN B 332 -17.77 89.02 27.27
CA GLN B 332 -17.50 90.15 26.39
C GLN B 332 -16.28 89.88 25.52
N ASN B 333 -15.23 89.32 26.10
CA ASN B 333 -14.01 89.03 25.34
C ASN B 333 -14.29 87.99 24.25
N ALA B 334 -15.06 86.96 24.56
CA ALA B 334 -15.41 85.97 23.55
C ALA B 334 -16.20 86.61 22.41
N VAL B 335 -17.16 87.48 22.74
CA VAL B 335 -17.97 88.10 21.71
C VAL B 335 -17.12 88.98 20.81
N VAL B 336 -16.24 89.80 21.40
CA VAL B 336 -15.44 90.70 20.58
C VAL B 336 -14.44 89.91 19.74
N ASN B 337 -13.89 88.82 20.29
CA ASN B 337 -12.99 87.98 19.51
C ASN B 337 -13.71 87.37 18.32
N TYR B 338 -14.93 86.88 18.53
CA TYR B 338 -15.71 86.34 17.42
C TYR B 338 -15.99 87.41 16.37
N ALA B 339 -16.36 88.62 16.81
CA ALA B 339 -16.66 89.69 15.88
C ALA B 339 -15.43 90.06 15.06
N GLN B 340 -14.27 90.17 15.71
CA GLN B 340 -13.03 90.40 14.99
C GLN B 340 -12.65 89.23 14.09
N GLY B 341 -13.21 88.05 14.33
CA GLY B 341 -12.95 86.91 13.49
C GLY B 341 -11.76 86.07 13.90
N LYS B 342 -11.23 86.27 15.10
CA LYS B 342 -10.11 85.47 15.58
C LYS B 342 -10.49 84.01 15.76
N VAL B 343 -11.79 83.70 15.79
CA VAL B 343 -12.28 82.33 15.96
C VAL B 343 -12.25 81.62 14.62
N GLU B 344 -11.78 80.38 14.62
CA GLU B 344 -11.74 79.58 13.41
C GLU B 344 -13.14 79.27 12.92
N GLY B 345 -13.28 79.18 11.59
CA GLY B 345 -14.54 78.82 10.98
C GLY B 345 -15.44 80.00 10.66
N GLU B 346 -15.92 80.69 11.69
CA GLU B 346 -16.81 81.82 11.50
C GLU B 346 -16.02 83.03 11.01
N GLU B 347 -16.53 83.68 9.96
CA GLU B 347 -15.83 84.83 9.38
C GLU B 347 -15.78 86.00 10.35
N GLY B 348 -16.89 86.29 11.00
CA GLY B 348 -16.99 87.45 11.87
C GLY B 348 -17.81 88.55 11.25
N LEU B 349 -17.58 89.77 11.73
CA LEU B 349 -18.32 90.94 11.27
C LEU B 349 -17.51 91.68 10.21
N VAL B 350 -17.30 90.99 9.08
CA VAL B 350 -16.67 91.60 7.92
C VAL B 350 -17.66 92.53 7.24
N VAL B 351 -17.18 93.32 6.28
CA VAL B 351 -18.07 94.21 5.54
C VAL B 351 -19.10 93.37 4.80
N GLY B 352 -20.34 93.84 4.81
CA GLY B 352 -21.44 93.10 4.21
C GLY B 352 -21.77 91.82 4.94
N ALA B 353 -21.68 91.82 6.27
CA ALA B 353 -22.07 90.69 7.09
C ALA B 353 -23.09 91.17 8.11
N SER B 354 -24.19 90.44 8.23
CA SER B 354 -25.29 90.89 9.07
C SER B 354 -25.08 90.47 10.52
N LEU B 355 -25.68 91.24 11.43
CA LEU B 355 -25.55 91.02 12.87
C LEU B 355 -26.70 90.13 13.33
N SER B 356 -26.39 88.87 13.59
CA SER B 356 -27.38 87.90 14.02
C SER B 356 -27.19 87.57 15.50
N ALA B 357 -28.25 87.79 16.29
CA ALA B 357 -28.20 87.40 17.69
C ALA B 357 -28.02 85.90 17.83
N PHE B 358 -28.57 85.12 16.90
CA PHE B 358 -28.35 83.68 16.91
C PHE B 358 -26.88 83.34 16.66
N GLU B 359 -26.24 84.07 15.74
CA GLU B 359 -24.82 83.83 15.48
C GLU B 359 -23.96 84.20 16.69
N VAL B 360 -24.25 85.33 17.34
CA VAL B 360 -23.43 85.70 18.49
C VAL B 360 -23.72 84.79 19.67
N ALA B 361 -24.95 84.31 19.82
CA ALA B 361 -25.24 83.30 20.83
C ALA B 361 -24.49 82.02 20.54
N GLY B 362 -24.40 81.64 19.26
CA GLY B 362 -23.58 80.50 18.89
C GLY B 362 -22.13 80.69 19.26
N ALA B 363 -21.60 81.89 19.05
CA ALA B 363 -20.21 82.17 19.42
C ALA B 363 -20.00 82.12 20.93
N ILE B 364 -20.95 82.68 21.69
CA ILE B 364 -20.86 82.64 23.15
C ILE B 364 -20.87 81.20 23.64
N ALA B 365 -21.78 80.38 23.10
CA ALA B 365 -21.83 78.98 23.47
C ALA B 365 -20.56 78.25 23.04
N ARG B 366 -19.99 78.64 21.88
CA ARG B 366 -18.77 78.02 21.36
C ARG B 366 -17.60 78.25 22.30
N GLU B 367 -17.47 79.48 22.81
CA GLU B 367 -16.32 79.78 23.66
C GLU B 367 -16.54 79.30 25.09
N ILE B 368 -17.78 79.40 25.59
CA ILE B 368 -18.07 79.07 26.99
C ILE B 368 -19.26 78.12 27.06
N PRO B 369 -19.04 76.80 27.00
CA PRO B 369 -20.15 75.87 27.18
C PRO B 369 -20.55 75.76 28.65
N GLY B 370 -21.74 75.22 28.86
CA GLY B 370 -22.22 74.97 30.21
C GLY B 370 -23.18 76.02 30.71
N ILE B 371 -22.88 77.29 30.45
CA ILE B 371 -23.80 78.37 30.81
C ILE B 371 -25.08 78.21 30.00
N TYR B 372 -26.18 78.71 30.53
CA TYR B 372 -27.45 78.66 29.83
C TYR B 372 -27.71 80.03 29.20
N ILE B 373 -28.29 80.04 28.01
CA ILE B 373 -28.63 81.30 27.36
C ILE B 373 -30.15 81.47 27.38
N LYS B 374 -30.61 82.58 27.95
CA LYS B 374 -32.03 82.87 28.09
C LYS B 374 -32.54 83.79 26.97
N LEU B 375 -31.88 84.93 26.78
CA LEU B 375 -32.30 85.88 25.75
C LEU B 375 -31.06 86.62 25.26
N CYS B 376 -30.86 86.61 23.95
CA CYS B 376 -29.77 87.32 23.30
C CYS B 376 -30.34 88.23 22.23
N GLN B 377 -29.93 89.49 22.24
CA GLN B 377 -30.45 90.50 21.32
C GLN B 377 -29.31 91.33 20.77
N VAL B 378 -29.46 91.76 19.53
CA VAL B 378 -28.45 92.58 18.86
C VAL B 378 -29.12 93.80 18.26
N ALA B 379 -28.40 94.92 18.27
CA ALA B 379 -28.88 96.16 17.67
C ALA B 379 -27.69 96.90 17.09
N CYS B 380 -27.98 97.83 16.18
CA CYS B 380 -26.96 98.57 15.46
C CYS B 380 -27.28 100.04 15.46
N VAL B 381 -26.28 100.87 15.74
CA VAL B 381 -26.42 102.33 15.69
C VAL B 381 -25.23 102.91 14.92
N ALA B 382 -25.33 104.18 14.60
CA ALA B 382 -24.25 104.88 13.92
C ALA B 382 -23.10 105.13 14.90
N ALA B 383 -21.92 105.34 14.34
CA ALA B 383 -20.74 105.62 15.16
C ALA B 383 -20.88 106.98 15.85
N GLY B 384 -20.43 107.04 17.10
CA GLY B 384 -20.53 108.28 17.86
C GLY B 384 -21.95 108.72 18.11
N SER B 385 -22.83 107.79 18.44
CA SER B 385 -24.25 108.05 18.65
C SER B 385 -24.68 107.47 19.98
N PRO B 386 -25.74 108.01 20.58
CA PRO B 386 -26.19 107.49 21.89
C PRO B 386 -26.56 106.02 21.81
N ALA B 387 -26.29 105.31 22.90
CA ALA B 387 -26.59 103.88 22.95
C ALA B 387 -28.11 103.67 22.84
N PRO B 388 -28.55 102.63 22.16
CA PRO B 388 -29.99 102.42 21.97
C PRO B 388 -30.70 102.20 23.30
N ALA B 389 -31.91 102.74 23.40
CA ALA B 389 -32.72 102.57 24.58
C ALA B 389 -33.30 101.15 24.61
N PRO B 390 -33.67 100.65 25.80
CA PRO B 390 -34.31 99.34 25.87
C PRO B 390 -35.60 99.32 25.06
N GLY B 391 -35.84 98.20 24.39
CA GLY B 391 -36.94 98.09 23.47
C GLY B 391 -36.48 98.22 22.03
N ASP B 392 -35.51 99.10 21.80
CA ASP B 392 -34.87 99.20 20.49
C ASP B 392 -34.02 97.98 20.16
N PHE B 393 -33.72 97.15 21.16
CA PHE B 393 -32.92 95.95 20.95
C PHE B 393 -33.79 94.87 20.31
N THR B 394 -33.38 94.42 19.13
CA THR B 394 -34.17 93.48 18.34
C THR B 394 -33.53 92.09 18.36
N SER B 395 -34.26 91.12 17.81
CA SER B 395 -33.79 89.75 17.76
C SER B 395 -32.75 89.51 16.69
N GLU B 396 -32.66 90.38 15.68
CA GLU B 396 -31.69 90.21 14.60
C GLU B 396 -31.66 91.49 13.78
N TYR B 397 -30.46 91.90 13.37
CA TYR B 397 -30.26 93.10 12.57
C TYR B 397 -29.59 92.72 11.26
N VAL B 398 -30.25 93.04 10.15
CA VAL B 398 -29.68 92.84 8.82
C VAL B 398 -28.96 94.11 8.43
N MET B 399 -27.82 93.96 7.73
CA MET B 399 -26.95 95.08 7.42
C MET B 399 -26.69 95.12 5.92
N SER B 400 -26.52 96.34 5.39
CA SER B 400 -26.36 96.54 3.96
C SER B 400 -25.03 95.96 3.48
N ALA B 401 -24.78 96.10 2.19
CA ALA B 401 -23.60 95.53 1.55
C ALA B 401 -22.37 96.43 1.66
N PHE B 402 -22.49 97.59 2.30
CA PHE B 402 -21.36 98.50 2.47
C PHE B 402 -21.21 98.92 3.92
N GLY B 403 -21.55 98.03 4.86
CA GLY B 403 -21.45 98.34 6.27
C GLY B 403 -20.72 97.26 7.02
N GLN B 404 -20.21 97.64 8.19
CA GLN B 404 -19.50 96.73 9.07
C GLN B 404 -19.68 97.20 10.50
N ALA B 405 -20.02 96.27 11.39
CA ALA B 405 -20.30 96.57 12.78
C ALA B 405 -19.16 96.09 13.66
N THR B 406 -18.68 96.98 14.53
CA THR B 406 -17.64 96.65 15.49
C THR B 406 -18.20 96.74 16.89
N ILE B 407 -18.10 95.65 17.66
CA ILE B 407 -18.63 95.59 19.01
C ILE B 407 -17.45 95.51 19.98
N SER B 408 -17.37 96.49 20.88
CA SER B 408 -16.36 96.50 21.91
C SER B 408 -16.86 95.81 23.16
N VAL B 409 -15.96 95.66 24.14
CA VAL B 409 -16.33 95.02 25.40
C VAL B 409 -17.39 95.84 26.13
N GLY B 410 -17.37 97.16 25.98
CA GLY B 410 -18.35 98.01 26.62
C GLY B 410 -19.70 98.06 25.96
N ASN B 411 -19.84 97.47 24.77
CA ASN B 411 -21.10 97.46 24.04
C ASN B 411 -21.87 96.16 24.22
N VAL B 412 -21.45 95.32 25.17
CA VAL B 412 -22.14 94.08 25.51
C VAL B 412 -22.64 94.20 26.93
N ARG B 413 -23.96 94.15 27.11
CA ARG B 413 -24.59 94.14 28.41
C ARG B 413 -24.94 92.71 28.78
N VAL B 414 -24.31 92.20 29.83
CA VAL B 414 -24.52 90.84 30.29
C VAL B 414 -25.30 90.89 31.60
N THR B 415 -26.43 90.19 31.65
CA THR B 415 -27.23 90.08 32.86
C THR B 415 -27.23 88.63 33.32
N PHE B 416 -26.81 88.39 34.56
CA PHE B 416 -26.70 87.06 35.12
C PHE B 416 -28.01 86.74 35.82
N VAL B 417 -28.82 85.89 35.21
CA VAL B 417 -30.09 85.50 35.81
C VAL B 417 -30.00 84.10 36.38
N ALA C 2 17.34 -3.10 -57.68
CA ALA C 2 18.73 -2.68 -57.52
C ALA C 2 18.87 -1.17 -57.71
N ASN C 3 18.71 -0.72 -58.95
CA ASN C 3 18.84 0.69 -59.28
C ASN C 3 17.56 1.47 -59.03
N TYR C 4 16.48 0.80 -58.64
CA TYR C 4 15.16 1.43 -58.41
C TYR C 4 14.74 2.09 -59.72
N ASN C 5 14.14 3.28 -59.67
CA ASN C 5 13.80 4.04 -60.88
C ASN C 5 14.07 5.51 -60.55
N TYR C 6 15.28 5.97 -60.88
CA TYR C 6 15.64 7.34 -60.58
C TYR C 6 15.05 8.33 -61.57
N ILE C 7 14.26 7.86 -62.52
CA ILE C 7 13.61 8.74 -63.47
C ILE C 7 12.26 9.21 -62.94
N VAL C 8 11.41 8.26 -62.54
CA VAL C 8 10.07 8.48 -61.99
C VAL C 8 9.33 9.52 -62.84
N ASP C 9 8.34 10.20 -62.27
CA ASP C 9 7.62 11.22 -63.01
C ASP C 9 7.85 12.63 -62.49
N THR C 10 8.20 12.81 -61.22
CA THR C 10 8.41 14.16 -60.70
C THR C 10 9.86 14.60 -60.86
N GLY C 11 10.42 14.46 -62.06
CA GLY C 11 11.81 14.77 -62.30
C GLY C 11 12.73 13.65 -61.85
N VAL C 12 14.01 13.82 -62.14
CA VAL C 12 15.01 12.81 -61.84
C VAL C 12 15.37 12.86 -60.36
N ILE C 13 15.26 11.73 -59.68
CA ILE C 13 15.62 11.61 -58.27
C ILE C 13 16.97 10.94 -58.18
N VAL C 14 18.00 11.69 -57.81
CA VAL C 14 19.36 11.18 -57.73
C VAL C 14 19.72 10.96 -56.27
N ALA C 15 20.32 9.81 -55.98
CA ALA C 15 20.70 9.44 -54.62
C ALA C 15 22.18 9.71 -54.41
N ASP C 16 22.59 9.66 -53.15
CA ASP C 16 23.97 9.96 -52.81
C ASP C 16 24.89 8.79 -53.15
N THR C 17 26.18 9.12 -53.30
CA THR C 17 27.13 8.12 -53.74
C THR C 17 27.37 7.06 -52.68
N ALA C 18 27.16 7.38 -51.41
CA ALA C 18 27.15 6.32 -50.41
C ALA C 18 26.11 5.26 -50.76
N ASP C 19 24.91 5.69 -51.13
CA ASP C 19 23.85 4.75 -51.47
C ASP C 19 24.18 3.98 -52.74
N VAL C 20 24.63 4.67 -53.80
CA VAL C 20 24.87 3.94 -55.04
C VAL C 20 26.08 3.01 -54.88
N LEU C 21 27.09 3.43 -54.13
CA LEU C 21 28.24 2.57 -53.87
C LEU C 21 27.82 1.34 -53.08
N SER C 22 26.96 1.51 -52.08
CA SER C 22 26.47 0.35 -51.34
C SER C 22 25.67 -0.58 -52.24
N ASP C 23 24.87 -0.01 -53.15
CA ASP C 23 24.09 -0.84 -54.06
C ASP C 23 24.99 -1.66 -54.99
N VAL C 24 25.99 -1.00 -55.58
CA VAL C 24 26.90 -1.73 -56.45
C VAL C 24 27.71 -2.75 -55.67
N GLU C 25 28.09 -2.41 -54.43
CA GLU C 25 28.81 -3.35 -53.58
C GLU C 25 27.98 -4.59 -53.32
N ALA C 26 26.71 -4.41 -52.96
CA ALA C 26 25.84 -5.55 -52.68
C ALA C 26 25.60 -6.37 -53.94
N GLU C 27 25.47 -5.72 -55.09
CA GLU C 27 25.25 -6.46 -56.33
C GLU C 27 26.48 -7.29 -56.69
N PHE C 28 27.68 -6.70 -56.57
CA PHE C 28 28.91 -7.47 -56.78
C PHE C 28 29.02 -8.62 -55.79
N ARG C 29 28.64 -8.38 -54.53
CA ARG C 29 28.72 -9.42 -53.52
C ARG C 29 27.79 -10.58 -53.86
N ALA C 30 26.58 -10.28 -54.33
CA ALA C 30 25.64 -11.33 -54.69
C ALA C 30 26.08 -12.05 -55.96
N ALA C 31 26.74 -11.36 -56.89
CA ALA C 31 27.12 -11.99 -58.14
C ALA C 31 28.36 -12.86 -57.98
N LEU C 32 29.43 -12.32 -57.40
CA LEU C 32 30.71 -13.00 -57.38
C LEU C 32 30.80 -13.99 -56.23
N GLY C 33 30.51 -13.55 -55.01
CA GLY C 33 30.56 -14.42 -53.85
C GLY C 33 30.09 -13.74 -52.59
N ALA C 34 29.41 -14.48 -51.72
CA ALA C 34 28.81 -13.87 -50.54
C ALA C 34 29.85 -13.31 -49.57
N ASN C 35 31.10 -13.74 -49.68
CA ASN C 35 32.15 -13.33 -48.74
C ASN C 35 33.41 -12.92 -49.49
N ILE C 36 33.25 -12.24 -50.62
CA ILE C 36 34.37 -11.71 -51.37
C ILE C 36 34.74 -10.36 -50.77
N ASN C 37 36.05 -10.12 -50.61
CA ASN C 37 36.49 -8.86 -50.02
C ASN C 37 36.40 -7.76 -51.07
N LEU C 38 35.52 -6.79 -50.84
CA LEU C 38 35.43 -5.64 -51.74
C LEU C 38 36.26 -4.47 -51.20
N ALA C 39 37.55 -4.75 -51.01
CA ALA C 39 38.48 -3.71 -50.64
C ALA C 39 38.95 -2.97 -51.88
N ALA C 40 39.13 -1.65 -51.73
CA ALA C 40 39.46 -0.81 -52.88
C ALA C 40 40.78 -1.16 -53.52
N SER C 41 41.66 -1.86 -52.81
CA SER C 41 42.95 -2.27 -53.35
C SER C 41 42.87 -3.55 -54.17
N THR C 42 41.82 -4.32 -54.02
CA THR C 42 41.61 -5.58 -54.72
C THR C 42 41.02 -5.33 -56.09
N PRO C 43 41.19 -6.28 -57.02
CA PRO C 43 40.57 -6.10 -58.35
C PRO C 43 39.07 -5.95 -58.31
N GLN C 44 38.38 -6.74 -57.47
CA GLN C 44 36.94 -6.61 -57.37
C GLN C 44 36.54 -5.26 -56.80
N GLY C 45 37.28 -4.77 -55.81
CA GLY C 45 37.02 -3.44 -55.28
C GLY C 45 37.28 -2.35 -56.30
N SER C 46 38.30 -2.53 -57.14
CA SER C 46 38.54 -1.58 -58.23
C SER C 46 37.36 -1.57 -59.20
N LEU C 47 36.84 -2.75 -59.55
CA LEU C 47 35.67 -2.81 -60.42
C LEU C 47 34.46 -2.16 -59.77
N VAL C 48 34.28 -2.37 -58.46
CA VAL C 48 33.16 -1.76 -57.75
C VAL C 48 33.28 -0.25 -57.77
N ALA C 49 34.48 0.28 -57.53
CA ALA C 49 34.67 1.72 -57.56
C ALA C 49 34.43 2.28 -58.96
N ALA C 50 34.85 1.55 -59.99
CA ALA C 50 34.62 1.99 -61.36
C ALA C 50 33.13 2.05 -61.66
N GLU C 51 32.38 1.02 -61.29
CA GLU C 51 30.94 1.01 -61.47
C GLU C 51 30.21 1.95 -60.51
N ALA C 52 30.90 2.48 -59.51
CA ALA C 52 30.30 3.50 -58.66
C ALA C 52 30.49 4.90 -59.23
N ILE C 53 31.64 5.17 -59.85
CA ILE C 53 31.82 6.45 -60.55
C ILE C 53 30.94 6.50 -61.80
N ALA C 54 30.96 5.43 -62.59
CA ALA C 54 29.88 5.23 -63.53
C ALA C 54 28.62 4.91 -62.75
N ARG C 55 27.47 4.97 -63.43
CA ARG C 55 26.18 4.74 -62.79
C ARG C 55 25.85 5.85 -61.79
N SER C 56 26.80 6.76 -61.59
CA SER C 56 26.59 8.00 -60.85
C SER C 56 26.83 9.22 -61.71
N SER C 57 27.84 9.20 -62.57
CA SER C 57 27.98 10.28 -63.56
C SER C 57 26.71 10.41 -64.39
N VAL C 58 26.11 9.28 -64.77
CA VAL C 58 24.89 9.32 -65.55
C VAL C 58 23.73 9.87 -64.73
N MET C 59 23.65 9.49 -63.45
CA MET C 59 22.63 10.05 -62.57
C MET C 59 22.70 11.57 -62.56
N ARG C 60 23.90 12.11 -62.31
CA ARG C 60 24.06 13.56 -62.26
C ARG C 60 23.81 14.20 -63.61
N ASN C 61 24.20 13.54 -64.71
CA ASN C 61 23.96 14.11 -66.04
C ASN C 61 22.48 14.24 -66.33
N GLU C 62 21.72 13.17 -66.10
CA GLU C 62 20.28 13.23 -66.35
C GLU C 62 19.62 14.23 -65.41
N ALA C 63 20.06 14.29 -64.16
CA ALA C 63 19.50 15.27 -63.24
C ALA C 63 19.79 16.70 -63.69
N ARG C 64 20.97 16.95 -64.26
CA ARG C 64 21.29 18.31 -64.67
C ARG C 64 20.58 18.71 -65.96
N ILE C 65 20.25 17.75 -66.83
CA ILE C 65 19.58 18.11 -68.08
C ILE C 65 18.17 17.55 -68.16
N ALA C 66 17.51 17.37 -67.01
CA ALA C 66 16.15 16.83 -67.01
C ALA C 66 15.15 17.84 -67.58
N ASN C 67 14.98 18.98 -66.93
CA ASN C 67 13.98 19.97 -67.35
C ASN C 67 14.64 21.10 -68.12
N THR C 68 15.32 20.73 -69.20
CA THR C 68 16.23 21.63 -69.89
C THR C 68 15.55 22.56 -70.88
N ILE C 69 14.24 22.42 -71.12
CA ILE C 69 13.60 23.27 -72.11
C ILE C 69 12.77 24.39 -71.47
N ASN C 70 12.72 24.47 -70.15
CA ASN C 70 12.24 25.70 -69.52
C ASN C 70 13.23 26.82 -69.77
N PRO C 71 12.83 27.90 -70.46
CA PRO C 71 13.75 29.02 -70.62
C PRO C 71 14.01 29.76 -69.32
N ASN C 72 13.04 29.75 -68.39
CA ASN C 72 13.21 30.48 -67.14
C ASN C 72 14.06 29.75 -66.12
N VAL C 73 14.50 28.52 -66.41
CA VAL C 73 15.46 27.82 -65.57
C VAL C 73 16.56 27.12 -66.35
N SER C 74 16.63 27.30 -67.67
CA SER C 74 17.70 26.68 -68.45
C SER C 74 19.05 27.31 -68.10
N PHE C 75 20.10 26.82 -68.74
CA PHE C 75 21.44 27.30 -68.45
C PHE C 75 22.34 27.15 -69.66
N GLY C 76 23.27 28.09 -69.79
CA GLY C 76 24.35 27.95 -70.76
C GLY C 76 23.87 27.84 -72.19
N THR C 77 24.45 26.87 -72.91
CA THR C 77 24.19 26.75 -74.34
C THR C 77 22.73 26.38 -74.63
N PHE C 78 22.08 25.66 -73.71
CA PHE C 78 20.65 25.40 -73.87
C PHE C 78 19.86 26.70 -73.83
N LEU C 79 20.19 27.59 -72.90
CA LEU C 79 19.58 28.92 -72.89
C LEU C 79 19.89 29.67 -74.17
N ASP C 80 21.11 29.55 -74.67
CA ASP C 80 21.47 30.20 -75.93
C ASP C 80 20.56 29.73 -77.06
N ALA C 81 20.37 28.41 -77.16
CA ALA C 81 19.52 27.87 -78.21
C ALA C 81 18.08 28.33 -78.06
N ILE C 82 17.54 28.28 -76.85
CA ILE C 82 16.15 28.66 -76.65
C ILE C 82 15.94 30.13 -76.96
N CYS C 83 16.83 31.00 -76.46
CA CYS C 83 16.68 32.43 -76.70
C CYS C 83 16.99 32.81 -78.14
N ALA C 84 17.71 31.98 -78.89
CA ALA C 84 17.95 32.29 -80.29
C ALA C 84 16.68 32.18 -81.13
N LEU C 85 15.63 31.55 -80.60
CA LEU C 85 14.39 31.42 -81.36
C LEU C 85 13.65 32.73 -81.49
N MET C 86 13.86 33.66 -80.55
CA MET C 86 13.27 34.99 -80.63
C MET C 86 14.26 36.06 -81.09
N GLY C 87 15.43 35.66 -81.57
CA GLY C 87 16.44 36.59 -82.03
C GLY C 87 17.43 37.04 -80.98
N ILE C 88 17.13 36.82 -79.70
CA ILE C 88 18.08 37.14 -78.65
C ILE C 88 19.28 36.23 -78.78
N GLU C 89 20.47 36.83 -78.83
CA GLU C 89 21.70 36.07 -79.03
C GLU C 89 22.74 36.50 -78.01
N ARG C 90 23.32 35.53 -77.31
CA ARG C 90 24.44 35.84 -76.44
C ARG C 90 25.62 36.31 -77.28
N GLY C 91 26.21 37.42 -76.87
CA GLY C 91 27.27 38.04 -77.64
C GLY C 91 28.57 37.26 -77.52
N SER C 92 29.63 37.91 -77.96
CA SER C 92 30.98 37.38 -77.85
C SER C 92 31.83 38.31 -77.00
N ASP C 93 32.78 37.73 -76.28
CA ASP C 93 33.63 38.49 -75.36
C ASP C 93 34.94 38.81 -76.08
N LEU C 94 35.01 40.02 -76.63
CA LEU C 94 36.21 40.48 -77.31
C LEU C 94 36.95 41.48 -76.42
N SER C 95 37.98 42.10 -76.97
CA SER C 95 38.79 43.06 -76.24
C SER C 95 39.01 44.30 -77.09
N THR C 96 39.25 45.42 -76.42
CA THR C 96 39.60 46.65 -77.12
C THR C 96 40.87 46.42 -77.93
N PHE C 97 40.89 46.92 -79.16
CA PHE C 97 41.88 46.49 -80.15
C PHE C 97 42.61 47.69 -80.75
N GLY C 98 43.19 48.51 -79.88
CA GLY C 98 43.81 49.75 -80.32
C GLY C 98 44.90 49.56 -81.37
N TYR C 99 44.86 50.34 -82.43
CA TYR C 99 45.83 50.26 -83.50
C TYR C 99 46.49 51.62 -83.74
N GLY C 100 47.70 51.58 -84.26
CA GLY C 100 48.40 52.81 -84.57
C GLY C 100 48.81 53.63 -83.37
N VAL C 101 48.99 52.99 -82.21
CA VAL C 101 49.44 53.73 -81.03
C VAL C 101 50.87 54.20 -81.27
N GLN C 102 51.08 55.51 -81.17
CA GLN C 102 52.40 56.06 -81.42
C GLN C 102 53.37 55.61 -80.34
N VAL C 103 54.56 55.18 -80.74
CA VAL C 103 55.60 54.78 -79.81
C VAL C 103 56.79 55.69 -80.04
N THR C 104 57.14 56.47 -79.02
CA THR C 104 58.30 57.35 -79.04
C THR C 104 59.43 56.67 -78.30
N GLY C 105 60.61 56.62 -78.91
CA GLY C 105 61.78 56.01 -78.30
C GLY C 105 63.04 56.68 -78.79
N ARG C 106 64.06 55.88 -79.03
CA ARG C 106 65.33 56.40 -79.51
C ARG C 106 65.99 55.35 -80.39
N SER C 107 66.79 55.83 -81.35
CA SER C 107 67.56 54.99 -82.25
C SER C 107 66.71 53.90 -82.90
N GLN C 108 67.06 52.65 -82.66
CA GLN C 108 66.44 51.49 -83.30
C GLN C 108 65.96 50.49 -82.24
N THR C 109 65.26 51.01 -81.23
CA THR C 109 64.74 50.16 -80.17
C THR C 109 63.66 49.22 -80.71
N ARG C 110 63.66 47.99 -80.20
CA ARG C 110 62.75 46.96 -80.65
C ARG C 110 61.70 46.69 -79.59
N ILE C 111 60.43 46.82 -79.97
CA ILE C 111 59.28 46.56 -79.10
C ILE C 111 58.79 45.15 -79.38
N SER C 112 58.74 44.34 -78.34
CA SER C 112 58.39 42.93 -78.42
C SER C 112 56.96 42.69 -77.95
N THR C 113 56.47 41.48 -78.20
CA THR C 113 55.11 41.12 -77.86
C THR C 113 54.92 41.11 -76.34
N GLY C 114 53.73 41.50 -75.91
CA GLY C 114 53.41 41.50 -74.49
C GLY C 114 54.09 42.60 -73.70
N SER C 115 54.19 43.80 -74.27
CA SER C 115 54.86 44.90 -73.58
C SER C 115 54.10 45.36 -72.34
N ARG C 116 52.80 45.09 -72.27
CA ARG C 116 51.98 45.47 -71.11
C ARG C 116 52.01 46.97 -70.86
N VAL C 117 51.51 47.72 -71.83
CA VAL C 117 51.29 49.15 -71.65
C VAL C 117 50.07 49.36 -70.76
N GLN C 118 49.92 50.58 -70.25
CA GLN C 118 48.83 50.86 -69.34
C GLN C 118 48.28 52.26 -69.56
N THR C 119 46.96 52.39 -69.52
CA THR C 119 46.30 53.68 -69.58
C THR C 119 46.41 54.38 -68.22
N PRO C 120 46.21 55.69 -68.18
CA PRO C 120 46.30 56.41 -66.89
C PRO C 120 45.35 55.88 -65.83
N ALA C 121 44.20 55.35 -66.21
CA ALA C 121 43.23 54.80 -65.25
C ALA C 121 43.15 53.29 -65.49
N GLY C 122 44.04 52.54 -64.85
CA GLY C 122 44.06 51.10 -64.99
C GLY C 122 44.18 50.69 -66.44
N ALA C 123 43.38 49.69 -66.83
CA ALA C 123 43.19 49.31 -68.23
C ALA C 123 44.53 48.91 -68.88
N ILE C 124 45.06 47.79 -68.40
CA ILE C 124 46.31 47.26 -68.92
C ILE C 124 46.08 46.62 -70.27
N PHE C 125 46.92 46.97 -71.25
CA PHE C 125 46.85 46.46 -72.61
C PHE C 125 48.18 45.81 -72.96
N THR C 126 48.18 44.90 -73.92
CA THR C 126 49.39 44.21 -74.35
C THR C 126 49.65 44.45 -75.84
N VAL C 127 50.92 44.59 -76.18
CA VAL C 127 51.34 44.73 -77.57
C VAL C 127 51.27 43.37 -78.24
N LEU C 128 50.66 43.32 -79.44
CA LEU C 128 50.50 42.03 -80.11
C LEU C 128 51.35 41.88 -81.37
N SER C 129 52.22 42.82 -81.70
CA SER C 129 53.09 42.67 -82.86
C SER C 129 54.41 43.37 -82.59
N ASP C 130 55.50 42.75 -83.02
CA ASP C 130 56.83 43.32 -82.80
C ASP C 130 57.08 44.45 -83.80
N VAL C 131 57.69 45.53 -83.33
CA VAL C 131 57.99 46.67 -84.21
C VAL C 131 59.31 47.29 -83.81
N THR C 132 60.10 47.71 -84.80
CA THR C 132 61.37 48.38 -84.54
C THR C 132 61.25 49.86 -84.89
N ILE C 133 61.66 50.71 -83.97
CA ILE C 133 61.52 52.16 -84.16
C ILE C 133 62.43 52.61 -85.31
N PRO C 134 61.92 53.40 -86.25
CA PRO C 134 62.77 53.87 -87.36
C PRO C 134 63.72 54.98 -86.94
N ALA C 135 64.45 55.55 -87.90
CA ALA C 135 65.38 56.62 -87.60
C ALA C 135 64.68 57.89 -87.14
N GLY C 136 63.38 58.02 -87.38
CA GLY C 136 62.65 59.19 -86.91
C GLY C 136 62.41 59.21 -85.42
N GLY C 137 62.55 58.06 -84.76
CA GLY C 137 62.36 57.97 -83.33
C GLY C 137 60.94 57.68 -82.89
N VAL C 138 59.99 57.58 -83.82
CA VAL C 138 58.60 57.31 -83.50
C VAL C 138 58.04 56.31 -84.50
N ALA C 139 57.27 55.35 -84.02
CA ALA C 139 56.65 54.33 -84.88
C ALA C 139 55.20 54.13 -84.43
N THR C 140 54.55 53.11 -85.00
CA THR C 140 53.17 52.77 -84.66
C THR C 140 53.11 51.31 -84.20
N ILE C 141 52.28 51.06 -83.17
CA ILE C 141 52.18 49.76 -82.53
C ILE C 141 50.71 49.36 -82.42
N ASP C 142 50.49 48.06 -82.24
CA ASP C 142 49.16 47.47 -82.12
C ASP C 142 49.01 46.85 -80.73
N ILE C 143 47.96 47.25 -80.01
CA ILE C 143 47.71 46.79 -78.66
C ILE C 143 46.30 46.23 -78.54
N LYS C 144 46.14 45.28 -77.62
CA LYS C 144 44.87 44.62 -77.35
C LYS C 144 44.65 44.55 -75.84
N SER C 145 43.39 44.52 -75.44
CA SER C 145 43.06 44.63 -74.03
C SER C 145 43.30 43.31 -73.31
N GLN C 146 43.86 43.41 -72.10
CA GLN C 146 44.00 42.23 -71.24
C GLN C 146 42.63 41.68 -70.85
N GLU C 147 41.73 42.56 -70.43
CA GLU C 147 40.39 42.18 -70.03
C GLU C 147 39.47 42.17 -71.24
N TYR C 148 38.16 42.07 -71.01
CA TYR C 148 37.17 42.10 -72.07
C TYR C 148 36.22 43.26 -71.85
N GLY C 149 35.66 43.76 -72.94
CA GLY C 149 34.66 44.81 -72.90
C GLY C 149 35.15 46.10 -73.50
N ASN C 150 34.26 47.09 -73.47
CA ASN C 150 34.55 48.43 -73.99
C ASN C 150 35.44 49.16 -72.99
N ILE C 151 36.71 48.79 -73.00
CA ILE C 151 37.69 49.43 -72.11
C ILE C 151 38.02 50.81 -72.66
N PRO C 152 37.90 51.87 -71.87
CA PRO C 152 38.19 53.22 -72.38
C PRO C 152 39.66 53.37 -72.71
N LEU C 153 39.94 53.93 -73.89
CA LEU C 153 41.31 54.21 -74.33
C LEU C 153 41.36 55.65 -74.82
N PRO C 154 41.31 56.62 -73.91
CA PRO C 154 41.28 58.02 -74.34
C PRO C 154 42.62 58.49 -74.86
N VAL C 155 42.57 59.55 -75.65
CA VAL C 155 43.79 60.20 -76.13
C VAL C 155 44.48 60.85 -74.94
N GLY C 156 45.71 60.44 -74.66
CA GLY C 156 46.42 60.96 -73.51
C GLY C 156 47.74 60.25 -73.31
N ASN C 157 48.37 60.57 -72.18
CA ASN C 157 49.70 60.05 -71.86
C ASN C 157 49.58 58.60 -71.41
N LEU C 158 49.73 57.69 -72.36
CA LEU C 158 49.70 56.27 -72.05
C LEU C 158 51.03 55.85 -71.44
N ILE C 159 50.97 55.10 -70.34
CA ILE C 159 52.16 54.75 -69.58
C ILE C 159 52.51 53.29 -69.83
N ILE C 160 53.77 52.94 -69.55
CA ILE C 160 54.33 51.62 -69.83
C ILE C 160 54.63 50.92 -68.52
N ILE C 161 54.23 49.66 -68.39
CA ILE C 161 54.56 48.86 -67.23
C ILE C 161 55.87 48.12 -67.48
N ASP C 162 55.91 47.35 -68.55
CA ASP C 162 57.09 46.55 -68.91
C ASP C 162 57.70 47.13 -70.17
N GLY C 163 58.79 47.87 -70.01
CA GLY C 163 59.44 48.51 -71.14
C GLY C 163 60.91 48.16 -71.20
N THR C 164 61.41 47.98 -72.42
CA THR C 164 62.82 47.70 -72.63
C THR C 164 63.61 49.01 -72.58
N ILE C 165 64.90 48.94 -72.90
CA ILE C 165 65.77 50.11 -72.86
C ILE C 165 65.72 50.78 -74.23
N GLY C 166 65.35 52.06 -74.24
CA GLY C 166 65.19 52.83 -75.47
C GLY C 166 63.78 53.39 -75.65
N TRP C 167 62.78 52.65 -75.17
CA TRP C 167 61.40 53.11 -75.25
C TRP C 167 61.20 54.33 -74.37
N SER C 168 60.62 55.39 -74.93
CA SER C 168 60.34 56.60 -74.18
C SER C 168 58.89 56.70 -73.73
N GLY C 169 57.94 56.33 -74.58
CA GLY C 169 56.55 56.38 -74.16
C GLY C 169 55.63 55.95 -75.29
N ALA C 170 54.35 55.87 -74.95
CA ALA C 170 53.29 55.51 -75.90
C ALA C 170 52.22 56.59 -75.86
N LYS C 171 51.78 57.00 -77.05
CA LYS C 171 50.82 58.08 -77.20
C LYS C 171 49.60 57.53 -77.93
N VAL C 172 48.42 57.83 -77.41
CA VAL C 172 47.16 57.52 -78.10
C VAL C 172 46.84 58.73 -78.97
N ILE C 173 47.36 58.73 -80.20
CA ILE C 173 47.11 59.86 -81.09
C ILE C 173 45.67 59.81 -81.60
N ALA C 174 45.23 60.91 -82.21
CA ALA C 174 43.87 60.98 -82.70
C ALA C 174 43.60 60.00 -83.82
N SER C 175 44.64 59.49 -84.49
CA SER C 175 44.48 58.54 -85.58
C SER C 175 44.33 57.10 -85.09
N THR C 176 44.54 56.85 -83.80
CA THR C 176 44.39 55.50 -83.28
C THR C 176 42.94 55.05 -83.40
N ARG C 177 42.74 53.91 -84.04
CA ARG C 177 41.40 53.36 -84.25
C ARG C 177 41.09 52.44 -83.07
N VAL C 178 40.63 53.03 -81.97
CA VAL C 178 40.31 52.28 -80.76
C VAL C 178 39.01 51.52 -81.02
N ASP C 179 39.14 50.23 -81.34
CA ASP C 179 37.98 49.41 -81.65
C ASP C 179 37.44 48.83 -80.36
N PRO C 180 36.22 49.16 -79.95
CA PRO C 180 35.69 48.66 -78.67
C PRO C 180 35.49 47.15 -78.69
N GLY C 181 35.62 46.55 -77.52
CA GLY C 181 35.37 45.14 -77.33
C GLY C 181 33.99 44.87 -76.80
N SER C 182 33.82 43.69 -76.21
CA SER C 182 32.54 43.31 -75.63
C SER C 182 32.77 42.30 -74.52
N ARG C 183 31.78 42.22 -73.62
CA ARG C 183 31.88 41.44 -72.38
C ARG C 183 30.90 40.28 -72.37
N GLN C 184 30.41 39.84 -73.53
CA GLN C 184 29.41 38.78 -73.64
C GLN C 184 28.16 39.20 -72.87
N MET C 185 27.40 38.23 -72.36
CA MET C 185 26.25 38.54 -71.52
C MET C 185 25.92 37.31 -70.68
N SER C 186 25.41 37.57 -69.48
CA SER C 186 25.15 36.51 -68.53
C SER C 186 23.77 35.89 -68.75
N ASP C 187 23.55 34.74 -68.11
CA ASP C 187 22.29 34.03 -68.24
C ASP C 187 21.13 34.80 -67.61
N ALA C 188 21.37 35.47 -66.49
CA ALA C 188 20.29 36.22 -65.85
C ALA C 188 19.84 37.38 -66.72
N GLU C 189 20.78 38.15 -67.27
CA GLU C 189 20.38 39.23 -68.16
C GLU C 189 19.82 38.70 -69.48
N LEU C 190 20.23 37.49 -69.88
CA LEU C 190 19.64 36.89 -71.07
C LEU C 190 18.17 36.54 -70.82
N LYS C 191 17.85 35.98 -69.65
CA LYS C 191 16.46 35.74 -69.29
C LYS C 191 15.70 37.06 -69.14
N ASN C 192 16.38 38.10 -68.66
CA ASN C 192 15.76 39.43 -68.63
C ASN C 192 15.37 39.88 -70.03
N ALA C 193 16.27 39.68 -71.01
CA ALA C 193 15.97 40.04 -72.38
C ALA C 193 14.80 39.22 -72.91
N ARG C 194 14.76 37.93 -72.60
CA ARG C 194 13.66 37.09 -73.06
C ARG C 194 12.33 37.54 -72.47
N VAL C 195 12.31 37.86 -71.17
CA VAL C 195 11.06 38.29 -70.53
C VAL C 195 10.64 39.66 -71.07
N ASN C 196 11.62 40.53 -71.37
CA ASN C 196 11.30 41.79 -72.00
C ASN C 196 10.67 41.59 -73.37
N ARG C 197 11.21 40.64 -74.15
CA ARG C 197 10.61 40.32 -75.44
C ARG C 197 9.20 39.78 -75.26
N LEU C 198 8.98 38.97 -74.23
CA LEU C 198 7.64 38.45 -73.96
C LEU C 198 6.67 39.57 -73.60
N ALA C 199 7.12 40.53 -72.79
CA ALA C 199 6.27 41.66 -72.44
C ALA C 199 5.95 42.49 -73.69
N ILE C 200 6.92 42.62 -74.59
CA ILE C 200 6.67 43.33 -75.84
C ILE C 200 5.62 42.60 -76.68
N GLN C 201 5.73 41.28 -76.78
CA GLN C 201 4.85 40.51 -77.65
C GLN C 201 3.68 39.88 -76.89
N GLY C 202 3.32 40.46 -75.75
CA GLY C 202 2.12 40.04 -75.08
C GLY C 202 1.10 41.13 -74.90
N ARG C 203 1.10 42.11 -75.80
CA ARG C 203 0.16 43.22 -75.75
C ARG C 203 -0.62 43.33 -77.06
N ASN C 204 -1.85 43.79 -76.95
CA ASN C 204 -2.63 44.12 -78.13
C ASN C 204 -2.14 45.44 -78.73
N SER C 205 -2.75 45.82 -79.86
CA SER C 205 -2.29 47.00 -80.59
C SER C 205 -2.42 48.26 -79.75
N THR C 206 -3.58 48.46 -79.13
CA THR C 206 -3.82 49.70 -78.40
C THR C 206 -2.87 49.85 -77.23
N MET C 207 -2.73 48.81 -76.42
CA MET C 207 -1.85 48.89 -75.26
C MET C 207 -0.38 48.98 -75.67
N ALA C 208 0.00 48.27 -76.73
CA ALA C 208 1.37 48.36 -77.22
C ALA C 208 1.69 49.78 -77.67
N ILE C 209 0.79 50.40 -78.42
CA ILE C 209 0.99 51.78 -78.84
C ILE C 209 1.08 52.71 -77.64
N LYS C 210 0.17 52.52 -76.67
CA LYS C 210 0.16 53.38 -75.49
C LYS C 210 1.49 53.30 -74.75
N ALA C 211 1.98 52.08 -74.52
CA ALA C 211 3.24 51.91 -73.81
C ALA C 211 4.41 52.49 -74.59
N TYR C 212 4.46 52.23 -75.89
CA TYR C 212 5.59 52.69 -76.70
C TYR C 212 5.65 54.21 -76.74
N VAL C 213 4.50 54.88 -76.87
CA VAL C 213 4.53 56.33 -76.94
C VAL C 213 4.60 56.97 -75.55
N SER C 214 4.23 56.25 -74.49
CA SER C 214 4.47 56.76 -73.15
C SER C 214 5.95 56.65 -72.78
N ALA C 215 6.67 55.71 -73.38
CA ALA C 215 8.10 55.62 -73.14
C ALA C 215 8.87 56.83 -73.66
N VAL C 216 8.34 57.52 -74.66
CA VAL C 216 9.06 58.67 -75.24
C VAL C 216 9.06 59.83 -74.26
N PRO C 217 10.13 60.59 -74.15
CA PRO C 217 10.14 61.75 -73.25
C PRO C 217 9.22 62.86 -73.74
N ASN C 218 8.91 63.78 -72.83
CA ASN C 218 8.08 64.95 -73.06
C ASN C 218 6.65 64.60 -73.44
N VAL C 219 6.25 63.34 -73.32
CA VAL C 219 4.89 62.90 -73.63
C VAL C 219 4.12 62.91 -72.31
N THR C 220 3.36 63.97 -72.07
CA THR C 220 2.62 64.07 -70.82
C THR C 220 1.49 63.05 -70.75
N SER C 221 0.76 62.88 -71.85
CA SER C 221 -0.37 61.96 -71.86
C SER C 221 -0.63 61.48 -73.28
N VAL C 222 -1.39 60.38 -73.38
CA VAL C 222 -1.76 59.80 -74.66
C VAL C 222 -3.24 59.46 -74.63
N ASN C 223 -3.83 59.40 -75.83
CA ASN C 223 -5.17 58.88 -76.00
C ASN C 223 -5.19 58.02 -77.25
N VAL C 224 -5.53 56.74 -77.07
CA VAL C 224 -5.51 55.77 -78.16
C VAL C 224 -6.94 55.30 -78.42
N ILE C 225 -7.34 55.33 -79.69
CA ILE C 225 -8.71 55.04 -80.10
C ILE C 225 -8.65 54.10 -81.30
N GLU C 226 -9.57 53.15 -81.38
CA GLU C 226 -9.59 52.14 -82.42
C GLU C 226 -11.01 51.94 -82.94
N ASN C 227 -11.18 51.97 -84.26
CA ASN C 227 -12.52 51.92 -84.84
C ASN C 227 -13.23 50.59 -84.57
N ASN C 228 -12.72 49.50 -85.13
CA ASN C 228 -13.26 48.16 -84.93
C ASN C 228 -14.77 48.09 -85.23
N THR C 229 -15.21 48.82 -86.25
CA THR C 229 -16.61 48.82 -86.63
C THR C 229 -16.87 48.68 -88.11
N GLY C 230 -15.92 48.97 -88.98
CA GLY C 230 -16.18 48.94 -90.40
C GLY C 230 -17.20 49.96 -90.85
N ALA C 231 -17.28 51.09 -90.17
CA ALA C 231 -18.26 52.12 -90.50
C ALA C 231 -17.72 53.46 -90.03
N VAL C 232 -17.67 54.43 -90.94
CA VAL C 232 -17.13 55.75 -90.62
C VAL C 232 -18.11 56.45 -89.68
N GLN C 233 -17.76 56.52 -88.40
CA GLN C 233 -18.63 57.15 -87.42
C GLN C 233 -17.81 57.47 -86.16
N VAL C 234 -18.43 58.26 -85.30
CA VAL C 234 -17.88 58.58 -83.99
C VAL C 234 -18.16 57.43 -83.03
N VAL C 235 -17.15 57.00 -82.28
CA VAL C 235 -17.35 55.85 -81.40
C VAL C 235 -17.60 56.29 -79.96
N ASN C 236 -16.77 57.18 -79.38
CA ASN C 236 -17.28 57.91 -78.24
C ASN C 236 -16.87 59.38 -78.21
N GLY C 237 -16.70 60.00 -79.37
CA GLY C 237 -16.33 61.40 -79.39
C GLY C 237 -15.26 61.78 -80.39
N VAL C 238 -14.69 60.85 -81.15
CA VAL C 238 -13.75 61.17 -82.21
C VAL C 238 -14.38 60.74 -83.54
N SER C 239 -14.57 61.70 -84.44
CA SER C 239 -15.19 61.41 -85.73
C SER C 239 -14.15 60.75 -86.63
N PHE C 240 -14.29 59.45 -86.85
CA PHE C 240 -13.34 58.73 -87.68
C PHE C 240 -13.56 59.05 -89.16
N THR C 241 -12.62 58.58 -89.98
CA THR C 241 -12.71 58.76 -91.41
C THR C 241 -12.43 57.47 -92.19
N LEU C 242 -12.08 56.39 -91.51
CA LEU C 242 -11.83 55.11 -92.15
C LEU C 242 -12.55 54.00 -91.41
N PRO C 243 -12.95 52.94 -92.11
CA PRO C 243 -13.69 51.87 -91.42
C PRO C 243 -12.85 51.12 -90.41
N TYR C 244 -11.60 50.79 -90.75
CA TYR C 244 -10.71 50.06 -89.85
C TYR C 244 -9.44 50.89 -89.69
N ALA C 245 -9.30 51.52 -88.52
CA ALA C 245 -8.17 52.41 -88.29
C ALA C 245 -8.00 52.64 -86.80
N VAL C 246 -6.87 53.27 -86.46
CA VAL C 246 -6.57 53.68 -85.10
C VAL C 246 -6.16 55.14 -85.11
N TRP C 247 -6.78 55.93 -84.24
CA TRP C 247 -6.49 57.34 -84.07
C TRP C 247 -5.80 57.53 -82.73
N VAL C 248 -4.59 58.08 -82.76
CA VAL C 248 -3.79 58.26 -81.55
C VAL C 248 -3.44 59.73 -81.41
N CYS C 249 -3.51 60.23 -80.18
CA CYS C 249 -3.22 61.62 -79.87
C CYS C 249 -2.17 61.66 -78.78
N VAL C 250 -1.12 62.45 -78.99
CA VAL C 250 0.01 62.55 -78.07
C VAL C 250 0.10 63.99 -77.57
N ALA C 251 0.18 64.15 -76.26
CA ALA C 251 0.22 65.46 -75.64
C ALA C 251 1.67 65.95 -75.51
N GLY C 252 1.86 67.05 -74.81
CA GLY C 252 3.20 67.55 -74.56
C GLY C 252 3.85 68.14 -75.79
N ASN C 253 5.16 68.30 -75.71
CA ASN C 253 5.98 68.82 -76.81
C ASN C 253 7.15 67.86 -77.04
N PRO C 254 6.88 66.66 -77.54
CA PRO C 254 7.92 65.65 -77.67
C PRO C 254 8.72 65.84 -78.96
N ASP C 255 9.63 64.90 -79.20
CA ASP C 255 10.40 64.89 -80.43
C ASP C 255 9.67 64.06 -81.47
N LYS C 256 9.39 64.68 -82.62
CA LYS C 256 8.52 64.07 -83.62
C LYS C 256 9.10 62.75 -84.15
N GLN C 257 10.40 62.74 -84.43
CA GLN C 257 11.01 61.51 -84.96
C GLN C 257 11.00 60.40 -83.91
N ALA C 258 11.23 60.74 -82.65
CA ALA C 258 11.22 59.72 -81.60
C ALA C 258 9.83 59.12 -81.42
N VAL C 259 8.80 59.98 -81.37
CA VAL C 259 7.45 59.43 -81.20
C VAL C 259 7.04 58.65 -82.43
N ALA C 260 7.48 59.08 -83.62
CA ALA C 260 7.22 58.31 -84.83
C ALA C 260 7.89 56.94 -84.77
N ASP C 261 9.12 56.88 -84.26
CA ASP C 261 9.80 55.60 -84.08
C ASP C 261 9.01 54.69 -83.15
N ALA C 262 8.55 55.24 -82.02
CA ALA C 262 7.80 54.42 -81.07
C ALA C 262 6.50 53.92 -81.69
N LEU C 263 5.76 54.80 -82.36
CA LEU C 263 4.51 54.40 -83.02
C LEU C 263 4.76 53.32 -84.06
N TRP C 264 5.81 53.50 -84.86
CA TRP C 264 6.12 52.52 -85.90
C TRP C 264 6.48 51.17 -85.29
N ALA C 265 7.27 51.18 -84.22
CA ALA C 265 7.63 49.92 -83.56
C ALA C 265 6.41 49.26 -82.95
N ALA C 266 5.41 50.05 -82.53
CA ALA C 266 4.21 49.50 -81.91
C ALA C 266 3.09 49.26 -82.92
N HIS C 267 3.33 49.50 -84.21
CA HIS C 267 2.28 49.33 -85.21
C HIS C 267 1.80 47.88 -85.26
N ASN C 268 0.48 47.70 -85.14
CA ASN C 268 -0.10 46.38 -85.27
C ASN C 268 -0.02 45.86 -86.69
N GLY C 269 -0.30 46.70 -87.66
CA GLY C 269 -0.26 46.26 -89.04
C GLY C 269 -1.61 46.04 -89.69
N GLY C 270 -1.68 46.26 -90.99
CA GLY C 270 -2.93 46.11 -91.72
C GLY C 270 -3.86 47.27 -91.45
N THR C 271 -4.13 47.51 -90.17
CA THR C 271 -4.89 48.67 -89.76
C THR C 271 -4.04 49.93 -89.94
N PRO C 272 -4.46 50.88 -90.77
CA PRO C 272 -3.69 52.11 -90.93
C PRO C 272 -4.13 53.18 -89.94
N TRP C 273 -3.27 54.18 -89.79
CA TRP C 273 -3.62 55.35 -89.03
C TRP C 273 -4.48 56.30 -89.87
N ASP C 274 -5.32 57.08 -89.21
CA ASP C 274 -6.08 58.12 -89.85
C ASP C 274 -5.93 59.41 -89.06
N TYR C 275 -5.79 60.52 -89.78
CA TYR C 275 -5.72 61.82 -89.14
C TYR C 275 -7.07 62.30 -88.64
N GLY C 276 -8.15 61.60 -88.99
CA GLY C 276 -9.49 62.02 -88.60
C GLY C 276 -10.03 63.08 -89.54
N ALA C 277 -11.27 63.49 -89.25
CA ALA C 277 -11.92 64.53 -90.02
C ALA C 277 -11.37 65.89 -89.60
N THR C 278 -12.01 66.97 -90.07
CA THR C 278 -11.58 68.31 -89.68
C THR C 278 -11.76 68.51 -88.19
N ASN C 279 -10.90 69.36 -87.62
CA ASN C 279 -10.85 69.69 -86.19
C ASN C 279 -11.03 68.44 -85.32
N ASN C 280 -10.31 67.38 -85.68
CA ASN C 280 -10.21 66.16 -84.88
C ASN C 280 -8.89 66.08 -84.15
N GLY C 281 -8.40 67.21 -83.65
CA GLY C 281 -7.03 67.31 -83.18
C GLY C 281 -6.19 67.85 -84.30
N VAL C 282 -5.28 68.77 -83.99
CA VAL C 282 -4.54 69.49 -85.04
C VAL C 282 -3.70 68.46 -85.81
N PRO C 283 -3.91 68.33 -87.12
CA PRO C 283 -3.18 67.33 -87.92
C PRO C 283 -1.80 67.84 -88.34
N VAL C 284 -0.85 67.76 -87.41
CA VAL C 284 0.51 68.20 -87.73
C VAL C 284 1.14 67.23 -88.72
N ASP C 285 2.28 67.64 -89.29
CA ASP C 285 3.05 66.89 -90.28
C ASP C 285 2.36 66.81 -91.63
N GLY C 286 1.43 67.73 -91.91
CA GLY C 286 0.80 67.82 -93.20
C GLY C 286 -0.30 66.80 -93.40
N PRO C 287 -0.97 66.87 -94.56
CA PRO C 287 -2.03 65.88 -94.85
C PRO C 287 -1.52 64.45 -94.89
N ASN C 288 -0.29 64.24 -95.36
CA ASN C 288 0.30 62.91 -95.40
C ASN C 288 1.04 62.63 -94.10
N GLY C 289 1.04 61.36 -93.69
CA GLY C 289 1.70 61.00 -92.45
C GLY C 289 3.21 61.15 -92.54
N VAL C 290 3.84 61.21 -91.37
CA VAL C 290 5.28 61.46 -91.35
C VAL C 290 6.00 60.21 -91.83
N PRO C 291 7.18 60.34 -92.44
CA PRO C 291 7.95 59.16 -92.79
C PRO C 291 8.88 58.64 -91.70
N VAL C 292 8.98 57.29 -91.60
CA VAL C 292 9.98 56.67 -90.74
C VAL C 292 10.62 55.45 -91.40
N ARG C 293 11.97 55.44 -91.35
CA ARG C 293 12.82 54.34 -91.82
C ARG C 293 12.81 53.21 -90.81
N ASP C 294 12.46 52.02 -91.26
CA ASP C 294 12.51 50.85 -90.38
C ASP C 294 13.95 50.53 -90.01
N PRO C 295 14.28 50.42 -88.72
CA PRO C 295 15.64 50.00 -88.36
C PRO C 295 15.98 48.62 -88.88
N ALA C 296 14.98 47.74 -88.94
CA ALA C 296 15.20 46.39 -89.45
C ALA C 296 15.51 46.40 -90.93
N SER C 297 14.72 47.13 -91.70
CA SER C 297 14.89 47.19 -93.15
C SER C 297 14.91 48.64 -93.60
N GLY C 298 15.83 48.96 -94.51
CA GLY C 298 15.76 50.23 -95.17
C GLY C 298 14.46 50.51 -95.89
N ARG C 299 13.58 49.52 -95.98
CA ARG C 299 12.23 49.75 -96.47
C ARG C 299 11.50 50.60 -95.45
N LYS C 300 10.41 51.22 -95.89
CA LYS C 300 10.07 52.52 -95.35
C LYS C 300 8.55 52.70 -95.18
N TYR C 301 8.12 53.33 -94.07
CA TYR C 301 6.69 53.37 -93.75
C TYR C 301 6.24 54.73 -93.17
N VAL C 302 5.07 55.21 -93.61
CA VAL C 302 4.46 56.43 -93.08
C VAL C 302 3.63 56.07 -91.86
N VAL C 303 3.58 56.99 -90.91
CA VAL C 303 2.81 56.84 -89.67
C VAL C 303 2.13 58.17 -89.35
N LYS C 304 0.90 58.11 -88.85
CA LYS C 304 0.08 59.29 -88.63
C LYS C 304 -0.35 59.38 -87.17
N TRP C 305 -0.19 60.57 -86.58
CA TRP C 305 -0.74 60.85 -85.26
C TRP C 305 -1.07 62.33 -85.17
N THR C 306 -1.97 62.66 -84.25
CA THR C 306 -2.51 64.00 -84.12
C THR C 306 -2.14 64.60 -82.78
N THR C 307 -2.02 65.92 -82.75
CA THR C 307 -1.86 66.65 -81.50
C THR C 307 -3.20 67.19 -81.03
N PRO C 308 -3.41 67.26 -79.71
CA PRO C 308 -4.72 67.67 -79.21
C PRO C 308 -4.97 69.15 -79.45
N ILE C 309 -6.25 69.53 -79.42
CA ILE C 309 -6.63 70.92 -79.56
C ILE C 309 -6.18 71.67 -78.30
N MET C 310 -5.36 72.70 -78.48
CA MET C 310 -4.85 73.44 -77.35
C MET C 310 -5.88 74.49 -76.94
N TYR C 311 -6.22 74.51 -75.65
CA TYR C 311 -7.24 75.39 -75.11
C TYR C 311 -6.66 76.18 -73.95
N ASP C 312 -7.05 77.45 -73.87
CA ASP C 312 -6.76 78.28 -72.72
C ASP C 312 -7.90 78.12 -71.72
N GLY C 313 -7.59 77.61 -70.54
CA GLY C 313 -8.57 77.47 -69.47
C GLY C 313 -8.46 78.66 -68.53
N TYR C 314 -9.61 79.26 -68.24
CA TYR C 314 -9.68 80.41 -67.36
C TYR C 314 -10.50 80.04 -66.14
N VAL C 315 -10.07 80.51 -64.97
CA VAL C 315 -10.70 80.17 -63.71
C VAL C 315 -10.98 81.45 -62.94
N ASN C 316 -12.20 81.57 -62.41
CA ASN C 316 -12.57 82.63 -61.49
C ASN C 316 -12.82 82.01 -60.13
N VAL C 317 -12.32 82.64 -59.07
CA VAL C 317 -12.52 82.14 -57.72
C VAL C 317 -12.72 83.32 -56.78
N THR C 318 -13.61 83.14 -55.80
CA THR C 318 -13.96 84.22 -54.87
C THR C 318 -13.73 83.80 -53.43
N VAL C 319 -12.55 83.22 -53.14
CA VAL C 319 -12.23 82.82 -51.78
C VAL C 319 -12.14 84.04 -50.87
N GLN C 320 -12.28 83.78 -49.58
CA GLN C 320 -12.17 84.80 -48.55
C GLN C 320 -10.94 84.50 -47.69
N GLN C 321 -10.13 85.53 -47.43
CA GLN C 321 -8.94 85.36 -46.62
C GLN C 321 -9.33 85.00 -45.19
N GLY C 322 -8.66 84.00 -44.63
CA GLY C 322 -8.91 83.53 -43.29
C GLY C 322 -8.02 84.22 -42.27
N SER C 323 -7.84 83.55 -41.12
CA SER C 323 -6.95 84.08 -40.09
C SER C 323 -5.51 84.12 -40.58
N SER C 324 -5.06 83.04 -41.21
CA SER C 324 -3.73 82.99 -41.80
C SER C 324 -3.73 83.70 -43.13
N SER C 325 -2.75 84.58 -43.34
CA SER C 325 -2.65 85.32 -44.59
C SER C 325 -2.15 84.44 -45.70
N VAL C 326 -2.76 84.56 -46.88
CA VAL C 326 -2.33 83.85 -48.07
C VAL C 326 -2.37 84.81 -49.25
N ALA C 327 -1.58 84.51 -50.27
CA ALA C 327 -1.51 85.40 -51.42
C ALA C 327 -2.23 84.80 -52.61
N PRO C 328 -2.87 85.64 -53.45
CA PRO C 328 -3.50 85.11 -54.67
C PRO C 328 -2.51 84.39 -55.58
N GLU C 329 -1.25 84.81 -55.55
CA GLU C 329 -0.23 84.12 -56.34
C GLU C 329 -0.08 82.67 -55.91
N ALA C 330 -0.23 82.38 -54.61
CA ALA C 330 -0.19 81.00 -54.15
C ALA C 330 -1.35 80.19 -54.72
N ILE C 331 -2.54 80.78 -54.76
CA ILE C 331 -3.69 80.08 -55.34
C ILE C 331 -3.47 79.81 -56.81
N GLN C 332 -2.97 80.81 -57.54
CA GLN C 332 -2.69 80.62 -58.97
C GLN C 332 -1.64 79.53 -59.17
N ASN C 333 -0.59 79.52 -58.34
CA ASN C 333 0.43 78.50 -58.45
C ASN C 333 -0.13 77.12 -58.18
N ALA C 334 -1.01 77.00 -57.17
CA ALA C 334 -1.62 75.71 -56.88
C ALA C 334 -2.49 75.22 -58.04
N VAL C 335 -3.27 76.12 -58.63
CA VAL C 335 -4.11 75.75 -59.77
C VAL C 335 -3.23 75.28 -60.94
N VAL C 336 -2.18 76.04 -61.24
CA VAL C 336 -1.30 75.68 -62.35
C VAL C 336 -0.61 74.35 -62.08
N ASN C 337 -0.17 74.13 -60.84
CA ASN C 337 0.48 72.88 -60.48
C ASN C 337 -0.46 71.69 -60.65
N TYR C 338 -1.71 71.82 -60.17
CA TYR C 338 -2.66 70.74 -60.33
C TYR C 338 -2.94 70.47 -61.81
N ALA C 339 -3.17 71.53 -62.59
CA ALA C 339 -3.48 71.34 -64.00
C ALA C 339 -2.32 70.70 -64.74
N GLN C 340 -1.09 71.12 -64.43
CA GLN C 340 0.09 70.51 -65.04
C GLN C 340 0.23 69.06 -64.64
N GLY C 341 -0.19 68.71 -63.43
CA GLY C 341 -0.19 67.34 -62.99
C GLY C 341 0.88 66.96 -61.97
N LYS C 342 1.55 67.93 -61.36
CA LYS C 342 2.58 67.62 -60.38
C LYS C 342 1.99 67.11 -59.07
N VAL C 343 0.69 67.23 -58.88
CA VAL C 343 0.04 66.80 -57.64
C VAL C 343 -0.14 65.30 -57.65
N GLU C 344 0.09 64.68 -56.50
CA GLU C 344 -0.07 63.23 -56.38
C GLU C 344 -1.53 62.84 -56.52
N GLY C 345 -1.76 61.68 -57.13
CA GLY C 345 -3.11 61.13 -57.25
C GLY C 345 -3.88 61.65 -58.45
N GLU C 346 -4.19 62.94 -58.46
CA GLU C 346 -4.98 63.52 -59.54
C GLU C 346 -4.15 63.58 -60.82
N GLU C 347 -4.75 63.12 -61.93
CA GLU C 347 -4.04 63.10 -63.20
C GLU C 347 -3.71 64.51 -63.68
N GLY C 348 -4.65 65.44 -63.53
CA GLY C 348 -4.50 66.76 -64.10
C GLY C 348 -5.19 66.86 -65.44
N LEU C 349 -4.85 67.94 -66.17
CA LEU C 349 -5.48 68.24 -67.45
C LEU C 349 -4.80 67.43 -68.55
N VAL C 350 -4.99 66.11 -68.48
CA VAL C 350 -4.51 65.20 -69.52
C VAL C 350 -5.39 65.35 -70.75
N VAL C 351 -4.99 64.74 -71.86
CA VAL C 351 -5.81 64.76 -73.07
C VAL C 351 -7.17 64.17 -72.75
N GLY C 352 -8.23 64.90 -73.10
CA GLY C 352 -9.58 64.48 -72.79
C GLY C 352 -9.92 64.50 -71.32
N ALA C 353 -9.40 65.48 -70.57
CA ALA C 353 -9.75 65.67 -69.17
C ALA C 353 -10.62 66.91 -69.07
N SER C 354 -11.86 66.73 -68.62
CA SER C 354 -12.82 67.81 -68.61
C SER C 354 -12.51 68.80 -67.49
N LEU C 355 -12.93 70.05 -67.70
CA LEU C 355 -12.62 71.15 -66.78
C LEU C 355 -13.76 71.27 -65.77
N SER C 356 -13.51 70.82 -64.55
CA SER C 356 -14.49 70.87 -63.48
C SER C 356 -14.09 71.93 -62.47
N ALA C 357 -14.97 72.92 -62.27
CA ALA C 357 -14.75 73.88 -61.20
C ALA C 357 -14.74 73.20 -59.85
N PHE C 358 -15.52 72.13 -59.70
CA PHE C 358 -15.46 71.33 -58.48
C PHE C 358 -14.10 70.68 -58.33
N GLU C 359 -13.49 70.22 -59.43
CA GLU C 359 -12.16 69.61 -59.36
C GLU C 359 -11.11 70.64 -58.95
N VAL C 360 -11.13 71.83 -59.58
CA VAL C 360 -10.12 72.82 -59.23
C VAL C 360 -10.35 73.35 -57.82
N ALA C 361 -11.60 73.47 -57.39
CA ALA C 361 -11.88 73.85 -56.01
C ALA C 361 -11.39 72.76 -55.05
N GLY C 362 -11.51 71.50 -55.45
CA GLY C 362 -10.93 70.44 -54.67
C GLY C 362 -9.43 70.58 -54.54
N ALA C 363 -8.75 70.92 -55.63
CA ALA C 363 -7.30 71.09 -55.59
C ALA C 363 -6.92 72.30 -54.73
N ILE C 364 -7.72 73.37 -54.77
CA ILE C 364 -7.39 74.55 -53.98
C ILE C 364 -7.60 74.29 -52.50
N ALA C 365 -8.75 73.71 -52.12
CA ALA C 365 -8.95 73.36 -50.72
C ALA C 365 -8.00 72.25 -50.30
N ARG C 366 -7.49 71.48 -51.26
CA ARG C 366 -6.40 70.54 -51.02
C ARG C 366 -5.17 71.26 -50.53
N GLU C 367 -4.60 72.11 -51.39
CA GLU C 367 -3.28 72.67 -51.13
C GLU C 367 -3.32 73.74 -50.05
N ILE C 368 -4.43 74.47 -49.95
CA ILE C 368 -4.56 75.57 -49.01
C ILE C 368 -5.81 75.36 -48.17
N PRO C 369 -5.79 74.45 -47.20
CA PRO C 369 -6.95 74.29 -46.32
C PRO C 369 -7.10 75.49 -45.39
N GLY C 370 -8.32 75.66 -44.88
CA GLY C 370 -8.59 76.78 -43.99
C GLY C 370 -9.27 77.93 -44.69
N ILE C 371 -8.83 78.24 -45.91
CA ILE C 371 -9.50 79.27 -46.69
C ILE C 371 -10.89 78.78 -47.06
N TYR C 372 -11.83 79.71 -47.16
CA TYR C 372 -13.20 79.41 -47.52
C TYR C 372 -13.48 79.94 -48.91
N ILE C 373 -14.05 79.09 -49.76
CA ILE C 373 -14.35 79.43 -51.15
C ILE C 373 -15.84 79.62 -51.30
N LYS C 374 -16.24 80.79 -51.82
CA LYS C 374 -17.65 81.09 -52.06
C LYS C 374 -18.10 80.58 -53.43
N LEU C 375 -17.46 81.07 -54.49
CA LEU C 375 -17.87 80.75 -55.85
C LEU C 375 -16.65 80.47 -56.70
N CYS C 376 -16.67 79.34 -57.40
CA CYS C 376 -15.62 78.95 -58.33
C CYS C 376 -16.26 78.67 -59.69
N GLN C 377 -15.67 79.23 -60.74
CA GLN C 377 -16.16 79.06 -62.10
C GLN C 377 -14.97 78.75 -63.02
N VAL C 378 -15.23 77.95 -64.05
CA VAL C 378 -14.21 77.61 -65.03
C VAL C 378 -14.78 77.82 -66.42
N ALA C 379 -13.89 78.11 -67.37
CA ALA C 379 -14.27 78.31 -68.76
C ALA C 379 -13.11 77.92 -69.65
N CYS C 380 -13.42 77.62 -70.91
CA CYS C 380 -12.44 77.15 -71.87
C CYS C 380 -12.59 77.93 -73.16
N VAL C 381 -11.46 78.40 -73.71
CA VAL C 381 -11.46 79.19 -74.93
C VAL C 381 -10.36 78.65 -75.83
N ALA C 382 -10.49 78.93 -77.13
CA ALA C 382 -9.45 78.55 -78.07
C ALA C 382 -8.16 79.34 -77.80
N ALA C 383 -7.04 78.74 -78.19
CA ALA C 383 -5.74 79.35 -77.93
C ALA C 383 -5.60 80.65 -78.70
N GLY C 384 -4.94 81.63 -78.07
CA GLY C 384 -4.73 82.92 -78.71
C GLY C 384 -6.00 83.67 -79.02
N SER C 385 -6.96 83.68 -78.10
CA SER C 385 -8.25 84.29 -78.28
C SER C 385 -8.55 85.21 -77.12
N PRO C 386 -9.42 86.21 -77.31
CA PRO C 386 -9.78 87.10 -76.20
C PRO C 386 -10.39 86.32 -75.05
N ALA C 387 -10.07 86.76 -73.83
CA ALA C 387 -10.63 86.12 -72.66
C ALA C 387 -12.14 86.33 -72.62
N PRO C 388 -12.92 85.30 -72.26
CA PRO C 388 -14.38 85.46 -72.22
C PRO C 388 -14.81 86.48 -71.19
N ALA C 389 -15.88 87.21 -71.51
CA ALA C 389 -16.39 88.25 -70.64
C ALA C 389 -17.03 87.64 -69.40
N PRO C 390 -17.17 88.42 -68.32
CA PRO C 390 -17.86 87.91 -67.14
C PRO C 390 -19.29 87.50 -67.47
N GLY C 391 -19.73 86.40 -66.86
CA GLY C 391 -21.01 85.80 -67.15
C GLY C 391 -20.94 84.67 -68.15
N ASP C 392 -19.92 84.66 -69.00
CA ASP C 392 -19.72 83.54 -69.91
C ASP C 392 -19.19 82.30 -69.20
N PHE C 393 -18.64 82.47 -68.00
CA PHE C 393 -18.11 81.33 -67.25
C PHE C 393 -19.24 80.42 -66.80
N THR C 394 -18.90 79.14 -66.61
CA THR C 394 -19.85 78.14 -66.16
C THR C 394 -19.29 77.44 -64.92
N SER C 395 -20.15 76.67 -64.27
CA SER C 395 -19.76 75.93 -63.08
C SER C 395 -19.03 74.64 -63.40
N GLU C 396 -19.01 74.22 -64.65
CA GLU C 396 -18.27 73.03 -65.08
C GLU C 396 -18.26 72.99 -66.60
N TYR C 397 -17.10 72.70 -67.17
CA TYR C 397 -16.94 72.62 -68.61
C TYR C 397 -16.61 71.20 -69.02
N VAL C 398 -17.44 70.62 -69.88
CA VAL C 398 -17.18 69.30 -70.46
C VAL C 398 -16.33 69.49 -71.71
N MET C 399 -15.42 68.57 -71.96
CA MET C 399 -14.39 68.77 -72.97
C MET C 399 -14.29 67.55 -73.88
N SER C 400 -13.97 67.79 -75.15
CA SER C 400 -13.87 66.73 -76.15
C SER C 400 -12.67 65.82 -75.89
N ALA C 401 -12.48 64.85 -76.78
CA ALA C 401 -11.52 63.78 -76.58
C ALA C 401 -10.18 64.03 -77.28
N PHE C 402 -9.98 65.20 -77.87
CA PHE C 402 -8.74 65.50 -78.57
C PHE C 402 -8.26 66.91 -78.23
N GLY C 403 -8.22 67.22 -76.93
CA GLY C 403 -7.77 68.53 -76.50
C GLY C 403 -7.14 68.49 -75.13
N GLN C 404 -6.38 69.54 -74.83
CA GLN C 404 -5.92 69.84 -73.49
C GLN C 404 -6.19 71.30 -73.18
N ALA C 405 -6.43 71.60 -71.91
CA ALA C 405 -6.64 72.96 -71.44
C ALA C 405 -5.55 73.32 -70.45
N THR C 406 -4.93 74.48 -70.66
CA THR C 406 -3.85 74.95 -69.79
C THR C 406 -4.25 76.27 -69.15
N ILE C 407 -3.97 76.41 -67.86
CA ILE C 407 -4.18 77.64 -67.12
C ILE C 407 -2.82 78.15 -66.65
N SER C 408 -2.50 79.38 -67.03
CA SER C 408 -1.27 80.03 -66.59
C SER C 408 -1.55 80.80 -65.31
N VAL C 409 -0.55 81.54 -64.82
CA VAL C 409 -0.74 82.36 -63.64
C VAL C 409 -1.75 83.48 -63.92
N GLY C 410 -1.71 84.02 -65.14
CA GLY C 410 -2.58 85.13 -65.51
C GLY C 410 -3.99 84.75 -65.90
N ASN C 411 -4.30 83.45 -65.96
CA ASN C 411 -5.64 83.00 -66.33
C ASN C 411 -6.49 82.61 -65.12
N VAL C 412 -6.04 82.97 -63.92
CA VAL C 412 -6.81 82.78 -62.69
C VAL C 412 -7.13 84.15 -62.12
N ARG C 413 -8.41 84.42 -61.91
CA ARG C 413 -8.88 85.68 -61.34
C ARG C 413 -9.39 85.37 -59.93
N VAL C 414 -8.64 85.79 -58.92
CA VAL C 414 -8.95 85.57 -57.52
C VAL C 414 -9.42 86.88 -56.92
N THR C 415 -10.60 86.87 -56.32
CA THR C 415 -11.11 88.05 -55.62
C THR C 415 -11.31 87.73 -54.16
N PHE C 416 -10.85 88.64 -53.29
CA PHE C 416 -10.95 88.47 -51.85
C PHE C 416 -12.18 89.20 -51.35
N VAL C 417 -13.18 88.44 -50.92
CA VAL C 417 -14.41 89.03 -50.40
C VAL C 417 -14.28 89.30 -48.90
N ALA D 2 7.14 -44.21 -21.58
CA ALA D 2 8.58 -44.10 -21.78
C ALA D 2 8.89 -43.47 -23.14
N ASN D 3 8.84 -44.28 -24.19
CA ASN D 3 9.12 -43.80 -25.54
C ASN D 3 8.01 -42.92 -26.11
N TYR D 4 6.99 -42.60 -25.33
CA TYR D 4 5.85 -41.79 -25.77
C TYR D 4 5.21 -42.49 -26.96
N ASN D 5 4.68 -41.72 -27.91
CA ASN D 5 4.13 -42.24 -29.16
C ASN D 5 4.68 -41.35 -30.27
N TYR D 6 5.83 -41.73 -30.83
CA TYR D 6 6.51 -40.88 -31.78
C TYR D 6 6.03 -41.09 -33.21
N ILE D 7 5.04 -41.95 -33.43
CA ILE D 7 4.46 -42.10 -34.76
C ILE D 7 3.25 -41.20 -34.93
N VAL D 8 2.33 -41.22 -33.95
CA VAL D 8 1.12 -40.41 -33.90
C VAL D 8 0.41 -40.43 -35.25
N ASP D 9 -0.45 -39.44 -35.51
CA ASP D 9 -1.16 -39.37 -36.78
C ASP D 9 -0.57 -38.37 -37.77
N THR D 10 -0.08 -37.23 -37.29
CA THR D 10 0.37 -36.16 -38.19
C THR D 10 1.85 -36.33 -38.55
N GLY D 11 2.20 -37.54 -38.99
CA GLY D 11 3.58 -37.84 -39.32
C GLY D 11 4.40 -38.18 -38.10
N VAL D 12 5.64 -38.60 -38.31
CA VAL D 12 6.50 -39.04 -37.20
C VAL D 12 7.04 -37.80 -36.49
N ILE D 13 6.79 -37.72 -35.19
CA ILE D 13 7.36 -36.67 -34.36
C ILE D 13 8.72 -37.12 -33.86
N VAL D 14 9.75 -36.34 -34.16
CA VAL D 14 11.13 -36.69 -33.85
C VAL D 14 11.62 -35.80 -32.71
N ALA D 15 11.92 -36.41 -31.58
CA ALA D 15 12.47 -35.68 -30.44
C ALA D 15 13.99 -35.64 -30.52
N ASP D 16 14.58 -34.74 -29.75
CA ASP D 16 16.01 -34.54 -29.79
C ASP D 16 16.75 -35.70 -29.14
N THR D 17 17.97 -35.92 -29.62
CA THR D 17 18.77 -37.03 -29.10
C THR D 17 19.15 -36.82 -27.65
N ALA D 18 19.27 -35.56 -27.20
CA ALA D 18 19.41 -35.33 -25.77
C ALA D 18 18.21 -35.87 -25.01
N ASP D 19 17.01 -35.66 -25.55
CA ASP D 19 15.80 -36.15 -24.89
C ASP D 19 15.76 -37.66 -24.85
N VAL D 20 16.05 -38.32 -25.98
CA VAL D 20 16.00 -39.78 -25.96
C VAL D 20 17.13 -40.36 -25.10
N LEU D 21 18.29 -39.71 -25.08
CA LEU D 21 19.37 -40.15 -24.19
C LEU D 21 18.95 -40.05 -22.73
N SER D 22 18.30 -38.96 -22.36
CA SER D 22 17.79 -38.83 -20.99
C SER D 22 16.76 -39.90 -20.69
N ASP D 23 15.90 -40.22 -21.67
CA ASP D 23 14.90 -41.26 -21.47
C ASP D 23 15.54 -42.62 -21.21
N VAL D 24 16.54 -42.98 -22.03
CA VAL D 24 17.22 -44.26 -21.84
C VAL D 24 17.99 -44.27 -20.52
N GLU D 25 18.56 -43.12 -20.15
CA GLU D 25 19.24 -43.02 -18.86
C GLU D 25 18.27 -43.27 -17.72
N ALA D 26 17.07 -42.70 -17.80
CA ALA D 26 16.07 -42.93 -16.76
C ALA D 26 15.64 -44.39 -16.73
N GLU D 27 15.48 -45.01 -17.89
CA GLU D 27 15.11 -46.43 -17.93
C GLU D 27 16.17 -47.30 -17.29
N PHE D 28 17.44 -47.06 -17.60
CA PHE D 28 18.52 -47.82 -16.99
C PHE D 28 18.60 -47.56 -15.49
N ARG D 29 18.40 -46.31 -15.08
CA ARG D 29 18.44 -45.99 -13.65
C ARG D 29 17.32 -46.68 -12.89
N ALA D 30 16.13 -46.79 -13.49
CA ALA D 30 15.05 -47.53 -12.85
C ALA D 30 15.24 -49.03 -12.95
N ALA D 31 16.04 -49.51 -13.90
CA ALA D 31 16.25 -50.95 -14.05
C ALA D 31 17.31 -51.48 -13.10
N LEU D 32 18.52 -50.92 -13.16
CA LEU D 32 19.62 -51.45 -12.37
C LEU D 32 19.63 -50.87 -10.96
N GLY D 33 19.69 -49.55 -10.83
CA GLY D 33 19.69 -48.93 -9.52
C GLY D 33 19.52 -47.43 -9.59
N ALA D 34 18.85 -46.85 -8.59
CA ALA D 34 18.57 -45.41 -8.60
C ALA D 34 19.84 -44.57 -8.49
N ASN D 35 20.96 -45.16 -8.09
CA ASN D 35 22.20 -44.42 -7.90
C ASN D 35 23.35 -45.09 -8.65
N ILE D 36 23.06 -45.57 -9.85
CA ILE D 36 24.09 -46.12 -10.72
C ILE D 36 24.65 -45.00 -11.58
N ASN D 37 25.97 -44.97 -11.73
CA ASN D 37 26.60 -43.90 -12.50
C ASN D 37 26.66 -44.32 -13.96
N LEU D 38 25.91 -43.62 -14.80
CA LEU D 38 25.88 -43.93 -16.23
C LEU D 38 26.95 -43.13 -16.99
N ALA D 39 28.19 -43.22 -16.51
CA ALA D 39 29.31 -42.63 -17.21
C ALA D 39 29.71 -43.48 -18.39
N ALA D 40 30.05 -42.84 -19.50
CA ALA D 40 30.29 -43.55 -20.74
C ALA D 40 31.50 -44.47 -20.67
N SER D 41 32.39 -44.28 -19.71
CA SER D 41 33.54 -45.16 -19.58
C SER D 41 33.19 -46.51 -18.98
N THR D 42 32.10 -46.59 -18.24
CA THR D 42 31.55 -47.75 -17.53
C THR D 42 30.70 -48.60 -18.47
N PRO D 43 30.56 -49.90 -18.18
CA PRO D 43 29.70 -50.75 -19.03
C PRO D 43 28.26 -50.28 -19.10
N GLN D 44 27.71 -49.79 -17.98
CA GLN D 44 26.35 -49.27 -18.00
C GLN D 44 26.22 -48.07 -18.93
N GLY D 45 27.18 -47.16 -18.87
CA GLY D 45 27.18 -46.03 -19.78
C GLY D 45 27.36 -46.45 -21.22
N SER D 46 28.18 -47.49 -21.46
CA SER D 46 28.34 -47.99 -22.82
C SER D 46 27.02 -48.54 -23.36
N LEU D 47 26.30 -49.31 -22.54
CA LEU D 47 25.00 -49.83 -22.96
C LEU D 47 24.00 -48.70 -23.18
N VAL D 48 24.04 -47.68 -22.32
CA VAL D 48 23.14 -46.53 -22.49
C VAL D 48 23.44 -45.80 -23.79
N ALA D 49 24.71 -45.61 -24.10
CA ALA D 49 25.07 -44.94 -25.35
C ALA D 49 24.66 -45.77 -26.56
N ALA D 50 24.80 -47.11 -26.46
CA ALA D 50 24.35 -47.95 -27.56
C ALA D 50 22.85 -47.83 -27.78
N GLU D 51 22.07 -47.91 -26.70
CA GLU D 51 20.62 -47.75 -26.79
C GLU D 51 20.20 -46.34 -27.12
N ALA D 52 21.09 -45.37 -27.03
CA ALA D 52 20.78 -44.01 -27.47
C ALA D 52 21.09 -43.80 -28.95
N ILE D 53 22.16 -44.42 -29.46
CA ILE D 53 22.41 -44.37 -30.90
C ILE D 53 21.33 -45.12 -31.65
N ALA D 54 21.08 -46.36 -31.24
CA ALA D 54 19.84 -47.01 -31.62
C ALA D 54 18.70 -46.30 -30.89
N ARG D 55 17.47 -46.59 -31.30
CA ARG D 55 16.27 -45.92 -30.80
C ARG D 55 16.24 -44.47 -31.23
N SER D 56 17.30 -43.97 -31.86
CA SER D 56 17.33 -42.72 -32.59
C SER D 56 17.58 -42.92 -34.06
N SER D 57 18.43 -43.88 -34.43
CA SER D 57 18.57 -44.23 -35.84
C SER D 57 17.22 -44.66 -36.43
N VAL D 58 16.46 -45.46 -35.68
CA VAL D 58 15.17 -45.93 -36.17
C VAL D 58 14.18 -44.76 -36.28
N MET D 59 14.23 -43.84 -35.32
CA MET D 59 13.33 -42.70 -35.31
C MET D 59 13.56 -41.83 -36.54
N ARG D 60 14.83 -41.52 -36.82
CA ARG D 60 15.16 -40.77 -38.03
C ARG D 60 14.84 -41.56 -39.29
N ASN D 61 15.04 -42.88 -39.30
CA ASN D 61 14.73 -43.67 -40.49
C ASN D 61 13.24 -43.62 -40.81
N GLU D 62 12.40 -43.80 -39.79
CA GLU D 62 10.97 -43.80 -40.02
C GLU D 62 10.47 -42.41 -40.40
N ALA D 63 10.99 -41.36 -39.77
CA ALA D 63 10.64 -40.02 -40.22
C ALA D 63 11.19 -39.73 -41.61
N ARG D 64 12.25 -40.42 -42.02
CA ARG D 64 12.78 -40.27 -43.36
C ARG D 64 11.90 -40.91 -44.41
N ILE D 65 11.27 -42.04 -44.08
CA ILE D 65 10.49 -42.76 -45.09
C ILE D 65 9.02 -42.80 -44.71
N ALA D 66 8.54 -41.80 -43.97
CA ALA D 66 7.14 -41.81 -43.53
C ALA D 66 6.18 -41.52 -44.69
N ASN D 67 6.26 -40.32 -45.26
CA ASN D 67 5.40 -39.94 -46.37
C ASN D 67 6.10 -40.08 -47.71
N THR D 68 6.68 -41.26 -47.97
CA THR D 68 7.47 -41.43 -49.17
C THR D 68 6.63 -41.76 -50.41
N ILE D 69 5.35 -42.06 -50.25
CA ILE D 69 4.56 -42.40 -51.43
C ILE D 69 3.99 -41.16 -52.10
N ASN D 70 4.06 -40.00 -51.45
CA ASN D 70 3.71 -38.76 -52.13
C ASN D 70 4.85 -38.39 -53.07
N PRO D 71 4.59 -38.34 -54.38
CA PRO D 71 5.69 -38.07 -55.32
C PRO D 71 6.19 -36.64 -55.26
N ASN D 72 5.38 -35.69 -54.81
CA ASN D 72 5.84 -34.32 -54.68
C ASN D 72 6.82 -34.15 -53.51
N VAL D 73 6.92 -35.13 -52.62
CA VAL D 73 7.82 -35.05 -51.47
C VAL D 73 8.74 -36.26 -51.36
N SER D 74 8.60 -37.25 -52.24
CA SER D 74 9.49 -38.39 -52.21
C SER D 74 10.90 -38.00 -52.66
N PHE D 75 11.82 -38.95 -52.58
CA PHE D 75 13.21 -38.68 -52.89
C PHE D 75 13.90 -39.94 -53.39
N GLY D 76 14.97 -39.74 -54.15
CA GLY D 76 15.90 -40.81 -54.48
C GLY D 76 15.24 -41.96 -55.21
N THR D 77 15.62 -43.18 -54.82
CA THR D 77 15.11 -44.37 -55.48
C THR D 77 13.60 -44.52 -55.28
N PHE D 78 13.06 -43.96 -54.21
CA PHE D 78 11.62 -44.02 -53.99
C PHE D 78 10.89 -43.21 -55.05
N LEU D 79 11.37 -41.99 -55.30
CA LEU D 79 10.83 -41.17 -56.38
C LEU D 79 11.07 -41.83 -57.73
N ASP D 80 12.21 -42.51 -57.89
CA ASP D 80 12.46 -43.25 -59.13
C ASP D 80 11.39 -44.32 -59.32
N ALA D 81 11.07 -45.05 -58.25
CA ALA D 81 10.04 -46.07 -58.31
C ALA D 81 8.70 -45.47 -58.70
N ILE D 82 8.34 -44.34 -58.07
CA ILE D 82 7.02 -43.74 -58.32
C ILE D 82 6.93 -43.26 -59.76
N CYS D 83 7.98 -42.61 -60.25
CA CYS D 83 7.95 -42.05 -61.60
C CYS D 83 8.18 -43.10 -62.68
N ALA D 84 8.68 -44.28 -62.33
CA ALA D 84 8.84 -45.33 -63.33
C ALA D 84 7.50 -45.88 -63.82
N LEU D 85 6.42 -45.63 -63.09
CA LEU D 85 5.12 -46.12 -63.52
C LEU D 85 4.66 -45.44 -64.80
N MET D 86 4.92 -44.14 -64.94
CA MET D 86 4.55 -43.41 -66.15
C MET D 86 5.60 -43.49 -67.23
N GLY D 87 6.68 -44.23 -67.03
CA GLY D 87 7.72 -44.37 -68.01
C GLY D 87 8.86 -43.39 -67.88
N ILE D 88 8.74 -42.38 -67.02
CA ILE D 88 9.84 -41.46 -66.78
C ILE D 88 10.91 -42.19 -65.99
N GLU D 89 12.06 -42.43 -66.61
CA GLU D 89 13.13 -43.22 -66.03
C GLU D 89 14.37 -42.37 -65.87
N ARG D 90 14.93 -42.33 -64.66
CA ARG D 90 16.18 -41.65 -64.44
C ARG D 90 17.29 -42.38 -65.18
N GLY D 91 18.11 -41.62 -65.92
CA GLY D 91 19.14 -42.20 -66.75
C GLY D 91 20.36 -42.60 -65.94
N SER D 92 21.41 -42.97 -66.67
CA SER D 92 22.69 -43.33 -66.08
C SER D 92 23.74 -42.30 -66.46
N ASP D 93 24.67 -42.04 -65.55
CA ASP D 93 25.72 -41.05 -65.76
C ASP D 93 26.93 -41.75 -66.33
N LEU D 94 27.05 -41.70 -67.66
CA LEU D 94 28.17 -42.29 -68.37
C LEU D 94 29.11 -41.18 -68.84
N SER D 95 30.12 -41.54 -69.62
CA SER D 95 31.11 -40.59 -70.10
C SER D 95 31.35 -40.81 -71.58
N THR D 96 31.79 -39.74 -72.25
CA THR D 96 32.14 -39.84 -73.66
C THR D 96 33.24 -40.87 -73.85
N PHE D 97 33.11 -41.69 -74.89
CA PHE D 97 33.88 -42.92 -75.02
C PHE D 97 34.61 -42.97 -76.36
N GLY D 98 35.37 -41.92 -76.65
CA GLY D 98 36.00 -41.79 -77.96
C GLY D 98 36.94 -42.94 -78.30
N TYR D 99 36.87 -43.43 -79.53
CA TYR D 99 37.73 -44.52 -79.99
C TYR D 99 38.43 -44.12 -81.28
N GLY D 100 39.56 -44.77 -81.53
CA GLY D 100 40.29 -44.53 -82.75
C GLY D 100 40.94 -43.18 -82.85
N VAL D 101 41.28 -42.55 -81.72
CA VAL D 101 41.98 -41.27 -81.78
C VAL D 101 43.39 -41.48 -82.28
N GLN D 102 43.80 -40.69 -83.27
CA GLN D 102 45.12 -40.84 -83.85
C GLN D 102 46.18 -40.39 -82.84
N VAL D 103 47.21 -41.20 -82.66
CA VAL D 103 48.34 -40.85 -81.80
C VAL D 103 49.61 -40.91 -82.63
N THR D 104 50.31 -39.78 -82.72
CA THR D 104 51.56 -39.66 -83.43
C THR D 104 52.70 -39.65 -82.43
N GLY D 105 53.73 -40.44 -82.68
CA GLY D 105 54.90 -40.50 -81.81
C GLY D 105 56.11 -40.92 -82.59
N ARG D 106 56.97 -41.73 -81.97
CA ARG D 106 58.18 -42.18 -82.61
C ARG D 106 58.54 -43.57 -82.10
N SER D 107 59.21 -44.34 -82.96
CA SER D 107 59.72 -45.67 -82.63
C SER D 107 58.65 -46.56 -82.02
N GLN D 108 58.86 -46.97 -80.77
CA GLN D 108 57.98 -47.90 -80.07
C GLN D 108 57.52 -47.29 -78.75
N THR D 109 57.05 -46.05 -78.80
CA THR D 109 56.52 -45.40 -77.61
C THR D 109 55.33 -46.18 -77.06
N ARG D 110 55.35 -46.42 -75.76
CA ARG D 110 54.31 -47.18 -75.07
C ARG D 110 53.41 -46.21 -74.31
N ILE D 111 52.13 -46.22 -74.65
CA ILE D 111 51.15 -45.35 -73.99
C ILE D 111 50.57 -46.10 -72.80
N SER D 112 50.64 -45.47 -71.63
CA SER D 112 50.14 -46.06 -70.40
C SER D 112 48.78 -45.48 -70.05
N THR D 113 48.03 -46.24 -69.25
CA THR D 113 46.69 -45.83 -68.85
C THR D 113 46.75 -44.58 -68.00
N GLY D 114 45.77 -43.69 -68.20
CA GLY D 114 45.71 -42.45 -67.46
C GLY D 114 46.55 -41.32 -68.00
N SER D 115 46.89 -41.34 -69.29
CA SER D 115 47.71 -40.28 -69.87
C SER D 115 47.01 -38.94 -69.88
N ARG D 116 45.68 -38.92 -69.79
CA ARG D 116 44.91 -37.69 -69.59
C ARG D 116 45.16 -36.67 -70.71
N VAL D 117 44.75 -37.03 -71.92
CA VAL D 117 44.73 -36.06 -72.99
C VAL D 117 43.68 -35.00 -72.68
N GLN D 118 43.78 -33.86 -73.35
CA GLN D 118 42.85 -32.75 -73.10
C GLN D 118 42.41 -32.14 -74.42
N THR D 119 41.13 -31.83 -74.51
CA THR D 119 40.61 -31.06 -75.64
C THR D 119 41.00 -29.60 -75.48
N PRO D 120 40.97 -28.82 -76.57
CA PRO D 120 41.36 -27.41 -76.47
C PRO D 120 40.58 -26.63 -75.44
N ALA D 121 39.31 -26.98 -75.19
CA ALA D 121 38.49 -26.32 -74.17
C ALA D 121 38.18 -27.35 -73.09
N GLY D 122 39.08 -27.50 -72.14
CA GLY D 122 38.87 -28.41 -71.02
C GLY D 122 38.67 -29.84 -71.47
N ALA D 123 37.71 -30.52 -70.82
CA ALA D 123 37.28 -31.87 -71.20
C ALA D 123 38.46 -32.86 -71.16
N ILE D 124 38.95 -33.09 -69.95
CA ILE D 124 40.05 -34.03 -69.75
C ILE D 124 39.55 -35.45 -70.01
N PHE D 125 40.25 -36.16 -70.90
CA PHE D 125 39.90 -37.52 -71.29
C PHE D 125 41.07 -38.45 -70.95
N THR D 126 40.79 -39.55 -70.26
CA THR D 126 41.82 -40.50 -69.88
C THR D 126 41.80 -41.70 -70.80
N VAL D 127 43.00 -42.11 -71.22
CA VAL D 127 43.14 -43.31 -72.04
C VAL D 127 42.78 -44.54 -71.22
N LEU D 128 42.07 -45.49 -71.85
CA LEU D 128 41.61 -46.68 -71.14
C LEU D 128 42.27 -47.96 -71.61
N SER D 129 43.15 -47.90 -72.62
CA SER D 129 43.82 -49.10 -73.10
C SER D 129 45.25 -48.75 -73.48
N ASP D 130 46.19 -49.60 -73.07
CA ASP D 130 47.60 -49.38 -73.38
C ASP D 130 47.90 -49.82 -74.80
N VAL D 131 48.62 -48.98 -75.55
CA VAL D 131 48.95 -49.25 -76.94
C VAL D 131 50.42 -48.90 -77.17
N THR D 132 51.10 -49.72 -77.95
CA THR D 132 52.47 -49.43 -78.38
C THR D 132 52.46 -48.96 -79.83
N ILE D 133 53.20 -47.89 -80.09
CA ILE D 133 53.21 -47.31 -81.44
C ILE D 133 53.98 -48.23 -82.38
N PRO D 134 53.45 -48.56 -83.54
CA PRO D 134 54.18 -49.40 -84.50
C PRO D 134 55.24 -48.59 -85.23
N ALA D 135 55.88 -49.24 -86.21
CA ALA D 135 56.96 -48.61 -86.94
C ALA D 135 56.49 -47.46 -87.82
N GLY D 136 55.19 -47.41 -88.14
CA GLY D 136 54.69 -46.30 -88.93
C GLY D 136 54.70 -44.99 -88.16
N GLY D 137 54.62 -45.05 -86.84
CA GLY D 137 54.69 -43.88 -86.00
C GLY D 137 53.35 -43.31 -85.59
N VAL D 138 52.24 -43.85 -86.09
CA VAL D 138 50.92 -43.36 -85.74
C VAL D 138 50.01 -44.55 -85.50
N ALA D 139 49.19 -44.48 -84.44
CA ALA D 139 48.31 -45.58 -84.06
C ALA D 139 46.95 -45.02 -83.65
N THR D 140 46.08 -45.91 -83.16
CA THR D 140 44.75 -45.57 -82.72
C THR D 140 44.59 -45.87 -81.24
N ILE D 141 43.90 -44.99 -80.51
CA ILE D 141 43.79 -45.11 -79.07
C ILE D 141 42.34 -44.89 -78.65
N ASP D 142 41.98 -45.44 -77.48
CA ASP D 142 40.65 -45.33 -76.91
C ASP D 142 40.70 -44.52 -75.61
N ILE D 143 39.88 -43.47 -75.55
CA ILE D 143 39.83 -42.58 -74.40
C ILE D 143 38.39 -42.47 -73.90
N LYS D 144 38.26 -42.23 -72.60
CA LYS D 144 36.96 -42.04 -71.96
C LYS D 144 37.03 -40.82 -71.06
N SER D 145 35.90 -40.14 -70.92
CA SER D 145 35.85 -38.88 -70.19
C SER D 145 35.96 -39.12 -68.69
N GLN D 146 36.81 -38.32 -68.04
CA GLN D 146 36.88 -38.35 -66.59
C GLN D 146 35.58 -37.85 -65.96
N GLU D 147 34.98 -36.82 -66.56
CA GLU D 147 33.70 -36.29 -66.10
C GLU D 147 32.57 -37.14 -66.66
N TYR D 148 31.34 -36.65 -66.52
CA TYR D 148 30.15 -37.35 -67.01
C TYR D 148 29.35 -36.46 -67.92
N GLY D 149 28.72 -37.06 -68.92
CA GLY D 149 27.81 -36.35 -69.82
C GLY D 149 28.35 -36.26 -71.23
N ASN D 150 27.55 -35.63 -72.08
CA ASN D 150 27.91 -35.41 -73.48
C ASN D 150 28.74 -34.14 -73.61
N ILE D 151 29.97 -34.22 -73.14
CA ILE D 151 30.91 -33.11 -73.32
C ILE D 151 31.46 -33.17 -74.73
N PRO D 152 31.47 -32.05 -75.46
CA PRO D 152 31.88 -32.08 -76.87
C PRO D 152 33.33 -32.53 -77.01
N LEU D 153 33.58 -33.33 -78.05
CA LEU D 153 34.92 -33.80 -78.39
C LEU D 153 35.10 -33.48 -79.87
N PRO D 154 35.57 -32.28 -80.20
CA PRO D 154 35.68 -31.88 -81.60
C PRO D 154 36.88 -32.52 -82.28
N VAL D 155 36.85 -32.50 -83.61
CA VAL D 155 37.97 -32.97 -84.41
C VAL D 155 39.08 -31.93 -84.37
N GLY D 156 40.28 -32.37 -84.00
CA GLY D 156 41.40 -31.46 -83.90
C GLY D 156 42.53 -32.10 -83.14
N ASN D 157 43.58 -31.30 -82.94
CA ASN D 157 44.80 -31.76 -82.27
C ASN D 157 44.56 -31.79 -80.77
N LEU D 158 44.49 -32.99 -80.20
CA LEU D 158 44.35 -33.12 -78.76
C LEU D 158 45.65 -32.77 -78.08
N ILE D 159 45.58 -31.96 -77.02
CA ILE D 159 46.76 -31.61 -76.24
C ILE D 159 46.92 -32.63 -75.13
N ILE D 160 48.17 -32.92 -74.78
CA ILE D 160 48.49 -33.96 -73.81
C ILE D 160 48.86 -33.31 -72.49
N ILE D 161 48.23 -33.76 -71.41
CA ILE D 161 48.53 -33.25 -70.07
C ILE D 161 49.61 -34.08 -69.41
N ASP D 162 49.45 -35.40 -69.40
CA ASP D 162 50.42 -36.32 -68.81
C ASP D 162 50.98 -37.18 -69.94
N GLY D 163 52.11 -36.77 -70.49
CA GLY D 163 52.70 -37.44 -71.64
C GLY D 163 54.04 -38.08 -71.28
N THR D 164 54.29 -39.26 -71.83
CA THR D 164 55.55 -39.95 -71.65
C THR D 164 56.59 -39.41 -72.62
N ILE D 165 57.78 -39.99 -72.58
CA ILE D 165 58.86 -39.63 -73.49
C ILE D 165 58.72 -40.46 -74.76
N GLY D 166 58.50 -39.79 -75.89
CA GLY D 166 58.27 -40.44 -77.17
C GLY D 166 56.95 -40.07 -77.81
N TRP D 167 55.98 -39.66 -77.01
CA TRP D 167 54.69 -39.26 -77.55
C TRP D 167 54.80 -37.88 -78.19
N SER D 168 54.34 -37.76 -79.43
CA SER D 168 54.39 -36.48 -80.13
C SER D 168 53.08 -35.72 -79.98
N GLY D 169 51.95 -36.37 -80.21
CA GLY D 169 50.68 -35.70 -80.06
C GLY D 169 49.53 -36.63 -80.37
N ALA D 170 48.32 -36.09 -80.25
CA ALA D 170 47.11 -36.83 -80.55
C ALA D 170 46.17 -35.93 -81.34
N LYS D 171 45.41 -36.53 -82.26
CA LYS D 171 44.48 -35.81 -83.10
C LYS D 171 43.19 -36.61 -83.22
N VAL D 172 42.06 -35.89 -83.19
CA VAL D 172 40.75 -36.49 -83.38
C VAL D 172 40.44 -36.46 -84.88
N ILE D 173 40.64 -37.59 -85.54
CA ILE D 173 40.40 -37.72 -86.97
C ILE D 173 38.91 -37.94 -87.20
N ALA D 174 38.49 -37.86 -88.47
CA ALA D 174 37.08 -38.04 -88.80
C ALA D 174 36.58 -39.44 -88.48
N SER D 175 37.47 -40.42 -88.38
CA SER D 175 37.10 -41.80 -88.11
C SER D 175 36.91 -42.10 -86.64
N THR D 176 37.17 -41.13 -85.76
CA THR D 176 37.01 -41.37 -84.33
C THR D 176 35.54 -41.57 -84.01
N ARG D 177 35.21 -42.69 -83.38
CA ARG D 177 33.84 -43.01 -83.02
C ARG D 177 33.55 -42.42 -81.65
N VAL D 178 33.32 -41.11 -81.64
CA VAL D 178 32.97 -40.40 -80.41
C VAL D 178 31.56 -40.83 -80.02
N ASP D 179 31.42 -41.29 -78.78
CA ASP D 179 30.15 -41.80 -78.28
C ASP D 179 29.72 -40.99 -77.07
N PRO D 180 28.58 -40.29 -77.13
CA PRO D 180 28.23 -39.38 -76.05
C PRO D 180 27.75 -40.10 -74.80
N GLY D 181 28.03 -39.49 -73.66
CA GLY D 181 27.58 -39.98 -72.38
C GLY D 181 26.33 -39.28 -71.91
N SER D 182 26.05 -39.41 -70.62
CA SER D 182 24.86 -38.81 -70.03
C SER D 182 25.17 -38.43 -68.59
N ARG D 183 24.38 -37.50 -68.05
CA ARG D 183 24.58 -36.90 -66.74
C ARG D 183 23.37 -37.13 -65.85
N GLN D 184 22.75 -38.30 -65.98
CA GLN D 184 21.65 -38.74 -65.12
C GLN D 184 20.50 -37.72 -65.21
N MET D 185 19.67 -37.65 -64.18
CA MET D 185 18.58 -36.69 -64.10
C MET D 185 18.22 -36.51 -62.63
N SER D 186 18.16 -35.25 -62.18
CA SER D 186 17.94 -34.96 -60.78
C SER D 186 16.51 -35.28 -60.37
N ASP D 187 16.28 -35.28 -59.05
CA ASP D 187 14.93 -35.51 -58.53
C ASP D 187 14.00 -34.37 -58.87
N ALA D 188 14.52 -33.13 -58.85
CA ALA D 188 13.71 -31.99 -59.28
C ALA D 188 13.27 -32.16 -60.73
N GLU D 189 14.18 -32.62 -61.59
CA GLU D 189 13.82 -32.84 -62.99
C GLU D 189 12.89 -34.04 -63.15
N LEU D 190 13.00 -35.05 -62.29
CA LEU D 190 12.05 -36.14 -62.32
C LEU D 190 10.65 -35.63 -62.01
N LYS D 191 10.53 -34.75 -61.01
CA LYS D 191 9.24 -34.12 -60.71
C LYS D 191 8.79 -33.23 -61.87
N ASN D 192 9.74 -32.55 -62.53
CA ASN D 192 9.45 -31.79 -63.74
C ASN D 192 8.73 -32.65 -64.76
N ALA D 193 9.34 -33.80 -65.08
CA ALA D 193 8.76 -34.68 -66.09
C ALA D 193 7.43 -35.26 -65.64
N ARG D 194 7.31 -35.60 -64.35
CA ARG D 194 6.02 -36.09 -63.86
C ARG D 194 4.92 -35.05 -64.01
N VAL D 195 5.20 -33.80 -63.66
CA VAL D 195 4.19 -32.75 -63.78
C VAL D 195 3.86 -32.49 -65.24
N ASN D 196 4.87 -32.54 -66.11
CA ASN D 196 4.59 -32.40 -67.54
C ASN D 196 3.68 -33.51 -68.04
N ARG D 197 3.94 -34.75 -67.61
CA ARG D 197 3.11 -35.86 -68.04
C ARG D 197 1.69 -35.72 -67.50
N LEU D 198 1.55 -35.24 -66.27
CA LEU D 198 0.22 -35.01 -65.70
C LEU D 198 -0.53 -33.93 -66.48
N ALA D 199 0.16 -32.85 -66.86
CA ALA D 199 -0.47 -31.83 -67.67
C ALA D 199 -0.89 -32.38 -69.03
N ILE D 200 -0.05 -33.24 -69.61
CA ILE D 200 -0.40 -33.85 -70.89
C ILE D 200 -1.64 -34.72 -70.76
N GLN D 201 -1.73 -35.48 -69.68
CA GLN D 201 -2.84 -36.43 -69.52
C GLN D 201 -3.94 -35.92 -68.60
N GLY D 202 -4.03 -34.61 -68.46
CA GLY D 202 -5.20 -34.04 -67.82
C GLY D 202 -6.03 -33.19 -68.76
N ARG D 203 -5.93 -33.47 -70.06
CA ARG D 203 -6.65 -32.71 -71.08
C ARG D 203 -7.50 -33.64 -71.94
N ASN D 204 -8.71 -33.19 -72.26
CA ASN D 204 -9.54 -33.92 -73.21
C ASN D 204 -9.05 -33.65 -74.63
N SER D 205 -9.76 -34.25 -75.60
CA SER D 205 -9.32 -34.22 -76.98
C SER D 205 -9.25 -32.80 -77.52
N THR D 206 -10.26 -31.99 -77.25
CA THR D 206 -10.36 -30.68 -77.88
C THR D 206 -9.19 -29.78 -77.45
N MET D 207 -9.03 -29.58 -76.14
CA MET D 207 -7.97 -28.69 -75.69
C MET D 207 -6.60 -29.33 -75.86
N ALA D 208 -6.51 -30.66 -75.83
CA ALA D 208 -5.24 -31.31 -76.14
C ALA D 208 -4.81 -31.02 -77.57
N ILE D 209 -5.75 -31.12 -78.51
CA ILE D 209 -5.44 -30.80 -79.91
C ILE D 209 -5.06 -29.33 -80.03
N LYS D 210 -5.81 -28.45 -79.37
CA LYS D 210 -5.48 -27.03 -79.43
C LYS D 210 -4.05 -26.78 -78.96
N ALA D 211 -3.68 -27.32 -77.80
CA ALA D 211 -2.35 -27.09 -77.26
C ALA D 211 -1.28 -27.67 -78.18
N TYR D 212 -1.46 -28.92 -78.60
CA TYR D 212 -0.43 -29.58 -79.41
C TYR D 212 -0.21 -28.85 -80.73
N VAL D 213 -1.30 -28.50 -81.42
CA VAL D 213 -1.15 -27.87 -82.74
C VAL D 213 -0.67 -26.43 -82.59
N SER D 214 -1.09 -25.73 -81.54
CA SER D 214 -0.57 -24.38 -81.33
C SER D 214 0.91 -24.40 -80.98
N ALA D 215 1.39 -25.50 -80.39
CA ALA D 215 2.82 -25.61 -80.12
C ALA D 215 3.65 -25.70 -81.39
N VAL D 216 3.04 -26.05 -82.52
CA VAL D 216 3.77 -26.15 -83.79
C VAL D 216 4.16 -24.76 -84.26
N PRO D 217 5.36 -24.56 -84.78
CA PRO D 217 5.72 -23.25 -85.34
C PRO D 217 4.92 -22.94 -86.60
N ASN D 218 4.84 -21.64 -86.89
CA ASN D 218 4.15 -21.08 -88.05
C ASN D 218 2.64 -21.30 -88.02
N VAL D 219 2.11 -21.85 -86.92
CA VAL D 219 0.67 -22.04 -86.77
C VAL D 219 0.12 -20.80 -86.08
N THR D 220 -0.53 -19.93 -86.86
CA THR D 220 -1.04 -18.68 -86.28
C THR D 220 -2.26 -18.93 -85.41
N SER D 221 -3.16 -19.80 -85.83
CA SER D 221 -4.37 -20.06 -85.07
C SER D 221 -4.93 -21.44 -85.40
N VAL D 222 -5.82 -21.91 -84.55
CA VAL D 222 -6.38 -23.24 -84.64
C VAL D 222 -7.85 -23.19 -84.28
N ASN D 223 -8.66 -24.01 -84.96
CA ASN D 223 -10.07 -24.14 -84.65
C ASN D 223 -10.41 -25.61 -84.55
N VAL D 224 -10.83 -26.05 -83.36
CA VAL D 224 -11.14 -27.45 -83.09
C VAL D 224 -12.63 -27.55 -82.82
N ILE D 225 -13.28 -28.50 -83.50
CA ILE D 225 -14.73 -28.66 -83.45
C ILE D 225 -15.05 -30.14 -83.30
N GLU D 226 -16.01 -30.46 -82.45
CA GLU D 226 -16.34 -31.84 -82.13
C GLU D 226 -17.83 -32.09 -82.35
N ASN D 227 -18.15 -33.19 -83.03
CA ASN D 227 -19.56 -33.48 -83.31
C ASN D 227 -20.37 -33.73 -82.03
N ASN D 228 -20.06 -34.83 -81.34
CA ASN D 228 -20.71 -35.18 -80.07
C ASN D 228 -22.23 -35.22 -80.19
N THR D 229 -22.76 -35.64 -81.33
CA THR D 229 -24.19 -35.76 -81.50
C THR D 229 -24.65 -37.04 -82.18
N GLY D 230 -23.77 -37.75 -82.89
CA GLY D 230 -24.21 -38.92 -83.63
C GLY D 230 -25.17 -38.60 -84.75
N ALA D 231 -25.03 -37.44 -85.39
CA ALA D 231 -25.92 -37.02 -86.46
C ALA D 231 -25.23 -35.95 -87.27
N VAL D 232 -25.20 -36.16 -88.59
CA VAL D 232 -24.51 -35.24 -89.50
C VAL D 232 -25.28 -33.93 -89.53
N GLN D 233 -24.67 -32.86 -89.03
CA GLN D 233 -25.33 -31.57 -88.96
C GLN D 233 -24.32 -30.46 -88.68
N VAL D 234 -24.84 -29.24 -88.65
CA VAL D 234 -24.04 -28.03 -88.45
C VAL D 234 -24.30 -27.50 -87.04
N VAL D 235 -23.23 -27.25 -86.28
CA VAL D 235 -23.41 -26.77 -84.91
C VAL D 235 -22.63 -25.47 -84.63
N ASN D 236 -21.54 -25.21 -85.36
CA ASN D 236 -20.93 -23.87 -85.46
C ASN D 236 -21.40 -23.12 -86.68
N GLY D 237 -21.56 -23.83 -87.78
CA GLY D 237 -21.39 -23.26 -89.11
C GLY D 237 -20.40 -24.05 -89.93
N VAL D 238 -19.89 -25.15 -89.38
CA VAL D 238 -19.14 -26.16 -90.13
C VAL D 238 -20.03 -27.39 -90.26
N SER D 239 -20.31 -27.80 -91.49
CA SER D 239 -21.18 -28.92 -91.74
C SER D 239 -20.36 -30.21 -91.61
N PHE D 240 -20.75 -31.07 -90.68
CA PHE D 240 -20.02 -32.31 -90.45
C PHE D 240 -20.36 -33.32 -91.54
N THR D 241 -19.68 -34.46 -91.49
CA THR D 241 -19.97 -35.56 -92.40
C THR D 241 -20.00 -36.92 -91.73
N LEU D 242 -19.66 -37.03 -90.45
CA LEU D 242 -19.69 -38.28 -89.72
C LEU D 242 -20.40 -38.08 -88.39
N PRO D 243 -21.05 -39.13 -87.87
CA PRO D 243 -21.77 -38.97 -86.59
C PRO D 243 -20.85 -38.69 -85.42
N TYR D 244 -19.68 -39.31 -85.36
CA TYR D 244 -18.73 -39.12 -84.26
C TYR D 244 -17.37 -38.76 -84.85
N ALA D 245 -17.00 -37.50 -84.77
CA ALA D 245 -15.74 -37.05 -85.36
C ALA D 245 -15.34 -35.71 -84.78
N VAL D 246 -14.10 -35.32 -85.10
CA VAL D 246 -13.55 -34.02 -84.75
C VAL D 246 -12.96 -33.40 -86.01
N TRP D 247 -13.34 -32.15 -86.29
CA TRP D 247 -12.86 -31.39 -87.42
C TRP D 247 -11.91 -30.31 -86.92
N VAL D 248 -10.73 -30.24 -87.53
CA VAL D 248 -9.67 -29.34 -87.08
C VAL D 248 -9.22 -28.48 -88.26
N CYS D 249 -9.04 -27.19 -87.99
CA CYS D 249 -8.56 -26.23 -88.98
C CYS D 249 -7.31 -25.55 -88.44
N VAL D 250 -6.25 -25.55 -89.23
CA VAL D 250 -4.94 -25.01 -88.83
C VAL D 250 -4.58 -23.89 -89.79
N ALA D 251 -4.25 -22.72 -89.23
CA ALA D 251 -3.91 -21.56 -90.04
C ALA D 251 -2.41 -21.49 -90.27
N GLY D 252 -1.95 -20.38 -90.83
CA GLY D 252 -0.52 -20.18 -91.03
C GLY D 252 0.03 -21.00 -92.19
N ASN D 253 1.36 -21.12 -92.19
CA ASN D 253 2.10 -21.86 -93.22
C ASN D 253 3.06 -22.88 -92.61
N PRO D 254 2.55 -23.76 -91.76
CA PRO D 254 3.41 -24.60 -90.93
C PRO D 254 4.00 -25.75 -91.72
N ASP D 255 4.80 -26.55 -91.04
CA ASP D 255 5.36 -27.77 -91.63
C ASP D 255 4.32 -28.87 -91.53
N LYS D 256 3.96 -29.45 -92.69
CA LYS D 256 2.86 -30.39 -92.75
C LYS D 256 3.14 -31.62 -91.90
N GLN D 257 4.35 -32.17 -91.98
CA GLN D 257 4.68 -33.36 -91.21
C GLN D 257 4.69 -33.05 -89.71
N ALA D 258 5.21 -31.89 -89.32
CA ALA D 258 5.25 -31.54 -87.91
C ALA D 258 3.85 -31.39 -87.33
N VAL D 259 2.97 -30.66 -88.03
CA VAL D 259 1.62 -30.48 -87.52
C VAL D 259 0.88 -31.82 -87.53
N ALA D 260 1.14 -32.66 -88.53
CA ALA D 260 0.53 -33.98 -88.57
C ALA D 260 0.94 -34.79 -87.36
N ASP D 261 2.23 -34.79 -87.03
CA ASP D 261 2.71 -35.56 -85.88
C ASP D 261 2.12 -35.04 -84.58
N ALA D 262 2.07 -33.71 -84.42
CA ALA D 262 1.53 -33.14 -83.19
C ALA D 262 0.04 -33.47 -83.04
N LEU D 263 -0.73 -33.27 -84.10
CA LEU D 263 -2.16 -33.54 -84.03
C LEU D 263 -2.43 -35.04 -83.92
N TRP D 264 -1.52 -35.87 -84.41
CA TRP D 264 -1.61 -37.31 -84.17
C TRP D 264 -1.40 -37.62 -82.70
N ALA D 265 -0.40 -37.00 -82.08
CA ALA D 265 -0.14 -37.23 -80.67
C ALA D 265 -1.27 -36.70 -79.78
N ALA D 266 -1.97 -35.67 -80.23
CA ALA D 266 -3.06 -35.07 -79.46
C ALA D 266 -4.41 -35.71 -79.74
N HIS D 267 -4.43 -36.77 -80.54
CA HIS D 267 -5.67 -37.45 -80.88
C HIS D 267 -6.37 -37.99 -79.64
N ASN D 268 -7.71 -38.01 -79.67
CA ASN D 268 -8.44 -38.60 -78.55
C ASN D 268 -8.37 -40.10 -78.56
N GLY D 269 -8.76 -40.72 -79.67
CA GLY D 269 -8.97 -42.15 -79.67
C GLY D 269 -10.38 -42.57 -80.01
N GLY D 270 -10.53 -43.47 -80.99
CA GLY D 270 -11.84 -43.92 -81.38
C GLY D 270 -12.47 -42.96 -82.36
N THR D 271 -12.45 -41.69 -82.01
CA THR D 271 -12.91 -40.63 -82.90
C THR D 271 -12.01 -40.59 -84.13
N PRO D 272 -12.54 -40.75 -85.33
CA PRO D 272 -11.74 -40.53 -86.53
C PRO D 272 -11.88 -39.10 -87.03
N TRP D 273 -10.82 -38.62 -87.66
CA TRP D 273 -10.88 -37.30 -88.27
C TRP D 273 -11.60 -37.39 -89.61
N ASP D 274 -12.38 -36.36 -89.92
CA ASP D 274 -13.02 -36.25 -91.21
C ASP D 274 -12.69 -34.91 -91.83
N TYR D 275 -12.49 -34.91 -93.14
CA TYR D 275 -12.18 -33.69 -93.86
C TYR D 275 -13.36 -32.73 -93.92
N GLY D 276 -14.55 -33.19 -93.56
CA GLY D 276 -15.75 -32.37 -93.69
C GLY D 276 -16.38 -32.51 -95.05
N ALA D 277 -17.46 -31.74 -95.25
CA ALA D 277 -18.16 -31.74 -96.51
C ALA D 277 -17.43 -30.83 -97.50
N THR D 278 -18.05 -30.57 -98.64
CA THR D 278 -17.45 -29.70 -99.65
C THR D 278 -17.33 -28.28 -99.12
N ASN D 279 -16.25 -27.60 -99.52
CA ASN D 279 -15.92 -26.24 -99.12
C ASN D 279 -16.20 -25.99 -97.64
N ASN D 280 -15.74 -26.92 -96.81
CA ASN D 280 -15.73 -26.78 -95.35
C ASN D 280 -14.31 -26.51 -94.85
N GLY D 281 -13.57 -25.71 -95.61
CA GLY D 281 -12.14 -25.56 -95.39
C GLY D 281 -11.40 -26.43 -96.39
N VAL D 282 -10.25 -25.97 -96.87
CA VAL D 282 -9.52 -26.66 -97.92
C VAL D 282 -9.10 -28.04 -97.42
N PRO D 283 -9.64 -29.12 -97.99
CA PRO D 283 -9.23 -30.47 -97.58
C PRO D 283 -7.87 -30.86 -98.18
N VAL D 284 -6.84 -30.12 -97.77
CA VAL D 284 -5.50 -30.27 -98.34
C VAL D 284 -4.92 -31.62 -97.94
N ASP D 285 -3.81 -31.99 -98.58
CA ASP D 285 -3.17 -33.31 -98.48
C ASP D 285 -4.00 -34.40 -99.14
N GLY D 286 -4.89 -34.04 -100.06
CA GLY D 286 -5.66 -35.01 -100.81
C GLY D 286 -6.86 -35.52 -100.03
N PRO D 287 -7.70 -36.32 -100.70
CA PRO D 287 -8.84 -36.91 -100.00
C PRO D 287 -8.44 -37.81 -98.85
N ASN D 288 -7.31 -38.49 -98.96
CA ASN D 288 -6.81 -39.36 -97.89
C ASN D 288 -5.88 -38.58 -96.97
N GLY D 289 -5.90 -38.95 -95.69
CA GLY D 289 -5.05 -38.29 -94.73
C GLY D 289 -3.59 -38.67 -94.90
N VAL D 290 -2.73 -37.89 -94.25
CA VAL D 290 -1.29 -38.15 -94.32
C VAL D 290 -0.94 -39.28 -93.35
N PRO D 291 -0.09 -40.23 -93.75
CA PRO D 291 0.41 -41.22 -92.78
C PRO D 291 1.66 -40.75 -92.07
N VAL D 292 1.67 -40.95 -90.75
CA VAL D 292 2.76 -40.54 -89.88
C VAL D 292 3.18 -41.72 -89.03
N ARG D 293 4.48 -42.02 -89.00
CA ARG D 293 4.97 -43.17 -88.26
C ARG D 293 4.87 -42.88 -86.77
N ASP D 294 4.13 -43.72 -86.07
CA ASP D 294 4.07 -43.61 -84.62
C ASP D 294 5.46 -43.84 -84.04
N PRO D 295 6.00 -42.90 -83.26
CA PRO D 295 7.34 -43.10 -82.70
C PRO D 295 7.45 -44.35 -81.84
N ALA D 296 6.34 -44.77 -81.24
CA ALA D 296 6.34 -45.90 -80.34
C ALA D 296 6.46 -47.22 -81.09
N SER D 297 5.54 -47.47 -82.02
CA SER D 297 5.48 -48.72 -82.76
C SER D 297 5.57 -48.40 -84.24
N GLY D 298 6.25 -49.28 -84.97
CA GLY D 298 6.43 -49.07 -86.40
C GLY D 298 5.15 -48.88 -87.17
N ARG D 299 3.99 -49.16 -86.56
CA ARG D 299 2.72 -48.85 -87.18
C ARG D 299 2.54 -47.34 -87.27
N LYS D 300 2.15 -46.87 -88.45
CA LYS D 300 1.88 -45.47 -88.69
C LYS D 300 0.44 -45.18 -88.28
N TYR D 301 -0.02 -43.94 -88.46
CA TYR D 301 -1.43 -43.59 -88.30
C TYR D 301 -1.75 -42.49 -89.31
N VAL D 302 -3.01 -42.38 -89.71
CA VAL D 302 -3.43 -41.39 -90.69
C VAL D 302 -4.04 -40.19 -89.98
N VAL D 303 -3.75 -39.00 -90.52
CA VAL D 303 -4.12 -37.73 -89.93
C VAL D 303 -4.84 -36.90 -90.98
N LYS D 304 -5.98 -36.32 -90.61
CA LYS D 304 -6.75 -35.48 -91.52
C LYS D 304 -7.03 -34.14 -90.87
N TRP D 305 -6.67 -33.06 -91.56
CA TRP D 305 -7.01 -31.71 -91.12
C TRP D 305 -7.13 -30.82 -92.35
N THR D 306 -7.85 -29.72 -92.17
CA THR D 306 -8.18 -28.82 -93.28
C THR D 306 -7.62 -27.43 -93.01
N THR D 307 -7.03 -26.84 -94.05
CA THR D 307 -6.65 -25.43 -93.93
C THR D 307 -7.86 -24.54 -94.23
N PRO D 308 -7.89 -23.33 -93.67
CA PRO D 308 -9.06 -22.47 -93.86
C PRO D 308 -9.17 -21.96 -95.29
N ILE D 309 -10.39 -21.56 -95.65
CA ILE D 309 -10.61 -20.93 -96.94
C ILE D 309 -9.99 -19.54 -96.90
N MET D 310 -9.18 -19.24 -97.90
CA MET D 310 -8.44 -17.97 -97.91
C MET D 310 -9.29 -16.88 -98.55
N TYR D 311 -9.40 -15.74 -97.87
CA TYR D 311 -10.11 -14.59 -98.41
C TYR D 311 -9.21 -13.37 -98.35
N ASP D 312 -9.41 -12.47 -99.30
CA ASP D 312 -8.79 -11.16 -99.29
C ASP D 312 -9.80 -10.15 -98.74
N GLY D 313 -9.36 -9.35 -97.77
CA GLY D 313 -10.20 -8.35 -97.15
C GLY D 313 -9.79 -6.96 -97.60
N TYR D 314 -10.76 -6.20 -98.08
CA TYR D 314 -10.55 -4.86 -98.59
C TYR D 314 -11.22 -3.85 -97.67
N VAL D 315 -10.55 -2.72 -97.46
CA VAL D 315 -11.03 -1.69 -96.55
C VAL D 315 -11.01 -0.36 -97.29
N ASN D 316 -12.09 0.40 -97.17
CA ASN D 316 -12.17 1.77 -97.64
C ASN D 316 -12.31 2.69 -96.43
N VAL D 317 -11.46 3.69 -96.34
CA VAL D 317 -11.51 4.64 -95.23
C VAL D 317 -11.41 6.05 -95.78
N THR D 318 -12.15 6.97 -95.14
CA THR D 318 -12.22 8.36 -95.59
C THR D 318 -11.84 9.30 -94.47
N VAL D 319 -10.71 9.02 -93.81
CA VAL D 319 -10.27 9.83 -92.69
C VAL D 319 -9.97 11.26 -93.13
N GLN D 320 -10.07 12.18 -92.18
CA GLN D 320 -9.73 13.58 -92.37
C GLN D 320 -8.38 13.86 -91.70
N GLN D 321 -7.48 14.51 -92.43
CA GLN D 321 -6.18 14.86 -91.87
C GLN D 321 -6.34 15.86 -90.73
N GLY D 322 -5.68 15.58 -89.61
CA GLY D 322 -5.71 16.45 -88.45
C GLY D 322 -4.64 17.52 -88.52
N SER D 323 -4.37 18.12 -87.35
CA SER D 323 -3.31 19.12 -87.28
C SER D 323 -1.95 18.50 -87.60
N SER D 324 -1.69 17.30 -87.06
CA SER D 324 -0.49 16.57 -87.41
C SER D 324 -0.68 15.84 -88.73
N SER D 325 0.36 15.86 -89.56
CA SER D 325 0.32 15.21 -90.87
C SER D 325 0.66 13.74 -90.73
N VAL D 326 -0.13 12.89 -91.39
CA VAL D 326 0.10 11.45 -91.44
C VAL D 326 -0.12 10.97 -92.86
N ALA D 327 0.77 10.08 -93.32
CA ALA D 327 0.63 9.56 -94.67
C ALA D 327 -0.32 8.36 -94.68
N PRO D 328 -1.00 8.13 -95.80
CA PRO D 328 -1.86 6.94 -95.89
C PRO D 328 -1.11 5.63 -95.69
N GLU D 329 0.19 5.60 -96.00
CA GLU D 329 0.98 4.41 -95.76
C GLU D 329 0.97 4.01 -94.30
N ALA D 330 0.98 5.01 -93.40
CA ALA D 330 0.90 4.71 -91.98
C ALA D 330 -0.42 4.04 -91.62
N ILE D 331 -1.52 4.51 -92.19
CA ILE D 331 -2.83 3.90 -91.94
C ILE D 331 -2.84 2.46 -92.44
N GLN D 332 -2.33 2.24 -93.66
CA GLN D 332 -2.29 0.89 -94.20
C GLN D 332 -1.44 -0.02 -93.34
N ASN D 333 -0.28 0.47 -92.89
CA ASN D 333 0.58 -0.34 -92.04
C ASN D 333 -0.09 -0.65 -90.71
N ALA D 334 -0.80 0.32 -90.14
CA ALA D 334 -1.49 0.07 -88.88
C ALA D 334 -2.57 -1.00 -89.04
N VAL D 335 -3.36 -0.92 -90.11
CA VAL D 335 -4.45 -1.89 -90.26
C VAL D 335 -3.92 -3.28 -90.57
N VAL D 336 -2.88 -3.39 -91.42
CA VAL D 336 -2.33 -4.71 -91.70
C VAL D 336 -1.64 -5.27 -90.45
N ASN D 337 -0.99 -4.40 -89.67
CA ASN D 337 -0.33 -4.83 -88.45
C ASN D 337 -1.34 -5.36 -87.45
N TYR D 338 -2.51 -4.72 -87.34
CA TYR D 338 -3.56 -5.26 -86.49
C TYR D 338 -4.08 -6.59 -87.05
N ALA D 339 -4.30 -6.66 -88.36
CA ALA D 339 -4.90 -7.85 -88.96
C ALA D 339 -4.01 -9.06 -88.76
N GLN D 340 -2.70 -8.89 -88.91
CA GLN D 340 -1.77 -10.00 -88.68
C GLN D 340 -1.72 -10.43 -87.23
N GLY D 341 -2.25 -9.64 -86.31
CA GLY D 341 -2.27 -10.01 -84.90
C GLY D 341 -1.12 -9.47 -84.07
N LYS D 342 -0.35 -8.53 -84.61
CA LYS D 342 0.81 -8.00 -83.89
C LYS D 342 0.43 -7.02 -82.78
N VAL D 343 -0.81 -6.56 -82.75
CA VAL D 343 -1.23 -5.59 -81.74
C VAL D 343 -1.50 -6.32 -80.43
N GLU D 344 -1.08 -5.71 -79.33
CA GLU D 344 -1.36 -6.24 -78.00
C GLU D 344 -2.86 -6.21 -77.72
N GLY D 345 -3.39 -7.31 -77.20
CA GLY D 345 -4.79 -7.38 -76.84
C GLY D 345 -5.70 -7.96 -77.91
N GLU D 346 -5.82 -7.28 -79.04
CA GLU D 346 -6.73 -7.74 -80.09
C GLU D 346 -6.19 -9.01 -80.74
N GLU D 347 -7.07 -9.99 -80.93
CA GLU D 347 -6.64 -11.28 -81.45
C GLU D 347 -6.19 -11.17 -82.90
N GLY D 348 -6.87 -10.37 -83.70
CA GLY D 348 -6.61 -10.30 -85.12
C GLY D 348 -7.55 -11.16 -85.92
N LEU D 349 -7.18 -11.39 -87.18
CA LEU D 349 -8.00 -12.16 -88.10
C LEU D 349 -7.59 -13.63 -88.08
N VAL D 350 -7.87 -14.26 -86.93
CA VAL D 350 -7.65 -15.69 -86.74
C VAL D 350 -8.73 -16.45 -87.50
N VAL D 351 -8.58 -17.77 -87.62
CA VAL D 351 -9.56 -18.60 -88.30
C VAL D 351 -10.94 -18.35 -87.71
N GLY D 352 -11.91 -18.08 -88.58
CA GLY D 352 -13.26 -17.81 -88.15
C GLY D 352 -13.44 -16.52 -87.38
N ALA D 353 -12.73 -15.46 -87.77
CA ALA D 353 -12.89 -14.14 -87.18
C ALA D 353 -13.55 -13.24 -88.20
N SER D 354 -14.70 -12.69 -87.84
CA SER D 354 -15.46 -11.88 -88.78
C SER D 354 -14.85 -10.50 -88.95
N LEU D 355 -14.96 -9.95 -90.16
CA LEU D 355 -14.35 -8.67 -90.52
C LEU D 355 -15.31 -7.55 -90.16
N SER D 356 -15.02 -6.84 -89.07
CA SER D 356 -15.84 -5.72 -88.62
C SER D 356 -15.15 -4.42 -88.96
N ALA D 357 -15.85 -3.57 -89.73
CA ALA D 357 -15.33 -2.23 -90.00
C ALA D 357 -15.15 -1.45 -88.72
N PHE D 358 -15.96 -1.73 -87.71
CA PHE D 358 -15.78 -1.10 -86.41
C PHE D 358 -14.50 -1.58 -85.73
N GLU D 359 -14.15 -2.85 -85.91
CA GLU D 359 -12.87 -3.34 -85.40
C GLU D 359 -11.71 -2.68 -86.14
N VAL D 360 -11.83 -2.52 -87.46
CA VAL D 360 -10.79 -1.83 -88.23
C VAL D 360 -10.65 -0.39 -87.75
N ALA D 361 -11.76 0.30 -87.55
CA ALA D 361 -11.73 1.66 -87.05
C ALA D 361 -11.13 1.70 -85.65
N GLY D 362 -11.38 0.67 -84.85
CA GLY D 362 -10.76 0.60 -83.54
C GLY D 362 -9.26 0.51 -83.62
N ALA D 363 -8.75 -0.35 -84.51
CA ALA D 363 -7.31 -0.47 -84.69
C ALA D 363 -6.70 0.85 -85.17
N ILE D 364 -7.36 1.50 -86.14
CA ILE D 364 -6.82 2.74 -86.68
C ILE D 364 -6.87 3.86 -85.65
N ALA D 365 -7.93 3.92 -84.84
CA ALA D 365 -7.99 4.94 -83.80
C ALA D 365 -7.00 4.65 -82.68
N ARG D 366 -6.69 3.38 -82.43
CA ARG D 366 -5.72 3.03 -81.40
C ARG D 366 -4.30 3.38 -81.83
N GLU D 367 -3.96 3.10 -83.09
CA GLU D 367 -2.60 3.39 -83.55
C GLU D 367 -2.41 4.84 -83.92
N ILE D 368 -3.43 5.48 -84.49
CA ILE D 368 -3.34 6.85 -85.01
C ILE D 368 -4.43 7.70 -84.37
N PRO D 369 -4.28 8.14 -83.12
CA PRO D 369 -5.25 9.08 -82.56
C PRO D 369 -5.10 10.46 -83.18
N GLY D 370 -6.09 11.29 -82.94
CA GLY D 370 -6.12 12.65 -83.45
C GLY D 370 -6.82 12.80 -84.77
N ILE D 371 -6.55 11.90 -85.72
CA ILE D 371 -7.27 11.93 -86.97
C ILE D 371 -8.73 11.55 -86.74
N TYR D 372 -9.60 12.08 -87.59
CA TYR D 372 -11.03 11.82 -87.52
C TYR D 372 -11.40 10.82 -88.60
N ILE D 373 -12.14 9.78 -88.22
CA ILE D 373 -12.58 8.77 -89.18
C ILE D 373 -14.00 9.10 -89.59
N LYS D 374 -14.17 9.41 -90.89
CA LYS D 374 -15.47 9.79 -91.42
C LYS D 374 -16.29 8.57 -91.82
N LEU D 375 -15.69 7.64 -92.55
CA LEU D 375 -16.39 6.44 -92.98
C LEU D 375 -15.39 5.31 -93.16
N CYS D 376 -15.73 4.14 -92.63
CA CYS D 376 -14.96 2.92 -92.79
C CYS D 376 -15.87 1.82 -93.32
N GLN D 377 -15.45 1.18 -94.40
CA GLN D 377 -16.23 0.14 -95.07
C GLN D 377 -15.33 -1.05 -95.30
N VAL D 378 -15.89 -2.25 -95.20
CA VAL D 378 -15.12 -3.48 -95.36
C VAL D 378 -15.81 -4.39 -96.36
N ALA D 379 -15.02 -5.20 -97.04
CA ALA D 379 -15.52 -6.19 -97.98
C ALA D 379 -14.56 -7.37 -97.99
N CYS D 380 -15.05 -8.51 -98.45
CA CYS D 380 -14.28 -9.74 -98.43
C CYS D 380 -14.57 -10.55 -99.68
N VAL D 381 -13.51 -10.97 -100.38
CA VAL D 381 -13.65 -11.75 -101.60
C VAL D 381 -12.75 -12.97 -101.51
N ALA D 382 -12.99 -13.93 -102.39
CA ALA D 382 -12.14 -15.10 -102.46
C ALA D 382 -10.77 -14.73 -103.01
N ALA D 383 -9.79 -15.58 -102.70
CA ALA D 383 -8.42 -15.32 -103.14
C ALA D 383 -8.31 -15.44 -104.66
N GLY D 384 -7.44 -14.61 -105.24
CA GLY D 384 -7.25 -14.60 -106.68
C GLY D 384 -8.47 -14.15 -107.46
N SER D 385 -9.16 -13.13 -106.96
CA SER D 385 -10.36 -12.61 -107.60
C SER D 385 -10.26 -11.09 -107.70
N PRO D 386 -10.95 -10.49 -108.68
CA PRO D 386 -10.93 -9.03 -108.81
C PRO D 386 -11.48 -8.36 -107.56
N ALA D 387 -10.93 -7.18 -107.26
CA ALA D 387 -11.40 -6.42 -106.12
C ALA D 387 -12.85 -6.00 -106.32
N PRO D 388 -13.67 -6.06 -105.28
CA PRO D 388 -15.08 -5.70 -105.44
C PRO D 388 -15.25 -4.23 -105.77
N ALA D 389 -16.25 -3.92 -106.59
CA ALA D 389 -16.49 -2.54 -106.99
C ALA D 389 -17.13 -1.77 -105.83
N PRO D 390 -16.94 -0.46 -105.79
CA PRO D 390 -17.62 0.37 -104.78
C PRO D 390 -19.13 0.13 -104.82
N GLY D 391 -19.72 0.07 -103.63
CA GLY D 391 -21.11 -0.31 -103.46
C GLY D 391 -21.30 -1.74 -102.99
N ASP D 392 -20.35 -2.62 -103.32
CA ASP D 392 -20.35 -3.96 -102.75
C ASP D 392 -19.85 -3.97 -101.31
N PHE D 393 -19.15 -2.93 -100.89
CA PHE D 393 -18.65 -2.84 -99.52
C PHE D 393 -19.82 -2.69 -98.54
N THR D 394 -19.62 -3.19 -97.33
CA THR D 394 -20.65 -3.17 -96.30
C THR D 394 -20.08 -2.56 -95.02
N SER D 395 -20.97 -2.30 -94.06
CA SER D 395 -20.56 -1.75 -92.78
C SER D 395 -19.94 -2.79 -91.86
N GLU D 396 -20.14 -4.07 -92.14
CA GLU D 396 -19.57 -5.15 -91.34
C GLU D 396 -19.77 -6.46 -92.09
N TYR D 397 -18.73 -7.30 -92.08
CA TYR D 397 -18.76 -8.57 -92.79
C TYR D 397 -18.65 -9.71 -91.77
N VAL D 398 -19.57 -10.66 -91.84
CA VAL D 398 -19.57 -11.84 -91.00
C VAL D 398 -18.94 -12.97 -91.79
N MET D 399 -18.12 -13.79 -91.13
CA MET D 399 -17.27 -14.74 -91.83
C MET D 399 -17.43 -16.13 -91.22
N SER D 400 -17.34 -17.15 -92.08
CA SER D 400 -17.60 -18.52 -91.68
C SER D 400 -16.52 -19.01 -90.71
N ALA D 401 -16.72 -20.23 -90.22
CA ALA D 401 -15.87 -20.80 -89.18
C ALA D 401 -14.65 -21.53 -89.73
N PHE D 402 -14.43 -21.52 -91.04
CA PHE D 402 -13.28 -22.19 -91.63
C PHE D 402 -12.62 -21.30 -92.66
N GLY D 403 -12.49 -20.01 -92.36
CA GLY D 403 -11.87 -19.09 -93.28
C GLY D 403 -10.91 -18.16 -92.55
N GLN D 404 -9.99 -17.61 -93.33
CA GLN D 404 -9.06 -16.59 -92.83
C GLN D 404 -8.96 -15.47 -93.85
N ALA D 405 -9.03 -14.23 -93.37
CA ALA D 405 -9.00 -13.05 -94.20
C ALA D 405 -7.66 -12.35 -94.04
N THR D 406 -7.03 -12.04 -95.17
CA THR D 406 -5.75 -11.33 -95.18
C THR D 406 -5.95 -9.96 -95.80
N ILE D 407 -5.33 -8.96 -95.20
CA ILE D 407 -5.30 -7.60 -95.73
C ILE D 407 -3.85 -7.23 -95.97
N SER D 408 -3.53 -6.84 -97.20
CA SER D 408 -2.20 -6.36 -97.54
C SER D 408 -2.21 -4.84 -97.59
N VAL D 409 -1.04 -4.26 -97.89
CA VAL D 409 -0.96 -2.81 -98.04
C VAL D 409 -1.77 -2.33 -99.22
N GLY D 410 -1.97 -3.18 -100.23
CA GLY D 410 -2.73 -2.80 -101.42
C GLY D 410 -4.22 -2.95 -101.33
N ASN D 411 -4.75 -3.48 -100.23
CA ASN D 411 -6.18 -3.68 -100.07
C ASN D 411 -6.83 -2.61 -99.21
N VAL D 412 -6.12 -1.52 -98.92
CA VAL D 412 -6.64 -0.41 -98.13
C VAL D 412 -6.68 0.83 -99.02
N ARG D 413 -7.84 1.47 -99.07
CA ARG D 413 -8.06 2.66 -99.89
C ARG D 413 -8.33 3.84 -98.95
N VAL D 414 -7.34 4.71 -98.80
CA VAL D 414 -7.43 5.87 -97.91
C VAL D 414 -7.75 7.10 -98.74
N THR D 415 -8.79 7.83 -98.33
CA THR D 415 -9.20 9.05 -98.99
C THR D 415 -9.11 10.20 -98.01
N PHE D 416 -8.39 11.26 -98.40
CA PHE D 416 -8.26 12.46 -97.57
C PHE D 416 -9.38 13.41 -97.96
N VAL D 417 -10.45 13.43 -97.17
CA VAL D 417 -11.59 14.28 -97.45
C VAL D 417 -11.49 15.58 -96.66
N ALA E 2 -1.55 -32.90 31.92
CA ALA E 2 -0.13 -32.94 31.59
C ALA E 2 0.14 -33.89 30.43
N ASN E 3 -0.36 -35.12 30.55
CA ASN E 3 -0.19 -36.14 29.52
C ASN E 3 -1.29 -36.11 28.47
N TYR E 4 -2.23 -35.16 28.56
CA TYR E 4 -3.32 -34.97 27.60
C TYR E 4 -4.16 -36.26 27.57
N ASN E 5 -4.84 -36.51 26.46
CA ASN E 5 -5.58 -37.75 26.21
C ASN E 5 -5.04 -38.29 24.89
N TYR E 6 -4.02 -39.13 24.96
CA TYR E 6 -3.34 -39.58 23.76
C TYR E 6 -3.99 -40.81 23.14
N ILE E 7 -5.11 -41.28 23.69
CA ILE E 7 -5.86 -42.39 23.11
C ILE E 7 -6.99 -41.89 22.23
N VAL E 8 -7.78 -40.94 22.72
CA VAL E 8 -8.90 -40.31 22.02
C VAL E 8 -9.77 -41.36 21.32
N ASP E 9 -10.60 -40.93 20.37
CA ASP E 9 -11.47 -41.86 19.65
C ASP E 9 -10.97 -42.20 18.26
N THR E 10 -10.23 -41.32 17.60
CA THR E 10 -9.77 -41.58 16.24
C THR E 10 -8.39 -42.24 16.26
N GLY E 11 -8.26 -43.28 17.07
CA GLY E 11 -7.00 -44.00 17.18
C GLY E 11 -6.01 -43.31 18.11
N VAL E 12 -4.91 -43.99 18.44
CA VAL E 12 -3.97 -43.48 19.42
C VAL E 12 -3.18 -42.31 18.84
N ILE E 13 -3.12 -41.21 19.59
CA ILE E 13 -2.33 -40.06 19.20
C ILE E 13 -0.93 -40.22 19.78
N VAL E 14 0.09 -40.12 18.93
CA VAL E 14 1.47 -40.29 19.34
C VAL E 14 2.19 -38.96 19.18
N ALA E 15 2.62 -38.39 20.30
CA ALA E 15 3.40 -37.17 20.28
C ALA E 15 4.88 -37.50 20.15
N ASP E 16 5.65 -36.50 19.73
CA ASP E 16 7.08 -36.72 19.55
C ASP E 16 7.80 -36.81 20.89
N THR E 17 8.95 -37.47 20.86
CA THR E 17 9.74 -37.61 22.07
C THR E 17 10.23 -36.27 22.57
N ALA E 18 10.35 -35.27 21.70
CA ALA E 18 10.56 -33.91 22.18
C ALA E 18 9.44 -33.49 23.11
N ASP E 19 8.20 -33.70 22.69
CA ASP E 19 7.06 -33.29 23.50
C ASP E 19 6.98 -34.08 24.80
N VAL E 20 7.19 -35.40 24.74
CA VAL E 20 7.07 -36.20 25.97
C VAL E 20 8.22 -35.88 26.93
N LEU E 21 9.43 -35.66 26.39
CA LEU E 21 10.56 -35.27 27.23
C LEU E 21 10.31 -33.93 27.89
N SER E 22 9.78 -32.96 27.14
CA SER E 22 9.47 -31.67 27.73
C SER E 22 8.39 -31.80 28.80
N ASP E 23 7.40 -32.67 28.57
CA ASP E 23 6.34 -32.88 29.55
C ASP E 23 6.89 -33.48 30.83
N VAL E 24 7.75 -34.51 30.71
CA VAL E 24 8.34 -35.12 31.91
C VAL E 24 9.24 -34.14 32.63
N GLU E 25 9.99 -33.33 31.87
CA GLU E 25 10.83 -32.32 32.48
C GLU E 25 9.99 -31.31 33.26
N ALA E 26 8.87 -30.86 32.68
CA ALA E 26 8.01 -29.92 33.38
C ALA E 26 7.41 -30.54 34.63
N GLU E 27 7.04 -31.82 34.56
CA GLU E 27 6.52 -32.52 35.73
C GLU E 27 7.56 -32.59 36.84
N PHE E 28 8.81 -32.88 36.48
CA PHE E 28 9.88 -32.93 37.48
C PHE E 28 10.16 -31.56 38.07
N ARG E 29 10.12 -30.51 37.24
CA ARG E 29 10.30 -29.16 37.77
C ARG E 29 9.18 -28.80 38.73
N ALA E 30 7.95 -29.19 38.43
CA ALA E 30 6.85 -28.93 39.34
C ALA E 30 6.95 -29.76 40.61
N ALA E 31 7.55 -30.95 40.52
CA ALA E 31 7.63 -31.83 41.67
C ALA E 31 8.76 -31.43 42.63
N LEU E 32 10.00 -31.40 42.13
CA LEU E 32 11.16 -31.19 42.99
C LEU E 32 11.46 -29.71 43.20
N GLY E 33 11.56 -28.94 42.12
CA GLY E 33 11.85 -27.52 42.24
C GLY E 33 11.83 -26.80 40.91
N ALA E 34 11.44 -25.53 40.91
CA ALA E 34 11.30 -24.79 39.67
C ALA E 34 12.64 -24.56 38.98
N ASN E 35 13.74 -24.60 39.72
CA ASN E 35 15.07 -24.32 39.17
C ASN E 35 16.02 -25.47 39.47
N ILE E 36 15.54 -26.69 39.28
CA ILE E 36 16.35 -27.88 39.50
C ILE E 36 17.13 -28.19 38.23
N ASN E 37 18.37 -28.66 38.39
CA ASN E 37 19.22 -29.00 37.27
C ASN E 37 18.83 -30.35 36.73
N LEU E 38 18.11 -30.37 35.61
CA LEU E 38 17.76 -31.62 34.94
C LEU E 38 18.79 -31.99 33.88
N ALA E 39 20.06 -32.00 34.27
CA ALA E 39 21.12 -32.40 33.38
C ALA E 39 21.12 -33.92 33.22
N ALA E 40 21.71 -34.38 32.11
CA ALA E 40 21.67 -35.80 31.79
C ALA E 40 22.46 -36.66 32.75
N SER E 41 23.44 -36.10 33.45
CA SER E 41 24.31 -36.89 34.31
C SER E 41 23.88 -36.91 35.77
N THR E 42 23.15 -35.91 36.22
CA THR E 42 22.66 -35.87 37.58
C THR E 42 21.52 -36.88 37.78
N PRO E 43 21.34 -37.38 39.00
CA PRO E 43 20.31 -38.41 39.23
C PRO E 43 18.90 -37.98 38.83
N GLN E 44 18.52 -36.72 39.07
CA GLN E 44 17.18 -36.30 38.66
C GLN E 44 17.05 -36.33 37.14
N GLY E 45 18.10 -35.95 36.42
CA GLY E 45 18.07 -36.04 34.97
C GLY E 45 18.03 -37.47 34.48
N SER E 46 18.73 -38.38 35.17
CA SER E 46 18.64 -39.79 34.82
C SER E 46 17.22 -40.31 35.01
N LEU E 47 16.57 -39.92 36.11
CA LEU E 47 15.19 -40.30 36.33
C LEU E 47 14.27 -39.73 35.26
N VAL E 48 14.53 -38.48 34.85
CA VAL E 48 13.75 -37.88 33.77
C VAL E 48 13.92 -38.67 32.48
N ALA E 49 15.15 -39.05 32.15
CA ALA E 49 15.39 -39.82 30.94
C ALA E 49 14.69 -41.18 31.01
N ALA E 50 14.69 -41.81 32.18
CA ALA E 50 13.99 -43.08 32.32
C ALA E 50 12.49 -42.92 32.14
N GLU E 51 11.91 -41.91 32.78
CA GLU E 51 10.48 -41.64 32.63
C GLU E 51 10.10 -41.17 31.24
N ALA E 52 11.09 -40.72 30.46
CA ALA E 52 10.82 -40.33 29.07
C ALA E 52 10.94 -41.50 28.11
N ILE E 53 11.86 -42.42 28.35
CA ILE E 53 11.92 -43.63 27.53
C ILE E 53 10.70 -44.50 27.79
N ALA E 54 10.40 -44.74 29.07
CA ALA E 54 9.06 -45.19 29.42
C ALA E 54 8.09 -44.05 29.19
N ARG E 55 6.80 -44.37 29.20
CA ARG E 55 5.74 -43.40 28.91
C ARG E 55 5.81 -42.96 27.45
N SER E 56 6.83 -43.42 26.75
CA SER E 56 6.90 -43.37 25.29
C SER E 56 6.89 -44.73 24.66
N SER E 57 7.60 -45.70 25.26
CA SER E 57 7.48 -47.07 24.78
C SER E 57 6.02 -47.53 24.82
N VAL E 58 5.28 -47.15 25.85
CA VAL E 58 3.88 -47.57 25.96
C VAL E 58 3.03 -46.90 24.89
N MET E 59 3.25 -45.61 24.62
CA MET E 59 2.51 -44.94 23.57
C MET E 59 2.75 -45.61 22.23
N ARG E 60 4.02 -45.92 21.93
CA ARG E 60 4.33 -46.58 20.67
C ARG E 60 3.72 -47.97 20.59
N ASN E 61 3.72 -48.72 21.71
CA ASN E 61 3.14 -50.06 21.69
C ASN E 61 1.63 -50.01 21.44
N GLU E 62 0.94 -49.10 22.14
CA GLU E 62 -0.50 -48.98 21.94
C GLU E 62 -0.83 -48.54 20.52
N ALA E 63 -0.07 -47.57 20.00
CA ALA E 63 -0.30 -47.17 18.60
C ALA E 63 0.03 -48.28 17.63
N ARG E 64 0.96 -49.17 17.98
CA ARG E 64 1.29 -50.30 17.13
C ARG E 64 0.18 -51.34 17.09
N ILE E 65 -0.48 -51.58 18.22
CA ILE E 65 -1.47 -52.66 18.25
C ILE E 65 -2.87 -52.13 18.55
N ALA E 66 -3.18 -50.91 18.14
CA ALA E 66 -4.48 -50.32 18.43
C ALA E 66 -5.59 -50.98 17.61
N ASN E 67 -5.52 -50.87 16.29
CA ASN E 67 -6.55 -51.44 15.40
C ASN E 67 -6.09 -52.76 14.81
N THR E 68 -5.67 -53.69 15.67
CA THR E 68 -5.07 -54.93 15.21
C THR E 68 -6.10 -56.00 14.86
N ILE E 69 -7.36 -55.83 15.21
CA ILE E 69 -8.37 -56.83 14.84
C ILE E 69 -8.81 -56.66 13.39
N ASN E 70 -8.49 -55.54 12.76
CA ASN E 70 -8.80 -55.37 11.34
C ASN E 70 -7.88 -56.28 10.53
N PRO E 71 -8.40 -57.27 9.81
CA PRO E 71 -7.52 -58.14 9.02
C PRO E 71 -6.88 -57.42 7.85
N ASN E 72 -7.52 -56.40 7.29
CA ASN E 72 -6.95 -55.70 6.14
C ASN E 72 -5.70 -54.90 6.49
N VAL E 73 -5.47 -54.59 7.76
CA VAL E 73 -4.30 -53.82 8.16
C VAL E 73 -3.51 -54.47 9.29
N SER E 74 -3.83 -55.71 9.66
CA SER E 74 -3.09 -56.37 10.72
C SER E 74 -1.68 -56.74 10.26
N PHE E 75 -0.93 -57.38 11.14
CA PHE E 75 0.44 -57.75 10.84
C PHE E 75 0.85 -58.92 11.72
N GLY E 76 1.87 -59.66 11.26
CA GLY E 76 2.54 -60.63 12.10
C GLY E 76 1.63 -61.70 12.65
N THR E 77 1.90 -62.11 13.88
CA THR E 77 1.13 -63.19 14.51
C THR E 77 -0.32 -62.82 14.74
N PHE E 78 -0.63 -61.53 14.87
CA PHE E 78 -2.03 -61.12 14.96
C PHE E 78 -2.76 -61.46 13.67
N LEU E 79 -2.15 -61.15 12.52
CA LEU E 79 -2.73 -61.54 11.25
C LEU E 79 -2.78 -63.06 11.11
N ASP E 80 -1.76 -63.74 11.63
CA ASP E 80 -1.76 -65.21 11.63
C ASP E 80 -2.98 -65.74 12.37
N ALA E 81 -3.24 -65.23 13.57
CA ALA E 81 -4.38 -65.69 14.36
C ALA E 81 -5.70 -65.35 13.67
N ILE E 82 -5.81 -64.15 13.10
CA ILE E 82 -7.04 -63.75 12.44
C ILE E 82 -7.33 -64.64 11.24
N CYS E 83 -6.30 -64.90 10.43
CA CYS E 83 -6.49 -65.67 9.21
C CYS E 83 -6.55 -67.17 9.46
N ALA E 84 -6.13 -67.63 10.64
CA ALA E 84 -6.29 -69.04 10.97
C ALA E 84 -7.71 -69.39 11.37
N LEU E 85 -8.57 -68.40 11.61
CA LEU E 85 -9.96 -68.68 11.93
C LEU E 85 -10.68 -69.37 10.78
N MET E 86 -10.26 -69.10 9.55
CA MET E 86 -10.86 -69.70 8.36
C MET E 86 -10.02 -70.83 7.78
N GLY E 87 -9.00 -71.30 8.51
CA GLY E 87 -8.21 -72.43 8.10
C GLY E 87 -6.93 -72.07 7.38
N ILE E 88 -6.81 -70.83 6.90
CA ILE E 88 -5.59 -70.41 6.21
C ILE E 88 -4.48 -70.25 7.24
N GLU E 89 -3.36 -70.93 7.00
CA GLU E 89 -2.26 -70.97 7.96
C GLU E 89 -0.96 -70.66 7.25
N ARG E 90 -0.18 -69.73 7.81
CA ARG E 90 1.15 -69.46 7.28
C ARG E 90 2.04 -70.66 7.52
N GLY E 91 2.87 -70.98 6.53
CA GLY E 91 3.69 -72.16 6.59
C GLY E 91 4.88 -71.99 7.52
N SER E 92 5.81 -72.94 7.41
CA SER E 92 7.04 -72.93 8.18
C SER E 92 8.23 -72.78 7.23
N ASP E 93 9.21 -72.00 7.65
CA ASP E 93 10.39 -71.73 6.83
C ASP E 93 11.43 -72.83 7.04
N LEU E 94 11.15 -73.98 6.43
CA LEU E 94 12.03 -75.13 6.54
C LEU E 94 13.03 -75.14 5.38
N SER E 95 13.86 -76.17 5.32
CA SER E 95 14.89 -76.26 4.30
C SER E 95 14.92 -77.67 3.73
N THR E 96 15.43 -77.78 2.51
CA THR E 96 15.58 -79.09 1.88
C THR E 96 16.49 -79.97 2.73
N PHE E 97 16.09 -81.23 2.90
CA PHE E 97 16.68 -82.13 3.88
C PHE E 97 17.13 -83.44 3.23
N GLY E 98 17.92 -83.33 2.18
CA GLY E 98 18.33 -84.50 1.42
C GLY E 98 19.05 -85.52 2.27
N TYR E 99 18.71 -86.80 2.10
CA TYR E 99 19.35 -87.89 2.83
C TYR E 99 19.90 -88.91 1.86
N GLY E 100 20.90 -89.67 2.31
CA GLY E 100 21.49 -90.69 1.48
C GLY E 100 22.32 -90.20 0.33
N VAL E 101 22.90 -89.00 0.43
CA VAL E 101 23.76 -88.50 -0.63
C VAL E 101 25.05 -89.31 -0.62
N GLN E 102 25.41 -89.87 -1.77
CA GLN E 102 26.58 -90.72 -1.85
C GLN E 102 27.84 -89.87 -1.77
N VAL E 103 28.80 -90.33 -0.96
CA VAL E 103 30.12 -89.71 -0.87
C VAL E 103 31.16 -90.72 -1.34
N THR E 104 32.02 -90.27 -2.25
CA THR E 104 33.13 -91.06 -2.75
C THR E 104 34.43 -90.44 -2.25
N GLY E 105 35.33 -91.29 -1.77
CA GLY E 105 36.61 -90.83 -1.24
C GLY E 105 37.64 -91.93 -1.22
N ARG E 106 38.43 -91.99 -0.15
CA ARG E 106 39.45 -93.02 -0.03
C ARG E 106 39.74 -93.26 1.44
N SER E 107 40.25 -94.46 1.72
CA SER E 107 40.67 -94.85 3.06
C SER E 107 39.60 -94.59 4.11
N GLN E 108 39.93 -93.77 5.11
CA GLN E 108 39.01 -93.50 6.21
C GLN E 108 38.74 -92.01 6.33
N THR E 109 38.50 -91.35 5.20
CA THR E 109 38.22 -89.91 5.20
C THR E 109 36.98 -89.63 6.03
N ARG E 110 37.07 -88.62 6.89
CA ARG E 110 35.98 -88.25 7.79
C ARG E 110 35.35 -86.95 7.34
N ILE E 111 34.08 -87.03 6.92
CA ILE E 111 33.30 -85.86 6.57
C ILE E 111 32.70 -85.30 7.85
N SER E 112 32.98 -84.04 8.13
CA SER E 112 32.55 -83.37 9.34
C SER E 112 31.34 -82.48 9.05
N THR E 113 30.65 -82.10 10.12
CA THR E 113 29.47 -81.25 9.99
C THR E 113 29.85 -79.90 9.39
N GLY E 114 29.01 -79.40 8.49
CA GLY E 114 29.26 -78.13 7.85
C GLY E 114 30.17 -78.17 6.66
N SER E 115 30.24 -79.30 5.95
CA SER E 115 31.15 -79.42 4.82
C SER E 115 30.76 -78.53 3.65
N ARG E 116 29.50 -78.12 3.56
CA ARG E 116 29.03 -77.16 2.55
C ARG E 116 29.33 -77.65 1.13
N VAL E 117 28.68 -78.76 0.76
CA VAL E 117 28.68 -79.14 -0.64
C VAL E 117 27.82 -78.16 -1.44
N GLN E 118 27.98 -78.17 -2.75
CA GLN E 118 27.26 -77.24 -3.61
C GLN E 118 26.71 -77.95 -4.84
N THR E 119 25.45 -77.65 -5.17
CA THR E 119 24.89 -78.10 -6.43
C THR E 119 25.44 -77.24 -7.57
N PRO E 120 25.35 -77.72 -8.81
CA PRO E 120 25.86 -76.91 -9.94
C PRO E 120 25.22 -75.54 -10.04
N ALA E 121 23.92 -75.43 -9.75
CA ALA E 121 23.22 -74.15 -9.81
C ALA E 121 23.12 -73.55 -8.40
N GLY E 122 24.28 -73.17 -7.88
CA GLY E 122 24.33 -72.62 -6.53
C GLY E 122 23.83 -73.63 -5.52
N ALA E 123 22.94 -73.19 -4.63
CA ALA E 123 22.22 -74.06 -3.70
C ALA E 123 23.20 -74.84 -2.81
N ILE E 124 23.89 -74.10 -1.95
CA ILE E 124 24.85 -74.70 -1.03
C ILE E 124 24.10 -75.50 0.03
N PHE E 125 24.41 -76.80 0.12
CA PHE E 125 23.84 -77.70 1.11
C PHE E 125 24.92 -78.07 2.11
N THR E 126 24.65 -77.88 3.40
CA THR E 126 25.61 -78.19 4.44
C THR E 126 25.35 -79.57 5.02
N VAL E 127 26.43 -80.30 5.29
CA VAL E 127 26.32 -81.65 5.86
C VAL E 127 25.88 -81.55 7.31
N LEU E 128 24.92 -82.39 7.70
CA LEU E 128 24.36 -82.34 9.04
C LEU E 128 24.70 -83.58 9.87
N SER E 129 25.55 -84.47 9.37
CA SER E 129 25.89 -85.69 10.10
C SER E 129 27.31 -86.09 9.75
N ASP E 130 28.14 -86.26 10.78
CA ASP E 130 29.52 -86.68 10.57
C ASP E 130 29.57 -88.13 10.14
N VAL E 131 30.32 -88.41 9.08
CA VAL E 131 30.36 -89.75 8.48
C VAL E 131 31.79 -90.09 8.10
N THR E 132 32.24 -91.27 8.49
CA THR E 132 33.57 -91.76 8.12
C THR E 132 33.43 -92.79 7.01
N ILE E 133 34.22 -92.64 5.95
CA ILE E 133 34.11 -93.51 4.78
C ILE E 133 34.65 -94.90 5.11
N PRO E 134 33.92 -95.97 4.78
CA PRO E 134 34.45 -97.32 5.02
C PRO E 134 35.53 -97.71 4.01
N ALA E 135 35.99 -98.96 4.10
CA ALA E 135 37.06 -99.42 3.21
C ALA E 135 36.61 -99.52 1.76
N GLY E 136 35.31 -99.54 1.50
CA GLY E 136 34.82 -99.56 0.12
C GLY E 136 35.00 -98.25 -0.61
N GLY E 137 35.17 -97.15 0.12
CA GLY E 137 35.38 -95.85 -0.46
C GLY E 137 34.13 -95.04 -0.71
N VAL E 138 32.95 -95.59 -0.45
CA VAL E 138 31.69 -94.91 -0.72
C VAL E 138 30.78 -95.06 0.49
N ALA E 139 30.07 -93.98 0.82
CA ALA E 139 29.16 -93.97 1.97
C ALA E 139 27.99 -93.05 1.66
N THR E 140 27.14 -92.81 2.68
CA THR E 140 26.00 -91.93 2.57
C THR E 140 26.03 -90.86 3.66
N ILE E 141 25.57 -89.65 3.31
CA ILE E 141 25.49 -88.55 4.24
C ILE E 141 24.12 -87.88 4.12
N ASP E 142 23.86 -86.96 5.05
CA ASP E 142 22.64 -86.17 5.08
C ASP E 142 23.01 -84.69 4.95
N ILE E 143 22.33 -83.98 4.05
CA ILE E 143 22.60 -82.58 3.79
C ILE E 143 21.31 -81.78 3.94
N LYS E 144 21.46 -80.54 4.40
CA LYS E 144 20.34 -79.62 4.57
C LYS E 144 20.69 -78.28 3.93
N SER E 145 19.67 -77.63 3.37
CA SER E 145 19.88 -76.40 2.62
C SER E 145 20.32 -75.27 3.54
N GLN E 146 21.28 -74.47 3.07
CA GLN E 146 21.67 -73.28 3.80
C GLN E 146 20.52 -72.28 3.90
N GLU E 147 19.80 -72.08 2.80
CA GLU E 147 18.65 -71.18 2.78
C GLU E 147 17.40 -71.97 3.17
N TYR E 148 16.23 -71.36 2.97
CA TYR E 148 14.96 -71.98 3.30
C TYR E 148 14.09 -72.08 2.06
N GLY E 149 13.29 -73.13 2.00
CA GLY E 149 12.34 -73.33 0.92
C GLY E 149 12.66 -74.56 0.09
N ASN E 150 11.84 -74.75 -0.95
CA ASN E 150 11.98 -75.87 -1.86
C ASN E 150 13.16 -75.61 -2.79
N ILE E 151 14.36 -75.80 -2.26
CA ILE E 151 15.58 -75.65 -3.04
C ILE E 151 15.76 -76.89 -3.90
N PRO E 152 15.77 -76.76 -5.22
CA PRO E 152 15.90 -77.96 -6.07
C PRO E 152 17.24 -78.65 -5.87
N LEU E 153 17.20 -79.98 -5.89
CA LEU E 153 18.40 -80.81 -5.76
C LEU E 153 18.38 -81.83 -6.90
N PRO E 154 18.84 -81.44 -8.08
CA PRO E 154 18.83 -82.36 -9.23
C PRO E 154 19.83 -83.48 -9.05
N VAL E 155 19.55 -84.61 -9.71
CA VAL E 155 20.46 -85.74 -9.67
C VAL E 155 21.71 -85.41 -10.47
N GLY E 156 22.86 -85.53 -9.84
CA GLY E 156 24.11 -85.22 -10.48
C GLY E 156 25.24 -85.15 -9.47
N ASN E 157 26.40 -84.72 -9.97
CA ASN E 157 27.61 -84.63 -9.16
C ASN E 157 27.68 -83.24 -8.54
N LEU E 158 27.45 -83.17 -7.23
CA LEU E 158 27.59 -81.90 -6.52
C LEU E 158 29.07 -81.52 -6.39
N ILE E 159 29.36 -80.24 -6.57
CA ILE E 159 30.70 -79.74 -6.36
C ILE E 159 30.88 -79.41 -4.89
N ILE E 160 32.09 -79.63 -4.38
CA ILE E 160 32.39 -79.46 -2.96
C ILE E 160 33.07 -78.13 -2.75
N ILE E 161 32.51 -77.32 -1.85
CA ILE E 161 33.06 -76.00 -1.56
C ILE E 161 34.13 -76.13 -0.49
N ASP E 162 33.77 -76.69 0.66
CA ASP E 162 34.66 -76.85 1.80
C ASP E 162 34.92 -78.35 1.99
N GLY E 163 35.94 -78.85 1.32
CA GLY E 163 36.25 -80.27 1.31
C GLY E 163 37.51 -80.57 2.08
N THR E 164 37.51 -81.71 2.77
CA THR E 164 38.67 -82.19 3.49
C THR E 164 39.61 -82.93 2.53
N ILE E 165 40.76 -83.36 3.06
CA ILE E 165 41.72 -84.12 2.27
C ILE E 165 41.32 -85.59 2.32
N GLY E 166 40.96 -86.14 1.16
CA GLY E 166 40.48 -87.51 1.06
C GLY E 166 39.10 -87.62 0.44
N TRP E 167 38.32 -86.54 0.50
CA TRP E 167 37.00 -86.52 -0.11
C TRP E 167 37.12 -86.36 -1.62
N SER E 168 36.58 -87.31 -2.37
CA SER E 168 36.66 -87.28 -3.83
C SER E 168 35.47 -86.58 -4.47
N GLY E 169 34.25 -86.94 -4.07
CA GLY E 169 33.10 -86.30 -4.67
C GLY E 169 31.81 -86.68 -3.97
N ALA E 170 30.73 -86.03 -4.41
CA ALA E 170 29.39 -86.31 -3.90
C ALA E 170 28.46 -86.53 -5.09
N LYS E 171 27.58 -87.51 -4.95
CA LYS E 171 26.63 -87.87 -6.00
C LYS E 171 25.23 -87.96 -5.41
N VAL E 172 24.26 -87.46 -6.15
CA VAL E 172 22.86 -87.54 -5.75
C VAL E 172 22.29 -88.75 -6.47
N ILE E 173 22.37 -89.91 -5.83
CA ILE E 173 21.77 -91.12 -6.39
C ILE E 173 20.26 -90.95 -6.33
N ALA E 174 19.54 -91.86 -6.99
CA ALA E 174 18.08 -91.75 -7.01
C ALA E 174 17.44 -92.12 -5.68
N SER E 175 18.18 -92.81 -4.79
CA SER E 175 17.64 -93.13 -3.47
C SER E 175 17.75 -91.97 -2.51
N THR E 176 18.40 -90.87 -2.91
CA THR E 176 18.40 -89.69 -2.05
C THR E 176 16.97 -89.23 -1.86
N ARG E 177 16.58 -89.03 -0.61
CA ARG E 177 15.22 -88.66 -0.26
C ARG E 177 15.22 -87.15 -0.16
N VAL E 178 14.98 -86.50 -1.30
CA VAL E 178 14.99 -85.04 -1.38
C VAL E 178 13.67 -84.54 -0.80
N ASP E 179 13.71 -84.14 0.47
CA ASP E 179 12.54 -83.60 1.14
C ASP E 179 12.50 -82.09 0.94
N PRO E 180 11.49 -81.56 0.26
CA PRO E 180 11.46 -80.11 0.03
C PRO E 180 11.13 -79.34 1.30
N GLY E 181 11.45 -78.05 1.26
CA GLY E 181 11.15 -77.15 2.34
C GLY E 181 10.03 -76.18 1.99
N SER E 182 9.95 -75.11 2.77
CA SER E 182 8.96 -74.07 2.52
C SER E 182 9.50 -72.75 3.03
N ARG E 183 8.98 -71.66 2.49
CA ARG E 183 9.44 -70.30 2.74
C ARG E 183 8.41 -69.48 3.51
N GLN E 184 7.69 -70.13 4.41
CA GLN E 184 6.68 -69.46 5.24
C GLN E 184 5.65 -68.81 4.31
N MET E 185 5.03 -67.72 4.76
CA MET E 185 4.10 -66.96 3.94
C MET E 185 4.08 -65.52 4.45
N SER E 186 4.18 -64.57 3.52
CA SER E 186 4.20 -63.17 3.91
C SER E 186 2.84 -62.72 4.43
N ASP E 187 2.85 -61.60 5.17
CA ASP E 187 1.60 -61.04 5.67
C ASP E 187 0.70 -60.61 4.52
N ALA E 188 1.28 -60.01 3.48
CA ALA E 188 0.51 -59.63 2.30
C ALA E 188 -0.08 -60.86 1.62
N GLU E 189 0.69 -61.94 1.53
CA GLU E 189 0.17 -63.18 0.95
C GLU E 189 -0.96 -63.76 1.80
N LEU E 190 -0.84 -63.64 3.13
CA LEU E 190 -1.92 -64.10 4.00
C LEU E 190 -3.19 -63.30 3.77
N LYS E 191 -3.06 -61.98 3.63
CA LYS E 191 -4.23 -61.17 3.29
C LYS E 191 -4.79 -61.56 1.93
N ASN E 192 -3.90 -61.92 1.00
CA ASN E 192 -4.33 -62.38 -0.32
C ASN E 192 -5.17 -63.62 -0.21
N ALA E 193 -4.71 -64.60 0.58
CA ALA E 193 -5.47 -65.83 0.77
C ALA E 193 -6.80 -65.55 1.46
N ARG E 194 -6.79 -64.63 2.43
CA ARG E 194 -8.04 -64.27 3.10
C ARG E 194 -9.05 -63.69 2.13
N VAL E 195 -8.62 -62.76 1.27
CA VAL E 195 -9.55 -62.13 0.34
C VAL E 195 -10.00 -63.12 -0.73
N ASN E 196 -9.11 -64.04 -1.13
CA ASN E 196 -9.51 -65.10 -2.02
C ASN E 196 -10.61 -65.97 -1.40
N ARG E 197 -10.44 -66.34 -0.13
CA ARG E 197 -11.45 -67.13 0.55
C ARG E 197 -12.76 -66.36 0.67
N LEU E 198 -12.67 -65.05 0.91
CA LEU E 198 -13.87 -64.23 1.00
C LEU E 198 -14.60 -64.18 -0.34
N ALA E 199 -13.85 -64.03 -1.44
CA ALA E 199 -14.47 -64.04 -2.76
C ALA E 199 -15.13 -65.39 -3.03
N ILE E 200 -14.50 -66.48 -2.57
CA ILE E 200 -15.08 -67.80 -2.76
C ILE E 200 -16.37 -67.95 -1.96
N GLN E 201 -16.38 -67.48 -0.72
CA GLN E 201 -17.54 -67.66 0.16
C GLN E 201 -18.41 -66.41 0.24
N GLY E 202 -18.39 -65.60 -0.80
CA GLY E 202 -19.37 -64.54 -0.93
C GLY E 202 -20.25 -64.70 -2.15
N ARG E 203 -20.44 -65.93 -2.60
CA ARG E 203 -21.23 -66.23 -3.79
C ARG E 203 -22.31 -67.24 -3.46
N ASN E 204 -23.49 -67.06 -4.06
CA ASN E 204 -24.58 -68.00 -3.89
C ASN E 204 -24.34 -69.24 -4.74
N SER E 205 -25.35 -70.12 -4.77
CA SER E 205 -25.22 -71.42 -5.42
C SER E 205 -24.94 -71.27 -6.92
N THR E 206 -25.80 -70.52 -7.62
CA THR E 206 -25.71 -70.46 -9.07
C THR E 206 -24.43 -69.75 -9.51
N MET E 207 -24.11 -68.63 -8.85
CA MET E 207 -22.90 -67.90 -9.21
C MET E 207 -21.66 -68.71 -8.88
N ALA E 208 -21.68 -69.45 -7.76
CA ALA E 208 -20.56 -70.31 -7.42
C ALA E 208 -20.36 -71.39 -8.47
N ILE E 209 -21.45 -72.02 -8.92
CA ILE E 209 -21.35 -73.05 -9.95
C ILE E 209 -20.78 -72.45 -11.22
N LYS E 210 -21.32 -71.29 -11.64
CA LYS E 210 -20.85 -70.64 -12.85
C LYS E 210 -19.35 -70.38 -12.78
N ALA E 211 -18.90 -69.72 -11.71
CA ALA E 211 -17.50 -69.35 -11.60
C ALA E 211 -16.60 -70.59 -11.55
N TYR E 212 -16.92 -71.54 -10.67
CA TYR E 212 -16.07 -72.71 -10.48
C TYR E 212 -15.98 -73.54 -11.75
N VAL E 213 -17.11 -73.78 -12.42
CA VAL E 213 -17.09 -74.63 -13.60
C VAL E 213 -16.45 -73.91 -14.79
N SER E 214 -16.73 -72.61 -14.95
CA SER E 214 -16.09 -71.86 -16.03
C SER E 214 -14.60 -71.70 -15.82
N ALA E 215 -14.12 -71.78 -14.58
CA ALA E 215 -12.68 -71.74 -14.34
C ALA E 215 -11.96 -72.96 -14.90
N VAL E 216 -12.68 -74.05 -15.13
CA VAL E 216 -12.04 -75.28 -15.64
C VAL E 216 -11.58 -75.04 -17.08
N PRO E 217 -10.41 -75.55 -17.47
CA PRO E 217 -10.02 -75.46 -18.87
C PRO E 217 -10.95 -76.24 -19.78
N ASN E 218 -10.99 -75.83 -21.05
CA ASN E 218 -11.77 -76.45 -22.13
C ASN E 218 -13.27 -76.27 -21.96
N VAL E 219 -13.72 -75.49 -20.98
CA VAL E 219 -15.14 -75.21 -20.80
C VAL E 219 -15.45 -73.91 -21.54
N THR E 220 -16.12 -74.02 -22.69
CA THR E 220 -16.39 -72.84 -23.49
C THR E 220 -17.47 -71.97 -22.85
N SER E 221 -18.54 -72.58 -22.35
CA SER E 221 -19.62 -71.83 -21.75
C SER E 221 -20.38 -72.74 -20.79
N VAL E 222 -21.27 -72.13 -20.02
CA VAL E 222 -22.01 -72.86 -18.99
C VAL E 222 -23.37 -72.20 -18.81
N ASN E 223 -24.41 -73.02 -18.66
CA ASN E 223 -25.75 -72.54 -18.35
C ASN E 223 -26.16 -73.16 -17.02
N VAL E 224 -26.44 -72.32 -16.03
CA VAL E 224 -26.84 -72.77 -14.70
C VAL E 224 -28.26 -72.31 -14.44
N ILE E 225 -29.09 -73.22 -13.95
CA ILE E 225 -30.51 -72.97 -13.73
C ILE E 225 -30.89 -73.53 -12.37
N GLU E 226 -31.77 -72.82 -11.67
CA GLU E 226 -32.29 -73.25 -10.38
C GLU E 226 -33.81 -73.25 -10.40
N ASN E 227 -34.42 -74.29 -9.83
CA ASN E 227 -35.88 -74.38 -9.84
C ASN E 227 -36.51 -73.26 -9.01
N ASN E 228 -36.32 -73.29 -7.70
CA ASN E 228 -36.78 -72.24 -6.77
C ASN E 228 -38.27 -71.93 -6.95
N THR E 229 -39.07 -72.95 -7.24
CA THR E 229 -40.48 -72.74 -7.52
C THR E 229 -41.44 -73.64 -6.76
N GLY E 230 -41.01 -74.81 -6.30
CA GLY E 230 -41.91 -75.67 -5.55
C GLY E 230 -42.78 -76.58 -6.40
N ALA E 231 -42.44 -76.75 -7.67
CA ALA E 231 -43.24 -77.60 -8.55
C ALA E 231 -42.39 -78.02 -9.73
N VAL E 232 -42.66 -79.21 -10.26
CA VAL E 232 -42.00 -79.70 -11.47
C VAL E 232 -42.62 -78.97 -12.66
N GLN E 233 -41.84 -78.10 -13.29
CA GLN E 233 -42.34 -77.32 -14.42
C GLN E 233 -41.16 -76.78 -15.20
N VAL E 234 -41.47 -76.07 -16.27
CA VAL E 234 -40.49 -75.27 -17.00
C VAL E 234 -40.45 -73.90 -16.34
N VAL E 235 -39.27 -73.49 -15.87
CA VAL E 235 -39.19 -72.20 -15.18
C VAL E 235 -39.11 -71.09 -16.23
N ASN E 236 -38.08 -71.11 -17.09
CA ASN E 236 -38.04 -70.21 -18.22
C ASN E 236 -37.44 -70.84 -19.48
N GLY E 237 -37.58 -72.15 -19.68
CA GLY E 237 -37.10 -72.79 -20.91
C GLY E 237 -36.60 -74.22 -20.78
N VAL E 238 -36.24 -74.69 -19.59
CA VAL E 238 -35.83 -76.06 -19.33
C VAL E 238 -36.87 -76.69 -18.42
N SER E 239 -37.37 -77.87 -18.80
CA SER E 239 -38.37 -78.57 -18.01
C SER E 239 -37.68 -79.37 -16.91
N PHE E 240 -37.90 -78.97 -15.66
CA PHE E 240 -37.25 -79.64 -14.54
C PHE E 240 -37.93 -80.97 -14.27
N THR E 241 -37.35 -81.73 -13.34
CA THR E 241 -37.94 -82.98 -12.89
C THR E 241 -38.05 -83.10 -11.38
N LEU E 242 -37.34 -82.29 -10.62
CA LEU E 242 -37.48 -82.24 -9.17
C LEU E 242 -37.94 -80.85 -8.77
N PRO E 243 -38.84 -80.76 -7.78
CA PRO E 243 -39.39 -79.44 -7.41
C PRO E 243 -38.35 -78.46 -6.93
N TYR E 244 -37.26 -78.95 -6.32
CA TYR E 244 -36.21 -78.09 -5.77
C TYR E 244 -34.87 -78.69 -6.21
N ALA E 245 -34.24 -78.08 -7.20
CA ALA E 245 -32.99 -78.62 -7.71
C ALA E 245 -32.26 -77.56 -8.53
N VAL E 246 -31.05 -77.92 -8.94
CA VAL E 246 -30.23 -77.10 -9.83
C VAL E 246 -29.82 -77.94 -11.03
N TRP E 247 -30.08 -77.42 -12.22
CA TRP E 247 -29.74 -78.08 -13.47
C TRP E 247 -28.63 -77.29 -14.15
N VAL E 248 -27.54 -77.96 -14.50
CA VAL E 248 -26.36 -77.31 -15.05
C VAL E 248 -25.96 -77.99 -16.34
N CYS E 249 -25.75 -77.19 -17.39
CA CYS E 249 -25.28 -77.68 -18.68
C CYS E 249 -23.91 -77.06 -18.95
N VAL E 250 -22.94 -77.89 -19.31
CA VAL E 250 -21.57 -77.47 -19.52
C VAL E 250 -21.23 -77.69 -20.98
N ALA E 251 -20.80 -76.63 -21.67
CA ALA E 251 -20.38 -76.72 -23.06
C ALA E 251 -18.91 -77.10 -23.14
N GLY E 252 -18.32 -76.97 -24.31
CA GLY E 252 -16.92 -77.27 -24.48
C GLY E 252 -16.64 -78.76 -24.44
N ASN E 253 -15.35 -79.08 -24.41
CA ASN E 253 -14.87 -80.46 -24.39
C ASN E 253 -13.89 -80.61 -23.24
N PRO E 254 -14.38 -80.54 -22.00
CA PRO E 254 -13.49 -80.54 -20.84
C PRO E 254 -13.22 -81.93 -20.29
N ASP E 255 -12.41 -82.02 -19.24
CA ASP E 255 -12.21 -83.27 -18.54
C ASP E 255 -13.33 -83.50 -17.55
N LYS E 256 -13.94 -84.68 -17.63
CA LYS E 256 -15.11 -84.98 -16.81
C LYS E 256 -14.76 -84.90 -15.32
N GLN E 257 -13.62 -85.46 -14.93
CA GLN E 257 -13.24 -85.43 -13.53
C GLN E 257 -12.95 -84.01 -13.06
N ALA E 258 -12.32 -83.20 -13.90
CA ALA E 258 -12.02 -81.82 -13.52
C ALA E 258 -13.29 -81.02 -13.30
N VAL E 259 -14.22 -81.09 -14.26
CA VAL E 259 -15.47 -80.35 -14.08
C VAL E 259 -16.29 -80.92 -12.93
N ALA E 260 -16.21 -82.22 -12.70
CA ALA E 260 -16.93 -82.82 -11.57
C ALA E 260 -16.37 -82.31 -10.25
N ASP E 261 -15.04 -82.22 -10.14
CA ASP E 261 -14.44 -81.68 -8.92
C ASP E 261 -14.82 -80.23 -8.71
N ALA E 262 -14.78 -79.43 -9.77
CA ALA E 262 -15.13 -78.01 -9.62
C ALA E 262 -16.58 -77.85 -9.22
N LEU E 263 -17.49 -78.58 -9.86
CA LEU E 263 -18.91 -78.47 -9.54
C LEU E 263 -19.22 -79.02 -8.16
N TRP E 264 -18.51 -80.06 -7.72
CA TRP E 264 -18.65 -80.51 -6.34
C TRP E 264 -18.17 -79.45 -5.36
N ALA E 265 -17.02 -78.83 -5.62
CA ALA E 265 -16.53 -77.78 -4.74
C ALA E 265 -17.49 -76.59 -4.71
N ALA E 266 -18.22 -76.36 -5.79
CA ALA E 266 -19.19 -75.28 -5.85
C ALA E 266 -20.61 -75.72 -5.50
N HIS E 267 -20.79 -76.96 -5.06
CA HIS E 267 -22.09 -77.40 -4.58
C HIS E 267 -22.60 -76.48 -3.48
N ASN E 268 -23.81 -75.94 -3.67
CA ASN E 268 -24.49 -75.28 -2.56
C ASN E 268 -24.82 -76.26 -1.46
N GLY E 269 -25.30 -77.44 -1.84
CA GLY E 269 -25.65 -78.46 -0.90
C GLY E 269 -27.14 -78.64 -0.71
N GLY E 270 -27.56 -79.86 -0.40
CA GLY E 270 -28.94 -80.16 -0.05
C GLY E 270 -29.82 -80.11 -1.27
N THR E 271 -29.81 -78.99 -1.95
CA THR E 271 -30.36 -78.89 -3.28
C THR E 271 -29.65 -79.91 -4.16
N PRO E 272 -30.30 -80.99 -4.56
CA PRO E 272 -29.61 -82.00 -5.36
C PRO E 272 -29.64 -81.63 -6.83
N TRP E 273 -28.64 -82.11 -7.55
CA TRP E 273 -28.66 -81.98 -9.00
C TRP E 273 -29.71 -82.90 -9.59
N ASP E 274 -30.37 -82.43 -10.64
CA ASP E 274 -31.26 -83.28 -11.42
C ASP E 274 -30.80 -83.26 -12.87
N TYR E 275 -30.93 -84.40 -13.53
CA TYR E 275 -30.61 -84.50 -14.93
C TYR E 275 -31.66 -83.87 -15.82
N GLY E 276 -32.78 -83.44 -15.24
CA GLY E 276 -33.90 -82.95 -16.03
C GLY E 276 -34.69 -84.09 -16.61
N ALA E 277 -35.72 -83.73 -17.37
CA ALA E 277 -36.50 -84.73 -18.08
C ALA E 277 -35.75 -85.17 -19.33
N THR E 278 -36.40 -86.02 -20.14
CA THR E 278 -35.78 -86.48 -21.37
C THR E 278 -35.59 -85.33 -22.35
N ASN E 279 -34.47 -85.36 -23.07
CA ASN E 279 -34.14 -84.35 -24.06
C ASN E 279 -34.12 -82.94 -23.46
N ASN E 280 -33.59 -82.84 -22.25
CA ASN E 280 -33.32 -81.56 -21.59
C ASN E 280 -31.82 -81.33 -21.48
N GLY E 281 -31.11 -81.68 -22.54
CA GLY E 281 -29.67 -81.80 -22.52
C GLY E 281 -29.27 -83.26 -22.38
N VAL E 282 -28.14 -83.61 -22.98
CA VAL E 282 -27.69 -84.99 -23.01
C VAL E 282 -27.37 -85.45 -21.59
N PRO E 283 -28.13 -86.39 -21.03
CA PRO E 283 -27.85 -86.86 -19.66
C PRO E 283 -26.62 -87.74 -19.62
N VAL E 284 -25.46 -87.16 -19.90
CA VAL E 284 -24.21 -87.89 -19.99
C VAL E 284 -23.79 -88.36 -18.60
N ASP E 285 -22.81 -89.26 -18.56
CA ASP E 285 -22.30 -89.89 -17.34
C ASP E 285 -23.30 -90.87 -16.72
N GLY E 286 -24.31 -91.28 -17.48
CA GLY E 286 -25.27 -92.26 -17.01
C GLY E 286 -26.34 -91.65 -16.14
N PRO E 287 -27.34 -92.46 -15.77
CA PRO E 287 -28.40 -91.96 -14.88
C PRO E 287 -27.88 -91.52 -13.53
N ASN E 288 -26.84 -92.18 -13.01
CA ASN E 288 -26.21 -91.81 -11.76
C ASN E 288 -25.01 -90.92 -12.04
N GLY E 289 -24.86 -89.86 -11.26
CA GLY E 289 -23.84 -88.87 -11.51
C GLY E 289 -22.44 -89.40 -11.23
N VAL E 290 -21.47 -88.59 -11.62
CA VAL E 290 -20.06 -88.93 -11.39
C VAL E 290 -19.74 -88.82 -9.91
N PRO E 291 -19.06 -89.80 -9.31
CA PRO E 291 -18.56 -89.65 -7.95
C PRO E 291 -17.16 -89.07 -7.92
N VAL E 292 -16.94 -88.14 -6.98
CA VAL E 292 -15.65 -87.51 -6.76
C VAL E 292 -15.34 -87.65 -5.28
N ARG E 293 -14.07 -87.67 -4.92
CA ARG E 293 -13.72 -87.76 -3.51
C ARG E 293 -13.54 -86.37 -2.91
N ASP E 294 -14.24 -86.11 -1.83
CA ASP E 294 -14.04 -84.87 -1.11
C ASP E 294 -12.61 -84.81 -0.60
N PRO E 295 -11.86 -83.76 -0.94
CA PRO E 295 -10.46 -83.69 -0.47
C PRO E 295 -10.34 -83.72 1.04
N ALA E 296 -11.32 -83.15 1.75
CA ALA E 296 -11.22 -83.07 3.20
C ALA E 296 -11.35 -84.43 3.86
N SER E 297 -12.38 -85.19 3.49
CA SER E 297 -12.66 -86.46 4.12
C SER E 297 -12.86 -87.52 3.05
N GLY E 298 -12.45 -88.74 3.36
CA GLY E 298 -12.59 -89.83 2.42
C GLY E 298 -13.99 -90.08 1.91
N ARG E 299 -14.99 -89.40 2.48
CA ARG E 299 -16.33 -89.46 1.90
C ARG E 299 -16.33 -88.79 0.53
N LYS E 300 -16.90 -89.49 -0.45
CA LYS E 300 -17.04 -88.95 -1.80
C LYS E 300 -18.36 -88.18 -1.86
N TYR E 301 -18.61 -87.49 -2.97
CA TYR E 301 -19.91 -86.91 -3.29
C TYR E 301 -20.18 -87.04 -4.79
N VAL E 302 -21.46 -87.15 -5.13
CA VAL E 302 -21.90 -87.45 -6.49
C VAL E 302 -22.48 -86.20 -7.10
N VAL E 303 -22.19 -85.98 -8.39
CA VAL E 303 -22.58 -84.78 -9.09
C VAL E 303 -23.23 -85.14 -10.42
N LYS E 304 -24.22 -84.35 -10.83
CA LYS E 304 -24.94 -84.58 -12.07
C LYS E 304 -24.91 -83.32 -12.93
N TRP E 305 -24.50 -83.47 -14.18
CA TRP E 305 -24.55 -82.37 -15.14
C TRP E 305 -24.70 -82.96 -16.54
N THR E 306 -25.20 -82.13 -17.45
CA THR E 306 -25.55 -82.56 -18.80
C THR E 306 -24.72 -81.81 -19.83
N THR E 307 -24.29 -82.53 -20.86
CA THR E 307 -23.71 -81.88 -22.02
C THR E 307 -24.82 -81.36 -22.93
N PRO E 308 -24.57 -80.30 -23.70
CA PRO E 308 -25.64 -79.69 -24.48
C PRO E 308 -26.12 -80.58 -25.60
N ILE E 309 -27.37 -80.34 -26.01
CA ILE E 309 -27.90 -80.97 -27.20
C ILE E 309 -27.15 -80.41 -28.41
N MET E 310 -26.40 -81.26 -29.09
CA MET E 310 -25.58 -80.81 -30.21
C MET E 310 -26.45 -80.54 -31.43
N TYR E 311 -26.20 -79.41 -32.08
CA TYR E 311 -26.92 -79.01 -33.28
C TYR E 311 -25.93 -78.57 -34.33
N ASP E 312 -26.25 -78.87 -35.58
CA ASP E 312 -25.43 -78.46 -36.71
C ASP E 312 -26.14 -77.33 -37.44
N GLY E 313 -25.44 -76.21 -37.63
CA GLY E 313 -26.03 -75.05 -38.26
C GLY E 313 -25.55 -74.90 -39.69
N TYR E 314 -26.50 -74.67 -40.58
CA TYR E 314 -26.23 -74.50 -42.00
C TYR E 314 -26.57 -73.07 -42.38
N VAL E 315 -25.69 -72.43 -43.14
CA VAL E 315 -25.84 -71.02 -43.51
C VAL E 315 -25.73 -70.92 -45.01
N ASN E 316 -26.67 -70.21 -45.63
CA ASN E 316 -26.63 -69.90 -47.05
C ASN E 316 -26.49 -68.39 -47.21
N VAL E 317 -25.54 -67.95 -48.01
CA VAL E 317 -25.34 -66.54 -48.25
C VAL E 317 -25.25 -66.28 -49.75
N THR E 318 -25.72 -65.10 -50.15
CA THR E 318 -25.75 -64.68 -51.54
C THR E 318 -25.04 -63.32 -51.65
N VAL E 319 -23.81 -63.29 -51.14
CA VAL E 319 -23.04 -62.06 -51.17
C VAL E 319 -22.70 -61.69 -52.61
N GLN E 320 -22.52 -60.39 -52.85
CA GLN E 320 -22.19 -59.87 -54.16
C GLN E 320 -20.80 -59.26 -54.11
N GLN E 321 -19.98 -59.59 -55.09
CA GLN E 321 -18.60 -59.12 -55.10
C GLN E 321 -18.54 -57.62 -55.35
N GLY E 322 -17.70 -56.93 -54.59
CA GLY E 322 -17.49 -55.51 -54.74
C GLY E 322 -16.33 -55.20 -55.67
N SER E 323 -15.79 -53.99 -55.53
CA SER E 323 -14.63 -53.61 -56.33
C SER E 323 -13.43 -54.49 -56.00
N SER E 324 -13.19 -54.75 -54.72
CA SER E 324 -12.09 -55.58 -54.31
C SER E 324 -12.47 -57.05 -54.36
N SER E 325 -11.49 -57.91 -54.61
CA SER E 325 -11.73 -59.34 -54.72
C SER E 325 -11.68 -60.02 -53.36
N VAL E 326 -12.61 -60.94 -53.13
CA VAL E 326 -12.62 -61.77 -51.94
C VAL E 326 -12.96 -63.20 -52.35
N ALA E 327 -12.55 -64.15 -51.51
CA ALA E 327 -12.79 -65.56 -51.74
C ALA E 327 -13.84 -66.09 -50.78
N PRO E 328 -14.63 -67.10 -51.19
CA PRO E 328 -15.63 -67.65 -50.27
C PRO E 328 -15.03 -68.27 -49.02
N GLU E 329 -13.78 -68.73 -49.08
CA GLU E 329 -13.12 -69.25 -47.89
C GLU E 329 -13.00 -68.17 -46.82
N ALA E 330 -12.79 -66.92 -47.22
CA ALA E 330 -12.76 -65.83 -46.26
C ALA E 330 -14.11 -65.66 -45.58
N ILE E 331 -15.20 -65.77 -46.34
CA ILE E 331 -16.54 -65.66 -45.76
C ILE E 331 -16.78 -66.77 -44.76
N GLN E 332 -16.43 -68.00 -45.14
CA GLN E 332 -16.59 -69.13 -44.22
C GLN E 332 -15.74 -68.95 -42.97
N ASN E 333 -14.51 -68.45 -43.13
CA ASN E 333 -13.64 -68.22 -41.99
C ASN E 333 -14.23 -67.17 -41.05
N ALA E 334 -14.78 -66.09 -41.59
CA ALA E 334 -15.40 -65.07 -40.75
C ALA E 334 -16.60 -65.65 -40.00
N VAL E 335 -17.44 -66.41 -40.69
CA VAL E 335 -18.62 -66.98 -40.04
C VAL E 335 -18.21 -67.94 -38.93
N VAL E 336 -17.23 -68.80 -39.20
CA VAL E 336 -16.80 -69.77 -38.19
C VAL E 336 -16.10 -69.08 -37.03
N ASN E 337 -15.35 -68.00 -37.30
CA ASN E 337 -14.74 -67.24 -36.21
C ASN E 337 -15.80 -66.65 -35.31
N TYR E 338 -16.84 -66.05 -35.88
CA TYR E 338 -17.92 -65.53 -35.05
C TYR E 338 -18.60 -66.64 -34.28
N ALA E 339 -18.85 -67.78 -34.94
CA ALA E 339 -19.55 -68.89 -34.27
C ALA E 339 -18.76 -69.42 -33.10
N GLN E 340 -17.45 -69.57 -33.27
CA GLN E 340 -16.59 -69.98 -32.15
C GLN E 340 -16.38 -68.86 -31.15
N GLY E 341 -16.73 -67.63 -31.49
CA GLY E 341 -16.63 -66.53 -30.55
C GLY E 341 -15.28 -65.85 -30.47
N LYS E 342 -14.41 -66.08 -31.44
CA LYS E 342 -13.09 -65.47 -31.45
C LYS E 342 -13.15 -63.96 -31.70
N VAL E 343 -14.29 -63.44 -32.15
CA VAL E 343 -14.44 -62.03 -32.45
C VAL E 343 -14.67 -61.26 -31.15
N GLU E 344 -14.21 -60.00 -31.13
CA GLU E 344 -14.38 -59.15 -29.97
C GLU E 344 -15.83 -58.71 -29.83
N GLY E 345 -16.29 -58.61 -28.58
CA GLY E 345 -17.62 -58.12 -28.31
C GLY E 345 -18.70 -59.18 -28.38
N GLU E 346 -18.93 -59.73 -29.58
CA GLU E 346 -19.94 -60.76 -29.74
C GLU E 346 -19.52 -62.02 -28.98
N GLU E 347 -20.42 -62.50 -28.12
CA GLU E 347 -20.09 -63.63 -27.26
C GLU E 347 -19.82 -64.88 -28.07
N GLY E 348 -20.63 -65.13 -29.09
CA GLY E 348 -20.53 -66.34 -29.89
C GLY E 348 -21.76 -67.19 -29.75
N LEU E 349 -21.69 -68.39 -30.34
CA LEU E 349 -22.80 -69.33 -30.32
C LEU E 349 -22.60 -70.31 -29.16
N VAL E 350 -22.80 -69.78 -27.96
CA VAL E 350 -22.67 -70.54 -26.71
C VAL E 350 -23.94 -71.35 -26.49
N VAL E 351 -23.92 -72.23 -25.48
CA VAL E 351 -25.10 -72.99 -25.10
C VAL E 351 -26.27 -72.04 -24.87
N GLY E 352 -27.41 -72.37 -25.46
CA GLY E 352 -28.59 -71.53 -25.35
C GLY E 352 -28.47 -70.20 -26.05
N ALA E 353 -27.77 -70.15 -27.18
CA ALA E 353 -27.69 -68.96 -28.01
C ALA E 353 -28.38 -69.24 -29.34
N SER E 354 -29.40 -68.46 -29.65
CA SER E 354 -30.18 -68.70 -30.85
C SER E 354 -29.41 -68.24 -32.09
N LEU E 355 -29.56 -68.99 -33.17
CA LEU E 355 -28.81 -68.77 -34.41
C LEU E 355 -29.58 -67.79 -35.27
N SER E 356 -29.07 -66.56 -35.39
CA SER E 356 -29.75 -65.49 -36.10
C SER E 356 -28.99 -65.14 -37.38
N ALA E 357 -29.69 -65.21 -38.51
CA ALA E 357 -29.09 -64.82 -39.78
C ALA E 357 -28.67 -63.36 -39.79
N PHE E 358 -29.37 -62.52 -39.04
CA PHE E 358 -28.94 -61.13 -38.91
C PHE E 358 -27.61 -61.04 -38.17
N GLU E 359 -27.40 -61.89 -37.16
CA GLU E 359 -26.11 -61.92 -36.48
C GLU E 359 -25.00 -62.42 -37.41
N VAL E 360 -25.30 -63.46 -38.20
CA VAL E 360 -24.29 -63.95 -39.16
C VAL E 360 -23.94 -62.86 -40.18
N ALA E 361 -24.96 -62.16 -40.68
CA ALA E 361 -24.72 -61.06 -41.61
C ALA E 361 -23.95 -59.94 -40.93
N GLY E 362 -24.18 -59.72 -39.64
CA GLY E 362 -23.41 -58.72 -38.92
C GLY E 362 -21.95 -59.10 -38.84
N ALA E 363 -21.66 -60.36 -38.54
CA ALA E 363 -20.27 -60.81 -38.52
C ALA E 363 -19.63 -60.66 -39.89
N ILE E 364 -20.36 -61.02 -40.95
CA ILE E 364 -19.82 -60.90 -42.30
C ILE E 364 -19.55 -59.44 -42.66
N ALA E 365 -20.47 -58.54 -42.30
CA ALA E 365 -20.29 -57.14 -42.62
C ALA E 365 -19.14 -56.54 -41.82
N ARG E 366 -18.94 -56.99 -40.59
CA ARG E 366 -17.84 -56.47 -39.78
C ARG E 366 -16.49 -56.96 -40.29
N GLU E 367 -16.39 -58.23 -40.66
CA GLU E 367 -15.10 -58.76 -41.08
C GLU E 367 -14.77 -58.42 -42.53
N ILE E 368 -15.77 -58.32 -43.39
CA ILE E 368 -15.58 -58.08 -44.81
C ILE E 368 -16.40 -56.88 -45.24
N PRO E 369 -16.00 -55.65 -44.92
CA PRO E 369 -16.75 -54.48 -45.38
C PRO E 369 -16.63 -54.33 -46.89
N GLY E 370 -17.59 -53.58 -47.45
CA GLY E 370 -17.61 -53.36 -48.88
C GLY E 370 -18.39 -54.41 -49.63
N ILE E 371 -18.35 -55.65 -49.14
CA ILE E 371 -19.14 -56.72 -49.74
C ILE E 371 -20.61 -56.46 -49.44
N TYR E 372 -21.41 -56.43 -50.50
CA TYR E 372 -22.85 -56.19 -50.37
C TYR E 372 -23.57 -57.53 -50.22
N ILE E 373 -24.25 -57.71 -49.09
CA ILE E 373 -24.94 -58.97 -48.81
C ILE E 373 -26.37 -58.87 -49.33
N LYS E 374 -26.78 -59.86 -50.11
CA LYS E 374 -28.13 -59.92 -50.68
C LYS E 374 -29.07 -60.73 -49.79
N LEU E 375 -28.74 -61.98 -49.53
CA LEU E 375 -29.60 -62.85 -48.74
C LEU E 375 -28.74 -63.70 -47.82
N CYS E 376 -29.10 -63.71 -46.53
CA CYS E 376 -28.49 -64.59 -45.55
C CYS E 376 -29.60 -65.42 -44.90
N GLN E 377 -29.45 -66.73 -44.94
CA GLN E 377 -30.45 -67.66 -44.45
C GLN E 377 -29.78 -68.70 -43.57
N VAL E 378 -30.47 -69.11 -42.50
CA VAL E 378 -29.89 -70.04 -41.53
C VAL E 378 -30.87 -71.17 -41.28
N ALA E 379 -30.31 -72.31 -40.90
CA ALA E 379 -31.12 -73.48 -40.54
C ALA E 379 -30.32 -74.32 -39.54
N CYS E 380 -31.04 -75.16 -38.80
CA CYS E 380 -30.44 -75.97 -37.76
C CYS E 380 -30.99 -77.38 -37.83
N VAL E 381 -30.10 -78.37 -37.73
CA VAL E 381 -30.48 -79.77 -37.78
C VAL E 381 -29.79 -80.51 -36.64
N ALA E 382 -30.25 -81.73 -36.40
CA ALA E 382 -29.62 -82.57 -35.40
C ALA E 382 -28.25 -83.04 -35.88
N ALA E 383 -27.40 -83.41 -34.93
CA ALA E 383 -26.05 -83.85 -35.25
C ALA E 383 -26.09 -85.16 -36.03
N GLY E 384 -25.18 -85.27 -37.00
CA GLY E 384 -25.11 -86.48 -37.82
C GLY E 384 -26.34 -86.72 -38.67
N SER E 385 -26.84 -85.68 -39.33
CA SER E 385 -28.01 -85.75 -40.17
C SER E 385 -27.73 -85.12 -41.52
N PRO E 386 -28.45 -85.51 -42.56
CA PRO E 386 -28.26 -84.89 -43.87
C PRO E 386 -28.59 -83.41 -43.84
N ALA E 387 -27.95 -82.66 -44.74
CA ALA E 387 -28.18 -81.23 -44.80
C ALA E 387 -29.65 -80.94 -45.13
N PRO E 388 -30.24 -79.93 -44.51
CA PRO E 388 -31.65 -79.64 -44.77
C PRO E 388 -31.87 -79.16 -46.20
N ALA E 389 -33.04 -79.53 -46.74
CA ALA E 389 -33.38 -79.13 -48.09
C ALA E 389 -33.67 -77.63 -48.15
N PRO E 390 -33.47 -77.01 -49.31
CA PRO E 390 -33.85 -75.59 -49.46
C PRO E 390 -35.33 -75.41 -49.20
N GLY E 391 -35.66 -74.28 -48.56
CA GLY E 391 -37.00 -74.01 -48.07
C GLY E 391 -37.15 -74.25 -46.59
N ASP E 392 -36.36 -75.17 -46.03
CA ASP E 392 -36.32 -75.34 -44.58
C ASP E 392 -35.57 -74.19 -43.92
N PHE E 393 -34.65 -73.56 -44.65
CA PHE E 393 -33.92 -72.41 -44.11
C PHE E 393 -34.86 -71.26 -43.84
N THR E 394 -34.68 -70.61 -42.70
CA THR E 394 -35.49 -69.46 -42.30
C THR E 394 -34.60 -68.24 -42.12
N SER E 395 -35.25 -67.10 -41.88
CA SER E 395 -34.54 -65.86 -41.65
C SER E 395 -33.93 -65.77 -40.25
N GLU E 396 -34.33 -66.66 -39.34
CA GLU E 396 -33.80 -66.66 -37.99
C GLU E 396 -34.24 -67.96 -37.31
N TYR E 397 -33.34 -68.55 -36.54
CA TYR E 397 -33.60 -69.80 -35.82
C TYR E 397 -33.49 -69.56 -34.33
N VAL E 398 -34.47 -70.05 -33.58
CA VAL E 398 -34.48 -69.94 -32.13
C VAL E 398 -34.04 -71.28 -31.53
N MET E 399 -33.20 -71.20 -30.50
CA MET E 399 -32.60 -72.38 -29.90
C MET E 399 -33.11 -72.55 -28.47
N SER E 400 -33.20 -73.81 -28.04
CA SER E 400 -33.62 -74.12 -26.68
C SER E 400 -32.56 -73.68 -25.67
N ALA E 401 -32.84 -73.92 -24.40
CA ALA E 401 -31.96 -73.51 -23.32
C ALA E 401 -30.90 -74.55 -22.98
N PHE E 402 -30.82 -75.65 -23.73
CA PHE E 402 -29.84 -76.69 -23.47
C PHE E 402 -29.21 -77.19 -24.77
N GLY E 403 -29.15 -76.35 -25.79
CA GLY E 403 -28.61 -76.75 -27.07
C GLY E 403 -27.51 -75.81 -27.53
N GLN E 404 -26.56 -76.39 -28.25
CA GLN E 404 -25.44 -75.64 -28.80
C GLN E 404 -25.28 -76.00 -30.27
N ALA E 405 -25.24 -74.99 -31.12
CA ALA E 405 -25.11 -75.18 -32.56
C ALA E 405 -23.71 -74.80 -33.01
N THR E 406 -23.16 -75.60 -33.93
CA THR E 406 -21.84 -75.34 -34.50
C THR E 406 -21.97 -75.20 -36.01
N ILE E 407 -21.22 -74.24 -36.56
CA ILE E 407 -21.12 -74.05 -38.00
C ILE E 407 -19.67 -74.36 -38.40
N SER E 408 -19.49 -75.42 -39.17
CA SER E 408 -18.17 -75.72 -39.70
C SER E 408 -17.94 -74.96 -41.00
N VAL E 409 -16.71 -75.09 -41.53
CA VAL E 409 -16.40 -74.44 -42.79
C VAL E 409 -17.19 -75.04 -43.95
N GLY E 410 -17.66 -76.29 -43.81
CA GLY E 410 -18.42 -76.95 -44.86
C GLY E 410 -19.90 -76.69 -44.87
N ASN E 411 -20.45 -76.07 -43.83
CA ASN E 411 -21.88 -75.80 -43.75
C ASN E 411 -22.24 -74.40 -44.21
N VAL E 412 -21.28 -73.67 -44.76
CA VAL E 412 -21.51 -72.35 -45.33
C VAL E 412 -21.56 -72.49 -46.84
N ARG E 413 -22.69 -72.11 -47.44
CA ARG E 413 -22.90 -72.18 -48.88
C ARG E 413 -22.92 -70.76 -49.41
N VAL E 414 -21.83 -70.37 -50.07
CA VAL E 414 -21.65 -69.01 -50.58
C VAL E 414 -21.97 -69.01 -52.06
N THR E 415 -22.86 -68.11 -52.48
CA THR E 415 -23.21 -67.96 -53.88
C THR E 415 -22.89 -66.54 -54.33
N PHE E 416 -22.14 -66.42 -55.42
CA PHE E 416 -21.79 -65.12 -56.00
C PHE E 416 -22.86 -64.76 -57.04
N VAL E 417 -23.72 -63.81 -56.69
CA VAL E 417 -24.78 -63.38 -57.59
C VAL E 417 -24.19 -62.51 -58.69
N ALA F 2 -0.22 20.11 49.95
CA ALA F 2 0.78 19.33 49.21
C ALA F 2 0.64 17.85 49.52
N ASN F 3 -0.05 17.54 50.61
CA ASN F 3 -0.28 16.16 51.01
C ASN F 3 -1.54 15.55 50.39
N TYR F 4 -2.28 16.34 49.62
CA TYR F 4 -3.47 15.87 48.86
C TYR F 4 -4.49 15.35 49.87
N ASN F 5 -5.20 14.27 49.55
CA ASN F 5 -6.07 13.58 50.49
C ASN F 5 -5.85 12.09 50.25
N TYR F 6 -4.88 11.52 50.96
CA TYR F 6 -4.54 10.11 50.74
C TYR F 6 -5.52 9.17 51.42
N ILE F 7 -6.57 9.68 52.03
CA ILE F 7 -7.57 8.82 52.66
C ILE F 7 -8.73 8.55 51.71
N VAL F 8 -9.27 9.62 51.12
CA VAL F 8 -10.40 9.59 50.19
C VAL F 8 -11.50 8.66 50.70
N ASP F 9 -12.40 8.23 49.81
CA ASP F 9 -13.47 7.31 50.20
C ASP F 9 -13.21 5.87 49.80
N THR F 10 -12.57 5.63 48.67
CA THR F 10 -12.40 4.28 48.15
C THR F 10 -11.11 3.65 48.68
N GLY F 11 -11.01 3.61 50.00
CA GLY F 11 -9.82 3.07 50.65
C GLY F 11 -8.66 4.05 50.60
N VAL F 12 -7.56 3.66 51.23
CA VAL F 12 -6.41 4.53 51.35
C VAL F 12 -5.56 4.41 50.08
N ILE F 13 -5.23 5.56 49.48
CA ILE F 13 -4.34 5.61 48.34
C ILE F 13 -2.92 5.93 48.83
N VAL F 14 -1.97 5.08 48.46
CA VAL F 14 -0.60 5.17 48.94
C VAL F 14 0.27 5.58 47.76
N ALA F 15 0.79 6.81 47.79
CA ALA F 15 1.68 7.26 46.76
C ALA F 15 3.09 6.72 47.00
N ASP F 16 3.89 6.74 45.94
CA ASP F 16 5.25 6.23 46.04
C ASP F 16 6.11 7.14 46.91
N THR F 17 7.10 6.54 47.57
CA THR F 17 7.97 7.29 48.45
C THR F 17 8.79 8.31 47.67
N ALA F 18 9.03 8.08 46.38
CA ALA F 18 9.62 9.13 45.56
C ALA F 18 8.73 10.37 45.55
N ASP F 19 7.41 10.16 45.39
CA ASP F 19 6.49 11.29 45.39
C ASP F 19 6.41 11.96 46.76
N VAL F 20 6.40 11.16 47.83
CA VAL F 20 6.35 11.73 49.17
C VAL F 20 7.60 12.57 49.45
N LEU F 21 8.77 12.04 49.07
CA LEU F 21 10.01 12.77 49.24
C LEU F 21 10.01 14.03 48.40
N SER F 22 9.45 13.98 47.19
CA SER F 22 9.37 15.18 46.36
C SER F 22 8.48 16.23 47.01
N ASP F 23 7.35 15.82 47.60
CA ASP F 23 6.49 16.78 48.27
C ASP F 23 7.18 17.41 49.48
N VAL F 24 7.88 16.59 50.28
CA VAL F 24 8.61 17.14 51.42
C VAL F 24 9.69 18.10 50.95
N GLU F 25 10.38 17.75 49.86
CA GLU F 25 11.40 18.62 49.30
C GLU F 25 10.80 19.95 48.85
N ALA F 26 9.63 19.90 48.21
CA ALA F 26 8.97 21.13 47.79
C ALA F 26 8.60 22.00 48.98
N GLU F 27 8.08 21.37 50.04
CA GLU F 27 7.73 22.14 51.23
C GLU F 27 8.97 22.80 51.84
N PHE F 28 10.07 22.06 51.94
CA PHE F 28 11.29 22.63 52.51
C PHE F 28 11.86 23.73 51.62
N ARG F 29 11.78 23.55 50.30
CA ARG F 29 12.27 24.56 49.37
C ARG F 29 11.42 25.82 49.43
N ALA F 30 10.12 25.68 49.70
CA ALA F 30 9.29 26.85 49.89
C ALA F 30 9.55 27.54 51.22
N ALA F 31 9.84 26.76 52.27
CA ALA F 31 10.02 27.35 53.60
C ALA F 31 11.39 28.00 53.75
N LEU F 32 12.46 27.21 53.65
CA LEU F 32 13.79 27.72 53.92
C LEU F 32 14.31 28.64 52.81
N GLY F 33 14.14 28.22 51.56
CA GLY F 33 14.65 29.01 50.45
C GLY F 33 14.53 28.29 49.11
N ALA F 34 14.29 29.05 48.04
CA ALA F 34 14.04 28.44 46.74
C ALA F 34 15.25 27.73 46.16
N ASN F 35 16.45 28.00 46.68
CA ASN F 35 17.68 27.41 46.17
C ASN F 35 18.54 26.88 47.31
N ILE F 36 17.91 26.16 48.22
CA ILE F 36 18.59 25.55 49.35
C ILE F 36 19.11 24.18 48.93
N ASN F 37 20.32 23.84 49.36
CA ASN F 37 20.91 22.54 49.04
C ASN F 37 20.26 21.47 49.90
N LEU F 38 19.36 20.71 49.30
CA LEU F 38 18.72 19.59 50.00
C LEU F 38 19.50 18.29 49.78
N ALA F 39 20.80 18.35 50.03
CA ALA F 39 21.64 17.17 49.97
C ALA F 39 21.51 16.40 51.28
N ALA F 40 21.54 15.06 51.17
CA ALA F 40 21.26 14.22 52.32
C ALA F 40 22.30 14.35 53.42
N SER F 41 23.48 14.89 53.12
CA SER F 41 24.51 15.06 54.12
C SER F 41 24.41 16.38 54.87
N THR F 42 23.54 17.28 54.45
CA THR F 42 23.30 18.58 55.04
C THR F 42 22.21 18.47 56.11
N PRO F 43 22.16 19.43 57.05
CA PRO F 43 21.09 19.37 58.07
C PRO F 43 19.70 19.45 57.49
N GLN F 44 19.49 20.34 56.51
CA GLN F 44 18.17 20.43 55.90
C GLN F 44 17.84 19.17 55.11
N GLY F 45 18.84 18.54 54.50
CA GLY F 45 18.60 17.26 53.85
C GLY F 45 18.25 16.17 54.84
N SER F 46 18.87 16.20 56.03
CA SER F 46 18.50 15.26 57.07
C SER F 46 17.07 15.48 57.52
N LEU F 47 16.65 16.74 57.66
CA LEU F 47 15.26 17.03 58.00
C LEU F 47 14.32 16.53 56.91
N VAL F 48 14.70 16.71 55.64
CA VAL F 48 13.88 16.23 54.53
C VAL F 48 13.75 14.71 54.58
N ALA F 49 14.85 14.00 54.83
CA ALA F 49 14.78 12.55 54.90
C ALA F 49 13.94 12.09 56.09
N ALA F 50 14.02 12.80 57.21
CA ALA F 50 13.19 12.45 58.35
C ALA F 50 11.70 12.62 58.04
N GLU F 51 11.34 13.75 57.43
CA GLU F 51 9.95 13.98 57.05
C GLU F 51 9.51 13.12 55.87
N ALA F 52 10.45 12.50 55.17
CA ALA F 52 10.10 11.54 54.12
C ALA F 52 9.87 10.14 54.68
N ILE F 53 10.63 9.74 55.69
CA ILE F 53 10.34 8.48 56.37
C ILE F 53 9.03 8.58 57.12
N ALA F 54 8.86 9.66 57.89
CA ALA F 54 7.53 10.03 58.33
C ALA F 54 6.69 10.44 57.12
N ARG F 55 5.39 10.57 57.34
CA ARG F 55 4.47 10.98 56.29
C ARG F 55 4.39 9.90 55.22
N SER F 56 5.19 8.85 55.37
CA SER F 56 5.09 7.61 54.63
C SER F 56 4.87 6.41 55.52
N SER F 57 5.53 6.35 56.68
CA SER F 57 5.20 5.31 57.64
C SER F 57 3.74 5.40 58.08
N VAL F 58 3.25 6.62 58.28
CA VAL F 58 1.86 6.80 58.70
C VAL F 58 0.91 6.40 57.57
N MET F 59 1.25 6.77 56.33
CA MET F 59 0.42 6.38 55.19
C MET F 59 0.32 4.87 55.08
N ARG F 60 1.45 4.19 55.20
CA ARG F 60 1.44 2.73 55.11
C ARG F 60 0.70 2.09 56.27
N ASN F 61 0.83 2.65 57.48
CA ASN F 61 0.08 2.11 58.61
C ASN F 61 -1.43 2.25 58.40
N GLU F 62 -1.86 3.43 57.95
CA GLU F 62 -3.29 3.64 57.72
C GLU F 62 -3.81 2.72 56.63
N ALA F 63 -3.06 2.57 55.53
CA ALA F 63 -3.49 1.66 54.48
C ALA F 63 -3.47 0.21 54.96
N ARG F 64 -2.56 -0.11 55.87
CA ARG F 64 -2.50 -1.47 56.41
C ARG F 64 -3.72 -1.80 57.25
N ILE F 65 -4.21 -0.84 58.02
CA ILE F 65 -5.32 -1.13 58.93
C ILE F 65 -6.57 -0.36 58.56
N ALA F 66 -6.75 -0.06 57.26
CA ALA F 66 -7.93 0.69 56.83
C ALA F 66 -9.19 -0.14 56.96
N ASN F 67 -9.30 -1.23 56.20
CA ASN F 67 -10.51 -2.05 56.19
C ASN F 67 -10.32 -3.31 57.03
N THR F 68 -9.91 -3.12 58.27
CA THR F 68 -9.53 -4.24 59.12
C THR F 68 -10.71 -4.91 59.81
N ILE F 69 -11.91 -4.32 59.75
CA ILE F 69 -13.04 -4.93 60.42
C ILE F 69 -13.74 -5.96 59.53
N ASN F 70 -13.45 -5.99 58.24
CA ASN F 70 -13.98 -7.06 57.40
C ASN F 70 -13.26 -8.36 57.74
N PRO F 71 -13.97 -9.37 58.25
CA PRO F 71 -13.29 -10.60 58.66
C PRO F 71 -12.68 -11.38 57.51
N ASN F 72 -13.18 -11.21 56.29
CA ASN F 72 -12.70 -12.00 55.17
C ASN F 72 -11.31 -11.61 54.71
N VAL F 73 -10.82 -10.43 55.09
CA VAL F 73 -9.49 -10.01 54.64
C VAL F 73 -8.64 -9.53 55.81
N SER F 74 -9.11 -9.78 57.04
CA SER F 74 -8.39 -9.34 58.22
C SER F 74 -7.10 -10.16 58.38
N PHE F 75 -6.34 -9.84 59.44
CA PHE F 75 -5.06 -10.49 59.65
C PHE F 75 -4.66 -10.40 61.12
N GLY F 76 -3.92 -11.41 61.58
CA GLY F 76 -3.26 -11.33 62.87
C GLY F 76 -4.22 -11.15 64.02
N THR F 77 -3.84 -10.29 64.96
CA THR F 77 -4.64 -10.08 66.17
C THR F 77 -5.98 -9.45 65.87
N PHE F 78 -6.08 -8.69 64.77
CA PHE F 78 -7.38 -8.15 64.38
C PHE F 78 -8.35 -9.27 64.04
N LEU F 79 -7.90 -10.23 63.22
CA LEU F 79 -8.72 -11.39 62.92
C LEU F 79 -8.98 -12.22 64.18
N ASP F 80 -8.00 -12.29 65.07
CA ASP F 80 -8.19 -12.99 66.33
C ASP F 80 -9.35 -12.38 67.12
N ALA F 81 -9.35 -11.06 67.26
CA ALA F 81 -10.41 -10.39 68.00
C ALA F 81 -11.76 -10.54 67.29
N ILE F 82 -11.77 -10.42 65.97
CA ILE F 82 -13.04 -10.51 65.24
C ILE F 82 -13.63 -11.91 65.38
N CYS F 83 -12.81 -12.94 65.23
CA CYS F 83 -13.29 -14.32 65.30
C CYS F 83 -13.49 -14.81 66.71
N ALA F 84 -12.96 -14.12 67.73
CA ALA F 84 -13.23 -14.50 69.11
C ALA F 84 -14.65 -14.15 69.54
N LEU F 85 -15.37 -13.37 68.75
CA LEU F 85 -16.75 -13.04 69.11
C LEU F 85 -17.66 -14.25 69.06
N MET F 86 -17.43 -15.18 68.14
CA MET F 86 -18.25 -16.37 68.01
C MET F 86 -17.65 -17.58 68.72
N GLY F 87 -16.56 -17.40 69.46
CA GLY F 87 -15.96 -18.46 70.22
C GLY F 87 -14.74 -19.11 69.60
N ILE F 88 -14.50 -18.89 68.31
CA ILE F 88 -13.30 -19.41 67.67
C ILE F 88 -12.10 -18.67 68.22
N GLU F 89 -11.18 -19.40 68.83
CA GLU F 89 -10.01 -18.81 69.47
C GLU F 89 -8.75 -19.45 68.91
N ARG F 90 -7.82 -18.61 68.46
CA ARG F 90 -6.52 -19.11 68.02
C ARG F 90 -5.77 -19.68 69.21
N GLY F 91 -5.24 -20.88 69.05
CA GLY F 91 -4.52 -21.54 70.12
C GLY F 91 -3.14 -20.95 70.35
N SER F 92 -2.42 -21.58 71.26
CA SER F 92 -1.05 -21.21 71.55
C SER F 92 -0.11 -22.31 71.09
N ASP F 93 1.05 -21.91 70.58
CA ASP F 93 2.05 -22.85 70.12
C ASP F 93 2.85 -23.34 71.33
N LEU F 94 2.78 -24.65 71.58
CA LEU F 94 3.48 -25.29 72.67
C LEU F 94 4.40 -26.37 72.11
N SER F 95 5.04 -27.12 73.00
CA SER F 95 5.90 -28.22 72.61
C SER F 95 5.63 -29.40 73.53
N THR F 96 5.91 -30.60 73.01
CA THR F 96 5.78 -31.80 73.82
C THR F 96 6.70 -31.69 75.04
N PHE F 97 6.20 -32.11 76.20
CA PHE F 97 6.86 -31.85 77.47
C PHE F 97 7.06 -33.14 78.25
N GLY F 98 7.69 -34.12 77.62
CA GLY F 98 7.83 -35.43 78.22
C GLY F 98 8.52 -35.39 79.56
N TYR F 99 7.97 -36.08 80.55
CA TYR F 99 8.53 -36.11 81.90
C TYR F 99 8.79 -37.54 82.33
N GLY F 100 9.78 -37.71 83.19
CA GLY F 100 10.13 -39.02 83.68
C GLY F 100 10.83 -39.92 82.68
N VAL F 101 11.53 -39.34 81.70
CA VAL F 101 12.26 -40.15 80.74
C VAL F 101 13.43 -40.83 81.43
N GLN F 102 13.54 -42.15 81.25
CA GLN F 102 14.58 -42.92 81.93
C GLN F 102 15.93 -42.65 81.28
N VAL F 103 16.96 -42.44 82.10
CA VAL F 103 18.32 -42.27 81.64
C VAL F 103 19.20 -43.29 82.36
N THR F 104 20.00 -44.00 81.58
CA THR F 104 20.93 -45.00 82.10
C THR F 104 22.36 -44.56 81.83
N GLY F 105 23.22 -44.71 82.83
CA GLY F 105 24.60 -44.32 82.71
C GLY F 105 25.50 -44.98 83.75
N ARG F 106 26.43 -44.22 84.30
CA ARG F 106 27.35 -44.75 85.30
C ARG F 106 27.60 -43.71 86.38
N SER F 107 27.88 -44.21 87.58
CA SER F 107 28.31 -43.40 88.73
C SER F 107 27.45 -42.15 88.92
N GLN F 108 28.08 -40.98 88.82
CA GLN F 108 27.39 -39.72 89.06
C GLN F 108 27.46 -38.82 87.83
N THR F 109 27.22 -39.40 86.65
CA THR F 109 27.22 -38.62 85.42
C THR F 109 26.16 -37.52 85.50
N ARG F 110 26.53 -36.31 85.12
CA ARG F 110 25.65 -35.15 85.21
C ARG F 110 25.17 -34.76 83.82
N ILE F 111 23.87 -34.82 83.61
CA ILE F 111 23.24 -34.41 82.37
C ILE F 111 22.90 -32.94 82.47
N SER F 112 23.43 -32.15 81.54
CA SER F 112 23.26 -30.71 81.51
C SER F 112 22.04 -30.32 80.69
N THR F 113 21.57 -29.10 80.92
CA THR F 113 20.39 -28.61 80.22
C THR F 113 20.66 -28.49 78.72
N GLY F 114 19.65 -28.87 77.93
CA GLY F 114 19.77 -28.78 76.49
C GLY F 114 20.61 -29.87 75.86
N SER F 115 20.64 -31.06 76.46
CA SER F 115 21.46 -32.14 75.93
C SER F 115 20.98 -32.66 74.57
N ARG F 116 19.75 -32.35 74.19
CA ARG F 116 19.23 -32.64 72.85
C ARG F 116 19.29 -34.13 72.52
N VAL F 117 18.52 -34.91 73.28
CA VAL F 117 18.24 -36.29 72.88
C VAL F 117 17.40 -36.28 71.62
N GLN F 118 17.29 -37.45 70.97
CA GLN F 118 16.56 -37.54 69.73
C GLN F 118 15.69 -38.80 69.70
N THR F 119 14.47 -38.64 69.20
CA THR F 119 13.59 -39.77 68.92
C THR F 119 14.03 -40.48 67.64
N PRO F 120 13.56 -41.71 67.43
CA PRO F 120 14.00 -42.44 66.22
C PRO F 120 13.70 -41.72 64.92
N ALA F 121 12.61 -40.96 64.84
CA ALA F 121 12.24 -40.23 63.63
C ALA F 121 12.36 -38.73 63.91
N GLY F 122 13.57 -38.20 63.74
CA GLY F 122 13.81 -36.79 63.99
C GLY F 122 13.41 -36.39 65.40
N ALA F 123 12.73 -35.25 65.51
CA ALA F 123 12.08 -34.83 66.76
C ALA F 123 13.09 -34.71 67.91
N ILE F 124 13.98 -33.73 67.77
CA ILE F 124 14.98 -33.49 68.79
C ILE F 124 14.32 -32.90 70.03
N PHE F 125 14.54 -33.54 71.17
CA PHE F 125 14.01 -33.11 72.46
C PHE F 125 15.16 -32.69 73.36
N THR F 126 15.13 -31.46 73.86
CA THR F 126 16.18 -30.94 74.71
C THR F 126 15.87 -31.24 76.17
N VAL F 127 16.91 -31.63 76.92
CA VAL F 127 16.76 -31.87 78.35
C VAL F 127 16.63 -30.54 79.07
N LEU F 128 15.51 -30.33 79.75
CA LEU F 128 15.21 -29.03 80.34
C LEU F 128 15.60 -28.93 81.81
N SER F 129 16.18 -29.98 82.40
CA SER F 129 16.56 -29.93 83.81
C SER F 129 17.83 -30.75 84.01
N ASP F 130 18.79 -30.16 84.69
CA ASP F 130 20.05 -30.85 84.97
C ASP F 130 19.79 -32.01 85.94
N VAL F 131 20.31 -33.18 85.60
CA VAL F 131 20.03 -34.40 86.35
C VAL F 131 21.31 -35.19 86.57
N THR F 132 21.62 -35.50 87.81
CA THR F 132 22.80 -36.31 88.14
C THR F 132 22.36 -37.73 88.44
N ILE F 133 23.00 -38.69 87.80
CA ILE F 133 22.62 -40.10 87.96
C ILE F 133 23.02 -40.58 89.36
N PRO F 134 22.12 -41.23 90.11
CA PRO F 134 22.49 -41.75 91.43
C PRO F 134 23.35 -42.99 91.34
N ALA F 135 23.64 -43.60 92.49
CA ALA F 135 24.50 -44.78 92.51
C ALA F 135 23.84 -45.99 91.85
N GLY F 136 22.53 -45.96 91.62
CA GLY F 136 21.87 -47.07 90.97
C GLY F 136 22.20 -47.19 89.50
N GLY F 137 22.48 -46.06 88.84
CA GLY F 137 22.80 -46.04 87.44
C GLY F 137 21.68 -45.59 86.53
N VAL F 138 20.46 -45.41 87.06
CA VAL F 138 19.31 -45.00 86.27
C VAL F 138 18.60 -43.88 87.00
N ALA F 139 18.06 -42.92 86.24
CA ALA F 139 17.35 -41.78 86.80
C ALA F 139 16.26 -41.34 85.83
N THR F 140 15.59 -40.23 86.17
CA THR F 140 14.55 -39.66 85.34
C THR F 140 14.90 -38.22 84.98
N ILE F 141 14.53 -37.81 83.76
CA ILE F 141 14.74 -36.45 83.29
C ILE F 141 13.45 -35.93 82.66
N ASP F 142 13.44 -34.63 82.41
CA ASP F 142 12.36 -33.94 81.72
C ASP F 142 12.88 -33.39 80.41
N ILE F 143 12.19 -33.68 79.31
CA ILE F 143 12.59 -33.24 77.98
C ILE F 143 11.47 -32.44 77.35
N LYS F 144 11.86 -31.44 76.56
CA LYS F 144 10.94 -30.54 75.88
C LYS F 144 11.27 -30.52 74.39
N SER F 145 10.23 -30.58 73.56
CA SER F 145 10.42 -30.64 72.13
C SER F 145 11.00 -29.33 71.62
N GLN F 146 12.02 -29.43 70.76
CA GLN F 146 12.64 -28.24 70.19
C GLN F 146 11.65 -27.50 69.30
N GLU F 147 10.88 -28.23 68.49
CA GLU F 147 9.89 -27.63 67.61
C GLU F 147 8.58 -27.43 68.35
N TYR F 148 7.52 -27.07 67.63
CA TYR F 148 6.22 -26.80 68.21
C TYR F 148 5.17 -27.72 67.60
N GLY F 149 4.20 -28.11 68.42
CA GLY F 149 3.11 -28.97 68.00
C GLY F 149 3.10 -30.27 68.77
N ASN F 150 2.17 -31.14 68.39
CA ASN F 150 2.03 -32.46 68.99
C ASN F 150 3.04 -33.40 68.33
N ILE F 151 4.29 -33.29 68.79
CA ILE F 151 5.35 -34.16 68.31
C ILE F 151 5.22 -35.52 69.00
N PRO F 152 5.07 -36.60 68.26
CA PRO F 152 4.88 -37.91 68.90
C PRO F 152 6.15 -38.37 69.61
N LEU F 153 5.97 -38.92 70.80
CA LEU F 153 7.06 -39.42 71.63
C LEU F 153 6.71 -40.84 72.05
N PRO F 154 6.84 -41.81 71.16
CA PRO F 154 6.43 -43.18 71.49
C PRO F 154 7.41 -43.84 72.45
N VAL F 155 6.96 -44.97 73.01
CA VAL F 155 7.79 -45.73 73.94
C VAL F 155 8.95 -46.35 73.17
N GLY F 156 10.16 -46.11 73.65
CA GLY F 156 11.33 -46.65 73.00
C GLY F 156 12.59 -46.04 73.57
N ASN F 157 13.72 -46.45 73.00
CA ASN F 157 15.03 -45.98 73.42
C ASN F 157 15.42 -44.76 72.58
N LEU F 158 15.37 -43.59 73.19
CA LEU F 158 15.75 -42.37 72.49
C LEU F 158 17.25 -42.35 72.25
N ILE F 159 17.65 -42.05 71.01
CA ILE F 159 19.07 -41.93 70.68
C ILE F 159 19.57 -40.57 71.16
N ILE F 160 20.83 -40.55 71.61
CA ILE F 160 21.43 -39.34 72.16
C ILE F 160 22.26 -38.67 71.09
N ILE F 161 22.04 -37.37 70.92
CA ILE F 161 22.81 -36.59 69.94
C ILE F 161 24.01 -35.97 70.63
N ASP F 162 23.76 -35.14 71.64
CA ASP F 162 24.80 -34.46 72.39
C ASP F 162 24.84 -35.08 73.79
N GLY F 163 25.69 -36.09 73.96
CA GLY F 163 25.79 -36.81 75.22
C GLY F 163 27.16 -36.64 75.84
N THR F 164 27.18 -36.48 77.16
CA THR F 164 28.42 -36.35 77.89
C THR F 164 29.08 -37.71 78.06
N ILE F 165 30.22 -37.72 78.74
CA ILE F 165 30.94 -38.96 79.00
C ILE F 165 30.33 -39.63 80.23
N GLY F 166 29.82 -40.84 80.05
CA GLY F 166 29.18 -41.56 81.13
C GLY F 166 27.73 -41.87 80.86
N TRP F 167 27.03 -40.96 80.19
CA TRP F 167 25.63 -41.17 79.86
C TRP F 167 25.52 -42.26 78.80
N SER F 168 24.86 -43.36 79.15
CA SER F 168 24.79 -44.52 78.26
C SER F 168 23.61 -44.44 77.31
N GLY F 169 22.40 -44.26 77.82
CA GLY F 169 21.23 -44.23 76.95
C GLY F 169 20.04 -43.58 77.60
N ALA F 170 19.00 -43.39 76.79
CA ALA F 170 17.74 -42.84 77.26
C ALA F 170 16.59 -43.66 76.69
N LYS F 171 15.59 -43.90 77.53
CA LYS F 171 14.42 -44.70 77.14
C LYS F 171 13.15 -43.99 77.59
N VAL F 172 12.08 -44.21 76.84
CA VAL F 172 10.76 -43.68 77.17
C VAL F 172 9.98 -44.83 77.79
N ILE F 173 10.05 -44.94 79.12
CA ILE F 173 9.31 -45.97 79.85
C ILE F 173 7.84 -45.61 79.84
N ALA F 174 6.99 -46.56 80.24
CA ALA F 174 5.55 -46.31 80.23
C ALA F 174 5.11 -45.27 81.25
N SER F 175 5.93 -44.99 82.25
CA SER F 175 5.58 -44.03 83.29
C SER F 175 5.77 -42.58 82.83
N THR F 176 6.34 -42.37 81.65
CA THR F 176 6.55 -41.03 81.16
C THR F 176 5.23 -40.34 80.86
N ARG F 177 5.12 -39.08 81.25
CA ARG F 177 3.93 -38.26 81.03
C ARG F 177 4.15 -37.45 79.76
N VAL F 178 3.73 -37.99 78.63
CA VAL F 178 3.90 -37.35 77.33
C VAL F 178 2.82 -36.27 77.21
N ASP F 179 3.18 -35.04 77.55
CA ASP F 179 2.25 -33.93 77.43
C ASP F 179 2.32 -33.35 76.02
N PRO F 180 1.26 -33.42 75.23
CA PRO F 180 1.33 -32.95 73.85
C PRO F 180 1.34 -31.43 73.76
N GLY F 181 1.77 -30.92 72.61
CA GLY F 181 1.81 -29.51 72.33
C GLY F 181 0.72 -29.08 71.37
N SER F 182 0.94 -27.92 70.76
CA SER F 182 0.00 -27.37 69.78
C SER F 182 0.75 -26.44 68.84
N ARG F 183 0.15 -26.17 67.69
CA ARG F 183 0.78 -25.43 66.61
C ARG F 183 -0.07 -24.24 66.20
N GLN F 184 -0.68 -23.57 67.16
CA GLN F 184 -1.41 -22.31 66.94
C GLN F 184 -2.51 -22.55 65.90
N MET F 185 -2.84 -21.51 65.12
CA MET F 185 -3.84 -21.62 64.06
C MET F 185 -3.59 -20.50 63.07
N SER F 186 -3.52 -20.83 61.79
CA SER F 186 -3.23 -19.84 60.76
C SER F 186 -4.42 -18.91 60.55
N ASP F 187 -4.14 -17.77 59.91
CA ASP F 187 -5.21 -16.83 59.59
C ASP F 187 -6.22 -17.43 58.62
N ALA F 188 -5.72 -18.18 57.63
CA ALA F 188 -6.63 -18.88 56.73
C ALA F 188 -7.49 -19.87 57.49
N GLU F 189 -6.89 -20.58 58.46
CA GLU F 189 -7.66 -21.55 59.24
C GLU F 189 -8.70 -20.86 60.12
N LEU F 190 -8.37 -19.69 60.66
CA LEU F 190 -9.35 -18.95 61.44
C LEU F 190 -10.52 -18.50 60.57
N LYS F 191 -10.23 -18.05 59.35
CA LYS F 191 -11.31 -17.70 58.44
C LYS F 191 -12.13 -18.94 58.09
N ASN F 192 -11.47 -20.09 58.01
CA ASN F 192 -12.16 -21.36 57.77
C ASN F 192 -13.14 -21.66 58.88
N ALA F 193 -12.69 -21.52 60.13
CA ALA F 193 -13.57 -21.77 61.27
C ALA F 193 -14.74 -20.80 61.29
N ARG F 194 -14.47 -19.53 60.96
CA ARG F 194 -15.56 -18.56 60.90
C ARG F 194 -16.59 -18.93 59.84
N VAL F 195 -16.13 -19.35 58.66
CA VAL F 195 -17.06 -19.74 57.60
C VAL F 195 -17.84 -20.99 58.00
N ASN F 196 -17.18 -21.93 58.67
CA ASN F 196 -17.89 -23.11 59.17
C ASN F 196 -18.97 -22.72 60.15
N ARG F 197 -18.66 -21.81 61.06
CA ARG F 197 -19.65 -21.38 62.05
C ARG F 197 -20.82 -20.68 61.38
N LEU F 198 -20.54 -19.85 60.37
CA LEU F 198 -21.61 -19.18 59.64
C LEU F 198 -22.50 -20.18 58.91
N ALA F 199 -21.89 -21.19 58.27
CA ALA F 199 -22.67 -22.22 57.61
C ALA F 199 -23.54 -22.97 58.61
N ILE F 200 -23.02 -23.24 59.80
CA ILE F 200 -23.79 -23.94 60.82
C ILE F 200 -24.96 -23.09 61.28
N GLN F 201 -24.73 -21.80 61.50
CA GLN F 201 -25.76 -20.94 62.08
C GLN F 201 -26.50 -20.13 61.03
N GLY F 202 -26.47 -20.58 59.79
CA GLY F 202 -27.34 -19.98 58.78
C GLY F 202 -28.39 -20.92 58.27
N ARG F 203 -28.74 -21.92 59.08
CA ARG F 203 -29.74 -22.92 58.72
C ARG F 203 -30.81 -22.99 59.78
N ASN F 204 -32.06 -23.14 59.35
CA ASN F 204 -33.19 -23.25 60.27
C ASN F 204 -33.23 -24.64 60.89
N SER F 205 -34.30 -24.89 61.64
CA SER F 205 -34.41 -26.14 62.40
C SER F 205 -34.39 -27.36 61.47
N THR F 206 -35.24 -27.35 60.45
CA THR F 206 -35.40 -28.54 59.61
C THR F 206 -34.12 -28.84 58.84
N MET F 207 -33.54 -27.81 58.21
CA MET F 207 -32.31 -28.01 57.44
C MET F 207 -31.16 -28.41 58.36
N ALA F 208 -31.07 -27.80 59.54
CA ALA F 208 -30.01 -28.16 60.48
C ALA F 208 -30.12 -29.60 60.92
N ILE F 209 -31.35 -30.05 61.23
CA ILE F 209 -31.56 -31.44 61.63
C ILE F 209 -31.16 -32.37 60.49
N LYS F 210 -31.62 -32.06 59.27
CA LYS F 210 -31.29 -32.89 58.12
C LYS F 210 -29.79 -33.02 57.94
N ALA F 211 -29.08 -31.89 57.94
CA ALA F 211 -27.64 -31.92 57.69
C ALA F 211 -26.90 -32.66 58.80
N TYR F 212 -27.19 -32.32 60.06
CA TYR F 212 -26.47 -32.92 61.17
C TYR F 212 -26.72 -34.43 61.26
N VAL F 213 -27.96 -34.85 61.05
CA VAL F 213 -28.26 -36.28 61.14
C VAL F 213 -27.66 -37.04 59.96
N SER F 214 -27.76 -36.48 58.76
CA SER F 214 -27.19 -37.15 57.59
C SER F 214 -25.67 -37.20 57.67
N ALA F 215 -25.03 -36.29 58.40
CA ALA F 215 -23.59 -36.35 58.57
C ALA F 215 -23.15 -37.57 59.38
N VAL F 216 -24.04 -38.16 60.16
CA VAL F 216 -23.69 -39.33 60.99
C VAL F 216 -23.37 -40.51 60.08
N PRO F 217 -22.33 -41.29 60.37
CA PRO F 217 -22.07 -42.49 59.57
C PRO F 217 -23.21 -43.49 59.68
N ASN F 218 -23.39 -44.26 58.62
CA ASN F 218 -24.37 -45.33 58.49
C ASN F 218 -25.81 -44.84 58.43
N VAL F 219 -26.03 -43.53 58.30
CA VAL F 219 -27.36 -42.97 58.13
C VAL F 219 -27.63 -42.89 56.63
N THR F 220 -28.50 -43.78 56.14
CA THR F 220 -28.76 -43.81 54.70
C THR F 220 -29.61 -42.61 54.27
N SER F 221 -30.65 -42.29 55.03
CA SER F 221 -31.53 -41.19 54.64
C SER F 221 -32.26 -40.66 55.87
N VAL F 222 -32.81 -39.46 55.73
CA VAL F 222 -33.53 -38.78 56.79
C VAL F 222 -34.81 -38.20 56.21
N ASN F 223 -35.80 -38.00 57.08
CA ASN F 223 -37.07 -37.39 56.70
C ASN F 223 -37.55 -36.54 57.86
N VAL F 224 -37.57 -35.22 57.69
CA VAL F 224 -37.88 -34.28 58.75
C VAL F 224 -39.15 -33.52 58.39
N ILE F 225 -40.13 -33.55 59.28
CA ILE F 225 -41.44 -32.94 59.05
C ILE F 225 -41.81 -32.12 60.27
N GLU F 226 -42.30 -30.90 60.03
CA GLU F 226 -42.55 -29.93 61.08
C GLU F 226 -44.04 -29.54 61.09
N ASN F 227 -44.64 -29.49 62.29
CA ASN F 227 -46.07 -29.23 62.40
C ASN F 227 -46.44 -27.84 61.88
N ASN F 228 -46.00 -26.79 62.59
CA ASN F 228 -46.19 -25.41 62.16
C ASN F 228 -47.68 -25.11 61.93
N THR F 229 -48.53 -25.69 62.77
CA THR F 229 -49.96 -25.46 62.63
C THR F 229 -50.70 -25.18 63.93
N GLY F 230 -50.12 -25.46 65.09
CA GLY F 230 -50.82 -25.26 66.34
C GLY F 230 -52.06 -26.11 66.49
N ALA F 231 -52.09 -27.26 65.83
CA ALA F 231 -53.25 -28.15 65.89
C ALA F 231 -52.79 -29.57 65.61
N VAL F 232 -53.15 -30.49 66.49
CA VAL F 232 -52.76 -31.88 66.33
C VAL F 232 -53.51 -32.45 65.13
N GLN F 233 -52.80 -32.64 64.02
CA GLN F 233 -53.41 -33.09 62.79
C GLN F 233 -52.33 -33.71 61.92
N VAL F 234 -52.76 -34.29 60.81
CA VAL F 234 -51.83 -34.67 59.76
C VAL F 234 -51.39 -33.41 59.03
N VAL F 235 -50.13 -33.02 59.23
CA VAL F 235 -49.63 -31.77 58.68
C VAL F 235 -49.66 -31.85 57.17
N ASN F 236 -48.94 -32.81 56.63
CA ASN F 236 -48.84 -33.06 55.19
C ASN F 236 -48.56 -34.53 54.88
N GLY F 237 -48.90 -35.44 55.80
CA GLY F 237 -48.76 -36.86 55.57
C GLY F 237 -48.34 -37.68 56.78
N VAL F 238 -48.10 -37.04 57.92
CA VAL F 238 -47.79 -37.73 59.16
C VAL F 238 -48.67 -37.16 60.26
N SER F 239 -49.33 -38.04 61.01
CA SER F 239 -50.21 -37.63 62.10
C SER F 239 -49.36 -37.28 63.31
N PHE F 240 -49.24 -35.98 63.58
CA PHE F 240 -48.49 -35.51 64.73
C PHE F 240 -49.26 -35.76 66.03
N THR F 241 -48.63 -35.44 67.15
CA THR F 241 -49.26 -35.56 68.45
C THR F 241 -49.15 -34.31 69.30
N LEU F 242 -48.47 -33.27 68.82
CA LEU F 242 -48.35 -32.01 69.53
C LEU F 242 -48.65 -30.86 68.60
N PRO F 243 -49.28 -29.80 69.10
CA PRO F 243 -49.62 -28.66 68.21
C PRO F 243 -48.40 -27.99 67.62
N TYR F 244 -47.29 -27.92 68.35
CA TYR F 244 -46.06 -27.30 67.88
C TYR F 244 -44.92 -28.28 68.13
N ALA F 245 -44.48 -28.98 67.08
CA ALA F 245 -43.44 -29.98 67.25
C ALA F 245 -42.78 -30.26 65.91
N VAL F 246 -41.67 -30.98 65.98
CA VAL F 246 -40.96 -31.47 64.80
C VAL F 246 -40.71 -32.96 64.97
N TRP F 247 -40.68 -33.66 63.84
CA TRP F 247 -40.65 -35.12 63.81
C TRP F 247 -39.61 -35.55 62.79
N VAL F 248 -38.72 -36.46 63.19
CA VAL F 248 -37.62 -36.87 62.34
C VAL F 248 -37.56 -38.38 62.28
N CYS F 249 -37.40 -38.92 61.07
CA CYS F 249 -37.24 -40.35 60.86
C CYS F 249 -35.89 -40.60 60.21
N VAL F 250 -35.11 -41.51 60.80
CA VAL F 250 -33.74 -41.77 60.38
C VAL F 250 -33.63 -43.22 59.95
N ALA F 251 -33.19 -43.44 58.71
CA ALA F 251 -33.04 -44.79 58.19
C ALA F 251 -31.66 -45.34 58.53
N GLY F 252 -31.29 -46.45 57.90
CA GLY F 252 -29.97 -47.01 58.08
C GLY F 252 -29.80 -47.69 59.43
N ASN F 253 -28.53 -47.98 59.74
CA ASN F 253 -28.15 -48.66 60.98
C ASN F 253 -27.04 -47.87 61.66
N PRO F 254 -27.35 -46.68 62.18
CA PRO F 254 -26.31 -45.86 62.82
C PRO F 254 -26.16 -46.17 64.29
N ASP F 255 -25.28 -45.42 64.96
CA ASP F 255 -25.15 -45.53 66.41
C ASP F 255 -26.15 -44.59 67.07
N LYS F 256 -26.86 -45.13 68.08
CA LYS F 256 -27.90 -44.36 68.75
C LYS F 256 -27.34 -43.11 69.38
N GLN F 257 -26.20 -43.22 70.07
CA GLN F 257 -25.60 -42.05 70.69
C GLN F 257 -25.15 -41.03 69.64
N ALA F 258 -24.64 -41.51 68.51
CA ALA F 258 -24.20 -40.60 67.46
C ALA F 258 -25.37 -39.80 66.88
N VAL F 259 -26.44 -40.49 66.51
CA VAL F 259 -27.58 -39.76 65.94
C VAL F 259 -28.24 -38.88 67.00
N ALA F 260 -28.26 -39.32 68.26
CA ALA F 260 -28.82 -38.49 69.32
C ALA F 260 -28.00 -37.22 69.49
N ASP F 261 -26.67 -37.33 69.46
CA ASP F 261 -25.82 -36.15 69.57
C ASP F 261 -26.02 -35.22 68.38
N ALA F 262 -26.18 -35.79 67.17
CA ALA F 262 -26.43 -34.95 66.01
C ALA F 262 -27.75 -34.19 66.14
N LEU F 263 -28.81 -34.89 66.55
CA LEU F 263 -30.10 -34.24 66.74
C LEU F 263 -30.02 -33.17 67.82
N TRP F 264 -29.31 -33.45 68.90
CA TRP F 264 -29.15 -32.47 69.97
C TRP F 264 -28.41 -31.23 69.48
N ALA F 265 -27.32 -31.42 68.74
CA ALA F 265 -26.58 -30.29 68.21
C ALA F 265 -27.39 -29.51 67.19
N ALA F 266 -28.32 -30.15 66.50
CA ALA F 266 -29.16 -29.48 65.52
C ALA F 266 -30.51 -29.04 66.09
N HIS F 267 -30.71 -29.19 67.40
CA HIS F 267 -31.99 -28.82 68.01
C HIS F 267 -32.23 -27.32 67.91
N ASN F 268 -33.40 -26.95 67.39
CA ASN F 268 -33.76 -25.54 67.26
C ASN F 268 -33.99 -24.87 68.60
N GLY F 269 -34.59 -25.58 69.55
CA GLY F 269 -34.90 -24.97 70.82
C GLY F 269 -36.35 -24.50 70.93
N GLY F 270 -36.96 -24.79 72.07
CA GLY F 270 -38.34 -24.42 72.31
C GLY F 270 -39.28 -25.47 71.77
N THR F 271 -39.15 -25.79 70.49
CA THR F 271 -40.01 -26.78 69.86
C THR F 271 -39.56 -28.17 70.26
N PRO F 272 -40.41 -28.97 70.89
CA PRO F 272 -39.99 -30.30 71.33
C PRO F 272 -40.23 -31.38 70.28
N TRP F 273 -39.38 -32.40 70.33
CA TRP F 273 -39.58 -33.56 69.46
C TRP F 273 -40.82 -34.33 69.89
N ASP F 274 -41.45 -35.00 68.94
CA ASP F 274 -42.52 -35.92 69.24
C ASP F 274 -42.26 -37.24 68.52
N TYR F 275 -42.61 -38.33 69.19
CA TYR F 275 -42.54 -39.64 68.57
C TYR F 275 -43.61 -39.86 67.51
N GLY F 276 -44.59 -38.97 67.44
CA GLY F 276 -45.75 -39.19 66.60
C GLY F 276 -46.75 -40.09 67.29
N ALA F 277 -47.89 -40.29 66.64
CA ALA F 277 -48.91 -41.20 67.15
C ALA F 277 -48.46 -42.63 66.90
N THR F 278 -49.34 -43.59 67.22
CA THR F 278 -49.00 -45.00 67.03
C THR F 278 -48.82 -45.31 65.55
N ASN F 279 -47.86 -46.17 65.25
CA ASN F 279 -47.57 -46.62 63.88
C ASN F 279 -47.25 -45.43 62.97
N ASN F 280 -46.50 -44.46 63.50
CA ASN F 280 -45.98 -43.34 62.73
C ASN F 280 -44.47 -43.46 62.57
N GLY F 281 -44.00 -44.68 62.31
CA GLY F 281 -42.60 -44.99 62.46
C GLY F 281 -42.31 -45.56 63.84
N VAL F 282 -41.28 -46.38 63.92
CA VAL F 282 -40.99 -47.09 65.16
C VAL F 282 -40.53 -46.11 66.23
N PRO F 283 -41.27 -45.97 67.33
CA PRO F 283 -40.82 -45.09 68.42
C PRO F 283 -39.77 -45.76 69.29
N VAL F 284 -38.60 -46.01 68.68
CA VAL F 284 -37.53 -46.76 69.33
C VAL F 284 -36.99 -45.97 70.51
N ASP F 285 -36.23 -46.65 71.38
CA ASP F 285 -35.71 -46.13 72.64
C ASP F 285 -36.81 -45.83 73.65
N GLY F 286 -37.97 -46.46 73.51
CA GLY F 286 -39.01 -46.36 74.50
C GLY F 286 -39.82 -45.07 74.40
N PRO F 287 -40.84 -44.95 75.25
CA PRO F 287 -41.64 -43.72 75.25
C PRO F 287 -40.84 -42.48 75.62
N ASN F 288 -39.82 -42.62 76.45
CA ASN F 288 -38.95 -41.51 76.83
C ASN F 288 -37.68 -41.56 75.99
N GLY F 289 -37.31 -40.41 75.43
CA GLY F 289 -36.23 -40.37 74.47
C GLY F 289 -34.86 -40.58 75.08
N VAL F 290 -33.87 -40.59 74.21
CA VAL F 290 -32.48 -40.83 74.63
C VAL F 290 -31.94 -39.60 75.32
N PRO F 291 -31.28 -39.75 76.47
CA PRO F 291 -30.56 -38.61 77.09
C PRO F 291 -29.13 -38.53 76.61
N VAL F 292 -28.69 -37.31 76.32
CA VAL F 292 -27.35 -37.01 75.86
C VAL F 292 -26.80 -35.86 76.69
N ARG F 293 -25.52 -35.93 77.05
CA ARG F 293 -24.91 -34.86 77.84
C ARG F 293 -24.51 -33.73 76.90
N ASP F 294 -25.02 -32.53 77.18
CA ASP F 294 -24.60 -31.36 76.41
C ASP F 294 -23.11 -31.16 76.59
N PRO F 295 -22.33 -31.12 75.50
CA PRO F 295 -20.87 -30.98 75.67
C PRO F 295 -20.49 -29.70 76.38
N ALA F 296 -21.33 -28.68 76.28
CA ALA F 296 -21.02 -27.37 76.88
C ALA F 296 -21.16 -27.41 78.39
N SER F 297 -22.35 -27.72 78.88
CA SER F 297 -22.66 -27.69 80.29
C SER F 297 -23.04 -29.10 80.75
N GLY F 298 -22.69 -29.43 81.99
CA GLY F 298 -22.96 -30.75 82.51
C GLY F 298 -24.41 -31.18 82.43
N ARG F 299 -25.32 -30.25 82.11
CA ARG F 299 -26.70 -30.62 81.86
C ARG F 299 -26.79 -31.56 80.66
N LYS F 300 -27.71 -32.51 80.76
CA LYS F 300 -28.09 -33.35 79.64
C LYS F 300 -29.24 -32.70 78.90
N TYR F 301 -29.67 -33.32 77.80
CA TYR F 301 -30.93 -33.08 77.11
C TYR F 301 -31.52 -34.42 76.72
N VAL F 302 -32.82 -34.44 76.42
CA VAL F 302 -33.47 -35.66 75.94
C VAL F 302 -34.00 -35.41 74.55
N VAL F 303 -33.79 -36.38 73.66
CA VAL F 303 -34.13 -36.25 72.25
C VAL F 303 -34.88 -37.49 71.81
N LYS F 304 -35.94 -37.30 71.05
CA LYS F 304 -36.80 -38.38 70.57
C LYS F 304 -36.79 -38.39 69.05
N TRP F 305 -36.56 -39.57 68.47
CA TRP F 305 -36.63 -39.74 67.03
C TRP F 305 -37.08 -41.15 66.73
N THR F 306 -37.61 -41.34 65.52
CA THR F 306 -38.23 -42.59 65.12
C THR F 306 -37.46 -43.22 63.97
N THR F 307 -37.33 -44.55 64.01
CA THR F 307 -36.81 -45.30 62.89
C THR F 307 -37.95 -45.72 61.97
N PRO F 308 -37.69 -45.91 60.68
CA PRO F 308 -38.79 -46.14 59.74
C PRO F 308 -39.45 -47.49 59.93
N ILE F 309 -40.66 -47.60 59.41
CA ILE F 309 -41.38 -48.86 59.37
C ILE F 309 -40.76 -49.72 58.27
N MET F 310 -40.14 -50.82 58.66
CA MET F 310 -39.51 -51.71 57.69
C MET F 310 -40.56 -52.47 56.90
N TYR F 311 -40.38 -52.52 55.59
CA TYR F 311 -41.24 -53.28 54.69
C TYR F 311 -40.38 -54.17 53.81
N ASP F 312 -40.85 -55.39 53.58
CA ASP F 312 -40.20 -56.29 52.64
C ASP F 312 -40.88 -56.14 51.28
N GLY F 313 -40.09 -55.87 50.25
CA GLY F 313 -40.59 -55.65 48.91
C GLY F 313 -40.27 -56.85 48.03
N TYR F 314 -41.32 -57.37 47.38
CA TYR F 314 -41.19 -58.48 46.45
C TYR F 314 -41.46 -57.98 45.04
N VAL F 315 -40.61 -58.39 44.10
CA VAL F 315 -40.73 -57.99 42.71
C VAL F 315 -40.84 -59.27 41.87
N ASN F 316 -41.83 -59.30 40.99
CA ASN F 316 -41.99 -60.38 40.02
C ASN F 316 -41.72 -59.81 38.64
N VAL F 317 -40.76 -60.39 37.92
CA VAL F 317 -40.42 -59.91 36.59
C VAL F 317 -40.57 -61.05 35.60
N THR F 318 -40.93 -60.70 34.37
CA THR F 318 -41.23 -61.63 33.29
C THR F 318 -40.34 -61.25 32.10
N VAL F 319 -39.03 -61.32 32.35
CA VAL F 319 -38.10 -60.92 31.31
C VAL F 319 -38.08 -61.96 30.19
N GLN F 320 -37.75 -61.49 28.99
CA GLN F 320 -37.58 -62.33 27.81
C GLN F 320 -36.15 -62.20 27.34
N GLN F 321 -35.49 -63.34 27.17
CA GLN F 321 -34.08 -63.35 26.82
C GLN F 321 -33.89 -62.81 25.41
N GLY F 322 -32.89 -61.95 25.26
CA GLY F 322 -32.54 -61.40 23.97
C GLY F 322 -31.46 -62.21 23.28
N SER F 323 -30.69 -61.54 22.42
CA SER F 323 -29.59 -62.21 21.74
C SER F 323 -28.51 -62.64 22.73
N SER F 324 -27.98 -61.69 23.50
CA SER F 324 -26.91 -61.99 24.43
C SER F 324 -27.44 -62.74 25.65
N SER F 325 -26.59 -63.59 26.23
CA SER F 325 -26.99 -64.38 27.38
C SER F 325 -27.03 -63.51 28.64
N VAL F 326 -28.00 -63.80 29.51
CA VAL F 326 -28.08 -63.21 30.83
C VAL F 326 -28.58 -64.27 31.81
N ALA F 327 -28.17 -64.12 33.06
CA ALA F 327 -28.55 -64.92 34.21
C ALA F 327 -29.53 -64.16 35.08
N PRO F 328 -30.50 -64.84 35.71
CA PRO F 328 -31.46 -64.13 36.56
C PRO F 328 -30.81 -63.41 37.72
N GLU F 329 -29.64 -63.89 38.15
CA GLU F 329 -28.94 -63.27 39.27
C GLU F 329 -28.40 -61.90 38.89
N ALA F 330 -28.08 -61.68 37.63
CA ALA F 330 -27.72 -60.33 37.18
C ALA F 330 -28.91 -59.38 37.35
N ILE F 331 -30.11 -59.82 37.00
CA ILE F 331 -31.30 -59.00 37.17
C ILE F 331 -31.53 -58.74 38.66
N GLN F 332 -31.40 -59.78 39.48
CA GLN F 332 -31.60 -59.61 40.92
C GLN F 332 -30.60 -58.60 41.50
N ASN F 333 -29.33 -58.71 41.10
CA ASN F 333 -28.32 -57.79 41.61
C ASN F 333 -28.58 -56.37 41.13
N ALA F 334 -29.04 -56.20 39.89
CA ALA F 334 -29.38 -54.87 39.42
C ALA F 334 -30.52 -54.27 40.24
N VAL F 335 -31.55 -55.05 40.51
CA VAL F 335 -32.68 -54.55 41.29
C VAL F 335 -32.24 -54.21 42.70
N VAL F 336 -31.42 -55.05 43.31
CA VAL F 336 -30.96 -54.81 44.69
C VAL F 336 -30.08 -53.56 44.74
N ASN F 337 -29.20 -53.40 43.74
CA ASN F 337 -28.35 -52.21 43.70
C ASN F 337 -29.18 -50.94 43.57
N TYR F 338 -30.19 -50.97 42.69
CA TYR F 338 -31.07 -49.82 42.58
C TYR F 338 -31.79 -49.54 43.88
N ALA F 339 -32.28 -50.59 44.54
CA ALA F 339 -33.01 -50.40 45.80
C ALA F 339 -32.11 -49.78 46.87
N GLN F 340 -30.87 -50.27 46.97
CA GLN F 340 -29.92 -49.66 47.91
C GLN F 340 -29.45 -48.28 47.46
N GLY F 341 -29.66 -47.92 46.20
CA GLY F 341 -29.28 -46.61 45.73
C GLY F 341 -27.86 -46.50 45.23
N LYS F 342 -27.20 -47.62 44.94
CA LYS F 342 -25.82 -47.59 44.47
C LYS F 342 -25.70 -47.05 43.05
N VAL F 343 -26.81 -46.89 42.33
CA VAL F 343 -26.77 -46.37 40.98
C VAL F 343 -26.79 -44.85 41.03
N GLU F 344 -26.20 -44.22 40.01
CA GLU F 344 -26.15 -42.78 39.93
C GLU F 344 -27.52 -42.20 39.57
N GLY F 345 -27.85 -41.08 40.17
CA GLY F 345 -29.09 -40.37 39.87
C GLY F 345 -30.32 -40.83 40.63
N GLU F 346 -30.58 -42.13 40.65
CA GLU F 346 -31.76 -42.65 41.32
C GLU F 346 -31.50 -42.75 42.82
N GLU F 347 -32.37 -42.12 43.60
CA GLU F 347 -32.20 -42.10 45.06
C GLU F 347 -32.31 -43.50 45.65
N GLY F 348 -33.26 -44.29 45.17
CA GLY F 348 -33.49 -45.62 45.71
C GLY F 348 -34.68 -45.66 46.64
N LEU F 349 -34.67 -46.66 47.52
CA LEU F 349 -35.75 -46.85 48.48
C LEU F 349 -35.37 -46.24 49.82
N VAL F 350 -35.30 -44.91 49.82
CA VAL F 350 -35.08 -44.13 51.03
C VAL F 350 -36.38 -44.10 51.83
N VAL F 351 -36.31 -43.57 53.06
CA VAL F 351 -37.52 -43.44 53.87
C VAL F 351 -38.56 -42.64 53.10
N GLY F 352 -39.77 -43.18 53.03
CA GLY F 352 -40.84 -42.53 52.30
C GLY F 352 -40.62 -42.48 50.80
N ALA F 353 -40.04 -43.54 50.24
CA ALA F 353 -39.87 -43.65 48.80
C ALA F 353 -40.84 -44.70 48.27
N SER F 354 -41.71 -44.28 47.35
CA SER F 354 -42.75 -45.17 46.86
C SER F 354 -42.14 -46.24 45.94
N LEU F 355 -42.68 -47.45 46.04
CA LEU F 355 -42.15 -48.61 45.32
C LEU F 355 -42.94 -48.76 44.01
N SER F 356 -42.32 -48.35 42.91
CA SER F 356 -42.95 -48.39 41.59
C SER F 356 -42.32 -49.48 40.74
N ALA F 357 -43.14 -50.41 40.26
CA ALA F 357 -42.65 -51.44 39.35
C ALA F 357 -42.10 -50.83 38.07
N PHE F 358 -42.60 -49.65 37.69
CA PHE F 358 -42.05 -48.98 36.53
C PHE F 358 -40.63 -48.48 36.78
N GLU F 359 -40.37 -47.98 37.99
CA GLU F 359 -39.00 -47.62 38.34
C GLU F 359 -38.10 -48.84 38.43
N VAL F 360 -38.63 -49.97 38.93
CA VAL F 360 -37.84 -51.19 38.99
C VAL F 360 -37.50 -51.69 37.58
N ALA F 361 -38.49 -51.66 36.67
CA ALA F 361 -38.22 -52.01 35.29
C ALA F 361 -37.23 -51.03 34.66
N GLY F 362 -37.30 -49.76 35.06
CA GLY F 362 -36.33 -48.79 34.60
C GLY F 362 -34.93 -49.13 35.05
N ALA F 363 -34.78 -49.65 36.27
CA ALA F 363 -33.47 -50.07 36.76
C ALA F 363 -32.98 -51.32 36.04
N ILE F 364 -33.89 -52.25 35.75
CA ILE F 364 -33.49 -53.44 35.00
C ILE F 364 -33.04 -53.07 33.60
N ALA F 365 -33.75 -52.15 32.95
CA ALA F 365 -33.28 -51.62 31.67
C ALA F 365 -32.04 -50.76 31.84
N ARG F 366 -31.85 -50.17 33.02
CA ARG F 366 -30.63 -49.43 33.34
C ARG F 366 -29.42 -50.33 33.20
N GLU F 367 -29.47 -51.50 33.84
CA GLU F 367 -28.27 -52.32 33.97
C GLU F 367 -28.16 -53.41 32.91
N ILE F 368 -29.28 -53.86 32.34
CA ILE F 368 -29.27 -54.97 31.38
C ILE F 368 -29.97 -54.55 30.09
N PRO F 369 -29.28 -53.90 29.16
CA PRO F 369 -29.91 -53.56 27.89
C PRO F 369 -30.19 -54.81 27.05
N GLY F 370 -31.19 -54.68 26.18
CA GLY F 370 -31.53 -55.73 25.23
C GLY F 370 -32.53 -56.74 25.73
N ILE F 371 -32.53 -57.04 27.03
CA ILE F 371 -33.50 -57.96 27.60
C ILE F 371 -34.89 -57.32 27.50
N TYR F 372 -35.86 -58.08 27.00
CA TYR F 372 -37.19 -57.53 26.75
C TYR F 372 -38.10 -57.83 27.95
N ILE F 373 -38.38 -56.82 28.75
CA ILE F 373 -39.19 -56.99 29.95
C ILE F 373 -40.65 -57.03 29.55
N LYS F 374 -41.36 -58.09 29.93
CA LYS F 374 -42.78 -58.23 29.57
C LYS F 374 -43.68 -57.68 30.68
N LEU F 375 -43.55 -58.20 31.89
CA LEU F 375 -44.42 -57.83 32.99
C LEU F 375 -43.60 -57.67 34.26
N CYS F 376 -43.74 -56.52 34.92
CA CYS F 376 -43.10 -56.26 36.20
C CYS F 376 -44.17 -55.89 37.21
N GLN F 377 -44.16 -56.55 38.36
CA GLN F 377 -45.12 -56.31 39.42
C GLN F 377 -44.39 -56.21 40.75
N VAL F 378 -44.94 -55.41 41.66
CA VAL F 378 -44.34 -55.17 42.97
C VAL F 378 -45.38 -55.40 44.05
N ALA F 379 -44.90 -55.81 45.22
CA ALA F 379 -45.75 -55.98 46.39
C ALA F 379 -44.94 -55.64 47.63
N CYS F 380 -45.65 -55.20 48.67
CA CYS F 380 -45.04 -54.74 49.90
C CYS F 380 -45.72 -55.41 51.08
N VAL F 381 -44.94 -56.03 51.95
CA VAL F 381 -45.48 -56.72 53.12
C VAL F 381 -44.68 -56.31 54.36
N ALA F 382 -45.19 -56.69 55.52
CA ALA F 382 -44.49 -56.41 56.76
C ALA F 382 -43.23 -57.26 56.86
N ALA F 383 -42.26 -56.76 57.63
CA ALA F 383 -41.01 -57.48 57.81
C ALA F 383 -41.25 -58.77 58.61
N GLY F 384 -40.55 -59.83 58.23
CA GLY F 384 -40.72 -61.11 58.88
C GLY F 384 -42.11 -61.68 58.75
N SER F 385 -42.68 -61.59 57.56
CA SER F 385 -44.04 -62.04 57.26
C SER F 385 -44.03 -62.91 56.02
N PRO F 386 -45.02 -63.77 55.85
CA PRO F 386 -45.07 -64.63 54.66
C PRO F 386 -45.14 -63.80 53.38
N ALA F 387 -44.54 -64.34 52.32
CA ALA F 387 -44.53 -63.64 51.05
C ALA F 387 -45.95 -63.49 50.51
N PRO F 388 -46.26 -62.39 49.84
CA PRO F 388 -47.63 -62.18 49.36
C PRO F 388 -48.02 -63.18 48.31
N ALA F 389 -49.31 -63.52 48.29
CA ALA F 389 -49.83 -64.44 47.30
C ALA F 389 -49.96 -63.76 45.95
N PRO F 390 -49.90 -64.50 44.85
CA PRO F 390 -50.13 -63.91 43.54
C PRO F 390 -51.50 -63.26 43.46
N GLY F 391 -51.57 -62.13 42.76
CA GLY F 391 -52.75 -61.30 42.72
C GLY F 391 -52.65 -60.07 43.61
N ASP F 392 -51.95 -60.21 44.75
CA ASP F 392 -51.66 -59.05 45.59
C ASP F 392 -50.70 -58.08 44.90
N PHE F 393 -49.91 -58.56 43.94
CA PHE F 393 -48.96 -57.71 43.24
C PHE F 393 -49.69 -56.71 42.35
N THR F 394 -49.27 -55.46 42.42
CA THR F 394 -49.86 -54.38 41.63
C THR F 394 -48.80 -53.77 40.73
N SER F 395 -49.24 -52.84 39.87
CA SER F 395 -48.33 -52.15 38.98
C SER F 395 -47.49 -51.11 39.69
N GLU F 396 -47.91 -50.66 40.88
CA GLU F 396 -47.19 -49.64 41.62
C GLU F 396 -47.75 -49.58 43.03
N TYR F 397 -46.87 -49.50 44.02
CA TYR F 397 -47.27 -49.39 45.42
C TYR F 397 -46.81 -48.04 45.98
N VAL F 398 -47.74 -47.31 46.54
CA VAL F 398 -47.45 -46.03 47.18
C VAL F 398 -47.18 -46.29 48.66
N MET F 399 -46.26 -45.53 49.23
CA MET F 399 -45.81 -45.75 50.60
C MET F 399 -45.96 -44.47 51.41
N SER F 400 -46.10 -44.65 52.72
CA SER F 400 -46.28 -43.55 53.65
C SER F 400 -44.95 -42.81 53.84
N ALA F 401 -44.95 -41.82 54.72
CA ALA F 401 -43.77 -40.98 54.93
C ALA F 401 -42.87 -41.48 56.05
N PHE F 402 -43.17 -42.65 56.63
CA PHE F 402 -42.33 -43.21 57.68
C PHE F 402 -42.04 -44.68 57.44
N GLY F 403 -41.96 -45.09 56.18
CA GLY F 403 -41.68 -46.46 55.84
C GLY F 403 -40.54 -46.56 54.85
N GLN F 404 -39.94 -47.75 54.81
CA GLN F 404 -38.85 -48.02 53.87
C GLN F 404 -38.94 -49.45 53.39
N ALA F 405 -38.84 -49.64 52.07
CA ALA F 405 -38.90 -50.94 51.45
C ALA F 405 -37.49 -51.47 51.23
N THR F 406 -37.27 -52.73 51.61
CA THR F 406 -36.01 -53.41 51.35
C THR F 406 -36.28 -54.56 50.38
N ILE F 407 -35.47 -54.65 49.34
CA ILE F 407 -35.57 -55.71 48.35
C ILE F 407 -34.27 -56.51 48.39
N SER F 408 -34.37 -57.77 48.80
CA SER F 408 -33.22 -58.66 48.78
C SER F 408 -33.17 -59.41 47.46
N VAL F 409 -32.10 -60.19 47.29
CA VAL F 409 -31.95 -60.96 46.05
C VAL F 409 -33.02 -62.05 45.95
N GLY F 410 -33.47 -62.59 47.08
CA GLY F 410 -34.45 -63.66 47.05
C GLY F 410 -35.88 -63.21 46.86
N ASN F 411 -36.16 -61.92 47.00
CA ASN F 411 -37.49 -61.38 46.78
C ASN F 411 -37.71 -60.94 45.34
N VAL F 412 -36.69 -61.06 44.49
CA VAL F 412 -36.82 -60.78 43.07
C VAL F 412 -36.98 -62.11 42.36
N ARG F 413 -38.16 -62.34 41.79
CA ARG F 413 -38.48 -63.59 41.13
C ARG F 413 -38.49 -63.36 39.63
N VAL F 414 -37.53 -63.97 38.94
CA VAL F 414 -37.30 -63.75 37.52
C VAL F 414 -37.90 -64.91 36.75
N THR F 415 -38.72 -64.59 35.74
CA THR F 415 -39.27 -65.59 34.84
C THR F 415 -38.76 -65.32 33.43
N PHE F 416 -38.18 -66.34 32.81
CA PHE F 416 -37.66 -66.24 31.45
C PHE F 416 -38.75 -66.75 30.51
N VAL F 417 -39.51 -65.82 29.94
CA VAL F 417 -40.60 -66.22 29.05
C VAL F 417 -40.06 -66.40 27.64
N MET G 1 -45.66 -108.11 43.53
CA MET G 1 -45.84 -106.67 43.60
C MET G 1 -44.55 -105.95 43.95
N ILE G 2 -44.53 -104.69 43.55
CA ILE G 2 -43.55 -103.71 44.01
C ILE G 2 -43.65 -103.62 45.52
N THR G 3 -42.57 -104.04 46.19
CA THR G 3 -42.50 -104.09 47.64
C THR G 3 -41.52 -103.03 48.13
N PRO G 4 -42.01 -101.90 48.63
CA PRO G 4 -41.14 -100.86 49.23
C PRO G 4 -40.67 -101.29 50.62
N GLU G 5 -39.64 -102.11 50.63
CA GLU G 5 -39.10 -102.70 51.86
C GLU G 5 -39.00 -101.66 52.97
N LEU G 6 -39.52 -102.02 54.14
CA LEU G 6 -39.69 -101.06 55.23
C LEU G 6 -38.33 -100.52 55.68
N ILE G 7 -38.19 -99.20 55.65
CA ILE G 7 -37.00 -98.54 56.21
C ILE G 7 -37.11 -98.53 57.73
N PRO G 8 -36.10 -99.03 58.44
CA PRO G 8 -36.23 -99.16 59.90
C PRO G 8 -36.61 -97.87 60.60
N SER G 9 -36.10 -96.74 60.13
CA SER G 9 -36.32 -95.45 60.77
C SER G 9 -36.08 -94.37 59.73
N PRO G 10 -36.54 -93.14 59.97
CA PRO G 10 -36.30 -92.07 58.98
C PRO G 10 -34.83 -91.77 58.89
N PHE G 11 -34.46 -90.90 57.94
CA PHE G 11 -33.06 -90.60 57.70
C PHE G 11 -32.61 -89.48 58.63
N ALA G 12 -31.47 -89.72 59.31
CA ALA G 12 -30.82 -88.71 60.15
C ALA G 12 -31.73 -88.20 61.26
N ALA G 13 -32.55 -89.07 61.85
CA ALA G 13 -33.57 -88.59 62.78
C ALA G 13 -33.10 -88.59 64.23
N GLN G 14 -31.79 -88.50 64.43
CA GLN G 14 -31.25 -88.30 65.76
C GLN G 14 -30.13 -87.26 65.68
N GLY G 15 -29.84 -86.82 64.46
CA GLY G 15 -28.72 -85.94 64.23
C GLY G 15 -29.09 -84.47 64.08
N ASP G 16 -28.88 -83.91 62.89
CA ASP G 16 -29.11 -82.50 62.64
C ASP G 16 -29.92 -82.31 61.38
N LYS G 17 -30.84 -81.36 61.41
CA LYS G 17 -31.62 -81.00 60.21
C LYS G 17 -32.17 -79.60 60.41
N ASP G 18 -31.68 -78.65 59.62
CA ASP G 18 -32.27 -77.31 59.68
C ASP G 18 -33.60 -77.30 58.94
N PRO G 19 -34.64 -76.69 59.51
CA PRO G 19 -35.95 -76.70 58.87
C PRO G 19 -35.94 -75.97 57.54
N ILE G 20 -36.82 -76.39 56.64
CA ILE G 20 -36.93 -75.80 55.30
C ILE G 20 -37.92 -74.64 55.40
N PRO G 21 -37.48 -73.40 55.20
CA PRO G 21 -38.43 -72.28 55.14
C PRO G 21 -39.24 -72.31 53.85
N GLN G 22 -40.36 -71.60 53.88
CA GLN G 22 -41.21 -71.54 52.70
C GLN G 22 -40.57 -70.70 51.60
N THR G 23 -40.06 -69.51 51.96
CA THR G 23 -39.32 -68.66 51.04
C THR G 23 -38.08 -68.14 51.75
N SER G 24 -37.04 -67.84 50.97
CA SER G 24 -35.78 -67.35 51.51
C SER G 24 -35.41 -66.06 50.80
N SER G 25 -35.42 -64.96 51.55
CA SER G 25 -35.02 -63.67 50.98
C SER G 25 -33.52 -63.62 50.68
N THR G 26 -32.72 -64.36 51.45
CA THR G 26 -31.28 -64.41 51.20
C THR G 26 -30.91 -65.38 50.09
N GLY G 27 -31.88 -65.88 49.34
CA GLY G 27 -31.61 -66.82 48.27
C GLY G 27 -31.07 -68.15 48.72
N PHE G 28 -31.65 -68.72 49.78
CA PHE G 28 -31.27 -70.03 50.27
C PHE G 28 -32.30 -71.07 49.83
N ALA G 29 -32.08 -72.31 50.26
CA ALA G 29 -32.91 -73.43 49.83
C ALA G 29 -34.28 -73.32 50.49
N ASN G 30 -35.24 -72.77 49.78
CA ASN G 30 -36.61 -72.64 50.26
C ASN G 30 -37.49 -73.72 49.63
N LEU G 31 -38.79 -73.62 49.85
CA LEU G 31 -39.74 -74.56 49.28
C LEU G 31 -40.39 -74.05 48.00
N ARG G 32 -40.63 -72.74 47.90
CA ARG G 32 -41.25 -72.21 46.69
C ARG G 32 -40.35 -72.36 45.48
N ASP G 33 -39.04 -72.30 45.68
CA ASP G 33 -38.08 -72.42 44.59
C ASP G 33 -37.19 -73.65 44.70
N GLY G 34 -37.29 -74.42 45.79
CA GLY G 34 -36.40 -75.54 45.96
C GLY G 34 -34.97 -75.06 46.09
N TYR G 35 -34.10 -75.61 45.26
CA TYR G 35 -32.72 -75.14 45.18
C TYR G 35 -32.68 -73.95 44.22
N THR G 36 -32.36 -72.78 44.76
CA THR G 36 -32.40 -71.54 43.99
C THR G 36 -31.31 -71.53 42.93
N PRO G 37 -31.46 -70.69 41.90
CA PRO G 37 -30.36 -70.55 40.93
C PRO G 37 -29.06 -70.11 41.55
N ASP G 38 -29.10 -69.49 42.73
CA ASP G 38 -27.87 -69.14 43.44
C ASP G 38 -27.04 -70.37 43.77
N TYR G 39 -27.64 -71.55 43.82
CA TYR G 39 -26.92 -72.80 44.00
C TYR G 39 -26.29 -73.29 42.71
N GLU G 40 -26.24 -72.46 41.67
CA GLU G 40 -25.60 -72.81 40.41
C GLU G 40 -24.38 -71.97 40.10
N ILE G 41 -24.21 -70.83 40.77
CA ILE G 41 -23.02 -70.00 40.54
C ILE G 41 -21.78 -70.78 40.93
N SER G 42 -20.72 -70.63 40.14
CA SER G 42 -19.43 -71.16 40.54
C SER G 42 -18.97 -70.49 41.83
N LEU G 43 -18.55 -71.31 42.80
CA LEU G 43 -18.03 -70.74 44.04
C LEU G 43 -16.71 -70.02 43.82
N ALA G 44 -15.97 -70.40 42.78
CA ALA G 44 -14.74 -69.72 42.41
C ALA G 44 -14.99 -68.36 41.76
N SER G 45 -16.25 -68.00 41.53
CA SER G 45 -16.59 -66.70 40.94
C SER G 45 -16.32 -65.55 41.89
N ASN G 46 -16.14 -65.82 43.18
CA ASN G 46 -16.12 -64.79 44.22
C ASN G 46 -17.41 -63.98 44.23
N ASN G 47 -18.51 -64.59 43.77
CA ASN G 47 -19.82 -64.00 43.91
C ASN G 47 -20.40 -64.35 45.27
N PRO G 48 -20.71 -63.37 46.12
CA PRO G 48 -21.25 -63.70 47.45
C PRO G 48 -22.57 -64.48 47.39
N GLN G 49 -23.39 -64.25 46.37
CA GLN G 49 -24.66 -64.95 46.28
C GLN G 49 -24.51 -66.40 45.84
N ALA G 50 -23.29 -66.84 45.49
CA ALA G 50 -23.04 -68.24 45.21
C ALA G 50 -23.16 -69.04 46.50
N LYS G 51 -24.22 -69.83 46.61
CA LYS G 51 -24.50 -70.60 47.83
C LYS G 51 -24.00 -72.02 47.64
N ALA G 52 -23.08 -72.43 48.52
CA ALA G 52 -22.64 -73.82 48.53
C ALA G 52 -23.77 -74.70 49.06
N VAL G 53 -23.74 -75.97 48.65
CA VAL G 53 -24.76 -76.91 49.04
C VAL G 53 -24.53 -77.34 50.47
N GLU G 54 -25.41 -76.91 51.36
CA GLU G 54 -25.40 -77.36 52.75
C GLU G 54 -26.17 -78.67 52.87
N ARG G 55 -25.80 -79.43 53.92
CA ARG G 55 -26.46 -80.74 54.14
C ARG G 55 -27.46 -80.65 55.30
N LYS G 56 -27.37 -79.67 56.20
CA LYS G 56 -28.49 -79.62 57.15
C LYS G 56 -29.81 -79.57 56.41
N ILE G 57 -29.89 -78.75 55.37
CA ILE G 57 -31.03 -78.73 54.47
C ILE G 57 -31.19 -80.07 53.77
N GLN G 58 -30.07 -80.68 53.36
CA GLN G 58 -30.12 -81.98 52.70
C GLN G 58 -30.68 -83.06 53.62
N ASN G 59 -30.22 -83.08 54.87
CA ASN G 59 -30.69 -84.04 55.86
C ASN G 59 -32.16 -83.83 56.15
N GLN G 60 -32.60 -82.58 56.29
CA GLN G 60 -34.02 -82.32 56.49
C GLN G 60 -34.83 -82.76 55.28
N LEU G 61 -34.32 -82.51 54.07
CA LEU G 61 -35.03 -82.90 52.86
C LEU G 61 -35.19 -84.41 52.77
N PHE G 62 -34.12 -85.15 53.07
CA PHE G 62 -34.20 -86.61 53.03
C PHE G 62 -35.05 -87.14 54.18
N PHE G 63 -34.97 -86.49 55.34
CA PHE G 63 -35.73 -86.91 56.51
C PHE G 63 -37.22 -86.76 56.29
N ILE G 64 -37.64 -85.69 55.61
CA ILE G 64 -39.06 -85.50 55.33
C ILE G 64 -39.60 -86.69 54.54
N ALA G 65 -38.91 -87.05 53.45
CA ALA G 65 -39.37 -88.15 52.61
C ALA G 65 -39.33 -89.47 53.37
N THR G 66 -38.24 -89.74 54.10
CA THR G 66 -38.13 -91.01 54.80
C THR G 66 -39.19 -91.14 55.88
N GLN G 67 -39.45 -90.06 56.63
CA GLN G 67 -40.43 -90.15 57.71
C GLN G 67 -41.84 -90.28 57.16
N ASN G 68 -42.17 -89.55 56.09
CA ASN G 68 -43.46 -89.73 55.46
C ASN G 68 -43.63 -91.16 54.94
N ALA G 69 -42.57 -91.69 54.31
CA ALA G 69 -42.64 -93.05 53.78
C ALA G 69 -42.85 -94.07 54.89
N GLN G 70 -42.14 -93.94 56.01
CA GLN G 70 -42.28 -94.95 57.06
C GLN G 70 -43.62 -94.80 57.76
N ALA G 71 -44.14 -93.58 57.87
CA ALA G 71 -45.48 -93.41 58.42
C ALA G 71 -46.50 -94.10 57.53
N TRP G 72 -46.35 -93.95 56.21
CA TRP G 72 -47.19 -94.70 55.29
C TRP G 72 -47.04 -96.20 55.49
N GLN G 73 -45.81 -96.66 55.71
CA GLN G 73 -45.58 -98.10 55.88
C GLN G 73 -46.21 -98.64 57.16
N ARG G 74 -46.13 -97.89 58.25
CA ARG G 74 -46.45 -98.44 59.56
C ARG G 74 -47.81 -98.03 60.11
N GLN G 75 -48.50 -97.05 59.51
CA GLN G 75 -49.77 -96.65 60.08
C GLN G 75 -50.87 -96.38 59.04
N MET G 76 -50.67 -96.79 57.78
CA MET G 76 -51.70 -96.65 56.76
C MET G 76 -52.10 -95.20 56.55
N ALA G 77 -53.16 -94.76 57.24
CA ALA G 77 -53.75 -93.47 56.94
C ALA G 77 -52.82 -92.34 57.39
N PRO G 78 -52.85 -91.21 56.70
CA PRO G 78 -52.08 -90.06 57.15
C PRO G 78 -52.62 -89.55 58.48
N PRO G 79 -51.73 -89.19 59.41
CA PRO G 79 -52.20 -88.56 60.64
C PRO G 79 -52.90 -87.25 60.33
N TRP G 80 -54.00 -86.98 61.03
CA TRP G 80 -54.62 -85.68 60.89
C TRP G 80 -53.67 -84.60 61.39
N PHE G 81 -53.69 -83.46 60.74
CA PHE G 81 -52.77 -82.37 61.07
C PHE G 81 -53.54 -81.14 61.49
N GLN G 82 -53.04 -80.48 62.54
CA GLN G 82 -53.69 -79.29 63.06
C GLN G 82 -53.78 -78.24 61.95
N GLY G 83 -54.99 -77.76 61.68
CA GLY G 83 -55.17 -76.65 60.77
C GLY G 83 -54.54 -76.82 59.41
N MET G 84 -54.90 -77.89 58.71
CA MET G 84 -54.41 -78.08 57.35
C MET G 84 -54.87 -76.91 56.50
N PRO G 85 -53.97 -76.26 55.74
CA PRO G 85 -54.39 -75.16 54.87
C PRO G 85 -55.51 -75.58 53.94
N GLY G 86 -56.68 -74.94 54.11
CA GLY G 86 -57.86 -75.34 53.40
C GLY G 86 -58.73 -76.37 54.09
N GLY G 87 -58.49 -76.63 55.38
CA GLY G 87 -59.24 -77.66 56.07
C GLY G 87 -59.00 -79.02 55.45
N TYR G 88 -60.09 -79.73 55.16
CA TYR G 88 -60.01 -81.01 54.48
C TYR G 88 -61.20 -81.14 53.54
N GLU G 89 -60.94 -81.60 52.31
CA GLU G 89 -61.99 -81.69 51.31
C GLU G 89 -62.96 -82.81 51.66
N GLN G 90 -64.09 -82.83 50.95
CA GLN G 90 -65.11 -83.83 51.20
C GLN G 90 -64.59 -85.22 50.89
N ASN G 91 -65.02 -86.19 51.70
CA ASN G 91 -64.67 -87.60 51.61
C ASN G 91 -63.19 -87.87 51.91
N ALA G 92 -62.41 -86.85 52.20
CA ALA G 92 -61.01 -87.05 52.58
C ALA G 92 -60.97 -87.67 53.97
N GLU G 93 -60.13 -88.68 54.14
CA GLU G 93 -59.99 -89.35 55.42
C GLU G 93 -58.59 -89.15 55.96
N VAL G 94 -58.49 -89.14 57.29
CA VAL G 94 -57.23 -89.09 58.00
C VAL G 94 -57.33 -90.04 59.19
N VAL G 95 -56.30 -90.06 60.02
CA VAL G 95 -56.36 -90.76 61.29
C VAL G 95 -55.94 -89.80 62.40
N ARG G 96 -56.85 -89.54 63.33
CA ARG G 96 -56.55 -88.74 64.51
C ARG G 96 -56.50 -89.67 65.72
N VAL G 97 -55.30 -89.93 66.22
CA VAL G 97 -55.14 -90.84 67.35
C VAL G 97 -55.77 -90.23 68.59
N GLY G 98 -56.54 -91.05 69.32
CA GLY G 98 -57.22 -90.60 70.51
C GLY G 98 -56.40 -90.77 71.76
N ASN G 99 -57.02 -90.43 72.90
CA ASN G 99 -56.39 -90.67 74.19
C ASN G 99 -56.20 -92.16 74.47
N ASP G 100 -56.97 -93.01 73.79
CA ASP G 100 -56.78 -94.45 73.91
C ASP G 100 -55.42 -94.88 73.37
N GLY G 101 -54.98 -94.27 72.28
CA GLY G 101 -53.73 -94.62 71.62
C GLY G 101 -53.92 -95.38 70.33
N ILE G 102 -55.05 -96.09 70.19
CA ILE G 102 -55.37 -96.76 68.94
C ILE G 102 -55.60 -95.70 67.86
N MET G 103 -55.30 -96.07 66.61
CA MET G 103 -55.58 -95.16 65.51
C MET G 103 -57.09 -95.06 65.30
N ARG G 104 -57.56 -93.83 65.11
CA ARG G 104 -58.98 -93.54 64.89
C ARG G 104 -59.09 -92.88 63.52
N ARG G 105 -59.46 -93.66 62.52
CA ARG G 105 -59.66 -93.13 61.18
C ARG G 105 -60.95 -92.30 61.13
N TYR G 106 -60.87 -91.13 60.52
CA TYR G 106 -61.98 -90.19 60.45
C TYR G 106 -62.17 -89.73 59.01
N ARG G 107 -63.42 -89.74 58.57
CA ARG G 107 -63.81 -89.27 57.25
C ARG G 107 -64.44 -87.88 57.38
N SER G 108 -64.15 -87.01 56.42
CA SER G 108 -64.68 -85.64 56.41
C SER G 108 -66.04 -85.66 55.74
N MET G 109 -67.09 -85.60 56.56
CA MET G 109 -68.45 -85.50 56.03
C MET G 109 -68.84 -84.07 55.67
N VAL G 110 -68.05 -83.08 56.07
CA VAL G 110 -68.33 -81.67 55.78
C VAL G 110 -67.19 -81.10 54.95
N ASN G 111 -67.54 -80.45 53.85
CA ASN G 111 -66.53 -79.91 52.95
C ASN G 111 -65.74 -78.78 53.63
N ALA G 112 -64.42 -78.81 53.44
CA ALA G 112 -63.51 -77.79 53.95
C ALA G 112 -63.64 -77.61 55.46
N ASN G 113 -63.86 -78.71 56.18
CA ASN G 113 -64.03 -78.63 57.62
C ASN G 113 -62.68 -78.72 58.32
N ALA G 114 -62.45 -77.83 59.28
CA ALA G 114 -61.22 -77.80 60.06
C ALA G 114 -61.44 -78.22 61.50
N SER G 115 -62.61 -78.77 61.83
CA SER G 115 -62.91 -79.15 63.20
C SER G 115 -61.98 -80.26 63.68
N ASP G 116 -61.72 -80.26 64.98
CA ASP G 116 -60.79 -81.22 65.55
C ASP G 116 -61.37 -82.63 65.47
N PRO G 117 -60.74 -83.54 64.73
CA PRO G 117 -61.38 -84.84 64.47
C PRO G 117 -61.64 -85.68 65.71
N LEU G 118 -60.83 -85.52 66.77
CA LEU G 118 -61.07 -86.27 67.98
C LEU G 118 -62.41 -85.90 68.61
N SER G 119 -62.78 -84.63 68.54
CA SER G 119 -64.02 -84.12 69.11
C SER G 119 -64.95 -83.56 68.03
N SER G 120 -65.01 -84.22 66.88
CA SER G 120 -65.80 -83.76 65.75
C SER G 120 -66.87 -84.78 65.41
N THR G 121 -68.11 -84.30 65.22
CA THR G 121 -69.13 -85.12 64.59
C THR G 121 -68.93 -85.21 63.09
N THR G 122 -68.37 -84.15 62.48
CA THR G 122 -68.09 -84.18 61.05
C THR G 122 -67.05 -85.25 60.71
N TRP G 123 -66.01 -85.37 61.51
CA TRP G 123 -64.98 -86.38 61.31
C TRP G 123 -65.50 -87.70 61.83
N GLU G 124 -66.19 -88.44 60.97
CA GLU G 124 -66.84 -89.68 61.38
C GLU G 124 -65.81 -90.79 61.56
N GLU G 125 -65.98 -91.57 62.63
CA GLU G 125 -65.07 -92.67 62.90
C GLU G 125 -65.36 -93.84 61.96
N GLN G 126 -64.32 -94.39 61.36
CA GLN G 126 -64.47 -95.48 60.40
C GLN G 126 -64.36 -96.81 61.14
N PRO G 127 -65.47 -97.49 61.40
CA PRO G 127 -65.44 -98.71 62.20
C PRO G 127 -64.94 -99.91 61.40
N ALA G 128 -64.78 -101.02 62.12
CA ALA G 128 -64.26 -102.24 61.52
C ALA G 128 -65.39 -103.05 60.89
N TRP G 129 -64.98 -104.00 60.04
CA TRP G 129 -65.94 -104.89 59.39
C TRP G 129 -66.68 -105.73 60.43
N SER G 130 -66.03 -106.06 61.55
CA SER G 130 -66.75 -106.69 62.65
C SER G 130 -67.87 -105.78 63.14
N ALA G 131 -67.59 -104.48 63.23
CA ALA G 131 -68.63 -103.54 63.66
C ALA G 131 -69.79 -103.51 62.67
N MET G 132 -69.50 -103.52 61.37
CA MET G 132 -70.59 -103.54 60.39
C MET G 132 -71.39 -104.84 60.46
N ARG G 133 -70.69 -105.97 60.52
CA ARG G 133 -71.35 -107.28 60.55
C ARG G 133 -72.14 -107.49 61.84
N SER G 134 -71.78 -106.79 62.91
CA SER G 134 -72.60 -106.79 64.12
C SER G 134 -73.71 -105.75 64.08
N ASN G 135 -73.52 -104.68 63.32
CA ASN G 135 -74.56 -103.67 63.16
C ASN G 135 -75.72 -104.17 62.30
N ILE G 136 -75.47 -105.14 61.44
CA ILE G 136 -76.59 -105.85 60.85
C ILE G 136 -77.12 -106.85 61.87
N PRO G 137 -78.39 -106.72 62.31
CA PRO G 137 -78.87 -107.61 63.37
C PRO G 137 -79.29 -108.98 62.86
N MET G 138 -79.72 -109.08 61.61
CA MET G 138 -80.11 -110.33 60.97
C MET G 138 -79.07 -110.71 59.93
N PRO G 139 -77.96 -111.34 60.32
CA PRO G 139 -76.96 -111.74 59.35
C PRO G 139 -77.19 -113.14 58.83
N ALA G 140 -77.11 -113.29 57.51
CA ALA G 140 -77.21 -114.61 56.89
C ALA G 140 -75.97 -115.43 57.19
N GLY G 141 -76.18 -116.71 57.48
CA GLY G 141 -75.07 -117.58 57.82
C GLY G 141 -74.38 -117.22 59.12
N GLY G 142 -75.16 -116.86 60.14
CA GLY G 142 -74.61 -116.51 61.44
C GLY G 142 -73.75 -115.27 61.38
N PRO G 143 -72.63 -115.29 62.11
CA PRO G 143 -71.74 -114.12 62.15
C PRO G 143 -70.67 -114.09 61.08
N GLY G 144 -70.73 -114.97 60.09
CA GLY G 144 -69.65 -115.07 59.12
C GLY G 144 -69.53 -113.82 58.27
N LEU G 145 -68.28 -113.49 57.92
CA LEU G 145 -68.03 -112.38 57.02
C LEU G 145 -68.63 -112.65 55.65
N SER G 146 -68.51 -113.88 55.16
CA SER G 146 -69.16 -114.25 53.92
C SER G 146 -70.66 -114.42 54.13
N SER G 147 -71.42 -114.16 53.07
CA SER G 147 -72.86 -114.31 53.08
C SER G 147 -73.30 -115.72 52.69
N GLY G 148 -72.36 -116.64 52.54
CA GLY G 148 -72.67 -117.98 52.09
C GLY G 148 -73.50 -118.74 53.09
N GLY G 149 -74.04 -119.87 52.63
CA GLY G 149 -74.97 -120.64 53.43
C GLY G 149 -76.40 -120.17 53.35
N GLU G 150 -76.75 -119.37 52.33
CA GLU G 150 -78.11 -118.86 52.22
C GLU G 150 -79.12 -120.00 52.19
N VAL G 151 -78.86 -121.02 51.36
CA VAL G 151 -79.70 -122.21 51.29
C VAL G 151 -78.99 -123.35 51.97
N ILE G 152 -79.69 -124.04 52.86
CA ILE G 152 -79.10 -125.15 53.61
C ILE G 152 -78.87 -126.32 52.67
N THR G 153 -77.68 -126.91 52.75
CA THR G 153 -77.29 -127.96 51.80
C THR G 153 -78.14 -129.21 51.98
N THR G 154 -78.30 -129.67 53.22
CA THR G 154 -78.96 -130.94 53.48
C THR G 154 -79.92 -130.75 54.64
N GLY G 155 -80.52 -131.85 55.09
CA GLY G 155 -81.35 -131.83 56.27
C GLY G 155 -80.53 -131.66 57.53
N ARG G 156 -80.61 -130.48 58.13
CA ARG G 156 -79.83 -130.15 59.32
C ARG G 156 -80.74 -129.49 60.35
N ASN G 157 -80.42 -129.72 61.62
CA ASN G 157 -81.24 -129.19 62.70
C ASN G 157 -81.22 -127.66 62.69
N PHE G 158 -82.38 -127.06 62.94
CA PHE G 158 -82.47 -125.61 63.08
C PHE G 158 -81.84 -125.12 64.37
N ASN G 159 -81.31 -126.01 65.21
CA ASN G 159 -80.61 -125.62 66.41
C ASN G 159 -79.32 -124.86 66.12
N ASP G 160 -78.73 -125.07 64.94
CA ASP G 160 -77.50 -124.36 64.59
C ASP G 160 -77.75 -122.88 64.36
N LEU G 161 -78.91 -122.51 63.82
CA LEU G 161 -79.21 -121.11 63.58
C LEU G 161 -79.25 -120.35 64.90
N LEU G 162 -78.56 -119.20 64.94
CA LEU G 162 -78.52 -118.36 66.12
C LEU G 162 -79.22 -117.03 65.89
N ASN G 163 -78.79 -116.27 64.88
CA ASN G 163 -79.42 -114.99 64.56
C ASN G 163 -79.27 -114.76 63.06
N GLY G 164 -80.38 -114.81 62.35
CA GLY G 164 -80.37 -114.53 60.92
C GLY G 164 -81.42 -115.36 60.21
N THR G 165 -81.51 -115.15 58.90
CA THR G 165 -82.42 -115.89 58.05
C THR G 165 -81.66 -116.72 57.03
N TRP G 166 -82.22 -117.88 56.70
CA TRP G 166 -81.61 -118.82 55.77
C TRP G 166 -82.66 -119.27 54.76
N GLU G 167 -82.30 -119.20 53.49
CA GLU G 167 -83.16 -119.68 52.42
C GLU G 167 -83.15 -121.21 52.38
N PHE G 168 -83.99 -121.76 51.50
CA PHE G 168 -84.14 -123.21 51.38
C PHE G 168 -84.43 -123.54 49.91
N PHE G 169 -83.38 -123.91 49.17
CA PHE G 169 -83.55 -124.15 47.74
C PHE G 169 -84.13 -125.53 47.44
N SER G 170 -84.12 -126.44 48.40
CA SER G 170 -84.66 -127.79 48.20
C SER G 170 -85.91 -127.98 49.04
N ASP G 171 -86.97 -128.48 48.41
CA ASP G 171 -88.14 -128.91 49.15
C ASP G 171 -87.85 -130.15 49.97
N SER G 172 -86.78 -130.88 49.66
CA SER G 172 -86.34 -131.98 50.51
C SER G 172 -85.70 -131.46 51.79
N VAL G 173 -84.97 -130.34 51.71
CA VAL G 173 -84.21 -129.86 52.85
C VAL G 173 -85.14 -129.36 53.95
N VAL G 174 -86.24 -128.72 53.58
CA VAL G 174 -87.16 -128.20 54.59
C VAL G 174 -87.77 -129.32 55.42
N ILE G 175 -88.20 -130.41 54.78
CA ILE G 175 -88.73 -131.54 55.53
C ILE G 175 -87.62 -132.25 56.30
N ALA G 176 -86.50 -132.57 55.64
CA ALA G 176 -85.47 -133.39 56.25
C ALA G 176 -84.77 -132.67 57.39
N SER G 177 -84.72 -131.34 57.34
CA SER G 177 -84.13 -130.57 58.42
C SER G 177 -84.86 -130.84 59.73
N GLN G 178 -84.09 -131.13 60.77
CA GLN G 178 -84.69 -131.43 62.06
C GLN G 178 -85.40 -130.19 62.60
N ASN G 179 -86.41 -130.42 63.45
CA ASN G 179 -87.29 -129.39 63.97
C ASN G 179 -88.17 -128.79 62.87
N ALA G 180 -88.47 -129.57 61.84
CA ALA G 180 -89.39 -129.13 60.80
C ALA G 180 -90.83 -129.22 61.31
N PRO G 181 -91.58 -128.13 61.27
CA PRO G 181 -92.92 -128.13 61.88
C PRO G 181 -93.97 -128.80 61.00
N VAL G 182 -95.14 -129.02 61.61
CA VAL G 182 -96.29 -129.59 60.92
C VAL G 182 -97.11 -128.42 60.39
N TYR G 183 -97.03 -128.19 59.07
CA TYR G 183 -97.63 -127.02 58.48
C TYR G 183 -99.16 -127.15 58.38
N PRO G 184 -99.87 -126.03 58.33
CA PRO G 184 -101.32 -126.08 58.13
C PRO G 184 -101.66 -126.59 56.74
N ALA G 185 -102.55 -127.59 56.68
CA ALA G 185 -102.97 -128.21 55.42
C ALA G 185 -101.79 -128.76 54.62
N SER G 186 -100.72 -129.15 55.32
CA SER G 186 -99.55 -129.70 54.67
C SER G 186 -98.83 -130.64 55.64
N ALA G 187 -98.04 -131.54 55.08
CA ALA G 187 -97.26 -132.45 55.91
C ALA G 187 -96.13 -131.70 56.63
N GLY G 188 -95.40 -130.87 55.90
CA GLY G 188 -94.30 -130.12 56.47
C GLY G 188 -94.08 -128.79 55.80
N ALA G 189 -92.94 -128.17 56.08
CA ALA G 189 -92.64 -126.86 55.51
C ALA G 189 -92.36 -126.96 54.01
N ALA G 190 -92.92 -126.03 53.24
CA ALA G 190 -92.52 -125.96 51.85
C ALA G 190 -91.17 -125.26 51.74
N ALA G 191 -90.60 -125.26 50.54
CA ALA G 191 -89.27 -124.72 50.35
C ALA G 191 -89.27 -123.20 50.45
N GLY G 192 -89.44 -122.68 51.66
CA GLY G 192 -89.40 -121.25 51.91
C GLY G 192 -88.37 -120.94 52.98
N MET G 193 -87.89 -119.69 52.97
CA MET G 193 -86.83 -119.33 53.89
C MET G 193 -87.34 -119.31 55.33
N LEU G 194 -86.41 -119.43 56.26
CA LEU G 194 -86.73 -119.46 57.67
C LEU G 194 -85.77 -118.57 58.43
N GLU G 195 -86.30 -117.76 59.33
CA GLU G 195 -85.51 -116.87 60.18
C GLU G 195 -85.47 -117.44 61.58
N ALA G 196 -84.29 -117.45 62.19
CA ALA G 196 -84.12 -117.81 63.59
C ALA G 196 -83.24 -116.72 64.19
N LYS G 197 -83.83 -115.88 65.03
CA LYS G 197 -83.11 -114.80 65.71
C LYS G 197 -83.17 -115.06 67.21
N SER G 198 -82.04 -115.40 67.81
CA SER G 198 -81.96 -115.73 69.23
C SER G 198 -80.95 -114.80 69.88
N TRP G 199 -81.44 -113.89 70.72
CA TRP G 199 -80.54 -113.08 71.53
C TRP G 199 -79.95 -113.93 72.65
N ILE G 200 -78.62 -113.89 72.76
CA ILE G 200 -77.89 -114.73 73.70
C ILE G 200 -77.83 -114.07 75.07
N SER G 201 -78.86 -114.29 75.87
CA SER G 201 -78.87 -113.87 77.27
C SER G 201 -78.31 -114.98 78.16
N GLY G 202 -77.11 -115.41 77.80
CA GLY G 202 -76.51 -116.57 78.44
C GLY G 202 -77.26 -117.84 78.11
N SER G 203 -77.71 -118.55 79.14
CA SER G 203 -78.50 -119.77 78.92
C SER G 203 -79.92 -119.46 78.43
N ASN G 204 -80.38 -118.23 78.57
CA ASN G 204 -81.71 -117.84 78.12
C ASN G 204 -81.64 -117.21 76.73
N THR G 205 -81.32 -118.07 75.75
CA THR G 205 -81.19 -117.63 74.36
C THR G 205 -82.59 -117.39 73.80
N PHE G 206 -83.08 -116.18 74.01
CA PHE G 206 -84.45 -115.84 73.62
C PHE G 206 -84.59 -115.79 72.11
N CYS G 207 -85.35 -116.73 71.54
CA CYS G 207 -85.35 -116.95 70.10
C CYS G 207 -86.73 -116.74 69.50
N VAL G 208 -86.73 -116.33 68.23
CA VAL G 208 -87.92 -116.25 67.39
C VAL G 208 -87.60 -117.00 66.10
N GLN G 209 -88.48 -117.93 65.71
CA GLN G 209 -88.25 -118.78 64.54
C GLN G 209 -89.42 -118.60 63.56
N ARG G 210 -89.27 -117.63 62.67
CA ARG G 210 -90.29 -117.32 61.67
C ARG G 210 -90.08 -118.23 60.45
N TYR G 211 -90.95 -119.22 60.28
CA TYR G 211 -90.90 -120.16 59.17
C TYR G 211 -92.05 -119.86 58.22
N THR G 212 -91.74 -119.73 56.93
CA THR G 212 -92.76 -119.41 55.92
C THR G 212 -92.54 -120.26 54.68
N ASP G 213 -93.65 -120.76 54.11
CA ASP G 213 -93.64 -121.61 52.94
C ASP G 213 -94.06 -120.83 51.69
N ARG G 214 -94.32 -121.56 50.61
CA ARG G 214 -94.73 -120.95 49.35
C ARG G 214 -96.11 -120.30 49.45
N VAL G 215 -97.10 -121.06 49.94
CA VAL G 215 -98.46 -120.55 49.99
C VAL G 215 -98.53 -119.37 50.93
N GLY G 216 -97.71 -119.38 51.99
CA GLY G 216 -97.69 -118.30 52.95
C GLY G 216 -98.07 -118.78 54.33
N ASN G 217 -98.09 -120.10 54.53
CA ASN G 217 -98.28 -120.65 55.87
C ASN G 217 -97.08 -120.28 56.74
N VAL G 218 -97.38 -119.78 57.93
CA VAL G 218 -96.40 -119.15 58.81
C VAL G 218 -96.37 -119.87 60.14
N ALA G 219 -95.18 -119.99 60.72
CA ALA G 219 -94.97 -120.73 61.96
C ALA G 219 -93.89 -120.04 62.78
N VAL G 220 -93.98 -120.16 64.11
CA VAL G 220 -92.97 -119.60 65.00
C VAL G 220 -92.81 -120.43 66.27
N ARG G 221 -91.64 -120.29 66.88
CA ARG G 221 -91.26 -120.96 68.12
C ARG G 221 -90.01 -120.25 68.66
N GLY G 222 -89.51 -120.72 69.79
CA GLY G 222 -88.33 -120.12 70.39
C GLY G 222 -87.58 -121.07 71.33
N LEU G 223 -86.26 -120.98 71.35
CA LEU G 223 -85.43 -121.93 72.09
C LEU G 223 -85.14 -121.42 73.48
N ASN G 224 -85.07 -122.34 74.45
CA ASN G 224 -84.72 -121.98 75.81
C ASN G 224 -84.35 -123.24 76.58
N ALA G 225 -83.32 -123.13 77.42
CA ALA G 225 -82.93 -124.20 78.34
C ALA G 225 -82.66 -125.51 77.60
N GLY G 226 -82.09 -125.42 76.40
CA GLY G 226 -81.75 -126.62 75.66
C GLY G 226 -82.90 -127.28 74.91
N ALA G 227 -84.02 -126.59 74.75
CA ALA G 227 -85.15 -127.16 74.02
C ALA G 227 -86.03 -126.04 73.49
N TRP G 228 -86.45 -126.17 72.24
CA TRP G 228 -87.35 -125.19 71.64
C TRP G 228 -88.78 -125.44 72.12
N THR G 229 -89.57 -124.38 72.17
CA THR G 229 -90.93 -124.44 72.65
C THR G 229 -91.83 -124.99 71.54
N ASN G 230 -93.15 -124.91 71.75
CA ASN G 230 -94.09 -125.36 70.75
C ASN G 230 -94.04 -124.46 69.52
N TRP G 231 -94.61 -124.95 68.43
CA TRP G 231 -94.64 -124.22 67.17
C TRP G 231 -95.94 -123.43 67.07
N MET G 232 -95.85 -122.11 67.03
CA MET G 232 -97.01 -121.26 66.83
C MET G 232 -97.15 -120.98 65.33
N TYR G 233 -98.29 -121.36 64.76
CA TYR G 233 -98.55 -121.14 63.34
C TYR G 233 -99.64 -120.08 63.20
N ALA G 234 -99.34 -119.00 62.49
CA ALA G 234 -100.35 -117.97 62.25
C ALA G 234 -101.48 -118.56 61.41
N VAL G 235 -102.72 -118.24 61.82
CA VAL G 235 -103.88 -118.83 61.17
C VAL G 235 -104.01 -118.33 59.73
N ASN G 236 -104.53 -119.19 58.86
CA ASN G 236 -104.80 -118.82 57.49
C ASN G 236 -106.21 -118.28 57.29
N VAL G 237 -106.37 -117.38 56.31
CA VAL G 237 -107.69 -116.94 55.88
C VAL G 237 -108.38 -118.04 55.10
N MET G 238 -107.65 -118.68 54.19
CA MET G 238 -108.16 -119.83 53.48
C MET G 238 -108.53 -120.94 54.45
N ALA G 239 -107.73 -121.11 55.52
CA ALA G 239 -108.05 -122.07 56.56
C ALA G 239 -109.13 -121.54 57.52
N LEU G 240 -109.25 -120.22 57.63
CA LEU G 240 -110.20 -119.64 58.58
C LEU G 240 -111.62 -119.77 58.08
N GLN G 241 -111.82 -119.57 56.77
CA GLN G 241 -113.14 -119.74 56.20
C GLN G 241 -113.65 -121.16 56.41
N GLN G 242 -112.81 -122.15 56.11
CA GLN G 242 -113.23 -123.54 56.26
C GLN G 242 -113.32 -123.95 57.73
N GLY G 243 -112.41 -123.46 58.56
CA GLY G 243 -112.35 -123.91 59.94
C GLY G 243 -112.02 -125.39 60.07
N ARG G 244 -111.06 -125.87 59.27
CA ARG G 244 -110.78 -127.31 59.25
C ARG G 244 -110.23 -127.80 60.59
N VAL G 245 -109.47 -126.96 61.29
CA VAL G 245 -108.91 -127.39 62.58
C VAL G 245 -110.02 -127.61 63.59
N THR G 246 -110.93 -126.64 63.72
CA THR G 246 -112.07 -126.82 64.63
C THR G 246 -113.01 -127.91 64.13
N TYR G 247 -113.24 -127.95 62.82
CA TYR G 247 -114.04 -129.03 62.24
C TYR G 247 -113.37 -130.37 62.48
N GLY G 248 -114.19 -131.41 62.62
CA GLY G 248 -113.65 -132.74 62.82
C GLY G 248 -114.69 -133.80 62.54
N VAL G 249 -114.21 -135.03 62.39
CA VAL G 249 -115.04 -136.20 62.13
C VAL G 249 -114.73 -137.27 63.15
N ALA G 250 -115.77 -137.82 63.77
CA ALA G 250 -115.58 -138.84 64.79
C ALA G 250 -115.15 -140.16 64.16
N ALA G 251 -114.28 -140.88 64.85
CA ALA G 251 -113.78 -142.17 64.38
C ALA G 251 -113.39 -142.99 65.60
N GLY G 252 -112.75 -144.13 65.35
CA GLY G 252 -112.28 -144.99 66.42
C GLY G 252 -113.31 -146.02 66.85
N PRO G 253 -113.30 -146.35 68.14
CA PRO G 253 -114.21 -147.38 68.64
C PRO G 253 -115.65 -146.88 68.72
N ALA G 254 -116.58 -147.84 68.64
CA ALA G 254 -118.00 -147.51 68.61
C ALA G 254 -118.46 -147.00 69.97
N ASN G 255 -119.18 -145.87 69.96
CA ASN G 255 -119.73 -145.23 71.15
C ASN G 255 -118.63 -144.75 72.09
N ALA G 256 -117.39 -144.85 71.65
CA ALA G 256 -116.21 -144.29 72.31
C ALA G 256 -115.41 -143.46 71.32
N TYR G 257 -116.12 -142.60 70.59
CA TYR G 257 -115.57 -142.00 69.37
C TYR G 257 -114.36 -141.12 69.67
N THR G 258 -113.33 -141.30 68.84
CA THR G 258 -112.13 -140.47 68.81
C THR G 258 -112.14 -139.64 67.53
N LEU G 259 -111.07 -138.90 67.31
CA LEU G 259 -110.96 -138.05 66.13
C LEU G 259 -109.55 -138.06 65.59
N THR G 260 -109.43 -137.95 64.26
CA THR G 260 -108.16 -137.73 63.57
C THR G 260 -108.26 -136.44 62.79
N LEU G 261 -107.32 -135.53 63.02
CA LEU G 261 -107.40 -134.17 62.48
C LEU G 261 -106.11 -133.81 61.76
N VAL G 262 -106.24 -133.13 60.64
CA VAL G 262 -105.12 -132.57 59.89
C VAL G 262 -105.30 -131.06 59.85
N PRO G 263 -104.39 -130.27 60.45
CA PRO G 263 -103.19 -130.67 61.21
C PRO G 263 -103.55 -131.33 62.54
N GLN G 264 -102.58 -131.97 63.20
CA GLN G 264 -102.87 -132.68 64.44
C GLN G 264 -103.35 -131.71 65.52
N LEU G 265 -104.32 -132.17 66.31
CA LEU G 265 -104.80 -131.38 67.43
C LEU G 265 -103.76 -131.35 68.54
N GLN G 266 -103.48 -130.14 69.04
CA GLN G 266 -102.52 -129.97 70.13
C GLN G 266 -103.20 -129.20 71.26
N GLY G 267 -102.45 -128.94 72.32
CA GLY G 267 -102.95 -128.26 73.48
C GLY G 267 -103.57 -129.17 74.53
N GLY G 268 -103.86 -130.42 74.18
CA GLY G 268 -104.45 -131.34 75.14
C GLY G 268 -105.87 -130.92 75.53
N LEU G 269 -106.24 -131.28 76.76
CA LEU G 269 -107.55 -130.92 77.30
C LEU G 269 -107.47 -129.52 77.89
N VAL G 270 -108.20 -128.58 77.30
CA VAL G 270 -108.26 -127.21 77.78
C VAL G 270 -109.72 -126.85 78.02
N ASP G 271 -109.94 -125.92 78.95
CA ASP G 271 -111.29 -125.60 79.40
C ASP G 271 -112.15 -125.12 78.23
N GLY G 272 -113.25 -125.83 77.97
CA GLY G 272 -114.18 -125.46 76.94
C GLY G 272 -113.60 -125.47 75.53
N MET G 273 -113.30 -126.65 75.01
CA MET G 273 -112.67 -126.81 73.71
C MET G 273 -113.63 -127.50 72.75
N ILE G 274 -113.67 -127.01 71.51
CA ILE G 274 -114.71 -127.42 70.57
C ILE G 274 -114.48 -128.86 70.12
N LEU G 275 -115.54 -129.67 70.17
CA LEU G 275 -115.50 -131.08 69.77
C LEU G 275 -116.50 -131.27 68.64
N ARG G 276 -116.05 -131.02 67.41
CA ARG G 276 -116.88 -131.20 66.23
C ARG G 276 -116.61 -132.57 65.63
N VAL G 277 -117.68 -133.37 65.48
CA VAL G 277 -117.54 -134.78 65.15
C VAL G 277 -118.68 -135.33 64.29
N LYS G 278 -118.34 -135.81 63.10
CA LYS G 278 -119.24 -136.68 62.34
C LYS G 278 -119.21 -138.06 62.99
N PHE G 279 -120.22 -138.34 63.84
CA PHE G 279 -120.30 -139.65 64.48
C PHE G 279 -120.35 -140.74 63.43
N ASN G 280 -119.47 -141.73 63.58
CA ASN G 280 -119.32 -142.76 62.53
C ASN G 280 -120.54 -143.67 62.46
N THR G 281 -121.25 -143.85 63.56
CA THR G 281 -122.47 -144.66 63.57
C THR G 281 -123.44 -144.08 64.59
N MET G 282 -124.71 -144.43 64.41
CA MET G 282 -125.75 -143.96 65.33
C MET G 282 -125.58 -144.64 66.68
N ASN G 283 -125.56 -143.85 67.75
CA ASN G 283 -125.42 -144.40 69.08
C ASN G 283 -126.68 -145.16 69.49
N THR G 284 -126.48 -146.29 70.16
CA THR G 284 -127.57 -147.11 70.67
C THR G 284 -127.59 -147.21 72.19
N GLY G 285 -126.63 -146.60 72.86
CA GLY G 285 -126.52 -146.72 74.31
C GLY G 285 -125.53 -145.76 74.91
N ALA G 286 -124.68 -146.26 75.82
CA ALA G 286 -123.70 -145.42 76.50
C ALA G 286 -122.74 -144.81 75.49
N SER G 287 -122.84 -143.50 75.29
CA SER G 287 -122.12 -142.81 74.23
C SER G 287 -121.09 -141.86 74.83
N THR G 288 -119.85 -141.96 74.33
CA THR G 288 -118.78 -141.05 74.71
C THR G 288 -118.12 -140.52 73.45
N ILE G 289 -117.81 -139.24 73.45
CA ILE G 289 -117.27 -138.54 72.29
C ILE G 289 -116.05 -137.74 72.71
N ASN G 290 -115.01 -137.75 71.88
CA ASN G 290 -113.84 -136.93 72.13
C ASN G 290 -113.12 -136.65 70.82
N VAL G 291 -112.27 -135.62 70.84
CA VAL G 291 -111.49 -135.21 69.69
C VAL G 291 -110.02 -135.50 69.97
N SER G 292 -109.34 -136.08 68.99
CA SER G 292 -107.93 -136.48 69.11
C SER G 292 -107.72 -137.47 70.25
N GLY G 293 -108.77 -138.20 70.63
CA GLY G 293 -108.66 -139.15 71.72
C GLY G 293 -108.32 -138.53 73.05
N LEU G 294 -108.81 -137.31 73.31
CA LEU G 294 -108.45 -136.60 74.53
C LEU G 294 -109.02 -137.30 75.77
N GLY G 295 -110.32 -137.58 75.75
CA GLY G 295 -110.95 -138.28 76.84
C GLY G 295 -112.43 -138.56 76.60
N ALA G 296 -112.84 -139.81 76.82
CA ALA G 296 -114.20 -140.24 76.53
C ALA G 296 -115.10 -139.95 77.74
N LYS G 297 -115.98 -138.96 77.61
CA LYS G 297 -116.87 -138.55 78.69
C LYS G 297 -118.30 -138.47 78.17
N ALA G 298 -119.24 -138.63 79.09
CA ALA G 298 -120.65 -138.65 78.75
C ALA G 298 -121.14 -137.24 78.38
N ILE G 299 -122.21 -137.20 77.59
CA ILE G 299 -122.75 -135.97 77.02
C ILE G 299 -124.04 -135.64 77.74
N VAL G 300 -124.11 -134.43 78.30
CA VAL G 300 -125.31 -133.97 79.00
C VAL G 300 -125.73 -132.63 78.43
N GLY G 301 -127.03 -132.50 78.11
CA GLY G 301 -127.56 -131.32 77.49
C GLY G 301 -128.58 -130.60 78.35
N ALA G 302 -129.36 -129.73 77.70
CA ALA G 302 -130.34 -128.91 78.40
C ALA G 302 -131.45 -129.78 79.01
N ALA G 303 -131.95 -130.75 78.25
CA ALA G 303 -132.99 -131.63 78.77
C ALA G 303 -132.45 -132.66 79.75
N ASN G 304 -131.14 -132.89 79.74
CA ASN G 304 -130.48 -133.84 80.65
C ASN G 304 -131.07 -135.24 80.52
N PHE G 305 -131.35 -135.66 79.29
CA PHE G 305 -131.73 -137.06 79.10
C PHE G 305 -130.46 -137.91 79.04
N PRO G 306 -130.47 -139.10 79.66
CA PRO G 306 -129.23 -139.87 79.79
C PRO G 306 -128.76 -140.51 78.49
N LEU G 307 -127.68 -141.28 78.58
CA LEU G 307 -127.11 -142.00 77.44
C LEU G 307 -128.02 -143.20 77.14
N THR G 308 -128.94 -143.02 76.20
CA THR G 308 -129.95 -144.03 75.93
C THR G 308 -129.96 -144.47 74.47
N GLY G 309 -129.62 -143.56 73.57
CA GLY G 309 -129.62 -143.88 72.15
C GLY G 309 -130.19 -142.78 71.28
N GLY G 310 -129.53 -142.50 70.16
CA GLY G 310 -129.94 -141.44 69.28
C GLY G 310 -129.41 -140.07 69.64
N GLU G 311 -128.73 -139.93 70.78
CA GLU G 311 -128.16 -138.65 71.16
C GLU G 311 -127.04 -138.22 70.22
N LEU G 312 -126.41 -139.15 69.52
CA LEU G 312 -125.33 -138.87 68.58
C LEU G 312 -125.71 -139.47 67.23
N GLY G 313 -126.40 -138.69 66.41
CA GLY G 313 -126.77 -139.16 65.08
C GLY G 313 -125.53 -139.37 64.22
N GLN G 314 -125.57 -140.42 63.41
CA GLN G 314 -124.42 -140.80 62.60
C GLN G 314 -124.05 -139.67 61.64
N GLY G 315 -122.78 -139.30 61.62
CA GLY G 315 -122.28 -138.27 60.73
C GLY G 315 -122.69 -136.86 61.09
N LEU G 316 -123.45 -136.67 62.16
CA LEU G 316 -123.97 -135.36 62.52
C LEU G 316 -122.98 -134.68 63.46
N ILE G 317 -122.36 -133.59 62.99
CA ILE G 317 -121.42 -132.89 63.83
C ILE G 317 -122.17 -132.13 64.92
N ALA G 318 -121.44 -131.77 65.97
CA ALA G 318 -122.03 -131.11 67.13
C ALA G 318 -120.92 -130.34 67.82
N GLU G 319 -120.93 -129.01 67.68
CA GLU G 319 -119.80 -128.21 68.13
C GLU G 319 -119.75 -128.13 69.65
N LEU G 320 -119.69 -129.28 70.30
CA LEU G 320 -119.85 -129.38 71.75
C LEU G 320 -118.50 -129.26 72.46
N VAL G 321 -118.55 -128.87 73.74
CA VAL G 321 -117.34 -128.66 74.52
C VAL G 321 -117.54 -129.29 75.89
N PHE G 322 -116.46 -129.71 76.52
CA PHE G 322 -116.60 -130.34 77.83
C PHE G 322 -116.52 -129.30 78.93
N ASP G 323 -117.30 -129.54 80.00
CA ASP G 323 -117.30 -128.65 81.15
C ASP G 323 -115.90 -128.56 81.72
N ALA G 324 -115.49 -127.34 82.09
CA ALA G 324 -114.11 -127.10 82.48
C ALA G 324 -113.71 -127.93 83.71
N ALA G 325 -114.58 -127.97 84.71
CA ALA G 325 -114.30 -128.70 85.94
C ALA G 325 -115.13 -129.96 86.11
N GLY G 326 -116.20 -130.14 85.34
CA GLY G 326 -117.02 -131.32 85.46
C GLY G 326 -116.50 -132.57 84.77
N ASP G 327 -115.54 -132.40 83.86
CA ASP G 327 -114.95 -133.52 83.12
C ASP G 327 -116.01 -134.36 82.42
N ARG G 328 -117.00 -133.67 81.84
CA ARG G 328 -118.07 -134.30 81.08
C ARG G 328 -118.44 -133.41 79.91
N TRP G 329 -118.73 -134.01 78.76
CA TRP G 329 -118.98 -133.23 77.56
C TRP G 329 -120.38 -132.62 77.60
N ARG G 330 -120.42 -131.29 77.49
CA ARG G 330 -121.65 -130.52 77.35
C ARG G 330 -121.91 -130.30 75.87
N ILE G 331 -123.07 -130.74 75.41
CA ILE G 331 -123.45 -130.52 74.02
C ILE G 331 -123.72 -129.04 73.81
N LEU G 332 -123.16 -128.50 72.74
CA LEU G 332 -123.26 -127.08 72.43
C LEU G 332 -124.07 -126.80 71.18
N ALA G 333 -123.76 -127.48 70.08
CA ALA G 333 -124.40 -127.24 68.80
C ALA G 333 -124.84 -128.55 68.18
N GLY G 334 -125.77 -128.47 67.22
CA GLY G 334 -126.17 -129.58 66.40
C GLY G 334 -126.61 -130.83 67.15
N ALA G 335 -127.22 -130.65 68.31
CA ALA G 335 -127.60 -131.76 69.18
C ALA G 335 -128.69 -132.62 68.54
N PRO G 336 -128.38 -133.81 68.04
CA PRO G 336 -129.45 -134.68 67.54
C PRO G 336 -130.04 -135.50 68.67
N ARG G 337 -131.29 -135.25 69.04
CA ARG G 337 -131.97 -135.99 70.09
C ARG G 337 -133.26 -136.59 69.54
N ILE G 338 -133.32 -137.91 69.51
CA ILE G 338 -134.53 -138.63 69.12
C ILE G 338 -135.26 -139.05 70.38
N GLN G 339 -136.59 -139.09 70.31
CA GLN G 339 -137.40 -139.38 71.49
C GLN G 339 -137.36 -140.88 71.79
N VAL G 340 -136.81 -141.23 72.94
CA VAL G 340 -136.78 -142.62 73.41
C VAL G 340 -137.17 -142.66 74.88
N MET H 1 -45.76 -91.55 68.35
CA MET H 1 -46.40 -92.01 67.13
C MET H 1 -45.87 -91.23 65.93
N ILE H 2 -45.62 -91.95 64.83
CA ILE H 2 -44.99 -91.34 63.65
C ILE H 2 -45.97 -90.36 63.02
N THR H 3 -45.67 -89.06 63.15
CA THR H 3 -46.45 -87.99 62.53
C THR H 3 -45.49 -87.04 61.85
N PRO H 4 -45.07 -87.35 60.62
CA PRO H 4 -44.13 -86.47 59.91
C PRO H 4 -44.77 -85.11 59.64
N GLU H 5 -44.08 -84.06 60.07
CA GLU H 5 -44.64 -82.71 60.10
C GLU H 5 -45.26 -82.34 58.77
N LEU H 6 -46.29 -81.50 58.84
CA LEU H 6 -47.11 -81.17 57.68
C LEU H 6 -46.25 -80.60 56.55
N ILE H 7 -46.51 -81.07 55.33
CA ILE H 7 -45.83 -80.57 54.15
C ILE H 7 -46.73 -79.50 53.52
N PRO H 8 -46.42 -78.22 53.70
CA PRO H 8 -47.31 -77.19 53.13
C PRO H 8 -47.20 -77.08 51.62
N SER H 9 -45.99 -77.21 51.07
CA SER H 9 -45.76 -77.14 49.65
C SER H 9 -44.55 -78.00 49.31
N PRO H 10 -44.58 -78.73 48.20
CA PRO H 10 -43.45 -79.60 47.87
C PRO H 10 -42.20 -78.79 47.53
N PHE H 11 -41.05 -79.44 47.70
CA PHE H 11 -39.78 -78.83 47.34
C PHE H 11 -39.76 -78.49 45.85
N ALA H 12 -39.22 -77.32 45.53
CA ALA H 12 -39.17 -76.82 44.16
C ALA H 12 -40.56 -76.81 43.53
N ALA H 13 -41.54 -76.30 44.30
CA ALA H 13 -42.91 -76.24 43.82
C ALA H 13 -43.01 -75.43 42.53
N GLN H 14 -42.65 -74.14 42.60
CA GLN H 14 -42.70 -73.26 41.45
C GLN H 14 -41.31 -72.95 40.91
N GLY H 15 -40.27 -73.63 41.40
CA GLY H 15 -38.94 -73.46 40.88
C GLY H 15 -38.72 -74.25 39.61
N ASP H 16 -37.49 -74.18 39.11
CA ASP H 16 -37.13 -74.91 37.91
C ASP H 16 -36.97 -76.39 38.21
N LYS H 17 -37.44 -77.23 37.29
CA LYS H 17 -37.35 -78.68 37.43
C LYS H 17 -37.02 -79.31 36.09
N ASP H 18 -36.15 -80.32 36.12
CA ASP H 18 -35.83 -81.09 34.92
C ASP H 18 -36.52 -82.44 34.99
N PRO H 19 -37.48 -82.72 34.11
CA PRO H 19 -38.08 -84.07 34.10
C PRO H 19 -37.01 -85.12 33.84
N ILE H 20 -36.92 -86.08 34.74
CA ILE H 20 -35.86 -87.09 34.66
C ILE H 20 -36.09 -87.97 33.44
N PRO H 21 -35.10 -88.13 32.56
CA PRO H 21 -35.25 -89.05 31.44
C PRO H 21 -35.43 -90.48 31.94
N GLN H 22 -36.31 -91.22 31.29
CA GLN H 22 -36.57 -92.60 31.68
C GLN H 22 -35.33 -93.46 31.49
N THR H 23 -34.82 -93.50 30.26
CA THR H 23 -33.57 -94.20 29.96
C THR H 23 -32.71 -93.30 29.08
N SER H 24 -31.42 -93.24 29.41
CA SER H 24 -30.47 -92.43 28.67
C SER H 24 -29.35 -93.32 28.14
N SER H 25 -29.06 -93.20 26.85
CA SER H 25 -27.95 -93.94 26.26
C SER H 25 -26.64 -93.51 26.91
N THR H 26 -26.26 -92.25 26.74
CA THR H 26 -25.18 -91.68 27.53
C THR H 26 -25.69 -91.42 28.93
N GLY H 27 -24.98 -91.94 29.93
CA GLY H 27 -25.51 -91.92 31.29
C GLY H 27 -25.81 -90.53 31.79
N PHE H 28 -27.11 -90.19 31.86
CA PHE H 28 -27.57 -88.85 32.25
C PHE H 28 -28.71 -89.02 33.25
N ALA H 29 -28.34 -89.24 34.52
CA ALA H 29 -29.28 -89.27 35.64
C ALA H 29 -30.60 -89.97 35.33
N ASN H 30 -30.55 -91.09 34.61
CA ASN H 30 -31.78 -91.75 34.19
C ASN H 30 -32.38 -92.57 35.33
N LEU H 31 -33.69 -92.82 35.23
CA LEU H 31 -34.37 -93.63 36.24
C LEU H 31 -33.84 -95.06 36.25
N ARG H 32 -33.57 -95.62 35.07
CA ARG H 32 -33.16 -97.02 34.97
C ARG H 32 -31.84 -97.27 35.68
N ASP H 33 -30.88 -96.35 35.52
CA ASP H 33 -29.55 -96.53 36.09
C ASP H 33 -29.30 -95.65 37.31
N GLY H 34 -30.15 -94.67 37.58
CA GLY H 34 -29.85 -93.75 38.66
C GLY H 34 -28.67 -92.86 38.29
N TYR H 35 -27.95 -92.42 39.33
CA TYR H 35 -26.72 -91.68 39.11
C TYR H 35 -25.65 -92.64 38.61
N THR H 36 -25.40 -92.60 37.30
CA THR H 36 -24.52 -93.56 36.65
C THR H 36 -23.07 -93.33 37.06
N PRO H 37 -22.20 -94.32 36.87
CA PRO H 37 -20.82 -94.21 37.35
C PRO H 37 -20.04 -93.04 36.76
N ASP H 38 -20.48 -92.45 35.65
CA ASP H 38 -19.77 -91.32 35.09
C ASP H 38 -20.00 -90.03 35.87
N TYR H 39 -20.85 -90.05 36.89
CA TYR H 39 -21.02 -88.92 37.80
C TYR H 39 -20.00 -88.90 38.93
N GLU H 40 -18.87 -89.59 38.76
CA GLU H 40 -17.88 -89.72 39.83
C GLU H 40 -16.47 -89.36 39.41
N ILE H 41 -16.19 -89.20 38.13
CA ILE H 41 -14.82 -88.86 37.72
C ILE H 41 -14.55 -87.39 38.01
N SER H 42 -13.28 -87.08 38.23
CA SER H 42 -12.88 -85.69 38.40
C SER H 42 -13.16 -84.90 37.12
N LEU H 43 -13.67 -83.68 37.29
CA LEU H 43 -13.93 -82.82 36.15
C LEU H 43 -12.65 -82.22 35.56
N ALA H 44 -11.56 -82.21 36.34
CA ALA H 44 -10.32 -81.62 35.86
C ALA H 44 -9.62 -82.51 34.84
N SER H 45 -9.87 -83.81 34.87
CA SER H 45 -9.23 -84.73 33.94
C SER H 45 -9.69 -84.55 32.51
N ASN H 46 -10.77 -83.80 32.28
CA ASN H 46 -11.28 -83.46 30.96
C ASN H 46 -11.69 -84.68 30.14
N ASN H 47 -11.98 -85.80 30.80
CA ASN H 47 -12.51 -86.95 30.09
C ASN H 47 -13.94 -86.67 29.65
N PRO H 48 -14.37 -87.22 28.52
CA PRO H 48 -15.67 -86.81 27.95
C PRO H 48 -16.86 -87.01 28.87
N GLN H 49 -16.94 -88.14 29.58
CA GLN H 49 -18.12 -88.42 30.38
C GLN H 49 -17.97 -87.91 31.82
N ALA H 50 -17.60 -86.64 31.94
CA ALA H 50 -17.44 -86.00 33.25
C ALA H 50 -18.68 -85.16 33.56
N LYS H 51 -19.75 -85.87 33.92
CA LYS H 51 -21.01 -85.21 34.21
C LYS H 51 -20.97 -84.57 35.60
N ALA H 52 -21.94 -83.71 35.86
CA ALA H 52 -22.12 -83.08 37.15
C ALA H 52 -23.59 -83.13 37.55
N VAL H 53 -23.84 -83.12 38.85
CA VAL H 53 -25.20 -83.29 39.38
C VAL H 53 -26.01 -82.04 39.04
N GLU H 54 -27.10 -82.23 38.30
CA GLU H 54 -27.89 -81.09 37.85
C GLU H 54 -28.85 -80.60 38.94
N ARG H 55 -28.87 -79.28 39.12
CA ARG H 55 -29.75 -78.67 40.11
C ARG H 55 -31.21 -79.00 39.84
N LYS H 56 -31.62 -78.93 38.58
CA LYS H 56 -33.01 -79.21 38.25
C LYS H 56 -33.35 -80.69 38.41
N ILE H 57 -32.37 -81.58 38.17
CA ILE H 57 -32.60 -83.00 38.43
C ILE H 57 -32.85 -83.24 39.92
N GLN H 58 -32.00 -82.66 40.77
CA GLN H 58 -32.19 -82.80 42.21
C GLN H 58 -33.52 -82.19 42.64
N ASN H 59 -33.86 -81.03 42.09
CA ASN H 59 -35.13 -80.38 42.41
C ASN H 59 -36.31 -81.25 42.03
N GLN H 60 -36.26 -81.87 40.84
CA GLN H 60 -37.36 -82.72 40.41
C GLN H 60 -37.47 -83.96 41.28
N LEU H 61 -36.35 -84.55 41.69
CA LEU H 61 -36.39 -85.71 42.57
C LEU H 61 -37.08 -85.36 43.89
N PHE H 62 -36.61 -84.29 44.54
CA PHE H 62 -37.22 -83.92 45.81
C PHE H 62 -38.66 -83.46 45.62
N PHE H 63 -38.99 -82.85 44.49
CA PHE H 63 -40.36 -82.46 44.21
C PHE H 63 -41.26 -83.68 44.11
N ILE H 64 -40.81 -84.72 43.41
CA ILE H 64 -41.60 -85.94 43.30
C ILE H 64 -41.84 -86.52 44.69
N ALA H 65 -40.77 -86.63 45.48
CA ALA H 65 -40.89 -87.20 46.82
C ALA H 65 -41.88 -86.42 47.67
N THR H 66 -41.68 -85.10 47.77
CA THR H 66 -42.52 -84.29 48.65
C THR H 66 -43.95 -84.19 48.13
N GLN H 67 -44.14 -84.14 46.81
CA GLN H 67 -45.48 -84.07 46.26
C GLN H 67 -46.26 -85.33 46.58
N ASN H 68 -45.66 -86.50 46.36
CA ASN H 68 -46.36 -87.74 46.70
C ASN H 68 -46.63 -87.83 48.20
N ALA H 69 -45.65 -87.46 49.02
CA ALA H 69 -45.84 -87.53 50.47
C ALA H 69 -46.95 -86.60 50.93
N GLN H 70 -47.01 -85.38 50.39
CA GLN H 70 -48.03 -84.43 50.76
C GLN H 70 -49.41 -84.87 50.29
N ALA H 71 -49.49 -85.43 49.08
CA ALA H 71 -50.77 -85.95 48.61
C ALA H 71 -51.27 -87.07 49.53
N TRP H 72 -50.37 -87.97 49.92
CA TRP H 72 -50.75 -89.00 50.89
C TRP H 72 -51.19 -88.38 52.20
N GLN H 73 -50.48 -87.36 52.67
CA GLN H 73 -50.79 -86.75 53.96
C GLN H 73 -52.14 -86.06 53.94
N ARG H 74 -52.58 -85.55 52.79
CA ARG H 74 -53.79 -84.75 52.75
C ARG H 74 -55.03 -85.51 52.30
N GLN H 75 -54.94 -86.27 51.20
CA GLN H 75 -56.14 -86.90 50.63
C GLN H 75 -56.20 -88.40 50.88
N MET H 76 -55.34 -88.91 51.76
CA MET H 76 -55.35 -90.28 52.26
C MET H 76 -54.91 -91.29 51.20
N ALA H 77 -54.86 -90.88 49.95
CA ALA H 77 -54.76 -91.90 48.92
C ALA H 77 -54.37 -91.28 47.58
N PRO H 78 -53.59 -92.01 46.77
CA PRO H 78 -53.16 -91.48 45.48
C PRO H 78 -54.34 -91.29 44.55
N PRO H 79 -54.28 -90.30 43.67
CA PRO H 79 -55.35 -90.13 42.68
C PRO H 79 -55.38 -91.25 41.66
N TRP H 80 -56.29 -91.16 40.71
CA TRP H 80 -56.39 -92.13 39.62
C TRP H 80 -55.55 -91.64 38.46
N PHE H 81 -54.40 -92.27 38.25
CA PHE H 81 -53.48 -91.88 37.19
C PHE H 81 -53.95 -92.51 35.89
N GLN H 82 -54.59 -91.70 35.04
CA GLN H 82 -55.00 -92.18 33.73
C GLN H 82 -53.77 -92.52 32.90
N GLY H 83 -53.93 -93.47 31.98
CA GLY H 83 -52.76 -94.02 31.30
C GLY H 83 -51.90 -94.82 32.25
N MET H 84 -52.52 -95.58 33.14
CA MET H 84 -51.79 -96.33 34.15
C MET H 84 -51.17 -97.57 33.51
N PRO H 85 -49.85 -97.76 33.58
CA PRO H 85 -49.26 -98.97 33.01
C PRO H 85 -49.83 -100.25 33.62
N GLY H 86 -50.45 -101.08 32.78
CA GLY H 86 -51.01 -102.33 33.24
C GLY H 86 -52.36 -102.22 33.93
N GLY H 87 -53.07 -101.10 33.74
CA GLY H 87 -54.35 -100.90 34.38
C GLY H 87 -54.22 -100.94 35.89
N TYR H 88 -55.34 -101.21 36.56
CA TYR H 88 -55.37 -101.30 38.01
C TYR H 88 -55.78 -102.70 38.42
N GLU H 89 -54.96 -103.33 39.24
CA GLU H 89 -55.23 -104.69 39.67
C GLU H 89 -56.47 -104.73 40.56
N GLN H 90 -56.88 -105.95 40.93
CA GLN H 90 -58.02 -106.15 41.80
C GLN H 90 -57.83 -105.42 43.13
N ASN H 91 -58.94 -104.93 43.66
CA ASN H 91 -58.97 -104.23 44.95
C ASN H 91 -58.08 -102.98 44.92
N ALA H 92 -58.46 -102.03 44.07
CA ALA H 92 -57.70 -100.79 43.91
C ALA H 92 -58.62 -99.58 44.02
N GLU H 93 -58.68 -98.95 45.20
CA GLU H 93 -59.69 -97.92 45.49
C GLU H 93 -59.08 -96.53 45.28
N VAL H 94 -59.01 -96.13 44.01
CA VAL H 94 -58.47 -94.83 43.65
C VAL H 94 -59.46 -93.73 44.03
N VAL H 95 -58.94 -92.65 44.59
CA VAL H 95 -59.74 -91.43 44.78
C VAL H 95 -59.89 -90.75 43.43
N ARG H 96 -61.12 -90.41 43.09
CA ARG H 96 -61.45 -89.89 41.77
C ARG H 96 -62.13 -88.54 41.95
N VAL H 97 -61.77 -87.59 41.10
CA VAL H 97 -62.44 -86.30 41.07
C VAL H 97 -63.90 -86.52 40.71
N GLY H 98 -64.81 -85.86 41.43
CA GLY H 98 -66.20 -85.96 41.08
C GLY H 98 -66.55 -85.04 39.93
N ASN H 99 -67.48 -85.51 39.09
CA ASN H 99 -68.07 -84.62 38.10
C ASN H 99 -68.81 -83.48 38.80
N ASP H 100 -69.50 -83.80 39.91
CA ASP H 100 -70.13 -82.76 40.72
C ASP H 100 -69.09 -81.92 41.47
N GLY H 101 -68.08 -82.58 42.05
CA GLY H 101 -67.09 -81.86 42.82
C GLY H 101 -66.66 -82.54 44.11
N ILE H 102 -67.21 -83.71 44.38
CA ILE H 102 -66.87 -84.49 45.57
C ILE H 102 -65.84 -85.54 45.19
N MET H 103 -64.85 -85.75 46.04
CA MET H 103 -63.90 -86.83 45.81
C MET H 103 -64.54 -88.16 46.17
N ARG H 104 -64.45 -89.11 45.25
CA ARG H 104 -65.18 -90.37 45.33
C ARG H 104 -64.24 -91.54 45.10
N ARG H 105 -64.26 -92.49 46.03
CA ARG H 105 -63.31 -93.60 45.99
C ARG H 105 -63.91 -94.77 45.21
N TYR H 106 -63.30 -95.11 44.08
CA TYR H 106 -63.71 -96.25 43.26
C TYR H 106 -62.63 -97.31 43.26
N ARG H 107 -63.01 -98.54 43.59
CA ARG H 107 -62.13 -99.70 43.70
C ARG H 107 -62.29 -100.57 42.47
N SER H 108 -61.21 -100.75 41.73
CA SER H 108 -61.16 -101.74 40.68
C SER H 108 -61.20 -103.13 41.30
N MET H 109 -62.10 -103.96 40.80
CA MET H 109 -62.37 -105.33 41.23
C MET H 109 -61.58 -106.36 40.44
N VAL H 110 -61.41 -106.13 39.14
CA VAL H 110 -60.78 -107.09 38.25
C VAL H 110 -59.31 -106.73 38.09
N ASN H 111 -58.48 -107.76 37.96
CA ASN H 111 -57.05 -107.55 37.74
C ASN H 111 -56.81 -106.72 36.49
N ALA H 112 -55.89 -105.77 36.59
CA ALA H 112 -55.49 -104.91 35.48
C ALA H 112 -56.67 -104.17 34.88
N ASN H 113 -57.56 -103.65 35.74
CA ASN H 113 -58.67 -102.85 35.28
C ASN H 113 -58.16 -101.52 34.73
N ALA H 114 -58.56 -101.19 33.50
CA ALA H 114 -57.97 -100.07 32.78
C ALA H 114 -58.95 -99.01 32.32
N SER H 115 -60.22 -99.09 32.74
CA SER H 115 -61.19 -98.09 32.30
C SER H 115 -61.31 -96.97 33.34
N ASP H 116 -61.87 -95.85 32.89
CA ASP H 116 -62.03 -94.71 33.77
C ASP H 116 -62.98 -95.06 34.91
N PRO H 117 -62.66 -94.68 36.14
CA PRO H 117 -63.55 -95.03 37.26
C PRO H 117 -64.98 -94.53 37.10
N LEU H 118 -65.16 -93.31 36.59
CA LEU H 118 -66.51 -92.76 36.47
C LEU H 118 -67.36 -93.56 35.48
N SER H 119 -66.75 -94.02 34.38
CA SER H 119 -67.49 -94.63 33.28
C SER H 119 -67.29 -96.13 33.20
N SER H 120 -66.99 -96.79 34.33
CA SER H 120 -66.77 -98.23 34.34
C SER H 120 -67.59 -98.88 35.45
N THR H 121 -68.12 -100.07 35.16
CA THR H 121 -68.80 -100.87 36.17
C THR H 121 -67.82 -101.54 37.12
N THR H 122 -66.59 -101.78 36.67
CA THR H 122 -65.61 -102.50 37.48
C THR H 122 -65.29 -101.73 38.76
N TRP H 123 -65.18 -100.41 38.66
CA TRP H 123 -64.91 -99.59 39.84
C TRP H 123 -66.16 -99.50 40.71
N GLU H 124 -65.99 -99.76 42.00
CA GLU H 124 -67.09 -99.78 42.96
C GLU H 124 -66.75 -98.90 44.15
N GLU H 125 -67.75 -98.21 44.67
CA GLU H 125 -67.46 -97.24 45.73
C GLU H 125 -67.18 -97.94 47.06
N GLN H 126 -66.49 -97.24 47.94
CA GLN H 126 -66.29 -97.64 49.34
C GLN H 126 -66.72 -96.46 50.20
N PRO H 127 -68.03 -96.25 50.35
CA PRO H 127 -68.52 -95.06 51.07
C PRO H 127 -68.38 -95.16 52.58
N ALA H 128 -68.93 -94.18 53.29
CA ALA H 128 -68.90 -94.15 54.74
C ALA H 128 -70.03 -95.01 55.31
N TRP H 129 -69.91 -95.34 56.59
CA TRP H 129 -70.85 -96.21 57.27
C TRP H 129 -72.25 -95.62 57.35
N SER H 130 -72.40 -94.30 57.18
CA SER H 130 -73.73 -93.70 57.23
C SER H 130 -74.58 -94.08 56.03
N ALA H 131 -74.17 -93.65 54.83
CA ALA H 131 -74.86 -94.07 53.62
C ALA H 131 -74.79 -95.57 53.44
N MET H 132 -73.77 -96.19 54.01
CA MET H 132 -73.65 -97.64 53.95
C MET H 132 -74.79 -98.31 54.73
N ARG H 133 -74.99 -97.90 55.99
CA ARG H 133 -76.04 -98.41 56.86
C ARG H 133 -77.43 -98.02 56.39
N SER H 134 -77.54 -96.95 55.60
CA SER H 134 -78.84 -96.57 55.05
C SER H 134 -79.47 -97.69 54.23
N ASN H 135 -78.69 -98.68 53.79
CA ASN H 135 -79.23 -99.86 53.11
C ASN H 135 -79.87 -100.85 54.06
N ILE H 136 -79.61 -100.78 55.35
CA ILE H 136 -80.18 -101.69 56.33
C ILE H 136 -81.52 -101.12 56.79
N PRO H 137 -82.64 -101.82 56.60
CA PRO H 137 -83.91 -101.33 57.13
C PRO H 137 -83.91 -101.25 58.65
N MET H 138 -83.20 -102.16 59.31
CA MET H 138 -83.38 -102.44 60.73
C MET H 138 -82.04 -102.37 61.44
N PRO H 139 -81.38 -101.21 61.44
CA PRO H 139 -80.00 -101.17 61.94
C PRO H 139 -79.92 -101.46 63.43
N ALA H 140 -78.83 -102.13 63.82
CA ALA H 140 -78.61 -102.45 65.23
C ALA H 140 -78.44 -101.17 66.03
N GLY H 141 -79.08 -101.13 67.19
CA GLY H 141 -79.15 -99.90 67.95
C GLY H 141 -80.18 -98.92 67.44
N GLY H 142 -80.94 -99.27 66.42
CA GLY H 142 -81.93 -98.40 65.84
C GLY H 142 -81.32 -97.14 65.27
N PRO H 143 -81.70 -95.98 65.82
CA PRO H 143 -81.06 -94.72 65.39
C PRO H 143 -79.57 -94.71 65.63
N GLY H 144 -79.10 -95.38 66.68
CA GLY H 144 -77.68 -95.41 66.99
C GLY H 144 -76.81 -96.03 65.92
N LEU H 145 -75.71 -95.36 65.60
CA LEU H 145 -74.77 -95.89 64.61
C LEU H 145 -74.11 -97.18 65.10
N SER H 146 -73.78 -97.24 66.39
CA SER H 146 -73.10 -98.40 66.94
C SER H 146 -74.06 -99.58 67.07
N SER H 147 -73.48 -100.78 67.20
CA SER H 147 -74.28 -101.98 67.40
C SER H 147 -75.03 -101.93 68.72
N GLY H 148 -74.47 -101.26 69.73
CA GLY H 148 -75.11 -101.19 71.02
C GLY H 148 -76.36 -100.33 71.01
N GLY H 149 -77.12 -100.44 72.10
CA GLY H 149 -78.40 -99.80 72.21
C GLY H 149 -79.56 -100.61 71.66
N GLU H 150 -79.27 -101.65 70.88
CA GLU H 150 -80.33 -102.53 70.40
C GLU H 150 -80.99 -103.25 71.56
N VAL H 151 -80.20 -103.73 72.51
CA VAL H 151 -80.68 -104.48 73.66
C VAL H 151 -80.70 -103.55 74.87
N ILE H 152 -81.87 -103.41 75.49
CA ILE H 152 -82.04 -102.63 76.71
C ILE H 152 -82.63 -103.55 77.77
N THR H 153 -81.88 -103.79 78.85
CA THR H 153 -82.41 -104.59 79.95
C THR H 153 -83.57 -103.87 80.64
N THR H 154 -83.46 -102.55 80.78
CA THR H 154 -84.51 -101.77 81.41
C THR H 154 -85.72 -101.67 80.48
N GLY H 155 -86.88 -101.41 81.08
CA GLY H 155 -88.11 -101.25 80.33
C GLY H 155 -88.22 -99.89 79.69
N ARG H 156 -87.46 -99.66 78.62
CA ARG H 156 -87.43 -98.37 77.95
C ARG H 156 -88.79 -98.06 77.33
N ASN H 157 -89.04 -96.75 77.14
CA ASN H 157 -90.31 -96.29 76.61
C ASN H 157 -90.52 -96.84 75.20
N PHE H 158 -91.69 -97.43 74.98
CA PHE H 158 -92.04 -97.95 73.66
C PHE H 158 -92.41 -96.84 72.68
N ASN H 159 -92.81 -95.67 73.17
CA ASN H 159 -93.26 -94.61 72.30
C ASN H 159 -92.09 -93.94 71.58
N ASP H 160 -91.00 -93.67 72.30
CA ASP H 160 -89.91 -92.87 71.72
C ASP H 160 -89.16 -93.65 70.64
N LEU H 161 -88.86 -94.91 70.90
CA LEU H 161 -88.20 -95.73 69.88
C LEU H 161 -89.11 -95.88 68.68
N LEU H 162 -88.57 -95.62 67.49
CA LEU H 162 -89.35 -95.59 66.27
C LEU H 162 -88.82 -96.49 65.17
N ASN H 163 -87.51 -96.74 65.15
CA ASN H 163 -86.90 -97.58 64.12
C ASN H 163 -85.91 -98.53 64.79
N GLY H 164 -85.33 -99.42 64.00
CA GLY H 164 -84.42 -100.42 64.50
C GLY H 164 -85.07 -101.60 65.19
N THR H 165 -84.21 -102.45 65.73
CA THR H 165 -84.60 -103.62 66.50
C THR H 165 -84.36 -103.34 67.98
N TRP H 166 -85.33 -103.72 68.80
CA TRP H 166 -85.23 -103.59 70.24
C TRP H 166 -85.32 -104.98 70.85
N GLU H 167 -84.30 -105.34 71.63
CA GLU H 167 -84.28 -106.56 72.41
C GLU H 167 -84.32 -106.20 73.88
N PHE H 168 -85.15 -106.90 74.65
CA PHE H 168 -85.24 -106.67 76.08
C PHE H 168 -84.63 -107.88 76.80
N PHE H 169 -83.60 -107.61 77.61
CA PHE H 169 -82.95 -108.69 78.33
C PHE H 169 -83.91 -109.38 79.29
N SER H 170 -84.92 -108.66 79.78
CA SER H 170 -85.94 -109.20 80.65
C SER H 170 -87.27 -109.23 79.91
N ASP H 171 -87.96 -110.36 79.97
CA ASP H 171 -89.24 -110.49 79.28
C ASP H 171 -90.34 -109.69 79.97
N SER H 172 -90.44 -109.81 81.30
CA SER H 172 -91.50 -109.12 82.02
C SER H 172 -91.24 -107.63 82.14
N VAL H 173 -90.01 -107.18 81.94
CA VAL H 173 -89.77 -105.74 81.95
C VAL H 173 -90.41 -105.09 80.72
N VAL H 174 -90.79 -105.88 79.71
CA VAL H 174 -91.58 -105.34 78.61
C VAL H 174 -92.95 -104.90 79.11
N ILE H 175 -93.59 -105.76 79.91
CA ILE H 175 -94.87 -105.39 80.52
C ILE H 175 -94.67 -104.25 81.51
N ALA H 176 -93.54 -104.26 82.22
CA ALA H 176 -93.22 -103.13 83.11
C ALA H 176 -93.15 -101.83 82.32
N SER H 177 -92.54 -101.86 81.15
CA SER H 177 -92.57 -100.73 80.23
C SER H 177 -93.95 -100.59 79.61
N GLN H 178 -94.16 -99.43 78.98
CA GLN H 178 -95.46 -99.12 78.40
C GLN H 178 -95.65 -99.84 77.07
N ASN H 179 -96.91 -99.92 76.65
CA ASN H 179 -97.29 -100.43 75.32
C ASN H 179 -96.83 -101.86 75.10
N ALA H 180 -96.98 -102.70 76.12
CA ALA H 180 -96.60 -104.10 75.97
C ALA H 180 -97.78 -104.90 75.38
N PRO H 181 -97.52 -105.72 74.37
CA PRO H 181 -98.61 -106.52 73.78
C PRO H 181 -99.11 -107.59 74.74
N VAL H 182 -100.40 -107.89 74.64
CA VAL H 182 -101.05 -108.92 75.44
C VAL H 182 -101.53 -110.01 74.48
N TYR H 183 -100.73 -111.06 74.35
CA TYR H 183 -101.02 -112.13 73.41
C TYR H 183 -102.21 -112.96 73.91
N PRO H 184 -102.88 -113.69 73.00
CA PRO H 184 -103.98 -114.55 73.43
C PRO H 184 -103.49 -115.63 74.37
N ALA H 185 -104.22 -115.80 75.49
CA ALA H 185 -103.87 -116.77 76.53
C ALA H 185 -102.48 -116.50 77.11
N SER H 186 -102.02 -115.25 77.02
CA SER H 186 -100.73 -114.86 77.58
C SER H 186 -100.89 -113.52 78.28
N ALA H 187 -100.31 -113.40 79.48
CA ALA H 187 -100.47 -112.18 80.25
C ALA H 187 -99.84 -110.98 79.54
N GLY H 188 -98.66 -111.16 78.95
CA GLY H 188 -97.99 -110.09 78.26
C GLY H 188 -96.94 -110.62 77.32
N ALA H 189 -96.14 -109.70 76.79
CA ALA H 189 -95.09 -110.08 75.85
C ALA H 189 -93.99 -110.86 76.55
N ALA H 190 -93.48 -111.87 75.87
CA ALA H 190 -92.33 -112.63 76.33
C ALA H 190 -91.06 -111.94 75.83
N ALA H 191 -89.92 -112.60 76.00
CA ALA H 191 -88.64 -112.02 75.60
C ALA H 191 -88.45 -112.22 74.11
N GLY H 192 -88.73 -111.19 73.33
CA GLY H 192 -88.60 -111.28 71.89
C GLY H 192 -87.99 -110.05 71.26
N MET H 193 -88.01 -109.99 69.93
CA MET H 193 -87.42 -108.90 69.18
C MET H 193 -88.52 -107.99 68.63
N LEU H 194 -88.30 -106.68 68.74
CA LEU H 194 -89.23 -105.68 68.21
C LEU H 194 -88.59 -105.05 66.98
N GLU H 195 -89.20 -105.24 65.82
CA GLU H 195 -88.76 -104.63 64.57
C GLU H 195 -89.65 -103.42 64.33
N ALA H 196 -89.06 -102.22 64.33
CA ALA H 196 -89.84 -101.02 64.09
C ALA H 196 -89.15 -100.16 63.04
N LYS H 197 -89.91 -99.61 62.10
CA LYS H 197 -89.30 -98.80 61.06
C LYS H 197 -90.30 -97.76 60.57
N SER H 198 -89.79 -96.55 60.32
CA SER H 198 -90.60 -95.42 59.91
C SER H 198 -90.24 -94.97 58.50
N TRP H 199 -91.26 -94.83 57.65
CA TRP H 199 -91.12 -94.32 56.31
C TRP H 199 -91.79 -92.95 56.22
N ILE H 200 -91.34 -92.16 55.25
CA ILE H 200 -92.02 -90.93 54.91
C ILE H 200 -93.33 -91.27 54.21
N SER H 201 -94.40 -90.56 54.58
CA SER H 201 -95.70 -90.73 53.93
C SER H 201 -96.32 -89.38 53.59
N GLY H 202 -95.53 -88.32 53.56
CA GLY H 202 -96.04 -86.99 53.29
C GLY H 202 -96.52 -86.29 54.55
N SER H 203 -97.84 -86.15 54.69
CA SER H 203 -98.39 -85.43 55.84
C SER H 203 -98.11 -86.19 57.14
N ASN H 204 -98.40 -87.49 57.16
CA ASN H 204 -98.24 -88.32 58.35
C ASN H 204 -97.28 -89.46 58.03
N THR H 205 -95.99 -89.22 58.21
CA THR H 205 -94.99 -90.27 58.05
C THR H 205 -95.27 -91.40 59.04
N PHE H 206 -95.23 -92.63 58.54
CA PHE H 206 -95.81 -93.75 59.29
C PHE H 206 -94.78 -94.84 59.54
N CYS H 207 -94.94 -95.55 60.66
CA CYS H 207 -94.01 -96.60 61.07
C CYS H 207 -94.78 -97.87 61.39
N VAL H 208 -94.13 -99.01 61.13
CA VAL H 208 -94.67 -100.31 61.50
C VAL H 208 -93.75 -100.91 62.55
N GLN H 209 -94.36 -101.44 63.62
CA GLN H 209 -93.60 -101.97 64.75
C GLN H 209 -94.25 -103.27 65.17
N ARG H 210 -93.49 -104.36 65.11
CA ARG H 210 -94.00 -105.66 65.52
C ARG H 210 -93.06 -106.30 66.53
N TYR H 211 -93.64 -106.88 67.57
CA TYR H 211 -92.91 -107.62 68.58
C TYR H 211 -93.16 -109.10 68.39
N THR H 212 -92.09 -109.84 68.15
CA THR H 212 -92.13 -111.31 68.08
C THR H 212 -91.53 -111.83 69.37
N ASP H 213 -92.38 -112.42 70.22
CA ASP H 213 -91.95 -112.83 71.54
C ASP H 213 -91.31 -114.21 71.49
N ARG H 214 -90.85 -114.70 72.65
CA ARG H 214 -90.05 -115.92 72.68
C ARG H 214 -90.88 -117.14 72.28
N VAL H 215 -92.16 -117.18 72.64
CA VAL H 215 -92.99 -118.28 72.17
C VAL H 215 -93.24 -118.16 70.67
N GLY H 216 -93.26 -116.93 70.15
CA GLY H 216 -93.47 -116.67 68.75
C GLY H 216 -94.74 -115.91 68.44
N ASN H 217 -95.74 -115.96 69.32
CA ASN H 217 -96.97 -115.20 69.10
C ASN H 217 -96.64 -113.75 68.83
N VAL H 218 -96.90 -113.30 67.62
CA VAL H 218 -96.45 -112.00 67.18
C VAL H 218 -97.53 -110.96 67.45
N ALA H 219 -97.08 -109.71 67.64
CA ALA H 219 -97.96 -108.56 67.78
C ALA H 219 -97.50 -107.53 66.76
N VAL H 220 -98.24 -107.41 65.66
CA VAL H 220 -97.95 -106.42 64.64
C VAL H 220 -98.76 -105.17 64.93
N ARG H 221 -98.14 -104.00 64.86
CA ARG H 221 -98.84 -102.78 65.19
C ARG H 221 -98.34 -101.67 64.27
N GLY H 222 -99.15 -100.63 64.14
CA GLY H 222 -98.76 -99.52 63.31
C GLY H 222 -98.88 -98.16 63.96
N LEU H 223 -97.76 -97.44 64.05
CA LEU H 223 -97.79 -96.08 64.58
C LEU H 223 -98.65 -95.20 63.69
N ASN H 224 -99.81 -94.80 64.19
CA ASN H 224 -100.78 -94.03 63.42
C ASN H 224 -100.82 -92.61 63.95
N ALA H 225 -100.44 -91.65 63.11
CA ALA H 225 -100.41 -90.23 63.47
C ALA H 225 -99.54 -89.98 64.71
N GLY H 226 -98.47 -90.76 64.86
CA GLY H 226 -97.64 -90.69 66.03
C GLY H 226 -98.12 -91.51 67.20
N ALA H 227 -99.32 -92.07 67.12
CA ALA H 227 -99.88 -92.92 68.17
C ALA H 227 -99.98 -94.34 67.63
N TRP H 228 -99.29 -95.26 68.29
CA TRP H 228 -99.27 -96.64 67.83
C TRP H 228 -100.66 -97.26 67.91
N THR H 229 -101.03 -98.01 66.87
CA THR H 229 -102.21 -98.84 66.96
C THR H 229 -101.98 -99.94 67.99
N ASN H 230 -103.06 -100.35 68.66
CA ASN H 230 -102.96 -101.42 69.65
C ASN H 230 -102.37 -102.67 69.01
N TRP H 231 -101.49 -103.34 69.75
CA TRP H 231 -100.80 -104.51 69.20
C TRP H 231 -101.79 -105.53 68.66
N MET H 232 -101.44 -106.09 67.50
CA MET H 232 -102.26 -107.06 66.79
C MET H 232 -101.71 -108.43 67.14
N TYR H 233 -102.38 -109.13 68.05
CA TYR H 233 -101.90 -110.39 68.60
C TYR H 233 -102.36 -111.50 67.68
N ALA H 234 -101.47 -111.92 66.77
CA ALA H 234 -101.82 -112.92 65.77
C ALA H 234 -102.25 -114.22 66.45
N VAL H 235 -103.54 -114.55 66.33
CA VAL H 235 -104.04 -115.82 66.82
C VAL H 235 -103.38 -116.94 66.02
N ASN H 236 -102.93 -117.98 66.71
CA ASN H 236 -102.22 -119.08 66.08
C ASN H 236 -103.12 -120.31 65.96
N VAL H 237 -102.64 -121.29 65.17
CA VAL H 237 -103.48 -122.43 64.88
C VAL H 237 -103.73 -123.30 66.10
N MET H 238 -102.85 -123.27 67.12
CA MET H 238 -103.21 -123.99 68.33
C MET H 238 -104.18 -123.19 69.18
N ALA H 239 -104.19 -121.86 69.06
CA ALA H 239 -105.28 -121.10 69.65
C ALA H 239 -106.60 -121.49 68.99
N LEU H 240 -106.58 -121.71 67.67
CA LEU H 240 -107.74 -122.24 66.97
C LEU H 240 -108.06 -123.67 67.43
N GLN H 241 -107.03 -124.47 67.70
CA GLN H 241 -107.22 -125.85 68.14
C GLN H 241 -107.91 -125.89 69.51
N GLN H 242 -107.39 -125.13 70.47
CA GLN H 242 -108.02 -125.06 71.78
C GLN H 242 -109.41 -124.43 71.71
N GLY H 243 -109.55 -123.40 70.88
CA GLY H 243 -110.79 -122.65 70.87
C GLY H 243 -111.01 -121.81 72.12
N ARG H 244 -109.96 -121.61 72.91
CA ARG H 244 -110.11 -120.85 74.15
C ARG H 244 -110.32 -119.37 73.89
N VAL H 245 -109.70 -118.84 72.84
CA VAL H 245 -109.81 -117.41 72.55
C VAL H 245 -111.25 -117.02 72.29
N THR H 246 -111.96 -117.83 71.49
CA THR H 246 -113.37 -117.59 71.23
C THR H 246 -114.26 -118.03 72.39
N TYR H 247 -113.76 -118.90 73.27
CA TYR H 247 -114.56 -119.45 74.35
C TYR H 247 -114.77 -118.42 75.45
N GLY H 248 -115.92 -118.49 76.11
CA GLY H 248 -116.20 -117.61 77.24
C GLY H 248 -117.08 -118.29 78.26
N VAL H 249 -116.85 -117.95 79.53
CA VAL H 249 -117.60 -118.50 80.65
C VAL H 249 -118.41 -117.34 81.21
N ALA H 250 -119.65 -117.18 80.73
CA ALA H 250 -120.42 -116.01 81.10
C ALA H 250 -120.90 -116.13 82.54
N ALA H 251 -120.96 -115.00 83.22
CA ALA H 251 -121.50 -114.96 84.58
C ALA H 251 -122.95 -115.43 84.54
N GLY H 252 -123.26 -116.49 85.30
CA GLY H 252 -124.56 -117.09 85.31
C GLY H 252 -125.53 -116.72 86.43
N PRO H 253 -126.05 -115.49 86.45
CA PRO H 253 -127.34 -115.28 87.15
C PRO H 253 -128.52 -115.30 86.21
N ALA H 254 -129.69 -115.72 86.72
CA ALA H 254 -130.88 -115.82 85.90
C ALA H 254 -131.34 -114.46 85.39
N ASN H 255 -131.74 -114.43 84.12
CA ASN H 255 -132.34 -113.26 83.45
C ASN H 255 -131.38 -112.09 83.33
N ALA H 256 -130.09 -112.29 83.58
CA ALA H 256 -129.08 -111.25 83.36
C ALA H 256 -127.72 -111.93 83.32
N TYR H 257 -127.02 -111.82 82.19
CA TYR H 257 -125.71 -112.44 82.03
C TYR H 257 -124.72 -111.41 81.51
N THR H 258 -123.49 -111.47 82.02
CA THR H 258 -122.42 -110.55 81.63
C THR H 258 -121.32 -111.34 80.94
N LEU H 259 -120.88 -110.85 79.79
CA LEU H 259 -119.94 -111.56 78.92
C LEU H 259 -118.70 -110.72 78.71
N THR H 260 -117.53 -111.29 79.02
CA THR H 260 -116.25 -110.66 78.76
C THR H 260 -115.17 -111.74 78.80
N LEU H 261 -114.11 -111.54 78.02
CA LEU H 261 -113.00 -112.48 77.99
C LEU H 261 -111.76 -111.78 77.45
N VAL H 262 -110.61 -112.28 77.86
CA VAL H 262 -109.30 -111.79 77.41
C VAL H 262 -108.63 -112.88 76.58
N PRO H 263 -108.14 -112.58 75.38
CA PRO H 263 -108.05 -111.25 74.72
C PRO H 263 -109.42 -110.66 74.40
N GLN H 264 -109.53 -109.34 74.45
CA GLN H 264 -110.82 -108.69 74.39
C GLN H 264 -111.44 -108.86 73.00
N LEU H 265 -112.75 -109.10 72.98
CA LEU H 265 -113.51 -109.10 71.74
C LEU H 265 -113.70 -107.67 71.28
N GLN H 266 -112.77 -107.16 70.46
CA GLN H 266 -112.85 -105.78 70.01
C GLN H 266 -114.09 -105.59 69.13
N GLY H 267 -114.84 -104.53 69.42
CA GLY H 267 -116.12 -104.31 68.80
C GLY H 267 -117.28 -104.99 69.49
N GLY H 268 -117.01 -105.88 70.45
CA GLY H 268 -118.07 -106.55 71.19
C GLY H 268 -119.01 -107.31 70.29
N LEU H 269 -120.30 -107.18 70.56
CA LEU H 269 -121.31 -107.85 69.75
C LEU H 269 -121.39 -107.23 68.36
N VAL H 270 -121.45 -108.07 67.34
CA VAL H 270 -121.51 -107.65 65.95
C VAL H 270 -122.76 -108.26 65.33
N ASP H 271 -123.29 -107.60 64.30
CA ASP H 271 -124.44 -108.10 63.57
C ASP H 271 -124.17 -109.50 63.04
N GLY H 272 -124.97 -110.46 63.47
CA GLY H 272 -124.77 -111.84 63.06
C GLY H 272 -123.52 -112.48 63.60
N MET H 273 -123.02 -111.99 64.73
CA MET H 273 -121.86 -112.57 65.38
C MET H 273 -122.33 -113.50 66.50
N ILE H 274 -121.65 -114.63 66.65
CA ILE H 274 -121.98 -115.65 67.64
C ILE H 274 -120.81 -115.79 68.59
N LEU H 275 -121.12 -116.16 69.83
CA LEU H 275 -120.11 -116.42 70.84
C LEU H 275 -120.51 -117.64 71.67
N ARG H 276 -119.50 -118.40 72.08
CA ARG H 276 -119.68 -119.63 72.85
C ARG H 276 -119.55 -119.30 74.33
N VAL H 277 -120.70 -119.10 74.99
CA VAL H 277 -120.73 -118.61 76.36
C VAL H 277 -121.36 -119.68 77.25
N LYS H 278 -120.73 -119.95 78.39
CA LYS H 278 -121.27 -120.92 79.34
C LYS H 278 -122.15 -120.19 80.33
N PHE H 279 -123.43 -120.55 80.37
CA PHE H 279 -124.35 -120.17 81.44
C PHE H 279 -124.35 -121.28 82.47
N ASN H 280 -123.93 -120.96 83.70
CA ASN H 280 -123.87 -121.98 84.74
C ASN H 280 -125.27 -122.37 85.23
N THR H 281 -126.14 -121.39 85.44
CA THR H 281 -127.47 -121.65 85.98
C THR H 281 -128.52 -121.49 84.89
N MET H 282 -129.77 -121.74 85.26
CA MET H 282 -130.90 -121.59 84.37
C MET H 282 -131.32 -120.14 84.27
N ASN H 283 -132.12 -119.84 83.25
CA ASN H 283 -132.75 -118.52 83.11
C ASN H 283 -134.25 -118.71 82.98
N THR H 284 -135.01 -117.96 83.79
CA THR H 284 -136.46 -118.11 83.81
C THR H 284 -137.09 -117.50 82.56
N GLY H 285 -136.66 -116.31 82.17
CA GLY H 285 -137.28 -115.62 81.05
C GLY H 285 -136.28 -114.98 80.11
N ALA H 286 -136.64 -113.80 79.60
CA ALA H 286 -135.75 -113.06 78.70
C ALA H 286 -134.53 -112.59 79.47
N SER H 287 -133.36 -113.13 79.12
CA SER H 287 -132.14 -112.78 79.84
C SER H 287 -131.47 -111.59 79.17
N THR H 288 -130.23 -111.29 79.56
CA THR H 288 -129.51 -110.17 78.96
C THR H 288 -128.05 -110.56 78.81
N ILE H 289 -127.41 -110.02 77.76
CA ILE H 289 -125.99 -110.25 77.56
C ILE H 289 -125.42 -109.10 76.72
N ASN H 290 -124.14 -108.82 76.91
CA ASN H 290 -123.43 -107.77 76.19
C ASN H 290 -121.93 -108.03 76.28
N VAL H 291 -121.18 -107.40 75.37
CA VAL H 291 -119.73 -107.45 75.37
C VAL H 291 -119.20 -106.03 75.17
N SER H 292 -118.20 -105.66 75.98
CA SER H 292 -117.45 -104.41 75.83
C SER H 292 -118.32 -103.17 75.98
N GLY H 293 -119.59 -103.36 76.35
CA GLY H 293 -120.47 -102.23 76.60
C GLY H 293 -121.11 -101.60 75.40
N LEU H 294 -121.13 -102.29 74.26
CA LEU H 294 -121.79 -101.74 73.08
C LEU H 294 -123.31 -101.76 73.24
N GLY H 295 -123.86 -102.87 73.72
CA GLY H 295 -125.30 -102.97 73.90
C GLY H 295 -125.73 -104.30 74.50
N ALA H 296 -126.61 -104.23 75.49
CA ALA H 296 -127.09 -105.41 76.21
C ALA H 296 -128.44 -105.81 75.65
N LYS H 297 -128.53 -107.02 75.10
CA LYS H 297 -129.75 -107.49 74.46
C LYS H 297 -130.26 -108.75 75.13
N ALA H 298 -131.56 -109.00 74.93
CA ALA H 298 -132.25 -110.09 75.59
C ALA H 298 -131.83 -111.44 75.02
N ILE H 299 -131.92 -112.46 75.88
CA ILE H 299 -131.58 -113.84 75.55
C ILE H 299 -132.87 -114.65 75.55
N VAL H 300 -133.09 -115.37 74.45
CA VAL H 300 -134.32 -116.08 74.11
C VAL H 300 -133.96 -117.42 73.46
N GLY H 301 -134.98 -118.14 72.99
CA GLY H 301 -134.80 -119.40 72.31
C GLY H 301 -135.05 -119.32 70.83
N ALA H 302 -135.30 -120.48 70.22
CA ALA H 302 -135.54 -120.56 68.79
C ALA H 302 -136.80 -119.82 68.36
N ALA H 303 -137.72 -119.58 69.29
CA ALA H 303 -138.93 -118.82 68.98
C ALA H 303 -138.68 -117.32 68.91
N ASN H 304 -137.50 -116.86 69.33
CA ASN H 304 -137.08 -115.45 69.33
C ASN H 304 -137.88 -114.60 70.30
N PHE H 305 -138.62 -115.21 71.21
CA PHE H 305 -139.45 -114.50 72.18
C PHE H 305 -138.98 -114.86 73.59
N PRO H 306 -139.32 -114.06 74.61
CA PRO H 306 -138.84 -114.32 75.97
C PRO H 306 -138.97 -115.78 76.38
N LEU H 307 -137.87 -116.33 76.90
CA LEU H 307 -137.79 -117.76 77.17
C LEU H 307 -138.71 -118.18 78.30
N THR H 308 -139.12 -119.44 78.27
CA THR H 308 -139.90 -120.02 79.34
C THR H 308 -139.04 -120.66 80.42
N GLY H 309 -137.82 -121.06 80.08
CA GLY H 309 -136.95 -121.79 80.98
C GLY H 309 -136.86 -123.26 80.60
N GLY H 310 -135.89 -123.94 81.22
CA GLY H 310 -135.64 -125.33 80.91
C GLY H 310 -134.86 -125.56 79.63
N GLU H 311 -134.41 -124.50 78.98
CA GLU H 311 -133.65 -124.61 77.72
C GLU H 311 -132.15 -124.69 77.96
N LEU H 312 -131.71 -124.77 79.20
CA LEU H 312 -130.29 -124.78 79.51
C LEU H 312 -130.07 -125.57 80.80
N GLY H 313 -129.00 -126.38 80.81
CA GLY H 313 -128.64 -127.16 81.97
C GLY H 313 -127.63 -126.45 82.85
N GLN H 314 -127.19 -127.15 83.89
CA GLN H 314 -126.18 -126.62 84.81
C GLN H 314 -124.84 -126.59 84.10
N GLY H 315 -124.43 -125.40 83.67
CA GLY H 315 -123.19 -125.26 82.93
C GLY H 315 -123.33 -125.42 81.43
N LEU H 316 -124.46 -125.01 80.87
CA LEU H 316 -124.66 -125.16 79.43
C LEU H 316 -123.84 -124.11 78.68
N ILE H 317 -122.91 -124.58 77.85
CA ILE H 317 -122.27 -123.70 76.89
C ILE H 317 -123.20 -123.58 75.69
N ALA H 318 -123.56 -122.35 75.34
CA ALA H 318 -124.49 -122.06 74.27
C ALA H 318 -123.87 -121.05 73.32
N GLU H 319 -124.24 -121.18 72.04
CA GLU H 319 -123.81 -120.24 71.01
C GLU H 319 -124.86 -119.15 70.89
N LEU H 320 -124.55 -117.95 71.38
CA LEU H 320 -125.46 -116.82 71.37
C LEU H 320 -125.08 -115.88 70.23
N VAL H 321 -126.04 -115.56 69.37
CA VAL H 321 -125.80 -114.74 68.20
C VAL H 321 -126.57 -113.43 68.35
N PHE H 322 -126.09 -112.39 67.68
CA PHE H 322 -126.78 -111.10 67.68
C PHE H 322 -127.05 -110.66 66.25
N ASP H 323 -128.33 -110.38 65.96
CA ASP H 323 -128.74 -109.87 64.66
C ASP H 323 -129.19 -108.42 64.78
N ALA H 324 -129.00 -107.66 63.69
CA ALA H 324 -129.28 -106.23 63.73
C ALA H 324 -130.77 -105.96 63.91
N ALA H 325 -131.61 -106.58 63.09
CA ALA H 325 -133.04 -106.29 63.14
C ALA H 325 -133.69 -106.89 64.38
N GLY H 326 -133.37 -108.15 64.69
CA GLY H 326 -133.96 -108.80 65.84
C GLY H 326 -133.49 -108.20 67.16
N ASP H 327 -132.22 -107.81 67.22
CA ASP H 327 -131.60 -107.28 68.44
C ASP H 327 -131.75 -108.27 69.60
N ARG H 328 -131.57 -109.55 69.30
CA ARG H 328 -131.75 -110.59 70.31
C ARG H 328 -130.63 -111.62 70.19
N TRP H 329 -130.41 -112.33 71.29
CA TRP H 329 -129.53 -113.48 71.34
C TRP H 329 -130.39 -114.69 71.60
N ARG H 330 -130.21 -115.75 70.82
CA ARG H 330 -131.03 -116.94 70.96
C ARG H 330 -130.15 -118.17 71.08
N ILE H 331 -130.61 -119.14 71.87
CA ILE H 331 -129.87 -120.39 72.02
C ILE H 331 -130.09 -121.17 70.72
N LEU H 332 -129.09 -121.12 69.83
CA LEU H 332 -129.26 -121.67 68.48
C LEU H 332 -129.45 -123.18 68.52
N ALA H 333 -128.60 -123.89 69.24
CA ALA H 333 -128.73 -125.34 69.39
C ALA H 333 -128.52 -125.72 70.85
N GLY H 334 -128.71 -127.00 71.14
CA GLY H 334 -128.75 -127.42 72.52
C GLY H 334 -129.92 -126.85 73.28
N ALA H 335 -130.98 -126.45 72.59
CA ALA H 335 -132.12 -125.77 73.19
C ALA H 335 -133.40 -126.52 72.87
N PRO H 336 -134.15 -126.97 73.88
CA PRO H 336 -135.51 -127.46 73.62
C PRO H 336 -136.38 -126.33 73.07
N ARG H 337 -137.37 -126.71 72.29
CA ARG H 337 -138.21 -125.76 71.56
C ARG H 337 -139.58 -125.66 72.19
N ILE H 338 -140.04 -124.44 72.41
CA ILE H 338 -141.39 -124.17 72.88
C ILE H 338 -141.93 -122.98 72.11
N GLN H 339 -143.18 -123.09 71.65
CA GLN H 339 -143.80 -122.06 70.83
C GLN H 339 -144.58 -121.10 71.72
N VAL H 340 -144.27 -119.80 71.61
CA VAL H 340 -144.95 -118.77 72.39
C VAL H 340 -146.24 -118.36 71.68
N MET I 1 -56.51 -82.37 47.25
CA MET I 1 -56.48 -82.81 45.85
C MET I 1 -55.28 -82.23 45.11
N ILE I 2 -54.13 -82.87 45.26
CA ILE I 2 -52.97 -82.62 44.42
C ILE I 2 -52.59 -83.94 43.75
N THR I 3 -52.41 -83.90 42.43
CA THR I 3 -52.14 -85.11 41.68
C THR I 3 -50.65 -85.20 41.40
N PRO I 4 -49.92 -86.12 42.02
CA PRO I 4 -48.51 -86.31 41.67
C PRO I 4 -48.34 -86.82 40.26
N GLU I 5 -47.10 -86.96 39.82
CA GLU I 5 -46.82 -87.51 38.50
C GLU I 5 -46.69 -89.04 38.59
N LEU I 6 -47.19 -89.71 37.56
CA LEU I 6 -47.08 -91.16 37.45
C LEU I 6 -45.63 -91.59 37.59
N ILE I 7 -45.32 -92.35 38.63
CA ILE I 7 -43.96 -92.88 38.82
C ILE I 7 -43.87 -94.21 38.08
N PRO I 8 -43.20 -94.26 36.93
CA PRO I 8 -43.13 -95.52 36.19
C PRO I 8 -42.12 -96.47 36.77
N SER I 9 -41.02 -95.92 37.32
CA SER I 9 -39.98 -96.74 37.92
C SER I 9 -39.26 -95.89 38.95
N PRO I 10 -38.88 -96.46 40.10
CA PRO I 10 -38.12 -95.69 41.08
C PRO I 10 -36.73 -95.34 40.56
N PHE I 11 -36.21 -94.22 41.06
CA PHE I 11 -34.86 -93.81 40.70
C PHE I 11 -33.85 -94.87 41.10
N ALA I 12 -32.85 -95.09 40.24
CA ALA I 12 -31.81 -96.09 40.47
C ALA I 12 -32.40 -97.48 40.68
N ALA I 13 -33.42 -97.81 39.89
CA ALA I 13 -34.06 -99.12 40.01
C ALA I 13 -33.08 -100.25 39.67
N GLN I 14 -32.30 -100.08 38.60
CA GLN I 14 -31.33 -101.06 38.17
C GLN I 14 -29.92 -100.50 38.27
N GLY I 15 -29.64 -99.78 39.36
CA GLY I 15 -28.32 -99.22 39.59
C GLY I 15 -27.72 -99.75 40.89
N ASP I 16 -26.42 -99.54 41.03
CA ASP I 16 -25.71 -99.96 42.23
C ASP I 16 -26.25 -99.22 43.45
N LYS I 17 -26.46 -99.96 44.53
CA LYS I 17 -26.99 -99.40 45.76
C LYS I 17 -26.34 -100.10 46.95
N ASP I 18 -26.24 -99.37 48.06
CA ASP I 18 -25.64 -99.90 49.27
C ASP I 18 -26.59 -99.72 50.46
N PRO I 19 -26.65 -100.69 51.37
CA PRO I 19 -27.59 -100.59 52.49
C PRO I 19 -27.10 -99.58 53.52
N ILE I 20 -28.00 -98.69 53.92
CA ILE I 20 -27.68 -97.67 54.92
C ILE I 20 -27.83 -98.29 56.30
N PRO I 21 -26.78 -98.32 57.11
CA PRO I 21 -26.87 -98.88 58.46
C PRO I 21 -27.55 -97.92 59.43
N GLN I 22 -27.81 -98.42 60.63
CA GLN I 22 -28.32 -97.60 61.71
C GLN I 22 -27.21 -97.07 62.60
N THR I 23 -26.17 -97.87 62.82
CA THR I 23 -25.03 -97.49 63.64
C THR I 23 -23.86 -97.08 62.75
N SER I 24 -22.98 -96.25 63.30
CA SER I 24 -21.87 -95.68 62.56
C SER I 24 -20.54 -96.13 63.17
N SER I 25 -19.53 -96.20 62.32
CA SER I 25 -18.17 -96.50 62.72
C SER I 25 -17.22 -95.35 62.41
N THR I 26 -17.38 -94.72 61.26
CA THR I 26 -16.50 -93.66 60.80
C THR I 26 -17.41 -92.61 60.14
N GLY I 27 -16.83 -91.72 59.35
CA GLY I 27 -17.65 -90.74 58.66
C GLY I 27 -18.52 -91.38 57.59
N PHE I 28 -19.37 -92.32 58.01
CA PHE I 28 -20.24 -93.08 57.13
C PHE I 28 -21.70 -92.74 57.39
N ALA I 29 -22.52 -92.89 56.36
CA ALA I 29 -23.93 -92.56 56.47
C ALA I 29 -24.61 -93.48 57.48
N ASN I 30 -25.68 -92.96 58.08
CA ASN I 30 -26.45 -93.68 59.08
C ASN I 30 -27.93 -93.45 58.79
N LEU I 31 -28.78 -93.95 59.70
CA LEU I 31 -30.19 -93.65 59.64
C LEU I 31 -30.66 -92.81 60.83
N ARG I 32 -29.88 -92.71 61.89
CA ARG I 32 -30.18 -91.79 62.98
C ARG I 32 -29.31 -90.55 62.95
N ASP I 33 -28.03 -90.68 62.61
CA ASP I 33 -27.18 -89.52 62.40
C ASP I 33 -27.21 -89.03 60.95
N GLY I 34 -27.53 -89.90 60.00
CA GLY I 34 -27.45 -89.51 58.60
C GLY I 34 -26.02 -89.14 58.23
N TYR I 35 -25.86 -88.01 57.58
CA TYR I 35 -24.54 -87.52 57.23
C TYR I 35 -23.84 -87.00 58.48
N THR I 36 -22.72 -87.62 58.85
CA THR I 36 -22.07 -87.31 60.12
C THR I 36 -21.42 -85.93 60.09
N PRO I 37 -21.61 -85.15 61.15
CA PRO I 37 -21.01 -83.81 61.17
C PRO I 37 -19.54 -83.79 61.57
N ASP I 38 -19.19 -84.60 62.57
CA ASP I 38 -17.82 -84.59 63.03
C ASP I 38 -16.86 -85.11 61.98
N TYR I 39 -17.22 -86.17 61.27
CA TYR I 39 -16.38 -86.61 60.18
C TYR I 39 -17.14 -86.54 58.88
N GLU I 40 -17.92 -85.48 58.79
CA GLU I 40 -17.67 -84.56 57.72
C GLU I 40 -16.29 -83.96 57.95
N ILE I 41 -15.39 -84.10 56.98
CA ILE I 41 -14.15 -83.34 57.11
C ILE I 41 -13.54 -83.31 55.71
N SER I 42 -12.59 -82.39 55.49
CA SER I 42 -12.00 -82.18 54.17
C SER I 42 -11.47 -83.47 53.57
N LEU I 43 -12.09 -83.91 52.47
CA LEU I 43 -11.77 -85.18 51.87
C LEU I 43 -10.44 -85.15 51.11
N ALA I 44 -10.13 -84.04 50.46
CA ALA I 44 -8.83 -83.87 49.79
C ALA I 44 -7.84 -83.13 50.68
N SER I 45 -7.73 -83.53 51.95
CA SER I 45 -6.78 -82.89 52.85
C SER I 45 -6.08 -83.90 53.76
N ASN I 46 -5.89 -85.13 53.28
CA ASN I 46 -5.21 -86.20 54.01
C ASN I 46 -5.63 -86.25 55.48
N ASN I 47 -6.93 -86.47 55.70
CA ASN I 47 -7.45 -86.59 57.06
C ASN I 47 -8.05 -87.98 57.26
N PRO I 48 -8.03 -88.51 58.50
CA PRO I 48 -8.22 -89.96 58.70
C PRO I 48 -9.53 -90.54 58.16
N GLN I 49 -10.68 -90.10 58.69
CA GLN I 49 -11.95 -90.64 58.23
C GLN I 49 -12.57 -89.77 57.14
N ALA I 50 -11.76 -88.91 56.50
CA ALA I 50 -12.27 -87.94 55.54
C ALA I 50 -13.14 -88.59 54.49
N LYS I 51 -14.41 -88.20 54.43
CA LYS I 51 -15.42 -88.92 53.67
C LYS I 51 -15.87 -88.12 52.46
N ALA I 52 -16.29 -88.84 51.43
CA ALA I 52 -16.90 -88.26 50.25
C ALA I 52 -18.36 -88.69 50.16
N VAL I 53 -19.17 -87.86 49.50
CA VAL I 53 -20.58 -88.19 49.35
C VAL I 53 -20.71 -89.49 48.56
N GLU I 54 -21.51 -90.41 49.07
CA GLU I 54 -21.55 -91.76 48.54
C GLU I 54 -22.65 -91.91 47.50
N ARG I 55 -22.23 -92.22 46.27
CA ARG I 55 -23.17 -92.42 45.18
C ARG I 55 -24.15 -93.55 45.51
N LYS I 56 -23.63 -94.66 46.03
CA LYS I 56 -24.50 -95.80 46.34
C LYS I 56 -25.56 -95.42 47.37
N ILE I 57 -25.14 -94.77 48.45
CA ILE I 57 -26.06 -94.44 49.54
C ILE I 57 -27.12 -93.45 49.05
N GLN I 58 -26.71 -92.40 48.36
CA GLN I 58 -27.70 -91.41 47.92
C GLN I 58 -28.63 -91.99 46.86
N ASN I 59 -28.09 -92.81 45.95
CA ASN I 59 -28.92 -93.47 44.94
C ASN I 59 -29.94 -94.37 45.60
N GLN I 60 -29.54 -95.13 46.62
CA GLN I 60 -30.49 -96.00 47.29
C GLN I 60 -31.50 -95.21 48.11
N LEU I 61 -31.11 -94.06 48.66
CA LEU I 61 -32.08 -93.22 49.36
C LEU I 61 -33.17 -92.72 48.41
N PHE I 62 -32.76 -92.22 47.25
CA PHE I 62 -33.74 -91.82 46.24
C PHE I 62 -34.56 -93.02 45.79
N PHE I 63 -33.92 -94.17 45.65
CA PHE I 63 -34.61 -95.41 45.28
C PHE I 63 -35.69 -95.74 46.30
N ILE I 64 -35.37 -95.62 47.58
CA ILE I 64 -36.33 -95.94 48.64
C ILE I 64 -37.50 -94.97 48.61
N ALA I 65 -37.22 -93.66 48.53
CA ALA I 65 -38.31 -92.69 48.52
C ALA I 65 -39.22 -92.89 47.32
N THR I 66 -38.62 -93.08 46.14
CA THR I 66 -39.41 -93.28 44.93
C THR I 66 -40.16 -94.60 44.97
N GLN I 67 -39.57 -95.65 45.55
CA GLN I 67 -40.26 -96.92 45.68
C GLN I 67 -41.48 -96.79 46.59
N ASN I 68 -41.33 -96.10 47.71
CA ASN I 68 -42.46 -95.89 48.61
C ASN I 68 -43.57 -95.12 47.93
N ALA I 69 -43.20 -94.06 47.20
CA ALA I 69 -44.21 -93.28 46.48
C ALA I 69 -44.89 -94.10 45.39
N GLN I 70 -44.12 -94.90 44.65
CA GLN I 70 -44.66 -95.73 43.59
C GLN I 70 -45.64 -96.77 44.14
N ALA I 71 -45.24 -97.46 45.19
CA ALA I 71 -46.12 -98.44 45.82
C ALA I 71 -47.37 -97.76 46.38
N TRP I 72 -47.20 -96.58 46.95
CA TRP I 72 -48.37 -95.81 47.40
C TRP I 72 -49.32 -95.53 46.25
N GLN I 73 -48.79 -95.14 45.09
CA GLN I 73 -49.64 -94.86 43.93
C GLN I 73 -50.40 -96.09 43.45
N ARG I 74 -49.74 -97.25 43.46
CA ARG I 74 -50.35 -98.48 42.92
C ARG I 74 -51.28 -99.19 43.91
N GLN I 75 -50.79 -99.56 45.10
CA GLN I 75 -51.50 -100.49 45.98
C GLN I 75 -52.16 -99.79 47.16
N MET I 76 -51.77 -98.55 47.45
CA MET I 76 -52.45 -97.70 48.43
C MET I 76 -52.23 -98.18 49.86
N ALA I 77 -51.47 -99.26 50.02
CA ALA I 77 -51.25 -99.81 51.33
C ALA I 77 -49.89 -100.48 51.37
N PRO I 78 -49.12 -100.25 52.42
CA PRO I 78 -47.84 -100.93 52.55
C PRO I 78 -48.04 -102.43 52.62
N PRO I 79 -47.21 -103.20 51.91
CA PRO I 79 -47.21 -104.64 52.12
C PRO I 79 -46.70 -104.96 53.51
N TRP I 80 -47.40 -105.86 54.19
CA TRP I 80 -46.95 -106.26 55.52
C TRP I 80 -45.64 -107.01 55.38
N PHE I 81 -44.60 -106.51 56.05
CA PHE I 81 -43.25 -107.03 55.90
C PHE I 81 -42.98 -108.09 56.97
N GLN I 82 -42.33 -109.17 56.55
CA GLN I 82 -42.18 -110.35 57.39
C GLN I 82 -41.40 -110.04 58.67
N GLY I 83 -42.09 -110.09 59.81
CA GLY I 83 -41.45 -109.88 61.09
C GLY I 83 -40.78 -108.53 61.23
N MET I 84 -41.47 -107.48 60.82
CA MET I 84 -40.91 -106.14 60.92
C MET I 84 -40.68 -105.75 62.38
N PRO I 85 -39.53 -105.19 62.72
CA PRO I 85 -39.27 -104.81 64.12
C PRO I 85 -40.19 -103.67 64.57
N GLY I 86 -40.64 -103.76 65.82
CA GLY I 86 -41.46 -102.74 66.44
C GLY I 86 -42.92 -103.13 66.59
N GLY I 87 -43.40 -104.06 65.77
CA GLY I 87 -44.78 -104.51 65.86
C GLY I 87 -45.76 -103.52 65.25
N TYR I 88 -47.05 -103.87 65.36
CA TYR I 88 -48.12 -103.08 64.79
C TYR I 88 -49.11 -102.72 65.88
N GLU I 89 -49.48 -101.44 65.96
CA GLU I 89 -50.57 -101.06 66.84
C GLU I 89 -51.89 -101.52 66.25
N GLN I 90 -52.88 -101.72 67.10
CA GLN I 90 -54.15 -102.25 66.62
C GLN I 90 -54.87 -101.21 65.78
N ASN I 91 -55.76 -101.71 64.90
CA ASN I 91 -56.52 -100.96 63.91
C ASN I 91 -55.67 -100.49 62.73
N ALA I 92 -54.38 -100.86 62.68
CA ALA I 92 -53.56 -100.56 61.51
C ALA I 92 -54.07 -101.34 60.31
N GLU I 93 -54.05 -100.69 59.14
CA GLU I 93 -54.58 -101.26 57.91
C GLU I 93 -53.44 -101.46 56.92
N VAL I 94 -53.29 -102.70 56.42
CA VAL I 94 -52.30 -103.02 55.40
C VAL I 94 -52.94 -103.96 54.38
N VAL I 95 -52.31 -104.04 53.21
CA VAL I 95 -52.61 -105.08 52.23
C VAL I 95 -51.30 -105.73 51.81
N ARG I 96 -51.34 -107.04 51.59
CA ARG I 96 -50.14 -107.78 51.24
C ARG I 96 -50.54 -109.04 50.49
N VAL I 97 -49.55 -109.69 49.88
CA VAL I 97 -49.80 -110.83 49.01
C VAL I 97 -50.54 -111.91 49.78
N GLY I 98 -51.69 -112.33 49.27
CA GLY I 98 -52.51 -113.32 49.91
C GLY I 98 -52.11 -114.74 49.54
N ASN I 99 -53.06 -115.66 49.73
CA ASN I 99 -52.82 -117.06 49.42
C ASN I 99 -52.58 -117.26 47.92
N ASP I 100 -53.41 -116.65 47.09
CA ASP I 100 -53.30 -116.75 45.64
C ASP I 100 -52.54 -115.58 45.03
N GLY I 101 -52.09 -114.63 45.85
CA GLY I 101 -51.72 -113.33 45.36
C GLY I 101 -52.89 -112.38 45.22
N ILE I 102 -54.10 -112.86 45.44
CA ILE I 102 -55.27 -112.00 45.54
C ILE I 102 -55.23 -111.33 46.90
N MET I 103 -55.29 -110.00 46.92
CA MET I 103 -55.14 -109.25 48.16
C MET I 103 -56.36 -108.42 48.48
N ARG I 104 -56.61 -108.24 49.77
CA ARG I 104 -57.71 -107.47 50.30
C ARG I 104 -57.21 -106.72 51.53
N ARG I 105 -58.00 -105.75 51.96
CA ARG I 105 -57.60 -104.93 53.11
C ARG I 105 -57.60 -105.77 54.38
N TYR I 106 -56.57 -105.62 55.20
CA TYR I 106 -56.45 -106.27 56.49
C TYR I 106 -56.32 -105.20 57.55
N ARG I 107 -57.06 -105.34 58.64
CA ARG I 107 -56.96 -104.43 59.78
C ARG I 107 -56.65 -105.23 61.04
N SER I 108 -55.62 -104.79 61.77
CA SER I 108 -55.20 -105.50 62.97
C SER I 108 -56.08 -105.12 64.16
N MET I 109 -56.34 -106.10 65.02
CA MET I 109 -57.12 -105.88 66.22
C MET I 109 -56.28 -105.83 67.49
N VAL I 110 -54.98 -106.11 67.42
CA VAL I 110 -54.12 -106.14 68.60
C VAL I 110 -52.89 -105.27 68.37
N ASN I 111 -52.41 -104.67 69.45
CA ASN I 111 -51.17 -103.92 69.43
C ASN I 111 -49.98 -104.88 69.40
N ALA I 112 -48.86 -104.41 68.87
CA ALA I 112 -47.66 -105.22 68.71
C ALA I 112 -47.98 -106.50 67.92
N ASN I 113 -48.76 -106.34 66.86
CA ASN I 113 -49.20 -107.48 66.06
C ASN I 113 -48.04 -107.98 65.20
N ALA I 114 -47.30 -108.96 65.72
CA ALA I 114 -46.16 -109.52 65.02
C ALA I 114 -46.52 -110.66 64.07
N SER I 115 -47.79 -111.01 63.98
CA SER I 115 -48.21 -112.13 63.14
C SER I 115 -48.61 -111.64 61.75
N ASP I 116 -48.29 -112.46 60.75
CA ASP I 116 -48.60 -112.11 59.37
C ASP I 116 -50.11 -112.12 59.15
N PRO I 117 -50.65 -111.10 58.47
CA PRO I 117 -52.11 -111.03 58.29
C PRO I 117 -52.69 -112.24 57.58
N LEU I 118 -51.93 -112.89 56.70
CA LEU I 118 -52.42 -114.12 56.09
C LEU I 118 -52.46 -115.26 57.09
N SER I 119 -51.62 -115.21 58.13
CA SER I 119 -51.60 -116.22 59.18
C SER I 119 -52.16 -115.71 60.50
N SER I 120 -52.69 -114.49 60.54
CA SER I 120 -53.16 -113.87 61.77
C SER I 120 -54.68 -113.88 61.83
N THR I 121 -55.21 -114.40 62.93
CA THR I 121 -56.63 -114.20 63.22
C THR I 121 -56.89 -112.80 63.76
N THR I 122 -55.87 -112.16 64.34
CA THR I 122 -56.02 -110.78 64.81
C THR I 122 -56.20 -109.83 63.63
N TRP I 123 -55.36 -109.98 62.60
CA TRP I 123 -55.61 -109.29 61.34
C TRP I 123 -56.89 -109.82 60.73
N GLU I 124 -57.85 -108.94 60.47
CA GLU I 124 -59.11 -109.32 59.86
C GLU I 124 -59.16 -108.78 58.44
N GLU I 125 -59.50 -109.65 57.50
CA GLU I 125 -59.47 -109.30 56.09
C GLU I 125 -60.75 -108.55 55.73
N GLN I 126 -60.60 -107.42 55.03
CA GLN I 126 -61.72 -106.54 54.74
C GLN I 126 -62.00 -106.50 53.25
N PRO I 127 -62.99 -107.24 52.75
CA PRO I 127 -63.38 -107.14 51.32
C PRO I 127 -64.09 -105.84 50.99
N ALA I 128 -64.65 -105.76 49.78
CA ALA I 128 -65.21 -104.53 49.23
C ALA I 128 -66.65 -104.30 49.74
N TRP I 129 -67.38 -103.41 49.04
CA TRP I 129 -68.71 -102.98 49.46
C TRP I 129 -69.81 -103.92 48.96
N SER I 130 -69.58 -104.59 47.83
CA SER I 130 -70.50 -105.62 47.37
C SER I 130 -70.65 -106.72 48.41
N ALA I 131 -69.64 -106.92 49.25
CA ALA I 131 -69.75 -107.91 50.30
C ALA I 131 -70.72 -107.49 51.40
N MET I 132 -70.77 -106.19 51.74
CA MET I 132 -71.87 -105.70 52.58
C MET I 132 -73.21 -105.91 51.91
N ARG I 133 -73.31 -105.52 50.64
CA ARG I 133 -74.62 -105.62 49.98
C ARG I 133 -75.05 -107.07 49.80
N SER I 134 -74.11 -108.01 49.90
CA SER I 134 -74.45 -109.42 49.98
C SER I 134 -74.77 -109.86 51.41
N ASN I 135 -74.04 -109.35 52.40
CA ASN I 135 -74.25 -109.74 53.78
C ASN I 135 -75.62 -109.34 54.27
N ILE I 136 -76.15 -108.21 53.81
CA ILE I 136 -77.56 -107.96 54.09
C ILE I 136 -78.38 -109.06 53.42
N PRO I 137 -79.28 -109.75 54.15
CA PRO I 137 -79.97 -110.89 53.53
C PRO I 137 -80.74 -110.52 52.28
N MET I 138 -81.32 -109.32 52.27
CA MET I 138 -81.97 -108.77 51.08
C MET I 138 -81.41 -107.38 50.82
N PRO I 139 -80.87 -107.12 49.63
CA PRO I 139 -80.32 -105.80 49.34
C PRO I 139 -81.43 -104.75 49.24
N ALA I 140 -81.20 -103.60 49.86
CA ALA I 140 -82.17 -102.52 49.80
C ALA I 140 -82.38 -102.08 48.36
N GLY I 141 -83.64 -101.81 48.02
CA GLY I 141 -83.98 -101.47 46.65
C GLY I 141 -83.74 -102.60 45.67
N GLY I 142 -83.94 -103.84 46.10
CA GLY I 142 -83.68 -104.99 45.26
C GLY I 142 -82.22 -105.11 44.90
N PRO I 143 -81.94 -105.70 43.73
CA PRO I 143 -80.55 -105.78 43.24
C PRO I 143 -79.82 -104.45 43.23
N GLY I 144 -80.55 -103.34 43.31
CA GLY I 144 -79.95 -102.02 43.32
C GLY I 144 -78.95 -101.83 44.44
N LEU I 145 -77.72 -101.49 44.07
CA LEU I 145 -76.66 -101.34 45.06
C LEU I 145 -76.91 -100.14 45.98
N SER I 146 -77.33 -99.02 45.40
CA SER I 146 -77.61 -97.85 46.21
C SER I 146 -78.88 -98.05 47.04
N SER I 147 -78.91 -97.42 48.22
CA SER I 147 -80.09 -97.49 49.07
C SER I 147 -81.30 -96.86 48.41
N GLY I 148 -81.09 -95.85 47.56
CA GLY I 148 -82.20 -95.27 46.82
C GLY I 148 -82.92 -96.34 46.02
N GLY I 149 -84.25 -96.31 46.09
CA GLY I 149 -85.07 -97.37 45.54
C GLY I 149 -85.56 -98.36 46.56
N GLU I 150 -85.02 -98.35 47.78
CA GLU I 150 -85.57 -99.21 48.83
C GLU I 150 -86.98 -98.77 49.19
N VAL I 151 -87.23 -97.46 49.22
CA VAL I 151 -88.58 -96.91 49.32
C VAL I 151 -88.98 -96.50 47.91
N ILE I 152 -90.18 -96.90 47.49
CA ILE I 152 -90.62 -96.74 46.11
C ILE I 152 -91.79 -95.78 46.07
N THR I 153 -91.68 -94.75 45.22
CA THR I 153 -92.72 -93.73 45.14
C THR I 153 -94.03 -94.32 44.62
N THR I 154 -93.95 -95.07 43.53
CA THR I 154 -95.10 -95.79 42.99
C THR I 154 -95.05 -97.22 43.46
N GLY I 155 -96.20 -97.75 43.90
CA GLY I 155 -96.29 -99.11 44.38
C GLY I 155 -95.63 -100.13 43.48
N ARG I 156 -94.56 -100.75 43.97
CA ARG I 156 -93.79 -101.70 43.18
C ARG I 156 -94.64 -102.93 42.87
N ASN I 157 -94.94 -103.14 41.58
CA ASN I 157 -95.78 -104.26 41.19
C ASN I 157 -95.10 -105.58 41.52
N PHE I 158 -95.91 -106.56 41.93
CA PHE I 158 -95.42 -107.84 42.40
C PHE I 158 -95.31 -108.89 41.30
N ASN I 159 -95.55 -108.50 40.05
CA ASN I 159 -95.27 -109.40 38.93
C ASN I 159 -93.78 -109.68 38.80
N ASP I 160 -92.93 -108.85 39.41
CA ASP I 160 -91.48 -109.03 39.37
C ASP I 160 -90.84 -108.79 40.73
N LEU I 161 -91.62 -108.81 41.81
CA LEU I 161 -91.10 -108.60 43.16
C LEU I 161 -90.63 -109.93 43.72
N LEU I 162 -89.32 -110.09 43.88
CA LEU I 162 -88.77 -111.35 44.34
C LEU I 162 -87.79 -111.17 45.49
N ASN I 163 -87.17 -109.98 45.59
CA ASN I 163 -86.13 -109.76 46.59
C ASN I 163 -86.00 -108.26 46.82
N GLY I 164 -85.37 -107.92 47.93
CA GLY I 164 -85.07 -106.54 48.25
C GLY I 164 -86.10 -105.91 49.18
N THR I 165 -85.64 -104.99 50.02
CA THR I 165 -86.53 -104.25 50.92
C THR I 165 -87.22 -103.13 50.11
N TRP I 166 -88.15 -103.55 49.26
CA TRP I 166 -88.94 -102.61 48.47
C TRP I 166 -90.00 -102.01 49.38
N GLU I 167 -89.57 -101.02 50.16
CA GLU I 167 -90.51 -100.31 51.01
C GLU I 167 -91.48 -99.49 50.17
N PHE I 168 -92.72 -99.42 50.64
CA PHE I 168 -93.83 -98.79 49.92
C PHE I 168 -94.12 -97.47 50.61
N PHE I 169 -94.11 -96.39 49.83
CA PHE I 169 -94.05 -95.02 50.33
C PHE I 169 -95.43 -94.41 50.57
N SER I 170 -96.28 -94.42 49.54
CA SER I 170 -97.59 -93.78 49.61
C SER I 170 -98.70 -94.83 49.49
N ASP I 171 -99.54 -94.91 50.53
CA ASP I 171 -100.60 -95.91 50.56
C ASP I 171 -101.57 -95.70 49.41
N SER I 172 -101.91 -94.44 49.11
CA SER I 172 -102.88 -94.17 48.05
C SER I 172 -102.37 -94.63 46.69
N VAL I 173 -101.09 -94.43 46.41
CA VAL I 173 -100.56 -94.88 45.12
C VAL I 173 -100.39 -96.40 45.12
N VAL I 174 -100.15 -97.01 46.29
CA VAL I 174 -100.09 -98.46 46.32
C VAL I 174 -101.47 -99.09 46.13
N ILE I 175 -102.55 -98.35 46.44
CA ILE I 175 -103.90 -98.83 46.11
C ILE I 175 -104.01 -99.20 44.64
N ALA I 176 -103.27 -98.53 43.76
CA ALA I 176 -103.30 -98.82 42.34
C ALA I 176 -102.38 -99.97 41.95
N SER I 177 -101.64 -100.54 42.89
CA SER I 177 -100.72 -101.63 42.57
C SER I 177 -101.48 -102.92 42.29
N GLN I 178 -101.04 -103.63 41.25
CA GLN I 178 -101.61 -104.94 40.95
C GLN I 178 -101.05 -105.99 41.90
N ASN I 179 -101.74 -107.14 41.97
CA ASN I 179 -101.38 -108.22 42.88
C ASN I 179 -101.31 -107.71 44.32
N ALA I 180 -102.31 -106.93 44.69
CA ALA I 180 -102.28 -106.21 45.96
C ALA I 180 -102.27 -107.19 47.13
N PRO I 181 -101.32 -107.08 48.05
CA PRO I 181 -101.26 -107.93 49.25
C PRO I 181 -102.05 -107.36 50.42
N VAL I 182 -103.38 -107.42 50.32
CA VAL I 182 -104.28 -107.07 51.42
C VAL I 182 -105.32 -108.15 51.57
N TYR I 183 -105.75 -108.36 52.81
CA TYR I 183 -106.81 -109.31 53.09
C TYR I 183 -108.09 -108.89 52.38
N PRO I 184 -108.95 -109.84 52.03
CA PRO I 184 -110.16 -109.50 51.26
C PRO I 184 -111.04 -108.50 52.00
N ALA I 185 -111.80 -107.73 51.22
CA ALA I 185 -112.58 -106.55 51.58
C ALA I 185 -111.68 -105.31 51.70
N SER I 186 -110.39 -105.43 51.37
CA SER I 186 -109.50 -104.29 51.24
C SER I 186 -109.02 -104.18 49.79
N ALA I 187 -108.99 -102.96 49.28
CA ALA I 187 -108.72 -102.75 47.85
C ALA I 187 -107.26 -102.97 47.51
N GLY I 188 -106.36 -102.16 48.08
CA GLY I 188 -104.96 -102.24 47.74
C GLY I 188 -104.09 -102.08 48.96
N ALA I 189 -102.81 -102.43 48.79
CA ALA I 189 -101.89 -102.41 49.91
C ALA I 189 -101.58 -100.98 50.35
N ALA I 190 -101.16 -100.86 51.59
CA ALA I 190 -100.78 -99.58 52.17
C ALA I 190 -99.27 -99.46 52.18
N ALA I 191 -98.77 -98.39 52.79
CA ALA I 191 -97.33 -98.18 52.88
C ALA I 191 -96.69 -99.20 53.82
N GLY I 192 -95.47 -99.62 53.49
CA GLY I 192 -94.79 -100.63 54.28
C GLY I 192 -93.72 -101.46 53.57
N MET I 193 -92.87 -102.15 54.32
CA MET I 193 -91.75 -102.86 53.71
C MET I 193 -92.14 -104.26 53.27
N LEU I 194 -91.29 -104.85 52.44
CA LEU I 194 -91.45 -106.22 51.98
C LEU I 194 -90.14 -106.96 52.24
N GLU I 195 -90.12 -107.77 53.29
CA GLU I 195 -89.01 -108.70 53.49
C GLU I 195 -89.15 -109.77 52.43
N ALA I 196 -88.45 -109.59 51.31
CA ALA I 196 -88.57 -110.44 50.14
C ALA I 196 -87.23 -111.09 49.86
N LYS I 197 -87.24 -112.41 49.69
CA LYS I 197 -85.99 -113.12 49.43
C LYS I 197 -86.22 -114.21 48.42
N SER I 198 -85.19 -114.46 47.60
CA SER I 198 -85.27 -115.38 46.47
C SER I 198 -84.00 -116.21 46.37
N TRP I 199 -84.17 -117.51 46.09
CA TRP I 199 -83.09 -118.49 46.06
C TRP I 199 -83.37 -119.46 44.92
N ILE I 200 -82.31 -119.85 44.21
CA ILE I 200 -82.44 -120.50 42.91
C ILE I 200 -82.04 -121.96 43.03
N SER I 201 -82.99 -122.86 42.77
CA SER I 201 -82.72 -124.30 42.76
C SER I 201 -82.54 -124.81 41.33
N GLY I 202 -81.48 -124.35 40.68
CA GLY I 202 -81.25 -124.69 39.29
C GLY I 202 -81.98 -123.76 38.36
N SER I 203 -82.67 -124.30 37.34
CA SER I 203 -83.52 -123.45 36.52
C SER I 203 -84.69 -122.92 37.33
N ASN I 204 -85.23 -123.75 38.23
CA ASN I 204 -86.36 -123.36 39.07
C ASN I 204 -85.91 -122.33 40.11
N THR I 205 -86.84 -121.46 40.49
CA THR I 205 -86.59 -120.41 41.47
C THR I 205 -87.63 -120.50 42.57
N PHE I 206 -87.18 -120.55 43.82
CA PHE I 206 -88.06 -120.46 44.97
C PHE I 206 -87.84 -119.15 45.70
N CYS I 207 -88.93 -118.46 46.03
CA CYS I 207 -88.80 -117.20 46.76
C CYS I 207 -90.05 -117.00 47.60
N VAL I 208 -89.90 -116.23 48.69
CA VAL I 208 -91.06 -115.79 49.47
C VAL I 208 -90.85 -114.33 49.88
N GLN I 209 -91.97 -113.61 50.00
CA GLN I 209 -91.98 -112.20 50.34
C GLN I 209 -93.10 -111.93 51.34
N ARG I 210 -92.75 -111.32 52.47
CA ARG I 210 -93.68 -110.98 53.53
C ARG I 210 -93.75 -109.47 53.70
N TYR I 211 -94.91 -108.97 54.13
CA TYR I 211 -95.17 -107.54 54.08
C TYR I 211 -96.28 -107.18 55.06
N THR I 212 -96.01 -106.23 55.94
CA THR I 212 -97.01 -105.70 56.85
C THR I 212 -97.43 -104.31 56.36
N ASP I 213 -98.72 -104.16 56.08
CA ASP I 213 -99.25 -102.90 55.57
C ASP I 213 -99.57 -101.96 56.74
N ARG I 214 -100.11 -100.79 56.41
CA ARG I 214 -100.43 -99.82 57.45
C ARG I 214 -101.53 -100.37 58.37
N VAL I 215 -102.53 -101.02 57.79
CA VAL I 215 -103.62 -101.58 58.59
C VAL I 215 -103.08 -102.61 59.57
N GLY I 216 -102.20 -103.49 59.12
CA GLY I 216 -101.56 -104.42 60.01
C GLY I 216 -101.52 -105.86 59.53
N ASN I 217 -102.22 -106.16 58.44
CA ASN I 217 -102.30 -107.52 57.94
C ASN I 217 -100.97 -107.91 57.29
N VAL I 218 -100.47 -109.10 57.63
CA VAL I 218 -99.18 -109.58 57.16
C VAL I 218 -99.39 -110.49 55.97
N ALA I 219 -99.10 -109.99 54.77
CA ALA I 219 -99.26 -110.75 53.53
C ALA I 219 -97.92 -111.28 53.06
N VAL I 220 -97.87 -112.58 52.83
CA VAL I 220 -96.67 -113.31 52.41
C VAL I 220 -97.04 -114.17 51.22
N ARG I 221 -96.33 -114.02 50.12
CA ARG I 221 -96.56 -114.85 48.95
C ARG I 221 -95.26 -115.46 48.47
N GLY I 222 -95.35 -116.64 47.89
CA GLY I 222 -94.18 -117.35 47.42
C GLY I 222 -94.31 -117.74 45.96
N LEU I 223 -93.19 -117.63 45.24
CA LEU I 223 -93.15 -118.06 43.86
C LEU I 223 -93.13 -119.57 43.76
N ASN I 224 -94.04 -120.13 42.96
CA ASN I 224 -94.16 -121.57 42.79
C ASN I 224 -93.89 -121.91 41.33
N ALA I 225 -92.74 -122.53 41.07
CA ALA I 225 -92.38 -123.00 39.72
C ALA I 225 -92.42 -121.85 38.70
N GLY I 226 -91.92 -120.69 39.09
CA GLY I 226 -91.89 -119.55 38.22
C GLY I 226 -93.14 -118.68 38.25
N ALA I 227 -94.14 -119.01 39.06
CA ALA I 227 -95.34 -118.21 39.19
C ALA I 227 -95.61 -117.94 40.66
N TRP I 228 -95.81 -116.67 41.00
CA TRP I 228 -96.17 -116.31 42.36
C TRP I 228 -97.55 -116.85 42.71
N THR I 229 -97.64 -117.55 43.84
CA THR I 229 -98.93 -117.93 44.37
C THR I 229 -99.56 -116.73 45.08
N ASN I 230 -100.88 -116.71 45.13
CA ASN I 230 -101.59 -115.61 45.76
C ASN I 230 -101.14 -115.48 47.21
N TRP I 231 -101.05 -114.24 47.68
CA TRP I 231 -100.57 -113.99 49.03
C TRP I 231 -101.44 -114.69 50.08
N MET I 232 -100.77 -115.15 51.12
CA MET I 232 -101.38 -115.45 52.39
C MET I 232 -101.40 -114.22 53.30
N TYR I 233 -102.56 -113.91 53.86
CA TYR I 233 -102.77 -112.74 54.69
C TYR I 233 -103.05 -113.17 56.12
N ALA I 234 -102.25 -112.70 57.08
CA ALA I 234 -102.33 -113.21 58.44
C ALA I 234 -103.70 -112.98 59.03
N VAL I 235 -104.29 -114.03 59.59
CA VAL I 235 -105.56 -113.91 60.28
C VAL I 235 -105.31 -113.19 61.60
N ASN I 236 -105.72 -111.93 61.66
CA ASN I 236 -105.51 -111.13 62.84
C ASN I 236 -106.57 -111.46 63.88
N VAL I 237 -106.28 -111.11 65.14
CA VAL I 237 -107.26 -111.39 66.18
C VAL I 237 -108.50 -110.53 66.01
N MET I 238 -108.35 -109.30 65.49
CA MET I 238 -109.56 -108.56 65.10
C MET I 238 -110.32 -109.28 63.98
N ALA I 239 -109.60 -109.88 63.04
CA ALA I 239 -110.28 -110.60 61.96
C ALA I 239 -111.09 -111.77 62.53
N LEU I 240 -110.48 -112.54 63.44
CA LEU I 240 -111.20 -113.65 64.07
C LEU I 240 -112.37 -113.15 64.90
N GLN I 241 -112.17 -112.05 65.64
CA GLN I 241 -113.24 -111.51 66.47
C GLN I 241 -114.42 -111.03 65.61
N GLN I 242 -114.13 -110.42 64.47
CA GLN I 242 -115.19 -110.08 63.53
C GLN I 242 -115.89 -111.33 63.02
N GLY I 243 -115.13 -112.38 62.71
CA GLY I 243 -115.71 -113.60 62.20
C GLY I 243 -116.40 -113.41 60.87
N ARG I 244 -115.86 -112.55 60.02
CA ARG I 244 -116.47 -112.28 58.71
C ARG I 244 -116.36 -113.47 57.77
N VAL I 245 -115.44 -114.40 58.04
CA VAL I 245 -115.28 -115.56 57.16
C VAL I 245 -116.48 -116.49 57.26
N THR I 246 -117.03 -116.64 58.47
CA THR I 246 -118.03 -117.67 58.74
C THR I 246 -119.45 -117.13 58.80
N TYR I 247 -119.68 -115.90 58.36
CA TYR I 247 -121.02 -115.35 58.39
C TYR I 247 -121.14 -114.23 57.36
N GLY I 248 -122.37 -113.99 56.92
CA GLY I 248 -122.70 -112.88 56.05
C GLY I 248 -124.17 -112.56 56.15
N VAL I 249 -124.58 -111.50 55.46
CA VAL I 249 -126.00 -111.17 55.39
C VAL I 249 -126.70 -112.08 54.40
N ALA I 250 -128.01 -112.20 54.56
CA ALA I 250 -128.79 -113.12 53.73
C ALA I 250 -128.98 -112.54 52.33
N ALA I 251 -128.77 -113.39 51.32
CA ALA I 251 -128.92 -113.00 49.93
C ALA I 251 -129.56 -114.15 49.16
N GLY I 252 -130.00 -113.86 47.94
CA GLY I 252 -130.63 -114.85 47.11
C GLY I 252 -132.14 -114.77 47.18
N PRO I 253 -132.79 -114.82 46.02
CA PRO I 253 -134.23 -114.59 45.98
C PRO I 253 -135.17 -115.79 46.12
N ALA I 254 -134.78 -116.99 45.73
CA ALA I 254 -135.71 -118.12 45.64
C ALA I 254 -134.96 -119.44 45.72
N ASN I 255 -135.47 -120.35 46.55
CA ASN I 255 -134.87 -121.67 46.78
C ASN I 255 -133.40 -121.55 47.17
N ALA I 256 -132.99 -120.38 47.63
CA ALA I 256 -131.59 -120.09 47.91
C ALA I 256 -131.53 -118.89 48.83
N TYR I 257 -130.90 -119.06 49.99
CA TYR I 257 -130.75 -117.98 50.95
C TYR I 257 -129.25 -117.81 51.22
N THR I 258 -128.48 -117.75 50.14
CA THR I 258 -127.02 -117.72 50.23
C THR I 258 -126.54 -116.50 51.00
N LEU I 259 -125.29 -116.57 51.44
CA LEU I 259 -124.61 -115.48 52.10
C LEU I 259 -123.44 -115.05 51.23
N THR I 260 -123.39 -113.77 50.87
CA THR I 260 -122.25 -113.24 50.13
C THR I 260 -121.05 -113.24 51.06
N LEU I 261 -120.18 -114.23 50.89
CA LEU I 261 -119.12 -114.50 51.86
C LEU I 261 -117.98 -113.51 51.66
N VAL I 262 -117.79 -112.64 52.64
CA VAL I 262 -116.69 -111.69 52.65
C VAL I 262 -115.83 -111.97 53.89
N PRO I 263 -114.70 -112.66 53.72
CA PRO I 263 -114.18 -113.26 52.49
C PRO I 263 -114.78 -114.62 52.17
N GLN I 264 -114.86 -114.97 50.90
CA GLN I 264 -115.33 -116.29 50.49
C GLN I 264 -114.22 -117.32 50.65
N LEU I 265 -114.59 -118.60 50.55
CA LEU I 265 -113.64 -119.68 50.74
C LEU I 265 -112.60 -119.65 49.63
N GLN I 266 -111.38 -119.25 49.95
CA GLN I 266 -110.28 -119.36 49.02
C GLN I 266 -109.96 -120.84 48.80
N GLY I 267 -109.63 -121.18 47.55
CA GLY I 267 -109.25 -122.55 47.27
C GLY I 267 -110.40 -123.54 47.28
N GLY I 268 -111.63 -123.07 47.11
CA GLY I 268 -112.76 -123.97 47.02
C GLY I 268 -113.25 -124.47 48.36
N LEU I 269 -114.19 -125.41 48.29
CA LEU I 269 -114.84 -125.98 49.46
C LEU I 269 -114.58 -127.49 49.47
N VAL I 270 -114.25 -128.03 50.65
CA VAL I 270 -113.80 -129.42 50.73
C VAL I 270 -114.66 -130.26 51.65
N ASP I 271 -114.71 -129.91 52.94
CA ASP I 271 -115.38 -130.77 53.92
C ASP I 271 -115.83 -129.94 55.11
N GLY I 272 -117.13 -129.96 55.38
CA GLY I 272 -117.67 -129.41 56.60
C GLY I 272 -117.39 -127.95 56.86
N MET I 273 -117.60 -127.10 55.86
CA MET I 273 -117.39 -125.67 56.04
C MET I 273 -118.59 -125.13 56.83
N ILE I 274 -118.30 -124.43 57.92
CA ILE I 274 -119.31 -123.96 58.85
C ILE I 274 -119.67 -122.51 58.51
N LEU I 275 -120.96 -122.23 58.41
CA LEU I 275 -121.43 -120.89 58.10
C LEU I 275 -122.68 -120.60 58.91
N ARG I 276 -122.65 -119.56 59.73
CA ARG I 276 -123.84 -119.17 60.48
C ARG I 276 -124.81 -118.50 59.52
N VAL I 277 -125.48 -119.32 58.70
CA VAL I 277 -126.26 -118.80 57.59
C VAL I 277 -127.39 -117.92 58.13
N LYS I 278 -127.58 -116.77 57.48
CA LYS I 278 -128.63 -115.84 57.82
C LYS I 278 -129.82 -116.02 56.87
N PHE I 279 -131.02 -115.90 57.42
CA PHE I 279 -132.27 -116.02 56.69
C PHE I 279 -133.13 -114.84 57.14
N ASN I 280 -133.10 -113.75 56.36
CA ASN I 280 -134.00 -112.63 56.66
C ASN I 280 -135.45 -113.00 56.41
N THR I 281 -135.70 -114.07 55.65
CA THR I 281 -137.03 -114.62 55.46
C THR I 281 -136.97 -116.13 55.68
N MET I 282 -138.12 -116.72 55.98
CA MET I 282 -138.18 -118.15 56.26
C MET I 282 -137.75 -118.95 55.05
N ASN I 283 -137.04 -120.05 55.29
CA ASN I 283 -136.50 -120.86 54.21
C ASN I 283 -137.63 -121.46 53.37
N THR I 284 -137.40 -121.52 52.06
CA THR I 284 -138.44 -122.02 51.15
C THR I 284 -138.61 -123.54 51.29
N GLY I 285 -137.51 -124.26 51.48
CA GLY I 285 -137.56 -125.70 51.55
C GLY I 285 -136.20 -126.32 51.34
N ALA I 286 -136.10 -127.28 50.42
CA ALA I 286 -134.80 -127.80 50.01
C ALA I 286 -134.10 -126.72 49.20
N SER I 287 -133.20 -125.99 49.85
CA SER I 287 -132.64 -124.76 49.32
C SER I 287 -131.24 -125.02 48.77
N THR I 288 -131.12 -125.00 47.44
CA THR I 288 -129.81 -125.11 46.78
C THR I 288 -129.19 -123.72 46.77
N ILE I 289 -128.55 -123.38 47.88
CA ILE I 289 -127.98 -122.05 48.07
C ILE I 289 -126.55 -122.03 47.55
N ASN I 290 -126.18 -120.91 46.94
CA ASN I 290 -124.85 -120.70 46.37
C ASN I 290 -124.00 -119.86 47.33
N VAL I 291 -123.61 -120.49 48.43
CA VAL I 291 -122.77 -119.82 49.42
C VAL I 291 -121.39 -119.60 48.82
N SER I 292 -120.84 -118.39 49.04
CA SER I 292 -119.56 -117.94 48.54
C SER I 292 -119.54 -117.75 47.03
N GLY I 293 -120.68 -117.90 46.36
CA GLY I 293 -120.77 -117.78 44.93
C GLY I 293 -120.31 -118.99 44.16
N LEU I 294 -119.76 -120.00 44.84
CA LEU I 294 -119.29 -121.22 44.19
C LEU I 294 -119.78 -122.50 44.85
N GLY I 295 -120.11 -122.48 46.14
CA GLY I 295 -120.61 -123.67 46.80
C GLY I 295 -122.12 -123.76 46.79
N ALA I 296 -122.67 -124.53 45.86
CA ALA I 296 -124.11 -124.67 45.69
C ALA I 296 -124.55 -125.99 46.32
N LYS I 297 -125.23 -125.91 47.45
CA LYS I 297 -125.66 -127.09 48.17
C LYS I 297 -127.13 -126.98 48.56
N ALA I 298 -127.85 -128.11 48.45
CA ALA I 298 -129.25 -128.16 48.80
C ALA I 298 -129.42 -128.55 50.26
N ILE I 299 -130.17 -127.76 51.01
CA ILE I 299 -130.32 -127.97 52.45
C ILE I 299 -131.41 -129.01 52.68
N VAL I 300 -131.06 -130.08 53.38
CA VAL I 300 -132.02 -131.06 53.89
C VAL I 300 -131.79 -131.21 55.38
N GLY I 301 -132.84 -131.65 56.09
CA GLY I 301 -132.79 -131.67 57.52
C GLY I 301 -131.91 -132.79 58.07
N ALA I 302 -131.55 -132.62 59.35
CA ALA I 302 -130.78 -133.65 60.03
C ALA I 302 -131.60 -134.90 60.29
N ALA I 303 -132.91 -134.73 60.51
CA ALA I 303 -133.82 -135.85 60.68
C ALA I 303 -134.30 -136.43 59.35
N ASN I 304 -133.57 -136.15 58.27
CA ASN I 304 -133.92 -136.60 56.93
C ASN I 304 -135.32 -136.14 56.53
N PHE I 305 -135.66 -134.92 56.94
CA PHE I 305 -136.92 -134.26 56.62
C PHE I 305 -136.64 -132.90 56.01
N PRO I 306 -137.54 -132.41 55.14
CA PRO I 306 -137.39 -131.04 54.66
C PRO I 306 -137.55 -130.03 55.78
N LEU I 307 -136.84 -128.91 55.65
CA LEU I 307 -136.83 -127.86 56.66
C LEU I 307 -137.91 -126.82 56.45
N THR I 308 -138.95 -127.16 55.68
CA THR I 308 -139.96 -126.16 55.32
C THR I 308 -140.72 -125.67 56.55
N GLY I 309 -141.11 -126.58 57.44
CA GLY I 309 -141.92 -126.19 58.58
C GLY I 309 -141.20 -126.17 59.91
N GLY I 310 -140.88 -124.98 60.40
CA GLY I 310 -140.41 -124.79 61.76
C GLY I 310 -138.92 -124.94 61.97
N GLU I 311 -138.16 -125.39 60.96
CA GLU I 311 -136.73 -125.61 61.16
C GLU I 311 -135.94 -124.31 60.97
N LEU I 312 -136.11 -123.66 59.83
CA LEU I 312 -135.43 -122.40 59.53
C LEU I 312 -136.48 -121.31 59.35
N GLY I 313 -136.27 -120.18 59.99
CA GLY I 313 -137.24 -119.11 59.96
C GLY I 313 -136.72 -117.77 59.49
N GLN I 314 -137.53 -116.73 59.62
CA GLN I 314 -137.16 -115.39 59.20
C GLN I 314 -136.35 -114.68 60.28
N GLY I 315 -135.50 -113.75 59.85
CA GLY I 315 -134.66 -113.01 60.78
C GLY I 315 -133.78 -113.90 61.62
N LEU I 316 -133.23 -114.94 61.02
CA LEU I 316 -132.57 -116.03 61.73
C LEU I 316 -131.10 -116.09 61.38
N ILE I 317 -130.29 -116.46 62.38
CA ILE I 317 -128.93 -116.91 62.16
C ILE I 317 -128.84 -118.33 62.68
N ALA I 318 -128.40 -119.25 61.83
CA ALA I 318 -128.38 -120.67 62.14
C ALA I 318 -127.19 -121.28 61.43
N GLU I 319 -126.28 -121.91 62.18
CA GLU I 319 -125.05 -122.40 61.57
C GLU I 319 -125.33 -123.71 60.83
N LEU I 320 -124.94 -123.74 59.55
CA LEU I 320 -125.09 -124.88 58.68
C LEU I 320 -123.70 -125.32 58.23
N VAL I 321 -123.54 -126.62 57.99
CA VAL I 321 -122.25 -127.21 57.71
C VAL I 321 -122.38 -128.10 56.48
N PHE I 322 -121.24 -128.37 55.85
CA PHE I 322 -121.19 -129.26 54.71
C PHE I 322 -121.33 -130.71 55.16
N ASP I 323 -121.59 -131.58 54.20
CA ASP I 323 -121.34 -133.00 54.40
C ASP I 323 -120.24 -133.44 53.45
N ALA I 324 -119.32 -134.28 53.95
CA ALA I 324 -118.28 -134.82 53.08
C ALA I 324 -118.86 -135.74 52.03
N ALA I 325 -119.67 -136.71 52.46
CA ALA I 325 -120.28 -137.64 51.52
C ALA I 325 -121.46 -137.02 50.78
N GLY I 326 -122.26 -136.20 51.48
CA GLY I 326 -123.45 -135.64 50.90
C GLY I 326 -123.25 -134.37 50.10
N ASP I 327 -122.27 -133.55 50.48
CA ASP I 327 -122.14 -132.18 49.98
C ASP I 327 -123.46 -131.43 50.15
N ARG I 328 -124.05 -131.61 51.33
CA ARG I 328 -125.35 -131.05 51.67
C ARG I 328 -125.19 -130.19 52.92
N TRP I 329 -126.18 -129.32 53.14
CA TRP I 329 -126.20 -128.42 54.29
C TRP I 329 -126.87 -129.11 55.47
N ARG I 330 -126.07 -129.86 56.22
CA ARG I 330 -126.54 -130.37 57.49
C ARG I 330 -126.54 -129.25 58.52
N ILE I 331 -127.32 -129.44 59.55
CA ILE I 331 -127.52 -128.37 60.52
C ILE I 331 -126.56 -128.56 61.69
N LEU I 332 -125.97 -127.45 62.14
CA LEU I 332 -125.20 -127.41 63.38
C LEU I 332 -125.89 -126.61 64.47
N ALA I 333 -126.84 -125.75 64.10
CA ALA I 333 -127.66 -125.01 65.05
C ALA I 333 -128.75 -124.26 64.29
N GLY I 334 -129.95 -124.24 64.86
CA GLY I 334 -131.04 -123.47 64.29
C GLY I 334 -132.17 -124.31 63.72
N ALA I 335 -131.82 -125.37 63.00
CA ALA I 335 -132.82 -126.29 62.46
C ALA I 335 -132.76 -127.59 63.22
N PRO I 336 -133.77 -127.91 64.03
CA PRO I 336 -133.71 -129.09 64.89
C PRO I 336 -134.29 -130.33 64.22
N ARG I 337 -134.17 -131.46 64.93
CA ARG I 337 -134.87 -132.68 64.56
C ARG I 337 -136.30 -132.59 65.06
N ILE I 338 -137.25 -132.40 64.14
CA ILE I 338 -138.64 -132.22 64.53
C ILE I 338 -139.17 -133.52 65.14
N GLN I 339 -140.10 -133.38 66.08
CA GLN I 339 -140.67 -134.55 66.75
C GLN I 339 -141.40 -135.45 65.76
N VAL I 340 -142.16 -134.85 64.84
CA VAL I 340 -142.87 -135.62 63.83
C VAL I 340 -142.75 -134.93 62.48
N MET J 1 1.41 58.88 -1.85
CA MET J 1 2.85 59.02 -2.02
C MET J 1 3.58 57.71 -1.81
N LYS J 2 4.07 57.12 -2.89
CA LYS J 2 4.90 55.93 -2.81
C LYS J 2 6.25 56.21 -3.46
N LYS J 3 7.31 56.09 -2.67
CA LYS J 3 8.68 56.18 -3.14
C LYS J 3 9.00 54.93 -3.96
N ILE J 4 9.60 55.11 -5.13
CA ILE J 4 9.96 53.96 -5.96
C ILE J 4 11.43 53.61 -5.70
N PRO J 5 11.72 52.35 -5.34
CA PRO J 5 13.11 51.99 -5.05
C PRO J 5 14.01 52.17 -6.27
N LEU J 6 15.23 52.62 -6.01
CA LEU J 6 16.17 52.96 -7.08
C LEU J 6 17.57 52.50 -6.68
N THR J 7 18.42 52.33 -7.69
CA THR J 7 19.81 51.98 -7.47
C THR J 7 20.70 52.93 -8.26
N ALA J 8 21.91 53.16 -7.74
CA ALA J 8 22.82 54.14 -8.31
C ALA J 8 23.57 53.50 -9.48
N VAL J 9 22.86 53.36 -10.59
CA VAL J 9 23.45 52.94 -11.86
C VAL J 9 23.01 53.95 -12.91
N PRO J 10 23.79 54.17 -13.96
CA PRO J 10 23.44 55.23 -14.92
C PRO J 10 22.15 54.97 -15.67
N ASN J 11 22.00 53.78 -16.22
CA ASN J 11 20.87 53.44 -17.07
C ASN J 11 20.25 52.12 -16.63
N GLN J 12 18.96 52.16 -16.31
CA GLN J 12 18.27 51.08 -15.63
C GLN J 12 16.81 51.08 -16.01
N ALA J 13 16.11 50.00 -15.63
CA ALA J 13 14.68 49.88 -15.85
C ALA J 13 14.04 49.19 -14.65
N ILE J 14 12.90 49.70 -14.22
CA ILE J 14 12.18 49.18 -13.06
C ILE J 14 10.71 49.02 -13.42
N SER J 15 10.16 47.84 -13.12
CA SER J 15 8.75 47.53 -13.37
C SER J 15 8.07 47.21 -12.04
N PHE J 16 6.85 47.70 -11.87
CA PHE J 16 6.14 47.46 -10.62
C PHE J 16 4.65 47.71 -10.82
N ASN J 17 3.85 47.12 -9.93
CA ASN J 17 2.41 47.31 -9.92
C ASN J 17 2.08 48.38 -8.88
N ALA J 18 1.71 49.57 -9.36
CA ALA J 18 1.35 50.68 -8.49
C ALA J 18 0.08 51.34 -9.03
N GLY J 19 -0.84 51.64 -8.12
CA GLY J 19 -2.09 52.28 -8.51
C GLY J 19 -2.95 51.44 -9.44
N SER J 20 -3.02 50.14 -9.18
CA SER J 20 -3.81 49.21 -10.00
C SER J 20 -3.38 49.25 -11.46
N SER J 21 -2.08 49.40 -11.70
CA SER J 21 -1.56 49.41 -13.06
C SER J 21 -0.12 48.91 -13.04
N TYR J 22 0.32 48.42 -14.19
CA TYR J 22 1.65 47.84 -14.36
C TYR J 22 2.55 48.90 -14.99
N TRP J 23 3.30 49.62 -14.17
CA TRP J 23 4.17 50.68 -14.65
C TRP J 23 5.58 50.14 -14.87
N LYS J 24 6.29 50.79 -15.79
CA LYS J 24 7.69 50.47 -16.07
C LYS J 24 8.40 51.75 -16.48
N ILE J 25 9.43 52.11 -15.73
CA ILE J 25 10.20 53.32 -15.98
C ILE J 25 11.64 52.94 -16.25
N ARG J 26 12.17 53.37 -17.39
CA ARG J 26 13.56 53.18 -17.76
C ARG J 26 14.24 54.53 -17.66
N LEU J 27 15.16 54.68 -16.71
CA LEU J 27 15.84 55.92 -16.45
C LEU J 27 17.28 55.83 -16.94
N TYR J 28 17.71 56.79 -17.74
CA TYR J 28 19.04 56.74 -18.31
C TYR J 28 19.65 58.13 -18.41
N GLN J 29 20.97 58.19 -18.22
CA GLN J 29 21.70 59.44 -18.38
C GLN J 29 21.83 59.79 -19.86
N ASN J 30 21.33 60.96 -20.23
CA ASN J 30 21.38 61.46 -21.60
C ASN J 30 22.05 62.82 -21.57
N MET J 31 23.23 62.91 -22.21
CA MET J 31 24.07 64.10 -22.09
C MET J 31 24.30 64.47 -20.64
N ASP J 32 23.65 65.55 -20.20
CA ASP J 32 23.81 66.04 -18.83
C ASP J 32 22.48 66.19 -18.10
N MET J 33 21.44 65.46 -18.52
CA MET J 33 20.24 65.25 -17.71
C MET J 33 19.91 63.77 -17.66
N MET J 34 18.77 63.45 -17.04
CA MET J 34 18.22 62.10 -17.02
C MET J 34 16.94 62.08 -17.84
N ASN J 35 16.82 61.10 -18.72
CA ASN J 35 15.61 60.89 -19.49
C ASN J 35 14.94 59.61 -19.02
N ALA J 36 13.62 59.58 -19.12
CA ALA J 36 12.84 58.45 -18.64
C ALA J 36 11.86 58.00 -19.72
N ASP J 37 11.81 56.70 -19.95
CA ASP J 37 10.82 56.07 -20.80
C ASP J 37 9.79 55.41 -19.90
N ILE J 38 8.53 55.81 -20.02
CA ILE J 38 7.47 55.38 -19.12
C ILE J 38 6.45 54.59 -19.92
N SER J 39 6.16 53.37 -19.47
CA SER J 39 5.20 52.49 -20.11
C SER J 39 4.21 51.99 -19.07
N ARG J 40 2.92 52.08 -19.37
CA ARG J 40 1.88 51.57 -18.49
C ARG J 40 1.14 50.44 -19.19
N ASP J 41 1.05 49.29 -18.52
CA ASP J 41 0.37 48.11 -19.06
C ASP J 41 0.91 47.72 -20.43
N GLY J 42 2.23 47.56 -20.51
CA GLY J 42 2.86 47.13 -21.73
C GLY J 42 3.02 48.22 -22.77
N VAL J 43 1.90 48.84 -23.17
CA VAL J 43 1.95 49.88 -24.18
C VAL J 43 2.71 51.08 -23.63
N ILE J 44 3.64 51.61 -24.41
CA ILE J 44 4.49 52.69 -23.94
C ILE J 44 3.69 54.00 -23.92
N VAL J 45 3.96 54.82 -22.91
CA VAL J 45 3.26 56.08 -22.74
C VAL J 45 4.07 57.25 -23.28
N CYS J 46 5.36 57.31 -22.96
CA CYS J 46 6.18 58.42 -23.40
C CYS J 46 7.63 57.99 -23.48
N HIS J 47 8.37 58.59 -24.41
CA HIS J 47 9.81 58.40 -24.56
C HIS J 47 10.53 59.71 -24.27
N GLY J 48 11.75 59.60 -23.77
CA GLY J 48 12.62 60.76 -23.65
C GLY J 48 12.07 61.87 -22.80
N VAL J 49 11.44 61.54 -21.69
CA VAL J 49 10.94 62.56 -20.76
C VAL J 49 12.09 63.09 -19.94
N ARG J 50 12.43 64.36 -20.14
CA ARG J 50 13.49 64.97 -19.35
C ARG J 50 13.00 65.22 -17.92
N CYS J 51 13.81 64.78 -16.96
CA CYS J 51 13.40 64.65 -15.56
C CYS J 51 13.86 65.87 -14.77
N PHE J 52 12.95 66.44 -13.98
CA PHE J 52 13.24 67.64 -13.23
C PHE J 52 12.60 67.57 -11.85
N GLY J 53 13.14 68.33 -10.91
CA GLY J 53 12.67 68.28 -9.54
C GLY J 53 11.30 68.93 -9.40
N GLY J 54 10.37 68.21 -8.78
CA GLY J 54 9.02 68.71 -8.52
C GLY J 54 8.11 68.65 -9.72
N ILE J 55 8.69 68.66 -10.91
CA ILE J 55 7.92 68.69 -12.15
C ILE J 55 7.45 67.27 -12.48
N PRO J 56 6.14 67.05 -12.68
CA PRO J 56 5.67 65.69 -12.92
C PRO J 56 6.22 65.12 -14.22
N LEU J 57 6.42 63.80 -14.22
CA LEU J 57 6.96 63.14 -15.40
C LEU J 57 5.93 63.07 -16.52
N LEU J 58 4.70 62.69 -16.20
CA LEU J 58 3.62 62.60 -17.18
C LEU J 58 2.90 63.95 -17.22
N GLN J 59 3.00 64.63 -18.36
CA GLN J 59 2.63 66.04 -18.41
C GLN J 59 1.40 66.33 -19.25
N TYR J 60 0.98 65.43 -20.11
CA TYR J 60 -0.17 65.67 -20.96
C TYR J 60 -1.35 64.89 -20.40
N SER J 61 -2.53 65.51 -20.43
CA SER J 61 -3.71 64.92 -19.80
C SER J 61 -4.08 63.59 -20.43
N ARG J 62 -3.58 63.31 -21.62
CA ARG J 62 -3.82 62.03 -22.28
C ARG J 62 -3.15 60.86 -21.57
N GLN J 63 -2.26 61.12 -20.61
CA GLN J 63 -1.49 60.06 -19.97
C GLN J 63 -1.87 59.81 -18.52
N TYR J 64 -1.98 60.85 -17.69
CA TYR J 64 -2.21 60.68 -16.27
C TYR J 64 -3.68 60.77 -15.89
N ARG J 65 -4.58 60.79 -16.87
CA ARG J 65 -6.00 60.89 -16.63
C ARG J 65 -6.71 59.68 -17.23
N PRO J 66 -7.71 59.12 -16.56
CA PRO J 66 -8.22 59.49 -15.24
C PRO J 66 -7.56 58.73 -14.10
N ASP J 67 -7.27 59.43 -13.00
CA ASP J 67 -6.81 58.89 -11.73
C ASP J 67 -5.63 57.90 -11.87
N TYR J 68 -4.87 57.99 -12.95
CA TYR J 68 -3.75 57.07 -13.14
C TYR J 68 -2.60 57.38 -12.19
N GLY J 69 -2.37 58.65 -11.89
CA GLY J 69 -1.27 59.04 -11.03
C GLY J 69 -0.13 59.68 -11.83
N ASN J 70 0.95 59.97 -11.12
CA ASN J 70 2.10 60.58 -11.75
C ASN J 70 3.34 60.31 -10.90
N PHE J 71 4.50 60.67 -11.44
CA PHE J 71 5.78 60.48 -10.78
C PHE J 71 6.48 61.82 -10.63
N VAL J 72 7.04 62.07 -9.46
CA VAL J 72 7.68 63.34 -9.14
C VAL J 72 9.05 63.08 -8.53
N PHE J 73 10.05 63.85 -8.97
CA PHE J 73 11.36 63.87 -8.36
C PHE J 73 11.42 65.03 -7.38
N ASP J 74 11.89 64.78 -6.16
CA ASP J 74 12.03 65.87 -5.20
C ASP J 74 13.10 66.86 -5.65
N ARG J 75 14.20 66.37 -6.19
CA ARG J 75 15.28 67.20 -6.71
C ARG J 75 15.54 66.81 -8.16
N ASP J 76 16.41 67.60 -8.80
CA ASP J 76 16.80 67.31 -10.18
C ASP J 76 17.46 65.95 -10.26
N ALA J 77 17.05 65.15 -11.25
CA ALA J 77 17.46 63.76 -11.31
C ALA J 77 18.97 63.63 -11.52
N ASP J 78 19.58 62.70 -10.77
CA ASP J 78 21.01 62.45 -10.86
C ASP J 78 21.26 61.04 -10.34
N TRP J 79 21.66 60.14 -11.23
CA TRP J 79 21.82 58.74 -10.85
C TRP J 79 22.97 58.52 -9.87
N THR J 80 23.92 59.45 -9.80
CA THR J 80 25.00 59.32 -8.82
C THR J 80 24.46 59.43 -7.40
N LEU J 81 23.40 60.21 -7.21
CA LEU J 81 22.75 60.35 -5.91
C LEU J 81 21.41 59.62 -5.87
N PHE J 82 21.33 58.46 -6.52
CA PHE J 82 20.15 57.62 -6.39
C PHE J 82 20.26 56.78 -5.13
N GLY J 83 19.10 56.32 -4.64
CA GLY J 83 19.07 55.60 -3.38
C GLY J 83 19.05 56.50 -2.17
N ASP J 84 19.99 57.42 -2.07
CA ASP J 84 20.00 58.42 -1.02
C ASP J 84 20.15 59.81 -1.62
N GLY J 85 19.42 60.76 -1.05
CA GLY J 85 19.50 62.14 -1.51
C GLY J 85 18.43 62.49 -2.53
N ILE J 86 18.18 61.60 -3.48
CA ILE J 86 17.19 61.81 -4.54
C ILE J 86 16.25 60.63 -4.58
N ASN J 87 14.95 60.92 -4.70
CA ASN J 87 13.92 59.90 -4.68
C ASN J 87 12.92 60.16 -5.81
N LEU J 88 12.17 59.12 -6.16
CA LEU J 88 11.06 59.25 -7.09
C LEU J 88 9.79 58.79 -6.37
N PHE J 89 8.77 59.64 -6.37
CA PHE J 89 7.55 59.40 -5.62
C PHE J 89 6.39 59.24 -6.58
N TYR J 90 5.53 58.25 -6.32
CA TYR J 90 4.33 58.02 -7.13
C TYR J 90 3.12 58.56 -6.40
N LEU J 91 2.30 59.33 -7.12
CA LEU J 91 1.09 59.92 -6.59
C LEU J 91 -0.12 59.31 -7.29
N ASP J 92 -1.12 58.91 -6.51
CA ASP J 92 -2.34 58.39 -7.08
C ASP J 92 -3.15 59.52 -7.72
N GLY J 93 -4.35 59.20 -8.18
CA GLY J 93 -5.14 60.19 -8.91
C GLY J 93 -5.50 61.39 -8.06
N ALA J 94 -6.13 61.16 -6.91
CA ALA J 94 -6.56 62.26 -6.05
C ALA J 94 -5.37 63.04 -5.51
N GLU J 95 -4.30 62.33 -5.12
CA GLU J 95 -3.16 63.01 -4.53
C GLU J 95 -2.41 63.82 -5.59
N PHE J 96 -2.35 63.33 -6.83
CA PHE J 96 -1.76 64.11 -7.91
C PHE J 96 -2.63 65.31 -8.25
N ALA J 97 -3.96 65.16 -8.19
CA ALA J 97 -4.82 66.32 -8.39
C ALA J 97 -4.58 67.38 -7.33
N GLU J 98 -4.42 66.95 -6.08
CA GLU J 98 -4.09 67.89 -5.01
C GLU J 98 -2.73 68.55 -5.25
N TYR J 99 -1.75 67.77 -5.69
CA TYR J 99 -0.42 68.32 -5.97
C TYR J 99 -0.50 69.36 -7.09
N GLN J 100 -1.26 69.08 -8.14
CA GLN J 100 -1.42 70.05 -9.22
C GLN J 100 -2.13 71.30 -8.74
N ALA J 101 -3.13 71.14 -7.86
CA ALA J 101 -3.82 72.30 -7.32
C ALA J 101 -2.86 73.18 -6.53
N LEU J 102 -1.98 72.58 -5.73
CA LEU J 102 -0.96 73.38 -5.06
C LEU J 102 0.07 73.90 -6.04
N ALA J 103 0.23 73.25 -7.19
CA ALA J 103 1.29 73.58 -8.14
C ALA J 103 0.91 74.66 -9.12
N THR J 104 -0.38 74.98 -9.25
CA THR J 104 -0.84 75.92 -10.25
C THR J 104 -0.88 77.37 -9.75
N ARG J 105 -0.57 77.63 -8.49
CA ARG J 105 -0.55 78.99 -7.95
C ARG J 105 0.82 79.40 -7.44
N LYS J 106 1.83 78.59 -7.69
CA LYS J 106 3.20 78.85 -7.30
C LYS J 106 3.85 79.96 -8.15
N MET K 1 8.05 36.27 -47.32
CA MET K 1 9.39 36.77 -47.00
C MET K 1 9.86 36.22 -45.66
N LYS K 2 10.38 34.99 -45.68
CA LYS K 2 11.03 34.39 -44.51
C LYS K 2 12.34 33.76 -44.94
N LYS K 3 13.41 34.10 -44.23
CA LYS K 3 14.75 33.65 -44.59
C LYS K 3 14.98 32.26 -44.00
N ILE K 4 15.42 31.33 -44.84
CA ILE K 4 15.59 29.95 -44.38
C ILE K 4 17.05 29.71 -44.01
N PRO K 5 17.34 29.35 -42.77
CA PRO K 5 18.71 29.04 -42.38
C PRO K 5 19.32 27.95 -43.24
N LEU K 6 20.60 28.12 -43.54
CA LEU K 6 21.33 27.22 -44.40
C LEU K 6 22.61 26.82 -43.70
N THR K 7 23.23 25.74 -44.14
CA THR K 7 24.51 25.32 -43.59
C THR K 7 25.45 25.03 -44.74
N ALA K 8 26.69 25.51 -44.64
CA ALA K 8 27.66 25.41 -45.72
C ALA K 8 28.18 23.97 -45.82
N VAL K 9 27.30 23.10 -46.27
CA VAL K 9 27.66 21.73 -46.61
C VAL K 9 27.16 21.42 -48.01
N PRO K 10 27.80 20.48 -48.70
CA PRO K 10 27.34 20.14 -50.06
C PRO K 10 25.92 19.61 -50.09
N ASN K 11 25.63 18.56 -49.32
CA ASN K 11 24.33 17.90 -49.35
C ASN K 11 23.67 18.05 -47.98
N GLN K 12 22.42 18.50 -47.97
CA GLN K 12 21.69 18.69 -46.72
C GLN K 12 20.21 18.60 -46.99
N ALA K 13 19.44 18.42 -45.92
CA ALA K 13 17.98 18.35 -46.01
C ALA K 13 17.39 19.15 -44.86
N ILE K 14 16.55 20.12 -45.20
CA ILE K 14 15.95 21.03 -44.22
C ILE K 14 14.44 20.85 -44.26
N SER K 15 13.85 20.56 -43.11
CA SER K 15 12.42 20.38 -42.97
C SER K 15 11.89 21.39 -41.96
N PHE K 16 10.81 22.08 -42.31
CA PHE K 16 10.29 23.13 -41.45
C PHE K 16 8.82 23.36 -41.76
N ASN K 17 8.12 23.97 -40.80
CA ASN K 17 6.72 24.32 -40.97
C ASN K 17 6.66 25.80 -41.32
N ALA K 18 6.35 26.09 -42.59
CA ALA K 18 6.24 27.45 -43.09
C ALA K 18 5.00 27.58 -43.94
N GLY K 19 4.25 28.66 -43.73
CA GLY K 19 3.06 28.92 -44.52
C GLY K 19 1.99 27.86 -44.40
N SER K 20 1.72 27.39 -43.18
CA SER K 20 0.70 26.37 -42.93
C SER K 20 0.96 25.10 -43.74
N SER K 21 2.23 24.76 -43.92
CA SER K 21 2.61 23.56 -44.65
C SER K 21 3.92 23.06 -44.07
N TYR K 22 4.21 21.79 -44.34
CA TYR K 22 5.41 21.14 -43.82
C TYR K 22 6.37 20.90 -44.98
N TRP K 23 7.23 21.88 -45.23
CA TRP K 23 8.13 21.83 -46.36
C TRP K 23 9.41 21.07 -46.00
N LYS K 24 10.02 20.46 -47.01
CA LYS K 24 11.31 19.79 -46.83
C LYS K 24 12.06 19.88 -48.14
N ILE K 25 13.19 20.59 -48.12
CA ILE K 25 14.04 20.75 -49.30
C ILE K 25 15.37 20.07 -49.03
N ARG K 26 15.74 19.16 -49.92
CA ARG K 26 17.04 18.50 -49.90
C ARG K 26 17.89 19.14 -50.99
N LEU K 27 18.88 19.92 -50.57
CA LEU K 27 19.77 20.63 -51.49
C LEU K 27 21.08 19.87 -51.61
N TYR K 28 21.47 19.56 -52.84
CA TYR K 28 22.69 18.80 -53.06
C TYR K 28 23.45 19.37 -54.25
N GLN K 29 24.78 19.22 -54.20
CA GLN K 29 25.65 19.65 -55.27
C GLN K 29 25.68 18.57 -56.35
N ASN K 30 25.17 18.89 -57.52
CA ASN K 30 25.16 17.99 -58.67
C ASN K 30 26.11 18.58 -59.70
N MET K 31 27.26 17.92 -59.89
CA MET K 31 28.31 18.39 -60.79
C MET K 31 28.70 19.84 -60.48
N ASP K 32 28.43 20.74 -61.42
CA ASP K 32 28.77 22.15 -61.26
C ASP K 32 27.56 23.00 -60.90
N MET K 33 26.42 22.40 -60.62
CA MET K 33 25.21 23.11 -60.25
C MET K 33 24.71 22.60 -58.91
N MET K 34 23.60 23.18 -58.44
CA MET K 34 22.89 22.69 -57.27
C MET K 34 21.47 22.28 -57.67
N ASN K 35 21.00 21.18 -57.11
CA ASN K 35 19.62 20.77 -57.29
C ASN K 35 18.94 20.61 -55.94
N ALA K 36 17.62 20.67 -55.97
CA ALA K 36 16.80 20.60 -54.77
C ALA K 36 15.65 19.63 -54.99
N ASP K 37 15.40 18.80 -53.99
CA ASP K 37 14.25 17.92 -53.95
C ASP K 37 13.26 18.51 -52.94
N ILE K 38 12.07 18.87 -53.41
CA ILE K 38 11.09 19.58 -52.60
C ILE K 38 9.92 18.65 -52.32
N SER K 39 9.59 18.50 -51.04
CA SER K 39 8.46 17.68 -50.60
C SER K 39 7.62 18.48 -49.63
N ARG K 40 6.32 18.57 -49.90
CA ARG K 40 5.39 19.29 -49.04
C ARG K 40 4.44 18.32 -48.39
N ASP K 41 4.35 18.38 -47.06
CA ASP K 41 3.45 17.52 -46.28
C ASP K 41 3.70 16.04 -46.59
N GLY K 42 4.96 15.67 -46.66
CA GLY K 42 5.32 14.28 -46.95
C GLY K 42 5.29 13.91 -48.41
N VAL K 43 4.24 14.29 -49.12
CA VAL K 43 4.15 14.02 -50.55
C VAL K 43 5.20 14.86 -51.27
N ILE K 44 5.99 14.21 -52.11
CA ILE K 44 7.09 14.89 -52.79
C ILE K 44 6.53 15.71 -53.95
N VAL K 45 6.94 16.97 -54.04
CA VAL K 45 6.43 17.87 -55.07
C VAL K 45 7.27 17.79 -56.34
N CYS K 46 8.60 17.91 -56.23
CA CYS K 46 9.46 17.93 -57.40
C CYS K 46 10.83 17.36 -57.06
N HIS K 47 11.51 16.86 -58.10
CA HIS K 47 12.87 16.34 -57.99
C HIS K 47 13.79 17.13 -58.91
N GLY K 48 15.06 17.24 -58.50
CA GLY K 48 16.09 17.76 -59.37
C GLY K 48 15.84 19.14 -59.91
N VAL K 49 15.32 20.04 -59.08
CA VAL K 49 15.06 21.41 -59.50
C VAL K 49 16.36 22.18 -59.47
N ARG K 50 16.87 22.53 -60.64
CA ARG K 50 18.10 23.32 -60.72
C ARG K 50 17.87 24.71 -60.16
N CYS K 51 18.80 25.16 -59.32
CA CYS K 51 18.62 26.32 -58.47
C CYS K 51 19.38 27.51 -59.05
N PHE K 52 18.67 28.62 -59.23
CA PHE K 52 19.24 29.85 -59.76
C PHE K 52 18.78 31.03 -58.92
N GLY K 53 19.42 32.18 -59.15
CA GLY K 53 19.11 33.39 -58.41
C GLY K 53 17.89 34.11 -58.93
N GLY K 54 16.94 34.40 -58.03
CA GLY K 54 15.71 35.05 -58.39
C GLY K 54 14.70 34.14 -59.07
N ILE K 55 15.17 33.05 -59.65
CA ILE K 55 14.33 32.15 -60.44
C ILE K 55 13.55 31.25 -59.47
N PRO K 56 12.22 31.18 -59.57
CA PRO K 56 11.45 30.41 -58.59
C PRO K 56 11.81 28.93 -58.61
N LEU K 57 11.74 28.31 -57.43
CA LEU K 57 12.02 26.88 -57.32
C LEU K 57 10.84 26.05 -57.81
N LEU K 58 9.69 26.20 -57.16
CA LEU K 58 8.48 25.55 -57.66
C LEU K 58 7.98 26.32 -58.87
N GLN K 59 8.39 25.88 -60.06
CA GLN K 59 8.24 26.70 -61.26
C GLN K 59 6.86 26.66 -61.86
N TYR K 60 6.01 25.74 -61.43
CA TYR K 60 4.77 25.46 -62.11
C TYR K 60 3.58 25.75 -61.20
N SER K 61 2.55 26.36 -61.80
CA SER K 61 1.44 26.90 -61.01
C SER K 61 0.79 25.84 -60.15
N ARG K 62 0.65 24.61 -60.66
CA ARG K 62 0.10 23.54 -59.85
C ARG K 62 0.87 23.36 -58.55
N GLN K 63 2.14 23.70 -58.50
CA GLN K 63 2.87 23.53 -57.25
C GLN K 63 2.68 24.68 -56.28
N TYR K 64 1.99 25.76 -56.65
CA TYR K 64 1.88 26.91 -55.75
C TYR K 64 0.53 27.63 -55.80
N ARG K 65 -0.55 27.01 -56.27
CA ARG K 65 -1.73 27.61 -55.65
C ARG K 65 -2.45 26.49 -54.90
N PRO K 66 -3.34 26.81 -53.93
CA PRO K 66 -3.83 28.11 -53.51
C PRO K 66 -2.93 28.72 -52.46
N ASP K 67 -2.20 29.74 -52.88
CA ASP K 67 -1.34 30.52 -52.00
C ASP K 67 -0.44 29.62 -51.14
N TYR K 68 0.22 28.68 -51.81
CA TYR K 68 1.14 27.79 -51.11
C TYR K 68 2.50 28.42 -50.88
N GLY K 69 2.90 29.39 -51.68
CA GLY K 69 4.20 30.03 -51.54
C GLY K 69 5.21 29.49 -52.53
N ASN K 70 6.43 29.98 -52.37
CA ASN K 70 7.54 29.60 -53.24
C ASN K 70 8.85 29.93 -52.53
N PHE K 71 9.93 29.39 -53.07
CA PHE K 71 11.27 29.61 -52.54
C PHE K 71 12.14 30.27 -53.61
N VAL K 72 12.89 31.28 -53.21
CA VAL K 72 13.70 32.06 -54.13
C VAL K 72 15.12 32.17 -53.58
N PHE K 73 16.10 32.01 -54.47
CA PHE K 73 17.50 32.24 -54.16
C PHE K 73 17.87 33.66 -54.57
N ASP K 74 18.56 34.38 -53.68
CA ASP K 74 19.01 35.73 -54.03
C ASP K 74 20.05 35.68 -55.15
N ARG K 75 20.97 34.73 -55.09
CA ARG K 75 22.02 34.55 -56.08
C ARG K 75 22.00 33.11 -56.57
N ASP K 76 22.85 32.81 -57.55
CA ASP K 76 23.02 31.43 -58.00
C ASP K 76 23.53 30.58 -56.84
N ALA K 77 22.93 29.40 -56.68
CA ALA K 77 23.19 28.59 -55.51
C ALA K 77 24.65 28.14 -55.45
N ASP K 78 25.23 28.21 -54.26
CA ASP K 78 26.62 27.83 -54.04
C ASP K 78 26.77 27.50 -52.56
N TRP K 79 26.96 26.21 -52.24
CA TRP K 79 26.98 25.79 -50.84
C TRP K 79 28.21 26.31 -50.10
N THR K 80 29.23 26.77 -50.82
CA THR K 80 30.40 27.33 -50.14
C THR K 80 30.07 28.64 -49.45
N LEU K 81 29.15 29.43 -50.02
CA LEU K 81 28.76 30.72 -49.46
C LEU K 81 27.43 30.66 -48.73
N PHE K 82 26.94 29.46 -48.41
CA PHE K 82 25.68 29.34 -47.69
C PHE K 82 25.78 29.95 -46.31
N GLY K 83 24.68 30.55 -45.86
CA GLY K 83 24.66 31.24 -44.59
C GLY K 83 25.19 32.65 -44.70
N ASP K 84 26.43 32.78 -45.18
CA ASP K 84 27.09 34.08 -45.32
C ASP K 84 27.25 34.39 -46.81
N GLY K 85 26.22 35.02 -47.38
CA GLY K 85 26.30 35.47 -48.75
C GLY K 85 25.15 35.07 -49.64
N ILE K 86 24.63 33.85 -49.46
CA ILE K 86 23.53 33.34 -50.27
C ILE K 86 22.44 32.85 -49.33
N ASN K 87 21.26 33.44 -49.45
CA ASN K 87 20.12 33.11 -48.60
C ASN K 87 18.95 32.65 -49.46
N LEU K 88 18.14 31.75 -48.90
CA LEU K 88 16.92 31.29 -49.54
C LEU K 88 15.72 31.84 -48.78
N PHE K 89 14.79 32.45 -49.51
CA PHE K 89 13.66 33.15 -48.92
C PHE K 89 12.35 32.48 -49.34
N TYR K 90 11.42 32.38 -48.40
CA TYR K 90 10.11 31.78 -48.64
C TYR K 90 9.05 32.87 -48.71
N LEU K 91 8.22 32.81 -49.75
CA LEU K 91 7.16 33.77 -49.97
C LEU K 91 5.81 33.06 -49.89
N ASP K 92 4.87 33.64 -49.15
CA ASP K 92 3.52 33.11 -49.10
C ASP K 92 2.80 33.50 -50.39
N GLY K 93 1.50 33.24 -50.46
CA GLY K 93 0.79 33.39 -51.72
C GLY K 93 0.79 34.82 -52.24
N ALA K 94 0.46 35.77 -51.37
CA ALA K 94 0.35 37.16 -51.81
C ALA K 94 1.70 37.72 -52.22
N GLU K 95 2.73 37.48 -51.41
CA GLU K 95 4.06 38.01 -51.73
C GLU K 95 4.61 37.35 -52.98
N PHE K 96 4.36 36.05 -53.18
CA PHE K 96 4.85 35.40 -54.39
C PHE K 96 4.09 35.87 -55.62
N ALA K 97 2.79 36.15 -55.50
CA ALA K 97 2.05 36.71 -56.62
C ALA K 97 2.60 38.10 -56.98
N GLU K 98 2.90 38.91 -55.97
CA GLU K 98 3.49 40.22 -56.23
C GLU K 98 4.86 40.09 -56.87
N TYR K 99 5.65 39.10 -56.43
CA TYR K 99 6.95 38.85 -57.05
C TYR K 99 6.79 38.41 -58.51
N GLN K 100 5.79 37.57 -58.79
CA GLN K 100 5.51 37.18 -60.17
C GLN K 100 5.17 38.39 -61.02
N ALA K 101 4.29 39.25 -60.49
CA ALA K 101 3.88 40.43 -61.25
C ALA K 101 5.09 41.33 -61.54
N LEU K 102 5.97 41.49 -60.56
CA LEU K 102 7.15 42.31 -60.79
C LEU K 102 8.11 41.68 -61.79
N ALA K 103 8.31 40.36 -61.70
CA ALA K 103 9.30 39.69 -62.53
C ALA K 103 8.82 39.37 -63.93
N THR K 104 7.52 39.45 -64.19
CA THR K 104 7.00 39.12 -65.52
C THR K 104 6.98 40.31 -66.47
N ARG K 105 7.32 41.51 -66.00
CA ARG K 105 7.34 42.70 -66.85
C ARG K 105 8.76 43.18 -67.12
N LYS K 106 9.77 42.45 -66.68
CA LYS K 106 11.15 42.87 -66.86
C LYS K 106 11.64 42.60 -68.28
N MET L 1 4.57 -13.36 -50.20
CA MET L 1 5.99 -13.22 -50.52
C MET L 1 6.74 -12.57 -49.37
N LYS L 2 7.00 -13.34 -48.31
CA LYS L 2 7.82 -12.90 -47.20
C LYS L 2 8.83 -13.98 -46.86
N LYS L 3 10.11 -13.63 -46.94
CA LYS L 3 11.18 -14.51 -46.52
C LYS L 3 11.15 -14.62 -45.00
N ILE L 4 11.50 -15.79 -44.48
CA ILE L 4 11.50 -15.99 -43.03
C ILE L 4 12.94 -15.94 -42.51
N PRO L 5 13.22 -15.18 -41.45
CA PRO L 5 14.60 -15.11 -40.94
C PRO L 5 15.04 -16.45 -40.35
N LEU L 6 16.18 -16.93 -40.82
CA LEU L 6 16.68 -18.25 -40.46
C LEU L 6 18.09 -18.11 -39.88
N THR L 7 18.47 -19.10 -39.07
CA THR L 7 19.77 -19.13 -38.43
C THR L 7 20.51 -20.39 -38.85
N ALA L 8 21.82 -20.27 -39.07
CA ALA L 8 22.63 -21.38 -39.55
C ALA L 8 23.00 -22.30 -38.39
N VAL L 9 21.98 -22.94 -37.83
CA VAL L 9 22.15 -23.94 -36.78
C VAL L 9 21.42 -25.20 -37.25
N PRO L 10 21.84 -26.39 -36.81
CA PRO L 10 21.23 -27.61 -37.37
C PRO L 10 19.75 -27.78 -37.04
N ASN L 11 19.36 -27.57 -35.79
CA ASN L 11 17.99 -27.79 -35.36
C ASN L 11 17.49 -26.62 -34.53
N GLN L 12 16.41 -26.00 -34.98
CA GLN L 12 15.93 -24.74 -34.44
C GLN L 12 14.41 -24.67 -34.60
N ALA L 13 13.80 -23.68 -33.95
CA ALA L 13 12.36 -23.45 -34.05
C ALA L 13 12.10 -21.96 -34.09
N ILE L 14 11.37 -21.50 -35.09
CA ILE L 14 11.05 -20.09 -35.27
C ILE L 14 9.53 -19.94 -35.34
N SER L 15 8.99 -19.04 -34.52
CA SER L 15 7.57 -18.76 -34.49
C SER L 15 7.33 -17.30 -34.82
N PHE L 16 6.32 -17.04 -35.65
CA PHE L 16 6.07 -15.69 -36.14
C PHE L 16 4.60 -15.51 -36.48
N ASN L 17 4.16 -14.26 -36.47
CA ASN L 17 2.80 -13.91 -36.85
C ASN L 17 2.84 -13.43 -38.29
N ALA L 18 2.44 -14.30 -39.21
CA ALA L 18 2.42 -13.99 -40.64
C ALA L 18 1.10 -14.44 -41.24
N GLY L 19 0.53 -13.59 -42.09
CA GLY L 19 -0.72 -13.93 -42.76
C GLY L 19 -1.89 -14.11 -41.83
N SER L 20 -2.02 -13.23 -40.84
CA SER L 20 -3.11 -13.28 -39.85
C SER L 20 -3.17 -14.65 -39.16
N SER L 21 -1.99 -15.21 -38.88
CA SER L 21 -1.91 -16.49 -38.19
C SER L 21 -0.60 -16.55 -37.43
N TYR L 22 -0.56 -17.43 -36.44
CA TYR L 22 0.60 -17.63 -35.58
C TYR L 22 1.28 -18.93 -35.98
N TRP L 23 2.23 -18.83 -36.90
CA TRP L 23 2.95 -20.01 -37.39
C TRP L 23 4.15 -20.31 -36.53
N LYS L 24 4.58 -21.56 -36.55
CA LYS L 24 5.80 -21.98 -35.87
C LYS L 24 6.39 -23.16 -36.64
N ILE L 25 7.60 -23.00 -37.15
CA ILE L 25 8.28 -24.03 -37.93
C ILE L 25 9.54 -24.43 -37.18
N ARG L 26 9.67 -25.73 -36.92
CA ARG L 26 10.87 -26.29 -36.33
C ARG L 26 11.60 -27.09 -37.39
N LEU L 27 12.80 -26.64 -37.75
CA LEU L 27 13.60 -27.28 -38.79
C LEU L 27 14.75 -28.04 -38.15
N TYR L 28 14.93 -29.29 -38.53
CA TYR L 28 15.97 -30.12 -37.96
C TYR L 28 16.59 -31.01 -39.02
N GLN L 29 17.88 -31.26 -38.88
CA GLN L 29 18.59 -32.16 -39.78
C GLN L 29 18.25 -33.59 -39.40
N ASN L 30 17.60 -34.30 -40.31
CA ASN L 30 17.21 -35.69 -40.13
C ASN L 30 18.01 -36.53 -41.12
N MET L 31 18.91 -37.37 -40.62
CA MET L 31 19.82 -38.13 -41.46
C MET L 31 20.58 -37.19 -42.38
N ASP L 32 20.28 -37.23 -43.67
CA ASP L 32 20.93 -36.37 -44.65
C ASP L 32 19.98 -35.41 -45.36
N MET L 33 18.75 -35.26 -44.86
CA MET L 33 17.83 -34.23 -45.32
C MET L 33 17.47 -33.29 -44.16
N MET L 34 16.64 -32.30 -44.47
CA MET L 34 16.00 -31.44 -43.48
C MET L 34 14.52 -31.80 -43.36
N ASN L 35 14.04 -31.93 -42.14
CA ASN L 35 12.64 -32.12 -41.85
C ASN L 35 12.11 -30.93 -41.08
N ALA L 36 10.82 -30.68 -41.20
CA ALA L 36 10.19 -29.53 -40.57
C ALA L 36 8.88 -29.93 -39.93
N ASP L 37 8.67 -29.45 -38.72
CA ASP L 37 7.40 -29.59 -38.01
C ASP L 37 6.71 -28.24 -38.00
N ILE L 38 5.48 -28.19 -38.51
CA ILE L 38 4.75 -26.93 -38.69
C ILE L 38 3.54 -26.95 -37.78
N SER L 39 3.37 -25.88 -37.01
CA SER L 39 2.25 -25.73 -36.09
C SER L 39 1.66 -24.34 -36.25
N ARG L 40 0.38 -24.27 -36.57
CA ARG L 40 -0.31 -22.98 -36.76
C ARG L 40 -1.35 -22.81 -35.67
N ASP L 41 -1.30 -21.67 -34.98
CA ASP L 41 -2.26 -21.33 -33.93
C ASP L 41 -2.33 -22.42 -32.87
N GLY L 42 -1.18 -22.90 -32.45
CA GLY L 42 -1.11 -23.92 -31.40
C GLY L 42 -1.19 -25.35 -31.89
N VAL L 43 -2.25 -25.69 -32.62
CA VAL L 43 -2.39 -27.04 -33.14
C VAL L 43 -1.27 -27.31 -34.14
N ILE L 44 -0.81 -28.56 -34.18
CA ILE L 44 0.33 -28.93 -35.00
C ILE L 44 -0.19 -29.44 -36.34
N VAL L 45 0.21 -28.76 -37.42
CA VAL L 45 -0.33 -29.06 -38.74
C VAL L 45 0.27 -30.35 -39.28
N CYS L 46 1.59 -30.50 -39.18
CA CYS L 46 2.26 -31.66 -39.72
C CYS L 46 3.59 -31.88 -39.01
N HIS L 47 4.06 -33.12 -39.03
CA HIS L 47 5.35 -33.49 -38.48
C HIS L 47 6.19 -34.14 -39.55
N GLY L 48 7.50 -33.93 -39.49
CA GLY L 48 8.43 -34.63 -40.35
C GLY L 48 8.21 -34.39 -41.83
N VAL L 49 7.97 -33.13 -42.21
CA VAL L 49 7.83 -32.78 -43.61
C VAL L 49 9.21 -32.61 -44.23
N ARG L 50 9.47 -33.36 -45.30
CA ARG L 50 10.73 -33.19 -46.00
C ARG L 50 10.78 -31.82 -46.63
N CYS L 51 11.96 -31.21 -46.62
CA CYS L 51 12.15 -29.87 -47.16
C CYS L 51 12.86 -29.96 -48.49
N PHE L 52 12.21 -29.46 -49.54
CA PHE L 52 12.73 -29.51 -50.89
C PHE L 52 12.61 -28.15 -51.54
N GLY L 53 13.44 -27.90 -52.54
CA GLY L 53 13.43 -26.62 -53.23
C GLY L 53 12.22 -26.51 -54.14
N GLY L 54 11.42 -25.46 -53.94
CA GLY L 54 10.25 -25.20 -54.76
C GLY L 54 9.00 -25.94 -54.33
N ILE L 55 9.17 -27.15 -53.84
CA ILE L 55 8.02 -27.94 -53.37
C ILE L 55 7.46 -27.32 -52.10
N PRO L 56 6.17 -27.02 -52.05
CA PRO L 56 5.60 -26.41 -50.84
C PRO L 56 5.68 -27.35 -49.65
N LEU L 57 5.82 -26.76 -48.46
CA LEU L 57 5.91 -27.55 -47.24
C LEU L 57 4.57 -28.19 -46.91
N LEU L 58 3.53 -27.37 -46.76
CA LEU L 58 2.18 -27.87 -46.50
C LEU L 58 1.64 -28.44 -47.79
N GLN L 59 1.88 -29.74 -48.00
CA GLN L 59 1.56 -30.36 -49.28
C GLN L 59 0.06 -30.55 -49.46
N TYR L 60 -0.60 -31.18 -48.51
CA TYR L 60 -1.99 -31.57 -48.65
C TYR L 60 -2.91 -30.36 -48.53
N SER L 61 -4.08 -30.46 -49.17
CA SER L 61 -5.02 -29.34 -49.20
C SER L 61 -5.51 -28.96 -47.81
N ARG L 62 -5.77 -29.96 -46.96
CA ARG L 62 -6.38 -29.75 -45.64
C ARG L 62 -5.58 -28.80 -44.76
N GLN L 63 -4.36 -28.44 -45.15
CA GLN L 63 -3.49 -27.61 -44.33
C GLN L 63 -3.35 -26.18 -44.86
N TYR L 64 -2.91 -26.00 -46.10
CA TYR L 64 -2.78 -24.67 -46.67
C TYR L 64 -4.12 -24.09 -47.08
N ARG L 65 -5.17 -24.91 -47.16
CA ARG L 65 -6.50 -24.38 -47.32
C ARG L 65 -6.99 -23.88 -45.97
N PRO L 66 -7.71 -22.77 -45.91
CA PRO L 66 -8.02 -21.80 -46.97
C PRO L 66 -7.16 -20.55 -46.88
N ASP L 67 -6.57 -20.13 -47.99
CA ASP L 67 -5.80 -18.88 -48.10
C ASP L 67 -4.85 -18.68 -46.92
N TYR L 68 -4.48 -19.77 -46.25
CA TYR L 68 -3.61 -19.67 -45.09
C TYR L 68 -2.17 -19.41 -45.50
N GLY L 69 -1.83 -19.65 -46.76
CA GLY L 69 -0.48 -19.51 -47.24
C GLY L 69 0.26 -20.82 -47.22
N ASN L 70 1.52 -20.74 -47.63
CA ASN L 70 2.41 -21.90 -47.65
C ASN L 70 3.84 -21.39 -47.56
N PHE L 71 4.76 -22.32 -47.41
CA PHE L 71 6.18 -22.00 -47.31
C PHE L 71 6.95 -22.71 -48.39
N VAL L 72 7.85 -22.00 -49.05
CA VAL L 72 8.61 -22.52 -50.17
C VAL L 72 10.09 -22.28 -49.94
N PHE L 73 10.90 -23.30 -50.22
CA PHE L 73 12.35 -23.19 -50.20
C PHE L 73 12.84 -22.92 -51.61
N ASP L 74 13.72 -21.94 -51.77
CA ASP L 74 14.27 -21.65 -53.08
C ASP L 74 15.15 -22.80 -53.57
N ARG L 75 15.93 -23.39 -52.67
CA ARG L 75 16.78 -24.52 -52.98
C ARG L 75 16.53 -25.62 -51.94
N ASP L 76 17.13 -26.78 -52.19
CA ASP L 76 17.03 -27.88 -51.23
C ASP L 76 17.61 -27.43 -49.89
N ALA L 77 16.88 -27.72 -48.81
CA ALA L 77 17.21 -27.13 -47.52
C ALA L 77 18.55 -27.61 -47.01
N ASP L 78 19.28 -26.70 -46.38
CA ASP L 78 20.62 -26.99 -45.86
C ASP L 78 20.91 -25.94 -44.79
N TRP L 79 20.99 -26.37 -43.53
CA TRP L 79 21.16 -25.42 -42.44
C TRP L 79 22.53 -24.76 -42.45
N THR L 80 23.52 -25.36 -43.11
CA THR L 80 24.83 -24.73 -43.19
C THR L 80 24.77 -23.42 -43.98
N LEU L 81 23.93 -23.36 -45.01
CA LEU L 81 23.80 -22.19 -45.86
C LEU L 81 22.59 -21.33 -45.50
N PHE L 82 21.97 -21.58 -44.35
CA PHE L 82 20.82 -20.78 -43.93
C PHE L 82 21.23 -19.34 -43.66
N GLY L 83 20.41 -18.40 -44.10
CA GLY L 83 20.68 -17.00 -43.94
C GLY L 83 21.49 -16.39 -45.07
N ASP L 84 22.28 -17.20 -45.77
CA ASP L 84 23.11 -16.72 -46.89
C ASP L 84 23.11 -17.82 -47.96
N GLY L 85 22.18 -17.72 -48.90
CA GLY L 85 22.14 -18.65 -50.01
C GLY L 85 20.83 -19.41 -50.13
N ILE L 86 20.28 -19.84 -49.00
CA ILE L 86 19.03 -20.59 -48.98
C ILE L 86 18.06 -19.86 -48.06
N ASN L 87 16.88 -19.53 -48.59
CA ASN L 87 15.86 -18.78 -47.88
C ASN L 87 14.53 -19.50 -47.97
N LEU L 88 13.69 -19.30 -46.94
CA LEU L 88 12.33 -19.82 -46.92
C LEU L 88 11.36 -18.65 -47.00
N PHE L 89 10.42 -18.74 -47.96
CA PHE L 89 9.50 -17.66 -48.26
C PHE L 89 8.08 -18.08 -47.94
N TYR L 90 7.30 -17.14 -47.42
CA TYR L 90 5.90 -17.38 -47.07
C TYR L 90 4.98 -16.71 -48.07
N LEU L 91 3.99 -17.45 -48.55
CA LEU L 91 3.02 -16.97 -49.51
C LEU L 91 1.64 -16.96 -48.89
N ASP L 92 0.90 -15.88 -49.10
CA ASP L 92 -0.48 -15.82 -48.66
C ASP L 92 -1.36 -16.60 -49.63
N GLY L 93 -2.68 -16.49 -49.49
CA GLY L 93 -3.58 -17.31 -50.28
C GLY L 93 -3.48 -17.02 -51.78
N ALA L 94 -3.52 -15.74 -52.15
CA ALA L 94 -3.47 -15.39 -53.56
C ALA L 94 -2.13 -15.74 -54.18
N GLU L 95 -1.03 -15.42 -53.49
CA GLU L 95 0.29 -15.73 -54.04
C GLU L 95 0.49 -17.22 -54.16
N PHE L 96 0.03 -18.00 -53.19
CA PHE L 96 0.19 -19.44 -53.28
C PHE L 96 -0.71 -20.05 -54.34
N ALA L 97 -1.90 -19.48 -54.55
CA ALA L 97 -2.75 -19.95 -55.64
C ALA L 97 -2.10 -19.69 -56.99
N GLU L 98 -1.50 -18.51 -57.15
CA GLU L 98 -0.80 -18.21 -58.40
C GLU L 98 0.42 -19.11 -58.57
N TYR L 99 1.12 -19.41 -57.47
CA TYR L 99 2.23 -20.35 -57.54
C TYR L 99 1.76 -21.74 -57.95
N GLN L 100 0.63 -22.19 -57.41
CA GLN L 100 0.08 -23.49 -57.81
C GLN L 100 -0.30 -23.50 -59.29
N ALA L 101 -0.96 -22.44 -59.75
CA ALA L 101 -1.39 -22.38 -61.14
C ALA L 101 -0.19 -22.42 -62.08
N LEU L 102 0.87 -21.69 -61.73
CA LEU L 102 2.09 -21.77 -62.53
C LEU L 102 2.72 -23.16 -62.45
N ALA L 103 2.75 -23.75 -61.26
CA ALA L 103 3.53 -24.95 -61.02
C ALA L 103 2.85 -26.24 -61.48
N THR L 104 1.58 -26.17 -61.86
CA THR L 104 0.87 -27.38 -62.29
C THR L 104 0.98 -27.65 -63.79
N ARG L 105 1.56 -26.74 -64.58
CA ARG L 105 1.73 -26.94 -66.01
C ARG L 105 3.19 -27.20 -66.38
N LYS L 106 4.07 -27.09 -65.39
CA LYS L 106 5.48 -27.47 -65.45
C LYS L 106 5.77 -28.97 -65.64
N MET M 1 -4.47 -41.31 -9.99
CA MET M 1 -3.09 -41.53 -9.62
C MET M 1 -2.35 -40.19 -9.59
N LYS M 2 -1.91 -39.80 -8.39
CA LYS M 2 -1.12 -38.59 -8.21
C LYS M 2 -0.02 -38.95 -7.23
N LYS M 3 1.24 -38.90 -7.68
CA LYS M 3 2.33 -39.42 -6.87
C LYS M 3 2.72 -38.37 -5.84
N ILE M 4 2.49 -38.68 -4.55
CA ILE M 4 2.82 -37.77 -3.46
C ILE M 4 4.31 -37.95 -3.15
N PRO M 5 5.14 -36.93 -3.34
CA PRO M 5 6.57 -37.09 -3.09
C PRO M 5 6.90 -37.10 -1.60
N LEU M 6 7.99 -37.77 -1.27
CA LEU M 6 8.32 -38.17 0.08
C LEU M 6 9.77 -37.79 0.35
N THR M 7 10.13 -37.66 1.62
CA THR M 7 11.49 -37.31 1.98
C THR M 7 12.06 -38.35 2.95
N ALA M 8 13.32 -38.72 2.73
CA ALA M 8 13.96 -39.81 3.48
C ALA M 8 14.23 -39.34 4.91
N VAL M 9 13.15 -39.14 5.66
CA VAL M 9 13.22 -38.72 7.05
C VAL M 9 12.31 -39.64 7.87
N PRO M 10 12.63 -39.88 9.12
CA PRO M 10 11.75 -40.73 9.95
C PRO M 10 10.37 -40.14 10.15
N ASN M 11 10.28 -38.88 10.55
CA ASN M 11 9.02 -38.23 10.84
C ASN M 11 8.87 -37.01 9.93
N GLN M 12 7.68 -36.84 9.34
CA GLN M 12 7.42 -35.71 8.48
C GLN M 12 5.91 -35.47 8.40
N ALA M 13 5.53 -34.31 7.90
CA ALA M 13 4.13 -33.94 7.75
C ALA M 13 3.96 -33.17 6.45
N ILE M 14 3.16 -33.72 5.54
CA ILE M 14 2.97 -33.16 4.21
C ILE M 14 1.53 -32.66 4.08
N SER M 15 1.38 -31.41 3.66
CA SER M 15 0.08 -30.79 3.49
C SER M 15 -0.10 -30.39 2.04
N PHE M 16 -1.24 -30.75 1.44
CA PHE M 16 -1.43 -30.50 0.03
C PHE M 16 -2.91 -30.42 -0.29
N ASN M 17 -3.23 -29.73 -1.38
CA ASN M 17 -4.59 -29.65 -1.90
C ASN M 17 -4.72 -30.69 -3.01
N ALA M 18 -5.36 -31.81 -2.70
CA ALA M 18 -5.50 -32.91 -3.65
C ALA M 18 -6.96 -33.35 -3.71
N GLY M 19 -7.49 -33.48 -4.91
CA GLY M 19 -8.84 -33.98 -5.10
C GLY M 19 -9.91 -33.11 -4.47
N SER M 20 -9.81 -31.79 -4.64
CA SER M 20 -10.77 -30.84 -4.08
C SER M 20 -10.90 -30.97 -2.57
N SER M 21 -9.79 -31.25 -1.89
CA SER M 21 -9.76 -31.34 -0.45
C SER M 21 -8.38 -30.95 0.05
N TYR M 22 -8.31 -30.50 1.30
CA TYR M 22 -7.06 -30.04 1.90
C TYR M 22 -6.55 -31.15 2.81
N TRP M 23 -5.69 -32.01 2.28
CA TRP M 23 -5.17 -33.15 3.02
C TRP M 23 -3.90 -32.77 3.76
N LYS M 24 -3.68 -33.45 4.88
CA LYS M 24 -2.43 -33.34 5.64
C LYS M 24 -2.13 -34.70 6.24
N ILE M 25 -1.00 -35.28 5.84
CA ILE M 25 -0.59 -36.61 6.25
C ILE M 25 0.71 -36.49 7.02
N ARG M 26 0.72 -36.94 8.26
CA ARG M 26 1.93 -36.98 9.08
C ARG M 26 2.38 -38.43 9.18
N LEU M 27 3.52 -38.73 8.57
CA LEU M 27 4.08 -40.07 8.54
C LEU M 27 5.25 -40.15 9.51
N TYR M 28 5.22 -41.13 10.40
CA TYR M 28 6.27 -41.25 11.39
C TYR M 28 6.65 -42.69 11.61
N GLN M 29 7.92 -42.91 11.95
CA GLN M 29 8.45 -44.24 12.25
C GLN M 29 8.03 -44.61 13.67
N ASN M 30 7.21 -45.65 13.79
CA ASN M 30 6.74 -46.13 15.07
C ASN M 30 7.23 -47.56 15.26
N MET M 31 8.10 -47.76 16.25
CA MET M 31 8.70 -49.05 16.53
C MET M 31 9.37 -49.62 15.29
N ASP M 32 8.77 -50.66 14.70
CA ASP M 32 9.30 -51.29 13.50
C ASP M 32 8.42 -51.08 12.28
N MET M 33 7.42 -50.21 12.37
CA MET M 33 6.50 -49.92 11.28
C MET M 33 6.44 -48.42 11.03
N MET M 34 5.69 -48.04 10.00
CA MET M 34 5.31 -46.65 9.76
C MET M 34 3.84 -46.45 10.11
N ASN M 35 3.55 -45.35 10.80
CA ASN M 35 2.19 -44.95 11.07
C ASN M 35 1.94 -43.60 10.45
N ALA M 36 0.66 -43.32 10.18
CA ALA M 36 0.27 -42.07 9.54
C ALA M 36 -0.97 -41.51 10.21
N ASP M 37 -0.95 -40.21 10.45
CA ASP M 37 -2.10 -39.46 10.93
C ASP M 37 -2.61 -38.60 9.78
N ILE M 38 -3.86 -38.81 9.38
CA ILE M 38 -4.42 -38.18 8.19
C ILE M 38 -5.53 -37.24 8.63
N SER M 39 -5.47 -36.00 8.15
CA SER M 39 -6.51 -35.01 8.39
C SER M 39 -6.97 -34.44 7.05
N ARG M 40 -8.26 -34.19 6.94
CA ARG M 40 -8.85 -33.63 5.73
C ARG M 40 -9.58 -32.34 6.08
N ASP M 41 -9.22 -31.26 5.38
CA ASP M 41 -9.86 -29.96 5.57
C ASP M 41 -9.80 -29.52 7.03
N GLY M 42 -8.66 -29.73 7.66
CA GLY M 42 -8.44 -29.32 9.04
C GLY M 42 -8.78 -30.34 10.10
N VAL M 43 -9.97 -30.93 10.03
CA VAL M 43 -10.36 -31.92 11.03
C VAL M 43 -9.59 -33.20 10.81
N ILE M 44 -9.26 -33.88 11.91
CA ILE M 44 -8.47 -35.09 11.86
C ILE M 44 -9.36 -36.26 11.47
N VAL M 45 -8.88 -37.07 10.52
CA VAL M 45 -9.66 -38.20 10.03
C VAL M 45 -9.28 -39.49 10.75
N CYS M 46 -7.99 -39.80 10.83
CA CYS M 46 -7.53 -41.00 11.51
C CYS M 46 -6.15 -40.76 12.09
N HIS M 47 -5.84 -41.48 13.16
CA HIS M 47 -4.54 -41.43 13.82
C HIS M 47 -3.91 -42.80 13.81
N GLY M 48 -2.59 -42.84 13.66
CA GLY M 48 -1.85 -44.08 13.78
C GLY M 48 -2.28 -45.17 12.82
N VAL M 49 -2.50 -44.82 11.56
CA VAL M 49 -2.83 -45.79 10.54
C VAL M 49 -1.56 -46.54 10.15
N ARG M 50 -1.54 -47.84 10.42
CA ARG M 50 -0.38 -48.65 10.09
C ARG M 50 -0.26 -48.80 8.59
N CYS M 51 0.89 -48.40 8.04
CA CYS M 51 1.06 -48.24 6.60
C CYS M 51 1.59 -49.54 6.01
N PHE M 52 0.89 -50.06 5.00
CA PHE M 52 1.24 -51.33 4.37
C PHE M 52 1.12 -51.18 2.85
N GLY M 53 1.82 -52.05 2.14
CA GLY M 53 1.90 -51.92 0.69
C GLY M 53 0.60 -52.31 0.02
N GLY M 54 0.15 -51.48 -0.92
CA GLY M 54 -1.04 -51.75 -1.71
C GLY M 54 -2.33 -51.51 -0.97
N ILE M 55 -2.26 -51.48 0.35
CA ILE M 55 -3.46 -51.54 1.18
C ILE M 55 -3.84 -50.13 1.62
N PRO M 56 -5.07 -49.67 1.34
CA PRO M 56 -5.39 -48.25 1.48
C PRO M 56 -5.23 -47.74 2.91
N LEU M 57 -4.83 -46.48 3.03
CA LEU M 57 -4.65 -45.87 4.34
C LEU M 57 -6.00 -45.70 5.04
N LEU M 58 -6.89 -44.91 4.44
CA LEU M 58 -8.25 -44.79 4.96
C LEU M 58 -9.01 -46.07 4.66
N GLN M 59 -9.25 -46.87 5.70
CA GLN M 59 -9.72 -48.23 5.48
C GLN M 59 -11.24 -48.34 5.45
N TYR M 60 -11.94 -47.64 6.32
CA TYR M 60 -13.39 -47.79 6.39
C TYR M 60 -14.08 -46.71 5.58
N SER M 61 -15.39 -46.89 5.38
CA SER M 61 -16.08 -46.17 4.32
C SER M 61 -16.22 -44.67 4.56
N ARG M 62 -16.62 -44.25 5.77
CA ARG M 62 -17.04 -42.86 5.90
C ARG M 62 -15.91 -41.87 5.65
N GLN M 63 -14.66 -42.29 5.77
CA GLN M 63 -13.52 -41.41 5.52
C GLN M 63 -13.23 -41.20 4.05
N TYR M 64 -13.26 -42.24 3.23
CA TYR M 64 -13.07 -42.08 1.79
C TYR M 64 -14.40 -41.93 1.06
N ARG M 65 -15.46 -41.57 1.79
CA ARG M 65 -16.73 -41.31 1.14
C ARG M 65 -17.14 -39.85 1.26
N PRO M 66 -17.71 -39.24 0.20
CA PRO M 66 -17.83 -39.73 -1.18
C PRO M 66 -16.62 -39.31 -1.99
N ASP M 67 -16.14 -40.17 -2.88
CA ASP M 67 -15.18 -39.79 -3.94
C ASP M 67 -14.04 -38.93 -3.41
N TYR M 68 -13.76 -39.03 -2.10
CA TYR M 68 -12.72 -38.21 -1.49
C TYR M 68 -11.35 -38.70 -1.90
N GLY M 69 -11.23 -39.97 -2.27
CA GLY M 69 -9.97 -40.57 -2.62
C GLY M 69 -9.41 -41.41 -1.50
N ASN M 70 -8.24 -41.98 -1.76
CA ASN M 70 -7.52 -42.76 -0.77
C ASN M 70 -6.05 -42.74 -1.15
N PHE M 71 -5.21 -43.16 -0.20
CA PHE M 71 -3.77 -43.17 -0.38
C PHE M 71 -3.26 -44.59 -0.31
N VAL M 72 -2.41 -44.97 -1.26
CA VAL M 72 -1.93 -46.32 -1.41
C VAL M 72 -0.40 -46.30 -1.43
N PHE M 73 0.20 -47.22 -0.69
CA PHE M 73 1.63 -47.46 -0.72
C PHE M 73 1.92 -48.58 -1.71
N ASP M 74 2.83 -48.34 -2.66
CA ASP M 74 3.15 -49.39 -3.62
C ASP M 74 3.93 -50.52 -2.95
N ARG M 75 4.72 -50.21 -1.93
CA ARG M 75 5.41 -51.21 -1.14
C ARG M 75 5.18 -50.92 0.35
N ASP M 76 5.62 -51.85 1.19
CA ASP M 76 5.57 -51.61 2.63
C ASP M 76 6.38 -50.37 2.97
N ALA M 77 5.79 -49.49 3.78
CA ALA M 77 6.37 -48.18 4.00
C ALA M 77 7.71 -48.29 4.74
N ASP M 78 8.67 -47.48 4.29
CA ASP M 78 10.02 -47.47 4.87
C ASP M 78 10.65 -46.14 4.51
N TRP M 79 10.92 -45.30 5.52
CA TRP M 79 11.41 -43.95 5.24
C TRP M 79 12.81 -43.94 4.68
N THR M 80 13.57 -45.03 4.84
CA THR M 80 14.92 -45.07 4.29
C THR M 80 14.91 -45.08 2.77
N LEU M 81 13.85 -45.61 2.16
CA LEU M 81 13.73 -45.67 0.71
C LEU M 81 12.67 -44.71 0.18
N PHE M 82 12.29 -43.71 0.96
CA PHE M 82 11.31 -42.74 0.51
C PHE M 82 11.87 -41.91 -0.64
N GLY M 83 11.01 -41.56 -1.59
CA GLY M 83 11.40 -40.80 -2.76
C GLY M 83 12.01 -41.64 -3.87
N ASP M 84 12.87 -42.59 -3.52
CA ASP M 84 13.53 -43.46 -4.48
C ASP M 84 13.31 -44.92 -4.06
N GLY M 85 12.31 -45.55 -4.66
CA GLY M 85 12.02 -46.95 -4.37
C GLY M 85 10.62 -47.18 -3.84
N ILE M 86 10.16 -46.27 -2.98
CA ILE M 86 8.82 -46.34 -2.38
C ILE M 86 8.13 -45.01 -2.59
N ASN M 87 6.91 -45.06 -3.09
CA ASN M 87 6.12 -43.85 -3.32
C ASN M 87 4.70 -44.05 -2.83
N LEU M 88 4.04 -42.94 -2.49
CA LEU M 88 2.65 -42.94 -2.05
C LEU M 88 1.80 -42.28 -3.12
N PHE M 89 0.70 -42.92 -3.49
CA PHE M 89 -0.13 -42.46 -4.59
C PHE M 89 -1.54 -42.16 -4.10
N TYR M 90 -2.13 -41.09 -4.63
CA TYR M 90 -3.47 -40.67 -4.27
C TYR M 90 -4.43 -41.00 -5.40
N LEU M 91 -5.56 -41.59 -5.06
CA LEU M 91 -6.59 -41.95 -6.02
C LEU M 91 -7.88 -41.21 -5.68
N ASP M 92 -8.52 -40.66 -6.70
CA ASP M 92 -9.79 -39.97 -6.51
C ASP M 92 -10.89 -41.01 -6.39
N GLY M 93 -12.15 -40.57 -6.45
CA GLY M 93 -13.25 -41.46 -6.11
C GLY M 93 -13.44 -42.60 -7.08
N ALA M 94 -13.60 -42.28 -8.37
CA ALA M 94 -13.84 -43.32 -9.36
C ALA M 94 -12.66 -44.28 -9.43
N GLU M 95 -11.45 -43.74 -9.37
CA GLU M 95 -10.26 -44.58 -9.48
C GLU M 95 -10.09 -45.47 -8.25
N PHE M 96 -10.39 -44.94 -7.06
CA PHE M 96 -10.33 -45.78 -5.87
C PHE M 96 -11.41 -46.84 -5.89
N ALA M 97 -12.59 -46.53 -6.43
CA ALA M 97 -13.62 -47.54 -6.57
C ALA M 97 -13.16 -48.66 -7.50
N GLU M 98 -12.53 -48.29 -8.63
CA GLU M 98 -12.01 -49.29 -9.55
C GLU M 98 -10.91 -50.13 -8.89
N TYR M 99 -10.02 -49.48 -8.13
CA TYR M 99 -8.97 -50.20 -7.42
C TYR M 99 -9.54 -51.17 -6.40
N GLN M 100 -10.57 -50.73 -5.65
CA GLN M 100 -11.21 -51.60 -4.66
C GLN M 100 -11.88 -52.79 -5.34
N ALA M 101 -12.59 -52.54 -6.44
CA ALA M 101 -13.22 -53.64 -7.18
C ALA M 101 -12.18 -54.62 -7.69
N LEU M 102 -10.99 -54.12 -8.06
CA LEU M 102 -9.93 -55.02 -8.49
C LEU M 102 -9.37 -55.81 -7.32
N ALA M 103 -9.21 -55.18 -6.16
CA ALA M 103 -8.52 -55.81 -5.04
C ALA M 103 -9.44 -56.69 -4.20
N THR M 104 -10.74 -56.66 -4.42
CA THR M 104 -11.66 -57.50 -3.66
C THR M 104 -11.92 -58.87 -4.30
N ARG M 105 -11.32 -59.17 -5.46
CA ARG M 105 -11.52 -60.45 -6.12
C ARG M 105 -10.20 -61.17 -6.42
N LYS M 106 -9.10 -60.62 -5.91
CA LYS M 106 -7.77 -61.22 -5.91
C LYS M 106 -7.65 -62.49 -5.11
N MET N 1 -11.20 -18.86 34.06
CA MET N 1 -9.92 -18.86 34.75
C MET N 1 -8.75 -18.49 33.85
N LYS N 2 -8.19 -17.32 34.12
CA LYS N 2 -7.00 -16.82 33.45
C LYS N 2 -6.06 -16.26 34.51
N LYS N 3 -4.81 -16.72 34.50
CA LYS N 3 -3.83 -16.19 35.45
C LYS N 3 -3.23 -14.94 34.83
N ILE N 4 -3.30 -13.84 35.55
CA ILE N 4 -2.74 -12.59 35.04
C ILE N 4 -1.22 -12.63 35.15
N PRO N 5 -0.48 -12.39 34.06
CA PRO N 5 0.99 -12.45 34.15
C PRO N 5 1.54 -11.39 35.09
N LEU N 6 2.60 -11.77 35.80
CA LEU N 6 3.20 -10.91 36.80
C LEU N 6 4.71 -10.99 36.69
N THR N 7 5.39 -9.93 37.13
CA THR N 7 6.84 -9.89 37.19
C THR N 7 7.29 -9.59 38.62
N ALA N 8 8.39 -10.21 39.02
CA ALA N 8 8.86 -10.16 40.40
C ALA N 8 9.59 -8.84 40.64
N VAL N 9 8.80 -7.77 40.78
CA VAL N 9 9.31 -6.50 41.27
C VAL N 9 8.37 -6.05 42.39
N PRO N 10 8.82 -5.22 43.32
CA PRO N 10 7.97 -4.91 44.49
C PRO N 10 6.68 -4.19 44.15
N ASN N 11 6.75 -3.07 43.44
CA ASN N 11 5.59 -2.22 43.18
C ASN N 11 5.43 -2.01 41.68
N GLN N 12 4.21 -2.22 41.19
CA GLN N 12 4.00 -2.53 39.79
C GLN N 12 2.54 -2.30 39.45
N ALA N 13 2.25 -2.22 38.16
CA ALA N 13 0.88 -2.02 37.70
C ALA N 13 0.73 -2.63 36.31
N ILE N 14 -0.32 -3.42 36.13
CA ILE N 14 -0.58 -4.14 34.89
C ILE N 14 -2.01 -3.87 34.46
N SER N 15 -2.20 -3.55 33.17
CA SER N 15 -3.51 -3.28 32.61
C SER N 15 -3.80 -4.26 31.49
N PHE N 16 -5.05 -4.71 31.39
CA PHE N 16 -5.41 -5.71 30.41
C PHE N 16 -6.91 -5.70 30.20
N ASN N 17 -7.32 -6.24 29.05
CA ASN N 17 -8.74 -6.39 28.71
C ASN N 17 -9.14 -7.83 29.02
N ALA N 18 -9.93 -8.01 30.07
CA ALA N 18 -10.39 -9.32 30.50
C ALA N 18 -11.87 -9.26 30.82
N GLY N 19 -12.62 -10.25 30.34
CA GLY N 19 -14.04 -10.32 30.61
C GLY N 19 -14.83 -9.14 30.07
N SER N 20 -14.51 -8.69 28.86
CA SER N 20 -15.17 -7.55 28.22
C SER N 20 -15.09 -6.30 29.09
N SER N 21 -13.96 -6.12 29.76
CA SER N 21 -13.73 -4.96 30.60
C SER N 21 -12.25 -4.62 30.59
N TYR N 22 -11.95 -3.37 30.93
CA TYR N 22 -10.58 -2.85 30.88
C TYR N 22 -10.08 -2.73 32.32
N TRP N 23 -9.45 -3.80 32.80
CA TRP N 23 -8.96 -3.86 34.17
C TRP N 23 -7.54 -3.30 34.27
N LYS N 24 -7.21 -2.79 35.45
CA LYS N 24 -5.86 -2.33 35.75
C LYS N 24 -5.61 -2.56 37.23
N ILE N 25 -4.60 -3.35 37.56
CA ILE N 25 -4.26 -3.70 38.93
C ILE N 25 -2.86 -3.20 39.24
N ARG N 26 -2.74 -2.44 40.32
CA ARG N 26 -1.46 -1.96 40.82
C ARG N 26 -1.16 -2.68 42.12
N LEU N 27 -0.12 -3.51 42.12
CA LEU N 27 0.28 -4.29 43.29
C LEU N 27 1.54 -3.69 43.88
N TYR N 28 1.52 -3.40 45.17
CA TYR N 28 2.67 -2.83 45.83
C TYR N 28 2.86 -3.43 47.22
N GLN N 29 4.13 -3.54 47.61
CA GLN N 29 4.46 -4.06 48.93
C GLN N 29 4.20 -2.99 49.98
N ASN N 30 3.24 -3.24 50.85
CA ASN N 30 2.90 -2.34 51.95
C ASN N 30 3.28 -3.03 53.25
N MET N 31 4.29 -2.52 53.93
CA MET N 31 4.82 -3.12 55.14
C MET N 31 5.16 -4.59 54.93
N ASP N 32 4.39 -5.49 55.54
CA ASP N 32 4.67 -6.92 55.47
C ASP N 32 3.69 -7.67 54.58
N MET N 33 2.73 -6.99 53.97
CA MET N 33 1.78 -7.61 53.06
C MET N 33 1.83 -6.90 51.71
N MET N 34 0.91 -7.28 50.82
CA MET N 34 0.80 -6.70 49.49
C MET N 34 -0.57 -6.06 49.35
N ASN N 35 -0.60 -4.82 48.86
CA ASN N 35 -1.84 -4.10 48.62
C ASN N 35 -2.05 -3.97 47.12
N ALA N 36 -3.32 -3.90 46.72
CA ALA N 36 -3.67 -3.81 45.32
C ALA N 36 -4.72 -2.73 45.12
N ASP N 37 -4.51 -1.90 44.09
CA ASP N 37 -5.49 -0.90 43.66
C ASP N 37 -6.05 -1.37 42.33
N ILE N 38 -7.37 -1.50 42.25
CA ILE N 38 -8.03 -2.07 41.09
C ILE N 38 -8.89 -0.99 40.45
N SER N 39 -8.78 -0.84 39.13
CA SER N 39 -9.58 0.10 38.37
C SER N 39 -10.18 -0.61 37.17
N ARG N 40 -11.47 -0.43 36.96
CA ARG N 40 -12.17 -1.04 35.83
C ARG N 40 -12.73 0.05 34.93
N ASP N 41 -12.39 -0.02 33.64
CA ASP N 41 -12.86 0.95 32.64
C ASP N 41 -12.50 2.38 33.06
N GLY N 42 -11.29 2.55 33.58
CA GLY N 42 -10.82 3.87 33.96
C GLY N 42 -11.11 4.25 35.40
N VAL N 43 -12.39 4.22 35.78
CA VAL N 43 -12.76 4.64 37.12
C VAL N 43 -12.19 3.67 38.15
N ILE N 44 -11.81 4.21 39.31
CA ILE N 44 -11.17 3.39 40.33
C ILE N 44 -12.24 2.59 41.09
N VAL N 45 -12.01 1.29 41.23
CA VAL N 45 -12.94 0.42 41.92
C VAL N 45 -12.59 0.30 43.41
N CYS N 46 -11.32 0.13 43.72
CA CYS N 46 -10.90 0.01 45.11
C CYS N 46 -9.43 0.36 45.24
N HIS N 47 -9.07 0.91 46.41
CA HIS N 47 -7.68 1.20 46.75
C HIS N 47 -7.30 0.40 47.99
N GLY N 48 -6.02 0.07 48.11
CA GLY N 48 -5.49 -0.51 49.33
C GLY N 48 -6.13 -1.83 49.71
N VAL N 49 -6.34 -2.70 48.75
CA VAL N 49 -6.92 -4.02 49.02
C VAL N 49 -5.82 -4.96 49.47
N ARG N 50 -5.87 -5.37 50.74
CA ARG N 50 -4.91 -6.36 51.23
C ARG N 50 -5.15 -7.70 50.54
N CYS N 51 -4.07 -8.36 50.15
CA CYS N 51 -4.12 -9.50 49.25
C CYS N 51 -3.80 -10.77 50.02
N PHE N 52 -4.66 -11.78 49.89
CA PHE N 52 -4.50 -13.04 50.60
C PHE N 52 -4.86 -14.18 49.67
N GLY N 53 -4.46 -15.39 50.07
CA GLY N 53 -4.64 -16.56 49.23
C GLY N 53 -6.08 -17.03 49.23
N GLY N 54 -6.63 -17.26 48.04
CA GLY N 54 -7.97 -17.77 47.87
C GLY N 54 -9.04 -16.73 48.04
N ILE N 55 -8.73 -15.67 48.77
CA ILE N 55 -9.71 -14.66 49.17
C ILE N 55 -9.81 -13.62 48.06
N PRO N 56 -11.00 -13.41 47.49
CA PRO N 56 -11.10 -12.54 46.31
C PRO N 56 -10.71 -11.11 46.62
N LEU N 57 -10.13 -10.45 45.62
CA LEU N 57 -9.69 -9.06 45.79
C LEU N 57 -10.87 -8.11 45.89
N LEU N 58 -11.84 -8.24 44.99
CA LEU N 58 -13.03 -7.41 45.03
C LEU N 58 -13.99 -8.02 46.05
N GLN N 59 -13.96 -7.47 47.27
CA GLN N 59 -14.61 -8.09 48.41
C GLN N 59 -16.06 -7.68 48.60
N TYR N 60 -16.55 -6.70 47.87
CA TYR N 60 -17.91 -6.20 48.04
C TYR N 60 -18.68 -6.40 46.76
N SER N 61 -19.99 -6.65 46.90
CA SER N 61 -20.81 -6.97 45.74
C SER N 61 -20.80 -5.83 44.73
N ARG N 62 -20.92 -4.58 45.20
CA ARG N 62 -21.04 -3.42 44.34
C ARG N 62 -19.95 -3.32 43.29
N GLN N 63 -18.87 -4.10 43.43
CA GLN N 63 -17.76 -4.07 42.49
C GLN N 63 -17.80 -5.20 41.48
N TYR N 64 -18.04 -6.44 41.91
CA TYR N 64 -18.03 -7.57 41.00
C TYR N 64 -19.40 -7.91 40.44
N ARG N 65 -20.45 -7.18 40.81
CA ARG N 65 -21.70 -7.41 40.11
C ARG N 65 -21.89 -6.42 38.99
N PRO N 66 -22.57 -6.81 37.90
CA PRO N 66 -23.00 -8.17 37.59
C PRO N 66 -22.01 -8.84 36.65
N ASP N 67 -21.70 -10.13 36.92
CA ASP N 67 -20.85 -10.96 36.06
C ASP N 67 -19.54 -10.29 35.68
N TYR N 68 -19.06 -9.35 36.49
CA TYR N 68 -17.81 -8.67 36.17
C TYR N 68 -16.60 -9.56 36.39
N GLY N 69 -16.68 -10.49 37.33
CA GLY N 69 -15.58 -11.37 37.65
C GLY N 69 -14.82 -10.89 38.88
N ASN N 70 -13.80 -11.67 39.22
CA ASN N 70 -13.00 -11.37 40.40
C ASN N 70 -11.62 -11.99 40.26
N PHE N 71 -10.68 -11.48 41.05
CA PHE N 71 -9.30 -11.90 41.01
C PHE N 71 -8.94 -12.61 42.31
N VAL N 72 -8.30 -13.77 42.19
CA VAL N 72 -7.96 -14.60 43.35
C VAL N 72 -6.48 -14.94 43.31
N PHE N 73 -5.83 -14.85 44.45
CA PHE N 73 -4.47 -15.33 44.61
C PHE N 73 -4.49 -16.76 45.13
N ASP N 74 -3.75 -17.64 44.45
CA ASP N 74 -3.70 -19.04 44.89
C ASP N 74 -3.06 -19.15 46.28
N ARG N 75 -2.00 -18.38 46.52
CA ARG N 75 -1.35 -18.32 47.82
C ARG N 75 -1.28 -16.87 48.25
N ASP N 76 -0.78 -16.64 49.47
CA ASP N 76 -0.64 -15.29 49.98
C ASP N 76 0.31 -14.49 49.08
N ALA N 77 -0.09 -13.26 48.75
CA ALA N 77 0.64 -12.46 47.77
C ALA N 77 2.08 -12.23 48.22
N ASP N 78 3.02 -12.40 47.29
CA ASP N 78 4.44 -12.34 47.61
C ASP N 78 5.18 -11.99 46.32
N TRP N 79 5.63 -10.74 46.20
CA TRP N 79 6.22 -10.32 44.93
C TRP N 79 7.55 -10.99 44.66
N THR N 80 8.21 -11.55 45.67
CA THR N 80 9.46 -12.26 45.43
C THR N 80 9.23 -13.54 44.63
N LEU N 81 8.05 -14.15 44.76
CA LEU N 81 7.73 -15.39 44.06
C LEU N 81 6.73 -15.18 42.92
N PHE N 82 6.55 -13.94 42.48
CA PHE N 82 5.65 -13.67 41.37
C PHE N 82 6.16 -14.32 40.09
N GLY N 83 5.24 -14.84 39.31
CA GLY N 83 5.61 -15.58 38.09
C GLY N 83 6.01 -17.02 38.33
N ASP N 84 6.92 -17.25 39.26
CA ASP N 84 7.41 -18.59 39.59
C ASP N 84 6.92 -18.95 40.99
N GLY N 85 5.72 -19.53 41.06
CA GLY N 85 5.21 -20.01 42.33
C GLY N 85 3.86 -19.45 42.72
N ILE N 86 3.63 -18.16 42.47
CA ILE N 86 2.40 -17.49 42.85
C ILE N 86 1.81 -16.83 41.62
N ASN N 87 0.54 -17.12 41.34
CA ASN N 87 -0.17 -16.55 40.20
C ASN N 87 -1.49 -15.96 40.68
N LEU N 88 -1.96 -14.95 39.95
CA LEU N 88 -3.27 -14.33 40.19
C LEU N 88 -4.22 -14.71 39.07
N PHE N 89 -5.35 -15.31 39.42
CA PHE N 89 -6.29 -15.87 38.47
C PHE N 89 -7.53 -15.00 38.38
N TYR N 90 -8.02 -14.80 37.16
CA TYR N 90 -9.23 -14.03 36.92
C TYR N 90 -10.38 -14.95 36.57
N LEU N 91 -11.51 -14.77 37.23
CA LEU N 91 -12.71 -15.56 37.00
C LEU N 91 -13.83 -14.65 36.51
N ASP N 92 -14.56 -15.10 35.50
CA ASP N 92 -15.70 -14.35 34.99
C ASP N 92 -16.89 -14.57 35.93
N GLY N 93 -18.07 -14.12 35.51
CA GLY N 93 -19.22 -14.14 36.41
C GLY N 93 -19.60 -15.54 36.85
N ALA N 94 -19.71 -16.48 35.89
CA ALA N 94 -20.14 -17.82 36.22
C ALA N 94 -19.12 -18.55 37.08
N GLU N 95 -17.84 -18.48 36.68
CA GLU N 95 -16.80 -19.16 37.46
C GLU N 95 -16.69 -18.57 38.86
N PHE N 96 -16.80 -17.25 38.98
CA PHE N 96 -16.70 -16.64 40.31
C PHE N 96 -17.92 -16.96 41.15
N ALA N 97 -19.12 -17.06 40.55
CA ALA N 97 -20.28 -17.48 41.31
C ALA N 97 -20.14 -18.91 41.80
N GLU N 98 -19.61 -19.78 40.96
CA GLU N 98 -19.34 -21.16 41.40
C GLU N 98 -18.32 -21.17 42.52
N TYR N 99 -17.28 -20.35 42.41
CA TYR N 99 -16.26 -20.29 43.46
C TYR N 99 -16.85 -19.78 44.77
N GLN N 100 -17.71 -18.77 44.71
CA GLN N 100 -18.38 -18.28 45.92
C GLN N 100 -19.27 -19.34 46.54
N ALA N 101 -20.07 -20.02 45.71
CA ALA N 101 -20.98 -21.03 46.23
C ALA N 101 -20.19 -22.15 46.89
N LEU N 102 -19.05 -22.52 46.31
CA LEU N 102 -18.17 -23.47 46.95
C LEU N 102 -17.60 -22.92 48.26
N ALA N 103 -17.18 -21.65 48.26
CA ALA N 103 -16.41 -21.08 49.36
C ALA N 103 -17.26 -20.68 50.56
N THR N 104 -18.57 -20.56 50.39
CA THR N 104 -19.44 -20.19 51.49
C THR N 104 -19.84 -21.38 52.37
N ARG N 105 -19.54 -22.61 51.96
CA ARG N 105 -19.93 -23.81 52.70
C ARG N 105 -18.73 -24.64 53.12
N LYS N 106 -17.53 -24.12 52.86
CA LYS N 106 -16.27 -24.67 53.33
C LYS N 106 -16.24 -24.80 54.86
N MET O 1 -8.18 31.09 38.51
CA MET O 1 -6.80 31.33 38.90
C MET O 1 -5.86 30.48 38.06
N LYS O 2 -5.09 31.12 37.19
CA LYS O 2 -4.08 30.45 36.39
C LYS O 2 -2.74 31.18 36.54
N LYS O 3 -1.70 30.42 36.85
CA LYS O 3 -0.36 30.98 37.04
C LYS O 3 0.29 31.14 35.67
N ILE O 4 0.73 32.36 35.38
CA ILE O 4 1.39 32.62 34.10
C ILE O 4 2.90 32.62 34.30
N PRO O 5 3.63 31.64 33.76
CA PRO O 5 5.08 31.63 33.94
C PRO O 5 5.74 32.90 33.41
N LEU O 6 6.83 33.27 34.06
CA LEU O 6 7.55 34.49 33.78
C LEU O 6 8.99 34.15 33.46
N THR O 7 9.77 35.15 33.08
CA THR O 7 11.19 34.96 32.84
C THR O 7 11.95 36.11 33.47
N ALA O 8 13.07 35.78 34.12
CA ALA O 8 13.89 36.80 34.80
C ALA O 8 14.64 37.61 33.74
N VAL O 9 13.87 38.36 32.97
CA VAL O 9 14.40 39.23 31.92
C VAL O 9 13.84 40.62 32.18
N PRO O 10 14.67 41.67 32.11
CA PRO O 10 14.17 43.01 32.44
C PRO O 10 13.01 43.47 31.56
N ASN O 11 12.95 43.02 30.31
CA ASN O 11 11.91 43.42 29.38
C ASN O 11 11.52 42.22 28.52
N GLN O 12 10.23 41.89 28.50
CA GLN O 12 9.75 40.68 27.84
C GLN O 12 8.30 40.88 27.41
N ALA O 13 7.83 39.97 26.55
CA ALA O 13 6.45 39.97 26.10
C ALA O 13 5.93 38.54 26.09
N ILE O 14 4.84 38.30 26.83
CA ILE O 14 4.25 36.98 26.99
C ILE O 14 2.89 36.98 26.33
N SER O 15 2.63 35.97 25.53
CA SER O 15 1.49 35.90 24.62
C SER O 15 0.74 34.60 24.89
N PHE O 16 -0.56 34.66 25.21
CA PHE O 16 -1.25 33.42 25.60
C PHE O 16 -2.76 33.51 25.41
N ASN O 17 -3.37 32.33 25.29
CA ASN O 17 -4.82 32.18 25.26
C ASN O 17 -5.33 31.89 26.67
N ALA O 18 -5.92 32.89 27.32
CA ALA O 18 -6.46 32.73 28.67
C ALA O 18 -7.89 33.24 28.69
N GLY O 19 -8.80 32.43 29.22
CA GLY O 19 -10.18 32.87 29.36
C GLY O 19 -10.87 33.26 28.07
N SER O 20 -10.69 32.46 27.01
CA SER O 20 -11.39 32.61 25.73
C SER O 20 -11.09 33.98 25.15
N SER O 21 -9.87 34.42 25.41
CA SER O 21 -9.35 35.68 24.93
C SER O 21 -7.86 35.51 24.79
N TYR O 22 -7.30 36.26 23.84
CA TYR O 22 -5.87 36.15 23.54
C TYR O 22 -5.18 37.38 24.10
N TRP O 23 -4.42 37.19 25.17
CA TRP O 23 -3.71 38.26 25.85
C TRP O 23 -2.24 38.36 25.46
N LYS O 24 -1.73 39.59 25.49
CA LYS O 24 -0.30 39.82 25.26
C LYS O 24 0.16 40.91 26.21
N ILE O 25 1.00 40.53 27.16
CA ILE O 25 1.48 41.44 28.21
C ILE O 25 2.96 41.66 28.00
N ARG O 26 3.35 42.90 27.78
CA ARG O 26 4.75 43.29 27.63
C ARG O 26 5.17 43.97 28.91
N LEU O 27 5.99 43.27 29.69
CA LEU O 27 6.46 43.78 30.98
C LEU O 27 7.88 44.31 30.81
N TYR O 28 8.09 45.55 31.22
CA TYR O 28 9.40 46.17 31.10
C TYR O 28 9.70 46.99 32.34
N GLN O 29 10.98 47.02 32.71
CA GLN O 29 11.40 47.83 33.85
C GLN O 29 11.49 49.29 33.42
N ASN O 30 10.75 50.14 34.12
CA ASN O 30 10.70 51.57 33.84
C ASN O 30 11.20 52.31 35.06
N MET O 31 12.36 52.95 34.94
CA MET O 31 13.02 53.62 36.07
C MET O 31 13.20 52.64 37.22
N ASP O 32 12.38 52.77 38.27
CA ASP O 32 12.48 51.90 39.43
C ASP O 32 11.21 51.09 39.68
N MET O 33 10.34 50.96 38.68
CA MET O 33 9.14 50.15 38.75
C MET O 33 9.03 49.30 37.50
N MET O 34 7.96 48.51 37.43
CA MET O 34 7.63 47.70 36.26
C MET O 34 6.36 48.22 35.63
N ASN O 35 6.36 48.36 34.32
CA ASN O 35 5.18 48.75 33.57
C ASN O 35 4.81 47.62 32.61
N ALA O 36 3.53 47.60 32.23
CA ALA O 36 3.03 46.54 31.36
C ALA O 36 2.13 47.13 30.30
N ASP O 37 2.37 46.74 29.05
CA ASP O 37 1.48 47.03 27.94
C ASP O 37 0.62 45.81 27.70
N ILE O 38 -0.69 45.95 27.86
CA ILE O 38 -1.62 44.83 27.79
C ILE O 38 -2.45 44.96 26.52
N SER O 39 -2.50 43.90 25.73
CA SER O 39 -3.32 43.86 24.52
C SER O 39 -4.16 42.60 24.54
N ARG O 40 -5.42 42.71 24.12
CA ARG O 40 -6.31 41.57 24.04
C ARG O 40 -6.86 41.46 22.63
N ASP O 41 -6.73 40.27 22.04
CA ASP O 41 -7.22 40.00 20.68
C ASP O 41 -6.64 41.00 19.68
N GLY O 42 -5.36 41.29 19.82
CA GLY O 42 -4.68 42.21 18.91
C GLY O 42 -4.75 43.67 19.26
N VAL O 43 -5.96 44.19 19.46
CA VAL O 43 -6.13 45.59 19.78
C VAL O 43 -5.58 45.87 21.17
N ILE O 44 -4.90 47.01 21.32
CA ILE O 44 -4.28 47.36 22.59
C ILE O 44 -5.37 47.72 23.60
N VAL O 45 -5.10 47.41 24.87
CA VAL O 45 -6.03 47.72 25.96
C VAL O 45 -5.51 48.84 26.84
N CYS O 46 -4.25 48.75 27.27
CA CYS O 46 -3.65 49.78 28.08
C CYS O 46 -2.14 49.80 27.84
N HIS O 47 -1.53 50.96 28.10
CA HIS O 47 -0.10 51.15 27.96
C HIS O 47 0.47 51.64 29.28
N GLY O 48 1.64 51.12 29.66
CA GLY O 48 2.37 51.64 30.79
C GLY O 48 1.61 51.56 32.09
N VAL O 49 0.99 50.42 32.37
CA VAL O 49 0.30 50.22 33.63
C VAL O 49 1.34 49.97 34.71
N ARG O 50 1.47 50.92 35.64
CA ARG O 50 2.28 50.70 36.83
C ARG O 50 1.77 49.47 37.59
N CYS O 51 2.69 48.60 37.97
CA CYS O 51 2.37 47.26 38.49
C CYS O 51 2.67 47.20 39.98
N PHE O 52 1.74 46.64 40.75
CA PHE O 52 1.91 46.52 42.19
C PHE O 52 1.31 45.19 42.65
N GLY O 53 1.52 44.88 43.92
CA GLY O 53 1.04 43.64 44.50
C GLY O 53 -0.37 43.72 45.05
N GLY O 54 -1.29 42.94 44.46
CA GLY O 54 -2.67 42.91 44.87
C GLY O 54 -3.60 43.79 44.05
N ILE O 55 -3.05 44.73 43.31
CA ILE O 55 -3.86 45.66 42.52
C ILE O 55 -4.00 45.10 41.11
N PRO O 56 -5.21 44.94 40.59
CA PRO O 56 -5.38 44.37 39.25
C PRO O 56 -4.74 45.24 38.18
N LEU O 57 -4.18 44.59 37.16
CA LEU O 57 -3.55 45.32 36.07
C LEU O 57 -4.59 46.08 35.26
N LEU O 58 -5.67 45.42 34.88
CA LEU O 58 -6.78 46.08 34.20
C LEU O 58 -7.67 46.68 35.28
N GLN O 59 -7.55 47.99 35.50
CA GLN O 59 -8.21 48.65 36.61
C GLN O 59 -9.64 49.07 36.29
N TYR O 60 -9.84 49.75 35.17
CA TYR O 60 -11.12 50.33 34.84
C TYR O 60 -12.08 49.29 34.30
N SER O 61 -13.37 49.49 34.57
CA SER O 61 -14.34 48.41 34.41
C SER O 61 -14.43 47.90 32.98
N ARG O 62 -14.64 48.80 32.00
CA ARG O 62 -14.79 48.31 30.64
C ARG O 62 -13.61 47.51 30.11
N GLN O 63 -12.46 47.50 30.77
CA GLN O 63 -11.39 46.64 30.28
C GLN O 63 -11.58 45.19 30.70
N TYR O 64 -12.11 44.95 31.90
CA TYR O 64 -12.35 43.60 32.39
C TYR O 64 -13.82 43.21 32.39
N ARG O 65 -14.70 44.00 31.75
CA ARG O 65 -16.09 43.62 31.67
C ARG O 65 -16.53 43.51 30.22
N PRO O 66 -17.41 42.54 29.91
CA PRO O 66 -17.99 41.53 30.80
C PRO O 66 -17.14 40.28 30.92
N ASP O 67 -16.92 39.83 32.16
CA ASP O 67 -16.28 38.54 32.48
C ASP O 67 -14.98 38.31 31.73
N TYR O 68 -14.29 39.39 31.35
CA TYR O 68 -13.03 39.23 30.62
C TYR O 68 -11.92 38.68 31.51
N GLY O 69 -11.94 39.00 32.80
CA GLY O 69 -10.90 38.58 33.72
C GLY O 69 -9.91 39.70 33.99
N ASN O 70 -8.89 39.36 34.77
CA ASN O 70 -7.87 40.33 35.14
C ASN O 70 -6.59 39.59 35.52
N PHE O 71 -5.53 40.36 35.72
CA PHE O 71 -4.23 39.85 36.11
C PHE O 71 -3.80 40.53 37.40
N VAL O 72 -3.26 39.73 38.33
CA VAL O 72 -2.89 40.21 39.66
C VAL O 72 -1.47 39.76 39.98
N PHE O 73 -0.69 40.64 40.58
CA PHE O 73 0.63 40.32 41.07
C PHE O 73 0.55 40.00 42.56
N ASP O 74 1.15 38.88 42.97
CA ASP O 74 1.15 38.53 44.39
C ASP O 74 1.92 39.56 45.21
N ARG O 75 3.07 40.01 44.71
CA ARG O 75 3.90 41.00 45.36
C ARG O 75 4.18 42.12 44.37
N ASP O 76 4.92 43.13 44.83
CA ASP O 76 5.36 44.19 43.93
C ASP O 76 6.24 43.61 42.83
N ALA O 77 5.98 44.01 41.59
CA ALA O 77 6.66 43.42 40.44
C ALA O 77 8.15 43.68 40.50
N ASP O 78 8.95 42.66 40.19
CA ASP O 78 10.40 42.76 40.22
C ASP O 78 10.94 41.64 39.35
N TRP O 79 11.53 41.98 38.20
CA TRP O 79 11.94 40.95 37.24
C TRP O 79 13.09 40.10 37.76
N THR O 80 13.84 40.56 38.76
CA THR O 80 14.93 39.75 39.28
C THR O 80 14.42 38.51 39.99
N LEU O 81 13.22 38.57 40.57
CA LEU O 81 12.64 37.44 41.28
C LEU O 81 11.49 36.81 40.52
N PHE O 82 11.37 37.08 39.22
CA PHE O 82 10.31 36.49 38.43
C PHE O 82 10.49 34.99 38.30
N GLY O 83 9.40 34.26 38.36
CA GLY O 83 9.43 32.80 38.28
C GLY O 83 9.58 32.10 39.62
N ASP O 84 10.50 32.58 40.46
CA ASP O 84 10.75 32.00 41.77
C ASP O 84 10.63 33.10 42.81
N GLY O 85 9.41 33.31 43.31
CA GLY O 85 9.17 34.32 44.33
C GLY O 85 8.03 35.25 44.00
N ILE O 86 7.89 35.60 42.72
CA ILE O 86 6.82 36.47 42.25
C ILE O 86 6.14 35.81 41.07
N ASN O 87 4.82 35.70 41.13
CA ASN O 87 4.04 35.12 40.04
C ASN O 87 2.87 36.03 39.70
N LEU O 88 2.49 36.02 38.43
CA LEU O 88 1.33 36.75 37.94
C LEU O 88 0.20 35.77 37.71
N PHE O 89 -0.98 36.08 38.25
CA PHE O 89 -2.11 35.17 38.23
C PHE O 89 -3.25 35.77 37.42
N TYR O 90 -3.90 34.94 36.62
CA TYR O 90 -5.04 35.35 35.80
C TYR O 90 -6.33 34.84 36.41
N LEU O 91 -7.30 35.72 36.58
CA LEU O 91 -8.61 35.38 37.12
C LEU O 91 -9.67 35.61 36.05
N ASP O 92 -10.59 34.65 35.93
CA ASP O 92 -11.69 34.79 34.97
C ASP O 92 -12.72 35.75 35.54
N GLY O 93 -13.89 35.85 34.90
CA GLY O 93 -14.87 36.82 35.34
C GLY O 93 -15.36 36.58 36.76
N ALA O 94 -15.73 35.33 37.06
CA ALA O 94 -16.25 35.02 38.39
C ALA O 94 -15.17 35.16 39.46
N GLU O 95 -13.97 34.65 39.19
CA GLU O 95 -12.90 34.73 40.16
C GLU O 95 -12.51 36.19 40.43
N PHE O 96 -12.43 37.00 39.38
CA PHE O 96 -12.11 38.41 39.58
C PHE O 96 -13.22 39.15 40.29
N ALA O 97 -14.49 38.78 40.05
CA ALA O 97 -15.57 39.40 40.80
C ALA O 97 -15.47 39.07 42.28
N GLU O 98 -15.17 37.81 42.60
CA GLU O 98 -15.03 37.43 44.01
C GLU O 98 -13.83 38.12 44.64
N TYR O 99 -12.73 38.24 43.90
CA TYR O 99 -11.56 38.98 44.41
C TYR O 99 -11.88 40.45 44.63
N GLN O 100 -12.61 41.07 43.71
CA GLN O 100 -12.99 42.47 43.88
C GLN O 100 -13.90 42.65 45.08
N ALA O 101 -14.85 41.75 45.27
CA ALA O 101 -15.72 41.83 46.44
C ALA O 101 -14.90 41.68 47.72
N LEU O 102 -13.89 40.82 47.69
CA LEU O 102 -13.03 40.65 48.86
C LEU O 102 -12.21 41.90 49.13
N ALA O 103 -11.68 42.53 48.09
CA ALA O 103 -10.76 43.65 48.25
C ALA O 103 -11.46 45.00 48.35
N THR O 104 -12.77 45.06 48.16
CA THR O 104 -13.51 46.31 48.32
C THR O 104 -13.96 46.56 49.75
N ARG O 105 -13.65 45.66 50.68
CA ARG O 105 -14.03 45.80 52.08
C ARG O 105 -12.86 45.46 53.01
N LYS O 106 -11.64 45.77 52.59
CA LYS O 106 -10.48 45.30 53.34
C LYS O 106 -10.49 45.81 54.77
N MET P 2 55.47 -25.06 -8.01
CA MET P 2 55.37 -26.02 -6.91
C MET P 2 55.66 -27.44 -7.38
N LEU P 3 55.82 -28.37 -6.45
CA LEU P 3 55.97 -29.75 -6.86
C LEU P 3 54.62 -30.31 -7.30
N GLY P 4 54.66 -31.49 -7.90
CA GLY P 4 53.48 -32.22 -8.31
C GLY P 4 53.78 -33.01 -9.56
N ILE P 5 54.74 -32.49 -10.34
CA ILE P 5 55.00 -32.96 -11.69
C ILE P 5 56.51 -33.01 -11.92
N PHE P 6 57.03 -34.21 -12.19
CA PHE P 6 58.40 -34.39 -12.64
C PHE P 6 58.47 -34.24 -14.15
N THR P 7 58.79 -33.02 -14.59
CA THR P 7 58.96 -32.76 -16.01
C THR P 7 60.13 -33.56 -16.58
N SER P 8 61.23 -33.66 -15.83
CA SER P 8 62.46 -34.28 -16.31
C SER P 8 62.89 -33.66 -17.64
N LEU P 9 62.68 -32.35 -17.75
CA LEU P 9 62.95 -31.59 -18.96
C LEU P 9 63.66 -30.31 -18.56
N LEU P 10 64.79 -30.02 -19.20
CA LEU P 10 65.59 -28.87 -18.84
C LEU P 10 65.21 -27.62 -19.62
N SER P 11 64.07 -27.64 -20.31
CA SER P 11 63.61 -26.49 -21.07
C SER P 11 62.11 -26.25 -20.92
N SER P 12 61.57 -26.42 -19.71
CA SER P 12 60.14 -26.24 -19.52
C SER P 12 59.76 -24.76 -19.50
N ARG P 13 58.61 -24.44 -20.06
CA ARG P 13 58.11 -23.07 -20.12
C ARG P 13 57.15 -22.82 -18.97
N SER P 14 57.32 -21.70 -18.29
CA SER P 14 56.48 -21.40 -17.14
C SER P 14 55.14 -20.81 -17.56
N PHE P 15 55.16 -19.64 -18.18
CA PHE P 15 53.95 -18.88 -18.44
C PHE P 15 53.48 -19.10 -19.86
N SER P 16 52.18 -19.31 -20.02
CA SER P 16 51.60 -19.43 -21.36
C SER P 16 50.23 -18.77 -21.38
N ILE P 17 50.00 -17.93 -22.39
CA ILE P 17 48.67 -17.42 -22.67
C ILE P 17 48.19 -18.07 -23.96
N VAL P 18 47.50 -19.19 -23.84
CA VAL P 18 47.05 -19.96 -25.00
C VAL P 18 45.64 -19.50 -25.35
N ASP P 19 45.46 -19.01 -26.56
CA ASP P 19 44.12 -18.66 -27.01
C ASP P 19 43.26 -19.91 -27.05
N GLN P 20 42.11 -19.86 -26.37
CA GLN P 20 41.29 -21.07 -26.21
C GLN P 20 40.81 -21.58 -27.56
N ASN P 21 40.33 -20.69 -28.42
CA ASN P 21 40.04 -21.07 -29.79
C ASN P 21 41.31 -20.96 -30.62
N THR P 22 41.47 -21.89 -31.57
CA THR P 22 42.61 -22.04 -32.46
C THR P 22 43.84 -22.57 -31.74
N ASN P 23 43.79 -22.63 -30.40
CA ASN P 23 44.82 -23.23 -29.57
C ASN P 23 46.22 -22.78 -30.01
N GLN P 24 46.47 -21.49 -29.88
CA GLN P 24 47.73 -20.89 -30.30
C GLN P 24 48.34 -20.08 -29.18
N LEU P 25 49.67 -20.12 -29.09
CA LEU P 25 50.38 -19.27 -28.15
C LEU P 25 50.20 -17.81 -28.54
N VAL P 26 50.09 -16.95 -27.53
CA VAL P 26 49.90 -15.52 -27.73
C VAL P 26 50.90 -14.77 -26.89
N ALA P 27 51.57 -13.79 -27.48
CA ALA P 27 52.62 -13.01 -26.82
C ALA P 27 53.63 -13.95 -26.16
N ALA P 28 54.25 -14.79 -27.00
CA ALA P 28 55.15 -15.83 -26.54
C ALA P 28 56.51 -15.30 -26.17
N ASP P 29 56.62 -13.98 -25.97
CA ASP P 29 57.91 -13.35 -25.71
C ASP P 29 57.94 -12.52 -24.44
N LEU P 30 56.80 -12.20 -23.84
CA LEU P 30 56.75 -11.42 -22.60
C LEU P 30 57.70 -11.99 -21.56
N ARG P 31 58.41 -11.11 -20.85
CA ARG P 31 59.29 -11.54 -19.77
C ARG P 31 58.55 -11.32 -18.46
N ILE P 32 57.94 -12.38 -17.95
CA ILE P 32 57.13 -12.27 -16.74
C ILE P 32 58.04 -12.05 -15.53
N SER P 33 57.49 -11.39 -14.50
CA SER P 33 58.28 -11.08 -13.32
C SER P 33 57.53 -11.46 -12.04
N ARG P 34 56.20 -11.47 -12.07
CA ARG P 34 55.41 -11.85 -10.91
C ARG P 34 53.97 -12.04 -11.34
N VAL P 35 53.30 -13.02 -10.72
CA VAL P 35 51.90 -13.32 -10.99
C VAL P 35 51.17 -13.48 -9.65
N ASN P 36 50.06 -12.77 -9.50
CA ASN P 36 49.19 -12.91 -8.33
C ASN P 36 47.80 -13.28 -8.80
N THR P 37 47.38 -14.52 -8.53
CA THR P 37 46.06 -15.00 -8.91
C THR P 37 45.16 -14.97 -7.68
N ARG P 38 44.57 -13.81 -7.44
CA ARG P 38 43.74 -13.64 -6.26
C ARG P 38 42.30 -14.04 -6.54
N PHE P 39 41.76 -14.90 -5.69
CA PHE P 39 40.37 -15.31 -5.73
C PHE P 39 39.52 -14.31 -4.95
N SER P 40 38.23 -14.58 -4.82
CA SER P 40 37.33 -13.73 -4.05
C SER P 40 36.00 -14.45 -3.87
N SER P 41 35.36 -14.17 -2.74
CA SER P 41 34.03 -14.68 -2.43
C SER P 41 33.46 -13.84 -1.30
N VAL P 42 32.14 -13.84 -1.21
CA VAL P 42 31.41 -12.92 -0.33
C VAL P 42 30.50 -13.72 0.59
N GLY P 43 30.52 -13.40 1.88
CA GLY P 43 29.59 -13.96 2.84
C GLY P 43 28.37 -13.07 3.02
N GLN P 44 27.36 -13.65 3.66
CA GLN P 44 26.05 -13.03 3.84
C GLN P 44 25.67 -13.01 5.31
N ARG P 45 26.57 -12.45 6.12
CA ARG P 45 26.35 -12.28 7.55
C ARG P 45 24.98 -11.68 7.83
N HIS P 46 24.17 -12.43 8.60
CA HIS P 46 22.82 -12.03 8.98
C HIS P 46 22.74 -12.15 10.50
N MET P 47 22.75 -11.01 11.18
CA MET P 47 22.44 -11.03 12.60
C MET P 47 20.99 -11.47 12.79
N LEU P 48 20.72 -12.13 13.91
CA LEU P 48 19.39 -12.71 14.10
C LEU P 48 19.03 -12.74 15.58
N GLU P 49 18.17 -11.82 16.00
CA GLU P 49 17.57 -11.83 17.34
C GLU P 49 18.62 -11.94 18.43
N ASP P 50 18.80 -13.15 18.95
CA ASP P 50 19.83 -13.41 19.94
C ASP P 50 21.21 -13.17 19.33
N GLY P 51 22.15 -12.77 20.18
CA GLY P 51 23.48 -12.47 19.69
C GLY P 51 24.08 -13.68 19.01
N LYS P 52 24.10 -13.62 17.69
CA LYS P 52 24.49 -14.69 16.78
C LYS P 52 24.42 -14.09 15.38
N THR P 53 25.03 -14.78 14.43
CA THR P 53 25.00 -14.30 13.05
C THR P 53 25.19 -15.47 12.11
N LYS P 54 24.17 -15.74 11.29
CA LYS P 54 24.22 -16.79 10.29
C LYS P 54 24.80 -16.25 9.00
N MET P 55 25.80 -16.94 8.46
CA MET P 55 26.44 -16.51 7.22
C MET P 55 25.57 -16.76 5.99
N ASP P 56 24.57 -17.62 6.09
CA ASP P 56 23.74 -18.02 4.95
C ASP P 56 24.66 -18.68 3.92
N SER P 57 24.59 -18.34 2.64
CA SER P 57 25.33 -19.02 1.60
C SER P 57 26.59 -18.22 1.23
N ARG P 58 27.28 -18.67 0.19
CA ARG P 58 28.49 -18.01 -0.29
C ARG P 58 28.46 -17.89 -1.80
N THR P 59 28.88 -16.74 -2.31
CA THR P 59 28.95 -16.49 -3.74
C THR P 59 30.40 -16.49 -4.20
N ILE P 60 30.66 -17.21 -5.30
CA ILE P 60 32.01 -17.35 -5.83
C ILE P 60 32.23 -16.24 -6.84
N HIS P 61 32.80 -15.14 -6.38
CA HIS P 61 33.13 -14.03 -7.27
C HIS P 61 34.25 -14.44 -8.24
N PRO P 62 34.32 -13.81 -9.41
CA PRO P 62 35.31 -14.22 -10.40
C PRO P 62 36.73 -13.99 -9.92
N MET P 63 37.61 -14.90 -10.32
CA MET P 63 39.03 -14.81 -10.00
C MET P 63 39.69 -13.73 -10.86
N GLU P 64 40.81 -13.20 -10.33
CA GLU P 64 41.59 -12.21 -11.06
C GLU P 64 43.05 -12.62 -11.03
N ILE P 65 43.76 -12.28 -12.10
CA ILE P 65 45.19 -12.50 -12.21
C ILE P 65 45.85 -11.16 -12.52
N ILE P 66 46.91 -10.83 -11.79
CA ILE P 66 47.72 -9.65 -12.08
C ILE P 66 49.12 -10.13 -12.41
N VAL P 67 49.57 -9.79 -13.63
CA VAL P 67 50.85 -10.23 -14.16
C VAL P 67 51.71 -8.99 -14.38
N GLU P 68 52.89 -8.96 -13.79
CA GLU P 68 53.87 -7.94 -14.09
C GLU P 68 54.82 -8.51 -15.15
N VAL P 69 55.04 -7.75 -16.22
CA VAL P 69 55.84 -8.23 -17.33
C VAL P 69 56.78 -7.12 -17.79
N PHE P 70 57.79 -7.53 -18.54
CA PHE P 70 58.60 -6.63 -19.33
C PHE P 70 58.42 -6.98 -20.79
N CYS P 71 58.07 -5.97 -21.59
CA CYS P 71 57.96 -6.12 -23.03
C CYS P 71 59.26 -5.64 -23.65
N PRO P 72 60.06 -6.52 -24.26
CA PRO P 72 61.27 -6.06 -24.93
C PRO P 72 61.07 -5.65 -26.38
N SER P 73 59.89 -5.89 -26.97
CA SER P 73 59.70 -5.62 -28.38
C SER P 73 58.38 -4.90 -28.63
N ILE P 74 58.41 -4.05 -29.65
CA ILE P 74 57.26 -3.25 -30.04
C ILE P 74 56.14 -4.14 -30.55
N ASP P 75 56.48 -5.22 -31.25
CA ASP P 75 55.44 -6.16 -31.68
C ASP P 75 54.77 -6.81 -30.48
N VAL P 76 55.52 -7.04 -29.39
CA VAL P 76 54.91 -7.56 -28.17
C VAL P 76 53.98 -6.52 -27.56
N VAL P 77 54.39 -5.25 -27.55
CA VAL P 77 53.50 -4.20 -27.04
C VAL P 77 52.22 -4.14 -27.86
N ASP P 78 52.33 -4.23 -29.18
CA ASP P 78 51.15 -4.23 -30.05
C ASP P 78 50.29 -5.46 -29.79
N GLN P 79 50.91 -6.62 -29.57
CA GLN P 79 50.15 -7.82 -29.26
C GLN P 79 49.36 -7.66 -27.96
N ILE P 80 49.99 -7.05 -26.95
CA ILE P 80 49.29 -6.83 -25.68
C ILE P 80 48.12 -5.87 -25.86
N ASN P 81 48.34 -4.81 -26.64
CA ASN P 81 47.23 -3.90 -26.95
C ASN P 81 46.11 -4.63 -27.68
N GLN P 82 46.46 -5.55 -28.58
CA GLN P 82 45.46 -6.35 -29.27
C GLN P 82 44.70 -7.25 -28.30
N LEU P 83 45.41 -7.81 -27.32
CA LEU P 83 44.73 -8.59 -26.29
C LEU P 83 43.71 -7.74 -25.54
N LEU P 84 44.10 -6.53 -25.17
CA LEU P 84 43.18 -5.65 -24.45
C LEU P 84 41.98 -5.31 -25.33
N LEU P 85 42.21 -5.07 -26.61
CA LEU P 85 41.15 -4.72 -27.54
C LEU P 85 40.41 -5.94 -28.08
N ASP P 86 40.79 -7.14 -27.66
CA ASP P 86 40.20 -8.38 -28.16
C ASP P 86 39.01 -8.73 -27.28
N ARG P 87 37.80 -8.51 -27.79
CA ARG P 87 36.58 -8.74 -27.04
C ARG P 87 35.92 -10.07 -27.37
N ASP P 88 36.51 -10.86 -28.25
CA ASP P 88 35.81 -12.01 -28.80
C ASP P 88 36.52 -13.34 -28.58
N THR P 89 37.63 -13.36 -27.86
CA THR P 89 38.35 -14.60 -27.58
C THR P 89 38.66 -14.66 -26.09
N LEU P 90 38.53 -15.85 -25.53
CA LEU P 90 38.91 -16.10 -24.15
C LEU P 90 40.25 -16.82 -24.14
N TYR P 91 41.18 -16.34 -23.32
CA TYR P 91 42.50 -16.93 -23.23
C TYR P 91 42.59 -17.85 -22.02
N LYS P 92 43.60 -18.71 -22.04
CA LYS P 92 43.87 -19.64 -20.96
C LYS P 92 45.28 -19.36 -20.46
N VAL P 93 45.41 -19.05 -19.18
CA VAL P 93 46.66 -18.65 -18.57
C VAL P 93 47.21 -19.81 -17.76
N ILE P 94 48.46 -20.18 -18.02
CA ILE P 94 49.14 -21.25 -17.32
C ILE P 94 50.39 -20.65 -16.70
N THR P 95 50.35 -20.38 -15.40
CA THR P 95 51.45 -19.70 -14.72
C THR P 95 52.56 -20.68 -14.32
N ARG P 96 52.24 -21.61 -13.41
CA ARG P 96 53.17 -22.65 -12.97
C ARG P 96 52.32 -23.85 -12.58
N GLY P 97 52.06 -24.74 -13.53
CA GLY P 97 51.20 -25.88 -13.26
C GLY P 97 49.82 -25.50 -12.75
N MET P 98 49.35 -24.30 -13.06
CA MET P 98 48.06 -23.79 -12.60
C MET P 98 47.34 -23.19 -13.79
N VAL P 99 46.29 -23.87 -14.26
CA VAL P 99 45.62 -23.54 -15.51
C VAL P 99 44.32 -22.81 -15.20
N PHE P 100 44.10 -21.69 -15.86
CA PHE P 100 42.89 -20.89 -15.70
C PHE P 100 42.33 -20.57 -17.08
N GLU P 101 41.21 -21.19 -17.42
CA GLU P 101 40.57 -20.95 -18.71
C GLU P 101 39.57 -19.80 -18.57
N ARG P 102 39.02 -19.40 -19.72
CA ARG P 102 38.01 -18.34 -19.78
C ARG P 102 38.52 -17.05 -19.14
N MET P 103 39.71 -16.64 -19.56
CA MET P 103 40.36 -15.44 -19.02
C MET P 103 40.28 -14.33 -20.04
N MET P 104 39.84 -13.15 -19.60
CA MET P 104 39.83 -11.98 -20.48
C MET P 104 40.52 -10.80 -19.80
N CYS P 105 41.26 -10.05 -20.61
CA CYS P 105 42.05 -8.94 -20.09
C CYS P 105 41.14 -7.81 -19.62
N THR P 106 41.14 -7.56 -18.32
CA THR P 106 40.44 -6.44 -17.72
C THR P 106 41.20 -5.13 -17.84
N SER P 107 42.51 -5.13 -17.56
CA SER P 107 43.24 -3.87 -17.57
C SER P 107 44.69 -4.11 -17.96
N GLU P 108 45.35 -3.01 -18.34
CA GLU P 108 46.75 -3.05 -18.74
C GLU P 108 47.35 -1.67 -18.56
N ALA P 109 48.57 -1.62 -18.05
CA ALA P 109 49.26 -0.36 -17.80
C ALA P 109 50.70 -0.51 -18.27
N LEU P 110 51.06 0.22 -19.32
CA LEU P 110 52.45 0.35 -19.73
C LEU P 110 53.13 1.44 -18.92
N ASN P 111 54.45 1.30 -18.75
CA ASN P 111 55.24 2.28 -18.01
C ASN P 111 56.54 2.50 -18.76
N GLN P 112 56.81 3.75 -19.12
CA GLN P 112 58.03 4.12 -19.82
C GLN P 112 58.80 5.11 -18.95
N THR P 113 59.95 4.69 -18.47
CA THR P 113 60.73 5.41 -17.49
C THR P 113 62.19 5.47 -17.92
N PRO P 114 62.98 6.40 -17.38
CA PRO P 114 64.42 6.40 -17.66
C PRO P 114 65.15 5.22 -17.05
N ASP P 115 64.51 4.42 -16.21
CA ASP P 115 65.13 3.20 -15.69
C ASP P 115 65.13 2.07 -16.70
N MET P 116 64.36 2.19 -17.78
CA MET P 116 64.26 1.14 -18.80
C MET P 116 64.05 1.84 -20.14
N ILE P 117 65.15 2.05 -20.87
CA ILE P 117 65.04 2.74 -22.15
C ILE P 117 64.72 1.76 -23.28
N SER P 118 65.24 0.54 -23.22
CA SER P 118 65.02 -0.42 -24.29
C SER P 118 63.66 -1.10 -24.18
N ALA P 119 63.31 -1.59 -22.99
CA ALA P 119 62.08 -2.33 -22.77
C ALA P 119 61.06 -1.47 -22.02
N THR P 120 59.84 -1.98 -21.93
CA THR P 120 58.76 -1.28 -21.22
C THR P 120 58.11 -2.24 -20.23
N PRO P 121 58.10 -1.92 -18.94
CA PRO P 121 57.30 -2.73 -18.01
C PRO P 121 55.81 -2.52 -18.25
N ALA P 122 55.05 -3.58 -17.97
CA ALA P 122 53.61 -3.55 -18.13
C ALA P 122 52.99 -4.35 -17.01
N ARG P 123 51.74 -4.01 -16.67
CA ARG P 123 51.00 -4.69 -15.62
C ARG P 123 49.67 -5.15 -16.19
N LEU P 124 49.66 -6.35 -16.75
CA LEU P 124 48.42 -6.94 -17.23
C LEU P 124 47.57 -7.39 -16.05
N THR P 125 46.25 -7.28 -16.20
CA THR P 125 45.32 -7.84 -15.25
C THR P 125 44.20 -8.50 -16.03
N PHE P 126 44.03 -9.81 -15.83
CA PHE P 126 42.94 -10.58 -16.40
C PHE P 126 41.91 -10.89 -15.32
N SER P 127 40.68 -11.14 -15.78
CA SER P 127 39.62 -11.60 -14.91
C SER P 127 38.93 -12.78 -15.57
N GLN P 128 38.41 -13.70 -14.76
CA GLN P 128 37.75 -14.86 -15.32
C GLN P 128 36.30 -14.54 -15.67
N VAL P 129 35.83 -15.14 -16.77
CA VAL P 129 34.45 -15.01 -17.21
C VAL P 129 33.64 -16.12 -16.57
N LEU P 130 32.75 -15.75 -15.66
CA LEU P 130 31.91 -16.74 -15.00
C LEU P 130 30.90 -17.32 -15.98
N VAL P 131 30.68 -18.62 -15.89
CA VAL P 131 29.68 -19.30 -16.68
C VAL P 131 28.82 -20.16 -15.77
N GLN P 132 27.59 -20.41 -16.19
CA GLN P 132 26.69 -21.25 -15.41
C GLN P 132 27.22 -22.67 -15.30
N ASN P 133 27.66 -23.24 -16.43
CA ASN P 133 28.15 -24.62 -16.47
C ASN P 133 29.61 -24.62 -16.88
N PRO P 134 30.54 -24.79 -15.94
CA PRO P 134 31.96 -24.85 -16.32
C PRO P 134 32.28 -26.00 -17.25
N LYS P 135 31.54 -27.10 -17.18
CA LYS P 135 31.77 -28.26 -18.04
C LYS P 135 30.58 -28.44 -18.97
N PRO P 136 30.65 -27.93 -20.20
CA PRO P 136 29.53 -28.09 -21.13
C PRO P 136 29.47 -29.48 -21.74
N ILE P 137 28.27 -29.85 -22.19
CA ILE P 137 28.02 -31.13 -22.84
C ILE P 137 27.76 -30.86 -24.32
N MET P 138 28.48 -31.57 -25.18
CA MET P 138 28.39 -31.38 -26.62
C MET P 138 28.12 -32.72 -27.30
N PHE P 139 27.96 -32.69 -28.62
CA PHE P 139 27.67 -33.89 -29.40
C PHE P 139 28.56 -33.93 -30.65
N ARG P 140 28.90 -35.14 -31.06
CA ARG P 140 29.91 -35.30 -32.12
C ARG P 140 29.31 -34.99 -33.49
N ASN P 141 28.32 -35.77 -33.92
CA ASN P 141 27.78 -35.68 -35.26
C ASN P 141 26.79 -34.54 -35.35
N ALA P 142 26.75 -33.88 -36.52
CA ALA P 142 26.03 -32.62 -36.66
C ALA P 142 24.52 -32.79 -36.80
N GLY P 143 23.97 -33.96 -36.49
CA GLY P 143 22.53 -34.15 -36.61
C GLY P 143 21.74 -33.79 -35.36
N ASP P 144 22.34 -33.98 -34.19
CA ASP P 144 21.59 -34.21 -32.96
C ASP P 144 21.71 -33.08 -31.93
N SER P 145 21.51 -31.83 -32.35
CA SER P 145 21.45 -30.74 -31.39
C SER P 145 20.23 -30.88 -30.48
N SER P 146 20.27 -30.17 -29.36
CA SER P 146 19.05 -29.67 -28.76
C SER P 146 18.58 -28.48 -29.58
N MET P 147 17.29 -28.19 -29.54
CA MET P 147 16.73 -27.13 -30.37
C MET P 147 16.74 -25.81 -29.62
N ILE P 148 17.11 -24.74 -30.33
CA ILE P 148 17.03 -23.38 -29.82
C ILE P 148 15.90 -22.67 -30.55
N ASP P 149 15.05 -21.98 -29.80
CA ASP P 149 13.92 -21.27 -30.38
C ASP P 149 14.26 -19.81 -30.57
N ARG P 150 13.76 -19.23 -31.65
CA ARG P 150 14.06 -17.85 -32.01
C ARG P 150 13.03 -16.85 -31.50
N GLY P 151 11.92 -17.31 -30.91
CA GLY P 151 10.89 -16.41 -30.47
C GLY P 151 10.19 -15.74 -31.65
N LEU P 152 9.44 -14.69 -31.33
CA LEU P 152 8.73 -13.94 -32.36
C LEU P 152 9.74 -13.23 -33.27
N ALA P 153 9.50 -13.30 -34.57
CA ALA P 153 10.47 -12.82 -35.55
C ALA P 153 10.05 -11.57 -36.30
N LEU P 154 8.75 -11.38 -36.53
CA LEU P 154 8.26 -10.29 -37.38
C LEU P 154 8.88 -10.38 -38.77
N ALA P 155 8.46 -11.43 -39.48
CA ALA P 155 8.97 -11.71 -40.82
C ALA P 155 9.03 -10.45 -41.66
N GLU P 156 10.20 -10.17 -42.21
CA GLU P 156 10.41 -8.98 -43.02
C GLU P 156 9.74 -9.14 -44.38
N ASP P 157 9.92 -8.12 -45.23
CA ASP P 157 9.17 -8.00 -46.46
C ASP P 157 10.09 -8.09 -47.66
N VAL P 158 9.66 -8.84 -48.68
CA VAL P 158 10.32 -8.89 -49.98
C VAL P 158 9.24 -8.75 -51.05
N VAL P 159 9.65 -8.33 -52.24
CA VAL P 159 8.74 -8.12 -53.37
C VAL P 159 9.28 -8.87 -54.58
N GLY P 160 8.77 -10.08 -54.81
CA GLY P 160 9.18 -10.83 -55.97
C GLY P 160 8.06 -11.52 -56.73
N SER P 161 6.86 -11.57 -56.15
CA SER P 161 5.76 -12.36 -56.68
C SER P 161 6.13 -13.83 -56.72
N ALA P 162 5.20 -14.70 -57.12
CA ALA P 162 5.51 -16.12 -57.19
C ALA P 162 6.17 -16.50 -58.52
N GLY P 163 6.09 -15.64 -59.53
CA GLY P 163 6.73 -15.97 -60.80
C GLY P 163 8.24 -16.07 -60.69
N ASP P 164 8.87 -15.12 -60.01
CA ASP P 164 10.31 -15.18 -59.83
C ASP P 164 10.70 -16.37 -58.97
N LEU P 165 9.91 -16.68 -57.95
CA LEU P 165 10.19 -17.85 -57.12
C LEU P 165 10.10 -19.13 -57.93
N PHE P 166 9.09 -19.23 -58.80
CA PHE P 166 9.00 -20.39 -59.68
C PHE P 166 10.21 -20.49 -60.60
N ASP P 167 10.60 -19.37 -61.21
CA ASP P 167 11.75 -19.43 -62.11
C ASP P 167 13.01 -19.83 -61.36
N TYR P 168 13.16 -19.34 -60.13
CA TYR P 168 14.29 -19.73 -59.29
C TYR P 168 14.28 -21.22 -59.02
N ALA P 169 13.12 -21.78 -58.68
CA ALA P 169 13.03 -23.21 -58.44
C ALA P 169 13.23 -24.02 -59.71
N VAL P 170 12.83 -23.48 -60.85
CA VAL P 170 13.02 -24.15 -62.13
C VAL P 170 14.50 -24.24 -62.47
N ASN P 171 15.24 -23.15 -62.28
CA ASN P 171 16.67 -23.16 -62.55
C ASN P 171 17.41 -24.14 -61.65
N MET Q 2 49.82 8.89 35.59
CA MET Q 2 50.04 10.29 35.96
C MET Q 2 50.01 10.43 37.47
N LEU Q 3 50.44 11.59 37.97
CA LEU Q 3 50.43 11.84 39.40
C LEU Q 3 49.07 12.41 39.83
N GLY Q 4 48.83 12.34 41.14
CA GLY Q 4 47.61 12.79 41.78
C GLY Q 4 47.43 12.01 43.06
N ILE Q 5 48.05 10.83 43.09
CA ILE Q 5 47.91 9.88 44.19
C ILE Q 5 49.31 9.39 44.59
N PHE Q 6 49.66 9.57 45.87
CA PHE Q 6 50.90 9.01 46.42
C PHE Q 6 50.59 7.72 47.18
N THR Q 7 50.54 6.63 46.42
CA THR Q 7 50.28 5.31 46.98
C THR Q 7 51.30 4.93 48.04
N SER Q 8 52.56 5.27 47.83
CA SER Q 8 53.66 4.86 48.73
C SER Q 8 53.66 3.35 48.94
N LEU Q 9 53.45 2.61 47.86
CA LEU Q 9 53.38 1.16 47.90
C LEU Q 9 54.11 0.62 46.68
N LEU Q 10 54.97 -0.38 46.89
CA LEU Q 10 55.86 -0.87 45.85
C LEU Q 10 55.29 -2.08 45.11
N SER Q 11 53.97 -2.31 45.20
CA SER Q 11 53.36 -3.45 44.53
C SER Q 11 52.02 -3.08 43.90
N SER Q 12 51.82 -1.81 43.59
CA SER Q 12 50.54 -1.36 43.04
C SER Q 12 50.34 -1.90 41.64
N ARG Q 13 49.16 -2.48 41.39
CA ARG Q 13 48.84 -3.02 40.07
C ARG Q 13 48.25 -1.91 39.22
N SER Q 14 48.68 -1.85 37.96
CA SER Q 14 48.28 -0.75 37.08
C SER Q 14 46.92 -1.00 36.45
N PHE Q 15 46.81 -2.06 35.65
CA PHE Q 15 45.60 -2.33 34.90
C PHE Q 15 44.66 -3.20 35.71
N SER Q 16 43.36 -2.99 35.53
CA SER Q 16 42.36 -3.80 36.23
C SER Q 16 41.06 -3.78 35.45
N ILE Q 17 40.61 -4.95 35.01
CA ILE Q 17 39.30 -5.10 34.39
C ILE Q 17 38.40 -5.76 35.42
N VAL Q 18 37.56 -4.97 36.07
CA VAL Q 18 36.69 -5.44 37.14
C VAL Q 18 35.29 -5.63 36.59
N ASP Q 19 34.73 -6.81 36.77
CA ASP Q 19 33.33 -7.01 36.42
C ASP Q 19 32.46 -6.19 37.35
N GLN Q 20 31.61 -5.33 36.78
CA GLN Q 20 30.85 -4.39 37.61
C GLN Q 20 29.94 -5.11 38.58
N ASN Q 21 29.24 -6.14 38.12
CA ASN Q 21 28.50 -7.03 39.01
C ASN Q 21 29.43 -8.10 39.55
N THR Q 22 29.23 -8.46 40.82
CA THR Q 22 30.03 -9.41 41.59
C THR Q 22 31.39 -8.83 41.97
N ASN Q 23 31.76 -7.69 41.38
CA ASN Q 23 32.98 -6.95 41.71
C ASN Q 23 34.16 -7.92 41.81
N GLN Q 24 34.54 -8.44 40.64
CA GLN Q 24 35.58 -9.45 40.53
C GLN Q 24 36.56 -9.10 39.42
N LEU Q 25 37.84 -9.35 39.67
CA LEU Q 25 38.83 -9.26 38.62
C LEU Q 25 38.61 -10.33 37.56
N VAL Q 26 38.89 -9.98 36.31
CA VAL Q 26 38.78 -10.92 35.21
C VAL Q 26 39.98 -10.73 34.29
N ALA Q 27 40.49 -11.82 33.74
CA ALA Q 27 41.69 -11.82 32.91
C ALA Q 27 42.85 -11.13 33.63
N ALA Q 28 43.17 -11.69 34.80
CA ALA Q 28 44.16 -11.07 35.69
C ALA Q 28 45.60 -11.34 35.25
N ASP Q 29 45.82 -12.16 34.24
CA ASP Q 29 47.16 -12.49 33.79
C ASP Q 29 47.55 -11.80 32.49
N LEU Q 30 46.74 -10.86 32.03
CA LEU Q 30 47.08 -10.12 30.81
C LEU Q 30 48.34 -9.28 31.03
N ARG Q 31 49.22 -9.25 30.03
CA ARG Q 31 50.42 -8.43 30.09
C ARG Q 31 50.18 -7.24 29.16
N ILE Q 32 49.62 -6.17 29.71
CA ILE Q 32 49.25 -5.02 28.90
C ILE Q 32 50.51 -4.33 28.37
N SER Q 33 50.40 -3.71 27.21
CA SER Q 33 51.53 -3.05 26.58
C SER Q 33 51.25 -1.59 26.24
N ARG Q 34 50.04 -1.26 25.84
CA ARG Q 34 49.69 0.12 25.53
C ARG Q 34 48.17 0.25 25.56
N VAL Q 35 47.69 1.42 25.96
CA VAL Q 35 46.25 1.68 26.10
C VAL Q 35 45.95 3.05 25.51
N ASN Q 36 44.94 3.09 24.63
CA ASN Q 36 44.51 4.32 23.97
C ASN Q 36 43.03 4.54 24.28
N THR Q 37 42.75 5.48 25.17
CA THR Q 37 41.38 5.78 25.59
C THR Q 37 40.90 7.02 24.83
N ARG Q 38 40.48 6.80 23.58
CA ARG Q 38 40.08 7.91 22.73
C ARG Q 38 38.60 8.26 22.93
N PHE Q 39 38.36 9.54 23.15
CA PHE Q 39 37.01 10.07 23.28
C PHE Q 39 36.48 10.42 21.89
N SER Q 40 35.28 10.99 21.82
CA SER Q 40 34.73 11.44 20.54
C SER Q 40 33.50 12.30 20.81
N SER Q 41 33.28 13.25 19.91
CA SER Q 41 32.08 14.10 19.92
C SER Q 41 32.02 14.81 18.58
N VAL Q 42 30.81 15.25 18.22
CA VAL Q 42 30.53 15.81 16.90
C VAL Q 42 29.89 17.17 17.06
N GLY Q 43 30.34 18.14 16.25
CA GLY Q 43 29.69 19.43 16.19
C GLY Q 43 28.64 19.49 15.09
N GLN Q 44 27.87 20.58 15.11
CA GLN Q 44 26.73 20.77 14.22
C GLN Q 44 26.86 22.06 13.45
N ARG Q 45 28.01 22.23 12.80
CA ARG Q 45 28.31 23.39 11.97
C ARG Q 45 27.15 23.69 11.02
N HIS Q 46 26.62 24.90 11.12
CA HIS Q 46 25.46 25.35 10.37
C HIS Q 46 25.82 26.68 9.70
N MET Q 47 26.17 26.64 8.42
CA MET Q 47 26.35 27.88 7.68
C MET Q 47 25.01 28.59 7.55
N LEU Q 48 25.07 29.93 7.60
CA LEU Q 48 23.82 30.68 7.65
C LEU Q 48 24.00 32.05 7.01
N GLU Q 49 23.32 32.25 5.87
CA GLU Q 49 23.19 33.56 5.24
C GLU Q 49 24.54 34.23 5.03
N ASP Q 50 24.87 35.18 5.90
CA ASP Q 50 26.16 35.86 5.86
C ASP Q 50 27.28 34.86 6.10
N GLY Q 51 28.47 35.18 5.60
CA GLY Q 51 29.59 34.27 5.76
C GLY Q 51 29.86 34.02 7.23
N LYS Q 52 29.45 32.85 7.70
CA LYS Q 52 29.40 32.54 9.12
C LYS Q 52 28.91 31.11 9.27
N THR Q 53 29.18 30.51 10.43
CA THR Q 53 28.77 29.13 10.70
C THR Q 53 28.57 28.96 12.20
N LYS Q 54 27.33 28.73 12.60
CA LYS Q 54 27.00 28.47 14.01
C LYS Q 54 27.11 26.98 14.31
N MET Q 55 27.90 26.63 15.32
CA MET Q 55 28.14 25.22 15.60
C MET Q 55 26.99 24.54 16.34
N ASP Q 56 26.02 25.30 16.83
CA ASP Q 56 24.84 24.77 17.52
C ASP Q 56 25.31 24.07 18.80
N SER Q 57 24.90 22.84 19.08
CA SER Q 57 25.25 22.14 20.31
C SER Q 57 26.24 21.02 20.01
N ARG Q 58 26.53 20.23 21.04
CA ARG Q 58 27.51 19.15 20.95
C ARG Q 58 26.93 17.86 21.53
N THR Q 59 27.11 16.77 20.80
CA THR Q 59 26.69 15.44 21.27
C THR Q 59 27.92 14.61 21.59
N ILE Q 60 27.91 13.98 22.75
CA ILE Q 60 29.06 13.23 23.24
C ILE Q 60 28.94 11.79 22.75
N HIS Q 61 29.75 11.43 21.76
CA HIS Q 61 29.80 10.07 21.28
C HIS Q 61 30.47 9.17 22.32
N PRO Q 62 30.18 7.87 22.29
CA PRO Q 62 30.72 6.98 23.33
C PRO Q 62 32.23 6.86 23.27
N MET Q 63 32.81 6.66 24.45
CA MET Q 63 34.25 6.44 24.59
C MET Q 63 34.66 5.14 23.91
N GLU Q 64 35.83 5.14 23.28
CA GLU Q 64 36.46 3.93 22.79
C GLU Q 64 37.79 3.77 23.51
N ILE Q 65 38.15 2.54 23.86
CA ILE Q 65 39.43 2.26 24.49
C ILE Q 65 40.03 1.03 23.83
N ILE Q 66 41.28 1.13 23.40
CA ILE Q 66 41.96 0.06 22.71
C ILE Q 66 43.15 -0.36 23.54
N VAL Q 67 43.21 -1.64 23.89
CA VAL Q 67 44.24 -2.19 24.75
C VAL Q 67 45.05 -3.21 23.95
N GLU Q 68 46.34 -2.97 23.80
CA GLU Q 68 47.24 -3.96 23.25
C GLU Q 68 47.82 -4.75 24.40
N VAL Q 69 47.94 -6.07 24.25
CA VAL Q 69 48.26 -6.95 25.35
C VAL Q 69 48.95 -8.19 24.83
N PHE Q 70 49.65 -8.89 25.72
CA PHE Q 70 50.12 -10.24 25.46
C PHE Q 70 49.42 -11.19 26.41
N CYS Q 71 48.78 -12.21 25.85
CA CYS Q 71 48.20 -13.29 26.63
C CYS Q 71 49.25 -14.38 26.79
N PRO Q 72 49.70 -14.67 28.02
CA PRO Q 72 50.72 -15.70 28.20
C PRO Q 72 50.17 -17.12 28.20
N SER Q 73 48.88 -17.33 28.47
CA SER Q 73 48.39 -18.69 28.66
C SER Q 73 47.03 -18.88 28.01
N ILE Q 74 46.73 -20.16 27.75
CA ILE Q 74 45.53 -20.55 27.04
C ILE Q 74 44.28 -20.20 27.83
N ASP Q 75 44.33 -20.36 29.15
CA ASP Q 75 43.18 -19.98 29.97
C ASP Q 75 42.91 -18.48 29.90
N VAL Q 76 43.96 -17.68 29.82
CA VAL Q 76 43.77 -16.23 29.63
C VAL Q 76 43.14 -15.95 28.27
N VAL Q 77 43.61 -16.64 27.22
CA VAL Q 77 43.01 -16.44 25.91
C VAL Q 77 41.53 -16.81 25.94
N ASP Q 78 41.20 -17.92 26.62
CA ASP Q 78 39.81 -18.34 26.74
C ASP Q 78 39.00 -17.32 27.55
N GLN Q 79 39.61 -16.72 28.57
CA GLN Q 79 38.93 -15.68 29.33
C GLN Q 79 38.64 -14.47 28.44
N ILE Q 80 39.58 -14.12 27.56
CA ILE Q 80 39.33 -13.01 26.63
C ILE Q 80 38.19 -13.36 25.68
N ASN Q 81 38.16 -14.59 25.18
CA ASN Q 81 37.05 -15.02 24.33
C ASN Q 81 35.74 -14.95 25.08
N GLN Q 82 35.74 -15.35 26.36
CA GLN Q 82 34.53 -15.25 27.17
C GLN Q 82 34.12 -13.81 27.40
N LEU Q 83 35.10 -12.91 27.53
CA LEU Q 83 34.78 -11.49 27.63
C LEU Q 83 34.10 -10.99 26.37
N LEU Q 84 34.61 -11.38 25.20
CA LEU Q 84 33.97 -10.98 23.95
C LEU Q 84 32.57 -11.55 23.84
N LEU Q 85 32.39 -12.81 24.24
CA LEU Q 85 31.11 -13.48 24.15
C LEU Q 85 30.18 -13.11 25.31
N ASP Q 86 30.66 -12.31 26.25
CA ASP Q 86 29.89 -11.95 27.45
C ASP Q 86 29.07 -10.71 27.12
N ARG Q 87 27.78 -10.92 26.91
CA ARG Q 87 26.87 -9.87 26.46
C ARG Q 87 26.01 -9.34 27.61
N ASP Q 88 26.22 -9.84 28.82
CA ASP Q 88 25.31 -9.58 29.91
C ASP Q 88 25.95 -8.86 31.09
N THR Q 89 27.21 -8.46 30.98
CA THR Q 89 27.90 -7.76 32.06
C THR Q 89 28.64 -6.57 31.48
N LEU Q 90 28.62 -5.46 32.21
CA LEU Q 90 29.42 -4.30 31.88
C LEU Q 90 30.68 -4.31 32.73
N TYR Q 91 31.82 -4.08 32.11
CA TYR Q 91 33.10 -4.11 32.82
C TYR Q 91 33.54 -2.69 33.15
N LYS Q 92 34.53 -2.60 34.05
CA LYS Q 92 35.10 -1.35 34.46
C LYS Q 92 36.61 -1.46 34.30
N VAL Q 93 37.19 -0.56 33.52
CA VAL Q 93 38.61 -0.61 33.17
C VAL Q 93 39.33 0.48 33.94
N ILE Q 94 40.33 0.10 34.72
CA ILE Q 94 41.15 1.02 35.49
C ILE Q 94 42.56 0.89 34.93
N THR Q 95 42.94 1.81 34.04
CA THR Q 95 44.24 1.72 33.38
C THR Q 95 45.35 2.33 34.23
N ARG Q 96 45.28 3.64 34.47
CA ARG Q 96 46.26 4.33 35.31
C ARG Q 96 45.53 5.54 35.91
N GLY Q 97 44.95 5.35 37.09
CA GLY Q 97 44.21 6.42 37.73
C GLY Q 97 43.05 6.95 36.91
N MET Q 98 42.58 6.18 35.94
CA MET Q 98 41.53 6.62 35.02
C MET Q 98 40.50 5.51 34.95
N VAL Q 99 39.41 5.66 35.68
CA VAL Q 99 38.39 4.62 35.82
C VAL Q 99 37.30 4.86 34.79
N PHE Q 100 36.93 3.80 34.07
CA PHE Q 100 35.86 3.86 33.07
C PHE Q 100 34.86 2.77 33.38
N GLU Q 101 33.67 3.16 33.82
CA GLU Q 101 32.60 2.21 34.08
C GLU Q 101 31.76 2.00 32.83
N ARG Q 102 30.90 0.98 32.87
CA ARG Q 102 29.99 0.68 31.76
C ARG Q 102 30.76 0.46 30.46
N MET Q 103 31.78 -0.39 30.52
CA MET Q 103 32.68 -0.60 29.40
C MET Q 103 32.36 -1.99 28.85
N MET Q 104 32.11 -2.10 27.54
CA MET Q 104 31.78 -3.39 26.95
C MET Q 104 32.74 -3.71 25.82
N CYS Q 105 33.18 -4.96 25.76
CA CYS Q 105 34.09 -5.38 24.71
C CYS Q 105 33.40 -5.35 23.36
N THR Q 106 33.97 -4.59 22.42
CA THR Q 106 33.49 -4.47 21.05
C THR Q 106 34.28 -5.33 20.08
N SER Q 107 35.60 -5.43 20.24
CA SER Q 107 36.41 -6.12 19.26
C SER Q 107 37.60 -6.79 19.95
N GLU Q 108 38.15 -7.79 19.28
CA GLU Q 108 39.34 -8.47 19.75
C GLU Q 108 40.03 -9.14 18.57
N ALA Q 109 41.35 -9.03 18.52
CA ALA Q 109 42.14 -9.65 17.45
C ALA Q 109 43.34 -10.35 18.11
N LEU Q 110 43.36 -11.67 18.03
CA LEU Q 110 44.54 -12.44 18.43
C LEU Q 110 45.46 -12.63 17.24
N ASN Q 111 46.76 -12.58 17.51
CA ASN Q 111 47.78 -12.71 16.47
C ASN Q 111 48.76 -13.80 16.88
N GLN Q 112 48.96 -14.78 16.01
CA GLN Q 112 49.92 -15.85 16.24
C GLN Q 112 50.96 -15.81 15.14
N THR Q 113 52.21 -15.54 15.50
CA THR Q 113 53.30 -15.28 14.58
C THR Q 113 54.52 -16.07 15.01
N PRO Q 114 55.47 -16.30 14.09
CA PRO Q 114 56.75 -16.89 14.49
C PRO Q 114 57.56 -15.99 15.41
N ASP Q 115 57.26 -14.69 15.46
CA ASP Q 115 57.98 -13.79 16.34
C ASP Q 115 57.67 -14.02 17.81
N MET Q 116 56.63 -14.79 18.13
CA MET Q 116 56.27 -15.05 19.52
C MET Q 116 55.50 -16.37 19.55
N ILE Q 117 56.19 -17.44 19.95
CA ILE Q 117 55.61 -18.78 19.89
C ILE Q 117 54.95 -19.21 21.20
N SER Q 118 55.34 -18.64 22.33
CA SER Q 118 54.76 -19.02 23.60
C SER Q 118 53.47 -18.24 23.87
N ALA Q 119 53.57 -16.91 23.90
CA ALA Q 119 52.42 -16.06 24.17
C ALA Q 119 51.74 -15.66 22.86
N THR Q 120 50.62 -14.95 22.97
CA THR Q 120 49.92 -14.45 21.79
C THR Q 120 49.62 -12.97 21.98
N PRO Q 121 50.03 -12.10 21.08
CA PRO Q 121 49.56 -10.71 21.12
C PRO Q 121 48.06 -10.64 20.84
N ALA Q 122 47.41 -9.69 21.48
CA ALA Q 122 45.98 -9.47 21.32
C ALA Q 122 45.71 -7.98 21.37
N ARG Q 123 44.67 -7.56 20.66
CA ARG Q 123 44.27 -6.15 20.62
C ARG Q 123 42.79 -6.07 21.00
N LEU Q 124 42.53 -5.96 22.29
CA LEU Q 124 41.18 -5.76 22.76
C LEU Q 124 40.72 -4.36 22.45
N THR Q 125 39.41 -4.20 22.26
CA THR Q 125 38.81 -2.89 22.02
C THR Q 125 37.47 -2.89 22.75
N PHE Q 126 37.29 -1.97 23.68
CA PHE Q 126 36.03 -1.76 24.37
C PHE Q 126 35.41 -0.44 23.93
N SER Q 127 34.09 -0.36 24.05
CA SER Q 127 33.34 0.86 23.83
C SER Q 127 32.41 1.07 25.02
N GLN Q 128 32.21 2.33 25.40
CA GLN Q 128 31.36 2.62 26.55
C GLN Q 128 29.89 2.54 26.15
N VAL Q 129 29.06 2.14 27.12
CA VAL Q 129 27.62 2.09 26.94
C VAL Q 129 27.03 3.40 27.46
N LEU Q 130 26.53 4.22 26.54
CA LEU Q 130 25.93 5.48 26.93
C LEU Q 130 24.61 5.23 27.67
N VAL Q 131 24.45 5.91 28.80
CA VAL Q 131 23.22 5.81 29.59
C VAL Q 131 22.67 7.21 29.81
N GLN Q 132 21.35 7.29 29.93
CA GLN Q 132 20.70 8.59 30.12
C GLN Q 132 21.12 9.24 31.43
N ASN Q 133 21.16 8.47 32.50
CA ASN Q 133 21.53 8.96 33.83
C ASN Q 133 22.74 8.19 34.33
N PRO Q 134 23.96 8.71 34.18
CA PRO Q 134 25.12 7.99 34.69
C PRO Q 134 25.10 7.77 36.20
N LYS Q 135 24.37 8.60 36.94
CA LYS Q 135 24.27 8.49 38.40
C LYS Q 135 22.81 8.21 38.75
N PRO Q 136 22.41 6.94 38.84
CA PRO Q 136 21.02 6.62 39.13
C PRO Q 136 20.69 6.77 40.61
N ILE Q 137 19.40 6.81 40.89
CA ILE Q 137 18.88 6.97 42.24
C ILE Q 137 18.21 5.67 42.65
N MET Q 138 18.65 5.09 43.77
CA MET Q 138 18.17 3.81 44.27
C MET Q 138 17.53 4.00 45.64
N PHE Q 139 17.01 2.89 46.20
CA PHE Q 139 16.38 2.92 47.51
C PHE Q 139 16.79 1.68 48.30
N ARG Q 140 17.01 1.87 49.61
CA ARG Q 140 17.59 0.80 50.41
C ARG Q 140 16.59 -0.32 50.68
N ASN Q 141 15.37 0.02 51.08
CA ASN Q 141 14.42 -0.94 51.59
C ASN Q 141 13.45 -1.36 50.48
N ALA Q 142 12.89 -2.55 50.62
CA ALA Q 142 12.13 -3.17 49.54
C ALA Q 142 10.75 -2.57 49.32
N GLY Q 143 10.27 -1.71 50.22
CA GLY Q 143 8.91 -1.21 50.08
C GLY Q 143 8.74 -0.15 49.02
N ASP Q 144 9.75 0.71 48.85
CA ASP Q 144 9.55 2.03 48.27
C ASP Q 144 10.07 2.18 46.84
N SER Q 145 9.88 1.19 45.98
CA SER Q 145 10.19 1.36 44.56
C SER Q 145 9.19 2.29 43.90
N SER Q 146 9.65 2.98 42.85
CA SER Q 146 8.72 3.59 41.92
C SER Q 146 7.99 2.50 41.14
N MET Q 147 6.74 2.77 40.78
CA MET Q 147 5.92 1.76 40.13
C MET Q 147 6.33 1.55 38.68
N ILE Q 148 6.40 0.28 38.29
CA ILE Q 148 6.71 -0.11 36.92
C ILE Q 148 5.43 -0.54 36.23
N ASP Q 149 5.14 0.10 35.12
CA ASP Q 149 4.04 -0.26 34.24
C ASP Q 149 4.45 -1.35 33.25
N ARG Q 150 3.50 -2.22 32.92
CA ARG Q 150 3.68 -3.23 31.88
C ARG Q 150 2.75 -3.03 30.69
N GLY Q 151 1.93 -1.98 30.68
CA GLY Q 151 1.02 -1.80 29.58
C GLY Q 151 0.05 -2.95 29.45
N LEU Q 152 -0.45 -3.12 28.23
CA LEU Q 152 -1.43 -4.16 27.95
C LEU Q 152 -0.79 -5.54 28.04
N ALA Q 153 -1.53 -6.51 28.59
CA ALA Q 153 -0.99 -7.83 28.87
C ALA Q 153 -1.49 -8.93 27.96
N LEU Q 154 -2.77 -8.91 27.57
CA LEU Q 154 -3.40 -10.01 26.85
C LEU Q 154 -3.32 -11.30 27.68
N ALA Q 155 -4.06 -11.28 28.79
CA ALA Q 155 -4.08 -12.40 29.72
C ALA Q 155 -4.33 -13.71 28.99
N GLU Q 156 -3.39 -14.64 29.17
CA GLU Q 156 -3.46 -15.97 28.58
C GLU Q 156 -4.39 -16.87 29.39
N ASP Q 157 -4.46 -18.13 28.96
CA ASP Q 157 -5.58 -19.01 29.28
C ASP Q 157 -5.10 -20.29 29.94
N VAL Q 158 -5.93 -20.83 30.84
CA VAL Q 158 -5.78 -22.18 31.39
C VAL Q 158 -7.17 -22.81 31.46
N VAL Q 159 -7.19 -24.12 31.69
CA VAL Q 159 -8.41 -24.84 32.03
C VAL Q 159 -8.17 -25.51 33.38
N GLY Q 160 -8.69 -24.91 34.45
CA GLY Q 160 -8.55 -25.51 35.76
C GLY Q 160 -9.82 -25.58 36.57
N SER Q 161 -10.83 -24.81 36.18
CA SER Q 161 -12.12 -24.74 36.87
C SER Q 161 -11.98 -24.21 38.29
N ALA Q 162 -13.09 -23.74 38.88
CA ALA Q 162 -13.04 -23.15 40.21
C ALA Q 162 -12.78 -24.18 41.30
N GLY Q 163 -13.12 -25.44 41.05
CA GLY Q 163 -12.88 -26.47 42.06
C GLY Q 163 -11.42 -26.65 42.38
N ASP Q 164 -10.57 -26.66 41.35
CA ASP Q 164 -9.13 -26.81 41.59
C ASP Q 164 -8.56 -25.61 42.33
N LEU Q 165 -8.98 -24.40 41.95
CA LEU Q 165 -8.52 -23.22 42.68
C LEU Q 165 -8.96 -23.29 44.14
N PHE Q 166 -10.19 -23.75 44.39
CA PHE Q 166 -10.63 -23.92 45.76
C PHE Q 166 -9.72 -24.90 46.49
N ASP Q 167 -9.50 -26.07 45.92
CA ASP Q 167 -8.74 -27.10 46.63
C ASP Q 167 -7.34 -26.60 46.93
N TYR Q 168 -6.76 -25.85 45.99
CA TYR Q 168 -5.45 -25.24 46.23
C TYR Q 168 -5.51 -24.25 47.39
N ALA Q 169 -6.54 -23.41 47.43
CA ALA Q 169 -6.66 -22.45 48.53
C ALA Q 169 -6.92 -23.14 49.86
N VAL Q 170 -7.62 -24.28 49.84
CA VAL Q 170 -7.81 -25.06 51.06
C VAL Q 170 -6.49 -25.61 51.57
N ASN Q 171 -5.68 -26.15 50.67
CA ASN Q 171 -4.40 -26.72 51.06
C ASN Q 171 -3.44 -25.64 51.55
N MET R 2 60.79 30.12 -14.87
CA MET R 2 61.15 29.58 -16.18
C MET R 2 61.60 30.68 -17.11
N LEU R 3 62.24 30.29 -18.21
CA LEU R 3 62.80 31.27 -19.13
C LEU R 3 61.69 31.89 -19.97
N GLY R 4 62.08 32.89 -20.76
CA GLY R 4 61.13 33.57 -21.62
C GLY R 4 61.16 35.07 -21.42
N ILE R 5 61.69 35.51 -20.28
CA ILE R 5 61.75 36.93 -19.96
C ILE R 5 63.09 37.24 -19.30
N PHE R 6 63.66 38.37 -19.68
CA PHE R 6 64.81 38.98 -19.03
C PHE R 6 64.50 39.30 -17.58
N THR R 7 65.50 39.82 -16.86
CA THR R 7 65.27 40.90 -15.90
C THR R 7 66.30 42.00 -16.08
N SER R 8 67.56 41.62 -16.31
CA SER R 8 68.70 42.54 -16.25
C SER R 8 68.62 43.38 -14.99
N LEU R 9 68.11 42.77 -13.93
CA LEU R 9 67.72 43.46 -12.71
C LEU R 9 67.85 42.46 -11.57
N LEU R 10 68.82 42.69 -10.69
CA LEU R 10 69.20 41.71 -9.68
C LEU R 10 68.40 41.84 -8.40
N SER R 11 67.17 42.37 -8.48
CA SER R 11 66.34 42.57 -7.30
C SER R 11 64.89 42.21 -7.55
N SER R 12 64.61 41.36 -8.53
CA SER R 12 63.24 40.98 -8.79
C SER R 12 62.72 40.01 -7.72
N ARG R 13 61.61 40.39 -7.07
CA ARG R 13 60.89 39.53 -6.14
C ARG R 13 60.01 38.55 -6.92
N SER R 14 59.94 37.31 -6.45
CA SER R 14 59.28 36.29 -7.25
C SER R 14 57.76 36.32 -7.05
N PHE R 15 57.32 36.20 -5.80
CA PHE R 15 55.92 35.99 -5.47
C PHE R 15 55.25 37.32 -5.14
N SER R 16 53.97 37.43 -5.52
CA SER R 16 53.22 38.64 -5.23
C SER R 16 51.74 38.31 -5.15
N ILE R 17 51.07 38.81 -4.12
CA ILE R 17 49.63 38.72 -3.98
C ILE R 17 49.09 40.15 -4.06
N VAL R 18 48.59 40.53 -5.23
CA VAL R 18 48.11 41.88 -5.48
C VAL R 18 46.60 41.88 -5.37
N ASP R 19 46.06 42.68 -4.45
CA ASP R 19 44.62 42.84 -4.37
C ASP R 19 44.10 43.45 -5.66
N GLN R 20 43.03 42.87 -6.20
CA GLN R 20 42.51 43.33 -7.49
C GLN R 20 42.03 44.77 -7.41
N ASN R 21 41.07 45.04 -6.53
CA ASN R 21 40.67 46.41 -6.29
C ASN R 21 41.77 47.16 -5.56
N THR R 22 41.94 48.43 -5.91
CA THR R 22 42.97 49.33 -5.38
C THR R 22 44.37 48.93 -5.84
N ASN R 23 44.48 47.78 -6.50
CA ASN R 23 45.73 47.28 -7.09
C ASN R 23 46.92 47.49 -6.16
N GLN R 24 46.82 46.92 -4.96
CA GLN R 24 47.86 47.04 -3.96
C GLN R 24 48.39 45.68 -3.54
N LEU R 25 49.65 45.65 -3.13
CA LEU R 25 50.24 44.45 -2.57
C LEU R 25 49.63 44.14 -1.21
N VAL R 26 49.61 42.85 -0.86
CA VAL R 26 49.13 42.42 0.45
C VAL R 26 50.00 41.26 0.90
N ALA R 27 50.20 41.17 2.21
CA ALA R 27 51.09 40.18 2.82
C ALA R 27 52.46 40.20 2.14
N ALA R 28 53.07 41.38 2.15
CA ALA R 28 54.31 41.63 1.45
C ALA R 28 55.53 41.12 2.20
N ASP R 29 55.35 40.24 3.18
CA ASP R 29 56.46 39.78 4.01
C ASP R 29 56.37 38.28 4.25
N LEU R 30 55.68 37.54 3.38
CA LEU R 30 55.64 36.09 3.48
C LEU R 30 56.91 35.50 2.89
N ARG R 31 57.47 34.50 3.58
CA ARG R 31 58.65 33.80 3.06
C ARG R 31 58.14 32.55 2.35
N ILE R 32 57.90 32.67 1.06
CA ILE R 32 57.37 31.54 0.29
C ILE R 32 58.40 30.43 0.24
N SER R 33 57.93 29.20 0.32
CA SER R 33 58.76 28.01 0.26
C SER R 33 58.34 27.06 -0.85
N ARG R 34 57.04 26.98 -1.16
CA ARG R 34 56.68 26.20 -2.34
C ARG R 34 55.33 26.68 -2.86
N VAL R 35 55.16 26.62 -4.18
CA VAL R 35 53.90 26.93 -4.83
C VAL R 35 53.52 25.79 -5.75
N ASN R 36 52.26 25.38 -5.71
CA ASN R 36 51.76 24.26 -6.50
C ASN R 36 50.42 24.66 -7.11
N THR R 37 50.40 24.91 -8.41
CA THR R 37 49.20 25.41 -9.09
C THR R 37 48.59 24.27 -9.91
N ARG R 38 47.66 23.55 -9.30
CA ARG R 38 47.05 22.40 -9.94
C ARG R 38 45.78 22.80 -10.67
N PHE R 39 45.74 22.48 -11.97
CA PHE R 39 44.54 22.66 -12.78
C PHE R 39 43.61 21.47 -12.56
N SER R 40 42.43 21.52 -13.17
CA SER R 40 41.53 20.37 -13.10
C SER R 40 40.48 20.49 -14.19
N SER R 41 40.03 19.34 -14.67
CA SER R 41 38.94 19.21 -15.63
C SER R 41 38.46 17.77 -15.59
N VAL R 42 37.23 17.55 -16.03
CA VAL R 42 36.55 16.27 -15.89
C VAL R 42 36.02 15.83 -17.24
N GLY R 43 36.13 14.53 -17.54
CA GLY R 43 35.58 13.98 -18.76
C GLY R 43 34.19 13.42 -18.59
N GLN R 44 33.57 13.08 -19.72
CA GLN R 44 32.19 12.63 -19.81
C GLN R 44 32.12 11.30 -20.53
N ARG R 45 32.92 10.36 -20.01
CA ARG R 45 33.01 9.00 -20.61
C ARG R 45 31.60 8.47 -20.87
N HIS R 46 31.39 7.93 -22.07
CA HIS R 46 30.08 7.44 -22.47
C HIS R 46 30.25 6.15 -23.24
N MET R 47 30.11 5.01 -22.57
CA MET R 47 30.10 3.74 -23.29
C MET R 47 28.89 3.72 -24.21
N LEU R 48 29.02 3.03 -25.34
CA LEU R 48 27.94 3.06 -26.31
C LEU R 48 27.91 1.77 -27.12
N GLU R 49 26.97 0.89 -26.77
CA GLU R 49 26.65 -0.27 -27.59
C GLU R 49 27.89 -1.11 -27.87
N ASP R 50 28.49 -0.89 -29.04
CA ASP R 50 29.74 -1.56 -29.39
C ASP R 50 30.86 -1.16 -28.44
N GLY R 51 31.82 -2.05 -28.25
CA GLY R 51 32.87 -1.78 -27.29
C GLY R 51 33.62 -0.51 -27.64
N LYS R 52 33.31 0.55 -26.89
CA LYS R 52 33.71 1.90 -27.26
C LYS R 52 33.20 2.89 -26.23
N THR R 53 33.87 4.03 -26.06
CA THR R 53 33.47 5.01 -25.06
C THR R 53 33.79 6.42 -25.57
N LYS R 54 32.75 7.15 -25.99
CA LYS R 54 32.89 8.52 -26.46
C LYS R 54 33.03 9.47 -25.27
N MET R 55 34.09 10.27 -25.27
CA MET R 55 34.38 11.15 -24.15
C MET R 55 33.51 12.40 -24.11
N ASP R 56 32.83 12.73 -25.20
CA ASP R 56 31.93 13.88 -25.28
C ASP R 56 32.77 15.14 -25.08
N SER R 57 32.38 16.07 -24.22
CA SER R 57 33.06 17.35 -24.06
C SER R 57 33.82 17.38 -22.73
N ARG R 58 34.38 18.55 -22.41
CA ARG R 58 35.18 18.72 -21.20
C ARG R 58 34.74 19.97 -20.45
N THR R 59 34.66 19.87 -19.13
CA THR R 59 34.36 21.00 -18.27
C THR R 59 35.62 21.39 -17.50
N ILE R 60 35.95 22.68 -17.51
CA ILE R 60 37.17 23.18 -16.89
C ILE R 60 36.85 23.55 -15.44
N HIS R 61 37.28 22.70 -14.51
CA HIS R 61 37.12 23.00 -13.10
C HIS R 61 38.06 24.11 -12.68
N PRO R 62 37.72 24.83 -11.61
CA PRO R 62 38.55 25.97 -11.20
C PRO R 62 39.95 25.56 -10.78
N MET R 63 40.90 26.44 -11.08
CA MET R 63 42.28 26.30 -10.68
C MET R 63 42.41 26.31 -9.16
N GLU R 64 43.38 25.56 -8.64
CA GLU R 64 43.70 25.63 -7.22
C GLU R 64 45.20 25.87 -7.07
N ILE R 65 45.57 26.67 -6.08
CA ILE R 65 46.96 26.93 -5.77
C ILE R 65 47.19 26.60 -4.29
N ILE R 66 48.24 25.85 -4.01
CA ILE R 66 48.64 25.55 -2.65
C ILE R 66 50.02 26.14 -2.44
N VAL R 67 50.15 27.03 -1.47
CA VAL R 67 51.38 27.74 -1.18
C VAL R 67 51.81 27.40 0.24
N GLU R 68 53.02 26.85 0.39
CA GLU R 68 53.65 26.73 1.69
C GLU R 68 54.53 27.94 1.91
N VAL R 69 54.35 28.60 3.06
CA VAL R 69 55.03 29.84 3.40
C VAL R 69 55.49 29.77 4.85
N PHE R 70 56.37 30.69 5.21
CA PHE R 70 56.71 30.98 6.59
C PHE R 70 56.27 32.41 6.91
N CYS R 71 55.48 32.56 7.97
CA CYS R 71 55.12 33.87 8.48
C CYS R 71 56.13 34.27 9.54
N PRO R 72 56.91 35.34 9.33
CA PRO R 72 57.89 35.75 10.33
C PRO R 72 57.36 36.73 11.36
N SER R 73 56.12 37.20 11.25
CA SER R 73 55.63 38.22 12.16
C SER R 73 54.14 38.07 12.40
N ILE R 74 53.71 38.53 13.57
CA ILE R 74 52.30 38.48 13.96
C ILE R 74 51.48 39.35 13.02
N ASP R 75 52.03 40.47 12.56
CA ASP R 75 51.32 41.30 11.61
C ASP R 75 51.04 40.54 10.33
N VAL R 76 52.01 39.76 9.86
CA VAL R 76 51.80 38.94 8.67
C VAL R 76 50.75 37.86 8.94
N VAL R 77 50.78 37.27 10.15
CA VAL R 77 49.79 36.25 10.47
C VAL R 77 48.38 36.84 10.45
N ASP R 78 48.21 38.04 11.02
CA ASP R 78 46.91 38.70 10.98
C ASP R 78 46.53 39.08 9.57
N GLN R 79 47.51 39.46 8.74
CA GLN R 79 47.23 39.76 7.35
C GLN R 79 46.68 38.55 6.63
N ILE R 80 47.25 37.37 6.89
CA ILE R 80 46.73 36.15 6.30
C ILE R 80 45.33 35.83 6.84
N ASN R 81 45.12 36.08 8.13
CA ASN R 81 43.80 35.82 8.71
C ASN R 81 42.73 36.68 8.07
N GLN R 82 43.00 37.97 7.89
CA GLN R 82 42.04 38.81 7.18
C GLN R 82 42.02 38.51 5.69
N LEU R 83 43.07 37.90 5.15
CA LEU R 83 43.00 37.42 3.78
C LEU R 83 41.93 36.33 3.66
N LEU R 84 41.96 35.38 4.58
CA LEU R 84 40.94 34.33 4.60
C LEU R 84 39.56 34.90 4.88
N LEU R 85 39.46 35.87 5.80
CA LEU R 85 38.18 36.44 6.19
C LEU R 85 37.70 37.53 5.24
N ASP R 86 38.48 37.86 4.22
CA ASP R 86 38.15 38.93 3.29
C ASP R 86 37.34 38.33 2.16
N ARG R 87 36.02 38.44 2.30
CA ARG R 87 35.09 37.73 1.44
C ARG R 87 34.67 38.56 0.22
N ASP R 88 35.10 39.82 0.14
CA ASP R 88 34.58 40.71 -0.90
C ASP R 88 35.64 41.26 -1.85
N THR R 89 36.88 40.77 -1.81
CA THR R 89 37.87 41.13 -2.80
C THR R 89 38.49 39.87 -3.38
N LEU R 90 38.81 39.92 -4.66
CA LEU R 90 39.58 38.89 -5.33
C LEU R 90 41.03 39.31 -5.37
N TYR R 91 41.93 38.33 -5.37
CA TYR R 91 43.36 38.58 -5.37
C TYR R 91 43.97 38.00 -6.62
N LYS R 92 45.13 38.54 -6.99
CA LYS R 92 45.88 38.10 -8.15
C LYS R 92 47.23 37.60 -7.67
N VAL R 93 47.53 36.34 -7.97
CA VAL R 93 48.72 35.68 -7.47
C VAL R 93 49.70 35.55 -8.63
N ILE R 94 50.90 36.10 -8.44
CA ILE R 94 51.96 36.07 -9.45
C ILE R 94 53.11 35.30 -8.81
N THR R 95 53.23 34.02 -9.17
CA THR R 95 54.25 33.16 -8.55
C THR R 95 55.61 33.32 -9.25
N ARG R 96 55.68 32.90 -10.51
CA ARG R 96 56.92 33.05 -11.29
C ARG R 96 56.51 33.27 -12.75
N GLY R 97 56.33 34.53 -13.13
CA GLY R 97 55.88 34.84 -14.48
C GLY R 97 54.59 34.16 -14.86
N MET R 98 53.76 33.83 -13.87
CA MET R 98 52.56 33.01 -14.06
C MET R 98 51.41 33.74 -13.37
N VAL R 99 50.83 34.72 -14.07
CA VAL R 99 49.84 35.61 -13.46
C VAL R 99 48.51 34.91 -13.36
N PHE R 100 47.87 34.99 -12.20
CA PHE R 100 46.60 34.34 -11.95
C PHE R 100 45.64 35.36 -11.34
N GLU R 101 44.55 35.65 -12.05
CA GLU R 101 43.57 36.61 -11.57
C GLU R 101 42.33 35.88 -11.04
N ARG R 102 41.47 36.64 -10.36
CA ARG R 102 40.22 36.15 -9.82
C ARG R 102 40.45 34.97 -8.86
N MET R 103 41.26 35.22 -7.85
CA MET R 103 41.67 34.21 -6.90
C MET R 103 41.26 34.61 -5.49
N MET R 104 40.67 33.67 -4.75
CA MET R 104 40.29 33.88 -3.37
C MET R 104 40.79 32.73 -2.50
N CYS R 105 41.09 33.07 -1.25
CA CYS R 105 41.62 32.11 -0.30
C CYS R 105 40.53 31.14 0.13
N THR R 106 40.71 29.87 -0.22
CA THR R 106 39.81 28.78 0.16
C THR R 106 40.15 28.23 1.53
N SER R 107 41.43 28.01 1.82
CA SER R 107 41.80 27.45 3.12
C SER R 107 43.15 27.98 3.55
N GLU R 108 43.44 27.79 4.84
CA GLU R 108 44.69 28.26 5.41
C GLU R 108 44.92 27.58 6.76
N ALA R 109 46.14 27.08 6.96
CA ALA R 109 46.47 26.32 8.17
C ALA R 109 47.82 26.81 8.71
N LEU R 110 47.81 27.33 9.93
CA LEU R 110 49.04 27.63 10.67
C LEU R 110 49.54 26.41 11.40
N ASN R 111 50.85 26.35 11.63
CA ASN R 111 51.47 25.24 12.36
C ASN R 111 52.46 25.82 13.37
N GLN R 112 52.23 25.57 14.65
CA GLN R 112 53.15 26.00 15.71
C GLN R 112 53.74 24.78 16.39
N THR R 113 55.04 24.60 16.22
CA THR R 113 55.76 23.43 16.70
C THR R 113 57.10 23.88 17.28
N PRO R 114 57.73 23.05 18.12
CA PRO R 114 59.06 23.41 18.65
C PRO R 114 60.16 23.42 17.60
N ASP R 115 59.86 23.13 16.34
CA ASP R 115 60.84 23.26 15.28
C ASP R 115 60.96 24.69 14.75
N MET R 116 60.03 25.57 15.12
CA MET R 116 60.05 26.96 14.67
C MET R 116 59.37 27.79 15.76
N ILE R 117 60.18 28.37 16.66
CA ILE R 117 59.62 29.12 17.77
C ILE R 117 59.44 30.60 17.47
N SER R 118 60.16 31.14 16.50
CA SER R 118 59.99 32.55 16.13
C SER R 118 58.94 32.70 15.03
N ALA R 119 59.13 32.04 13.91
CA ALA R 119 58.18 32.11 12.81
C ALA R 119 57.19 30.95 12.88
N THR R 120 56.18 31.00 12.01
CA THR R 120 55.17 29.94 11.95
C THR R 120 54.97 29.52 10.52
N PRO R 121 55.14 28.25 10.18
CA PRO R 121 54.77 27.80 8.83
C PRO R 121 53.26 27.85 8.63
N ALA R 122 52.88 28.14 7.38
CA ALA R 122 51.48 28.28 7.03
C ALA R 122 51.26 27.74 5.64
N ARG R 123 50.18 27.00 5.48
CA ARG R 123 49.79 26.45 4.18
C ARG R 123 48.52 27.15 3.74
N LEU R 124 48.63 27.96 2.70
CA LEU R 124 47.50 28.66 2.11
C LEU R 124 47.04 27.89 0.88
N THR R 125 45.74 27.91 0.62
CA THR R 125 45.20 27.35 -0.61
C THR R 125 44.19 28.34 -1.15
N PHE R 126 44.37 28.75 -2.40
CA PHE R 126 43.46 29.61 -3.13
C PHE R 126 42.77 28.81 -4.23
N SER R 127 41.59 29.29 -4.63
CA SER R 127 40.86 28.67 -5.74
C SER R 127 40.30 29.76 -6.64
N GLN R 128 40.42 29.56 -7.95
CA GLN R 128 39.96 30.56 -8.90
C GLN R 128 38.44 30.60 -8.95
N VAL R 129 37.90 31.80 -9.12
CA VAL R 129 36.47 32.02 -9.24
C VAL R 129 36.11 31.94 -10.71
N LEU R 130 35.46 30.86 -11.10
CA LEU R 130 35.05 30.69 -12.49
C LEU R 130 34.05 31.75 -12.88
N VAL R 131 34.30 32.41 -14.01
CA VAL R 131 33.46 33.50 -14.50
C VAL R 131 33.07 33.20 -15.94
N GLN R 132 31.83 33.54 -16.29
CA GLN R 132 31.32 33.24 -17.62
C GLN R 132 32.16 33.90 -18.71
N ASN R 133 32.51 35.18 -18.52
CA ASN R 133 33.39 35.90 -19.45
C ASN R 133 34.71 36.21 -18.77
N PRO R 134 35.81 35.54 -19.16
CA PRO R 134 37.12 35.94 -18.63
C PRO R 134 37.49 37.37 -18.97
N LYS R 135 37.11 37.84 -20.14
CA LYS R 135 37.38 39.21 -20.56
C LYS R 135 36.07 39.96 -20.71
N PRO R 136 35.78 40.95 -19.87
CA PRO R 136 34.53 41.71 -19.98
C PRO R 136 34.70 42.96 -20.84
N ILE R 137 33.56 43.43 -21.35
CA ILE R 137 33.50 44.64 -22.17
C ILE R 137 33.00 45.78 -21.30
N MET R 138 33.73 46.88 -21.30
CA MET R 138 33.38 48.07 -20.52
C MET R 138 33.24 49.28 -21.45
N PHE R 139 32.97 50.44 -20.85
CA PHE R 139 32.82 51.68 -21.61
C PHE R 139 33.48 52.82 -20.85
N ARG R 140 33.95 53.82 -21.60
CA ARG R 140 34.73 54.91 -21.01
C ARG R 140 33.84 55.90 -20.27
N ASN R 141 32.97 56.59 -21.00
CA ASN R 141 32.14 57.65 -20.45
C ASN R 141 31.05 57.05 -19.58
N ALA R 142 30.45 57.89 -18.74
CA ALA R 142 29.49 57.42 -17.75
C ALA R 142 28.03 57.49 -18.24
N GLY R 143 27.80 57.78 -19.52
CA GLY R 143 26.43 57.90 -20.00
C GLY R 143 25.82 56.65 -20.61
N ASP R 144 26.65 55.71 -21.07
CA ASP R 144 26.19 54.74 -22.06
C ASP R 144 26.22 53.28 -21.60
N SER R 145 25.80 53.00 -20.37
CA SER R 145 25.65 51.61 -19.96
C SER R 145 24.56 50.92 -20.77
N SER R 146 24.68 49.61 -20.91
CA SER R 146 23.51 48.80 -21.19
C SER R 146 22.61 48.82 -19.96
N MET R 147 21.30 48.88 -20.19
CA MET R 147 20.37 49.02 -19.08
C MET R 147 20.22 47.72 -18.32
N ILE R 148 20.09 47.83 -17.00
CA ILE R 148 19.83 46.70 -16.14
C ILE R 148 18.42 46.82 -15.60
N ASP R 149 17.68 45.72 -15.67
CA ASP R 149 16.29 45.65 -15.24
C ASP R 149 16.17 45.11 -13.82
N ARG R 150 15.35 45.78 -13.01
CA ARG R 150 15.21 45.46 -11.60
C ARG R 150 14.05 44.50 -11.32
N GLY R 151 13.28 44.11 -12.32
CA GLY R 151 12.16 43.23 -12.09
C GLY R 151 11.06 43.92 -11.30
N LEU R 152 10.12 43.11 -10.83
CA LEU R 152 9.04 43.62 -9.99
C LEU R 152 9.61 44.08 -8.65
N ALA R 153 9.21 45.27 -8.21
CA ALA R 153 9.80 45.89 -7.04
C ALA R 153 8.89 45.91 -5.82
N LEU R 154 7.57 45.95 -6.00
CA LEU R 154 6.63 46.12 -4.90
C LEU R 154 6.92 47.42 -4.15
N ALA R 155 6.69 48.52 -4.86
CA ALA R 155 6.94 49.86 -4.34
C ALA R 155 6.46 50.00 -2.90
N GLU R 156 7.40 50.35 -2.01
CA GLU R 156 7.08 50.43 -0.59
C GLU R 156 6.28 51.70 -0.31
N ASP R 157 5.81 51.81 0.92
CA ASP R 157 4.83 52.83 1.29
C ASP R 157 5.47 53.85 2.22
N VAL R 158 5.22 55.13 1.94
CA VAL R 158 5.59 56.24 2.80
C VAL R 158 4.39 57.17 2.91
N VAL R 159 4.40 58.02 3.94
CA VAL R 159 3.37 59.03 4.12
C VAL R 159 4.04 60.39 4.25
N GLY R 160 3.76 61.27 3.29
CA GLY R 160 4.20 62.65 3.40
C GLY R 160 3.17 63.67 2.97
N SER R 161 2.11 63.21 2.30
CA SER R 161 1.11 64.07 1.67
C SER R 161 1.72 64.94 0.58
N ALA R 162 0.89 65.46 -0.33
CA ALA R 162 1.41 66.23 -1.44
C ALA R 162 1.97 67.58 -1.00
N GLY R 163 1.49 68.12 0.12
CA GLY R 163 1.99 69.40 0.60
C GLY R 163 3.48 69.36 0.94
N ASP R 164 3.93 68.28 1.58
CA ASP R 164 5.34 68.17 1.92
C ASP R 164 6.21 68.06 0.67
N LEU R 165 5.79 67.27 -0.31
CA LEU R 165 6.53 67.19 -1.56
C LEU R 165 6.59 68.55 -2.25
N PHE R 166 5.48 69.28 -2.22
CA PHE R 166 5.47 70.62 -2.80
C PHE R 166 6.40 71.57 -2.05
N ASP R 167 6.41 71.55 -0.73
CA ASP R 167 7.33 72.43 -0.01
C ASP R 167 8.78 72.05 -0.29
N TYR R 168 9.05 70.76 -0.43
CA TYR R 168 10.39 70.29 -0.76
C TYR R 168 10.81 70.79 -2.14
N ALA R 169 9.92 70.71 -3.13
CA ALA R 169 10.24 71.21 -4.46
C ALA R 169 10.39 72.72 -4.48
N VAL R 170 9.63 73.43 -3.65
CA VAL R 170 9.76 74.89 -3.54
C VAL R 170 11.12 75.26 -2.99
N ASN R 171 11.56 74.59 -1.92
CA ASN R 171 12.84 74.92 -1.32
C ASN R 171 14.00 74.59 -2.26
N GLN S 840 13.48 11.25 -8.07
CA GLN S 840 12.92 12.34 -7.27
C GLN S 840 11.39 12.31 -7.28
N LEU S 841 10.80 11.99 -6.14
CA LEU S 841 9.35 12.02 -6.02
C LEU S 841 8.82 13.44 -5.86
N THR S 842 9.69 14.38 -5.51
CA THR S 842 9.25 15.77 -5.32
C THR S 842 8.77 16.37 -6.64
N THR S 843 9.48 16.10 -7.73
CA THR S 843 9.03 16.58 -9.04
C THR S 843 7.70 15.97 -9.43
N ALA S 844 7.47 14.70 -9.10
CA ALA S 844 6.19 14.08 -9.40
C ALA S 844 5.07 14.65 -8.53
N ILE S 845 5.39 15.00 -7.28
CA ILE S 845 4.42 15.69 -6.43
C ILE S 845 4.06 17.04 -7.05
N GLN S 846 5.09 17.79 -7.47
CA GLN S 846 4.86 19.09 -8.10
C GLN S 846 4.12 18.96 -9.42
N ASP S 847 4.21 17.80 -10.07
CA ASP S 847 3.45 17.54 -11.29
C ASP S 847 2.01 17.15 -11.00
N ALA S 848 1.77 16.44 -9.89
CA ALA S 848 0.40 16.11 -9.51
C ALA S 848 -0.24 17.26 -8.74
N GLN S 849 -0.03 18.46 -9.26
CA GLN S 849 -0.68 19.67 -8.78
C GLN S 849 -1.11 20.57 -9.92
N ASN S 850 -0.63 20.31 -11.15
CA ASN S 850 -0.91 21.19 -12.27
C ASN S 850 -2.37 21.14 -12.67
N ASP S 851 -3.11 20.10 -12.28
CA ASP S 851 -4.51 20.04 -12.63
C ASP S 851 -5.35 21.00 -11.78
N SER S 852 -5.17 22.29 -12.04
CA SER S 852 -5.97 23.33 -11.41
C SER S 852 -6.04 24.54 -12.33
N ALA S 853 -7.14 24.66 -13.07
CA ALA S 853 -7.30 25.74 -14.03
C ALA S 853 -7.77 26.99 -13.31
N THR S 854 -8.08 28.05 -14.07
CA THR S 854 -8.63 29.25 -13.45
C THR S 854 -9.99 28.95 -12.83
N LYS S 855 -10.72 27.98 -13.37
CA LYS S 855 -11.98 27.58 -12.77
C LYS S 855 -11.74 26.96 -11.40
N ILE S 856 -12.27 27.62 -10.37
CA ILE S 856 -12.26 27.11 -9.01
C ILE S 856 -13.44 26.17 -8.80
N LEU S 857 -14.08 25.73 -9.87
CA LEU S 857 -15.47 26.08 -10.12
C LEU S 857 -16.27 26.39 -8.87
N TYR S 858 -16.25 25.55 -7.85
CA TYR S 858 -16.73 26.04 -6.56
C TYR S 858 -18.23 26.38 -6.62
N GLN T 840 10.97 10.13 2.96
CA GLN T 840 10.90 9.20 1.84
C GLN T 840 9.48 9.07 1.31
N LEU T 841 9.22 8.01 0.55
CA LEU T 841 7.89 7.80 -0.03
C LEU T 841 7.00 6.93 0.83
N THR T 842 7.57 6.06 1.68
CA THR T 842 6.74 5.25 2.55
C THR T 842 5.99 6.10 3.56
N THR T 843 6.60 7.21 4.00
CA THR T 843 5.90 8.13 4.87
C THR T 843 4.68 8.71 4.16
N ALA T 844 4.84 9.12 2.91
CA ALA T 844 3.72 9.66 2.15
C ALA T 844 2.64 8.60 1.94
N ILE T 845 3.05 7.35 1.71
CA ILE T 845 2.09 6.25 1.55
C ILE T 845 1.28 6.08 2.83
N GLN T 846 1.96 6.08 3.97
CA GLN T 846 1.28 5.97 5.26
C GLN T 846 0.32 7.14 5.46
N ASP T 847 0.74 8.34 5.02
CA ASP T 847 -0.14 9.51 5.12
C ASP T 847 -1.38 9.33 4.27
N ALA T 848 -1.21 8.85 3.04
CA ALA T 848 -2.34 8.64 2.14
C ALA T 848 -3.32 7.63 2.72
N GLN T 849 -2.78 6.57 3.32
CA GLN T 849 -3.66 5.59 3.97
C GLN T 849 -4.43 6.22 5.13
N ASN T 850 -3.74 6.99 5.97
CA ASN T 850 -4.41 7.59 7.12
C ASN T 850 -5.49 8.58 6.71
N ASP T 851 -5.33 9.23 5.55
CA ASP T 851 -6.37 10.13 5.06
C ASP T 851 -7.70 9.39 4.90
N SER T 852 -7.65 8.13 4.44
CA SER T 852 -8.85 7.40 4.04
C SER T 852 -9.40 6.53 5.16
N ALA T 853 -9.22 6.94 6.40
CA ALA T 853 -9.82 6.26 7.55
C ALA T 853 -10.76 7.23 8.24
N THR T 854 -12.03 6.85 8.36
CA THR T 854 -13.05 7.67 8.99
C THR T 854 -13.87 6.74 9.87
N LYS T 855 -14.93 7.25 10.50
CA LYS T 855 -15.48 6.45 11.58
C LYS T 855 -16.67 5.61 11.09
N ILE T 856 -17.05 5.77 9.83
CA ILE T 856 -18.21 5.11 9.22
C ILE T 856 -17.75 4.29 8.02
N LEU T 857 -18.15 3.02 8.01
CA LEU T 857 -17.74 2.06 6.98
C LEU T 857 -18.26 2.43 5.60
N TYR T 858 -19.51 2.89 5.51
CA TYR T 858 -20.06 3.34 4.23
C TYR T 858 -20.42 4.81 4.30
N GLN U 840 10.16 1.48 -4.33
CA GLN U 840 10.77 2.38 -5.29
C GLN U 840 9.70 3.14 -6.09
N LEU U 841 10.01 4.39 -6.43
CA LEU U 841 9.09 5.22 -7.20
C LEU U 841 8.63 4.52 -8.47
N THR U 842 9.58 3.96 -9.24
CA THR U 842 9.24 3.38 -10.53
C THR U 842 8.35 2.15 -10.37
N THR U 843 8.68 1.27 -9.42
CA THR U 843 7.86 0.09 -9.21
C THR U 843 6.47 0.46 -8.74
N ALA U 844 6.37 1.45 -7.85
CA ALA U 844 5.06 1.91 -7.40
C ALA U 844 4.25 2.50 -8.54
N ILE U 845 4.91 3.25 -9.43
CA ILE U 845 4.23 3.84 -10.58
C ILE U 845 3.69 2.74 -11.49
N GLN U 846 4.51 1.73 -11.76
CA GLN U 846 4.08 0.65 -12.64
C GLN U 846 2.94 -0.15 -12.02
N ASP U 847 2.99 -0.40 -10.71
CA ASP U 847 1.87 -1.05 -10.04
C ASP U 847 0.61 -0.20 -10.12
N ALA U 848 0.75 1.12 -9.97
CA ALA U 848 -0.42 1.99 -10.09
C ALA U 848 -1.01 1.92 -11.49
N GLN U 849 -0.16 1.87 -12.51
CA GLN U 849 -0.65 1.74 -13.88
C GLN U 849 -1.32 0.41 -14.14
N ASN U 850 -0.89 -0.66 -13.48
CA ASN U 850 -1.42 -1.99 -13.82
C ASN U 850 -2.93 -2.08 -13.63
N ASP U 851 -3.43 -1.70 -12.46
CA ASP U 851 -4.81 -2.01 -12.11
C ASP U 851 -5.84 -1.15 -12.86
N SER U 852 -5.41 -0.42 -13.88
CA SER U 852 -6.30 0.41 -14.69
C SER U 852 -6.37 -0.08 -16.12
N ALA U 853 -6.11 -1.36 -16.35
CA ALA U 853 -6.12 -1.95 -17.69
C ALA U 853 -6.99 -3.21 -17.66
N THR U 854 -8.25 -3.06 -18.06
CA THR U 854 -9.14 -4.16 -18.38
C THR U 854 -9.56 -4.02 -19.84
N LYS U 855 -10.16 -5.07 -20.40
CA LYS U 855 -10.42 -5.10 -21.84
C LYS U 855 -11.29 -3.95 -22.27
N ILE U 856 -12.29 -3.62 -21.45
CA ILE U 856 -13.38 -2.74 -21.82
C ILE U 856 -12.90 -1.31 -21.71
N LEU U 857 -12.75 -0.69 -22.88
CA LEU U 857 -12.32 0.69 -22.99
C LEU U 857 -13.23 1.61 -22.18
N TYR U 858 -14.54 1.43 -22.33
CA TYR U 858 -15.50 2.19 -21.55
C TYR U 858 -16.84 1.47 -21.50
N LYS V 3 22.57 24.39 23.18
CA LYS V 3 22.27 23.08 23.76
C LYS V 3 20.80 22.76 23.56
N ARG V 4 20.51 22.07 22.46
CA ARG V 4 19.13 21.77 22.09
C ARG V 4 18.44 20.96 23.17
N ILE V 5 17.17 21.30 23.43
CA ILE V 5 16.36 20.62 24.42
C ILE V 5 15.05 20.25 23.75
N LEU V 6 14.84 18.95 23.54
CA LEU V 6 13.68 18.43 22.81
C LEU V 6 13.02 17.36 23.66
N ARG V 7 11.71 17.48 23.86
CA ARG V 7 10.94 16.54 24.66
C ARG V 7 9.74 16.04 23.86
N VAL V 8 9.51 14.75 23.95
CA VAL V 8 8.29 14.12 23.41
C VAL V 8 7.50 13.65 24.61
N THR V 9 6.35 14.28 24.87
CA THR V 9 5.56 14.03 26.07
C THR V 9 4.28 13.28 25.66
N PHE V 10 4.19 12.01 26.03
CA PHE V 10 3.00 11.23 25.76
C PHE V 10 1.97 11.49 26.85
N ASN V 11 0.76 10.95 26.68
CA ASN V 11 -0.26 11.00 27.73
C ASN V 11 -0.88 9.61 27.84
N MET V 12 -0.55 8.89 28.90
CA MET V 12 -1.02 7.53 29.12
C MET V 12 -1.62 7.44 30.52
N PRO V 13 -2.33 6.34 30.83
CA PRO V 13 -2.97 6.23 32.16
C PRO V 13 -2.00 6.42 33.32
N TYR V 14 -0.77 5.93 33.19
CA TYR V 14 0.22 6.11 34.23
C TYR V 14 0.53 7.60 34.42
N GLY V 15 0.57 8.35 33.33
CA GLY V 15 0.81 9.78 33.37
C GLY V 15 1.48 10.25 32.10
N PRO V 16 2.20 11.38 32.19
CA PRO V 16 3.09 11.77 31.09
C PRO V 16 4.48 11.15 31.29
N GLU V 17 4.94 10.43 30.28
CA GLU V 17 6.29 9.86 30.27
C GLU V 17 7.11 10.63 29.24
N VAL V 18 7.86 11.61 29.71
CA VAL V 18 8.60 12.50 28.83
C VAL V 18 9.85 11.79 28.35
N ILE V 19 10.03 11.74 27.03
CA ILE V 19 11.27 11.27 26.43
C ILE V 19 12.11 12.50 26.13
N ARG V 20 13.26 12.61 26.79
CA ARG V 20 14.10 13.79 26.70
C ARG V 20 14.99 13.74 25.46
N GLU V 21 15.94 14.66 25.38
CA GLU V 21 16.87 14.74 24.26
C GLU V 21 18.11 13.88 24.45
N ASP V 22 18.29 13.29 25.63
CA ASP V 22 19.43 12.40 25.84
C ASP V 22 19.33 11.17 24.94
N LEU V 23 18.14 10.59 24.84
CA LEU V 23 17.91 9.55 23.85
C LEU V 23 17.97 10.14 22.45
N ASP V 24 18.39 9.32 21.49
CA ASP V 24 18.41 9.74 20.10
C ASP V 24 16.98 9.91 19.61
N VAL V 25 16.55 11.15 19.42
CA VAL V 25 15.22 11.44 18.93
C VAL V 25 15.35 12.25 17.65
N ARG V 26 14.36 12.08 16.77
CA ARG V 26 14.36 12.78 15.48
C ARG V 26 12.90 12.98 15.09
N VAL V 27 12.45 14.23 15.13
CA VAL V 27 11.05 14.56 14.88
C VAL V 27 10.98 15.39 13.60
N ARG V 28 10.25 14.88 12.61
CA ARG V 28 10.02 15.59 11.36
C ARG V 28 8.54 15.95 11.28
N ILE V 29 8.25 17.23 11.42
CA ILE V 29 6.88 17.72 11.39
C ILE V 29 6.71 18.54 10.13
N MET V 30 5.49 18.47 9.57
CA MET V 30 5.13 19.32 8.39
C MET V 30 3.70 19.85 8.58
N LYS V 31 3.53 21.13 8.93
CA LYS V 31 2.24 21.76 9.14
C LYS V 31 1.96 22.64 7.94
N ALA V 32 0.69 22.89 7.68
CA ALA V 32 0.32 23.72 6.54
C ALA V 32 -1.11 24.21 6.72
N ALA V 33 -1.45 25.23 5.94
CA ALA V 33 -2.78 25.83 5.97
C ALA V 33 -3.69 25.12 4.97
N LEU V 34 -4.07 23.89 5.32
CA LEU V 34 -4.98 23.09 4.52
C LEU V 34 -5.95 22.34 5.41
N ARG V 35 -6.81 21.56 4.74
CA ARG V 35 -7.71 20.64 5.43
C ARG V 35 -6.97 19.42 5.98
N ILE V 36 -5.80 19.09 5.44
CA ILE V 36 -5.11 17.86 5.82
C ILE V 36 -4.51 18.01 7.22
N GLN V 37 -4.52 16.93 7.97
CA GLN V 37 -3.93 16.92 9.30
C GLN V 37 -2.42 17.04 9.21
N ASN V 38 -1.86 18.03 9.89
CA ASN V 38 -0.40 18.18 9.96
C ASN V 38 0.23 16.94 10.60
N ARG V 39 1.40 16.50 10.07
CA ARG V 39 1.92 15.20 10.50
C ARG V 39 3.28 15.36 11.15
N ALA V 40 3.61 14.41 12.02
CA ALA V 40 4.93 14.34 12.65
C ALA V 40 5.41 12.89 12.67
N THR V 41 6.53 12.61 12.00
CA THR V 41 7.21 11.32 12.11
C THR V 41 8.24 11.39 13.23
N MET V 42 8.33 10.35 14.04
CA MET V 42 9.19 10.36 15.22
C MET V 42 10.05 9.10 15.24
N GLU V 43 11.35 9.27 15.08
CA GLU V 43 12.32 8.18 15.20
C GLU V 43 12.98 8.29 16.56
N ILE V 44 12.73 7.32 17.43
CA ILE V 44 13.26 7.32 18.79
C ILE V 44 14.07 6.05 19.00
N PHE V 45 15.34 6.20 19.33
CA PHE V 45 16.23 5.09 19.59
C PHE V 45 16.48 4.94 21.08
N GLY V 46 17.21 3.88 21.44
CA GLY V 46 17.60 3.68 22.82
C GLY V 46 16.46 3.30 23.74
N LEU V 47 15.36 2.79 23.21
CA LEU V 47 14.23 2.40 24.06
C LEU V 47 14.58 1.13 24.82
N THR V 48 14.29 1.13 26.12
CA THR V 48 14.44 -0.08 26.92
C THR V 48 13.25 -1.00 26.70
N THR V 49 13.38 -2.24 27.18
CA THR V 49 12.31 -3.21 27.04
C THR V 49 11.05 -2.73 27.78
N GLN V 50 11.21 -2.20 28.99
CA GLN V 50 10.06 -1.74 29.76
C GLN V 50 9.38 -0.55 29.08
N LEU V 51 10.17 0.40 28.58
CA LEU V 51 9.59 1.55 27.88
C LEU V 51 8.86 1.12 26.61
N ARG V 52 9.45 0.19 25.86
CA ARG V 52 8.79 -0.32 24.66
C ARG V 52 7.47 -0.99 25.02
N GLU V 53 7.46 -1.80 26.08
CA GLU V 53 6.23 -2.43 26.53
C GLU V 53 5.20 -1.39 26.94
N SER V 54 5.65 -0.31 27.58
CA SER V 54 4.72 0.72 28.04
C SER V 54 4.14 1.52 26.89
N LEU V 55 4.89 1.72 25.82
CA LEU V 55 4.47 2.63 24.77
C LEU V 55 3.79 1.91 23.60
N LEU V 56 4.50 0.95 23.01
CA LEU V 56 4.02 0.32 21.78
C LEU V 56 2.76 -0.49 22.03
N SER V 57 2.67 -1.16 23.19
CA SER V 57 1.47 -1.91 23.51
C SER V 57 0.26 -1.00 23.67
N GLN V 58 0.47 0.22 24.19
CA GLN V 58 -0.63 1.16 24.28
C GLN V 58 -1.04 1.67 22.90
N PHE V 59 -0.08 1.92 22.02
CA PHE V 59 -0.42 2.38 20.67
C PHE V 59 -0.97 1.20 19.87
N THR V 60 -2.25 1.28 19.49
CA THR V 60 -2.88 0.20 18.75
C THR V 60 -4.06 0.75 17.95
N ALA V 61 -4.44 -0.01 16.92
CA ALA V 61 -5.61 0.30 16.12
C ALA V 61 -6.78 -0.63 16.41
N TRP V 62 -6.67 -1.45 17.46
CA TRP V 62 -7.74 -2.36 17.85
C TRP V 62 -8.63 -1.69 18.90
N LYS V 63 -9.48 -2.49 19.54
CA LYS V 63 -10.40 -2.08 20.60
C LYS V 63 -11.40 -1.03 20.13
N HIS V 64 -11.43 -0.76 18.83
CA HIS V 64 -12.47 0.05 18.22
C HIS V 64 -12.98 -0.54 16.92
N ARG V 65 -12.41 -1.66 16.47
CA ARG V 65 -12.89 -2.36 15.28
C ARG V 65 -13.38 -3.76 15.60
N GLN V 66 -12.57 -4.58 16.27
CA GLN V 66 -12.98 -5.92 16.66
C GLN V 66 -13.49 -5.98 18.10
N ARG V 67 -13.61 -4.82 18.76
CA ARG V 67 -14.12 -4.73 20.11
C ARG V 67 -14.86 -3.39 20.22
N GLN V 68 -15.13 -2.96 21.45
CA GLN V 68 -15.81 -1.70 21.67
C GLN V 68 -14.92 -0.66 22.35
N VAL V 69 -14.35 -0.99 23.51
CA VAL V 69 -13.54 -0.14 24.39
C VAL V 69 -13.34 1.28 23.86
N GLY V 70 -14.43 2.00 23.61
CA GLY V 70 -14.31 3.40 23.25
C GLY V 70 -15.57 4.22 23.44
N ARG V 71 -15.45 5.32 24.18
CA ARG V 71 -16.48 6.34 24.25
C ARG V 71 -15.95 7.76 24.20
N GLU V 72 -14.69 7.98 24.55
CA GLU V 72 -14.08 9.30 24.62
C GLU V 72 -12.60 9.14 24.32
N ASP V 73 -11.79 10.11 24.74
CA ASP V 73 -10.33 9.98 24.65
C ASP V 73 -9.86 8.80 25.50
N GLU V 74 -8.55 8.52 25.48
CA GLU V 74 -7.88 7.32 25.95
C GLU V 74 -8.04 6.20 24.93
N LEU V 75 -8.85 6.37 23.88
CA LEU V 75 -8.87 5.39 22.80
C LEU V 75 -7.51 5.32 22.12
N MET V 76 -6.88 6.47 21.90
CA MET V 76 -5.52 6.50 21.37
C MET V 76 -4.74 7.57 22.12
N ILE V 77 -3.44 7.33 22.29
CA ILE V 77 -2.59 8.17 23.14
C ILE V 77 -2.29 9.48 22.43
N LYS V 78 -2.48 10.59 23.14
CA LYS V 78 -2.18 11.92 22.63
C LYS V 78 -0.80 12.33 23.10
N VAL V 79 0.03 12.83 22.19
CA VAL V 79 1.41 13.18 22.48
C VAL V 79 1.69 14.60 21.98
N SER V 80 2.38 15.38 22.80
CA SER V 80 2.82 16.72 22.46
C SER V 80 4.34 16.77 22.35
N VAL V 81 4.83 17.83 21.69
CA VAL V 81 6.27 18.00 21.45
C VAL V 81 6.68 19.38 21.94
N GLU V 82 7.72 19.41 22.78
CA GLU V 82 8.23 20.67 23.33
C GLU V 82 9.70 20.78 22.98
N ALA V 83 10.03 21.67 22.06
CA ALA V 83 11.39 21.83 21.57
C ALA V 83 11.88 23.25 21.85
N GLY V 84 13.20 23.40 21.90
CA GLY V 84 13.77 24.72 22.06
C GLY V 84 15.25 24.64 22.36
N TYR V 85 15.78 25.77 22.85
CA TYR V 85 17.18 25.88 23.22
C TYR V 85 17.29 26.16 24.70
N SER V 86 18.51 26.03 25.22
CA SER V 86 18.76 26.28 26.64
C SER V 86 20.24 26.59 26.84
N ASP V 87 20.53 27.76 27.41
CA ASP V 87 21.89 28.13 27.75
C ASP V 87 21.82 29.11 28.93
N GLN V 88 22.87 29.12 29.74
CA GLN V 88 22.98 29.95 30.93
C GLN V 88 21.94 29.63 31.99
N GLY V 89 21.17 28.56 31.81
CA GLY V 89 20.15 28.16 32.76
C GLY V 89 18.73 28.49 32.34
N ARG V 90 18.55 29.38 31.38
CA ARG V 90 17.21 29.72 30.89
C ARG V 90 16.79 28.75 29.80
N GLU V 91 15.50 28.44 29.77
CA GLU V 91 14.92 27.51 28.81
C GLU V 91 14.19 28.27 27.71
N GLN V 92 13.92 27.58 26.61
CA GLN V 92 13.14 28.13 25.51
C GLN V 92 12.17 27.10 24.96
N VAL V 93 11.69 26.18 25.79
CA VAL V 93 10.88 25.06 25.34
C VAL V 93 9.48 25.56 24.99
N SER V 94 9.19 25.66 23.69
CA SER V 94 7.86 25.99 23.21
C SER V 94 7.08 24.70 22.99
N ARG V 95 5.95 24.79 22.29
CA ARG V 95 5.22 23.62 21.83
C ARG V 95 5.17 23.67 20.31
N VAL V 96 5.49 22.54 19.66
CA VAL V 96 5.59 22.51 18.21
C VAL V 96 4.65 21.49 17.58
N PHE V 97 3.97 20.64 18.35
CA PHE V 97 3.06 19.67 17.78
C PHE V 97 2.24 19.04 18.88
N VAL V 98 0.95 18.84 18.61
CA VAL V 98 0.05 18.11 19.49
C VAL V 98 -0.83 17.22 18.62
N GLY V 99 -0.80 15.92 18.85
CA GLY V 99 -1.56 15.01 18.02
C GLY V 99 -1.51 13.60 18.56
N GLU V 100 -2.29 12.73 17.93
CA GLU V 100 -2.42 11.35 18.33
C GLU V 100 -1.71 10.43 17.34
N VAL V 101 -1.14 9.35 17.87
CA VAL V 101 -0.41 8.40 17.04
C VAL V 101 -1.39 7.61 16.17
N ALA V 102 -0.91 7.15 15.03
CA ALA V 102 -1.69 6.25 14.18
C ALA V 102 -0.92 5.02 13.75
N ILE V 103 0.39 5.15 13.51
CA ILE V 103 1.22 4.07 12.99
C ILE V 103 2.47 3.97 13.84
N VAL V 104 2.94 2.75 14.05
CA VAL V 104 4.22 2.51 14.72
C VAL V 104 4.94 1.38 13.97
N ASP V 105 6.24 1.56 13.75
CA ASP V 105 7.06 0.57 13.09
C ASP V 105 8.45 0.63 13.71
N ILE V 106 9.34 -0.24 13.26
CA ILE V 106 10.74 -0.23 13.68
C ILE V 106 11.61 -0.01 12.46
N ILE V 107 12.50 0.98 12.54
CA ILE V 107 13.40 1.31 11.45
C ILE V 107 14.77 0.65 11.64
N SER V 108 15.34 0.77 12.83
CA SER V 108 16.67 0.26 13.10
C SER V 108 16.57 -1.02 13.91
N PRO V 109 17.08 -2.14 13.40
CA PRO V 109 17.11 -3.38 14.18
C PRO V 109 18.20 -3.30 15.23
N PRO V 110 18.37 -4.35 16.05
CA PRO V 110 19.49 -4.36 17.02
C PRO V 110 20.82 -4.05 16.35
N PRO V 111 21.83 -3.63 17.12
CA PRO V 111 21.87 -3.49 18.58
C PRO V 111 21.21 -2.22 19.08
N ASP V 112 20.49 -1.50 18.22
CA ASP V 112 19.76 -0.29 18.60
C ASP V 112 18.32 -0.43 18.12
N ILE V 113 17.44 -0.88 19.01
CA ILE V 113 16.03 -1.04 18.66
C ILE V 113 15.40 0.33 18.64
N GLY V 114 15.18 0.88 17.45
CA GLY V 114 14.65 2.21 17.29
C GLY V 114 13.24 2.16 16.69
N ILE V 115 12.31 2.79 17.39
CA ILE V 115 10.94 2.84 16.93
C ILE V 115 10.74 4.07 16.06
N ARG V 116 9.69 4.04 15.24
CA ARG V 116 9.30 5.17 14.40
C ARG V 116 7.78 5.22 14.44
N ILE V 117 7.25 6.22 15.13
CA ILE V 117 5.82 6.42 15.24
C ILE V 117 5.40 7.54 14.32
N GLN V 118 4.11 7.60 14.02
CA GLN V 118 3.57 8.59 13.10
C GLN V 118 2.36 9.22 13.77
N CYS V 119 2.49 10.48 14.16
CA CYS V 119 1.42 11.20 14.83
C CYS V 119 0.76 12.18 13.86
N TYR V 120 -0.56 12.31 13.97
CA TYR V 120 -1.32 13.24 13.14
C TYR V 120 -2.14 14.12 14.07
N THR V 121 -2.26 15.40 13.72
CA THR V 121 -3.10 16.27 14.55
C THR V 121 -4.57 15.94 14.33
N ARG V 122 -5.33 15.91 15.43
CA ARG V 122 -6.77 15.65 15.41
C ARG V 122 -7.08 14.27 14.81
N GLN V 123 -6.36 13.26 15.29
CA GLN V 123 -6.64 11.87 14.95
C GLN V 123 -7.71 11.25 15.83
N ILE V 124 -8.53 12.08 16.47
CA ILE V 124 -9.62 11.60 17.30
C ILE V 124 -10.92 11.70 16.49
N ASP V 125 -10.78 11.60 15.16
CA ASP V 125 -11.94 11.62 14.28
C ASP V 125 -12.92 10.51 14.60
N ARG V 126 -12.52 9.55 15.43
CA ARG V 126 -13.44 8.54 15.97
C ARG V 126 -14.30 9.20 17.04
N THR V 127 -15.04 10.22 16.62
CA THR V 127 -15.74 11.10 17.52
C THR V 127 -17.19 10.62 17.66
N LYS V 128 -18.02 11.37 18.36
CA LYS V 128 -19.42 11.00 18.51
C LYS V 128 -20.22 11.37 17.27
N THR V 129 -19.68 10.98 16.10
CA THR V 129 -20.35 10.97 14.81
C THR V 129 -21.24 12.20 14.64
N ILE V 130 -20.70 13.35 15.02
CA ILE V 130 -21.44 14.61 15.10
C ILE V 130 -22.58 14.44 16.10
N ARG V 131 -22.31 14.82 17.35
CA ARG V 131 -23.35 14.82 18.38
C ARG V 131 -24.43 15.85 18.08
N ASN V 132 -24.03 17.10 17.80
CA ASN V 132 -24.99 18.20 17.61
C ASN V 132 -25.18 18.48 16.13
N MET V 133 -26.44 18.64 15.73
CA MET V 133 -26.78 18.83 14.34
C MET V 133 -26.27 20.18 13.85
N PRO V 134 -25.78 20.26 12.61
CA PRO V 134 -25.30 21.55 12.10
C PRO V 134 -26.45 22.51 11.91
N PRO V 135 -26.18 23.81 11.85
CA PRO V 135 -27.27 24.78 11.62
C PRO V 135 -27.95 24.52 10.30
N ALA V 136 -29.27 24.71 10.27
CA ALA V 136 -30.02 24.48 9.03
C ALA V 136 -29.71 25.56 8.00
N ASN V 137 -30.01 26.81 8.34
CA ASN V 137 -29.55 27.98 7.62
C ASN V 137 -28.71 28.79 8.60
N THR V 138 -27.57 29.30 8.14
CA THR V 138 -26.70 30.08 9.01
C THR V 138 -25.62 30.75 8.19
N THR V 139 -24.94 31.70 8.82
CA THR V 139 -23.82 32.38 8.19
C THR V 139 -22.52 31.58 8.40
N PHE V 140 -21.50 31.97 7.65
CA PHE V 140 -20.24 31.24 7.66
C PHE V 140 -19.60 31.27 9.04
N VAL V 141 -19.61 32.43 9.70
CA VAL V 141 -18.97 32.54 11.01
C VAL V 141 -19.67 31.63 12.01
N LYS V 142 -21.00 31.55 11.96
CA LYS V 142 -21.71 30.72 12.91
C LYS V 142 -21.54 29.23 12.61
N PHE V 143 -21.44 28.86 11.34
CA PHE V 143 -21.10 27.48 11.02
C PHE V 143 -19.70 27.13 11.52
N VAL V 144 -18.76 28.07 11.40
CA VAL V 144 -17.42 27.85 11.92
C VAL V 144 -17.45 27.68 13.44
N GLU V 145 -18.25 28.51 14.12
CA GLU V 145 -18.38 28.38 15.56
C GLU V 145 -18.96 27.03 15.94
N TRP V 146 -19.96 26.56 15.20
CA TRP V 146 -20.51 25.24 15.46
C TRP V 146 -19.47 24.15 15.27
N GLY V 147 -18.69 24.25 14.20
CA GLY V 147 -17.65 23.26 13.97
C GLY V 147 -16.61 23.24 15.08
N ALA V 148 -16.18 24.42 15.52
CA ALA V 148 -15.21 24.51 16.61
C ALA V 148 -15.79 23.93 17.90
N ASN V 149 -17.05 24.22 18.19
CA ASN V 149 -17.68 23.66 19.38
C ASN V 149 -17.77 22.13 19.29
N GLU V 150 -18.12 21.62 18.12
CA GLU V 150 -18.22 20.17 17.94
C GLU V 150 -16.86 19.50 18.11
N MET V 151 -15.80 20.11 17.58
CA MET V 151 -14.47 19.55 17.74
C MET V 151 -13.88 19.80 19.13
N GLY V 152 -14.46 20.71 19.90
CA GLY V 152 -13.95 21.00 21.23
C GLY V 152 -12.80 21.99 21.27
N LEU V 153 -12.46 22.61 20.15
CA LEU V 153 -11.32 23.51 20.06
C LEU V 153 -11.80 24.96 20.03
N ASN V 154 -11.03 25.84 20.66
CA ASN V 154 -11.28 27.27 20.50
C ASN V 154 -10.97 27.70 19.08
N PHE V 155 -11.63 28.76 18.64
CA PHE V 155 -11.59 29.17 17.24
C PHE V 155 -11.14 30.60 17.08
N ILE V 156 -10.51 30.87 15.95
CA ILE V 156 -10.12 32.20 15.52
C ILE V 156 -10.70 32.38 14.13
N CYS V 157 -11.82 33.07 14.04
CA CYS V 157 -12.50 33.31 12.76
C CYS V 157 -12.31 34.77 12.40
N ASP V 158 -11.44 35.05 11.43
CA ASP V 158 -11.15 36.41 11.00
C ASP V 158 -11.12 36.41 9.48
N THR V 159 -12.24 36.80 8.87
CA THR V 159 -12.38 36.75 7.42
C THR V 159 -13.48 37.71 7.01
N SER V 160 -13.51 38.01 5.72
CA SER V 160 -14.51 38.90 5.14
C SER V 160 -15.74 38.16 4.62
N TYR V 161 -15.75 36.83 4.71
CA TYR V 161 -16.87 36.02 4.24
C TYR V 161 -17.78 35.56 5.38
N ASN V 162 -17.63 36.13 6.57
CA ASN V 162 -18.37 35.65 7.73
C ASN V 162 -19.87 35.87 7.56
N ASP V 163 -20.27 37.02 7.02
CA ASP V 163 -21.69 37.36 6.89
C ASP V 163 -22.24 36.92 5.53
N GLN V 164 -22.10 35.63 5.26
CA GLN V 164 -22.66 35.01 4.06
C GLN V 164 -23.44 33.77 4.47
N VAL V 165 -24.71 33.72 4.08
CA VAL V 165 -25.60 32.64 4.53
C VAL V 165 -25.38 31.41 3.67
N LEU V 166 -25.66 30.24 4.26
CA LEU V 166 -25.56 28.97 3.57
C LEU V 166 -26.82 28.17 3.83
N LYS V 167 -27.24 27.40 2.83
CA LYS V 167 -28.35 26.47 2.98
C LYS V 167 -27.78 25.07 3.13
N ASN V 168 -28.14 24.39 4.21
CA ASN V 168 -27.58 23.08 4.54
C ASN V 168 -26.06 23.16 4.55
N PRO V 169 -25.45 23.78 5.54
CA PRO V 169 -23.98 23.85 5.60
C PRO V 169 -23.36 22.65 6.30
N GLY V 170 -23.34 21.52 5.60
CA GLY V 170 -22.64 20.36 6.10
C GLY V 170 -23.52 19.29 6.71
N ARG V 171 -24.65 18.98 6.08
CA ARG V 171 -25.51 17.91 6.56
C ARG V 171 -25.10 16.54 6.05
N SER V 172 -24.14 16.46 5.14
CA SER V 172 -23.55 15.18 4.75
C SER V 172 -22.35 14.82 5.60
N ILE V 173 -21.94 15.69 6.52
CA ILE V 173 -20.78 15.42 7.35
C ILE V 173 -21.04 14.18 8.19
N THR V 174 -20.09 13.26 8.20
CA THR V 174 -20.20 12.02 8.94
C THR V 174 -19.50 12.06 10.28
N VAL V 175 -18.35 12.74 10.38
CA VAL V 175 -17.51 12.72 11.57
C VAL V 175 -16.99 14.12 11.85
N ALA V 176 -16.31 14.24 12.99
CA ALA V 176 -15.78 15.54 13.40
C ALA V 176 -14.69 16.03 12.45
N SER V 177 -13.86 15.11 11.93
CA SER V 177 -12.77 15.52 11.05
C SER V 177 -13.31 16.12 9.76
N ALA V 178 -14.41 15.58 9.24
CA ALA V 178 -14.97 16.09 7.98
C ALA V 178 -15.46 17.52 8.10
N ILE V 179 -15.63 18.02 9.32
CA ILE V 179 -16.04 19.40 9.54
C ILE V 179 -15.00 20.34 8.94
N LEU V 180 -13.73 20.09 9.24
CA LEU V 180 -12.66 20.93 8.70
C LEU V 180 -12.60 20.84 7.19
N ALA V 181 -12.78 19.63 6.65
CA ALA V 181 -12.82 19.46 5.20
C ALA V 181 -13.95 20.27 4.59
N SER V 182 -15.10 20.35 5.26
CA SER V 182 -16.23 21.12 4.74
C SER V 182 -15.96 22.62 4.79
N ILE V 183 -15.46 23.09 5.94
CA ILE V 183 -15.16 24.52 6.08
C ILE V 183 -14.10 24.93 5.07
N GLN V 184 -13.20 24.01 4.74
CA GLN V 184 -12.24 24.23 3.65
C GLN V 184 -12.92 24.17 2.29
N ASP V 185 -13.86 23.25 2.11
CA ASP V 185 -14.48 23.02 0.82
C ASP V 185 -15.23 24.26 0.33
N MET V 186 -16.08 24.81 1.18
CA MET V 186 -16.73 26.06 0.79
C MET V 186 -15.72 27.19 0.81
N TYR V 187 -15.80 28.07 -0.18
CA TYR V 187 -14.96 29.27 -0.25
C TYR V 187 -13.47 28.89 -0.27
N MET V 188 -13.06 28.28 -1.39
CA MET V 188 -11.66 27.89 -1.45
C MET V 188 -10.95 28.60 -2.63
N PRO V 189 -11.11 29.93 -2.82
CA PRO V 189 -10.04 30.64 -3.54
C PRO V 189 -8.91 31.05 -2.62
N ASP V 190 -9.27 31.62 -1.47
CA ASP V 190 -8.28 32.13 -0.52
C ASP V 190 -8.45 31.56 0.87
N VAL V 191 -9.67 31.63 1.42
CA VAL V 191 -9.91 31.40 2.84
C VAL V 191 -9.89 29.89 3.10
N ALA V 192 -8.74 29.41 3.56
CA ALA V 192 -8.57 28.00 3.91
C ALA V 192 -8.46 27.90 5.42
N ALA V 193 -9.33 27.10 6.01
CA ALA V 193 -9.32 26.88 7.45
C ALA V 193 -8.45 25.68 7.79
N PHE V 194 -7.86 25.71 8.96
CA PHE V 194 -6.98 24.64 9.41
C PHE V 194 -7.04 24.56 10.93
N VAL V 195 -6.35 23.56 11.47
CA VAL V 195 -6.24 23.36 12.91
C VAL V 195 -4.76 23.37 13.26
N ASP V 196 -4.34 24.37 14.04
CA ASP V 196 -2.98 24.46 14.54
C ASP V 196 -3.02 24.11 16.02
N ASP V 197 -2.41 22.99 16.37
CA ASP V 197 -2.46 22.44 17.73
C ASP V 197 -3.91 22.25 18.17
N ASP V 198 -4.37 23.08 19.10
CA ASP V 198 -5.73 22.98 19.63
C ASP V 198 -6.57 24.19 19.27
N ILE V 199 -6.16 24.97 18.27
CA ILE V 199 -6.84 26.20 17.88
C ILE V 199 -7.23 26.08 16.41
N LEU V 200 -8.52 26.22 16.14
CA LEU V 200 -9.05 26.13 14.78
C LEU V 200 -9.07 27.54 14.17
N ILE V 201 -8.28 27.74 13.12
CA ILE V 201 -8.10 29.05 12.51
C ILE V 201 -8.82 29.06 11.16
N VAL V 202 -9.74 30.01 10.99
CA VAL V 202 -10.44 30.23 9.73
C VAL V 202 -10.19 31.68 9.34
N LYS V 203 -9.34 31.88 8.32
CA LYS V 203 -8.92 33.21 7.93
C LYS V 203 -8.59 33.21 6.45
N ASP V 204 -8.58 34.41 5.86
CA ASP V 204 -8.16 34.57 4.48
C ASP V 204 -6.67 34.27 4.37
N ARG V 205 -6.27 33.79 3.20
CA ARG V 205 -4.89 33.36 3.01
C ARG V 205 -3.90 34.52 2.96
N ASP V 206 -4.38 35.74 2.68
CA ASP V 206 -3.52 36.90 2.56
C ASP V 206 -3.55 37.79 3.78
N LYS V 207 -4.07 37.29 4.89
CA LYS V 207 -4.14 38.06 6.11
C LYS V 207 -3.41 37.31 7.21
N VAL V 208 -2.88 38.07 8.14
CA VAL V 208 -2.20 37.51 9.29
C VAL V 208 -3.24 37.29 10.37
N ILE V 209 -3.20 36.12 10.99
CA ILE V 209 -3.98 35.97 12.21
C ILE V 209 -3.62 37.07 13.19
N ARG V 210 -2.35 37.45 13.25
CA ARG V 210 -1.96 38.39 14.33
C ARG V 210 -1.08 39.52 13.82
N PRO V 211 -1.65 40.68 13.46
CA PRO V 211 -0.86 41.86 13.04
C PRO V 211 0.18 42.31 14.07
N ASP V 212 -0.08 42.12 15.37
CA ASP V 212 0.89 42.52 16.39
C ASP V 212 1.98 41.49 16.65
N GLU V 213 1.87 40.28 16.11
CA GLU V 213 2.84 39.22 16.35
C GLU V 213 3.70 38.94 15.13
N VAL V 214 4.08 39.99 14.41
CA VAL V 214 5.04 39.83 13.33
C VAL V 214 6.40 39.40 13.90
N THR V 215 7.10 38.58 13.15
CA THR V 215 8.39 38.04 13.57
C THR V 215 9.46 38.61 12.64
N ASN V 216 10.29 39.50 13.16
CA ASN V 216 11.39 40.06 12.38
C ASN V 216 12.47 39.00 12.23
N VAL V 217 12.80 38.63 10.99
CA VAL V 217 13.77 37.60 10.69
C VAL V 217 14.93 38.25 9.94
N ASN V 218 16.14 38.01 10.42
CA ASN V 218 17.34 38.60 9.83
C ASN V 218 18.42 37.56 9.58
N SER V 219 18.41 36.49 10.36
CA SER V 219 19.37 35.40 10.22
C SER V 219 18.69 34.19 9.60
N PHE V 220 19.23 33.71 8.49
CA PHE V 220 18.69 32.59 7.74
C PHE V 220 19.79 31.58 7.51
N VAL V 221 19.40 30.33 7.31
CA VAL V 221 20.34 29.28 6.93
C VAL V 221 20.20 29.07 5.43
N GLY V 222 21.27 29.35 4.70
CA GLY V 222 21.23 29.28 3.26
C GLY V 222 20.99 30.63 2.64
N ILE V 223 19.81 30.83 2.06
CA ILE V 223 19.45 32.08 1.41
C ILE V 223 17.93 32.23 1.38
N PRO V 224 17.38 33.38 1.72
CA PRO V 224 15.94 33.59 1.59
C PRO V 224 15.56 33.79 0.14
N SER V 225 14.83 32.85 -0.46
CA SER V 225 14.63 32.87 -1.89
C SER V 225 13.19 33.18 -2.26
N TRP V 226 13.01 33.44 -3.55
CA TRP V 226 11.71 33.63 -4.16
C TRP V 226 11.02 32.28 -4.31
N SER V 227 9.76 32.31 -4.72
CA SER V 227 9.02 31.13 -5.09
C SER V 227 7.91 31.56 -6.03
N GLU V 228 7.14 30.58 -6.51
CA GLU V 228 6.02 30.91 -7.38
C GLU V 228 4.90 31.63 -6.62
N TRP V 229 4.93 31.63 -5.29
CA TRP V 229 3.96 32.36 -4.48
C TRP V 229 4.60 33.51 -3.71
N GLY V 230 5.64 33.23 -2.93
CA GLY V 230 6.18 34.23 -2.03
C GLY V 230 7.66 34.04 -1.74
N VAL V 231 8.02 34.13 -0.47
CA VAL V 231 9.39 33.90 -0.03
C VAL V 231 9.47 32.56 0.70
N GLU V 232 10.51 31.80 0.39
CA GLU V 232 10.77 30.53 1.04
C GLU V 232 12.14 30.59 1.69
N PHE V 233 12.22 30.16 2.96
CA PHE V 233 13.51 30.24 3.63
C PHE V 233 13.56 29.28 4.80
N GLN V 234 14.76 28.80 5.09
CA GLN V 234 14.98 27.95 6.26
C GLN V 234 15.61 28.78 7.37
N CYS V 235 15.44 28.32 8.60
CA CYS V 235 15.95 29.03 9.76
C CYS V 235 16.26 28.05 10.86
N LEU V 236 17.11 28.49 11.79
CA LEU V 236 17.30 27.75 13.03
C LEU V 236 16.06 27.90 13.89
N PHE V 237 15.84 26.91 14.75
CA PHE V 237 14.59 26.85 15.52
C PHE V 237 14.39 28.10 16.38
N GLU V 238 13.35 28.87 16.05
CA GLU V 238 12.95 30.00 16.85
C GLU V 238 11.59 29.71 17.46
N PRO V 239 11.47 29.66 18.78
CA PRO V 239 10.18 29.33 19.43
C PRO V 239 9.20 30.51 19.43
N SER V 240 9.06 31.16 18.28
CA SER V 240 8.10 32.23 18.12
C SER V 240 7.49 32.27 16.73
N ILE V 241 7.71 31.23 15.92
CA ILE V 241 7.19 31.15 14.56
C ILE V 241 6.13 30.07 14.53
N ARG V 242 4.88 30.47 14.32
CA ARG V 242 3.75 29.57 14.21
C ARG V 242 3.35 29.45 12.74
N VAL V 243 2.25 28.78 12.49
CA VAL V 243 1.66 28.72 11.15
C VAL V 243 0.69 29.89 11.01
N ALA V 244 0.57 30.39 9.78
CA ALA V 244 -0.27 31.55 9.43
C ALA V 244 0.19 32.83 10.11
N GLY V 245 1.36 32.83 10.74
CA GLY V 245 1.87 34.03 11.36
C GLY V 245 2.52 34.97 10.37
N GLY V 246 2.79 36.19 10.85
CA GLY V 246 3.41 37.20 10.00
C GLY V 246 4.92 37.23 10.19
N VAL V 247 5.62 37.37 9.07
CA VAL V 247 7.07 37.40 9.06
C VAL V 247 7.52 38.71 8.41
N ALA V 248 8.67 39.21 8.85
CA ALA V 248 9.18 40.51 8.41
C ALA V 248 10.58 40.35 7.82
N VAL V 249 10.72 39.44 6.87
CA VAL V 249 12.00 39.05 6.27
C VAL V 249 12.86 40.26 5.95
N GLU V 250 14.11 40.25 6.40
CA GLU V 250 15.08 41.31 6.11
C GLU V 250 16.38 40.60 5.73
N SER V 251 16.56 40.33 4.44
CA SER V 251 17.64 39.49 3.95
C SER V 251 18.86 40.33 3.57
N LEU V 252 19.98 39.63 3.44
CA LEU V 252 21.24 40.22 3.00
C LEU V 252 21.63 39.72 1.61
N MET V 253 21.61 38.41 1.39
CA MET V 253 22.02 37.87 0.09
C MET V 253 21.08 38.33 -1.00
N ASN V 254 19.77 38.24 -0.76
CA ASN V 254 18.73 38.66 -1.69
C ASN V 254 18.06 39.92 -1.16
N PRO V 255 18.37 41.10 -1.70
CA PRO V 255 17.84 42.32 -1.11
C PRO V 255 16.40 42.60 -1.47
N SER V 256 15.87 42.02 -2.54
CA SER V 256 14.51 42.32 -2.98
C SER V 256 13.46 41.36 -2.43
N VAL V 257 13.86 40.35 -1.65
CA VAL V 257 12.87 39.51 -0.98
C VAL V 257 12.42 40.10 0.34
N ASN V 258 12.95 41.25 0.75
CA ASN V 258 12.53 41.90 1.97
C ASN V 258 11.07 42.32 1.87
N GLY V 259 10.38 42.26 3.00
CA GLY V 259 8.99 42.64 3.06
C GLY V 259 8.28 41.88 4.17
N ASN V 260 6.98 42.07 4.21
CA ASN V 260 6.12 41.42 5.19
C ASN V 260 5.37 40.28 4.54
N TYR V 261 5.46 39.08 5.13
CA TYR V 261 4.85 37.88 4.56
C TYR V 261 4.05 37.16 5.63
N VAL V 262 3.03 36.44 5.18
CA VAL V 262 2.30 35.53 6.03
C VAL V 262 2.81 34.12 5.75
N ILE V 263 2.60 33.22 6.69
CA ILE V 263 3.14 31.86 6.62
C ILE V 263 2.03 30.93 6.13
N THR V 264 2.38 30.05 5.18
CA THR V 264 1.44 29.05 4.69
C THR V 264 1.82 27.63 5.09
N ALA V 265 3.11 27.31 5.13
CA ALA V 265 3.58 25.97 5.46
C ALA V 265 4.68 26.07 6.51
N LEU V 266 5.06 24.92 7.06
CA LEU V 266 6.11 24.85 8.07
C LEU V 266 6.75 23.48 8.05
N GLU V 267 8.07 23.45 8.09
CA GLU V 267 8.87 22.23 7.94
C GLU V 267 9.84 22.13 9.11
N TYR V 268 9.35 21.59 10.22
CA TYR V 268 10.20 21.32 11.38
C TYR V 268 10.98 20.03 11.15
N ASP V 269 12.27 20.08 11.44
CA ASP V 269 13.13 18.89 11.43
C ASP V 269 14.07 19.09 12.61
N LEU V 270 13.77 18.42 13.71
CA LEU V 270 14.51 18.58 14.96
C LEU V 270 15.18 17.26 15.31
N ALA V 271 16.52 17.28 15.39
CA ALA V 271 17.29 16.10 15.76
C ALA V 271 18.24 16.47 16.88
N SER V 272 17.98 15.97 18.09
CA SER V 272 18.82 16.30 19.22
C SER V 272 20.25 15.80 19.04
N ARG V 273 20.40 14.58 18.54
CA ARG V 273 21.71 13.95 18.36
C ARG V 273 22.15 13.92 16.89
N ASP V 274 21.70 14.90 16.10
CA ASP V 274 22.11 14.98 14.70
C ASP V 274 22.04 16.43 14.26
N ARG V 275 22.66 16.69 13.10
CA ARG V 275 22.77 18.06 12.60
C ARG V 275 21.43 18.75 12.37
N PRO V 276 20.44 18.13 11.69
CA PRO V 276 19.25 18.91 11.29
C PRO V 276 18.40 19.37 12.46
N PHE V 277 18.41 20.68 12.72
CA PHE V 277 17.57 21.31 13.73
C PHE V 277 16.93 22.55 13.13
N TYR V 278 16.39 22.43 11.93
CA TYR V 278 15.89 23.59 11.20
C TYR V 278 14.39 23.55 11.00
N ILE V 279 13.83 24.74 10.78
CA ILE V 279 12.45 24.88 10.36
C ILE V 279 12.43 25.64 9.04
N LYS V 280 11.70 25.12 8.06
CA LYS V 280 11.56 25.74 6.74
C LYS V 280 10.20 26.41 6.65
N VAL V 281 10.18 27.64 6.17
CA VAL V 281 8.97 28.45 6.12
C VAL V 281 8.66 28.75 4.66
N MET V 282 7.46 28.38 4.25
CA MET V 282 6.82 28.88 3.03
C MET V 282 5.98 30.08 3.43
N GLY V 283 6.20 31.22 2.76
CA GLY V 283 5.44 32.42 3.05
C GLY V 283 4.98 33.08 1.77
N SER V 284 3.83 33.74 1.85
CA SER V 284 3.25 34.46 0.74
C SER V 284 3.08 35.92 1.10
N PRO V 285 3.02 36.82 0.11
CA PRO V 285 2.84 38.24 0.41
C PRO V 285 1.59 38.47 1.25
N ALA V 286 1.71 39.35 2.23
CA ALA V 286 0.65 39.59 3.20
C ALA V 286 -0.08 40.89 2.88
N ALA V 287 -1.39 40.87 3.05
CA ALA V 287 -2.23 42.03 2.80
C ALA V 287 -3.26 42.21 3.90
N LYS W 3 32.05 19.72 -27.60
CA LYS W 3 31.51 20.90 -26.94
C LYS W 3 29.98 20.88 -27.02
N ARG W 4 29.34 20.51 -25.91
CA ARG W 4 27.89 20.62 -25.83
C ARG W 4 27.49 22.09 -25.73
N ILE W 5 26.41 22.45 -26.40
CA ILE W 5 25.92 23.82 -26.38
C ILE W 5 24.45 23.78 -26.00
N LEU W 6 24.12 24.31 -24.82
CA LEU W 6 22.78 24.28 -24.26
C LEU W 6 22.39 25.69 -23.84
N ARG W 7 21.22 26.13 -24.27
CA ARG W 7 20.73 27.47 -23.98
C ARG W 7 19.31 27.38 -23.42
N VAL W 8 19.03 28.18 -22.40
CA VAL W 8 17.69 28.36 -21.87
C VAL W 8 17.30 29.81 -22.18
N THR W 9 16.35 30.00 -23.09
CA THR W 9 15.99 31.33 -23.55
C THR W 9 14.61 31.70 -23.01
N PHE W 10 14.57 32.66 -22.09
CA PHE W 10 13.32 33.14 -21.53
C PHE W 10 12.73 34.19 -22.46
N ASN W 11 11.48 34.60 -22.18
CA ASN W 11 10.87 35.72 -22.87
C ASN W 11 10.26 36.64 -21.83
N MET W 12 10.85 37.82 -21.64
CA MET W 12 10.42 38.79 -20.66
C MET W 12 10.31 40.15 -21.33
N PRO W 13 9.67 41.13 -20.69
CA PRO W 13 9.48 42.44 -21.36
C PRO W 13 10.76 43.07 -21.86
N TYR W 14 11.86 42.89 -21.14
CA TYR W 14 13.14 43.44 -21.58
C TYR W 14 13.58 42.78 -22.89
N GLY W 15 13.34 41.47 -23.02
CA GLY W 15 13.67 40.74 -24.20
C GLY W 15 13.90 39.28 -23.89
N PRO W 16 14.70 38.60 -24.72
CA PRO W 16 15.20 37.27 -24.36
C PRO W 16 16.53 37.38 -23.64
N GLU W 17 16.62 36.74 -22.48
CA GLU W 17 17.88 36.64 -21.73
C GLU W 17 18.34 35.18 -21.82
N VAL W 18 19.25 34.91 -22.75
CA VAL W 18 19.73 33.55 -22.97
C VAL W 18 20.70 33.17 -21.86
N ILE W 19 20.38 32.10 -21.14
CA ILE W 19 21.31 31.50 -20.20
C ILE W 19 22.09 30.44 -20.96
N ARG W 20 23.39 30.65 -21.08
CA ARG W 20 24.25 29.81 -21.91
C ARG W 20 24.69 28.57 -21.14
N GLU W 21 25.57 27.79 -21.76
CA GLU W 21 26.11 26.58 -21.16
C GLU W 21 27.29 26.85 -20.24
N ASP W 22 27.83 28.07 -20.23
CA ASP W 22 28.91 28.40 -19.31
C ASP W 22 28.43 28.28 -17.86
N LEU W 23 27.24 28.81 -17.58
CA LEU W 23 26.61 28.54 -16.30
C LEU W 23 26.25 27.07 -16.19
N ASP W 24 26.27 26.56 -14.96
CA ASP W 24 25.90 25.17 -14.72
C ASP W 24 24.40 25.02 -14.89
N VAL W 25 24.00 24.35 -15.96
CA VAL W 25 22.59 24.14 -16.26
C VAL W 25 22.32 22.65 -16.38
N ARG W 26 21.16 22.23 -15.91
CA ARG W 26 20.76 20.83 -15.97
C ARG W 26 19.27 20.80 -16.29
N VAL W 27 18.93 20.33 -17.49
CA VAL W 27 17.55 20.34 -17.97
C VAL W 27 17.09 18.90 -18.13
N ARG W 28 16.05 18.52 -17.41
CA ARG W 28 15.41 17.22 -17.52
C ARG W 28 14.03 17.45 -18.12
N ILE W 29 13.87 17.06 -19.39
CA ILE W 29 12.62 17.22 -20.12
C ILE W 29 12.00 15.84 -20.26
N MET W 30 10.72 15.74 -19.96
CA MET W 30 10.01 14.47 -20.12
C MET W 30 8.74 14.76 -20.92
N LYS W 31 8.67 14.17 -22.12
CA LYS W 31 7.59 14.36 -23.07
C LYS W 31 7.00 13.01 -23.42
N ALA W 32 5.72 13.03 -23.81
CA ALA W 32 5.03 11.79 -24.09
C ALA W 32 3.81 12.09 -24.95
N ALA W 33 3.28 11.04 -25.58
CA ALA W 33 2.07 11.16 -26.40
C ALA W 33 0.84 10.93 -25.54
N LEU W 34 0.59 11.89 -24.65
CA LEU W 34 -0.55 11.85 -23.75
C LEU W 34 -1.25 13.20 -23.72
N ARG W 35 -2.36 13.21 -22.97
CA ARG W 35 -3.03 14.46 -22.63
C ARG W 35 -2.19 15.30 -21.68
N ILE W 36 -1.26 14.70 -20.95
CA ILE W 36 -0.51 15.42 -19.92
C ILE W 36 0.46 16.40 -20.57
N GLN W 37 0.60 17.56 -19.94
CA GLN W 37 1.57 18.54 -20.38
C GLN W 37 2.98 18.01 -20.13
N ASN W 38 3.81 18.07 -21.18
CA ASN W 38 5.21 17.67 -21.03
C ASN W 38 5.95 18.63 -20.11
N ARG W 39 6.86 18.06 -19.32
CA ARG W 39 7.50 18.75 -18.20
C ARG W 39 8.96 19.05 -18.52
N ALA W 40 9.47 20.15 -17.94
CA ALA W 40 10.89 20.46 -18.00
C ALA W 40 11.31 21.00 -16.64
N THR W 41 12.20 20.28 -15.97
CA THR W 41 12.81 20.72 -14.72
C THR W 41 14.23 21.16 -15.01
N MET W 42 14.52 22.44 -14.78
CA MET W 42 15.85 22.95 -15.09
C MET W 42 16.47 23.60 -13.87
N GLU W 43 17.63 23.08 -13.48
CA GLU W 43 18.42 23.58 -12.36
C GLU W 43 19.53 24.44 -12.93
N ILE W 44 19.55 25.71 -12.57
CA ILE W 44 20.54 26.66 -13.06
C ILE W 44 21.28 27.22 -11.85
N PHE W 45 22.58 26.98 -11.79
CA PHE W 45 23.41 27.55 -10.75
C PHE W 45 24.21 28.73 -11.31
N GLY W 46 24.94 29.40 -10.43
CA GLY W 46 25.75 30.53 -10.85
C GLY W 46 24.96 31.77 -11.22
N LEU W 47 23.75 31.92 -10.68
CA LEU W 47 22.98 33.13 -10.95
C LEU W 47 23.50 34.29 -10.13
N THR W 48 23.71 35.43 -10.78
CA THR W 48 24.03 36.65 -10.06
C THR W 48 22.79 37.19 -9.35
N THR W 49 23.02 38.13 -8.45
CA THR W 49 21.89 38.75 -7.75
C THR W 49 20.97 39.46 -8.74
N GLN W 50 21.55 40.17 -9.71
CA GLN W 50 20.73 40.90 -10.66
C GLN W 50 19.90 39.97 -11.54
N LEU W 51 20.52 38.87 -12.01
CA LEU W 51 19.78 37.91 -12.84
C LEU W 51 18.68 37.24 -12.03
N ARG W 52 18.97 36.91 -10.77
CA ARG W 52 17.94 36.32 -9.92
C ARG W 52 16.77 37.27 -9.75
N GLU W 53 17.04 38.55 -9.49
CA GLU W 53 15.95 39.50 -9.33
C GLU W 53 15.20 39.74 -10.63
N SER W 54 15.89 39.62 -11.76
CA SER W 54 15.24 39.84 -13.05
C SER W 54 14.38 38.66 -13.47
N LEU W 55 14.68 37.46 -12.99
CA LEU W 55 13.93 36.27 -13.40
C LEU W 55 12.90 35.83 -12.37
N LEU W 56 13.35 35.57 -11.13
CA LEU W 56 12.46 34.99 -10.13
C LEU W 56 11.33 35.93 -9.75
N SER W 57 11.58 37.23 -9.75
CA SER W 57 10.51 38.18 -9.46
C SER W 57 9.42 38.15 -10.52
N GLN W 58 9.81 37.98 -11.79
CA GLN W 58 8.80 37.87 -12.84
C GLN W 58 8.04 36.56 -12.74
N PHE W 59 8.71 35.46 -12.38
CA PHE W 59 8.02 34.19 -12.23
C PHE W 59 7.18 34.23 -10.95
N THR W 60 5.86 34.24 -11.10
CA THR W 60 4.97 34.29 -9.95
C THR W 60 3.62 33.70 -10.32
N ALA W 61 2.88 33.27 -9.30
CA ALA W 61 1.51 32.78 -9.45
C ALA W 61 0.47 33.79 -8.98
N TRP W 62 0.88 35.03 -8.70
CA TRP W 62 -0.04 36.08 -8.30
C TRP W 62 -0.48 36.87 -9.52
N LYS W 63 -1.13 38.01 -9.28
CA LYS W 63 -1.63 38.92 -10.30
C LYS W 63 -2.68 38.28 -11.20
N HIS W 64 -3.06 37.04 -10.92
CA HIS W 64 -4.20 36.41 -11.55
C HIS W 64 -5.13 35.76 -10.53
N ARG W 65 -4.79 35.81 -9.25
CA ARG W 65 -5.64 35.26 -8.19
C ARG W 65 -6.12 36.35 -7.23
N GLN W 66 -5.20 37.14 -6.67
CA GLN W 66 -5.56 38.23 -5.77
C GLN W 66 -5.57 39.58 -6.47
N ARG W 67 -5.31 39.61 -7.77
CA ARG W 67 -5.35 40.83 -8.57
C ARG W 67 -5.97 40.48 -9.92
N GLN W 68 -5.88 41.40 -10.88
CA GLN W 68 -6.39 41.16 -12.22
C GLN W 68 -5.27 40.99 -13.24
N VAL W 69 -4.38 41.99 -13.33
CA VAL W 69 -3.31 42.14 -14.32
C VAL W 69 -3.24 41.01 -15.34
N GLY W 70 -4.34 40.76 -16.05
CA GLY W 70 -4.33 39.72 -17.05
C GLY W 70 -5.39 39.77 -18.13
N ARG W 71 -4.96 39.77 -19.39
CA ARG W 71 -5.85 39.59 -20.53
C ARG W 71 -5.30 38.71 -21.63
N GLU W 72 -3.98 38.56 -21.75
CA GLU W 72 -3.34 37.81 -22.82
C GLU W 72 -2.03 37.26 -22.28
N ASP W 73 -1.09 36.93 -23.18
CA ASP W 73 0.25 36.53 -22.77
C ASP W 73 0.96 37.67 -22.04
N GLU W 74 2.19 37.42 -21.61
CA GLU W 74 2.97 38.19 -20.64
C GLU W 74 2.47 37.89 -19.23
N LEU W 75 1.41 37.10 -19.07
CA LEU W 75 1.00 36.71 -17.73
C LEU W 75 2.05 35.82 -17.08
N MET W 76 2.57 34.86 -17.83
CA MET W 76 3.63 33.99 -17.34
C MET W 76 4.72 33.94 -18.40
N ILE W 77 5.95 33.78 -17.95
CA ILE W 77 7.10 33.86 -18.84
C ILE W 77 7.20 32.56 -19.64
N LYS W 78 7.25 32.69 -20.96
CA LYS W 78 7.43 31.55 -21.85
C LYS W 78 8.92 31.38 -22.12
N VAL W 79 9.42 30.17 -21.91
CA VAL W 79 10.84 29.86 -22.04
C VAL W 79 11.00 28.68 -22.99
N SER W 80 11.96 28.78 -23.89
CA SER W 80 12.34 27.71 -24.79
C SER W 80 13.72 27.18 -24.43
N VAL W 81 14.02 25.97 -24.87
CA VAL W 81 15.31 25.34 -24.64
C VAL W 81 15.90 24.95 -25.98
N GLU W 82 17.14 25.37 -26.24
CA GLU W 82 17.83 25.07 -27.49
C GLU W 82 19.12 24.34 -27.16
N ALA W 83 19.23 23.09 -27.60
CA ALA W 83 20.35 22.24 -27.26
C ALA W 83 20.97 21.62 -28.50
N GLY W 84 22.24 21.25 -28.37
CA GLY W 84 22.89 20.55 -29.46
C GLY W 84 24.40 20.48 -29.24
N TYR W 85 25.11 20.22 -30.33
CA TYR W 85 26.56 20.11 -30.33
C TYR W 85 27.15 21.19 -31.23
N SER W 86 28.46 21.35 -31.14
CA SER W 86 29.16 22.34 -31.94
C SER W 86 30.63 21.96 -32.03
N ASP W 87 31.12 21.79 -33.25
CA ASP W 87 32.53 21.50 -33.48
C ASP W 87 32.90 22.01 -34.86
N GLN W 88 34.17 22.42 -34.99
CA GLN W 88 34.73 23.00 -36.22
C GLN W 88 34.06 24.31 -36.62
N GLY W 89 33.24 24.89 -35.74
CA GLY W 89 32.56 26.13 -36.02
C GLY W 89 31.10 25.99 -36.39
N ARG W 90 30.65 24.79 -36.75
CA ARG W 90 29.26 24.56 -37.11
C ARG W 90 28.44 24.23 -35.88
N GLU W 91 27.21 24.73 -35.84
CA GLU W 91 26.30 24.51 -34.71
C GLU W 91 25.27 23.45 -35.05
N GLN W 92 24.64 22.93 -33.99
CA GLN W 92 23.56 21.95 -34.14
C GLN W 92 22.42 22.25 -33.17
N VAL W 93 22.23 23.52 -32.82
CA VAL W 93 21.29 23.91 -31.76
C VAL W 93 19.87 23.78 -32.30
N SER W 94 19.21 22.69 -31.94
CA SER W 94 17.79 22.52 -32.22
C SER W 94 16.98 22.93 -30.99
N ARG W 95 15.66 22.84 -31.08
CA ARG W 95 14.78 23.20 -29.98
C ARG W 95 14.19 21.93 -29.38
N VAL W 96 14.19 21.87 -28.04
CA VAL W 96 13.76 20.67 -27.33
C VAL W 96 12.62 20.91 -26.37
N PHE W 97 12.21 22.16 -26.14
CA PHE W 97 11.12 22.44 -25.21
C PHE W 97 10.67 23.88 -25.38
N VAL W 98 9.36 24.09 -25.29
CA VAL W 98 8.75 25.42 -25.23
C VAL W 98 7.61 25.34 -24.24
N GLY W 99 7.65 26.20 -23.22
CA GLY W 99 6.61 26.15 -22.20
C GLY W 99 6.78 27.26 -21.19
N GLU W 100 5.79 27.39 -20.32
CA GLU W 100 5.75 28.44 -19.33
C GLU W 100 6.11 27.89 -17.95
N VAL W 101 6.80 28.71 -17.16
CA VAL W 101 7.24 28.29 -15.84
C VAL W 101 6.03 28.15 -14.93
N ALA W 102 6.13 27.25 -13.96
CA ALA W 102 5.07 27.11 -12.97
C ALA W 102 5.63 27.15 -11.56
N ILE W 103 6.84 26.63 -11.34
CA ILE W 103 7.38 26.48 -10.00
C ILE W 103 8.80 27.02 -9.92
N VAL W 104 9.13 27.67 -8.81
CA VAL W 104 10.45 28.22 -8.55
C VAL W 104 10.91 27.75 -7.19
N ASP W 105 12.16 27.32 -7.07
CA ASP W 105 12.72 26.96 -5.77
C ASP W 105 14.23 27.06 -5.85
N ILE W 106 14.90 26.86 -4.72
CA ILE W 106 16.35 26.66 -4.69
C ILE W 106 16.65 25.33 -4.02
N ILE W 107 17.43 24.50 -4.72
CA ILE W 107 17.88 23.23 -4.17
C ILE W 107 19.20 23.38 -3.43
N SER W 108 20.15 24.10 -4.01
CA SER W 108 21.49 24.22 -3.46
C SER W 108 21.66 25.57 -2.80
N PRO W 109 21.88 25.61 -1.49
CA PRO W 109 22.10 26.88 -0.79
C PRO W 109 23.48 27.42 -1.10
N PRO W 110 23.86 28.56 -0.53
CA PRO W 110 25.22 29.11 -0.76
C PRO W 110 26.30 28.09 -0.45
N PRO W 111 27.50 28.25 -1.01
CA PRO W 111 28.00 29.37 -1.81
C PRO W 111 27.56 29.32 -3.27
N ASP W 112 26.83 28.28 -3.67
CA ASP W 112 26.34 28.13 -5.04
C ASP W 112 24.82 28.25 -5.00
N ILE W 113 24.32 29.47 -5.12
CA ILE W 113 22.89 29.75 -5.09
C ILE W 113 22.33 29.32 -6.44
N GLY W 114 21.77 28.11 -6.50
CA GLY W 114 21.28 27.58 -7.74
C GLY W 114 19.79 27.33 -7.73
N ILE W 115 19.07 28.01 -8.62
CA ILE W 115 17.62 27.85 -8.67
C ILE W 115 17.27 26.55 -9.37
N ARG W 116 16.05 26.09 -9.12
CA ARG W 116 15.44 24.94 -9.79
C ARG W 116 14.03 25.37 -10.16
N ILE W 117 13.75 25.47 -11.45
CA ILE W 117 12.47 25.94 -11.91
C ILE W 117 11.80 24.87 -12.77
N GLN W 118 10.48 24.85 -12.69
CA GLN W 118 9.64 23.80 -13.25
C GLN W 118 8.67 24.45 -14.24
N CYS W 119 8.76 24.02 -15.50
CA CYS W 119 7.93 24.53 -16.58
C CYS W 119 7.13 23.39 -17.19
N TYR W 120 5.93 23.72 -17.68
CA TYR W 120 5.07 22.77 -18.38
C TYR W 120 4.70 23.38 -19.72
N THR W 121 4.56 22.54 -20.75
CA THR W 121 4.10 23.07 -22.02
C THR W 121 2.64 23.45 -21.93
N ARG W 122 2.30 24.60 -22.51
CA ARG W 122 0.92 25.12 -22.55
C ARG W 122 0.38 25.33 -21.13
N GLN W 123 1.12 26.11 -20.33
CA GLN W 123 0.68 26.52 -19.01
C GLN W 123 -0.14 27.81 -19.06
N ILE W 124 -0.77 28.09 -20.20
CA ILE W 124 -1.64 29.24 -20.37
C ILE W 124 -3.08 28.76 -20.26
N ASP W 125 -3.27 27.67 -19.50
CA ASP W 125 -4.58 27.05 -19.37
C ASP W 125 -5.63 28.02 -18.87
N ARG W 126 -5.22 29.08 -18.16
CA ARG W 126 -6.14 30.12 -17.74
C ARG W 126 -6.46 31.06 -18.91
N THR W 127 -6.89 30.45 -20.01
CA THR W 127 -7.08 31.12 -21.29
C THR W 127 -8.43 31.85 -21.24
N LYS W 128 -8.89 32.34 -22.38
CA LYS W 128 -10.11 33.15 -22.40
C LYS W 128 -11.35 32.25 -22.35
N THR W 129 -11.36 31.31 -21.40
CA THR W 129 -12.50 30.49 -21.04
C THR W 129 -13.34 30.06 -22.25
N ILE W 130 -12.67 29.60 -23.29
CA ILE W 130 -13.29 29.21 -24.55
C ILE W 130 -14.02 30.39 -25.16
N ARG W 131 -13.35 31.06 -26.11
CA ARG W 131 -13.96 32.21 -26.77
C ARG W 131 -15.00 31.77 -27.80
N ASN W 132 -14.62 30.85 -28.68
CA ASN W 132 -15.50 30.38 -29.74
C ASN W 132 -16.15 29.06 -29.33
N MET W 133 -17.47 28.97 -29.50
CA MET W 133 -18.20 27.82 -29.03
C MET W 133 -17.81 26.57 -29.83
N PRO W 134 -17.75 25.41 -29.19
CA PRO W 134 -17.43 24.17 -29.92
C PRO W 134 -18.54 23.81 -30.87
N PRO W 135 -18.29 22.93 -31.84
CA PRO W 135 -19.33 22.58 -32.81
C PRO W 135 -20.51 21.87 -32.14
N ALA W 136 -21.70 22.08 -32.70
CA ALA W 136 -22.88 21.36 -32.23
C ALA W 136 -22.84 19.90 -32.66
N ASN W 137 -22.84 19.65 -33.97
CA ASN W 137 -22.68 18.32 -34.54
C ASN W 137 -21.62 18.41 -35.64
N THR W 138 -20.55 17.65 -35.52
CA THR W 138 -19.46 17.75 -36.48
C THR W 138 -18.66 16.46 -36.48
N THR W 139 -17.67 16.42 -37.37
CA THR W 139 -16.76 15.30 -37.44
C THR W 139 -15.55 15.53 -36.53
N PHE W 140 -14.82 14.44 -36.28
CA PHE W 140 -13.67 14.49 -35.38
C PHE W 140 -12.61 15.44 -35.89
N VAL W 141 -12.33 15.42 -37.20
CA VAL W 141 -11.30 16.29 -37.75
C VAL W 141 -11.67 17.75 -37.53
N LYS W 142 -12.96 18.06 -37.64
CA LYS W 142 -13.38 19.46 -37.55
C LYS W 142 -13.38 19.92 -36.10
N PHE W 143 -13.72 19.03 -35.17
CA PHE W 143 -13.55 19.35 -33.75
C PHE W 143 -12.07 19.58 -33.42
N VAL W 144 -11.19 18.76 -34.00
CA VAL W 144 -9.75 18.95 -33.79
C VAL W 144 -9.29 20.29 -34.34
N GLU W 145 -9.79 20.65 -35.52
CA GLU W 145 -9.45 21.95 -36.10
C GLU W 145 -9.94 23.09 -35.23
N TRP W 146 -11.14 22.97 -34.66
CA TRP W 146 -11.64 23.99 -33.75
C TRP W 146 -10.76 24.10 -32.52
N GLY W 147 -10.36 22.97 -31.95
CA GLY W 147 -9.49 23.01 -30.78
C GLY W 147 -8.15 23.65 -31.08
N ALA W 148 -7.55 23.30 -32.22
CA ALA W 148 -6.28 23.88 -32.61
C ALA W 148 -6.41 25.39 -32.84
N ASN W 149 -7.49 25.80 -33.50
CA ASN W 149 -7.71 27.23 -33.72
C ASN W 149 -7.90 27.98 -32.40
N GLU W 150 -8.64 27.39 -31.47
CA GLU W 150 -8.83 28.02 -30.17
C GLU W 150 -7.52 28.14 -29.41
N MET W 151 -6.71 27.08 -29.42
CA MET W 151 -5.42 27.14 -28.73
C MET W 151 -4.40 27.99 -29.47
N GLY W 152 -4.65 28.32 -30.73
CA GLY W 152 -3.71 29.11 -31.51
C GLY W 152 -2.59 28.33 -32.14
N LEU W 153 -2.58 27.00 -32.03
CA LEU W 153 -1.50 26.18 -32.54
C LEU W 153 -1.89 25.52 -33.85
N ASN W 154 -0.92 25.43 -34.75
CA ASN W 154 -1.10 24.65 -35.97
C ASN W 154 -1.21 23.17 -35.64
N PHE W 155 -1.95 22.44 -36.47
CA PHE W 155 -2.35 21.07 -36.16
C PHE W 155 -1.91 20.11 -37.25
N ILE W 156 -1.65 18.87 -36.84
CA ILE W 156 -1.39 17.75 -37.72
C ILE W 156 -2.40 16.67 -37.36
N CYS W 157 -3.45 16.53 -38.16
CA CYS W 157 -4.50 15.54 -37.93
C CYS W 157 -4.36 14.46 -38.99
N ASP W 158 -3.92 13.28 -38.58
CA ASP W 158 -3.74 12.15 -39.50
C ASP W 158 -4.26 10.91 -38.79
N THR W 159 -5.52 10.56 -39.05
CA THR W 159 -6.15 9.43 -38.38
C THR W 159 -7.27 8.91 -39.26
N SER W 160 -7.71 7.68 -38.96
CA SER W 160 -8.80 7.04 -39.67
C SER W 160 -10.16 7.30 -39.03
N TYR W 161 -10.19 8.04 -37.93
CA TYR W 161 -11.43 8.37 -37.23
C TYR W 161 -11.91 9.78 -37.54
N ASN W 162 -11.31 10.44 -38.53
CA ASN W 162 -11.63 11.84 -38.79
C ASN W 162 -13.08 12.00 -39.25
N ASP W 163 -13.53 11.13 -40.16
CA ASP W 163 -14.87 11.24 -40.72
C ASP W 163 -15.87 10.42 -39.90
N GLN W 164 -15.83 10.64 -38.59
CA GLN W 164 -16.81 10.07 -37.69
C GLN W 164 -17.53 11.22 -37.01
N VAL W 165 -18.83 11.31 -37.23
CA VAL W 165 -19.60 12.39 -36.62
C VAL W 165 -19.67 12.14 -35.12
N LEU W 166 -19.59 13.22 -34.37
CA LEU W 166 -19.89 13.21 -32.95
C LEU W 166 -21.09 14.11 -32.73
N LYS W 167 -22.11 13.57 -32.09
CA LYS W 167 -23.14 14.42 -31.52
C LYS W 167 -22.50 15.07 -30.31
N ASN W 168 -22.43 16.40 -30.33
CA ASN W 168 -22.10 17.17 -29.13
C ASN W 168 -20.70 16.97 -28.58
N PRO W 169 -19.65 17.45 -29.27
CA PRO W 169 -18.24 17.20 -28.89
C PRO W 169 -17.62 18.24 -27.94
N GLY W 170 -17.99 18.19 -26.67
CA GLY W 170 -17.19 18.90 -25.68
C GLY W 170 -17.64 20.29 -25.30
N ARG W 171 -18.91 20.46 -24.96
CA ARG W 171 -19.39 21.73 -24.44
C ARG W 171 -19.31 21.81 -22.93
N SER W 172 -18.82 20.78 -22.25
CA SER W 172 -18.50 20.84 -20.84
C SER W 172 -17.10 21.38 -20.58
N ILE W 173 -16.35 21.68 -21.64
CA ILE W 173 -14.98 22.17 -21.49
C ILE W 173 -15.00 23.54 -20.83
N THR W 174 -14.14 23.72 -19.84
CA THR W 174 -14.09 24.98 -19.09
C THR W 174 -12.99 25.92 -19.57
N VAL W 175 -11.81 25.41 -19.86
CA VAL W 175 -10.67 26.22 -20.29
C VAL W 175 -10.02 25.57 -21.49
N ALA W 176 -9.03 26.27 -22.06
CA ALA W 176 -8.41 25.81 -23.30
C ALA W 176 -7.66 24.50 -23.10
N SER W 177 -7.05 24.31 -21.93
CA SER W 177 -6.27 23.09 -21.71
C SER W 177 -7.14 21.84 -21.77
N ALA W 178 -8.36 21.91 -21.25
CA ALA W 178 -9.22 20.74 -21.20
C ALA W 178 -9.60 20.25 -22.60
N ILE W 179 -9.38 21.09 -23.62
CA ILE W 179 -9.65 20.66 -24.99
C ILE W 179 -8.80 19.45 -25.35
N LEU W 180 -7.52 19.49 -24.99
CA LEU W 180 -6.64 18.36 -25.27
C LEU W 180 -7.08 17.12 -24.52
N ALA W 181 -7.49 17.30 -23.26
CA ALA W 181 -8.01 16.18 -22.48
C ALA W 181 -9.25 15.58 -23.12
N SER W 182 -10.11 16.40 -23.70
CA SER W 182 -11.31 15.90 -24.36
C SER W 182 -10.96 15.13 -25.63
N ILE W 183 -10.10 15.70 -26.47
CA ILE W 183 -9.68 15.04 -27.70
C ILE W 183 -9.01 13.71 -27.37
N GLN W 184 -8.29 13.67 -26.26
CA GLN W 184 -7.71 12.43 -25.76
C GLN W 184 -8.77 11.48 -25.23
N ASP W 185 -9.81 11.99 -24.58
CA ASP W 185 -10.83 11.15 -23.95
C ASP W 185 -11.61 10.37 -25.00
N MET W 186 -12.09 11.06 -26.03
CA MET W 186 -12.82 10.34 -27.08
C MET W 186 -11.85 9.51 -27.90
N TYR W 187 -12.26 8.28 -28.23
CA TYR W 187 -11.47 7.39 -29.09
C TYR W 187 -10.07 7.17 -28.51
N MET W 188 -10.02 6.49 -27.37
CA MET W 188 -8.72 6.37 -26.73
C MET W 188 -8.28 4.91 -26.54
N PRO W 189 -8.41 4.02 -27.56
CA PRO W 189 -7.53 2.84 -27.53
C PRO W 189 -6.17 3.13 -28.13
N ASP W 190 -6.17 3.83 -29.26
CA ASP W 190 -4.96 4.11 -30.02
C ASP W 190 -4.75 5.60 -30.26
N VAL W 191 -5.73 6.30 -30.84
CA VAL W 191 -5.51 7.66 -31.34
C VAL W 191 -5.49 8.60 -30.15
N ALA W 192 -4.28 8.92 -29.70
CA ALA W 192 -4.06 9.83 -28.59
C ALA W 192 -3.46 11.12 -29.12
N ALA W 193 -4.09 12.24 -28.79
CA ALA W 193 -3.63 13.54 -29.24
C ALA W 193 -2.76 14.19 -28.18
N PHE W 194 -1.78 14.97 -28.63
CA PHE W 194 -0.87 15.64 -27.72
C PHE W 194 -0.42 16.96 -28.37
N VAL W 195 0.39 17.70 -27.62
CA VAL W 195 0.97 18.95 -28.11
C VAL W 195 2.48 18.84 -27.97
N ASP W 196 3.18 18.88 -29.10
CA ASP W 196 4.63 18.91 -29.14
C ASP W 196 5.07 20.31 -29.52
N ASP W 197 5.73 21.00 -28.59
CA ASP W 197 6.10 22.40 -28.75
C ASP W 197 4.86 23.25 -29.05
N ASP W 198 4.75 23.74 -30.29
CA ASP W 198 3.63 24.58 -30.69
C ASP W 198 2.77 23.90 -31.75
N ILE W 199 2.89 22.59 -31.91
CA ILE W 199 2.16 21.84 -32.92
C ILE W 199 1.29 20.81 -32.21
N LEU W 200 -0.01 20.86 -32.48
CA LEU W 200 -0.95 19.91 -31.90
C LEU W 200 -1.11 18.72 -32.84
N ILE W 201 -0.70 17.54 -32.38
CA ILE W 201 -0.68 16.34 -33.20
C ILE W 201 -1.79 15.41 -32.73
N VAL W 202 -2.69 15.05 -33.65
CA VAL W 202 -3.75 14.10 -33.40
C VAL W 202 -3.60 13.00 -34.45
N LYS W 203 -3.25 11.79 -34.01
CA LYS W 203 -3.00 10.69 -34.92
C LYS W 203 -3.16 9.38 -34.18
N ASP W 204 -3.26 8.30 -34.95
CA ASP W 204 -3.22 6.96 -34.37
C ASP W 204 -1.85 6.71 -33.75
N ARG W 205 -1.85 5.86 -32.72
CA ARG W 205 -0.62 5.57 -32.00
C ARG W 205 0.34 4.69 -32.79
N ASP W 206 -0.14 3.98 -33.81
CA ASP W 206 0.70 3.11 -34.61
C ASP W 206 1.10 3.73 -35.95
N LYS W 207 0.95 5.05 -36.08
CA LYS W 207 1.30 5.75 -37.31
C LYS W 207 2.27 6.88 -36.99
N VAL W 208 3.07 7.23 -37.99
CA VAL W 208 4.12 8.23 -37.85
C VAL W 208 3.61 9.55 -38.42
N ILE W 209 4.01 10.66 -37.78
CA ILE W 209 3.62 11.98 -38.26
C ILE W 209 4.19 12.23 -39.64
N ARG W 210 5.46 11.87 -39.86
CA ARG W 210 6.15 12.15 -41.12
C ARG W 210 6.87 10.89 -41.58
N PRO W 211 6.24 10.09 -42.44
CA PRO W 211 6.90 8.86 -42.90
C PRO W 211 8.23 9.09 -43.58
N ASP W 212 8.40 10.21 -44.28
CA ASP W 212 9.66 10.49 -44.96
C ASP W 212 10.78 10.89 -44.00
N GLU W 213 10.47 11.10 -42.72
CA GLU W 213 11.42 11.59 -41.75
C GLU W 213 11.83 10.52 -40.74
N VAL W 214 12.01 9.29 -41.21
CA VAL W 214 12.54 8.24 -40.37
C VAL W 214 13.98 8.58 -39.98
N THR W 215 14.36 8.20 -38.77
CA THR W 215 15.69 8.47 -38.23
C THR W 215 16.39 7.13 -38.07
N ASN W 216 17.38 6.86 -38.93
CA ASN W 216 18.15 5.63 -38.82
C ASN W 216 19.09 5.75 -37.63
N VAL W 217 18.94 4.84 -36.67
CA VAL W 217 19.74 4.83 -35.45
C VAL W 217 20.63 3.61 -35.46
N ASN W 218 21.92 3.81 -35.23
CA ASN W 218 22.90 2.73 -35.27
C ASN W 218 23.75 2.72 -34.00
N SER W 219 23.93 3.89 -33.39
CA SER W 219 24.74 4.03 -32.19
C SER W 219 23.83 4.35 -31.00
N PHE W 220 23.92 3.55 -29.96
CA PHE W 220 23.12 3.68 -28.75
C PHE W 220 24.05 3.75 -27.56
N VAL W 221 23.51 4.14 -26.41
CA VAL W 221 24.26 4.10 -25.16
C VAL W 221 23.66 2.98 -24.33
N GLY W 222 24.45 1.94 -24.08
CA GLY W 222 23.94 0.76 -23.42
C GLY W 222 23.62 -0.34 -24.42
N ILE W 223 22.34 -0.68 -24.53
CA ILE W 223 21.87 -1.69 -25.47
C ILE W 223 20.40 -1.44 -25.76
N PRO W 224 19.98 -1.49 -27.02
CA PRO W 224 18.55 -1.32 -27.33
C PRO W 224 17.77 -2.54 -26.90
N SER W 225 16.93 -2.42 -25.87
CA SER W 225 16.30 -3.60 -25.29
C SER W 225 14.84 -3.67 -25.67
N TRP W 226 14.26 -4.86 -25.49
CA TRP W 226 12.84 -5.07 -25.71
C TRP W 226 12.04 -4.36 -24.63
N SER W 227 10.73 -4.30 -24.84
CA SER W 227 9.83 -3.78 -23.82
C SER W 227 8.46 -4.40 -24.04
N GLU W 228 7.49 -3.95 -23.25
CA GLU W 228 6.14 -4.48 -23.34
C GLU W 228 5.55 -4.20 -24.71
N TRP W 229 5.75 -3.00 -25.23
CA TRP W 229 5.17 -2.59 -26.50
C TRP W 229 6.16 -2.75 -27.64
N GLY W 230 7.31 -2.08 -27.55
CA GLY W 230 8.29 -2.10 -28.62
C GLY W 230 9.72 -2.22 -28.13
N VAL W 231 10.55 -1.29 -28.56
CA VAL W 231 11.95 -1.24 -28.19
C VAL W 231 12.21 0.05 -27.40
N GLU W 232 13.01 -0.07 -26.35
CA GLU W 232 13.41 1.09 -25.56
C GLU W 232 14.92 1.23 -25.62
N PHE W 233 15.38 2.47 -25.80
CA PHE W 233 16.83 2.66 -25.94
C PHE W 233 17.21 4.09 -25.61
N GLN W 234 18.44 4.27 -25.15
CA GLN W 234 18.99 5.58 -24.89
C GLN W 234 20.02 5.93 -25.95
N CYS W 235 20.17 7.22 -26.21
CA CYS W 235 21.11 7.67 -27.23
C CYS W 235 21.70 9.01 -26.82
N LEU W 236 22.82 9.34 -27.45
CA LEU W 236 23.36 10.69 -27.32
C LEU W 236 22.46 11.66 -28.08
N PHE W 237 22.51 12.93 -27.68
CA PHE W 237 21.59 13.92 -28.22
C PHE W 237 21.77 14.04 -29.73
N GLU W 238 20.72 13.71 -30.47
CA GLU W 238 20.65 13.94 -31.90
C GLU W 238 19.55 14.94 -32.19
N PRO W 239 19.85 16.09 -32.78
CA PRO W 239 18.83 17.12 -33.03
C PRO W 239 17.95 16.80 -34.24
N SER W 240 17.48 15.56 -34.30
CA SER W 240 16.58 15.13 -35.37
C SER W 240 15.53 14.16 -34.85
N ILE W 241 15.45 13.92 -33.55
CA ILE W 241 14.50 12.99 -32.95
C ILE W 241 13.46 13.80 -32.21
N ARG W 242 12.21 13.68 -32.64
CA ARG W 242 11.08 14.36 -32.02
C ARG W 242 10.19 13.34 -31.33
N VAL W 243 9.07 13.80 -30.80
CA VAL W 243 8.07 12.91 -30.23
C VAL W 243 7.18 12.41 -31.36
N ALA W 244 6.87 11.11 -31.32
CA ALA W 244 6.01 10.44 -32.30
C ALA W 244 6.65 10.34 -33.67
N GLY W 245 7.96 10.55 -33.77
CA GLY W 245 8.66 10.41 -35.03
C GLY W 245 9.00 8.96 -35.33
N GLY W 246 9.45 8.73 -36.55
CA GLY W 246 9.81 7.40 -37.00
C GLY W 246 11.28 7.12 -36.76
N VAL W 247 11.56 5.90 -36.30
CA VAL W 247 12.92 5.48 -35.98
C VAL W 247 13.19 4.14 -36.65
N ALA W 248 14.44 3.92 -37.05
CA ALA W 248 14.81 2.76 -37.85
C ALA W 248 15.93 1.98 -37.17
N VAL W 249 15.71 1.62 -35.90
CA VAL W 249 16.71 0.96 -35.05
C VAL W 249 17.47 -0.14 -35.79
N GLU W 250 18.80 -0.09 -35.73
CA GLU W 250 19.66 -1.10 -36.33
C GLU W 250 20.73 -1.43 -35.30
N SER W 251 20.45 -2.41 -34.44
CA SER W 251 21.29 -2.68 -33.29
C SER W 251 22.33 -3.74 -33.60
N LEU W 252 23.31 -3.86 -32.70
CA LEU W 252 24.37 -4.85 -32.77
C LEU W 252 24.32 -5.85 -31.62
N MET W 253 24.23 -5.37 -30.38
CA MET W 253 24.14 -6.26 -29.24
C MET W 253 22.89 -7.13 -29.33
N ASN W 254 21.76 -6.51 -29.63
CA ASN W 254 20.47 -7.19 -29.77
C ASN W 254 20.07 -7.20 -31.24
N PRO W 255 20.16 -8.33 -31.93
CA PRO W 255 19.78 -8.35 -33.35
C PRO W 255 18.29 -8.47 -33.59
N SER W 256 17.52 -8.89 -32.59
CA SER W 256 16.09 -9.08 -32.78
C SER W 256 15.30 -7.77 -32.72
N VAL W 257 15.87 -6.70 -32.16
CA VAL W 257 15.14 -5.44 -32.04
C VAL W 257 15.21 -4.60 -33.29
N ASN W 258 15.87 -5.07 -34.34
CA ASN W 258 15.93 -4.31 -35.59
C ASN W 258 14.55 -4.18 -36.20
N GLY W 259 14.27 -3.02 -36.76
CA GLY W 259 12.99 -2.76 -37.39
C GLY W 259 12.65 -1.29 -37.31
N ASN W 260 11.44 -0.97 -37.75
CA ASN W 260 10.95 0.40 -37.77
C ASN W 260 9.99 0.61 -36.59
N TYR W 261 10.20 1.69 -35.85
CA TYR W 261 9.42 1.99 -34.67
C TYR W 261 8.96 3.44 -34.69
N VAL W 262 7.80 3.68 -34.11
CA VAL W 262 7.32 5.02 -33.84
C VAL W 262 7.62 5.33 -32.37
N ILE W 263 7.70 6.61 -32.05
CA ILE W 263 8.09 7.06 -30.72
C ILE W 263 6.84 7.38 -29.90
N THR W 264 6.86 7.00 -28.64
CA THR W 264 5.78 7.33 -27.72
C THR W 264 6.21 8.23 -26.58
N ALA W 265 7.40 8.01 -26.02
CA ALA W 265 7.89 8.79 -24.89
C ALA W 265 9.34 9.18 -25.12
N LEU W 266 9.70 10.35 -24.59
CA LEU W 266 11.04 10.91 -24.76
C LEU W 266 11.48 11.49 -23.43
N GLU W 267 12.71 11.19 -23.03
CA GLU W 267 13.29 11.64 -21.76
C GLU W 267 14.63 12.28 -22.04
N TYR W 268 14.62 13.59 -22.27
CA TYR W 268 15.84 14.36 -22.38
C TYR W 268 16.45 14.60 -21.00
N ASP W 269 17.76 14.42 -20.91
CA ASP W 269 18.52 14.76 -19.69
C ASP W 269 19.83 15.38 -20.19
N LEU W 270 19.88 16.71 -20.18
CA LEU W 270 20.98 17.47 -20.75
C LEU W 270 21.67 18.26 -19.64
N ALA W 271 22.96 17.99 -19.45
CA ALA W 271 23.76 18.66 -18.42
C ALA W 271 25.03 19.17 -19.07
N SER W 272 25.15 20.49 -19.20
CA SER W 272 26.33 21.07 -19.85
C SER W 272 27.60 20.77 -19.06
N ARG W 273 27.54 20.89 -17.73
CA ARG W 273 28.69 20.68 -16.87
C ARG W 273 28.60 19.38 -16.07
N ASP W 274 27.97 18.36 -16.64
CA ASP W 274 27.89 17.05 -15.99
C ASP W 274 27.75 15.98 -17.07
N ARG W 275 27.93 14.73 -16.64
CA ARG W 275 27.93 13.61 -17.59
C ARG W 275 26.61 13.46 -18.35
N PRO W 276 25.42 13.47 -17.71
CA PRO W 276 24.21 13.07 -18.44
C PRO W 276 23.82 14.03 -19.55
N PHE W 277 23.97 13.60 -20.79
CA PHE W 277 23.55 14.36 -21.96
C PHE W 277 22.83 13.44 -22.93
N TYR W 278 21.90 12.63 -22.41
CA TYR W 278 21.27 11.59 -23.20
C TYR W 278 19.80 11.88 -23.41
N ILE W 279 19.24 11.24 -24.44
CA ILE W 279 17.80 11.19 -24.63
C ILE W 279 17.37 9.73 -24.64
N LYS W 280 16.33 9.41 -23.88
CA LYS W 280 15.80 8.05 -23.80
C LYS W 280 14.51 7.99 -24.60
N VAL W 281 14.40 6.98 -25.46
CA VAL W 281 13.28 6.85 -26.39
C VAL W 281 12.54 5.57 -26.06
N MET W 282 11.22 5.71 -25.86
CA MET W 282 10.29 4.59 -25.84
C MET W 282 9.68 4.47 -27.23
N GLY W 283 9.75 3.29 -27.84
CA GLY W 283 9.19 3.14 -29.16
C GLY W 283 8.36 1.88 -29.29
N SER W 284 7.37 1.93 -30.17
CA SER W 284 6.45 0.84 -30.39
C SER W 284 6.46 0.51 -31.88
N PRO W 285 6.07 -0.71 -32.25
CA PRO W 285 6.07 -1.09 -33.67
C PRO W 285 5.21 -0.14 -34.49
N ALA W 286 5.69 0.19 -35.68
CA ALA W 286 5.05 1.15 -36.56
C ALA W 286 4.24 0.44 -37.64
N ALA W 287 3.00 0.88 -37.81
CA ALA W 287 2.12 0.29 -38.81
C ALA W 287 1.59 1.36 -39.76
N LYS X 3 23.38 -22.17 1.19
CA LYS X 3 23.30 -22.58 -0.21
C LYS X 3 21.88 -22.41 -0.72
N ARG X 4 21.49 -21.15 -0.89
CA ARG X 4 20.15 -20.83 -1.36
C ARG X 4 19.94 -21.40 -2.76
N ILE X 5 18.74 -21.90 -3.00
CA ILE X 5 18.37 -22.43 -4.31
C ILE X 5 17.11 -21.72 -4.75
N LEU X 6 17.22 -20.94 -5.83
CA LEU X 6 16.13 -20.10 -6.33
C LEU X 6 15.95 -20.36 -7.81
N ARG X 7 14.72 -20.65 -8.22
CA ARG X 7 14.40 -20.93 -9.61
C ARG X 7 13.25 -20.05 -10.06
N VAL X 8 13.37 -19.50 -11.26
CA VAL X 8 12.29 -18.79 -11.93
C VAL X 8 11.89 -19.65 -13.12
N THR X 9 10.70 -20.24 -13.08
CA THR X 9 10.25 -21.18 -14.10
C THR X 9 9.17 -20.52 -14.94
N PHE X 10 9.50 -20.23 -16.20
CA PHE X 10 8.50 -19.69 -17.10
C PHE X 10 7.69 -20.83 -17.71
N ASN X 11 6.63 -20.47 -18.43
CA ASN X 11 5.85 -21.43 -19.21
C ASN X 11 5.70 -20.87 -20.61
N MET X 12 6.34 -21.52 -21.58
CA MET X 12 6.46 -21.02 -22.95
C MET X 12 6.07 -22.13 -23.90
N PRO X 13 5.76 -21.80 -25.16
CA PRO X 13 5.39 -22.85 -26.12
C PRO X 13 6.41 -23.97 -26.23
N TYR X 14 7.71 -23.65 -26.19
CA TYR X 14 8.72 -24.69 -26.19
C TYR X 14 8.63 -25.54 -24.92
N GLY X 15 8.40 -24.89 -23.79
CA GLY X 15 8.32 -25.57 -22.51
C GLY X 15 8.66 -24.66 -21.35
N PRO X 16 9.06 -25.25 -20.23
CA PRO X 16 9.62 -24.43 -19.14
C PRO X 16 11.13 -24.27 -19.26
N GLU X 17 11.62 -23.04 -19.31
CA GLU X 17 13.05 -22.76 -19.23
C GLU X 17 13.34 -22.23 -17.83
N VAL X 18 13.88 -23.10 -16.98
CA VAL X 18 14.12 -22.73 -15.60
C VAL X 18 15.39 -21.89 -15.53
N ILE X 19 15.27 -20.69 -14.96
CA ILE X 19 16.42 -19.85 -14.66
C ILE X 19 16.85 -20.18 -13.23
N ARG X 20 18.04 -20.74 -13.09
CA ARG X 20 18.52 -21.24 -11.81
C ARG X 20 19.12 -20.11 -10.99
N GLU X 21 19.70 -20.49 -9.84
CA GLU X 21 20.33 -19.53 -8.93
C GLU X 21 21.76 -19.19 -9.32
N ASP X 22 22.35 -19.91 -10.28
CA ASP X 22 23.69 -19.57 -10.73
C ASP X 22 23.73 -18.19 -11.37
N LEU X 23 22.77 -17.91 -12.24
CA LEU X 23 22.60 -16.55 -12.74
C LEU X 23 22.21 -15.62 -11.59
N ASP X 24 22.67 -14.37 -11.68
CA ASP X 24 22.31 -13.41 -10.66
C ASP X 24 20.84 -13.06 -10.83
N VAL X 25 20.04 -13.43 -9.83
CA VAL X 25 18.60 -13.20 -9.85
C VAL X 25 18.23 -12.48 -8.55
N ARG X 26 17.16 -11.70 -8.62
CA ARG X 26 16.69 -10.95 -7.45
C ARG X 26 15.18 -10.80 -7.58
N VAL X 27 14.44 -11.45 -6.68
CA VAL X 27 12.99 -11.46 -6.74
C VAL X 27 12.46 -10.74 -5.51
N ARG X 28 11.73 -9.66 -5.73
CA ARG X 28 11.05 -8.93 -4.66
C ARG X 28 9.56 -9.18 -4.85
N ILE X 29 8.99 -10.03 -4.01
CA ILE X 29 7.57 -10.38 -4.04
C ILE X 29 6.90 -9.64 -2.90
N MET X 30 5.75 -9.06 -3.16
CA MET X 30 4.97 -8.44 -2.09
C MET X 30 3.51 -8.84 -2.25
N LYS X 31 3.01 -9.53 -1.23
CA LYS X 31 1.69 -10.14 -1.19
C LYS X 31 0.94 -9.60 0.01
N ALA X 32 -0.39 -9.62 -0.07
CA ALA X 32 -1.19 -9.07 1.02
C ALA X 32 -2.59 -9.63 0.95
N ALA X 33 -3.31 -9.51 2.05
CA ALA X 33 -4.72 -9.92 2.13
C ALA X 33 -5.63 -8.78 1.66
N LEU X 34 -5.38 -8.34 0.44
CA LEU X 34 -6.15 -7.29 -0.20
C LEU X 34 -6.70 -7.76 -1.53
N ARG X 35 -7.51 -6.89 -2.12
CA ARG X 35 -7.91 -7.07 -3.50
C ARG X 35 -6.73 -7.03 -4.44
N ILE X 36 -5.79 -6.11 -4.23
CA ILE X 36 -4.77 -5.81 -5.22
C ILE X 36 -3.95 -7.06 -5.53
N GLN X 37 -3.59 -7.21 -6.79
CA GLN X 37 -2.80 -8.35 -7.22
C GLN X 37 -1.41 -8.28 -6.61
N ASN X 38 -0.98 -9.39 -6.01
CA ASN X 38 0.36 -9.46 -5.46
C ASN X 38 1.41 -9.37 -6.56
N ARG X 39 2.49 -8.66 -6.26
CA ARG X 39 3.50 -8.27 -7.24
C ARG X 39 4.79 -9.07 -7.04
N ALA X 40 5.56 -9.18 -8.13
CA ALA X 40 6.89 -9.77 -8.07
C ALA X 40 7.76 -9.06 -9.10
N THR X 41 8.72 -8.28 -8.61
CA THR X 41 9.74 -7.68 -9.47
C THR X 41 10.94 -8.61 -9.56
N MET X 42 11.44 -8.81 -10.78
CA MET X 42 12.48 -9.81 -11.04
C MET X 42 13.61 -9.14 -11.80
N GLU X 43 14.76 -9.00 -11.14
CA GLU X 43 15.98 -8.50 -11.79
C GLU X 43 16.85 -9.71 -12.09
N ILE X 44 17.03 -10.00 -13.37
CA ILE X 44 17.79 -11.16 -13.82
C ILE X 44 18.92 -10.67 -14.72
N PHE X 45 20.16 -10.91 -14.31
CA PHE X 45 21.31 -10.56 -15.13
C PHE X 45 21.96 -11.82 -15.70
N GLY X 46 22.96 -11.61 -16.54
CA GLY X 46 23.65 -12.71 -17.17
C GLY X 46 22.87 -13.39 -18.27
N LEU X 47 21.89 -12.72 -18.86
CA LEU X 47 21.11 -13.30 -19.94
C LEU X 47 21.96 -13.35 -21.21
N THR X 48 21.89 -14.48 -21.91
CA THR X 48 22.49 -14.56 -23.23
C THR X 48 21.56 -13.94 -24.27
N THR X 49 22.12 -13.73 -25.47
CA THR X 49 21.32 -13.17 -26.55
C THR X 49 20.16 -14.10 -26.92
N GLN X 50 20.43 -15.40 -26.99
CA GLN X 50 19.38 -16.35 -27.33
C GLN X 50 18.28 -16.39 -26.28
N LEU X 51 18.66 -16.37 -24.99
CA LEU X 51 17.65 -16.40 -23.94
C LEU X 51 16.84 -15.11 -23.93
N ARG X 52 17.49 -13.97 -24.14
CA ARG X 52 16.76 -12.71 -24.23
C ARG X 52 15.77 -12.74 -25.39
N GLU X 53 16.20 -13.26 -26.54
CA GLU X 53 15.29 -13.39 -27.67
C GLU X 53 14.12 -14.30 -27.34
N SER X 54 14.38 -15.41 -26.66
CA SER X 54 13.33 -16.39 -26.38
C SER X 54 12.35 -15.91 -25.32
N LEU X 55 12.75 -14.98 -24.46
CA LEU X 55 11.87 -14.53 -23.38
C LEU X 55 11.22 -13.18 -23.66
N LEU X 56 12.03 -12.14 -23.92
CA LEU X 56 11.50 -10.79 -24.00
C LEU X 56 10.61 -10.62 -25.23
N SER X 57 10.96 -11.27 -26.33
CA SER X 57 10.13 -11.18 -27.53
C SER X 57 8.74 -11.78 -27.30
N GLN X 58 8.66 -12.83 -26.47
CA GLN X 58 7.35 -13.39 -26.15
C GLN X 58 6.59 -12.50 -25.18
N PHE X 59 7.28 -11.88 -24.21
CA PHE X 59 6.60 -10.96 -23.32
C PHE X 59 6.25 -9.69 -24.07
N THR X 60 4.96 -9.47 -24.32
CA THR X 60 4.51 -8.30 -25.06
C THR X 60 3.09 -7.94 -24.66
N ALA X 61 2.73 -6.69 -24.90
CA ALA X 61 1.39 -6.18 -24.65
C ALA X 61 0.55 -6.09 -25.92
N TRP X 62 1.06 -6.60 -27.04
CA TRP X 62 0.36 -6.55 -28.31
C TRP X 62 -0.45 -7.83 -28.53
N LYS X 63 -0.93 -8.02 -29.76
CA LYS X 63 -1.66 -9.22 -30.19
C LYS X 63 -2.98 -9.37 -29.46
N HIS X 64 -3.31 -8.40 -28.62
CA HIS X 64 -4.62 -8.28 -28.02
C HIS X 64 -5.15 -6.85 -28.12
N ARG X 65 -4.37 -5.94 -28.70
CA ARG X 65 -4.76 -4.55 -28.90
C ARG X 65 -4.86 -4.16 -30.37
N GLN X 66 -3.76 -4.26 -31.11
CA GLN X 66 -3.77 -3.99 -32.54
C GLN X 66 -3.98 -5.24 -33.37
N ARG X 67 -4.18 -6.38 -32.73
CA ARG X 67 -4.43 -7.64 -33.43
C ARG X 67 -5.49 -8.40 -32.63
N GLN X 68 -5.66 -9.68 -32.95
CA GLN X 68 -6.66 -10.52 -32.29
C GLN X 68 -6.01 -11.58 -31.41
N VAL X 69 -5.15 -12.42 -31.99
CA VAL X 69 -4.46 -13.56 -31.39
C VAL X 69 -4.74 -13.74 -29.89
N GLY X 70 -6.00 -13.94 -29.55
CA GLY X 70 -6.34 -14.30 -28.18
C GLY X 70 -7.70 -14.94 -28.00
N ARG X 71 -7.72 -16.13 -27.41
CA ARG X 71 -8.96 -16.76 -26.94
C ARG X 71 -8.84 -17.41 -25.58
N GLU X 72 -7.64 -17.77 -25.13
CA GLU X 72 -7.41 -18.46 -23.87
C GLU X 72 -6.01 -18.06 -23.39
N ASP X 73 -5.44 -18.87 -22.50
CA ASP X 73 -4.06 -18.67 -22.07
C ASP X 73 -3.11 -18.82 -23.26
N GLU X 74 -1.81 -18.62 -23.02
CA GLU X 74 -0.73 -18.42 -23.98
C GLU X 74 -0.75 -16.99 -24.51
N LEU X 75 -1.76 -16.18 -24.18
CA LEU X 75 -1.72 -14.76 -24.52
C LEU X 75 -0.56 -14.08 -23.80
N MET X 76 -0.35 -14.41 -22.52
CA MET X 76 0.79 -13.90 -21.78
C MET X 76 1.38 -15.05 -20.97
N ILE X 77 2.70 -15.01 -20.81
CA ILE X 77 3.45 -16.11 -20.23
C ILE X 77 3.26 -16.14 -18.72
N LYS X 78 2.94 -17.31 -18.19
CA LYS X 78 2.79 -17.52 -16.76
C LYS X 78 4.10 -18.06 -16.21
N VAL X 79 4.57 -17.45 -15.12
CA VAL X 79 5.86 -17.78 -14.52
C VAL X 79 5.67 -18.03 -13.03
N SER X 80 6.31 -19.09 -12.53
CA SER X 80 6.28 -19.44 -11.12
C SER X 80 7.67 -19.30 -10.53
N VAL X 81 7.72 -19.20 -9.19
CA VAL X 81 8.97 -19.00 -8.46
C VAL X 81 9.09 -20.10 -7.41
N GLU X 82 10.22 -20.80 -7.42
CA GLU X 82 10.48 -21.88 -6.47
C GLU X 82 11.78 -21.60 -5.75
N ALA X 83 11.70 -21.23 -4.48
CA ALA X 83 12.88 -20.87 -3.70
C ALA X 83 12.96 -21.75 -2.47
N GLY X 84 14.17 -21.83 -1.91
CA GLY X 84 14.37 -22.58 -0.69
C GLY X 84 15.84 -22.77 -0.39
N TYR X 85 16.12 -23.72 0.49
CA TYR X 85 17.48 -24.05 0.89
C TYR X 85 17.80 -25.49 0.48
N SER X 86 19.09 -25.82 0.55
CA SER X 86 19.53 -27.16 0.18
C SER X 86 20.85 -27.44 0.86
N ASP X 87 20.92 -28.51 1.65
CA ASP X 87 22.14 -28.90 2.31
C ASP X 87 22.13 -30.42 2.52
N GLN X 88 23.33 -31.01 2.47
CA GLN X 88 23.54 -32.45 2.59
C GLN X 88 22.85 -33.24 1.49
N GLY X 89 22.39 -32.59 0.43
CA GLY X 89 21.72 -33.23 -0.66
C GLY X 89 20.21 -33.08 -0.67
N ARG X 90 19.61 -32.72 0.46
CA ARG X 90 18.17 -32.54 0.52
C ARG X 90 17.80 -31.15 0.00
N GLU X 91 16.54 -31.02 -0.44
CA GLU X 91 16.03 -29.79 -1.01
C GLU X 91 14.90 -29.24 -0.16
N GLN X 92 14.62 -27.95 -0.36
CA GLN X 92 13.52 -27.27 0.33
C GLN X 92 12.79 -26.32 -0.60
N VAL X 93 12.74 -26.62 -1.89
CA VAL X 93 12.20 -25.71 -2.88
C VAL X 93 10.67 -25.69 -2.77
N SER X 94 10.14 -24.62 -2.22
CA SER X 94 8.71 -24.41 -2.13
C SER X 94 8.23 -23.64 -3.36
N ARG X 95 7.01 -23.12 -3.32
CA ARG X 95 6.50 -22.21 -4.32
C ARG X 95 6.12 -20.90 -3.64
N VAL X 96 6.58 -19.78 -4.18
CA VAL X 96 6.40 -18.49 -3.54
C VAL X 96 5.67 -17.48 -4.40
N PHE X 97 5.41 -17.78 -5.68
CA PHE X 97 4.71 -16.83 -6.54
C PHE X 97 4.32 -17.52 -7.83
N VAL X 98 3.08 -17.28 -8.27
CA VAL X 98 2.61 -17.69 -9.59
C VAL X 98 1.86 -16.52 -10.20
N GLY X 99 2.24 -16.12 -11.41
CA GLY X 99 1.61 -14.98 -12.05
C GLY X 99 2.18 -14.76 -13.42
N GLU X 100 1.55 -13.84 -14.14
CA GLU X 100 1.92 -13.52 -15.51
C GLU X 100 2.66 -12.21 -15.55
N VAL X 101 3.68 -12.14 -16.42
CA VAL X 101 4.47 -10.92 -16.54
C VAL X 101 3.61 -9.80 -17.10
N ALA X 102 3.87 -8.59 -16.63
CA ALA X 102 3.18 -7.42 -17.16
C ALA X 102 4.12 -6.34 -17.65
N ILE X 103 5.22 -6.10 -16.94
CA ILE X 103 6.17 -5.05 -17.29
C ILE X 103 7.49 -5.72 -17.65
N VAL X 104 8.22 -5.13 -18.60
CA VAL X 104 9.59 -5.57 -18.89
C VAL X 104 10.47 -4.41 -19.32
N ASP X 105 11.54 -4.17 -18.56
CA ASP X 105 12.50 -3.12 -18.88
C ASP X 105 13.90 -3.68 -18.69
N ILE X 106 14.90 -2.82 -18.87
CA ILE X 106 16.29 -3.14 -18.60
C ILE X 106 16.84 -2.14 -17.59
N ILE X 107 17.46 -2.66 -16.54
CA ILE X 107 18.02 -1.82 -15.48
C ILE X 107 19.52 -1.58 -15.69
N SER X 108 20.28 -2.65 -15.88
CA SER X 108 21.73 -2.55 -15.98
C SER X 108 22.15 -2.66 -17.43
N PRO X 109 22.81 -1.65 -17.99
CA PRO X 109 23.30 -1.74 -19.37
C PRO X 109 24.53 -2.62 -19.43
N PRO X 110 25.14 -2.80 -20.60
CA PRO X 110 26.40 -3.55 -20.69
C PRO X 110 27.43 -3.03 -19.70
N PRO X 111 28.42 -3.85 -19.33
CA PRO X 111 28.74 -5.19 -19.84
C PRO X 111 27.88 -6.29 -19.23
N ASP X 112 26.90 -5.93 -18.40
CA ASP X 112 25.99 -6.89 -17.79
C ASP X 112 24.55 -6.50 -18.17
N ILE X 113 24.07 -7.05 -19.28
CA ILE X 113 22.73 -6.76 -19.78
C ILE X 113 21.75 -7.49 -18.86
N GLY X 114 21.16 -6.76 -17.93
CA GLY X 114 20.24 -7.35 -16.99
C GLY X 114 18.82 -6.84 -17.15
N ILE X 115 17.87 -7.75 -17.28
CA ILE X 115 16.48 -7.38 -17.46
C ILE X 115 15.82 -7.23 -16.09
N ARG X 116 14.72 -6.48 -16.07
CA ARG X 116 13.87 -6.35 -14.89
C ARG X 116 12.43 -6.47 -15.36
N ILE X 117 11.81 -7.60 -15.03
CA ILE X 117 10.42 -7.83 -15.37
C ILE X 117 9.56 -7.61 -14.13
N GLN X 118 8.27 -7.43 -14.35
CA GLN X 118 7.30 -7.22 -13.28
C GLN X 118 6.11 -8.14 -13.57
N CYS X 119 5.95 -9.16 -12.72
CA CYS X 119 4.87 -10.12 -12.82
C CYS X 119 3.84 -9.83 -11.75
N TYR X 120 2.58 -10.11 -12.07
CA TYR X 120 1.47 -9.90 -11.15
C TYR X 120 0.61 -11.14 -11.14
N THR X 121 0.08 -11.49 -9.97
CA THR X 121 -0.80 -12.65 -9.90
C THR X 121 -2.13 -12.34 -10.58
N ARG X 122 -2.62 -13.29 -11.38
CA ARG X 122 -3.90 -13.18 -12.07
C ARG X 122 -3.91 -11.97 -13.00
N GLN X 123 -2.88 -11.88 -13.84
CA GLN X 123 -2.85 -10.89 -14.91
C GLN X 123 -3.59 -11.39 -16.15
N ILE X 124 -4.51 -12.33 -15.98
CA ILE X 124 -5.32 -12.85 -17.07
C ILE X 124 -6.69 -12.18 -17.01
N ASP X 125 -6.73 -10.94 -16.52
CA ASP X 125 -7.91 -10.10 -16.72
C ASP X 125 -8.26 -9.98 -18.20
N ARG X 126 -7.39 -10.49 -19.07
CA ARG X 126 -7.68 -10.68 -20.47
C ARG X 126 -8.45 -12.00 -20.61
N THR X 127 -9.54 -12.12 -19.85
CA THR X 127 -10.34 -13.34 -19.78
C THR X 127 -11.47 -13.30 -20.83
N LYS X 128 -12.54 -14.05 -20.58
CA LYS X 128 -13.70 -13.99 -21.46
C LYS X 128 -14.86 -13.17 -20.91
N THR X 129 -14.57 -11.96 -20.41
CA THR X 129 -15.59 -10.96 -20.06
C THR X 129 -16.78 -11.57 -19.32
N ILE X 130 -16.52 -12.48 -18.38
CA ILE X 130 -17.55 -13.18 -17.61
C ILE X 130 -18.42 -14.03 -18.54
N ARG X 131 -18.14 -15.34 -18.58
CA ARG X 131 -18.93 -16.24 -19.42
C ARG X 131 -20.28 -16.53 -18.78
N ASN X 132 -20.28 -17.03 -17.55
CA ASN X 132 -21.51 -17.39 -16.84
C ASN X 132 -22.00 -16.21 -16.02
N MET X 133 -23.29 -15.90 -16.16
CA MET X 133 -23.85 -14.74 -15.48
C MET X 133 -23.82 -14.96 -13.97
N PRO X 134 -23.58 -13.90 -13.20
CA PRO X 134 -23.57 -14.02 -11.75
C PRO X 134 -24.96 -14.35 -11.23
N PRO X 135 -25.07 -14.90 -10.02
CA PRO X 135 -26.39 -15.20 -9.47
C PRO X 135 -27.22 -13.94 -9.29
N ALA X 136 -28.54 -14.09 -9.44
CA ALA X 136 -29.46 -12.98 -9.23
C ALA X 136 -29.65 -12.69 -7.74
N ASN X 137 -30.17 -13.68 -7.01
CA ASN X 137 -30.30 -13.61 -5.56
C ASN X 137 -29.66 -14.86 -4.98
N THR X 138 -28.65 -14.68 -4.13
CA THR X 138 -27.91 -15.82 -3.62
C THR X 138 -27.16 -15.40 -2.36
N THR X 139 -26.61 -16.40 -1.67
CA THR X 139 -25.84 -16.17 -0.47
C THR X 139 -24.40 -15.79 -0.80
N PHE X 140 -23.69 -15.30 0.22
CA PHE X 140 -22.32 -14.84 0.03
C PHE X 140 -21.38 -15.99 -0.36
N VAL X 141 -21.50 -17.13 0.32
CA VAL X 141 -20.66 -18.27 -0.02
C VAL X 141 -20.94 -18.73 -1.45
N LYS X 142 -22.19 -18.58 -1.89
CA LYS X 142 -22.53 -19.00 -3.24
C LYS X 142 -21.97 -18.05 -4.29
N PHE X 143 -22.03 -16.75 -4.02
CA PHE X 143 -21.37 -15.80 -4.92
C PHE X 143 -19.87 -16.04 -4.96
N VAL X 144 -19.28 -16.40 -3.83
CA VAL X 144 -17.86 -16.73 -3.79
C VAL X 144 -17.58 -17.97 -4.64
N GLU X 145 -18.43 -18.99 -4.55
CA GLU X 145 -18.25 -20.18 -5.36
C GLU X 145 -18.36 -19.86 -6.83
N TRP X 146 -19.33 -19.02 -7.21
CA TRP X 146 -19.45 -18.64 -8.62
C TRP X 146 -18.21 -17.89 -9.10
N GLY X 147 -17.70 -16.96 -8.28
CA GLY X 147 -16.50 -16.24 -8.65
C GLY X 147 -15.30 -17.15 -8.82
N ALA X 148 -15.14 -18.11 -7.90
CA ALA X 148 -14.04 -19.06 -8.00
C ALA X 148 -14.17 -19.91 -9.26
N ASN X 149 -15.39 -20.36 -9.57
CA ASN X 149 -15.59 -21.17 -10.77
C ASN X 149 -15.31 -20.36 -12.02
N GLU X 150 -15.71 -19.08 -12.03
CA GLU X 150 -15.42 -18.23 -13.18
C GLU X 150 -13.93 -18.01 -13.36
N MET X 151 -13.20 -17.79 -12.26
CA MET X 151 -11.77 -17.57 -12.35
C MET X 151 -10.98 -18.85 -12.55
N GLY X 152 -11.60 -20.01 -12.36
CA GLY X 152 -10.91 -21.27 -12.54
C GLY X 152 -10.08 -21.74 -11.37
N LEU X 153 -10.14 -21.03 -10.24
CA LEU X 153 -9.34 -21.35 -9.07
C LEU X 153 -10.17 -22.11 -8.06
N ASN X 154 -9.52 -23.03 -7.34
CA ASN X 154 -10.17 -23.65 -6.19
C ASN X 154 -10.23 -22.64 -5.04
N PHE X 155 -11.30 -22.74 -4.26
CA PHE X 155 -11.62 -21.72 -3.27
C PHE X 155 -11.61 -22.30 -1.86
N ILE X 156 -11.25 -21.45 -0.91
CA ILE X 156 -11.35 -21.74 0.52
C ILE X 156 -12.16 -20.59 1.12
N CYS X 157 -13.43 -20.85 1.41
CA CYS X 157 -14.33 -19.85 1.97
C CYS X 157 -14.69 -20.25 3.39
N ASP X 158 -14.22 -19.47 4.35
CA ASP X 158 -14.45 -19.75 5.77
C ASP X 158 -14.75 -18.43 6.46
N THR X 159 -16.04 -18.15 6.65
CA THR X 159 -16.47 -16.89 7.26
C THR X 159 -17.85 -17.10 7.87
N SER X 160 -18.22 -16.17 8.74
CA SER X 160 -19.54 -16.18 9.39
C SER X 160 -20.59 -15.41 8.60
N TYR X 161 -20.22 -14.84 7.45
CA TYR X 161 -21.13 -14.05 6.64
C TYR X 161 -21.63 -14.82 5.42
N ASN X 162 -21.36 -16.14 5.37
CA ASN X 162 -21.69 -16.90 4.18
C ASN X 162 -23.21 -16.97 3.96
N ASP X 163 -23.98 -17.14 5.02
CA ASP X 163 -25.42 -17.28 4.91
C ASP X 163 -26.13 -15.92 4.97
N GLN X 164 -25.70 -14.98 4.12
CA GLN X 164 -26.34 -13.69 3.99
C GLN X 164 -26.67 -13.46 2.52
N VAL X 165 -27.93 -13.18 2.23
CA VAL X 165 -28.37 -13.07 0.84
C VAL X 165 -28.05 -11.68 0.31
N LEU X 166 -27.84 -11.61 -1.00
CA LEU X 166 -27.57 -10.37 -1.71
C LEU X 166 -28.47 -10.29 -2.93
N LYS X 167 -28.91 -9.08 -3.24
CA LYS X 167 -29.68 -8.81 -4.44
C LYS X 167 -28.75 -8.21 -5.48
N ASN X 168 -28.68 -8.84 -6.66
CA ASN X 168 -27.75 -8.44 -7.70
C ASN X 168 -26.33 -8.38 -7.14
N PRO X 169 -25.70 -9.52 -6.86
CA PRO X 169 -24.31 -9.52 -6.36
C PRO X 169 -23.28 -9.56 -7.49
N GLY X 170 -23.11 -8.41 -8.14
CA GLY X 170 -22.04 -8.28 -9.12
C GLY X 170 -22.48 -8.41 -10.56
N ARG X 171 -23.65 -7.87 -10.90
CA ARG X 171 -24.09 -7.82 -12.29
C ARG X 171 -23.42 -6.71 -13.07
N SER X 172 -22.74 -5.79 -12.40
CA SER X 172 -21.97 -4.74 -13.06
C SER X 172 -20.53 -5.17 -13.31
N ILE X 173 -20.15 -6.36 -12.86
CA ILE X 173 -18.80 -6.86 -13.06
C ILE X 173 -18.50 -6.92 -14.55
N THR X 174 -17.34 -6.41 -14.94
CA THR X 174 -16.98 -6.33 -16.35
C THR X 174 -16.01 -7.43 -16.78
N VAL X 175 -15.14 -7.89 -15.88
CA VAL X 175 -14.15 -8.94 -16.18
C VAL X 175 -13.95 -9.80 -14.94
N ALA X 176 -13.15 -10.87 -15.13
CA ALA X 176 -12.93 -11.82 -14.04
C ALA X 176 -12.16 -11.20 -12.88
N SER X 177 -11.21 -10.32 -13.17
CA SER X 177 -10.44 -9.71 -12.09
C SER X 177 -11.33 -8.87 -11.19
N ALA X 178 -12.34 -8.22 -11.77
CA ALA X 178 -13.26 -7.40 -10.99
C ALA X 178 -14.11 -8.23 -10.04
N ILE X 179 -14.16 -9.55 -10.23
CA ILE X 179 -14.89 -10.41 -9.30
C ILE X 179 -14.30 -10.29 -7.90
N LEU X 180 -12.97 -10.38 -7.80
CA LEU X 180 -12.32 -10.25 -6.51
C LEU X 180 -12.54 -8.86 -5.93
N ALA X 181 -12.57 -7.84 -6.80
CA ALA X 181 -12.87 -6.49 -6.34
C ALA X 181 -14.25 -6.39 -5.73
N SER X 182 -15.24 -7.05 -6.34
CA SER X 182 -16.59 -7.02 -5.80
C SER X 182 -16.67 -7.77 -4.47
N ILE X 183 -16.04 -8.96 -4.41
CA ILE X 183 -16.07 -9.75 -3.18
C ILE X 183 -15.38 -9.00 -2.05
N GLN X 184 -14.33 -8.26 -2.38
CA GLN X 184 -13.67 -7.39 -1.42
C GLN X 184 -14.53 -6.18 -1.06
N ASP X 185 -15.31 -5.66 -2.02
CA ASP X 185 -16.09 -4.46 -1.79
C ASP X 185 -17.22 -4.71 -0.80
N MET X 186 -17.97 -5.80 -0.99
CA MET X 186 -19.01 -6.12 -0.02
C MET X 186 -18.37 -6.63 1.27
N TYR X 187 -18.89 -6.17 2.40
CA TYR X 187 -18.48 -6.66 3.72
C TYR X 187 -16.97 -6.51 3.92
N MET X 188 -16.55 -5.24 4.02
CA MET X 188 -15.09 -5.02 4.10
C MET X 188 -14.55 -4.61 5.47
N PRO X 189 -15.28 -4.64 6.63
CA PRO X 189 -14.60 -4.25 7.86
C PRO X 189 -13.54 -5.27 8.27
N ASP X 190 -13.88 -6.56 8.15
CA ASP X 190 -12.97 -7.64 8.45
C ASP X 190 -12.75 -8.58 7.28
N VAL X 191 -13.81 -9.14 6.70
CA VAL X 191 -13.68 -10.27 5.78
C VAL X 191 -13.20 -9.73 4.43
N ALA X 192 -11.90 -9.83 4.20
CA ALA X 192 -11.27 -9.42 2.96
C ALA X 192 -10.84 -10.66 2.19
N ALA X 193 -11.25 -10.76 0.94
CA ALA X 193 -10.91 -11.88 0.08
C ALA X 193 -9.73 -11.53 -0.81
N PHE X 194 -8.95 -12.55 -1.15
CA PHE X 194 -7.77 -12.36 -1.99
C PHE X 194 -7.51 -13.66 -2.75
N VAL X 195 -6.47 -13.63 -3.57
CA VAL X 195 -6.01 -14.80 -4.31
C VAL X 195 -4.56 -15.05 -3.96
N ASP X 196 -4.29 -16.18 -3.33
CA ASP X 196 -2.93 -16.59 -3.00
C ASP X 196 -2.56 -17.72 -3.96
N ASP X 197 -1.66 -17.41 -4.90
CA ASP X 197 -1.26 -18.34 -5.95
C ASP X 197 -2.48 -18.82 -6.74
N ASP X 198 -2.84 -20.08 -6.58
CA ASP X 198 -3.93 -20.69 -7.32
C ASP X 198 -5.19 -20.89 -6.48
N ILE X 199 -5.18 -20.44 -5.23
CA ILE X 199 -6.28 -20.66 -4.31
C ILE X 199 -6.92 -19.31 -3.97
N LEU X 200 -8.21 -19.20 -4.19
CA LEU X 200 -8.96 -17.99 -3.84
C LEU X 200 -9.49 -18.12 -2.42
N ILE X 201 -9.03 -17.25 -1.54
CA ILE X 201 -9.32 -17.33 -0.11
C ILE X 201 -10.28 -16.22 0.27
N VAL X 202 -11.41 -16.60 0.87
CA VAL X 202 -12.39 -15.65 1.39
C VAL X 202 -12.61 -16.00 2.86
N LYS X 203 -12.05 -15.20 3.75
CA LYS X 203 -12.11 -15.48 5.17
C LYS X 203 -12.12 -14.18 5.96
N ASP X 204 -12.54 -14.28 7.21
CA ASP X 204 -12.44 -13.14 8.12
C ASP X 204 -10.97 -12.83 8.39
N ARG X 205 -10.69 -11.55 8.62
CA ARG X 205 -9.31 -11.12 8.81
C ARG X 205 -8.73 -11.56 10.14
N ASP X 206 -9.57 -11.95 11.11
CA ASP X 206 -9.10 -12.34 12.42
C ASP X 206 -9.12 -13.85 12.61
N LYS X 207 -9.23 -14.61 11.52
CA LYS X 207 -9.29 -16.06 11.58
C LYS X 207 -8.24 -16.66 10.66
N VAL X 208 -7.75 -17.84 11.02
CA VAL X 208 -6.70 -18.54 10.30
C VAL X 208 -7.33 -19.49 9.30
N ILE X 209 -6.75 -19.59 8.12
CA ILE X 209 -7.29 -20.46 7.07
C ILE X 209 -7.14 -21.92 7.47
N ARG X 210 -5.95 -22.31 7.94
CA ARG X 210 -5.66 -23.68 8.33
C ARG X 210 -5.20 -23.68 9.77
N PRO X 211 -6.12 -23.83 10.73
CA PRO X 211 -5.73 -23.73 12.15
C PRO X 211 -4.71 -24.76 12.59
N ASP X 212 -4.68 -25.94 11.95
CA ASP X 212 -3.73 -26.97 12.31
C ASP X 212 -2.32 -26.69 11.80
N GLU X 213 -2.13 -25.63 11.01
CA GLU X 213 -0.86 -25.33 10.36
C GLU X 213 -0.21 -24.10 10.97
N VAL X 214 -0.29 -23.97 12.30
CA VAL X 214 0.41 -22.89 12.97
C VAL X 214 1.92 -23.09 12.81
N THR X 215 2.65 -22.00 12.67
CA THR X 215 4.09 -22.01 12.47
C THR X 215 4.74 -21.39 13.71
N ASN X 216 5.33 -22.22 14.56
CA ASN X 216 6.07 -21.71 15.70
C ASN X 216 7.34 -21.04 15.21
N VAL X 217 7.53 -19.77 15.55
CA VAL X 217 8.66 -18.98 15.08
C VAL X 217 9.47 -18.55 16.28
N ASN X 218 10.74 -18.95 16.30
CA ASN X 218 11.64 -18.65 17.41
C ASN X 218 12.90 -17.88 17.00
N SER X 219 13.33 -17.95 15.75
CA SER X 219 14.49 -17.22 15.27
C SER X 219 14.04 -16.14 14.30
N PHE X 220 14.47 -14.91 14.56
CA PHE X 220 14.10 -13.75 13.77
C PHE X 220 15.37 -13.00 13.38
N VAL X 221 15.27 -12.18 12.34
CA VAL X 221 16.36 -11.29 11.95
C VAL X 221 16.00 -9.90 12.45
N GLY X 222 16.78 -9.37 13.37
CA GLY X 222 16.47 -8.11 14.01
C GLY X 222 15.78 -8.31 15.34
N ILE X 223 14.49 -8.01 15.40
CA ILE X 223 13.68 -8.17 16.60
C ILE X 223 12.22 -8.15 16.21
N PRO X 224 11.39 -9.04 16.74
CA PRO X 224 9.95 -8.97 16.46
C PRO X 224 9.33 -7.79 17.19
N SER X 225 8.93 -6.76 16.46
CA SER X 225 8.50 -5.52 17.08
C SER X 225 6.99 -5.37 16.98
N TRP X 226 6.47 -4.42 17.75
CA TRP X 226 5.04 -4.14 17.74
C TRP X 226 4.66 -3.41 16.46
N SER X 227 3.35 -3.22 16.29
CA SER X 227 2.81 -2.39 15.22
C SER X 227 1.44 -1.93 15.67
N GLU X 228 0.88 -0.96 14.95
CA GLU X 228 -0.43 -0.44 15.34
C GLU X 228 -1.52 -1.48 15.16
N TRP X 229 -1.26 -2.57 14.45
CA TRP X 229 -2.21 -3.68 14.34
C TRP X 229 -1.77 -4.87 15.17
N GLY X 230 -0.57 -5.40 14.93
CA GLY X 230 -0.13 -6.61 15.58
C GLY X 230 1.36 -6.64 15.84
N VAL X 231 1.99 -7.73 15.45
CA VAL X 231 3.44 -7.88 15.52
C VAL X 231 4.00 -7.94 14.11
N GLU X 232 5.12 -7.26 13.90
CA GLU X 232 5.80 -7.27 12.60
C GLU X 232 7.23 -7.74 12.79
N PHE X 233 7.67 -8.61 11.89
CA PHE X 233 9.02 -9.15 12.06
C PHE X 233 9.55 -9.68 10.73
N GLN X 234 10.87 -9.67 10.60
CA GLN X 234 11.54 -10.26 9.46
C GLN X 234 12.16 -11.59 9.87
N CYS X 235 12.29 -12.49 8.90
CA CYS X 235 12.80 -13.83 9.17
C CYS X 235 13.57 -14.32 7.95
N LEU X 236 14.43 -15.31 8.20
CA LEU X 236 15.06 -16.02 7.09
C LEU X 236 14.03 -16.93 6.42
N PHE X 237 14.26 -17.20 5.14
CA PHE X 237 13.26 -17.89 4.33
C PHE X 237 12.92 -19.26 4.90
N GLU X 238 11.67 -19.41 5.36
CA GLU X 238 11.15 -20.70 5.79
C GLU X 238 10.07 -21.14 4.81
N PRO X 239 10.24 -22.25 4.12
CA PRO X 239 9.26 -22.70 3.12
C PRO X 239 8.01 -23.32 3.73
N SER X 240 7.46 -22.65 4.75
CA SER X 240 6.23 -23.10 5.39
C SER X 240 5.35 -21.94 5.82
N ILE X 241 5.70 -20.71 5.46
CA ILE X 241 4.95 -19.52 5.85
C ILE X 241 4.26 -18.98 4.61
N ARG X 242 2.93 -19.07 4.57
CA ARG X 242 2.12 -18.48 3.53
C ARG X 242 1.48 -17.20 4.06
N VAL X 243 0.57 -16.63 3.28
CA VAL X 243 -0.23 -15.52 3.74
C VAL X 243 -1.51 -16.07 4.37
N ALA X 244 -2.11 -15.28 5.25
CA ALA X 244 -3.30 -15.66 6.02
C ALA X 244 -3.05 -16.83 6.97
N GLY X 245 -1.82 -17.30 7.08
CA GLY X 245 -1.52 -18.42 7.93
C GLY X 245 -1.36 -18.02 9.38
N GLY X 246 -1.28 -19.03 10.23
CA GLY X 246 -1.15 -18.83 11.67
C GLY X 246 0.30 -18.93 12.10
N VAL X 247 0.71 -18.01 12.97
CA VAL X 247 2.08 -17.93 13.45
C VAL X 247 2.05 -17.86 14.96
N ALA X 248 3.07 -18.44 15.60
CA ALA X 248 3.11 -18.60 17.05
C ALA X 248 4.36 -17.96 17.63
N VAL X 249 4.59 -16.69 17.29
CA VAL X 249 5.79 -15.94 17.65
C VAL X 249 6.19 -16.19 19.10
N GLU X 250 7.44 -16.58 19.31
CA GLU X 250 8.00 -16.75 20.65
C GLU X 250 9.33 -16.00 20.65
N SER X 251 9.29 -14.72 20.99
CA SER X 251 10.47 -13.88 20.89
C SER X 251 11.28 -13.92 22.19
N LEU X 252 12.52 -13.46 22.07
CA LEU X 252 13.44 -13.30 23.19
C LEU X 252 13.68 -11.83 23.52
N MET X 253 13.94 -11.03 22.49
CA MET X 253 14.31 -9.64 22.72
C MET X 253 13.12 -8.85 23.26
N ASN X 254 11.95 -9.07 22.69
CA ASN X 254 10.69 -8.46 23.13
C ASN X 254 9.80 -9.55 23.71
N PRO X 255 9.59 -9.60 25.03
CA PRO X 255 8.79 -10.69 25.60
C PRO X 255 7.29 -10.43 25.55
N SER X 256 6.85 -9.21 25.26
CA SER X 256 5.42 -8.91 25.23
C SER X 256 4.76 -9.25 23.90
N VAL X 257 5.54 -9.51 22.85
CA VAL X 257 4.97 -9.82 21.54
C VAL X 257 4.64 -11.29 21.37
N ASN X 258 4.89 -12.11 22.39
CA ASN X 258 4.58 -13.53 22.29
C ASN X 258 3.08 -13.74 22.18
N GLY X 259 2.69 -14.66 21.31
CA GLY X 259 1.28 -14.96 21.11
C GLY X 259 1.06 -15.55 19.74
N ASN X 260 -0.21 -15.80 19.45
CA ASN X 260 -0.63 -16.38 18.18
C ASN X 260 -1.15 -15.27 17.27
N TYR X 261 -0.61 -15.20 16.06
CA TYR X 261 -0.95 -14.15 15.12
C TYR X 261 -1.32 -14.75 13.78
N VAL X 262 -2.22 -14.07 13.08
CA VAL X 262 -2.54 -14.39 11.69
C VAL X 262 -1.76 -13.43 10.81
N ILE X 263 -1.49 -13.86 9.58
CA ILE X 263 -0.63 -13.11 8.67
C ILE X 263 -1.50 -12.30 7.73
N THR X 264 -1.19 -11.02 7.58
CA THR X 264 -1.90 -10.14 6.67
C THR X 264 -1.10 -9.78 5.42
N ALA X 265 0.21 -9.55 5.58
CA ALA X 265 1.07 -9.17 4.48
C ALA X 265 2.28 -10.08 4.44
N LEU X 266 3.04 -9.97 3.35
CA LEU X 266 4.25 -10.76 3.18
C LEU X 266 5.15 -10.05 2.19
N GLU X 267 6.42 -9.90 2.55
CA GLU X 267 7.41 -9.18 1.73
C GLU X 267 8.60 -10.11 1.53
N TYR X 268 8.56 -10.91 0.47
CA TYR X 268 9.70 -11.73 0.09
C TYR X 268 10.75 -10.88 -0.60
N ASP X 269 12.01 -11.06 -0.21
CA ASP X 269 13.14 -10.41 -0.88
C ASP X 269 14.24 -11.48 -0.97
N LEU X 270 14.34 -12.12 -2.13
CA LEU X 270 15.22 -13.27 -2.33
C LEU X 270 16.27 -12.93 -3.37
N ALA X 271 17.54 -13.01 -2.99
CA ALA X 271 18.65 -12.73 -3.92
C ALA X 271 19.67 -13.85 -3.78
N SER X 272 19.84 -14.63 -4.85
CA SER X 272 20.79 -15.73 -4.82
C SER X 272 22.21 -15.23 -4.64
N ARG X 273 22.60 -14.18 -5.38
CA ARG X 273 23.96 -13.66 -5.36
C ARG X 273 24.06 -12.35 -4.59
N ASP X 274 23.23 -12.16 -3.57
CA ASP X 274 23.28 -10.96 -2.75
C ASP X 274 22.76 -11.28 -1.36
N ARG X 275 23.05 -10.38 -0.42
CA ARG X 275 22.69 -10.62 0.98
C ARG X 275 21.20 -10.82 1.21
N PRO X 276 20.29 -9.98 0.68
CA PRO X 276 18.88 -10.10 1.09
C PRO X 276 18.22 -11.41 0.67
N PHE X 277 17.96 -12.27 1.65
CA PHE X 277 17.21 -13.50 1.46
C PHE X 277 16.12 -13.62 2.51
N TYR X 278 15.44 -12.52 2.79
CA TYR X 278 14.52 -12.44 3.92
C TYR X 278 13.07 -12.48 3.47
N ILE X 279 12.19 -12.70 4.44
CA ILE X 279 10.75 -12.51 4.27
C ILE X 279 10.26 -11.70 5.46
N LYS X 280 9.46 -10.67 5.18
CA LYS X 280 8.91 -9.81 6.22
C LYS X 280 7.43 -10.13 6.40
N VAL X 281 7.02 -10.29 7.65
CA VAL X 281 5.66 -10.70 8.00
C VAL X 281 5.00 -9.61 8.81
N MET X 282 3.83 -9.18 8.36
CA MET X 282 2.90 -8.38 9.13
C MET X 282 1.85 -9.34 9.69
N GLY X 283 1.68 -9.35 11.01
CA GLY X 283 0.73 -10.23 11.66
C GLY X 283 -0.14 -9.45 12.62
N SER X 284 -1.37 -9.89 12.76
CA SER X 284 -2.35 -9.28 13.65
C SER X 284 -2.88 -10.33 14.62
N PRO X 285 -3.39 -9.91 15.77
CA PRO X 285 -3.90 -10.88 16.75
C PRO X 285 -4.94 -11.80 16.13
N ALA X 286 -4.83 -13.08 16.44
CA ALA X 286 -5.66 -14.11 15.84
C ALA X 286 -6.76 -14.54 16.79
N ALA X 287 -7.97 -14.63 16.25
CA ALA X 287 -9.13 -15.06 17.03
C ALA X 287 -9.74 -16.33 16.44
N MET Y 1 65.86 -24.71 18.54
CA MET Y 1 65.09 -24.42 17.35
C MET Y 1 64.52 -25.74 16.94
N ASN Y 2 64.82 -26.77 17.73
CA ASN Y 2 64.15 -28.03 17.47
C ASN Y 2 62.66 -27.77 17.56
N SER Y 3 62.01 -27.72 16.39
CA SER Y 3 60.62 -27.30 16.33
C SER Y 3 59.66 -28.46 16.46
N PHE Y 4 60.17 -29.69 16.44
CA PHE Y 4 59.39 -30.87 16.77
C PHE Y 4 59.13 -30.99 18.27
N LEU Y 5 59.88 -30.26 19.09
CA LEU Y 5 59.63 -30.22 20.54
C LEU Y 5 58.54 -29.19 20.82
N LYS Y 6 57.33 -29.51 20.35
CA LYS Y 6 56.19 -28.64 20.55
C LYS Y 6 55.56 -28.91 21.91
N SER Y 7 54.85 -27.91 22.42
CA SER Y 7 54.17 -28.06 23.70
C SER Y 7 53.07 -29.11 23.60
N ILE Y 8 52.67 -29.62 24.75
CA ILE Y 8 51.72 -30.73 24.80
C ILE Y 8 50.27 -30.24 24.72
N LEU Y 9 49.91 -29.21 25.49
CA LEU Y 9 48.55 -28.69 25.50
C LEU Y 9 48.41 -27.36 24.76
N ASN Y 10 49.50 -26.83 24.21
CA ASN Y 10 49.45 -25.61 23.40
C ASN Y 10 50.32 -25.81 22.16
N THR Y 11 50.16 -26.96 21.52
CA THR Y 11 50.99 -27.30 20.38
C THR Y 11 50.73 -26.35 19.22
N PRO Y 12 51.77 -25.85 18.56
CA PRO Y 12 51.58 -24.95 17.41
C PRO Y 12 51.43 -25.70 16.09
N THR Y 13 50.36 -26.49 15.97
CA THR Y 13 50.09 -27.24 14.75
C THR Y 13 48.72 -26.83 14.23
N LEU Y 14 48.69 -26.10 13.11
CA LEU Y 14 47.44 -25.80 12.46
C LEU Y 14 46.89 -27.07 11.81
N THR Y 15 45.63 -27.39 12.11
CA THR Y 15 44.98 -28.58 11.57
C THR Y 15 43.63 -28.17 11.03
N ILE Y 16 43.50 -28.16 9.71
CA ILE Y 16 42.24 -27.83 9.04
C ILE Y 16 41.52 -29.16 8.80
N ARG Y 17 40.56 -29.48 9.65
CA ARG Y 17 39.74 -30.67 9.46
C ARG Y 17 38.59 -30.34 8.51
N ASP Y 18 37.78 -31.35 8.21
CA ASP Y 18 36.60 -31.18 7.38
C ASP Y 18 35.40 -31.72 8.16
N ASP Y 19 34.42 -30.86 8.42
CA ASP Y 19 33.33 -31.22 9.32
C ASP Y 19 32.55 -32.41 8.79
N VAL Y 20 32.34 -32.47 7.47
CA VAL Y 20 31.56 -33.56 6.90
C VAL Y 20 32.26 -34.90 7.11
N THR Y 21 33.57 -34.96 6.84
CA THR Y 21 34.28 -36.23 6.83
C THR Y 21 35.18 -36.44 8.03
N LYS Y 22 35.50 -35.39 8.80
CA LYS Y 22 36.37 -35.49 9.97
C LYS Y 22 37.72 -36.11 9.58
N LEU Y 23 38.44 -35.34 8.75
CA LEU Y 23 39.74 -35.74 8.26
C LEU Y 23 40.59 -34.50 8.05
N PRO Y 24 41.88 -34.55 8.35
CA PRO Y 24 42.75 -33.39 8.11
C PRO Y 24 42.90 -33.14 6.61
N VAL Y 25 42.61 -31.91 6.20
CA VAL Y 25 42.70 -31.53 4.79
C VAL Y 25 43.83 -30.52 4.63
N TRP Y 26 44.39 -30.48 3.42
CA TRP Y 26 45.51 -29.61 3.07
C TRP Y 26 46.66 -29.76 4.07
N LYS Y 27 47.12 -30.99 4.22
CA LYS Y 27 48.34 -31.20 4.97
C LYS Y 27 49.54 -30.79 4.12
N SER Y 28 50.70 -30.67 4.76
CA SER Y 28 51.90 -30.11 4.14
C SER Y 28 51.60 -28.72 3.59
N LEU Y 29 51.21 -27.84 4.50
CA LEU Y 29 50.75 -26.49 4.21
C LEU Y 29 51.44 -25.51 5.15
N GLN Y 30 52.77 -25.57 5.19
CA GLN Y 30 53.58 -24.82 6.15
C GLN Y 30 53.03 -23.42 6.37
N VAL Y 31 52.67 -23.13 7.61
CA VAL Y 31 51.92 -21.92 7.96
C VAL Y 31 52.87 -20.91 8.56
N LYS Y 32 52.84 -19.69 8.03
CA LYS Y 32 53.75 -18.64 8.48
C LYS Y 32 53.11 -17.60 9.38
N LYS Y 33 51.77 -17.49 9.36
CA LYS Y 33 51.09 -16.51 10.19
C LYS Y 33 49.64 -16.92 10.32
N VAL Y 34 49.06 -16.69 11.49
CA VAL Y 34 47.63 -16.90 11.71
C VAL Y 34 47.10 -15.76 12.54
N GLU Y 35 46.11 -15.04 12.02
CA GLU Y 35 45.47 -13.94 12.73
C GLU Y 35 43.97 -14.21 12.82
N ILE Y 36 43.44 -14.14 14.03
CA ILE Y 36 42.04 -14.46 14.30
C ILE Y 36 41.36 -13.20 14.80
N TYR Y 37 40.44 -12.67 14.01
CA TYR Y 37 39.70 -11.47 14.35
C TYR Y 37 38.28 -11.85 14.73
N SER Y 38 37.83 -11.38 15.90
CA SER Y 38 36.51 -11.70 16.43
C SER Y 38 35.84 -10.40 16.85
N PRO Y 39 35.07 -9.79 15.96
CA PRO Y 39 34.45 -8.49 16.27
C PRO Y 39 33.09 -8.66 16.94
N ALA Y 40 32.47 -7.52 17.23
CA ALA Y 40 31.11 -7.46 17.77
C ALA Y 40 30.55 -6.08 17.44
N SER Y 41 29.40 -5.74 18.04
CA SER Y 41 28.78 -4.45 17.81
C SER Y 41 27.94 -4.08 19.03
N VAL Y 42 28.24 -2.92 19.61
CA VAL Y 42 27.57 -2.44 20.81
C VAL Y 42 26.65 -1.29 20.44
N VAL Y 43 25.80 -0.87 21.38
CA VAL Y 43 24.90 0.24 21.14
C VAL Y 43 25.70 1.48 20.75
N SER Y 44 25.13 2.25 19.84
CA SER Y 44 25.66 3.57 19.50
C SER Y 44 24.86 4.70 20.14
N LYS Y 45 23.56 4.51 20.30
CA LYS Y 45 22.72 5.55 20.85
C LYS Y 45 22.55 5.35 22.36
N PRO Y 46 22.45 6.44 23.13
CA PRO Y 46 22.32 6.33 24.58
C PRO Y 46 21.11 5.49 24.98
N LEU Y 47 21.34 4.53 25.86
CA LEU Y 47 20.24 3.76 26.43
C LEU Y 47 19.50 4.59 27.47
N ALA Y 48 18.20 4.37 27.55
CA ALA Y 48 17.40 4.98 28.61
C ALA Y 48 17.55 4.20 29.90
N THR Y 49 17.42 4.92 31.02
CA THR Y 49 17.47 4.31 32.34
C THR Y 49 16.29 4.81 33.17
N LYS Y 50 15.64 3.89 33.86
CA LYS Y 50 14.51 4.21 34.73
C LYS Y 50 15.02 4.13 36.18
N ASP Y 51 15.46 5.26 36.70
CA ASP Y 51 15.96 5.34 38.06
C ASP Y 51 14.78 5.51 39.02
N GLN Y 52 15.07 5.90 40.25
CA GLN Y 52 14.07 6.02 41.31
C GLN Y 52 13.42 4.66 41.59
N THR Y 53 14.16 3.60 41.28
CA THR Y 53 13.78 2.24 41.64
C THR Y 53 14.84 1.71 42.59
N GLU Y 54 14.77 0.42 42.86
CA GLU Y 54 15.47 -0.16 43.99
C GLU Y 54 16.79 -0.79 43.56
N ALA Y 55 17.54 -1.23 44.56
CA ALA Y 55 18.67 -2.10 44.28
C ALA Y 55 18.16 -3.45 43.78
N GLN Y 56 18.84 -3.97 42.76
CA GLN Y 56 18.66 -5.30 42.17
C GLN Y 56 17.40 -5.39 41.32
N VAL Y 57 16.49 -4.41 41.36
CA VAL Y 57 15.44 -4.35 40.35
C VAL Y 57 15.85 -3.48 39.18
N TYR Y 58 16.76 -2.53 39.39
CA TYR Y 58 17.40 -1.82 38.30
C TYR Y 58 18.51 -2.66 37.67
N THR Y 59 19.20 -3.45 38.48
CA THR Y 59 20.35 -4.22 37.99
C THR Y 59 19.93 -5.26 36.96
N GLU Y 60 18.87 -6.01 37.25
CA GLU Y 60 18.43 -7.05 36.33
C GLU Y 60 17.90 -6.45 35.03
N ALA Y 61 17.18 -5.32 35.13
CA ALA Y 61 16.71 -4.64 33.93
C ALA Y 61 17.88 -4.14 33.08
N LEU Y 62 18.91 -3.58 33.73
CA LEU Y 62 20.09 -3.15 33.00
C LEU Y 62 20.81 -4.34 32.36
N ASP Y 63 20.87 -5.46 33.06
CA ASP Y 63 21.48 -6.66 32.48
C ASP Y 63 20.72 -7.12 31.24
N ILE Y 64 19.39 -7.09 31.30
CA ILE Y 64 18.60 -7.47 30.12
C ILE Y 64 18.83 -6.48 29.00
N ASP Y 65 18.87 -5.19 29.31
CA ASP Y 65 19.08 -4.18 28.26
C ASP Y 65 20.45 -4.35 27.62
N VAL Y 66 21.47 -4.66 28.43
CA VAL Y 66 22.81 -4.86 27.90
C VAL Y 66 22.86 -6.12 27.02
N LYS Y 67 22.26 -7.22 27.47
CA LYS Y 67 22.17 -8.42 26.66
C LYS Y 67 21.30 -8.19 25.43
N ASN Y 68 20.47 -7.16 25.46
CA ASN Y 68 19.57 -6.81 24.39
C ASN Y 68 20.20 -5.90 23.36
N GLY Y 69 21.24 -5.15 23.73
CA GLY Y 69 21.82 -4.17 22.85
C GLY Y 69 23.22 -4.44 22.30
N LYS Y 70 23.66 -5.69 22.24
CA LYS Y 70 24.96 -6.03 21.68
C LYS Y 70 24.85 -7.23 20.76
N ILE Y 71 25.44 -7.13 19.58
CA ILE Y 71 25.30 -8.14 18.54
C ILE Y 71 26.68 -8.62 18.12
N ILE Y 72 26.86 -9.94 18.08
CA ILE Y 72 28.16 -10.55 17.81
C ILE Y 72 28.29 -10.80 16.31
N GLN Y 73 29.41 -10.38 15.74
CA GLN Y 73 29.72 -10.70 14.35
C GLN Y 73 30.68 -11.87 14.28
N PRO Y 74 30.61 -12.67 13.22
CA PRO Y 74 31.35 -13.95 13.19
C PRO Y 74 32.85 -13.76 13.18
N VAL Y 75 33.55 -14.80 13.60
CA VAL Y 75 35.01 -14.82 13.64
C VAL Y 75 35.54 -14.99 12.22
N ARG Y 76 36.73 -14.45 11.97
CA ARG Y 76 37.42 -14.66 10.70
C ARG Y 76 38.89 -14.90 10.95
N LEU Y 77 39.48 -15.82 10.19
CA LEU Y 77 40.91 -16.05 10.23
C LEU Y 77 41.58 -15.64 8.94
N ARG Y 78 42.86 -15.28 9.05
CA ARG Y 78 43.70 -14.96 7.89
C ARG Y 78 45.00 -15.73 8.04
N ILE Y 79 45.05 -16.90 7.43
CA ILE Y 79 46.23 -17.76 7.49
C ILE Y 79 47.15 -17.42 6.31
N ASN Y 80 48.39 -17.09 6.62
CA ASN Y 80 49.43 -16.91 5.62
C ASN Y 80 50.34 -18.13 5.66
N ALA Y 81 50.44 -18.84 4.54
CA ALA Y 81 51.13 -20.11 4.47
C ALA Y 81 51.96 -20.17 3.19
N ILE Y 82 52.65 -21.28 3.00
CA ILE Y 82 53.52 -21.48 1.84
C ILE Y 82 53.27 -22.90 1.34
N CYS Y 83 52.58 -23.03 0.20
CA CYS Y 83 52.29 -24.34 -0.35
C CYS Y 83 53.51 -24.89 -1.09
N PRO Y 84 54.02 -26.06 -0.73
CA PRO Y 84 55.14 -26.64 -1.48
C PRO Y 84 54.73 -27.55 -2.64
N ASP Y 85 53.46 -27.96 -2.73
CA ASP Y 85 53.04 -28.92 -3.74
C ASP Y 85 51.86 -28.38 -4.53
N LEU Y 86 51.75 -28.81 -5.78
CA LEU Y 86 50.62 -28.40 -6.62
C LEU Y 86 49.32 -29.08 -6.18
N SER Y 87 49.42 -30.26 -5.58
CA SER Y 87 48.21 -30.97 -5.16
C SER Y 87 47.46 -30.22 -4.08
N THR Y 88 48.18 -29.68 -3.09
CA THR Y 88 47.54 -28.91 -2.05
C THR Y 88 46.85 -27.68 -2.62
N VAL Y 89 47.48 -27.00 -3.58
CA VAL Y 89 46.89 -25.79 -4.15
C VAL Y 89 45.69 -26.13 -5.00
N GLU Y 90 45.76 -27.22 -5.77
CA GLU Y 90 44.59 -27.64 -6.53
C GLU Y 90 43.43 -27.97 -5.60
N SER Y 91 43.72 -28.65 -4.48
CA SER Y 91 42.69 -28.96 -3.50
C SER Y 91 42.11 -27.68 -2.90
N ILE Y 92 42.96 -26.70 -2.57
CA ILE Y 92 42.48 -25.46 -1.97
C ILE Y 92 41.61 -24.70 -2.95
N MET Y 93 42.04 -24.62 -4.22
CA MET Y 93 41.24 -23.94 -5.24
C MET Y 93 39.90 -24.63 -5.44
N ASN Y 94 39.89 -25.97 -5.48
CA ASN Y 94 38.64 -26.70 -5.66
C ASN Y 94 37.71 -26.51 -4.46
N ALA Y 95 38.26 -26.57 -3.25
CA ALA Y 95 37.43 -26.36 -2.05
C ALA Y 95 36.86 -24.95 -2.02
N PHE Y 96 37.67 -23.96 -2.40
CA PHE Y 96 37.17 -22.60 -2.47
C PHE Y 96 36.06 -22.47 -3.50
N ASN Y 97 36.24 -23.07 -4.67
CA ASN Y 97 35.21 -22.99 -5.71
C ASN Y 97 33.93 -23.70 -5.30
N ASP Y 98 34.03 -24.76 -4.52
CA ASP Y 98 32.85 -25.49 -4.09
C ASP Y 98 32.01 -24.62 -3.16
N ASN Y 99 30.72 -24.51 -3.48
CA ASN Y 99 29.84 -23.63 -2.72
C ASN Y 99 29.65 -24.11 -1.30
N THR Y 100 29.52 -25.43 -1.11
CA THR Y 100 29.29 -26.02 0.20
C THR Y 100 30.62 -26.50 0.76
N SER Y 101 31.12 -25.81 1.79
CA SER Y 101 32.39 -26.21 2.39
C SER Y 101 32.47 -25.63 3.80
N THR Y 102 32.47 -26.50 4.80
CA THR Y 102 32.65 -26.12 6.19
C THR Y 102 33.83 -26.89 6.76
N PHE Y 103 34.79 -26.18 7.31
CA PHE Y 103 35.99 -26.77 7.91
C PHE Y 103 36.12 -26.32 9.35
N ALA Y 104 37.05 -26.96 10.07
CA ALA Y 104 37.30 -26.68 11.48
C ALA Y 104 38.79 -26.42 11.66
N ILE Y 105 39.18 -25.15 11.64
CA ILE Y 105 40.57 -24.76 11.80
C ILE Y 105 40.93 -24.80 13.27
N THR Y 106 41.97 -25.55 13.62
CA THR Y 106 42.47 -25.63 14.99
C THR Y 106 43.87 -25.04 15.01
N SER Y 107 43.98 -23.83 15.54
CA SER Y 107 45.26 -23.15 15.68
C SER Y 107 45.97 -23.67 16.92
N LYS Y 108 47.01 -22.94 17.37
CA LYS Y 108 47.76 -23.30 18.57
C LYS Y 108 46.86 -23.86 19.67
N SER Y 109 45.86 -23.09 20.07
CA SER Y 109 44.87 -23.57 21.03
C SER Y 109 43.45 -23.18 20.65
N ILE Y 110 43.25 -22.45 19.57
CA ILE Y 110 41.92 -22.04 19.14
C ILE Y 110 41.29 -23.17 18.34
N LEU Y 111 40.01 -23.42 18.58
CA LEU Y 111 39.26 -24.50 17.94
C LEU Y 111 38.08 -23.95 17.15
N ALA Y 112 38.33 -22.92 16.33
CA ALA Y 112 37.28 -22.34 15.52
C ALA Y 112 36.63 -23.40 14.65
N ASP Y 113 35.29 -23.41 14.63
CA ASP Y 113 34.53 -24.47 13.99
C ASP Y 113 33.55 -23.88 12.99
N LYS Y 114 33.21 -24.69 11.98
CA LYS Y 114 32.27 -24.32 10.93
C LYS Y 114 32.73 -23.05 10.22
N MET Y 115 33.92 -23.14 9.60
CA MET Y 115 34.54 -22.01 8.93
C MET Y 115 34.60 -22.30 7.43
N ALA Y 116 34.33 -21.27 6.63
CA ALA Y 116 34.31 -21.41 5.18
C ALA Y 116 35.25 -20.39 4.56
N ILE Y 117 35.81 -20.74 3.40
CA ILE Y 117 36.81 -19.89 2.77
C ILE Y 117 36.15 -18.67 2.15
N MET Y 118 36.64 -17.50 2.53
CA MET Y 118 36.26 -16.23 1.94
C MET Y 118 37.27 -15.69 0.93
N THR Y 119 38.57 -15.93 1.12
CA THR Y 119 39.51 -15.30 0.22
C THR Y 119 40.72 -16.20 0.01
N LEU Y 120 41.20 -16.26 -1.22
CA LEU Y 120 42.36 -17.09 -1.56
C LEU Y 120 43.27 -16.28 -2.47
N ASP Y 121 44.50 -16.05 -2.04
CA ASP Y 121 45.48 -15.34 -2.84
C ASP Y 121 46.71 -16.24 -2.99
N VAL Y 122 47.13 -16.48 -4.22
CA VAL Y 122 48.33 -17.26 -4.50
C VAL Y 122 49.30 -16.35 -5.25
N ASP Y 123 50.44 -16.05 -4.63
CA ASP Y 123 51.40 -15.11 -5.20
C ASP Y 123 52.63 -15.88 -5.66
N GLN Y 124 52.97 -15.73 -6.93
CA GLN Y 124 54.14 -16.39 -7.53
C GLN Y 124 55.14 -15.33 -7.94
N SER Y 125 56.28 -15.31 -7.29
CA SER Y 125 57.28 -14.26 -7.40
C SER Y 125 58.64 -14.87 -7.66
N PRO Y 126 59.60 -14.09 -8.18
CA PRO Y 126 60.89 -14.67 -8.55
C PRO Y 126 61.75 -15.09 -7.36
N ASP Y 127 61.39 -14.73 -6.14
CA ASP Y 127 62.17 -15.10 -4.96
C ASP Y 127 61.70 -16.39 -4.31
N MET Y 128 60.68 -17.03 -4.86
CA MET Y 128 60.15 -18.29 -4.33
C MET Y 128 59.89 -19.27 -5.47
N LEU Y 129 60.91 -19.50 -6.31
CA LEU Y 129 60.70 -20.20 -7.58
C LEU Y 129 59.97 -21.53 -7.39
N ASN Y 130 60.37 -22.31 -6.40
CA ASN Y 130 59.61 -23.48 -6.00
C ASN Y 130 58.71 -23.09 -4.84
N ALA Y 131 57.55 -23.72 -4.76
CA ALA Y 131 56.52 -23.33 -3.80
C ALA Y 131 56.03 -21.93 -4.13
N ALA Y 132 54.96 -21.48 -3.46
CA ALA Y 132 54.47 -20.11 -3.65
C ALA Y 132 53.65 -19.71 -2.43
N GLU Y 133 53.76 -18.43 -2.08
CA GLU Y 133 53.11 -17.92 -0.89
C GLU Y 133 51.60 -17.86 -1.11
N ILE Y 134 50.84 -18.17 -0.05
CA ILE Y 134 49.39 -18.23 -0.14
C ILE Y 134 48.81 -17.50 1.07
N ASN Y 135 47.71 -16.79 0.83
CA ASN Y 135 47.03 -16.02 1.87
C ASN Y 135 45.56 -16.40 1.80
N MET Y 136 45.11 -17.20 2.76
CA MET Y 136 43.72 -17.64 2.84
C MET Y 136 43.02 -16.91 3.97
N GLU Y 137 41.75 -16.58 3.73
CA GLU Y 137 40.90 -15.97 4.74
C GLU Y 137 39.65 -16.83 4.87
N PHE Y 138 39.29 -17.15 6.10
CA PHE Y 138 38.11 -17.92 6.46
C PHE Y 138 37.16 -17.06 7.29
N GLU Y 139 35.87 -17.39 7.23
CA GLU Y 139 34.85 -16.73 8.03
C GLU Y 139 33.90 -17.78 8.59
N GLN Y 140 33.40 -17.53 9.80
CA GLN Y 140 32.56 -18.51 10.48
C GLN Y 140 31.13 -18.46 9.95
N VAL Y 141 30.64 -19.60 9.46
CA VAL Y 141 29.29 -19.64 8.91
C VAL Y 141 28.24 -19.51 10.01
N GLU Y 142 28.50 -20.08 11.18
CA GLU Y 142 27.55 -20.13 12.28
C GLU Y 142 28.31 -20.39 13.56
N PRO Y 143 28.03 -19.64 14.62
CA PRO Y 143 28.71 -19.91 15.89
C PRO Y 143 28.37 -21.30 16.38
N PRO Y 144 29.25 -21.97 17.18
CA PRO Y 144 29.02 -23.38 17.58
C PRO Y 144 27.93 -23.54 18.65
N VAL Y 145 26.71 -23.10 18.36
CA VAL Y 145 25.59 -23.24 19.27
C VAL Y 145 25.34 -24.72 19.51
N LEU Y 146 25.27 -25.11 20.78
CA LEU Y 146 25.14 -26.52 21.12
C LEU Y 146 23.75 -27.02 20.77
N ASN Y 147 23.67 -27.94 19.80
CA ASN Y 147 22.39 -28.52 19.38
C ASN Y 147 21.96 -29.50 20.45
N GLU Y 148 21.02 -29.09 21.31
CA GLU Y 148 20.54 -30.00 22.34
C GLU Y 148 19.87 -31.21 21.71
N PHE Y 149 18.89 -30.99 20.82
CA PHE Y 149 18.48 -31.93 19.77
C PHE Y 149 17.79 -33.12 20.46
N ASP Y 150 17.18 -34.06 19.73
CA ASP Y 150 16.66 -35.30 20.33
C ASP Y 150 17.28 -36.51 19.64
N PRO Y 151 18.54 -36.81 19.96
CA PRO Y 151 19.37 -37.68 19.11
C PRO Y 151 19.32 -39.18 19.32
N ALA Y 152 20.32 -39.77 18.66
CA ALA Y 152 20.81 -41.14 18.56
C ALA Y 152 19.91 -42.00 17.71
N PHE Y 153 18.68 -41.60 17.41
CA PHE Y 153 17.80 -42.56 16.78
C PHE Y 153 16.90 -41.90 15.75
N PRO Y 154 16.51 -42.66 14.73
CA PRO Y 154 15.61 -42.13 13.71
C PRO Y 154 14.29 -41.66 14.28
N GLN Y 155 13.54 -42.54 14.95
CA GLN Y 155 12.37 -42.06 15.66
C GLN Y 155 12.83 -41.09 16.75
N ASP Y 156 11.86 -40.49 17.43
CA ASP Y 156 12.08 -39.43 18.41
C ASP Y 156 12.55 -38.14 17.76
N SER Y 157 12.75 -38.13 16.44
CA SER Y 157 13.12 -36.89 15.77
C SER Y 157 11.91 -35.98 15.64
N PRO Y 158 12.08 -34.66 15.72
CA PRO Y 158 10.94 -33.76 15.62
C PRO Y 158 10.33 -33.80 14.21
N THR Y 159 9.03 -33.55 14.14
CA THR Y 159 8.34 -33.47 12.86
C THR Y 159 8.71 -32.15 12.18
N TYR Y 160 9.04 -32.22 10.89
CA TYR Y 160 9.26 -31.02 10.10
C TYR Y 160 8.29 -31.05 8.92
N GLY Y 161 7.62 -29.93 8.67
CA GLY Y 161 6.56 -29.89 7.70
C GLY Y 161 6.99 -29.56 6.28
N VAL Y 162 6.97 -30.56 5.40
CA VAL Y 162 7.17 -30.32 3.98
C VAL Y 162 5.80 -29.92 3.44
N GLN Y 163 5.59 -28.62 3.24
CA GLN Y 163 4.30 -28.14 2.71
C GLN Y 163 4.39 -28.17 1.20
N ILE Y 164 3.76 -29.19 0.60
CA ILE Y 164 3.77 -29.37 -0.84
C ILE Y 164 2.62 -28.59 -1.48
N GLN Y 165 2.82 -28.17 -2.74
CA GLN Y 165 1.84 -27.34 -3.45
C GLN Y 165 1.13 -28.07 -4.57
N SER Y 166 1.86 -28.63 -5.52
CA SER Y 166 1.26 -29.23 -6.72
C SER Y 166 1.73 -30.67 -6.82
N LEU Y 167 0.80 -31.58 -7.07
CA LEU Y 167 1.08 -33.00 -7.13
C LEU Y 167 1.42 -33.41 -8.56
N SER Y 168 2.44 -34.27 -8.73
CA SER Y 168 2.68 -34.86 -10.03
C SER Y 168 1.78 -36.09 -10.22
N ASP Y 169 1.50 -36.42 -11.49
CA ASP Y 169 0.47 -37.42 -11.78
C ASP Y 169 1.01 -38.84 -11.64
N ALA Y 170 1.94 -39.24 -12.52
CA ALA Y 170 2.42 -40.62 -12.55
C ALA Y 170 3.51 -40.80 -13.60
N ASN Y 171 4.06 -42.00 -13.68
CA ASN Y 171 5.07 -42.36 -14.68
C ASN Y 171 5.16 -43.87 -14.73
N LEU Y 172 6.19 -44.37 -15.41
CA LEU Y 172 6.50 -45.79 -15.48
C LEU Y 172 5.38 -46.58 -16.15
N LEU Y 173 5.45 -47.91 -16.06
CA LEU Y 173 4.45 -48.80 -16.67
C LEU Y 173 3.25 -48.92 -15.75
N ASP Y 174 2.45 -47.86 -15.71
CA ASP Y 174 1.26 -47.79 -14.87
C ASP Y 174 0.05 -47.46 -15.73
N LEU Y 175 -1.01 -48.23 -15.58
CA LEU Y 175 -2.32 -47.90 -16.16
C LEU Y 175 -3.29 -47.78 -15.00
N GLY Y 176 -3.29 -46.59 -14.38
CA GLY Y 176 -4.22 -46.32 -13.29
C GLY Y 176 -4.21 -47.40 -12.22
N ALA Y 177 -5.40 -47.79 -11.81
CA ALA Y 177 -5.56 -48.69 -10.67
C ALA Y 177 -5.09 -50.10 -11.00
N ILE Y 178 -5.29 -50.56 -12.23
CA ILE Y 178 -4.84 -51.92 -12.57
C ILE Y 178 -3.32 -51.97 -12.59
N GLY Y 179 -2.67 -50.92 -13.10
CA GLY Y 179 -1.22 -50.85 -13.03
C GLY Y 179 -0.73 -50.83 -11.59
N ASP Y 180 -1.40 -50.04 -10.74
CA ASP Y 180 -1.02 -50.00 -9.33
C ASP Y 180 -1.20 -51.35 -8.66
N SER Y 181 -2.31 -52.03 -8.96
CA SER Y 181 -2.58 -53.33 -8.36
C SER Y 181 -1.56 -54.37 -8.82
N ILE Y 182 -1.18 -54.34 -10.09
CA ILE Y 182 -0.15 -55.27 -10.57
C ILE Y 182 1.18 -54.98 -9.87
N SER Y 183 1.54 -53.71 -9.75
CA SER Y 183 2.79 -53.35 -9.09
C SER Y 183 2.80 -53.81 -7.64
N SER Y 184 1.67 -53.66 -6.94
CA SER Y 184 1.60 -54.08 -5.55
C SER Y 184 1.60 -55.61 -5.43
N ALA Y 185 0.87 -56.29 -6.32
CA ALA Y 185 0.81 -57.75 -6.28
C ALA Y 185 2.12 -58.40 -6.67
N ALA Y 186 3.01 -57.67 -7.34
CA ALA Y 186 4.34 -58.20 -7.58
C ALA Y 186 5.14 -58.41 -6.31
N LYS Y 187 4.68 -57.85 -5.18
CA LYS Y 187 5.34 -57.99 -3.88
C LYS Y 187 6.78 -57.47 -3.92
N SER Y 188 6.96 -56.35 -4.61
CA SER Y 188 8.27 -55.73 -4.71
C SER Y 188 8.13 -54.23 -4.92
N MET Z 1 76.76 7.42 -23.11
CA MET Z 1 75.42 7.72 -22.64
C MET Z 1 74.76 8.58 -23.66
N ASN Z 2 75.28 8.52 -24.86
CA ASN Z 2 74.91 9.49 -25.87
C ASN Z 2 73.42 9.36 -26.17
N SER Z 3 72.62 10.27 -25.60
CA SER Z 3 71.17 10.14 -25.70
C SER Z 3 70.64 10.54 -27.08
N PHE Z 4 71.45 11.24 -27.87
CA PHE Z 4 71.11 11.52 -29.25
C PHE Z 4 71.21 10.28 -30.14
N LEU Z 5 71.91 9.23 -29.70
CA LEU Z 5 71.96 7.98 -30.45
C LEU Z 5 70.72 7.15 -30.11
N LYS Z 6 69.57 7.68 -30.50
CA LYS Z 6 68.31 7.02 -30.24
C LYS Z 6 68.09 5.88 -31.23
N SER Z 7 67.16 5.00 -30.89
CA SER Z 7 66.79 3.92 -31.79
C SER Z 7 66.17 4.51 -33.07
N ILE Z 8 65.96 3.64 -34.05
CA ILE Z 8 65.44 4.06 -35.34
C ILE Z 8 63.94 3.86 -35.44
N LEU Z 9 63.44 2.70 -35.01
CA LEU Z 9 62.02 2.39 -35.09
C LEU Z 9 61.35 2.37 -33.72
N ASN Z 10 62.09 2.66 -32.65
CA ASN Z 10 61.58 2.81 -31.29
C ASN Z 10 62.13 4.08 -30.67
N THR Z 11 62.01 5.19 -31.40
CA THR Z 11 62.61 6.45 -30.99
C THR Z 11 61.98 6.96 -29.71
N PRO Z 12 62.75 7.22 -28.66
CA PRO Z 12 62.19 7.74 -27.40
C PRO Z 12 61.98 9.26 -27.44
N THR Z 13 61.31 9.73 -28.49
CA THR Z 13 61.03 11.15 -28.65
C THR Z 13 59.52 11.35 -28.53
N LEU Z 14 59.11 12.04 -27.47
CA LEU Z 14 57.71 12.37 -27.32
C LEU Z 14 57.34 13.47 -28.31
N THR Z 15 56.26 13.27 -29.05
CA THR Z 15 55.82 14.23 -30.07
C THR Z 15 54.32 14.43 -29.92
N ILE Z 16 53.94 15.48 -29.19
CA ILE Z 16 52.54 15.85 -29.08
C ILE Z 16 52.21 16.74 -30.27
N ARG Z 17 51.40 16.21 -31.19
CA ARG Z 17 50.96 16.98 -32.35
C ARG Z 17 49.62 17.64 -32.05
N ASP Z 18 49.00 18.22 -33.05
CA ASP Z 18 47.68 18.83 -32.92
C ASP Z 18 46.83 18.35 -34.07
N ASP Z 19 45.73 17.64 -33.75
CA ASP Z 19 44.93 17.00 -34.79
C ASP Z 19 44.35 18.01 -35.77
N VAL Z 20 44.20 19.26 -35.36
CA VAL Z 20 43.69 20.29 -36.27
C VAL Z 20 44.76 20.68 -37.28
N THR Z 21 45.95 21.05 -36.79
CA THR Z 21 46.99 21.61 -37.64
C THR Z 21 48.09 20.62 -38.01
N LYS Z 22 48.15 19.46 -37.35
CA LYS Z 22 49.17 18.44 -37.61
C LYS Z 22 50.58 19.02 -37.49
N LEU Z 23 50.80 19.76 -36.41
CA LEU Z 23 52.10 20.36 -36.13
C LEU Z 23 52.50 20.06 -34.69
N PRO Z 24 53.80 19.89 -34.43
CA PRO Z 24 54.25 19.56 -33.07
C PRO Z 24 54.04 20.75 -32.15
N VAL Z 25 53.33 20.52 -31.05
CA VAL Z 25 53.03 21.56 -30.08
C VAL Z 25 53.83 21.27 -28.81
N TRP Z 26 54.25 22.34 -28.14
CA TRP Z 26 55.04 22.26 -26.91
C TRP Z 26 56.33 21.46 -27.12
N LYS Z 27 57.16 21.94 -28.03
CA LYS Z 27 58.52 21.44 -28.09
C LYS Z 27 59.32 21.97 -26.91
N SER Z 28 60.51 21.42 -26.72
CA SER Z 28 61.35 21.73 -25.56
C SER Z 28 60.56 21.53 -24.27
N LEU Z 29 60.14 20.29 -24.08
CA LEU Z 29 59.30 19.87 -22.96
C LEU Z 29 59.87 18.61 -22.34
N GLN Z 30 61.14 18.68 -21.95
CA GLN Z 30 61.91 17.52 -21.48
C GLN Z 30 61.06 16.65 -20.57
N VAL Z 31 60.85 15.41 -21.01
CA VAL Z 31 59.89 14.50 -20.38
C VAL Z 31 60.63 13.48 -19.54
N LYS Z 32 60.16 13.28 -18.32
CA LYS Z 32 60.84 12.41 -17.37
C LYS Z 32 60.16 11.07 -17.16
N LYS Z 33 58.87 10.94 -17.45
CA LYS Z 33 58.16 9.69 -17.25
C LYS Z 33 56.86 9.75 -18.05
N VAL Z 34 56.48 8.62 -18.64
CA VAL Z 34 55.21 8.50 -19.34
C VAL Z 34 54.56 7.19 -18.93
N GLU Z 35 53.31 7.27 -18.47
CA GLU Z 35 52.55 6.09 -18.08
C GLU Z 35 51.26 6.03 -18.88
N ILE Z 36 51.01 4.90 -19.52
CA ILE Z 36 49.87 4.72 -20.41
C ILE Z 36 48.99 3.63 -19.82
N TYR Z 37 47.87 4.02 -19.21
CA TYR Z 37 46.93 3.08 -18.62
C TYR Z 37 45.73 2.91 -19.53
N SER Z 38 45.43 1.66 -19.89
CA SER Z 38 44.31 1.34 -20.78
C SER Z 38 43.40 0.34 -20.07
N PRO Z 39 42.28 0.79 -19.51
CA PRO Z 39 41.41 -0.15 -18.79
C PRO Z 39 40.33 -0.78 -19.65
N ALA Z 40 39.50 -1.61 -19.03
CA ALA Z 40 38.31 -2.20 -19.66
C ALA Z 40 37.37 -2.65 -18.55
N SER Z 41 36.30 -3.34 -18.93
CA SER Z 41 35.32 -3.81 -17.96
C SER Z 41 34.68 -5.10 -18.46
N VAL Z 42 34.77 -6.15 -17.66
CA VAL Z 42 34.27 -7.46 -18.02
C VAL Z 42 32.96 -7.72 -17.28
N VAL Z 43 32.26 -8.79 -17.68
CA VAL Z 43 31.05 -9.20 -16.98
C VAL Z 43 31.38 -9.44 -15.50
N SER Z 44 30.42 -9.10 -14.65
CA SER Z 44 30.50 -9.41 -13.23
C SER Z 44 29.58 -10.55 -12.84
N LYS Z 45 28.36 -10.55 -13.34
CA LYS Z 45 27.42 -11.62 -13.04
C LYS Z 45 27.72 -12.84 -13.91
N PRO Z 46 27.53 -14.05 -13.37
CA PRO Z 46 27.77 -15.26 -14.16
C PRO Z 46 26.93 -15.27 -15.43
N LEU Z 47 27.60 -15.52 -16.56
CA LEU Z 47 26.88 -15.68 -17.82
C LEU Z 47 26.15 -17.01 -17.85
N ALA Z 48 25.05 -17.04 -18.58
CA ALA Z 48 24.31 -18.29 -18.81
C ALA Z 48 24.93 -19.05 -19.97
N THR Z 49 24.80 -20.37 -19.91
CA THR Z 49 25.33 -21.26 -20.94
C THR Z 49 24.25 -22.29 -21.30
N LYS Z 50 23.95 -22.40 -22.59
CA LYS Z 50 22.96 -23.36 -23.08
C LYS Z 50 23.71 -24.52 -23.72
N ASP Z 51 23.95 -25.56 -22.92
CA ASP Z 51 24.69 -26.72 -23.36
C ASP Z 51 23.75 -27.74 -23.99
N GLN Z 52 24.21 -28.97 -24.12
CA GLN Z 52 23.47 -30.03 -24.81
C GLN Z 52 23.26 -29.67 -26.28
N THR Z 53 24.14 -28.83 -26.81
CA THR Z 53 24.19 -28.53 -28.23
C THR Z 53 25.48 -29.10 -28.80
N GLU Z 54 25.72 -28.81 -30.07
CA GLU Z 54 26.75 -29.51 -30.79
C GLU Z 54 28.12 -28.85 -30.61
N ALA Z 55 29.11 -29.50 -31.20
CA ALA Z 55 30.41 -28.87 -31.39
C ALA Z 55 30.25 -27.68 -32.32
N GLN Z 56 30.83 -26.55 -31.91
CA GLN Z 56 31.02 -25.36 -32.73
C GLN Z 56 29.72 -24.58 -32.95
N VAL Z 57 28.56 -25.13 -32.60
CA VAL Z 57 27.37 -24.29 -32.56
C VAL Z 57 27.27 -23.57 -31.22
N TYR Z 58 27.93 -24.11 -30.20
CA TYR Z 58 28.16 -23.41 -28.94
C TYR Z 58 29.26 -22.37 -29.07
N THR Z 59 30.20 -22.60 -29.99
CA THR Z 59 31.39 -21.74 -30.07
C THR Z 59 31.04 -20.32 -30.50
N GLU Z 60 30.29 -20.17 -31.59
CA GLU Z 60 29.95 -18.81 -32.03
C GLU Z 60 29.00 -18.13 -31.06
N ALA Z 61 28.11 -18.90 -30.42
CA ALA Z 61 27.24 -18.30 -29.41
C ALA Z 61 28.07 -17.74 -28.26
N LEU Z 62 29.05 -18.50 -27.77
CA LEU Z 62 29.91 -18.00 -26.72
C LEU Z 62 30.75 -16.82 -27.20
N ASP Z 63 31.22 -16.87 -28.44
CA ASP Z 63 32.01 -15.76 -28.96
C ASP Z 63 31.19 -14.48 -29.04
N ILE Z 64 29.94 -14.57 -29.48
CA ILE Z 64 29.08 -13.40 -29.53
C ILE Z 64 28.78 -12.89 -28.14
N ASP Z 65 28.52 -13.81 -27.19
CA ASP Z 65 28.26 -13.38 -25.83
C ASP Z 65 29.48 -12.68 -25.22
N VAL Z 66 30.67 -13.17 -25.53
CA VAL Z 66 31.90 -12.56 -25.01
C VAL Z 66 32.14 -11.20 -25.66
N LYS Z 67 31.96 -11.11 -26.99
CA LYS Z 67 31.97 -9.86 -27.72
C LYS Z 67 30.92 -8.88 -27.19
N ASN Z 68 29.88 -9.40 -26.56
CA ASN Z 68 28.76 -8.63 -26.05
C ASN Z 68 28.93 -8.23 -24.58
N GLY Z 69 29.82 -8.91 -23.86
CA GLY Z 69 29.92 -8.67 -22.43
C GLY Z 69 31.15 -7.95 -21.90
N LYS Z 70 31.97 -7.36 -22.77
CA LYS Z 70 33.14 -6.60 -22.31
C LYS Z 70 33.16 -5.25 -23.00
N ILE Z 71 33.29 -4.18 -22.20
CA ILE Z 71 33.19 -2.81 -22.67
C ILE Z 71 34.53 -2.13 -22.42
N ILE Z 72 35.05 -1.48 -23.46
CA ILE Z 72 36.39 -0.89 -23.43
C ILE Z 72 36.30 0.55 -22.94
N GLN Z 73 37.13 0.89 -21.96
CA GLN Z 73 37.37 2.26 -21.57
C GLN Z 73 38.65 2.77 -22.20
N PRO Z 74 38.62 3.92 -22.86
CA PRO Z 74 39.79 4.38 -23.61
C PRO Z 74 40.94 4.78 -22.71
N VAL Z 75 42.02 5.17 -23.35
CA VAL Z 75 43.33 5.22 -22.73
C VAL Z 75 43.50 6.52 -21.96
N ARG Z 76 44.26 6.48 -20.87
CA ARG Z 76 44.73 7.67 -20.17
C ARG Z 76 46.24 7.67 -20.16
N LEU Z 77 46.83 8.85 -20.36
CA LEU Z 77 48.27 9.05 -20.23
C LEU Z 77 48.58 9.96 -19.06
N ARG Z 78 49.75 9.74 -18.46
CA ARG Z 78 50.28 10.61 -17.41
C ARG Z 78 51.71 10.91 -17.81
N ILE Z 79 51.96 12.14 -18.24
CA ILE Z 79 53.29 12.60 -18.60
C ILE Z 79 53.83 13.46 -17.46
N ASN Z 80 54.96 13.06 -16.91
CA ASN Z 80 55.72 13.84 -15.95
C ASN Z 80 56.95 14.39 -16.67
N ALA Z 81 57.12 15.71 -16.63
CA ALA Z 81 58.12 16.36 -17.45
C ALA Z 81 58.61 17.62 -16.73
N ILE Z 82 59.59 18.29 -17.34
CA ILE Z 82 60.21 19.47 -16.77
C ILE Z 82 60.20 20.56 -17.83
N CYS Z 83 59.42 21.60 -17.61
CA CYS Z 83 59.30 22.70 -18.57
C CYS Z 83 60.37 23.75 -18.31
N PRO Z 84 61.20 24.09 -19.29
CA PRO Z 84 62.25 25.09 -19.06
C PRO Z 84 61.83 26.52 -19.37
N ASP Z 85 60.75 26.72 -20.13
CA ASP Z 85 60.40 28.03 -20.65
C ASP Z 85 58.98 28.41 -20.25
N LEU Z 86 58.76 29.71 -20.05
CA LEU Z 86 57.43 30.20 -19.70
C LEU Z 86 56.47 30.11 -20.88
N SER Z 87 56.98 30.18 -22.11
CA SER Z 87 56.12 30.11 -23.28
C SER Z 87 55.41 28.76 -23.36
N THR Z 88 56.15 27.68 -23.12
CA THR Z 88 55.55 26.35 -23.14
C THR Z 88 54.47 26.23 -22.07
N VAL Z 89 54.72 26.76 -20.87
CA VAL Z 89 53.75 26.67 -19.80
C VAL Z 89 52.49 27.45 -20.13
N GLU Z 90 52.66 28.67 -20.68
CA GLU Z 90 51.50 29.46 -21.07
C GLU Z 90 50.71 28.74 -22.17
N SER Z 91 51.40 28.15 -23.13
CA SER Z 91 50.70 27.41 -24.19
C SER Z 91 49.94 26.22 -23.63
N ILE Z 92 50.56 25.48 -22.72
CA ILE Z 92 49.89 24.33 -22.10
C ILE Z 92 48.66 24.79 -21.34
N MET Z 93 48.78 25.88 -20.58
CA MET Z 93 47.67 26.38 -19.79
C MET Z 93 46.53 26.85 -20.68
N ASN Z 94 46.85 27.56 -21.76
CA ASN Z 94 45.83 28.03 -22.69
C ASN Z 94 45.13 26.87 -23.37
N ALA Z 95 45.90 25.86 -23.79
CA ALA Z 95 45.30 24.67 -24.40
C ALA Z 95 44.39 23.95 -23.42
N PHE Z 96 44.81 23.84 -22.16
CA PHE Z 96 43.96 23.22 -21.16
C PHE Z 96 42.67 24.02 -20.97
N ASN Z 97 42.78 25.35 -20.87
CA ASN Z 97 41.61 26.19 -20.68
C ASN Z 97 40.68 26.15 -21.89
N ASP Z 98 41.22 25.85 -23.07
CA ASP Z 98 40.40 25.73 -24.27
C ASP Z 98 39.55 24.47 -24.16
N ASN Z 99 38.23 24.62 -24.38
CA ASN Z 99 37.34 23.48 -24.24
C ASN Z 99 37.61 22.42 -25.29
N THR Z 100 37.80 22.82 -26.54
CA THR Z 100 38.06 21.89 -27.64
C THR Z 100 39.57 21.81 -27.85
N SER Z 101 40.14 20.63 -27.61
CA SER Z 101 41.57 20.42 -27.83
C SER Z 101 41.80 18.93 -27.98
N THR Z 102 42.16 18.50 -29.20
CA THR Z 102 42.52 17.12 -29.48
C THR Z 102 43.93 17.08 -30.03
N PHE Z 103 44.78 16.30 -29.38
CA PHE Z 103 46.16 16.13 -29.77
C PHE Z 103 46.44 14.66 -30.08
N ALA Z 104 47.65 14.39 -30.58
CA ALA Z 104 48.07 13.04 -30.94
C ALA Z 104 49.44 12.80 -30.31
N ILE Z 105 49.44 12.20 -29.13
CA ILE Z 105 50.68 11.92 -28.41
C ILE Z 105 51.33 10.67 -28.99
N THR Z 106 52.60 10.79 -29.36
CA THR Z 106 53.36 9.66 -29.88
C THR Z 106 54.53 9.42 -28.94
N SER Z 107 54.42 8.38 -28.12
CA SER Z 107 55.48 7.99 -27.20
C SER Z 107 56.54 7.19 -27.97
N LYS Z 108 57.41 6.49 -27.23
CA LYS Z 108 58.46 5.66 -27.82
C LYS Z 108 57.98 4.94 -29.06
N SER Z 109 56.90 4.18 -28.94
CA SER Z 109 56.29 3.54 -30.10
C SER Z 109 54.77 3.62 -30.08
N ILE Z 110 54.17 4.19 -29.06
CA ILE Z 110 52.72 4.29 -28.96
C ILE Z 110 52.26 5.49 -29.79
N LEU Z 111 51.17 5.32 -30.54
CA LEU Z 111 50.66 6.38 -31.39
C LEU Z 111 49.24 6.75 -31.00
N ALA Z 112 48.99 6.93 -29.71
CA ALA Z 112 47.65 7.27 -29.24
C ALA Z 112 47.22 8.62 -29.80
N ASP Z 113 45.97 8.69 -30.25
CA ASP Z 113 45.44 9.85 -30.95
C ASP Z 113 44.09 10.25 -30.38
N LYS Z 114 43.59 11.40 -30.81
CA LYS Z 114 42.37 12.01 -30.29
C LYS Z 114 42.42 12.07 -28.76
N MET Z 115 43.38 12.86 -28.28
CA MET Z 115 43.74 12.89 -26.87
C MET Z 115 43.55 14.30 -26.33
N ALA Z 116 42.93 14.41 -25.16
CA ALA Z 116 42.63 15.70 -24.57
C ALA Z 116 43.18 15.77 -23.15
N ILE Z 117 43.69 16.94 -22.77
CA ILE Z 117 44.25 17.13 -21.44
C ILE Z 117 43.13 17.09 -20.41
N MET Z 118 43.35 16.35 -19.33
CA MET Z 118 42.41 16.28 -18.23
C MET Z 118 42.85 17.08 -17.01
N THR Z 119 44.06 16.85 -16.52
CA THR Z 119 44.59 17.61 -15.40
C THR Z 119 45.98 18.12 -15.76
N LEU Z 120 46.38 19.20 -15.10
CA LEU Z 120 47.70 19.80 -15.31
C LEU Z 120 48.18 20.32 -13.97
N ASP Z 121 49.34 19.84 -13.53
CA ASP Z 121 49.92 20.25 -12.26
C ASP Z 121 51.28 20.88 -12.54
N VAL Z 122 51.47 22.10 -12.05
CA VAL Z 122 52.74 22.81 -12.20
C VAL Z 122 53.29 23.03 -10.80
N ASP Z 123 54.41 22.38 -10.50
CA ASP Z 123 55.04 22.46 -9.20
C ASP Z 123 56.30 23.31 -9.30
N GLN Z 124 56.36 24.35 -8.49
CA GLN Z 124 57.52 25.23 -8.37
C GLN Z 124 58.07 25.09 -6.96
N SER Z 125 59.29 24.58 -6.85
CA SER Z 125 59.90 24.22 -5.58
C SER Z 125 61.27 24.85 -5.50
N PRO Z 126 61.82 25.01 -4.28
CA PRO Z 126 63.13 25.67 -4.14
C PRO Z 126 64.28 24.88 -4.72
N ASP Z 127 64.10 23.61 -5.05
CA ASP Z 127 65.17 22.79 -5.61
C ASP Z 127 65.23 22.84 -7.13
N MET Z 128 64.32 23.56 -7.78
CA MET Z 128 64.27 23.70 -9.23
C MET Z 128 64.01 25.16 -9.61
N LEU Z 129 64.82 26.07 -9.08
CA LEU Z 129 64.52 27.50 -9.16
C LEU Z 129 64.18 27.94 -10.59
N ASN Z 130 65.02 27.57 -11.55
CA ASN Z 130 64.64 27.73 -12.94
C ASN Z 130 63.96 26.45 -13.41
N ALA Z 131 63.03 26.60 -14.35
CA ALA Z 131 62.15 25.51 -14.79
C ALA Z 131 61.19 25.10 -13.68
N ALA Z 132 60.23 24.25 -13.99
CA ALA Z 132 59.22 23.81 -13.04
C ALA Z 132 58.69 22.46 -13.47
N GLU Z 133 58.31 21.63 -12.51
CA GLU Z 133 57.86 20.29 -12.86
C GLU Z 133 56.40 20.33 -13.31
N ILE Z 134 56.08 19.54 -14.34
CA ILE Z 134 54.74 19.46 -14.86
C ILE Z 134 54.28 18.01 -14.83
N ASN Z 135 53.08 17.78 -14.31
CA ASN Z 135 52.44 16.47 -14.27
C ASN Z 135 51.12 16.66 -15.01
N MET Z 136 51.09 16.26 -16.27
CA MET Z 136 49.90 16.43 -17.10
C MET Z 136 49.26 15.07 -17.38
N GLU Z 137 47.93 15.08 -17.49
CA GLU Z 137 47.18 13.88 -17.74
C GLU Z 137 46.35 14.03 -19.01
N PHE Z 138 46.09 12.90 -19.66
CA PHE Z 138 45.40 12.88 -20.93
C PHE Z 138 44.38 11.76 -20.93
N GLU Z 139 43.28 11.99 -21.64
CA GLU Z 139 42.26 10.96 -21.84
C GLU Z 139 41.89 10.92 -23.31
N GLN Z 140 41.69 9.72 -23.84
CA GLN Z 140 41.33 9.57 -25.25
C GLN Z 140 39.90 9.98 -25.46
N VAL Z 141 39.68 11.03 -26.25
CA VAL Z 141 38.32 11.50 -26.48
C VAL Z 141 37.54 10.48 -27.29
N GLU Z 142 38.20 9.70 -28.13
CA GLU Z 142 37.46 8.86 -29.06
C GLU Z 142 38.39 7.78 -29.58
N PRO Z 143 38.01 6.50 -29.50
CA PRO Z 143 38.88 5.45 -30.02
C PRO Z 143 39.05 5.60 -31.51
N PRO Z 144 40.19 5.14 -32.06
CA PRO Z 144 40.49 5.38 -33.48
C PRO Z 144 39.71 4.44 -34.39
N VAL Z 145 38.39 4.64 -34.42
CA VAL Z 145 37.55 3.91 -35.36
C VAL Z 145 37.84 4.43 -36.77
N LEU Z 146 37.96 3.50 -37.72
CA LEU Z 146 38.34 3.86 -39.08
C LEU Z 146 37.12 4.37 -39.82
N ASN Z 147 37.13 5.66 -40.16
CA ASN Z 147 36.02 6.27 -40.88
C ASN Z 147 36.08 5.84 -42.33
N GLU Z 148 35.30 4.80 -42.68
CA GLU Z 148 35.28 4.33 -44.06
C GLU Z 148 34.83 5.44 -45.00
N PHE Z 149 33.57 5.86 -44.86
CA PHE Z 149 33.17 7.24 -45.18
C PHE Z 149 33.21 7.52 -46.68
N ASP Z 150 32.60 8.63 -47.13
CA ASP Z 150 32.47 8.93 -48.57
C ASP Z 150 33.27 10.18 -48.89
N PRO Z 151 34.56 10.03 -49.15
CA PRO Z 151 35.50 11.14 -49.19
C PRO Z 151 35.79 11.72 -50.57
N ALA Z 152 36.84 12.56 -50.61
CA ALA Z 152 37.55 13.12 -51.75
C ALA Z 152 36.77 14.23 -52.40
N PHE Z 153 35.60 14.57 -51.88
CA PHE Z 153 34.56 15.17 -52.68
C PHE Z 153 33.64 16.02 -51.84
N PRO Z 154 33.43 17.27 -52.26
CA PRO Z 154 32.23 17.98 -51.85
C PRO Z 154 30.98 17.17 -52.13
N GLN Z 155 30.71 16.84 -53.39
CA GLN Z 155 29.57 15.99 -53.68
C GLN Z 155 29.84 14.59 -53.14
N ASP Z 156 28.89 13.68 -53.36
CA ASP Z 156 28.95 12.32 -52.83
C ASP Z 156 28.95 12.31 -51.30
N SER Z 157 28.86 13.47 -50.68
CA SER Z 157 28.79 13.52 -49.22
C SER Z 157 27.40 13.06 -48.76
N PRO Z 158 27.32 12.29 -47.68
CA PRO Z 158 26.01 11.85 -47.20
C PRO Z 158 25.14 13.05 -46.81
N THR Z 159 23.84 12.92 -47.06
CA THR Z 159 22.90 13.98 -46.72
C THR Z 159 22.68 13.98 -45.21
N TYR Z 160 22.92 15.12 -44.57
CA TYR Z 160 22.68 15.26 -43.15
C TYR Z 160 21.48 16.17 -42.96
N GLY Z 161 20.55 15.78 -42.09
CA GLY Z 161 19.31 16.49 -41.94
C GLY Z 161 19.28 17.51 -40.82
N VAL Z 162 19.41 18.79 -41.19
CA VAL Z 162 19.27 19.88 -40.23
C VAL Z 162 17.79 20.25 -40.17
N GLN Z 163 17.12 19.83 -39.11
CA GLN Z 163 15.69 20.05 -38.96
C GLN Z 163 15.47 21.44 -38.37
N ILE Z 164 15.25 22.42 -39.24
CA ILE Z 164 14.99 23.78 -38.79
C ILE Z 164 13.57 23.86 -38.24
N GLN Z 165 13.37 24.72 -37.24
CA GLN Z 165 12.09 24.83 -36.56
C GLN Z 165 11.34 26.11 -36.89
N SER Z 166 11.93 27.27 -36.61
CA SER Z 166 11.24 28.55 -36.77
C SER Z 166 12.01 29.41 -37.75
N LEU Z 167 11.28 30.04 -38.67
CA LEU Z 167 11.91 30.76 -39.76
C LEU Z 167 11.88 32.26 -39.47
N SER Z 168 13.05 32.90 -39.52
CA SER Z 168 13.08 34.33 -39.32
C SER Z 168 12.48 35.04 -40.54
N ASP Z 169 12.09 36.29 -40.34
CA ASP Z 169 11.35 36.99 -41.40
C ASP Z 169 12.30 37.53 -42.46
N ALA Z 170 13.12 38.52 -42.10
CA ALA Z 170 13.98 39.20 -43.07
C ALA Z 170 14.85 40.24 -42.39
N ASN Z 171 15.70 40.90 -43.16
CA ASN Z 171 16.52 42.00 -42.68
C ASN Z 171 17.04 42.77 -43.89
N LEU Z 172 18.00 43.67 -43.65
CA LEU Z 172 18.66 44.45 -44.68
C LEU Z 172 17.68 45.38 -45.40
N LEU Z 173 18.12 45.96 -46.52
CA LEU Z 173 17.31 46.91 -47.28
C LEU Z 173 16.38 46.14 -48.22
N ASP Z 174 15.37 45.51 -47.63
CA ASP Z 174 14.41 44.70 -48.35
C ASP Z 174 13.01 45.20 -48.09
N LEU Z 175 12.23 45.40 -49.16
CA LEU Z 175 10.79 45.68 -49.04
C LEU Z 175 10.06 44.54 -49.74
N GLY Z 176 9.87 43.44 -49.03
CA GLY Z 176 9.20 42.29 -49.59
C GLY Z 176 9.73 41.89 -50.95
N ALA Z 177 8.80 41.64 -51.88
CA ALA Z 177 9.17 41.10 -53.18
C ALA Z 177 9.87 42.14 -54.05
N ILE Z 178 9.55 43.43 -53.88
CA ILE Z 178 10.25 44.42 -54.69
C ILE Z 178 11.70 44.55 -54.24
N GLY Z 179 11.94 44.49 -52.93
CA GLY Z 179 13.31 44.43 -52.45
C GLY Z 179 14.04 43.20 -52.94
N ASP Z 180 13.37 42.05 -52.88
CA ASP Z 180 13.98 40.82 -53.38
C ASP Z 180 14.30 40.92 -54.87
N SER Z 181 13.38 41.49 -55.65
CA SER Z 181 13.57 41.60 -57.08
C SER Z 181 14.71 42.55 -57.42
N ILE Z 182 14.81 43.67 -56.68
CA ILE Z 182 15.94 44.58 -56.90
C ILE Z 182 17.25 43.89 -56.55
N SER Z 183 17.29 43.17 -55.43
CA SER Z 183 18.51 42.48 -55.04
C SER Z 183 18.92 41.44 -56.08
N SER Z 184 17.95 40.70 -56.61
CA SER Z 184 18.26 39.68 -57.62
C SER Z 184 18.69 40.32 -58.93
N ALA Z 185 18.00 41.38 -59.36
CA ALA Z 185 18.35 42.07 -60.61
C ALA Z 185 19.67 42.82 -60.51
N ALA Z 186 20.19 43.03 -59.30
CA ALA Z 186 21.52 43.59 -59.15
C ALA Z 186 22.61 42.66 -59.66
N LYS Z 187 22.28 41.40 -59.92
CA LYS Z 187 23.24 40.40 -60.44
C LYS Z 187 24.41 40.22 -59.48
N SER Z 188 24.14 40.28 -58.19
CA SER Z 188 25.18 40.15 -57.18
C SER Z 188 24.65 39.39 -55.97
N MET AA 1 68.27 28.10 24.55
CA MET AA 1 67.43 27.07 25.17
C MET AA 1 66.92 27.46 26.55
N ASN AA 2 67.41 28.56 27.13
CA ASN AA 2 66.67 29.12 28.26
C ASN AA 2 65.29 29.48 27.79
N SER AA 3 64.31 28.67 28.15
CA SER AA 3 62.97 28.78 27.59
C SER AA 3 62.10 29.77 28.33
N PHE AA 4 62.51 30.19 29.53
CA PHE AA 4 61.80 31.22 30.27
C PHE AA 4 61.99 32.60 29.67
N LEU AA 5 62.99 32.78 28.80
CA LEU AA 5 63.20 34.06 28.12
C LEU AA 5 62.31 34.12 26.89
N LYS AA 6 61.01 34.25 27.15
CA LYS AA 6 60.01 34.27 26.09
C LYS AA 6 59.80 35.69 25.58
N SER AA 7 59.32 35.79 24.35
CA SER AA 7 59.10 37.08 23.73
C SER AA 7 57.99 37.84 24.45
N ILE AA 8 57.96 39.15 24.25
CA ILE AA 8 57.03 39.99 25.01
C ILE AA 8 55.69 40.07 24.30
N LEU AA 9 55.69 40.29 22.98
CA LEU AA 9 54.45 40.41 22.21
C LEU AA 9 54.13 39.16 21.40
N ASN AA 10 55.00 38.15 21.41
CA ASN AA 10 54.75 36.87 20.75
C ASN AA 10 55.14 35.74 21.69
N THR AA 11 54.69 35.83 22.94
CA THR AA 11 55.06 34.86 23.95
C THR AA 11 54.48 33.49 23.62
N PRO AA 12 55.29 32.44 23.63
CA PRO AA 12 54.77 31.07 23.36
C PRO AA 12 54.17 30.43 24.61
N THR AA 13 53.00 30.92 25.01
CA THR AA 13 52.29 30.40 26.17
C THR AA 13 50.86 30.09 25.77
N LEU AA 14 50.51 28.82 25.74
CA LEU AA 14 49.12 28.44 25.50
C LEU AA 14 48.32 28.68 26.78
N THR AA 15 47.28 29.51 26.68
CA THR AA 15 46.45 29.86 27.82
C THR AA 15 45.00 29.56 27.48
N ILE AA 16 44.50 28.44 27.97
CA ILE AA 16 43.11 28.05 27.78
C ILE AA 16 42.31 28.65 28.93
N ARG AA 17 41.57 29.72 28.63
CA ARG AA 17 40.70 30.34 29.61
C ARG AA 17 39.33 29.69 29.54
N ASP AA 18 38.36 30.24 30.26
CA ASP AA 18 36.98 29.76 30.22
C ASP AA 18 36.07 30.96 30.09
N ASP AA 19 35.28 31.01 29.02
CA ASP AA 19 34.50 32.20 28.72
C ASP AA 19 33.49 32.52 29.82
N VAL AA 20 33.07 31.52 30.59
CA VAL AA 20 32.11 31.76 31.66
C VAL AA 20 32.78 32.48 32.82
N THR AA 21 33.93 31.98 33.27
CA THR AA 21 34.58 32.50 34.47
C THR AA 21 35.83 33.31 34.19
N LYS AA 22 36.34 33.28 32.96
CA LYS AA 22 37.55 34.03 32.58
C LYS AA 22 38.72 33.72 33.51
N LEU AA 23 38.95 32.42 33.70
CA LEU AA 23 40.06 31.95 34.51
C LEU AA 23 40.86 30.93 33.73
N PRO AA 24 42.18 30.93 33.86
CA PRO AA 24 43.01 29.94 33.14
C PRO AA 24 42.71 28.53 33.64
N VAL AA 25 42.35 27.65 32.70
CA VAL AA 25 42.00 26.28 33.02
C VAL AA 25 43.05 25.35 32.44
N TRP AA 26 43.18 24.18 33.06
CA TRP AA 26 44.14 23.15 32.67
C TRP AA 26 45.56 23.73 32.55
N LYS AA 27 46.01 24.34 33.63
CA LYS AA 27 47.42 24.68 33.71
C LYS AA 27 48.24 23.43 33.98
N SER AA 28 49.56 23.57 33.86
CA SER AA 28 50.47 22.43 33.93
C SER AA 28 50.06 21.38 32.89
N LEU AA 29 50.01 21.82 31.64
CA LEU AA 29 49.54 21.04 30.51
C LEU AA 29 50.51 21.17 29.36
N GLN AA 30 51.79 20.89 29.64
CA GLN AA 30 52.89 21.16 28.72
C GLN AA 30 52.52 20.81 27.29
N VAL AA 31 52.51 21.81 26.43
CA VAL AA 31 52.06 21.66 25.06
C VAL AA 31 53.24 21.28 24.18
N LYS AA 32 52.97 20.49 23.15
CA LYS AA 32 54.02 20.03 22.26
C LYS AA 32 53.78 20.38 20.80
N LYS AA 33 52.54 20.67 20.40
CA LYS AA 33 52.28 21.11 19.04
C LYS AA 33 50.89 21.75 18.96
N VAL AA 34 50.75 22.86 18.24
CA VAL AA 34 49.46 23.50 18.04
C VAL AA 34 49.29 23.78 16.57
N GLU AA 35 48.23 23.24 15.98
CA GLU AA 35 47.93 23.44 14.56
C GLU AA 35 46.53 24.02 14.45
N ILE AA 36 46.42 25.16 13.75
CA ILE AA 36 45.19 25.91 13.63
C ILE AA 36 44.76 25.88 12.17
N TYR AA 37 43.69 25.14 11.88
CA TYR AA 37 43.15 25.04 10.53
C TYR AA 37 41.95 25.97 10.42
N SER AA 38 41.98 26.89 9.45
CA SER AA 38 40.90 27.84 9.22
C SER AA 38 40.42 27.68 7.79
N PRO AA 39 39.40 26.85 7.55
CA PRO AA 39 38.95 26.61 6.17
C PRO AA 39 37.90 27.61 5.70
N ALA AA 40 37.49 27.46 4.43
CA ALA AA 40 36.40 28.24 3.86
C ALA AA 40 35.88 27.48 2.64
N SER AA 41 34.86 28.02 2.00
CA SER AA 41 34.25 27.38 0.83
C SER AA 41 33.92 28.44 -0.21
N VAL AA 42 34.42 28.22 -1.43
CA VAL AA 42 34.23 29.17 -2.53
C VAL AA 42 33.27 28.53 -3.54
N VAL AA 43 32.76 29.38 -4.45
CA VAL AA 43 31.88 28.89 -5.49
C VAL AA 43 32.59 27.81 -6.31
N SER AA 44 31.82 26.82 -6.74
CA SER AA 44 32.31 25.78 -7.64
C SER AA 44 31.77 25.96 -9.06
N LYS AA 45 30.51 26.32 -9.20
CA LYS AA 45 29.93 26.53 -10.51
C LYS AA 45 30.32 27.92 -11.04
N PRO AA 46 30.57 28.04 -12.33
CA PRO AA 46 30.94 29.35 -12.91
C PRO AA 46 29.89 30.40 -12.60
N LEU AA 47 30.36 31.53 -12.06
CA LEU AA 47 29.48 32.66 -11.84
C LEU AA 47 29.09 33.32 -13.16
N ALA AA 48 27.87 33.80 -13.24
CA ALA AA 48 27.44 34.55 -14.40
C ALA AA 48 27.99 35.97 -14.35
N THR AA 49 28.15 36.57 -15.52
CA THR AA 49 28.64 37.93 -15.63
C THR AA 49 27.79 38.69 -16.64
N LYS AA 50 27.61 39.98 -16.38
CA LYS AA 50 26.81 40.85 -17.24
C LYS AA 50 27.71 42.00 -17.68
N ASP AA 51 28.37 41.82 -18.82
CA ASP AA 51 29.28 42.80 -19.38
C ASP AA 51 28.49 43.82 -20.19
N GLN AA 52 29.19 44.59 -21.02
CA GLN AA 52 28.60 45.66 -21.81
C GLN AA 52 27.98 46.72 -20.88
N THR AA 53 28.49 46.77 -19.66
CA THR AA 53 28.21 47.87 -18.75
C THR AA 53 29.49 48.66 -18.58
N GLU AA 54 29.47 49.58 -17.63
CA GLU AA 54 30.48 50.60 -17.56
C GLU AA 54 31.62 50.20 -16.62
N ALA AA 55 32.67 51.02 -16.65
CA ALA AA 55 33.65 50.97 -15.60
C ALA AA 55 33.01 51.34 -14.26
N GLN AA 56 33.33 50.57 -13.23
CA GLN AA 56 33.00 50.80 -11.83
C GLN AA 56 31.53 50.52 -11.49
N VAL AA 57 30.66 50.30 -12.47
CA VAL AA 57 29.32 49.80 -12.14
C VAL AA 57 29.29 48.29 -12.22
N TYR AA 58 30.18 47.67 -12.98
CA TYR AA 58 30.41 46.24 -12.92
C TYR AA 58 31.19 45.86 -11.67
N THR AA 59 32.00 46.79 -11.14
CA THR AA 59 32.91 46.47 -10.05
C THR AA 59 32.15 46.16 -8.76
N GLU AA 60 31.20 47.01 -8.36
CA GLU AA 60 30.48 46.72 -7.12
C GLU AA 60 29.55 45.52 -7.29
N ALA AA 61 29.00 45.31 -8.48
CA ALA AA 61 28.19 44.12 -8.72
C ALA AA 61 29.03 42.86 -8.53
N LEU AA 62 30.23 42.84 -9.09
CA LEU AA 62 31.11 41.70 -8.89
C LEU AA 62 31.53 41.58 -7.42
N ASP AA 63 31.75 42.71 -6.75
CA ASP AA 63 32.11 42.67 -5.34
C ASP AA 63 30.99 42.06 -4.50
N ILE AA 64 29.74 42.44 -4.76
CA ILE AA 64 28.62 41.87 -4.04
C ILE AA 64 28.49 40.38 -4.34
N ASP AA 65 28.63 40.00 -5.61
CA ASP AA 65 28.55 38.59 -5.96
C ASP AA 65 29.65 37.78 -5.27
N VAL AA 66 30.85 38.34 -5.19
CA VAL AA 66 31.96 37.64 -4.55
C VAL AA 66 31.73 37.53 -3.05
N LYS AA 67 31.32 38.63 -2.41
CA LYS AA 67 30.98 38.59 -0.99
C LYS AA 67 29.82 37.64 -0.71
N ASN AA 68 29.01 37.37 -1.73
CA ASN AA 68 27.88 36.46 -1.63
C ASN AA 68 28.25 35.02 -1.94
N GLY AA 69 29.40 34.80 -2.58
CA GLY AA 69 29.77 33.47 -3.03
C GLY AA 69 30.80 32.69 -2.25
N LYS AA 70 31.21 33.16 -1.08
CA LYS AA 70 32.12 32.42 -0.22
C LYS AA 70 31.48 32.23 1.15
N ILE AA 71 31.68 31.06 1.75
CA ILE AA 71 31.16 30.74 3.07
C ILE AA 71 32.32 30.34 3.96
N ILE AA 72 32.42 30.96 5.13
CA ILE AA 72 33.54 30.77 6.02
C ILE AA 72 33.20 29.67 7.03
N GLN AA 73 34.01 28.61 7.05
CA GLN AA 73 33.83 27.54 8.01
C GLN AA 73 34.64 27.80 9.27
N PRO AA 74 34.21 27.27 10.41
CA PRO AA 74 34.84 27.63 11.68
C PRO AA 74 36.27 27.15 11.79
N VAL AA 75 36.97 27.72 12.75
CA VAL AA 75 38.38 27.42 13.01
C VAL AA 75 38.46 26.17 13.88
N ARG AA 76 39.50 25.37 13.66
CA ARG AA 76 39.79 24.20 14.48
C ARG AA 76 41.23 24.29 14.97
N LEU AA 77 41.45 23.86 16.21
CA LEU AA 77 42.80 23.63 16.73
C LEU AA 77 43.01 22.16 17.02
N ARG AA 78 44.27 21.73 16.92
CA ARG AA 78 44.66 20.37 17.27
C ARG AA 78 45.88 20.46 18.18
N ILE AA 79 45.64 20.44 19.48
CA ILE AA 79 46.70 20.58 20.48
C ILE AA 79 47.25 19.21 20.83
N ASN AA 80 48.56 19.06 20.78
CA ASN AA 80 49.26 17.88 21.27
C ASN AA 80 50.08 18.27 22.48
N ALA AA 81 49.80 17.63 23.61
CA ALA AA 81 50.37 18.01 24.90
C ALA AA 81 50.71 16.77 25.70
N ILE AA 82 51.29 16.97 26.87
CA ILE AA 82 51.70 15.88 27.76
C ILE AA 82 51.22 16.23 29.15
N CYS AA 83 50.20 15.52 29.64
CA CYS AA 83 49.63 15.80 30.95
C CYS AA 83 50.47 15.12 32.03
N PRO AA 84 51.02 15.87 32.99
CA PRO AA 84 51.80 15.23 34.05
C PRO AA 84 51.00 14.80 35.26
N ASP AA 85 49.78 15.31 35.41
CA ASP AA 85 48.98 15.09 36.61
C ASP AA 85 47.64 14.45 36.28
N LEU AA 86 47.12 13.67 37.22
CA LEU AA 86 45.80 13.06 37.05
C LEU AA 86 44.70 14.11 37.15
N SER AA 87 44.93 15.17 37.92
CA SER AA 87 43.90 16.21 38.08
C SER AA 87 43.60 16.90 36.77
N THR AA 88 44.63 17.26 36.01
CA THR AA 88 44.42 17.91 34.73
C THR AA 88 43.62 17.01 33.80
N VAL AA 89 43.94 15.71 33.77
CA VAL AA 89 43.25 14.79 32.88
C VAL AA 89 41.81 14.59 33.31
N GLU AA 90 41.57 14.45 34.63
CA GLU AA 90 40.19 14.28 35.07
C GLU AA 90 39.36 15.51 34.73
N SER AA 91 39.96 16.70 34.89
CA SER AA 91 39.26 17.93 34.52
C SER AA 91 39.00 17.99 33.02
N ILE AA 92 39.97 17.55 32.21
CA ILE AA 92 39.80 17.58 30.76
C ILE AA 92 38.67 16.65 30.34
N MET AA 93 38.64 15.44 30.89
CA MET AA 93 37.57 14.50 30.55
C MET AA 93 36.21 15.02 31.03
N ASN AA 94 36.18 15.64 32.22
CA ASN AA 94 34.90 16.19 32.70
C ASN AA 94 34.42 17.32 31.81
N ALA AA 95 35.33 18.22 31.41
CA ALA AA 95 34.94 19.31 30.52
C ALA AA 95 34.47 18.78 29.18
N PHE AA 96 35.14 17.76 28.66
CA PHE AA 96 34.70 17.15 27.41
C PHE AA 96 33.32 16.54 27.55
N ASN AA 97 33.08 15.81 28.64
CA ASN AA 97 31.78 15.18 28.86
C ASN AA 97 30.68 16.20 29.08
N ASP AA 98 31.02 17.40 29.54
CA ASP AA 98 30.03 18.45 29.71
C ASP AA 98 29.59 18.98 28.35
N ASN AA 99 28.28 18.99 28.11
CA ASN AA 99 27.76 19.45 26.83
C ASN AA 99 28.04 20.94 26.63
N THR AA 100 27.84 21.75 27.68
CA THR AA 100 28.03 23.18 27.60
C THR AA 100 29.44 23.51 28.05
N SER AA 101 30.28 23.91 27.09
CA SER AA 101 31.68 24.24 27.41
C SER AA 101 32.23 25.11 26.30
N THR AA 102 32.51 26.37 26.63
CA THR AA 102 33.17 27.30 25.71
C THR AA 102 34.42 27.85 26.39
N PHE AA 103 35.55 27.81 25.69
CA PHE AA 103 36.83 28.29 26.20
C PHE AA 103 37.41 29.28 25.21
N ALA AA 104 38.58 29.82 25.56
CA ALA AA 104 39.29 30.80 24.73
C ALA AA 104 40.76 30.37 24.63
N ILE AA 105 41.10 29.66 23.57
CA ILE AA 105 42.47 29.19 23.38
C ILE AA 105 43.31 30.33 22.83
N THR AA 106 44.44 30.60 23.50
CA THR AA 106 45.37 31.63 23.05
C THR AA 106 46.71 30.98 22.76
N SER AA 107 47.04 30.83 21.49
CA SER AA 107 48.33 30.29 21.07
C SER AA 107 49.38 31.41 21.17
N LYS AA 108 50.54 31.19 20.53
CA LYS AA 108 51.62 32.17 20.52
C LYS AA 108 51.11 33.61 20.38
N SER AA 109 50.28 33.86 19.38
CA SER AA 109 49.70 35.18 19.20
C SER AA 109 48.23 35.16 18.80
N ILE AA 110 47.64 33.99 18.60
CA ILE AA 110 46.23 33.89 18.24
C ILE AA 110 45.39 34.02 19.51
N LEU AA 111 44.17 34.53 19.37
CA LEU AA 111 43.20 34.53 20.46
C LEU AA 111 41.89 33.93 19.94
N ALA AA 112 42.00 32.73 19.39
CA ALA AA 112 40.84 31.96 19.01
C ALA AA 112 39.90 31.80 20.20
N ASP AA 113 38.66 32.26 20.06
CA ASP AA 113 37.70 32.30 21.16
C ASP AA 113 36.43 31.55 20.81
N LYS AA 114 35.62 31.30 21.84
CA LYS AA 114 34.40 30.48 21.73
C LYS AA 114 34.72 29.13 21.07
N MET AA 115 35.52 28.35 21.79
CA MET AA 115 36.07 27.10 21.27
C MET AA 115 35.73 25.95 22.20
N ALA AA 116 35.24 24.86 21.62
CA ALA AA 116 34.77 23.71 22.37
C ALA AA 116 35.50 22.45 21.91
N ILE AA 117 35.63 21.49 22.83
CA ILE AA 117 36.36 20.26 22.53
C ILE AA 117 35.51 19.34 21.67
N MET AA 118 36.08 18.90 20.55
CA MET AA 118 35.48 17.85 19.73
C MET AA 118 36.02 16.46 20.03
N THR AA 119 37.34 16.28 20.02
CA THR AA 119 37.93 14.97 20.27
C THR AA 119 39.00 15.09 21.34
N LEU AA 120 39.24 13.97 22.01
CA LEU AA 120 40.19 13.93 23.12
C LEU AA 120 40.79 12.53 23.16
N ASP AA 121 42.08 12.41 22.91
CA ASP AA 121 42.78 11.13 22.90
C ASP AA 121 43.82 11.16 24.01
N VAL AA 122 43.78 10.15 24.88
CA VAL AA 122 44.77 9.96 25.93
C VAL AA 122 45.48 8.65 25.66
N ASP AA 123 46.79 8.73 25.44
CA ASP AA 123 47.60 7.56 25.09
C ASP AA 123 48.57 7.29 26.22
N GLN AA 124 48.53 6.07 26.74
CA GLN AA 124 49.43 5.59 27.78
C GLN AA 124 50.30 4.48 27.18
N SER AA 125 51.59 4.73 27.09
CA SER AA 125 52.53 3.85 26.41
C SER AA 125 53.67 3.51 27.35
N PRO AA 126 54.39 2.42 27.09
CA PRO AA 126 55.46 2.01 28.01
C PRO AA 126 56.67 2.93 27.99
N ASP AA 127 56.74 3.90 27.08
CA ASP AA 127 57.86 4.82 27.03
C ASP AA 127 57.58 6.13 27.78
N MET AA 128 56.40 6.27 28.38
CA MET AA 128 56.02 7.47 29.11
C MET AA 128 55.33 7.08 30.42
N LEU AA 129 55.99 6.24 31.22
CA LEU AA 129 55.33 5.60 32.36
C LEU AA 129 54.62 6.60 33.26
N ASN AA 130 55.27 7.72 33.58
CA ASN AA 130 54.55 8.82 34.20
C ASN AA 130 54.12 9.77 33.11
N ALA AA 131 53.03 10.49 33.37
CA ALA AA 131 52.38 11.35 32.38
C ALA AA 131 51.78 10.52 31.25
N ALA AA 132 50.95 11.15 30.43
CA ALA AA 132 50.30 10.46 29.31
C ALA AA 132 50.15 11.46 28.18
N GLU AA 133 50.32 10.99 26.95
CA GLU AA 133 50.31 11.90 25.82
C GLU AA 133 48.87 12.20 25.41
N ILE AA 134 48.54 13.48 25.29
CA ILE AA 134 47.15 13.88 25.04
C ILE AA 134 47.09 14.62 23.72
N ASN AA 135 45.98 14.42 23.01
CA ASN AA 135 45.75 15.01 21.70
C ASN AA 135 44.30 15.48 21.70
N MET AA 136 44.11 16.79 21.82
CA MET AA 136 42.78 17.38 21.90
C MET AA 136 42.49 18.17 20.63
N GLU AA 137 41.21 18.23 20.28
CA GLU AA 137 40.77 19.00 19.12
C GLU AA 137 39.69 19.99 19.56
N PHE AA 138 39.74 21.19 18.99
CA PHE AA 138 38.82 22.27 19.34
C PHE AA 138 38.19 22.81 18.06
N GLU AA 139 36.92 23.21 18.18
CA GLU AA 139 36.18 23.81 17.08
C GLU AA 139 35.48 25.07 17.55
N GLN AA 140 35.39 26.07 16.66
CA GLN AA 140 34.80 27.36 17.02
C GLN AA 140 33.28 27.27 16.93
N VAL AA 141 32.62 27.44 18.08
CA VAL AA 141 31.16 27.38 18.11
C VAL AA 141 30.56 28.59 17.39
N GLU AA 142 31.21 29.74 17.51
CA GLU AA 142 30.65 30.97 17.01
C GLU AA 142 31.81 31.93 16.76
N PRO AA 143 31.99 32.48 15.53
CA PRO AA 143 33.05 33.48 15.29
C PRO AA 143 32.79 34.73 16.14
N PRO AA 144 33.84 35.51 16.56
CA PRO AA 144 33.65 36.64 17.48
C PRO AA 144 32.93 37.83 16.85
N VAL AA 145 31.71 37.61 16.35
CA VAL AA 145 30.93 38.69 15.80
C VAL AA 145 30.72 39.71 16.92
N LEU AA 146 30.97 40.98 16.60
CA LEU AA 146 30.92 42.02 17.63
C LEU AA 146 29.48 42.35 17.95
N ASN AA 147 29.03 41.97 19.15
CA ASN AA 147 27.68 42.25 19.60
C ASN AA 147 27.57 43.73 19.95
N GLU AA 148 27.06 44.53 19.02
CA GLU AA 148 26.92 45.96 19.28
C GLU AA 148 25.99 46.19 20.46
N PHE AA 149 24.71 45.84 20.31
CA PHE AA 149 23.87 45.45 21.44
C PHE AA 149 23.55 46.64 22.36
N ASP AA 150 22.57 46.49 23.27
CA ASP AA 150 22.09 47.59 24.10
C ASP AA 150 22.42 47.29 25.55
N PRO AA 151 23.63 47.62 25.97
CA PRO AA 151 24.24 47.06 27.18
C PRO AA 151 24.11 47.90 28.44
N ALA AA 152 24.84 47.44 29.46
CA ALA AA 152 25.27 48.11 30.67
C ALA AA 152 24.15 48.25 31.69
N PHE AA 153 22.90 47.98 31.33
CA PHE AA 153 21.83 48.26 32.27
C PHE AA 153 20.65 47.34 31.99
N PRO AA 154 19.92 46.96 33.04
CA PRO AA 154 18.79 46.05 32.83
C PRO AA 154 17.70 46.67 32.00
N GLN AA 155 17.29 47.90 32.29
CA GLN AA 155 16.47 48.60 31.33
C GLN AA 155 17.29 48.85 30.06
N ASP AA 156 16.63 49.37 29.03
CA ASP AA 156 17.19 49.56 27.71
C ASP AA 156 17.42 48.24 26.97
N SER AA 157 17.14 47.10 27.59
CA SER AA 157 17.31 45.83 26.92
C SER AA 157 16.16 45.62 25.93
N PRO AA 158 16.43 44.98 24.79
CA PRO AA 158 15.36 44.72 23.83
C PRO AA 158 14.34 43.74 24.37
N THR AA 159 13.11 43.85 23.86
CA THR AA 159 12.04 42.95 24.25
C THR AA 159 12.29 41.56 23.66
N TYR AA 160 12.21 40.53 24.51
CA TYR AA 160 12.31 39.16 24.03
C TYR AA 160 10.95 38.52 24.24
N GLY AA 161 10.33 38.09 23.14
CA GLY AA 161 8.97 37.60 23.19
C GLY AA 161 8.88 36.11 23.43
N VAL AA 162 8.60 35.73 24.67
CA VAL AA 162 8.40 34.33 25.03
C VAL AA 162 6.92 34.00 24.78
N GLN AA 163 6.64 33.32 23.68
CA GLN AA 163 5.28 32.97 23.32
C GLN AA 163 4.87 31.73 24.10
N ILE AA 164 4.25 31.97 25.26
CA ILE AA 164 3.73 30.88 26.07
C ILE AA 164 2.50 30.27 25.39
N GLN AA 165 2.16 29.05 25.79
CA GLN AA 165 1.05 28.34 25.18
C GLN AA 165 -0.06 28.00 26.16
N SER AA 166 0.27 27.31 27.25
CA SER AA 166 -0.74 26.83 28.20
C SER AA 166 -0.37 27.28 29.60
N LEU AA 167 -1.30 27.95 30.28
CA LEU AA 167 -1.08 28.39 31.65
C LEU AA 167 -1.55 27.32 32.62
N SER AA 168 -0.71 26.96 33.58
CA SER AA 168 -1.10 26.05 34.63
C SER AA 168 -2.09 26.74 35.57
N ASP AA 169 -2.73 25.93 36.42
CA ASP AA 169 -3.79 26.49 37.26
C ASP AA 169 -3.24 27.19 38.50
N ALA AA 170 -2.65 26.42 39.42
CA ALA AA 170 -2.20 26.97 40.69
C ALA AA 170 -1.52 25.90 41.54
N ASN AA 171 -1.04 26.29 42.71
CA ASN AA 171 -0.47 25.36 43.68
C ASN AA 171 -0.45 26.05 45.04
N LEU AA 172 0.25 25.43 46.00
CA LEU AA 172 0.44 25.98 47.34
C LEU AA 172 -0.88 26.10 48.09
N LEU AA 173 -0.85 26.82 49.22
CA LEU AA 173 -2.02 26.99 50.07
C LEU AA 173 -2.85 28.15 49.54
N ASP AA 174 -3.54 27.91 48.43
CA ASP AA 174 -4.35 28.92 47.78
C ASP AA 174 -5.77 28.38 47.58
N LEU AA 175 -6.76 29.17 47.97
CA LEU AA 175 -8.17 28.86 47.70
C LEU AA 175 -8.69 30.02 46.87
N GLY AA 176 -8.45 29.95 45.56
CA GLY AA 176 -8.92 30.98 44.66
C GLY AA 176 -8.56 32.39 45.12
N ALA AA 177 -9.55 33.28 45.04
CA ALA AA 177 -9.31 34.69 45.30
C ALA AA 177 -9.10 34.97 46.78
N ILE AA 178 -9.72 34.20 47.67
CA ILE AA 178 -9.45 34.43 49.09
C ILE AA 178 -8.01 34.02 49.43
N GLY AA 179 -7.53 32.94 48.83
CA GLY AA 179 -6.12 32.59 48.99
C GLY AA 179 -5.21 33.67 48.45
N ASP AA 180 -5.53 34.19 47.27
CA ASP AA 180 -4.72 35.26 46.68
C ASP AA 180 -4.75 36.50 47.57
N SER AA 181 -5.92 36.86 48.10
CA SER AA 181 -6.05 38.05 48.93
C SER AA 181 -5.29 37.90 50.24
N ILE AA 182 -5.33 36.71 50.83
CA ILE AA 182 -4.55 36.48 52.05
C ILE AA 182 -3.06 36.58 51.76
N SER AA 183 -2.62 35.97 50.65
CA SER AA 183 -1.20 36.03 50.30
C SER AA 183 -0.74 37.46 50.06
N SER AA 184 -1.58 38.26 49.38
CA SER AA 184 -1.22 39.65 49.13
C SER AA 184 -1.28 40.49 50.40
N ALA AA 185 -2.28 40.26 51.26
CA ALA AA 185 -2.40 41.01 52.49
C ALA AA 185 -1.31 40.67 53.49
N ALA AA 186 -0.63 39.53 53.31
CA ALA AA 186 0.53 39.23 54.14
C ALA AA 186 1.67 40.22 53.92
N LYS AA 187 1.63 41.02 52.85
CA LYS AA 187 2.68 41.98 52.52
C LYS AA 187 4.04 41.28 52.37
N SER AA 188 4.03 40.11 51.73
CA SER AA 188 5.25 39.34 51.54
C SER AA 188 5.20 38.56 50.23
N THR BA 2 6.06 -8.05 52.03
CA THR BA 2 6.07 -9.50 51.95
C THR BA 2 7.12 -10.09 52.89
N LEU BA 3 8.39 -9.81 52.62
CA LEU BA 3 9.47 -10.35 53.43
C LEU BA 3 10.60 -9.34 53.62
N PRO BA 4 11.21 -8.79 52.55
CA PRO BA 4 12.49 -8.09 52.73
C PRO BA 4 12.38 -6.77 53.48
N ALA BA 5 12.05 -6.86 54.77
CA ALA BA 5 12.07 -5.73 55.71
C ALA BA 5 11.16 -4.59 55.32
N TYR BA 6 11.05 -3.59 56.21
CA TYR BA 6 10.23 -2.41 55.93
C TYR BA 6 10.89 -1.09 56.31
N ASN BA 7 12.05 -1.10 56.95
CA ASN BA 7 12.71 0.11 57.44
C ASN BA 7 11.73 0.89 58.31
N SER BA 8 11.30 2.07 57.85
CA SER BA 8 10.34 2.91 58.58
C SER BA 8 10.79 3.15 60.02
N ASP BA 9 11.95 3.78 60.16
CA ASP BA 9 12.59 3.97 61.45
C ASP BA 9 12.72 5.43 61.86
N ILE BA 10 12.45 6.38 60.95
CA ILE BA 10 12.58 7.82 61.19
C ILE BA 10 14.04 8.18 61.43
N GLN BA 11 14.71 7.45 62.31
CA GLN BA 11 16.10 7.73 62.64
C GLN BA 11 17.06 7.32 61.54
N GLN BA 12 16.58 6.69 60.47
CA GLN BA 12 17.46 6.37 59.35
C GLN BA 12 18.06 7.65 58.78
N ALA BA 13 17.27 8.72 58.73
CA ALA BA 13 17.82 10.07 58.60
C ALA BA 13 18.59 10.39 59.88
N LEU BA 14 19.90 10.62 59.73
CA LEU BA 14 20.94 10.71 60.75
C LEU BA 14 22.15 9.94 60.26
N LYS BA 15 23.02 10.62 59.53
CA LYS BA 15 24.19 9.98 58.94
C LYS BA 15 25.28 9.86 60.01
N TRP BA 16 26.49 9.51 59.58
CA TRP BA 16 27.61 9.39 60.51
C TRP BA 16 28.04 10.76 61.03
N LEU BA 17 27.82 11.82 60.25
CA LEU BA 17 28.26 13.15 60.67
C LEU BA 17 27.59 13.57 61.97
N HIS BA 18 26.28 13.35 62.09
CA HIS BA 18 25.52 13.79 63.26
C HIS BA 18 25.73 12.83 64.42
N ASN BA 19 26.99 12.71 64.82
CA ASN BA 19 27.40 11.84 65.92
C ASN BA 19 27.61 12.60 67.22
N GLN BA 20 28.06 13.85 67.12
CA GLN BA 20 28.24 14.70 68.31
C GLN BA 20 27.45 15.98 68.00
N ALA BA 21 26.26 15.82 67.42
CA ALA BA 21 25.45 16.99 67.00
C ALA BA 21 24.20 17.10 67.87
N PRO BA 22 24.26 17.63 69.10
CA PRO BA 22 23.09 17.66 70.00
C PRO BA 22 21.84 18.24 69.34
N GLY BA 23 22.02 19.21 68.43
CA GLY BA 23 20.88 19.83 67.73
C GLY BA 23 20.19 18.85 66.80
N ILE BA 24 20.76 18.61 65.61
CA ILE BA 24 20.07 17.74 64.66
C ILE BA 24 19.72 16.41 65.30
N THR BA 25 20.68 15.81 66.02
CA THR BA 25 20.43 14.52 66.65
C THR BA 25 19.30 14.61 67.66
N GLY BA 26 19.34 15.60 68.55
CA GLY BA 26 18.28 15.73 69.54
C GLY BA 26 16.94 16.04 68.92
N LEU BA 27 16.92 16.92 67.91
CA LEU BA 27 15.66 17.30 67.28
C LEU BA 27 15.02 16.11 66.59
N ILE BA 28 15.81 15.31 65.87
CA ILE BA 28 15.26 14.13 65.23
C ILE BA 28 14.83 13.11 66.28
N GLN BA 29 15.54 13.00 67.39
CA GLN BA 29 15.12 12.10 68.45
C GLN BA 29 13.76 12.51 69.01
N ARG BA 30 13.57 13.80 69.27
CA ARG BA 30 12.28 14.26 69.78
C ARG BA 30 11.16 14.04 68.76
N LYS BA 31 11.44 14.31 67.49
CA LYS BA 31 10.46 14.07 66.45
C LYS BA 31 10.09 12.58 66.36
N ALA BA 32 11.10 11.71 66.47
CA ALA BA 32 10.84 10.28 66.45
C ALA BA 32 10.01 9.85 67.64
N GLN BA 33 10.32 10.38 68.83
CA GLN BA 33 9.53 10.06 70.01
C GLN BA 33 8.09 10.51 69.84
N TRP BA 34 7.87 11.69 69.25
CA TRP BA 34 6.50 12.15 69.05
C TRP BA 34 5.76 11.30 68.03
N TYR BA 35 6.39 11.00 66.90
CA TYR BA 35 5.71 10.17 65.91
C TYR BA 35 5.40 8.80 66.49
N ASP BA 36 6.31 8.26 67.30
CA ASP BA 36 6.03 7.03 68.03
C ASP BA 36 4.81 7.18 68.93
N ARG BA 37 4.81 8.21 69.79
CA ARG BA 37 3.75 8.38 70.78
C ARG BA 37 2.39 8.54 70.12
N PHE BA 38 2.32 9.31 69.04
CA PHE BA 38 1.04 9.64 68.45
C PHE BA 38 0.68 8.79 67.23
N SER BA 39 1.53 7.85 66.82
CA SER BA 39 1.13 6.88 65.81
C SER BA 39 1.20 5.44 66.32
N ARG BA 40 2.37 5.00 66.79
CA ARG BA 40 2.52 3.59 67.15
C ARG BA 40 1.82 3.29 68.47
N GLN BA 41 2.08 4.10 69.50
CA GLN BA 41 1.37 3.92 70.76
C GLN BA 41 -0.12 4.15 70.57
N PHE BA 42 -0.49 5.12 69.74
CA PHE BA 42 -1.90 5.38 69.48
C PHE BA 42 -2.57 4.16 68.88
N TRP BA 43 -1.93 3.54 67.88
CA TRP BA 43 -2.55 2.39 67.25
C TRP BA 43 -2.52 1.15 68.14
N ALA BA 44 -1.51 1.01 68.99
CA ALA BA 44 -1.51 -0.09 69.94
C ALA BA 44 -2.66 0.05 70.94
N ASN BA 45 -2.83 1.25 71.49
CA ASN BA 45 -3.95 1.49 72.40
C ASN BA 45 -5.29 1.36 71.69
N TRP BA 46 -5.36 1.73 70.41
CA TRP BA 46 -6.60 1.57 69.67
C TRP BA 46 -6.89 0.12 69.36
N GLU BA 47 -5.86 -0.71 69.14
CA GLU BA 47 -6.07 -2.14 69.02
C GLU BA 47 -6.58 -2.72 70.34
N ARG BA 48 -6.03 -2.25 71.46
CA ARG BA 48 -6.55 -2.64 72.77
C ARG BA 48 -8.00 -2.22 72.93
N ASP BA 49 -8.36 -1.06 72.38
CA ASP BA 49 -9.76 -0.64 72.32
C ASP BA 49 -10.60 -1.62 71.51
N VAL BA 50 -10.13 -1.98 70.31
CA VAL BA 50 -10.89 -2.86 69.44
C VAL BA 50 -11.12 -4.21 70.10
N PHE BA 51 -10.11 -4.73 70.79
CA PHE BA 51 -10.22 -6.01 71.47
C PHE BA 51 -11.34 -6.01 72.49
N HIS BA 52 -12.39 -6.81 72.24
CA HIS BA 52 -13.51 -6.88 73.17
C HIS BA 52 -13.15 -7.56 74.48
N LEU BA 53 -12.40 -8.68 74.41
CA LEU BA 53 -12.08 -9.41 75.63
C LEU BA 53 -11.30 -8.56 76.60
N LYS BA 54 -10.50 -7.62 76.08
CA LYS BA 54 -9.69 -6.73 76.93
C LYS BA 54 -9.98 -5.27 76.55
N THR BA 55 -11.08 -4.72 77.05
CA THR BA 55 -11.42 -3.29 76.78
C THR BA 55 -11.54 -2.55 78.12
N ALA BA 56 -10.41 -2.14 78.70
CA ALA BA 56 -10.47 -1.35 79.95
C ALA BA 56 -11.23 -0.04 79.67
N ASN BA 57 -11.00 0.53 78.50
CA ASN BA 57 -11.52 1.89 78.16
C ASN BA 57 -13.03 1.82 77.90
N PRO BA 58 -13.86 2.58 78.65
CA PRO BA 58 -15.29 2.62 78.37
C PRO BA 58 -15.46 3.07 76.92
N PHE BA 59 -14.50 3.83 76.39
CA PHE BA 59 -14.57 4.25 75.00
C PHE BA 59 -14.81 3.05 74.10
N GLY BA 60 -14.13 1.93 74.38
CA GLY BA 60 -14.33 0.73 73.58
C GLY BA 60 -15.72 0.12 73.74
N LEU BA 61 -16.19 0.02 74.98
CA LEU BA 61 -17.51 -0.53 75.22
C LEU BA 61 -18.57 0.30 74.49
N MET BA 62 -18.41 1.63 74.46
CA MET BA 62 -19.39 2.45 73.76
C MET BA 62 -19.30 2.24 72.26
N VAL BA 63 -18.08 2.16 71.72
CA VAL BA 63 -17.95 1.93 70.29
C VAL BA 63 -18.67 0.66 69.92
N TRP BA 64 -18.53 -0.37 70.75
CA TRP BA 64 -19.20 -1.63 70.46
C TRP BA 64 -20.70 -1.55 70.71
N CYS BA 65 -21.16 -0.73 71.65
CA CYS BA 65 -22.60 -0.60 71.85
C CYS BA 65 -23.26 -0.02 70.61
N ILE BA 66 -22.62 0.96 69.97
CA ILE BA 66 -23.18 1.49 68.73
C ILE BA 66 -22.93 0.56 67.54
N ILE BA 67 -21.81 -0.19 67.56
CA ILE BA 67 -21.60 -1.17 66.49
C ILE BA 67 -22.69 -2.23 66.50
N LEU BA 68 -23.04 -2.72 67.69
CA LEU BA 68 -24.03 -3.80 67.80
C LEU BA 68 -25.44 -3.25 67.69
N GLY BA 69 -25.80 -2.27 68.52
CA GLY BA 69 -27.14 -1.74 68.52
C GLY BA 69 -27.73 -1.70 69.91
N THR BA 70 -26.90 -1.95 70.91
CA THR BA 70 -27.37 -1.98 72.29
C THR BA 70 -27.69 -0.57 72.76
N PRO BA 71 -28.90 -0.31 73.26
CA PRO BA 71 -29.15 0.95 73.95
C PRO BA 71 -28.26 1.06 75.17
N SER BA 72 -27.71 2.26 75.38
CA SER BA 72 -26.77 2.50 76.46
C SER BA 72 -27.44 3.07 77.71
N LYS BA 73 -28.76 3.22 77.72
CA LYS BA 73 -29.43 3.82 78.86
C LYS BA 73 -29.25 3.03 80.14
N GLY BA 74 -28.96 1.73 80.04
CA GLY BA 74 -28.75 0.89 81.19
C GLY BA 74 -27.30 0.59 81.54
N PHE BA 75 -26.36 1.36 81.01
CA PHE BA 75 -24.95 1.09 81.24
C PHE BA 75 -24.35 2.08 82.24
N GLY BA 76 -23.18 1.72 82.76
CA GLY BA 76 -22.57 2.45 83.86
C GLY BA 76 -21.17 2.95 83.57
N LEU BA 77 -20.95 3.48 82.38
CA LEU BA 77 -19.66 4.06 82.03
C LEU BA 77 -19.38 5.29 82.89
N TYR BA 78 -18.20 5.91 82.69
CA TYR BA 78 -17.64 6.96 83.53
C TYR BA 78 -17.11 6.36 84.83
N PRO BA 79 -16.03 6.91 85.39
CA PRO BA 79 -15.45 6.31 86.60
C PRO BA 79 -16.37 6.47 87.81
N LYS BA 80 -16.01 5.75 88.87
CA LYS BA 80 -16.72 5.82 90.14
C LYS BA 80 -16.31 7.05 90.93
N ASN BA 81 -16.64 7.08 92.22
CA ASN BA 81 -16.33 8.20 93.10
C ASN BA 81 -17.06 9.47 92.66
N SER BA 82 -18.38 9.34 92.46
CA SER BA 82 -19.22 10.48 92.14
C SER BA 82 -20.57 10.41 92.86
N SER BA 83 -20.75 9.46 93.77
CA SER BA 83 -22.01 9.28 94.49
C SER BA 83 -21.76 9.45 95.98
N TRP BA 84 -22.65 10.19 96.64
CA TRP BA 84 -22.52 10.40 98.07
C TRP BA 84 -22.98 9.17 98.85
N ALA BA 85 -24.25 8.78 98.67
CA ALA BA 85 -24.84 7.57 99.25
C ALA BA 85 -24.56 7.57 100.75
N PHE BA 86 -23.98 6.51 101.32
CA PHE BA 86 -23.71 6.42 102.74
C PHE BA 86 -22.37 5.72 102.95
N GLY BA 87 -21.50 6.34 103.75
CA GLY BA 87 -20.23 5.73 104.10
C GLY BA 87 -19.02 6.59 103.78
N ARG BA 88 -17.90 6.30 104.45
CA ARG BA 88 -16.66 7.01 104.17
C ARG BA 88 -16.10 6.64 102.81
N LEU BA 89 -16.39 5.42 102.33
CA LEU BA 89 -15.90 5.00 101.03
C LEU BA 89 -16.49 5.80 99.88
N ARG BA 90 -17.55 6.56 100.12
CA ARG BA 90 -18.21 7.37 99.10
C ARG BA 90 -18.11 8.85 99.48
N GLN BA 91 -18.75 9.69 98.67
CA GLN BA 91 -18.57 11.13 98.80
C GLN BA 91 -19.49 11.72 99.87
N ASN BA 92 -19.25 12.99 100.19
CA ASN BA 92 -20.04 13.76 101.14
C ASN BA 92 -20.66 14.95 100.44
N PHE BA 93 -21.48 15.69 101.19
CA PHE BA 93 -22.14 16.86 100.62
C PHE BA 93 -21.15 17.96 100.30
N ILE BA 94 -21.53 18.81 99.36
CA ILE BA 94 -20.75 19.99 99.00
C ILE BA 94 -21.52 21.23 99.46
N TYR BA 95 -20.81 22.16 100.07
CA TYR BA 95 -21.40 23.37 100.63
C TYR BA 95 -20.86 24.60 99.91
N SER BA 96 -21.37 25.76 100.31
CA SER BA 96 -20.98 27.03 99.69
C SER BA 96 -19.61 27.42 100.23
N GLY BA 97 -18.59 26.80 99.65
CA GLY BA 97 -17.22 27.13 99.99
C GLY BA 97 -16.78 28.42 99.35
N THR BA 98 -17.32 29.54 99.82
CA THR BA 98 -17.02 30.84 99.23
C THR BA 98 -15.54 31.19 99.31
N GLN BA 99 -14.81 30.59 100.24
CA GLN BA 99 -13.38 30.82 100.38
C GLN BA 99 -12.54 29.83 99.60
N VAL BA 100 -13.17 28.84 98.97
CA VAL BA 100 -12.49 27.77 98.24
C VAL BA 100 -11.45 27.15 99.16
N PRO BA 101 -11.86 26.37 100.16
CA PRO BA 101 -10.88 25.76 101.06
C PRO BA 101 -10.02 24.77 100.31
N PRO BA 102 -8.76 24.63 100.69
CA PRO BA 102 -7.87 23.66 100.02
C PRO BA 102 -8.41 22.24 100.06
N PRO BA 103 -9.04 21.79 101.17
CA PRO BA 103 -9.62 20.44 101.15
C PRO BA 103 -10.89 20.30 100.33
N ALA BA 104 -11.35 21.37 99.67
CA ALA BA 104 -12.60 21.38 98.92
C ALA BA 104 -13.77 20.93 99.82
N ASP BA 105 -13.99 21.73 100.86
CA ASP BA 105 -14.94 21.46 101.96
C ASP BA 105 -14.97 19.97 102.31
N ALA BA 106 -16.18 19.40 102.42
CA ALA BA 106 -16.29 18.01 102.80
C ALA BA 106 -15.97 17.07 101.66
N SER BA 107 -16.27 17.45 100.42
CA SER BA 107 -16.07 16.58 99.27
C SER BA 107 -16.00 17.43 98.02
N PRO BA 108 -15.32 16.96 96.97
CA PRO BA 108 -15.31 17.68 95.70
C PRO BA 108 -16.52 17.43 94.81
N GLY BA 109 -17.53 16.71 95.29
CA GLY BA 109 -18.68 16.43 94.47
C GLY BA 109 -19.68 15.48 95.11
N GLY BA 110 -20.30 14.64 94.28
CA GLY BA 110 -21.32 13.71 94.75
C GLY BA 110 -22.62 13.89 93.98
N ASN BA 111 -23.16 12.79 93.45
CA ASN BA 111 -24.34 12.87 92.61
C ASN BA 111 -25.17 11.60 92.76
N PHE BA 112 -26.45 11.71 92.41
CA PHE BA 112 -27.36 10.58 92.38
C PHE BA 112 -27.09 9.64 91.21
N TYR BA 113 -26.08 9.94 90.39
CA TYR BA 113 -25.77 9.11 89.24
C TYR BA 113 -25.42 7.70 89.68
N GLY BA 114 -26.00 6.73 89.00
CA GLY BA 114 -25.88 5.34 89.37
C GLY BA 114 -27.17 4.69 89.84
N GLY BA 115 -28.33 5.21 89.42
CA GLY BA 115 -29.60 4.64 89.80
C GLY BA 115 -29.75 3.20 89.38
N GLY BA 116 -29.83 2.30 90.36
CA GLY BA 116 -29.79 0.88 90.12
C GLY BA 116 -31.14 0.28 89.76
N ASN BA 117 -31.23 -1.03 89.96
CA ASN BA 117 -32.41 -1.87 89.68
C ASN BA 117 -32.59 -2.07 88.18
N ALA BA 118 -31.85 -1.32 87.38
CA ALA BA 118 -31.70 -1.59 85.95
C ALA BA 118 -30.30 -1.38 85.42
N GLU BA 119 -29.47 -0.58 86.09
CA GLU BA 119 -28.18 -0.16 85.58
C GLU BA 119 -27.05 -0.89 86.29
N ILE BA 120 -26.06 -1.31 85.51
CA ILE BA 120 -24.89 -2.01 86.03
C ILE BA 120 -23.71 -1.05 86.02
N LEU BA 121 -22.89 -1.11 87.06
CA LEU BA 121 -21.74 -0.22 87.21
C LEU BA 121 -20.43 -0.86 86.77
N ASN BA 122 -20.32 -2.18 86.89
CA ASN BA 122 -19.08 -2.86 86.57
C ASN BA 122 -18.87 -2.93 85.06
N LEU BA 123 -17.68 -2.51 84.60
CA LEU BA 123 -17.39 -2.48 83.17
C LEU BA 123 -17.16 -3.89 82.62
N ASP BA 124 -16.51 -4.75 83.41
CA ASP BA 124 -16.22 -6.11 82.99
C ASP BA 124 -17.49 -6.88 82.66
N GLU BA 125 -18.63 -6.46 83.21
CA GLU BA 125 -19.90 -7.11 82.98
C GLU BA 125 -20.67 -6.49 81.82
N ILE BA 126 -20.49 -5.18 81.57
CA ILE BA 126 -20.96 -4.58 80.32
C ILE BA 126 -20.31 -5.29 79.15
N ARG BA 127 -19.02 -5.63 79.29
CA ARG BA 127 -18.33 -6.38 78.24
C ARG BA 127 -19.03 -7.71 77.95
N LYS BA 128 -19.37 -8.44 79.02
CA LYS BA 128 -20.06 -9.73 78.86
C LYS BA 128 -21.41 -9.53 78.19
N VAL BA 129 -22.12 -8.47 78.58
CA VAL BA 129 -23.45 -8.21 78.00
C VAL BA 129 -23.33 -7.96 76.50
N LEU BA 130 -22.32 -7.18 76.10
CA LEU BA 130 -22.15 -6.91 74.67
C LEU BA 130 -21.77 -8.18 73.90
N GLN BA 131 -20.89 -9.01 74.46
CA GLN BA 131 -20.57 -10.28 73.82
C GLN BA 131 -21.82 -11.14 73.67
N LEU BA 132 -22.67 -11.17 74.71
CA LEU BA 132 -23.87 -11.98 74.66
C LEU BA 132 -24.86 -11.44 73.64
N ARG BA 133 -24.92 -10.12 73.47
CA ARG BA 133 -25.77 -9.58 72.43
C ARG BA 133 -25.26 -9.99 71.05
N TYR BA 134 -23.94 -10.00 70.86
CA TYR BA 134 -23.43 -10.48 69.57
C TYR BA 134 -23.82 -11.93 69.33
N VAL BA 135 -23.71 -12.76 70.36
CA VAL BA 135 -24.11 -14.17 70.22
C VAL BA 135 -25.58 -14.27 69.88
N ALA BA 136 -26.42 -13.43 70.50
CA ALA BA 136 -27.84 -13.40 70.17
C ALA BA 136 -28.05 -13.03 68.72
N LEU BA 137 -27.26 -12.08 68.22
CA LEU BA 137 -27.36 -11.68 66.82
C LEU BA 137 -27.04 -12.83 65.89
N ILE BA 138 -25.97 -13.57 66.19
CA ILE BA 138 -25.52 -14.62 65.28
C ILE BA 138 -26.32 -15.91 65.44
N SER BA 139 -27.04 -16.08 66.55
CA SER BA 139 -27.57 -17.40 66.90
C SER BA 139 -28.74 -17.79 66.01
N ASN BA 140 -28.90 -19.10 65.83
CA ASN BA 140 -30.05 -19.68 65.16
C ASN BA 140 -30.95 -20.46 66.10
N GLY BA 141 -30.68 -20.40 67.41
CA GLY BA 141 -31.48 -21.10 68.41
C GLY BA 141 -30.84 -22.34 68.98
N SER BA 142 -29.69 -22.77 68.48
CA SER BA 142 -29.09 -24.02 68.95
C SER BA 142 -28.78 -23.92 70.44
N ILE BA 143 -29.43 -24.79 71.21
CA ILE BA 143 -29.27 -24.74 72.67
C ILE BA 143 -27.87 -25.16 73.08
N ALA BA 144 -27.29 -26.16 72.40
CA ALA BA 144 -25.91 -26.54 72.69
C ALA BA 144 -24.95 -25.39 72.43
N TYR BA 145 -25.13 -24.71 71.29
CA TYR BA 145 -24.28 -23.57 70.98
C TYR BA 145 -24.43 -22.47 72.01
N ILE BA 146 -25.67 -22.18 72.42
CA ILE BA 146 -25.86 -21.10 73.37
C ILE BA 146 -25.23 -21.46 74.71
N ASN BA 147 -25.35 -22.72 75.12
CA ASN BA 147 -24.70 -23.16 76.35
C ASN BA 147 -23.18 -23.00 76.27
N ARG BA 148 -22.59 -23.39 75.13
CA ARG BA 148 -21.14 -23.29 75.02
C ARG BA 148 -20.68 -21.85 74.94
N MET BA 149 -21.47 -20.98 74.30
CA MET BA 149 -21.12 -19.57 74.27
C MET BA 149 -21.23 -18.95 75.67
N LEU BA 150 -22.27 -19.33 76.42
CA LEU BA 150 -22.40 -18.82 77.79
C LEU BA 150 -21.24 -19.28 78.64
N ARG BA 151 -20.83 -20.54 78.50
CA ARG BA 151 -19.65 -21.04 79.20
C ARG BA 151 -18.43 -20.22 78.83
N TYR BA 152 -18.19 -20.02 77.53
CA TYR BA 152 -17.01 -19.30 77.07
C TYR BA 152 -16.98 -17.86 77.59
N ILE BA 153 -18.12 -17.17 77.53
CA ILE BA 153 -18.18 -15.78 77.96
C ILE BA 153 -18.05 -15.67 79.48
N PHE BA 154 -18.99 -16.27 80.20
CA PHE BA 154 -19.12 -16.02 81.63
C PHE BA 154 -18.23 -16.89 82.49
N ASN BA 155 -17.44 -17.81 81.90
CA ASN BA 155 -16.52 -18.62 82.67
C ASN BA 155 -15.14 -18.73 82.06
N ASP BA 156 -14.90 -18.14 80.89
CA ASP BA 156 -13.61 -18.24 80.20
C ASP BA 156 -13.26 -19.68 79.87
N ASP BA 157 -14.27 -20.48 79.56
CA ASP BA 157 -14.11 -21.85 79.06
C ASP BA 157 -13.37 -22.74 80.06
N GLU BA 158 -13.98 -22.92 81.22
CA GLU BA 158 -13.55 -23.94 82.17
C GLU BA 158 -14.77 -24.62 82.76
N PRO BA 159 -14.66 -25.91 83.11
CA PRO BA 159 -15.80 -26.61 83.71
C PRO BA 159 -16.08 -26.11 85.12
N TRP BA 160 -17.30 -26.37 85.56
CA TRP BA 160 -17.76 -25.97 86.88
C TRP BA 160 -18.51 -27.12 87.53
N ASP BA 161 -18.42 -27.19 88.87
CA ASP BA 161 -19.18 -28.16 89.63
C ASP BA 161 -20.53 -27.56 90.02
N GLU BA 162 -21.36 -28.35 90.70
CA GLU BA 162 -22.70 -27.92 91.04
C GLU BA 162 -22.77 -27.10 92.31
N ALA BA 163 -21.68 -26.97 93.06
CA ALA BA 163 -21.65 -26.04 94.18
C ALA BA 163 -21.81 -24.61 93.68
N THR BA 164 -21.18 -24.28 92.55
CA THR BA 164 -21.32 -22.96 91.97
C THR BA 164 -22.66 -22.79 91.28
N GLY BA 165 -22.97 -23.67 90.32
CA GLY BA 165 -24.22 -23.56 89.58
C GLY BA 165 -24.16 -22.52 88.49
N LEU BA 166 -23.30 -22.73 87.50
CA LEU BA 166 -23.08 -21.75 86.44
C LEU BA 166 -24.31 -21.66 85.54
N TYR BA 167 -24.20 -20.83 84.51
CA TYR BA 167 -25.29 -20.66 83.54
C TYR BA 167 -25.83 -22.02 83.10
N PHE BA 168 -27.12 -22.05 82.82
CA PHE BA 168 -27.88 -23.28 82.73
C PHE BA 168 -28.48 -23.42 81.35
N TYR BA 169 -29.39 -24.37 81.21
CA TYR BA 169 -29.85 -24.77 79.89
C TYR BA 169 -30.75 -23.68 79.28
N LEU BA 170 -31.00 -23.81 77.99
CA LEU BA 170 -31.74 -22.81 77.21
C LEU BA 170 -32.99 -23.47 76.65
N MET BA 171 -33.68 -22.75 75.76
CA MET BA 171 -35.10 -22.95 75.51
C MET BA 171 -35.31 -24.29 74.82
N ASP BA 172 -35.32 -25.33 75.62
CA ASP BA 172 -35.56 -26.67 75.11
C ASP BA 172 -36.39 -27.37 76.20
N SER BA 173 -37.72 -27.32 76.04
CA SER BA 173 -38.58 -27.86 77.09
C SER BA 173 -38.55 -29.38 77.05
N THR BA 174 -37.38 -29.95 77.31
CA THR BA 174 -37.20 -31.40 77.37
C THR BA 174 -36.59 -31.71 78.73
N GLY BA 175 -37.45 -32.15 79.66
CA GLY BA 175 -37.05 -32.49 81.00
C GLY BA 175 -35.93 -33.49 81.03
N GLU BA 176 -35.01 -33.33 81.97
CA GLU BA 176 -33.73 -34.02 81.84
C GLU BA 176 -33.75 -35.45 82.31
N ASN BA 177 -34.16 -35.71 83.53
CA ASN BA 177 -34.04 -37.05 84.08
C ASN BA 177 -35.22 -37.24 85.03
N GLY BA 178 -35.09 -38.19 85.93
CA GLY BA 178 -36.21 -38.71 86.67
C GLY BA 178 -36.03 -40.19 86.91
N PRO BA 179 -35.48 -40.91 85.91
CA PRO BA 179 -34.86 -42.21 86.24
C PRO BA 179 -33.45 -42.00 86.77
N VAL BA 180 -32.80 -43.10 87.15
CA VAL BA 180 -31.41 -43.09 87.59
C VAL BA 180 -30.62 -44.00 86.67
N GLU BA 181 -29.53 -43.47 86.10
CA GLU BA 181 -28.74 -44.21 85.12
C GLU BA 181 -27.27 -44.11 85.48
N ASN BA 182 -26.50 -45.07 84.94
CA ASN BA 182 -25.05 -45.17 85.06
C ASN BA 182 -24.54 -44.79 86.45
N LEU BA 183 -25.21 -45.29 87.49
CA LEU BA 183 -24.79 -45.00 88.85
C LEU BA 183 -23.58 -45.84 89.23
N ALA BA 184 -22.72 -45.24 90.07
CA ALA BA 184 -21.57 -45.93 90.64
C ALA BA 184 -21.62 -45.76 92.15
N ILE BA 185 -21.26 -46.83 92.86
CA ILE BA 185 -21.33 -46.86 94.32
C ILE BA 185 -19.94 -47.17 94.87
N TYR BA 186 -19.58 -46.47 95.95
CA TYR BA 186 -18.31 -46.64 96.63
C TYR BA 186 -18.56 -46.80 98.13
N ARG BA 187 -17.61 -47.43 98.81
CA ARG BA 187 -17.65 -47.53 100.26
C ARG BA 187 -16.41 -46.90 100.87
N LYS BA 188 -16.61 -46.22 102.00
CA LYS BA 188 -15.54 -45.57 102.74
C LYS BA 188 -15.28 -46.36 104.01
N ASP BA 189 -14.04 -46.83 104.15
CA ASP BA 189 -13.64 -47.75 105.21
C ASP BA 189 -12.14 -47.63 105.37
N TRP BA 190 -11.52 -48.62 106.04
CA TRP BA 190 -10.07 -48.62 106.18
C TRP BA 190 -9.36 -48.84 104.84
N GLU BA 191 -10.06 -49.24 103.79
CA GLU BA 191 -9.50 -49.28 102.45
C GLU BA 191 -9.67 -47.95 101.73
N GLY BA 192 -10.17 -46.92 102.40
CA GLY BA 192 -10.32 -45.63 101.75
C GLY BA 192 -11.44 -45.64 100.73
N MET BA 193 -11.26 -44.79 99.72
CA MET BA 193 -12.24 -44.64 98.64
C MET BA 193 -12.09 -45.81 97.66
N VAL BA 194 -13.13 -46.62 97.53
CA VAL BA 194 -13.08 -47.82 96.69
C VAL BA 194 -14.49 -48.19 96.26
N LEU BA 195 -14.67 -48.50 94.98
CA LEU BA 195 -16.01 -48.72 94.45
C LEU BA 195 -16.45 -50.17 94.62
N LEU BA 196 -17.71 -50.41 94.26
CA LEU BA 196 -18.36 -51.70 94.35
C LEU BA 196 -19.11 -51.94 93.05
N SER BA 197 -19.11 -53.18 92.59
CA SER BA 197 -19.63 -53.53 91.27
C SER BA 197 -20.98 -54.22 91.39
N SER BA 198 -21.95 -53.75 90.60
CA SER BA 198 -23.26 -54.40 90.57
C SER BA 198 -23.16 -55.80 89.99
N SER BA 199 -22.33 -55.99 88.97
CA SER BA 199 -22.06 -57.27 88.34
C SER BA 199 -21.03 -58.05 89.17
N PRO BA 200 -21.05 -59.38 89.11
CA PRO BA 200 -20.09 -60.16 89.89
C PRO BA 200 -18.65 -59.82 89.53
N ARG BA 201 -17.80 -59.76 90.54
CA ARG BA 201 -16.37 -59.54 90.36
C ARG BA 201 -15.62 -60.66 91.06
N THR BA 202 -14.53 -61.12 90.44
CA THR BA 202 -13.78 -62.26 90.92
C THR BA 202 -12.34 -61.85 91.20
N ASN BA 203 -11.85 -62.23 92.38
CA ASN BA 203 -10.44 -62.11 92.73
C ASN BA 203 -9.80 -63.48 92.59
N HIS BA 204 -8.84 -63.59 91.67
CA HIS BA 204 -8.28 -64.87 91.24
C HIS BA 204 -7.09 -65.33 92.05
N VAL BA 205 -6.57 -64.50 92.96
CA VAL BA 205 -5.43 -64.92 93.77
C VAL BA 205 -5.90 -65.92 94.81
N LEU BA 206 -5.10 -66.97 95.01
CA LEU BA 206 -5.50 -68.02 95.95
C LEU BA 206 -5.53 -67.51 97.38
N THR BA 207 -4.55 -66.70 97.77
CA THR BA 207 -4.48 -66.16 99.12
C THR BA 207 -4.05 -64.71 99.05
N SER BA 208 -4.69 -63.88 99.87
CA SER BA 208 -4.31 -62.48 100.00
C SER BA 208 -3.43 -62.21 101.22
N THR BA 209 -3.42 -63.11 102.20
CA THR BA 209 -2.60 -62.97 103.39
C THR BA 209 -1.82 -64.26 103.59
N PRO BA 210 -0.68 -64.40 102.90
CA PRO BA 210 0.16 -65.58 103.12
C PRO BA 210 0.88 -65.53 104.45
N ALA BA 211 0.42 -66.32 105.41
CA ALA BA 211 1.06 -66.41 106.72
C ALA BA 211 2.13 -67.50 106.78
N SER BA 212 2.33 -68.21 105.68
CA SER BA 212 3.34 -69.26 105.60
C SER BA 212 4.16 -69.08 104.33
N ASP BA 213 5.41 -69.53 104.38
CA ASP BA 213 6.30 -69.37 103.22
C ASP BA 213 5.82 -70.19 102.04
N ALA BA 214 5.16 -71.33 102.28
CA ALA BA 214 4.73 -72.20 101.20
C ALA BA 214 3.52 -71.69 100.45
N ASP BA 215 2.88 -70.62 100.93
CA ASP BA 215 1.67 -70.12 100.29
C ASP BA 215 1.94 -69.66 98.87
N TRP BA 216 3.04 -68.93 98.66
CA TRP BA 216 3.45 -68.49 97.33
C TRP BA 216 4.88 -68.96 97.10
N PRO BA 217 5.17 -69.62 95.98
CA PRO BA 217 6.53 -70.09 95.73
C PRO BA 217 7.45 -68.94 95.31
N GLY BA 218 8.74 -69.26 95.26
CA GLY BA 218 9.75 -68.31 94.82
C GLY BA 218 10.39 -68.78 93.53
N VAL BA 219 10.78 -67.83 92.69
CA VAL BA 219 11.38 -68.10 91.40
C VAL BA 219 12.65 -67.26 91.27
N ASP BA 220 13.75 -67.90 90.87
CA ASP BA 220 15.02 -67.22 90.65
C ASP BA 220 15.81 -67.99 89.60
N PRO BA 221 15.87 -67.47 88.37
CA PRO BA 221 16.74 -68.11 87.36
C PRO BA 221 18.21 -68.11 87.76
N ALA BA 222 18.67 -67.06 88.46
CA ALA BA 222 20.06 -67.01 88.88
C ALA BA 222 20.35 -68.05 89.94
N ALA BA 223 19.45 -68.20 90.91
CA ALA BA 223 19.59 -69.18 92.00
C ALA BA 223 20.89 -68.97 92.76
N SER BA 224 21.28 -67.70 92.93
CA SER BA 224 22.51 -67.39 93.64
C SER BA 224 22.37 -67.52 95.15
N GLY BA 225 21.17 -67.27 95.69
CA GLY BA 225 20.95 -67.34 97.11
C GLY BA 225 19.58 -67.90 97.44
N ILE BA 226 19.30 -67.97 98.74
CA ILE BA 226 18.00 -68.47 99.20
C ILE BA 226 16.90 -67.53 98.72
N PRO BA 227 15.76 -68.03 98.27
CA PRO BA 227 14.71 -67.15 97.74
C PRO BA 227 14.10 -66.30 98.84
N VAL BA 228 13.23 -65.38 98.41
CA VAL BA 228 12.54 -64.51 99.35
C VAL BA 228 11.61 -65.33 100.23
N THR BA 229 11.69 -65.09 101.54
CA THR BA 229 10.96 -65.89 102.52
C THR BA 229 9.76 -65.10 103.03
N VAL BA 230 8.60 -65.76 103.08
CA VAL BA 230 7.40 -65.16 103.65
C VAL BA 230 7.40 -65.41 105.15
N GLU BA 231 7.23 -64.34 105.92
CA GLU BA 231 7.19 -64.42 107.37
C GLU BA 231 5.93 -63.75 107.88
N THR BA 232 5.46 -64.17 109.04
CA THR BA 232 4.28 -63.58 109.66
C THR BA 232 4.73 -62.48 110.60
N ALA BA 233 4.49 -61.22 110.22
CA ALA BA 233 4.94 -60.07 110.99
C ALA BA 233 3.79 -59.52 111.82
N SER BA 234 4.10 -59.12 113.05
CA SER BA 234 3.09 -58.60 113.97
C SER BA 234 3.04 -57.08 113.88
N ALA BA 235 2.57 -56.61 112.73
CA ALA BA 235 2.29 -55.20 112.50
C ALA BA 235 0.82 -55.05 112.11
N THR BA 236 0.19 -53.99 112.59
CA THR BA 236 -1.25 -53.83 112.39
C THR BA 236 -1.56 -53.63 110.91
N ALA BA 237 -2.33 -54.55 110.35
CA ALA BA 237 -2.79 -54.46 108.98
C ALA BA 237 -3.94 -53.47 108.88
N PRO BA 238 -4.23 -52.97 107.68
CA PRO BA 238 -5.35 -52.02 107.53
C PRO BA 238 -6.69 -52.59 108.00
N ASP BA 239 -6.89 -53.91 107.89
CA ASP BA 239 -8.12 -54.51 108.36
C ASP BA 239 -8.27 -54.44 109.88
N GLY BA 240 -7.18 -54.19 110.59
CA GLY BA 240 -7.20 -54.10 112.04
C GLY BA 240 -6.59 -55.26 112.79
N SER BA 241 -5.67 -56.01 112.19
CA SER BA 241 -5.04 -57.15 112.82
C SER BA 241 -3.54 -57.13 112.54
N ALA BA 242 -2.80 -57.91 113.32
CA ALA BA 242 -1.36 -58.06 113.13
C ALA BA 242 -1.07 -59.29 112.26
N THR BA 243 -1.64 -59.28 111.06
CA THR BA 243 -1.58 -60.41 110.15
C THR BA 243 -0.75 -60.13 108.90
N VAL BA 244 -0.01 -59.02 108.86
CA VAL BA 244 0.78 -58.70 107.68
C VAL BA 244 1.88 -59.75 107.49
N CYS BA 245 2.36 -59.85 106.26
CA CYS BA 245 3.45 -60.76 105.96
C CYS BA 245 4.65 -59.96 105.49
N LYS BA 246 5.83 -60.48 105.80
CA LYS BA 246 7.10 -59.85 105.49
C LYS BA 246 7.84 -60.64 104.44
N LEU BA 247 8.37 -59.93 103.45
CA LEU BA 247 9.23 -60.50 102.43
C LEU BA 247 10.62 -59.92 102.60
N THR BA 248 11.62 -60.79 102.72
CA THR BA 248 13.00 -60.37 102.91
C THR BA 248 13.84 -60.87 101.73
N LYS BA 249 14.60 -59.96 101.14
CA LYS BA 249 15.51 -60.30 100.06
C LYS BA 249 16.93 -60.29 100.59
N PRO BA 250 17.60 -61.44 100.70
CA PRO BA 250 18.97 -61.44 101.23
C PRO BA 250 19.95 -60.83 100.25
N ALA BA 251 21.13 -60.53 100.77
CA ALA BA 251 22.19 -59.97 99.94
C ALA BA 251 22.59 -60.97 98.84
N GLY BA 252 22.75 -60.45 97.63
CA GLY BA 252 23.12 -61.28 96.51
C GLY BA 252 22.00 -62.14 95.96
N SER BA 253 20.77 -61.93 96.39
CA SER BA 253 19.63 -62.72 95.96
C SER BA 253 18.82 -61.95 94.93
N THR BA 254 18.48 -62.62 93.83
CA THR BA 254 17.66 -62.04 92.76
C THR BA 254 16.33 -62.77 92.64
N ALA BA 255 15.85 -63.35 93.73
CA ALA BA 255 14.63 -64.14 93.71
C ALA BA 255 13.40 -63.27 93.94
N TYR BA 256 12.28 -63.74 93.43
CA TYR BA 256 11.00 -63.04 93.59
C TYR BA 256 9.91 -64.05 93.91
N VAL BA 257 8.99 -63.63 94.77
CA VAL BA 257 7.87 -64.49 95.15
C VAL BA 257 6.75 -64.32 94.15
N SER BA 258 6.25 -65.44 93.61
CA SER BA 258 5.19 -65.45 92.64
C SER BA 258 3.90 -65.94 93.30
N ALA BA 259 2.83 -65.16 93.15
CA ALA BA 259 1.56 -65.53 93.76
C ALA BA 259 0.83 -66.53 92.86
N PRO BA 260 0.54 -67.74 93.34
CA PRO BA 260 -0.21 -68.69 92.52
C PRO BA 260 -1.59 -68.15 92.16
N ILE BA 261 -2.05 -68.53 90.98
CA ILE BA 261 -3.31 -68.03 90.45
C ILE BA 261 -3.76 -68.96 89.34
N ASP BA 262 -5.07 -69.22 89.30
CA ASP BA 262 -5.63 -70.01 88.21
C ASP BA 262 -5.36 -69.32 86.87
N GLY BA 263 -4.88 -70.08 85.90
CA GLY BA 263 -4.52 -69.53 84.62
C GLY BA 263 -5.13 -70.29 83.47
N PRO BA 264 -5.29 -69.62 82.32
CA PRO BA 264 -4.96 -68.22 82.05
C PRO BA 264 -6.04 -67.27 82.56
N LEU BA 265 -5.86 -65.96 82.42
CA LEU BA 265 -6.85 -65.00 82.87
C LEU BA 265 -7.78 -64.51 81.77
N GLY BA 266 -7.28 -64.35 80.55
CA GLY BA 266 -8.09 -63.92 79.44
C GLY BA 266 -7.27 -63.18 78.40
N SER BA 267 -7.81 -63.13 77.19
CA SER BA 267 -7.15 -62.50 76.05
C SER BA 267 -7.78 -61.15 75.78
N GLY BA 268 -6.95 -60.14 75.59
CA GLY BA 268 -7.45 -58.80 75.32
C GLY BA 268 -8.29 -58.24 76.45
N SER BA 269 -7.85 -58.44 77.68
CA SER BA 269 -8.62 -58.05 78.86
C SER BA 269 -7.77 -57.19 79.78
N THR BA 270 -8.34 -56.08 80.23
CA THR BA 270 -7.66 -55.23 81.20
C THR BA 270 -7.57 -55.95 82.54
N VAL BA 271 -6.35 -56.19 83.00
CA VAL BA 271 -6.10 -56.93 84.23
C VAL BA 271 -5.55 -55.97 85.28
N THR BA 272 -6.17 -55.96 86.45
CA THR BA 272 -5.80 -55.07 87.54
C THR BA 272 -5.21 -55.87 88.70
N PHE BA 273 -3.98 -55.54 89.07
CA PHE BA 273 -3.32 -56.10 90.24
C PHE BA 273 -3.29 -55.06 91.34
N SER BA 274 -3.55 -55.48 92.58
CA SER BA 274 -3.52 -54.57 93.70
C SER BA 274 -3.04 -55.31 94.94
N PHE BA 275 -2.47 -54.55 95.87
CA PHE BA 275 -2.04 -55.10 97.15
C PHE BA 275 -1.74 -53.92 98.06
N PHE BA 276 -1.55 -54.22 99.35
CA PHE BA 276 -1.31 -53.19 100.36
C PHE BA 276 0.09 -53.40 100.93
N ALA BA 277 0.86 -52.32 101.03
CA ALA BA 277 2.25 -52.41 101.44
C ALA BA 277 2.56 -51.38 102.51
N LYS BA 278 3.47 -51.74 103.41
CA LYS BA 278 3.96 -50.86 104.45
C LYS BA 278 5.46 -50.73 104.32
N ALA BA 279 5.96 -49.49 104.45
CA ALA BA 279 7.39 -49.25 104.30
C ALA BA 279 8.17 -49.96 105.40
N GLY BA 280 9.17 -50.72 104.99
CA GLY BA 280 10.02 -51.43 105.93
C GLY BA 280 11.47 -50.99 105.82
N SER BA 281 12.39 -51.95 105.80
CA SER BA 281 13.78 -51.61 105.56
C SER BA 281 13.97 -50.99 104.18
N THR BA 282 13.28 -51.53 103.18
CA THR BA 282 13.29 -50.96 101.84
C THR BA 282 12.20 -49.90 101.72
N ARG BA 283 12.43 -48.93 100.84
CA ARG BA 283 11.52 -47.81 100.65
C ARG BA 283 10.52 -48.05 99.54
N PHE BA 284 10.53 -49.22 98.91
CA PHE BA 284 9.77 -49.41 97.68
C PHE BA 284 9.72 -50.88 97.30
N ILE BA 285 8.76 -51.20 96.43
CA ILE BA 285 8.45 -52.57 96.02
C ILE BA 285 8.45 -52.63 94.50
N ALA BA 286 8.57 -53.85 93.96
CA ALA BA 286 8.53 -54.04 92.52
C ALA BA 286 7.54 -55.16 92.21
N ILE BA 287 6.64 -54.90 91.26
CA ILE BA 287 5.64 -55.87 90.84
C ILE BA 287 5.78 -56.08 89.33
N GLN BA 288 5.24 -57.21 88.87
CA GLN BA 288 5.30 -57.55 87.46
C GLN BA 288 4.09 -58.38 87.07
N SER BA 289 3.37 -57.92 86.05
CA SER BA 289 2.27 -58.64 85.44
C SER BA 289 2.80 -59.47 84.29
N ALA BA 290 2.65 -60.79 84.36
CA ALA BA 290 3.28 -61.65 83.37
C ALA BA 290 2.44 -61.72 82.10
N ALA BA 291 3.04 -62.29 81.07
CA ALA BA 291 2.41 -62.53 79.77
C ALA BA 291 3.27 -63.52 79.01
N ASP BA 292 3.03 -63.68 77.72
CA ASP BA 292 3.91 -64.51 76.91
C ASP BA 292 5.32 -63.93 76.95
N PHE BA 293 6.31 -64.80 77.11
CA PHE BA 293 7.69 -64.33 77.24
C PHE BA 293 8.11 -63.60 75.97
N PRO BA 294 8.72 -62.43 76.08
CA PRO BA 294 9.05 -61.68 77.30
C PRO BA 294 8.16 -60.46 77.52
N SER BA 295 6.83 -60.57 77.40
CA SER BA 295 5.95 -59.40 77.44
C SER BA 295 5.42 -59.11 78.84
N ARG BA 296 6.21 -59.39 79.87
CA ARG BA 296 5.78 -59.16 81.25
C ARG BA 296 6.01 -57.68 81.61
N ALA BA 297 4.92 -56.97 81.85
CA ALA BA 297 5.01 -55.57 82.26
C ALA BA 297 5.49 -55.48 83.70
N ASP BA 298 6.24 -54.43 84.00
CA ASP BA 298 6.76 -54.24 85.36
C ASP BA 298 6.38 -52.86 85.87
N ALA BA 299 6.38 -52.73 87.20
CA ALA BA 299 6.16 -51.45 87.85
C ALA BA 299 6.91 -51.44 89.18
N VAL BA 300 7.26 -50.24 89.62
CA VAL BA 300 7.95 -50.05 90.89
C VAL BA 300 7.23 -48.96 91.67
N PHE BA 301 6.92 -49.25 92.92
CA PHE BA 301 6.14 -48.36 93.77
C PHE BA 301 6.99 -47.89 94.93
N ASP BA 302 7.24 -46.58 94.99
CA ASP BA 302 8.00 -45.97 96.07
C ASP BA 302 7.04 -45.64 97.20
N LEU BA 303 7.10 -46.42 98.28
CA LEU BA 303 6.10 -46.31 99.34
C LEU BA 303 6.17 -44.98 100.08
N ASP BA 304 7.35 -44.37 100.13
CA ASP BA 304 7.52 -43.13 100.89
C ASP BA 304 7.10 -41.91 100.08
N SER BA 305 7.73 -41.70 98.92
CA SER BA 305 7.54 -40.48 98.16
C SER BA 305 6.13 -40.37 97.58
N GLY BA 306 5.38 -41.46 97.52
CA GLY BA 306 4.06 -41.44 96.92
C GLY BA 306 4.07 -41.23 95.42
N ASN BA 307 5.02 -41.85 94.72
CA ASN BA 307 5.14 -41.71 93.28
C ASN BA 307 5.44 -43.06 92.66
N VAL BA 308 4.78 -43.35 91.54
CA VAL BA 308 5.07 -44.56 90.76
C VAL BA 308 6.12 -44.15 89.74
N ILE BA 309 7.38 -44.19 90.18
CA ILE BA 309 8.49 -43.64 89.38
C ILE BA 309 8.96 -44.58 88.29
N SER BA 310 8.32 -45.72 88.10
CA SER BA 310 8.81 -46.67 87.10
C SER BA 310 7.67 -47.56 86.64
N ASP BA 311 7.28 -47.43 85.37
CA ASP BA 311 6.30 -48.30 84.71
C ASP BA 311 6.97 -48.75 83.42
N GLN BA 312 7.35 -50.02 83.34
CA GLN BA 312 8.07 -50.53 82.19
C GLN BA 312 7.18 -51.44 81.37
N MET BA 313 7.07 -51.15 80.07
CA MET BA 313 6.36 -51.97 79.09
C MET BA 313 7.37 -52.81 78.32
N LEU BA 314 7.42 -54.11 78.63
CA LEU BA 314 8.12 -55.04 77.76
C LEU BA 314 7.33 -55.28 76.48
N ASP BA 315 6.04 -54.98 76.48
CA ASP BA 315 5.19 -54.97 75.29
C ASP BA 315 4.09 -53.94 75.53
N SER BA 316 3.01 -54.02 74.76
CA SER BA 316 1.91 -53.05 74.83
C SER BA 316 1.07 -53.16 76.12
N SER BA 317 1.59 -53.86 77.13
CA SER BA 317 0.79 -54.26 78.28
C SER BA 317 0.24 -53.06 79.05
N VAL BA 318 1.13 -52.24 79.62
CA VAL BA 318 0.71 -51.31 80.66
C VAL BA 318 -0.30 -50.30 80.14
N VAL BA 319 -1.36 -50.08 80.92
CA VAL BA 319 -2.31 -49.02 80.69
C VAL BA 319 -2.16 -47.91 81.72
N SER BA 320 -2.13 -48.26 83.01
CA SER BA 320 -1.98 -47.25 84.04
C SER BA 320 -1.42 -47.88 85.31
N ALA BA 321 -0.73 -47.07 86.10
CA ALA BA 321 -0.26 -47.46 87.41
C ALA BA 321 -0.49 -46.31 88.38
N ARG BA 322 -0.74 -46.67 89.64
CA ARG BA 322 -1.17 -45.68 90.62
C ARG BA 322 -0.99 -46.28 92.01
N MET BA 323 -1.02 -45.42 93.02
CA MET BA 323 -1.11 -45.88 94.40
C MET BA 323 -2.07 -44.99 95.18
N ILE BA 324 -2.72 -45.60 96.17
CA ILE BA 324 -3.69 -44.95 97.02
C ILE BA 324 -3.15 -44.93 98.43
N ARG BA 325 -3.14 -43.75 99.06
CA ARG BA 325 -2.61 -43.58 100.41
C ARG BA 325 -3.67 -43.95 101.43
N LEU BA 326 -3.30 -44.82 102.37
CA LEU BA 326 -4.16 -45.23 103.46
C LEU BA 326 -3.42 -45.04 104.77
N GLU BA 327 -4.18 -44.83 105.84
CA GLU BA 327 -3.59 -44.48 107.12
C GLU BA 327 -2.69 -45.61 107.64
N ASN BA 328 -2.00 -45.30 108.74
CA ASN BA 328 -0.97 -46.18 109.30
C ASN BA 328 0.14 -46.44 108.28
N GLY BA 329 0.42 -45.44 107.45
CA GLY BA 329 1.51 -45.56 106.48
C GLY BA 329 1.35 -46.68 105.49
N TRP BA 330 0.14 -46.86 104.96
CA TRP BA 330 -0.14 -47.94 104.02
C TRP BA 330 -0.35 -47.39 102.62
N TRP BA 331 0.01 -48.20 101.63
CA TRP BA 331 -0.18 -47.85 100.23
C TRP BA 331 -0.79 -49.02 99.49
N ARG BA 332 -1.86 -48.75 98.74
CA ARG BA 332 -2.42 -49.74 97.82
C ARG BA 332 -1.88 -49.44 96.44
N CYS BA 333 -1.06 -50.35 95.91
CA CYS BA 333 -0.44 -50.18 94.60
C CYS BA 333 -1.31 -50.89 93.56
N VAL BA 334 -1.78 -50.14 92.58
CA VAL BA 334 -2.70 -50.63 91.56
C VAL BA 334 -2.03 -50.51 90.20
N LEU BA 335 -2.06 -51.58 89.42
CA LEU BA 335 -1.54 -51.57 88.06
C LEU BA 335 -2.57 -52.23 87.15
N THR BA 336 -3.09 -51.47 86.20
CA THR BA 336 -4.02 -51.99 85.20
C THR BA 336 -3.28 -52.10 83.87
N THR BA 337 -3.29 -53.29 83.28
CA THR BA 337 -2.55 -53.60 82.08
C THR BA 337 -3.47 -54.20 81.03
N LYS BA 338 -3.07 -54.06 79.77
CA LYS BA 338 -3.87 -54.54 78.64
C LYS BA 338 -2.95 -55.24 77.65
N THR BA 339 -3.18 -56.53 77.46
CA THR BA 339 -2.41 -57.34 76.52
C THR BA 339 -3.35 -58.07 75.59
N VAL BA 340 -3.01 -58.11 74.30
CA VAL BA 340 -3.84 -58.82 73.32
C VAL BA 340 -3.71 -60.33 73.44
N SER BA 341 -2.71 -60.82 74.17
CA SER BA 341 -2.54 -62.25 74.40
C SER BA 341 -3.20 -62.66 75.71
N SER BA 342 -3.55 -63.95 75.79
CA SER BA 342 -4.18 -64.51 76.98
C SER BA 342 -3.17 -65.06 77.96
N SER BA 343 -1.88 -64.83 77.74
CA SER BA 343 -0.83 -65.50 78.48
C SER BA 343 -0.53 -64.84 79.83
N PHE BA 344 -1.48 -64.12 80.41
CA PHE BA 344 -1.31 -63.61 81.76
C PHE BA 344 -1.26 -64.80 82.71
N ARG BA 345 -0.05 -65.21 83.08
CA ARG BA 345 0.12 -66.39 83.90
C ARG BA 345 0.10 -66.04 85.39
N ALA BA 346 0.93 -65.08 85.81
CA ALA BA 346 1.03 -64.77 87.23
C ALA BA 346 1.58 -63.36 87.43
N ALA BA 347 1.44 -62.88 88.65
CA ALA BA 347 2.06 -61.65 89.09
C ALA BA 347 3.21 -61.95 90.03
N TYR BA 348 4.32 -61.26 89.84
CA TYR BA 348 5.50 -61.43 90.67
C TYR BA 348 5.69 -60.18 91.53
N VAL BA 349 6.09 -60.38 92.78
CA VAL BA 349 6.38 -59.30 93.70
C VAL BA 349 7.78 -59.52 94.25
N ALA BA 350 8.50 -58.41 94.48
CA ALA BA 350 9.84 -58.52 95.00
C ALA BA 350 10.24 -57.24 95.72
N PRO BA 351 10.88 -57.33 96.87
CA PRO BA 351 11.58 -56.16 97.41
C PRO BA 351 12.65 -55.68 96.46
N ALA BA 352 12.84 -54.36 96.43
CA ALA BA 352 13.77 -53.71 95.51
C ALA BA 352 14.82 -52.96 96.31
N GLU BA 353 16.05 -52.93 95.79
CA GLU BA 353 17.13 -52.22 96.48
C GLU BA 353 17.23 -50.77 96.03
N THR BA 354 17.29 -50.53 94.73
CA THR BA 354 17.30 -49.18 94.19
C THR BA 354 15.92 -48.83 93.64
N ASN BA 355 15.65 -47.53 93.55
CA ASN BA 355 14.30 -47.07 93.24
C ASN BA 355 13.83 -47.55 91.86
N PHE BA 356 14.74 -48.05 91.03
CA PHE BA 356 14.41 -48.62 89.74
C PHE BA 356 14.72 -50.11 89.67
N SER BA 357 14.96 -50.75 90.80
CA SER BA 357 15.25 -52.18 90.81
C SER BA 357 14.05 -52.97 90.30
N TRP BA 358 14.34 -54.00 89.52
CA TRP BA 358 13.31 -54.79 88.88
C TRP BA 358 12.98 -56.01 89.74
N ILE BA 359 12.21 -56.93 89.16
CA ILE BA 359 11.79 -58.12 89.89
C ILE BA 359 12.98 -59.02 90.19
N ASP BA 360 14.01 -58.99 89.35
CA ASP BA 360 15.15 -59.90 89.47
C ASP BA 360 16.47 -59.15 89.52
N SER BA 361 16.49 -57.97 90.14
CA SER BA 361 17.74 -57.25 90.30
C SER BA 361 18.49 -57.72 91.54
N ASN BA 362 19.78 -57.43 91.57
CA ASN BA 362 20.62 -57.85 92.69
C ASN BA 362 20.25 -57.09 93.96
N SER BA 363 20.42 -57.77 95.09
CA SER BA 363 20.25 -57.18 96.41
C SER BA 363 21.60 -57.16 97.12
N SER BA 364 22.01 -55.98 97.57
CA SER BA 364 23.27 -55.86 98.30
C SER BA 364 23.13 -56.19 99.78
N ALA BA 365 21.90 -56.24 100.29
CA ALA BA 365 21.66 -56.59 101.68
C ALA BA 365 20.24 -57.10 101.81
N ALA BA 366 19.98 -57.77 102.93
CA ALA BA 366 18.64 -58.29 103.22
C ALA BA 366 17.70 -57.12 103.46
N ILE BA 367 16.77 -56.90 102.54
CA ILE BA 367 15.79 -55.82 102.65
C ILE BA 367 14.43 -56.43 102.92
N ASP BA 368 13.75 -55.93 103.96
CA ASP BA 368 12.48 -56.47 104.41
C ASP BA 368 11.37 -55.48 104.12
N VAL BA 369 10.26 -55.99 103.58
CA VAL BA 369 9.07 -55.19 103.32
C VAL BA 369 7.86 -55.93 103.88
N LEU BA 370 6.81 -55.17 104.15
CA LEU BA 370 5.56 -55.72 104.68
C LEU BA 370 4.47 -55.54 103.62
N ILE BA 371 3.83 -56.64 103.23
CA ILE BA 371 2.70 -56.62 102.32
C ILE BA 371 1.55 -57.42 102.92
N TRP BA 372 0.37 -57.20 102.37
CA TRP BA 372 -0.85 -57.84 102.83
C TRP BA 372 -1.98 -57.51 101.87
N GLY BA 373 -2.90 -58.46 101.71
CA GLY BA 373 -4.10 -58.24 100.92
C GLY BA 373 -3.87 -58.13 99.43
N ALA BA 374 -3.45 -59.21 98.79
CA ALA BA 374 -3.33 -59.24 97.34
C ALA BA 374 -4.71 -59.37 96.69
N GLN BA 375 -4.83 -58.86 95.47
CA GLN BA 375 -6.10 -58.93 94.75
C GLN BA 375 -5.81 -58.77 93.26
N ILE BA 376 -6.02 -59.83 92.49
CA ILE BA 376 -5.93 -59.80 91.03
C ILE BA 376 -7.33 -59.94 90.47
N GLU BA 377 -7.74 -58.99 89.63
CA GLU BA 377 -9.11 -59.00 89.12
C GLU BA 377 -9.11 -58.46 87.70
N LEU BA 378 -10.29 -58.54 87.08
CA LEU BA 378 -10.49 -58.00 85.75
C LEU BA 378 -10.91 -56.54 85.86
N GLY BA 379 -11.25 -55.92 84.74
CA GLY BA 379 -11.63 -54.52 84.76
C GLY BA 379 -10.41 -53.61 84.82
N ASP BA 380 -10.67 -52.34 85.14
CA ASP BA 380 -9.61 -51.34 85.18
C ASP BA 380 -9.73 -50.43 86.39
N THR BA 381 -10.25 -50.95 87.50
CA THR BA 381 -10.39 -50.17 88.70
C THR BA 381 -10.29 -51.10 89.90
N PRO BA 382 -9.46 -50.78 90.89
CA PRO BA 382 -9.40 -51.62 92.09
C PRO BA 382 -10.75 -51.68 92.80
N THR BA 383 -11.08 -52.86 93.31
CA THR BA 383 -12.35 -53.10 93.96
C THR BA 383 -12.14 -53.39 95.44
N GLY BA 384 -13.24 -53.48 96.17
CA GLY BA 384 -13.19 -53.75 97.60
C GLY BA 384 -12.47 -55.03 97.91
N TYR BA 385 -11.54 -54.98 98.86
CA TYR BA 385 -10.74 -56.15 99.20
C TYR BA 385 -11.63 -57.29 99.66
N LEU BA 386 -11.40 -58.47 99.12
CA LEU BA 386 -12.18 -59.67 99.44
C LEU BA 386 -11.22 -60.79 99.83
N GLU BA 387 -11.51 -61.44 100.95
CA GLU BA 387 -10.64 -62.49 101.46
C GLU BA 387 -10.70 -63.70 100.56
N THR BA 388 -9.54 -64.25 100.22
CA THR BA 388 -9.42 -65.45 99.42
C THR BA 388 -8.50 -66.43 100.13
N THR BA 389 -8.96 -67.67 100.28
CA THR BA 389 -8.17 -68.73 100.94
C THR BA 389 -8.15 -69.92 99.98
N GLY BA 390 -7.18 -69.91 99.06
CA GLY BA 390 -7.08 -70.97 98.08
C GLY BA 390 -8.29 -71.06 97.16
N ALA BA 391 -8.86 -69.91 96.79
CA ALA BA 391 -10.05 -69.92 95.95
C ALA BA 391 -10.21 -68.60 95.22
N PRO BA 392 -10.55 -68.63 93.92
CA PRO BA 392 -10.84 -67.40 93.19
C PRO BA 392 -12.22 -66.85 93.54
N VAL BA 393 -12.27 -66.04 94.59
CA VAL BA 393 -13.55 -65.69 95.21
C VAL BA 393 -14.33 -64.75 94.32
N THR BA 394 -15.60 -65.09 94.07
CA THR BA 394 -16.51 -64.28 93.27
C THR BA 394 -17.58 -63.67 94.18
N MET BA 395 -17.93 -62.42 93.93
CA MET BA 395 -18.87 -61.75 94.82
C MET BA 395 -19.52 -60.59 94.09
N THR BA 396 -20.80 -60.35 94.40
CA THR BA 396 -21.60 -59.29 93.81
C THR BA 396 -21.92 -58.26 94.89
N ASP BA 397 -21.55 -57.01 94.64
CA ASP BA 397 -21.55 -56.02 95.72
C ASP BA 397 -22.96 -55.62 96.13
N TYR BA 398 -23.83 -55.31 95.17
CA TYR BA 398 -25.10 -54.69 95.51
C TYR BA 398 -26.13 -54.98 94.43
N VAL BA 399 -27.39 -54.78 94.79
CA VAL BA 399 -28.52 -54.92 93.87
C VAL BA 399 -29.42 -53.71 94.05
N LEU BA 400 -29.74 -53.04 92.95
CA LEU BA 400 -30.64 -51.89 92.95
C LEU BA 400 -32.05 -52.41 92.71
N GLN BA 401 -32.79 -52.65 93.79
CA GLN BA 401 -34.12 -53.22 93.67
C GLN BA 401 -35.09 -52.24 93.02
N ASN BA 402 -35.09 -50.99 93.48
CA ASN BA 402 -35.97 -49.96 92.94
C ASN BA 402 -35.14 -48.79 92.46
N ALA BA 403 -35.51 -48.25 91.29
CA ALA BA 403 -34.77 -47.16 90.68
C ALA BA 403 -35.35 -45.79 91.04
N GLN BA 404 -36.69 -45.68 91.03
CA GLN BA 404 -37.32 -44.38 91.25
C GLN BA 404 -37.08 -43.88 92.67
N THR BA 405 -37.28 -44.75 93.67
CA THR BA 405 -36.97 -44.37 95.04
C THR BA 405 -35.47 -44.31 95.29
N GLY BA 406 -34.67 -44.99 94.47
CA GLY BA 406 -33.25 -45.03 94.67
C GLY BA 406 -32.78 -45.91 95.81
N THR BA 407 -33.60 -46.86 96.26
CA THR BA 407 -33.14 -47.76 97.30
C THR BA 407 -32.30 -48.87 96.68
N VAL BA 408 -31.26 -49.27 97.40
CA VAL BA 408 -30.32 -50.29 96.94
C VAL BA 408 -30.12 -51.30 98.07
N LYS BA 409 -30.11 -52.57 97.71
CA LYS BA 409 -29.92 -53.68 98.64
C LYS BA 409 -28.51 -54.23 98.50
N PHE BA 410 -27.79 -54.28 99.62
CA PHE BA 410 -26.46 -54.86 99.67
C PHE BA 410 -26.57 -56.33 100.05
N THR BA 411 -25.55 -57.10 99.67
CA THR BA 411 -25.53 -58.51 100.05
C THR BA 411 -25.41 -58.67 101.56
N GLN BA 412 -24.62 -57.82 102.20
CA GLN BA 412 -24.38 -57.88 103.64
C GLN BA 412 -24.61 -56.51 104.28
N PRO BA 413 -24.95 -56.49 105.57
CA PRO BA 413 -25.10 -55.21 106.27
C PRO BA 413 -23.79 -54.44 106.31
N LEU BA 414 -23.89 -53.13 106.14
CA LEU BA 414 -22.70 -52.28 106.17
C LEU BA 414 -22.08 -52.31 107.56
N PRO BA 415 -20.79 -52.61 107.68
CA PRO BA 415 -20.14 -52.56 108.99
C PRO BA 415 -20.24 -51.16 109.59
N THR BA 416 -20.37 -51.11 110.91
CA THR BA 416 -20.46 -49.82 111.60
C THR BA 416 -19.20 -49.00 111.35
N GLY BA 417 -19.40 -47.70 111.11
CA GLY BA 417 -18.32 -46.81 110.77
C GLY BA 417 -17.96 -46.77 109.30
N VAL BA 418 -18.58 -47.61 108.48
CA VAL BA 418 -18.33 -47.65 107.04
C VAL BA 418 -19.40 -46.81 106.35
N GLU BA 419 -18.97 -45.86 105.52
CA GLU BA 419 -19.90 -44.99 104.82
C GLU BA 419 -20.10 -45.46 103.38
N ALA BA 420 -21.14 -44.94 102.75
CA ALA BA 420 -21.46 -45.27 101.37
C ALA BA 420 -21.63 -44.00 100.56
N TYR BA 421 -21.00 -43.97 99.39
CA TYR BA 421 -21.04 -42.83 98.48
C TYR BA 421 -21.60 -43.26 97.15
N TRP BA 422 -22.31 -42.35 96.48
CA TRP BA 422 -22.89 -42.65 95.18
C TRP BA 422 -22.60 -41.51 94.21
N THR BA 423 -22.58 -41.84 92.92
CA THR BA 423 -22.40 -40.85 91.88
C THR BA 423 -23.17 -41.31 90.64
N GLY BA 424 -23.48 -40.34 89.77
CA GLY BA 424 -24.26 -40.61 88.58
C GLY BA 424 -25.28 -39.52 88.30
N ASP BA 425 -26.49 -39.91 87.92
CA ASP BA 425 -27.57 -38.95 87.71
C ASP BA 425 -28.88 -39.55 88.20
N TRP BA 426 -29.75 -38.69 88.73
CA TRP BA 426 -30.99 -39.14 89.33
C TRP BA 426 -31.85 -37.91 89.65
N LYS BA 427 -33.16 -38.07 89.54
CA LYS BA 427 -34.13 -37.02 89.86
C LYS BA 427 -33.87 -35.75 89.08
N GLY BA 428 -33.45 -35.89 87.82
CA GLY BA 428 -33.16 -34.73 87.00
C GLY BA 428 -31.97 -33.92 87.47
N GLY BA 429 -30.94 -34.58 87.99
CA GLY BA 429 -29.74 -33.89 88.42
C GLY BA 429 -28.60 -34.86 88.57
N THR BA 430 -27.41 -34.42 88.23
CA THR BA 430 -26.22 -35.27 88.26
C THR BA 430 -25.43 -35.04 89.52
N ALA BA 431 -24.91 -36.12 90.08
CA ALA BA 431 -23.97 -36.07 91.19
C ALA BA 431 -22.63 -36.60 90.65
N ALA BA 432 -21.86 -35.69 90.04
CA ALA BA 432 -20.56 -36.06 89.51
C ALA BA 432 -19.53 -36.32 90.60
N GLU BA 433 -19.72 -35.72 91.76
CA GLU BA 433 -18.87 -35.98 92.92
C GLU BA 433 -19.59 -36.91 93.87
N PRO BA 434 -18.91 -37.93 94.39
CA PRO BA 434 -19.59 -38.90 95.26
C PRO BA 434 -20.23 -38.22 96.45
N ALA BA 435 -21.45 -38.65 96.77
CA ALA BA 435 -22.21 -38.09 97.88
C ALA BA 435 -22.54 -39.20 98.87
N ARG BA 436 -22.41 -38.90 100.16
CA ARG BA 436 -22.75 -39.86 101.19
C ARG BA 436 -24.25 -40.09 101.22
N PHE BA 437 -24.65 -41.35 101.35
CA PHE BA 437 -26.06 -41.67 101.47
C PHE BA 437 -26.34 -42.76 102.51
N ALA BA 438 -25.32 -43.32 103.16
CA ALA BA 438 -25.54 -44.40 104.11
C ALA BA 438 -24.36 -44.47 105.07
N VAL BA 439 -24.66 -44.70 106.34
CA VAL BA 439 -23.65 -44.91 107.37
C VAL BA 439 -23.90 -46.28 107.99
N GLY BA 440 -22.84 -47.08 108.08
CA GLY BA 440 -22.96 -48.43 108.58
C GLY BA 440 -23.48 -48.53 110.00
N ASN BA 441 -24.50 -49.37 110.20
CA ASN BA 441 -25.00 -49.67 111.54
C ASN BA 441 -24.75 -51.12 111.95
N GLY BA 442 -24.31 -51.97 111.02
CA GLY BA 442 -24.03 -53.35 111.32
C GLY BA 442 -25.23 -54.29 111.23
N THR BA 443 -26.43 -53.76 110.96
CA THR BA 443 -27.63 -54.59 110.90
C THR BA 443 -28.48 -54.34 109.66
N GLN BA 444 -28.33 -53.23 108.97
CA GLN BA 444 -29.15 -52.89 107.82
C GLN BA 444 -28.31 -52.89 106.56
N ASP BA 445 -28.89 -53.39 105.46
CA ASP BA 445 -28.20 -53.41 104.18
C ASP BA 445 -29.02 -52.77 103.06
N THR BA 446 -30.21 -52.25 103.35
CA THR BA 446 -31.02 -51.55 102.37
C THR BA 446 -30.95 -50.07 102.66
N PHE BA 447 -30.50 -49.29 101.68
CA PHE BA 447 -30.32 -47.86 101.88
C PHE BA 447 -30.80 -47.08 100.67
N THR BA 448 -31.44 -45.94 100.92
CA THR BA 448 -31.92 -45.07 99.86
C THR BA 448 -30.87 -44.03 99.51
N LEU BA 449 -30.78 -43.71 98.22
CA LEU BA 449 -29.81 -42.72 97.75
C LEU BA 449 -30.26 -41.32 98.15
N SER BA 450 -29.28 -40.44 98.36
CA SER BA 450 -29.54 -39.08 98.77
C SER BA 450 -29.75 -38.18 97.55
N ASP BA 451 -30.31 -37.00 97.82
CA ASP BA 451 -30.55 -36.05 96.75
C ASP BA 451 -29.23 -35.54 96.19
N PRO BA 452 -29.00 -35.59 94.84
CA PRO BA 452 -27.77 -35.03 94.25
C PRO BA 452 -27.85 -33.53 93.94
N ALA BA 453 -27.86 -33.15 92.66
CA ALA BA 453 -27.87 -31.72 92.26
C ALA BA 453 -29.29 -31.13 92.38
N TYR BA 454 -29.47 -29.94 91.82
CA TYR BA 454 -30.60 -29.06 92.19
C TYR BA 454 -31.61 -28.95 91.04
N ILE BA 455 -32.92 -28.91 91.34
CA ILE BA 455 -34.00 -28.78 90.31
C ILE BA 455 -34.12 -30.07 89.48
N GLY BA 456 -35.31 -30.69 89.47
CA GLY BA 456 -35.53 -31.89 88.64
C GLY BA 456 -35.64 -31.53 87.17
N LEU BA 457 -35.40 -30.26 86.83
CA LEU BA 457 -35.44 -29.78 85.42
C LEU BA 457 -36.80 -30.09 84.79
N PRO BA 458 -37.96 -29.63 85.33
CA PRO BA 458 -39.26 -29.85 84.68
C PRO BA 458 -39.53 -28.69 83.71
N THR BA 459 -39.79 -27.48 84.23
CA THR BA 459 -40.12 -26.32 83.37
C THR BA 459 -41.07 -26.79 82.25
N SER BA 460 -42.03 -27.64 82.60
CA SER BA 460 -43.06 -28.11 81.67
C SER BA 460 -43.63 -26.94 80.85
N GLY BA 461 -43.92 -27.21 79.59
CA GLY BA 461 -44.43 -26.20 78.70
C GLY BA 461 -43.85 -26.39 77.32
N ALA BA 462 -44.13 -25.39 76.47
CA ALA BA 462 -43.56 -25.35 75.13
C ALA BA 462 -43.40 -23.90 74.73
N PHE BA 463 -42.48 -23.67 73.79
CA PHE BA 463 -42.25 -22.34 73.21
C PHE BA 463 -41.76 -21.33 74.24
N LYS BA 464 -41.25 -21.78 75.37
CA LYS BA 464 -40.83 -20.87 76.43
C LYS BA 464 -39.95 -21.63 77.41
N LEU BA 465 -38.87 -21.00 77.84
CA LEU BA 465 -38.02 -21.56 78.89
C LEU BA 465 -37.10 -20.45 79.40
N GLU BA 466 -36.13 -20.81 80.24
CA GLU BA 466 -35.50 -19.84 81.12
C GLU BA 466 -34.04 -20.20 81.35
N TYR BA 467 -33.28 -19.23 81.87
CA TYR BA 467 -31.89 -19.43 82.26
C TYR BA 467 -31.83 -19.69 83.77
N ARG BA 468 -30.67 -20.15 84.23
CA ARG BA 468 -30.40 -20.29 85.66
C ARG BA 468 -28.94 -19.94 85.90
N VAL BA 469 -28.68 -19.04 86.84
CA VAL BA 469 -27.35 -18.46 87.01
C VAL BA 469 -27.29 -17.77 88.36
N GLY BA 470 -26.08 -17.60 88.89
CA GLY BA 470 -25.83 -16.57 89.89
C GLY BA 470 -25.11 -17.00 91.16
N PRO BA 471 -25.46 -18.14 91.75
CA PRO BA 471 -24.67 -18.63 92.89
C PRO BA 471 -23.23 -18.93 92.50
N ALA BA 472 -22.98 -19.20 91.23
CA ALA BA 472 -21.62 -19.40 90.74
C ALA BA 472 -20.86 -18.09 90.69
N LEU BA 473 -21.36 -17.14 89.90
CA LEU BA 473 -20.61 -15.97 89.50
C LEU BA 473 -20.81 -14.77 90.42
N ASN BA 474 -21.64 -14.88 91.46
CA ASN BA 474 -21.99 -13.75 92.31
C ASN BA 474 -22.50 -12.59 91.45
N LEU BA 475 -23.32 -12.92 90.46
CA LEU BA 475 -23.76 -11.94 89.48
C LEU BA 475 -24.67 -10.90 90.11
N SER BA 476 -24.64 -9.69 89.54
CA SER BA 476 -25.38 -8.59 90.13
C SER BA 476 -26.88 -8.71 89.84
N PRO BA 477 -27.73 -8.44 90.83
CA PRO BA 477 -29.17 -8.38 90.55
C PRO BA 477 -29.53 -7.30 89.55
N GLN BA 478 -28.72 -6.24 89.44
CA GLN BA 478 -28.89 -5.28 88.35
C GLN BA 478 -28.71 -5.95 87.00
N LEU BA 479 -27.70 -6.83 86.89
CA LEU BA 479 -27.54 -7.60 85.66
C LEU BA 479 -28.73 -8.52 85.43
N ILE BA 480 -29.23 -9.15 86.50
CA ILE BA 480 -30.40 -10.01 86.35
C ILE BA 480 -31.57 -9.22 85.78
N ASN BA 481 -31.84 -8.04 86.33
CA ASN BA 481 -32.93 -7.21 85.85
C ASN BA 481 -32.72 -6.78 84.41
N LEU BA 482 -31.49 -6.39 84.08
CA LEU BA 482 -31.21 -5.91 82.71
C LEU BA 482 -31.41 -7.03 81.70
N MET BA 483 -30.92 -8.24 82.01
CA MET BA 483 -31.16 -9.36 81.11
C MET BA 483 -32.63 -9.70 81.02
N ASN BA 484 -33.36 -9.67 82.13
CA ASN BA 484 -34.78 -9.98 82.09
C ASN BA 484 -35.58 -8.94 81.32
N ASP BA 485 -35.05 -7.73 81.16
CA ASP BA 485 -35.70 -6.71 80.36
C ASP BA 485 -35.71 -7.15 78.89
N ARG BA 486 -36.91 -7.27 78.32
CA ARG BA 486 -37.07 -7.79 76.97
C ARG BA 486 -36.73 -6.77 75.89
N ALA BA 487 -36.91 -5.47 76.17
CA ALA BA 487 -36.85 -4.46 75.12
C ALA BA 487 -35.44 -4.34 74.55
N VAL BA 488 -34.41 -4.44 75.40
CA VAL BA 488 -33.04 -4.19 74.94
C VAL BA 488 -32.61 -5.26 73.93
N GLY BA 489 -32.90 -6.53 74.22
CA GLY BA 489 -32.62 -7.59 73.27
C GLY BA 489 -31.25 -8.21 73.36
N ILE BA 490 -30.65 -8.27 74.54
CA ILE BA 490 -29.34 -8.92 74.68
C ILE BA 490 -29.48 -10.43 74.53
N MET BA 491 -30.53 -11.01 75.09
CA MET BA 491 -30.63 -12.46 75.22
C MET BA 491 -30.77 -13.13 73.85
N PRO BA 492 -30.14 -14.28 73.64
CA PRO BA 492 -30.39 -15.07 72.43
C PRO BA 492 -31.75 -15.74 72.52
N THR BA 493 -32.72 -15.21 71.79
CA THR BA 493 -34.07 -15.74 71.76
C THR BA 493 -34.39 -16.24 70.37
N CYS BA 494 -35.63 -16.63 70.17
CA CYS BA 494 -36.16 -16.99 68.87
C CYS BA 494 -37.47 -16.23 68.65
N ALA BA 495 -38.12 -16.51 67.52
CA ALA BA 495 -39.43 -15.95 67.27
C ALA BA 495 -40.44 -16.69 68.13
N GLY BA 496 -41.49 -15.98 68.55
CA GLY BA 496 -42.54 -16.65 69.29
C GLY BA 496 -42.06 -17.39 70.52
N CYS BA 497 -41.21 -16.76 71.33
CA CYS BA 497 -40.75 -17.37 72.56
C CYS BA 497 -40.53 -16.31 73.65
N ASP BA 498 -41.16 -16.53 74.80
CA ASP BA 498 -40.92 -15.73 76.00
C ASP BA 498 -39.88 -16.43 76.84
N VAL BA 499 -38.83 -15.69 77.20
CA VAL BA 499 -37.81 -16.15 78.12
C VAL BA 499 -37.69 -15.12 79.23
N LYS BA 500 -37.80 -15.57 80.46
CA LYS BA 500 -37.39 -14.77 81.60
C LYS BA 500 -36.11 -15.36 82.16
N VAL BA 501 -35.13 -14.50 82.41
CA VAL BA 501 -33.85 -14.98 82.91
C VAL BA 501 -34.00 -15.23 84.39
N ILE BA 502 -34.26 -14.18 85.17
CA ILE BA 502 -34.44 -14.19 86.61
C ILE BA 502 -33.48 -15.24 87.21
N GLN BA 503 -33.97 -16.10 88.10
CA GLN BA 503 -33.25 -17.29 88.54
C GLN BA 503 -31.88 -16.92 89.11
N GLU BA 504 -31.93 -16.27 90.27
CA GLU BA 504 -30.73 -15.92 91.03
C GLU BA 504 -29.71 -15.15 90.19
N THR CA 2 12.66 48.26 39.25
CA THR CA 2 12.64 47.19 40.24
C THR CA 2 13.74 47.37 41.27
N LEU CA 3 14.97 47.19 40.84
CA LEU CA 3 16.09 47.23 41.76
C LEU CA 3 17.36 47.80 41.10
N PRO CA 4 17.88 47.20 40.02
CA PRO CA 4 19.27 47.55 39.62
C PRO CA 4 19.42 48.82 38.80
N ALA CA 5 19.33 49.97 39.47
CA ALA CA 5 19.71 51.29 38.97
C ALA CA 5 18.88 51.78 37.79
N TYR CA 6 19.03 53.07 37.41
CA TYR CA 6 18.15 53.66 36.41
C TYR CA 6 18.79 54.61 35.40
N ASN CA 7 20.06 55.02 35.58
CA ASN CA 7 20.67 56.05 34.72
C ASN CA 7 19.94 57.38 34.66
N SER CA 8 19.44 57.71 33.46
CA SER CA 8 18.86 59.00 33.13
C SER CA 8 19.76 60.15 33.58
N ASP CA 9 21.03 60.04 33.21
CA ASP CA 9 22.07 60.93 33.69
C ASP CA 9 22.54 61.96 32.68
N ILE CA 10 22.42 61.67 31.37
CA ILE CA 10 22.75 62.58 30.27
C ILE CA 10 24.23 62.92 30.23
N GLN CA 11 24.91 62.83 31.37
CA GLN CA 11 26.34 63.08 31.43
C GLN CA 11 27.16 61.85 31.11
N GLN CA 12 26.50 60.69 31.00
CA GLN CA 12 27.21 59.45 30.68
C GLN CA 12 27.86 59.55 29.30
N ALA CA 13 27.15 60.13 28.33
CA ALA CA 13 27.76 60.46 27.06
C ALA CA 13 28.73 61.62 27.25
N LEU CA 14 30.03 61.32 27.15
CA LEU CA 14 31.17 62.15 27.56
C LEU CA 14 32.29 61.22 28.01
N LYS CA 15 33.07 60.73 27.05
CA LYS CA 15 34.06 59.71 27.33
C LYS CA 15 35.26 60.33 28.03
N TRP CA 16 36.29 59.52 28.26
CA TRP CA 16 37.56 60.03 28.77
C TRP CA 16 38.19 61.00 27.79
N LEU CA 17 37.89 60.86 26.50
CA LEU CA 17 38.48 61.72 25.48
C LEU CA 17 38.16 63.18 25.75
N HIS CA 18 36.92 63.48 26.10
CA HIS CA 18 36.47 64.85 26.36
C HIS CA 18 36.77 65.23 27.80
N ASN CA 19 38.05 65.19 28.14
CA ASN CA 19 38.52 65.53 29.48
C ASN CA 19 39.03 66.96 29.59
N GLN CA 20 39.60 67.50 28.52
CA GLN CA 20 40.04 68.89 28.50
C GLN CA 20 39.29 69.71 27.47
N ALA CA 21 38.21 69.16 26.91
CA ALA CA 21 37.47 69.82 25.85
C ALA CA 21 36.62 70.95 26.42
N PRO CA 22 36.78 72.18 25.97
CA PRO CA 22 35.75 73.19 26.25
C PRO CA 22 34.47 72.87 25.51
N GLY CA 23 34.56 72.70 24.20
CA GLY CA 23 33.42 72.54 23.31
C GLY CA 23 32.39 71.47 23.62
N ILE CA 24 32.76 70.20 23.50
CA ILE CA 24 31.81 69.11 23.70
C ILE CA 24 31.36 69.06 25.15
N THR CA 25 32.30 69.24 26.08
CA THR CA 25 31.94 69.22 27.49
C THR CA 25 30.91 70.31 27.80
N GLY CA 26 31.13 71.52 27.27
CA GLY CA 26 30.17 72.60 27.50
C GLY CA 26 28.84 72.35 26.83
N LEU CA 27 28.86 71.78 25.63
CA LEU CA 27 27.61 71.43 24.96
C LEU CA 27 26.78 70.47 25.80
N ILE CA 28 27.43 69.43 26.33
CA ILE CA 28 26.71 68.46 27.13
C ILE CA 28 26.29 69.07 28.47
N GLN CA 29 27.11 69.95 29.05
CA GLN CA 29 26.71 70.61 30.29
C GLN CA 29 25.48 71.49 30.08
N ARG CA 30 25.46 72.25 28.98
CA ARG CA 30 24.31 73.11 28.70
C ARG CA 30 23.06 72.28 28.45
N LYS CA 31 23.19 71.20 27.67
CA LYS CA 31 22.05 70.33 27.41
C LYS CA 31 21.56 69.68 28.71
N ALA CA 32 22.50 69.29 29.57
CA ALA CA 32 22.15 68.71 30.86
C ALA CA 32 21.40 69.70 31.73
N GLN CA 33 21.90 70.93 31.82
CA GLN CA 33 21.25 71.93 32.67
C GLN CA 33 19.86 72.26 32.14
N TRP CA 34 19.73 72.35 30.81
CA TRP CA 34 18.43 72.71 30.23
C TRP CA 34 17.42 71.60 30.45
N TYR CA 35 17.81 70.35 30.18
CA TYR CA 35 16.92 69.22 30.42
C TYR CA 35 16.58 69.11 31.90
N ASP CA 36 17.57 69.33 32.77
CA ASP CA 36 17.30 69.34 34.20
C ASP CA 36 16.21 70.36 34.54
N ARG CA 37 16.47 71.63 34.22
CA ARG CA 37 15.57 72.71 34.59
C ARG CA 37 14.17 72.50 34.01
N PHE CA 38 14.06 71.89 32.83
CA PHE CA 38 12.77 71.82 32.16
C PHE CA 38 12.09 70.46 32.28
N SER CA 39 12.74 69.47 32.89
CA SER CA 39 12.06 68.22 33.22
C SER CA 39 12.06 67.92 34.70
N ARG CA 40 13.24 67.86 35.33
CA ARG CA 40 13.32 67.44 36.73
C ARG CA 40 12.78 68.54 37.64
N GLN CA 41 13.30 69.76 37.50
CA GLN CA 41 12.76 70.87 38.28
C GLN CA 41 11.31 71.12 37.93
N PHE CA 42 10.95 70.96 36.66
CA PHE CA 42 9.56 71.17 36.26
C PHE CA 42 8.62 70.22 36.99
N TRP CA 43 8.97 68.94 37.04
CA TRP CA 43 8.08 67.99 37.71
C TRP CA 43 8.14 68.12 39.23
N ALA CA 44 9.29 68.52 39.80
CA ALA CA 44 9.33 68.78 41.23
C ALA CA 44 8.40 69.93 41.60
N ASN CA 45 8.45 71.02 40.83
CA ASN CA 45 7.54 72.14 41.06
C ASN CA 45 6.10 71.74 40.78
N TRP CA 46 5.86 70.91 39.76
CA TRP CA 46 4.50 70.45 39.47
C TRP CA 46 3.96 69.58 40.59
N GLU CA 47 4.83 68.88 41.32
CA GLU CA 47 4.34 68.07 42.42
C GLU CA 47 4.11 68.91 43.67
N ARG CA 48 4.96 69.93 43.88
CA ARG CA 48 4.61 70.96 44.86
C ARG CA 48 3.27 71.62 44.52
N ASP CA 49 2.96 71.69 43.23
CA ASP CA 49 1.66 72.17 42.78
C ASP CA 49 0.54 71.18 43.13
N VAL CA 50 0.74 69.90 42.81
CA VAL CA 50 -0.31 68.91 43.02
C VAL CA 50 -0.63 68.74 44.49
N PHE CA 51 0.39 68.79 45.34
CA PHE CA 51 0.19 68.65 46.79
C PHE CA 51 -0.78 69.70 47.30
N HIS CA 52 -1.95 69.24 47.77
CA HIS CA 52 -2.94 70.14 48.36
C HIS CA 52 -2.45 70.80 49.64
N LEU CA 53 -1.80 70.03 50.52
CA LEU CA 53 -1.46 70.58 51.84
C LEU CA 53 -0.57 71.81 51.72
N LYS CA 54 0.19 71.88 50.62
CA LYS CA 54 1.05 73.07 50.37
C LYS CA 54 0.86 73.51 48.91
N THR CA 55 -0.36 73.91 48.54
CA THR CA 55 -0.62 74.41 47.16
C THR CA 55 -0.33 75.91 47.10
N ALA CA 56 0.91 76.31 47.40
CA ALA CA 56 1.28 77.75 47.36
C ALA CA 56 0.77 78.35 46.04
N ASN CA 57 1.14 77.72 44.91
CA ASN CA 57 0.76 78.23 43.57
C ASN CA 57 -0.77 78.33 43.48
N PRO CA 58 -1.33 79.51 43.16
CA PRO CA 58 -2.78 79.64 42.98
C PRO CA 58 -3.19 78.75 41.80
N PHE CA 59 -2.25 78.46 40.89
CA PHE CA 59 -2.57 77.55 39.80
C PHE CA 59 -3.02 76.20 40.32
N GLY CA 60 -2.37 75.71 41.37
CA GLY CA 60 -2.82 74.45 41.96
C GLY CA 60 -4.17 74.57 42.63
N LEU CA 61 -4.41 75.70 43.31
CA LEU CA 61 -5.70 75.91 43.95
C LEU CA 61 -6.82 75.84 42.92
N MET CA 62 -6.61 76.43 41.75
CA MET CA 62 -7.61 76.32 40.69
C MET CA 62 -7.67 74.95 40.03
N VAL CA 63 -6.54 74.28 39.83
CA VAL CA 63 -6.62 72.92 39.30
C VAL CA 63 -7.50 72.07 40.22
N TRP CA 64 -7.31 72.23 41.52
CA TRP CA 64 -8.11 71.47 42.50
C TRP CA 64 -9.56 71.92 42.57
N CYS CA 65 -9.82 73.22 42.45
CA CYS CA 65 -11.21 73.69 42.51
C CYS CA 65 -12.00 73.23 41.30
N ILE CA 66 -11.34 73.09 40.14
CA ILE CA 66 -11.98 72.41 39.02
C ILE CA 66 -12.15 70.93 39.31
N ILE CA 67 -11.16 70.29 39.94
CA ILE CA 67 -11.30 68.88 40.26
C ILE CA 67 -12.50 68.65 41.17
N LEU CA 68 -12.71 69.55 42.13
CA LEU CA 68 -13.80 69.41 43.10
C LEU CA 68 -15.11 70.03 42.64
N GLY CA 69 -15.10 70.81 41.56
CA GLY CA 69 -16.33 71.37 41.02
C GLY CA 69 -16.80 72.65 41.69
N THR CA 70 -16.00 73.23 42.57
CA THR CA 70 -16.42 74.45 43.26
C THR CA 70 -16.49 75.62 42.29
N PRO CA 71 -17.42 76.55 42.48
CA PRO CA 71 -17.36 77.81 41.73
C PRO CA 71 -16.21 78.69 42.24
N SER CA 72 -15.51 79.32 41.31
CA SER CA 72 -14.33 80.12 41.61
C SER CA 72 -14.61 81.61 41.77
N LYS CA 73 -15.88 82.02 41.72
CA LYS CA 73 -16.19 83.46 41.77
C LYS CA 73 -15.85 84.04 43.14
N GLY CA 74 -16.00 83.27 44.21
CA GLY CA 74 -15.78 83.76 45.55
C GLY CA 74 -14.35 83.73 46.02
N PHE CA 75 -13.40 83.38 45.15
CA PHE CA 75 -12.00 83.29 45.54
C PHE CA 75 -11.27 84.59 45.20
N GLY CA 76 -10.08 84.74 45.79
CA GLY CA 76 -9.31 85.96 45.66
C GLY CA 76 -7.84 85.78 45.29
N LEU CA 77 -7.56 84.80 44.44
CA LEU CA 77 -6.22 84.54 43.94
C LEU CA 77 -5.78 85.68 43.03
N TYR CA 78 -4.58 85.54 42.43
CA TYR CA 78 -3.79 86.57 41.77
C TYR CA 78 -3.07 87.37 42.85
N PRO CA 79 -1.96 88.03 42.53
CA PRO CA 79 -1.22 88.75 43.56
C PRO CA 79 -2.03 89.92 44.12
N LYS CA 80 -1.75 90.26 45.38
CA LYS CA 80 -2.39 91.38 46.05
C LYS CA 80 -1.74 92.69 45.63
N ASN CA 81 -2.03 93.77 46.37
CA ASN CA 81 -1.53 95.11 46.08
C ASN CA 81 -2.03 95.60 44.72
N SER CA 82 -3.37 95.70 44.61
CA SER CA 82 -3.97 96.21 43.38
C SER CA 82 -5.16 97.13 43.64
N SER CA 83 -5.34 97.61 44.88
CA SER CA 83 -6.46 98.48 45.22
C SER CA 83 -5.95 99.75 45.89
N TRP CA 84 -6.50 100.90 45.49
CA TRP CA 84 -6.11 102.14 46.16
C TRP CA 84 -6.55 102.12 47.63
N ALA CA 85 -7.80 101.74 47.88
CA ALA CA 85 -8.37 101.60 49.23
C ALA CA 85 -8.02 102.85 50.03
N PHE CA 86 -7.48 102.71 51.24
CA PHE CA 86 -7.04 103.85 52.03
C PHE CA 86 -5.80 103.44 52.82
N GLY CA 87 -4.69 104.13 52.58
CA GLY CA 87 -3.46 103.87 53.29
C GLY CA 87 -2.25 103.78 52.39
N ARG CA 88 -1.07 104.04 52.97
CA ARG CA 88 0.17 103.95 52.21
C ARG CA 88 0.48 102.51 51.81
N LEU CA 89 0.08 101.54 52.64
CA LEU CA 89 0.32 100.14 52.31
C LEU CA 89 -0.48 99.67 51.10
N ARG CA 90 -1.47 100.44 50.66
CA ARG CA 90 -2.27 100.13 49.49
C ARG CA 90 -1.86 101.03 48.32
N GLN CA 91 -2.59 100.94 47.22
CA GLN CA 91 -2.27 101.70 46.03
C GLN CA 91 -2.78 103.14 46.14
N ASN CA 92 -2.56 103.91 45.08
CA ASN CA 92 -3.02 105.29 45.00
C ASN CA 92 -3.67 105.52 43.64
N PHE CA 93 -4.62 106.47 43.61
CA PHE CA 93 -5.26 106.84 42.36
C PHE CA 93 -4.22 107.36 41.37
N ILE CA 94 -4.29 106.87 40.14
CA ILE CA 94 -3.33 107.23 39.11
C ILE CA 94 -3.94 108.28 38.18
N TYR CA 95 -3.09 109.14 37.64
CA TYR CA 95 -3.51 110.20 36.73
C TYR CA 95 -2.65 110.15 35.47
N SER CA 96 -2.96 111.05 34.55
CA SER CA 96 -2.33 111.04 33.22
C SER CA 96 -0.91 111.59 33.33
N GLY CA 97 0.04 110.69 33.59
CA GLY CA 97 1.44 111.03 33.57
C GLY CA 97 1.99 111.01 32.16
N THR CA 98 1.69 112.03 31.37
CA THR CA 98 2.05 112.04 29.96
C THR CA 98 3.56 111.98 29.76
N GLN CA 99 4.33 112.45 30.73
CA GLN CA 99 5.79 112.46 30.64
C GLN CA 99 6.41 111.11 30.98
N VAL CA 100 5.60 110.13 31.41
CA VAL CA 100 6.08 108.83 31.87
C VAL CA 100 7.14 109.06 32.96
N PRO CA 101 6.74 109.49 34.15
CA PRO CA 101 7.72 109.71 35.21
C PRO CA 101 8.30 108.39 35.67
N PRO CA 102 9.55 108.38 36.11
CA PRO CA 102 10.16 107.15 36.65
C PRO CA 102 9.36 106.56 37.80
N PRO CA 103 8.82 107.37 38.72
CA PRO CA 103 8.00 106.77 39.80
C PRO CA 103 6.61 106.32 39.35
N ALA CA 104 6.26 106.49 38.08
CA ALA CA 104 4.93 106.17 37.58
C ALA CA 104 3.85 106.91 38.37
N ASP CA 105 3.91 108.24 38.28
CA ASP CA 105 3.09 109.18 39.03
C ASP CA 105 2.85 108.72 40.47
N ALA CA 106 1.61 108.81 40.94
CA ALA CA 106 1.31 108.42 42.32
C ALA CA 106 1.45 106.91 42.51
N SER CA 107 1.03 106.13 41.52
CA SER CA 107 1.04 104.68 41.63
C SER CA 107 0.97 104.09 40.22
N PRO CA 108 1.47 102.87 40.03
CA PRO CA 108 1.34 102.20 38.72
C PRO CA 108 0.01 101.50 38.50
N GLY CA 109 -0.99 101.70 39.34
CA GLY CA 109 -2.27 101.04 39.13
C GLY CA 109 -3.20 101.21 40.30
N GLY CA 110 -4.12 100.25 40.43
CA GLY CA 110 -5.15 100.29 41.45
C GLY CA 110 -6.52 99.94 40.89
N ASN CA 111 -7.28 99.12 41.61
CA ASN CA 111 -8.57 98.67 41.10
C ASN CA 111 -9.45 98.25 42.27
N PHE CA 112 -10.76 98.19 42.01
CA PHE CA 112 -11.73 97.71 42.97
C PHE CA 112 -11.71 96.18 43.12
N TYR CA 113 -10.68 95.57 42.54
CA TYR CA 113 -10.54 94.12 42.59
C TYR CA 113 -10.40 93.63 44.02
N GLY CA 114 -11.10 92.56 44.34
CA GLY CA 114 -11.16 92.05 45.68
C GLY CA 114 -12.35 92.48 46.49
N GLY CA 115 -13.52 92.64 45.86
CA GLY CA 115 -14.73 93.04 46.55
C GLY CA 115 -15.09 92.08 47.67
N GLY CA 116 -15.34 92.63 48.85
CA GLY CA 116 -15.54 91.83 50.05
C GLY CA 116 -16.98 91.39 50.24
N ASN CA 117 -17.29 91.01 51.48
CA ASN CA 117 -18.61 90.60 51.95
C ASN CA 117 -18.96 89.22 51.41
N ALA CA 118 -18.20 88.73 50.44
CA ALA CA 118 -18.30 87.33 50.02
C ALA CA 118 -16.98 86.67 49.71
N GLU CA 119 -15.93 87.41 49.36
CA GLU CA 119 -14.74 86.85 48.74
C GLU CA 119 -13.58 86.82 49.71
N ILE CA 120 -12.81 85.72 49.66
CA ILE CA 120 -11.63 85.55 50.49
C ILE CA 120 -10.39 85.73 49.62
N LEU CA 121 -9.41 86.45 50.16
CA LEU CA 121 -8.19 86.75 49.43
C LEU CA 121 -6.97 85.98 49.94
N ASN CA 122 -6.94 85.66 51.23
CA ASN CA 122 -5.81 84.91 51.78
C ASN CA 122 -5.78 83.50 51.19
N LEU CA 123 -4.62 83.12 50.63
CA LEU CA 123 -4.49 81.84 49.97
C LEU CA 123 -4.30 80.68 50.94
N ASP CA 124 -4.11 80.95 52.23
CA ASP CA 124 -4.06 79.87 53.20
C ASP CA 124 -5.44 79.32 53.50
N GLU CA 125 -6.48 80.15 53.37
CA GLU CA 125 -7.83 79.71 53.67
C GLU CA 125 -8.51 79.04 52.48
N ILE CA 126 -8.07 79.34 51.26
CA ILE CA 126 -8.67 78.69 50.10
C ILE CA 126 -8.31 77.21 50.06
N ARG CA 127 -7.10 76.86 50.51
CA ARG CA 127 -6.76 75.45 50.66
C ARG CA 127 -7.69 74.77 51.66
N LYS CA 128 -7.98 75.44 52.77
CA LYS CA 128 -8.88 74.87 53.76
C LYS CA 128 -10.27 74.65 53.19
N VAL CA 129 -10.80 75.64 52.47
CA VAL CA 129 -12.15 75.47 51.95
C VAL CA 129 -12.17 74.41 50.86
N LEU CA 130 -11.09 74.24 50.09
CA LEU CA 130 -11.05 73.17 49.10
C LEU CA 130 -11.01 71.79 49.76
N GLN CA 131 -10.18 71.63 50.79
CA GLN CA 131 -10.16 70.36 51.51
C GLN CA 131 -11.51 70.08 52.14
N LEU CA 132 -12.16 71.12 52.66
CA LEU CA 132 -13.47 70.96 53.25
C LEU CA 132 -14.51 70.57 52.21
N ARG CA 133 -14.38 71.12 50.99
CA ARG CA 133 -15.25 70.70 49.91
C ARG CA 133 -15.05 69.23 49.57
N TYR CA 134 -13.80 68.76 49.58
CA TYR CA 134 -13.57 67.34 49.36
C TYR CA 134 -14.21 66.50 50.45
N VAL CA 135 -14.09 66.94 51.70
CA VAL CA 135 -14.72 66.22 52.81
C VAL CA 135 -16.23 66.21 52.64
N ALA CA 136 -16.80 67.29 52.13
CA ALA CA 136 -18.23 67.31 51.82
C ALA CA 136 -18.55 66.30 50.72
N LEU CA 137 -17.69 66.21 49.70
CA LEU CA 137 -17.90 65.25 48.63
C LEU CA 137 -17.92 63.82 49.16
N ILE CA 138 -17.03 63.50 50.09
CA ILE CA 138 -16.88 62.11 50.51
C ILE CA 138 -17.78 61.74 51.70
N SER CA 139 -18.15 62.71 52.53
CA SER CA 139 -18.73 62.42 53.84
C SER CA 139 -20.10 61.76 53.72
N ASN CA 140 -20.35 60.79 54.59
CA ASN CA 140 -21.64 60.12 54.70
C ASN CA 140 -22.53 60.73 55.78
N GLY CA 141 -22.12 61.84 56.39
CA GLY CA 141 -22.91 62.52 57.39
C GLY CA 141 -22.46 62.31 58.81
N SER CA 142 -21.51 61.42 59.07
CA SER CA 142 -21.05 61.19 60.43
C SER CA 142 -20.54 62.47 61.06
N ILE CA 143 -20.74 62.60 62.36
CA ILE CA 143 -20.36 63.81 63.08
C ILE CA 143 -18.99 63.67 63.72
N ALA CA 144 -18.66 62.49 64.25
CA ALA CA 144 -17.32 62.29 64.79
C ALA CA 144 -16.26 62.45 63.71
N TYR CA 145 -16.49 61.85 62.55
CA TYR CA 145 -15.54 62.00 61.45
C TYR CA 145 -15.43 63.44 61.01
N ILE CA 146 -16.56 64.14 60.91
CA ILE CA 146 -16.52 65.53 60.45
C ILE CA 146 -15.76 66.40 61.43
N ASN CA 147 -15.99 66.19 62.73
CA ASN CA 147 -15.22 66.92 63.73
C ASN CA 147 -13.73 66.61 63.61
N ARG CA 148 -13.38 65.35 63.36
CA ARG CA 148 -11.98 64.99 63.23
C ARG CA 148 -11.36 65.64 62.00
N MET CA 149 -12.08 65.66 60.89
CA MET CA 149 -11.57 66.29 59.68
C MET CA 149 -11.43 67.79 59.86
N LEU CA 150 -12.38 68.41 60.57
CA LEU CA 150 -12.26 69.83 60.89
C LEU CA 150 -11.01 70.09 61.73
N ARG CA 151 -10.77 69.25 62.73
CA ARG CA 151 -9.57 69.36 63.54
C ARG CA 151 -8.32 69.25 62.68
N TYR CA 152 -8.28 68.23 61.82
CA TYR CA 152 -7.10 67.98 60.99
C TYR CA 152 -6.85 69.15 60.04
N ILE CA 153 -7.90 69.70 59.45
CA ILE CA 153 -7.74 70.77 58.47
C ILE CA 153 -7.33 72.06 59.16
N PHE CA 154 -8.02 72.45 60.24
CA PHE CA 154 -7.91 73.80 60.76
C PHE CA 154 -6.97 73.95 61.95
N ASN CA 155 -6.44 72.84 62.51
CA ASN CA 155 -5.37 72.98 63.48
C ASN CA 155 -4.29 71.91 63.32
N ASP CA 156 -4.26 71.20 62.20
CA ASP CA 156 -3.21 70.23 61.92
C ASP CA 156 -3.15 69.15 63.01
N ASP CA 157 -4.33 68.73 63.47
CA ASP CA 157 -4.47 67.68 64.49
C ASP CA 157 -3.80 68.09 65.80
N GLU CA 158 -4.31 69.17 66.40
CA GLU CA 158 -3.87 69.61 67.72
C GLU CA 158 -5.08 69.92 68.58
N PRO CA 159 -5.08 69.51 69.85
CA PRO CA 159 -6.23 69.79 70.72
C PRO CA 159 -6.34 71.27 71.05
N TRP CA 160 -7.43 71.61 71.74
CA TRP CA 160 -7.74 73.01 72.03
C TRP CA 160 -8.29 73.14 73.44
N ASP CA 161 -8.21 74.36 73.96
CA ASP CA 161 -8.81 74.71 75.24
C ASP CA 161 -10.05 75.58 75.01
N GLU CA 162 -10.83 75.76 76.07
CA GLU CA 162 -12.02 76.58 75.98
C GLU CA 162 -11.68 78.04 75.71
N ALA CA 163 -10.50 78.49 76.13
CA ALA CA 163 -10.11 79.88 75.96
C ALA CA 163 -10.05 80.28 74.49
N THR CA 164 -9.98 79.31 73.59
CA THR CA 164 -9.99 79.57 72.15
C THR CA 164 -11.35 79.31 71.51
N GLY CA 165 -11.94 78.15 71.76
CA GLY CA 165 -13.26 77.83 71.26
C GLY CA 165 -13.32 77.59 69.76
N LEU CA 166 -12.63 76.55 69.29
CA LEU CA 166 -12.55 76.25 67.86
C LEU CA 166 -13.82 75.50 67.45
N TYR CA 167 -13.83 74.95 66.23
CA TYR CA 167 -14.98 74.28 65.66
C TYR CA 167 -15.69 73.40 66.65
N PHE CA 168 -17.02 73.53 66.69
CA PHE CA 168 -17.91 72.81 67.57
C PHE CA 168 -18.55 71.65 66.83
N TYR CA 169 -19.57 71.08 67.45
CA TYR CA 169 -20.25 69.93 66.89
C TYR CA 169 -21.04 70.31 65.63
N LEU CA 170 -21.81 69.35 65.14
CA LEU CA 170 -22.44 69.43 63.83
C LEU CA 170 -23.90 69.05 63.99
N MET CA 171 -24.53 68.77 62.84
CA MET CA 171 -25.96 68.37 62.84
C MET CA 171 -26.13 67.13 63.72
N ASP CA 172 -26.58 67.32 64.96
CA ASP CA 172 -26.85 66.24 65.91
C ASP CA 172 -27.60 66.87 67.08
N SER CA 173 -28.92 66.73 67.09
CA SER CA 173 -29.68 67.41 68.13
C SER CA 173 -29.54 66.69 69.47
N THR CA 174 -28.34 66.70 70.04
CA THR CA 174 -28.05 65.96 71.27
C THR CA 174 -27.47 66.90 72.34
N GLY CA 175 -28.32 67.32 73.28
CA GLY CA 175 -27.84 68.15 74.38
C GLY CA 175 -26.85 67.39 75.23
N GLU CA 176 -25.63 67.93 75.35
CA GLU CA 176 -24.59 67.20 76.08
C GLU CA 176 -24.85 67.03 77.55
N ASN CA 177 -25.28 68.08 78.25
CA ASN CA 177 -25.18 68.11 79.71
C ASN CA 177 -26.32 68.97 80.27
N GLY CA 178 -26.20 69.34 81.53
CA GLY CA 178 -27.30 69.80 82.35
C GLY CA 178 -27.26 69.13 83.72
N PRO CA 179 -26.87 67.85 83.76
CA PRO CA 179 -26.30 67.30 84.99
C PRO CA 179 -24.85 67.73 85.15
N VAL CA 180 -24.18 67.24 86.19
CA VAL CA 180 -22.77 67.47 86.41
C VAL CA 180 -22.10 66.13 86.67
N GLU CA 181 -21.02 65.85 85.94
CA GLU CA 181 -20.38 64.54 86.00
C GLU CA 181 -18.88 64.72 86.17
N ASN CA 182 -18.25 63.67 86.71
CA ASN CA 182 -16.80 63.55 86.88
C ASN CA 182 -16.17 64.87 87.33
N LEU CA 183 -16.75 65.44 88.38
CA LEU CA 183 -16.26 66.70 88.92
C LEU CA 183 -15.23 66.43 90.01
N ALA CA 184 -14.17 67.23 90.01
CA ALA CA 184 -13.10 67.12 90.99
C ALA CA 184 -12.75 68.50 91.53
N ILE CA 185 -12.44 68.57 92.82
CA ILE CA 185 -12.08 69.81 93.48
C ILE CA 185 -10.63 69.73 93.92
N TYR CA 186 -9.91 70.84 93.73
CA TYR CA 186 -8.57 71.02 94.26
C TYR CA 186 -8.56 72.21 95.20
N ARG CA 187 -7.63 72.20 96.14
CA ARG CA 187 -7.37 73.35 96.99
C ARG CA 187 -5.99 73.92 96.65
N LYS CA 188 -5.91 75.25 96.60
CA LYS CA 188 -4.70 76.00 96.38
C LYS CA 188 -4.35 76.71 97.68
N ASP CA 189 -3.26 76.27 98.31
CA ASP CA 189 -2.79 76.76 99.59
C ASP CA 189 -1.31 76.39 99.67
N TRP CA 190 -0.77 76.34 100.89
CA TRP CA 190 0.63 76.01 101.07
C TRP CA 190 0.98 74.58 100.65
N GLU CA 191 -0.01 73.73 100.37
CA GLU CA 191 0.25 72.43 99.77
C GLU CA 191 0.43 72.49 98.26
N GLY CA 192 0.08 73.62 97.64
CA GLY CA 192 0.04 73.70 96.20
C GLY CA 192 -1.32 73.27 95.67
N MET CA 193 -1.36 73.05 94.35
CA MET CA 193 -2.58 72.58 93.69
C MET CA 193 -2.82 71.12 94.04
N VAL CA 194 -3.60 70.84 95.10
CA VAL CA 194 -3.77 69.47 95.57
C VAL CA 194 -5.25 69.13 95.62
N LEU CA 195 -5.63 68.02 95.00
CA LEU CA 195 -7.04 67.70 94.91
C LEU CA 195 -7.55 67.12 96.23
N LEU CA 196 -8.88 66.99 96.30
CA LEU CA 196 -9.59 66.49 97.47
C LEU CA 196 -10.57 65.43 96.99
N SER CA 197 -10.94 64.54 97.89
CA SER CA 197 -11.79 63.41 97.56
C SER CA 197 -13.12 63.49 98.31
N SER CA 198 -14.18 63.04 97.64
CA SER CA 198 -15.50 62.95 98.27
C SER CA 198 -15.69 61.66 99.06
N SER CA 199 -14.77 60.71 98.92
CA SER CA 199 -14.81 59.44 99.62
C SER CA 199 -13.77 59.43 100.74
N PRO CA 200 -14.00 58.66 101.81
CA PRO CA 200 -13.05 58.63 102.93
C PRO CA 200 -11.66 58.22 102.47
N ARG CA 201 -10.69 59.13 102.65
CA ARG CA 201 -9.30 58.86 102.38
C ARG CA 201 -8.52 58.85 103.69
N THR CA 202 -7.53 57.98 103.77
CA THR CA 202 -6.80 57.74 105.00
C THR CA 202 -5.31 57.94 104.79
N ASN CA 203 -4.66 58.57 105.76
CA ASN CA 203 -3.20 58.58 105.88
C ASN CA 203 -2.82 57.62 106.98
N HIS CA 204 -2.01 56.60 106.63
CA HIS CA 204 -1.77 55.45 107.49
C HIS CA 204 -0.57 55.60 108.41
N VAL CA 205 0.26 56.64 108.23
CA VAL CA 205 1.42 56.82 109.09
C VAL CA 205 0.95 57.12 110.51
N LEU CA 206 1.67 56.61 111.50
CA LEU CA 206 1.33 56.88 112.89
C LEU CA 206 1.54 58.36 113.22
N THR CA 207 2.71 58.90 112.90
CA THR CA 207 3.03 60.30 113.10
C THR CA 207 3.54 60.89 111.81
N SER CA 208 3.00 62.03 111.41
CA SER CA 208 3.45 62.71 110.20
C SER CA 208 4.61 63.66 110.47
N THR CA 209 4.58 64.35 111.61
CA THR CA 209 5.64 65.28 112.01
C THR CA 209 6.24 64.79 113.33
N PRO CA 210 7.34 64.06 113.27
CA PRO CA 210 7.97 63.57 114.51
C PRO CA 210 8.74 64.67 115.22
N ALA CA 211 8.44 64.87 116.49
CA ALA CA 211 9.14 65.85 117.31
C ALA CA 211 10.15 65.23 118.26
N SER CA 212 10.14 63.91 118.43
CA SER CA 212 11.06 63.22 119.30
C SER CA 212 11.84 62.18 118.51
N ASP CA 213 13.04 61.87 119.00
CA ASP CA 213 13.87 60.86 118.33
C ASP CA 213 13.21 59.49 118.38
N ALA CA 214 12.61 59.14 119.52
CA ALA CA 214 11.97 57.85 119.70
C ALA CA 214 10.66 57.71 118.92
N ASP CA 215 10.27 58.74 118.16
CA ASP CA 215 9.01 58.67 117.41
C ASP CA 215 9.06 57.53 116.38
N TRP CA 216 10.01 57.60 115.46
CA TRP CA 216 10.16 56.54 114.47
C TRP CA 216 11.45 55.75 114.72
N PRO CA 217 11.41 54.42 114.60
CA PRO CA 217 12.62 53.63 114.82
C PRO CA 217 13.63 53.81 113.70
N GLY CA 218 14.88 53.52 114.02
CA GLY CA 218 15.95 53.53 113.04
C GLY CA 218 16.57 52.15 112.85
N VAL CA 219 16.54 51.64 111.62
CA VAL CA 219 16.99 50.30 111.31
C VAL CA 219 18.27 50.38 110.50
N ASP CA 220 19.29 49.63 110.92
CA ASP CA 220 20.57 49.58 110.22
C ASP CA 220 21.08 48.13 110.23
N PRO CA 221 20.94 47.42 109.11
CA PRO CA 221 21.51 46.06 109.05
C PRO CA 221 23.02 46.05 109.26
N ALA CA 222 23.73 47.08 108.78
CA ALA CA 222 25.16 47.14 109.00
C ALA CA 222 25.49 47.55 110.43
N ALA CA 223 24.69 48.44 111.01
CA ALA CA 223 24.88 48.93 112.37
C ALA CA 223 26.28 49.51 112.56
N SER CA 224 26.82 50.11 111.50
CA SER CA 224 28.17 50.67 111.58
C SER CA 224 28.22 51.85 112.53
N GLY CA 225 27.20 52.72 112.51
CA GLY CA 225 27.15 53.86 113.40
C GLY CA 225 25.82 54.01 114.09
N ILE CA 226 25.62 55.10 114.81
CA ILE CA 226 24.36 55.36 115.48
C ILE CA 226 23.29 55.60 114.42
N PRO CA 227 22.03 55.28 114.68
CA PRO CA 227 20.98 55.50 113.68
C PRO CA 227 20.69 56.99 113.52
N VAL CA 228 20.00 57.29 112.42
CA VAL CA 228 19.61 58.67 112.14
C VAL CA 228 18.66 59.15 113.22
N THR CA 229 18.98 60.28 113.84
CA THR CA 229 18.23 60.81 114.96
C THR CA 229 17.33 61.95 114.48
N VAL CA 230 16.03 61.79 114.68
CA VAL CA 230 15.06 62.83 114.33
C VAL CA 230 15.08 63.89 115.42
N GLU CA 231 15.37 65.13 115.04
CA GLU CA 231 15.45 66.22 116.00
C GLU CA 231 14.47 67.32 115.62
N THR CA 232 14.02 68.08 116.62
CA THR CA 232 13.07 69.17 116.38
C THR CA 232 13.84 70.40 115.94
N ALA CA 233 13.68 70.81 114.69
CA ALA CA 233 14.38 71.96 114.15
C ALA CA 233 13.46 73.18 114.13
N SER CA 234 14.01 74.32 114.50
CA SER CA 234 13.24 75.58 114.53
C SER CA 234 13.34 76.27 113.17
N ALA CA 235 12.73 75.63 112.18
CA ALA CA 235 12.63 76.17 110.83
C ALA CA 235 11.18 76.19 110.41
N THR CA 236 10.78 77.26 109.72
CA THR CA 236 9.38 77.48 109.37
C THR CA 236 8.89 76.41 108.39
N ALA CA 237 7.97 75.57 108.85
CA ALA CA 237 7.34 74.58 107.99
C ALA CA 237 6.32 75.27 107.08
N PRO CA 238 5.96 74.63 105.96
CA PRO CA 238 4.96 75.24 105.06
C PRO CA 238 3.62 75.47 105.74
N ASP CA 239 3.25 74.66 106.74
CA ASP CA 239 1.98 74.86 107.42
C ASP CA 239 1.92 76.21 108.14
N GLY CA 240 3.07 76.72 108.58
CA GLY CA 240 3.12 78.01 109.23
C GLY CA 240 3.65 77.96 110.65
N SER CA 241 4.43 76.92 110.97
CA SER CA 241 5.01 76.76 112.29
C SER CA 241 6.41 76.21 112.17
N ALA CA 242 7.19 76.37 113.23
CA ALA CA 242 8.56 75.88 113.27
C ALA CA 242 8.63 74.50 113.93
N THR CA 243 7.93 73.54 113.31
CA THR CA 243 7.83 72.19 113.84
C THR CA 243 8.51 71.15 112.95
N VAL CA 244 9.35 71.59 112.00
CA VAL CA 244 10.02 70.64 111.11
C VAL CA 244 10.92 69.71 111.91
N CYS CA 245 11.15 68.52 111.35
CA CYS CA 245 12.08 67.58 111.95
C CYS CA 245 13.30 67.46 111.05
N LYS CA 246 14.42 67.10 111.66
CA LYS CA 246 15.71 67.06 110.98
C LYS CA 246 16.30 65.66 111.13
N LEU CA 247 16.80 65.12 110.03
CA LEU CA 247 17.36 63.77 109.97
C LEU CA 247 18.84 63.89 109.63
N THR CA 248 19.68 63.36 110.51
CA THR CA 248 21.14 63.43 110.35
C THR CA 248 21.72 62.03 110.23
N LYS CA 249 22.52 61.82 109.19
CA LYS CA 249 23.20 60.55 108.97
C LYS CA 249 24.68 60.71 109.26
N PRO CA 250 25.23 59.99 110.23
CA PRO CA 250 26.64 60.19 110.58
C PRO CA 250 27.57 59.56 109.54
N ALA CA 251 28.83 59.94 109.63
CA ALA CA 251 29.85 59.40 108.74
C ALA CA 251 29.98 57.90 108.92
N GLY CA 252 30.03 57.17 107.81
CA GLY CA 252 30.20 55.73 107.85
C GLY CA 252 28.97 54.96 108.25
N SER CA 253 27.79 55.58 108.24
CA SER CA 253 26.56 54.94 108.68
C SER CA 253 25.62 54.73 107.50
N THR CA 254 24.92 53.61 107.49
CA THR CA 254 23.92 53.29 106.47
C THR CA 254 22.53 53.14 107.09
N ALA CA 255 22.29 53.73 108.25
CA ALA CA 255 21.01 53.58 108.92
C ALA CA 255 19.92 54.37 108.20
N TYR CA 256 18.68 53.91 108.37
CA TYR CA 256 17.53 54.57 107.79
C TYR CA 256 16.37 54.52 108.78
N VAL CA 257 15.54 55.54 108.73
CA VAL CA 257 14.39 55.66 109.63
C VAL CA 257 13.18 55.03 108.97
N SER CA 258 12.48 54.17 109.70
CA SER CA 258 11.26 53.54 109.22
C SER CA 258 10.08 54.13 110.00
N ALA CA 259 9.15 54.74 109.28
CA ALA CA 259 7.99 55.35 109.94
C ALA CA 259 7.02 54.26 110.38
N PRO CA 260 6.66 54.20 111.65
CA PRO CA 260 5.65 53.22 112.08
C PRO CA 260 4.33 53.46 111.35
N ILE CA 261 3.66 52.37 111.02
CA ILE CA 261 2.46 52.42 110.19
C ILE CA 261 1.70 51.12 110.39
N ASP CA 262 0.37 51.23 110.41
CA ASP CA 262 -0.47 50.05 110.54
C ASP CA 262 -0.27 49.13 109.34
N GLY CA 263 0.19 47.91 109.60
CA GLY CA 263 0.43 46.94 108.57
C GLY CA 263 -0.36 45.67 108.79
N PRO CA 264 -0.72 44.98 107.70
CA PRO CA 264 -0.46 45.30 106.29
C PRO CA 264 -1.38 46.39 105.77
N LEU CA 265 -1.05 47.00 104.62
CA LEU CA 265 -1.91 48.03 104.04
C LEU CA 265 -2.98 47.43 103.14
N GLY CA 266 -2.59 46.58 102.21
CA GLY CA 266 -3.53 45.96 101.29
C GLY CA 266 -2.81 45.31 100.13
N SER CA 267 -3.53 44.41 99.46
CA SER CA 267 -2.98 43.62 98.37
C SER CA 267 -3.41 44.20 97.04
N GLY CA 268 -2.45 44.36 96.13
CA GLY CA 268 -2.75 44.83 94.78
C GLY CA 268 -3.38 46.20 94.72
N SER CA 269 -2.88 47.14 95.52
CA SER CA 269 -3.41 48.49 95.58
C SER CA 269 -2.30 49.48 95.30
N THR CA 270 -2.55 50.43 94.42
CA THR CA 270 -1.59 51.50 94.17
C THR CA 270 -1.40 52.33 95.43
N VAL CA 271 -0.15 52.62 95.77
CA VAL CA 271 0.20 53.32 97.00
C VAL CA 271 0.93 54.60 96.65
N THR CA 272 0.53 55.69 97.29
CA THR CA 272 1.19 56.98 97.16
C THR CA 272 1.87 57.32 98.46
N PHE CA 273 3.18 57.58 98.40
CA PHE CA 273 3.97 58.00 99.54
C PHE CA 273 4.48 59.40 99.28
N SER CA 274 4.33 60.29 100.26
CA SER CA 274 4.70 61.69 100.07
C SER CA 274 5.21 62.25 101.39
N PHE CA 275 5.91 63.37 101.29
CA PHE CA 275 6.37 64.12 102.44
C PHE CA 275 6.70 65.53 101.97
N PHE CA 276 7.33 66.32 102.83
CA PHE CA 276 7.78 67.66 102.49
C PHE CA 276 9.23 67.79 102.92
N ALA CA 277 10.10 68.12 101.98
CA ALA CA 277 11.53 68.15 102.24
C ALA CA 277 12.11 69.50 101.82
N LYS CA 278 13.17 69.89 102.52
CA LYS CA 278 13.90 71.12 102.25
C LYS CA 278 15.37 70.78 102.15
N ALA CA 279 16.06 71.42 101.20
CA ALA CA 279 17.48 71.14 100.97
C ALA CA 279 18.32 71.53 102.19
N GLY CA 280 18.79 70.53 102.92
CA GLY CA 280 19.64 70.77 104.08
C GLY CA 280 21.11 70.68 103.73
N SER CA 281 21.89 69.96 104.54
CA SER CA 281 23.29 69.74 104.20
C SER CA 281 23.41 68.94 102.91
N THR CA 282 22.60 67.89 102.77
CA THR CA 282 22.53 67.17 101.52
C THR CA 282 21.59 67.88 100.55
N ARG CA 283 21.75 67.57 99.26
CA ARG CA 283 20.94 68.17 98.22
C ARG CA 283 19.81 67.27 97.76
N PHE CA 284 19.65 66.09 98.34
CA PHE CA 284 18.69 65.12 97.85
C PHE CA 284 18.40 64.09 98.93
N ILE CA 285 17.24 63.43 98.76
CA ILE CA 285 16.72 62.46 99.72
C ILE CA 285 16.43 61.17 98.97
N ALA CA 286 16.32 60.07 99.72
CA ALA CA 286 15.98 58.79 99.13
C ALA CA 286 14.88 58.13 99.96
N ILE CA 287 13.96 57.44 99.29
CA ILE CA 287 12.90 56.70 99.97
C ILE CA 287 12.75 55.33 99.33
N GLN CA 288 12.12 54.44 100.07
CA GLN CA 288 11.91 53.06 99.67
C GLN CA 288 10.51 52.61 100.01
N SER CA 289 9.78 52.14 99.01
CA SER CA 289 8.50 51.47 99.22
C SER CA 289 8.75 49.98 99.41
N ALA CA 290 8.27 49.45 100.51
CA ALA CA 290 8.54 48.08 100.90
C ALA CA 290 7.51 47.11 100.31
N ALA CA 291 7.91 45.85 100.27
CA ALA CA 291 7.07 44.74 99.82
C ALA CA 291 7.72 43.47 100.35
N ASP CA 292 7.30 42.31 99.84
CA ASP CA 292 7.97 41.07 100.18
C ASP CA 292 9.43 41.12 99.75
N PHE CA 293 10.32 40.67 100.62
CA PHE CA 293 11.73 40.73 100.31
C PHE CA 293 12.04 39.87 99.08
N PRO CA 294 12.76 40.38 98.08
CA PRO CA 294 13.29 41.73 97.94
C PRO CA 294 12.51 42.59 96.95
N SER CA 295 11.18 42.70 97.06
CA SER CA 295 10.34 43.35 96.07
C SER CA 295 10.31 44.87 96.22
N ARG CA 296 11.31 45.45 96.86
CA ARG CA 296 11.28 46.86 97.20
C ARG CA 296 11.49 47.76 95.99
N ALA CA 297 10.95 48.98 96.09
CA ALA CA 297 11.16 50.03 95.11
C ALA CA 297 11.86 51.19 95.79
N ASP CA 298 12.68 51.92 95.04
CA ASP CA 298 13.44 53.04 95.56
C ASP CA 298 13.21 54.26 94.69
N ALA CA 299 13.28 55.43 95.30
CA ALA CA 299 13.27 56.69 94.58
C ALA CA 299 14.26 57.63 95.23
N VAL CA 300 14.88 58.48 94.41
CA VAL CA 300 15.77 59.51 94.90
C VAL CA 300 15.31 60.85 94.32
N PHE CA 301 15.12 61.83 95.19
CA PHE CA 301 14.60 63.14 94.80
C PHE CA 301 15.65 64.20 95.09
N ASP CA 302 16.04 64.93 94.05
CA ASP CA 302 16.99 66.03 94.17
C ASP CA 302 16.22 67.29 94.57
N LEU CA 303 16.35 67.68 95.84
CA LEU CA 303 15.54 68.77 96.37
C LEU CA 303 15.89 70.13 95.75
N ASP CA 304 16.98 70.22 94.99
CA ASP CA 304 17.35 71.49 94.37
C ASP CA 304 16.98 71.54 92.89
N SER CA 305 17.42 70.55 92.11
CA SER CA 305 17.20 70.58 90.66
C SER CA 305 15.74 70.36 90.28
N GLY CA 306 14.90 69.92 91.20
CA GLY CA 306 13.52 69.59 90.86
C GLY CA 306 13.39 68.42 89.93
N ASN CA 307 14.27 67.43 90.05
CA ASN CA 307 14.24 66.25 89.20
C ASN CA 307 14.32 65.01 90.08
N VAL CA 308 13.53 64.00 89.72
CA VAL CA 308 13.60 62.69 90.38
C VAL CA 308 14.56 61.84 89.54
N ILE CA 309 15.83 61.84 89.98
CA ILE CA 309 16.89 61.33 89.13
C ILE CA 309 16.82 59.81 88.99
N SER CA 310 16.54 59.11 90.10
CA SER CA 310 16.62 57.66 90.11
C SER CA 310 15.33 57.04 90.63
N ASP CA 311 14.81 56.07 89.87
CA ASP CA 311 13.68 55.24 90.28
C ASP CA 311 14.09 53.79 90.07
N GLN CA 312 14.33 53.06 91.15
CA GLN CA 312 14.67 51.65 91.08
C GLN CA 312 13.43 50.81 91.40
N MET CA 313 13.29 49.71 90.69
CA MET CA 313 12.29 48.69 91.01
C MET CA 313 13.02 47.35 91.10
N LEU CA 314 12.79 46.61 92.18
CA LEU CA 314 13.26 45.23 92.20
C LEU CA 314 12.18 44.26 91.75
N ASP CA 315 10.99 44.77 91.43
CA ASP CA 315 9.88 44.00 90.92
C ASP CA 315 8.95 44.98 90.19
N SER CA 316 7.71 44.57 89.96
CA SER CA 316 6.73 45.39 89.27
C SER CA 316 6.21 46.57 90.10
N SER CA 317 6.88 46.91 91.21
CA SER CA 317 6.36 47.86 92.18
C SER CA 317 6.10 49.26 91.62
N VAL CA 318 7.15 49.96 91.19
CA VAL CA 318 7.04 51.39 90.97
C VAL CA 318 6.17 51.70 89.76
N VAL CA 319 5.50 52.86 89.80
CA VAL CA 319 4.68 53.35 88.72
C VAL CA 319 5.12 54.74 88.27
N SER CA 320 5.27 55.66 89.23
CA SER CA 320 5.64 57.04 88.90
C SER CA 320 6.29 57.68 90.12
N ALA CA 321 7.01 58.77 89.87
CA ALA CA 321 7.59 59.57 90.94
C ALA CA 321 7.68 61.01 90.47
N ARG CA 322 7.23 61.94 91.32
CA ARG CA 322 7.16 63.35 90.97
C ARG CA 322 7.61 64.18 92.15
N MET CA 323 7.97 65.44 91.86
CA MET CA 323 8.24 66.42 92.87
C MET CA 323 7.42 67.67 92.59
N ILE CA 324 6.72 68.15 93.61
CA ILE CA 324 5.90 69.36 93.50
C ILE CA 324 6.61 70.47 94.25
N ARG CA 325 6.82 71.60 93.57
CA ARG CA 325 7.52 72.73 94.17
C ARG CA 325 6.57 73.56 95.03
N LEU CA 326 7.02 73.88 96.24
CA LEU CA 326 6.29 74.73 97.16
C LEU CA 326 7.20 75.86 97.61
N GLU CA 327 6.58 76.98 98.00
CA GLU CA 327 7.32 78.17 98.41
C GLU CA 327 8.23 77.86 99.60
N ASN CA 328 9.14 78.80 99.88
CA ASN CA 328 10.19 78.61 100.87
C ASN CA 328 11.09 77.44 100.50
N GLY CA 329 11.21 77.17 99.20
CA GLY CA 329 12.09 76.12 98.71
C GLY CA 329 11.76 74.73 99.20
N TRP CA 330 10.47 74.39 99.26
CA TRP CA 330 10.05 73.08 99.72
C TRP CA 330 9.65 72.20 98.55
N TRP CA 331 9.67 70.90 98.78
CA TRP CA 331 9.27 69.94 97.75
C TRP CA 331 8.40 68.86 98.37
N ARG CA 332 7.32 68.53 97.68
CA ARG CA 332 6.54 67.33 97.98
C ARG CA 332 7.02 66.24 97.05
N CYS CA 333 7.73 65.26 97.59
CA CYS CA 333 8.26 64.14 96.82
C CYS CA 333 7.26 63.00 96.91
N VAL CA 334 6.56 62.72 95.80
CA VAL CA 334 5.46 61.78 95.78
C VAL CA 334 5.86 60.59 94.92
N LEU CA 335 5.78 59.39 95.49
CA LEU CA 335 6.05 58.15 94.77
C LEU CA 335 4.77 57.34 94.70
N THR CA 336 4.36 56.97 93.50
CA THR CA 336 3.21 56.10 93.28
C THR CA 336 3.74 54.73 92.85
N THR CA 337 3.40 53.71 93.61
CA THR CA 337 3.87 52.35 93.38
C THR CA 337 2.67 51.42 93.26
N LYS CA 338 2.91 50.23 92.72
CA LYS CA 338 1.84 49.25 92.54
C LYS CA 338 2.46 47.85 92.54
N THR CA 339 2.19 47.08 93.58
CA THR CA 339 2.65 45.70 93.68
C THR CA 339 1.46 44.80 94.00
N VAL CA 340 1.46 43.60 93.41
CA VAL CA 340 0.35 42.68 93.63
C VAL CA 340 0.36 42.12 95.04
N SER CA 341 1.49 42.17 95.74
CA SER CA 341 1.56 41.65 97.09
C SER CA 341 0.96 42.64 98.09
N SER CA 342 0.69 42.14 99.30
CA SER CA 342 0.13 42.94 100.38
C SER CA 342 1.19 43.35 101.40
N SER CA 343 2.47 43.19 101.08
CA SER CA 343 3.55 43.32 102.04
C SER CA 343 4.11 44.73 102.13
N PHE CA 344 3.30 45.75 101.85
CA PHE CA 344 3.73 47.12 102.09
C PHE CA 344 3.78 47.35 103.59
N ARG CA 345 4.89 46.98 104.22
CA ARG CA 345 4.99 47.01 105.67
C ARG CA 345 5.32 48.40 106.21
N ALA CA 346 6.33 49.05 105.64
CA ALA CA 346 6.71 50.38 106.08
C ALA CA 346 7.59 51.03 105.02
N ALA CA 347 7.38 52.32 104.81
CA ALA CA 347 8.20 53.09 103.88
C ALA CA 347 9.43 53.61 104.59
N TYR CA 348 10.59 53.47 103.95
CA TYR CA 348 11.87 53.86 104.53
C TYR CA 348 12.32 55.19 103.94
N VAL CA 349 12.94 56.03 104.76
CA VAL CA 349 13.50 57.29 104.32
C VAL CA 349 14.97 57.33 104.72
N ALA CA 350 15.77 58.04 103.92
CA ALA CA 350 17.20 58.14 104.19
C ALA CA 350 17.83 59.35 103.52
N PRO CA 351 18.60 60.15 104.26
CA PRO CA 351 19.46 61.14 103.60
C PRO CA 351 20.49 60.46 102.72
N ALA CA 352 20.82 61.11 101.62
CA ALA CA 352 21.70 60.56 100.62
C ALA CA 352 22.92 61.44 100.44
N GLU CA 353 24.10 60.82 100.28
CA GLU CA 353 25.32 61.55 100.02
C GLU CA 353 25.50 61.87 98.54
N THR CA 354 25.33 60.87 97.68
CA THR CA 354 25.36 61.05 96.23
C THR CA 354 23.94 60.95 95.69
N ASN CA 355 23.74 61.47 94.48
CA ASN CA 355 22.40 61.50 93.90
C ASN CA 355 21.86 60.12 93.61
N PHE CA 356 22.70 59.09 93.63
CA PHE CA 356 22.25 57.71 93.51
C PHE CA 356 22.47 56.91 94.79
N SER CA 357 22.68 57.59 95.92
CA SER CA 357 22.76 56.90 97.19
C SER CA 357 21.40 56.34 97.56
N TRP CA 358 21.36 55.06 97.92
CA TRP CA 358 20.11 54.39 98.25
C TRP CA 358 19.85 54.47 99.75
N ILE CA 359 18.89 53.66 100.22
CA ILE CA 359 18.50 53.67 101.61
C ILE CA 359 19.64 53.21 102.51
N ASP CA 360 20.52 52.36 101.99
CA ASP CA 360 21.58 51.75 102.79
C ASP CA 360 22.97 52.10 102.25
N SER CA 361 23.08 53.21 101.54
CA SER CA 361 24.38 53.64 101.03
C SER CA 361 25.21 54.28 102.14
N ASN CA 362 26.53 54.13 102.04
CA ASN CA 362 27.42 54.66 103.06
C ASN CA 362 27.46 56.18 103.00
N SER CA 363 27.80 56.78 104.13
CA SER CA 363 27.93 58.23 104.26
C SER CA 363 29.35 58.56 104.68
N SER CA 364 30.03 59.36 103.85
CA SER CA 364 31.41 59.74 104.17
C SER CA 364 31.47 60.75 105.31
N ALA CA 365 30.42 61.54 105.49
CA ALA CA 365 30.35 62.56 106.53
C ALA CA 365 28.96 62.52 107.14
N ALA CA 366 28.64 63.55 107.92
CA ALA CA 366 27.31 63.68 108.49
C ALA CA 366 26.46 64.55 107.55
N ILE CA 367 25.41 63.96 107.00
CA ILE CA 367 24.52 64.66 106.07
C ILE CA 367 23.19 64.90 106.76
N ASP CA 368 22.76 66.16 106.79
CA ASP CA 368 21.58 66.58 107.52
C ASP CA 368 20.54 67.11 106.54
N VAL CA 369 19.30 66.65 106.69
CA VAL CA 369 18.20 67.10 105.84
C VAL CA 369 17.02 67.48 106.71
N LEU CA 370 16.15 68.33 106.16
CA LEU CA 370 14.95 68.79 106.84
C LEU CA 370 13.73 68.13 106.18
N ILE CA 371 12.91 67.47 106.96
CA ILE CA 371 11.71 66.83 106.47
C ILE CA 371 10.57 67.10 107.45
N TRP CA 372 9.34 67.03 106.95
CA TRP CA 372 8.16 67.36 107.72
C TRP CA 372 6.93 66.88 106.98
N GLY CA 373 5.96 66.32 107.72
CA GLY CA 373 4.68 65.97 107.15
C GLY CA 373 4.67 64.79 106.18
N ALA CA 374 5.00 63.61 106.69
CA ALA CA 374 4.91 62.40 105.87
C ALA CA 374 3.44 61.98 105.72
N GLN CA 375 3.17 61.22 104.66
CA GLN CA 375 1.81 60.75 104.38
C GLN CA 375 1.86 59.58 103.42
N ILE CA 376 1.33 58.44 103.85
CA ILE CA 376 1.13 57.27 103.00
C ILE CA 376 -0.37 57.08 102.82
N GLU CA 377 -0.80 56.93 101.56
CA GLU CA 377 -2.21 56.74 101.29
C GLU CA 377 -2.37 55.79 100.12
N LEU CA 378 -3.61 55.35 99.91
CA LEU CA 378 -3.93 54.51 98.75
C LEU CA 378 -4.14 55.40 97.54
N GLY CA 379 -4.54 54.80 96.42
CA GLY CA 379 -4.70 55.59 95.22
C GLY CA 379 -3.36 55.93 94.59
N ASP CA 380 -3.41 56.88 93.65
CA ASP CA 380 -2.23 57.26 92.87
C ASP CA 380 -2.18 58.78 92.71
N THR CA 381 -2.57 59.51 93.75
CA THR CA 381 -2.60 60.97 93.66
C THR CA 381 -2.41 61.56 95.05
N PRO CA 382 -1.53 62.55 95.20
CA PRO CA 382 -1.39 63.20 96.50
C PRO CA 382 -2.68 63.89 96.93
N THR CA 383 -2.92 63.90 98.23
CA THR CA 383 -4.07 64.56 98.82
C THR CA 383 -3.60 65.63 99.81
N GLY CA 384 -4.55 66.44 100.27
CA GLY CA 384 -4.21 67.50 101.19
C GLY CA 384 -3.62 66.96 102.48
N TYR CA 385 -2.70 67.73 103.06
CA TYR CA 385 -2.04 67.31 104.28
C TYR CA 385 -3.04 67.13 105.41
N LEU CA 386 -2.89 66.04 106.15
CA LEU CA 386 -3.76 65.72 107.28
C LEU CA 386 -2.88 65.31 108.46
N GLU CA 387 -3.12 65.94 109.60
CA GLU CA 387 -2.29 65.71 110.79
C GLU CA 387 -2.65 64.37 111.42
N THR CA 388 -1.65 63.52 111.61
CA THR CA 388 -1.82 62.21 112.23
C THR CA 388 -0.87 62.11 113.42
N THR CA 389 -1.45 62.01 114.62
CA THR CA 389 -0.68 61.88 115.86
C THR CA 389 -1.01 60.50 116.44
N GLY CA 390 -0.24 59.51 116.03
CA GLY CA 390 -0.47 58.14 116.50
C GLY CA 390 -1.77 57.53 116.04
N ALA CA 391 -2.18 57.81 114.80
CA ALA CA 391 -3.46 57.29 114.30
C ALA CA 391 -3.49 57.33 112.79
N PRO CA 392 -4.00 56.29 112.12
CA PRO CA 392 -4.22 56.35 110.67
C PRO CA 392 -5.44 57.18 110.34
N VAL CA 393 -5.23 58.49 110.18
CA VAL CA 393 -6.34 59.43 110.19
C VAL CA 393 -7.16 59.31 108.90
N THR CA 394 -8.47 59.17 109.05
CA THR CA 394 -9.42 59.06 107.95
C THR CA 394 -10.27 60.32 107.90
N MET CA 395 -10.50 60.83 106.69
CA MET CA 395 -11.38 61.99 106.55
C MET CA 395 -11.98 62.02 105.16
N THR CA 396 -13.12 62.70 105.05
CA THR CA 396 -13.78 62.96 103.78
C THR CA 396 -13.80 64.46 103.55
N ASP CA 397 -13.31 64.90 102.40
CA ASP CA 397 -13.07 66.32 102.17
C ASP CA 397 -14.38 67.10 102.00
N TYR CA 398 -15.31 66.57 101.20
CA TYR CA 398 -16.50 67.34 100.86
C TYR CA 398 -17.67 66.41 100.57
N VAL CA 399 -18.86 66.98 100.61
CA VAL CA 399 -20.10 66.28 100.26
C VAL CA 399 -20.89 67.19 99.33
N LEU CA 400 -21.35 66.63 98.20
CA LEU CA 400 -22.09 67.39 97.20
C LEU CA 400 -23.57 67.31 97.52
N GLN CA 401 -24.08 68.32 98.22
CA GLN CA 401 -25.49 68.29 98.64
C GLN CA 401 -26.43 68.49 97.46
N ASN CA 402 -26.15 69.47 96.61
CA ASN CA 402 -27.01 69.79 95.47
C ASN CA 402 -26.15 69.79 94.21
N ALA CA 403 -26.42 68.83 93.31
CA ALA CA 403 -25.67 68.76 92.07
C ALA CA 403 -26.13 69.79 91.05
N GLN CA 404 -27.43 70.10 91.02
CA GLN CA 404 -27.97 70.95 89.96
C GLN CA 404 -27.45 72.37 90.05
N THR CA 405 -27.55 72.98 91.24
CA THR CA 405 -27.10 74.35 91.40
C THR CA 405 -25.59 74.45 91.58
N GLY CA 406 -24.89 73.33 91.74
CA GLY CA 406 -23.47 73.35 91.93
C GLY CA 406 -23.01 73.73 93.32
N THR CA 407 -23.91 73.78 94.30
CA THR CA 407 -23.49 74.04 95.67
C THR CA 407 -22.87 72.80 96.28
N VAL CA 408 -21.74 72.98 96.94
CA VAL CA 408 -21.00 71.89 97.57
C VAL CA 408 -20.70 72.26 99.01
N LYS CA 409 -20.86 71.28 99.90
CA LYS CA 409 -20.65 71.45 101.33
C LYS CA 409 -19.33 70.82 101.73
N PHE CA 410 -18.52 71.54 102.48
CA PHE CA 410 -17.22 71.05 102.93
C PHE CA 410 -17.32 70.56 104.36
N THR CA 411 -16.45 69.62 104.71
CA THR CA 411 -16.43 69.09 106.07
C THR CA 411 -16.13 70.18 107.09
N GLN CA 412 -15.17 71.04 106.78
CA GLN CA 412 -14.80 72.17 107.61
C GLN CA 412 -14.73 73.43 106.76
N PRO CA 413 -15.01 74.59 107.34
CA PRO CA 413 -14.98 75.82 106.55
C PRO CA 413 -13.58 76.16 106.09
N LEU CA 414 -13.49 76.67 104.87
CA LEU CA 414 -12.19 76.92 104.26
C LEU CA 414 -11.45 78.01 105.01
N PRO CA 415 -10.18 77.81 105.36
CA PRO CA 415 -9.43 78.83 106.10
C PRO CA 415 -9.29 80.11 105.28
N THR CA 416 -9.12 81.22 105.99
CA THR CA 416 -8.98 82.52 105.35
C THR CA 416 -7.77 82.53 104.41
N GLY CA 417 -8.03 82.64 103.10
CA GLY CA 417 -6.97 82.74 102.12
C GLY CA 417 -6.75 81.53 101.25
N VAL CA 418 -7.37 80.39 101.54
CA VAL CA 418 -7.23 79.21 100.70
C VAL CA 418 -8.18 79.34 99.52
N GLU CA 419 -7.74 78.86 98.35
CA GLU CA 419 -8.55 78.93 97.15
C GLU CA 419 -9.06 77.54 96.80
N ALA CA 420 -10.23 77.48 96.16
CA ALA CA 420 -10.83 76.24 95.73
C ALA CA 420 -11.04 76.27 94.23
N TYR CA 421 -10.61 75.21 93.54
CA TYR CA 421 -10.73 75.08 92.10
C TYR CA 421 -11.53 73.83 91.78
N TRP CA 422 -12.19 73.84 90.62
CA TRP CA 422 -13.02 72.72 90.21
C TRP CA 422 -12.71 72.39 88.75
N THR CA 423 -12.98 71.13 88.40
CA THR CA 423 -12.89 70.66 87.03
C THR CA 423 -13.96 69.61 86.80
N GLY CA 424 -14.31 69.41 85.52
CA GLY CA 424 -15.34 68.46 85.18
C GLY CA 424 -16.26 68.94 84.07
N ASP CA 425 -17.55 68.68 84.20
CA ASP CA 425 -18.53 69.10 83.21
C ASP CA 425 -19.85 69.39 83.92
N TRP CA 426 -20.47 70.52 83.55
CA TRP CA 426 -21.67 70.99 84.22
C TRP CA 426 -22.24 72.16 83.44
N LYS CA 427 -23.56 72.33 83.51
CA LYS CA 427 -24.28 73.40 82.83
C LYS CA 427 -24.04 73.36 81.32
N GLY CA 428 -23.97 72.15 80.76
CA GLY CA 428 -23.74 72.03 79.33
C GLY CA 428 -22.38 72.55 78.89
N GLY CA 429 -21.37 72.40 79.74
CA GLY CA 429 -20.04 72.87 79.40
C GLY CA 429 -18.96 72.19 80.23
N THR CA 430 -17.79 71.96 79.63
CA THR CA 430 -16.70 71.28 80.29
C THR CA 430 -15.64 72.28 80.75
N ALA CA 431 -14.95 71.92 81.83
CA ALA CA 431 -13.83 72.69 82.36
C ALA CA 431 -12.71 71.71 82.68
N ALA CA 432 -11.87 71.43 81.69
CA ALA CA 432 -10.73 70.53 81.89
C ALA CA 432 -9.62 71.17 82.70
N GLU CA 433 -9.67 72.48 82.92
CA GLU CA 433 -8.69 73.18 83.72
C GLU CA 433 -9.34 73.67 85.03
N PRO CA 434 -8.58 73.69 86.12
CA PRO CA 434 -9.13 74.15 87.39
C PRO CA 434 -9.67 75.58 87.29
N ALA CA 435 -10.85 75.79 87.86
CA ALA CA 435 -11.50 77.09 87.88
C ALA CA 435 -11.86 77.44 89.31
N ARG CA 436 -11.42 78.61 89.77
CA ARG CA 436 -11.66 79.00 91.15
C ARG CA 436 -13.13 79.32 91.38
N PHE CA 437 -13.67 78.81 92.49
CA PHE CA 437 -15.06 79.05 92.84
C PHE CA 437 -15.29 79.33 94.32
N ALA CA 438 -14.26 79.34 95.16
CA ALA CA 438 -14.47 79.54 96.58
C ALA CA 438 -13.20 80.08 97.22
N VAL CA 439 -13.34 81.14 98.00
CA VAL CA 439 -12.25 81.73 98.77
C VAL CA 439 -12.59 81.58 100.25
N GLY CA 440 -11.65 81.07 101.02
CA GLY CA 440 -11.92 80.80 102.43
C GLY CA 440 -12.14 82.07 103.23
N ASN CA 441 -13.22 82.08 104.01
CA ASN CA 441 -13.51 83.19 104.91
C ASN CA 441 -13.43 82.80 106.38
N GLY CA 442 -13.33 81.50 106.68
CA GLY CA 442 -13.20 81.03 108.05
C GLY CA 442 -14.52 80.79 108.77
N THR CA 443 -15.65 81.12 108.16
CA THR CA 443 -16.95 80.91 108.78
C THR CA 443 -17.95 80.17 107.90
N GLN CA 444 -17.77 80.16 106.59
CA GLN CA 444 -18.70 79.53 105.67
C GLN CA 444 -18.07 78.30 105.03
N ASP CA 445 -18.85 77.23 104.91
CA ASP CA 445 -18.36 75.98 104.34
C ASP CA 445 -19.17 75.48 103.15
N THR CA 446 -20.21 76.19 102.75
CA THR CA 446 -20.97 75.85 101.55
C THR CA 446 -20.64 76.85 100.45
N PHE CA 447 -20.29 76.34 99.27
CA PHE CA 447 -19.81 77.20 98.19
C PHE CA 447 -20.42 76.76 96.87
N THR CA 448 -20.78 77.73 96.05
CA THR CA 448 -21.35 77.46 94.73
C THR CA 448 -20.25 77.35 93.69
N LEU CA 449 -20.42 76.43 92.75
CA LEU CA 449 -19.45 76.25 91.69
C LEU CA 449 -19.52 77.40 90.69
N SER CA 450 -18.42 77.62 89.99
CA SER CA 450 -18.31 78.69 89.02
C SER CA 450 -18.57 78.15 87.62
N ASP CA 451 -19.37 78.88 86.85
CA ASP CA 451 -19.68 78.47 85.49
C ASP CA 451 -18.40 78.35 84.68
N PRO CA 452 -18.16 77.21 84.00
CA PRO CA 452 -16.94 77.10 83.19
C PRO CA 452 -16.85 78.19 82.13
N ALA CA 453 -17.99 78.47 81.47
CA ALA CA 453 -18.11 79.53 80.43
C ALA CA 453 -19.38 79.25 79.58
N TYR CA 454 -19.31 78.27 78.68
CA TYR CA 454 -19.32 78.46 77.21
C TYR CA 454 -20.45 77.69 76.54
N ILE CA 455 -21.52 78.39 76.13
CA ILE CA 455 -22.65 77.79 75.34
C ILE CA 455 -23.45 76.73 76.12
N GLY CA 456 -24.72 77.00 76.40
CA GLY CA 456 -25.60 76.00 77.00
C GLY CA 456 -25.54 74.67 76.28
N LEU CA 457 -25.54 74.71 74.93
CA LEU CA 457 -25.17 73.67 73.97
C LEU CA 457 -26.28 72.85 73.31
N PRO CA 458 -27.43 72.55 73.96
CA PRO CA 458 -28.33 71.56 73.36
C PRO CA 458 -28.80 71.95 71.97
N THR CA 459 -29.03 73.23 71.73
CA THR CA 459 -29.53 73.73 70.45
C THR CA 459 -30.74 72.94 69.98
N SER CA 460 -31.81 73.06 70.76
CA SER CA 460 -33.01 72.27 70.53
C SER CA 460 -33.56 72.50 69.12
N GLY CA 461 -33.90 71.41 68.46
CA GLY CA 461 -34.41 71.46 67.10
C GLY CA 461 -34.29 70.12 66.42
N ALA CA 462 -35.05 69.89 65.36
CA ALA CA 462 -35.02 68.64 64.63
C ALA CA 462 -34.56 68.90 63.21
N PHE CA 463 -33.61 68.09 62.74
CA PHE CA 463 -33.14 68.11 61.35
C PHE CA 463 -32.48 69.44 61.00
N LYS CA 464 -31.88 70.12 61.98
CA LYS CA 464 -31.22 71.38 61.71
C LYS CA 464 -30.31 71.72 62.87
N LEU CA 465 -29.06 72.07 62.57
CA LEU CA 465 -28.11 72.52 63.57
C LEU CA 465 -27.11 73.46 62.93
N GLU CA 466 -25.98 73.69 63.60
CA GLU CA 466 -25.11 74.81 63.27
C GLU CA 466 -23.69 74.51 63.72
N TYR CA 467 -22.75 75.32 63.24
CA TYR CA 467 -21.34 75.25 63.58
C TYR CA 467 -21.04 76.24 64.70
N ARG CA 468 -19.73 76.39 65.01
CA ARG CA 468 -19.23 77.39 65.95
C ARG CA 468 -17.73 77.52 65.75
N VAL CA 469 -17.22 78.72 65.49
CA VAL CA 469 -15.83 78.90 65.09
C VAL CA 469 -15.47 80.36 65.25
N GLY CA 470 -14.17 80.64 65.40
CA GLY CA 470 -13.65 81.97 65.17
C GLY CA 470 -12.87 82.63 66.28
N PRO CA 471 -13.34 82.56 67.54
CA PRO CA 471 -12.55 83.14 68.64
C PRO CA 471 -11.20 82.48 68.81
N ALA CA 472 -11.03 81.25 68.30
CA ALA CA 472 -9.76 80.55 68.33
C ALA CA 472 -8.83 81.01 67.20
N LEU CA 473 -9.34 81.00 65.97
CA LEU CA 473 -8.51 81.12 64.79
C LEU CA 473 -8.51 82.52 64.18
N ASN CA 474 -9.17 83.49 64.82
CA ASN CA 474 -9.33 84.85 64.30
C ASN CA 474 -9.62 84.82 62.80
N LEU CA 475 -10.49 83.90 62.39
CA LEU CA 475 -10.76 83.68 60.98
C LEU CA 475 -11.39 84.92 60.35
N SER CA 476 -11.06 85.13 59.08
CA SER CA 476 -11.59 86.30 58.37
C SER CA 476 -13.11 86.16 58.23
N PRO CA 477 -13.86 87.25 58.46
CA PRO CA 477 -15.32 87.17 58.30
C PRO CA 477 -15.76 86.83 56.90
N GLN CA 478 -14.92 87.09 55.89
CA GLN CA 478 -15.26 86.74 54.53
C GLN CA 478 -15.41 85.23 54.37
N LEU CA 479 -14.51 84.48 55.02
CA LEU CA 479 -14.59 83.02 54.94
C LEU CA 479 -15.90 82.49 55.53
N ILE CA 480 -16.30 83.02 56.68
CA ILE CA 480 -17.54 82.56 57.30
C ILE CA 480 -18.75 83.00 56.47
N ASN CA 481 -18.68 84.20 55.88
CA ASN CA 481 -19.78 84.67 55.03
C ASN CA 481 -19.95 83.78 53.81
N LEU CA 482 -18.84 83.41 53.16
CA LEU CA 482 -18.92 82.46 52.04
C LEU CA 482 -19.34 81.08 52.52
N MET CA 483 -18.96 80.73 53.75
CA MET CA 483 -19.32 79.44 54.31
C MET CA 483 -20.82 79.31 54.50
N ASN CA 484 -21.46 80.38 54.97
CA ASN CA 484 -22.91 80.39 55.17
C ASN CA 484 -23.67 80.20 53.86
N ASP CA 485 -23.04 80.45 52.72
CA ASP CA 485 -23.71 80.31 51.43
C ASP CA 485 -24.06 78.85 51.20
N ARG CA 486 -25.36 78.55 51.18
CA ARG CA 486 -25.80 77.17 50.98
C ARG CA 486 -25.57 76.70 49.55
N ALA CA 487 -25.64 77.62 48.58
CA ALA CA 487 -25.59 77.23 47.18
C ALA CA 487 -24.19 76.77 46.77
N VAL CA 488 -23.15 77.30 47.40
CA VAL CA 488 -21.78 76.95 47.00
C VAL CA 488 -21.49 75.49 47.27
N GLY CA 489 -22.15 74.90 48.26
CA GLY CA 489 -21.95 73.49 48.58
C GLY CA 489 -20.57 73.15 49.11
N ILE CA 490 -20.04 73.96 50.01
CA ILE CA 490 -18.74 73.71 50.62
C ILE CA 490 -18.84 72.81 51.84
N MET CA 491 -19.69 73.19 52.80
CA MET CA 491 -19.83 72.40 54.01
C MET CA 491 -20.49 71.06 53.72
N PRO CA 492 -20.02 70.00 54.36
CA PRO CA 492 -20.75 68.73 54.29
C PRO CA 492 -22.15 68.91 54.87
N THR CA 493 -23.14 68.71 54.02
CA THR CA 493 -24.51 68.82 54.43
C THR CA 493 -25.22 67.49 54.19
N CYS CA 494 -26.11 67.17 55.11
CA CYS CA 494 -26.99 66.03 55.00
C CYS CA 494 -28.28 66.52 54.33
N ALA CA 495 -28.98 65.61 53.65
CA ALA CA 495 -30.18 66.04 52.93
C ALA CA 495 -31.26 66.47 53.93
N GLY CA 496 -32.13 67.37 53.50
CA GLY CA 496 -33.27 67.71 54.34
C GLY CA 496 -32.92 68.41 55.63
N CYS CA 497 -31.65 68.74 55.86
CA CYS CA 497 -31.24 69.43 57.07
C CYS CA 497 -30.68 70.79 56.69
N ASP CA 498 -31.26 71.82 57.32
CA ASP CA 498 -30.79 73.21 57.10
C ASP CA 498 -29.75 73.53 58.16
N VAL CA 499 -28.54 73.89 57.74
CA VAL CA 499 -27.45 74.16 58.66
C VAL CA 499 -26.75 75.44 58.21
N LYS CA 500 -26.60 76.37 59.14
CA LYS CA 500 -25.87 77.61 58.89
C LYS CA 500 -24.61 77.61 59.72
N VAL CA 501 -23.54 78.18 59.16
CA VAL CA 501 -22.26 78.19 59.85
C VAL CA 501 -22.24 79.37 60.82
N ILE CA 502 -22.30 80.59 60.27
CA ILE CA 502 -22.27 81.85 61.00
C ILE CA 502 -21.40 81.69 62.25
N GLN CA 503 -21.89 82.10 63.42
CA GLN CA 503 -21.28 81.76 64.71
C GLN CA 503 -19.82 82.20 64.77
N GLU CA 504 -19.65 83.52 64.82
CA GLU CA 504 -18.34 84.15 65.01
C GLU CA 504 -17.34 83.70 63.95
N THR DA 2 23.85 63.81 -16.36
CA THR DA 2 23.72 64.33 -15.01
C THR DA 2 24.96 65.10 -14.58
N LEU DA 3 26.04 64.35 -14.39
CA LEU DA 3 27.26 64.89 -13.79
C LEU DA 3 28.51 64.35 -14.46
N PRO DA 4 28.72 63.01 -14.50
CA PRO DA 4 30.03 62.51 -14.93
C PRO DA 4 30.27 62.59 -16.43
N ALA DA 5 30.36 63.82 -16.93
CA ALA DA 5 30.74 64.11 -18.32
C ALA DA 5 29.79 63.52 -19.35
N TYR DA 6 30.05 63.81 -20.64
CA TYR DA 6 29.24 63.29 -21.72
C TYR DA 6 30.06 62.75 -22.89
N ASN DA 7 31.35 63.06 -22.96
CA ASN DA 7 32.23 62.62 -24.04
C ASN DA 7 31.68 63.05 -25.41
N SER DA 8 31.33 62.09 -26.27
CA SER DA 8 30.68 62.37 -27.55
C SER DA 8 31.50 63.36 -28.38
N ASP DA 9 32.69 62.90 -28.76
CA ASP DA 9 33.68 63.79 -29.37
C ASP DA 9 33.94 63.50 -30.85
N ILE DA 10 33.63 62.30 -31.33
CA ILE DA 10 33.89 61.85 -32.70
C ILE DA 10 35.39 61.74 -32.94
N GLN DA 11 36.13 62.79 -32.57
CA GLN DA 11 37.58 62.77 -32.66
C GLN DA 11 38.17 61.70 -31.75
N GLN DA 12 37.39 61.17 -30.81
CA GLN DA 12 37.88 60.20 -29.85
C GLN DA 12 38.38 58.94 -30.56
N ALA DA 13 37.65 58.48 -31.57
CA ALA DA 13 38.15 57.40 -32.40
C ALA DA 13 39.27 57.91 -33.29
N LEU DA 14 40.49 57.45 -33.02
CA LEU DA 14 41.76 57.96 -33.52
C LEU DA 14 42.82 57.69 -32.47
N LYS DA 15 43.36 56.47 -32.47
CA LYS DA 15 44.22 56.02 -31.40
C LYS DA 15 45.63 56.57 -31.59
N TRP DA 16 46.54 56.16 -30.69
CA TRP DA 16 47.91 56.64 -30.74
C TRP DA 16 48.60 56.22 -32.02
N LEU DA 17 48.13 55.13 -32.65
CA LEU DA 17 48.74 54.66 -33.89
C LEU DA 17 48.64 55.72 -34.98
N HIS DA 18 47.48 56.37 -35.09
CA HIS DA 18 47.25 57.36 -36.13
C HIS DA 18 47.62 58.77 -35.64
N ASN DA 19 48.92 58.94 -35.36
CA ASN DA 19 49.44 60.26 -35.05
C ASN DA 19 50.29 60.85 -36.17
N GLN DA 20 50.81 60.02 -37.07
CA GLN DA 20 51.51 60.48 -38.25
C GLN DA 20 50.78 60.12 -39.54
N ALA DA 21 49.58 59.57 -39.44
CA ALA DA 21 48.78 59.31 -40.63
C ALA DA 21 48.26 60.63 -41.19
N PRO DA 22 48.31 60.85 -42.54
CA PRO DA 22 47.60 61.98 -43.13
C PRO DA 22 46.25 61.44 -43.62
N GLY DA 23 45.95 60.16 -43.35
CA GLY DA 23 44.84 59.40 -43.98
C GLY DA 23 43.68 59.20 -43.03
N ILE DA 24 43.56 58.04 -42.38
CA ILE DA 24 42.55 57.87 -41.33
C ILE DA 24 42.36 59.17 -40.55
N THR DA 25 43.47 59.82 -40.18
CA THR DA 25 43.34 61.07 -39.44
C THR DA 25 42.64 62.14 -40.26
N GLY DA 26 42.97 62.28 -41.54
CA GLY DA 26 42.27 63.23 -42.37
C GLY DA 26 40.79 62.92 -42.51
N LEU DA 27 40.46 61.63 -42.70
CA LEU DA 27 39.07 61.22 -42.81
C LEU DA 27 38.29 61.59 -41.55
N ILE DA 28 38.86 61.29 -40.39
CA ILE DA 28 38.18 61.57 -39.14
C ILE DA 28 38.09 63.07 -38.90
N GLN DA 29 39.15 63.82 -39.22
CA GLN DA 29 39.11 65.27 -39.10
C GLN DA 29 37.95 65.86 -39.89
N ARG DA 30 37.84 65.50 -41.16
CA ARG DA 30 36.82 66.13 -41.98
C ARG DA 30 35.42 65.60 -41.70
N LYS DA 31 35.29 64.32 -41.31
CA LYS DA 31 34.00 63.83 -40.87
C LYS DA 31 33.54 64.54 -39.60
N ALA DA 32 34.47 64.75 -38.65
CA ALA DA 32 34.16 65.50 -37.44
C ALA DA 32 33.78 66.93 -37.77
N GLN DA 33 34.50 67.57 -38.70
CA GLN DA 33 34.17 68.93 -39.09
C GLN DA 33 32.78 69.00 -39.71
N TRP DA 34 32.43 68.02 -40.54
CA TRP DA 34 31.10 68.02 -41.16
C TRP DA 34 30.03 67.85 -40.11
N TYR DA 35 30.22 66.89 -39.20
CA TYR DA 35 29.22 66.67 -38.15
C TYR DA 35 29.10 67.88 -37.25
N ASP DA 36 30.22 68.55 -36.96
CA ASP DA 36 30.18 69.80 -36.24
C ASP DA 36 29.31 70.82 -36.98
N ARG DA 37 29.59 71.02 -38.26
CA ARG DA 37 28.88 72.05 -39.03
C ARG DA 37 27.39 71.73 -39.10
N PHE DA 38 27.04 70.44 -39.19
CA PHE DA 38 25.65 70.11 -39.45
C PHE DA 38 24.88 69.77 -38.18
N SER DA 39 25.54 69.69 -37.02
CA SER DA 39 24.83 69.51 -35.76
C SER DA 39 25.04 70.68 -34.81
N ARG DA 40 26.28 71.01 -34.44
CA ARG DA 40 26.51 72.07 -33.46
C ARG DA 40 26.19 73.43 -34.04
N GLN DA 41 26.74 73.74 -35.21
CA GLN DA 41 26.40 75.01 -35.86
C GLN DA 41 24.93 75.05 -36.23
N PHE DA 42 24.39 73.93 -36.70
CA PHE DA 42 22.97 73.86 -37.05
C PHE DA 42 22.11 74.24 -35.86
N TRP DA 43 22.33 73.59 -34.71
CA TRP DA 43 21.48 73.87 -33.56
C TRP DA 43 21.81 75.21 -32.92
N ALA DA 44 23.03 75.71 -33.05
CA ALA DA 44 23.34 77.04 -32.54
C ALA DA 44 22.57 78.11 -33.31
N ASN DA 45 22.66 78.10 -34.64
CA ASN DA 45 21.91 79.09 -35.39
C ASN DA 45 20.42 78.79 -35.38
N TRP DA 46 20.02 77.55 -35.10
CA TRP DA 46 18.60 77.25 -34.92
C TRP DA 46 18.08 77.81 -33.59
N GLU DA 47 18.89 77.78 -32.54
CA GLU DA 47 18.51 78.43 -31.30
C GLU DA 47 18.46 79.95 -31.48
N ARG DA 48 19.39 80.49 -32.27
CA ARG DA 48 19.31 81.90 -32.63
C ARG DA 48 18.05 82.19 -33.43
N ASP DA 49 17.62 81.26 -34.26
CA ASP DA 49 16.34 81.35 -34.96
C ASP DA 49 15.17 81.38 -33.98
N VAL DA 50 15.20 80.50 -32.99
CA VAL DA 50 14.11 80.37 -32.04
C VAL DA 50 14.01 81.63 -31.17
N PHE DA 51 15.14 82.17 -30.76
CA PHE DA 51 15.17 83.34 -29.89
C PHE DA 51 14.43 84.51 -30.50
N HIS DA 52 13.31 84.91 -29.89
CA HIS DA 52 12.53 86.02 -30.41
C HIS DA 52 13.18 87.36 -30.17
N LEU DA 53 13.92 87.51 -29.08
CA LEU DA 53 14.61 88.77 -28.82
C LEU DA 53 15.60 89.09 -29.93
N LYS DA 54 16.23 88.05 -30.48
CA LYS DA 54 17.21 88.23 -31.56
C LYS DA 54 16.81 87.34 -32.74
N THR DA 55 15.90 87.82 -33.58
CA THR DA 55 15.45 87.03 -34.76
C THR DA 55 15.64 87.86 -36.03
N ALA DA 56 16.88 88.27 -36.33
CA ALA DA 56 17.13 88.98 -37.61
C ALA DA 56 16.61 88.12 -38.76
N ASN DA 57 16.91 86.81 -38.71
CA ASN DA 57 16.48 85.86 -39.76
C ASN DA 57 14.95 85.91 -39.88
N PRO DA 58 14.40 86.09 -41.10
CA PRO DA 58 12.95 86.16 -41.29
C PRO DA 58 12.28 84.79 -41.08
N PHE DA 59 13.02 83.70 -41.30
CA PHE DA 59 12.45 82.39 -41.06
C PHE DA 59 11.92 82.29 -39.64
N GLY DA 60 12.67 82.77 -38.66
CA GLY DA 60 12.19 82.76 -37.29
C GLY DA 60 10.96 83.60 -37.09
N LEU DA 61 10.93 84.78 -37.72
CA LEU DA 61 9.77 85.65 -37.58
C LEU DA 61 8.50 84.99 -38.08
N MET DA 62 8.58 84.32 -39.24
CA MET DA 62 7.40 83.65 -39.78
C MET DA 62 7.06 82.39 -39.00
N VAL DA 63 8.07 81.69 -38.46
CA VAL DA 63 7.78 80.59 -37.54
C VAL DA 63 6.92 81.08 -36.39
N TRP DA 64 7.36 82.18 -35.76
CA TRP DA 64 6.63 82.73 -34.64
C TRP DA 64 5.27 83.26 -35.05
N CYS DA 65 5.13 83.74 -36.28
CA CYS DA 65 3.84 84.27 -36.69
C CYS DA 65 2.84 83.14 -36.99
N ILE DA 66 3.30 81.96 -37.43
CA ILE DA 66 2.38 80.83 -37.36
C ILE DA 66 2.03 80.52 -35.92
N ILE DA 67 3.04 80.50 -35.03
CA ILE DA 67 2.81 80.13 -33.65
C ILE DA 67 1.70 80.98 -33.05
N LEU DA 68 1.76 82.28 -33.31
CA LEU DA 68 0.80 83.24 -32.76
C LEU DA 68 -0.42 83.47 -33.66
N GLY DA 69 -0.42 82.97 -34.89
CA GLY DA 69 -1.56 83.17 -35.76
C GLY DA 69 -1.65 84.52 -36.44
N THR DA 70 -0.54 85.22 -36.58
CA THR DA 70 -0.56 86.56 -37.19
C THR DA 70 -0.67 86.45 -38.71
N PRO DA 71 -1.56 87.21 -39.34
CA PRO DA 71 -1.52 87.32 -40.80
C PRO DA 71 -0.23 88.00 -41.27
N SER DA 72 0.49 87.32 -42.14
CA SER DA 72 1.80 87.76 -42.61
C SER DA 72 1.74 88.73 -43.79
N LYS DA 73 0.54 89.09 -44.26
CA LYS DA 73 0.45 89.96 -45.42
C LYS DA 73 1.09 91.33 -45.17
N GLY DA 74 0.94 91.86 -43.97
CA GLY DA 74 1.50 93.17 -43.68
C GLY DA 74 2.98 93.22 -43.41
N PHE DA 75 3.65 92.06 -43.42
CA PHE DA 75 5.07 92.03 -43.10
C PHE DA 75 5.92 92.34 -44.33
N GLY DA 76 7.16 92.73 -44.07
CA GLY DA 76 8.06 93.16 -45.12
C GLY DA 76 9.35 92.38 -45.17
N LEU DA 77 9.25 91.06 -44.98
CA LEU DA 77 10.43 90.20 -45.01
C LEU DA 77 10.91 90.03 -46.45
N TYR DA 78 11.88 89.11 -46.63
CA TYR DA 78 12.69 88.95 -47.84
C TYR DA 78 13.70 90.08 -47.90
N PRO DA 79 14.84 89.89 -48.57
CA PRO DA 79 15.83 90.97 -48.66
C PRO DA 79 15.24 92.21 -49.33
N LYS DA 80 15.64 93.37 -48.83
CA LYS DA 80 15.18 94.64 -49.37
C LYS DA 80 16.00 94.99 -50.62
N ASN DA 81 15.89 96.24 -51.07
CA ASN DA 81 16.59 96.74 -52.25
C ASN DA 81 16.19 95.95 -53.50
N SER DA 82 14.88 96.01 -53.80
CA SER DA 82 14.35 95.42 -55.01
C SER DA 82 13.30 96.32 -55.67
N SER DA 83 13.20 97.58 -55.27
CA SER DA 83 12.25 98.52 -55.85
C SER DA 83 13.01 99.67 -56.48
N TRP DA 84 12.48 100.19 -57.59
CA TRP DA 84 13.14 101.27 -58.32
C TRP DA 84 12.78 102.63 -57.73
N ALA DA 85 11.48 102.96 -57.72
CA ALA DA 85 10.98 104.21 -57.15
C ALA DA 85 11.72 105.42 -57.73
N PHE DA 86 12.33 106.21 -56.85
CA PHE DA 86 13.12 107.37 -57.26
C PHE DA 86 14.36 107.43 -56.40
N GLY DA 87 15.53 107.54 -57.03
CA GLY DA 87 16.77 107.70 -56.31
C GLY DA 87 17.85 106.72 -56.73
N ARG DA 88 19.11 107.17 -56.68
CA ARG DA 88 20.25 106.33 -56.99
C ARG DA 88 20.51 105.28 -55.91
N LEU DA 89 19.90 105.43 -54.73
CA LEU DA 89 20.04 104.44 -53.67
C LEU DA 89 19.10 103.26 -53.83
N ARG DA 90 18.19 103.31 -54.80
CA ARG DA 90 17.26 102.24 -55.08
C ARG DA 90 17.52 101.70 -56.49
N GLN DA 91 16.64 100.82 -56.96
CA GLN DA 91 16.82 100.17 -58.25
C GLN DA 91 16.44 101.12 -59.39
N ASN DA 92 16.53 100.61 -60.61
CA ASN DA 92 16.16 101.34 -61.82
C ASN DA 92 15.42 100.41 -62.76
N PHE DA 93 14.99 100.95 -63.89
CA PHE DA 93 14.20 100.17 -64.85
C PHE DA 93 15.08 99.10 -65.49
N ILE DA 94 14.69 97.85 -65.32
CA ILE DA 94 15.37 96.73 -65.96
C ILE DA 94 14.80 96.56 -67.36
N TYR DA 95 15.67 96.62 -68.37
CA TYR DA 95 15.28 96.55 -69.76
C TYR DA 95 15.67 95.19 -70.33
N SER DA 96 15.46 95.03 -71.64
CA SER DA 96 15.76 93.78 -72.33
C SER DA 96 17.23 93.78 -72.72
N GLY DA 97 18.06 93.19 -71.84
CA GLY DA 97 19.47 93.04 -72.13
C GLY DA 97 19.73 91.84 -73.02
N THR DA 98 19.46 92.00 -74.32
CA THR DA 98 19.52 90.87 -75.25
C THR DA 98 20.92 90.26 -75.30
N GLN DA 99 21.96 91.10 -75.34
CA GLN DA 99 23.33 90.61 -75.41
C GLN DA 99 23.87 90.21 -74.04
N VAL DA 100 23.05 90.36 -73.00
CA VAL DA 100 23.45 90.13 -71.61
C VAL DA 100 24.69 90.96 -71.28
N PRO DA 101 24.57 92.27 -71.09
CA PRO DA 101 25.73 93.04 -70.65
C PRO DA 101 26.07 92.69 -69.21
N PRO DA 102 27.38 92.70 -68.88
CA PRO DA 102 27.81 92.41 -67.51
C PRO DA 102 27.19 93.36 -66.50
N PRO DA 103 27.02 94.66 -66.81
CA PRO DA 103 26.32 95.53 -65.84
C PRO DA 103 24.84 95.21 -65.64
N ALA DA 104 24.27 94.29 -66.41
CA ALA DA 104 22.85 93.96 -66.35
C ALA DA 104 22.02 95.23 -66.54
N ASP DA 105 22.17 95.84 -67.71
CA ASP DA 105 21.59 97.13 -68.08
C ASP DA 105 21.61 98.11 -66.91
N ALA DA 106 20.49 98.80 -66.66
CA ALA DA 106 20.44 99.74 -65.55
C ALA DA 106 20.41 99.02 -64.21
N SER DA 107 19.66 97.92 -64.11
CA SER DA 107 19.48 97.23 -62.85
C SER DA 107 19.15 95.77 -63.13
N PRO DA 108 19.47 94.86 -62.21
CA PRO DA 108 19.11 93.45 -62.41
C PRO DA 108 17.65 93.12 -62.19
N GLY DA 109 16.85 94.08 -61.74
CA GLY DA 109 15.44 93.81 -61.50
C GLY DA 109 14.74 95.00 -60.88
N GLY DA 110 13.56 94.74 -60.34
CA GLY DA 110 12.75 95.78 -59.72
C GLY DA 110 11.28 95.41 -59.68
N ASN DA 111 10.61 95.73 -58.58
CA ASN DA 111 9.21 95.36 -58.40
C ASN DA 111 8.54 96.34 -57.45
N PHE DA 112 7.21 96.33 -57.47
CA PHE DA 112 6.40 97.16 -56.60
C PHE DA 112 6.26 96.58 -55.19
N TYR DA 113 7.15 95.65 -54.83
CA TYR DA 113 7.13 95.05 -53.51
C TYR DA 113 7.26 96.12 -52.43
N GLY DA 114 6.38 96.05 -51.43
CA GLY DA 114 6.40 97.03 -50.37
C GLY DA 114 5.30 98.07 -50.48
N GLY DA 115 4.10 97.63 -50.87
CA GLY DA 115 2.96 98.53 -50.92
C GLY DA 115 2.64 99.09 -49.56
N GLY DA 116 2.76 100.41 -49.41
CA GLY DA 116 2.68 101.05 -48.12
C GLY DA 116 1.25 101.24 -47.64
N ASN DA 117 1.14 102.04 -46.57
CA ASN DA 117 -0.12 102.42 -45.91
C ASN DA 117 -0.70 101.24 -45.14
N ALA DA 118 -0.15 100.04 -45.33
CA ALA DA 118 -0.51 98.89 -44.52
C ALA DA 118 0.67 97.99 -44.15
N GLU DA 119 1.82 98.13 -44.79
CA GLU DA 119 2.90 97.17 -44.73
C GLU DA 119 4.17 97.80 -44.14
N ILE DA 120 4.82 97.07 -43.25
CA ILE DA 120 6.03 97.53 -42.57
C ILE DA 120 7.21 96.72 -43.07
N LEU DA 121 8.34 97.40 -43.27
CA LEU DA 121 9.51 96.80 -43.91
C LEU DA 121 10.61 96.40 -42.93
N ASN DA 122 10.87 97.23 -41.91
CA ASN DA 122 11.97 96.95 -41.00
C ASN DA 122 11.71 95.67 -40.23
N LEU DA 123 12.69 94.76 -40.27
CA LEU DA 123 12.56 93.49 -39.54
C LEU DA 123 12.60 93.66 -38.04
N ASP DA 124 13.22 94.75 -37.55
CA ASP DA 124 13.25 95.00 -36.11
C ASP DA 124 11.84 95.18 -35.55
N GLU DA 125 10.98 95.88 -36.29
CA GLU DA 125 9.62 96.12 -35.84
C GLU DA 125 8.72 94.90 -35.99
N ILE DA 126 9.11 93.93 -36.82
CA ILE DA 126 8.32 92.70 -36.93
C ILE DA 126 8.39 91.90 -35.63
N ARG DA 127 9.58 91.82 -35.03
CA ARG DA 127 9.68 91.20 -33.71
C ARG DA 127 8.85 91.96 -32.70
N LYS DA 128 8.85 93.29 -32.79
CA LYS DA 128 8.06 94.10 -31.88
C LYS DA 128 6.59 93.77 -31.97
N VAL DA 129 6.04 93.71 -33.19
CA VAL DA 129 4.62 93.44 -33.34
C VAL DA 129 4.29 92.01 -32.95
N LEU DA 130 5.20 91.06 -33.19
CA LEU DA 130 4.94 89.68 -32.77
C LEU DA 130 4.90 89.55 -31.25
N GLN DA 131 5.85 90.18 -30.55
CA GLN DA 131 5.81 90.18 -29.10
C GLN DA 131 4.57 90.93 -28.58
N LEU DA 132 4.16 91.99 -29.27
CA LEU DA 132 2.91 92.65 -28.93
C LEU DA 132 1.74 91.70 -29.05
N ARG DA 133 1.72 90.88 -30.10
CA ARG DA 133 0.65 89.91 -30.23
C ARG DA 133 0.65 88.92 -29.08
N TYR DA 134 1.83 88.42 -28.70
CA TYR DA 134 1.89 87.49 -27.58
C TYR DA 134 1.38 88.15 -26.30
N VAL DA 135 1.73 89.42 -26.08
CA VAL DA 135 1.27 90.12 -24.89
C VAL DA 135 -0.24 90.28 -24.93
N ALA DA 136 -0.80 90.54 -26.11
CA ALA DA 136 -2.25 90.53 -26.26
C ALA DA 136 -2.81 89.15 -25.93
N LEU DA 137 -2.09 88.10 -26.32
CA LEU DA 137 -2.56 86.74 -26.08
C LEU DA 137 -2.69 86.47 -24.60
N ILE DA 138 -1.70 86.93 -23.83
CA ILE DA 138 -1.66 86.64 -22.39
C ILE DA 138 -2.53 87.62 -21.60
N SER DA 139 -2.69 88.84 -22.09
CA SER DA 139 -3.20 89.93 -21.27
C SER DA 139 -4.61 89.69 -20.78
N ASN DA 140 -4.84 89.99 -19.51
CA ASN DA 140 -6.17 89.99 -18.90
C ASN DA 140 -6.79 91.37 -18.84
N GLY DA 141 -6.10 92.40 -19.35
CA GLY DA 141 -6.64 93.74 -19.42
C GLY DA 141 -5.94 94.76 -18.55
N SER DA 142 -4.93 94.39 -17.78
CA SER DA 142 -4.26 95.36 -16.92
C SER DA 142 -3.62 96.45 -17.74
N ILE DA 143 -3.60 97.67 -17.18
CA ILE DA 143 -3.02 98.83 -17.86
C ILE DA 143 -1.60 99.08 -17.39
N ALA DA 144 -1.36 98.97 -16.08
CA ALA DA 144 0.01 99.06 -15.57
C ALA DA 144 0.90 98.00 -16.21
N TYR DA 145 0.38 96.78 -16.31
CA TYR DA 145 1.15 95.69 -16.90
C TYR DA 145 1.46 95.96 -18.36
N ILE DA 146 0.49 96.47 -19.12
CA ILE DA 146 0.72 96.72 -20.54
C ILE DA 146 1.71 97.85 -20.72
N ASN DA 147 1.62 98.91 -19.90
CA ASN DA 147 2.61 99.97 -19.98
C ASN DA 147 4.01 99.45 -19.66
N ARG DA 148 4.14 98.61 -18.63
CA ARG DA 148 5.47 98.12 -18.26
C ARG DA 148 6.03 97.21 -19.33
N MET DA 149 5.18 96.38 -19.94
CA MET DA 149 5.65 95.51 -21.00
C MET DA 149 6.03 96.30 -22.25
N LEU DA 150 5.26 97.34 -22.58
CA LEU DA 150 5.60 98.16 -23.73
C LEU DA 150 6.92 98.89 -23.49
N ARG DA 151 7.14 99.39 -22.28
CA ARG DA 151 8.43 99.98 -21.95
C ARG DA 151 9.54 98.96 -22.11
N TYR DA 152 9.32 97.74 -21.60
CA TYR DA 152 10.33 96.70 -21.64
C TYR DA 152 10.66 96.28 -23.06
N ILE DA 153 9.67 96.31 -23.95
CA ILE DA 153 9.90 95.83 -25.30
C ILE DA 153 10.44 96.91 -26.23
N PHE DA 154 10.02 98.16 -26.06
CA PHE DA 154 10.43 99.21 -26.98
C PHE DA 154 11.58 100.07 -26.46
N ASN DA 155 11.58 100.42 -25.18
CA ASN DA 155 12.70 101.14 -24.60
C ASN DA 155 13.65 100.23 -23.83
N ASP DA 156 13.37 98.93 -23.81
CA ASP DA 156 14.17 97.97 -23.06
C ASP DA 156 14.19 98.29 -21.57
N ASP DA 157 13.07 98.79 -21.05
CA ASP DA 157 12.89 99.11 -19.62
C ASP DA 157 13.86 100.18 -19.14
N GLU DA 158 13.89 101.31 -19.85
CA GLU DA 158 14.67 102.45 -19.38
C GLU DA 158 13.74 103.64 -19.17
N PRO DA 159 13.92 104.40 -18.08
CA PRO DA 159 13.13 105.63 -17.92
C PRO DA 159 13.46 106.63 -19.00
N TRP DA 160 12.50 107.50 -19.30
CA TRP DA 160 12.63 108.45 -20.40
C TRP DA 160 12.14 109.83 -19.97
N ASP DA 161 12.64 110.85 -20.67
CA ASP DA 161 12.20 112.22 -20.44
C ASP DA 161 10.93 112.50 -21.23
N GLU DA 162 10.12 113.41 -20.70
CA GLU DA 162 8.86 113.75 -21.34
C GLU DA 162 9.03 114.71 -22.50
N ALA DA 163 10.22 115.29 -22.69
CA ALA DA 163 10.48 116.09 -23.88
C ALA DA 163 10.41 115.25 -25.15
N THR DA 164 10.46 113.93 -25.01
CA THR DA 164 10.36 113.01 -26.15
C THR DA 164 8.97 112.41 -26.30
N GLY DA 165 8.31 112.05 -25.21
CA GLY DA 165 6.93 111.61 -25.27
C GLY DA 165 6.70 110.19 -25.75
N LEU DA 166 7.16 109.21 -24.97
CA LEU DA 166 7.03 107.80 -25.35
C LEU DA 166 5.64 107.26 -25.09
N TYR DA 167 5.50 105.93 -25.13
CA TYR DA 167 4.21 105.28 -25.00
C TYR DA 167 3.42 105.81 -23.81
N PHE DA 168 2.10 105.74 -23.93
CA PHE DA 168 1.17 106.26 -22.94
C PHE DA 168 0.21 105.15 -22.54
N TYR DA 169 -0.88 105.50 -21.87
CA TYR DA 169 -1.72 104.54 -21.17
C TYR DA 169 -2.60 103.77 -22.16
N LEU DA 170 -3.61 103.12 -21.60
CA LEU DA 170 -4.55 102.30 -22.35
C LEU DA 170 -5.96 102.67 -21.90
N MET DA 171 -6.87 101.75 -22.22
CA MET DA 171 -8.31 101.96 -21.88
C MET DA 171 -8.53 101.99 -20.38
N ASP DA 172 -8.58 103.17 -19.78
CA ASP DA 172 -8.98 103.33 -18.39
C ASP DA 172 -9.39 104.79 -18.29
N SER DA 173 -10.67 105.04 -18.06
CA SER DA 173 -11.12 106.42 -18.09
C SER DA 173 -10.68 107.19 -16.85
N THR DA 174 -9.39 107.47 -16.73
CA THR DA 174 -8.85 108.12 -15.53
C THR DA 174 -8.01 109.33 -15.94
N GLY DA 175 -8.47 110.52 -15.54
CA GLY DA 175 -7.64 111.70 -15.68
C GLY DA 175 -6.52 111.71 -14.66
N GLU DA 176 -5.27 111.78 -15.15
CA GLU DA 176 -4.12 111.68 -14.27
C GLU DA 176 -4.05 112.77 -13.22
N ASN DA 177 -4.31 114.02 -13.62
CA ASN DA 177 -4.17 115.16 -12.74
C ASN DA 177 -5.06 116.28 -13.31
N GLY DA 178 -4.78 117.51 -12.91
CA GLY DA 178 -5.66 118.62 -13.18
C GLY DA 178 -5.73 119.54 -11.98
N PRO DA 179 -5.63 118.97 -10.78
CA PRO DA 179 -5.09 119.72 -9.64
C PRO DA 179 -3.58 119.81 -9.80
N VAL DA 180 -2.95 120.43 -8.81
CA VAL DA 180 -1.52 120.72 -8.86
C VAL DA 180 -0.91 120.32 -7.52
N GLU DA 181 0.11 119.46 -7.56
CA GLU DA 181 0.71 118.91 -6.36
C GLU DA 181 2.23 118.90 -6.48
N ASN DA 182 2.87 118.62 -5.33
CA ASN DA 182 4.32 118.43 -5.20
C ASN DA 182 5.12 119.44 -6.02
N LEU DA 183 4.96 120.71 -5.63
CA LEU DA 183 5.67 121.82 -6.29
C LEU DA 183 7.05 121.97 -5.69
N ALA DA 184 8.07 121.51 -6.41
CA ALA DA 184 9.45 121.79 -6.06
C ALA DA 184 9.90 122.98 -6.90
N ILE DA 185 10.01 124.14 -6.25
CA ILE DA 185 10.42 125.37 -6.92
C ILE DA 185 11.89 125.62 -6.60
N TYR DA 186 12.67 125.91 -7.63
CA TYR DA 186 14.06 126.29 -7.50
C TYR DA 186 14.25 127.70 -8.05
N ARG DA 187 15.39 128.29 -7.73
CA ARG DA 187 15.76 129.60 -8.25
C ARG DA 187 17.17 129.53 -8.81
N LYS DA 188 17.37 130.24 -9.91
CA LYS DA 188 18.66 130.40 -10.56
C LYS DA 188 19.25 131.75 -10.18
N ASP DA 189 20.39 131.72 -9.51
CA ASP DA 189 21.09 132.93 -9.08
C ASP DA 189 22.58 132.60 -9.04
N TRP DA 190 23.36 133.46 -8.39
CA TRP DA 190 24.78 133.19 -8.25
C TRP DA 190 25.05 131.95 -7.40
N GLU DA 191 24.05 131.46 -6.68
CA GLU DA 191 24.16 130.22 -5.92
C GLU DA 191 23.71 129.00 -6.73
N GLY DA 192 23.39 129.17 -8.00
CA GLY DA 192 22.95 128.05 -8.82
C GLY DA 192 21.53 127.63 -8.51
N MET DA 193 21.18 126.43 -8.95
CA MET DA 193 19.83 125.89 -8.77
C MET DA 193 19.61 125.61 -7.28
N VAL DA 194 18.86 126.48 -6.62
CA VAL DA 194 18.63 126.37 -5.19
C VAL DA 194 17.13 126.33 -4.94
N LEU DA 195 16.65 125.26 -4.32
CA LEU DA 195 15.21 125.16 -4.13
C LEU DA 195 14.75 126.05 -2.97
N LEU DA 196 13.45 126.28 -2.91
CA LEU DA 196 12.81 127.15 -1.94
C LEU DA 196 11.78 126.36 -1.15
N SER DA 197 11.50 126.83 0.06
CA SER DA 197 10.62 126.14 1.00
C SER DA 197 9.33 126.93 1.21
N SER DA 198 8.20 126.24 1.16
CA SER DA 198 6.91 126.86 1.45
C SER DA 198 6.68 127.02 2.95
N SER DA 199 7.24 126.12 3.77
CA SER DA 199 7.20 126.15 5.21
C SER DA 199 8.43 126.86 5.76
N PRO DA 200 8.34 127.49 6.93
CA PRO DA 200 9.50 128.20 7.47
C PRO DA 200 10.71 127.30 7.63
N ARG DA 201 11.87 127.83 7.23
CA ARG DA 201 13.14 127.15 7.33
C ARG DA 201 14.10 128.05 8.09
N THR DA 202 14.97 127.45 8.90
CA THR DA 202 15.83 128.20 9.80
C THR DA 202 17.30 127.85 9.55
N ASN DA 203 18.14 128.88 9.50
CA ASN DA 203 19.59 128.73 9.54
C ASN DA 203 20.04 129.12 10.93
N HIS DA 204 20.63 128.15 11.65
CA HIS DA 204 20.86 128.27 13.09
C HIS DA 204 22.16 128.97 13.46
N VAL DA 205 23.05 129.22 12.50
CA VAL DA 205 24.30 129.90 12.83
C VAL DA 205 24.00 131.33 13.27
N LEU DA 206 24.78 131.82 14.25
CA LEU DA 206 24.61 133.20 14.69
C LEU DA 206 25.09 134.17 13.63
N THR DA 207 26.38 134.13 13.32
CA THR DA 207 26.95 134.91 12.23
C THR DA 207 27.51 133.93 11.20
N SER DA 208 27.17 134.15 9.93
CA SER DA 208 27.62 133.27 8.86
C SER DA 208 28.75 133.87 8.04
N THR DA 209 29.05 135.15 8.20
CA THR DA 209 30.17 135.81 7.54
C THR DA 209 30.96 136.56 8.60
N PRO DA 210 31.85 135.88 9.33
CA PRO DA 210 32.62 136.56 10.37
C PRO DA 210 33.65 137.50 9.76
N ALA DA 211 33.63 138.75 10.19
CA ALA DA 211 34.58 139.75 9.72
C ALA DA 211 35.72 139.99 10.71
N SER DA 212 35.60 139.50 11.93
CA SER DA 212 36.62 139.69 12.96
C SER DA 212 36.92 138.36 13.63
N ASP DA 213 38.10 138.29 14.24
CA ASP DA 213 38.50 137.07 14.95
C ASP DA 213 37.57 136.78 16.13
N ALA DA 214 37.12 137.83 16.82
CA ALA DA 214 36.25 137.66 17.97
C ALA DA 214 34.87 137.12 17.61
N ASP DA 215 34.52 137.09 16.31
CA ASP DA 215 33.20 136.61 15.91
C ASP DA 215 33.02 135.13 16.25
N TRP DA 216 33.99 134.30 15.88
CA TRP DA 216 33.94 132.89 16.24
C TRP DA 216 35.17 132.50 17.06
N PRO DA 217 35.01 131.60 18.02
CA PRO DA 217 36.17 131.11 18.78
C PRO DA 217 36.97 130.07 18.00
N GLY DA 218 38.23 129.92 18.39
CA GLY DA 218 39.08 128.88 17.87
C GLY DA 218 39.48 127.91 18.95
N VAL DA 219 39.00 126.67 18.86
CA VAL DA 219 39.17 125.67 19.91
C VAL DA 219 40.29 124.71 19.51
N ASP DA 220 41.21 124.47 20.45
CA ASP DA 220 42.36 123.61 20.22
C ASP DA 220 42.65 122.75 21.44
N PRO DA 221 42.40 121.43 21.38
CA PRO DA 221 42.79 120.58 22.51
C PRO DA 221 44.30 120.49 22.69
N ALA DA 222 45.06 120.34 21.59
CA ALA DA 222 46.50 120.30 21.69
C ALA DA 222 47.08 121.62 22.20
N ALA DA 223 46.54 122.73 21.72
CA ALA DA 223 46.98 124.08 22.09
C ALA DA 223 48.46 124.29 21.78
N SER DA 224 49.02 123.51 20.85
CA SER DA 224 50.41 123.69 20.48
C SER DA 224 50.66 125.04 19.83
N GLY DA 225 49.77 125.45 18.93
CA GLY DA 225 49.87 126.73 18.27
C GLY DA 225 48.65 127.60 18.55
N ILE DA 226 48.72 128.83 18.03
CA ILE DA 226 47.63 129.79 18.20
C ILE DA 226 46.43 129.29 17.40
N PRO DA 227 45.21 129.65 17.79
CA PRO DA 227 44.03 129.20 17.04
C PRO DA 227 44.00 129.78 15.64
N VAL DA 228 43.15 129.21 14.79
CA VAL DA 228 42.95 129.74 13.45
C VAL DA 228 42.23 131.06 13.55
N THR DA 229 42.83 132.11 13.00
CA THR DA 229 42.30 133.46 13.09
C THR DA 229 41.49 133.79 11.84
N VAL DA 230 40.33 134.40 12.05
CA VAL DA 230 39.45 134.79 10.96
C VAL DA 230 39.70 136.26 10.65
N GLU DA 231 40.06 136.57 9.41
CA GLU DA 231 40.33 137.95 9.02
C GLU DA 231 39.53 138.31 7.77
N THR DA 232 38.98 139.52 7.75
CA THR DA 232 38.25 139.99 6.58
C THR DA 232 39.18 140.11 5.39
N ALA DA 233 38.96 139.27 4.38
CA ALA DA 233 39.80 139.25 3.18
C ALA DA 233 39.10 139.99 2.06
N SER DA 234 39.81 140.93 1.44
CA SER DA 234 39.26 141.74 0.35
C SER DA 234 39.28 140.93 -0.95
N ALA DA 235 38.37 139.95 -1.00
CA ALA DA 235 38.18 139.11 -2.17
C ALA DA 235 36.71 139.10 -2.54
N THR DA 236 36.44 139.09 -3.84
CA THR DA 236 35.07 139.18 -4.33
C THR DA 236 34.28 137.93 -3.95
N ALA DA 237 33.25 138.12 -3.13
CA ALA DA 237 32.36 137.02 -2.75
C ALA DA 237 31.39 136.71 -3.88
N PRO DA 238 30.82 135.51 -3.89
CA PRO DA 238 29.82 135.18 -4.92
C PRO DA 238 28.61 136.13 -4.91
N ASP DA 239 28.29 136.73 -3.77
CA ASP DA 239 27.18 137.67 -3.73
C ASP DA 239 27.48 138.96 -4.49
N GLY DA 240 28.76 139.26 -4.73
CA GLY DA 240 29.13 140.50 -5.38
C GLY DA 240 29.69 141.52 -4.43
N SER DA 241 30.48 141.07 -3.47
CA SER DA 241 31.05 141.97 -2.47
C SER DA 241 32.42 141.43 -2.04
N ALA DA 242 33.23 142.32 -1.48
CA ALA DA 242 34.53 141.94 -0.92
C ALA DA 242 34.40 141.74 0.59
N THR DA 243 33.59 140.75 0.96
CA THR DA 243 33.27 140.50 2.36
C THR DA 243 33.65 139.10 2.83
N VAL DA 244 34.41 138.34 2.04
CA VAL DA 244 34.79 137.00 2.45
C VAL DA 244 35.73 137.07 3.66
N CYS DA 245 35.86 135.95 4.34
CA CYS DA 245 36.81 135.83 5.44
C CYS DA 245 37.88 134.83 5.05
N LYS DA 246 39.04 134.95 5.67
CA LYS DA 246 40.16 134.04 5.46
C LYS DA 246 40.55 133.42 6.80
N LEU DA 247 40.76 132.11 6.77
CA LEU DA 247 41.11 131.34 7.94
C LEU DA 247 42.48 130.71 7.71
N THR DA 248 43.40 130.96 8.64
CA THR DA 248 44.78 130.53 8.51
C THR DA 248 45.14 129.56 9.63
N LYS DA 249 45.70 128.41 9.26
CA LYS DA 249 46.18 127.43 10.22
C LYS DA 249 47.68 127.55 10.33
N PRO DA 250 48.22 128.00 11.47
CA PRO DA 250 49.67 128.18 11.59
C PRO DA 250 50.41 126.86 11.65
N ALA DA 251 51.73 126.95 11.49
CA ALA DA 251 52.58 125.77 11.55
C ALA DA 251 52.51 125.13 12.94
N GLY DA 252 52.34 123.81 12.96
CA GLY DA 252 52.26 123.10 14.22
C GLY DA 252 50.96 123.27 14.98
N SER DA 253 49.95 123.86 14.35
CA SER DA 253 48.68 124.12 15.00
C SER DA 253 47.62 123.14 14.52
N THR DA 254 46.82 122.64 15.46
CA THR DA 254 45.74 121.70 15.16
C THR DA 254 44.39 122.28 15.61
N ALA DA 255 44.27 123.60 15.62
CA ALA DA 255 43.07 124.26 16.08
C ALA DA 255 41.99 124.22 15.00
N TYR DA 256 40.76 124.51 15.43
CA TYR DA 256 39.61 124.54 14.55
C TYR DA 256 38.65 125.62 15.00
N VAL DA 257 38.11 126.37 14.04
CA VAL DA 257 37.17 127.44 14.34
C VAL DA 257 35.76 126.86 14.40
N SER DA 258 35.04 127.16 15.48
CA SER DA 258 33.67 126.70 15.67
C SER DA 258 32.74 127.89 15.69
N ALA DA 259 31.72 127.87 14.84
CA ALA DA 259 30.75 128.96 14.78
C ALA DA 259 29.74 128.79 15.90
N PRO DA 260 29.55 129.80 16.76
CA PRO DA 260 28.53 129.68 17.81
C PRO DA 260 27.15 129.46 17.21
N ILE DA 261 26.37 128.61 17.87
CA ILE DA 261 25.08 128.18 17.35
C ILE DA 261 24.23 127.74 18.53
N ASP DA 262 22.94 128.08 18.47
CA ASP DA 262 22.01 127.65 19.52
C ASP DA 262 21.93 126.13 19.56
N GLY DA 263 22.06 125.57 20.76
CA GLY DA 263 22.01 124.14 20.96
C GLY DA 263 21.15 123.77 22.15
N PRO DA 264 20.58 122.57 22.13
CA PRO DA 264 20.65 121.49 21.12
C PRO DA 264 19.92 121.79 19.81
N LEU DA 265 20.37 121.19 18.71
CA LEU DA 265 19.69 121.35 17.42
C LEU DA 265 18.41 120.53 17.34
N GLY DA 266 18.34 119.42 18.04
CA GLY DA 266 17.18 118.53 17.99
C GLY DA 266 17.61 117.08 18.06
N SER DA 267 16.69 116.22 18.48
CA SER DA 267 16.96 114.80 18.66
C SER DA 267 16.35 114.01 17.51
N GLY DA 268 17.17 113.17 16.87
CA GLY DA 268 16.71 112.35 15.78
C GLY DA 268 16.27 113.13 14.57
N SER DA 269 17.07 114.12 14.17
CA SER DA 269 16.74 115.00 13.05
C SER DA 269 17.92 115.05 12.08
N THR DA 270 17.63 114.89 10.80
CA THR DA 270 18.65 115.08 9.78
C THR DA 270 19.09 116.53 9.75
N VAL DA 271 20.40 116.75 9.60
CA VAL DA 271 20.95 118.09 9.52
C VAL DA 271 21.81 118.18 8.26
N THR DA 272 21.96 119.41 7.77
CA THR DA 272 22.75 119.68 6.58
C THR DA 272 23.65 120.88 6.83
N PHE DA 273 24.94 120.71 6.55
CA PHE DA 273 25.92 121.78 6.61
C PHE DA 273 26.35 122.15 5.21
N SER DA 274 26.38 123.45 4.92
CA SER DA 274 26.80 123.95 3.63
C SER DA 274 27.62 125.20 3.85
N PHE DA 275 28.48 125.51 2.87
CA PHE DA 275 29.31 126.70 2.93
C PHE DA 275 29.92 126.90 1.56
N PHE DA 276 30.45 128.10 1.32
CA PHE DA 276 31.09 128.43 0.05
C PHE DA 276 32.58 128.64 0.31
N ALA DA 277 33.41 128.00 -0.51
CA ALA DA 277 34.85 128.03 -0.32
C ALA DA 277 35.55 128.39 -1.61
N LYS DA 278 36.69 129.07 -1.47
CA LYS DA 278 37.56 129.41 -2.57
C LYS DA 278 38.90 128.71 -2.38
N ALA DA 279 39.45 128.18 -3.47
CA ALA DA 279 40.76 127.55 -3.39
C ALA DA 279 41.81 128.58 -3.02
N GLY DA 280 42.62 128.26 -2.01
CA GLY DA 280 43.65 129.16 -1.52
C GLY DA 280 44.98 128.47 -1.49
N SER DA 281 45.72 128.68 -0.38
CA SER DA 281 46.98 127.99 -0.20
C SER DA 281 46.79 126.49 -0.14
N THR DA 282 45.75 126.03 0.57
CA THR DA 282 45.41 124.62 0.62
C THR DA 282 44.64 124.24 -0.64
N ARG DA 283 44.08 123.02 -0.64
CA ARG DA 283 43.32 122.52 -1.77
C ARG DA 283 42.00 121.89 -1.37
N PHE DA 284 41.69 121.85 -0.07
CA PHE DA 284 40.58 121.06 0.43
C PHE DA 284 40.25 121.54 1.84
N ILE DA 285 39.08 121.12 2.31
CA ILE DA 285 38.51 121.61 3.56
C ILE DA 285 38.05 120.39 4.34
N ALA DA 286 38.04 120.48 5.67
CA ALA DA 286 37.54 119.42 6.52
C ALA DA 286 36.30 119.90 7.27
N ILE DA 287 35.23 119.12 7.18
CA ILE DA 287 33.97 119.41 7.84
C ILE DA 287 33.72 118.35 8.90
N GLN DA 288 33.06 118.74 9.98
CA GLN DA 288 32.67 117.80 11.02
C GLN DA 288 31.34 118.21 11.62
N SER DA 289 30.40 117.27 11.64
CA SER DA 289 29.13 117.44 12.34
C SER DA 289 29.21 116.78 13.69
N ALA DA 290 28.89 117.53 14.74
CA ALA DA 290 29.03 117.06 16.10
C ALA DA 290 27.89 116.11 16.48
N ALA DA 291 28.10 115.45 17.60
CA ALA DA 291 27.11 114.57 18.23
C ALA DA 291 27.62 114.31 19.65
N ASP DA 292 26.99 113.37 20.34
CA ASP DA 292 27.51 112.96 21.63
C ASP DA 292 28.91 112.38 21.48
N PHE DA 293 29.78 112.68 22.44
CA PHE DA 293 31.13 112.16 22.40
C PHE DA 293 31.09 110.63 22.49
N PRO DA 294 31.73 109.91 21.56
CA PRO DA 294 32.47 110.38 20.38
C PRO DA 294 31.76 110.10 19.05
N SER DA 295 30.46 110.37 18.94
CA SER DA 295 29.67 109.91 17.80
C SER DA 295 29.69 110.89 16.62
N ARG DA 296 30.74 111.69 16.49
CA ARG DA 296 30.75 112.72 15.46
C ARG DA 296 30.96 112.13 14.06
N ALA DA 297 30.67 112.95 13.06
CA ALA DA 297 30.86 112.60 11.66
C ALA DA 297 31.82 113.59 11.03
N ASP DA 298 32.72 113.09 10.18
CA ASP DA 298 33.69 113.94 9.51
C ASP DA 298 33.59 113.73 8.01
N ALA DA 299 34.13 114.70 7.27
CA ALA DA 299 34.28 114.58 5.83
C ALA DA 299 35.34 115.57 5.38
N VAL DA 300 35.85 115.34 4.17
CA VAL DA 300 36.78 116.27 3.55
C VAL DA 300 36.32 116.53 2.12
N PHE DA 301 36.47 117.77 1.67
CA PHE DA 301 36.00 118.20 0.36
C PHE DA 301 37.16 118.82 -0.39
N ASP DA 302 37.49 118.27 -1.55
CA ASP DA 302 38.54 118.82 -2.40
C ASP DA 302 37.95 119.98 -3.20
N LEU DA 303 38.42 121.20 -2.90
CA LEU DA 303 37.82 122.38 -3.53
C LEU DA 303 38.04 122.39 -5.04
N ASP DA 304 39.11 121.75 -5.51
CA ASP DA 304 39.50 121.83 -6.92
C ASP DA 304 38.97 120.66 -7.74
N SER DA 305 39.34 119.43 -7.38
CA SER DA 305 38.92 118.27 -8.16
C SER DA 305 37.43 117.99 -8.04
N GLY DA 306 36.80 118.43 -6.95
CA GLY DA 306 35.39 118.19 -6.76
C GLY DA 306 35.05 116.75 -6.52
N ASN DA 307 35.60 116.18 -5.44
CA ASN DA 307 35.32 114.81 -5.06
C ASN DA 307 35.19 114.72 -3.55
N VAL DA 308 34.22 113.94 -3.08
CA VAL DA 308 34.11 113.66 -1.64
C VAL DA 308 35.03 112.47 -1.41
N ILE DA 309 36.31 112.76 -1.24
CA ILE DA 309 37.35 111.74 -1.15
C ILE DA 309 37.41 111.08 0.22
N SER DA 310 36.66 111.59 1.20
CA SER DA 310 36.57 110.93 2.49
C SER DA 310 35.37 111.46 3.26
N ASP DA 311 34.69 110.53 3.93
CA ASP DA 311 33.56 110.88 4.83
C ASP DA 311 33.52 109.73 5.86
N GLN DA 312 33.71 110.01 7.15
CA GLN DA 312 33.77 109.00 8.19
C GLN DA 312 32.63 109.20 9.17
N MET DA 313 32.12 108.10 9.70
CA MET DA 313 31.03 108.10 10.67
C MET DA 313 31.54 107.42 11.93
N LEU DA 314 31.93 108.18 12.96
CA LEU DA 314 32.35 107.51 14.19
C LEU DA 314 31.19 106.74 14.82
N ASP DA 315 29.97 107.03 14.40
CA ASP DA 315 28.78 106.29 14.80
C ASP DA 315 27.78 106.37 13.66
N SER DA 316 26.50 106.17 13.94
CA SER DA 316 25.44 106.13 12.93
C SER DA 316 25.20 107.47 12.20
N SER DA 317 26.07 108.47 12.40
CA SER DA 317 25.76 109.84 11.99
C SER DA 317 25.61 109.97 10.47
N VAL DA 318 26.64 109.61 9.71
CA VAL DA 318 26.74 110.03 8.31
C VAL DA 318 25.59 109.49 7.49
N VAL DA 319 25.09 110.31 6.56
CA VAL DA 319 24.10 109.90 5.58
C VAL DA 319 24.67 110.08 4.17
N SER DA 320 25.04 111.31 3.82
CA SER DA 320 25.47 111.58 2.45
C SER DA 320 26.31 112.85 2.40
N ALA DA 321 26.99 113.03 1.27
CA ALA DA 321 27.78 114.23 1.02
C ALA DA 321 27.69 114.57 -0.46
N ARG DA 322 27.86 115.85 -0.78
CA ARG DA 322 27.64 116.33 -2.14
C ARG DA 322 28.36 117.67 -2.32
N MET DA 323 28.57 118.05 -3.58
CA MET DA 323 29.27 119.29 -3.89
C MET DA 323 28.64 119.94 -5.11
N ILE DA 324 28.68 121.27 -5.13
CA ILE DA 324 27.98 122.09 -6.14
C ILE DA 324 28.93 123.20 -6.59
N ARG DA 325 28.92 123.48 -7.89
CA ARG DA 325 29.81 124.45 -8.48
C ARG DA 325 29.21 125.86 -8.43
N LEU DA 326 30.09 126.86 -8.39
CA LEU DA 326 29.75 128.27 -8.48
C LEU DA 326 30.85 128.94 -9.28
N GLU DA 327 30.48 129.90 -10.12
CA GLU DA 327 31.45 130.57 -10.95
C GLU DA 327 32.44 131.36 -10.10
N ASN DA 328 33.46 131.90 -10.77
CA ASN DA 328 34.64 132.49 -10.14
C ASN DA 328 35.37 131.48 -9.27
N GLY DA 329 35.24 130.20 -9.60
CA GLY DA 329 35.92 129.14 -8.87
C GLY DA 329 35.47 128.96 -7.44
N TRP DA 330 34.17 129.08 -7.18
CA TRP DA 330 33.62 128.90 -5.84
C TRP DA 330 32.92 127.55 -5.74
N TRP DA 331 32.88 127.01 -4.53
CA TRP DA 331 32.34 125.68 -4.32
C TRP DA 331 31.45 125.66 -3.09
N ARG DA 332 30.39 124.85 -3.16
CA ARG DA 332 29.52 124.60 -2.02
C ARG DA 332 29.58 123.11 -1.67
N CYS DA 333 29.82 122.81 -0.41
CA CYS DA 333 29.93 121.44 0.07
C CYS DA 333 28.80 121.17 1.06
N VAL DA 334 27.94 120.20 0.76
CA VAL DA 334 26.76 119.91 1.56
C VAL DA 334 26.89 118.51 2.14
N LEU DA 335 26.86 118.43 3.47
CA LEU DA 335 26.90 117.16 4.18
C LEU DA 335 25.61 116.94 4.94
N THR DA 336 24.96 115.79 4.69
CA THR DA 336 23.73 115.41 5.34
C THR DA 336 24.01 114.29 6.33
N THR DA 337 23.58 114.48 7.58
CA THR DA 337 23.88 113.58 8.68
C THR DA 337 22.65 113.38 9.54
N LYS DA 338 22.42 112.14 9.96
CA LYS DA 338 21.30 111.79 10.81
C LYS DA 338 21.81 111.08 12.06
N THR DA 339 21.50 111.64 13.23
CA THR DA 339 21.88 111.06 14.51
C THR DA 339 20.68 111.05 15.43
N VAL DA 340 20.59 110.01 16.27
CA VAL DA 340 19.49 109.92 17.23
C VAL DA 340 19.70 110.75 18.48
N SER DA 341 20.88 111.33 18.64
CA SER DA 341 21.20 112.16 19.81
C SER DA 341 21.00 113.63 19.48
N SER DA 342 20.89 114.43 20.54
CA SER DA 342 20.68 115.87 20.44
C SER DA 342 21.83 116.65 21.06
N SER DA 343 23.07 116.20 20.82
CA SER DA 343 24.26 116.87 21.33
C SER DA 343 24.93 117.73 20.29
N PHE DA 344 24.17 118.29 19.35
CA PHE DA 344 24.73 119.14 18.30
C PHE DA 344 25.11 120.47 18.91
N ARG DA 345 26.36 120.60 19.34
CA ARG DA 345 26.81 121.82 19.99
C ARG DA 345 27.37 122.83 18.99
N ALA DA 346 28.10 122.35 17.98
CA ALA DA 346 28.61 123.21 16.93
C ALA DA 346 29.06 122.33 15.77
N ALA DA 347 29.26 122.96 14.62
CA ALA DA 347 29.82 122.30 13.45
C ALA DA 347 31.26 122.79 13.28
N TYR DA 348 32.19 121.85 13.11
CA TYR DA 348 33.61 122.16 13.09
C TYR DA 348 34.13 122.24 11.67
N VAL DA 349 34.97 123.24 11.42
CA VAL DA 349 35.55 123.48 10.11
C VAL DA 349 37.05 123.58 10.29
N ALA DA 350 37.80 122.99 9.35
CA ALA DA 350 39.25 122.97 9.50
C ALA DA 350 39.97 123.08 8.15
N PRO DA 351 40.83 124.08 7.98
CA PRO DA 351 41.68 124.11 6.78
C PRO DA 351 42.68 122.97 6.79
N ALA DA 352 42.50 122.01 5.90
CA ALA DA 352 43.26 120.77 5.94
C ALA DA 352 44.58 120.91 5.21
N GLU DA 353 45.64 120.35 5.80
CA GLU DA 353 46.94 120.32 5.14
C GLU DA 353 47.03 119.16 4.15
N THR DA 354 46.79 117.95 4.61
CA THR DA 354 46.74 116.78 3.75
C THR DA 354 45.30 116.48 3.36
N ASN DA 355 45.14 115.77 2.24
CA ASN DA 355 43.82 115.59 1.65
C ASN DA 355 42.87 114.81 2.54
N PHE DA 356 43.38 114.07 3.53
CA PHE DA 356 42.52 113.40 4.51
C PHE DA 356 42.64 114.00 5.91
N SER DA 357 43.23 115.19 6.02
CA SER DA 357 43.40 115.80 7.34
C SER DA 357 42.06 115.96 8.03
N TRP DA 358 42.04 115.63 9.32
CA TRP DA 358 40.83 115.74 10.11
C TRP DA 358 40.74 117.15 10.70
N ILE DA 359 39.82 117.32 11.65
CA ILE DA 359 39.64 118.60 12.31
C ILE DA 359 40.87 118.97 13.16
N ASP DA 360 41.70 117.98 13.50
CA ASP DA 360 42.83 118.21 14.41
C ASP DA 360 44.12 117.60 13.87
N SER DA 361 44.25 117.49 12.55
CA SER DA 361 45.49 116.98 11.99
C SER DA 361 46.58 118.06 12.02
N ASN DA 362 47.83 117.61 11.96
CA ASN DA 362 48.96 118.51 12.11
C ASN DA 362 49.07 119.47 10.93
N SER DA 363 49.59 120.66 11.21
CA SER DA 363 49.82 121.68 10.20
C SER DA 363 51.33 121.94 10.11
N SER DA 364 51.93 121.49 9.01
CA SER DA 364 53.36 121.72 8.81
C SER DA 364 53.67 123.20 8.69
N ALA DA 365 52.84 123.94 7.96
CA ALA DA 365 53.00 125.37 7.78
C ALA DA 365 51.66 126.05 8.03
N ALA DA 366 51.63 127.36 7.80
CA ALA DA 366 50.41 128.13 7.89
C ALA DA 366 49.72 128.14 6.52
N ILE DA 367 48.55 127.52 6.45
CA ILE DA 367 47.77 127.45 5.22
C ILE DA 367 46.48 128.22 5.42
N ASP DA 368 46.18 129.12 4.50
CA ASP DA 368 44.98 129.95 4.59
C ASP DA 368 44.00 129.56 3.51
N VAL DA 369 42.71 129.58 3.86
CA VAL DA 369 41.64 129.30 2.93
C VAL DA 369 40.59 130.40 3.02
N LEU DA 370 39.87 130.61 1.92
CA LEU DA 370 38.88 131.66 1.81
C LEU DA 370 37.49 131.05 2.00
N ILE DA 371 36.76 131.55 3.00
CA ILE DA 371 35.46 131.02 3.36
C ILE DA 371 34.45 132.15 3.36
N TRP DA 372 33.24 131.85 2.91
CA TRP DA 372 32.13 132.79 2.95
C TRP DA 372 30.84 132.01 2.82
N GLY DA 373 29.82 132.42 3.56
CA GLY DA 373 28.51 131.83 3.38
C GLY DA 373 28.27 130.49 4.05
N ALA DA 374 28.50 130.42 5.36
CA ALA DA 374 28.19 129.22 6.12
C ALA DA 374 26.69 129.12 6.36
N GLN DA 375 26.20 127.89 6.47
CA GLN DA 375 24.79 127.66 6.76
C GLN DA 375 24.61 126.24 7.27
N ILE DA 376 24.21 126.08 8.52
CA ILE DA 376 23.87 124.80 9.09
C ILE DA 376 22.37 124.82 9.41
N GLU DA 377 21.65 123.83 8.89
CA GLU DA 377 20.19 123.87 8.96
C GLU DA 377 19.65 122.47 9.15
N LEU DA 378 18.37 122.39 9.51
CA LEU DA 378 17.67 121.12 9.64
C LEU DA 378 17.26 120.64 8.25
N GLY DA 379 16.42 119.61 8.20
CA GLY DA 379 16.01 119.05 6.93
C GLY DA 379 17.11 118.19 6.33
N ASP DA 380 16.99 117.95 5.02
CA ASP DA 380 17.98 117.13 4.32
C ASP DA 380 18.33 117.69 2.94
N THR DA 381 18.16 118.99 2.71
CA THR DA 381 18.49 119.55 1.41
C THR DA 381 18.87 121.01 1.59
N PRO DA 382 19.99 121.45 1.01
CA PRO DA 382 20.41 122.85 1.17
C PRO DA 382 19.44 123.81 0.51
N THR DA 383 19.42 125.03 1.03
CA THR DA 383 18.49 126.06 0.57
C THR DA 383 19.21 127.39 0.33
N GLY DA 384 18.43 128.44 0.08
CA GLY DA 384 19.03 129.72 -0.27
C GLY DA 384 19.80 130.32 0.89
N TYR DA 385 20.93 130.94 0.56
CA TYR DA 385 21.73 131.61 1.59
C TYR DA 385 20.95 132.77 2.20
N LEU DA 386 21.12 132.95 3.50
CA LEU DA 386 20.49 134.02 4.26
C LEU DA 386 21.53 134.62 5.20
N GLU DA 387 21.69 135.94 5.13
CA GLU DA 387 22.70 136.62 5.94
C GLU DA 387 22.25 136.68 7.39
N THR DA 388 23.03 136.08 8.27
CA THR DA 388 22.73 136.03 9.70
C THR DA 388 23.80 136.81 10.45
N THR DA 389 23.37 137.76 11.26
CA THR DA 389 24.26 138.56 12.11
C THR DA 389 23.83 138.32 13.55
N GLY DA 390 24.37 137.26 14.16
CA GLY DA 390 24.01 136.91 15.52
C GLY DA 390 22.56 136.52 15.67
N ALA DA 391 22.02 135.78 14.70
CA ALA DA 391 20.60 135.42 14.75
C ALA DA 391 20.34 134.12 14.01
N PRO DA 392 19.70 133.14 14.65
CA PRO DA 392 19.26 131.94 13.93
C PRO DA 392 18.04 132.24 13.07
N VAL DA 393 18.29 132.70 11.85
CA VAL DA 393 17.26 133.38 11.07
C VAL DA 393 16.30 132.37 10.46
N THR DA 394 15.00 132.60 10.66
CA THR DA 394 13.93 131.79 10.10
C THR DA 394 13.22 132.59 9.02
N MET DA 395 12.84 131.91 7.93
CA MET DA 395 12.28 132.61 6.79
C MET DA 395 11.49 131.63 5.94
N THR DA 396 10.41 132.11 5.32
CA THR DA 396 9.58 131.34 4.42
C THR DA 396 9.76 131.87 3.01
N ASP DA 397 10.15 130.99 2.08
CA ASP DA 397 10.53 131.47 0.75
C ASP DA 397 9.32 131.99 -0.02
N TYR DA 398 8.22 131.24 -0.02
CA TYR DA 398 7.10 131.58 -0.88
C TYR DA 398 5.81 131.04 -0.28
N VAL DA 399 4.70 131.62 -0.73
CA VAL DA 399 3.36 131.18 -0.39
C VAL DA 399 2.57 131.06 -1.67
N LEU DA 400 1.94 129.91 -1.89
CA LEU DA 400 1.14 129.67 -3.08
C LEU DA 400 -0.24 130.27 -2.86
N GLN DA 401 -0.45 131.49 -3.36
CA GLN DA 401 -1.72 132.18 -3.12
C GLN DA 401 -2.84 131.60 -3.98
N ASN DA 402 -2.54 131.25 -5.24
CA ASN DA 402 -3.55 130.81 -6.18
C ASN DA 402 -3.12 129.46 -6.74
N ALA DA 403 -3.75 128.39 -6.26
CA ALA DA 403 -3.30 127.03 -6.61
C ALA DA 403 -3.60 126.69 -8.07
N GLN DA 404 -4.84 126.94 -8.52
CA GLN DA 404 -5.26 126.41 -9.81
C GLN DA 404 -4.53 127.08 -10.96
N THR DA 405 -4.48 128.41 -10.96
CA THR DA 405 -3.71 129.11 -11.99
C THR DA 405 -2.22 129.11 -11.69
N GLY DA 406 -1.81 128.69 -10.49
CA GLY DA 406 -0.42 128.49 -10.17
C GLY DA 406 0.34 129.73 -9.74
N THR DA 407 -0.27 130.90 -9.75
CA THR DA 407 0.43 132.12 -9.36
C THR DA 407 0.92 131.99 -7.92
N VAL DA 408 2.17 132.39 -7.69
CA VAL DA 408 2.86 132.23 -6.42
C VAL DA 408 3.29 133.59 -5.92
N LYS DA 409 3.17 133.79 -4.62
CA LYS DA 409 3.58 135.02 -3.94
C LYS DA 409 4.91 134.78 -3.22
N PHE DA 410 5.81 135.75 -3.33
CA PHE DA 410 7.10 135.69 -2.67
C PHE DA 410 7.14 136.72 -1.55
N THR DA 411 7.95 136.43 -0.53
CA THR DA 411 8.11 137.36 0.58
C THR DA 411 8.67 138.70 0.11
N GLN DA 412 9.66 138.66 -0.78
CA GLN DA 412 10.31 139.83 -1.33
C GLN DA 412 10.32 139.74 -2.85
N PRO DA 413 10.39 140.87 -3.54
CA PRO DA 413 10.42 140.83 -5.00
C PRO DA 413 11.71 140.18 -5.51
N LEU DA 414 11.59 139.53 -6.66
CA LEU DA 414 12.74 138.83 -7.23
C LEU DA 414 13.79 139.83 -7.67
N PRO DA 415 15.05 139.68 -7.25
CA PRO DA 415 16.09 140.61 -7.68
C PRO DA 415 16.24 140.60 -9.19
N THR DA 416 16.59 141.77 -9.75
CA THR DA 416 16.71 141.91 -11.19
C THR DA 416 17.73 140.91 -11.76
N GLY DA 417 17.25 139.96 -12.54
CA GLY DA 417 18.10 138.96 -13.18
C GLY DA 417 18.00 137.56 -12.60
N VAL DA 418 17.41 137.39 -11.42
CA VAL DA 418 17.26 136.06 -10.84
C VAL DA 418 16.15 135.34 -11.61
N GLU DA 419 16.28 134.02 -11.72
CA GLU DA 419 15.32 133.23 -12.48
C GLU DA 419 14.65 132.21 -11.58
N ALA DA 420 13.54 131.64 -12.06
CA ALA DA 420 12.78 130.65 -11.31
C ALA DA 420 12.64 129.38 -12.15
N TYR DA 421 12.40 128.27 -11.46
CA TYR DA 421 12.18 126.97 -12.08
C TYR DA 421 11.20 126.19 -11.23
N TRP DA 422 10.44 125.31 -11.88
CA TRP DA 422 9.47 124.49 -11.17
C TRP DA 422 9.56 123.04 -11.65
N THR DA 423 9.19 122.13 -10.76
CA THR DA 423 9.13 120.71 -11.04
C THR DA 423 7.96 120.12 -10.26
N GLY DA 424 7.20 119.22 -10.91
CA GLY DA 424 6.06 118.62 -10.26
C GLY DA 424 4.99 118.16 -11.23
N ASP DA 425 3.74 118.58 -10.99
CA ASP DA 425 2.63 118.21 -11.85
C ASP DA 425 1.55 119.29 -11.76
N TRP DA 426 1.09 119.75 -12.92
CA TRP DA 426 0.10 120.81 -12.98
C TRP DA 426 -0.64 120.72 -14.31
N LYS DA 427 -1.89 121.21 -14.31
CA LYS DA 427 -2.71 121.29 -15.53
C LYS DA 427 -2.86 119.93 -16.20
N GLY DA 428 -2.87 118.86 -15.40
CA GLY DA 428 -2.88 117.53 -15.97
C GLY DA 428 -1.65 117.27 -16.80
N GLY DA 429 -0.48 117.51 -16.23
CA GLY DA 429 0.77 117.26 -16.92
C GLY DA 429 1.95 117.28 -15.98
N THR DA 430 2.88 116.33 -16.15
CA THR DA 430 4.02 116.20 -15.28
C THR DA 430 5.26 116.84 -15.90
N ALA DA 431 6.08 117.46 -15.05
CA ALA DA 431 7.34 118.06 -15.46
C ALA DA 431 8.40 117.65 -14.45
N ALA DA 432 9.11 116.56 -14.76
CA ALA DA 432 10.15 116.05 -13.88
C ALA DA 432 11.44 116.85 -13.95
N GLU DA 433 11.48 117.90 -14.75
CA GLU DA 433 12.66 118.75 -14.89
C GLU DA 433 12.28 120.19 -14.65
N PRO DA 434 13.22 121.00 -14.15
CA PRO DA 434 12.93 122.42 -13.90
C PRO DA 434 12.47 123.14 -15.17
N ALA DA 435 11.43 123.96 -15.02
CA ALA DA 435 10.91 124.77 -16.10
C ALA DA 435 10.86 126.23 -15.63
N ARG DA 436 11.37 127.13 -16.45
CA ARG DA 436 11.41 128.54 -16.09
C ARG DA 436 10.05 129.19 -16.27
N PHE DA 437 9.69 130.07 -15.34
CA PHE DA 437 8.44 130.81 -15.46
C PHE DA 437 8.54 132.28 -15.05
N ALA DA 438 9.68 132.75 -14.56
CA ALA DA 438 9.78 134.15 -14.12
C ALA DA 438 11.24 134.58 -14.11
N VAL DA 439 11.47 135.84 -14.44
CA VAL DA 439 12.77 136.48 -14.34
C VAL DA 439 12.62 137.73 -13.48
N GLY DA 440 13.59 137.96 -12.61
CA GLY DA 440 13.44 139.02 -11.62
C GLY DA 440 13.35 140.40 -12.27
N ASN DA 441 12.51 141.25 -11.68
CA ASN DA 441 12.40 142.64 -12.08
C ASN DA 441 12.62 143.62 -10.94
N GLY DA 442 12.53 143.18 -9.69
CA GLY DA 442 12.82 144.01 -8.54
C GLY DA 442 11.63 144.75 -7.95
N THR DA 443 10.52 144.84 -8.66
CA THR DA 443 9.34 145.55 -8.18
C THR DA 443 8.11 144.67 -8.06
N GLN DA 444 8.19 143.41 -8.46
CA GLN DA 444 7.06 142.48 -8.40
C GLN DA 444 7.46 141.23 -7.65
N ASP DA 445 6.51 140.67 -6.90
CA ASP DA 445 6.76 139.45 -6.14
C ASP DA 445 5.73 138.36 -6.38
N THR DA 446 4.73 138.60 -7.22
CA THR DA 446 3.78 137.58 -7.63
C THR DA 446 4.08 137.15 -9.06
N PHE DA 447 4.03 135.84 -9.30
CA PHE DA 447 4.44 135.32 -10.60
C PHE DA 447 3.64 134.06 -10.93
N THR DA 448 3.10 134.00 -12.13
CA THR DA 448 2.32 132.85 -12.55
C THR DA 448 3.24 131.71 -12.99
N LEU DA 449 2.75 130.49 -12.83
CA LEU DA 449 3.50 129.31 -13.22
C LEU DA 449 3.40 129.07 -14.72
N SER DA 450 4.32 128.26 -15.23
CA SER DA 450 4.40 127.95 -16.65
C SER DA 450 3.84 126.56 -16.94
N ASP DA 451 3.42 126.38 -18.18
CA ASP DA 451 2.85 125.10 -18.59
C ASP DA 451 3.91 124.02 -18.57
N PRO DA 452 3.70 122.87 -17.87
CA PRO DA 452 4.65 121.73 -17.95
C PRO DA 452 4.66 121.08 -19.33
N ALA DA 453 3.77 120.10 -19.57
CA ALA DA 453 3.77 119.36 -20.85
C ALA DA 453 2.36 118.82 -21.16
N TYR DA 454 2.15 117.51 -20.98
CA TYR DA 454 1.93 116.52 -22.07
C TYR DA 454 0.48 116.05 -22.07
N ILE DA 455 -0.39 116.62 -22.94
CA ILE DA 455 -1.78 116.19 -23.09
C ILE DA 455 -2.60 116.58 -21.87
N GLY DA 456 -3.85 116.98 -22.09
CA GLY DA 456 -4.70 117.35 -20.97
C GLY DA 456 -4.87 116.23 -19.96
N LEU DA 457 -5.05 114.97 -20.44
CA LEU DA 457 -4.96 113.67 -19.76
C LEU DA 457 -6.32 113.04 -19.45
N PRO DA 458 -7.41 113.75 -19.06
CA PRO DA 458 -8.71 113.08 -18.87
C PRO DA 458 -9.14 112.17 -20.03
N THR DA 459 -9.09 112.66 -21.29
CA THR DA 459 -9.59 111.86 -22.40
C THR DA 459 -10.96 111.24 -22.09
N SER DA 460 -11.91 112.16 -21.84
CA SER DA 460 -13.21 111.76 -21.35
C SER DA 460 -13.90 110.78 -22.28
N GLY DA 461 -14.44 109.71 -21.70
CA GLY DA 461 -15.10 108.69 -22.48
C GLY DA 461 -15.39 107.47 -21.63
N ALA DA 462 -16.32 106.63 -22.07
CA ALA DA 462 -16.70 105.44 -21.35
C ALA DA 462 -16.38 104.23 -22.21
N PHE DA 463 -15.68 103.26 -21.63
CA PHE DA 463 -15.41 101.97 -22.24
C PHE DA 463 -14.57 102.09 -23.52
N LYS DA 464 -13.78 103.15 -23.64
CA LYS DA 464 -12.94 103.32 -24.81
C LYS DA 464 -11.85 104.35 -24.49
N LEU DA 465 -10.64 104.08 -24.97
CA LEU DA 465 -9.56 105.05 -24.86
C LEU DA 465 -8.61 104.83 -26.04
N GLU DA 466 -7.38 105.31 -25.91
CA GLU DA 466 -6.51 105.47 -27.07
C GLU DA 466 -5.05 105.58 -26.63
N TYR DA 467 -4.15 105.14 -27.51
CA TYR DA 467 -2.72 105.14 -27.25
C TYR DA 467 -2.13 106.54 -27.47
N ARG DA 468 -0.82 106.66 -27.27
CA ARG DA 468 -0.10 107.89 -27.60
C ARG DA 468 1.37 107.54 -27.75
N VAL DA 469 1.95 107.78 -28.93
CA VAL DA 469 3.30 107.33 -29.23
C VAL DA 469 3.85 108.04 -30.47
N GLY DA 470 5.18 108.19 -30.54
CA GLY DA 470 5.83 108.53 -31.79
C GLY DA 470 6.85 109.66 -31.79
N PRO DA 471 6.60 110.78 -31.06
CA PRO DA 471 7.55 111.91 -31.15
C PRO DA 471 8.86 111.61 -30.44
N ALA DA 472 9.00 110.38 -29.95
CA ALA DA 472 10.20 109.91 -29.28
C ALA DA 472 10.90 108.81 -30.06
N LEU DA 473 10.17 107.77 -30.45
CA LEU DA 473 10.74 106.65 -31.17
C LEU DA 473 10.83 106.87 -32.66
N ASN DA 474 10.32 108.00 -33.17
CA ASN DA 474 10.27 108.30 -34.61
C ASN DA 474 9.89 107.06 -35.41
N LEU DA 475 8.86 106.37 -34.93
CA LEU DA 475 8.45 105.11 -35.52
C LEU DA 475 7.87 105.34 -36.91
N SER DA 476 8.01 104.32 -37.76
CA SER DA 476 7.55 104.42 -39.14
C SER DA 476 6.04 104.59 -39.18
N PRO DA 477 5.52 105.40 -40.10
CA PRO DA 477 4.05 105.52 -40.22
C PRO DA 477 3.37 104.21 -40.57
N GLN DA 478 4.09 103.28 -41.20
CA GLN DA 478 3.52 101.96 -41.47
C GLN DA 478 3.17 101.24 -40.19
N LEU DA 479 4.00 101.38 -39.16
CA LEU DA 479 3.72 100.77 -37.87
C LEU DA 479 2.39 101.27 -37.31
N ILE DA 480 2.20 102.59 -37.33
CA ILE DA 480 0.96 103.17 -36.80
C ILE DA 480 -0.23 102.73 -37.64
N ASN DA 481 -0.09 102.74 -38.97
CA ASN DA 481 -1.20 102.38 -39.83
C ASN DA 481 -1.61 100.92 -39.65
N LEU DA 482 -0.64 100.02 -39.55
CA LEU DA 482 -0.95 98.62 -39.29
C LEU DA 482 -1.51 98.44 -37.88
N MET DA 483 -1.02 99.22 -36.93
CA MET DA 483 -1.50 99.13 -35.55
C MET DA 483 -2.97 99.51 -35.47
N ASN DA 484 -3.37 100.54 -36.22
CA ASN DA 484 -4.77 100.98 -36.21
C ASN DA 484 -5.71 99.91 -36.75
N ASP DA 485 -5.19 98.95 -37.52
CA ASP DA 485 -6.02 97.89 -38.09
C ASP DA 485 -6.50 96.97 -36.98
N ARG DA 486 -7.77 97.12 -36.59
CA ARG DA 486 -8.33 96.32 -35.51
C ARG DA 486 -8.46 94.85 -35.88
N ALA DA 487 -8.51 94.52 -37.18
CA ALA DA 487 -8.75 93.15 -37.61
C ALA DA 487 -7.53 92.26 -37.48
N VAL DA 488 -6.33 92.82 -37.37
CA VAL DA 488 -5.13 91.99 -37.30
C VAL DA 488 -5.05 91.28 -35.95
N GLY DA 489 -5.65 91.86 -34.91
CA GLY DA 489 -5.58 91.26 -33.59
C GLY DA 489 -4.21 91.29 -32.96
N ILE DA 490 -3.49 92.40 -33.09
CA ILE DA 490 -2.16 92.53 -32.51
C ILE DA 490 -2.23 93.08 -31.08
N MET DA 491 -3.00 94.14 -30.88
CA MET DA 491 -2.96 94.86 -29.61
C MET DA 491 -3.68 94.09 -28.51
N PRO DA 492 -3.18 94.17 -27.28
CA PRO DA 492 -4.00 93.74 -26.14
C PRO DA 492 -5.26 94.57 -26.08
N THR DA 493 -6.38 93.89 -25.85
CA THR DA 493 -7.66 94.58 -25.84
C THR DA 493 -8.62 93.78 -24.97
N CYS DA 494 -9.68 94.46 -24.58
CA CYS DA 494 -10.78 93.86 -23.85
C CYS DA 494 -12.03 93.97 -24.71
N ALA DA 495 -12.85 92.93 -24.71
CA ALA DA 495 -14.06 92.96 -25.52
C ALA DA 495 -14.93 94.12 -25.05
N GLY DA 496 -15.42 94.92 -25.99
CA GLY DA 496 -16.21 96.08 -25.64
C GLY DA 496 -15.43 97.37 -25.51
N CYS DA 497 -14.13 97.38 -25.77
CA CYS DA 497 -13.35 98.63 -25.76
C CYS DA 497 -12.68 98.86 -27.10
N ASP DA 498 -13.17 99.84 -27.85
CA ASP DA 498 -12.56 100.24 -29.11
C ASP DA 498 -11.48 101.25 -28.77
N VAL DA 499 -10.23 100.81 -28.88
CA VAL DA 499 -9.07 101.67 -28.67
C VAL DA 499 -8.34 101.81 -30.00
N LYS DA 500 -8.30 103.02 -30.51
CA LYS DA 500 -7.46 103.32 -31.66
C LYS DA 500 -6.02 103.50 -31.20
N VAL DA 501 -5.10 103.33 -32.13
CA VAL DA 501 -3.69 103.51 -31.81
C VAL DA 501 -3.27 104.91 -32.22
N ILE DA 502 -3.35 105.18 -33.53
CA ILE DA 502 -2.94 106.44 -34.17
C ILE DA 502 -1.79 107.11 -33.43
N GLN DA 503 -1.81 108.45 -33.40
CA GLN DA 503 -0.89 109.27 -32.62
C GLN DA 503 0.53 109.23 -33.17
N GLU DA 504 1.03 110.42 -33.54
CA GLU DA 504 2.42 110.66 -33.98
C GLU DA 504 3.21 109.45 -34.43
N THR EA 2 28.98 23.14 -57.45
CA THR EA 2 28.84 24.59 -57.46
C THR EA 2 30.15 25.21 -57.89
N LEU EA 3 31.18 24.85 -57.15
CA LEU EA 3 32.49 25.45 -57.26
C LEU EA 3 33.59 24.40 -57.06
N PRO EA 4 33.64 23.67 -55.93
CA PRO EA 4 34.84 22.88 -55.64
C PRO EA 4 34.95 21.58 -56.44
N ALA EA 5 34.96 21.68 -57.77
CA ALA EA 5 35.26 20.58 -58.69
C ALA EA 5 34.30 19.40 -58.58
N TYR EA 6 34.37 18.46 -59.54
CA TYR EA 6 33.53 17.28 -59.47
C TYR EA 6 34.19 16.00 -59.96
N ASN EA 7 35.41 16.08 -60.51
CA ASN EA 7 36.11 14.93 -61.10
C ASN EA 7 35.15 14.01 -61.85
N SER EA 8 34.79 12.87 -61.28
CA SER EA 8 33.90 11.90 -61.92
C SER EA 8 34.52 11.41 -63.23
N ASP EA 9 35.64 10.72 -63.09
CA ASP EA 9 36.50 10.38 -64.22
C ASP EA 9 36.46 8.92 -64.61
N ILE EA 10 35.69 8.09 -63.92
CA ILE EA 10 35.58 6.66 -64.17
C ILE EA 10 36.91 5.96 -63.96
N GLN EA 11 37.98 6.51 -64.51
CA GLN EA 11 39.32 5.96 -64.36
C GLN EA 11 39.94 6.28 -63.01
N GLN EA 12 39.26 7.06 -62.16
CA GLN EA 12 39.73 7.25 -60.80
C GLN EA 12 39.86 5.93 -60.07
N ALA EA 13 39.06 4.94 -60.46
CA ALA EA 13 39.16 3.60 -59.89
C ALA EA 13 40.27 2.84 -60.60
N LEU EA 14 41.50 3.32 -60.44
CA LEU EA 14 42.67 2.63 -60.94
C LEU EA 14 43.86 2.97 -60.06
N LYS EA 15 44.18 2.10 -59.12
CA LYS EA 15 45.16 2.40 -58.10
C LYS EA 15 46.57 2.31 -58.69
N TRP EA 16 47.56 2.63 -57.85
CA TRP EA 16 48.95 2.54 -58.26
C TRP EA 16 49.37 1.11 -58.52
N LEU EA 17 48.69 0.14 -57.92
CA LEU EA 17 49.03 -1.27 -58.13
C LEU EA 17 48.94 -1.63 -59.61
N HIS EA 18 47.86 -1.21 -60.27
CA HIS EA 18 47.63 -1.53 -61.67
C HIS EA 18 48.37 -0.54 -62.57
N ASN EA 19 49.69 -0.50 -62.40
CA ASN EA 19 50.53 0.38 -63.20
C ASN EA 19 51.03 -0.32 -64.46
N GLN EA 20 51.37 -1.60 -64.36
CA GLN EA 20 51.77 -2.40 -65.52
C GLN EA 20 50.80 -3.54 -65.79
N ALA EA 21 49.59 -3.48 -65.23
CA ALA EA 21 48.66 -4.60 -65.40
C ALA EA 21 48.02 -4.54 -66.80
N PRO EA 22 47.79 -5.65 -67.52
CA PRO EA 22 46.99 -5.63 -68.76
C PRO EA 22 45.47 -5.52 -68.49
N GLY EA 23 44.81 -6.64 -68.17
CA GLY EA 23 43.46 -6.81 -67.57
C GLY EA 23 42.84 -5.63 -66.85
N ILE EA 24 42.96 -5.50 -65.51
CA ILE EA 24 42.25 -4.42 -64.82
C ILE EA 24 42.34 -3.13 -65.61
N THR EA 25 43.55 -2.74 -66.01
CA THR EA 25 43.71 -1.51 -66.78
C THR EA 25 42.95 -1.59 -68.09
N GLY EA 26 43.07 -2.71 -68.80
CA GLY EA 26 42.35 -2.84 -70.06
C GLY EA 26 40.85 -2.74 -69.88
N LEU EA 27 40.31 -3.46 -68.90
CA LEU EA 27 38.87 -3.44 -68.67
C LEU EA 27 38.39 -2.05 -68.29
N ILE EA 28 39.11 -1.36 -67.41
CA ILE EA 28 38.68 -0.04 -66.99
C ILE EA 28 38.77 0.95 -68.14
N GLN EA 29 39.82 0.84 -68.96
CA GLN EA 29 39.94 1.75 -70.10
C GLN EA 29 38.83 1.53 -71.12
N ARG EA 30 38.49 0.27 -71.42
CA ARG EA 30 37.43 0.02 -72.38
C ARG EA 30 36.06 0.43 -71.83
N LYS EA 31 35.83 0.17 -70.54
CA LYS EA 31 34.59 0.60 -69.91
C LYS EA 31 34.46 2.12 -69.92
N ALA EA 32 35.57 2.82 -69.65
CA ALA EA 32 35.57 4.27 -69.71
C ALA EA 32 35.30 4.75 -71.13
N GLN EA 33 35.89 4.10 -72.13
CA GLN EA 33 35.64 4.50 -73.51
C GLN EA 33 34.17 4.33 -73.86
N TRP EA 34 33.55 3.22 -73.44
CA TRP EA 34 32.15 3.02 -73.77
C TRP EA 34 31.26 4.04 -73.06
N TYR EA 35 31.48 4.24 -71.76
CA TYR EA 35 30.66 5.21 -71.04
C TYR EA 35 30.85 6.60 -71.62
N ASP EA 36 32.06 6.92 -72.08
CA ASP EA 36 32.28 8.18 -72.78
C ASP EA 36 31.45 8.25 -74.05
N ARG EA 37 31.59 7.24 -74.92
CA ARG EA 37 30.93 7.27 -76.22
C ARG EA 37 29.41 7.31 -76.09
N PHE EA 38 28.87 6.62 -75.08
CA PHE EA 38 27.44 6.49 -74.94
C PHE EA 38 26.83 7.44 -73.92
N SER EA 39 27.62 8.26 -73.24
CA SER EA 39 27.07 9.33 -72.43
C SER EA 39 27.53 10.71 -72.88
N ARG EA 40 28.84 10.97 -72.92
CA ARG EA 40 29.31 12.31 -73.24
C ARG EA 40 29.10 12.62 -74.72
N GLN EA 41 29.48 11.69 -75.60
CA GLN EA 41 29.24 11.90 -77.02
C GLN EA 41 27.75 11.93 -77.33
N PHE EA 42 26.98 11.07 -76.68
CA PHE EA 42 25.54 11.06 -76.88
C PHE EA 42 24.92 12.40 -76.50
N TRP EA 43 25.29 12.93 -75.33
CA TRP EA 43 24.71 14.19 -74.91
C TRP EA 43 25.23 15.36 -75.73
N ALA EA 44 26.48 15.30 -76.20
CA ALA EA 44 27.00 16.35 -77.05
C ALA EA 44 26.23 16.41 -78.36
N ASN EA 45 26.10 15.28 -79.05
CA ASN EA 45 25.38 15.32 -80.32
C ASN EA 45 23.88 15.51 -80.11
N TRP EA 46 23.34 15.14 -78.95
CA TRP EA 46 21.93 15.41 -78.69
C TRP EA 46 21.68 16.88 -78.38
N GLU EA 47 22.63 17.56 -77.73
CA GLU EA 47 22.52 19.00 -77.60
C GLU EA 47 22.68 19.69 -78.94
N ARG EA 48 23.54 19.15 -79.81
CA ARG EA 48 23.62 19.66 -81.17
C ARG EA 48 22.29 19.47 -81.90
N ASP EA 49 21.60 18.36 -81.61
CA ASP EA 49 20.25 18.15 -82.10
C ASP EA 49 19.29 19.21 -81.56
N VAL EA 50 19.32 19.44 -80.25
CA VAL EA 50 18.43 20.41 -79.63
C VAL EA 50 18.63 21.79 -80.23
N PHE EA 51 19.89 22.15 -80.50
CA PHE EA 51 20.18 23.41 -81.18
C PHE EA 51 19.49 23.46 -82.52
N HIS EA 52 18.83 24.58 -82.81
CA HIS EA 52 18.04 24.73 -84.02
C HIS EA 52 18.78 25.46 -85.13
N LEU EA 53 19.61 26.44 -84.78
CA LEU EA 53 20.43 27.10 -85.82
C LEU EA 53 21.30 26.03 -86.48
N LYS EA 54 21.45 24.88 -85.82
CA LYS EA 54 22.26 23.76 -86.38
C LYS EA 54 21.55 22.43 -86.09
N THR EA 55 20.27 22.32 -86.47
CA THR EA 55 19.53 21.05 -86.29
C THR EA 55 19.81 20.11 -87.46
N ALA EA 56 21.02 20.14 -88.02
CA ALA EA 56 21.37 19.33 -89.21
C ALA EA 56 20.55 18.03 -89.22
N ASN EA 57 20.77 17.17 -88.22
CA ASN EA 57 20.07 15.86 -88.15
C ASN EA 57 18.59 16.04 -88.50
N PRO EA 58 18.08 15.38 -89.57
CA PRO EA 58 16.66 15.47 -89.90
C PRO EA 58 15.85 15.06 -88.66
N PHE EA 59 16.42 14.19 -87.82
CA PHE EA 59 15.73 13.83 -86.58
C PHE EA 59 15.43 15.07 -85.74
N GLY EA 60 16.39 16.00 -85.69
CA GLY EA 60 16.15 17.25 -84.98
C GLY EA 60 15.08 18.11 -85.63
N LEU EA 61 15.09 18.20 -86.96
CA LEU EA 61 14.08 18.98 -87.66
C LEU EA 61 12.67 18.45 -87.38
N MET EA 62 12.52 17.12 -87.36
CA MET EA 62 11.24 16.53 -86.93
C MET EA 62 10.92 16.83 -85.47
N VAL EA 63 11.86 16.59 -84.56
CA VAL EA 63 11.53 16.82 -83.16
C VAL EA 63 11.02 18.23 -82.97
N TRP EA 64 11.63 19.19 -83.69
CA TRP EA 64 11.19 20.57 -83.60
C TRP EA 64 9.88 20.82 -84.34
N CYS EA 65 9.58 20.11 -85.42
CA CYS EA 65 8.30 20.37 -86.07
C CYS EA 65 7.15 19.81 -85.23
N ILE EA 66 7.40 18.75 -84.45
CA ILE EA 66 6.43 18.36 -83.43
C ILE EA 66 6.35 19.41 -82.34
N ILE EA 67 7.50 19.96 -81.93
CA ILE EA 67 7.49 20.99 -80.88
C ILE EA 67 6.65 22.18 -81.31
N LEU EA 68 6.82 22.62 -82.55
CA LEU EA 68 6.17 23.85 -83.00
C LEU EA 68 4.76 23.58 -83.50
N GLY EA 69 4.51 22.41 -84.09
CA GLY EA 69 3.16 22.04 -84.50
C GLY EA 69 2.92 21.97 -86.00
N THR EA 70 3.96 22.08 -86.81
CA THR EA 70 3.77 22.08 -88.25
C THR EA 70 3.48 20.67 -88.77
N PRO EA 71 2.53 20.52 -89.70
CA PRO EA 71 2.36 19.21 -90.36
C PRO EA 71 3.61 18.81 -91.12
N SER EA 72 3.95 17.53 -91.03
CA SER EA 72 5.19 17.00 -91.59
C SER EA 72 5.07 16.61 -93.05
N LYS EA 73 3.90 16.80 -93.66
CA LYS EA 73 3.72 16.40 -95.05
C LYS EA 73 4.59 17.22 -96.00
N GLY EA 74 4.88 18.47 -95.64
CA GLY EA 74 5.60 19.35 -96.54
C GLY EA 74 7.11 19.23 -96.53
N PHE EA 75 7.68 18.52 -95.56
CA PHE EA 75 9.13 18.40 -95.45
C PHE EA 75 9.66 17.17 -96.16
N GLY EA 76 10.78 17.35 -96.85
CA GLY EA 76 11.38 16.30 -97.66
C GLY EA 76 12.67 15.77 -97.08
N LEU EA 77 12.65 15.48 -95.77
CA LEU EA 77 13.82 14.90 -95.12
C LEU EA 77 13.94 13.43 -95.54
N TYR EA 78 14.87 12.71 -94.88
CA TYR EA 78 15.49 11.45 -95.29
C TYR EA 78 16.61 11.82 -96.27
N PRO EA 79 17.66 11.01 -96.39
CA PRO EA 79 18.73 11.35 -97.32
C PRO EA 79 18.23 11.46 -98.75
N LYS EA 80 18.83 12.38 -99.48
CA LYS EA 80 18.49 12.58 -100.90
C LYS EA 80 19.19 11.50 -101.73
N ASN EA 81 19.24 11.71 -103.05
CA ASN EA 81 19.87 10.77 -103.98
C ASN EA 81 19.17 9.42 -103.95
N SER EA 82 17.84 9.45 -104.11
CA SER EA 82 17.05 8.24 -104.28
C SER EA 82 16.00 8.40 -105.36
N SER EA 83 16.11 9.43 -106.20
CA SER EA 83 15.16 9.67 -107.28
C SER EA 83 15.88 9.50 -108.61
N TRP EA 84 15.28 8.74 -109.53
CA TRP EA 84 15.90 8.49 -110.82
C TRP EA 84 15.75 9.71 -111.72
N ALA EA 85 14.51 10.09 -112.03
CA ALA EA 85 14.18 11.28 -112.84
C ALA EA 85 15.02 11.24 -114.11
N PHE EA 86 15.77 12.29 -114.43
CA PHE EA 86 16.57 12.34 -115.65
C PHE EA 86 17.93 12.93 -115.32
N GLY EA 87 18.99 12.24 -115.74
CA GLY EA 87 20.35 12.75 -115.56
C GLY EA 87 21.28 11.73 -114.95
N ARG EA 88 22.55 11.78 -115.37
CA ARG EA 88 23.57 10.93 -114.80
C ARG EA 88 23.85 11.27 -113.34
N LEU EA 89 23.56 12.51 -112.92
CA LEU EA 89 23.73 12.91 -111.54
C LEU EA 89 22.66 12.31 -110.62
N ARG EA 90 21.61 11.70 -111.18
CA ARG EA 90 20.54 11.09 -110.42
C ARG EA 90 20.53 9.58 -110.65
N GLN EA 91 19.55 8.92 -110.05
CA GLN EA 91 19.48 7.46 -110.10
C GLN EA 91 18.97 6.99 -111.46
N ASN EA 92 18.84 5.67 -111.60
CA ASN EA 92 18.41 5.04 -112.83
C ASN EA 92 17.41 3.93 -112.50
N PHE EA 93 16.89 3.30 -113.56
CA PHE EA 93 15.89 2.26 -113.37
C PHE EA 93 16.49 1.04 -112.68
N ILE EA 94 15.81 0.57 -111.63
CA ILE EA 94 16.20 -0.64 -110.93
C ILE EA 94 15.51 -1.82 -111.61
N TYR EA 95 16.30 -2.75 -112.13
CA TYR EA 95 15.77 -3.88 -112.87
C TYR EA 95 16.15 -5.19 -112.17
N SER EA 96 15.66 -6.30 -112.73
CA SER EA 96 15.78 -7.61 -112.11
C SER EA 96 17.17 -8.19 -112.39
N GLY EA 97 18.14 -7.72 -111.62
CA GLY EA 97 19.45 -8.32 -111.63
C GLY EA 97 19.47 -9.58 -110.79
N THR EA 98 18.84 -10.65 -111.32
CA THR EA 98 18.60 -11.85 -110.53
C THR EA 98 19.88 -12.48 -110.00
N GLN EA 99 20.99 -12.30 -110.72
CA GLN EA 99 22.28 -12.85 -110.32
C GLN EA 99 23.10 -11.90 -109.46
N VAL EA 100 22.51 -10.77 -109.07
CA VAL EA 100 23.16 -9.77 -108.22
C VAL EA 100 24.43 -9.25 -108.88
N PRO EA 101 24.32 -8.44 -109.94
CA PRO EA 101 25.52 -7.80 -110.49
C PRO EA 101 26.07 -6.77 -109.53
N PRO EA 102 27.38 -6.71 -109.36
CA PRO EA 102 28.00 -5.79 -108.39
C PRO EA 102 27.79 -4.32 -108.71
N PRO EA 103 27.29 -3.94 -109.88
CA PRO EA 103 26.78 -2.57 -110.02
C PRO EA 103 25.33 -2.37 -109.60
N ALA EA 104 24.65 -3.43 -109.15
CA ALA EA 104 23.21 -3.39 -108.86
C ALA EA 104 22.47 -2.81 -110.07
N ASP EA 105 22.60 -3.55 -111.18
CA ASP EA 105 22.19 -3.11 -112.52
C ASP EA 105 22.51 -1.63 -112.73
N ALA EA 106 21.55 -0.87 -113.23
CA ALA EA 106 21.79 0.56 -113.47
C ALA EA 106 21.96 1.31 -112.16
N SER EA 107 21.12 1.03 -111.18
CA SER EA 107 21.13 1.74 -109.91
C SER EA 107 20.48 0.86 -108.85
N PRO EA 108 20.77 1.09 -107.57
CA PRO EA 108 20.14 0.29 -106.50
C PRO EA 108 18.67 0.60 -106.28
N GLY EA 109 18.09 1.54 -107.01
CA GLY EA 109 16.68 1.84 -106.82
C GLY EA 109 16.32 3.20 -107.41
N GLY EA 110 15.28 3.80 -106.83
CA GLY EA 110 14.77 5.07 -107.31
C GLY EA 110 13.26 5.17 -107.16
N ASN EA 111 12.79 6.27 -106.58
CA ASN EA 111 11.37 6.44 -106.29
C ASN EA 111 10.97 7.87 -106.65
N PHE EA 112 9.75 8.25 -106.26
CA PHE EA 112 9.21 9.57 -106.55
C PHE EA 112 9.26 10.50 -105.34
N TYR EA 113 10.02 10.13 -104.31
CA TYR EA 113 10.13 10.99 -103.12
C TYR EA 113 10.66 12.35 -103.50
N GLY EA 114 9.84 13.38 -103.32
CA GLY EA 114 10.21 14.71 -103.75
C GLY EA 114 9.25 15.32 -104.74
N GLY EA 115 7.97 14.94 -104.66
CA GLY EA 115 6.95 15.52 -105.50
C GLY EA 115 6.89 17.03 -105.38
N GLY EA 116 7.07 17.73 -106.49
CA GLY EA 116 7.29 19.16 -106.47
C GLY EA 116 6.02 19.97 -106.24
N ASN EA 117 6.20 21.29 -106.30
CA ASN EA 117 5.15 22.29 -106.20
C ASN EA 117 4.63 22.40 -104.77
N ALA EA 118 5.03 21.48 -103.90
CA ALA EA 118 4.70 21.57 -102.48
C ALA EA 118 5.83 21.19 -101.55
N GLU EA 119 6.82 20.42 -101.99
CA GLU EA 119 7.80 19.80 -101.10
C GLU EA 119 9.14 20.51 -101.18
N ILE EA 120 9.70 20.83 -100.03
CA ILE EA 120 11.05 21.35 -99.93
C ILE EA 120 11.99 20.21 -99.59
N LEU EA 121 13.20 20.29 -100.09
CA LEU EA 121 14.18 19.23 -99.90
C LEU EA 121 15.44 19.68 -99.17
N ASN EA 122 15.87 20.92 -99.38
CA ASN EA 122 17.06 21.44 -98.73
C ASN EA 122 16.76 21.71 -97.26
N LEU EA 123 17.42 20.97 -96.37
CA LEU EA 123 17.15 21.07 -94.94
C LEU EA 123 17.50 22.44 -94.38
N ASP EA 124 18.39 23.17 -95.05
CA ASP EA 124 18.70 24.53 -94.63
C ASP EA 124 17.44 25.37 -94.55
N GLU EA 125 16.56 25.23 -95.53
CA GLU EA 125 15.29 25.97 -95.53
C GLU EA 125 14.24 25.34 -94.62
N ILE EA 126 14.38 24.05 -94.29
CA ILE EA 126 13.50 23.46 -93.29
C ILE EA 126 13.74 24.12 -91.93
N ARG EA 127 15.01 24.33 -91.59
CA ARG EA 127 15.29 25.07 -90.36
C ARG EA 127 14.70 26.48 -90.41
N LYS EA 128 14.80 27.14 -91.57
CA LYS EA 128 14.25 28.49 -91.71
C LYS EA 128 12.75 28.49 -91.50
N VAL EA 129 12.04 27.53 -92.10
CA VAL EA 129 10.59 27.53 -92.00
C VAL EA 129 10.15 27.20 -90.58
N LEU EA 130 10.88 26.32 -89.88
CA LEU EA 130 10.54 26.06 -88.48
C LEU EA 130 10.76 27.30 -87.61
N GLN EA 131 11.87 28.02 -87.83
CA GLN EA 131 12.07 29.26 -87.09
C GLN EA 131 10.97 30.28 -87.41
N LEU EA 132 10.55 30.34 -88.67
CA LEU EA 132 9.47 31.24 -89.04
C LEU EA 132 8.17 30.87 -88.35
N ARG EA 133 7.91 29.57 -88.20
CA ARG EA 133 6.73 29.16 -87.46
C ARG EA 133 6.81 29.60 -86.00
N TYR EA 134 7.99 29.49 -85.39
CA TYR EA 134 8.13 29.97 -84.02
C TYR EA 134 7.85 31.47 -83.95
N VAL EA 135 8.36 32.23 -84.91
CA VAL EA 135 8.10 33.67 -84.94
C VAL EA 135 6.62 33.94 -85.07
N ALA EA 136 5.92 33.15 -85.88
CA ALA EA 136 4.48 33.30 -85.99
C ALA EA 136 3.79 32.99 -84.65
N LEU EA 137 4.30 31.98 -83.95
CA LEU EA 137 3.73 31.61 -82.65
C LEU EA 137 3.89 32.73 -81.62
N ILE EA 138 4.99 33.46 -81.68
CA ILE EA 138 5.24 34.53 -80.71
C ILE EA 138 4.95 35.92 -81.27
N SER EA 139 4.35 36.00 -82.46
CA SER EA 139 4.18 37.27 -83.13
C SER EA 139 2.96 38.04 -82.63
N ASN EA 140 3.10 39.35 -82.52
CA ASN EA 140 1.99 40.24 -82.25
C ASN EA 140 1.57 41.02 -83.49
N GLY EA 141 2.22 40.80 -84.63
CA GLY EA 141 1.94 41.54 -85.84
C GLY EA 141 2.85 42.71 -86.11
N SER EA 142 3.83 42.98 -85.24
CA SER EA 142 4.69 44.14 -85.41
C SER EA 142 5.53 44.00 -86.67
N ILE EA 143 5.44 45.00 -87.55
CA ILE EA 143 6.15 44.93 -88.82
C ILE EA 143 7.64 45.04 -88.60
N ALA EA 144 8.06 45.92 -87.68
CA ALA EA 144 9.47 46.06 -87.38
C ALA EA 144 10.05 44.76 -86.85
N TYR EA 145 9.37 44.13 -85.90
CA TYR EA 145 9.88 42.88 -85.35
C TYR EA 145 9.90 41.78 -86.40
N ILE EA 146 8.82 41.66 -87.18
CA ILE EA 146 8.77 40.59 -88.16
C ILE EA 146 9.87 40.77 -89.19
N ASN EA 147 10.11 42.00 -89.63
CA ASN EA 147 11.12 42.23 -90.66
C ASN EA 147 12.52 42.01 -90.10
N ARG EA 148 12.77 42.45 -88.86
CA ARG EA 148 14.08 42.23 -88.26
C ARG EA 148 14.32 40.74 -88.05
N MET EA 149 13.29 40.00 -87.70
CA MET EA 149 13.46 38.57 -87.52
C MET EA 149 13.66 37.87 -88.85
N LEU EA 150 12.98 38.33 -89.91
CA LEU EA 150 13.23 37.79 -91.24
C LEU EA 150 14.68 38.02 -91.66
N ARG EA 151 15.18 39.23 -91.42
CA ARG EA 151 16.58 39.52 -91.74
C ARG EA 151 17.52 38.62 -90.93
N TYR EA 152 17.24 38.47 -89.64
CA TYR EA 152 18.10 37.66 -88.78
C TYR EA 152 18.09 36.19 -89.20
N ILE EA 153 16.94 35.71 -89.68
CA ILE EA 153 16.84 34.30 -90.06
C ILE EA 153 17.53 34.07 -91.40
N PHE EA 154 17.14 34.82 -92.43
CA PHE EA 154 17.56 34.52 -93.79
C PHE EA 154 18.85 35.22 -94.20
N ASN EA 155 19.40 36.09 -93.35
CA ASN EA 155 20.64 36.78 -93.69
C ASN EA 155 21.59 36.87 -92.50
N ASP EA 156 21.28 36.21 -91.39
CA ASP EA 156 22.12 36.22 -90.19
C ASP EA 156 22.35 37.63 -89.67
N ASP EA 157 21.34 38.49 -89.80
CA ASP EA 157 21.41 39.90 -89.40
C ASP EA 157 22.54 40.62 -90.14
N GLU EA 158 22.43 40.60 -91.47
CA GLU EA 158 23.38 41.30 -92.33
C GLU EA 158 22.64 42.33 -93.17
N PRO EA 159 23.10 43.58 -93.22
CA PRO EA 159 22.49 44.56 -94.13
C PRO EA 159 22.62 44.11 -95.58
N TRP EA 160 21.66 44.52 -96.39
CA TRP EA 160 21.57 44.11 -97.78
C TRP EA 160 21.46 45.34 -98.67
N ASP EA 161 21.97 45.24 -99.88
CA ASP EA 161 21.82 46.33 -100.84
C ASP EA 161 20.55 46.13 -101.66
N GLU EA 162 20.13 47.21 -102.32
CA GLU EA 162 18.92 47.15 -103.13
C GLU EA 162 19.14 46.48 -104.48
N ALA EA 163 20.40 46.22 -104.86
CA ALA EA 163 20.67 45.42 -106.04
C ALA EA 163 20.29 43.96 -105.86
N THR EA 164 19.96 43.54 -104.64
CA THR EA 164 19.53 42.18 -104.35
C THR EA 164 18.07 42.08 -103.95
N GLY EA 165 17.57 42.99 -103.10
CA GLY EA 165 16.16 42.97 -102.75
C GLY EA 165 15.73 41.89 -101.77
N LEU EA 166 16.16 42.00 -100.52
CA LEU EA 166 15.85 41.00 -99.50
C LEU EA 166 14.38 41.15 -99.09
N TYR EA 167 13.98 40.41 -98.05
CA TYR EA 167 12.60 40.40 -97.58
C TYR EA 167 12.05 41.80 -97.41
N PHE EA 168 10.76 41.94 -97.63
CA PHE EA 168 10.16 43.25 -97.73
C PHE EA 168 9.18 43.39 -96.57
N TYR EA 169 8.33 44.41 -96.62
CA TYR EA 169 7.49 44.68 -95.48
C TYR EA 169 6.42 43.61 -95.31
N LEU EA 170 5.59 43.84 -94.30
CA LEU EA 170 4.45 43.02 -93.97
C LEU EA 170 3.25 43.97 -93.96
N MET EA 171 2.16 43.50 -93.39
CA MET EA 171 0.90 44.26 -93.37
C MET EA 171 1.13 45.59 -92.64
N ASP EA 172 1.27 46.66 -93.42
CA ASP EA 172 1.19 48.02 -92.90
C ASP EA 172 0.94 48.87 -94.13
N SER EA 173 -0.32 49.23 -94.38
CA SER EA 173 -0.68 49.71 -95.70
C SER EA 173 -0.17 51.12 -95.91
N THR EA 174 1.15 51.29 -95.84
CA THR EA 174 1.76 52.63 -95.79
C THR EA 174 3.04 52.61 -96.61
N GLY EA 175 3.02 53.30 -97.75
CA GLY EA 175 4.24 53.53 -98.49
C GLY EA 175 4.89 54.83 -98.04
N GLU EA 176 6.16 54.74 -97.63
CA GLU EA 176 6.83 55.90 -97.05
C GLU EA 176 6.85 57.11 -97.96
N ASN EA 177 7.24 56.92 -99.20
CA ASN EA 177 7.68 58.02 -100.02
C ASN EA 177 6.75 58.11 -101.23
N GLY EA 178 7.26 58.70 -102.29
CA GLY EA 178 6.44 59.26 -103.34
C GLY EA 178 6.96 60.65 -103.65
N PRO EA 179 7.24 61.45 -102.60
CA PRO EA 179 8.04 62.66 -102.81
C PRO EA 179 9.52 62.38 -102.68
N VAL EA 180 10.34 63.42 -102.78
CA VAL EA 180 11.80 63.31 -102.71
C VAL EA 180 12.27 63.93 -101.41
N GLU EA 181 13.09 63.18 -100.67
CA GLU EA 181 13.65 63.66 -99.42
C GLU EA 181 15.12 63.27 -99.33
N ASN EA 182 15.86 64.04 -98.53
CA ASN EA 182 17.30 63.87 -98.29
C ASN EA 182 18.05 63.50 -99.57
N LEU EA 183 17.87 64.34 -100.58
CA LEU EA 183 18.49 64.15 -101.88
C LEU EA 183 19.89 64.76 -101.85
N ALA EA 184 20.90 63.96 -102.19
CA ALA EA 184 22.27 64.43 -102.28
C ALA EA 184 22.83 64.09 -103.65
N ILE EA 185 23.39 65.08 -104.32
CA ILE EA 185 23.98 64.91 -105.65
C ILE EA 185 25.49 64.97 -105.52
N TYR EA 186 26.17 64.05 -106.21
CA TYR EA 186 27.60 64.11 -106.42
C TYR EA 186 27.87 64.28 -107.90
N ARG EA 187 29.01 64.88 -108.21
CA ARG EA 187 29.52 64.95 -109.57
C ARG EA 187 30.79 64.13 -109.67
N LYS EA 188 30.94 63.43 -110.79
CA LYS EA 188 32.10 62.61 -111.09
C LYS EA 188 32.91 63.31 -112.18
N ASP EA 189 34.15 63.63 -111.86
CA ASP EA 189 34.99 64.46 -112.73
C ASP EA 189 36.46 64.16 -112.40
N TRP EA 190 37.35 65.07 -112.82
CA TRP EA 190 38.76 64.92 -112.47
C TRP EA 190 39.00 65.02 -110.97
N GLU EA 191 38.05 65.55 -110.21
CA GLU EA 191 38.12 65.56 -108.75
C GLU EA 191 37.58 64.28 -108.14
N GLY EA 192 37.13 63.33 -108.96
CA GLY EA 192 36.57 62.10 -108.43
C GLY EA 192 35.06 62.20 -108.23
N MET EA 193 34.60 61.62 -107.13
CA MET EA 193 33.20 61.61 -106.74
C MET EA 193 33.04 62.62 -105.61
N VAL EA 194 32.52 63.81 -105.94
CA VAL EA 194 32.47 64.92 -104.99
C VAL EA 194 31.06 65.48 -104.94
N LEU EA 195 30.51 65.63 -103.74
CA LEU EA 195 29.13 66.07 -103.63
C LEU EA 195 29.00 67.57 -103.88
N LEU EA 196 27.76 68.00 -104.05
CA LEU EA 196 27.40 69.39 -104.25
C LEU EA 196 26.30 69.76 -103.26
N SER EA 197 26.20 71.05 -102.95
CA SER EA 197 25.26 71.52 -101.95
C SER EA 197 24.16 72.36 -102.60
N SER EA 198 22.99 72.35 -101.97
CA SER EA 198 21.89 73.20 -102.40
C SER EA 198 21.88 74.55 -101.68
N SER EA 199 22.74 74.73 -100.67
CA SER EA 199 22.85 75.94 -99.88
C SER EA 199 24.16 76.65 -100.19
N PRO EA 200 24.21 77.97 -100.01
CA PRO EA 200 25.47 78.70 -100.26
C PRO EA 200 26.60 78.16 -99.40
N ARG EA 201 27.61 77.60 -100.07
CA ARG EA 201 28.82 77.12 -99.42
C ARG EA 201 29.99 78.00 -99.84
N THR EA 202 30.90 78.24 -98.90
CA THR EA 202 32.00 79.17 -99.12
C THR EA 202 33.34 78.45 -98.94
N ASN EA 203 34.32 78.87 -99.74
CA ASN EA 203 35.72 78.52 -99.52
C ASN EA 203 36.45 79.79 -99.13
N HIS EA 204 37.01 79.80 -97.90
CA HIS EA 204 37.49 81.01 -97.26
C HIS EA 204 38.96 81.31 -97.56
N VAL EA 205 39.68 80.42 -98.22
CA VAL EA 205 41.07 80.70 -98.54
C VAL EA 205 41.14 81.80 -99.59
N LEU EA 206 42.06 82.74 -99.41
CA LEU EA 206 42.18 83.84 -100.36
C LEU EA 206 42.67 83.35 -101.71
N THR EA 207 43.72 82.53 -101.71
CA THR EA 207 44.26 81.95 -102.94
C THR EA 207 44.35 80.44 -102.78
N SER EA 208 43.96 79.72 -103.83
CA SER EA 208 44.09 78.27 -103.85
C SER EA 208 45.25 77.79 -104.72
N THR EA 209 45.64 78.58 -105.72
CA THR EA 209 46.77 78.26 -106.59
C THR EA 209 47.74 79.43 -106.57
N PRO EA 210 48.76 79.39 -105.71
CA PRO EA 210 49.70 80.51 -105.62
C PRO EA 210 50.74 80.45 -106.71
N ALA EA 211 50.83 81.53 -107.50
CA ALA EA 211 51.86 81.68 -108.51
C ALA EA 211 52.92 82.69 -108.11
N SER EA 212 52.88 83.17 -106.87
CA SER EA 212 53.84 84.16 -106.39
C SER EA 212 54.23 83.83 -104.95
N ASP EA 213 55.47 84.18 -104.60
CA ASP EA 213 55.93 84.00 -103.24
C ASP EA 213 55.12 84.85 -102.26
N ALA EA 214 54.84 86.10 -102.63
CA ALA EA 214 54.12 87.01 -101.75
C ALA EA 214 52.66 86.61 -101.56
N ASP EA 215 52.16 85.66 -102.34
CA ASP EA 215 50.75 85.24 -102.20
C ASP EA 215 50.48 84.71 -100.81
N TRP EA 216 51.19 83.64 -100.41
CA TRP EA 216 51.08 83.12 -99.07
C TRP EA 216 52.39 83.35 -98.32
N PRO EA 217 52.34 83.96 -97.13
CA PRO EA 217 53.57 84.19 -96.37
C PRO EA 217 54.15 82.90 -95.81
N GLY EA 218 55.45 82.94 -95.56
CA GLY EA 218 56.13 81.86 -94.87
C GLY EA 218 56.65 82.29 -93.52
N VAL EA 219 56.18 81.64 -92.45
CA VAL EA 219 56.46 82.06 -91.09
C VAL EA 219 57.27 80.97 -90.41
N ASP EA 220 58.30 81.39 -89.67
CA ASP EA 220 59.18 80.47 -88.94
C ASP EA 220 59.51 81.05 -87.56
N PRO EA 221 59.10 80.40 -86.48
CA PRO EA 221 59.46 80.91 -85.14
C PRO EA 221 60.96 80.94 -84.91
N ALA EA 222 61.66 79.85 -85.21
CA ALA EA 222 63.12 79.84 -85.11
C ALA EA 222 63.74 80.75 -86.17
N ALA EA 223 63.18 80.74 -87.38
CA ALA EA 223 63.72 81.49 -88.52
C ALA EA 223 65.19 81.14 -88.76
N SER EA 224 65.52 79.87 -88.59
CA SER EA 224 66.91 79.42 -88.76
C SER EA 224 67.33 79.54 -90.22
N GLY EA 225 66.48 79.08 -91.14
CA GLY EA 225 66.76 79.13 -92.55
C GLY EA 225 65.85 80.09 -93.30
N ILE EA 226 66.00 80.08 -94.62
CA ILE EA 226 65.17 80.92 -95.49
C ILE EA 226 63.74 80.41 -95.40
N PRO EA 227 62.74 81.27 -95.59
CA PRO EA 227 61.35 80.80 -95.48
C PRO EA 227 60.99 79.88 -96.62
N VAL EA 228 60.01 79.02 -96.36
CA VAL EA 228 59.52 78.11 -97.38
C VAL EA 228 58.87 78.92 -98.50
N THR EA 229 59.39 78.79 -99.71
CA THR EA 229 59.00 79.63 -100.83
C THR EA 229 58.16 78.81 -101.81
N VAL EA 230 57.03 79.39 -102.22
CA VAL EA 230 56.17 78.76 -103.22
C VAL EA 230 56.70 79.10 -104.61
N GLU EA 231 56.93 78.08 -105.41
CA GLU EA 231 57.46 78.24 -106.77
C GLU EA 231 56.41 77.83 -107.78
N THR EA 232 56.29 78.60 -108.86
CA THR EA 232 55.39 78.24 -109.94
C THR EA 232 55.96 77.04 -110.68
N ALA EA 233 55.32 75.87 -110.56
CA ALA EA 233 55.84 74.66 -111.17
C ALA EA 233 55.03 74.31 -112.41
N SER EA 234 55.70 73.67 -113.37
CA SER EA 234 55.07 73.26 -114.63
C SER EA 234 54.80 71.76 -114.55
N ALA EA 235 53.65 71.40 -113.97
CA ALA EA 235 53.24 70.01 -113.86
C ALA EA 235 51.76 69.91 -114.15
N THR EA 236 51.34 68.74 -114.63
CA THR EA 236 49.97 68.53 -115.08
C THR EA 236 49.03 68.53 -113.87
N ALA EA 237 48.39 69.67 -113.62
CA ALA EA 237 47.43 69.76 -112.53
C ALA EA 237 46.19 68.94 -112.86
N PRO EA 238 45.47 68.45 -111.85
CA PRO EA 238 44.28 67.64 -112.12
C PRO EA 238 43.23 68.34 -112.96
N ASP EA 239 43.08 69.67 -112.82
CA ASP EA 239 42.13 70.38 -113.64
C ASP EA 239 42.51 70.39 -115.11
N GLY EA 240 43.78 70.17 -115.42
CA GLY EA 240 44.22 70.09 -116.80
C GLY EA 240 45.15 71.21 -117.23
N SER EA 241 45.92 71.75 -116.29
CA SER EA 241 46.81 72.87 -116.57
C SER EA 241 48.17 72.61 -115.94
N ALA EA 242 49.16 73.37 -116.40
CA ALA EA 242 50.49 73.35 -115.81
C ALA EA 242 50.66 74.53 -114.85
N THR EA 243 49.87 74.50 -113.77
CA THR EA 243 49.80 75.63 -112.85
C THR EA 243 49.99 75.22 -111.39
N VAL EA 244 50.50 74.01 -111.13
CA VAL EA 244 50.72 73.60 -109.74
C VAL EA 244 51.80 74.47 -109.10
N CYS EA 245 51.86 74.42 -107.78
CA CYS EA 245 52.87 75.16 -107.05
C CYS EA 245 53.75 74.18 -106.27
N LYS EA 246 55.06 74.31 -106.48
CA LYS EA 246 56.06 73.58 -105.72
C LYS EA 246 56.27 74.26 -104.39
N LEU EA 247 56.48 73.43 -103.36
CA LEU EA 247 56.60 73.88 -101.98
C LEU EA 247 57.84 73.20 -101.42
N THR EA 248 58.89 73.97 -101.15
CA THR EA 248 60.21 73.44 -100.85
C THR EA 248 60.69 73.91 -99.49
N LYS EA 249 61.25 72.99 -98.73
CA LYS EA 249 61.83 73.27 -97.42
C LYS EA 249 63.34 73.03 -97.47
N PRO EA 250 64.16 74.07 -97.34
CA PRO EA 250 65.61 73.87 -97.39
C PRO EA 250 66.13 73.27 -96.09
N ALA EA 251 67.42 72.91 -96.12
CA ALA EA 251 68.04 72.26 -94.97
C ALA EA 251 68.05 73.17 -93.75
N GLY EA 252 67.74 72.60 -92.60
CA GLY EA 252 67.77 73.35 -91.35
C GLY EA 252 66.66 74.34 -91.17
N SER EA 253 65.63 74.30 -92.01
CA SER EA 253 64.52 75.25 -91.96
C SER EA 253 63.28 74.57 -91.40
N THR EA 254 62.63 75.23 -90.44
CA THR EA 254 61.37 74.77 -89.89
C THR EA 254 60.23 75.72 -90.26
N ALA EA 255 60.40 76.46 -91.35
CA ALA EA 255 59.40 77.42 -91.78
C ALA EA 255 58.15 76.70 -92.31
N TYR EA 256 57.09 77.47 -92.48
CA TYR EA 256 55.84 76.92 -92.98
C TYR EA 256 55.05 78.01 -93.69
N VAL EA 257 54.22 77.60 -94.63
CA VAL EA 257 53.39 78.51 -95.39
C VAL EA 257 52.03 78.63 -94.70
N SER EA 258 51.60 79.87 -94.49
CA SER EA 258 50.30 80.17 -93.88
C SER EA 258 49.46 80.87 -94.92
N ALA EA 259 48.50 80.15 -95.50
CA ALA EA 259 47.66 80.74 -96.53
C ALA EA 259 46.77 81.82 -95.93
N PRO EA 260 46.79 83.03 -96.46
CA PRO EA 260 45.91 84.09 -95.93
C PRO EA 260 44.44 83.67 -96.04
N ILE EA 261 43.68 84.01 -95.00
CA ILE EA 261 42.28 83.62 -94.92
C ILE EA 261 41.60 84.52 -93.91
N ASP EA 262 40.37 84.92 -94.21
CA ASP EA 262 39.64 85.83 -93.33
C ASP EA 262 39.47 85.23 -91.95
N GLY EA 263 39.75 86.04 -90.92
CA GLY EA 263 39.63 85.61 -89.56
C GLY EA 263 38.76 86.55 -88.76
N PRO EA 264 38.00 86.01 -87.80
CA PRO EA 264 37.88 84.59 -87.44
C PRO EA 264 37.03 83.81 -88.44
N LEU EA 265 37.03 82.48 -88.35
CA LEU EA 265 36.19 81.67 -89.22
C LEU EA 265 34.81 81.43 -88.63
N GLY EA 266 34.72 81.20 -87.31
CA GLY EA 266 33.46 80.94 -86.67
C GLY EA 266 33.64 80.18 -85.37
N SER EA 267 32.82 80.50 -84.37
CA SER EA 267 32.95 79.90 -83.04
C SER EA 267 32.21 78.57 -83.00
N GLY EA 268 32.94 77.51 -82.61
CA GLY EA 268 32.34 76.20 -82.43
C GLY EA 268 31.75 75.61 -83.69
N SER EA 269 32.49 75.66 -84.79
CA SER EA 269 32.03 75.12 -86.06
C SER EA 269 33.04 74.13 -86.61
N THR EA 270 32.54 73.04 -87.17
CA THR EA 270 33.41 72.06 -87.81
C THR EA 270 34.09 72.69 -89.03
N VAL EA 271 35.37 72.39 -89.20
CA VAL EA 271 36.17 72.98 -90.27
C VAL EA 271 36.77 71.86 -91.10
N THR EA 272 36.68 71.99 -92.42
CA THR EA 272 37.20 71.02 -93.35
C THR EA 272 38.29 71.66 -94.20
N PHE EA 273 39.49 71.09 -94.17
CA PHE EA 273 40.59 71.50 -95.03
C PHE EA 273 40.81 70.42 -96.08
N SER EA 274 40.89 70.84 -97.35
CA SER EA 274 41.12 69.92 -98.45
C SER EA 274 42.14 70.53 -99.38
N PHE EA 275 42.97 69.68 -99.99
CA PHE EA 275 43.94 70.16 -100.96
C PHE EA 275 44.42 68.97 -101.80
N PHE EA 276 44.88 69.28 -103.00
CA PHE EA 276 45.33 68.26 -103.94
C PHE EA 276 46.85 68.24 -103.97
N ALA EA 277 47.43 67.06 -103.76
CA ALA EA 277 48.87 66.91 -103.65
C ALA EA 277 49.36 65.80 -104.54
N LYS EA 278 50.58 65.97 -105.04
CA LYS EA 278 51.28 64.96 -105.84
C LYS EA 278 52.63 64.68 -105.20
N ALA EA 279 52.99 63.40 -105.12
CA ALA EA 279 54.25 63.03 -104.50
C ALA EA 279 55.42 63.63 -105.29
N GLY EA 280 56.33 64.27 -104.56
CA GLY EA 280 57.48 64.91 -105.18
C GLY EA 280 58.80 64.38 -104.64
N SER EA 281 59.69 65.30 -104.24
CA SER EA 281 60.95 64.88 -103.63
C SER EA 281 60.71 64.11 -102.35
N THR EA 282 59.79 64.59 -101.50
CA THR EA 282 59.41 63.89 -100.29
C THR EA 282 58.31 62.89 -100.62
N ARG EA 283 57.70 62.30 -99.59
CA ARG EA 283 56.60 61.37 -99.79
C ARG EA 283 55.40 61.69 -98.90
N PHE EA 284 55.42 62.79 -98.15
CA PHE EA 284 54.36 63.08 -97.21
C PHE EA 284 54.38 64.55 -96.80
N ILE EA 285 53.19 65.05 -96.46
CA ILE EA 285 52.99 66.46 -96.20
C ILE EA 285 52.13 66.61 -94.95
N ALA EA 286 52.51 67.52 -94.07
CA ALA EA 286 51.80 67.76 -92.82
C ALA EA 286 51.02 69.06 -92.90
N ILE EA 287 49.87 69.07 -92.22
CA ILE EA 287 49.03 70.27 -92.13
C ILE EA 287 48.59 70.45 -90.68
N GLN EA 288 48.25 71.69 -90.35
CA GLN EA 288 47.81 72.08 -89.02
C GLN EA 288 46.64 73.03 -89.17
N SER EA 289 45.57 72.77 -88.42
CA SER EA 289 44.45 73.70 -88.32
C SER EA 289 44.62 74.50 -87.03
N ALA EA 290 44.64 75.83 -87.14
CA ALA EA 290 44.95 76.65 -85.99
C ALA EA 290 43.76 76.74 -85.05
N ALA EA 291 44.05 77.19 -83.84
CA ALA EA 291 43.05 77.48 -82.82
C ALA EA 291 43.73 78.41 -81.82
N ASP EA 292 43.09 78.61 -80.66
CA ASP EA 292 43.73 79.37 -79.60
C ASP EA 292 45.02 78.68 -79.17
N PHE EA 293 46.05 79.46 -78.92
CA PHE EA 293 47.32 78.93 -78.46
C PHE EA 293 47.13 78.23 -77.13
N PRO EA 294 47.51 76.94 -77.00
CA PRO EA 294 48.07 76.04 -78.00
C PRO EA 294 47.10 74.93 -78.47
N SER EA 295 45.86 75.25 -78.81
CA SER EA 295 44.84 74.24 -79.07
C SER EA 295 44.75 73.82 -80.54
N ARG EA 296 45.84 73.93 -81.30
CA ARG EA 296 45.81 73.61 -82.71
C ARG EA 296 45.85 72.10 -82.94
N ALA EA 297 45.38 71.69 -84.12
CA ALA EA 297 45.27 70.28 -84.49
C ALA EA 297 46.24 69.96 -85.62
N ASP EA 298 46.81 68.77 -85.60
CA ASP EA 298 47.86 68.39 -86.55
C ASP EA 298 47.47 67.11 -87.29
N ALA EA 299 47.92 67.02 -88.54
CA ALA EA 299 47.74 65.79 -89.31
C ALA EA 299 48.88 65.66 -90.31
N VAL EA 300 49.17 64.41 -90.68
CA VAL EA 300 50.23 64.10 -91.64
C VAL EA 300 49.67 63.13 -92.67
N PHE EA 301 49.90 63.40 -93.95
CA PHE EA 301 49.35 62.61 -95.03
C PHE EA 301 50.49 62.03 -95.86
N ASP EA 302 50.51 60.71 -96.00
CA ASP EA 302 51.51 59.98 -96.79
C ASP EA 302 50.99 59.88 -98.22
N LEU EA 303 51.55 60.68 -99.11
CA LEU EA 303 51.01 60.82 -100.46
C LEU EA 303 51.09 59.53 -101.27
N ASP EA 304 51.90 58.56 -100.83
CA ASP EA 304 52.06 57.32 -101.57
C ASP EA 304 51.26 56.17 -100.97
N SER EA 305 51.43 55.90 -99.67
CA SER EA 305 50.70 54.81 -99.04
C SER EA 305 49.24 55.15 -98.78
N GLY EA 306 48.87 56.43 -98.79
CA GLY EA 306 47.50 56.82 -98.57
C GLY EA 306 46.97 56.52 -97.18
N ASN EA 307 47.78 56.79 -96.16
CA ASN EA 307 47.39 56.55 -94.77
C ASN EA 307 47.56 57.82 -93.96
N VAL EA 308 46.63 58.05 -93.04
CA VAL EA 308 46.76 59.15 -92.10
C VAL EA 308 47.59 58.65 -90.92
N ILE EA 309 48.91 58.64 -91.08
CA ILE EA 309 49.80 58.03 -90.09
C ILE EA 309 49.96 58.87 -88.85
N SER EA 310 49.48 60.12 -88.86
CA SER EA 310 49.61 60.98 -87.69
C SER EA 310 48.42 61.92 -87.63
N ASP EA 311 47.66 61.84 -86.54
CA ASP EA 311 46.62 62.81 -86.21
C ASP EA 311 46.86 63.21 -84.75
N GLN EA 312 47.30 64.45 -84.54
CA GLN EA 312 47.68 64.94 -83.23
C GLN EA 312 46.64 65.91 -82.70
N MET EA 313 46.14 65.64 -81.50
CA MET EA 313 45.20 66.50 -80.78
C MET EA 313 45.94 67.20 -79.65
N LEU EA 314 46.37 68.44 -79.91
CA LEU EA 314 46.80 69.28 -78.80
C LEU EA 314 45.61 69.72 -77.95
N ASP EA 315 44.40 69.57 -78.48
CA ASP EA 315 43.16 69.90 -77.77
C ASP EA 315 42.07 68.98 -78.31
N SER EA 316 40.82 69.35 -78.10
CA SER EA 316 39.67 68.59 -78.59
C SER EA 316 39.40 68.81 -80.08
N SER EA 317 40.36 69.35 -80.81
CA SER EA 317 40.09 69.88 -82.15
C SER EA 317 39.71 68.79 -83.15
N VAL EA 318 40.52 67.73 -83.25
CA VAL EA 318 40.39 66.80 -84.36
C VAL EA 318 39.10 66.00 -84.27
N VAL EA 319 38.46 65.79 -85.42
CA VAL EA 319 37.36 64.86 -85.57
C VAL EA 319 37.73 63.69 -86.47
N SER EA 320 38.27 63.98 -87.65
CA SER EA 320 38.60 62.92 -88.60
C SER EA 320 39.62 63.41 -89.61
N ALA EA 321 40.22 62.47 -90.32
CA ALA EA 321 41.10 62.76 -91.43
C ALA EA 321 40.98 61.64 -92.45
N ARG EA 322 41.21 61.98 -93.72
CA ARG EA 322 40.90 61.05 -94.80
C ARG EA 322 41.68 61.42 -96.04
N MET EA 323 41.77 60.47 -96.96
CA MET EA 323 42.38 60.67 -98.26
C MET EA 323 41.47 60.10 -99.34
N ILE EA 324 41.44 60.77 -100.49
CA ILE EA 324 40.75 60.25 -101.66
C ILE EA 324 41.68 60.32 -102.87
N ARG EA 325 41.66 59.27 -103.67
CA ARG EA 325 42.61 59.09 -104.77
C ARG EA 325 42.07 59.70 -106.06
N LEU EA 326 43.00 60.18 -106.89
CA LEU EA 326 42.68 60.75 -108.19
C LEU EA 326 43.79 60.36 -109.16
N GLU EA 327 43.46 60.38 -110.45
CA GLU EA 327 44.38 59.91 -111.48
C GLU EA 327 45.66 60.73 -111.49
N ASN EA 328 46.66 60.21 -112.22
CA ASN EA 328 48.01 60.76 -112.24
C ASN EA 328 48.64 60.76 -110.84
N GLY EA 329 48.21 59.82 -110.01
CA GLY EA 329 48.77 59.69 -108.66
C GLY EA 329 48.56 60.90 -107.79
N TRP EA 330 47.36 61.49 -107.82
CA TRP EA 330 47.05 62.66 -107.01
C TRP EA 330 46.17 62.25 -105.84
N TRP EA 331 46.24 63.04 -104.77
CA TRP EA 331 45.46 62.76 -103.57
C TRP EA 331 44.83 64.05 -103.06
N ARG EA 332 43.57 63.97 -102.67
CA ARG EA 332 42.93 65.02 -101.88
C ARG EA 332 42.94 64.58 -100.43
N CYS EA 333 43.60 65.37 -99.58
CA CYS EA 333 43.71 65.10 -98.16
C CYS EA 333 42.75 66.00 -97.40
N VAL EA 334 41.91 65.40 -96.57
CA VAL EA 334 40.81 66.10 -95.92
C VAL EA 334 40.97 65.98 -94.41
N LEU EA 335 40.94 67.10 -93.71
CA LEU EA 335 41.01 67.15 -92.25
C LEU EA 335 39.76 67.83 -91.71
N THR EA 336 39.01 67.11 -90.90
CA THR EA 336 37.80 67.63 -90.26
C THR EA 336 38.08 67.85 -88.79
N THR EA 337 37.94 69.10 -88.34
CA THR EA 337 38.32 69.53 -87.01
C THR EA 337 37.18 70.31 -86.37
N LYS EA 338 36.91 70.02 -85.10
CA LYS EA 338 35.87 70.71 -84.34
C LYS EA 338 36.49 71.33 -83.09
N THR EA 339 36.48 72.65 -83.01
CA THR EA 339 36.96 73.37 -81.85
C THR EA 339 35.90 74.40 -81.42
N VAL EA 340 35.67 74.48 -80.11
CA VAL EA 340 34.64 75.39 -79.60
C VAL EA 340 35.08 76.84 -79.61
N SER EA 341 36.36 77.11 -79.79
CA SER EA 341 36.85 78.48 -79.81
C SER EA 341 36.75 79.07 -81.21
N SER EA 342 36.66 80.40 -81.26
CA SER EA 342 36.59 81.14 -82.51
C SER EA 342 37.96 81.60 -82.99
N SER EA 343 39.03 81.07 -82.42
CA SER EA 343 40.39 81.48 -82.74
C SER EA 343 40.94 80.75 -83.96
N PHE EA 344 40.09 80.21 -84.82
CA PHE EA 344 40.57 79.61 -86.06
C PHE EA 344 41.08 80.70 -86.98
N ARG EA 345 42.37 81.00 -86.90
CA ARG EA 345 42.93 82.09 -87.68
C ARG EA 345 43.44 81.62 -89.04
N ALA EA 346 44.08 80.45 -89.11
CA ALA EA 346 44.68 80.01 -90.36
C ALA EA 346 44.91 78.50 -90.32
N ALA EA 347 45.39 77.98 -91.45
CA ALA EA 347 45.83 76.61 -91.58
C ALA EA 347 47.25 76.61 -92.14
N TYR EA 348 48.15 75.91 -91.46
CA TYR EA 348 49.55 75.86 -91.84
C TYR EA 348 49.83 74.59 -92.62
N VAL EA 349 50.68 74.69 -93.63
CA VAL EA 349 51.04 73.56 -94.49
C VAL EA 349 52.56 73.45 -94.53
N ALA EA 350 53.07 72.22 -94.56
CA ALA EA 350 54.51 72.04 -94.67
C ALA EA 350 54.81 70.69 -95.30
N PRO EA 351 55.88 70.59 -96.10
CA PRO EA 351 56.38 69.26 -96.48
C PRO EA 351 56.96 68.57 -95.26
N ALA EA 352 56.95 67.24 -95.27
CA ALA EA 352 57.43 66.48 -94.13
C ALA EA 352 58.69 65.72 -94.52
N GLU EA 353 59.73 65.84 -93.71
CA GLU EA 353 60.96 65.08 -93.93
C GLU EA 353 60.79 63.63 -93.46
N THR EA 354 60.43 63.45 -92.20
CA THR EA 354 60.09 62.15 -91.66
C THR EA 354 58.58 61.96 -91.68
N ASN EA 355 58.15 60.70 -91.65
CA ASN EA 355 56.74 60.39 -91.83
C ASN EA 355 55.85 60.98 -90.73
N PHE EA 356 56.42 61.38 -89.60
CA PHE EA 356 55.67 62.03 -88.53
C PHE EA 356 56.11 63.49 -88.35
N SER EA 357 56.74 64.07 -89.36
CA SER EA 357 57.21 65.44 -89.26
C SER EA 357 56.03 66.40 -89.08
N TRP EA 358 56.26 67.45 -88.30
CA TRP EA 358 55.24 68.43 -88.00
C TRP EA 358 55.39 69.64 -88.91
N ILE EA 359 54.60 70.67 -88.63
CA ILE EA 359 54.71 71.94 -89.34
C ILE EA 359 56.04 72.63 -89.05
N ASP EA 360 56.69 72.30 -87.94
CA ASP EA 360 57.91 72.97 -87.53
C ASP EA 360 59.03 71.96 -87.26
N SER EA 361 58.99 70.81 -87.91
CA SER EA 361 60.05 69.82 -87.74
C SER EA 361 61.30 70.26 -88.50
N ASN EA 362 62.46 69.78 -88.03
CA ASN EA 362 63.73 70.15 -88.64
C ASN EA 362 63.86 69.51 -90.02
N SER EA 363 64.54 70.23 -90.92
CA SER EA 363 64.73 69.80 -92.30
C SER EA 363 66.19 69.46 -92.51
N SER EA 364 66.47 68.17 -92.75
CA SER EA 364 67.84 67.75 -93.04
C SER EA 364 68.33 68.33 -94.36
N ALA EA 365 67.48 68.36 -95.37
CA ALA EA 365 67.82 68.88 -96.69
C ALA EA 365 66.62 69.65 -97.23
N ALA EA 366 66.65 69.95 -98.52
CA ALA EA 366 65.54 70.62 -99.19
C ALA EA 366 64.62 69.56 -99.79
N ILE EA 367 63.38 69.53 -99.34
CA ILE EA 367 62.36 68.62 -99.86
C ILE EA 367 61.24 69.45 -100.45
N ASP EA 368 60.86 69.15 -101.68
CA ASP EA 368 59.83 69.89 -102.39
C ASP EA 368 58.71 68.95 -102.79
N VAL EA 369 57.47 69.42 -102.63
CA VAL EA 369 56.28 68.68 -103.01
C VAL EA 369 55.38 69.59 -103.84
N LEU EA 370 54.52 68.97 -104.64
CA LEU EA 370 53.65 69.70 -105.56
C LEU EA 370 52.24 69.73 -104.98
N ILE EA 371 51.71 70.94 -104.77
CA ILE EA 371 50.34 71.08 -104.28
C ILE EA 371 49.59 72.05 -105.17
N TRP EA 372 48.26 71.98 -105.07
CA TRP EA 372 47.36 72.79 -105.88
C TRP EA 372 45.94 72.61 -105.35
N GLY EA 373 45.17 73.68 -105.41
CA GLY EA 373 43.77 73.61 -105.05
C GLY EA 373 43.50 73.48 -103.56
N ALA EA 374 43.87 74.51 -102.79
CA ALA EA 374 43.56 74.55 -101.37
C ALA EA 374 42.12 75.03 -101.17
N GLN EA 375 41.45 74.46 -100.17
CA GLN EA 375 40.05 74.78 -99.91
C GLN EA 375 39.76 74.55 -98.44
N ILE EA 376 39.59 75.64 -97.69
CA ILE EA 376 39.16 75.58 -96.29
C ILE EA 376 37.71 76.05 -96.24
N GLU EA 377 36.85 75.22 -95.66
CA GLU EA 377 35.43 75.51 -95.67
C GLU EA 377 34.81 75.07 -94.34
N LEU EA 378 33.61 75.58 -94.08
CA LEU EA 378 32.82 75.15 -92.93
C LEU EA 378 32.21 73.79 -93.26
N GLY EA 379 31.32 73.31 -92.40
CA GLY EA 379 30.74 72.00 -92.63
C GLY EA 379 31.74 70.90 -92.29
N ASP EA 380 31.46 69.70 -92.81
CA ASP EA 380 32.27 68.54 -92.50
C ASP EA 380 32.49 67.63 -93.71
N THR EA 381 32.44 68.19 -94.92
CA THR EA 381 32.56 67.35 -96.10
C THR EA 381 33.21 68.12 -97.24
N PRO EA 382 34.19 67.52 -97.94
CA PRO EA 382 34.80 68.22 -99.08
C PRO EA 382 33.80 68.47 -100.18
N THR EA 383 34.00 69.57 -100.90
CA THR EA 383 33.15 69.97 -102.01
C THR EA 383 34.00 70.19 -103.25
N GLY EA 384 33.33 70.46 -104.36
CA GLY EA 384 34.04 70.64 -105.61
C GLY EA 384 34.96 71.85 -105.56
N TYR EA 385 36.13 71.69 -106.15
CA TYR EA 385 37.12 72.77 -106.11
C TYR EA 385 36.59 74.00 -106.83
N LEU EA 386 36.86 75.17 -106.24
CA LEU EA 386 36.44 76.45 -106.78
C LEU EA 386 37.61 77.42 -106.70
N GLU EA 387 37.93 78.08 -107.81
CA GLU EA 387 39.07 78.97 -107.86
C GLU EA 387 38.84 80.19 -106.99
N THR EA 388 39.81 80.49 -106.12
CA THR EA 388 39.77 81.65 -105.25
C THR EA 388 41.02 82.47 -105.46
N THR EA 389 40.85 83.75 -105.79
CA THR EA 389 41.96 84.67 -106.03
C THR EA 389 41.75 85.87 -105.11
N GLY EA 390 42.24 85.76 -103.88
CA GLY EA 390 42.05 86.82 -102.90
C GLY EA 390 40.62 86.99 -102.43
N ALA EA 391 39.75 86.02 -102.69
CA ALA EA 391 38.33 86.16 -102.37
C ALA EA 391 37.81 84.89 -101.70
N PRO EA 392 37.12 85.02 -100.57
CA PRO EA 392 36.44 83.86 -99.98
C PRO EA 392 35.19 83.50 -100.76
N VAL EA 393 35.37 82.68 -101.80
CA VAL EA 393 34.35 82.55 -102.82
C VAL EA 393 33.15 81.77 -102.29
N THR EA 394 31.96 82.34 -102.48
CA THR EA 394 30.69 81.73 -102.09
C THR EA 394 29.94 81.29 -103.34
N MET EA 395 29.29 80.14 -103.26
CA MET EA 395 28.57 79.63 -104.42
C MET EA 395 27.52 78.62 -103.98
N THR EA 396 26.43 78.56 -104.75
CA THR EA 396 25.37 77.58 -104.56
C THR EA 396 25.31 76.70 -105.80
N ASP EA 397 25.44 75.39 -105.60
CA ASP EA 397 25.65 74.49 -106.73
C ASP EA 397 24.40 74.35 -107.59
N TYR EA 398 23.24 74.13 -106.96
CA TYR EA 398 22.05 73.78 -107.72
C TYR EA 398 20.81 74.17 -106.94
N VAL EA 399 19.69 74.21 -107.66
CA VAL EA 399 18.37 74.42 -107.08
C VAL EA 399 17.43 73.38 -107.69
N LEU EA 400 16.68 72.70 -106.84
CA LEU EA 400 15.72 71.68 -107.30
C LEU EA 400 14.40 72.38 -107.62
N GLN EA 401 14.18 72.65 -108.91
CA GLN EA 401 13.00 73.43 -109.30
C GLN EA 401 11.72 72.63 -109.10
N ASN EA 402 11.69 71.38 -109.55
CA ASN EA 402 10.54 70.50 -109.38
C ASN EA 402 10.95 69.26 -108.60
N ALA EA 403 10.23 68.98 -107.53
CA ALA EA 403 10.52 67.85 -106.65
C ALA EA 403 9.57 66.68 -106.87
N GLN EA 404 8.96 66.60 -108.05
CA GLN EA 404 8.10 65.47 -108.40
C GLN EA 404 8.66 64.66 -109.56
N THR EA 405 8.96 65.31 -110.69
CA THR EA 405 9.57 64.65 -111.82
C THR EA 405 11.07 64.45 -111.66
N GLY EA 406 11.68 65.12 -110.67
CA GLY EA 406 13.11 64.98 -110.43
C GLY EA 406 13.99 65.81 -111.33
N THR EA 407 13.44 66.82 -112.02
CA THR EA 407 14.30 67.71 -112.79
C THR EA 407 14.97 68.73 -111.87
N VAL EA 408 16.25 68.97 -112.10
CA VAL EA 408 17.04 69.87 -111.27
C VAL EA 408 17.89 70.76 -112.18
N LYS EA 409 17.93 72.04 -111.84
CA LYS EA 409 18.73 73.02 -112.57
C LYS EA 409 20.02 73.32 -111.80
N PHE EA 410 21.02 73.80 -112.54
CA PHE EA 410 22.33 74.11 -112.01
C PHE EA 410 22.64 75.59 -112.18
N THR EA 411 23.55 76.09 -111.37
CA THR EA 411 24.01 77.46 -111.52
C THR EA 411 24.71 77.65 -112.86
N GLN EA 412 25.55 76.69 -113.25
CA GLN EA 412 26.25 76.70 -114.52
C GLN EA 412 26.04 75.37 -115.21
N PRO EA 413 26.09 75.33 -116.54
CA PRO EA 413 25.91 74.06 -117.24
C PRO EA 413 27.07 73.10 -116.96
N LEU EA 414 26.74 71.81 -116.94
CA LEU EA 414 27.74 70.81 -116.64
C LEU EA 414 28.74 70.71 -117.79
N PRO EA 415 30.04 70.76 -117.53
CA PRO EA 415 31.03 70.62 -118.60
C PRO EA 415 30.89 69.30 -119.33
N THR EA 416 31.49 69.26 -120.52
CA THR EA 416 31.44 68.05 -121.35
C THR EA 416 32.13 66.89 -120.66
N GLY EA 417 31.36 65.89 -120.25
CA GLY EA 417 31.90 64.65 -119.72
C GLY EA 417 31.69 64.44 -118.23
N VAL EA 418 31.46 65.51 -117.46
CA VAL EA 418 31.27 65.35 -116.03
C VAL EA 418 29.94 64.64 -115.78
N GLU EA 419 29.97 63.61 -114.94
CA GLU EA 419 28.79 62.80 -114.68
C GLU EA 419 28.12 63.23 -113.38
N ALA EA 420 26.87 62.84 -113.22
CA ALA EA 420 26.10 63.19 -112.03
C ALA EA 420 25.47 61.95 -111.43
N TYR EA 421 25.67 61.77 -110.13
CA TYR EA 421 25.08 60.69 -109.37
C TYR EA 421 24.20 61.27 -108.27
N TRP EA 422 23.15 60.54 -107.92
CA TRP EA 422 22.21 60.99 -106.91
C TRP EA 422 22.02 59.89 -105.88
N THR EA 423 21.63 60.31 -104.67
CA THR EA 423 21.22 59.40 -103.61
C THR EA 423 20.09 60.04 -102.81
N GLY EA 424 19.28 59.20 -102.18
CA GLY EA 424 18.14 59.68 -101.43
C GLY EA 424 16.93 58.77 -101.58
N ASP EA 425 15.76 59.37 -101.78
CA ASP EA 425 14.54 58.61 -102.01
C ASP EA 425 13.60 59.42 -102.88
N TRP EA 426 12.95 58.76 -103.83
CA TRP EA 426 12.05 59.41 -104.77
C TRP EA 426 11.32 58.34 -105.56
N LYS EA 427 10.09 58.66 -105.97
CA LYS EA 427 9.21 57.72 -106.68
C LYS EA 427 8.94 56.47 -105.85
N GLY EA 428 8.89 56.61 -104.54
CA GLY EA 428 8.69 55.45 -103.68
C GLY EA 428 9.82 54.45 -103.75
N GLY EA 429 11.06 54.95 -103.89
CA GLY EA 429 12.22 54.08 -103.94
C GLY EA 429 13.47 54.76 -103.41
N THR EA 430 14.26 54.04 -102.63
CA THR EA 430 15.44 54.60 -101.99
C THR EA 430 16.70 54.19 -102.75
N ALA EA 431 17.61 55.13 -102.91
CA ALA EA 431 18.90 54.90 -103.54
C ALA EA 431 19.98 55.31 -102.54
N ALA EA 432 20.41 54.36 -101.71
CA ALA EA 432 21.49 54.59 -100.77
C ALA EA 432 22.86 54.58 -101.43
N GLU EA 433 22.94 54.19 -102.70
CA GLU EA 433 24.14 54.19 -103.49
C GLU EA 433 24.04 55.26 -104.58
N PRO EA 434 25.17 55.78 -105.06
CA PRO EA 434 25.12 56.73 -106.18
C PRO EA 434 24.46 56.11 -107.39
N ALA EA 435 23.60 56.89 -108.04
CA ALA EA 435 22.95 56.46 -109.28
C ALA EA 435 23.11 57.56 -110.31
N ARG EA 436 23.71 57.22 -111.45
CA ARG EA 436 23.94 58.23 -112.48
C ARG EA 436 22.62 58.66 -113.13
N PHE EA 437 22.50 59.96 -113.36
CA PHE EA 437 21.31 60.48 -114.03
C PHE EA 437 21.59 61.53 -115.10
N ALA EA 438 22.83 62.01 -115.25
CA ALA EA 438 23.10 63.04 -116.24
C ALA EA 438 24.57 63.03 -116.61
N VAL EA 439 24.84 63.41 -117.86
CA VAL EA 439 26.20 63.61 -118.35
C VAL EA 439 26.25 65.00 -118.97
N GLY EA 440 27.26 65.78 -118.58
CA GLY EA 440 27.34 67.15 -119.05
C GLY EA 440 27.67 67.25 -120.53
N ASN EA 441 27.13 68.29 -121.15
CA ASN EA 441 27.37 68.59 -122.55
C ASN EA 441 27.91 70.00 -122.78
N GLY EA 442 28.11 70.78 -121.73
CA GLY EA 442 28.66 72.11 -121.85
C GLY EA 442 27.67 73.18 -122.24
N THR EA 443 26.41 72.83 -122.48
CA THR EA 443 25.39 73.79 -122.86
C THR EA 443 24.10 73.68 -122.06
N GLN EA 444 23.85 72.56 -121.39
CA GLN EA 444 22.61 72.34 -120.66
C GLN EA 444 22.89 72.30 -119.16
N ASP EA 445 21.99 72.88 -118.38
CA ASP EA 445 22.13 72.91 -116.93
C ASP EA 445 20.95 72.29 -116.19
N THR EA 446 19.93 71.81 -116.90
CA THR EA 446 18.77 71.20 -116.28
C THR EA 446 18.68 69.75 -116.70
N PHE EA 447 18.63 68.86 -115.72
CA PHE EA 447 18.64 67.42 -116.00
C PHE EA 447 17.68 66.70 -115.07
N THR EA 448 17.11 65.61 -115.57
CA THR EA 448 16.12 64.83 -114.84
C THR EA 448 16.77 63.63 -114.16
N LEU EA 449 16.33 63.35 -112.95
CA LEU EA 449 16.87 62.25 -112.16
C LEU EA 449 16.51 60.90 -112.78
N SER EA 450 17.33 59.91 -112.47
CA SER EA 450 17.12 58.54 -112.94
C SER EA 450 16.44 57.72 -111.86
N ASP EA 451 15.60 56.77 -112.28
CA ASP EA 451 14.81 55.97 -111.30
C ASP EA 451 15.72 55.30 -110.27
N PRO EA 452 15.39 55.35 -108.97
CA PRO EA 452 16.17 54.65 -107.94
C PRO EA 452 15.86 53.16 -107.86
N ALA EA 453 15.31 52.71 -106.72
CA ALA EA 453 14.98 51.28 -106.54
C ALA EA 453 13.50 51.04 -106.86
N TYR EA 454 12.74 50.54 -105.89
CA TYR EA 454 12.17 49.18 -105.88
C TYR EA 454 10.69 49.21 -105.54
N ILE EA 455 9.79 49.02 -106.53
CA ILE EA 455 8.35 48.92 -106.29
C ILE EA 455 7.78 50.30 -105.96
N GLY EA 456 6.58 50.58 -106.48
CA GLY EA 456 5.89 51.82 -106.14
C GLY EA 456 5.64 51.93 -104.65
N LEU EA 457 5.22 50.83 -104.01
CA LEU EA 457 5.32 50.45 -102.60
C LEU EA 457 4.06 50.48 -101.74
N PRO EA 458 3.15 51.46 -101.84
CA PRO EA 458 2.06 51.51 -100.84
C PRO EA 458 1.22 50.24 -100.79
N THR EA 459 1.08 49.53 -101.91
CA THR EA 459 0.25 48.35 -102.01
C THR EA 459 -1.17 48.65 -101.51
N SER EA 460 -1.84 49.51 -102.28
CA SER EA 460 -3.12 50.09 -101.88
C SER EA 460 -4.10 48.99 -101.47
N GLY EA 461 -4.72 49.20 -100.30
CA GLY EA 461 -5.65 48.26 -99.71
C GLY EA 461 -5.62 48.39 -98.20
N ALA EA 462 -6.74 48.12 -97.55
CA ALA EA 462 -6.84 48.16 -96.10
C ALA EA 462 -6.47 46.80 -95.53
N PHE EA 463 -6.35 46.75 -94.21
CA PHE EA 463 -6.38 45.51 -93.40
C PHE EA 463 -5.54 44.36 -93.97
N LYS EA 464 -4.84 44.55 -95.09
CA LYS EA 464 -4.27 43.37 -95.74
C LYS EA 464 -3.08 43.83 -96.56
N LEU EA 465 -2.05 43.01 -96.58
CA LEU EA 465 -0.90 43.30 -97.42
C LEU EA 465 -0.26 41.98 -97.83
N GLU EA 466 1.00 42.05 -98.21
CA GLU EA 466 1.64 41.03 -99.03
C GLU EA 466 3.14 41.06 -98.78
N TYR EA 467 3.76 39.88 -98.84
CA TYR EA 467 5.21 39.71 -98.75
C TYR EA 467 5.88 40.04 -100.07
N ARG EA 468 7.20 40.19 -100.03
CA ARG EA 468 8.01 40.33 -101.24
C ARG EA 468 9.40 39.78 -100.93
N VAL EA 469 9.90 38.87 -101.75
CA VAL EA 469 11.17 38.19 -101.46
C VAL EA 469 11.64 37.47 -102.73
N GLY EA 470 12.94 37.23 -102.81
CA GLY EA 470 13.47 36.25 -103.73
C GLY EA 470 14.67 36.64 -104.59
N PRO EA 471 14.73 37.87 -105.11
CA PRO EA 471 15.89 38.23 -105.95
C PRO EA 471 17.20 38.27 -105.18
N ALA EA 472 17.16 38.42 -103.86
CA ALA EA 472 18.35 38.44 -103.04
C ALA EA 472 18.77 37.03 -102.62
N LEU EA 473 17.85 36.26 -102.05
CA LEU EA 473 18.15 34.96 -101.49
C LEU EA 473 18.13 33.84 -102.52
N ASN EA 474 17.72 34.12 -103.76
CA ASN EA 474 17.55 33.10 -104.81
C ASN EA 474 16.89 31.84 -104.25
N LEU EA 475 15.83 32.08 -103.48
CA LEU EA 475 15.15 31.02 -102.74
C LEU EA 475 14.42 30.08 -103.70
N SER EA 476 14.06 28.91 -103.17
CA SER EA 476 13.46 27.88 -104.00
C SER EA 476 11.97 28.14 -104.22
N PRO EA 477 11.46 27.88 -105.43
CA PRO EA 477 10.01 27.99 -105.65
C PRO EA 477 9.21 27.06 -104.77
N GLN EA 478 9.80 25.93 -104.34
CA GLN EA 478 9.15 25.09 -103.35
C GLN EA 478 8.89 25.86 -102.07
N LEU EA 479 9.90 26.60 -101.59
CA LEU EA 479 9.72 27.45 -100.42
C LEU EA 479 8.65 28.50 -100.67
N ILE EA 480 8.70 29.14 -101.85
CA ILE EA 480 7.72 30.19 -102.14
C ILE EA 480 6.30 29.64 -102.09
N ASN EA 481 6.06 28.49 -102.70
CA ASN EA 481 4.72 27.93 -102.77
C ASN EA 481 4.26 27.41 -101.41
N LEU EA 482 5.12 26.68 -100.71
CA LEU EA 482 4.74 26.14 -99.41
C LEU EA 482 4.44 27.26 -98.43
N MET EA 483 5.22 28.34 -98.46
CA MET EA 483 4.92 29.48 -97.60
C MET EA 483 3.68 30.23 -98.08
N ASN EA 484 3.42 30.25 -99.38
CA ASN EA 484 2.19 30.82 -99.90
C ASN EA 484 0.95 30.09 -99.43
N ASP EA 485 1.09 28.80 -99.11
CA ASP EA 485 -0.04 28.08 -98.51
C ASP EA 485 -0.43 28.70 -97.18
N ARG EA 486 -1.73 28.91 -96.99
CA ARG EA 486 -2.25 29.55 -95.78
C ARG EA 486 -2.54 28.56 -94.66
N ALA EA 487 -2.96 27.34 -95.01
CA ALA EA 487 -3.48 26.41 -94.00
C ALA EA 487 -2.41 26.02 -92.99
N VAL EA 488 -1.18 25.77 -93.45
CA VAL EA 488 -0.14 25.31 -92.54
C VAL EA 488 0.17 26.35 -91.47
N GLY EA 489 0.14 27.63 -91.85
CA GLY EA 489 0.25 28.70 -90.88
C GLY EA 489 1.67 28.93 -90.37
N ILE EA 490 2.61 29.12 -91.28
CA ILE EA 490 3.98 29.43 -90.89
C ILE EA 490 4.21 30.93 -90.82
N MET EA 491 3.66 31.68 -91.77
CA MET EA 491 3.78 33.13 -91.74
C MET EA 491 3.12 33.69 -90.48
N PRO EA 492 3.72 34.69 -89.84
CA PRO EA 492 2.98 35.45 -88.84
C PRO EA 492 1.79 36.15 -89.48
N THR EA 493 0.66 36.14 -88.78
CA THR EA 493 -0.58 36.65 -89.35
C THR EA 493 -1.42 37.29 -88.27
N CYS EA 494 -1.92 38.50 -88.53
CA CYS EA 494 -3.00 39.02 -87.72
C CYS EA 494 -4.29 38.34 -88.13
N ALA EA 495 -5.14 38.08 -87.14
CA ALA EA 495 -6.47 37.57 -87.44
C ALA EA 495 -7.22 38.64 -88.21
N GLY EA 496 -7.64 38.30 -89.43
CA GLY EA 496 -8.29 39.26 -90.29
C GLY EA 496 -7.39 40.05 -91.20
N CYS EA 497 -6.29 39.45 -91.65
CA CYS EA 497 -5.44 40.03 -92.69
C CYS EA 497 -5.03 38.92 -93.64
N ASP EA 498 -5.31 39.12 -94.92
CA ASP EA 498 -4.99 38.13 -95.95
C ASP EA 498 -3.63 38.57 -96.49
N VAL EA 499 -2.66 37.67 -96.42
CA VAL EA 499 -1.34 37.92 -96.98
C VAL EA 499 -0.95 36.73 -97.83
N LYS EA 500 -0.69 36.97 -99.11
CA LYS EA 500 -0.09 35.98 -99.98
C LYS EA 500 1.42 36.24 -100.02
N VAL EA 501 2.19 35.16 -99.96
CA VAL EA 501 3.64 35.31 -99.88
C VAL EA 501 4.18 35.57 -101.28
N ILE EA 502 4.06 34.56 -102.15
CA ILE EA 502 4.51 34.55 -103.54
C ILE EA 502 5.68 35.52 -103.75
N GLN EA 503 5.65 36.30 -104.84
CA GLN EA 503 6.67 37.28 -105.18
C GLN EA 503 8.03 36.65 -105.47
N GLU EA 504 8.54 36.89 -106.68
CA GLU EA 504 9.88 36.49 -107.11
C GLU EA 504 10.38 35.17 -106.53
N THR FA 2 21.95 -33.00 -43.74
CA THR FA 2 22.01 -32.19 -44.95
C THR FA 2 23.32 -32.41 -45.66
N LEU FA 3 24.39 -32.28 -44.89
CA LEU FA 3 25.75 -32.25 -45.39
C LEU FA 3 26.71 -32.88 -44.38
N PRO FA 4 26.80 -32.37 -43.14
CA PRO FA 4 27.91 -32.80 -42.26
C PRO FA 4 27.67 -34.16 -41.59
N ALA FA 5 27.48 -35.19 -42.42
CA ALA FA 5 27.37 -36.58 -41.97
C ALA FA 5 26.21 -36.81 -41.00
N TYR FA 6 26.02 -38.07 -40.58
CA TYR FA 6 24.92 -38.40 -39.68
C TYR FA 6 25.26 -39.43 -38.62
N ASN FA 7 26.50 -39.93 -38.56
CA ASN FA 7 26.92 -40.92 -37.57
C ASN FA 7 26.03 -42.15 -37.63
N SER FA 8 25.29 -42.42 -36.56
CA SER FA 8 24.32 -43.53 -36.49
C SER FA 8 24.98 -44.87 -36.82
N ASP FA 9 25.93 -45.27 -35.98
CA ASP FA 9 26.66 -46.51 -36.18
C ASP FA 9 26.44 -47.55 -35.10
N ILE FA 10 25.83 -47.18 -33.98
CA ILE FA 10 25.56 -48.06 -32.84
C ILE FA 10 26.85 -48.52 -32.19
N GLN FA 11 27.84 -48.92 -33.00
CA GLN FA 11 29.13 -49.33 -32.49
C GLN FA 11 30.01 -48.15 -32.08
N GLN FA 12 29.55 -46.91 -32.28
CA GLN FA 12 30.27 -45.76 -31.75
C GLN FA 12 30.37 -45.85 -30.23
N ALA FA 13 29.39 -46.48 -29.58
CA ALA FA 13 29.52 -46.84 -28.18
C ALA FA 13 30.29 -48.15 -28.09
N LEU FA 14 31.48 -48.08 -27.51
CA LEU FA 14 32.53 -49.10 -27.49
C LEU FA 14 33.88 -48.39 -27.46
N LYS FA 15 34.32 -47.99 -26.27
CA LYS FA 15 35.49 -47.15 -26.15
C LYS FA 15 36.75 -47.96 -26.45
N TRP FA 16 37.90 -47.28 -26.36
CA TRP FA 16 39.18 -47.96 -26.48
C TRP FA 16 39.37 -48.97 -25.36
N LEU FA 17 38.66 -48.79 -24.24
CA LEU FA 17 38.81 -49.68 -23.10
C LEU FA 17 38.34 -51.07 -23.44
N HIS FA 18 37.20 -51.19 -24.12
CA HIS FA 18 36.65 -52.47 -24.53
C HIS FA 18 37.35 -52.93 -25.80
N ASN FA 19 38.67 -53.01 -25.71
CA ASN FA 19 39.50 -53.45 -26.81
C ASN FA 19 39.74 -54.96 -26.78
N GLN FA 20 39.94 -55.51 -25.59
CA GLN FA 20 40.11 -56.95 -25.40
C GLN FA 20 38.91 -57.59 -24.72
N ALA FA 21 37.87 -56.78 -24.48
CA ALA FA 21 36.69 -57.30 -23.76
C ALA FA 21 35.95 -58.25 -24.69
N PRO FA 22 35.68 -59.52 -24.30
CA PRO FA 22 34.83 -60.40 -25.12
C PRO FA 22 33.33 -60.10 -24.97
N GLY FA 23 32.94 -59.44 -23.87
CA GLY FA 23 31.54 -59.41 -23.39
C GLY FA 23 30.84 -58.13 -23.80
N ILE FA 24 31.16 -57.00 -23.18
CA ILE FA 24 30.59 -55.74 -23.66
C ILE FA 24 30.67 -55.67 -25.18
N THR FA 25 31.84 -55.98 -25.74
CA THR FA 25 31.97 -55.96 -27.20
C THR FA 25 31.05 -56.99 -27.84
N GLY FA 26 30.96 -58.19 -27.25
CA GLY FA 26 30.04 -59.18 -27.78
C GLY FA 26 28.60 -58.71 -27.76
N LEU FA 27 28.16 -58.12 -26.66
CA LEU FA 27 26.79 -57.64 -26.55
C LEU FA 27 26.52 -56.55 -27.57
N ILE FA 28 27.45 -55.60 -27.71
CA ILE FA 28 27.24 -54.50 -28.64
C ILE FA 28 27.24 -55.00 -30.07
N GLN FA 29 28.12 -55.94 -30.41
CA GLN FA 29 28.13 -56.50 -31.76
C GLN FA 29 26.84 -57.26 -32.06
N ARG FA 30 26.36 -58.07 -31.11
CA ARG FA 30 25.11 -58.80 -31.33
C ARG FA 30 23.94 -57.85 -31.50
N LYS FA 31 23.86 -56.83 -30.64
CA LYS FA 31 22.78 -55.86 -30.73
C LYS FA 31 22.85 -55.06 -32.02
N ALA FA 32 24.06 -54.68 -32.44
CA ALA FA 32 24.21 -53.97 -33.72
C ALA FA 32 23.79 -54.86 -34.88
N GLN FA 33 24.15 -56.15 -34.84
CA GLN FA 33 23.74 -57.06 -35.90
C GLN FA 33 22.23 -57.17 -35.95
N TRP FA 34 21.56 -57.24 -34.80
CA TRP FA 34 20.11 -57.39 -34.85
C TRP FA 34 19.42 -56.13 -35.31
N TYR FA 35 19.86 -54.97 -34.79
CA TYR FA 35 19.27 -53.72 -35.27
C TYR FA 35 19.49 -53.56 -36.75
N ASP FA 36 20.66 -53.96 -37.25
CA ASP FA 36 20.90 -53.96 -38.69
C ASP FA 36 19.92 -54.87 -39.40
N ARG FA 37 19.82 -56.13 -38.97
CA ARG FA 37 19.02 -57.11 -39.69
C ARG FA 37 17.55 -56.72 -39.71
N PHE FA 38 17.04 -56.19 -38.60
CA PHE FA 38 15.62 -55.91 -38.48
C PHE FA 38 15.25 -54.47 -38.80
N SER FA 39 16.23 -53.58 -39.03
CA SER FA 39 15.91 -52.24 -39.49
C SER FA 39 16.47 -51.95 -40.88
N ARG FA 40 17.79 -52.03 -41.07
CA ARG FA 40 18.36 -51.65 -42.35
C ARG FA 40 18.03 -52.69 -43.41
N GLN FA 41 18.23 -53.97 -43.09
CA GLN FA 41 17.88 -55.03 -44.03
C GLN FA 41 16.37 -55.04 -44.28
N PHE FA 42 15.58 -54.85 -43.23
CA PHE FA 42 14.14 -54.83 -43.39
C PHE FA 42 13.71 -53.72 -44.32
N TRP FA 43 14.27 -52.52 -44.15
CA TRP FA 43 13.85 -51.40 -44.99
C TRP FA 43 14.40 -51.52 -46.40
N ALA FA 44 15.57 -52.14 -46.57
CA ALA FA 44 16.08 -52.40 -47.92
C ALA FA 44 15.16 -53.36 -48.66
N ASN FA 45 14.76 -54.45 -47.99
CA ASN FA 45 13.84 -55.40 -48.63
C ASN FA 45 12.47 -54.77 -48.86
N TRP FA 46 12.03 -53.91 -47.94
CA TRP FA 46 10.75 -53.22 -48.11
C TRP FA 46 10.78 -52.24 -49.27
N GLU FA 47 11.90 -51.55 -49.49
CA GLU FA 47 12.00 -50.71 -50.68
C GLU FA 47 12.09 -51.57 -51.94
N ARG FA 48 12.76 -52.72 -51.88
CA ARG FA 48 12.72 -53.61 -53.02
C ARG FA 48 11.29 -54.02 -53.34
N ASP FA 49 10.48 -54.20 -52.29
CA ASP FA 49 9.05 -54.39 -52.45
C ASP FA 49 8.38 -53.18 -53.10
N VAL FA 50 8.71 -51.97 -52.63
CA VAL FA 50 8.08 -50.76 -53.16
C VAL FA 50 8.34 -50.64 -54.65
N PHE FA 51 9.58 -50.89 -55.06
CA PHE FA 51 9.91 -50.89 -56.48
C PHE FA 51 9.07 -51.95 -57.19
N HIS FA 52 8.47 -51.55 -58.32
CA HIS FA 52 7.52 -52.40 -59.01
C HIS FA 52 8.12 -53.16 -60.18
N LEU FA 53 9.09 -52.58 -60.88
CA LEU FA 53 9.78 -53.30 -61.95
C LEU FA 53 10.43 -54.57 -61.40
N LYS FA 54 10.92 -54.51 -60.17
CA LYS FA 54 11.54 -55.65 -59.48
C LYS FA 54 10.71 -55.96 -58.24
N THR FA 55 9.69 -56.81 -58.40
CA THR FA 55 8.85 -57.22 -57.25
C THR FA 55 8.45 -58.69 -57.36
N ALA FA 56 9.43 -59.60 -57.36
CA ALA FA 56 9.08 -61.04 -57.37
C ALA FA 56 8.13 -61.32 -56.20
N ASN FA 57 8.48 -60.82 -55.01
CA ASN FA 57 7.71 -61.05 -53.77
C ASN FA 57 6.21 -60.97 -54.05
N PRO FA 58 5.44 -62.07 -53.90
CA PRO FA 58 3.99 -62.03 -54.09
C PRO FA 58 3.37 -60.95 -53.19
N PHE FA 59 3.91 -60.78 -51.98
CA PHE FA 59 3.36 -59.78 -51.08
C PHE FA 59 3.36 -58.40 -51.72
N GLY FA 60 4.44 -58.06 -52.43
CA GLY FA 60 4.48 -56.78 -53.11
C GLY FA 60 3.49 -56.66 -54.23
N LEU FA 61 3.35 -57.73 -55.02
CA LEU FA 61 2.31 -57.75 -56.04
C LEU FA 61 0.95 -57.48 -55.42
N MET FA 62 0.70 -58.03 -54.23
CA MET FA 62 -0.57 -57.77 -53.55
C MET FA 62 -0.70 -56.30 -53.16
N VAL FA 63 0.25 -55.79 -52.36
CA VAL FA 63 0.20 -54.38 -51.96
C VAL FA 63 -0.07 -53.48 -53.15
N TRP FA 64 0.56 -53.76 -54.28
CA TRP FA 64 0.31 -52.92 -55.46
C TRP FA 64 -1.09 -53.14 -56.03
N CYS FA 65 -1.62 -54.36 -55.95
CA CYS FA 65 -2.96 -54.55 -56.50
C CYS FA 65 -4.03 -53.90 -55.62
N ILE FA 66 -3.83 -53.85 -54.31
CA ILE FA 66 -4.69 -53.01 -53.48
C ILE FA 66 -4.53 -51.55 -53.85
N ILE FA 67 -3.28 -51.09 -54.00
CA ILE FA 67 -3.03 -49.68 -54.27
C ILE FA 67 -3.77 -49.25 -55.54
N LEU FA 68 -3.68 -50.08 -56.59
CA LEU FA 68 -4.33 -49.74 -57.85
C LEU FA 68 -5.82 -50.06 -57.84
N GLY FA 69 -6.25 -51.02 -57.03
CA GLY FA 69 -7.64 -51.43 -56.99
C GLY FA 69 -7.99 -52.64 -57.82
N THR FA 70 -7.01 -53.32 -58.39
CA THR FA 70 -7.29 -54.45 -59.27
C THR FA 70 -7.75 -55.65 -58.45
N PRO FA 71 -8.86 -56.30 -58.82
CA PRO FA 71 -9.28 -57.51 -58.12
C PRO FA 71 -8.23 -58.61 -58.20
N SER FA 72 -8.09 -59.36 -57.11
CA SER FA 72 -7.06 -60.37 -56.97
C SER FA 72 -7.57 -61.80 -57.14
N LYS FA 73 -8.83 -61.98 -57.58
CA LYS FA 73 -9.35 -63.33 -57.75
C LYS FA 73 -8.57 -64.10 -58.80
N GLY FA 74 -8.21 -63.47 -59.91
CA GLY FA 74 -7.54 -64.14 -61.00
C GLY FA 74 -6.02 -64.16 -60.93
N PHE FA 75 -5.43 -63.84 -59.79
CA PHE FA 75 -3.98 -63.77 -59.67
C PHE FA 75 -3.43 -65.05 -59.05
N GLY FA 76 -2.15 -65.31 -59.33
CA GLY FA 76 -1.54 -66.60 -59.04
C GLY FA 76 -0.40 -66.58 -58.04
N LEU FA 77 -0.57 -65.83 -56.96
CA LEU FA 77 0.43 -65.72 -55.91
C LEU FA 77 0.49 -67.03 -55.11
N TYR FA 78 1.29 -67.04 -54.05
CA TYR FA 78 1.66 -68.22 -53.26
C TYR FA 78 2.64 -69.06 -54.08
N PRO FA 79 3.53 -69.80 -53.42
CA PRO FA 79 4.53 -70.57 -54.18
C PRO FA 79 3.89 -71.63 -55.07
N LYS FA 80 4.56 -71.92 -56.18
CA LYS FA 80 4.11 -72.94 -57.12
C LYS FA 80 4.51 -74.32 -56.57
N ASN FA 81 4.44 -75.34 -57.44
CA ASN FA 81 4.77 -76.72 -57.08
C ASN FA 81 3.81 -77.25 -56.01
N SER FA 82 2.51 -77.09 -56.27
CA SER FA 82 1.49 -77.62 -55.39
C SER FA 82 0.34 -78.29 -56.12
N SER FA 83 0.41 -78.44 -57.43
CA SER FA 83 -0.61 -79.09 -58.24
C SER FA 83 -0.07 -80.42 -58.76
N TRP FA 84 -0.91 -81.45 -58.71
CA TRP FA 84 -0.48 -82.77 -59.15
C TRP FA 84 -0.56 -82.90 -60.67
N ALA FA 85 -1.77 -82.77 -61.22
CA ALA FA 85 -2.02 -82.83 -62.67
C ALA FA 85 -1.36 -84.10 -63.23
N PHE FA 86 -0.53 -84.00 -64.26
CA PHE FA 86 0.18 -85.14 -64.82
C PHE FA 86 1.65 -84.79 -64.98
N GLY FA 87 2.50 -85.80 -64.88
CA GLY FA 87 3.91 -85.60 -65.12
C GLY FA 87 4.73 -85.70 -63.84
N ARG FA 88 6.01 -86.04 -64.01
CA ARG FA 88 6.90 -86.14 -62.86
C ARG FA 88 7.31 -84.78 -62.32
N LEU FA 89 7.30 -83.75 -63.18
CA LEU FA 89 7.68 -82.40 -62.76
C LEU FA 89 6.70 -81.78 -61.78
N ARG FA 90 5.51 -82.37 -61.62
CA ARG FA 90 4.48 -81.85 -60.75
C ARG FA 90 4.24 -82.81 -59.58
N GLN FA 91 3.26 -82.47 -58.75
CA GLN FA 91 3.01 -83.22 -57.52
C GLN FA 91 2.31 -84.55 -57.82
N ASN FA 92 2.06 -85.32 -56.77
CA ASN FA 92 1.43 -86.63 -56.87
C ASN FA 92 0.40 -86.77 -55.75
N PHE FA 93 -0.39 -87.84 -55.83
CA PHE FA 93 -1.44 -88.07 -54.84
C PHE FA 93 -0.85 -88.30 -53.46
N ILE FA 94 -1.49 -87.68 -52.46
CA ILE FA 94 -1.15 -87.89 -51.05
C ILE FA 94 -2.16 -88.84 -50.45
N TYR FA 95 -1.67 -89.89 -49.80
CA TYR FA 95 -2.52 -90.92 -49.22
C TYR FA 95 -2.29 -90.98 -47.71
N SER FA 96 -3.00 -91.90 -47.06
CA SER FA 96 -2.97 -92.05 -45.61
C SER FA 96 -1.68 -92.77 -45.21
N GLY FA 97 -0.64 -91.99 -44.97
CA GLY FA 97 0.61 -92.52 -44.46
C GLY FA 97 0.57 -92.68 -42.96
N THR FA 98 -0.09 -93.75 -42.48
CA THR FA 98 -0.28 -93.94 -41.05
C THR FA 98 1.04 -93.89 -40.29
N GLN FA 99 2.09 -94.49 -40.85
CA GLN FA 99 3.42 -94.44 -40.24
C GLN FA 99 4.11 -93.09 -40.47
N VAL FA 100 3.61 -92.28 -41.41
CA VAL FA 100 4.26 -91.03 -41.83
C VAL FA 100 5.64 -91.38 -42.35
N PRO FA 101 5.74 -91.97 -43.54
CA PRO FA 101 7.04 -92.34 -44.08
C PRO FA 101 7.88 -91.11 -44.35
N PRO FA 102 9.20 -91.23 -44.34
CA PRO FA 102 10.08 -90.08 -44.61
C PRO FA 102 9.79 -89.43 -45.96
N PRO FA 103 9.51 -90.18 -47.02
CA PRO FA 103 9.17 -89.53 -48.30
C PRO FA 103 7.80 -88.87 -48.32
N ALA FA 104 7.01 -89.00 -47.25
CA ALA FA 104 5.64 -88.47 -47.21
C ALA FA 104 4.84 -88.97 -48.41
N ASP FA 105 4.65 -90.30 -48.42
CA ASP FA 105 4.12 -91.07 -49.55
C ASP FA 105 4.63 -90.53 -50.88
N ALA FA 106 3.73 -90.35 -51.85
CA ALA FA 106 4.16 -89.87 -53.15
C ALA FA 106 4.53 -88.39 -53.12
N SER FA 107 3.77 -87.59 -52.38
CA SER FA 107 4.00 -86.15 -52.31
C SER FA 107 3.40 -85.63 -51.01
N PRO FA 108 3.90 -84.48 -50.51
CA PRO FA 108 3.29 -83.89 -49.31
C PRO FA 108 1.91 -83.32 -49.53
N GLY FA 109 1.40 -83.31 -50.75
CA GLY FA 109 0.08 -82.77 -51.01
C GLY FA 109 -0.31 -82.78 -52.48
N GLY FA 110 -0.91 -81.68 -52.94
CA GLY FA 110 -1.37 -81.58 -54.31
C GLY FA 110 -2.83 -81.14 -54.39
N ASN FA 111 -3.10 -80.04 -55.08
CA ASN FA 111 -4.43 -79.47 -55.13
C ASN FA 111 -4.70 -78.98 -56.55
N PHE FA 112 -5.90 -78.42 -56.74
CA PHE FA 112 -6.32 -77.87 -58.02
C PHE FA 112 -5.94 -76.40 -58.18
N TYR FA 113 -5.19 -75.84 -57.23
CA TYR FA 113 -4.83 -74.44 -57.29
C TYR FA 113 -4.09 -74.13 -58.60
N GLY FA 114 -4.66 -73.23 -59.40
CA GLY FA 114 -4.10 -72.92 -60.69
C GLY FA 114 -5.06 -73.13 -61.85
N GLY FA 115 -6.36 -73.03 -61.58
CA GLY FA 115 -7.36 -73.17 -62.62
C GLY FA 115 -7.18 -72.18 -63.74
N GLY FA 116 -7.18 -72.68 -64.98
CA GLY FA 116 -6.85 -71.87 -66.14
C GLY FA 116 -8.05 -71.14 -66.73
N ASN FA 117 -7.80 -70.54 -67.89
CA ASN FA 117 -8.78 -69.80 -68.70
C ASN FA 117 -9.14 -68.46 -68.07
N ALA FA 118 -8.71 -68.24 -66.82
CA ALA FA 118 -8.86 -66.92 -66.20
C ALA FA 118 -7.65 -66.50 -65.37
N GLU FA 119 -6.83 -67.41 -64.88
CA GLU FA 119 -5.82 -67.11 -63.87
C GLU FA 119 -4.43 -67.38 -64.41
N ILE FA 120 -3.50 -66.48 -64.09
CA ILE FA 120 -2.13 -66.59 -64.55
C ILE FA 120 -1.25 -66.94 -63.35
N LEU FA 121 -0.13 -67.60 -63.62
CA LEU FA 121 0.73 -68.07 -62.54
C LEU FA 121 2.11 -67.42 -62.56
N ASN FA 122 2.66 -67.14 -63.73
CA ASN FA 122 3.99 -66.53 -63.81
C ASN FA 122 3.96 -65.13 -63.20
N LEU FA 123 4.76 -64.93 -62.15
CA LEU FA 123 4.78 -63.64 -61.46
C LEU FA 123 5.31 -62.52 -62.33
N ASP FA 124 6.05 -62.84 -63.39
CA ASP FA 124 6.56 -61.81 -64.28
C ASP FA 124 5.41 -61.04 -64.94
N GLU FA 125 4.36 -61.75 -65.34
CA GLU FA 125 3.23 -61.14 -66.02
C GLU FA 125 2.28 -60.42 -65.06
N ILE FA 126 2.33 -60.73 -63.76
CA ILE FA 126 1.50 -60.00 -62.80
C ILE FA 126 1.96 -58.55 -62.71
N ARG FA 127 3.27 -58.32 -62.71
CA ARG FA 127 3.79 -56.96 -62.71
C ARG FA 127 3.36 -56.21 -63.97
N LYS FA 128 3.40 -56.89 -65.12
CA LYS FA 128 2.93 -56.27 -66.35
C LYS FA 128 1.47 -55.87 -66.25
N VAL FA 129 0.64 -56.77 -65.69
CA VAL FA 129 -0.79 -56.49 -65.54
C VAL FA 129 -1.01 -55.27 -64.64
N LEU FA 130 -0.28 -55.22 -63.53
CA LEU FA 130 -0.47 -54.09 -62.59
C LEU FA 130 0.01 -52.78 -63.20
N GLN FA 131 1.14 -52.79 -63.92
CA GLN FA 131 1.60 -51.58 -64.58
C GLN FA 131 0.61 -51.14 -65.66
N LEU FA 132 0.03 -52.10 -66.39
CA LEU FA 132 -0.97 -51.75 -67.38
C LEU FA 132 -2.21 -51.16 -66.71
N ARG FA 133 -2.57 -51.66 -65.52
CA ARG FA 133 -3.69 -51.07 -64.80
C ARG FA 133 -3.38 -49.62 -64.43
N TYR FA 134 -2.15 -49.35 -63.99
CA TYR FA 134 -1.79 -47.97 -63.69
C TYR FA 134 -1.87 -47.09 -64.94
N VAL FA 135 -1.41 -47.62 -66.08
CA VAL FA 135 -1.49 -46.88 -67.33
C VAL FA 135 -2.93 -46.58 -67.68
N ALA FA 136 -3.82 -47.55 -67.46
CA ALA FA 136 -5.25 -47.32 -67.69
C ALA FA 136 -5.79 -46.28 -66.73
N LEU FA 137 -5.29 -46.26 -65.49
CA LEU FA 137 -5.73 -45.28 -64.52
C LEU FA 137 -5.39 -43.87 -64.97
N ILE FA 138 -4.18 -43.66 -65.50
CA ILE FA 138 -3.74 -42.31 -65.85
C ILE FA 138 -4.03 -41.94 -67.31
N SER FA 139 -4.45 -42.88 -68.14
CA SER FA 139 -4.50 -42.65 -69.58
C SER FA 139 -5.62 -41.69 -69.96
N ASN FA 140 -5.33 -40.80 -70.92
CA ASN FA 140 -6.32 -39.91 -71.50
C ASN FA 140 -6.91 -40.45 -72.79
N GLY FA 141 -6.50 -41.65 -73.21
CA GLY FA 141 -6.98 -42.24 -74.44
C GLY FA 141 -6.05 -42.17 -75.62
N SER FA 142 -4.89 -41.54 -75.47
CA SER FA 142 -3.93 -41.48 -76.57
C SER FA 142 -3.41 -42.88 -76.90
N ILE FA 143 -3.19 -43.12 -78.18
CA ILE FA 143 -2.68 -44.41 -78.65
C ILE FA 143 -1.18 -44.38 -78.85
N ALA FA 144 -0.61 -43.24 -79.24
CA ALA FA 144 0.84 -43.12 -79.26
C ALA FA 144 1.41 -43.36 -77.88
N TYR FA 145 0.78 -42.78 -76.86
CA TYR FA 145 1.21 -42.96 -75.48
C TYR FA 145 1.08 -44.41 -75.05
N ILE FA 146 -0.06 -45.02 -75.36
CA ILE FA 146 -0.29 -46.40 -74.96
C ILE FA 146 0.67 -47.34 -75.67
N ASN FA 147 0.95 -47.08 -76.95
CA ASN FA 147 1.93 -47.87 -77.68
C ASN FA 147 3.32 -47.73 -77.07
N ARG FA 148 3.71 -46.50 -76.72
CA ARG FA 148 5.06 -46.32 -76.20
C ARG FA 148 5.22 -46.97 -74.84
N MET FA 149 4.17 -46.94 -74.01
CA MET FA 149 4.24 -47.67 -72.74
C MET FA 149 4.13 -49.18 -72.92
N LEU FA 150 3.34 -49.66 -73.87
CA LEU FA 150 3.31 -51.09 -74.08
C LEU FA 150 4.69 -51.58 -74.52
N ARG FA 151 5.34 -50.83 -75.40
CA ARG FA 151 6.72 -51.10 -75.77
C ARG FA 151 7.63 -51.10 -74.54
N TYR FA 152 7.46 -50.09 -73.68
CA TYR FA 152 8.34 -49.93 -72.53
C TYR FA 152 8.16 -51.06 -71.50
N ILE FA 153 6.93 -51.49 -71.25
CA ILE FA 153 6.70 -52.51 -70.22
C ILE FA 153 6.96 -53.91 -70.76
N PHE FA 154 6.48 -54.23 -71.97
CA PHE FA 154 6.61 -55.58 -72.48
C PHE FA 154 7.86 -55.80 -73.32
N ASN FA 155 8.68 -54.76 -73.52
CA ASN FA 155 9.91 -54.93 -74.27
C ASN FA 155 11.08 -54.13 -73.68
N ASP FA 156 10.89 -53.50 -72.53
CA ASP FA 156 11.93 -52.69 -71.88
C ASP FA 156 12.45 -51.59 -72.81
N ASP FA 157 11.52 -50.92 -73.50
CA ASP FA 157 11.84 -49.81 -74.39
C ASP FA 157 12.83 -50.21 -75.47
N GLU FA 158 12.56 -51.36 -76.11
CA GLU FA 158 13.39 -51.82 -77.21
C GLU FA 158 12.59 -51.89 -78.50
N PRO FA 159 13.18 -51.51 -79.64
CA PRO FA 159 12.48 -51.68 -80.91
C PRO FA 159 12.46 -53.15 -81.33
N TRP FA 160 11.52 -53.46 -82.20
CA TRP FA 160 11.27 -54.84 -82.61
C TRP FA 160 10.99 -54.89 -84.10
N ASP FA 161 11.29 -56.03 -84.70
CA ASP FA 161 10.94 -56.27 -86.09
C ASP FA 161 9.58 -56.94 -86.19
N GLU FA 162 9.03 -56.96 -87.41
CA GLU FA 162 7.69 -57.47 -87.61
C GLU FA 162 7.60 -58.99 -87.55
N ALA FA 163 8.73 -59.69 -87.52
CA ALA FA 163 8.69 -61.13 -87.29
C ALA FA 163 8.12 -61.44 -85.91
N THR FA 164 8.46 -60.63 -84.92
CA THR FA 164 7.89 -60.79 -83.58
C THR FA 164 6.42 -60.41 -83.57
N GLY FA 165 6.12 -59.17 -83.96
CA GLY FA 165 4.75 -58.68 -83.90
C GLY FA 165 4.32 -58.32 -82.49
N LEU FA 166 4.92 -57.27 -81.92
CA LEU FA 166 4.64 -56.88 -80.54
C LEU FA 166 3.24 -56.29 -80.49
N TYR FA 167 2.88 -55.71 -79.34
CA TYR FA 167 1.59 -55.06 -79.14
C TYR FA 167 1.28 -54.08 -80.26
N PHE FA 168 0.00 -53.79 -80.45
CA PHE FA 168 -0.48 -53.11 -81.65
C PHE FA 168 -1.25 -51.85 -81.28
N TYR FA 169 -1.91 -51.25 -82.26
CA TYR FA 169 -2.55 -49.99 -81.99
C TYR FA 169 -3.73 -50.18 -81.05
N LEU FA 170 -4.39 -49.06 -80.80
CA LEU FA 170 -5.53 -48.95 -79.92
C LEU FA 170 -6.52 -48.08 -80.69
N MET FA 171 -7.49 -47.52 -79.97
CA MET FA 171 -8.62 -46.84 -80.58
C MET FA 171 -8.23 -45.60 -81.39
N ASP FA 172 -8.04 -45.80 -82.69
CA ASP FA 172 -8.14 -44.72 -83.68
C ASP FA 172 -8.29 -45.42 -85.03
N SER FA 173 -9.53 -45.47 -85.54
CA SER FA 173 -9.82 -46.29 -86.70
C SER FA 173 -9.23 -45.69 -87.96
N THR FA 174 -7.90 -45.70 -88.05
CA THR FA 174 -7.17 -45.02 -89.10
C THR FA 174 -6.43 -46.05 -89.96
N GLY FA 175 -7.01 -46.35 -91.14
CA GLY FA 175 -6.46 -47.38 -92.02
C GLY FA 175 -5.18 -46.99 -92.72
N GLU FA 176 -4.17 -47.86 -92.64
CA GLU FA 176 -2.79 -47.38 -92.65
C GLU FA 176 -2.24 -47.13 -94.03
N ASN FA 177 -2.21 -48.15 -94.87
CA ASN FA 177 -1.63 -47.98 -96.18
C ASN FA 177 -2.55 -48.72 -97.14
N GLY FA 178 -2.02 -49.10 -98.29
CA GLY FA 178 -2.85 -49.48 -99.41
C GLY FA 178 -2.31 -48.84 -100.66
N PRO FA 179 -1.80 -47.61 -100.53
CA PRO FA 179 -0.77 -47.16 -101.47
C PRO FA 179 0.59 -47.61 -100.97
N VAL FA 180 1.63 -47.37 -101.77
CA VAL FA 180 3.00 -47.70 -101.41
C VAL FA 180 3.84 -46.43 -101.46
N GLU FA 181 4.56 -46.16 -100.38
CA GLU FA 181 5.43 -44.99 -100.30
C GLU FA 181 6.77 -45.42 -99.73
N ASN FA 182 7.71 -44.47 -99.75
CA ASN FA 182 9.10 -44.66 -99.30
C ASN FA 182 9.62 -46.03 -99.70
N LEU FA 183 9.40 -46.38 -100.95
CA LEU FA 183 9.82 -47.67 -101.49
C LEU FA 183 11.25 -47.60 -101.98
N ALA FA 184 12.04 -48.61 -101.65
CA ALA FA 184 13.40 -48.75 -102.14
C ALA FA 184 13.62 -50.18 -102.61
N ILE FA 185 14.45 -50.32 -103.63
CA ILE FA 185 14.75 -51.62 -104.23
C ILE FA 185 16.26 -51.80 -104.24
N TYR FA 186 16.70 -53.00 -103.87
CA TYR FA 186 18.09 -53.41 -104.00
C TYR FA 186 18.18 -54.60 -104.94
N ARG FA 187 19.32 -54.72 -105.61
CA ARG FA 187 19.62 -55.89 -106.42
C ARG FA 187 20.77 -56.66 -105.77
N LYS FA 188 20.67 -57.98 -105.87
CA LYS FA 188 21.64 -58.92 -105.32
C LYS FA 188 22.36 -59.59 -106.49
N ASP FA 189 23.68 -59.46 -106.50
CA ASP FA 189 24.53 -59.95 -107.59
C ASP FA 189 25.93 -60.13 -107.02
N TRP FA 190 26.93 -60.21 -107.91
CA TRP FA 190 28.31 -60.25 -107.45
C TRP FA 190 28.71 -59.00 -106.67
N GLU FA 191 27.95 -57.91 -106.77
CA GLU FA 191 28.16 -56.72 -105.97
C GLU FA 191 27.44 -56.74 -104.65
N GLY FA 192 26.68 -57.79 -104.36
CA GLY FA 192 25.90 -57.82 -103.14
C GLY FA 192 24.67 -56.93 -103.23
N MET FA 193 24.09 -56.68 -102.06
CA MET FA 193 22.88 -55.87 -101.97
C MET FA 193 23.21 -54.41 -102.26
N VAL FA 194 22.76 -53.90 -103.40
CA VAL FA 194 22.98 -52.51 -103.76
C VAL FA 194 21.68 -51.91 -104.24
N LEU FA 195 21.31 -50.75 -103.70
CA LEU FA 195 20.02 -50.16 -104.07
C LEU FA 195 20.08 -49.53 -105.46
N LEU FA 196 18.89 -49.33 -106.03
CA LEU FA 196 18.70 -48.82 -107.37
C LEU FA 196 17.82 -47.57 -107.30
N SER FA 197 18.13 -46.58 -108.13
CA SER FA 197 17.45 -45.29 -108.10
C SER FA 197 16.48 -45.18 -109.27
N SER FA 198 15.29 -44.65 -108.98
CA SER FA 198 14.28 -44.43 -110.01
C SER FA 198 14.53 -43.18 -110.84
N SER FA 199 15.51 -42.35 -110.45
CA SER FA 199 15.87 -41.12 -111.12
C SER FA 199 17.24 -41.25 -111.76
N PRO FA 200 17.52 -40.49 -112.83
CA PRO FA 200 18.84 -40.61 -113.49
C PRO FA 200 20.00 -40.34 -112.54
N ARG FA 201 20.79 -41.36 -112.28
CA ARG FA 201 22.02 -41.25 -111.51
C ARG FA 201 23.20 -41.29 -112.46
N THR FA 202 24.18 -40.42 -112.22
CA THR FA 202 25.31 -40.26 -113.11
C THR FA 202 26.60 -40.64 -112.40
N ASN FA 203 27.34 -41.58 -112.99
CA ASN FA 203 28.71 -41.84 -112.59
C ASN FA 203 29.62 -40.97 -113.44
N HIS FA 204 30.30 -40.02 -112.78
CA HIS FA 204 31.00 -38.94 -113.46
C HIS FA 204 32.42 -39.28 -113.88
N VAL FA 205 32.95 -40.43 -113.47
CA VAL FA 205 34.31 -40.79 -113.86
C VAL FA 205 34.34 -41.11 -115.34
N LEU FA 206 35.38 -40.64 -116.02
CA LEU FA 206 35.52 -40.92 -117.45
C LEU FA 206 35.76 -42.41 -117.69
N THR FA 207 36.73 -42.98 -116.99
CA THR FA 207 37.07 -44.38 -117.13
C THR FA 207 37.02 -45.04 -115.76
N SER FA 208 36.25 -46.13 -115.66
CA SER FA 208 36.11 -46.84 -114.39
C SER FA 208 37.16 -47.93 -114.22
N THR FA 209 37.47 -48.66 -115.29
CA THR FA 209 38.50 -49.70 -115.26
C THR FA 209 39.58 -49.37 -116.27
N PRO FA 210 40.67 -48.73 -115.88
CA PRO FA 210 41.73 -48.40 -116.83
C PRO FA 210 42.52 -49.64 -117.22
N ALA FA 211 42.69 -49.83 -118.53
CA ALA FA 211 43.51 -50.90 -119.06
C ALA FA 211 44.82 -50.40 -119.65
N SER FA 212 45.09 -49.10 -119.57
CA SER FA 212 46.30 -48.51 -120.09
C SER FA 212 46.87 -47.54 -119.05
N ASP FA 213 48.20 -47.37 -119.09
CA ASP FA 213 48.85 -46.47 -118.15
C ASP FA 213 48.40 -45.03 -118.34
N ALA FA 214 48.26 -44.59 -119.59
CA ALA FA 214 47.92 -43.20 -119.87
C ALA FA 214 46.50 -42.85 -119.49
N ASP FA 215 45.68 -43.83 -119.10
CA ASP FA 215 44.30 -43.56 -118.71
C ASP FA 215 44.23 -42.57 -117.56
N TRP FA 216 44.78 -42.93 -116.41
CA TRP FA 216 44.82 -42.04 -115.25
C TRP FA 216 46.23 -41.54 -115.05
N PRO FA 217 46.50 -40.25 -115.17
CA PRO FA 217 47.86 -39.74 -114.99
C PRO FA 217 48.31 -39.85 -113.55
N GLY FA 218 49.63 -39.87 -113.38
CA GLY FA 218 50.22 -39.90 -112.06
C GLY FA 218 50.83 -38.56 -111.68
N VAL FA 219 50.40 -38.00 -110.56
CA VAL FA 219 50.83 -36.68 -110.10
C VAL FA 219 51.67 -36.85 -108.85
N ASP FA 220 52.79 -36.14 -108.80
CA ASP FA 220 53.68 -36.17 -107.64
C ASP FA 220 54.36 -34.82 -107.46
N PRO FA 221 54.07 -34.08 -106.39
CA PRO FA 221 54.79 -32.82 -106.15
C PRO FA 221 56.29 -33.01 -106.01
N ALA FA 222 56.72 -34.13 -105.41
CA ALA FA 222 58.15 -34.37 -105.24
C ALA FA 222 58.80 -34.77 -106.55
N ALA FA 223 58.12 -35.61 -107.34
CA ALA FA 223 58.67 -36.17 -108.58
C ALA FA 223 59.99 -36.88 -108.33
N SER FA 224 60.11 -37.52 -107.16
CA SER FA 224 61.34 -38.19 -106.79
C SER FA 224 61.56 -39.45 -107.63
N GLY FA 225 60.50 -40.24 -107.81
CA GLY FA 225 60.56 -41.44 -108.62
C GLY FA 225 59.57 -41.40 -109.76
N ILE FA 226 59.50 -42.51 -110.48
CA ILE FA 226 58.56 -42.66 -111.59
C ILE FA 226 57.16 -42.71 -111.00
N PRO FA 227 56.13 -42.25 -111.71
CA PRO FA 227 54.79 -42.17 -111.12
C PRO FA 227 54.19 -43.56 -110.93
N VAL FA 228 53.11 -43.59 -110.14
CA VAL FA 228 52.37 -44.82 -109.94
C VAL FA 228 51.80 -45.29 -111.27
N THR FA 229 52.03 -46.56 -111.60
CA THR FA 229 51.70 -47.07 -112.92
C THR FA 229 50.55 -48.08 -112.83
N VAL FA 230 49.68 -48.04 -113.84
CA VAL FA 230 48.53 -48.92 -113.92
C VAL FA 230 48.70 -49.85 -115.12
N GLU FA 231 48.61 -51.16 -114.86
CA GLU FA 231 48.75 -52.17 -115.90
C GLU FA 231 47.57 -53.13 -115.86
N THR FA 232 47.27 -53.73 -117.01
CA THR FA 232 46.14 -54.64 -117.14
C THR FA 232 46.55 -56.00 -116.59
N ALA FA 233 46.16 -56.29 -115.36
CA ALA FA 233 46.40 -57.57 -114.73
C ALA FA 233 45.24 -58.51 -115.00
N SER FA 234 45.58 -59.73 -115.45
CA SER FA 234 44.59 -60.77 -115.76
C SER FA 234 44.22 -61.49 -114.47
N ALA FA 235 43.31 -60.89 -113.72
CA ALA FA 235 42.79 -61.46 -112.49
C ALA FA 235 41.28 -61.48 -112.54
N THR FA 236 40.68 -62.42 -111.83
CA THR FA 236 39.24 -62.62 -111.87
C THR FA 236 38.57 -61.44 -111.18
N ALA FA 237 38.10 -60.48 -111.98
CA ALA FA 237 37.38 -59.34 -111.45
C ALA FA 237 36.03 -59.77 -110.89
N PRO FA 238 35.45 -58.99 -109.97
CA PRO FA 238 34.16 -59.40 -109.39
C PRO FA 238 33.06 -59.56 -110.43
N ASP FA 239 33.10 -58.82 -111.54
CA ASP FA 239 32.12 -59.02 -112.59
C ASP FA 239 32.29 -60.38 -113.25
N GLY FA 240 33.50 -60.94 -113.24
CA GLY FA 240 33.75 -62.25 -113.78
C GLY FA 240 34.69 -62.25 -114.98
N SER FA 241 35.49 -61.20 -115.09
CA SER FA 241 36.40 -61.03 -116.22
C SER FA 241 37.84 -60.93 -115.74
N ALA FA 242 38.77 -61.19 -116.65
CA ALA FA 242 40.20 -61.04 -116.38
C ALA FA 242 40.70 -59.68 -116.88
N THR FA 243 40.17 -58.63 -116.26
CA THR FA 243 40.47 -57.26 -116.68
C THR FA 243 40.84 -56.35 -115.51
N VAL FA 244 41.37 -56.92 -114.41
CA VAL FA 244 41.63 -56.11 -113.24
C VAL FA 244 42.76 -55.15 -113.55
N CYS FA 245 42.75 -53.96 -112.93
CA CYS FA 245 43.88 -53.07 -113.12
C CYS FA 245 44.75 -53.09 -111.88
N LYS FA 246 46.06 -53.00 -112.09
CA LYS FA 246 47.05 -53.08 -111.04
C LYS FA 246 47.81 -51.77 -110.96
N LEU FA 247 47.90 -51.21 -109.76
CA LEU FA 247 48.67 -50.00 -109.50
C LEU FA 247 49.95 -50.36 -108.77
N THR FA 248 51.06 -49.85 -109.28
CA THR FA 248 52.39 -50.11 -108.73
C THR FA 248 53.02 -48.78 -108.32
N LYS FA 249 53.49 -48.74 -107.07
CA LYS FA 249 54.20 -47.58 -106.51
C LYS FA 249 55.62 -48.02 -106.19
N PRO FA 250 56.61 -47.61 -106.98
CA PRO FA 250 58.00 -48.02 -106.71
C PRO FA 250 58.56 -47.32 -105.48
N ALA FA 251 59.75 -47.79 -105.08
CA ALA FA 251 60.42 -47.21 -103.92
C ALA FA 251 60.77 -45.75 -104.15
N GLY FA 252 60.65 -44.95 -103.10
CA GLY FA 252 60.99 -43.55 -103.19
C GLY FA 252 60.03 -42.70 -103.98
N SER FA 253 58.86 -43.23 -104.31
CA SER FA 253 57.86 -42.51 -105.09
C SER FA 253 56.70 -42.13 -104.20
N THR FA 254 56.29 -40.86 -104.29
CA THR FA 254 55.14 -40.35 -103.56
C THR FA 254 54.02 -39.95 -104.51
N ALA FA 255 53.93 -40.62 -105.65
CA ALA FA 255 52.97 -40.26 -106.69
C ALA FA 255 51.60 -40.84 -106.36
N TYR FA 256 50.60 -40.32 -107.10
CA TYR FA 256 49.23 -40.77 -106.93
C TYR FA 256 48.50 -40.62 -108.26
N VAL FA 257 47.62 -41.55 -108.56
CA VAL FA 257 46.85 -41.49 -109.80
C VAL FA 257 45.68 -40.54 -109.62
N SER FA 258 45.36 -39.81 -110.67
CA SER FA 258 44.27 -38.83 -110.68
C SER FA 258 43.37 -39.18 -111.85
N ALA FA 259 42.31 -39.94 -111.57
CA ALA FA 259 41.41 -40.37 -112.62
C ALA FA 259 40.71 -39.17 -113.24
N PRO FA 260 40.77 -39.00 -114.56
CA PRO FA 260 40.06 -37.88 -115.19
C PRO FA 260 38.57 -37.95 -114.93
N ILE FA 261 37.97 -36.77 -114.72
CA ILE FA 261 36.56 -36.66 -114.39
C ILE FA 261 36.12 -35.24 -114.69
N ASP FA 262 34.90 -35.09 -115.19
CA ASP FA 262 34.37 -33.77 -115.50
C ASP FA 262 34.34 -32.91 -114.23
N GLY FA 263 34.82 -31.68 -114.36
CA GLY FA 263 34.88 -30.77 -113.23
C GLY FA 263 34.39 -29.38 -113.60
N PRO FA 264 33.86 -28.66 -112.61
CA PRO FA 264 33.67 -29.04 -111.21
C PRO FA 264 32.46 -29.96 -111.03
N LEU FA 265 32.30 -30.58 -109.87
CA LEU FA 265 31.13 -31.42 -109.63
C LEU FA 265 29.94 -30.64 -109.11
N GLY FA 266 30.17 -29.59 -108.33
CA GLY FA 266 29.09 -28.77 -107.83
C GLY FA 266 29.45 -28.18 -106.48
N SER FA 267 28.68 -27.17 -106.07
CA SER FA 267 28.87 -26.48 -104.82
C SER FA 267 27.83 -26.94 -103.80
N GLY FA 268 28.28 -27.27 -102.59
CA GLY FA 268 27.38 -27.70 -101.54
C GLY FA 268 26.63 -28.97 -101.87
N SER FA 269 27.34 -29.97 -102.38
CA SER FA 269 26.74 -31.23 -102.79
C SER FA 269 27.53 -32.39 -102.21
N THR FA 270 26.82 -33.41 -101.74
CA THR FA 270 27.48 -34.61 -101.24
C THR FA 270 28.06 -35.41 -102.42
N VAL FA 271 29.23 -36.01 -102.19
CA VAL FA 271 29.93 -36.77 -103.21
C VAL FA 271 30.28 -38.13 -102.63
N THR FA 272 30.03 -39.19 -103.40
CA THR FA 272 30.32 -40.56 -102.98
C THR FA 272 31.32 -41.19 -103.94
N PHE FA 273 32.36 -41.80 -103.39
CA PHE FA 273 33.36 -42.55 -104.14
C PHE FA 273 33.24 -44.01 -103.76
N SER FA 274 33.27 -44.90 -104.75
CA SER FA 274 33.16 -46.33 -104.51
C SER FA 274 33.98 -47.07 -105.56
N PHE FA 275 34.72 -48.08 -105.11
CA PHE FA 275 35.54 -48.88 -106.01
C PHE FA 275 35.75 -50.25 -105.39
N PHE FA 276 36.14 -51.20 -106.23
CA PHE FA 276 36.35 -52.59 -105.83
C PHE FA 276 37.85 -52.87 -105.79
N ALA FA 277 38.32 -53.45 -104.69
CA ALA FA 277 39.74 -53.64 -104.48
C ALA FA 277 40.02 -55.07 -104.00
N LYS FA 278 41.18 -55.57 -104.37
CA LYS FA 278 41.66 -56.88 -103.94
C LYS FA 278 43.03 -56.71 -103.30
N ALA FA 279 43.27 -57.46 -102.23
CA ALA FA 279 44.53 -57.35 -101.50
C ALA FA 279 45.69 -57.83 -102.36
N GLY FA 280 46.61 -56.92 -102.65
CA GLY FA 280 47.79 -57.26 -103.43
C GLY FA 280 49.04 -57.34 -102.57
N SER FA 281 50.12 -56.71 -103.02
CA SER FA 281 51.33 -56.64 -102.21
C SER FA 281 51.08 -55.87 -100.92
N THR FA 282 50.42 -54.72 -101.03
CA THR FA 282 50.03 -53.95 -99.87
C THR FA 282 48.75 -54.55 -99.27
N ARG FA 283 48.31 -53.97 -98.16
CA ARG FA 283 47.11 -54.43 -97.48
C ARG FA 283 46.02 -53.36 -97.40
N PHE FA 284 46.24 -52.18 -97.99
CA PHE FA 284 45.33 -51.06 -97.76
C PHE FA 284 45.55 -50.00 -98.84
N ILE FA 285 44.49 -49.22 -99.08
CA ILE FA 285 44.44 -48.24 -100.15
C ILE FA 285 44.15 -46.86 -99.56
N ALA FA 286 44.82 -45.84 -100.09
CA ALA FA 286 44.57 -44.46 -99.69
C ALA FA 286 43.75 -43.76 -100.76
N ILE FA 287 42.71 -43.05 -100.34
CA ILE FA 287 41.78 -42.38 -101.22
C ILE FA 287 41.61 -40.95 -100.74
N GLN FA 288 41.55 -40.01 -101.68
CA GLN FA 288 41.35 -38.60 -101.37
C GLN FA 288 40.30 -38.03 -102.30
N SER FA 289 39.38 -37.26 -101.74
CA SER FA 289 38.43 -36.47 -102.52
C SER FA 289 38.89 -35.01 -102.47
N ALA FA 290 39.11 -34.41 -103.64
CA ALA FA 290 39.73 -33.11 -103.70
C ALA FA 290 38.74 -32.01 -103.35
N ALA FA 291 39.29 -30.82 -103.16
CA ALA FA 291 38.53 -29.59 -102.89
C ALA FA 291 39.51 -28.44 -103.09
N ASP FA 292 39.11 -27.24 -102.67
CA ASP FA 292 40.01 -26.11 -102.75
C ASP FA 292 41.22 -26.33 -101.84
N PHE FA 293 42.35 -25.76 -102.23
CA PHE FA 293 43.55 -25.84 -101.43
C PHE FA 293 43.31 -25.23 -100.06
N PRO FA 294 43.51 -25.98 -98.96
CA PRO FA 294 43.86 -27.40 -98.86
C PRO FA 294 42.73 -28.28 -98.35
N SER FA 295 41.51 -28.12 -98.83
CA SER FA 295 40.34 -28.75 -98.22
C SER FA 295 40.12 -30.20 -98.66
N ARG FA 296 41.14 -30.89 -99.16
CA ARG FA 296 40.98 -32.27 -99.58
C ARG FA 296 40.72 -33.18 -98.39
N ALA FA 297 39.81 -34.13 -98.57
CA ALA FA 297 39.43 -35.08 -97.53
C ALA FA 297 40.05 -36.44 -97.84
N ASP FA 298 40.49 -37.17 -96.82
CA ASP FA 298 41.22 -38.40 -97.07
C ASP FA 298 40.66 -39.55 -96.22
N ALA FA 299 40.80 -40.76 -96.76
CA ALA FA 299 40.43 -41.98 -96.07
C ALA FA 299 41.40 -43.08 -96.48
N VAL FA 300 41.50 -44.10 -95.63
CA VAL FA 300 42.35 -45.25 -95.88
C VAL FA 300 41.57 -46.51 -95.54
N PHE FA 301 41.50 -47.44 -96.48
CA PHE FA 301 40.73 -48.67 -96.32
C PHE FA 301 41.68 -49.86 -96.23
N ASP FA 302 41.54 -50.63 -95.15
CA ASP FA 302 42.31 -51.86 -94.96
C ASP FA 302 41.56 -53.00 -95.62
N LEU FA 303 42.12 -53.53 -96.71
CA LEU FA 303 41.46 -54.54 -97.52
C LEU FA 303 41.38 -55.90 -96.85
N ASP FA 304 42.06 -56.09 -95.72
CA ASP FA 304 42.08 -57.39 -95.05
C ASP FA 304 41.31 -57.38 -93.75
N SER FA 305 41.59 -56.44 -92.85
CA SER FA 305 40.88 -56.37 -91.58
C SER FA 305 39.48 -55.81 -91.73
N GLY FA 306 39.16 -55.20 -92.86
CA GLY FA 306 37.85 -54.61 -93.08
C GLY FA 306 37.56 -53.47 -92.14
N ASN FA 307 38.55 -52.59 -91.94
CA ASN FA 307 38.44 -51.47 -91.01
C ASN FA 307 38.80 -50.18 -91.72
N VAL FA 308 37.97 -49.16 -91.54
CA VAL FA 308 38.26 -47.83 -92.09
C VAL FA 308 39.06 -47.11 -91.01
N ILE FA 309 40.36 -47.39 -90.99
CA ILE FA 309 41.23 -46.99 -89.87
C ILE FA 309 41.73 -45.56 -89.97
N SER FA 310 41.50 -44.87 -91.08
CA SER FA 310 41.95 -43.50 -91.22
C SER FA 310 40.93 -42.70 -92.00
N ASP FA 311 40.48 -41.59 -91.41
CA ASP FA 311 39.59 -40.64 -92.05
C ASP FA 311 39.99 -39.25 -91.55
N GLN FA 312 40.63 -38.48 -92.41
CA GLN FA 312 41.08 -37.15 -92.03
C GLN FA 312 40.31 -36.09 -92.81
N MET FA 313 39.89 -35.06 -92.07
CA MET FA 313 39.30 -33.85 -92.63
C MET FA 313 40.36 -32.77 -92.59
N LEU FA 314 40.91 -32.40 -93.75
CA LEU FA 314 41.68 -31.18 -93.81
C LEU FA 314 40.79 -29.96 -93.68
N ASP FA 315 39.50 -30.10 -93.99
CA ASP FA 315 38.50 -29.06 -93.81
C ASP FA 315 37.16 -29.77 -93.57
N SER FA 316 36.06 -29.06 -93.81
CA SER FA 316 34.72 -29.55 -93.50
C SER FA 316 34.23 -30.71 -94.41
N SER FA 317 35.10 -31.34 -95.21
CA SER FA 317 34.62 -32.18 -96.31
C SER FA 317 33.98 -33.48 -95.81
N VAL FA 318 34.69 -34.27 -95.01
CA VAL FA 318 34.26 -35.65 -94.74
C VAL FA 318 32.91 -35.69 -94.05
N VAL FA 319 32.05 -36.62 -94.51
CA VAL FA 319 30.83 -36.99 -93.81
C VAL FA 319 30.95 -38.38 -93.20
N SER FA 320 31.25 -39.38 -94.02
CA SER FA 320 31.28 -40.76 -93.55
C SER FA 320 32.10 -41.61 -94.50
N ALA FA 321 32.46 -42.80 -94.03
CA ALA FA 321 33.13 -43.79 -94.87
C ALA FA 321 32.77 -45.17 -94.36
N ARG FA 322 32.94 -46.16 -95.23
CA ARG FA 322 32.48 -47.51 -94.95
C ARG FA 322 33.10 -48.42 -96.00
N MET FA 323 32.96 -49.73 -95.78
CA MET FA 323 33.53 -50.69 -96.71
C MET FA 323 32.79 -52.02 -96.57
N ILE FA 324 32.40 -52.58 -97.72
CA ILE FA 324 31.54 -53.75 -97.78
C ILE FA 324 32.31 -54.90 -98.42
N ARG FA 325 31.91 -56.12 -98.08
CA ARG FA 325 32.65 -57.32 -98.43
C ARG FA 325 32.00 -58.03 -99.61
N LEU FA 326 32.84 -58.55 -100.51
CA LEU FA 326 32.43 -59.33 -101.65
C LEU FA 326 33.38 -60.52 -101.78
N GLU FA 327 32.87 -61.61 -102.35
CA GLU FA 327 33.63 -62.86 -102.39
C GLU FA 327 34.92 -62.69 -103.18
N ASN FA 328 35.75 -63.75 -103.14
CA ASN FA 328 37.09 -63.75 -103.72
C ASN FA 328 37.97 -62.66 -103.11
N GLY FA 329 37.73 -62.34 -101.84
CA GLY FA 329 38.52 -61.35 -101.14
C GLY FA 329 38.45 -59.97 -101.76
N TRP FA 330 37.24 -59.51 -102.08
CA TRP FA 330 37.04 -58.21 -102.68
C TRP FA 330 36.31 -57.29 -101.72
N TRP FA 331 36.55 -56.00 -101.86
CA TRP FA 331 35.90 -55.00 -101.00
C TRP FA 331 35.48 -53.80 -101.82
N ARG FA 332 34.29 -53.29 -101.54
CA ARG FA 332 33.84 -52.02 -102.09
C ARG FA 332 33.96 -50.97 -100.99
N CYS FA 333 34.87 -50.01 -101.19
CA CYS FA 333 35.12 -48.97 -100.21
C CYS FA 333 34.38 -47.71 -100.63
N VAL FA 334 33.52 -47.21 -99.75
CA VAL FA 334 32.69 -46.04 -100.04
C VAL FA 334 33.09 -44.92 -99.09
N LEU FA 335 33.11 -43.71 -99.62
CA LEU FA 335 33.45 -42.51 -98.85
C LEU FA 335 32.54 -41.37 -99.31
N THR FA 336 31.71 -40.87 -98.40
CA THR FA 336 30.79 -39.78 -98.69
C THR FA 336 31.28 -38.52 -98.01
N THR FA 337 31.43 -37.45 -98.79
CA THR FA 337 31.92 -36.18 -98.29
C THR FA 337 30.93 -35.08 -98.63
N LYS FA 338 30.94 -34.01 -97.83
CA LYS FA 338 30.09 -32.85 -98.07
C LYS FA 338 30.92 -31.59 -97.83
N THR FA 339 31.01 -30.73 -98.83
CA THR FA 339 31.76 -29.49 -98.74
C THR FA 339 30.93 -28.35 -99.32
N VAL FA 340 30.99 -27.18 -98.68
CA VAL FA 340 30.32 -26.00 -99.21
C VAL FA 340 31.02 -25.41 -100.41
N SER FA 341 32.22 -25.89 -100.73
CA SER FA 341 32.98 -25.39 -101.87
C SER FA 341 32.68 -26.22 -103.11
N SER FA 342 32.81 -25.58 -104.27
CA SER FA 342 32.58 -26.21 -105.56
C SER FA 342 33.86 -26.76 -106.17
N SER FA 343 34.96 -26.75 -105.44
CA SER FA 343 36.27 -27.10 -105.97
C SER FA 343 36.55 -28.59 -105.91
N PHE FA 344 35.53 -29.44 -105.86
CA PHE FA 344 35.75 -30.88 -105.96
C PHE FA 344 36.18 -31.20 -107.37
N ARG FA 345 37.48 -31.36 -107.58
CA ARG FA 345 37.99 -31.57 -108.92
C ARG FA 345 38.09 -33.05 -109.28
N ALA FA 346 38.70 -33.85 -108.41
CA ALA FA 346 38.91 -35.26 -108.72
C ALA FA 346 39.15 -36.05 -107.45
N ALA FA 347 39.17 -37.36 -107.60
CA ALA FA 347 39.50 -38.28 -106.53
C ALA FA 347 40.83 -38.96 -106.86
N TYR FA 348 41.77 -38.89 -105.92
CA TYR FA 348 43.08 -39.51 -106.06
C TYR FA 348 43.10 -40.84 -105.32
N VAL FA 349 43.65 -41.86 -105.97
CA VAL FA 349 43.80 -43.18 -105.37
C VAL FA 349 45.27 -43.52 -105.35
N ALA FA 350 45.69 -44.27 -104.33
CA ALA FA 350 47.10 -44.63 -104.24
C ALA FA 350 47.28 -45.88 -103.41
N PRO FA 351 48.23 -46.75 -103.77
CA PRO FA 351 48.64 -47.80 -102.83
C PRO FA 351 49.33 -47.19 -101.63
N ALA FA 352 49.19 -47.86 -100.49
CA ALA FA 352 49.72 -47.38 -99.23
C ALA FA 352 50.72 -48.38 -98.66
N GLU FA 353 51.84 -47.86 -98.14
CA GLU FA 353 52.85 -48.74 -97.54
C GLU FA 353 52.50 -49.04 -96.09
N THR FA 354 52.36 -48.01 -95.26
CA THR FA 354 51.92 -48.16 -93.89
C THR FA 354 50.40 -47.97 -93.83
N ASN FA 355 49.79 -48.55 -92.79
CA ASN FA 355 48.34 -48.55 -92.71
C ASN FA 355 47.75 -47.15 -92.58
N PHE FA 356 48.55 -46.16 -92.23
CA PHE FA 356 48.14 -44.76 -92.23
C PHE FA 356 48.80 -43.95 -93.33
N SER FA 357 49.35 -44.60 -94.34
CA SER FA 357 50.01 -43.88 -95.43
C SER FA 357 49.00 -43.00 -96.15
N TRP FA 358 49.46 -41.82 -96.56
CA TRP FA 358 48.61 -40.84 -97.20
C TRP FA 358 48.68 -40.98 -98.71
N ILE FA 359 48.09 -40.01 -99.41
CA ILE FA 359 48.14 -39.98 -100.87
C ILE FA 359 49.58 -39.79 -101.35
N ASP FA 360 50.37 -38.99 -100.62
CA ASP FA 360 51.73 -38.66 -101.02
C ASP FA 360 52.76 -39.17 -100.00
N SER FA 361 52.49 -40.31 -99.37
CA SER FA 361 53.44 -40.87 -98.43
C SER FA 361 54.55 -41.62 -99.16
N ASN FA 362 55.72 -41.69 -98.52
CA ASN FA 362 56.89 -42.31 -99.12
C ASN FA 362 56.71 -43.82 -99.21
N SER FA 363 57.40 -44.42 -100.19
CA SER FA 363 57.34 -45.85 -100.42
C SER FA 363 58.72 -46.47 -100.21
N SER FA 364 58.79 -47.50 -99.37
CA SER FA 364 60.06 -48.18 -99.13
C SER FA 364 60.45 -49.05 -100.31
N ALA FA 365 59.48 -49.70 -100.95
CA ALA FA 365 59.73 -50.59 -102.07
C ALA FA 365 58.61 -50.37 -103.09
N ALA FA 366 58.50 -51.29 -104.04
CA ALA FA 366 57.41 -51.26 -105.01
C ALA FA 366 56.23 -52.04 -104.46
N ILE FA 367 55.12 -51.35 -104.18
CA ILE FA 367 53.91 -51.97 -103.69
C ILE FA 367 52.88 -51.98 -104.81
N ASP FA 368 52.33 -53.16 -105.09
CA ASP FA 368 51.36 -53.35 -106.17
C ASP FA 368 50.05 -53.84 -105.58
N VAL FA 369 48.95 -53.25 -106.04
CA VAL FA 369 47.62 -53.63 -105.58
C VAL FA 369 46.66 -53.70 -106.75
N LEU FA 370 45.61 -54.50 -106.58
CA LEU FA 370 44.61 -54.73 -107.61
C LEU FA 370 43.34 -53.94 -107.26
N ILE FA 371 42.88 -53.12 -108.20
CA ILE FA 371 41.56 -52.51 -108.09
C ILE FA 371 40.83 -52.69 -109.41
N TRP FA 372 39.57 -52.30 -109.42
CA TRP FA 372 38.67 -52.47 -110.56
C TRP FA 372 37.37 -51.75 -110.26
N GLY FA 373 36.81 -51.11 -111.28
CA GLY FA 373 35.49 -50.51 -111.15
C GLY FA 373 35.42 -49.26 -110.29
N ALA FA 374 36.07 -48.18 -110.72
CA ALA FA 374 35.96 -46.91 -110.02
C ALA FA 374 34.59 -46.29 -110.25
N GLN FA 375 34.16 -45.45 -109.32
CA GLN FA 375 32.86 -44.79 -109.44
C GLN FA 375 32.85 -43.56 -108.54
N ILE FA 376 32.53 -42.41 -109.12
CA ILE FA 376 32.31 -41.18 -108.37
C ILE FA 376 30.97 -40.60 -108.78
N GLU FA 377 30.09 -40.38 -107.82
CA GLU FA 377 28.74 -39.93 -108.12
C GLU FA 377 28.27 -38.96 -107.05
N LEU FA 378 27.12 -38.35 -107.29
CA LEU FA 378 26.50 -37.46 -106.32
C LEU FA 378 25.72 -38.30 -105.32
N GLY FA 379 24.94 -37.64 -104.46
CA GLY FA 379 24.21 -38.36 -103.44
C GLY FA 379 25.11 -38.80 -102.30
N ASP FA 380 24.60 -39.75 -101.52
CA ASP FA 380 25.33 -40.24 -100.35
C ASP FA 380 25.21 -41.76 -100.21
N THR FA 381 25.04 -42.48 -101.32
CA THR FA 381 24.86 -43.91 -101.24
C THR FA 381 25.43 -44.57 -102.48
N PRO FA 382 26.24 -45.62 -102.33
CA PRO FA 382 26.77 -46.32 -103.51
C PRO FA 382 25.66 -46.94 -104.33
N THR FA 383 25.90 -47.00 -105.64
CA THR FA 383 24.95 -47.57 -106.59
C THR FA 383 25.62 -48.70 -107.36
N GLY FA 384 24.81 -49.39 -108.18
CA GLY FA 384 25.34 -50.49 -108.95
C GLY FA 384 26.40 -50.02 -109.93
N TYR FA 385 27.40 -50.86 -110.15
CA TYR FA 385 28.51 -50.49 -111.02
C TYR FA 385 28.04 -50.32 -112.46
N LEU FA 386 28.61 -49.32 -113.14
CA LEU FA 386 28.30 -49.05 -114.53
C LEU FA 386 29.59 -48.76 -115.27
N GLU FA 387 29.81 -49.47 -116.38
CA GLU FA 387 31.04 -49.33 -117.14
C GLU FA 387 31.09 -47.96 -117.81
N THR FA 388 32.23 -47.29 -117.68
CA THR FA 388 32.44 -45.97 -118.28
C THR FA 388 33.71 -46.01 -119.11
N THR FA 389 33.57 -45.78 -120.42
CA THR FA 389 34.71 -45.70 -121.34
C THR FA 389 34.78 -44.26 -121.84
N GLY FA 390 35.46 -43.42 -121.06
CA GLY FA 390 35.51 -42.00 -121.38
C GLY FA 390 34.15 -41.34 -121.40
N ALA FA 391 33.27 -41.73 -120.48
CA ALA FA 391 31.90 -41.23 -120.52
C ALA FA 391 31.31 -41.07 -119.12
N PRO FA 392 30.84 -39.87 -118.77
CA PRO FA 392 30.10 -39.69 -117.51
C PRO FA 392 28.70 -40.25 -117.63
N VAL FA 393 28.55 -41.54 -117.35
CA VAL FA 393 27.37 -42.28 -117.78
C VAL FA 393 26.20 -41.99 -116.85
N THR FA 394 25.06 -41.60 -117.43
CA THR FA 394 23.82 -41.42 -116.71
C THR FA 394 22.90 -42.61 -116.98
N MET FA 395 22.18 -43.04 -115.95
CA MET FA 395 21.37 -44.25 -116.09
C MET FA 395 20.23 -44.20 -115.07
N THR FA 396 19.07 -44.72 -115.46
CA THR FA 396 17.89 -44.78 -114.60
C THR FA 396 17.50 -46.23 -114.41
N ASP FA 397 17.50 -46.69 -113.15
CA ASP FA 397 17.36 -48.11 -112.89
C ASP FA 397 15.97 -48.63 -113.26
N TYR FA 398 14.92 -47.95 -112.82
CA TYR FA 398 13.59 -48.51 -112.92
C TYR FA 398 12.54 -47.40 -112.87
N VAL FA 399 11.31 -47.77 -113.21
CA VAL FA 399 10.14 -46.95 -113.01
C VAL FA 399 9.02 -47.84 -112.48
N LEU FA 400 8.22 -47.31 -111.56
CA LEU FA 400 7.10 -48.04 -110.98
C LEU FA 400 5.86 -47.71 -111.79
N GLN FA 401 5.52 -48.58 -112.74
CA GLN FA 401 4.40 -48.30 -113.63
C GLN FA 401 3.08 -48.32 -112.86
N ASN FA 402 2.92 -49.22 -111.91
CA ASN FA 402 1.70 -49.32 -111.11
C ASN FA 402 2.09 -49.30 -109.64
N ALA FA 403 1.51 -48.35 -108.90
CA ALA FA 403 1.71 -48.23 -107.46
C ALA FA 403 0.63 -48.93 -106.67
N GLN FA 404 -0.28 -49.63 -107.33
CA GLN FA 404 -1.33 -50.40 -106.68
C GLN FA 404 -1.04 -51.90 -106.71
N THR FA 405 -0.76 -52.45 -107.89
CA THR FA 405 -0.35 -53.84 -107.97
C THR FA 405 1.09 -54.03 -107.49
N GLY FA 406 1.91 -53.00 -107.57
CA GLY FA 406 3.29 -53.08 -107.17
C GLY FA 406 4.26 -53.47 -108.27
N THR FA 407 3.76 -53.79 -109.47
CA THR FA 407 4.65 -54.17 -110.55
C THR FA 407 5.57 -53.02 -110.93
N VAL FA 408 6.82 -53.36 -111.26
CA VAL FA 408 7.86 -52.40 -111.59
C VAL FA 408 8.52 -52.81 -112.89
N LYS FA 409 8.73 -51.85 -113.78
CA LYS FA 409 9.43 -52.05 -115.04
C LYS FA 409 10.87 -51.56 -114.89
N PHE FA 410 11.80 -52.33 -115.45
CA PHE FA 410 13.22 -52.04 -115.39
C PHE FA 410 13.71 -51.57 -116.75
N THR FA 411 14.79 -50.80 -116.74
CA THR FA 411 15.38 -50.35 -118.00
C THR FA 411 15.89 -51.52 -118.82
N GLN FA 412 16.52 -52.51 -118.18
CA GLN FA 412 17.00 -53.70 -118.85
C GLN FA 412 16.57 -54.93 -118.05
N PRO FA 413 16.37 -56.06 -118.72
CA PRO FA 413 16.01 -57.28 -117.99
C PRO FA 413 17.12 -57.70 -117.02
N LEU FA 414 16.70 -58.19 -115.86
CA LEU FA 414 17.67 -58.62 -114.86
C LEU FA 414 18.40 -59.87 -115.33
N PRO FA 415 19.72 -59.93 -115.21
CA PRO FA 415 20.43 -61.14 -115.60
C PRO FA 415 20.09 -62.29 -114.68
N THR FA 416 20.21 -63.51 -115.21
CA THR FA 416 19.89 -64.71 -114.46
C THR FA 416 20.78 -64.81 -113.22
N GLY FA 417 20.15 -65.09 -112.09
CA GLY FA 417 20.85 -65.17 -110.82
C GLY FA 417 20.91 -63.87 -110.04
N VAL FA 418 20.50 -62.75 -110.64
CA VAL FA 418 20.45 -61.48 -109.95
C VAL FA 418 19.08 -61.35 -109.29
N GLU FA 419 19.05 -61.27 -107.97
CA GLU FA 419 17.79 -61.20 -107.25
C GLU FA 419 17.42 -59.76 -106.94
N ALA FA 420 16.17 -59.56 -106.51
CA ALA FA 420 15.66 -58.23 -106.22
C ALA FA 420 14.96 -58.24 -104.87
N TYR FA 421 15.35 -57.29 -104.02
CA TYR FA 421 14.73 -57.10 -102.70
C TYR FA 421 14.09 -55.71 -102.66
N TRP FA 422 13.06 -55.58 -101.84
CA TRP FA 422 12.34 -54.32 -101.71
C TRP FA 422 12.14 -54.00 -100.23
N THR FA 423 11.94 -52.73 -99.95
CA THR FA 423 11.66 -52.27 -98.60
C THR FA 423 10.79 -51.02 -98.66
N GLY FA 424 10.07 -50.77 -97.57
CA GLY FA 424 9.13 -49.67 -97.50
C GLY FA 424 7.83 -50.06 -96.84
N ASP FA 425 6.71 -49.51 -97.32
CA ASP FA 425 5.40 -49.87 -96.82
C ASP FA 425 4.44 -50.04 -97.98
N TRP FA 426 3.59 -51.07 -97.91
CA TRP FA 426 2.68 -51.40 -99.00
C TRP FA 426 1.64 -52.38 -98.46
N LYS FA 427 0.42 -52.28 -99.01
CA LYS FA 427 -0.70 -53.13 -98.62
C LYS FA 427 -1.02 -53.02 -97.13
N GLY FA 428 -0.74 -51.88 -96.53
CA GLY FA 428 -0.91 -51.76 -95.09
C GLY FA 428 0.05 -52.64 -94.31
N GLY FA 429 1.31 -52.69 -94.74
CA GLY FA 429 2.32 -53.45 -94.03
C GLY FA 429 3.72 -53.01 -94.43
N THR FA 430 4.61 -52.89 -93.46
CA THR FA 430 5.95 -52.37 -93.70
C THR FA 430 6.96 -53.51 -93.73
N ALA FA 431 7.86 -53.45 -94.69
CA ALA FA 431 9.01 -54.35 -94.77
C ALA FA 431 10.25 -53.47 -94.64
N ALA FA 432 10.64 -53.18 -93.40
CA ALA FA 432 11.84 -52.38 -93.18
C ALA FA 432 13.08 -53.11 -93.68
N GLU FA 433 13.16 -54.41 -93.42
CA GLU FA 433 14.24 -55.23 -93.92
C GLU FA 433 13.97 -55.60 -95.38
N PRO FA 434 15.03 -55.84 -96.16
CA PRO FA 434 14.81 -56.23 -97.57
C PRO FA 434 14.01 -57.52 -97.65
N ALA FA 435 13.08 -57.56 -98.60
CA ALA FA 435 12.24 -58.72 -98.85
C ALA FA 435 12.32 -59.05 -100.33
N ARG FA 436 12.71 -60.29 -100.65
CA ARG FA 436 12.86 -60.68 -102.04
C ARG FA 436 11.52 -60.71 -102.76
N PHE FA 437 11.51 -60.25 -104.01
CA PHE FA 437 10.30 -60.29 -104.81
C PHE FA 437 10.50 -60.74 -106.24
N ALA FA 438 11.72 -60.88 -106.74
CA ALA FA 438 11.92 -61.28 -108.12
C ALA FA 438 13.29 -61.92 -108.27
N VAL FA 439 13.40 -62.80 -109.26
CA VAL FA 439 14.66 -63.43 -109.65
C VAL FA 439 14.87 -63.18 -111.13
N GLY FA 440 16.05 -62.67 -111.49
CA GLY FA 440 16.33 -62.39 -112.88
C GLY FA 440 16.38 -63.65 -113.73
N ASN FA 441 15.94 -63.50 -114.98
CA ASN FA 441 16.00 -64.59 -115.95
C ASN FA 441 16.70 -64.20 -117.25
N GLY FA 442 17.09 -62.95 -117.42
CA GLY FA 442 17.72 -62.49 -118.64
C GLY FA 442 16.76 -62.17 -119.77
N THR FA 443 15.46 -62.33 -119.57
CA THR FA 443 14.48 -62.08 -120.61
C THR FA 443 13.33 -61.17 -120.19
N GLN FA 444 13.07 -61.01 -118.89
CA GLN FA 444 11.96 -60.19 -118.41
C GLN FA 444 12.50 -59.03 -117.60
N ASP FA 445 11.81 -57.89 -117.70
CA ASP FA 445 12.17 -56.69 -116.94
C ASP FA 445 11.02 -56.14 -116.10
N THR FA 446 9.84 -56.75 -116.15
CA THR FA 446 8.70 -56.30 -115.37
C THR FA 446 8.41 -57.35 -114.30
N PHE FA 447 8.40 -56.93 -113.03
CA PHE FA 447 8.29 -57.88 -111.94
C PHE FA 447 7.38 -57.32 -110.85
N THR FA 448 6.71 -58.22 -110.14
CA THR FA 448 5.72 -57.87 -109.13
C THR FA 448 6.28 -58.07 -107.73
N LEU FA 449 6.01 -57.10 -106.85
CA LEU FA 449 6.52 -57.14 -105.49
C LEU FA 449 5.83 -58.23 -104.67
N SER FA 450 6.48 -58.60 -103.56
CA SER FA 450 5.91 -59.63 -102.66
C SER FA 450 5.28 -58.97 -101.43
N ASP FA 451 4.26 -59.60 -100.84
CA ASP FA 451 3.58 -59.03 -99.65
C ASP FA 451 4.60 -58.75 -98.54
N PRO FA 452 4.57 -57.56 -97.92
CA PRO FA 452 5.47 -57.24 -96.79
C PRO FA 452 5.02 -57.83 -95.46
N ALA FA 453 4.68 -56.97 -94.49
CA ALA FA 453 4.26 -57.43 -93.14
C ALA FA 453 2.78 -57.80 -93.15
N TYR FA 454 2.13 -57.67 -91.99
CA TYR FA 454 0.93 -58.48 -91.68
C TYR FA 454 -0.26 -57.57 -91.34
N ILE FA 455 -1.49 -58.06 -91.55
CA ILE FA 455 -2.76 -57.30 -91.24
C ILE FA 455 -3.00 -56.20 -92.28
N GLY FA 456 -4.24 -56.10 -92.78
CA GLY FA 456 -4.61 -55.08 -93.74
C GLY FA 456 -4.55 -53.68 -93.16
N LEU FA 457 -4.98 -53.52 -91.90
CA LEU FA 457 -4.84 -52.38 -91.00
C LEU FA 457 -6.03 -51.45 -90.94
N PRO FA 458 -7.01 -51.36 -91.88
CA PRO FA 458 -8.18 -50.47 -91.68
C PRO FA 458 -8.97 -50.75 -90.38
N THR FA 459 -9.34 -52.01 -90.12
CA THR FA 459 -10.14 -52.34 -88.94
C THR FA 459 -11.38 -51.43 -88.88
N SER FA 460 -12.20 -51.58 -89.91
CA SER FA 460 -13.34 -50.70 -90.13
C SER FA 460 -14.26 -50.66 -88.92
N GLY FA 461 -14.71 -49.46 -88.59
CA GLY FA 461 -15.58 -49.28 -87.44
C GLY FA 461 -15.43 -47.89 -86.87
N ALA FA 462 -16.34 -47.55 -85.97
CA ALA FA 462 -16.31 -46.29 -85.28
C ALA FA 462 -16.45 -46.55 -83.79
N PHE FA 463 -15.67 -45.81 -83.00
CA PHE FA 463 -15.74 -45.87 -81.55
C PHE FA 463 -15.50 -47.27 -81.04
N LYS FA 464 -14.60 -47.99 -81.69
CA LYS FA 464 -14.22 -49.33 -81.25
C LYS FA 464 -13.00 -49.76 -82.07
N LEU FA 465 -12.03 -50.35 -81.37
CA LEU FA 465 -10.87 -50.93 -82.03
C LEU FA 465 -10.41 -52.10 -81.16
N GLU FA 466 -9.17 -52.54 -81.36
CA GLU FA 466 -8.76 -53.81 -80.79
C GLU FA 466 -7.24 -53.86 -80.66
N TYR FA 467 -6.78 -54.79 -79.83
CA TYR FA 467 -5.37 -55.07 -79.63
C TYR FA 467 -4.92 -56.18 -80.58
N ARG FA 468 -3.61 -56.24 -80.81
CA ARG FA 468 -3.01 -57.33 -81.59
C ARG FA 468 -1.66 -57.63 -80.96
N VAL FA 469 -1.50 -58.85 -80.41
CA VAL FA 469 -0.31 -59.21 -79.66
C VAL FA 469 -0.28 -60.73 -79.53
N GLY FA 470 0.91 -61.28 -79.30
CA GLY FA 470 1.05 -62.66 -78.95
C GLY FA 470 2.16 -63.45 -79.63
N PRO FA 471 2.44 -63.20 -80.91
CA PRO FA 471 3.57 -63.90 -81.55
C PRO FA 471 4.93 -63.38 -81.10
N ALA FA 472 4.99 -62.19 -80.52
CA ALA FA 472 6.27 -61.59 -80.11
C ALA FA 472 6.68 -62.02 -78.72
N LEU FA 473 5.86 -61.71 -77.72
CA LEU FA 473 6.24 -61.86 -76.33
C LEU FA 473 6.11 -63.29 -75.82
N ASN FA 474 5.56 -64.19 -76.63
CA ASN FA 474 5.22 -65.54 -76.17
C ASN FA 474 4.36 -65.48 -74.92
N LEU FA 475 3.41 -64.55 -74.92
CA LEU FA 475 2.56 -64.32 -73.76
C LEU FA 475 1.66 -65.53 -73.52
N SER FA 476 1.42 -65.83 -72.25
CA SER FA 476 0.56 -66.94 -71.91
C SER FA 476 -0.88 -66.67 -72.35
N PRO FA 477 -1.60 -67.70 -72.80
CA PRO FA 477 -3.00 -67.50 -73.18
C PRO FA 477 -3.87 -66.99 -72.04
N GLN FA 478 -3.47 -67.26 -70.79
CA GLN FA 478 -4.22 -66.75 -69.66
C GLN FA 478 -4.13 -65.23 -69.57
N LEU FA 479 -2.99 -64.64 -69.99
CA LEU FA 479 -2.92 -63.19 -70.11
C LEU FA 479 -3.98 -62.65 -71.06
N ILE FA 480 -4.11 -63.28 -72.24
CA ILE FA 480 -5.11 -62.84 -73.20
C ILE FA 480 -6.51 -62.98 -72.61
N ASN FA 481 -6.76 -64.11 -71.95
CA ASN FA 481 -8.09 -64.36 -71.38
C ASN FA 481 -8.45 -63.34 -70.30
N LEU FA 482 -7.53 -63.12 -69.36
CA LEU FA 482 -7.80 -62.15 -68.29
C LEU FA 482 -7.89 -60.74 -68.84
N MET FA 483 -7.04 -60.40 -69.82
CA MET FA 483 -7.02 -59.05 -70.37
C MET FA 483 -8.29 -58.76 -71.14
N ASN FA 484 -8.86 -59.76 -71.81
CA ASN FA 484 -10.11 -59.59 -72.53
C ASN FA 484 -11.30 -59.35 -71.62
N ASP FA 485 -11.16 -59.61 -70.31
CA ASP FA 485 -12.25 -59.42 -69.37
C ASP FA 485 -12.38 -57.93 -69.05
N ARG FA 486 -13.47 -57.32 -69.52
CA ARG FA 486 -13.69 -55.89 -69.29
C ARG FA 486 -14.07 -55.59 -67.86
N ALA FA 487 -14.49 -56.61 -67.09
CA ALA FA 487 -14.92 -56.37 -65.72
C ALA FA 487 -13.76 -55.92 -64.84
N VAL FA 488 -12.57 -56.49 -65.04
CA VAL FA 488 -11.42 -56.14 -64.22
C VAL FA 488 -10.99 -54.70 -64.47
N GLY FA 489 -11.12 -54.25 -65.72
CA GLY FA 489 -10.77 -52.88 -66.06
C GLY FA 489 -9.30 -52.55 -65.97
N ILE FA 490 -8.43 -53.45 -66.44
CA ILE FA 490 -7.00 -53.18 -66.49
C ILE FA 490 -6.55 -52.60 -67.81
N MET FA 491 -7.42 -52.62 -68.84
CA MET FA 491 -7.05 -52.09 -70.16
C MET FA 491 -7.42 -50.61 -70.26
N PRO FA 492 -6.52 -49.75 -70.71
CA PRO FA 492 -6.92 -48.36 -70.98
C PRO FA 492 -8.03 -48.31 -72.01
N THR FA 493 -9.04 -47.47 -71.74
CA THR FA 493 -10.23 -47.43 -72.57
C THR FA 493 -10.83 -46.03 -72.48
N CYS FA 494 -11.49 -45.61 -73.55
CA CYS FA 494 -12.29 -44.40 -73.50
C CYS FA 494 -13.74 -44.75 -73.20
N ALA FA 495 -14.37 -43.95 -72.35
CA ALA FA 495 -15.80 -44.09 -72.15
C ALA FA 495 -16.49 -43.83 -73.47
N GLY FA 496 -16.92 -44.89 -74.15
CA GLY FA 496 -17.46 -44.77 -75.49
C GLY FA 496 -16.78 -45.60 -76.55
N CYS FA 497 -15.90 -46.52 -76.17
CA CYS FA 497 -15.35 -47.51 -77.08
C CYS FA 497 -15.22 -48.86 -76.38
N ASP FA 498 -15.70 -49.92 -77.03
CA ASP FA 498 -15.34 -51.28 -76.66
C ASP FA 498 -14.00 -51.58 -77.29
N VAL FA 499 -13.14 -52.27 -76.54
CA VAL FA 499 -11.93 -52.86 -77.08
C VAL FA 499 -11.81 -54.27 -76.52
N LYS FA 500 -11.78 -55.25 -77.42
CA LYS FA 500 -11.43 -56.61 -77.04
C LYS FA 500 -9.94 -56.80 -77.30
N VAL FA 501 -9.29 -57.57 -76.43
CA VAL FA 501 -7.85 -57.75 -76.57
C VAL FA 501 -7.60 -58.84 -77.59
N ILE FA 502 -7.98 -60.08 -77.25
CA ILE FA 502 -7.76 -61.29 -78.03
C ILE FA 502 -6.53 -61.19 -78.93
N GLN FA 503 -6.58 -61.77 -80.14
CA GLN FA 503 -5.44 -61.88 -81.05
C GLN FA 503 -4.32 -62.75 -80.48
N GLU FA 504 -3.98 -63.82 -81.21
CA GLU FA 504 -2.85 -64.70 -80.92
C GLU FA 504 -2.55 -64.90 -79.43
N THR GA 2 10.92 -48.65 10.92
CA THR GA 2 10.92 -49.31 9.62
C THR GA 2 12.12 -50.23 9.49
N LEU GA 3 13.28 -49.70 9.84
CA LEU GA 3 14.53 -50.42 9.62
C LEU GA 3 15.54 -50.15 10.74
N PRO GA 4 15.92 -48.89 11.02
CA PRO GA 4 17.10 -48.67 11.87
C PRO GA 4 16.79 -48.58 13.37
N ALA GA 5 16.31 -49.69 13.94
CA ALA GA 5 16.27 -49.94 15.39
C ALA GA 5 15.38 -48.97 16.18
N TYR GA 6 15.13 -49.27 17.47
CA TYR GA 6 14.20 -48.44 18.23
C TYR GA 6 14.49 -48.23 19.72
N ASN GA 7 15.56 -48.78 20.29
CA ASN GA 7 15.71 -48.82 21.74
C ASN GA 7 14.45 -49.31 22.46
N SER GA 8 13.81 -48.38 23.18
CA SER GA 8 12.76 -48.67 24.16
C SER GA 8 13.28 -49.65 25.20
N ASP GA 9 14.36 -49.25 25.88
CA ASP GA 9 15.03 -50.09 26.86
C ASP GA 9 15.00 -49.54 28.27
N ILE GA 10 14.64 -48.26 28.47
CA ILE GA 10 14.54 -47.63 29.78
C ILE GA 10 15.91 -47.57 30.45
N GLN GA 11 16.63 -48.69 30.49
CA GLN GA 11 17.95 -48.74 31.07
C GLN GA 11 18.96 -47.91 30.30
N GLN GA 12 18.61 -47.43 29.10
CA GLN GA 12 19.42 -46.43 28.44
C GLN GA 12 19.67 -45.26 29.37
N ALA GA 13 18.67 -44.89 30.17
CA ALA GA 13 18.91 -43.98 31.29
C ALA GA 13 19.59 -44.74 32.41
N LEU GA 14 20.83 -44.34 32.72
CA LEU GA 14 21.83 -45.04 33.53
C LEU GA 14 23.20 -44.84 32.88
N LYS GA 15 23.82 -43.70 33.15
CA LYS GA 15 25.08 -43.35 32.51
C LYS GA 15 26.21 -44.16 33.15
N TRP GA 16 27.44 -43.88 32.74
CA TRP GA 16 28.59 -44.60 33.28
C TRP GA 16 28.81 -44.27 34.75
N LEU GA 17 28.36 -43.10 35.21
CA LEU GA 17 28.56 -42.72 36.60
C LEU GA 17 27.91 -43.72 37.55
N HIS GA 18 26.66 -44.09 37.28
CA HIS GA 18 25.91 -45.00 38.15
C HIS GA 18 26.36 -46.45 37.91
N ASN GA 19 27.65 -46.67 38.13
CA ASN GA 19 28.28 -47.97 37.94
C ASN GA 19 28.42 -48.75 39.23
N GLN GA 20 28.54 -48.07 40.37
CA GLN GA 20 28.62 -48.72 41.67
C GLN GA 20 27.52 -48.23 42.61
N ALA GA 21 26.51 -47.56 42.06
CA ALA GA 21 25.41 -47.04 42.86
C ALA GA 21 24.59 -48.19 43.42
N PRO GA 22 24.17 -48.09 44.68
CA PRO GA 22 23.01 -48.89 45.11
C PRO GA 22 21.72 -48.39 44.50
N GLY GA 23 21.39 -47.15 44.83
CA GLY GA 23 20.05 -46.62 44.71
C GLY GA 23 19.58 -46.16 43.33
N ILE GA 24 20.38 -45.38 42.62
CA ILE GA 24 19.95 -44.93 41.29
C ILE GA 24 19.73 -46.11 40.37
N THR GA 25 20.71 -47.01 40.30
CA THR GA 25 20.56 -48.18 39.44
C THR GA 25 19.48 -49.11 39.98
N GLY GA 26 19.33 -49.19 41.31
CA GLY GA 26 18.24 -49.99 41.85
C GLY GA 26 16.88 -49.46 41.44
N LEU GA 27 16.68 -48.14 41.52
CA LEU GA 27 15.43 -47.53 41.12
C LEU GA 27 15.17 -47.77 39.64
N ILE GA 28 16.21 -47.59 38.80
CA ILE GA 28 16.01 -47.75 37.36
C ILE GA 28 15.70 -49.21 37.03
N GLN GA 29 16.38 -50.16 37.69
CA GLN GA 29 16.12 -51.56 37.44
C GLN GA 29 14.72 -51.97 37.92
N ARG GA 30 14.31 -51.50 39.10
CA ARG GA 30 12.96 -51.81 39.58
C ARG GA 30 11.90 -51.22 38.66
N LYS GA 31 12.11 -49.99 38.22
CA LYS GA 31 11.16 -49.35 37.31
C LYS GA 31 11.09 -50.08 35.97
N ALA GA 32 12.25 -50.49 35.44
CA ALA GA 32 12.27 -51.25 34.20
C ALA GA 32 11.55 -52.58 34.37
N GLN GA 33 11.77 -53.25 35.51
CA GLN GA 33 11.09 -54.52 35.76
C GLN GA 33 9.58 -54.33 35.85
N TRP GA 34 9.14 -53.27 36.52
CA TRP GA 34 7.70 -53.05 36.67
C TRP GA 34 7.07 -52.71 35.32
N TYR GA 35 7.71 -51.85 34.54
CA TYR GA 35 7.20 -51.51 33.23
C TYR GA 35 7.20 -52.73 32.31
N ASP GA 36 8.23 -53.56 32.40
CA ASP GA 36 8.22 -54.83 31.68
C ASP GA 36 7.00 -55.66 32.08
N ARG GA 37 6.81 -55.87 33.38
CA ARG GA 37 5.74 -56.72 33.87
C ARG GA 37 4.38 -56.24 33.37
N PHE GA 38 4.12 -54.94 33.45
CA PHE GA 38 2.79 -54.43 33.21
C PHE GA 38 2.60 -53.79 31.84
N SER GA 39 3.60 -53.82 30.97
CA SER GA 39 3.37 -53.52 29.56
C SER GA 39 3.76 -54.68 28.66
N ARG GA 40 5.00 -55.17 28.73
CA ARG GA 40 5.46 -56.16 27.76
C ARG GA 40 4.87 -57.53 28.07
N GLN GA 41 4.98 -57.97 29.32
CA GLN GA 41 4.36 -59.24 29.72
C GLN GA 41 2.85 -59.17 29.56
N PHE GA 42 2.25 -58.03 29.90
CA PHE GA 42 0.81 -57.89 29.75
C PHE GA 42 0.40 -58.03 28.29
N TRP GA 43 1.15 -57.42 27.38
CA TRP GA 43 0.77 -57.50 25.98
C TRP GA 43 1.08 -58.86 25.39
N ALA GA 44 2.12 -59.53 25.85
CA ALA GA 44 2.37 -60.91 25.40
C ALA GA 44 1.23 -61.82 25.83
N ASN GA 45 0.82 -61.73 27.09
CA ASN GA 45 -0.28 -62.55 27.57
C ASN GA 45 -1.59 -62.18 26.90
N TRP GA 46 -1.80 -60.90 26.59
CA TRP GA 46 -3.03 -60.50 25.92
C TRP GA 46 -3.04 -60.90 24.46
N GLU GA 47 -1.87 -60.99 23.81
CA GLU GA 47 -1.84 -61.53 22.46
C GLU GA 47 -2.10 -63.03 22.46
N ARG GA 48 -1.57 -63.74 23.46
CA ARG GA 48 -1.96 -65.13 23.66
C ARG GA 48 -3.45 -65.24 23.96
N ASP GA 49 -4.02 -64.21 24.58
CA ASP GA 49 -5.46 -64.15 24.80
C ASP GA 49 -6.23 -63.97 23.48
N VAL GA 50 -5.72 -63.10 22.61
CA VAL GA 50 -6.33 -62.89 21.29
C VAL GA 50 -6.31 -64.19 20.49
N PHE GA 51 -5.19 -64.90 20.54
CA PHE GA 51 -5.06 -66.15 19.80
C PHE GA 51 -6.16 -67.12 20.18
N HIS GA 52 -7.05 -67.40 19.23
CA HIS GA 52 -8.21 -68.24 19.52
C HIS GA 52 -7.84 -69.71 19.65
N LEU GA 53 -6.85 -70.17 18.88
CA LEU GA 53 -6.43 -71.57 18.97
C LEU GA 53 -5.90 -71.88 20.36
N LYS GA 54 -5.28 -70.87 20.99
CA LYS GA 54 -4.77 -71.04 22.37
C LYS GA 54 -5.49 -70.07 23.31
N THR GA 55 -6.84 -70.05 23.29
CA THR GA 55 -7.59 -69.18 24.25
C THR GA 55 -7.86 -69.98 25.52
N ALA GA 56 -6.87 -70.71 26.03
CA ALA GA 56 -7.04 -71.45 27.30
C ALA GA 56 -7.67 -70.49 28.33
N ASN GA 57 -7.08 -69.30 28.49
CA ASN GA 57 -7.67 -68.20 29.28
C ASN GA 57 -9.17 -68.11 29.00
N PRO GA 58 -10.05 -68.46 29.97
CA PRO GA 58 -11.49 -68.45 29.74
C PRO GA 58 -11.95 -67.03 29.38
N PHE GA 59 -11.30 -66.01 29.94
CA PHE GA 59 -11.69 -64.64 29.61
C PHE GA 59 -11.66 -64.40 28.11
N GLY GA 60 -10.68 -64.97 27.42
CA GLY GA 60 -10.64 -64.86 25.97
C GLY GA 60 -11.77 -65.60 25.29
N LEU GA 61 -12.08 -66.80 25.77
CA LEU GA 61 -13.23 -67.52 25.23
C LEU GA 61 -14.49 -66.67 25.33
N MET GA 62 -14.66 -65.97 26.44
CA MET GA 62 -15.83 -65.13 26.63
C MET GA 62 -15.80 -63.91 25.72
N VAL GA 63 -14.64 -63.27 25.59
CA VAL GA 63 -14.51 -62.18 24.63
C VAL GA 63 -14.93 -62.65 23.25
N TRP GA 64 -14.59 -63.90 22.91
CA TRP GA 64 -14.98 -64.42 21.61
C TRP GA 64 -16.47 -64.77 21.57
N CYS GA 65 -17.05 -65.20 22.68
CA CYS GA 65 -18.51 -65.38 22.70
C CYS GA 65 -19.21 -64.06 22.39
N ILE GA 66 -18.69 -62.96 22.91
CA ILE GA 66 -19.25 -61.66 22.55
C ILE GA 66 -19.01 -61.34 21.08
N ILE GA 67 -17.79 -61.60 20.58
CA ILE GA 67 -17.46 -61.21 19.21
C ILE GA 67 -18.31 -61.98 18.21
N LEU GA 68 -18.39 -63.30 18.35
CA LEU GA 68 -19.22 -64.12 17.46
C LEU GA 68 -20.70 -64.00 17.78
N GLY GA 69 -21.06 -63.56 18.97
CA GLY GA 69 -22.45 -63.49 19.36
C GLY GA 69 -23.02 -64.74 19.97
N THR GA 70 -22.19 -65.68 20.42
CA THR GA 70 -22.69 -66.91 20.99
C THR GA 70 -23.41 -66.63 22.31
N PRO GA 71 -24.58 -67.24 22.54
CA PRO GA 71 -25.19 -67.19 23.88
C PRO GA 71 -24.33 -67.95 24.88
N SER GA 72 -23.83 -67.25 25.89
CA SER GA 72 -22.88 -67.86 26.80
C SER GA 72 -23.56 -68.61 27.95
N LYS GA 73 -24.89 -68.68 28.01
CA LYS GA 73 -25.49 -69.41 29.12
C LYS GA 73 -25.04 -70.85 29.20
N GLY GA 74 -24.80 -71.50 28.05
CA GLY GA 74 -24.48 -72.92 27.99
C GLY GA 74 -23.02 -73.28 28.09
N PHE GA 75 -22.14 -72.34 28.39
CA PHE GA 75 -20.73 -72.61 28.51
C PHE GA 75 -20.34 -72.87 29.96
N GLY GA 76 -19.13 -73.40 30.13
CA GLY GA 76 -18.69 -73.87 31.43
C GLY GA 76 -17.43 -73.22 31.93
N LEU GA 77 -17.32 -71.90 31.78
CA LEU GA 77 -16.13 -71.18 32.21
C LEU GA 77 -16.07 -71.14 33.74
N TYR GA 78 -15.09 -70.40 34.28
CA TYR GA 78 -14.68 -70.36 35.68
C TYR GA 78 -13.90 -71.61 36.03
N PRO GA 79 -13.06 -71.57 37.08
CA PRO GA 79 -12.33 -72.78 37.49
C PRO GA 79 -13.27 -73.87 37.95
N LYS GA 80 -12.81 -75.11 37.78
CA LYS GA 80 -13.54 -76.30 38.23
C LYS GA 80 -13.29 -76.56 39.71
N ASN GA 81 -13.63 -77.76 40.17
CA ASN GA 81 -13.49 -78.15 41.59
C ASN GA 81 -14.44 -77.32 42.47
N SER GA 82 -15.71 -77.33 42.09
CA SER GA 82 -16.74 -76.69 42.89
C SER GA 82 -18.01 -77.51 43.01
N SER GA 83 -18.05 -78.72 42.46
CA SER GA 83 -19.20 -79.58 42.53
C SER GA 83 -18.94 -80.71 43.51
N TRP GA 84 -19.89 -80.95 44.42
CA TRP GA 84 -19.71 -82.03 45.39
C TRP GA 84 -20.01 -83.39 44.76
N ALA GA 85 -21.22 -83.55 44.24
CA ALA GA 85 -21.67 -84.75 43.51
C ALA GA 85 -21.27 -85.99 44.32
N PHE GA 86 -20.55 -86.94 43.74
CA PHE GA 86 -20.17 -88.16 44.43
C PHE GA 86 -18.73 -88.51 44.07
N GLY GA 87 -18.00 -89.04 45.04
CA GLY GA 87 -16.63 -89.45 44.79
C GLY GA 87 -15.60 -88.65 45.56
N ARG GA 88 -14.48 -89.28 45.89
CA ARG GA 88 -13.42 -88.60 46.64
C ARG GA 88 -12.67 -87.58 45.80
N LEU GA 89 -12.86 -87.56 44.48
CA LEU GA 89 -12.19 -86.61 43.61
C LEU GA 89 -12.94 -85.30 43.47
N ARG GA 90 -14.16 -85.21 43.99
CA ARG GA 90 -14.98 -84.01 43.88
C ARG GA 90 -15.14 -83.37 45.26
N GLN GA 91 -15.89 -82.28 45.29
CA GLN GA 91 -16.05 -81.52 46.53
C GLN GA 91 -16.93 -82.27 47.52
N ASN GA 92 -17.02 -81.70 48.73
CA ASN GA 92 -17.87 -82.22 49.79
C ASN GA 92 -18.81 -81.11 50.25
N PHE GA 93 -19.82 -81.49 51.01
CA PHE GA 93 -20.74 -80.52 51.58
C PHE GA 93 -20.02 -79.60 52.56
N ILE GA 94 -20.73 -78.60 53.07
CA ILE GA 94 -20.18 -77.71 54.09
C ILE GA 94 -21.14 -77.58 55.27
N TYR GA 95 -20.57 -77.42 56.47
CA TYR GA 95 -21.24 -77.05 57.70
C TYR GA 95 -20.79 -75.79 58.43
N SER GA 96 -21.34 -75.69 59.65
CA SER GA 96 -21.12 -74.61 60.60
C SER GA 96 -19.91 -74.96 61.44
N GLY GA 97 -18.74 -74.83 60.82
CA GLY GA 97 -17.51 -74.89 61.57
C GLY GA 97 -17.27 -73.57 62.28
N THR GA 98 -18.01 -73.35 63.38
CA THR GA 98 -17.94 -72.07 64.08
C THR GA 98 -16.52 -71.75 64.54
N GLN GA 99 -15.74 -72.77 64.86
CA GLN GA 99 -14.37 -72.58 65.30
C GLN GA 99 -13.42 -72.27 64.15
N VAL GA 100 -13.87 -72.42 62.91
CA VAL GA 100 -13.04 -72.28 61.72
C VAL GA 100 -11.80 -73.15 61.89
N PRO GA 101 -11.92 -74.48 61.86
CA PRO GA 101 -10.73 -75.32 61.85
C PRO GA 101 -9.99 -75.18 60.53
N PRO GA 102 -8.65 -75.44 60.59
CA PRO GA 102 -7.84 -75.35 59.41
C PRO GA 102 -8.30 -76.23 58.25
N PRO GA 103 -8.92 -77.43 58.40
CA PRO GA 103 -9.21 -78.14 57.15
C PRO GA 103 -10.31 -77.46 56.35
N ALA GA 104 -10.92 -76.42 56.92
CA ALA GA 104 -12.09 -75.76 56.37
C ALA GA 104 -13.24 -76.77 56.17
N ASP GA 105 -13.66 -77.32 57.31
CA ASP GA 105 -14.59 -78.44 57.40
C ASP GA 105 -14.36 -79.45 56.27
N ALA GA 106 -15.44 -79.85 55.60
CA ALA GA 106 -15.31 -80.87 54.56
C ALA GA 106 -14.74 -80.31 53.27
N SER GA 107 -14.88 -79.02 53.03
CA SER GA 107 -14.54 -78.45 51.74
C SER GA 107 -14.65 -76.94 51.83
N PRO GA 108 -13.95 -76.21 50.97
CA PRO GA 108 -14.19 -74.77 50.83
C PRO GA 108 -15.47 -74.43 50.07
N GLY GA 109 -16.31 -75.41 49.78
CA GLY GA 109 -17.51 -75.16 49.00
C GLY GA 109 -18.25 -76.42 48.58
N GLY GA 110 -18.58 -76.51 47.30
CA GLY GA 110 -19.40 -77.59 46.78
C GLY GA 110 -20.74 -77.09 46.33
N ASN GA 111 -20.98 -77.10 45.01
CA ASN GA 111 -22.17 -76.47 44.46
C ASN GA 111 -22.73 -77.34 43.34
N PHE GA 112 -23.85 -76.90 42.77
CA PHE GA 112 -24.49 -77.55 41.64
C PHE GA 112 -24.02 -77.00 40.31
N TYR GA 113 -23.00 -76.13 40.32
CA TYR GA 113 -22.49 -75.55 39.09
C TYR GA 113 -22.00 -76.63 38.15
N GLY GA 114 -22.41 -76.53 36.88
CA GLY GA 114 -22.08 -77.54 35.90
C GLY GA 114 -23.27 -78.38 35.51
N GLY GA 115 -24.45 -77.77 35.48
CA GLY GA 115 -25.66 -78.47 35.08
C GLY GA 115 -25.55 -79.06 33.70
N GLY GA 116 -25.76 -80.36 33.58
CA GLY GA 116 -25.51 -81.08 32.34
C GLY GA 116 -26.66 -81.03 31.37
N ASN GA 117 -26.52 -81.83 30.31
CA ASN GA 117 -27.50 -82.03 29.24
C ASN GA 117 -27.56 -80.84 28.30
N ALA GA 118 -26.93 -79.72 28.68
CA ALA GA 118 -26.74 -78.61 27.76
C ALA GA 118 -25.38 -77.94 27.86
N GLU GA 119 -24.67 -78.07 28.97
CA GLU GA 119 -23.49 -77.26 29.25
C GLU GA 119 -22.23 -78.10 29.15
N ILE GA 120 -21.26 -77.62 28.39
CA ILE GA 120 -19.95 -78.24 28.29
C ILE GA 120 -19.03 -77.61 29.31
N LEU GA 121 -18.10 -78.40 29.83
CA LEU GA 121 -17.21 -77.96 30.90
C LEU GA 121 -15.76 -77.82 30.46
N ASN GA 122 -15.29 -78.72 29.58
CA ASN GA 122 -13.93 -78.63 29.09
C ASN GA 122 -13.79 -77.46 28.13
N LEU GA 123 -12.76 -76.64 28.35
CA LEU GA 123 -12.57 -75.41 27.57
C LEU GA 123 -12.10 -75.69 26.15
N ASP GA 124 -11.45 -76.83 25.92
CA ASP GA 124 -11.01 -77.16 24.57
C ASP GA 124 -12.19 -77.27 23.63
N GLU GA 125 -13.26 -77.95 24.07
CA GLU GA 125 -14.45 -78.05 23.25
C GLU GA 125 -15.15 -76.70 23.10
N ILE GA 126 -15.01 -75.80 24.07
CA ILE GA 126 -15.51 -74.43 23.89
C ILE GA 126 -14.77 -73.75 22.76
N ARG GA 127 -13.45 -73.90 22.71
CA ARG GA 127 -12.69 -73.35 21.59
C ARG GA 127 -13.15 -73.93 20.27
N LYS GA 128 -13.36 -75.25 20.23
CA LYS GA 128 -13.86 -75.88 19.00
C LYS GA 128 -15.21 -75.30 18.59
N VAL GA 129 -16.11 -75.11 19.57
CA VAL GA 129 -17.43 -74.59 19.28
C VAL GA 129 -17.35 -73.18 18.72
N LEU GA 130 -16.48 -72.35 19.29
CA LEU GA 130 -16.38 -70.96 18.81
C LEU GA 130 -15.78 -70.90 17.41
N GLN GA 131 -14.79 -71.75 17.13
CA GLN GA 131 -14.28 -71.83 15.76
C GLN GA 131 -15.38 -72.27 14.80
N LEU GA 132 -16.18 -73.25 15.22
CA LEU GA 132 -17.27 -73.72 14.38
C LEU GA 132 -18.30 -72.62 14.14
N ARG GA 133 -18.55 -71.79 15.15
CA ARG GA 133 -19.50 -70.70 14.93
C ARG GA 133 -18.94 -69.65 13.99
N TYR GA 134 -17.65 -69.37 14.04
CA TYR GA 134 -17.08 -68.48 13.03
C TYR GA 134 -17.26 -69.07 11.63
N VAL GA 135 -17.03 -70.38 11.51
CA VAL GA 135 -17.22 -71.05 10.23
C VAL GA 135 -18.66 -70.92 9.77
N ALA GA 136 -19.61 -71.07 10.70
CA ALA GA 136 -21.02 -70.93 10.36
C ALA GA 136 -21.34 -69.51 9.92
N LEU GA 137 -20.74 -68.51 10.58
CA LEU GA 137 -20.99 -67.12 10.23
C LEU GA 137 -20.53 -66.82 8.81
N ILE GA 138 -19.33 -67.32 8.45
CA ILE GA 138 -18.80 -67.02 7.12
C ILE GA 138 -19.15 -68.08 6.08
N SER GA 139 -19.96 -69.08 6.44
CA SER GA 139 -20.23 -70.19 5.54
C SER GA 139 -21.23 -69.79 4.46
N ASN GA 140 -20.97 -70.26 3.24
CA ASN GA 140 -21.88 -70.12 2.12
C ASN GA 140 -22.65 -71.40 1.83
N GLY GA 141 -22.51 -72.41 2.68
CA GLY GA 141 -23.20 -73.67 2.49
C GLY GA 141 -22.39 -74.76 1.80
N SER GA 142 -21.19 -74.45 1.31
CA SER GA 142 -20.39 -75.42 0.60
C SER GA 142 -20.04 -76.59 1.52
N ILE GA 143 -19.94 -77.78 0.94
CA ILE GA 143 -19.75 -78.99 1.72
C ILE GA 143 -18.27 -79.36 1.82
N ALA GA 144 -17.52 -79.24 0.73
CA ALA GA 144 -16.09 -79.47 0.81
C ALA GA 144 -15.44 -78.50 1.78
N TYR GA 145 -15.86 -77.23 1.73
CA TYR GA 145 -15.35 -76.23 2.65
C TYR GA 145 -15.66 -76.58 4.10
N ILE GA 146 -16.90 -76.98 4.38
CA ILE GA 146 -17.27 -77.25 5.76
C ILE GA 146 -16.56 -78.51 6.25
N ASN GA 147 -16.43 -79.52 5.40
CA ASN GA 147 -15.69 -80.72 5.77
C ASN GA 147 -14.24 -80.41 6.07
N ARG GA 148 -13.60 -79.57 5.24
CA ARG GA 148 -12.21 -79.23 5.49
C ARG GA 148 -12.05 -78.44 6.77
N MET GA 149 -13.02 -77.59 7.10
CA MET GA 149 -12.90 -76.86 8.36
C MET GA 149 -13.23 -77.74 9.56
N LEU GA 150 -14.12 -78.72 9.41
CA LEU GA 150 -14.32 -79.68 10.48
C LEU GA 150 -13.05 -80.48 10.73
N ARG GA 151 -12.37 -80.88 9.65
CA ARG GA 151 -11.05 -81.49 9.75
C ARG GA 151 -10.09 -80.58 10.52
N TYR GA 152 -10.01 -79.32 10.11
CA TYR GA 152 -9.05 -78.39 10.70
C TYR GA 152 -9.32 -78.20 12.18
N ILE GA 153 -10.58 -78.05 12.57
CA ILE GA 153 -10.91 -77.77 13.97
C ILE GA 153 -10.72 -79.02 14.83
N PHE GA 154 -11.38 -80.11 14.45
CA PHE GA 154 -11.47 -81.27 15.33
C PHE GA 154 -10.35 -82.29 15.13
N ASN GA 155 -9.42 -82.04 14.20
CA ASN GA 155 -8.29 -82.95 14.03
C ASN GA 155 -6.98 -82.22 13.76
N ASP GA 156 -6.95 -80.89 13.84
CA ASP GA 156 -5.75 -80.10 13.58
C ASP GA 156 -5.17 -80.40 12.19
N ASP GA 157 -6.07 -80.59 11.21
CA ASP GA 157 -5.69 -80.90 9.84
C ASP GA 157 -4.84 -82.16 9.76
N GLU GA 158 -5.36 -83.25 10.32
CA GLU GA 158 -4.72 -84.55 10.24
C GLU GA 158 -5.67 -85.56 9.60
N PRO GA 159 -5.23 -86.26 8.55
CA PRO GA 159 -6.12 -87.26 7.94
C PRO GA 159 -6.44 -88.38 8.91
N TRP GA 160 -7.63 -88.95 8.75
CA TRP GA 160 -8.13 -89.96 9.69
C TRP GA 160 -8.58 -91.19 8.93
N ASP GA 161 -8.51 -92.33 9.60
CA ASP GA 161 -9.02 -93.58 9.05
C ASP GA 161 -10.47 -93.80 9.48
N GLU GA 162 -11.06 -94.86 8.95
CA GLU GA 162 -12.48 -95.13 9.21
C GLU GA 162 -12.71 -95.82 10.55
N ALA GA 163 -11.66 -96.24 11.25
CA ALA GA 163 -11.83 -96.68 12.63
C ALA GA 163 -12.24 -95.54 13.54
N THR GA 164 -12.09 -94.30 13.07
CA THR GA 164 -12.47 -93.12 13.84
C THR GA 164 -13.94 -92.76 13.64
N GLY GA 165 -14.35 -92.56 12.39
CA GLY GA 165 -15.68 -92.07 12.09
C GLY GA 165 -15.84 -90.62 12.49
N LEU GA 166 -14.91 -89.78 12.02
CA LEU GA 166 -14.86 -88.38 12.42
C LEU GA 166 -15.99 -87.63 11.71
N TYR GA 167 -16.00 -86.30 11.83
CA TYR GA 167 -17.09 -85.47 11.31
C TYR GA 167 -17.41 -85.77 9.85
N PHE GA 168 -18.66 -85.51 9.47
CA PHE GA 168 -19.24 -86.05 8.26
C PHE GA 168 -19.78 -84.93 7.38
N TYR GA 169 -20.58 -85.30 6.38
CA TYR GA 169 -21.03 -84.29 5.44
C TYR GA 169 -22.08 -83.41 6.09
N LEU GA 170 -22.69 -82.61 5.24
CA LEU GA 170 -23.56 -81.50 5.60
C LEU GA 170 -24.75 -81.57 4.66
N MET GA 171 -25.42 -80.44 4.50
CA MET GA 171 -26.59 -80.38 3.66
C MET GA 171 -26.07 -80.71 2.26
N ASP GA 172 -26.21 -81.98 1.84
CA ASP GA 172 -25.99 -82.34 0.45
C ASP GA 172 -26.66 -83.69 0.21
N SER GA 173 -27.90 -83.68 -0.29
CA SER GA 173 -28.64 -84.93 -0.35
C SER GA 173 -28.15 -85.79 -1.51
N THR GA 174 -26.86 -86.12 -1.50
CA THR GA 174 -26.25 -86.88 -2.59
C THR GA 174 -25.65 -88.16 -2.00
N GLY GA 175 -26.45 -89.21 -2.00
CA GLY GA 175 -26.01 -90.52 -1.58
C GLY GA 175 -24.87 -91.04 -2.42
N GLU GA 176 -24.03 -91.85 -1.80
CA GLU GA 176 -22.70 -92.03 -2.34
C GLU GA 176 -22.57 -93.15 -3.32
N ASN GA 177 -22.60 -94.38 -2.83
CA ASN GA 177 -22.23 -95.48 -3.69
C ASN GA 177 -23.12 -96.66 -3.30
N GLY GA 178 -22.71 -97.85 -3.67
CA GLY GA 178 -23.60 -98.98 -3.74
C GLY GA 178 -23.30 -99.80 -4.97
N PRO GA 179 -22.79 -99.16 -6.03
CA PRO GA 179 -21.92 -99.89 -6.95
C PRO GA 179 -20.54 -99.98 -6.36
N VAL GA 180 -19.67 -100.77 -6.99
CA VAL GA 180 -18.30 -100.93 -6.53
C VAL GA 180 -17.37 -100.44 -7.63
N GLU GA 181 -16.41 -99.59 -7.25
CA GLU GA 181 -15.48 -98.98 -8.19
C GLU GA 181 -14.08 -99.00 -7.59
N ASN GA 182 -13.10 -98.72 -8.44
CA ASN GA 182 -11.67 -98.71 -8.11
C ASN GA 182 -11.31 -99.82 -7.13
N LEU GA 183 -11.81 -101.02 -7.43
CA LEU GA 183 -11.60 -102.18 -6.58
C LEU GA 183 -10.24 -102.79 -6.86
N ALA GA 184 -9.54 -103.14 -5.79
CA ALA GA 184 -8.29 -103.89 -5.88
C ALA GA 184 -8.35 -105.07 -4.92
N ILE GA 185 -7.75 -106.19 -5.31
CA ILE GA 185 -7.72 -107.39 -4.50
C ILE GA 185 -6.26 -107.81 -4.32
N TYR GA 186 -5.90 -108.19 -3.10
CA TYR GA 186 -4.62 -108.78 -2.79
C TYR GA 186 -4.84 -110.16 -2.19
N ARG GA 187 -3.81 -111.00 -2.25
CA ARG GA 187 -3.83 -112.30 -1.60
C ARG GA 187 -2.66 -112.40 -0.63
N LYS GA 188 -2.93 -112.98 0.53
CA LYS GA 188 -1.97 -113.12 1.62
C LYS GA 188 -1.54 -114.58 1.69
N ASP GA 189 -0.23 -114.81 1.62
CA ASP GA 189 0.36 -116.14 1.52
C ASP GA 189 1.80 -116.02 2.00
N TRP GA 190 2.63 -117.00 1.63
CA TRP GA 190 4.06 -116.90 1.91
C TRP GA 190 4.70 -115.68 1.24
N GLU GA 191 4.08 -115.11 0.21
CA GLU GA 191 4.55 -113.86 -0.38
C GLU GA 191 4.03 -112.63 0.35
N GLY GA 192 3.12 -112.81 1.30
CA GLY GA 192 2.63 -111.68 2.07
C GLY GA 192 1.62 -110.84 1.31
N MET GA 193 1.76 -109.54 1.44
CA MET GA 193 0.79 -108.57 0.92
C MET GA 193 1.11 -108.28 -0.54
N VAL GA 194 0.42 -108.98 -1.45
CA VAL GA 194 0.69 -108.90 -2.88
C VAL GA 194 -0.62 -108.83 -3.64
N LEU GA 195 -0.75 -107.87 -4.55
CA LEU GA 195 -2.00 -107.66 -5.26
C LEU GA 195 -2.15 -108.62 -6.44
N LEU GA 196 -3.35 -108.61 -7.01
CA LEU GA 196 -3.70 -109.41 -8.17
C LEU GA 196 -4.43 -108.51 -9.16
N SER GA 197 -4.27 -108.79 -10.45
CA SER GA 197 -4.79 -107.96 -11.52
C SER GA 197 -5.93 -108.66 -12.25
N SER GA 198 -7.02 -107.94 -12.46
CA SER GA 198 -8.13 -108.48 -13.24
C SER GA 198 -7.84 -108.51 -14.74
N SER GA 199 -6.84 -107.75 -15.20
CA SER GA 199 -6.37 -107.69 -16.57
C SER GA 199 -5.26 -108.68 -16.80
N PRO GA 200 -5.10 -109.20 -18.01
CA PRO GA 200 -4.03 -110.18 -18.26
C PRO GA 200 -2.65 -109.62 -18.00
N ARG GA 201 -1.97 -110.16 -16.98
CA ARG GA 201 -0.61 -109.76 -16.64
C ARG GA 201 0.35 -110.86 -17.07
N THR GA 202 1.49 -110.45 -17.63
CA THR GA 202 2.46 -111.38 -18.18
C THR GA 202 3.80 -111.22 -17.48
N ASN GA 203 4.44 -112.34 -17.18
CA ASN GA 203 5.82 -112.39 -16.73
C ASN GA 203 6.69 -112.79 -17.93
N HIS GA 204 7.59 -111.89 -18.31
CA HIS GA 204 8.36 -112.01 -19.55
C HIS GA 204 9.67 -112.77 -19.39
N VAL GA 205 10.08 -113.10 -18.17
CA VAL GA 205 11.31 -113.85 -17.97
C VAL GA 205 11.12 -115.27 -18.48
N LEU GA 206 12.16 -115.82 -19.10
CA LEU GA 206 12.09 -117.17 -19.63
C LEU GA 206 12.00 -118.19 -18.49
N THR GA 207 12.88 -118.07 -17.50
CA THR GA 207 12.91 -118.98 -16.37
C THR GA 207 12.97 -118.18 -15.08
N SER GA 208 12.14 -118.56 -14.11
CA SER GA 208 12.12 -117.88 -12.82
C SER GA 208 13.07 -118.51 -11.81
N THR GA 209 13.13 -119.83 -11.77
CA THR GA 209 14.02 -120.55 -10.86
C THR GA 209 15.03 -121.35 -11.65
N PRO GA 210 16.28 -120.91 -11.74
CA PRO GA 210 17.29 -121.70 -12.46
C PRO GA 210 17.89 -122.78 -11.58
N ALA GA 211 17.95 -123.99 -12.12
CA ALA GA 211 18.65 -125.10 -11.47
C ALA GA 211 19.86 -125.55 -12.26
N SER GA 212 20.16 -124.92 -13.40
CA SER GA 212 21.30 -125.26 -14.24
C SER GA 212 22.02 -123.98 -14.63
N ASP GA 213 23.33 -124.12 -14.88
CA ASP GA 213 24.13 -122.95 -15.25
C ASP GA 213 23.71 -122.40 -16.61
N ALA GA 214 23.31 -123.26 -17.53
CA ALA GA 214 22.93 -122.83 -18.87
C ALA GA 214 21.64 -122.02 -18.88
N ASP GA 215 20.91 -121.99 -17.77
CA ASP GA 215 19.69 -121.21 -17.68
C ASP GA 215 19.96 -119.74 -17.98
N TRP GA 216 20.79 -119.09 -17.16
CA TRP GA 216 21.16 -117.69 -17.37
C TRP GA 216 22.64 -117.62 -17.71
N PRO GA 217 23.01 -117.06 -18.86
CA PRO GA 217 24.44 -116.93 -19.18
C PRO GA 217 25.11 -115.86 -18.32
N GLY GA 218 26.43 -115.87 -18.37
CA GLY GA 218 27.24 -114.88 -17.66
C GLY GA 218 27.88 -113.91 -18.63
N VAL GA 219 27.84 -112.64 -18.29
CA VAL GA 219 28.39 -111.57 -19.12
C VAL GA 219 29.46 -110.83 -18.32
N ASP GA 220 30.65 -110.69 -18.90
CA ASP GA 220 31.78 -110.05 -18.22
C ASP GA 220 32.65 -109.39 -19.28
N PRO GA 221 32.56 -108.06 -19.43
CA PRO GA 221 33.47 -107.38 -20.37
C PRO GA 221 34.93 -107.55 -20.00
N ALA GA 222 35.26 -107.56 -18.71
CA ALA GA 222 36.65 -107.76 -18.30
C ALA GA 222 37.08 -109.20 -18.48
N ALA GA 223 36.20 -110.15 -18.11
CA ALA GA 223 36.48 -111.59 -18.22
C ALA GA 223 37.74 -111.98 -17.46
N SER GA 224 38.01 -111.30 -16.34
CA SER GA 224 39.20 -111.60 -15.56
C SER GA 224 39.13 -113.01 -14.97
N GLY GA 225 37.98 -113.39 -14.44
CA GLY GA 225 37.80 -114.71 -13.87
C GLY GA 225 36.66 -115.46 -14.52
N ILE GA 226 36.25 -116.58 -13.90
CA ILE GA 226 35.13 -117.37 -14.42
C ILE GA 226 33.86 -116.57 -14.23
N PRO GA 227 32.82 -116.81 -15.03
CA PRO GA 227 31.56 -116.10 -14.84
C PRO GA 227 30.80 -116.66 -13.64
N VAL GA 228 29.76 -115.93 -13.23
CA VAL GA 228 28.94 -116.38 -12.12
C VAL GA 228 28.23 -117.68 -12.52
N THR GA 229 28.28 -118.66 -11.64
CA THR GA 229 27.72 -119.98 -11.90
C THR GA 229 26.52 -120.22 -11.00
N VAL GA 230 25.39 -120.56 -11.63
CA VAL GA 230 24.18 -120.89 -10.88
C VAL GA 230 24.26 -122.34 -10.41
N GLU GA 231 24.11 -122.54 -9.11
CA GLU GA 231 24.19 -123.87 -8.52
C GLU GA 231 22.93 -124.17 -7.72
N THR GA 232 22.31 -125.32 -7.97
CA THR GA 232 21.13 -125.71 -7.21
C THR GA 232 21.50 -125.89 -5.74
N ALA GA 233 20.65 -125.40 -4.84
CA ALA GA 233 20.92 -125.46 -3.42
C ALA GA 233 19.71 -126.05 -2.69
N SER GA 234 19.98 -126.70 -1.56
CA SER GA 234 18.94 -127.33 -0.74
C SER GA 234 18.63 -126.40 0.42
N ALA GA 235 17.82 -125.39 0.14
CA ALA GA 235 17.33 -124.47 1.17
C ALA GA 235 15.85 -124.24 0.94
N THR GA 236 15.11 -124.06 2.03
CA THR GA 236 13.66 -123.93 1.98
C THR GA 236 13.31 -122.62 1.28
N ALA GA 237 12.87 -122.72 0.03
CA ALA GA 237 12.42 -121.56 -0.71
C ALA GA 237 11.11 -121.03 -0.11
N PRO GA 238 10.79 -119.76 -0.34
CA PRO GA 238 9.56 -119.21 0.24
C PRO GA 238 8.30 -119.94 -0.18
N ASP GA 239 8.27 -120.53 -1.38
CA ASP GA 239 7.13 -121.32 -1.79
C ASP GA 239 6.95 -122.58 -0.94
N GLY GA 240 7.99 -122.99 -0.22
CA GLY GA 240 7.91 -124.17 0.61
C GLY GA 240 8.60 -125.37 0.02
N SER GA 241 9.74 -125.15 -0.65
CA SER GA 241 10.47 -126.21 -1.32
C SER GA 241 11.96 -125.96 -1.22
N ALA GA 242 12.74 -127.01 -1.46
CA ALA GA 242 14.19 -126.92 -1.52
C ALA GA 242 14.64 -126.82 -2.98
N THR GA 243 14.40 -125.64 -3.56
CA THR GA 243 14.64 -125.42 -4.98
C THR GA 243 15.43 -124.15 -5.27
N VAL GA 244 15.99 -123.49 -4.24
CA VAL GA 244 16.69 -122.23 -4.43
C VAL GA 244 17.96 -122.44 -5.24
N CYS GA 245 18.55 -121.36 -5.74
CA CYS GA 245 19.81 -121.44 -6.46
C CYS GA 245 20.78 -120.45 -5.85
N LYS GA 246 22.07 -120.71 -6.08
CA LYS GA 246 23.15 -119.90 -5.56
C LYS GA 246 23.91 -119.28 -6.71
N LEU GA 247 24.15 -117.98 -6.62
CA LEU GA 247 25.06 -117.27 -7.50
C LEU GA 247 26.35 -117.02 -6.75
N THR GA 248 27.46 -117.46 -7.31
CA THR GA 248 28.78 -117.34 -6.69
C THR GA 248 29.66 -116.45 -7.54
N LYS GA 249 30.17 -115.38 -6.95
CA LYS GA 249 31.14 -114.52 -7.60
C LYS GA 249 32.50 -114.76 -6.98
N PRO GA 250 33.44 -115.36 -7.70
CA PRO GA 250 34.78 -115.59 -7.13
C PRO GA 250 35.59 -114.30 -7.09
N ALA GA 251 36.71 -114.38 -6.36
CA ALA GA 251 37.60 -113.23 -6.25
C ALA GA 251 38.17 -112.86 -7.61
N GLY GA 252 38.25 -111.56 -7.87
CA GLY GA 252 38.79 -111.07 -9.12
C GLY GA 252 37.88 -111.18 -10.32
N SER GA 253 36.62 -111.56 -10.12
CA SER GA 253 35.66 -111.74 -11.21
C SER GA 253 34.66 -110.60 -11.19
N THR GA 254 34.37 -110.05 -12.37
CA THR GA 254 33.43 -108.96 -12.55
C THR GA 254 32.29 -109.37 -13.47
N ALA GA 255 31.80 -110.59 -13.31
CA ALA GA 255 30.77 -111.14 -14.18
C ALA GA 255 29.40 -111.01 -13.51
N TYR GA 256 28.36 -111.11 -14.34
CA TYR GA 256 26.99 -111.03 -13.86
C TYR GA 256 26.10 -111.92 -14.71
N VAL GA 257 25.14 -112.57 -14.07
CA VAL GA 257 24.23 -113.47 -14.77
C VAL GA 257 23.10 -112.65 -15.40
N SER GA 258 22.91 -112.85 -16.70
CA SER GA 258 21.84 -112.18 -17.44
C SER GA 258 20.72 -113.18 -17.68
N ALA GA 259 19.52 -112.84 -17.24
CA ALA GA 259 18.37 -113.72 -17.45
C ALA GA 259 17.84 -113.54 -18.87
N PRO GA 260 17.78 -114.59 -19.68
CA PRO GA 260 17.23 -114.45 -21.03
C PRO GA 260 15.77 -114.01 -20.98
N ILE GA 261 15.49 -112.93 -21.71
CA ILE GA 261 14.16 -112.33 -21.75
C ILE GA 261 13.83 -111.99 -23.19
N ASP GA 262 12.57 -112.22 -23.58
CA ASP GA 262 12.12 -111.76 -24.89
C ASP GA 262 12.28 -110.25 -24.99
N GLY GA 263 12.87 -109.79 -26.08
CA GLY GA 263 13.14 -108.38 -26.26
C GLY GA 263 12.68 -107.86 -27.60
N PRO GA 264 12.38 -106.56 -27.68
CA PRO GA 264 12.42 -105.58 -26.59
C PRO GA 264 11.17 -105.62 -25.73
N LEU GA 265 11.09 -104.80 -24.68
CA LEU GA 265 9.88 -104.75 -23.85
C LEU GA 265 8.97 -103.58 -24.20
N GLY GA 266 9.48 -102.55 -24.88
CA GLY GA 266 8.64 -101.45 -25.28
C GLY GA 266 9.21 -100.08 -24.96
N SER GA 267 8.66 -99.05 -25.59
CA SER GA 267 9.13 -97.68 -25.42
C SER GA 267 8.21 -96.92 -24.47
N GLY GA 268 8.80 -96.21 -23.52
CA GLY GA 268 8.02 -95.40 -22.60
C GLY GA 268 7.08 -96.20 -21.73
N SER GA 269 7.53 -97.35 -21.25
CA SER GA 269 6.69 -98.23 -20.43
C SER GA 269 7.40 -98.53 -19.12
N THR GA 270 6.69 -98.38 -18.01
CA THR GA 270 7.25 -98.73 -16.72
C THR GA 270 7.51 -100.24 -16.67
N VAL GA 271 8.69 -100.61 -16.21
CA VAL GA 271 9.13 -102.00 -16.18
C VAL GA 271 9.47 -102.37 -14.75
N THR GA 272 8.95 -103.50 -14.30
CA THR GA 272 9.13 -103.97 -12.93
C THR GA 272 9.90 -105.28 -12.93
N PHE GA 273 10.95 -105.34 -12.12
CA PHE GA 273 11.75 -106.55 -11.91
C PHE GA 273 11.60 -106.97 -10.45
N SER GA 274 11.34 -108.24 -10.23
CA SER GA 274 11.19 -108.78 -8.89
C SER GA 274 11.91 -110.12 -8.81
N PHE GA 275 12.32 -110.48 -7.60
CA PHE GA 275 12.91 -111.79 -7.34
C PHE GA 275 13.00 -111.96 -5.83
N PHE GA 276 13.28 -113.18 -5.40
CA PHE GA 276 13.33 -113.54 -3.99
C PHE GA 276 14.75 -113.92 -3.63
N ALA GA 277 15.26 -113.38 -2.52
CA ALA GA 277 16.64 -113.61 -2.13
C ALA GA 277 16.72 -113.93 -0.64
N LYS GA 278 17.76 -114.67 -0.27
CA LYS GA 278 18.04 -115.02 1.11
C LYS GA 278 19.49 -114.67 1.40
N ALA GA 279 19.75 -114.18 2.60
CA ALA GA 279 21.11 -113.81 2.99
C ALA GA 279 22.03 -115.02 2.94
N GLY GA 280 23.19 -114.84 2.32
CA GLY GA 280 24.17 -115.91 2.23
C GLY GA 280 25.52 -115.46 2.76
N SER GA 281 26.58 -115.74 2.00
CA SER GA 281 27.91 -115.24 2.37
C SER GA 281 27.94 -113.72 2.34
N THR GA 282 27.34 -113.13 1.31
CA THR GA 282 27.25 -111.68 1.21
C THR GA 282 25.98 -111.19 1.88
N ARG GA 283 26.00 -109.94 2.32
CA ARG GA 283 24.87 -109.32 3.00
C ARG GA 283 23.94 -108.59 2.05
N PHE GA 284 24.21 -108.64 0.74
CA PHE GA 284 23.47 -107.81 -0.19
C PHE GA 284 23.74 -108.25 -1.62
N ILE GA 285 22.85 -107.84 -2.52
CA ILE GA 285 22.85 -108.28 -3.91
C ILE GA 285 22.71 -107.05 -4.81
N ALA GA 286 23.13 -107.19 -6.06
CA ALA GA 286 23.08 -106.10 -7.02
C ALA GA 286 22.33 -106.52 -8.26
N ILE GA 287 21.49 -105.61 -8.79
CA ILE GA 287 20.63 -105.86 -9.94
C ILE GA 287 20.75 -104.68 -10.88
N GLN GA 288 20.56 -104.94 -12.18
CA GLN GA 288 20.59 -103.90 -13.19
C GLN GA 288 19.52 -104.18 -14.23
N SER GA 289 18.80 -103.13 -14.61
CA SER GA 289 17.84 -103.18 -15.71
C SER GA 289 18.46 -102.51 -16.92
N ALA GA 290 18.44 -103.20 -18.06
CA ALA GA 290 19.16 -102.71 -19.22
C ALA GA 290 18.36 -101.62 -19.93
N ALA GA 291 19.06 -100.90 -20.79
CA ALA GA 291 18.48 -99.88 -21.67
C ALA GA 291 19.49 -99.67 -22.79
N ASP GA 292 19.31 -98.62 -23.58
CA ASP GA 292 20.31 -98.25 -24.57
C ASP GA 292 21.59 -97.84 -23.86
N PHE GA 293 22.72 -98.17 -24.45
CA PHE GA 293 24.00 -97.79 -23.87
C PHE GA 293 24.13 -96.27 -23.88
N PRO GA 294 24.48 -95.64 -22.76
CA PRO GA 294 24.70 -96.20 -21.43
C PRO GA 294 23.56 -95.91 -20.44
N SER GA 295 22.30 -96.13 -20.80
CA SER GA 295 21.18 -95.71 -19.96
C SER GA 295 20.70 -96.81 -18.99
N ARG GA 296 21.60 -97.69 -18.57
CA ARG GA 296 21.21 -98.81 -17.72
C ARG GA 296 20.92 -98.34 -16.29
N ALA GA 297 19.80 -98.80 -15.74
CA ALA GA 297 19.45 -98.50 -14.36
C ALA GA 297 20.05 -99.55 -13.43
N ASP GA 298 20.52 -99.12 -12.26
CA ASP GA 298 21.18 -100.02 -11.33
C ASP GA 298 20.50 -99.94 -9.97
N ALA GA 299 20.63 -101.01 -9.19
CA ALA GA 299 20.13 -101.02 -7.82
C ALA GA 299 20.91 -102.06 -7.02
N VAL GA 300 20.95 -101.85 -5.71
CA VAL GA 300 21.60 -102.76 -4.76
C VAL GA 300 20.71 -102.89 -3.55
N PHE GA 301 20.45 -104.12 -3.12
CA PHE GA 301 19.54 -104.41 -2.03
C PHE GA 301 20.31 -105.08 -0.90
N ASP GA 302 20.24 -104.48 0.30
CA ASP GA 302 20.84 -105.05 1.50
C ASP GA 302 19.87 -106.04 2.11
N LEU GA 303 20.21 -107.33 2.08
CA LEU GA 303 19.28 -108.37 2.49
C LEU GA 303 19.07 -108.41 4.00
N ASP GA 304 19.97 -107.84 4.78
CA ASP GA 304 19.86 -107.89 6.24
C ASP GA 304 19.16 -106.66 6.82
N SER GA 305 19.73 -105.47 6.58
CA SER GA 305 19.18 -104.26 7.18
C SER GA 305 17.86 -103.83 6.55
N GLY GA 306 17.48 -104.42 5.42
CA GLY GA 306 16.26 -104.03 4.75
C GLY GA 306 16.28 -102.61 4.20
N ASN GA 307 17.41 -102.20 3.61
CA ASN GA 307 17.56 -100.87 3.03
C ASN GA 307 18.03 -101.01 1.59
N VAL GA 308 17.35 -100.29 0.70
CA VAL GA 308 17.79 -100.21 -0.71
C VAL GA 308 18.75 -99.04 -0.77
N ILE GA 309 20.02 -99.32 -0.44
CA ILE GA 309 21.01 -98.28 -0.20
C ILE GA 309 21.62 -97.73 -1.48
N SER GA 310 21.27 -98.25 -2.64
CA SER GA 310 21.88 -97.81 -3.88
C SER GA 310 20.89 -98.02 -5.01
N ASP GA 311 20.62 -96.97 -5.77
CA ASP GA 311 19.88 -97.07 -7.03
C ASP GA 311 20.42 -96.00 -7.98
N GLN GA 312 21.13 -96.44 -9.01
CA GLN GA 312 21.86 -95.55 -9.92
C GLN GA 312 21.07 -95.28 -11.18
N MET GA 313 20.91 -94.00 -11.51
CA MET GA 313 20.28 -93.56 -12.75
C MET GA 313 21.39 -93.15 -13.71
N LEU GA 314 21.73 -94.06 -14.64
CA LEU GA 314 22.61 -93.66 -15.74
C LEU GA 314 21.87 -92.79 -16.74
N ASP GA 315 20.54 -92.79 -16.69
CA ASP GA 315 19.68 -91.91 -17.45
C ASP GA 315 18.41 -91.70 -16.64
N SER GA 316 17.34 -91.25 -17.28
CA SER GA 316 16.06 -91.00 -16.62
C SER GA 316 15.33 -92.29 -16.20
N SER GA 317 16.02 -93.43 -16.22
CA SER GA 317 15.40 -94.74 -16.06
C SER GA 317 14.65 -94.95 -14.74
N VAL GA 318 15.35 -94.90 -13.61
CA VAL GA 318 14.79 -95.40 -12.36
C VAL GA 318 13.58 -94.58 -11.94
N VAL GA 319 12.57 -95.28 -11.43
CA VAL GA 319 11.43 -94.66 -10.76
C VAL GA 319 11.39 -95.05 -9.28
N SER GA 320 11.49 -96.34 -8.98
CA SER GA 320 11.39 -96.77 -7.59
C SER GA 320 12.19 -98.05 -7.37
N ALA GA 321 12.53 -98.30 -6.11
CA ALA GA 321 13.19 -99.52 -5.69
C ALA GA 321 12.72 -99.83 -4.27
N ARG GA 322 12.51 -101.11 -3.99
CA ARG GA 322 11.83 -101.47 -2.76
C ARG GA 322 12.20 -102.89 -2.37
N MET GA 323 12.04 -103.20 -1.09
CA MET GA 323 12.24 -104.54 -0.56
C MET GA 323 11.07 -104.93 0.33
N ILE GA 324 10.50 -106.11 0.06
CA ILE GA 324 9.38 -106.64 0.83
C ILE GA 324 9.89 -107.79 1.67
N ARG GA 325 9.57 -107.75 2.97
CA ARG GA 325 10.06 -108.77 3.90
C ARG GA 325 9.17 -110.01 3.86
N LEU GA 326 9.78 -111.18 3.97
CA LEU GA 326 9.09 -112.44 4.07
C LEU GA 326 9.81 -113.32 5.07
N GLU GA 327 9.07 -114.24 5.68
CA GLU GA 327 9.58 -115.05 6.78
C GLU GA 327 10.78 -115.88 6.33
N ASN GA 328 11.48 -116.45 7.31
CA ASN GA 328 12.73 -117.18 7.10
C ASN GA 328 13.80 -116.29 6.47
N GLY GA 329 13.78 -115.00 6.79
CA GLY GA 329 14.77 -114.07 6.31
C GLY GA 329 14.83 -113.95 4.79
N TRP GA 330 13.67 -113.81 4.16
CA TRP GA 330 13.60 -113.69 2.72
C TRP GA 330 13.18 -112.27 2.32
N TRP GA 331 13.63 -111.84 1.15
CA TRP GA 331 13.33 -110.51 0.67
C TRP GA 331 12.96 -110.55 -0.80
N ARG GA 332 11.84 -109.91 -1.14
CA ARG GA 332 11.50 -109.67 -2.53
C ARG GA 332 12.00 -108.28 -2.91
N CYS GA 333 13.00 -108.23 -3.76
CA CYS GA 333 13.59 -106.97 -4.22
C CYS GA 333 12.92 -106.56 -5.53
N VAL GA 334 12.40 -105.34 -5.56
CA VAL GA 334 11.60 -104.85 -6.67
C VAL GA 334 12.23 -103.56 -7.20
N LEU GA 335 12.35 -103.47 -8.52
CA LEU GA 335 12.87 -102.27 -9.17
C LEU GA 335 11.92 -101.88 -10.29
N THR GA 336 11.40 -100.66 -10.23
CA THR GA 336 10.50 -100.12 -11.24
C THR GA 336 11.22 -99.02 -11.98
N THR GA 337 11.33 -99.17 -13.31
CA THR GA 337 12.09 -98.28 -14.17
C THR GA 337 11.19 -97.78 -15.29
N LYS GA 338 11.22 -96.47 -15.52
CA LYS GA 338 10.48 -95.84 -16.62
C LYS GA 338 11.47 -95.08 -17.50
N THR GA 339 11.58 -95.51 -18.76
CA THR GA 339 12.43 -94.86 -19.74
C THR GA 339 11.66 -94.71 -21.05
N VAL GA 340 11.81 -93.54 -21.67
CA VAL GA 340 11.16 -93.30 -22.96
C VAL GA 340 11.82 -94.10 -24.08
N SER GA 341 12.92 -94.78 -23.80
CA SER GA 341 13.55 -95.65 -24.78
C SER GA 341 12.86 -97.01 -24.82
N SER GA 342 13.09 -97.73 -25.92
CA SER GA 342 12.55 -99.08 -26.10
C SER GA 342 13.61 -100.15 -25.98
N SER GA 343 14.75 -99.83 -25.38
CA SER GA 343 15.91 -100.71 -25.37
C SER GA 343 16.06 -101.50 -24.07
N PHE GA 344 14.95 -101.78 -23.38
CA PHE GA 344 15.02 -102.67 -22.22
C PHE GA 344 15.29 -104.08 -22.72
N ARG GA 345 16.55 -104.49 -22.66
CA ARG GA 345 16.95 -105.78 -23.22
C ARG GA 345 16.88 -106.90 -22.19
N ALA GA 346 17.56 -106.74 -21.06
CA ALA GA 346 17.65 -107.81 -20.08
C ALA GA 346 17.92 -107.25 -18.70
N ALA GA 347 17.76 -108.12 -17.71
CA ALA GA 347 18.07 -107.80 -16.32
C ALA GA 347 19.26 -108.64 -15.88
N TYR GA 348 20.27 -107.97 -15.33
CA TYR GA 348 21.48 -108.61 -14.87
C TYR GA 348 21.47 -108.69 -13.34
N VAL GA 349 21.93 -109.81 -12.81
CA VAL GA 349 22.03 -110.01 -11.37
C VAL GA 349 23.48 -110.32 -11.03
N ALA GA 350 23.89 -109.98 -9.81
CA ALA GA 350 25.24 -110.28 -9.37
C ALA GA 350 25.28 -110.24 -7.85
N PRO GA 351 26.13 -111.07 -7.23
CA PRO GA 351 26.51 -110.81 -5.84
C PRO GA 351 27.36 -109.56 -5.73
N ALA GA 352 27.36 -108.97 -4.54
CA ALA GA 352 28.08 -107.73 -4.27
C ALA GA 352 28.96 -107.91 -3.04
N GLU GA 353 30.19 -107.39 -3.12
CA GLU GA 353 31.09 -107.47 -1.98
C GLU GA 353 30.90 -106.30 -1.01
N THR GA 354 30.90 -105.08 -1.51
CA THR GA 354 30.71 -103.89 -0.70
C THR GA 354 29.30 -103.34 -0.92
N ASN GA 355 28.81 -102.60 0.07
CA ASN GA 355 27.41 -102.22 0.11
C ASN GA 355 26.98 -101.46 -1.14
N PHE GA 356 27.93 -100.86 -1.85
CA PHE GA 356 27.67 -100.13 -3.08
C PHE GA 356 28.32 -100.79 -4.29
N SER GA 357 28.67 -102.08 -4.16
CA SER GA 357 29.24 -102.79 -5.29
C SER GA 357 28.24 -102.87 -6.43
N TRP GA 358 28.74 -102.73 -7.65
CA TRP GA 358 27.88 -102.65 -8.81
C TRP GA 358 27.69 -104.03 -9.43
N ILE GA 359 27.13 -104.04 -10.64
CA ILE GA 359 26.91 -105.28 -11.36
C ILE GA 359 28.23 -105.90 -11.81
N ASP GA 360 29.27 -105.09 -12.00
CA ASP GA 360 30.56 -105.56 -12.48
C ASP GA 360 31.70 -105.05 -11.60
N SER GA 361 31.43 -104.81 -10.32
CA SER GA 361 32.48 -104.40 -9.40
C SER GA 361 33.38 -105.59 -9.07
N ASN GA 362 34.67 -105.30 -8.88
CA ASN GA 362 35.63 -106.34 -8.56
C ASN GA 362 35.32 -106.93 -7.18
N SER GA 363 35.46 -108.25 -7.07
CA SER GA 363 35.23 -108.96 -5.82
C SER GA 363 36.56 -109.44 -5.27
N SER GA 364 36.81 -109.15 -3.99
CA SER GA 364 38.06 -109.55 -3.35
C SER GA 364 38.02 -110.98 -2.84
N ALA GA 365 36.84 -111.60 -2.77
CA ALA GA 365 36.70 -112.96 -2.28
C ALA GA 365 35.65 -113.68 -3.11
N ALA GA 366 35.38 -114.93 -2.74
CA ALA GA 366 34.34 -115.73 -3.38
C ALA GA 366 33.08 -115.65 -2.51
N ILE GA 367 32.07 -114.94 -3.00
CA ILE GA 367 30.86 -114.66 -2.24
C ILE GA 367 29.68 -115.30 -2.93
N ASP GA 368 28.84 -116.00 -2.17
CA ASP GA 368 27.68 -116.69 -2.70
C ASP GA 368 26.41 -116.08 -2.10
N VAL GA 369 25.36 -115.99 -2.92
CA VAL GA 369 24.06 -115.55 -2.47
C VAL GA 369 23.01 -116.50 -3.01
N LEU GA 370 21.87 -116.54 -2.32
CA LEU GA 370 20.76 -117.43 -2.66
C LEU GA 370 19.63 -116.61 -3.25
N ILE GA 371 19.20 -116.99 -4.47
CA ILE GA 371 18.06 -116.34 -5.11
C ILE GA 371 17.13 -117.43 -5.66
N TRP GA 372 15.91 -117.00 -5.99
CA TRP GA 372 14.87 -117.90 -6.44
C TRP GA 372 13.68 -117.08 -6.93
N GLY GA 373 13.04 -117.55 -8.01
CA GLY GA 373 11.79 -116.96 -8.45
C GLY GA 373 11.87 -115.55 -9.02
N ALA GA 374 12.50 -115.41 -10.18
CA ALA GA 374 12.55 -114.11 -10.84
C ALA GA 374 11.21 -113.79 -11.49
N GLN GA 375 11.04 -112.52 -11.86
CA GLN GA 375 9.82 -112.05 -12.50
C GLN GA 375 10.05 -110.70 -13.16
N ILE GA 376 9.65 -110.54 -14.42
CA ILE GA 376 9.78 -109.29 -15.14
C ILE GA 376 8.44 -108.99 -15.80
N GLU GA 377 7.88 -107.81 -15.52
CA GLU GA 377 6.56 -107.47 -16.04
C GLU GA 377 6.50 -105.99 -16.34
N LEU GA 378 5.41 -105.59 -16.99
CA LEU GA 378 5.14 -104.18 -17.23
C LEU GA 378 4.47 -103.61 -15.98
N GLY GA 379 3.97 -102.38 -16.08
CA GLY GA 379 3.39 -101.77 -14.89
C GLY GA 379 4.46 -101.30 -13.92
N ASP GA 380 4.02 -101.02 -12.69
CA ASP GA 380 4.91 -100.46 -11.69
C ASP GA 380 4.71 -101.09 -10.32
N THR GA 381 4.23 -102.33 -10.27
CA THR GA 381 3.97 -102.95 -8.98
C THR GA 381 4.19 -104.44 -9.07
N PRO GA 382 4.97 -105.03 -8.16
CA PRO GA 382 5.12 -106.49 -8.15
C PRO GA 382 3.79 -107.17 -7.91
N THR GA 383 3.59 -108.29 -8.58
CA THR GA 383 2.36 -109.06 -8.50
C THR GA 383 2.67 -110.47 -8.00
N GLY GA 384 1.64 -111.32 -7.98
CA GLY GA 384 1.80 -112.69 -7.55
C GLY GA 384 2.81 -113.44 -8.37
N TYR GA 385 3.74 -114.11 -7.70
CA TYR GA 385 4.77 -114.86 -8.41
C TYR GA 385 4.14 -115.98 -9.24
N LEU GA 386 4.57 -116.08 -10.49
CA LEU GA 386 4.06 -117.09 -11.42
C LEU GA 386 5.23 -117.83 -12.04
N GLU GA 387 5.10 -119.15 -12.12
CA GLU GA 387 6.19 -119.99 -12.60
C GLU GA 387 6.35 -119.86 -14.10
N THR GA 388 7.58 -119.64 -14.55
CA THR GA 388 7.92 -119.57 -15.96
C THR GA 388 9.10 -120.48 -16.23
N THR GA 389 8.95 -121.37 -17.22
CA THR GA 389 10.01 -122.28 -17.65
C THR GA 389 10.13 -122.14 -19.17
N GLY GA 390 10.93 -121.19 -19.61
CA GLY GA 390 11.04 -120.90 -21.04
C GLY GA 390 9.76 -120.39 -21.64
N ALA GA 391 8.99 -119.60 -20.90
CA ALA GA 391 7.71 -119.13 -21.39
C ALA GA 391 7.33 -117.78 -20.79
N PRO GA 392 7.02 -116.78 -21.63
CA PRO GA 392 6.49 -115.52 -21.10
C PRO GA 392 5.03 -115.68 -20.68
N VAL GA 393 4.84 -116.10 -19.43
CA VAL GA 393 3.54 -116.64 -19.01
C VAL GA 393 2.54 -115.51 -18.81
N THR GA 394 1.37 -115.65 -19.44
CA THR GA 394 0.27 -114.71 -19.32
C THR GA 394 -0.81 -115.33 -18.44
N MET GA 395 -1.38 -114.52 -17.54
CA MET GA 395 -2.36 -115.05 -16.61
C MET GA 395 -3.27 -113.93 -16.15
N THR GA 396 -4.53 -114.28 -15.87
CA THR GA 396 -5.54 -113.33 -15.41
C THR GA 396 -6.08 -113.80 -14.07
N ASP GA 397 -5.94 -112.97 -13.04
CA ASP GA 397 -6.17 -113.41 -11.67
C ASP GA 397 -7.65 -113.73 -11.42
N TYR GA 398 -8.54 -112.81 -11.80
CA TYR GA 398 -9.93 -112.94 -11.39
C TYR GA 398 -10.82 -112.16 -12.34
N VAL GA 399 -12.12 -112.47 -12.28
CA VAL GA 399 -13.15 -111.73 -13.00
C VAL GA 399 -14.30 -111.47 -12.03
N LEU GA 400 -14.69 -110.21 -11.89
CA LEU GA 400 -15.79 -109.83 -11.01
C LEU GA 400 -17.10 -110.02 -11.76
N GLN GA 401 -17.82 -111.10 -11.43
CA GLN GA 401 -19.03 -111.42 -12.18
C GLN GA 401 -20.19 -110.49 -11.84
N ASN GA 402 -20.39 -110.18 -10.56
CA ASN GA 402 -21.47 -109.31 -10.13
C ASN GA 402 -20.89 -108.17 -9.31
N ALA GA 403 -21.09 -106.93 -9.79
CA ALA GA 403 -20.57 -105.77 -9.06
C ALA GA 403 -21.43 -105.45 -7.84
N GLN GA 404 -22.75 -105.52 -7.96
CA GLN GA 404 -23.62 -105.07 -6.89
C GLN GA 404 -23.50 -105.94 -5.64
N THR GA 405 -23.61 -107.26 -5.81
CA THR GA 405 -23.46 -108.17 -4.68
C THR GA 405 -22.02 -108.30 -4.23
N GLY GA 406 -21.06 -108.09 -5.13
CA GLY GA 406 -19.66 -108.15 -4.79
C GLY GA 406 -19.03 -109.52 -4.88
N THR GA 407 -19.77 -110.54 -5.31
CA THR GA 407 -19.19 -111.85 -5.48
C THR GA 407 -18.15 -111.82 -6.60
N VAL GA 408 -17.01 -112.44 -6.34
CA VAL GA 408 -15.85 -112.42 -7.22
C VAL GA 408 -15.46 -113.85 -7.55
N LYS GA 409 -15.17 -114.09 -8.83
CA LYS GA 409 -14.77 -115.39 -9.35
C LYS GA 409 -13.28 -115.38 -9.65
N PHE GA 410 -12.56 -116.37 -9.12
CA PHE GA 410 -11.13 -116.49 -9.30
C PHE GA 410 -10.83 -117.46 -10.43
N THR GA 411 -9.68 -117.29 -11.06
CA THR GA 411 -9.27 -118.20 -12.13
C THR GA 411 -9.12 -119.63 -11.61
N GLN GA 412 -8.45 -119.78 -10.47
CA GLN GA 412 -8.29 -121.06 -9.81
C GLN GA 412 -8.66 -120.93 -8.35
N PRO GA 413 -9.12 -122.02 -7.72
CA PRO GA 413 -9.48 -121.95 -6.30
C PRO GA 413 -8.29 -121.56 -5.44
N LEU GA 414 -8.56 -120.77 -4.41
CA LEU GA 414 -7.49 -120.30 -3.54
C LEU GA 414 -6.91 -121.48 -2.76
N PRO GA 415 -5.59 -121.67 -2.79
CA PRO GA 415 -4.98 -122.73 -1.97
C PRO GA 415 -5.27 -122.51 -0.50
N THR GA 416 -5.35 -123.61 0.24
CA THR GA 416 -5.66 -123.55 1.66
C THR GA 416 -4.65 -122.69 2.38
N GLY GA 417 -5.14 -121.78 3.22
CA GLY GA 417 -4.30 -120.87 3.96
C GLY GA 417 -3.99 -119.57 3.25
N VAL GA 418 -4.39 -119.42 1.98
CA VAL GA 418 -4.17 -118.19 1.24
C VAL GA 418 -5.39 -117.30 1.44
N GLU GA 419 -5.20 -116.19 2.13
CA GLU GA 419 -6.30 -115.27 2.43
C GLU GA 419 -6.47 -114.25 1.32
N ALA GA 420 -7.60 -113.56 1.32
CA ALA GA 420 -7.90 -112.56 0.32
C ALA GA 420 -8.33 -111.26 0.99
N TYR GA 421 -7.72 -110.16 0.59
CA TYR GA 421 -8.06 -108.82 1.06
C TYR GA 421 -8.52 -107.98 -0.11
N TRP GA 422 -9.39 -107.02 0.17
CA TRP GA 422 -9.91 -106.15 -0.88
C TRP GA 422 -9.88 -104.70 -0.40
N THR GA 423 -9.90 -103.79 -1.37
CA THR GA 423 -9.95 -102.36 -1.08
C THR GA 423 -10.70 -101.66 -2.22
N GLY GA 424 -11.25 -100.50 -1.89
CA GLY GA 424 -12.04 -99.73 -2.85
C GLY GA 424 -13.22 -99.04 -2.20
N ASP GA 425 -14.35 -99.00 -2.91
CA ASP GA 425 -15.58 -98.42 -2.37
C ASP GA 425 -16.75 -99.30 -2.78
N TRP GA 426 -17.70 -99.46 -1.87
CA TRP GA 426 -18.82 -100.38 -2.09
C TRP GA 426 -19.86 -100.18 -1.01
N LYS GA 427 -21.14 -100.31 -1.40
CA LYS GA 427 -22.27 -100.22 -0.47
C LYS GA 427 -22.27 -98.91 0.31
N GLY GA 428 -21.89 -97.83 -0.36
CA GLY GA 428 -21.81 -96.55 0.32
C GLY GA 428 -20.80 -96.52 1.44
N GLY GA 429 -19.64 -97.14 1.22
CA GLY GA 429 -18.58 -97.14 2.20
C GLY GA 429 -17.26 -97.52 1.58
N THR GA 430 -16.19 -96.83 1.95
CA THR GA 430 -14.88 -97.05 1.36
C THR GA 430 -14.03 -97.89 2.29
N ALA GA 431 -13.16 -98.72 1.70
CA ALA GA 431 -12.18 -99.52 2.41
C ALA GA 431 -10.82 -99.16 1.86
N ALA GA 432 -10.22 -98.10 2.40
CA ALA GA 432 -8.90 -97.67 1.97
C ALA GA 432 -7.79 -98.56 2.48
N GLU GA 433 -8.09 -99.42 3.45
CA GLU GA 433 -7.19 -100.42 3.97
C GLU GA 433 -7.63 -101.81 3.53
N PRO GA 434 -6.70 -102.76 3.38
CA PRO GA 434 -7.10 -104.11 3.01
C PRO GA 434 -8.08 -104.70 4.03
N ALA GA 435 -9.14 -105.30 3.51
CA ALA GA 435 -10.15 -105.95 4.35
C ALA GA 435 -10.30 -107.39 3.90
N ARG GA 436 -10.09 -108.34 4.82
CA ARG GA 436 -10.17 -109.74 4.46
C ARG GA 436 -11.61 -110.13 4.17
N PHE GA 437 -11.79 -110.94 3.14
CA PHE GA 437 -13.13 -111.43 2.80
C PHE GA 437 -13.20 -112.91 2.45
N ALA GA 438 -12.08 -113.62 2.35
CA ALA GA 438 -12.13 -115.02 1.95
C ALA GA 438 -10.87 -115.73 2.45
N VAL GA 439 -11.04 -116.98 2.85
CA VAL GA 439 -9.94 -117.87 3.20
C VAL GA 439 -9.99 -119.07 2.26
N GLY GA 440 -8.85 -119.39 1.66
CA GLY GA 440 -8.82 -120.46 0.68
C GLY GA 440 -9.08 -121.82 1.32
N ASN GA 441 -9.90 -122.62 0.65
CA ASN GA 441 -10.16 -124.00 1.05
C ASN GA 441 -9.62 -124.99 0.03
N GLY GA 442 -9.09 -124.53 -1.10
CA GLY GA 442 -8.56 -125.40 -2.11
C GLY GA 442 -9.59 -125.97 -3.07
N THR GA 443 -10.87 -125.66 -2.89
CA THR GA 443 -11.92 -126.19 -3.76
C THR GA 443 -12.86 -125.13 -4.31
N GLN GA 444 -13.03 -124.00 -3.64
CA GLN GA 444 -13.96 -122.95 -4.07
C GLN GA 444 -13.18 -121.77 -4.63
N ASP GA 445 -13.79 -121.09 -5.61
CA ASP GA 445 -13.18 -119.92 -6.23
C ASP GA 445 -14.13 -118.74 -6.33
N THR GA 446 -15.34 -118.85 -5.81
CA THR GA 446 -16.30 -117.74 -5.80
C THR GA 446 -16.48 -117.28 -4.36
N PHE GA 447 -16.23 -116.00 -4.12
CA PHE GA 447 -16.24 -115.49 -2.74
C PHE GA 447 -16.94 -114.14 -2.70
N THR GA 448 -17.58 -113.86 -1.56
CA THR GA 448 -18.34 -112.64 -1.36
C THR GA 448 -17.50 -111.64 -0.57
N LEU GA 449 -17.47 -110.39 -1.06
CA LEU GA 449 -16.66 -109.32 -0.41
C LEU GA 449 -17.15 -109.00 0.99
N SER GA 450 -16.35 -108.25 1.75
CA SER GA 450 -16.77 -107.83 3.12
C SER GA 450 -17.30 -106.39 3.06
N ASP GA 451 -18.31 -106.08 3.88
CA ASP GA 451 -18.85 -104.69 3.93
C ASP GA 451 -17.74 -103.73 4.35
N PRO GA 452 -17.53 -102.59 3.65
CA PRO GA 452 -16.45 -101.65 3.97
C PRO GA 452 -16.85 -100.68 5.09
N ALA GA 453 -17.04 -99.40 4.76
CA ALA GA 453 -17.37 -98.39 5.78
C ALA GA 453 -18.89 -98.37 6.03
N TYR GA 454 -19.37 -97.34 6.74
CA TYR GA 454 -20.58 -97.44 7.59
C TYR GA 454 -21.68 -96.51 7.09
N ILE GA 455 -22.95 -96.84 7.39
CA ILE GA 455 -24.13 -96.01 6.99
C ILE GA 455 -24.38 -96.11 5.47
N GLY GA 456 -25.59 -96.52 5.07
CA GLY GA 456 -25.91 -96.51 3.63
C GLY GA 456 -25.43 -95.22 3.02
N LEU GA 457 -25.63 -94.07 3.71
CA LEU GA 457 -25.14 -92.73 3.36
C LEU GA 457 -26.16 -91.76 2.77
N PRO GA 458 -27.05 -92.15 1.84
CA PRO GA 458 -27.82 -91.13 1.11
C PRO GA 458 -28.62 -90.21 2.00
N THR GA 459 -29.19 -90.72 3.09
CA THR GA 459 -30.09 -89.96 3.94
C THR GA 459 -31.17 -89.29 3.08
N SER GA 460 -32.00 -90.15 2.51
CA SER GA 460 -32.93 -89.76 1.46
C SER GA 460 -33.81 -88.60 1.89
N GLY GA 461 -33.99 -87.65 0.98
CA GLY GA 461 -34.69 -86.43 1.28
C GLY GA 461 -34.15 -85.30 0.42
N ALA GA 462 -34.75 -84.14 0.62
CA ALA GA 462 -34.38 -82.92 -0.09
C ALA GA 462 -34.05 -81.86 0.95
N PHE GA 463 -33.28 -80.85 0.54
CA PHE GA 463 -33.04 -79.64 1.30
C PHE GA 463 -32.78 -79.89 2.79
N LYS GA 464 -32.31 -81.08 3.18
CA LYS GA 464 -32.12 -81.32 4.60
C LYS GA 464 -31.19 -82.51 4.76
N LEU GA 465 -30.20 -82.35 5.64
CA LEU GA 465 -29.31 -83.45 5.95
C LEU GA 465 -28.87 -83.35 7.40
N GLU GA 466 -27.77 -84.00 7.72
CA GLU GA 466 -27.37 -84.22 9.11
C GLU GA 466 -25.86 -84.44 9.16
N TYR GA 467 -25.33 -84.38 10.38
CA TYR GA 467 -23.92 -84.63 10.66
C TYR GA 467 -23.72 -86.09 11.04
N ARG GA 468 -22.47 -86.46 11.33
CA ARG GA 468 -22.15 -87.79 11.86
C ARG GA 468 -20.76 -87.73 12.46
N VAL GA 469 -20.65 -88.00 13.76
CA VAL GA 469 -19.41 -87.76 14.50
C VAL GA 469 -19.50 -88.51 15.83
N GLY GA 470 -18.35 -88.79 16.45
CA GLY GA 470 -18.35 -89.14 17.84
C GLY GA 470 -17.54 -90.36 18.28
N PRO GA 471 -17.56 -91.46 17.52
CA PRO GA 471 -16.72 -92.61 17.90
C PRO GA 471 -15.25 -92.29 17.88
N ALA GA 472 -14.83 -91.24 17.17
CA ALA GA 472 -13.42 -90.88 17.08
C ALA GA 472 -12.97 -90.05 18.27
N LEU GA 473 -13.55 -88.86 18.40
CA LEU GA 473 -12.97 -87.80 19.22
C LEU GA 473 -13.41 -87.84 20.67
N ASN GA 474 -14.27 -88.79 21.03
CA ASN GA 474 -14.83 -88.85 22.39
C ASN GA 474 -15.45 -87.50 22.76
N LEU GA 475 -16.24 -86.95 21.85
CA LEU GA 475 -16.92 -85.69 22.13
C LEU GA 475 -17.99 -85.89 23.18
N SER GA 476 -18.13 -84.90 24.07
CA SER GA 476 -19.04 -85.03 25.19
C SER GA 476 -20.49 -85.06 24.72
N PRO GA 477 -21.35 -85.86 25.38
CA PRO GA 477 -22.78 -85.79 25.09
C PRO GA 477 -23.35 -84.41 25.33
N GLN GA 478 -22.81 -83.68 26.33
CA GLN GA 478 -23.19 -82.29 26.51
C GLN GA 478 -22.83 -81.48 25.27
N LEU GA 479 -21.65 -81.73 24.70
CA LEU GA 479 -21.26 -81.05 23.47
C LEU GA 479 -22.27 -81.32 22.37
N ILE GA 480 -22.58 -82.60 22.13
CA ILE GA 480 -23.48 -82.95 21.03
C ILE GA 480 -24.86 -82.31 21.24
N ASN GA 481 -25.34 -82.33 22.48
CA ASN GA 481 -26.63 -81.71 22.78
C ASN GA 481 -26.59 -80.22 22.50
N LEU GA 482 -25.49 -79.56 22.87
CA LEU GA 482 -25.37 -78.12 22.60
C LEU GA 482 -25.36 -77.84 21.10
N MET GA 483 -24.60 -78.61 20.33
CA MET GA 483 -24.58 -78.42 18.88
C MET GA 483 -25.90 -78.76 18.23
N ASN GA 484 -26.74 -79.55 18.89
CA ASN GA 484 -28.04 -79.92 18.35
C ASN GA 484 -29.12 -78.86 18.59
N ASP GA 485 -28.79 -77.78 19.30
CA ASP GA 485 -29.76 -76.72 19.58
C ASP GA 485 -29.72 -75.70 18.45
N ARG GA 486 -30.86 -75.53 17.76
CA ARG GA 486 -30.90 -74.60 16.63
C ARG GA 486 -30.87 -73.15 17.08
N ALA GA 487 -31.33 -72.86 18.30
CA ALA GA 487 -31.37 -71.48 18.77
C ALA GA 487 -29.97 -70.90 18.89
N VAL GA 488 -29.01 -71.69 19.37
CA VAL GA 488 -27.64 -71.19 19.54
C VAL GA 488 -27.06 -70.80 18.19
N GLY GA 489 -27.37 -71.57 17.15
CA GLY GA 489 -26.92 -71.24 15.81
C GLY GA 489 -25.42 -71.29 15.61
N ILE GA 490 -24.76 -72.28 16.20
CA ILE GA 490 -23.33 -72.46 15.96
C ILE GA 490 -23.06 -73.34 14.73
N MET GA 491 -24.03 -74.15 14.32
CA MET GA 491 -23.82 -75.06 13.21
C MET GA 491 -23.86 -74.30 11.89
N PRO GA 492 -22.95 -74.58 10.96
CA PRO GA 492 -23.13 -74.05 9.60
C PRO GA 492 -24.45 -74.55 9.02
N THR GA 493 -25.31 -73.61 8.66
CA THR GA 493 -26.65 -73.95 8.19
C THR GA 493 -26.99 -73.11 6.98
N CYS GA 494 -27.83 -73.67 6.11
CA CYS GA 494 -28.53 -72.89 5.12
C CYS GA 494 -30.00 -72.80 5.50
N ALA GA 495 -30.57 -71.62 5.28
CA ALA GA 495 -31.99 -71.45 5.54
C ALA GA 495 -32.77 -72.35 4.58
N GLY GA 496 -33.83 -72.97 5.07
CA GLY GA 496 -34.48 -73.96 4.25
C GLY GA 496 -33.76 -75.29 4.22
N CYS GA 497 -32.87 -75.54 5.17
CA CYS GA 497 -32.40 -76.89 5.46
C CYS GA 497 -32.49 -77.13 6.97
N ASP GA 498 -33.19 -78.20 7.35
CA ASP GA 498 -33.19 -78.67 8.73
C ASP GA 498 -32.00 -79.61 8.82
N VAL GA 499 -31.06 -79.30 9.72
CA VAL GA 499 -29.93 -80.17 9.97
C VAL GA 499 -29.88 -80.46 11.46
N LYS GA 500 -29.95 -81.73 11.82
CA LYS GA 500 -29.75 -82.17 13.19
C LYS GA 500 -28.38 -82.81 13.29
N VAL GA 501 -27.67 -82.51 14.37
CA VAL GA 501 -26.32 -83.02 14.53
C VAL GA 501 -26.40 -84.44 15.06
N ILE GA 502 -26.92 -84.57 16.30
CA ILE GA 502 -27.08 -85.83 17.01
C ILE GA 502 -25.97 -86.81 16.59
N GLN GA 503 -26.33 -88.03 16.21
CA GLN GA 503 -25.42 -88.96 15.53
C GLN GA 503 -24.17 -89.20 16.37
N GLU GA 504 -24.37 -89.92 17.47
CA GLU GA 504 -23.28 -90.35 18.35
C GLU GA 504 -22.54 -89.16 18.95
N ALA HA 2 23.38 68.12 -48.51
CA ALA HA 2 24.55 69.00 -48.45
C ALA HA 2 24.16 70.40 -48.02
N ASN HA 3 22.86 70.62 -47.81
CA ASN HA 3 22.36 71.94 -47.44
C ASN HA 3 20.98 71.79 -46.82
N TYR HA 4 20.58 72.85 -46.11
CA TYR HA 4 19.28 72.94 -45.47
C TYR HA 4 18.54 74.12 -46.09
N ASN HA 5 17.50 73.83 -46.86
CA ASN HA 5 16.70 74.87 -47.48
C ASN HA 5 15.71 75.44 -46.47
N TYR HA 6 15.74 76.75 -46.30
CA TYR HA 6 14.89 77.44 -45.33
C TYR HA 6 13.81 78.19 -46.10
N ILE HA 7 12.60 77.63 -46.14
CA ILE HA 7 11.47 78.34 -46.71
C ILE HA 7 11.10 79.50 -45.80
N VAL HA 8 11.42 80.71 -46.24
CA VAL HA 8 11.41 81.91 -45.40
C VAL HA 8 10.04 82.19 -44.80
N ASP HA 9 9.02 82.22 -45.64
CA ASP HA 9 7.68 82.60 -45.21
C ASP HA 9 6.58 81.68 -45.71
N THR HA 10 6.87 80.80 -46.66
CA THR HA 10 5.80 80.09 -47.35
C THR HA 10 5.49 78.76 -46.68
N GLY HA 11 6.49 78.11 -46.09
CA GLY HA 11 6.26 76.81 -45.49
C GLY HA 11 6.70 76.65 -44.05
N VAL HA 12 7.73 77.39 -43.62
CA VAL HA 12 8.30 77.24 -42.28
C VAL HA 12 8.68 75.77 -42.11
N ILE HA 13 9.17 75.17 -43.19
CA ILE HA 13 9.68 73.81 -43.16
C ILE HA 13 11.13 73.86 -43.61
N VAL HA 14 12.03 73.36 -42.75
CA VAL HA 14 13.42 73.20 -43.12
C VAL HA 14 13.52 71.92 -43.94
N ALA HA 15 13.99 72.03 -45.17
CA ALA HA 15 14.03 70.90 -46.08
C ALA HA 15 15.47 70.43 -46.24
N ASP HA 16 15.66 69.11 -46.13
CA ASP HA 16 16.95 68.53 -46.45
C ASP HA 16 17.21 68.65 -47.95
N THR HA 17 18.49 68.83 -48.31
CA THR HA 17 18.84 68.82 -49.72
C THR HA 17 19.27 67.47 -50.24
N ALA HA 18 19.72 66.57 -49.38
CA ALA HA 18 20.23 65.25 -49.75
C ALA HA 18 21.43 65.48 -50.67
N ASP HA 19 21.54 64.79 -51.81
CA ASP HA 19 22.68 64.83 -52.74
C ASP HA 19 24.00 64.80 -51.99
N VAL HA 20 24.06 64.03 -50.89
CA VAL HA 20 25.25 64.00 -50.04
C VAL HA 20 26.32 63.06 -50.56
N LEU HA 21 26.02 62.24 -51.56
CA LEU HA 21 27.00 61.29 -52.08
C LEU HA 21 28.20 62.00 -52.67
N SER HA 22 27.98 63.07 -53.43
CA SER HA 22 29.10 63.79 -54.04
C SER HA 22 29.99 64.41 -52.97
N ASP HA 23 29.38 64.99 -51.94
CA ASP HA 23 30.17 65.57 -50.84
C ASP HA 23 30.96 64.49 -50.11
N VAL HA 24 30.35 63.32 -49.89
CA VAL HA 24 31.06 62.23 -49.23
C VAL HA 24 32.23 61.77 -50.08
N GLU HA 25 32.03 61.67 -51.40
CA GLU HA 25 33.12 61.26 -52.29
C GLU HA 25 34.25 62.28 -52.28
N ALA HA 26 33.91 63.58 -52.30
CA ALA HA 26 34.94 64.60 -52.21
C ALA HA 26 35.62 64.62 -50.85
N GLU HA 27 34.92 64.17 -49.81
CA GLU HA 27 35.56 64.03 -48.50
C GLU HA 27 36.57 62.88 -48.50
N PHE HA 28 36.19 61.74 -49.09
CA PHE HA 28 37.14 60.64 -49.20
C PHE HA 28 38.34 61.03 -50.05
N ARG HA 29 38.10 61.74 -51.15
CA ARG HA 29 39.17 62.33 -51.92
C ARG HA 29 39.83 63.45 -51.13
N ALA HA 30 41.08 63.76 -51.50
CA ALA HA 30 41.86 64.81 -50.86
C ALA HA 30 42.16 64.50 -49.40
N ALA HA 31 41.70 63.36 -48.93
CA ALA HA 31 42.04 62.83 -47.61
C ALA HA 31 42.68 61.46 -47.70
N LEU HA 32 42.15 60.57 -48.54
CA LEU HA 32 42.80 59.32 -48.88
C LEU HA 32 43.69 59.45 -50.11
N GLY HA 33 43.80 60.66 -50.67
CA GLY HA 33 44.50 60.87 -51.91
C GLY HA 33 43.60 61.54 -52.93
N ALA HA 34 43.94 61.46 -54.21
CA ALA HA 34 43.10 62.03 -55.26
C ALA HA 34 42.80 61.04 -56.39
N ASN HA 35 43.42 59.88 -56.42
CA ASN HA 35 43.24 58.91 -57.49
C ASN HA 35 42.45 57.69 -57.04
N ILE HA 36 41.63 57.82 -56.00
CA ILE HA 36 40.89 56.68 -55.47
C ILE HA 36 39.78 56.30 -56.45
N ASN HA 37 39.69 55.01 -56.75
CA ASN HA 37 38.62 54.49 -57.60
C ASN HA 37 37.34 54.42 -56.78
N LEU HA 38 36.59 55.51 -56.77
CA LEU HA 38 35.36 55.60 -55.98
C LEU HA 38 34.20 54.84 -56.60
N ALA HA 39 34.45 54.05 -57.64
CA ALA HA 39 33.37 53.29 -58.27
C ALA HA 39 32.85 52.22 -57.31
N ALA HA 40 31.57 51.88 -57.49
CA ALA HA 40 30.96 50.86 -56.65
C ALA HA 40 31.53 49.49 -56.97
N SER HA 41 31.02 48.47 -56.28
CA SER HA 41 31.52 47.10 -56.37
C SER HA 41 32.95 46.97 -55.89
N THR HA 42 33.43 47.96 -55.15
CA THR HA 42 34.74 47.99 -54.53
C THR HA 42 34.58 48.34 -53.05
N PRO HA 43 35.54 47.94 -52.20
CA PRO HA 43 35.39 48.22 -50.77
C PRO HA 43 35.21 49.70 -50.45
N GLN HA 44 36.00 50.57 -51.09
CA GLN HA 44 35.86 52.00 -50.83
C GLN HA 44 34.52 52.52 -51.35
N GLY HA 45 34.05 51.98 -52.47
CA GLY HA 45 32.74 52.36 -52.97
C GLY HA 45 31.62 52.00 -52.01
N SER HA 46 31.69 50.79 -51.45
CA SER HA 46 30.69 50.38 -50.46
C SER HA 46 30.78 51.24 -49.21
N LEU HA 47 32.00 51.56 -48.78
CA LEU HA 47 32.17 52.44 -47.62
C LEU HA 47 31.52 53.79 -47.87
N VAL HA 48 31.75 54.37 -49.06
CA VAL HA 48 31.20 55.68 -49.37
C VAL HA 48 29.68 55.60 -49.47
N ALA HA 49 29.15 54.51 -50.04
CA ALA HA 49 27.71 54.36 -50.14
C ALA HA 49 27.07 54.29 -48.76
N ALA HA 50 27.63 53.47 -47.88
CA ALA HA 50 27.10 53.37 -46.52
C ALA HA 50 27.19 54.72 -45.81
N GLU HA 51 28.30 55.43 -46.02
CA GLU HA 51 28.50 56.68 -45.30
C GLU HA 51 27.50 57.73 -45.78
N ALA HA 52 27.26 57.76 -47.10
CA ALA HA 52 26.27 58.68 -47.66
C ALA HA 52 24.86 58.34 -47.17
N ILE HA 53 24.53 57.05 -47.09
CA ILE HA 53 23.21 56.66 -46.59
C ILE HA 53 23.03 57.13 -45.15
N ALA HA 54 24.04 56.87 -44.30
CA ALA HA 54 23.94 57.31 -42.92
C ALA HA 54 23.83 58.82 -42.83
N ARG HA 55 24.55 59.54 -43.69
CA ARG HA 55 24.53 61.00 -43.63
C ARG HA 55 23.17 61.54 -44.06
N SER HA 56 22.58 60.96 -45.10
CA SER HA 56 21.26 61.38 -45.51
C SER HA 56 20.23 61.11 -44.43
N SER HA 57 20.36 59.96 -43.76
CA SER HA 57 19.45 59.67 -42.65
C SER HA 57 19.61 60.69 -41.52
N VAL HA 58 20.85 61.07 -41.21
CA VAL HA 58 21.08 62.06 -40.17
C VAL HA 58 20.45 63.39 -40.55
N MET HA 59 20.62 63.81 -41.82
CA MET HA 59 19.95 65.02 -42.29
C MET HA 59 18.44 64.94 -42.13
N ARG HA 60 17.84 63.84 -42.56
CA ARG HA 60 16.39 63.71 -42.50
C ARG HA 60 15.89 63.80 -41.07
N ASN HA 61 16.58 63.13 -40.14
CA ASN HA 61 16.15 63.13 -38.76
C ASN HA 61 16.30 64.53 -38.13
N GLU HA 62 17.42 65.20 -38.41
CA GLU HA 62 17.58 66.56 -37.90
C GLU HA 62 16.52 67.49 -38.47
N ALA HA 63 16.19 67.33 -39.75
CA ALA HA 63 15.14 68.13 -40.36
C ALA HA 63 13.80 67.90 -39.69
N ARG HA 64 13.47 66.63 -39.42
CA ARG HA 64 12.19 66.34 -38.77
C ARG HA 64 12.12 66.96 -37.38
N ILE HA 65 13.19 66.82 -36.59
CA ILE HA 65 13.18 67.41 -35.25
C ILE HA 65 13.10 68.92 -35.33
N ALA HA 66 13.83 69.54 -36.25
CA ALA HA 66 13.76 70.99 -36.39
C ALA HA 66 12.36 71.43 -36.78
N ASN HA 67 11.70 70.70 -37.68
CA ASN HA 67 10.37 71.09 -38.12
C ASN HA 67 9.31 70.83 -37.07
N THR HA 68 9.57 69.94 -36.10
CA THR HA 68 8.57 69.66 -35.07
C THR HA 68 8.27 70.87 -34.19
N ILE HA 69 9.12 71.91 -34.21
CA ILE HA 69 8.85 73.08 -33.37
C ILE HA 69 7.58 73.77 -33.82
N ASN HA 70 7.37 73.85 -35.10
CA ASN HA 70 6.17 74.57 -35.50
C ASN HA 70 5.05 73.59 -35.82
N PRO HA 71 3.80 73.97 -35.57
CA PRO HA 71 2.68 73.06 -35.87
C PRO HA 71 2.48 72.89 -37.37
N ASN HA 72 1.45 72.14 -37.74
CA ASN HA 72 1.08 71.83 -39.13
C ASN HA 72 2.09 70.86 -39.75
N VAL HA 73 3.18 70.59 -39.05
CA VAL HA 73 4.16 69.59 -39.49
C VAL HA 73 4.58 68.75 -38.30
N SER HA 74 3.82 68.82 -37.21
CA SER HA 74 4.11 68.10 -35.98
C SER HA 74 3.05 67.02 -35.76
N PHE HA 75 3.26 66.22 -34.72
CA PHE HA 75 2.38 65.11 -34.42
C PHE HA 75 2.32 64.94 -32.90
N GLY HA 76 1.81 63.80 -32.45
CA GLY HA 76 1.58 63.60 -31.02
C GLY HA 76 2.86 63.75 -30.23
N THR HA 77 2.73 64.30 -29.02
CA THR HA 77 3.80 64.51 -28.05
C THR HA 77 4.86 65.49 -28.56
N PHE HA 78 4.73 65.97 -29.79
CA PHE HA 78 5.56 67.04 -30.33
C PHE HA 78 4.72 68.27 -30.61
N LEU HA 79 3.56 68.09 -31.25
CA LEU HA 79 2.56 69.15 -31.31
C LEU HA 79 1.90 69.34 -29.95
N ASP HA 80 1.89 68.29 -29.11
CA ASP HA 80 1.38 68.43 -27.77
C ASP HA 80 2.19 69.44 -26.97
N ALA HA 81 3.51 69.47 -27.20
CA ALA HA 81 4.34 70.46 -26.53
C ALA HA 81 3.99 71.87 -26.97
N ILE HA 82 3.72 72.06 -28.26
CA ILE HA 82 3.28 73.36 -28.74
C ILE HA 82 1.96 73.76 -28.10
N CYS HA 83 1.03 72.82 -28.00
CA CYS HA 83 -0.24 73.09 -27.33
C CYS HA 83 -0.03 73.47 -25.87
N ALA HA 84 0.85 72.74 -25.18
CA ALA HA 84 1.14 73.02 -23.78
C ALA HA 84 1.90 74.32 -23.59
N LEU HA 85 2.54 74.83 -24.63
CA LEU HA 85 3.15 76.16 -24.54
C LEU HA 85 2.09 77.21 -24.23
N MET HA 86 0.94 77.13 -24.88
CA MET HA 86 -0.17 78.02 -24.61
C MET HA 86 -1.21 77.41 -23.69
N GLY HA 87 -0.94 76.24 -23.13
CA GLY HA 87 -1.82 75.62 -22.16
C GLY HA 87 -2.92 74.76 -22.73
N ILE HA 88 -2.95 74.56 -24.05
CA ILE HA 88 -3.98 73.74 -24.66
C ILE HA 88 -3.75 72.28 -24.27
N GLU HA 89 -4.81 71.63 -23.81
CA GLU HA 89 -4.77 70.24 -23.36
C GLU HA 89 -5.58 69.36 -24.30
N ARG HA 90 -5.09 68.14 -24.54
CA ARG HA 90 -5.76 67.26 -25.48
C ARG HA 90 -7.05 66.67 -24.92
N GLY HA 91 -7.06 66.31 -23.65
CA GLY HA 91 -8.31 65.97 -22.99
C GLY HA 91 -8.36 64.51 -22.55
N SER HA 92 -9.28 64.24 -21.62
CA SER HA 92 -9.51 62.92 -21.07
C SER HA 92 -10.99 62.81 -20.70
N ASP HA 93 -11.36 61.75 -19.98
CA ASP HA 93 -12.78 61.49 -19.75
C ASP HA 93 -12.97 60.31 -18.80
N LEU HA 94 -14.21 60.21 -18.31
CA LEU HA 94 -14.89 59.03 -17.80
C LEU HA 94 -16.30 59.48 -17.44
N SER HA 95 -17.15 58.51 -17.13
CA SER HA 95 -18.54 58.81 -16.81
C SER HA 95 -19.09 57.75 -15.86
N THR HA 96 -19.49 58.18 -14.67
CA THR HA 96 -20.14 57.31 -13.69
C THR HA 96 -21.64 57.57 -13.69
N PHE HA 97 -22.38 56.70 -13.00
CA PHE HA 97 -23.82 56.86 -12.86
C PHE HA 97 -24.16 56.77 -11.37
N GLY HA 98 -25.05 57.63 -10.92
CA GLY HA 98 -25.39 57.74 -9.51
C GLY HA 98 -26.84 57.37 -9.23
N TYR HA 99 -27.08 56.91 -8.00
CA TYR HA 99 -28.43 56.70 -7.47
C TYR HA 99 -29.22 55.69 -8.29
N GLY HA 100 -28.72 54.45 -8.28
CA GLY HA 100 -29.44 53.33 -8.85
C GLY HA 100 -30.18 52.58 -7.76
N VAL HA 101 -31.48 52.36 -8.00
CA VAL HA 101 -32.33 51.69 -7.02
C VAL HA 101 -32.06 50.20 -7.03
N GLN HA 102 -31.88 49.62 -5.84
CA GLN HA 102 -31.58 48.20 -5.68
C GLN HA 102 -32.45 47.64 -4.58
N VAL HA 103 -33.25 46.62 -4.90
CA VAL HA 103 -34.20 46.03 -3.97
C VAL HA 103 -33.81 44.58 -3.74
N THR HA 104 -33.69 44.20 -2.48
CA THR HA 104 -33.30 42.84 -2.09
C THR HA 104 -33.57 42.68 -0.60
N GLY HA 105 -33.12 41.56 -0.04
CA GLY HA 105 -33.30 41.32 1.37
C GLY HA 105 -32.37 42.17 2.23
N ARG HA 106 -32.87 42.44 3.43
CA ARG HA 106 -32.21 43.23 4.46
C ARG HA 106 -30.92 42.60 4.97
N SER HA 107 -30.03 43.47 5.46
CA SER HA 107 -28.78 43.06 6.11
C SER HA 107 -27.90 42.23 5.18
N GLN HA 108 -27.99 42.48 3.88
CA GLN HA 108 -27.16 41.83 2.89
C GLN HA 108 -26.13 42.82 2.38
N THR HA 109 -24.88 42.38 2.32
CA THR HA 109 -23.77 43.23 1.89
C THR HA 109 -23.42 42.90 0.44
N ARG HA 110 -23.56 43.88 -0.43
CA ARG HA 110 -23.18 43.72 -1.83
C ARG HA 110 -21.67 43.89 -1.98
N ILE HA 111 -21.03 42.90 -2.61
CA ILE HA 111 -19.59 42.93 -2.77
C ILE HA 111 -19.21 43.91 -3.88
N SER HA 112 -17.96 44.37 -3.83
CA SER HA 112 -17.46 45.29 -4.84
C SER HA 112 -17.32 44.59 -6.19
N THR HA 113 -17.24 45.40 -7.24
CA THR HA 113 -17.14 44.91 -8.62
C THR HA 113 -18.28 43.97 -8.98
N GLY HA 114 -19.49 44.32 -8.52
CA GLY HA 114 -20.67 43.60 -8.93
C GLY HA 114 -21.06 43.93 -10.35
N SER HA 115 -21.21 42.91 -11.19
CA SER HA 115 -21.57 43.14 -12.58
C SER HA 115 -23.01 43.60 -12.70
N ARG HA 116 -23.29 44.38 -13.75
CA ARG HA 116 -24.64 44.87 -13.99
C ARG HA 116 -24.75 45.19 -15.47
N VAL HA 117 -25.41 44.35 -16.24
CA VAL HA 117 -25.47 44.53 -17.69
C VAL HA 117 -26.83 45.10 -18.07
N GLN HA 118 -26.81 46.23 -18.79
CA GLN HA 118 -27.99 46.77 -19.42
C GLN HA 118 -28.38 45.93 -20.63
N THR HA 119 -29.59 46.14 -21.13
CA THR HA 119 -30.12 45.32 -22.20
C THR HA 119 -29.24 45.31 -23.46
N PRO HA 120 -28.74 46.46 -23.99
CA PRO HA 120 -27.79 46.42 -25.11
C PRO HA 120 -26.34 46.25 -24.66
N ALA HA 121 -26.11 45.30 -23.75
CA ALA HA 121 -24.78 45.00 -23.21
C ALA HA 121 -24.14 46.24 -22.58
N GLY HA 122 -24.80 46.73 -21.52
CA GLY HA 122 -24.29 47.92 -20.85
C GLY HA 122 -22.96 47.69 -20.16
N ALA HA 123 -22.83 46.58 -19.44
CA ALA HA 123 -21.60 46.20 -18.75
C ALA HA 123 -21.13 47.30 -17.79
N ILE HA 124 -22.00 47.62 -16.85
CA ILE HA 124 -21.73 48.57 -15.77
C ILE HA 124 -21.18 47.81 -14.58
N PHE HA 125 -20.25 48.44 -13.85
CA PHE HA 125 -19.63 47.84 -12.68
C PHE HA 125 -20.06 48.57 -11.42
N THR HA 126 -20.24 47.83 -10.34
CA THR HA 126 -20.44 48.42 -9.02
C THR HA 126 -19.08 48.77 -8.42
N VAL HA 127 -18.91 50.02 -8.02
CA VAL HA 127 -17.61 50.52 -7.60
C VAL HA 127 -17.45 50.47 -6.08
N LEU HA 128 -18.53 50.65 -5.32
CA LEU HA 128 -18.46 50.69 -3.88
C LEU HA 128 -19.50 49.75 -3.27
N SER HA 129 -19.17 49.21 -2.11
CA SER HA 129 -20.03 48.24 -1.45
C SER HA 129 -21.18 48.91 -0.72
N ASP HA 130 -22.29 48.20 -0.62
CA ASP HA 130 -23.50 48.69 0.03
C ASP HA 130 -24.05 47.62 0.96
N VAL HA 131 -24.93 48.04 1.87
CA VAL HA 131 -25.62 47.14 2.78
C VAL HA 131 -27.10 47.47 2.71
N THR HA 132 -27.94 46.45 2.56
CA THR HA 132 -29.38 46.65 2.43
C THR HA 132 -30.01 46.87 3.80
N ILE HA 133 -30.68 48.00 3.97
CA ILE HA 133 -31.38 48.35 5.20
C ILE HA 133 -32.68 47.56 5.26
N PRO HA 134 -33.33 47.44 6.42
CA PRO HA 134 -34.56 46.62 6.50
C PRO HA 134 -35.70 47.10 5.62
N ALA HA 135 -35.64 48.34 5.11
CA ALA HA 135 -36.70 48.80 4.22
C ALA HA 135 -36.78 47.96 2.95
N GLY HA 136 -35.67 47.37 2.51
CA GLY HA 136 -35.63 46.48 1.38
C GLY HA 136 -35.15 47.12 0.09
N GLY HA 137 -35.20 48.46 0.00
CA GLY HA 137 -34.75 49.16 -1.17
C GLY HA 137 -33.75 50.26 -0.84
N VAL HA 138 -32.57 50.19 -1.44
CA VAL HA 138 -31.47 51.10 -1.17
C VAL HA 138 -30.97 51.69 -2.50
N ALA HA 139 -29.94 52.52 -2.40
CA ALA HA 139 -29.38 53.22 -3.55
C ALA HA 139 -27.89 52.93 -3.63
N THR HA 140 -27.42 52.54 -4.81
CA THR HA 140 -26.02 52.26 -5.04
C THR HA 140 -25.50 53.13 -6.18
N ILE HA 141 -24.17 53.23 -6.26
CA ILE HA 141 -23.51 54.00 -7.33
C ILE HA 141 -22.68 53.04 -8.17
N ASP HA 142 -22.48 53.39 -9.44
CA ASP HA 142 -21.87 52.47 -10.39
C ASP HA 142 -21.26 53.26 -11.55
N ILE HA 143 -20.40 52.59 -12.31
CA ILE HA 143 -19.65 53.21 -13.40
C ILE HA 143 -19.69 52.31 -14.63
N LYS HA 144 -19.46 52.92 -15.78
CA LYS HA 144 -19.33 52.16 -17.01
C LYS HA 144 -17.96 51.51 -17.10
N SER HA 145 -17.91 50.35 -17.75
CA SER HA 145 -16.69 49.55 -17.76
C SER HA 145 -15.57 50.24 -18.53
N GLN HA 146 -15.90 50.85 -19.68
CA GLN HA 146 -14.86 51.34 -20.57
C GLN HA 146 -15.07 52.80 -20.95
N GLU HA 147 -14.31 53.28 -21.94
CA GLU HA 147 -14.38 54.66 -22.36
C GLU HA 147 -15.79 55.02 -22.82
N TYR HA 148 -16.44 54.12 -23.54
CA TYR HA 148 -17.77 54.36 -24.09
C TYR HA 148 -18.81 53.61 -23.27
N GLY HA 149 -19.93 54.28 -23.01
CA GLY HA 149 -21.08 53.62 -22.42
C GLY HA 149 -22.35 54.01 -23.13
N ASN HA 150 -23.02 53.05 -23.75
CA ASN HA 150 -24.27 53.34 -24.43
C ASN HA 150 -25.31 53.80 -23.42
N ILE HA 151 -26.16 54.73 -23.85
CA ILE HA 151 -27.15 55.34 -22.96
C ILE HA 151 -28.04 54.25 -22.38
N PRO HA 152 -28.08 54.09 -21.06
CA PRO HA 152 -28.86 53.01 -20.46
C PRO HA 152 -30.33 53.39 -20.35
N LEU HA 153 -31.17 52.70 -21.13
CA LEU HA 153 -32.61 52.89 -21.00
C LEU HA 153 -33.05 52.45 -19.60
N PRO HA 154 -33.91 53.22 -18.94
CA PRO HA 154 -34.27 52.87 -17.56
C PRO HA 154 -35.12 51.61 -17.49
N VAL HA 155 -34.50 50.51 -17.09
CA VAL HA 155 -35.14 49.21 -16.94
C VAL HA 155 -34.59 48.55 -15.68
N GLY HA 156 -35.05 47.33 -15.43
CA GLY HA 156 -34.49 46.54 -14.35
C GLY HA 156 -33.15 45.93 -14.75
N ASN HA 157 -32.07 46.46 -14.19
CA ASN HA 157 -30.74 46.01 -14.56
C ASN HA 157 -30.52 44.56 -14.14
N LEU HA 158 -29.90 43.78 -15.02
CA LEU HA 158 -29.66 42.38 -14.75
C LEU HA 158 -28.56 42.20 -13.72
N ILE HA 159 -28.69 41.14 -12.92
CA ILE HA 159 -27.71 40.79 -11.90
C ILE HA 159 -26.98 39.54 -12.36
N ILE HA 160 -25.66 39.64 -12.49
CA ILE HA 160 -24.85 38.55 -13.01
C ILE HA 160 -23.99 37.97 -11.90
N ILE HA 161 -23.17 38.81 -11.28
CA ILE HA 161 -22.28 38.42 -10.20
C ILE HA 161 -22.73 39.13 -8.94
N ASP HA 162 -23.06 38.37 -7.90
CA ASP HA 162 -23.54 38.96 -6.65
C ASP HA 162 -23.50 37.91 -5.56
N GLY HA 163 -24.09 38.25 -4.41
CA GLY HA 163 -24.25 37.32 -3.33
C GLY HA 163 -25.52 36.50 -3.49
N THR HA 164 -25.91 35.85 -2.38
CA THR HA 164 -27.03 34.92 -2.42
C THR HA 164 -28.39 35.62 -2.45
N ILE HA 165 -28.52 36.77 -1.78
CA ILE HA 165 -29.83 37.34 -1.48
C ILE HA 165 -30.23 38.37 -2.53
N GLY HA 166 -29.26 39.05 -3.12
CA GLY HA 166 -29.51 40.13 -4.07
C GLY HA 166 -30.59 39.85 -5.10
N TRP HA 167 -31.67 40.63 -5.05
CA TRP HA 167 -32.86 40.33 -5.84
C TRP HA 167 -32.88 41.05 -7.18
N SER HA 168 -32.88 42.39 -7.19
CA SER HA 168 -32.95 43.09 -8.46
C SER HA 168 -32.53 44.53 -8.27
N GLY HA 169 -32.29 45.19 -9.41
CA GLY HA 169 -31.93 46.60 -9.42
C GLY HA 169 -32.40 47.29 -10.69
N ALA HA 170 -33.07 48.42 -10.55
CA ALA HA 170 -33.68 49.13 -11.66
C ALA HA 170 -33.01 50.49 -11.87
N LYS HA 171 -33.49 51.22 -12.88
CA LYS HA 171 -33.00 52.55 -13.18
C LYS HA 171 -34.19 53.50 -13.35
N VAL HA 172 -34.03 54.71 -12.80
CA VAL HA 172 -35.07 55.74 -12.85
C VAL HA 172 -34.42 57.03 -13.34
N ILE HA 173 -35.24 57.91 -13.91
CA ILE HA 173 -34.75 59.20 -14.38
C ILE HA 173 -34.16 60.01 -13.24
N ALA HA 174 -34.62 59.77 -12.01
CA ALA HA 174 -34.07 60.46 -10.85
C ALA HA 174 -32.57 60.20 -10.68
N SER HA 175 -32.05 59.12 -11.27
CA SER HA 175 -30.63 58.87 -11.26
C SER HA 175 -29.87 59.92 -12.06
N THR HA 176 -28.60 60.12 -11.71
CA THR HA 176 -27.78 61.14 -12.34
C THR HA 176 -27.06 60.59 -13.56
N ARG HA 177 -26.46 61.49 -14.33
CA ARG HA 177 -25.80 61.14 -15.58
C ARG HA 177 -24.61 62.05 -15.80
N VAL HA 178 -23.74 61.63 -16.73
CA VAL HA 178 -22.64 62.45 -17.22
C VAL HA 178 -22.24 61.90 -18.58
N ASP HA 179 -21.96 62.80 -19.52
CA ASP HA 179 -21.75 62.44 -20.91
C ASP HA 179 -20.26 62.34 -21.22
N PRO HA 180 -19.77 61.20 -21.68
CA PRO HA 180 -18.34 61.08 -22.02
C PRO HA 180 -18.00 61.81 -23.32
N GLY HA 181 -16.71 62.11 -23.46
CA GLY HA 181 -16.16 62.66 -24.69
C GLY HA 181 -14.72 62.20 -24.87
N SER HA 182 -14.40 61.62 -26.01
CA SER HA 182 -13.24 60.74 -26.13
C SER HA 182 -12.59 60.89 -27.49
N ARG HA 183 -11.72 59.93 -27.82
CA ARG HA 183 -11.16 59.72 -29.15
C ARG HA 183 -10.28 60.84 -29.70
N GLN HA 184 -9.09 61.05 -29.14
CA GLN HA 184 -8.03 61.62 -29.96
C GLN HA 184 -7.81 60.68 -31.15
N MET HA 185 -11.96 64.33 -26.72
CA MET HA 185 -10.58 64.49 -27.17
C MET HA 185 -10.48 64.90 -28.65
N SER HA 186 -9.25 64.89 -29.18
CA SER HA 186 -8.99 65.36 -30.55
C SER HA 186 -7.59 64.93 -30.95
N ASP HA 187 -7.47 64.31 -32.14
CA ASP HA 187 -6.18 63.84 -32.64
C ASP HA 187 -5.53 64.82 -33.61
N ALA HA 188 -6.19 65.07 -34.75
CA ALA HA 188 -5.65 65.95 -35.78
C ALA HA 188 -6.43 67.23 -35.92
N GLU HA 189 -7.67 67.28 -35.41
CA GLU HA 189 -8.37 68.54 -35.26
C GLU HA 189 -7.82 69.36 -34.11
N LEU HA 190 -6.88 68.80 -33.33
CA LEU HA 190 -6.15 69.59 -32.35
C LEU HA 190 -5.38 70.72 -33.02
N LYS HA 191 -4.87 70.48 -34.24
CA LYS HA 191 -4.24 71.54 -35.00
C LYS HA 191 -5.22 72.67 -35.29
N ASN HA 192 -6.49 72.32 -35.54
CA ASN HA 192 -7.52 73.33 -35.73
C ASN HA 192 -7.82 74.06 -34.42
N ALA HA 193 -7.97 73.31 -33.33
CA ALA HA 193 -8.29 73.90 -32.04
C ALA HA 193 -7.17 74.76 -31.49
N ARG HA 194 -5.95 74.56 -31.96
CA ARG HA 194 -4.83 75.37 -31.48
C ARG HA 194 -5.03 76.84 -31.80
N VAL HA 195 -5.51 77.15 -33.00
CA VAL HA 195 -5.70 78.54 -33.37
C VAL HA 195 -6.88 79.15 -32.62
N ASN HA 196 -7.83 78.33 -32.17
CA ASN HA 196 -8.95 78.85 -31.40
C ASN HA 196 -8.56 79.10 -29.95
N ARG HA 197 -7.99 78.10 -29.28
CA ARG HA 197 -7.63 78.19 -27.86
C ARG HA 197 -6.18 78.64 -27.68
N LEU HA 198 -5.66 79.39 -28.64
CA LEU HA 198 -4.33 79.97 -28.56
C LEU HA 198 -4.23 81.06 -27.50
N ALA HA 199 -5.36 81.51 -26.95
CA ALA HA 199 -5.36 82.50 -25.88
C ALA HA 199 -6.17 82.00 -24.69
N ILE HA 200 -5.99 80.73 -24.32
CA ILE HA 200 -6.62 80.23 -23.11
C ILE HA 200 -6.07 80.94 -21.88
N GLN HA 201 -4.75 81.13 -21.83
CA GLN HA 201 -4.11 81.73 -20.68
C GLN HA 201 -4.48 83.19 -20.48
N GLY HA 202 -5.08 83.83 -21.49
CA GLY HA 202 -5.59 85.18 -21.32
C GLY HA 202 -7.00 85.20 -20.77
N ARG HA 203 -7.42 86.38 -20.34
CA ARG HA 203 -8.75 86.59 -19.81
C ARG HA 203 -9.25 87.95 -20.26
N ASN HA 204 -10.56 88.16 -20.11
CA ASN HA 204 -11.18 89.46 -20.33
C ASN HA 204 -10.94 89.97 -21.76
N SER HA 205 -11.21 89.10 -22.73
CA SER HA 205 -11.12 89.46 -24.14
C SER HA 205 -12.01 88.52 -24.93
N THR HA 206 -12.37 88.92 -26.15
CA THR HA 206 -13.22 88.07 -26.98
C THR HA 206 -12.52 86.75 -27.29
N MET HA 207 -11.24 86.81 -27.63
CA MET HA 207 -10.49 85.59 -27.95
C MET HA 207 -10.34 84.70 -26.72
N ALA HA 208 -10.08 85.31 -25.56
CA ALA HA 208 -9.98 84.52 -24.33
C ALA HA 208 -11.30 83.87 -23.98
N ILE HA 209 -12.41 84.61 -24.15
CA ILE HA 209 -13.73 84.05 -23.91
C ILE HA 209 -13.96 82.84 -24.81
N LYS HA 210 -13.66 82.99 -26.11
CA LYS HA 210 -13.83 81.89 -27.04
C LYS HA 210 -12.97 80.69 -26.65
N ALA HA 211 -11.71 80.96 -26.27
CA ALA HA 211 -10.80 79.88 -25.91
C ALA HA 211 -11.29 79.11 -24.69
N TYR HA 212 -11.69 79.82 -23.64
CA TYR HA 212 -12.13 79.16 -22.42
C TYR HA 212 -13.43 78.39 -22.64
N VAL HA 213 -14.42 79.04 -23.28
CA VAL HA 213 -15.68 78.36 -23.52
C VAL HA 213 -15.52 77.20 -24.49
N SER HA 214 -14.47 77.21 -25.32
CA SER HA 214 -14.14 76.02 -26.09
C SER HA 214 -13.52 74.95 -25.20
N ALA HA 215 -12.67 75.36 -24.27
CA ALA HA 215 -12.04 74.41 -23.35
C ALA HA 215 -13.06 73.73 -22.45
N VAL HA 216 -14.26 74.31 -22.32
CA VAL HA 216 -15.32 73.55 -21.63
C VAL HA 216 -15.56 72.25 -22.38
N PRO HA 217 -15.77 71.12 -21.69
CA PRO HA 217 -16.00 69.86 -22.40
C PRO HA 217 -17.30 69.88 -23.20
N ASN HA 218 -17.31 69.08 -24.26
CA ASN HA 218 -18.50 68.87 -25.11
C ASN HA 218 -18.97 70.17 -25.76
N VAL HA 219 -18.03 71.05 -26.07
CA VAL HA 219 -18.32 72.30 -26.78
C VAL HA 219 -17.66 72.18 -28.14
N THR HA 220 -18.44 71.78 -29.14
CA THR HA 220 -17.87 71.56 -30.47
C THR HA 220 -17.36 72.86 -31.08
N SER HA 221 -18.11 73.95 -30.94
CA SER HA 221 -17.72 75.21 -31.53
C SER HA 221 -18.40 76.35 -30.78
N VAL HA 222 -17.86 77.55 -30.95
CA VAL HA 222 -18.41 78.75 -30.34
C VAL HA 222 -18.19 79.94 -31.25
N ASN HA 223 -19.02 80.96 -31.07
CA ASN HA 223 -18.87 82.24 -31.75
C ASN HA 223 -19.05 83.35 -30.73
N VAL HA 224 -18.19 84.36 -30.81
CA VAL HA 224 -18.23 85.48 -29.87
C VAL HA 224 -18.18 86.78 -30.66
N ILE HA 225 -19.12 87.68 -30.38
CA ILE HA 225 -19.18 88.99 -31.03
C ILE HA 225 -19.17 90.05 -29.94
N GLU HA 226 -18.33 91.07 -30.11
CA GLU HA 226 -18.11 92.08 -29.08
C GLU HA 226 -18.89 93.37 -29.31
N ASN HA 227 -19.14 93.75 -30.58
CA ASN HA 227 -20.01 94.87 -30.92
C ASN HA 227 -19.58 96.13 -30.17
N ASN HA 228 -18.34 96.47 -30.47
CA ASN HA 228 -17.56 97.40 -29.68
C ASN HA 228 -17.82 98.85 -30.07
N THR HA 229 -18.17 99.09 -31.34
CA THR HA 229 -18.72 100.35 -31.80
C THR HA 229 -20.18 100.49 -31.38
N GLY HA 230 -20.39 100.55 -30.07
CA GLY HA 230 -21.74 100.44 -29.54
C GLY HA 230 -22.68 101.56 -29.93
N ALA HA 231 -23.57 101.26 -30.88
CA ALA HA 231 -24.68 102.14 -31.24
C ALA HA 231 -25.92 101.30 -31.55
N VAL HA 232 -26.17 100.29 -30.71
CA VAL HA 232 -27.20 99.27 -30.96
C VAL HA 232 -26.85 98.57 -32.27
N GLN HA 233 -27.49 99.01 -33.37
CA GLN HA 233 -27.23 98.56 -34.74
C GLN HA 233 -27.03 97.04 -34.87
N VAL HA 234 -26.36 96.63 -35.94
CA VAL HA 234 -25.93 95.24 -36.13
C VAL HA 234 -24.46 95.25 -36.53
N VAL HA 235 -23.68 94.37 -35.91
CA VAL HA 235 -22.24 94.28 -36.16
C VAL HA 235 -21.90 92.83 -36.44
N ASN HA 236 -21.34 92.57 -37.62
CA ASN HA 236 -20.87 91.23 -38.01
C ASN HA 236 -22.00 90.20 -37.90
N GLY HA 237 -23.20 90.59 -38.29
CA GLY HA 237 -24.35 89.73 -38.14
C GLY HA 237 -24.83 89.68 -36.70
N VAL HA 238 -26.10 89.26 -36.55
CA VAL HA 238 -26.77 89.18 -35.25
C VAL HA 238 -26.96 90.59 -34.70
N SER HA 239 -28.21 91.05 -34.64
CA SER HA 239 -28.50 92.37 -34.09
C SER HA 239 -28.30 92.39 -32.57
N PHE HA 240 -27.97 93.57 -32.05
CA PHE HA 240 -27.67 93.76 -30.64
C PHE HA 240 -28.51 94.88 -30.06
N THR HA 241 -29.27 94.54 -29.02
CA THR HA 241 -30.11 95.53 -28.36
C THR HA 241 -29.26 96.60 -27.66
N LEU HA 242 -28.30 96.16 -26.84
CA LEU HA 242 -27.46 97.10 -26.12
C LEU HA 242 -26.30 97.57 -27.01
N PRO HA 243 -25.80 98.78 -26.77
CA PRO HA 243 -24.63 99.25 -27.55
C PRO HA 243 -23.40 98.37 -27.36
N TYR HA 244 -22.95 98.25 -26.12
CA TYR HA 244 -21.79 97.43 -25.79
C TYR HA 244 -22.27 96.14 -25.14
N ALA HA 245 -22.04 95.01 -25.80
CA ALA HA 245 -22.44 93.72 -25.27
C ALA HA 245 -21.79 92.62 -26.10
N VAL HA 246 -21.51 91.50 -25.45
CA VAL HA 246 -20.87 90.35 -26.09
C VAL HA 246 -21.89 89.22 -26.20
N TRP HA 247 -22.01 88.67 -27.40
CA TRP HA 247 -22.92 87.58 -27.70
C TRP HA 247 -22.12 86.32 -27.96
N VAL HA 248 -22.48 85.25 -27.26
CA VAL HA 248 -21.76 83.98 -27.32
C VAL HA 248 -22.74 82.90 -27.77
N CYS HA 249 -22.42 82.25 -28.88
CA CYS HA 249 -23.17 81.11 -29.39
C CYS HA 249 -22.35 79.86 -29.14
N VAL HA 250 -22.91 78.93 -28.38
CA VAL HA 250 -22.20 77.73 -27.94
C VAL HA 250 -22.90 76.52 -28.55
N ALA HA 251 -22.18 75.78 -29.39
CA ALA HA 251 -22.71 74.54 -29.95
C ALA HA 251 -22.48 73.39 -28.97
N GLY HA 252 -22.71 72.18 -29.43
CA GLY HA 252 -22.50 71.02 -28.58
C GLY HA 252 -23.58 70.90 -27.51
N ASN HA 253 -23.38 69.93 -26.63
CA ASN HA 253 -24.30 69.66 -25.53
C ASN HA 253 -23.53 69.55 -24.22
N PRO HA 254 -22.96 70.66 -23.74
CA PRO HA 254 -22.27 70.62 -22.45
C PRO HA 254 -23.24 70.82 -21.30
N ASP HA 255 -22.72 70.95 -20.08
CA ASP HA 255 -23.56 71.26 -18.94
C ASP HA 255 -23.64 72.78 -18.75
N LYS HA 256 -24.87 73.25 -18.56
CA LYS HA 256 -25.12 74.69 -18.44
C LYS HA 256 -24.33 75.28 -17.29
N GLN HA 257 -24.27 74.58 -16.16
CA GLN HA 257 -23.56 75.11 -15.00
C GLN HA 257 -22.09 75.32 -15.31
N ALA HA 258 -21.43 74.32 -15.90
CA ALA HA 258 -20.00 74.43 -16.18
C ALA HA 258 -19.72 75.52 -17.21
N VAL HA 259 -20.51 75.55 -18.29
CA VAL HA 259 -20.24 76.57 -19.31
C VAL HA 259 -20.54 77.97 -18.77
N ALA HA 260 -21.54 78.10 -17.88
CA ALA HA 260 -21.80 79.39 -17.26
C ALA HA 260 -20.65 79.81 -16.36
N ASP HA 261 -20.09 78.86 -15.61
CA ASP HA 261 -18.93 79.18 -14.78
C ASP HA 261 -17.77 79.66 -15.64
N ALA HA 262 -17.53 79.00 -16.77
CA ALA HA 262 -16.44 79.43 -17.65
C ALA HA 262 -16.71 80.81 -18.23
N LEU HA 263 -17.94 81.07 -18.66
CA LEU HA 263 -18.27 82.38 -19.22
C LEU HA 263 -18.11 83.48 -18.17
N TRP HA 264 -18.48 83.19 -16.92
CA TRP HA 264 -18.26 84.17 -15.87
C TRP HA 264 -16.78 84.34 -15.56
N ALA HA 265 -16.00 83.26 -15.67
CA ALA HA 265 -14.56 83.36 -15.43
C ALA HA 265 -13.91 84.28 -16.44
N ALA HA 266 -14.33 84.17 -17.71
CA ALA HA 266 -13.87 85.10 -18.74
C ALA HA 266 -14.94 86.18 -18.90
N HIS HA 267 -14.89 87.18 -18.01
CA HIS HA 267 -16.00 88.12 -17.87
C HIS HA 267 -15.79 89.47 -18.54
N ASN HA 268 -14.55 89.94 -18.70
CA ASN HA 268 -14.21 91.20 -19.36
C ASN HA 268 -14.52 92.41 -18.50
N GLY HA 269 -15.30 92.24 -17.43
CA GLY HA 269 -15.74 93.41 -16.71
C GLY HA 269 -17.06 93.92 -17.26
N GLY HA 270 -17.12 95.19 -17.60
CA GLY HA 270 -18.42 95.84 -17.79
C GLY HA 270 -19.08 95.63 -19.14
N THR HA 271 -19.02 94.42 -19.69
CA THR HA 271 -19.77 94.09 -20.90
C THR HA 271 -20.97 93.22 -20.54
N PRO HA 272 -22.18 93.69 -20.77
CA PRO HA 272 -23.35 92.82 -20.58
C PRO HA 272 -23.40 91.71 -21.63
N TRP HA 273 -24.45 90.89 -21.58
CA TRP HA 273 -24.62 89.79 -22.51
C TRP HA 273 -25.92 90.02 -23.27
N ASP HA 274 -25.80 90.33 -24.56
CA ASP HA 274 -26.96 90.54 -25.43
C ASP HA 274 -27.18 89.29 -26.26
N TYR HA 275 -28.37 88.69 -26.13
CA TYR HA 275 -28.69 87.48 -26.86
C TYR HA 275 -30.12 87.50 -27.39
N GLY HA 276 -30.72 88.68 -27.53
CA GLY HA 276 -32.11 88.76 -27.94
C GLY HA 276 -32.30 88.75 -29.43
N ALA HA 277 -32.99 89.77 -29.96
CA ALA HA 277 -33.32 89.87 -31.38
C ALA HA 277 -34.11 88.66 -31.85
N THR HA 278 -34.95 88.13 -30.98
CA THR HA 278 -35.86 87.03 -31.30
C THR HA 278 -35.15 85.83 -31.92
N ASN HA 279 -35.15 85.75 -33.25
CA ASN HA 279 -34.61 84.59 -33.95
C ASN HA 279 -33.10 84.44 -33.79
N ASN HA 280 -32.40 85.49 -33.36
CA ASN HA 280 -30.94 85.45 -33.26
C ASN HA 280 -30.56 84.45 -32.17
N GLY HA 281 -30.10 83.27 -32.59
CA GLY HA 281 -29.77 82.23 -31.65
C GLY HA 281 -31.00 81.66 -30.98
N VAL HA 282 -30.76 80.80 -30.00
CA VAL HA 282 -31.80 80.22 -29.16
C VAL HA 282 -31.45 80.51 -27.71
N PRO HA 283 -32.26 81.26 -26.98
CA PRO HA 283 -31.96 81.51 -25.57
C PRO HA 283 -31.87 80.20 -24.79
N VAL HA 284 -30.85 80.11 -23.93
CA VAL HA 284 -30.62 78.88 -23.19
C VAL HA 284 -31.69 78.67 -22.13
N ASP HA 285 -32.11 79.75 -21.46
CA ASP HA 285 -33.14 79.67 -20.43
C ASP HA 285 -34.12 80.83 -20.55
N GLY HA 286 -34.30 81.36 -21.76
CA GLY HA 286 -35.14 82.50 -21.96
C GLY HA 286 -34.60 83.72 -21.24
N PRO HA 287 -35.50 84.62 -20.82
CA PRO HA 287 -35.06 85.75 -20.01
C PRO HA 287 -34.56 85.30 -18.66
N ASN HA 288 -33.64 86.08 -18.09
CA ASN HA 288 -33.05 85.81 -16.78
C ASN HA 288 -32.36 84.44 -16.78
N GLY HA 289 -31.27 84.38 -17.55
CA GLY HA 289 -30.51 83.16 -17.72
C GLY HA 289 -29.86 82.62 -16.45
N VAL HA 290 -28.89 81.73 -16.62
CA VAL HA 290 -28.31 81.01 -15.47
C VAL HA 290 -27.72 82.00 -14.47
N PRO HA 291 -28.03 81.88 -13.18
CA PRO HA 291 -27.56 82.86 -12.20
C PRO HA 291 -26.05 82.84 -11.97
N VAL HA 292 -25.48 81.66 -11.73
CA VAL HA 292 -24.10 81.39 -11.32
C VAL HA 292 -23.68 82.27 -10.15
N ARG HA 293 -22.61 81.87 -9.46
CA ARG HA 293 -22.12 82.64 -8.28
C ARG HA 293 -20.73 83.19 -8.57
N ASP HA 294 -20.50 84.45 -8.20
CA ASP HA 294 -19.21 85.11 -8.41
C ASP HA 294 -18.18 84.54 -7.44
N PRO HA 295 -17.04 84.03 -7.93
CA PRO HA 295 -16.01 83.53 -7.00
C PRO HA 295 -15.53 84.58 -6.01
N ALA HA 296 -15.42 85.84 -6.45
CA ALA HA 296 -15.26 86.95 -5.51
C ALA HA 296 -16.63 87.22 -4.92
N SER HA 297 -16.84 86.77 -3.68
CA SER HA 297 -18.18 86.57 -3.12
C SER HA 297 -19.01 87.84 -3.08
N GLY HA 298 -20.08 87.87 -3.86
CA GLY HA 298 -21.06 88.92 -3.87
C GLY HA 298 -22.06 88.64 -4.97
N ARG HA 299 -23.33 88.67 -4.56
CA ARG HA 299 -24.51 88.43 -5.43
C ARG HA 299 -24.47 87.23 -6.38
N LYS HA 300 -25.64 86.96 -6.92
CA LYS HA 300 -25.76 85.92 -7.93
C LYS HA 300 -26.01 86.68 -9.24
N TYR HA 301 -25.00 86.73 -10.10
CA TYR HA 301 -25.05 87.56 -11.29
C TYR HA 301 -25.92 86.90 -12.36
N VAL HA 302 -25.82 87.35 -13.60
CA VAL HA 302 -26.53 86.71 -14.71
C VAL HA 302 -25.60 86.67 -15.92
N VAL HA 303 -25.48 85.48 -16.52
CA VAL HA 303 -24.69 85.30 -17.74
C VAL HA 303 -25.61 84.74 -18.81
N LYS HA 304 -25.65 85.39 -19.97
CA LYS HA 304 -26.55 85.02 -21.05
C LYS HA 304 -25.74 84.63 -22.28
N TRP HA 305 -25.91 83.39 -22.71
CA TRP HA 305 -25.37 82.91 -23.98
C TRP HA 305 -26.49 82.17 -24.71
N THR HA 306 -26.23 81.82 -25.96
CA THR HA 306 -27.27 81.25 -26.81
C THR HA 306 -26.77 79.98 -27.49
N THR HA 307 -27.72 79.18 -27.96
CA THR HA 307 -27.46 77.96 -28.70
C THR HA 307 -27.82 78.18 -30.16
N PRO HA 308 -26.96 77.77 -31.10
CA PRO HA 308 -27.24 78.03 -32.52
C PRO HA 308 -28.47 77.27 -33.01
N ILE HA 309 -29.09 77.84 -34.05
CA ILE HA 309 -30.26 77.23 -34.66
C ILE HA 309 -29.82 75.97 -35.42
N MET HA 310 -30.49 74.86 -35.14
CA MET HA 310 -30.15 73.61 -35.79
C MET HA 310 -30.55 73.62 -37.26
N TYR HA 311 -29.68 73.08 -38.10
CA TYR HA 311 -29.95 72.96 -39.54
C TYR HA 311 -29.58 71.56 -39.99
N ASP HA 312 -30.36 71.04 -40.94
CA ASP HA 312 -30.10 69.74 -41.53
C ASP HA 312 -29.64 69.94 -42.96
N GLY HA 313 -28.48 69.39 -43.31
CA GLY HA 313 -27.91 69.55 -44.62
C GLY HA 313 -28.00 68.28 -45.45
N TYR HA 314 -27.88 68.45 -46.76
CA TYR HA 314 -27.93 67.34 -47.70
C TYR HA 314 -26.85 67.57 -48.76
N VAL HA 315 -26.48 66.48 -49.43
CA VAL HA 315 -25.48 66.56 -50.50
C VAL HA 315 -25.88 65.61 -51.61
N ASN HA 316 -25.82 66.10 -52.86
CA ASN HA 316 -25.97 65.27 -54.04
C ASN HA 316 -24.66 65.31 -54.81
N VAL HA 317 -24.08 64.15 -55.07
CA VAL HA 317 -22.79 64.04 -55.75
C VAL HA 317 -22.98 63.28 -57.04
N THR HA 318 -22.27 63.71 -58.09
CA THR HA 318 -22.15 62.95 -59.33
C THR HA 318 -20.68 62.67 -59.58
N VAL HA 319 -20.31 61.39 -59.60
CA VAL HA 319 -18.93 60.98 -59.78
C VAL HA 319 -18.86 59.96 -60.90
N GLN HA 320 -17.65 59.78 -61.45
CA GLN HA 320 -17.45 58.91 -62.59
C GLN HA 320 -16.83 57.56 -62.24
N GLN HA 321 -16.28 57.41 -61.03
CA GLN HA 321 -15.59 56.18 -60.62
C GLN HA 321 -14.50 55.81 -61.63
N GLY HA 322 -13.72 56.83 -62.02
CA GLY HA 322 -12.66 56.63 -62.99
C GLY HA 322 -11.41 56.01 -62.38
N SER HA 323 -10.39 55.88 -63.22
CA SER HA 323 -9.07 55.38 -62.84
C SER HA 323 -9.13 53.93 -62.34
N SER HA 324 -10.20 53.21 -62.67
CA SER HA 324 -10.36 51.80 -62.30
C SER HA 324 -10.25 51.59 -60.79
N SER HA 325 -10.77 52.55 -60.03
CA SER HA 325 -10.80 52.48 -58.58
C SER HA 325 -12.26 52.54 -58.13
N VAL HA 326 -12.75 51.46 -57.55
CA VAL HA 326 -14.16 51.33 -57.20
C VAL HA 326 -14.35 51.76 -55.75
N ALA HA 327 -15.37 52.60 -55.51
CA ALA HA 327 -15.69 53.06 -54.16
C ALA HA 327 -17.17 53.40 -54.13
N PRO HA 328 -18.02 52.43 -53.74
CA PRO HA 328 -19.47 52.66 -53.82
C PRO HA 328 -19.99 53.65 -52.80
N GLU HA 329 -19.66 53.45 -51.53
CA GLU HA 329 -20.20 54.28 -50.45
C GLU HA 329 -19.10 54.72 -49.51
N ALA HA 330 -17.93 55.06 -50.05
CA ALA HA 330 -16.90 55.74 -49.29
C ALA HA 330 -16.99 57.25 -49.42
N ILE HA 331 -17.98 57.76 -50.16
CA ILE HA 331 -18.12 59.19 -50.37
C ILE HA 331 -18.77 59.84 -49.16
N GLN HA 332 -19.87 59.28 -48.67
CA GLN HA 332 -20.57 59.88 -47.55
C GLN HA 332 -19.75 59.81 -46.27
N ASN HA 333 -18.89 58.80 -46.14
CA ASN HA 333 -17.98 58.77 -44.99
C ASN HA 333 -17.03 59.95 -45.02
N ALA HA 334 -16.47 60.25 -46.20
CA ALA HA 334 -15.60 61.42 -46.33
C ALA HA 334 -16.36 62.70 -46.03
N VAL HA 335 -17.58 62.81 -46.56
CA VAL HA 335 -18.36 64.03 -46.36
C VAL HA 335 -18.66 64.24 -44.88
N VAL HA 336 -19.08 63.17 -44.19
CA VAL HA 336 -19.42 63.30 -42.78
C VAL HA 336 -18.17 63.53 -41.93
N ASN HA 337 -17.03 62.96 -42.32
CA ASN HA 337 -15.79 63.24 -41.61
C ASN HA 337 -15.43 64.72 -41.73
N TYR HA 338 -15.53 65.27 -42.93
CA TYR HA 338 -15.24 66.68 -43.12
C TYR HA 338 -16.21 67.55 -42.33
N ALA HA 339 -17.50 67.19 -42.33
CA ALA HA 339 -18.48 67.95 -41.58
C ALA HA 339 -18.19 67.92 -40.10
N GLN HA 340 -17.79 66.76 -39.57
CA GLN HA 340 -17.47 66.64 -38.16
C GLN HA 340 -16.11 67.24 -37.81
N GLY HA 341 -15.28 67.55 -38.81
CA GLY HA 341 -14.06 68.29 -38.57
C GLY HA 341 -12.83 67.45 -38.29
N LYS HA 342 -12.81 66.19 -38.72
CA LYS HA 342 -11.63 65.35 -38.53
C LYS HA 342 -10.51 65.68 -39.50
N VAL HA 343 -10.78 66.47 -40.54
CA VAL HA 343 -9.74 66.83 -41.50
C VAL HA 343 -8.85 67.91 -40.88
N GLU HA 344 -7.66 68.06 -41.47
CA GLU HA 344 -6.65 68.98 -40.96
C GLU HA 344 -6.76 70.32 -41.65
N GLY HA 345 -6.86 71.39 -40.86
CA GLY HA 345 -6.85 72.73 -41.36
C GLY HA 345 -8.18 73.29 -41.79
N GLU HA 346 -9.22 72.46 -41.89
CA GLU HA 346 -10.54 72.90 -42.32
C GLU HA 346 -11.55 72.45 -41.28
N GLU HA 347 -11.91 73.37 -40.38
CA GLU HA 347 -12.93 73.05 -39.39
C GLU HA 347 -14.25 72.72 -40.08
N GLY HA 348 -14.98 71.75 -39.51
CA GLY HA 348 -16.19 71.28 -40.13
C GLY HA 348 -17.36 72.23 -40.00
N LEU HA 349 -18.57 71.68 -39.91
CA LEU HA 349 -19.77 72.49 -39.80
C LEU HA 349 -19.80 73.13 -38.42
N VAL HA 350 -19.40 74.40 -38.35
CA VAL HA 350 -19.39 75.15 -37.11
C VAL HA 350 -20.44 76.25 -37.20
N VAL HA 351 -20.58 77.03 -36.12
CA VAL HA 351 -21.63 78.06 -36.07
C VAL HA 351 -21.43 79.07 -37.20
N GLY HA 352 -20.20 79.53 -37.41
CA GLY HA 352 -19.93 80.46 -38.47
C GLY HA 352 -19.73 79.84 -39.83
N ALA HA 353 -19.80 78.53 -39.94
CA ALA HA 353 -19.57 77.85 -41.20
C ALA HA 353 -20.72 78.09 -42.16
N SER HA 354 -20.50 77.73 -43.42
CA SER HA 354 -21.53 77.78 -44.45
C SER HA 354 -21.34 76.56 -45.34
N LEU HA 355 -22.42 75.82 -45.58
CA LEU HA 355 -22.33 74.60 -46.38
C LEU HA 355 -22.01 74.91 -47.82
N SER HA 356 -20.82 74.55 -48.28
CA SER HA 356 -20.34 74.91 -49.61
C SER HA 356 -20.04 73.68 -50.44
N ALA HA 357 -20.55 73.69 -51.68
CA ALA HA 357 -20.33 72.58 -52.60
C ALA HA 357 -18.85 72.38 -52.87
N PHE HA 358 -18.12 73.49 -53.07
CA PHE HA 358 -16.70 73.40 -53.36
C PHE HA 358 -15.93 72.80 -52.19
N GLU HA 359 -16.28 73.18 -50.96
CA GLU HA 359 -15.64 72.57 -49.79
C GLU HA 359 -15.95 71.08 -49.69
N VAL HA 360 -17.20 70.70 -49.93
CA VAL HA 360 -17.54 69.27 -49.90
C VAL HA 360 -16.76 68.52 -50.94
N ALA HA 361 -16.64 69.10 -52.14
CA ALA HA 361 -15.86 68.48 -53.21
C ALA HA 361 -14.40 68.33 -52.83
N GLY HA 362 -13.83 69.38 -52.22
CA GLY HA 362 -12.43 69.29 -51.80
C GLY HA 362 -12.19 68.23 -50.76
N ALA HA 363 -13.09 68.12 -49.79
CA ALA HA 363 -12.97 67.07 -48.78
C ALA HA 363 -13.07 65.69 -49.40
N ILE HA 364 -14.05 65.50 -50.29
CA ILE HA 364 -14.21 64.22 -50.97
C ILE HA 364 -12.93 63.87 -51.72
N ALA HA 365 -12.32 64.87 -52.36
CA ALA HA 365 -11.14 64.62 -53.18
C ALA HA 365 -9.92 64.30 -52.33
N ARG HA 366 -9.72 65.03 -51.22
CA ARG HA 366 -8.57 64.75 -50.38
C ARG HA 366 -8.70 63.37 -49.74
N GLU HA 367 -9.93 62.93 -49.48
CA GLU HA 367 -10.09 61.58 -48.96
C GLU HA 367 -9.79 60.54 -50.03
N ILE HA 368 -10.46 60.64 -51.18
CA ILE HA 368 -10.16 59.77 -52.32
C ILE HA 368 -10.08 60.61 -53.59
N PRO HA 369 -8.96 60.57 -54.31
CA PRO HA 369 -8.86 61.24 -55.60
C PRO HA 369 -9.15 60.28 -56.74
N GLY HA 370 -9.28 60.85 -57.94
CA GLY HA 370 -9.43 60.05 -59.14
C GLY HA 370 -10.84 59.65 -59.50
N ILE HA 371 -11.85 60.34 -58.99
CA ILE HA 371 -13.24 60.02 -59.31
C ILE HA 371 -13.88 61.03 -60.24
N TYR HA 372 -13.28 62.21 -60.43
CA TYR HA 372 -13.82 63.26 -61.28
C TYR HA 372 -15.25 63.62 -60.87
N ILE HA 373 -15.34 64.21 -59.68
CA ILE HA 373 -16.59 64.75 -59.18
C ILE HA 373 -17.17 65.74 -60.19
N LYS HA 374 -18.46 65.57 -60.51
CA LYS HA 374 -19.14 66.42 -61.48
C LYS HA 374 -20.06 67.45 -60.82
N LEU HA 375 -21.00 67.00 -59.99
CA LEU HA 375 -21.95 67.87 -59.32
C LEU HA 375 -21.91 67.60 -57.83
N CYS HA 376 -21.98 68.66 -57.03
CA CYS HA 376 -21.91 68.55 -55.58
C CYS HA 376 -22.92 69.49 -54.92
N GLN HA 377 -24.14 69.53 -55.45
CA GLN HA 377 -25.17 70.40 -54.90
C GLN HA 377 -25.44 70.04 -53.44
N VAL HA 378 -25.78 71.05 -52.64
CA VAL HA 378 -25.90 70.83 -51.20
C VAL HA 378 -27.28 71.16 -50.65
N ALA HA 379 -27.66 72.44 -50.65
CA ALA HA 379 -28.88 72.92 -50.01
C ALA HA 379 -28.92 72.56 -48.52
N CYS HA 380 -29.93 73.06 -47.80
CA CYS HA 380 -30.10 72.74 -46.39
C CYS HA 380 -31.47 73.20 -45.93
N VAL HA 381 -31.95 72.58 -44.86
CA VAL HA 381 -33.26 72.86 -44.28
C VAL HA 381 -33.09 73.11 -42.79
N ALA HA 382 -34.22 73.36 -42.13
CA ALA HA 382 -34.24 73.59 -40.69
C ALA HA 382 -34.06 72.25 -39.96
N ALA HA 383 -34.21 72.28 -38.64
CA ALA HA 383 -34.02 71.06 -37.85
C ALA HA 383 -35.02 69.99 -38.24
N GLY HA 384 -36.28 70.36 -38.41
CA GLY HA 384 -37.28 69.43 -38.89
C GLY HA 384 -37.34 69.43 -40.40
N SER HA 385 -38.56 69.46 -40.95
CA SER HA 385 -38.83 69.61 -42.38
C SER HA 385 -38.40 68.37 -43.16
N PRO HA 386 -39.06 68.09 -44.30
CA PRO HA 386 -38.63 66.95 -45.13
C PRO HA 386 -37.48 67.33 -46.05
N ALA HA 387 -37.12 66.44 -46.96
CA ALA HA 387 -36.07 66.72 -47.92
C ALA HA 387 -36.46 67.92 -48.77
N PRO HA 388 -35.52 68.81 -49.08
CA PRO HA 388 -35.85 70.07 -49.76
C PRO HA 388 -36.14 69.95 -51.25
N ALA HA 389 -36.27 68.72 -51.77
CA ALA HA 389 -36.57 68.45 -53.18
C ALA HA 389 -35.39 68.84 -54.08
N PRO HA 390 -35.25 68.24 -55.26
CA PRO HA 390 -34.10 68.57 -56.12
C PRO HA 390 -34.04 70.02 -56.56
N GLY HA 391 -35.16 70.74 -56.53
CA GLY HA 391 -35.12 72.14 -56.92
C GLY HA 391 -34.28 73.01 -55.99
N ASP HA 392 -34.27 72.70 -54.70
CA ASP HA 392 -33.55 73.49 -53.73
C ASP HA 392 -32.04 73.28 -53.78
N PHE HA 393 -31.58 72.15 -54.33
CA PHE HA 393 -30.16 71.81 -54.27
C PHE HA 393 -29.32 72.80 -55.05
N THR HA 394 -28.59 73.65 -54.34
CA THR HA 394 -27.79 74.73 -54.92
C THR HA 394 -26.32 74.51 -54.57
N SER HA 395 -25.50 75.51 -54.91
CA SER HA 395 -24.06 75.41 -54.70
C SER HA 395 -23.61 75.89 -53.33
N GLU HA 396 -24.38 76.74 -52.68
CA GLU HA 396 -23.96 77.32 -51.41
C GLU HA 396 -25.17 77.65 -50.56
N TYR HA 397 -24.93 77.76 -49.25
CA TYR HA 397 -25.89 78.30 -48.31
C TYR HA 397 -25.22 79.40 -47.51
N VAL HA 398 -25.93 80.51 -47.30
CA VAL HA 398 -25.34 81.66 -46.63
C VAL HA 398 -24.94 81.29 -45.20
N MET HA 399 -25.86 80.65 -44.46
CA MET HA 399 -25.57 80.10 -43.13
C MET HA 399 -25.00 81.17 -42.20
N SER HA 400 -25.85 82.12 -41.87
CA SER HA 400 -25.48 83.28 -41.05
C SER HA 400 -24.81 82.86 -39.75
N ALA HA 401 -24.12 83.81 -39.10
CA ALA HA 401 -23.24 83.49 -37.97
C ALA HA 401 -23.96 82.66 -36.92
N PHE HA 402 -25.18 83.02 -36.56
CA PHE HA 402 -25.98 82.20 -35.66
C PHE HA 402 -26.58 81.04 -36.44
N GLY HA 403 -26.41 79.83 -35.92
CA GLY HA 403 -26.91 78.65 -36.59
C GLY HA 403 -25.82 77.65 -36.94
N GLN HA 404 -26.11 76.37 -36.76
CA GLN HA 404 -25.16 75.30 -37.01
C GLN HA 404 -25.81 74.25 -37.90
N ALA HA 405 -25.13 73.89 -38.97
CA ALA HA 405 -25.61 72.84 -39.87
C ALA HA 405 -25.06 71.48 -39.43
N THR HA 406 -25.80 70.43 -39.79
CA THR HA 406 -25.41 69.07 -39.48
C THR HA 406 -25.75 68.17 -40.65
N ILE HA 407 -24.81 67.35 -41.08
CA ILE HA 407 -24.99 66.43 -42.19
C ILE HA 407 -25.11 65.02 -41.63
N SER HA 408 -26.24 64.38 -41.87
CA SER HA 408 -26.42 63.00 -41.46
C SER HA 408 -25.75 62.07 -42.46
N VAL HA 409 -25.59 60.80 -42.05
CA VAL HA 409 -24.93 59.82 -42.90
C VAL HA 409 -25.76 59.54 -44.15
N GLY HA 410 -27.09 59.51 -43.99
CA GLY HA 410 -27.96 59.26 -45.12
C GLY HA 410 -28.32 60.46 -45.96
N ASN HA 411 -27.96 61.67 -45.50
CA ASN HA 411 -28.28 62.88 -46.24
C ASN HA 411 -27.36 63.10 -47.43
N VAL HA 412 -26.38 62.24 -47.63
CA VAL HA 412 -25.49 62.31 -48.79
C VAL HA 412 -25.87 61.21 -49.76
N ARG HA 413 -26.17 61.59 -51.00
CA ARG HA 413 -26.53 60.64 -52.05
C ARG HA 413 -25.57 60.83 -53.22
N VAL HA 414 -24.93 59.74 -53.63
CA VAL HA 414 -23.91 59.78 -54.67
C VAL HA 414 -24.41 58.98 -55.87
N THR HA 415 -24.14 59.49 -57.07
CA THR HA 415 -24.61 58.90 -58.31
C THR HA 415 -23.44 58.68 -59.25
N PHE HA 416 -23.34 57.49 -59.82
CA PHE HA 416 -22.25 57.11 -60.70
C PHE HA 416 -22.67 57.36 -62.14
N VAL HA 417 -21.80 58.02 -62.90
CA VAL HA 417 -22.08 58.36 -64.28
C VAL HA 417 -20.86 58.05 -65.14
N ALA IA 2 23.96 -2.06 -78.58
CA ALA IA 2 25.04 -1.08 -78.55
C ALA IA 2 24.81 0.02 -79.57
N ASN IA 3 23.54 0.36 -79.80
CA ASN IA 3 23.21 1.37 -80.80
C ASN IA 3 21.96 2.14 -80.36
N TYR IA 4 21.89 3.37 -80.84
CA TYR IA 4 20.78 4.28 -80.58
C TYR IA 4 20.06 4.51 -81.91
N ASN IA 5 19.00 3.76 -82.14
CA ASN IA 5 18.21 3.95 -83.36
C ASN IA 5 17.48 5.28 -83.29
N TYR IA 6 17.53 6.03 -84.38
CA TYR IA 6 16.91 7.36 -84.46
C TYR IA 6 15.80 7.30 -85.50
N ILE IA 7 14.55 7.15 -85.04
CA ILE IA 7 13.42 7.24 -85.96
C ILE IA 7 13.33 8.67 -86.45
N VAL IA 8 13.74 8.91 -87.69
CA VAL IA 8 14.07 10.24 -88.17
C VAL IA 8 12.85 11.17 -88.12
N ASP IA 9 11.72 10.72 -88.65
CA ASP IA 9 10.53 11.57 -88.74
C ASP IA 9 9.24 10.82 -88.46
N THR IA 10 9.27 9.51 -88.22
CA THR IA 10 8.00 8.81 -88.10
C THR IA 10 7.66 8.51 -86.64
N GLY IA 11 8.65 8.23 -85.81
CA GLY IA 11 8.40 7.86 -84.43
C GLY IA 11 8.95 8.88 -83.46
N VAL IA 12 9.81 9.75 -83.98
CA VAL IA 12 10.43 10.91 -83.33
C VAL IA 12 11.13 10.56 -82.02
N ILE IA 13 11.40 9.27 -81.80
CA ILE IA 13 11.86 8.80 -80.50
C ILE IA 13 13.17 8.06 -80.70
N VAL IA 14 14.12 8.31 -79.81
CA VAL IA 14 15.35 7.54 -79.78
C VAL IA 14 15.05 6.19 -79.14
N ALA IA 15 15.38 5.11 -79.85
CA ALA IA 15 15.14 3.77 -79.37
C ALA IA 15 16.46 3.10 -79.04
N ASP IA 16 16.55 2.50 -77.87
CA ASP IA 16 17.71 1.69 -77.53
C ASP IA 16 17.71 0.41 -78.37
N THR IA 17 18.91 -0.12 -78.64
CA THR IA 17 18.99 -1.41 -79.29
C THR IA 17 19.32 -2.56 -78.35
N ALA IA 18 19.91 -2.27 -77.20
CA ALA IA 18 20.33 -3.30 -76.21
C ALA IA 18 21.34 -4.21 -76.90
N ASP IA 19 21.18 -5.53 -76.82
CA ASP IA 19 22.12 -6.53 -77.36
C ASP IA 19 23.58 -6.17 -77.08
N VAL IA 20 23.85 -5.62 -75.90
CA VAL IA 20 25.22 -5.28 -75.51
C VAL IA 20 25.98 -6.43 -74.87
N LEU IA 21 25.35 -7.60 -74.74
CA LEU IA 21 26.05 -8.74 -74.14
C LEU IA 21 27.22 -9.18 -75.01
N SER IA 22 27.03 -9.19 -76.33
CA SER IA 22 28.13 -9.53 -77.23
C SER IA 22 29.27 -8.53 -77.10
N ASP IA 23 28.94 -7.23 -77.01
CA ASP IA 23 29.97 -6.20 -76.89
C ASP IA 23 30.76 -6.34 -75.58
N VAL IA 24 30.06 -6.56 -74.47
CA VAL IA 24 30.76 -6.67 -73.19
C VAL IA 24 31.62 -7.94 -73.15
N GLU IA 25 31.12 -9.04 -73.74
CA GLU IA 25 31.94 -10.24 -73.86
C GLU IA 25 33.18 -9.97 -74.70
N ALA IA 26 33.02 -9.21 -75.79
CA ALA IA 26 34.16 -8.86 -76.65
C ALA IA 26 35.12 -7.92 -75.96
N GLU IA 27 34.69 -7.20 -74.92
CA GLU IA 27 35.67 -6.42 -74.18
C GLU IA 27 36.42 -7.27 -73.17
N PHE IA 28 35.70 -8.14 -72.45
CA PHE IA 28 36.38 -9.02 -71.50
C PHE IA 28 37.42 -9.86 -72.22
N ARG IA 29 37.05 -10.40 -73.37
CA ARG IA 29 38.01 -10.93 -74.33
C ARG IA 29 38.80 -9.77 -74.96
N ALA IA 30 40.03 -10.08 -75.38
CA ALA IA 30 40.95 -9.17 -76.07
C ALA IA 30 41.43 -8.04 -75.17
N ALA IA 31 40.95 -7.92 -73.94
CA ALA IA 31 41.51 -7.03 -72.94
C ALA IA 31 41.97 -7.77 -71.70
N LEU IA 32 41.13 -8.63 -71.14
CA LEU IA 32 41.52 -9.47 -70.02
C LEU IA 32 42.04 -10.81 -70.49
N GLY IA 33 42.00 -11.07 -71.79
CA GLY IA 33 42.48 -12.31 -72.35
C GLY IA 33 41.86 -12.52 -73.71
N ALA IA 34 42.23 -13.65 -74.32
CA ALA IA 34 41.68 -14.03 -75.62
C ALA IA 34 41.06 -15.42 -75.60
N ASN IA 35 41.00 -16.07 -74.44
CA ASN IA 35 40.52 -17.45 -74.37
C ASN IA 35 39.61 -17.68 -73.17
N ILE IA 36 39.08 -16.62 -72.56
CA ILE IA 36 38.32 -16.75 -71.32
C ILE IA 36 37.04 -17.53 -71.60
N ASN IA 37 36.73 -18.47 -70.71
CA ASN IA 37 35.47 -19.21 -70.80
C ASN IA 37 34.38 -18.33 -70.24
N LEU IA 38 33.73 -17.57 -71.13
CA LEU IA 38 32.68 -16.65 -70.73
C LEU IA 38 31.35 -17.35 -70.46
N ALA IA 39 31.34 -18.67 -70.40
CA ALA IA 39 30.10 -19.39 -70.11
C ALA IA 39 29.61 -19.05 -68.72
N ALA IA 40 28.29 -19.06 -68.56
CA ALA IA 40 27.68 -18.75 -67.28
C ALA IA 40 28.04 -19.82 -66.24
N SER IA 41 27.57 -19.60 -65.01
CA SER IA 41 27.93 -20.40 -63.85
C SER IA 41 29.41 -20.28 -63.50
N THR IA 42 30.08 -19.25 -64.00
CA THR IA 42 31.46 -18.93 -63.70
C THR IA 42 31.55 -17.48 -63.26
N PRO IA 43 32.57 -17.14 -62.46
CA PRO IA 43 32.67 -15.75 -61.98
C PRO IA 43 32.73 -14.72 -63.08
N GLN IA 44 33.53 -14.95 -64.12
CA GLN IA 44 33.63 -13.97 -65.20
C GLN IA 44 32.32 -13.88 -65.98
N GLY IA 45 31.64 -15.01 -66.17
CA GLY IA 45 30.35 -14.98 -66.84
C GLY IA 45 29.32 -14.19 -66.07
N SER IA 46 29.28 -14.38 -64.74
CA SER IA 46 28.36 -13.60 -63.91
C SER IA 46 28.70 -12.11 -63.97
N LEU IA 47 30.00 -11.78 -63.95
CA LEU IA 47 30.41 -10.39 -64.05
C LEU IA 47 29.96 -9.79 -65.37
N VAL IA 48 30.14 -10.52 -66.47
CA VAL IA 48 29.74 -10.02 -67.79
C VAL IA 48 28.23 -9.83 -67.86
N ALA IA 49 27.47 -10.80 -67.34
CA ALA IA 49 26.02 -10.66 -67.37
C ALA IA 49 25.56 -9.45 -66.58
N ALA IA 50 26.13 -9.25 -65.39
CA ALA IA 50 25.77 -8.09 -64.59
C ALA IA 50 26.14 -6.79 -65.30
N GLU IA 51 27.32 -6.75 -65.92
CA GLU IA 51 27.74 -5.53 -66.59
C GLU IA 51 26.84 -5.23 -67.78
N ALA IA 52 26.45 -6.27 -68.53
CA ALA IA 52 25.55 -6.08 -69.66
C ALA IA 52 24.19 -5.57 -69.19
N ILE IA 53 23.69 -6.10 -68.07
CA ILE IA 53 22.43 -5.60 -67.52
C ILE IA 53 22.55 -4.12 -67.18
N ALA IA 54 23.67 -3.74 -66.55
CA ALA IA 54 23.87 -2.34 -66.19
C ALA IA 54 23.90 -1.46 -67.42
N ARG IA 55 24.56 -1.90 -68.49
CA ARG IA 55 24.64 -1.07 -69.69
C ARG IA 55 23.28 -0.95 -70.36
N SER IA 56 22.52 -2.04 -70.40
CA SER IA 56 21.16 -1.96 -70.96
C SER IA 56 20.33 -0.96 -70.17
N SER IA 57 20.44 -0.97 -68.83
CA SER IA 57 19.71 -0.02 -68.02
C SER IA 57 20.16 1.42 -68.30
N VAL IA 58 21.47 1.63 -68.46
CA VAL IA 58 21.98 2.97 -68.74
C VAL IA 58 21.43 3.47 -70.08
N MET IA 59 21.48 2.62 -71.11
CA MET IA 59 20.96 3.01 -72.42
C MET IA 59 19.47 3.30 -72.35
N ARG IA 60 18.71 2.49 -71.61
CA ARG IA 60 17.27 2.71 -71.50
C ARG IA 60 16.98 4.06 -70.84
N ASN IA 61 17.67 4.36 -69.74
CA ASN IA 61 17.42 5.63 -69.04
C ASN IA 61 17.80 6.81 -69.92
N GLU IA 62 18.94 6.72 -70.60
CA GLU IA 62 19.35 7.81 -71.50
C GLU IA 62 18.35 7.98 -72.63
N ALA IA 63 17.83 6.88 -73.17
CA ALA IA 63 16.83 6.97 -74.22
C ALA IA 63 15.56 7.65 -73.72
N ARG IA 64 15.13 7.31 -72.49
CA ARG IA 64 13.96 7.97 -71.93
C ARG IA 64 14.17 9.47 -71.79
N ILE IA 65 15.32 9.87 -71.25
CA ILE IA 65 15.56 11.30 -71.04
C ILE IA 65 15.68 12.02 -72.37
N ALA IA 66 16.32 11.39 -73.36
CA ALA IA 66 16.42 12.02 -74.67
C ALA IA 66 15.06 12.10 -75.35
N ASN IA 67 14.17 11.14 -75.10
CA ASN IA 67 12.85 11.15 -75.71
C ASN IA 67 11.94 12.18 -75.04
N THR IA 68 12.19 12.50 -73.78
CA THR IA 68 11.30 13.43 -73.07
C THR IA 68 11.30 14.82 -73.67
N ILE IA 69 12.26 15.16 -74.53
CA ILE IA 69 12.30 16.49 -75.13
C ILE IA 69 11.14 16.72 -76.09
N ASN IA 70 10.53 15.65 -76.60
CA ASN IA 70 9.40 15.85 -77.49
C ASN IA 70 8.12 15.31 -76.86
N PRO IA 71 7.01 16.00 -77.04
CA PRO IA 71 5.76 15.55 -76.41
C PRO IA 71 5.24 14.24 -76.99
N ASN IA 72 4.15 13.74 -76.41
CA ASN IA 72 3.49 12.48 -76.79
C ASN IA 72 4.31 11.29 -76.33
N VAL IA 73 5.54 11.52 -75.87
CA VAL IA 73 6.31 10.48 -75.20
C VAL IA 73 6.89 11.04 -73.90
N SER IA 74 6.28 12.10 -73.39
CA SER IA 74 6.68 12.72 -72.13
C SER IA 74 5.59 12.48 -71.09
N PHE IA 75 5.89 12.92 -69.87
CA PHE IA 75 4.96 12.75 -68.75
C PHE IA 75 5.14 13.92 -67.80
N GLY IA 76 4.62 13.77 -66.57
CA GLY IA 76 4.65 14.83 -65.59
C GLY IA 76 6.01 15.42 -65.35
N THR IA 77 6.08 16.72 -65.12
CA THR IA 77 7.32 17.43 -64.79
C THR IA 77 8.36 17.32 -65.91
N PHE IA 78 7.99 16.67 -67.00
CA PHE IA 78 8.82 16.56 -68.19
C PHE IA 78 8.13 17.12 -69.43
N LEU IA 79 6.87 16.76 -69.66
CA LEU IA 79 6.02 17.48 -70.60
C LEU IA 79 5.69 18.87 -70.08
N ASP IA 80 5.70 19.02 -68.76
CA ASP IA 80 5.67 20.31 -68.09
C ASP IA 80 6.65 21.28 -68.74
N ALA IA 81 7.87 20.80 -68.98
CA ALA IA 81 8.90 21.63 -69.57
C ALA IA 81 8.50 22.09 -70.97
N ILE IA 82 7.95 21.18 -71.77
CA ILE IA 82 7.60 21.53 -73.15
C ILE IA 82 6.47 22.56 -73.16
N CYS IA 83 5.51 22.40 -72.25
CA CYS IA 83 4.45 23.40 -72.13
C CYS IA 83 5.01 24.74 -71.69
N ALA IA 84 5.92 24.75 -70.71
CA ALA IA 84 6.48 26.00 -70.21
C ALA IA 84 7.40 26.66 -71.23
N LEU IA 85 7.91 25.93 -72.22
CA LEU IA 85 8.68 26.56 -73.28
C LEU IA 85 7.84 27.54 -74.07
N MET IA 86 6.58 27.18 -74.36
CA MET IA 86 5.66 28.07 -75.05
C MET IA 86 4.75 28.81 -74.08
N GLY IA 87 4.99 28.69 -72.78
CA GLY IA 87 4.22 29.43 -71.81
C GLY IA 87 2.87 28.82 -71.50
N ILE IA 88 2.55 27.68 -72.09
CA ILE IA 88 1.37 26.93 -71.68
C ILE IA 88 1.48 26.63 -70.20
N GLU IA 89 0.68 27.33 -69.41
CA GLU IA 89 0.78 27.37 -67.97
C GLU IA 89 0.20 26.10 -67.35
N ARG IA 90 0.91 25.56 -66.36
CA ARG IA 90 0.59 24.23 -65.87
C ARG IA 90 -0.82 24.16 -65.30
N GLY IA 91 -1.27 25.24 -64.63
CA GLY IA 91 -2.68 25.47 -64.35
C GLY IA 91 -3.27 25.23 -62.95
N SER IA 92 -2.46 25.50 -61.91
CA SER IA 92 -2.56 25.42 -60.45
C SER IA 92 -3.85 24.82 -59.86
N ASP IA 93 -3.79 24.64 -58.54
CA ASP IA 93 -4.76 23.88 -57.74
C ASP IA 93 -5.52 24.85 -56.85
N LEU IA 94 -6.80 25.06 -57.14
CA LEU IA 94 -7.65 25.74 -56.17
C LEU IA 94 -9.09 25.25 -56.33
N SER IA 95 -9.96 25.80 -55.48
CA SER IA 95 -11.40 25.56 -55.48
C SER IA 95 -12.09 26.56 -54.55
N THR IA 96 -13.24 27.09 -54.96
CA THR IA 96 -13.94 28.09 -54.14
C THR IA 96 -15.38 28.22 -54.59
N PHE IA 97 -16.30 28.25 -53.62
CA PHE IA 97 -17.71 28.58 -53.81
C PHE IA 97 -18.10 29.75 -52.90
N GLY IA 98 -19.37 30.12 -52.93
CA GLY IA 98 -19.85 31.17 -52.04
C GLY IA 98 -21.26 31.59 -52.39
N TYR IA 99 -21.75 32.57 -51.63
CA TYR IA 99 -23.04 33.21 -51.85
C TYR IA 99 -24.20 32.23 -51.76
N GLY IA 100 -24.12 31.28 -50.82
CA GLY IA 100 -25.22 30.36 -50.59
C GLY IA 100 -26.16 30.87 -49.52
N VAL IA 101 -27.33 30.24 -49.44
CA VAL IA 101 -28.34 30.63 -48.46
C VAL IA 101 -28.83 29.39 -47.75
N GLN IA 102 -29.34 29.57 -46.53
CA GLN IA 102 -29.74 28.48 -45.66
C GLN IA 102 -31.07 28.83 -45.01
N VAL IA 103 -32.05 27.93 -45.16
CA VAL IA 103 -33.32 28.02 -44.45
C VAL IA 103 -33.26 27.07 -43.26
N THR IA 104 -33.68 27.57 -42.10
CA THR IA 104 -33.40 26.93 -40.83
C THR IA 104 -34.48 27.30 -39.82
N GLY IA 105 -34.21 27.01 -38.55
CA GLY IA 105 -35.14 27.30 -37.47
C GLY IA 105 -34.91 28.64 -36.81
N ARG IA 106 -34.65 28.63 -35.50
CA ARG IA 106 -34.55 29.85 -34.70
C ARG IA 106 -33.19 29.95 -34.06
N SER IA 107 -32.47 31.03 -34.36
CA SER IA 107 -31.22 31.40 -33.70
C SER IA 107 -30.27 30.22 -33.52
N GLN IA 108 -30.14 29.39 -34.54
CA GLN IA 108 -29.32 28.19 -34.46
C GLN IA 108 -27.86 28.54 -34.74
N THR IA 109 -26.96 28.01 -33.91
CA THR IA 109 -25.52 28.21 -34.09
C THR IA 109 -25.05 27.26 -35.19
N ARG IA 110 -25.11 27.73 -36.44
CA ARG IA 110 -24.67 26.89 -37.55
C ARG IA 110 -23.15 26.87 -37.57
N ILE IA 111 -22.58 25.81 -37.02
CA ILE IA 111 -21.14 25.76 -36.77
C ILE IA 111 -20.35 25.77 -38.08
N SER IA 112 -19.06 26.11 -37.99
CA SER IA 112 -18.21 26.21 -39.16
C SER IA 112 -18.03 24.85 -39.83
N THR IA 113 -17.96 24.88 -41.16
CA THR IA 113 -17.72 23.67 -41.95
C THR IA 113 -18.77 22.60 -41.65
N GLY IA 114 -20.01 23.04 -41.45
CA GLY IA 114 -21.13 22.15 -41.59
C GLY IA 114 -21.27 21.80 -43.06
N SER IA 115 -21.30 20.51 -43.38
CA SER IA 115 -21.28 20.09 -44.78
C SER IA 115 -22.69 19.88 -45.32
N ARG IA 116 -22.80 19.99 -46.64
CA ARG IA 116 -24.02 19.75 -47.40
C ARG IA 116 -23.68 18.84 -48.58
N VAL IA 117 -24.69 18.24 -49.17
CA VAL IA 117 -24.50 17.40 -50.35
C VAL IA 117 -25.55 17.75 -51.40
N GLN IA 118 -25.23 17.43 -52.65
CA GLN IA 118 -26.11 17.60 -53.80
C GLN IA 118 -26.29 16.23 -54.47
N THR IA 119 -27.02 16.21 -55.58
CA THR IA 119 -27.19 14.96 -56.32
C THR IA 119 -25.88 14.41 -56.86
N PRO IA 120 -24.96 15.21 -57.51
CA PRO IA 120 -23.73 14.64 -58.07
C PRO IA 120 -22.57 14.64 -57.08
N ALA IA 121 -22.80 14.08 -55.88
CA ALA IA 121 -21.79 14.03 -54.82
C ALA IA 121 -21.28 15.43 -54.49
N GLY IA 122 -22.19 16.26 -53.98
CA GLY IA 122 -21.86 17.64 -53.67
C GLY IA 122 -20.70 17.80 -52.72
N ALA IA 123 -20.88 17.43 -51.45
CA ALA IA 123 -19.84 17.50 -50.44
C ALA IA 123 -19.23 18.91 -50.36
N ILE IA 124 -20.06 19.88 -49.97
CA ILE IA 124 -19.68 21.27 -49.90
C ILE IA 124 -19.84 21.73 -48.45
N PHE IA 125 -18.78 22.26 -47.86
CA PHE IA 125 -18.79 22.68 -46.47
C PHE IA 125 -19.01 24.19 -46.34
N THR IA 126 -19.51 24.59 -45.18
CA THR IA 126 -19.60 26.01 -44.85
C THR IA 126 -18.21 26.55 -44.54
N VAL IA 127 -17.98 27.81 -44.90
CA VAL IA 127 -16.62 28.36 -44.82
C VAL IA 127 -16.25 28.70 -43.38
N LEU IA 128 -17.00 29.60 -42.77
CA LEU IA 128 -16.70 30.07 -41.42
C LEU IA 128 -17.91 29.88 -40.52
N SER IA 129 -17.70 30.10 -39.23
CA SER IA 129 -18.77 29.99 -38.26
C SER IA 129 -19.77 31.13 -38.43
N ASP IA 130 -21.05 30.78 -38.45
CA ASP IA 130 -22.11 31.78 -38.57
C ASP IA 130 -23.34 31.30 -37.82
N VAL IA 131 -23.97 32.21 -37.08
CA VAL IA 131 -25.21 31.91 -36.36
C VAL IA 131 -26.34 32.57 -37.12
N THR IA 132 -27.31 31.76 -37.54
CA THR IA 132 -28.40 32.25 -38.36
C THR IA 132 -29.24 33.26 -37.58
N ILE IA 133 -29.80 34.22 -38.33
CA ILE IA 133 -30.68 35.23 -37.74
C ILE IA 133 -31.99 34.56 -37.36
N PRO IA 134 -32.70 35.04 -36.34
CA PRO IA 134 -33.94 34.36 -35.91
C PRO IA 134 -35.07 34.44 -36.93
N ALA IA 135 -34.93 35.23 -37.99
CA ALA IA 135 -36.01 35.34 -38.98
C ALA IA 135 -36.29 34.01 -39.66
N GLY IA 136 -35.25 33.26 -40.00
CA GLY IA 136 -35.44 31.97 -40.64
C GLY IA 136 -34.73 31.82 -41.97
N GLY IA 137 -33.67 32.59 -42.18
CA GLY IA 137 -32.86 32.45 -43.38
C GLY IA 137 -31.58 33.26 -43.30
N VAL IA 138 -30.44 32.63 -43.59
CA VAL IA 138 -29.14 33.29 -43.44
C VAL IA 138 -28.30 33.02 -44.68
N ALA IA 139 -27.29 33.87 -44.88
CA ALA IA 139 -26.39 33.76 -46.01
C ALA IA 139 -25.04 33.20 -45.55
N THR IA 140 -24.60 32.12 -46.19
CA THR IA 140 -23.36 31.45 -45.86
C THR IA 140 -22.44 31.37 -47.08
N ILE IA 141 -21.21 30.97 -46.83
CA ILE IA 141 -20.21 30.75 -47.88
C ILE IA 141 -19.85 29.27 -47.90
N ASP IA 142 -19.40 28.79 -49.05
CA ASP IA 142 -19.21 27.36 -49.25
C ASP IA 142 -17.86 27.08 -49.90
N ILE IA 143 -17.32 25.89 -49.60
CA ILE IA 143 -16.10 25.38 -50.20
C ILE IA 143 -16.30 23.91 -50.57
N LYS IA 144 -15.95 23.54 -51.79
CA LYS IA 144 -16.02 22.15 -52.20
C LYS IA 144 -14.84 21.37 -51.66
N SER IA 145 -15.05 20.07 -51.43
CA SER IA 145 -14.00 19.24 -50.85
C SER IA 145 -12.86 19.01 -51.84
N GLN IA 146 -13.19 18.66 -53.08
CA GLN IA 146 -12.21 18.21 -54.05
C GLN IA 146 -11.88 19.32 -55.04
N GLU IA 147 -10.88 19.05 -55.86
CA GLU IA 147 -10.27 20.04 -56.74
C GLU IA 147 -10.67 19.81 -58.20
N TYR IA 148 -11.91 19.39 -58.43
CA TYR IA 148 -12.43 19.11 -59.75
C TYR IA 148 -13.63 20.02 -60.04
N GLY IA 149 -13.79 20.38 -61.31
CA GLY IA 149 -14.89 21.24 -61.71
C GLY IA 149 -16.25 20.64 -61.45
N ASN IA 150 -16.96 21.20 -60.47
CA ASN IA 150 -18.27 20.71 -60.06
C ASN IA 150 -19.31 21.80 -60.24
N ILE IA 151 -20.46 21.44 -60.78
CA ILE IA 151 -21.54 22.37 -61.04
C ILE IA 151 -22.77 21.92 -60.25
N PRO IA 152 -22.99 22.48 -59.06
CA PRO IA 152 -24.20 22.15 -58.31
C PRO IA 152 -25.45 22.56 -59.07
N LEU IA 153 -26.49 21.74 -58.97
CA LEU IA 153 -27.76 22.04 -59.58
C LEU IA 153 -28.43 23.20 -58.84
N PRO IA 154 -29.30 23.97 -59.51
CA PRO IA 154 -29.85 25.18 -58.89
C PRO IA 154 -31.02 24.90 -57.97
N VAL IA 155 -31.19 23.65 -57.54
CA VAL IA 155 -32.27 23.25 -56.65
C VAL IA 155 -31.68 22.86 -55.30
N GLY IA 156 -32.36 23.27 -54.22
CA GLY IA 156 -31.97 22.80 -52.90
C GLY IA 156 -32.17 21.30 -52.79
N ASN IA 157 -31.11 20.59 -52.41
CA ASN IA 157 -31.11 19.14 -52.47
C ASN IA 157 -31.06 18.47 -51.10
N LEU IA 158 -30.03 18.75 -50.31
CA LEU IA 158 -29.81 17.98 -49.08
C LEU IA 158 -28.77 18.72 -48.23
N ILE IA 159 -28.51 18.17 -47.04
CA ILE IA 159 -27.52 18.69 -46.12
C ILE IA 159 -26.76 17.51 -45.55
N ILE IA 160 -25.47 17.71 -45.29
CA ILE IA 160 -24.65 16.66 -44.69
C ILE IA 160 -24.62 16.88 -43.18
N ILE IA 161 -24.02 17.97 -42.73
CA ILE IA 161 -23.84 18.21 -41.31
C ILE IA 161 -24.81 19.30 -40.87
N ASP IA 162 -25.61 19.00 -39.85
CA ASP IA 162 -26.68 19.88 -39.40
C ASP IA 162 -26.79 19.78 -37.88
N GLY IA 163 -27.88 20.33 -37.34
CA GLY IA 163 -28.15 20.24 -35.92
C GLY IA 163 -29.62 20.02 -35.63
N THR IA 164 -30.33 19.41 -36.59
CA THR IA 164 -31.73 19.01 -36.48
C THR IA 164 -32.63 20.24 -36.55
N ILE IA 165 -32.04 21.43 -36.51
CA ILE IA 165 -32.78 22.68 -36.64
C ILE IA 165 -32.58 23.30 -38.01
N GLY IA 166 -31.38 23.19 -38.58
CA GLY IA 166 -31.12 23.67 -39.92
C GLY IA 166 -31.78 22.82 -40.97
N TRP IA 167 -32.75 23.38 -41.70
CA TRP IA 167 -33.53 22.58 -42.63
C TRP IA 167 -32.75 22.26 -43.89
N SER IA 168 -32.35 23.29 -44.65
CA SER IA 168 -31.65 22.99 -45.89
C SER IA 168 -30.91 24.20 -46.40
N GLY IA 169 -29.77 23.95 -47.04
CA GLY IA 169 -29.07 24.97 -47.78
C GLY IA 169 -29.63 25.11 -49.18
N ALA IA 170 -30.36 26.19 -49.43
CA ALA IA 170 -31.01 26.41 -50.71
C ALA IA 170 -30.04 27.03 -51.70
N LYS IA 171 -30.11 26.57 -52.94
CA LYS IA 171 -29.26 27.09 -54.03
C LYS IA 171 -30.12 27.96 -54.92
N VAL IA 172 -29.83 29.26 -54.94
CA VAL IA 172 -30.64 30.22 -55.69
C VAL IA 172 -29.77 30.96 -56.69
N ILE IA 173 -30.38 31.91 -57.42
CA ILE IA 173 -29.66 32.66 -58.44
C ILE IA 173 -28.57 33.54 -57.82
N ALA IA 174 -28.69 33.88 -56.54
CA ALA IA 174 -27.69 34.70 -55.87
C ALA IA 174 -26.35 33.98 -55.69
N SER IA 175 -26.30 32.68 -55.95
CA SER IA 175 -25.08 31.90 -55.73
C SER IA 175 -24.02 32.24 -56.78
N THR IA 176 -22.79 31.82 -56.49
CA THR IA 176 -21.64 32.00 -57.37
C THR IA 176 -20.95 30.67 -57.62
N ARG IA 177 -19.95 30.69 -58.50
CA ARG IA 177 -19.23 29.47 -58.89
C ARG IA 177 -17.99 29.86 -59.67
N VAL IA 178 -16.93 29.04 -59.53
CA VAL IA 178 -15.65 29.25 -60.21
C VAL IA 178 -15.13 27.88 -60.65
N ASP IA 179 -14.00 27.87 -61.40
CA ASP IA 179 -13.34 26.69 -61.97
C ASP IA 179 -12.22 26.18 -61.08
N PRO IA 180 -12.28 24.94 -60.63
CA PRO IA 180 -11.05 24.22 -60.24
C PRO IA 180 -10.45 23.39 -61.37
N GLY IA 181 -9.15 23.58 -61.67
CA GLY IA 181 -8.40 22.64 -62.48
C GLY IA 181 -7.72 21.60 -61.61
N SER IA 182 -6.99 20.67 -62.24
CA SER IA 182 -6.33 19.60 -61.48
C SER IA 182 -5.10 19.05 -62.23
N ARG IA 183 -3.92 19.52 -61.83
CA ARG IA 183 -2.57 19.12 -62.27
C ARG IA 183 -2.42 18.87 -63.76
N GLN IA 184 -1.29 18.29 -64.16
CA GLN IA 184 -1.09 17.81 -65.55
C GLN IA 184 -0.27 16.54 -65.49
N MET IA 185 -8.66 19.47 -65.23
CA MET IA 185 -7.69 18.43 -64.93
C MET IA 185 -6.95 18.12 -66.23
N SER IA 186 -5.72 17.60 -66.11
CA SER IA 186 -4.96 17.16 -67.27
C SER IA 186 -4.02 16.05 -66.84
N ASP IA 187 -4.02 14.96 -67.57
CA ASP IA 187 -2.88 14.06 -67.49
C ASP IA 187 -2.39 13.63 -68.86
N ALA IA 188 -3.32 13.39 -69.79
CA ALA IA 188 -3.01 13.16 -71.18
C ALA IA 188 -3.78 14.09 -72.11
N GLU IA 189 -4.80 14.77 -71.59
CA GLU IA 189 -5.49 15.80 -72.35
C GLU IA 189 -4.71 17.11 -72.39
N LEU IA 190 -3.68 17.25 -71.56
CA LEU IA 190 -2.74 18.34 -71.77
C LEU IA 190 -1.99 18.17 -73.08
N LYS IA 191 -1.67 16.93 -73.45
CA LYS IA 191 -1.06 16.71 -74.75
C LYS IA 191 -1.98 17.19 -75.87
N ASN IA 192 -3.29 17.06 -75.69
CA ASN IA 192 -4.24 17.59 -76.66
C ASN IA 192 -4.30 19.11 -76.60
N ALA IA 193 -4.39 19.67 -75.40
CA ALA IA 193 -4.58 21.11 -75.24
C ALA IA 193 -3.34 21.90 -75.61
N ARG IA 194 -2.17 21.27 -75.60
CA ARG IA 194 -0.93 21.99 -75.92
C ARG IA 194 -0.91 22.43 -77.38
N VAL IA 195 -1.29 21.55 -78.29
CA VAL IA 195 -1.25 21.90 -79.71
C VAL IA 195 -2.24 23.02 -80.01
N ASN IA 196 -3.34 23.10 -79.27
CA ASN IA 196 -4.24 24.24 -79.40
C ASN IA 196 -3.65 25.49 -78.78
N ARG IA 197 -3.11 25.38 -77.58
CA ARG IA 197 -2.50 26.50 -76.88
C ARG IA 197 -1.01 26.58 -77.18
N LEU IA 198 -0.65 26.45 -78.45
CA LEU IA 198 0.72 26.56 -78.90
C LEU IA 198 1.16 28.00 -79.15
N ALA IA 199 0.26 28.96 -79.04
CA ALA IA 199 0.57 30.36 -79.30
C ALA IA 199 -0.06 31.26 -78.26
N ILE IA 200 0.01 30.86 -76.99
CA ILE IA 200 -0.50 31.71 -75.92
C ILE IA 200 0.29 33.01 -75.86
N GLN IA 201 1.61 32.92 -75.98
CA GLN IA 201 2.46 34.11 -75.88
C GLN IA 201 2.23 35.08 -77.02
N GLY IA 202 1.83 34.59 -78.19
CA GLY IA 202 1.54 35.48 -79.30
C GLY IA 202 0.22 36.21 -79.12
N ARG IA 203 0.07 37.29 -79.90
CA ARG IA 203 -1.12 38.12 -79.84
C ARG IA 203 -1.52 38.51 -81.26
N ASN IA 204 -2.77 38.94 -81.39
CA ASN IA 204 -3.30 39.45 -82.66
C ASN IA 204 -3.16 38.40 -83.76
N SER IA 205 -3.82 37.27 -83.56
CA SER IA 205 -3.82 36.19 -84.54
C SER IA 205 -4.97 35.25 -84.22
N THR IA 206 -5.38 34.45 -85.21
CA THR IA 206 -6.38 33.43 -84.94
C THR IA 206 -5.87 32.41 -83.93
N MET IA 207 -4.64 31.94 -84.12
CA MET IA 207 -4.03 31.02 -83.16
C MET IA 207 -3.88 31.69 -81.80
N ALA IA 208 -3.51 32.96 -81.79
CA ALA IA 208 -3.33 33.68 -80.53
C ALA IA 208 -4.64 33.80 -79.77
N ILE IA 209 -5.72 34.19 -80.46
CA ILE IA 209 -7.01 34.31 -79.77
C ILE IA 209 -7.46 32.94 -79.28
N LYS IA 210 -7.29 31.90 -80.10
CA LYS IA 210 -7.71 30.58 -79.69
C LYS IA 210 -6.98 30.14 -78.43
N ALA IA 211 -5.65 30.29 -78.41
CA ALA IA 211 -4.86 29.86 -77.27
C ALA IA 211 -5.17 30.68 -76.03
N TYR IA 212 -5.26 32.01 -76.17
CA TYR IA 212 -5.49 32.85 -75.02
C TYR IA 212 -6.86 32.60 -74.42
N VAL IA 213 -7.90 32.50 -75.26
CA VAL IA 213 -9.22 32.23 -74.72
C VAL IA 213 -9.31 30.81 -74.19
N SER IA 214 -8.51 29.88 -74.71
CA SER IA 214 -8.46 28.54 -74.16
C SER IA 214 -7.86 28.54 -72.76
N ALA IA 215 -6.89 29.43 -72.52
CA ALA IA 215 -6.31 29.54 -71.19
C ALA IA 215 -7.32 30.01 -70.15
N VAL IA 216 -8.43 30.58 -70.58
CA VAL IA 216 -9.48 31.04 -69.66
C VAL IA 216 -10.13 29.83 -69.00
N PRO IA 217 -10.56 29.92 -67.74
CA PRO IA 217 -11.30 28.80 -67.14
C PRO IA 217 -12.62 28.54 -67.84
N ASN IA 218 -13.07 27.28 -67.75
CA ASN IA 218 -14.35 26.72 -68.18
C ASN IA 218 -14.45 26.51 -69.69
N VAL IA 219 -13.50 26.97 -70.49
CA VAL IA 219 -13.61 26.79 -71.93
C VAL IA 219 -13.06 25.39 -72.27
N THR IA 220 -13.98 24.44 -72.44
CA THR IA 220 -13.57 23.10 -72.87
C THR IA 220 -12.98 23.15 -74.28
N SER IA 221 -13.58 23.96 -75.15
CA SER IA 221 -13.08 24.12 -76.51
C SER IA 221 -13.49 25.49 -77.02
N VAL IA 222 -12.83 25.91 -78.10
CA VAL IA 222 -13.13 27.18 -78.75
C VAL IA 222 -12.88 27.04 -80.24
N ASN IA 223 -13.79 27.61 -81.03
CA ASN IA 223 -13.65 27.67 -82.48
C ASN IA 223 -13.57 29.13 -82.91
N VAL IA 224 -12.53 29.47 -83.66
CA VAL IA 224 -12.35 30.82 -84.16
C VAL IA 224 -12.17 30.76 -85.67
N ILE IA 225 -12.90 31.62 -86.38
CA ILE IA 225 -12.77 31.79 -87.82
C ILE IA 225 -12.31 33.21 -88.08
N GLU IA 226 -11.19 33.35 -88.77
CA GLU IA 226 -10.63 34.68 -89.04
C GLU IA 226 -11.43 35.42 -90.10
N ASN IA 227 -12.07 34.69 -91.01
CA ASN IA 227 -12.92 35.28 -92.06
C ASN IA 227 -12.14 36.35 -92.83
N ASN IA 228 -11.15 35.88 -93.58
CA ASN IA 228 -10.14 36.79 -94.11
C ASN IA 228 -10.44 37.23 -95.55
N THR IA 229 -10.94 36.35 -96.41
CA THR IA 229 -11.37 36.75 -97.76
C THR IA 229 -12.76 37.38 -97.73
N GLY IA 230 -12.90 38.44 -96.96
CA GLY IA 230 -14.20 39.05 -96.79
C GLY IA 230 -14.82 39.66 -98.03
N ALA IA 231 -15.82 38.97 -98.55
CA ALA IA 231 -16.77 39.46 -99.53
C ALA IA 231 -18.17 39.09 -99.08
N VAL IA 232 -18.42 39.30 -97.78
CA VAL IA 232 -19.54 38.73 -97.05
C VAL IA 232 -19.42 37.21 -97.15
N GLN IA 233 -20.19 36.59 -98.04
CA GLN IA 233 -20.14 35.16 -98.35
C GLN IA 233 -20.13 34.27 -97.11
N VAL IA 234 -19.70 33.02 -97.27
CA VAL IA 234 -19.53 32.10 -96.17
C VAL IA 234 -18.23 31.35 -96.36
N VAL IA 235 -17.44 31.23 -95.29
CA VAL IA 235 -16.14 30.58 -95.34
C VAL IA 235 -16.03 29.66 -94.13
N ASN IA 236 -15.73 28.38 -94.39
CA ASN IA 236 -15.52 27.38 -93.34
C ASN IA 236 -16.71 27.29 -92.40
N GLY IA 237 -17.91 27.48 -92.93
CA GLY IA 237 -19.11 27.50 -92.12
C GLY IA 237 -19.33 28.83 -91.44
N VAL IA 238 -20.55 29.01 -90.94
CA VAL IA 238 -20.98 30.23 -90.26
C VAL IA 238 -20.97 31.40 -91.23
N SER IA 239 -22.15 31.89 -91.58
CA SER IA 239 -22.27 33.02 -92.49
C SER IA 239 -21.70 34.28 -91.83
N PHE IA 240 -21.43 35.29 -92.67
CA PHE IA 240 -20.52 36.38 -92.32
C PHE IA 240 -21.23 37.71 -92.63
N THR IA 241 -21.87 38.30 -91.61
CA THR IA 241 -22.57 39.56 -91.80
C THR IA 241 -21.61 40.66 -92.26
N LEU IA 242 -20.53 40.84 -91.53
CA LEU IA 242 -19.54 41.79 -92.01
C LEU IA 242 -18.51 41.08 -92.87
N PRO IA 243 -17.93 41.79 -93.84
CA PRO IA 243 -16.91 41.15 -94.68
C PRO IA 243 -15.73 40.71 -93.83
N TYR IA 244 -15.24 41.62 -93.00
CA TYR IA 244 -14.00 41.42 -92.28
C TYR IA 244 -14.31 41.40 -90.79
N ALA IA 245 -14.32 40.20 -90.20
CA ALA IA 245 -14.72 40.04 -88.82
C ALA IA 245 -14.39 38.64 -88.37
N VAL IA 246 -14.01 38.52 -87.10
CA VAL IA 246 -13.59 37.25 -86.52
C VAL IA 246 -14.76 36.65 -85.75
N TRP IA 247 -15.07 35.38 -86.02
CA TRP IA 247 -16.16 34.68 -85.35
C TRP IA 247 -15.59 33.76 -84.28
N VAL IA 248 -16.11 33.88 -83.06
CA VAL IA 248 -15.60 33.15 -81.91
C VAL IA 248 -16.74 32.41 -81.23
N CYS IA 249 -16.54 31.13 -80.93
CA CYS IA 249 -17.50 30.32 -80.20
C CYS IA 249 -16.76 29.56 -79.10
N VAL IA 250 -17.21 29.72 -77.86
CA VAL IA 250 -16.54 29.12 -76.70
C VAL IA 250 -17.53 28.19 -76.00
N ALA IA 251 -17.06 26.97 -75.71
CA ALA IA 251 -17.88 26.01 -74.98
C ALA IA 251 -17.75 26.25 -73.48
N GLY IA 252 -18.35 25.39 -72.67
CA GLY IA 252 -18.26 25.51 -71.23
C GLY IA 252 -19.10 26.66 -70.68
N ASN IA 253 -18.84 26.97 -69.41
CA ASN IA 253 -19.57 27.99 -68.68
C ASN IA 253 -18.59 28.94 -67.98
N PRO IA 254 -17.87 29.75 -68.74
CA PRO IA 254 -16.93 30.70 -68.14
C PRO IA 254 -17.61 32.00 -67.73
N ASP IA 255 -16.87 32.79 -66.95
CA ASP IA 255 -17.37 34.10 -66.58
C ASP IA 255 -17.27 35.04 -67.78
N LYS IA 256 -18.39 35.69 -68.09
CA LYS IA 256 -18.46 36.56 -69.26
C LYS IA 256 -17.38 37.62 -69.21
N GLN IA 257 -17.17 38.23 -68.04
CA GLN IA 257 -16.16 39.28 -67.92
C GLN IA 257 -14.78 38.75 -68.26
N ALA IA 258 -14.41 37.59 -67.72
CA ALA IA 258 -13.07 37.05 -67.95
C ALA IA 258 -12.85 36.69 -69.41
N VAL IA 259 -13.81 35.96 -70.01
CA VAL IA 259 -13.63 35.55 -71.40
C VAL IA 259 -13.64 36.78 -72.31
N ALA IA 260 -14.47 37.78 -72.02
CA ALA IA 260 -14.49 38.99 -72.82
C ALA IA 260 -13.19 39.77 -72.71
N ASP IA 261 -12.62 39.85 -71.51
CA ASP IA 261 -11.34 40.53 -71.36
C ASP IA 261 -10.24 39.81 -72.11
N ALA IA 262 -10.24 38.48 -72.09
CA ALA IA 262 -9.25 37.74 -72.87
C ALA IA 262 -9.42 37.97 -74.37
N LEU IA 263 -10.67 37.96 -74.84
CA LEU IA 263 -10.93 38.20 -76.25
C LEU IA 263 -10.50 39.61 -76.67
N TRP IA 264 -10.73 40.59 -75.80
CA TRP IA 264 -10.27 41.94 -76.09
C TRP IA 264 -8.75 42.05 -76.03
N ALA IA 265 -8.12 41.30 -75.13
CA ALA IA 265 -6.66 41.31 -75.07
C ALA IA 265 -6.05 40.78 -76.36
N ALA IA 266 -6.64 39.73 -76.91
CA ALA IA 266 -6.24 39.24 -78.24
C ALA IA 266 -7.19 39.82 -79.30
N HIS IA 267 -7.04 41.13 -79.54
CA HIS IA 267 -8.03 41.87 -80.30
C HIS IA 267 -7.78 41.91 -81.80
N ASN IA 268 -6.55 41.60 -82.25
CA ASN IA 268 -6.23 41.53 -83.67
C ASN IA 268 -6.30 42.90 -84.36
N GLY IA 269 -6.10 43.96 -83.63
CA GLY IA 269 -6.12 45.30 -84.23
C GLY IA 269 -7.55 45.79 -84.49
N GLY IA 270 -7.88 45.99 -85.75
CA GLY IA 270 -9.16 46.58 -86.11
C GLY IA 270 -10.09 45.66 -86.87
N THR IA 271 -10.16 44.40 -86.46
CA THR IA 271 -11.08 43.45 -87.08
C THR IA 271 -12.30 43.28 -86.20
N PRO IA 272 -13.49 43.64 -86.66
CA PRO IA 272 -14.69 43.55 -85.83
C PRO IA 272 -15.06 42.12 -85.46
N TRP IA 273 -16.14 41.96 -84.69
CA TRP IA 273 -16.62 40.66 -84.26
C TRP IA 273 -17.97 40.39 -84.92
N ASP IA 274 -18.09 39.23 -85.56
CA ASP IA 274 -19.34 38.80 -86.18
C ASP IA 274 -19.86 37.58 -85.45
N TYR IA 275 -21.12 37.65 -85.02
CA TYR IA 275 -21.76 36.56 -84.31
C TYR IA 275 -23.21 36.37 -84.73
N GLY IA 276 -23.64 37.00 -85.81
CA GLY IA 276 -25.04 36.99 -86.20
C GLY IA 276 -25.46 35.75 -86.95
N ALA IA 277 -26.15 35.95 -88.08
CA ALA IA 277 -26.71 34.86 -88.89
C ALA IA 277 -27.70 34.03 -88.10
N THR IA 278 -28.31 34.61 -87.06
CA THR IA 278 -29.35 33.98 -86.26
C THR IA 278 -28.90 32.65 -85.68
N ASN IA 279 -29.22 31.55 -86.37
CA ASN IA 279 -29.00 30.22 -85.82
C ASN IA 279 -27.53 29.89 -85.62
N ASN IA 280 -26.61 30.67 -86.20
CA ASN IA 280 -25.20 30.38 -86.05
C ASN IA 280 -24.74 30.67 -84.62
N GLY IA 281 -24.75 29.65 -83.77
CA GLY IA 281 -24.39 29.81 -82.38
C GLY IA 281 -25.53 30.41 -81.57
N VAL IA 282 -25.22 30.67 -80.30
CA VAL IA 282 -26.16 31.32 -79.39
C VAL IA 282 -25.53 32.61 -78.90
N PRO IA 283 -26.03 33.78 -79.31
CA PRO IA 283 -25.44 35.04 -78.87
C PRO IA 283 -25.45 35.17 -77.36
N VAL IA 284 -24.34 35.67 -76.81
CA VAL IA 284 -24.20 35.78 -75.35
C VAL IA 284 -25.10 36.87 -74.81
N ASP IA 285 -25.22 38.00 -75.52
CA ASP IA 285 -25.98 39.14 -75.04
C ASP IA 285 -26.91 39.69 -76.11
N GLY IA 286 -27.19 38.91 -77.16
CA GLY IA 286 -27.93 39.42 -78.29
C GLY IA 286 -27.21 40.59 -78.91
N PRO IA 287 -27.96 41.62 -79.31
CA PRO IA 287 -27.32 42.85 -79.76
C PRO IA 287 -26.59 43.53 -78.60
N ASN IA 288 -25.55 44.30 -78.95
CA ASN IA 288 -24.80 45.11 -77.99
C ASN IA 288 -24.20 44.24 -76.88
N GLY IA 289 -23.22 43.43 -77.29
CA GLY IA 289 -22.55 42.51 -76.39
C GLY IA 289 -21.79 43.16 -75.24
N VAL IA 290 -20.91 42.38 -74.61
CA VAL IA 290 -20.27 42.81 -73.36
C VAL IA 290 -19.41 44.04 -73.61
N PRO IA 291 -19.55 45.10 -72.80
CA PRO IA 291 -18.76 46.33 -73.04
C PRO IA 291 -17.26 46.18 -72.83
N VAL IA 292 -16.85 45.75 -71.63
CA VAL IA 292 -15.47 45.70 -71.14
C VAL IA 292 -14.74 47.03 -71.32
N ARG IA 293 -13.54 47.13 -70.76
CA ARG IA 293 -12.78 48.38 -70.75
C ARG IA 293 -11.39 48.12 -71.31
N ASP IA 294 -10.96 48.99 -72.23
CA ASP IA 294 -9.64 48.87 -72.82
C ASP IA 294 -8.56 49.18 -71.78
N PRO IA 295 -7.54 48.33 -71.63
CA PRO IA 295 -6.44 48.68 -70.71
C PRO IA 295 -5.78 50.01 -71.03
N ALA IA 296 -5.61 50.33 -72.32
CA ALA IA 296 -5.22 51.67 -72.72
C ALA IA 296 -6.40 52.58 -72.44
N SER IA 297 -6.28 53.43 -71.41
CA SER IA 297 -7.45 54.05 -70.83
C SER IA 297 -8.13 55.00 -71.81
N GLY IA 298 -9.22 54.52 -72.40
CA GLY IA 298 -9.96 55.22 -73.42
C GLY IA 298 -11.09 54.36 -73.96
N ARG IA 299 -12.28 54.95 -74.07
CA ARG IA 299 -13.44 54.29 -74.66
C ARG IA 299 -13.92 53.05 -73.91
N LYS IA 300 -15.10 52.57 -74.29
CA LYS IA 300 -15.62 51.28 -73.86
C LYS IA 300 -16.07 50.55 -75.12
N TYR IA 301 -15.28 49.57 -75.53
CA TYR IA 301 -15.53 48.91 -76.80
C TYR IA 301 -16.66 47.90 -76.63
N VAL IA 302 -16.81 46.98 -77.57
CA VAL IA 302 -17.79 45.91 -77.47
C VAL IA 302 -17.16 44.65 -78.08
N VAL IA 303 -17.19 43.56 -77.33
CA VAL IA 303 -16.66 42.27 -77.78
C VAL IA 303 -17.83 41.34 -77.99
N LYS IA 304 -17.90 40.72 -79.17
CA LYS IA 304 -19.01 39.87 -79.55
C LYS IA 304 -18.51 38.45 -79.80
N TRP IA 305 -19.18 37.47 -79.19
CA TRP IA 305 -18.94 36.07 -79.47
C TRP IA 305 -20.21 35.30 -79.17
N THR IA 306 -20.19 34.00 -79.44
CA THR IA 306 -21.37 33.18 -79.29
C THR IA 306 -21.01 31.88 -78.56
N THR IA 307 -22.02 31.22 -78.04
CA THR IA 307 -22.07 29.94 -77.34
C THR IA 307 -22.66 28.88 -78.27
N PRO IA 308 -22.04 27.70 -78.38
CA PRO IA 308 -22.47 26.73 -79.39
C PRO IA 308 -23.84 26.16 -79.09
N ILE IA 309 -24.41 25.51 -80.11
CA ILE IA 309 -25.70 24.86 -80.00
C ILE IA 309 -25.52 23.54 -79.27
N MET IA 310 -26.25 23.37 -78.17
CA MET IA 310 -26.15 22.13 -77.41
C MET IA 310 -26.84 20.99 -78.14
N TYR IA 311 -26.19 19.83 -78.17
CA TYR IA 311 -26.74 18.63 -78.77
C TYR IA 311 -26.61 17.48 -77.78
N ASP IA 312 -27.62 16.61 -77.77
CA ASP IA 312 -27.63 15.42 -76.93
C ASP IA 312 -27.31 14.22 -77.81
N GLY IA 313 -26.21 13.54 -77.50
CA GLY IA 313 -25.78 12.41 -78.29
C GLY IA 313 -26.24 11.09 -77.72
N TYR IA 314 -26.30 10.09 -78.59
CA TYR IA 314 -26.66 8.73 -78.22
C TYR IA 314 -25.69 7.76 -78.89
N VAL IA 315 -25.50 6.60 -78.27
CA VAL IA 315 -24.62 5.57 -78.81
C VAL IA 315 -25.27 4.22 -78.56
N ASN IA 316 -25.72 3.56 -79.63
CA ASN IA 316 -26.24 2.21 -79.56
C ASN IA 316 -25.15 1.26 -80.04
N VAL IA 317 -24.63 0.45 -79.11
CA VAL IA 317 -23.54 -0.47 -79.39
C VAL IA 317 -24.08 -1.89 -79.31
N THR IA 318 -23.44 -2.80 -80.04
CA THR IA 318 -23.70 -4.23 -79.95
C THR IA 318 -22.36 -4.94 -79.82
N VAL IA 319 -22.21 -5.73 -78.77
CA VAL IA 319 -20.93 -6.39 -78.48
C VAL IA 319 -21.16 -7.87 -78.25
N GLN IA 320 -20.09 -8.64 -78.50
CA GLN IA 320 -20.13 -10.10 -78.42
C GLN IA 320 -19.60 -10.66 -77.11
N GLN IA 321 -18.77 -9.90 -76.38
CA GLN IA 321 -18.19 -10.34 -75.11
C GLN IA 321 -17.40 -11.64 -75.30
N GLY IA 322 -16.32 -11.52 -76.10
CA GLY IA 322 -15.49 -12.67 -76.40
C GLY IA 322 -14.39 -12.88 -75.37
N SER IA 323 -13.65 -13.97 -75.57
CA SER IA 323 -12.48 -14.33 -74.77
C SER IA 323 -12.81 -14.53 -73.29
N SER IA 324 -14.09 -14.73 -72.97
CA SER IA 324 -14.54 -14.98 -71.60
C SER IA 324 -14.07 -13.87 -70.65
N SER IA 325 -14.37 -12.63 -71.05
CA SER IA 325 -14.00 -11.44 -70.27
C SER IA 325 -15.27 -10.71 -69.89
N VAL IA 326 -15.55 -10.61 -68.59
CA VAL IA 326 -16.77 -9.96 -68.13
C VAL IA 326 -16.63 -8.45 -68.28
N ALA IA 327 -17.63 -7.83 -68.90
CA ALA IA 327 -17.62 -6.38 -69.11
C ALA IA 327 -19.06 -5.91 -69.24
N PRO IA 328 -19.77 -5.76 -68.12
CA PRO IA 328 -21.18 -5.36 -68.19
C PRO IA 328 -21.39 -3.92 -68.61
N GLU IA 329 -20.74 -2.97 -67.93
CA GLU IA 329 -21.03 -1.56 -68.19
C GLU IA 329 -19.77 -0.69 -68.16
N ALA IA 330 -18.64 -1.21 -68.58
CA ALA IA 330 -17.47 -0.37 -68.78
C ALA IA 330 -17.49 0.35 -70.12
N ILE IA 331 -18.37 -0.08 -71.03
CA ILE IA 331 -18.41 0.50 -72.37
C ILE IA 331 -18.85 1.96 -72.32
N GLN IA 332 -19.91 2.25 -71.56
CA GLN IA 332 -20.39 3.62 -71.48
C GLN IA 332 -19.40 4.53 -70.76
N ASN IA 333 -18.69 3.99 -69.78
CA ASN IA 333 -17.64 4.77 -69.13
C ASN IA 333 -16.53 5.12 -70.13
N ALA IA 334 -16.13 4.14 -70.95
CA ALA IA 334 -15.14 4.43 -71.99
C ALA IA 334 -15.64 5.48 -72.96
N VAL IA 335 -16.90 5.37 -73.39
CA VAL IA 335 -17.46 6.30 -74.35
C VAL IA 335 -17.50 7.71 -73.77
N VAL IA 336 -17.96 7.83 -72.52
CA VAL IA 336 -18.05 9.16 -71.92
C VAL IA 336 -16.67 9.74 -71.66
N ASN IA 337 -15.68 8.90 -71.34
CA ASN IA 337 -14.32 9.40 -71.21
C ASN IA 337 -13.82 9.96 -72.53
N TYR IA 338 -14.01 9.22 -73.62
CA TYR IA 338 -13.58 9.72 -74.92
C TYR IA 338 -14.30 11.00 -75.28
N ALA IA 339 -15.61 11.06 -75.05
CA ALA IA 339 -16.38 12.26 -75.36
C ALA IA 339 -15.90 13.46 -74.56
N GLN IA 340 -15.62 13.25 -73.27
CA GLN IA 340 -15.08 14.31 -72.43
C GLN IA 340 -13.65 14.67 -72.80
N GLY IA 341 -12.96 13.85 -73.59
CA GLY IA 341 -11.63 14.18 -74.04
C GLY IA 341 -10.53 13.82 -73.07
N LYS IA 342 -10.75 12.81 -72.23
CA LYS IA 342 -9.76 12.39 -71.25
C LYS IA 342 -8.78 11.37 -71.80
N VAL IA 343 -8.86 11.06 -73.09
CA VAL IA 343 -7.96 10.10 -73.71
C VAL IA 343 -6.86 10.87 -74.44
N GLU IA 344 -5.73 10.22 -74.64
CA GLU IA 344 -4.55 10.87 -75.21
C GLU IA 344 -4.61 10.86 -76.72
N GLY IA 345 -4.36 12.03 -77.31
CA GLY IA 345 -4.23 12.17 -78.74
C GLY IA 345 -5.52 12.44 -79.48
N GLU IA 346 -6.65 11.98 -78.98
CA GLU IA 346 -7.94 12.08 -79.67
C GLU IA 346 -8.90 12.90 -78.83
N GLU IA 347 -8.92 14.21 -79.07
CA GLU IA 347 -9.89 15.06 -78.40
C GLU IA 347 -11.30 14.65 -78.76
N GLY IA 348 -12.18 14.64 -77.76
CA GLY IA 348 -13.53 14.14 -77.97
C GLY IA 348 -14.48 15.14 -78.58
N LEU IA 349 -15.67 15.25 -78.00
CA LEU IA 349 -16.71 16.12 -78.53
C LEU IA 349 -16.36 17.57 -78.19
N VAL IA 350 -15.73 18.24 -79.15
CA VAL IA 350 -15.38 19.64 -79.01
C VAL IA 350 -16.35 20.46 -79.84
N VAL IA 351 -16.25 21.79 -79.73
CA VAL IA 351 -17.20 22.68 -80.38
C VAL IA 351 -17.20 22.48 -81.89
N GLY IA 352 -16.09 22.04 -82.46
CA GLY IA 352 -16.04 21.76 -83.88
C GLY IA 352 -16.13 20.30 -84.26
N ALA IA 353 -16.22 19.39 -83.29
CA ALA IA 353 -16.13 17.97 -83.55
C ALA IA 353 -17.41 17.44 -84.19
N SER IA 354 -17.33 16.20 -84.65
CA SER IA 354 -18.46 15.48 -85.21
C SER IA 354 -18.56 14.12 -84.52
N LEU IA 355 -19.78 13.69 -84.23
CA LEU IA 355 -20.01 12.42 -83.56
C LEU IA 355 -19.90 11.30 -84.58
N SER IA 356 -18.84 10.49 -84.47
CA SER IA 356 -18.54 9.45 -85.45
C SER IA 356 -18.67 8.08 -84.82
N ALA IA 357 -19.44 7.20 -85.47
CA ALA IA 357 -19.61 5.84 -84.97
C ALA IA 357 -18.28 5.10 -84.94
N PHE IA 358 -17.48 5.26 -85.99
CA PHE IA 358 -16.19 4.58 -86.05
C PHE IA 358 -15.24 5.10 -84.98
N GLU IA 359 -15.28 6.41 -84.69
CA GLU IA 359 -14.46 6.95 -83.62
C GLU IA 359 -14.89 6.44 -82.25
N VAL IA 360 -16.21 6.36 -82.01
CA VAL IA 360 -16.68 5.82 -80.74
C VAL IA 360 -16.26 4.37 -80.59
N ALA IA 361 -16.40 3.57 -81.65
CA ALA IA 361 -15.96 2.18 -81.61
C ALA IA 361 -14.46 2.09 -81.38
N GLY IA 362 -13.69 3.01 -81.97
CA GLY IA 362 -12.27 3.03 -81.74
C GLY IA 362 -11.92 3.32 -80.28
N ALA IA 363 -12.61 4.27 -79.67
CA ALA IA 363 -12.39 4.56 -78.26
C ALA IA 363 -12.74 3.35 -77.40
N ILE IA 364 -13.85 2.68 -77.71
CA ILE IA 364 -14.24 1.50 -76.94
C ILE IA 364 -13.18 0.41 -77.06
N ALA IA 365 -12.71 0.15 -78.29
CA ALA IA 365 -11.70 -0.88 -78.50
C ALA IA 365 -10.39 -0.52 -77.80
N ARG IA 366 -10.03 0.77 -77.82
CA ARG IA 366 -8.84 1.21 -77.09
C ARG IA 366 -8.97 0.92 -75.61
N GLU IA 367 -10.10 1.30 -75.01
CA GLU IA 367 -10.25 1.16 -73.56
C GLU IA 367 -10.40 -0.29 -73.14
N ILE IA 368 -10.95 -1.14 -74.00
CA ILE IA 368 -11.12 -2.55 -73.66
C ILE IA 368 -11.16 -3.39 -74.94
N PRO IA 369 -10.03 -3.94 -75.37
CA PRO IA 369 -10.06 -4.86 -76.52
C PRO IA 369 -10.57 -6.23 -76.13
N GLY IA 370 -11.03 -6.96 -77.13
CA GLY IA 370 -11.51 -8.31 -76.95
C GLY IA 370 -13.01 -8.47 -76.85
N ILE IA 371 -13.79 -7.42 -77.13
CA ILE IA 371 -15.24 -7.50 -77.08
C ILE IA 371 -15.88 -7.54 -78.46
N TYR IA 372 -15.15 -7.19 -79.52
CA TYR IA 372 -15.60 -7.34 -80.90
C TYR IA 372 -16.90 -6.56 -81.15
N ILE IA 373 -16.76 -5.23 -81.11
CA ILE IA 373 -17.88 -4.34 -81.40
C ILE IA 373 -18.55 -4.73 -82.71
N LYS IA 374 -19.87 -4.79 -82.71
CA LYS IA 374 -20.65 -5.19 -83.89
C LYS IA 374 -21.31 -4.00 -84.58
N LEU IA 375 -22.12 -3.23 -83.86
CA LEU IA 375 -22.76 -2.04 -84.37
C LEU IA 375 -22.56 -0.90 -83.39
N CYS IA 376 -22.34 0.30 -83.90
CA CYS IA 376 -22.03 1.46 -83.06
C CYS IA 376 -22.79 2.70 -83.53
N GLN IA 377 -24.09 2.55 -83.76
CA GLN IA 377 -24.87 3.67 -84.31
C GLN IA 377 -24.90 4.84 -83.33
N VAL IA 378 -24.99 6.06 -83.87
CA VAL IA 378 -24.91 7.23 -83.00
C VAL IA 378 -26.16 8.11 -83.01
N ALA IA 379 -26.50 8.72 -84.15
CA ALA IA 379 -27.57 9.73 -84.21
C ALA IA 379 -27.31 10.87 -83.23
N CYS IA 380 -28.24 11.80 -83.11
CA CYS IA 380 -28.21 12.84 -82.08
C CYS IA 380 -29.54 13.56 -82.09
N VAL IA 381 -29.78 14.36 -81.05
CA VAL IA 381 -30.94 15.21 -80.94
C VAL IA 381 -30.50 16.57 -80.41
N ALA IA 382 -31.47 17.48 -80.27
CA ALA IA 382 -31.19 18.83 -79.79
C ALA IA 382 -30.97 18.79 -78.28
N ALA IA 383 -30.91 19.97 -77.65
CA ALA IA 383 -30.62 20.02 -76.21
C ALA IA 383 -31.67 19.28 -75.40
N GLY IA 384 -32.95 19.48 -75.72
CA GLY IA 384 -34.00 18.71 -75.11
C GLY IA 384 -34.37 17.51 -75.94
N SER IA 385 -35.63 17.43 -76.37
CA SER IA 385 -36.14 16.46 -77.33
C SER IA 385 -36.15 15.04 -76.76
N PRO IA 386 -37.03 14.17 -77.24
CA PRO IA 386 -37.04 12.78 -76.77
C PRO IA 386 -35.94 11.95 -77.40
N ALA IA 387 -35.95 10.65 -77.16
CA ALA IA 387 -34.97 9.76 -77.78
C ALA IA 387 -35.16 9.80 -79.30
N PRO IA 388 -34.07 9.72 -80.07
CA PRO IA 388 -34.18 9.87 -81.53
C PRO IA 388 -34.85 8.71 -82.24
N ALA IA 389 -35.27 7.68 -81.50
CA ALA IA 389 -35.88 6.46 -82.04
C ALA IA 389 -34.85 5.65 -82.82
N PRO IA 390 -34.98 4.31 -82.85
CA PRO IA 390 -33.96 3.50 -83.55
C PRO IA 390 -33.83 3.80 -85.02
N GLY IA 391 -34.84 4.39 -85.65
CA GLY IA 391 -34.74 4.70 -87.07
C GLY IA 391 -33.64 5.71 -87.38
N ASP IA 392 -33.50 6.72 -86.52
CA ASP IA 392 -32.52 7.77 -86.74
C ASP IA 392 -31.09 7.34 -86.45
N PHE IA 393 -30.90 6.16 -85.85
CA PHE IA 393 -29.56 5.70 -85.49
C PHE IA 393 -28.76 5.43 -86.76
N THR IA 394 -27.82 6.32 -87.06
CA THR IA 394 -26.96 6.22 -88.23
C THR IA 394 -25.50 6.10 -87.79
N SER IA 395 -24.59 6.13 -88.75
CA SER IA 395 -23.18 5.96 -88.48
C SER IA 395 -22.42 7.28 -88.34
N GLU IA 396 -23.10 8.41 -88.44
CA GLU IA 396 -22.41 9.69 -88.37
C GLU IA 396 -23.44 10.82 -88.30
N TYR IA 397 -23.07 11.89 -87.62
CA TYR IA 397 -23.80 13.16 -87.67
C TYR IA 397 -22.86 14.26 -88.11
N VAL IA 398 -23.38 15.19 -88.93
CA VAL IA 398 -22.54 16.19 -89.57
C VAL IA 398 -21.88 17.09 -88.54
N MET IA 399 -22.67 17.63 -87.61
CA MET IA 399 -22.16 18.49 -86.54
C MET IA 399 -21.31 19.64 -87.09
N SER IA 400 -22.00 20.55 -87.78
CA SER IA 400 -21.39 21.73 -88.39
C SER IA 400 -20.55 22.52 -87.39
N ALA IA 401 -19.69 23.41 -87.90
CA ALA IA 401 -18.65 24.02 -87.09
C ALA IA 401 -19.20 24.77 -85.88
N PHE IA 402 -20.47 25.18 -85.91
CA PHE IA 402 -21.12 25.75 -84.73
C PHE IA 402 -22.01 24.69 -84.10
N GLY IA 403 -21.92 24.55 -82.79
CA GLY IA 403 -22.63 23.52 -82.06
C GLY IA 403 -21.69 22.74 -81.16
N GLN IA 404 -22.27 21.81 -80.41
CA GLN IA 404 -21.48 20.98 -79.51
C GLN IA 404 -22.30 19.78 -79.11
N ALA IA 405 -21.79 18.58 -79.35
CA ALA IA 405 -22.46 17.37 -78.92
C ALA IA 405 -22.08 17.04 -77.48
N THR IA 406 -22.92 16.22 -76.84
CA THR IA 406 -22.70 15.81 -75.48
C THR IA 406 -23.28 14.42 -75.27
N ILE IA 407 -22.45 13.51 -74.78
CA ILE IA 407 -22.86 12.12 -74.53
C ILE IA 407 -23.07 11.95 -73.04
N SER IA 408 -24.29 11.61 -72.64
CA SER IA 408 -24.60 11.36 -71.25
C SER IA 408 -24.27 9.92 -70.89
N VAL IA 409 -24.22 9.66 -69.58
CA VAL IA 409 -23.90 8.30 -69.11
C VAL IA 409 -25.00 7.32 -69.52
N GLY IA 410 -26.26 7.71 -69.36
CA GLY IA 410 -27.36 6.84 -69.67
C GLY IA 410 -27.76 6.79 -71.13
N ASN IA 411 -27.28 7.72 -71.94
CA ASN IA 411 -27.61 7.71 -73.37
C ASN IA 411 -27.01 6.50 -74.07
N VAL IA 412 -25.80 6.11 -73.69
CA VAL IA 412 -25.14 4.97 -74.30
C VAL IA 412 -25.83 3.69 -73.83
N ARG IA 413 -26.20 2.84 -74.77
CA ARG IA 413 -26.73 1.52 -74.45
C ARG IA 413 -25.96 0.47 -75.22
N VAL IA 414 -25.77 -0.68 -74.58
CA VAL IA 414 -25.00 -1.80 -75.14
C VAL IA 414 -25.91 -3.01 -75.23
N THR IA 415 -25.90 -3.67 -76.38
CA THR IA 415 -26.68 -4.87 -76.63
C THR IA 415 -25.72 -6.05 -76.67
N PHE IA 416 -25.93 -7.01 -75.78
CA PHE IA 416 -25.07 -8.17 -75.69
C PHE IA 416 -25.59 -9.25 -76.62
N VAL IA 417 -24.70 -9.83 -77.43
CA VAL IA 417 -25.09 -10.94 -78.29
C VAL IA 417 -24.42 -12.21 -77.82
N ALA JA 2 10.85 -61.45 -33.16
CA ALA JA 2 11.89 -62.33 -33.66
C ALA JA 2 11.73 -62.57 -35.16
N ASN JA 3 10.57 -62.18 -35.71
CA ASN JA 3 10.32 -62.40 -37.12
C ASN JA 3 9.21 -61.46 -37.58
N TYR JA 4 9.18 -61.24 -38.89
CA TYR JA 4 8.16 -60.44 -39.55
C TYR JA 4 7.36 -61.37 -40.46
N ASN JA 5 6.05 -61.44 -40.22
CA ASN JA 5 5.16 -62.29 -41.00
C ASN JA 5 4.60 -61.48 -42.15
N TYR JA 6 4.84 -61.93 -43.38
CA TYR JA 6 4.38 -61.25 -44.57
C TYR JA 6 3.18 -62.02 -45.12
N ILE JA 7 1.97 -61.55 -44.78
CA ILE JA 7 0.77 -62.15 -45.35
C ILE JA 7 0.75 -61.86 -46.84
N VAL JA 8 0.90 -62.91 -47.65
CA VAL JA 8 1.21 -62.72 -49.08
C VAL JA 8 0.11 -61.92 -49.77
N ASP JA 9 -1.13 -62.38 -49.66
CA ASP JA 9 -2.21 -61.78 -50.42
C ASP JA 9 -3.47 -61.55 -49.61
N THR JA 10 -3.54 -62.03 -48.38
CA THR JA 10 -4.83 -62.10 -47.69
C THR JA 10 -5.01 -60.97 -46.70
N GLY JA 11 -3.96 -60.62 -45.95
CA GLY JA 11 -4.06 -59.61 -44.92
C GLY JA 11 -3.29 -58.36 -45.27
N VAL JA 12 -2.48 -58.45 -46.33
CA VAL JA 12 -1.70 -57.38 -46.96
C VAL JA 12 -0.92 -56.54 -45.95
N ILE JA 13 -0.59 -57.11 -44.80
CA ILE JA 13 0.04 -56.36 -43.73
C ILE JA 13 1.22 -57.14 -43.17
N VAL JA 14 2.30 -56.43 -42.88
CA VAL JA 14 3.44 -57.02 -42.20
C VAL JA 14 3.11 -57.09 -40.71
N ALA JA 15 3.15 -58.28 -40.14
CA ALA JA 15 2.81 -58.51 -38.75
C ALA JA 15 4.08 -58.79 -37.96
N ASP JA 16 4.17 -58.21 -36.77
CA ASP JA 16 5.23 -58.56 -35.84
C ASP JA 16 4.99 -59.95 -35.26
N THR JA 17 6.08 -60.65 -34.92
CA THR JA 17 5.92 -61.92 -34.23
C THR JA 17 6.17 -61.83 -32.73
N ALA JA 18 6.83 -60.78 -32.26
CA ALA JA 18 7.15 -60.59 -30.83
C ALA JA 18 8.01 -61.78 -30.39
N ASP JA 19 7.74 -62.36 -29.22
CA ASP JA 19 8.51 -63.46 -28.62
C ASP JA 19 10.01 -63.24 -28.72
N VAL JA 20 10.44 -61.98 -28.62
CA VAL JA 20 11.85 -61.62 -28.78
C VAL JA 20 12.66 -61.80 -27.51
N LEU JA 21 12.00 -62.09 -26.38
CA LEU JA 21 12.72 -62.24 -25.12
C LEU JA 21 13.68 -63.42 -25.16
N SER JA 22 13.25 -64.53 -25.77
CA SER JA 22 14.13 -65.69 -25.89
C SER JA 22 15.35 -65.36 -26.72
N ASP JA 23 15.17 -64.62 -27.81
CA ASP JA 23 16.31 -64.20 -28.63
C ASP JA 23 17.26 -63.32 -27.83
N VAL JA 24 16.71 -62.37 -27.07
CA VAL JA 24 17.54 -61.48 -26.27
C VAL JA 24 18.37 -62.26 -25.25
N GLU JA 25 17.72 -63.23 -24.59
CA GLU JA 25 18.42 -64.10 -23.65
C GLU JA 25 19.52 -64.89 -24.37
N ALA JA 26 19.23 -65.36 -25.59
CA ALA JA 26 20.22 -66.09 -26.37
C ALA JA 26 21.40 -65.21 -26.73
N GLU JA 27 21.18 -63.91 -26.91
CA GLU JA 27 22.31 -63.01 -27.14
C GLU JA 27 23.14 -62.86 -25.88
N PHE JA 28 22.48 -62.61 -24.74
CA PHE JA 28 23.22 -62.45 -23.50
C PHE JA 28 24.04 -63.70 -23.22
N ARG JA 29 23.46 -64.87 -23.48
CA ARG JA 29 24.20 -66.13 -23.46
C ARG JA 29 25.11 -66.25 -24.68
N ALA JA 30 26.21 -66.97 -24.50
CA ALA JA 30 27.21 -67.25 -25.52
C ALA JA 30 27.95 -65.99 -25.96
N ALA JA 31 27.59 -64.81 -25.44
CA ALA JA 31 28.32 -63.58 -25.66
C ALA JA 31 28.82 -62.98 -24.36
N LEU JA 32 27.94 -62.79 -23.39
CA LEU JA 32 28.36 -62.40 -22.05
C LEU JA 32 28.80 -63.62 -21.23
N GLY JA 33 28.53 -64.81 -21.71
CA GLY JA 33 28.86 -66.03 -21.00
C GLY JA 33 27.87 -67.11 -21.36
N ALA JA 34 28.04 -68.26 -20.70
CA ALA JA 34 27.13 -69.38 -20.87
C ALA JA 34 26.37 -69.75 -19.61
N ASN JA 35 26.83 -69.34 -18.44
CA ASN JA 35 26.20 -69.69 -17.17
C ASN JA 35 25.42 -68.52 -16.57
N ILE JA 36 24.94 -67.59 -17.39
CA ILE JA 36 24.28 -66.42 -16.85
C ILE JA 36 22.98 -66.84 -16.16
N ASN JA 37 22.78 -66.36 -14.94
CA ASN JA 37 21.53 -66.58 -14.22
C ASN JA 37 20.55 -65.49 -14.66
N LEU JA 38 19.90 -65.73 -15.80
CA LEU JA 38 19.01 -64.73 -16.39
C LEU JA 38 17.64 -64.69 -15.73
N ALA JA 39 17.49 -65.26 -14.54
CA ALA JA 39 16.23 -65.15 -13.82
C ALA JA 39 15.95 -63.70 -13.46
N ALA JA 40 14.68 -63.36 -13.36
CA ALA JA 40 14.28 -62.00 -13.05
C ALA JA 40 14.72 -61.64 -11.62
N SER JA 41 14.49 -60.38 -11.25
CA SER JA 41 14.88 -59.82 -9.96
C SER JA 41 16.39 -59.80 -9.78
N THR JA 42 17.14 -59.92 -10.87
CA THR JA 42 18.59 -59.82 -10.90
C THR JA 42 18.98 -58.78 -11.95
N PRO JA 43 20.18 -58.19 -11.83
CA PRO JA 43 20.56 -57.15 -12.80
C PRO JA 43 20.50 -57.62 -14.25
N GLN JA 44 21.00 -58.83 -14.54
CA GLN JA 44 20.96 -59.31 -15.92
C GLN JA 44 19.53 -59.59 -16.36
N GLY JA 45 18.69 -60.09 -15.46
CA GLY JA 45 17.29 -60.31 -15.80
C GLY JA 45 16.57 -59.02 -16.13
N SER JA 46 16.81 -57.97 -15.34
CA SER JA 46 16.21 -56.68 -15.61
C SER JA 46 16.73 -56.09 -16.92
N LEU JA 47 18.03 -56.25 -17.17
CA LEU JA 47 18.60 -55.79 -18.44
C LEU JA 47 17.94 -56.50 -19.63
N VAL JA 48 17.77 -57.82 -19.52
CA VAL JA 48 17.15 -58.58 -20.59
C VAL JA 48 15.71 -58.16 -20.79
N ALA JA 49 14.98 -57.95 -19.68
CA ALA JA 49 13.58 -57.52 -19.79
C ALA JA 49 13.46 -56.17 -20.47
N ALA JA 50 14.30 -55.21 -20.07
CA ALA JA 50 14.26 -53.89 -20.69
C ALA JA 50 14.62 -53.97 -22.17
N GLU JA 51 15.64 -54.76 -22.51
CA GLU JA 51 16.06 -54.86 -23.90
C GLU JA 51 14.97 -55.51 -24.75
N ALA JA 52 14.32 -56.54 -24.22
CA ALA JA 52 13.23 -57.19 -24.93
C ALA JA 52 12.07 -56.22 -25.15
N ILE JA 53 11.74 -55.41 -24.14
CA ILE JA 53 10.68 -54.42 -24.29
C ILE JA 53 11.03 -53.43 -25.39
N ALA JA 54 12.27 -52.93 -25.37
CA ALA JA 54 12.68 -51.94 -26.36
C ALA JA 54 12.64 -52.53 -27.77
N ARG JA 55 13.11 -53.76 -27.93
CA ARG JA 55 13.13 -54.39 -29.24
C ARG JA 55 11.72 -54.70 -29.73
N SER JA 56 10.83 -55.11 -28.84
CA SER JA 56 9.44 -55.31 -29.23
C SER JA 56 8.80 -54.00 -29.70
N SER JA 57 9.09 -52.90 -28.99
CA SER JA 57 8.57 -51.60 -29.41
C SER JA 57 9.11 -51.21 -30.78
N VAL JA 58 10.40 -51.43 -31.01
CA VAL JA 58 11.00 -51.13 -32.31
C VAL JA 58 10.33 -51.95 -33.41
N MET JA 59 10.14 -53.25 -33.16
CA MET JA 59 9.51 -54.11 -34.16
C MET JA 59 8.09 -53.65 -34.47
N ARG JA 60 7.32 -53.31 -33.44
CA ARG JA 60 5.95 -52.87 -33.66
C ARG JA 60 5.90 -51.55 -34.44
N ASN JA 61 6.76 -50.60 -34.08
CA ASN JA 61 6.76 -49.32 -34.78
C ASN JA 61 7.15 -49.48 -36.24
N GLU JA 62 8.16 -50.32 -36.50
CA GLU JA 62 8.55 -50.57 -37.88
C GLU JA 62 7.46 -51.29 -38.66
N ALA JA 63 6.75 -52.21 -37.99
CA ALA JA 63 5.62 -52.86 -38.64
C ALA JA 63 4.55 -51.84 -39.04
N ARG JA 64 4.25 -50.91 -38.15
CA ARG JA 64 3.26 -49.88 -38.47
C ARG JA 64 3.71 -49.01 -39.63
N ILE JA 65 4.97 -48.56 -39.59
CA ILE JA 65 5.46 -47.64 -40.62
C ILE JA 65 5.56 -48.35 -41.96
N ALA JA 66 5.84 -49.65 -41.97
CA ALA JA 66 5.80 -50.40 -43.21
C ALA JA 66 4.38 -50.62 -43.70
N ASN JA 67 3.46 -50.99 -42.81
CA ASN JA 67 2.09 -51.30 -43.19
C ASN JA 67 1.35 -50.08 -43.71
N THR JA 68 1.70 -48.88 -43.24
CA THR JA 68 0.94 -47.72 -43.70
C THR JA 68 1.19 -47.36 -45.16
N ILE JA 69 1.99 -48.13 -45.90
CA ILE JA 69 2.16 -47.85 -47.32
C ILE JA 69 0.84 -48.05 -48.06
N ASN JA 70 0.13 -49.12 -47.76
CA ASN JA 70 -1.12 -49.37 -48.47
C ASN JA 70 -2.31 -48.94 -47.64
N PRO JA 71 -3.43 -48.67 -48.28
CA PRO JA 71 -4.65 -48.34 -47.53
C PRO JA 71 -5.18 -49.53 -46.74
N ASN JA 72 -6.34 -49.33 -46.11
CA ASN JA 72 -7.03 -50.30 -45.25
C ASN JA 72 -6.33 -50.44 -43.90
N VAL JA 73 -5.18 -49.77 -43.73
CA VAL JA 73 -4.49 -49.76 -42.44
C VAL JA 73 -3.97 -48.38 -42.09
N SER JA 74 -3.92 -47.47 -43.06
CA SER JA 74 -3.29 -46.17 -42.86
C SER JA 74 -4.26 -45.21 -42.15
N PHE JA 75 -3.75 -44.02 -41.84
CA PHE JA 75 -4.55 -43.00 -41.17
C PHE JA 75 -4.10 -41.63 -41.66
N GLY JA 76 -4.49 -40.57 -40.94
CA GLY JA 76 -4.25 -39.21 -41.36
C GLY JA 76 -2.82 -38.88 -41.70
N THR JA 77 -2.61 -38.13 -42.78
CA THR JA 77 -1.31 -37.69 -43.29
C THR JA 77 -0.44 -38.86 -43.73
N PHE JA 78 -0.91 -40.09 -43.56
CA PHE JA 78 -0.28 -41.29 -44.11
C PHE JA 78 -1.11 -41.86 -45.23
N LEU JA 79 -2.43 -41.97 -45.02
CA LEU JA 79 -3.37 -42.23 -46.10
C LEU JA 79 -3.45 -41.05 -47.05
N ASP JA 80 -3.22 -39.83 -46.54
CA ASP JA 80 -3.20 -38.67 -47.40
C ASP JA 80 -2.12 -38.77 -48.47
N ALA JA 81 -0.98 -39.36 -48.13
CA ALA JA 81 0.09 -39.55 -49.11
C ALA JA 81 -0.33 -40.52 -50.21
N ILE JA 82 -1.00 -41.61 -49.84
CA ILE JA 82 -1.47 -42.56 -50.85
C ILE JA 82 -2.54 -41.92 -51.73
N CYS JA 83 -3.37 -41.05 -51.16
CA CYS JA 83 -4.34 -40.34 -51.98
C CYS JA 83 -3.66 -39.36 -52.92
N ALA JA 84 -2.62 -38.66 -52.43
CA ALA JA 84 -1.91 -37.72 -53.28
C ALA JA 84 -1.06 -38.42 -54.34
N LEU JA 85 -0.76 -39.71 -54.15
CA LEU JA 85 -0.07 -40.45 -55.20
C LEU JA 85 -0.90 -40.48 -56.48
N MET JA 86 -2.20 -40.73 -56.34
CA MET JA 86 -3.13 -40.68 -57.47
C MET JA 86 -3.77 -39.31 -57.62
N GLY JA 87 -3.39 -38.35 -56.79
CA GLY JA 87 -3.91 -37.01 -56.93
C GLY JA 87 -5.20 -36.73 -56.20
N ILE JA 88 -5.66 -37.65 -55.36
CA ILE JA 88 -6.92 -37.46 -54.65
C ILE JA 88 -6.71 -36.46 -53.53
N GLU JA 89 -7.49 -35.39 -53.54
CA GLU JA 89 -7.41 -34.32 -52.55
C GLU JA 89 -8.47 -34.51 -51.48
N ARG JA 90 -8.36 -33.72 -50.40
CA ARG JA 90 -9.32 -33.83 -49.32
C ARG JA 90 -10.35 -32.71 -49.31
N GLY JA 91 -9.93 -31.45 -49.20
CA GLY JA 91 -10.89 -30.37 -49.25
C GLY JA 91 -10.34 -29.03 -48.81
N SER JA 92 -11.11 -27.98 -49.11
CA SER JA 92 -10.82 -26.59 -48.77
C SER JA 92 -11.38 -26.28 -47.38
N ASP JA 93 -11.26 -25.02 -46.93
CA ASP JA 93 -11.74 -24.69 -45.58
C ASP JA 93 -12.23 -23.25 -45.44
N LEU JA 94 -12.73 -22.64 -46.52
CA LEU JA 94 -13.44 -21.37 -46.41
C LEU JA 94 -14.66 -21.32 -47.31
N SER JA 95 -15.31 -20.16 -47.25
CA SER JA 95 -16.30 -19.70 -48.21
C SER JA 95 -16.17 -18.18 -48.28
N THR JA 96 -17.03 -17.56 -49.09
CA THR JA 96 -17.17 -16.12 -49.11
C THR JA 96 -18.60 -15.81 -49.53
N PHE JA 97 -19.07 -14.64 -49.13
CA PHE JA 97 -20.41 -14.18 -49.48
C PHE JA 97 -20.30 -12.80 -50.13
N GLY JA 98 -21.45 -12.24 -50.48
CA GLY JA 98 -21.45 -10.90 -51.04
C GLY JA 98 -22.84 -10.47 -51.46
N TYR JA 99 -22.93 -9.19 -51.83
CA TYR JA 99 -24.13 -8.60 -52.42
C TYR JA 99 -25.33 -8.66 -51.47
N GLY JA 100 -25.18 -8.02 -50.31
CA GLY JA 100 -26.26 -7.87 -49.35
C GLY JA 100 -26.69 -6.42 -49.25
N VAL JA 101 -28.01 -6.20 -49.19
CA VAL JA 101 -28.52 -4.83 -49.15
C VAL JA 101 -28.18 -4.18 -47.82
N GLN JA 102 -28.12 -2.85 -47.82
CA GLN JA 102 -27.72 -2.09 -46.64
C GLN JA 102 -28.35 -0.72 -46.70
N VAL JA 103 -29.27 -0.41 -45.80
CA VAL JA 103 -29.97 0.86 -45.78
C VAL JA 103 -29.40 1.70 -44.65
N THR JA 104 -28.81 2.83 -45.02
CA THR JA 104 -28.06 3.64 -44.06
C THR JA 104 -28.00 5.06 -44.60
N GLY JA 105 -27.21 5.89 -43.94
CA GLY JA 105 -27.02 7.24 -44.40
C GLY JA 105 -25.83 7.40 -45.33
N ARG JA 106 -25.91 8.47 -46.11
CA ARG JA 106 -24.86 9.01 -46.97
C ARG JA 106 -23.54 9.18 -46.22
N SER JA 107 -22.46 9.28 -47.01
CA SER JA 107 -21.14 9.72 -46.54
C SER JA 107 -20.66 8.96 -45.31
N GLN JA 108 -21.08 7.71 -45.14
CA GLN JA 108 -20.67 6.88 -44.01
C GLN JA 108 -19.85 5.70 -44.53
N THR JA 109 -18.68 5.48 -43.93
CA THR JA 109 -17.84 4.35 -44.29
C THR JA 109 -18.05 3.25 -43.25
N ARG JA 110 -18.56 2.10 -43.70
CA ARG JA 110 -18.81 0.98 -42.80
C ARG JA 110 -17.51 0.22 -42.58
N ILE JA 111 -17.03 0.23 -41.33
CA ILE JA 111 -15.72 -0.35 -41.05
C ILE JA 111 -15.71 -1.84 -41.34
N SER JA 112 -14.54 -2.36 -41.68
CA SER JA 112 -14.39 -3.78 -41.95
C SER JA 112 -14.55 -4.60 -40.67
N THR JA 113 -14.92 -5.86 -40.84
CA THR JA 113 -15.16 -6.82 -39.76
C THR JA 113 -16.30 -6.38 -38.84
N GLY JA 114 -17.12 -5.43 -39.29
CA GLY JA 114 -18.30 -5.07 -38.52
C GLY JA 114 -19.22 -6.26 -38.34
N SER JA 115 -19.76 -6.40 -37.12
CA SER JA 115 -20.51 -7.58 -36.77
C SER JA 115 -21.88 -7.60 -37.45
N ARG JA 116 -22.47 -8.79 -37.49
CA ARG JA 116 -23.78 -9.00 -38.08
C ARG JA 116 -24.28 -10.33 -37.56
N VAL JA 117 -25.49 -10.37 -37.00
CA VAL JA 117 -26.04 -11.59 -36.42
C VAL JA 117 -27.31 -11.95 -37.16
N GLN JA 118 -27.30 -13.11 -37.81
CA GLN JA 118 -28.52 -13.67 -38.37
C GLN JA 118 -29.28 -14.43 -37.29
N THR JA 119 -30.55 -14.72 -37.58
CA THR JA 119 -31.41 -15.32 -36.55
C THR JA 119 -30.87 -16.66 -36.04
N PRO JA 120 -30.43 -17.63 -36.88
CA PRO JA 120 -29.77 -18.83 -36.37
C PRO JA 120 -28.27 -18.63 -36.15
N ALA JA 121 -27.90 -17.52 -35.54
CA ALA JA 121 -26.51 -17.19 -35.21
C ALA JA 121 -25.62 -17.26 -36.46
N GLY JA 122 -25.91 -16.36 -37.40
CA GLY JA 122 -25.12 -16.30 -38.62
C GLY JA 122 -23.68 -15.91 -38.36
N ALA JA 123 -23.46 -14.99 -37.42
CA ALA JA 123 -22.13 -14.50 -37.08
C ALA JA 123 -21.40 -13.93 -38.30
N ILE JA 124 -22.17 -13.26 -39.16
CA ILE JA 124 -21.63 -12.67 -40.37
C ILE JA 124 -20.77 -11.46 -40.02
N PHE JA 125 -19.73 -11.22 -40.83
CA PHE JA 125 -18.89 -10.05 -40.69
C PHE JA 125 -18.89 -9.25 -42.00
N THR JA 126 -18.57 -7.97 -41.87
CA THR JA 126 -18.37 -7.09 -43.03
C THR JA 126 -16.88 -7.13 -43.38
N VAL JA 127 -16.53 -7.98 -44.36
CA VAL JA 127 -15.12 -8.23 -44.64
C VAL JA 127 -14.45 -7.02 -45.26
N LEU JA 128 -15.09 -6.40 -46.25
CA LEU JA 128 -14.50 -5.29 -46.98
C LEU JA 128 -15.30 -4.03 -46.75
N SER JA 129 -14.62 -2.97 -46.31
CA SER JA 129 -15.28 -1.71 -46.00
C SER JA 129 -15.72 -1.00 -47.27
N ASP JA 130 -16.74 -0.16 -47.13
CA ASP JA 130 -17.26 0.60 -48.25
C ASP JA 130 -17.93 1.87 -47.74
N VAL JA 131 -18.01 2.87 -48.62
CA VAL JA 131 -18.61 4.16 -48.31
C VAL JA 131 -19.97 4.24 -48.98
N THR JA 132 -20.95 4.79 -48.25
CA THR JA 132 -22.33 4.83 -48.74
C THR JA 132 -22.50 5.91 -49.79
N ILE JA 133 -23.16 5.55 -50.88
CA ILE JA 133 -23.50 6.48 -51.96
C ILE JA 133 -24.63 7.38 -51.48
N PRO JA 134 -24.87 8.55 -52.10
CA PRO JA 134 -25.91 9.45 -51.59
C PRO JA 134 -27.33 8.95 -51.81
N ALA JA 135 -27.49 7.71 -52.28
CA ALA JA 135 -28.81 7.14 -52.52
C ALA JA 135 -29.45 6.57 -51.26
N GLY JA 136 -28.69 6.38 -50.18
CA GLY JA 136 -29.22 5.84 -48.95
C GLY JA 136 -29.22 4.33 -48.86
N GLY JA 137 -29.07 3.64 -49.98
CA GLY JA 137 -29.00 2.18 -49.98
C GLY JA 137 -27.80 1.73 -50.78
N VAL JA 138 -27.06 0.77 -50.22
CA VAL JA 138 -25.82 0.29 -50.81
C VAL JA 138 -25.76 -1.22 -50.72
N ALA JA 139 -24.72 -1.78 -51.32
CA ALA JA 139 -24.46 -3.22 -51.31
C ALA JA 139 -23.17 -3.48 -50.54
N THR JA 140 -23.23 -4.44 -49.62
CA THR JA 140 -22.11 -4.81 -48.78
C THR JA 140 -21.71 -6.25 -49.07
N ILE JA 141 -20.42 -6.52 -48.99
CA ILE JA 141 -19.86 -7.86 -49.20
C ILE JA 141 -19.53 -8.46 -47.85
N ASP JA 142 -20.07 -9.65 -47.56
CA ASP JA 142 -19.96 -10.25 -46.24
C ASP JA 142 -19.39 -11.65 -46.31
N ILE JA 143 -19.39 -12.37 -45.18
CA ILE JA 143 -18.83 -13.72 -45.12
C ILE JA 143 -19.46 -14.44 -43.93
N LYS JA 144 -19.48 -15.77 -44.01
CA LYS JA 144 -19.85 -16.59 -42.86
C LYS JA 144 -18.65 -16.78 -41.94
N SER JA 145 -18.92 -16.85 -40.64
CA SER JA 145 -17.86 -16.77 -39.64
C SER JA 145 -16.92 -17.97 -39.71
N GLN JA 146 -17.49 -19.18 -39.73
CA GLN JA 146 -16.71 -20.38 -39.47
C GLN JA 146 -17.04 -21.45 -40.50
N GLU JA 147 -16.30 -22.57 -40.41
CA GLU JA 147 -16.53 -23.70 -41.30
C GLU JA 147 -17.94 -24.25 -41.15
N TYR JA 148 -18.53 -24.13 -39.96
CA TYR JA 148 -19.91 -24.54 -39.73
C TYR JA 148 -20.78 -23.34 -40.12
N GLY JA 149 -21.16 -23.30 -41.39
CA GLY JA 149 -21.89 -22.16 -41.90
C GLY JA 149 -23.34 -22.47 -42.17
N ASN JA 150 -24.22 -21.98 -41.31
CA ASN JA 150 -25.66 -22.16 -41.50
C ASN JA 150 -26.19 -21.10 -42.45
N ILE JA 151 -27.10 -21.51 -43.33
CA ILE JA 151 -27.63 -20.63 -44.36
C ILE JA 151 -28.41 -19.51 -43.70
N PRO JA 152 -28.07 -18.25 -43.97
CA PRO JA 152 -28.86 -17.14 -43.42
C PRO JA 152 -30.26 -17.12 -44.02
N LEU JA 153 -31.22 -16.68 -43.20
CA LEU JA 153 -32.59 -16.55 -43.67
C LEU JA 153 -32.86 -15.11 -44.08
N PRO JA 154 -33.61 -14.86 -45.15
CA PRO JA 154 -33.90 -13.48 -45.54
C PRO JA 154 -34.71 -12.75 -44.48
N VAL JA 155 -34.05 -11.83 -43.79
CA VAL JA 155 -34.66 -11.04 -42.71
C VAL JA 155 -33.89 -9.74 -42.60
N GLY JA 156 -34.43 -8.80 -41.82
CA GLY JA 156 -33.70 -7.60 -41.49
C GLY JA 156 -32.65 -7.88 -40.44
N ASN JA 157 -31.38 -7.92 -40.84
CA ASN JA 157 -30.31 -8.30 -39.93
C ASN JA 157 -30.06 -7.19 -38.90
N LEU JA 158 -29.47 -7.59 -37.78
CA LEU JA 158 -29.33 -6.74 -36.61
C LEU JA 158 -27.97 -6.07 -36.58
N ILE JA 159 -27.93 -4.82 -36.13
CA ILE JA 159 -26.69 -4.07 -35.98
C ILE JA 159 -26.16 -4.28 -34.57
N ILE JA 160 -24.94 -4.82 -34.47
CA ILE JA 160 -24.27 -5.03 -33.20
C ILE JA 160 -23.01 -4.19 -33.09
N ILE JA 161 -22.11 -4.30 -34.06
CA ILE JA 161 -20.85 -3.56 -34.09
C ILE JA 161 -20.91 -2.62 -35.27
N ASP JA 162 -20.90 -1.32 -35.02
CA ASP JA 162 -20.93 -0.31 -36.08
C ASP JA 162 -20.60 1.04 -35.47
N GLY JA 163 -20.71 2.09 -36.28
CA GLY JA 163 -20.46 3.44 -35.84
C GLY JA 163 -21.71 4.13 -35.33
N THR JA 164 -22.10 5.24 -35.96
CA THR JA 164 -23.21 6.05 -35.48
C THR JA 164 -24.34 6.23 -36.47
N ILE JA 165 -24.06 6.16 -37.78
CA ILE JA 165 -25.05 6.54 -38.78
C ILE JA 165 -25.73 5.29 -39.33
N GLY JA 166 -25.04 4.16 -39.27
CA GLY JA 166 -25.57 2.92 -39.80
C GLY JA 166 -26.94 2.57 -39.29
N TRP JA 167 -27.89 2.33 -40.19
CA TRP JA 167 -29.28 2.15 -39.80
C TRP JA 167 -29.69 0.68 -39.73
N SER JA 168 -29.62 -0.05 -40.84
CA SER JA 168 -29.99 -1.45 -40.81
C SER JA 168 -29.61 -2.10 -42.14
N GLY JA 169 -29.79 -3.41 -42.20
CA GLY JA 169 -29.52 -4.16 -43.42
C GLY JA 169 -30.28 -5.47 -43.47
N ALA JA 170 -30.98 -5.71 -44.56
CA ALA JA 170 -31.75 -6.92 -44.76
C ALA JA 170 -31.03 -7.83 -45.77
N LYS JA 171 -31.65 -8.98 -46.05
CA LYS JA 171 -31.11 -9.93 -47.00
C LYS JA 171 -32.07 -10.09 -48.17
N VAL JA 172 -31.52 -10.05 -49.39
CA VAL JA 172 -32.29 -10.26 -50.61
C VAL JA 172 -31.69 -11.45 -51.34
N ILE JA 173 -32.54 -12.15 -52.10
CA ILE JA 173 -32.09 -13.31 -52.87
C ILE JA 173 -31.13 -12.93 -53.99
N ALA JA 174 -30.95 -11.64 -54.25
CA ALA JA 174 -29.98 -11.22 -55.26
C ALA JA 174 -28.56 -11.59 -54.88
N SER JA 175 -28.31 -11.94 -53.62
CA SER JA 175 -27.01 -12.42 -53.18
C SER JA 175 -26.83 -13.87 -53.63
N THR JA 176 -25.75 -14.14 -54.36
CA THR JA 176 -25.42 -15.52 -54.67
C THR JA 176 -24.99 -16.25 -53.39
N ARG JA 177 -25.19 -17.56 -53.38
CA ARG JA 177 -24.95 -18.35 -52.18
C ARG JA 177 -24.00 -19.49 -52.47
N VAL JA 178 -23.03 -19.68 -51.57
CA VAL JA 178 -22.12 -20.82 -51.56
C VAL JA 178 -22.09 -21.36 -50.14
N ASP JA 179 -21.62 -22.60 -50.00
CA ASP JA 179 -21.51 -23.20 -48.68
C ASP JA 179 -20.10 -23.05 -48.15
N PRO JA 180 -19.92 -23.05 -46.83
CA PRO JA 180 -18.55 -23.09 -46.29
C PRO JA 180 -17.87 -24.35 -46.76
N GLY JA 181 -16.89 -24.20 -47.64
CA GLY JA 181 -16.24 -25.37 -48.17
C GLY JA 181 -15.20 -25.81 -47.17
N SER JA 182 -15.52 -26.81 -46.36
CA SER JA 182 -14.62 -27.34 -45.36
C SER JA 182 -14.95 -28.82 -45.15
N ARG JA 183 -14.43 -29.39 -44.06
CA ARG JA 183 -14.69 -30.78 -43.65
C ARG JA 183 -14.48 -31.78 -44.78
N GLN JA 184 -13.67 -31.39 -45.77
CA GLN JA 184 -13.16 -32.29 -46.81
C GLN JA 184 -14.23 -33.19 -47.43
N MET JA 185 -14.79 -33.88 -42.18
CA MET JA 185 -13.58 -34.58 -42.57
C MET JA 185 -13.92 -35.77 -43.47
N SER JA 186 -12.89 -36.46 -43.93
CA SER JA 186 -13.05 -37.81 -44.48
C SER JA 186 -11.96 -38.66 -43.82
N ASP JA 187 -12.26 -39.21 -42.66
CA ASP JA 187 -11.32 -40.05 -41.95
C ASP JA 187 -11.41 -41.51 -42.38
N ALA JA 188 -12.63 -42.04 -42.47
CA ALA JA 188 -12.86 -43.35 -43.05
C ALA JA 188 -13.52 -43.29 -44.42
N GLU JA 189 -14.22 -42.19 -44.74
CA GLU JA 189 -14.83 -42.06 -46.05
C GLU JA 189 -13.82 -41.78 -47.14
N LEU JA 190 -12.67 -41.18 -46.80
CA LEU JA 190 -11.61 -41.04 -47.79
C LEU JA 190 -11.14 -42.39 -48.28
N LYS JA 191 -11.11 -43.38 -47.40
CA LYS JA 191 -10.65 -44.71 -47.78
C LYS JA 191 -11.60 -45.32 -48.80
N ASN JA 192 -12.90 -45.05 -48.66
CA ASN JA 192 -13.88 -45.47 -49.66
C ASN JA 192 -13.71 -44.68 -50.96
N ALA JA 193 -13.55 -43.36 -50.84
CA ALA JA 193 -13.49 -42.49 -52.01
C ALA JA 193 -12.23 -42.73 -52.83
N ARG JA 194 -11.18 -43.28 -52.20
CA ARG JA 194 -9.96 -43.58 -52.95
C ARG JA 194 -10.23 -44.61 -54.05
N VAL JA 195 -11.16 -45.54 -53.81
CA VAL JA 195 -11.50 -46.52 -54.84
C VAL JA 195 -12.20 -45.84 -56.01
N ASN JA 196 -13.13 -44.92 -55.73
CA ASN JA 196 -13.87 -44.24 -56.79
C ASN JA 196 -12.94 -43.32 -57.57
N ARG JA 197 -12.37 -42.33 -56.89
CA ARG JA 197 -11.49 -41.37 -57.55
C ARG JA 197 -10.08 -41.92 -57.68
N LEU JA 198 -9.97 -43.12 -58.23
CA LEU JA 198 -8.68 -43.76 -58.45
C LEU JA 198 -8.09 -43.43 -59.81
N ALA JA 199 -8.80 -42.65 -60.63
CA ALA JA 199 -8.31 -42.21 -61.92
C ALA JA 199 -8.65 -40.74 -62.15
N ILE JA 200 -8.49 -39.91 -61.12
CA ILE JA 200 -8.73 -38.48 -61.30
C ILE JA 200 -7.77 -37.91 -62.34
N GLN JA 201 -6.49 -38.28 -62.25
CA GLN JA 201 -5.50 -37.78 -63.18
C GLN JA 201 -5.79 -38.19 -64.62
N GLY JA 202 -6.45 -39.33 -64.81
CA GLY JA 202 -6.80 -39.75 -66.15
C GLY JA 202 -7.99 -38.98 -66.70
N ARG JA 203 -8.16 -39.08 -68.02
CA ARG JA 203 -9.26 -38.42 -68.70
C ARG JA 203 -9.80 -39.35 -69.78
N ASN JA 204 -11.02 -39.04 -70.22
CA ASN JA 204 -11.67 -39.74 -71.33
C ASN JA 204 -11.82 -41.24 -71.02
N SER JA 205 -12.56 -41.52 -69.95
CA SER JA 205 -12.89 -42.89 -69.57
C SER JA 205 -14.05 -42.85 -68.58
N THR JA 206 -14.66 -44.02 -68.36
CA THR JA 206 -15.73 -44.10 -67.37
C THR JA 206 -15.18 -43.85 -65.97
N MET JA 207 -14.05 -44.47 -65.65
CA MET JA 207 -13.40 -44.21 -64.37
C MET JA 207 -13.00 -42.75 -64.26
N ALA JA 208 -12.50 -42.17 -65.35
CA ALA JA 208 -12.08 -40.78 -65.33
C ALA JA 208 -13.25 -39.84 -65.08
N ILE JA 209 -14.38 -40.06 -65.76
CA ILE JA 209 -15.52 -39.18 -65.56
C ILE JA 209 -16.07 -39.35 -64.15
N LYS JA 210 -16.16 -40.59 -63.66
CA LYS JA 210 -16.61 -40.81 -62.29
C LYS JA 210 -15.73 -40.04 -61.31
N ALA JA 211 -14.41 -40.18 -61.45
CA ALA JA 211 -13.49 -39.54 -60.51
C ALA JA 211 -13.59 -38.02 -60.57
N TYR JA 212 -13.54 -37.45 -61.77
CA TYR JA 212 -13.54 -36.00 -61.90
C TYR JA 212 -14.86 -35.41 -61.42
N VAL JA 213 -15.99 -36.02 -61.79
CA VAL JA 213 -17.28 -35.50 -61.35
C VAL JA 213 -17.50 -35.75 -59.87
N SER JA 214 -16.82 -36.73 -59.27
CA SER JA 214 -16.88 -36.90 -57.83
C SER JA 214 -16.05 -35.86 -57.09
N ALA JA 215 -14.98 -35.39 -57.72
CA ALA JA 215 -14.13 -34.38 -57.10
C ALA JA 215 -14.82 -33.04 -56.94
N VAL JA 216 -15.97 -32.83 -57.56
CA VAL JA 216 -16.73 -31.59 -57.46
C VAL JA 216 -17.20 -31.42 -56.02
N PRO JA 217 -17.31 -30.20 -55.51
CA PRO JA 217 -17.90 -30.02 -54.19
C PRO JA 217 -19.36 -30.45 -54.14
N ASN JA 218 -19.76 -30.96 -52.97
CA ASN JA 218 -21.15 -31.21 -52.60
C ASN JA 218 -21.78 -32.42 -53.29
N VAL JA 219 -21.09 -33.06 -54.23
CA VAL JA 219 -21.61 -34.25 -54.88
C VAL JA 219 -21.21 -35.47 -54.06
N THR JA 220 -22.20 -36.27 -53.67
CA THR JA 220 -21.96 -37.39 -52.78
C THR JA 220 -21.62 -38.67 -53.54
N SER JA 221 -22.46 -39.06 -54.50
CA SER JA 221 -22.26 -40.29 -55.25
C SER JA 221 -22.52 -40.04 -56.73
N VAL JA 222 -21.99 -40.93 -57.55
CA VAL JA 222 -22.17 -40.85 -58.99
C VAL JA 222 -22.29 -42.25 -59.57
N ASN JA 223 -23.02 -42.35 -60.68
CA ASN JA 223 -23.17 -43.59 -61.41
C ASN JA 223 -22.95 -43.31 -62.89
N VAL JA 224 -22.17 -44.15 -63.55
CA VAL JA 224 -21.83 -43.98 -64.95
C VAL JA 224 -22.02 -45.30 -65.67
N ILE JA 225 -22.77 -45.27 -66.77
CA ILE JA 225 -22.94 -46.43 -67.64
C ILE JA 225 -22.50 -46.05 -69.04
N GLU JA 226 -21.72 -46.91 -69.68
CA GLU JA 226 -21.14 -46.61 -70.98
C GLU JA 226 -21.92 -47.19 -72.14
N ASN JA 227 -22.70 -48.25 -71.91
CA ASN JA 227 -23.59 -48.83 -72.94
C ASN JA 227 -22.86 -48.99 -74.25
N ASN JA 228 -21.69 -49.63 -74.20
CA ASN JA 228 -20.75 -49.34 -75.27
C ASN JA 228 -21.05 -50.13 -76.53
N THR JA 229 -21.67 -51.30 -76.40
CA THR JA 229 -22.00 -52.19 -77.51
C THR JA 229 -23.21 -51.67 -78.27
N GLY JA 230 -23.13 -50.43 -78.73
CA GLY JA 230 -24.28 -49.67 -79.17
C GLY JA 230 -25.19 -50.34 -80.17
N ALA JA 231 -26.35 -50.76 -79.67
CA ALA JA 231 -27.47 -51.20 -80.48
C ALA JA 231 -28.77 -50.72 -79.84
N VAL JA 232 -28.76 -49.47 -79.37
CA VAL JA 232 -29.81 -48.93 -78.51
C VAL JA 232 -29.89 -49.79 -77.25
N GLN JA 233 -30.81 -50.76 -77.25
CA GLN JA 233 -30.97 -51.79 -76.22
C GLN JA 233 -30.92 -51.23 -74.80
N VAL JA 234 -30.58 -52.08 -73.84
CA VAL JA 234 -30.36 -51.68 -72.46
C VAL JA 234 -29.10 -52.37 -71.95
N VAL JA 235 -28.25 -51.61 -71.27
CA VAL JA 235 -26.97 -52.10 -70.78
C VAL JA 235 -26.87 -51.76 -69.30
N ASN JA 236 -26.83 -52.80 -68.45
CA ASN JA 236 -26.67 -52.63 -67.01
C ASN JA 236 -27.74 -51.69 -66.45
N GLY JA 237 -28.98 -51.87 -66.88
CA GLY JA 237 -30.06 -50.98 -66.49
C GLY JA 237 -30.02 -49.69 -67.27
N VAL JA 238 -31.09 -48.90 -67.11
CA VAL JA 238 -31.23 -47.60 -67.75
C VAL JA 238 -31.29 -47.78 -69.25
N SER JA 239 -32.50 -47.95 -69.78
CA SER JA 239 -32.69 -48.09 -71.22
C SER JA 239 -32.12 -46.88 -71.95
N PHE JA 240 -31.49 -47.14 -73.09
CA PHE JA 240 -30.77 -46.11 -73.83
C PHE JA 240 -31.48 -45.74 -75.11
N THR JA 241 -31.27 -44.51 -75.55
CA THR JA 241 -31.79 -44.02 -76.82
C THR JA 241 -30.75 -44.16 -77.93
N LEU JA 242 -29.61 -43.50 -77.78
CA LEU JA 242 -28.55 -43.58 -78.77
C LEU JA 242 -27.73 -44.85 -78.57
N PRO JA 243 -27.14 -45.40 -79.65
CA PRO JA 243 -26.34 -46.62 -79.52
C PRO JA 243 -25.16 -46.43 -78.57
N TYR JA 244 -24.26 -45.51 -78.90
CA TYR JA 244 -23.11 -45.21 -78.08
C TYR JA 244 -23.36 -43.91 -77.33
N ALA JA 245 -23.33 -43.98 -76.01
CA ALA JA 245 -23.51 -42.80 -75.16
C ALA JA 245 -23.21 -43.18 -73.73
N VAL JA 246 -22.90 -42.19 -72.91
CA VAL JA 246 -22.57 -42.40 -71.51
C VAL JA 246 -23.62 -41.71 -70.65
N TRP JA 247 -24.30 -42.50 -69.83
CA TRP JA 247 -25.31 -41.99 -68.91
C TRP JA 247 -24.67 -41.73 -67.55
N VAL JA 248 -24.82 -40.50 -67.06
CA VAL JA 248 -24.21 -40.06 -65.83
C VAL JA 248 -25.30 -39.56 -64.89
N CYS JA 249 -25.32 -40.09 -63.67
CA CYS JA 249 -26.26 -39.66 -62.64
C CYS JA 249 -25.46 -39.22 -61.42
N VAL JA 250 -25.70 -37.99 -60.97
CA VAL JA 250 -24.95 -37.39 -59.88
C VAL JA 250 -25.90 -37.06 -58.74
N ALA JA 251 -25.49 -37.36 -57.52
CA ALA JA 251 -26.26 -37.06 -56.33
C ALA JA 251 -25.83 -35.71 -55.76
N GLY JA 252 -26.28 -35.39 -54.56
CA GLY JA 252 -25.89 -34.16 -53.91
C GLY JA 252 -26.57 -32.95 -54.52
N ASN JA 253 -26.13 -31.78 -54.06
CA ASN JA 253 -26.65 -30.50 -54.54
C ASN JA 253 -25.49 -29.57 -54.90
N PRO JA 254 -24.74 -29.90 -55.96
CA PRO JA 254 -23.68 -28.99 -56.41
C PRO JA 254 -24.21 -27.96 -57.38
N ASP JA 255 -23.34 -27.11 -57.91
CA ASP JA 255 -23.75 -26.15 -58.92
C ASP JA 255 -23.70 -26.77 -60.31
N LYS JA 256 -24.79 -26.58 -61.06
CA LYS JA 256 -24.88 -27.13 -62.40
C LYS JA 256 -23.71 -26.68 -63.25
N GLN JA 257 -23.30 -25.42 -63.11
CA GLN JA 257 -22.17 -24.91 -63.88
C GLN JA 257 -20.91 -25.72 -63.63
N ALA JA 258 -20.53 -25.86 -62.35
CA ALA JA 258 -19.28 -26.55 -62.02
C ALA JA 258 -19.33 -28.01 -62.43
N VAL JA 259 -20.44 -28.69 -62.14
CA VAL JA 259 -20.50 -30.11 -62.47
C VAL JA 259 -20.55 -30.31 -63.99
N ALA JA 260 -21.16 -29.38 -64.73
CA ALA JA 260 -21.19 -29.47 -66.18
C ALA JA 260 -19.79 -29.30 -66.76
N ASP JA 261 -19.03 -28.34 -66.26
CA ASP JA 261 -17.64 -28.20 -66.71
C ASP JA 261 -16.82 -29.44 -66.35
N ALA JA 262 -17.05 -30.01 -65.17
CA ALA JA 262 -16.33 -31.22 -64.80
C ALA JA 262 -16.65 -32.37 -65.74
N LEU JA 263 -17.93 -32.51 -66.11
CA LEU JA 263 -18.32 -33.55 -67.06
C LEU JA 263 -17.72 -33.29 -68.43
N TRP JA 264 -17.70 -32.03 -68.86
CA TRP JA 264 -17.16 -31.71 -70.18
C TRP JA 264 -15.65 -31.95 -70.25
N ALA JA 265 -14.96 -31.77 -69.12
CA ALA JA 265 -13.50 -31.89 -69.13
C ALA JA 265 -13.06 -33.30 -69.50
N ALA JA 266 -13.76 -34.31 -69.00
CA ALA JA 266 -13.49 -35.70 -69.40
C ALA JA 266 -14.47 -36.12 -70.50
N HIS JA 267 -14.28 -35.51 -71.67
CA HIS JA 267 -15.29 -35.59 -72.72
C HIS JA 267 -15.35 -36.95 -73.41
N ASN JA 268 -14.31 -37.76 -73.30
CA ASN JA 268 -14.26 -39.07 -73.95
C ASN JA 268 -14.37 -38.96 -75.47
N GLY JA 269 -13.87 -37.87 -76.03
CA GLY JA 269 -14.03 -37.62 -77.44
C GLY JA 269 -15.48 -37.39 -77.83
N GLY JA 270 -15.93 -38.02 -78.91
CA GLY JA 270 -17.23 -37.72 -79.47
C GLY JA 270 -18.36 -38.61 -78.99
N THR JA 271 -18.34 -38.95 -77.70
CA THR JA 271 -19.35 -39.84 -77.15
C THR JA 271 -20.56 -39.04 -76.73
N PRO JA 272 -21.73 -39.31 -77.30
CA PRO JA 272 -22.92 -38.50 -76.98
C PRO JA 272 -23.32 -38.58 -75.51
N TRP JA 273 -24.31 -37.77 -75.14
CA TRP JA 273 -24.79 -37.65 -73.76
C TRP JA 273 -26.24 -38.09 -73.74
N ASP JA 274 -26.49 -39.33 -73.35
CA ASP JA 274 -27.84 -39.85 -73.24
C ASP JA 274 -28.27 -39.83 -71.78
N TYR JA 275 -29.44 -39.24 -71.52
CA TYR JA 275 -29.99 -39.18 -70.17
C TYR JA 275 -31.49 -39.40 -70.15
N GLY JA 276 -32.09 -39.79 -71.27
CA GLY JA 276 -33.54 -39.81 -71.38
C GLY JA 276 -34.19 -41.09 -70.88
N ALA JA 277 -35.00 -41.70 -71.74
CA ALA JA 277 -35.84 -42.85 -71.38
C ALA JA 277 -36.77 -42.52 -70.22
N THR JA 278 -37.19 -41.25 -70.13
CA THR JA 278 -38.19 -40.80 -69.17
C THR JA 278 -37.80 -41.11 -67.73
N ASN JA 279 -38.20 -42.29 -67.25
CA ASN JA 279 -38.07 -42.62 -65.83
C ASN JA 279 -36.64 -42.67 -65.35
N ASN JA 280 -35.66 -42.77 -66.25
CA ASN JA 280 -34.27 -42.93 -65.83
C ASN JA 280 -33.73 -41.64 -65.23
N GLY JA 281 -33.80 -41.51 -63.92
CA GLY JA 281 -33.35 -40.32 -63.25
C GLY JA 281 -34.30 -39.15 -63.47
N VAL JA 282 -33.81 -37.96 -63.11
CA VAL JA 282 -34.53 -36.72 -63.25
C VAL JA 282 -33.70 -35.79 -64.13
N PRO JA 283 -34.24 -35.28 -65.24
CA PRO JA 283 -33.48 -34.31 -66.04
C PRO JA 283 -33.13 -33.08 -65.22
N VAL JA 284 -31.91 -32.57 -65.45
CA VAL JA 284 -31.45 -31.42 -64.69
C VAL JA 284 -32.19 -30.15 -65.12
N ASP JA 285 -32.45 -30.01 -66.43
CA ASP JA 285 -33.21 -28.86 -66.92
C ASP JA 285 -34.16 -29.26 -68.03
N GLY JA 286 -34.57 -30.53 -68.10
CA GLY JA 286 -35.37 -31.02 -69.20
C GLY JA 286 -34.52 -31.20 -70.44
N PRO JA 287 -35.14 -31.12 -71.61
CA PRO JA 287 -34.39 -31.26 -72.86
C PRO JA 287 -33.41 -30.10 -73.05
N ASN JA 288 -32.39 -30.34 -73.86
CA ASN JA 288 -31.36 -29.35 -74.18
C ASN JA 288 -30.65 -28.88 -72.91
N GLY JA 289 -29.89 -29.81 -72.34
CA GLY JA 289 -29.22 -29.59 -71.08
C GLY JA 289 -28.18 -28.48 -71.05
N VAL JA 290 -27.36 -28.45 -70.01
CA VAL JA 290 -26.47 -27.32 -69.75
C VAL JA 290 -25.46 -27.17 -70.89
N PRO JA 291 -25.42 -26.02 -71.55
CA PRO JA 291 -24.55 -25.86 -72.72
C PRO JA 291 -23.06 -25.83 -72.42
N VAL JA 292 -22.65 -25.00 -71.45
CA VAL JA 292 -21.26 -24.66 -71.10
C VAL JA 292 -20.42 -24.30 -72.33
N ARG JA 293 -19.16 -23.95 -72.10
CA ARG JA 293 -18.27 -23.48 -73.14
C ARG JA 293 -17.04 -24.37 -73.24
N ASP JA 294 -16.64 -24.68 -74.47
CA ASP JA 294 -15.46 -25.50 -74.70
C ASP JA 294 -14.20 -24.67 -74.51
N PRO JA 295 -13.28 -25.06 -73.63
CA PRO JA 295 -12.03 -24.30 -73.48
C PRO JA 295 -11.26 -24.15 -74.78
N ALA JA 296 -11.25 -25.19 -75.63
CA ALA JA 296 -10.77 -25.03 -77.00
C ALA JA 296 -11.83 -24.24 -77.75
N SER JA 297 -11.56 -22.96 -77.98
CA SER JA 297 -12.58 -21.98 -78.30
C SER JA 297 -13.40 -22.36 -79.52
N GLY JA 298 -14.67 -22.68 -79.29
CA GLY JA 298 -15.55 -23.10 -80.36
C GLY JA 298 -16.84 -23.65 -79.79
N ARG JA 299 -17.97 -23.29 -80.39
CA ARG JA 299 -19.28 -23.76 -79.96
C ARG JA 299 -19.65 -23.39 -78.52
N LYS JA 300 -20.90 -23.66 -78.20
CA LYS JA 300 -21.35 -23.95 -76.84
C LYS JA 300 -22.00 -25.32 -76.94
N TYR JA 301 -21.26 -26.35 -76.57
CA TYR JA 301 -21.69 -27.72 -76.78
C TYR JA 301 -22.85 -28.02 -75.85
N VAL JA 302 -23.24 -29.29 -75.71
CA VAL JA 302 -24.31 -29.64 -74.79
C VAL JA 302 -23.87 -30.86 -73.98
N VAL JA 303 -23.88 -30.71 -72.66
CA VAL JA 303 -23.57 -31.79 -71.74
C VAL JA 303 -24.84 -32.10 -70.96
N LYS JA 304 -25.30 -33.35 -71.05
CA LYS JA 304 -26.53 -33.77 -70.43
C LYS JA 304 -26.23 -34.83 -69.37
N TRP JA 305 -26.75 -34.61 -68.17
CA TRP JA 305 -26.71 -35.60 -67.11
C TRP JA 305 -28.02 -35.53 -66.34
N THR JA 306 -28.20 -36.43 -65.40
CA THR JA 306 -29.47 -36.53 -64.67
C THR JA 306 -29.19 -36.71 -63.19
N THR JA 307 -30.18 -36.33 -62.39
CA THR JA 307 -30.15 -36.56 -60.95
C THR JA 307 -31.10 -37.70 -60.61
N PRO JA 308 -30.73 -38.56 -59.66
CA PRO JA 308 -31.51 -39.77 -59.40
C PRO JA 308 -32.79 -39.46 -58.63
N ILE JA 309 -33.72 -40.41 -58.69
CA ILE JA 309 -34.98 -40.28 -57.97
C ILE JA 309 -34.71 -40.27 -56.47
N MET JA 310 -35.60 -39.65 -55.71
CA MET JA 310 -35.45 -39.64 -54.25
C MET JA 310 -36.34 -40.71 -53.64
N TYR JA 311 -35.76 -41.51 -52.74
CA TYR JA 311 -36.44 -42.60 -52.07
C TYR JA 311 -36.29 -42.42 -50.56
N ASP JA 312 -37.35 -42.72 -49.82
CA ASP JA 312 -37.34 -42.64 -48.37
C ASP JA 312 -37.35 -44.06 -47.82
N GLY JA 313 -36.36 -44.39 -46.99
CA GLY JA 313 -36.25 -45.71 -46.41
C GLY JA 313 -36.68 -45.72 -44.96
N TYR JA 314 -37.11 -46.90 -44.52
CA TYR JA 314 -37.53 -47.12 -43.14
C TYR JA 314 -36.86 -48.37 -42.63
N VAL JA 315 -36.78 -48.49 -41.31
CA VAL JA 315 -36.16 -49.65 -40.68
C VAL JA 315 -36.97 -50.06 -39.46
N ASN JA 316 -37.30 -51.34 -39.37
CA ASN JA 316 -37.86 -51.96 -38.17
C ASN JA 316 -36.82 -52.92 -37.60
N VAL JA 317 -36.38 -52.66 -36.38
CA VAL JA 317 -35.39 -53.50 -35.72
C VAL JA 317 -36.04 -54.16 -34.53
N THR JA 318 -35.70 -55.42 -34.28
CA THR JA 318 -36.08 -56.13 -33.06
C THR JA 318 -34.82 -56.63 -32.39
N VAL JA 319 -34.58 -56.18 -31.14
CA VAL JA 319 -33.35 -56.53 -30.44
C VAL JA 319 -33.68 -56.95 -29.01
N GLN JA 320 -32.72 -57.66 -28.40
CA GLN JA 320 -32.92 -58.27 -27.09
C GLN JA 320 -32.26 -57.50 -25.96
N GLN JA 321 -31.47 -56.47 -26.25
CA GLN JA 321 -30.73 -55.72 -25.23
C GLN JA 321 -29.90 -56.65 -24.35
N GLY JA 322 -29.14 -57.52 -25.00
CA GLY JA 322 -28.34 -58.49 -24.29
C GLY JA 322 -27.09 -57.86 -23.68
N SER JA 323 -26.37 -58.69 -22.92
CA SER JA 323 -25.09 -58.35 -22.30
C SER JA 323 -25.22 -57.20 -21.31
N SER JA 324 -26.45 -56.88 -20.88
CA SER JA 324 -26.71 -55.81 -19.91
C SER JA 324 -26.09 -54.49 -20.36
N SER JA 325 -26.27 -54.17 -21.63
CA SER JA 325 -25.76 -52.94 -22.23
C SER JA 325 -26.95 -52.18 -22.80
N VAL JA 326 -27.50 -51.26 -22.00
CA VAL JA 326 -28.67 -50.50 -22.40
C VAL JA 326 -28.30 -49.53 -23.52
N ALA JA 327 -29.13 -49.50 -24.57
CA ALA JA 327 -28.92 -48.58 -25.69
C ALA JA 327 -30.27 -48.21 -26.26
N PRO JA 328 -30.90 -47.15 -25.74
CA PRO JA 328 -32.25 -46.79 -26.19
C PRO JA 328 -32.30 -46.33 -27.65
N GLU JA 329 -31.49 -45.34 -28.01
CA GLU JA 329 -31.62 -44.69 -29.31
C GLU JA 329 -30.29 -44.62 -30.06
N ALA JA 330 -29.34 -45.52 -29.78
CA ALA JA 330 -28.09 -45.54 -30.53
C ALA JA 330 -28.22 -46.31 -31.84
N ILE JA 331 -29.24 -47.15 -31.98
CA ILE JA 331 -29.42 -47.93 -33.19
C ILE JA 331 -29.73 -47.02 -34.37
N GLN JA 332 -30.57 -46.01 -34.16
CA GLN JA 332 -30.88 -45.07 -35.23
C GLN JA 332 -29.62 -44.31 -35.66
N ASN JA 333 -28.79 -43.91 -34.71
CA ASN JA 333 -27.54 -43.23 -35.05
C ASN JA 333 -26.63 -44.15 -35.85
N ALA JA 334 -26.52 -45.41 -35.45
CA ALA JA 334 -25.69 -46.36 -36.19
C ALA JA 334 -26.20 -46.52 -37.62
N VAL JA 335 -27.51 -46.69 -37.78
CA VAL JA 335 -28.08 -46.90 -39.11
C VAL JA 335 -27.89 -45.67 -39.98
N VAL JA 336 -28.13 -44.48 -39.42
CA VAL JA 336 -28.00 -43.26 -40.22
C VAL JA 336 -26.55 -43.00 -40.58
N ASN JA 337 -25.61 -43.32 -39.69
CA ASN JA 337 -24.20 -43.19 -40.04
C ASN JA 337 -23.82 -44.15 -41.16
N TYR JA 338 -24.29 -45.40 -41.09
CA TYR JA 338 -24.01 -46.34 -42.15
C TYR JA 338 -24.58 -45.87 -43.48
N ALA JA 339 -25.81 -45.36 -43.46
CA ALA JA 339 -26.43 -44.86 -44.68
C ALA JA 339 -25.65 -43.67 -45.24
N GLN JA 340 -25.23 -42.75 -44.37
CA GLN JA 340 -24.43 -41.61 -44.79
C GLN JA 340 -23.04 -42.00 -45.25
N GLY JA 341 -22.60 -43.22 -44.94
CA GLY JA 341 -21.30 -43.68 -45.40
C GLY JA 341 -20.13 -43.30 -44.52
N LYS JA 342 -20.39 -42.90 -43.27
CA LYS JA 342 -19.31 -42.57 -42.35
C LYS JA 342 -18.51 -43.79 -41.92
N VAL JA 343 -19.00 -45.00 -42.21
CA VAL JA 343 -18.28 -46.21 -41.84
C VAL JA 343 -17.21 -46.50 -42.88
N GLU JA 344 -16.26 -47.36 -42.51
CA GLU JA 344 -15.10 -47.67 -43.33
C GLU JA 344 -15.37 -48.91 -44.16
N GLY JA 345 -15.03 -48.83 -45.45
CA GLY JA 345 -15.09 -49.97 -46.34
C GLY JA 345 -16.43 -50.17 -47.04
N GLU JA 346 -17.53 -49.85 -46.38
CA GLU JA 346 -18.87 -50.12 -46.90
C GLU JA 346 -19.60 -48.78 -47.06
N GLU JA 347 -19.49 -48.18 -48.24
CA GLU JA 347 -20.24 -46.98 -48.53
C GLU JA 347 -21.74 -47.28 -48.47
N GLY JA 348 -22.50 -46.35 -47.89
CA GLY JA 348 -23.89 -46.61 -47.60
C GLY JA 348 -24.83 -46.43 -48.77
N LEU JA 349 -25.92 -45.69 -48.54
CA LEU JA 349 -26.96 -45.52 -49.54
C LEU JA 349 -26.48 -44.55 -50.62
N VAL JA 350 -26.08 -45.10 -51.76
CA VAL JA 350 -25.61 -44.33 -52.90
C VAL JA 350 -26.57 -44.52 -54.06
N VAL JA 351 -26.27 -43.90 -55.21
CA VAL JA 351 -27.18 -43.95 -56.36
C VAL JA 351 -27.38 -45.39 -56.83
N GLY JA 352 -26.32 -46.18 -56.90
CA GLY JA 352 -26.45 -47.54 -57.37
C GLY JA 352 -26.62 -48.54 -56.25
N ALA JA 353 -26.92 -48.04 -55.06
CA ALA JA 353 -27.04 -48.89 -53.88
C ALA JA 353 -28.31 -49.72 -53.95
N SER JA 354 -28.51 -50.54 -52.93
CA SER JA 354 -29.70 -51.39 -52.82
C SER JA 354 -29.91 -51.67 -51.33
N LEU JA 355 -30.88 -50.98 -50.74
CA LEU JA 355 -31.10 -51.06 -49.29
C LEU JA 355 -31.34 -52.49 -48.84
N SER JA 356 -30.45 -53.03 -48.00
CA SER JA 356 -30.49 -54.42 -47.61
C SER JA 356 -30.57 -54.56 -46.09
N ALA JA 357 -31.50 -55.42 -45.66
CA ALA JA 357 -31.70 -55.66 -44.23
C ALA JA 357 -30.44 -56.22 -43.58
N PHE JA 358 -29.76 -57.14 -44.27
CA PHE JA 358 -28.56 -57.74 -43.73
C PHE JA 358 -27.44 -56.72 -43.62
N GLU JA 359 -27.32 -55.80 -44.57
CA GLU JA 359 -26.37 -54.71 -44.44
C GLU JA 359 -26.68 -53.82 -43.24
N VAL JA 360 -27.96 -53.50 -43.04
CA VAL JA 360 -28.33 -52.65 -41.89
C VAL JA 360 -28.00 -53.37 -40.59
N ALA JA 361 -28.34 -54.66 -40.50
CA ALA JA 361 -28.04 -55.43 -39.31
C ALA JA 361 -26.54 -55.52 -39.08
N GLY JA 362 -25.76 -55.66 -40.16
CA GLY JA 362 -24.31 -55.67 -40.02
C GLY JA 362 -23.77 -54.36 -39.49
N ALA JA 363 -24.33 -53.24 -39.97
CA ALA JA 363 -23.91 -51.94 -39.44
C ALA JA 363 -24.22 -51.81 -37.97
N ILE JA 364 -25.42 -52.25 -37.56
CA ILE JA 364 -25.77 -52.19 -36.15
C ILE JA 364 -24.85 -53.07 -35.31
N ALA JA 365 -24.57 -54.28 -35.79
CA ALA JA 365 -23.68 -55.18 -35.06
C ALA JA 365 -22.28 -54.60 -34.94
N ARG JA 366 -21.79 -53.94 -35.99
CA ARG JA 366 -20.49 -53.29 -35.93
C ARG JA 366 -20.49 -52.18 -34.89
N GLU JA 367 -21.46 -51.27 -34.95
CA GLU JA 367 -21.43 -50.12 -34.07
C GLU JA 367 -21.75 -50.48 -32.62
N ILE JA 368 -22.42 -51.60 -32.38
CA ILE JA 368 -22.71 -52.03 -31.02
C ILE JA 368 -22.93 -53.54 -31.01
N PRO JA 369 -21.91 -54.34 -30.70
CA PRO JA 369 -22.07 -55.78 -30.68
C PRO JA 369 -22.70 -56.25 -29.37
N GLY JA 370 -23.03 -57.53 -29.33
CA GLY JA 370 -23.66 -58.11 -28.16
C GLY JA 370 -25.10 -57.67 -27.98
N ILE JA 371 -25.80 -57.32 -29.05
CA ILE JA 371 -27.18 -56.87 -28.96
C ILE JA 371 -28.17 -57.90 -29.49
N TYR JA 372 -27.73 -58.85 -30.33
CA TYR JA 372 -28.56 -59.93 -30.83
C TYR JA 372 -29.79 -59.40 -31.58
N ILE JA 373 -29.51 -58.79 -32.74
CA ILE JA 373 -30.59 -58.36 -33.63
C ILE JA 373 -31.45 -59.56 -34.00
N LYS JA 374 -32.77 -59.35 -34.04
CA LYS JA 374 -33.73 -60.39 -34.38
C LYS JA 374 -34.41 -60.15 -35.72
N LEU JA 375 -34.93 -58.96 -35.95
CA LEU JA 375 -35.57 -58.60 -37.21
C LEU JA 375 -35.06 -57.25 -37.67
N CYS JA 376 -34.84 -57.11 -38.97
CA CYS JA 376 -34.32 -55.86 -39.54
C CYS JA 376 -35.01 -55.53 -40.86
N GLN JA 377 -36.34 -55.67 -40.90
CA GLN JA 377 -37.08 -55.34 -42.11
C GLN JA 377 -36.86 -53.90 -42.52
N VAL JA 378 -36.92 -53.63 -43.83
CA VAL JA 378 -36.59 -52.29 -44.32
C VAL JA 378 -37.73 -51.60 -45.06
N ALA JA 379 -38.20 -52.15 -46.18
CA ALA JA 379 -39.17 -51.48 -47.05
C ALA JA 379 -38.64 -50.13 -47.54
N CYS JA 380 -39.34 -49.50 -48.48
CA CYS JA 380 -39.00 -48.16 -48.92
C CYS JA 380 -40.17 -47.56 -49.68
N VAL JA 381 -40.16 -46.23 -49.81
CA VAL JA 381 -41.17 -45.48 -50.53
C VAL JA 381 -40.48 -44.46 -51.42
N ALA JA 382 -41.28 -43.66 -52.11
CA ALA JA 382 -40.76 -42.60 -52.99
C ALA JA 382 -40.40 -41.38 -52.14
N ALA JA 383 -40.15 -40.25 -52.80
CA ALA JA 383 -39.75 -39.04 -52.09
C ALA JA 383 -40.82 -38.62 -51.09
N GLY JA 384 -42.07 -38.57 -51.52
CA GLY JA 384 -43.17 -38.27 -50.62
C GLY JA 384 -43.74 -39.55 -50.02
N SER JA 385 -45.06 -39.71 -50.11
CA SER JA 385 -45.79 -40.91 -49.70
C SER JA 385 -45.78 -41.10 -48.20
N PRO JA 386 -46.85 -41.65 -47.61
CA PRO JA 386 -46.86 -41.93 -46.18
C PRO JA 386 -46.05 -43.17 -45.82
N ALA JA 387 -46.15 -43.59 -44.56
CA ALA JA 387 -45.41 -44.76 -44.11
C ALA JA 387 -45.81 -45.99 -44.91
N PRO JA 388 -44.87 -46.88 -45.22
CA PRO JA 388 -45.16 -48.00 -46.14
C PRO JA 388 -46.01 -49.11 -45.55
N ALA JA 389 -46.50 -48.96 -44.31
CA ALA JA 389 -47.33 -49.94 -43.61
C ALA JA 389 -46.52 -51.19 -43.27
N PRO JA 390 -46.87 -51.89 -42.19
CA PRO JA 390 -46.07 -53.06 -41.79
C PRO JA 390 -46.09 -54.19 -42.80
N GLY JA 391 -47.07 -54.23 -43.69
CA GLY JA 391 -47.12 -55.30 -44.68
C GLY JA 391 -45.98 -55.25 -45.68
N ASP JA 392 -45.57 -54.04 -46.07
CA ASP JA 392 -44.54 -53.89 -47.10
C ASP JA 392 -43.18 -54.36 -46.60
N PHE JA 393 -42.90 -54.16 -45.30
CA PHE JA 393 -41.57 -54.36 -44.75
C PHE JA 393 -41.00 -55.74 -45.08
N THR JA 394 -39.94 -55.77 -45.88
CA THR JA 394 -39.31 -57.00 -46.34
C THR JA 394 -37.83 -57.00 -46.04
N SER JA 395 -37.11 -57.98 -46.59
CA SER JA 395 -35.68 -58.13 -46.31
C SER JA 395 -34.78 -57.33 -47.22
N GLU JA 396 -35.33 -56.69 -48.26
CA GLU JA 396 -34.50 -55.93 -49.18
C GLU JA 396 -35.37 -55.17 -50.17
N TYR JA 397 -34.76 -54.21 -50.85
CA TYR JA 397 -35.36 -53.52 -51.99
C TYR JA 397 -34.37 -53.60 -53.15
N VAL JA 398 -34.89 -53.88 -54.35
CA VAL JA 398 -34.02 -54.10 -55.50
C VAL JA 398 -33.22 -52.84 -55.81
N MET JA 399 -33.89 -51.69 -55.84
CA MET JA 399 -33.24 -50.38 -55.88
C MET JA 399 -32.33 -50.26 -57.11
N SER JA 400 -32.97 -50.22 -58.28
CA SER JA 400 -32.26 -50.17 -59.54
C SER JA 400 -31.37 -48.94 -59.63
N ALA JA 401 -30.54 -48.90 -60.69
CA ALA JA 401 -29.42 -47.96 -60.76
C ALA JA 401 -29.89 -46.52 -60.61
N PHE JA 402 -30.88 -46.11 -61.39
CA PHE JA 402 -31.43 -44.77 -61.22
C PHE JA 402 -32.20 -44.67 -59.91
N GLY JA 403 -31.92 -43.62 -59.16
CA GLY JA 403 -32.50 -43.43 -57.84
C GLY JA 403 -31.45 -43.33 -56.76
N GLN JA 404 -31.92 -42.96 -55.58
CA GLN JA 404 -31.10 -42.74 -54.40
C GLN JA 404 -32.01 -42.87 -53.18
N ALA JA 405 -31.68 -43.79 -52.29
CA ALA JA 405 -32.43 -43.95 -51.05
C ALA JA 405 -31.76 -43.18 -49.94
N THR JA 406 -32.57 -42.58 -49.08
CA THR JA 406 -32.07 -41.90 -47.90
C THR JA 406 -32.92 -42.30 -46.70
N ILE JA 407 -32.29 -42.36 -45.53
CA ILE JA 407 -32.94 -42.79 -44.30
C ILE JA 407 -32.88 -41.65 -43.30
N SER JA 408 -34.04 -41.30 -42.74
CA SER JA 408 -34.10 -40.26 -41.74
C SER JA 408 -33.76 -40.82 -40.36
N VAL JA 409 -33.68 -39.91 -39.38
CA VAL JA 409 -33.41 -40.34 -38.01
C VAL JA 409 -34.61 -41.08 -37.43
N GLY JA 410 -35.82 -40.58 -37.68
CA GLY JA 410 -37.03 -41.18 -37.15
C GLY JA 410 -37.60 -42.32 -37.96
N ASN JA 411 -37.11 -42.54 -39.18
CA ASN JA 411 -37.59 -43.65 -39.99
C ASN JA 411 -37.13 -45.00 -39.47
N VAL JA 412 -36.23 -45.01 -38.49
CA VAL JA 412 -35.78 -46.25 -37.87
C VAL JA 412 -36.45 -46.36 -36.51
N ARG JA 413 -37.15 -47.47 -36.28
CA ARG JA 413 -37.74 -47.74 -34.98
C ARG JA 413 -37.30 -49.09 -34.46
N VAL JA 414 -37.03 -49.15 -33.16
CA VAL JA 414 -36.40 -50.29 -32.51
C VAL JA 414 -37.36 -50.82 -31.46
N THR JA 415 -37.69 -52.11 -31.57
CA THR JA 415 -38.53 -52.81 -30.62
C THR JA 415 -37.68 -53.74 -29.78
N PHE JA 416 -37.81 -53.63 -28.47
CA PHE JA 416 -37.03 -54.43 -27.53
C PHE JA 416 -37.88 -55.61 -27.07
N VAL JA 417 -37.34 -56.81 -27.22
CA VAL JA 417 -38.05 -58.02 -26.83
C VAL JA 417 -37.37 -58.65 -25.62
N ALA KA 2 -1.97 -52.35 41.16
CA ALA KA 2 -0.86 -53.27 40.95
C ALA KA 2 -1.34 -54.61 40.43
N ASN KA 3 -2.51 -54.61 39.80
CA ASN KA 3 -3.09 -55.85 39.30
C ASN KA 3 -4.09 -55.55 38.19
N TYR KA 4 -4.32 -56.56 37.36
CA TYR KA 4 -5.21 -56.48 36.21
C TYR KA 4 -6.31 -57.52 36.42
N ASN KA 5 -7.48 -57.08 36.87
CA ASN KA 5 -8.59 -57.99 37.13
C ASN KA 5 -9.33 -58.28 35.83
N TYR KA 6 -9.34 -59.55 35.42
CA TYR KA 6 -10.00 -59.98 34.19
C TYR KA 6 -11.38 -60.53 34.58
N ILE KA 7 -12.44 -59.79 34.23
CA ILE KA 7 -13.79 -60.29 34.49
C ILE KA 7 -14.08 -61.43 33.51
N VAL KA 8 -14.21 -62.65 34.03
CA VAL KA 8 -14.01 -63.83 33.19
C VAL KA 8 -15.16 -64.01 32.19
N ASP KA 9 -16.43 -63.85 32.64
CA ASP KA 9 -17.52 -63.90 31.67
C ASP KA 9 -18.62 -62.87 31.88
N THR KA 10 -18.62 -62.12 32.97
CA THR KA 10 -19.80 -61.31 33.26
C THR KA 10 -19.66 -59.91 32.66
N GLY KA 11 -18.48 -59.30 32.77
CA GLY KA 11 -18.27 -57.97 32.25
C GLY KA 11 -17.26 -57.90 31.14
N VAL KA 12 -16.56 -59.01 30.88
CA VAL KA 12 -15.56 -59.20 29.83
C VAL KA 12 -14.52 -58.08 29.79
N ILE KA 13 -14.31 -57.40 30.91
CA ILE KA 13 -13.45 -56.22 30.95
C ILE KA 13 -12.19 -56.56 31.73
N VAL KA 14 -11.05 -56.10 31.21
CA VAL KA 14 -9.82 -56.02 31.98
C VAL KA 14 -9.85 -54.69 32.73
N ALA KA 15 -9.98 -54.76 34.05
CA ALA KA 15 -10.06 -53.56 34.88
C ALA KA 15 -8.77 -53.42 35.68
N ASP KA 16 -8.24 -52.20 35.69
CA ASP KA 16 -7.10 -51.89 36.55
C ASP KA 16 -7.51 -51.99 38.01
N THR KA 17 -6.53 -52.29 38.87
CA THR KA 17 -6.78 -52.24 40.30
C THR KA 17 -6.21 -51.00 40.98
N ALA KA 18 -5.32 -50.28 40.32
CA ALA KA 18 -4.68 -49.07 40.85
C ALA KA 18 -3.96 -49.46 42.13
N ASP KA 19 -4.13 -48.73 43.24
CA ASP KA 19 -3.44 -48.94 44.52
C ASP KA 19 -1.94 -49.22 44.32
N VAL KA 20 -1.33 -48.55 43.33
CA VAL KA 20 0.08 -48.77 43.03
C VAL KA 20 1.00 -47.90 43.87
N LEU KA 21 0.46 -46.95 44.64
CA LEU KA 21 1.30 -46.07 45.44
C LEU KA 21 2.11 -46.85 46.45
N SER KA 22 1.46 -47.80 47.14
CA SER KA 22 2.16 -48.61 48.13
C SER KA 22 3.27 -49.43 47.49
N ASP KA 23 2.99 -50.02 46.31
CA ASP KA 23 4.02 -50.79 45.62
C ASP KA 23 5.19 -49.91 45.20
N VAL KA 24 4.91 -48.69 44.74
CA VAL KA 24 5.99 -47.81 44.29
C VAL KA 24 6.85 -47.37 45.48
N GLU KA 25 6.23 -47.02 46.61
CA GLU KA 25 7.06 -46.65 47.75
C GLU KA 25 7.78 -47.85 48.34
N ALA KA 26 7.21 -49.05 48.19
CA ALA KA 26 7.93 -50.25 48.59
C ALA KA 26 9.10 -50.55 47.66
N GLU KA 27 9.01 -50.14 46.39
CA GLU KA 27 10.17 -50.22 45.51
C GLU KA 27 11.24 -49.22 45.93
N PHE KA 28 10.83 -48.01 46.27
CA PHE KA 28 11.79 -47.01 46.75
C PHE KA 28 12.49 -47.50 48.01
N ARG KA 29 11.72 -48.11 48.91
CA ARG KA 29 12.31 -48.86 50.01
C ARG KA 29 13.04 -50.08 49.46
N ALA KA 30 14.07 -50.52 50.19
CA ALA KA 30 14.87 -51.69 49.82
C ALA KA 30 15.64 -51.46 48.52
N ALA KA 31 15.55 -50.27 47.95
CA ALA KA 31 16.40 -49.84 46.86
C ALA KA 31 17.21 -48.61 47.22
N LEU KA 32 16.57 -47.58 47.78
CA LEU KA 32 17.24 -46.44 48.37
C LEU KA 32 17.59 -46.67 49.84
N GLY KA 33 17.26 -47.85 50.38
CA GLY KA 33 17.39 -48.14 51.78
C GLY KA 33 16.09 -48.61 52.38
N ALA KA 34 15.95 -48.41 53.70
CA ALA KA 34 14.71 -48.74 54.38
C ALA KA 34 14.18 -47.62 55.27
N ASN KA 35 15.00 -46.61 55.57
CA ASN KA 35 14.61 -45.52 56.47
C ASN KA 35 14.16 -44.28 55.70
N ILE KA 36 13.74 -44.45 54.45
CA ILE KA 36 13.34 -43.29 53.65
C ILE KA 36 12.06 -42.71 54.21
N ASN KA 37 12.05 -41.39 54.42
CA ASN KA 37 10.85 -40.69 54.88
C ASN KA 37 10.08 -40.25 53.64
N LEU KA 38 9.17 -41.12 53.19
CA LEU KA 38 8.39 -40.87 51.99
C LEU KA 38 7.09 -40.12 52.27
N ALA KA 39 7.04 -39.36 53.36
CA ALA KA 39 5.90 -38.52 53.62
C ALA KA 39 5.85 -37.37 52.61
N ALA KA 40 4.65 -36.82 52.43
CA ALA KA 40 4.48 -35.72 51.49
C ALA KA 40 5.21 -34.48 52.00
N SER KA 41 5.20 -33.44 51.16
CA SER KA 41 5.92 -32.18 51.36
C SER KA 41 7.44 -32.37 51.37
N THR KA 42 7.92 -33.56 51.04
CA THR KA 42 9.33 -33.85 50.91
C THR KA 42 9.64 -34.20 49.45
N PRO KA 43 10.88 -34.00 49.00
CA PRO KA 43 11.19 -34.28 47.59
C PRO KA 43 10.92 -35.72 47.18
N GLN KA 44 11.37 -36.69 47.99
CA GLN KA 44 11.15 -38.08 47.64
C GLN KA 44 9.67 -38.43 47.64
N GLY KA 45 8.92 -37.89 48.61
CA GLY KA 45 7.50 -38.15 48.65
C GLY KA 45 6.76 -37.58 47.45
N SER KA 46 7.10 -36.35 47.07
CA SER KA 46 6.46 -35.76 45.90
C SER KA 46 6.78 -36.54 44.64
N LEU KA 47 8.04 -36.94 44.47
CA LEU KA 47 8.40 -37.63 43.23
C LEU KA 47 7.86 -39.06 43.21
N VAL KA 48 7.77 -39.71 44.37
CA VAL KA 48 7.15 -41.04 44.41
C VAL KA 48 5.66 -40.94 44.13
N ALA KA 49 5.00 -39.87 44.60
CA ALA KA 49 3.60 -39.67 44.25
C ALA KA 49 3.42 -39.44 42.76
N ALA KA 50 4.33 -38.66 42.15
CA ALA KA 50 4.26 -38.44 40.70
C ALA KA 50 4.47 -39.75 39.95
N GLU KA 51 5.41 -40.57 40.41
CA GLU KA 51 5.63 -41.88 39.79
C GLU KA 51 4.38 -42.75 39.89
N ALA KA 52 3.73 -42.75 41.06
CA ALA KA 52 2.51 -43.52 41.23
C ALA KA 52 1.40 -43.04 40.30
N ILE KA 53 1.27 -41.72 40.15
CA ILE KA 53 0.26 -41.17 39.24
C ILE KA 53 0.54 -41.60 37.81
N ALA KA 54 1.80 -41.53 37.39
CA ALA KA 54 2.15 -41.95 36.04
C ALA KA 54 1.86 -43.43 35.81
N ARG KA 55 2.17 -44.26 36.80
CA ARG KA 55 1.87 -45.69 36.66
C ARG KA 55 0.37 -45.94 36.63
N SER KA 56 -0.41 -45.19 37.42
CA SER KA 56 -1.86 -45.34 37.36
C SER KA 56 -2.38 -45.00 35.97
N SER KA 57 -1.87 -43.91 35.38
CA SER KA 57 -2.28 -43.55 34.03
C SER KA 57 -1.88 -44.64 33.04
N VAL KA 58 -0.69 -45.21 33.20
CA VAL KA 58 -0.26 -46.30 32.32
C VAL KA 58 -1.23 -47.47 32.40
N MET KA 59 -1.61 -47.85 33.63
CA MET KA 59 -2.54 -48.95 33.79
C MET KA 59 -3.89 -48.64 33.17
N ARG KA 60 -4.40 -47.42 33.36
CA ARG KA 60 -5.67 -47.04 32.75
C ARG KA 60 -5.60 -47.20 31.23
N ASN KA 61 -4.54 -46.68 30.62
CA ASN KA 61 -4.44 -46.71 29.16
C ASN KA 61 -4.30 -48.13 28.63
N GLU KA 62 -3.46 -48.95 29.28
CA GLU KA 62 -3.33 -50.34 28.87
C GLU KA 62 -4.66 -51.07 29.00
N ALA KA 63 -5.40 -50.81 30.08
CA ALA KA 63 -6.69 -51.46 30.26
C ALA KA 63 -7.66 -51.05 29.17
N ARG KA 64 -7.71 -49.76 28.82
CA ARG KA 64 -8.61 -49.32 27.75
C ARG KA 64 -8.26 -49.97 26.42
N ILE KA 65 -6.98 -49.99 26.08
CA ILE KA 65 -6.59 -50.54 24.78
C ILE KA 65 -6.80 -52.06 24.75
N ALA KA 66 -6.63 -52.72 25.89
CA ALA KA 66 -6.92 -54.15 25.94
C ALA KA 66 -8.41 -54.43 25.89
N ASN KA 67 -9.23 -53.55 26.46
CA ASN KA 67 -10.67 -53.74 26.44
C ASN KA 67 -11.29 -53.44 25.08
N THR KA 68 -10.65 -52.58 24.29
CA THR KA 68 -11.28 -52.17 23.04
C THR KA 68 -11.46 -53.29 22.04
N ILE KA 69 -10.81 -54.45 22.22
CA ILE KA 69 -10.97 -55.53 21.27
C ILE KA 69 -12.38 -56.09 21.31
N ASN KA 70 -12.90 -56.36 22.49
CA ASN KA 70 -14.28 -56.80 22.53
C ASN KA 70 -15.21 -55.59 22.38
N PRO KA 71 -16.30 -55.74 21.65
CA PRO KA 71 -17.25 -54.62 21.52
C PRO KA 71 -18.01 -54.40 22.82
N ASN KA 72 -18.98 -53.48 22.79
CA ASN KA 72 -19.76 -53.04 23.94
C ASN KA 72 -18.93 -52.14 24.85
N VAL KA 73 -17.64 -52.01 24.58
CA VAL KA 73 -16.79 -51.09 25.33
C VAL KA 73 -15.88 -50.31 24.38
N SER KA 74 -15.98 -50.59 23.08
CA SER KA 74 -15.18 -49.89 22.10
C SER KA 74 -15.88 -48.60 21.66
N PHE KA 75 -15.22 -47.86 20.78
CA PHE KA 75 -15.79 -46.62 20.25
C PHE KA 75 -15.27 -46.43 18.83
N GLY KA 76 -15.40 -45.22 18.30
CA GLY KA 76 -15.11 -44.99 16.90
C GLY KA 76 -13.69 -45.39 16.54
N THR KA 77 -13.53 -45.89 15.31
CA THR KA 77 -12.24 -46.29 14.74
C THR KA 77 -11.61 -47.42 15.54
N PHE KA 78 -12.29 -47.87 16.59
CA PHE KA 78 -11.90 -49.03 17.38
C PHE KA 78 -12.95 -50.12 17.32
N LEU KA 79 -14.21 -49.79 17.58
CA LEU KA 79 -15.32 -50.66 17.23
C LEU KA 79 -15.40 -50.87 15.73
N ASP KA 80 -14.90 -49.91 14.96
CA ASP KA 80 -14.95 -50.00 13.51
C ASP KA 80 -14.07 -51.15 13.01
N ALA KA 81 -12.92 -51.35 13.65
CA ALA KA 81 -12.06 -52.47 13.29
C ALA KA 81 -12.74 -53.80 13.58
N ILE KA 82 -13.46 -53.87 14.70
CA ILE KA 82 -14.21 -55.09 15.02
C ILE KA 82 -15.29 -55.35 13.99
N CYS KA 83 -16.01 -54.30 13.56
CA CYS KA 83 -16.99 -54.48 12.49
C CYS KA 83 -16.32 -54.94 11.20
N ALA KA 84 -15.17 -54.35 10.87
CA ALA KA 84 -14.46 -54.70 9.64
C ALA KA 84 -13.87 -56.11 9.71
N LEU KA 85 -13.68 -56.67 10.90
CA LEU KA 85 -13.25 -58.06 11.00
C LEU KA 85 -14.28 -59.00 10.38
N MET KA 86 -15.55 -58.79 10.70
CA MET KA 86 -16.63 -59.54 10.08
C MET KA 86 -17.10 -58.91 8.79
N GLY KA 87 -16.46 -57.84 8.35
CA GLY KA 87 -16.85 -57.25 7.09
C GLY KA 87 -18.13 -56.47 7.17
N ILE KA 88 -18.62 -56.20 8.38
CA ILE KA 88 -19.74 -55.30 8.54
C ILE KA 88 -19.25 -53.95 8.04
N GLU KA 89 -19.67 -53.57 6.85
CA GLU KA 89 -19.17 -52.34 6.27
C GLU KA 89 -19.61 -51.22 7.19
N ARG KA 90 -18.71 -50.28 7.45
CA ARG KA 90 -19.10 -49.25 8.40
C ARG KA 90 -20.23 -48.41 7.83
N GLY KA 91 -20.18 -48.07 6.55
CA GLY KA 91 -21.32 -47.48 5.84
C GLY KA 91 -20.93 -46.34 4.92
N SER KA 92 -21.75 -46.11 3.88
CA SER KA 92 -21.45 -45.11 2.84
C SER KA 92 -22.45 -43.94 2.83
N ASP KA 93 -22.18 -42.91 2.01
CA ASP KA 93 -22.92 -41.65 2.06
C ASP KA 93 -23.73 -41.44 0.80
N LEU KA 94 -24.74 -40.58 0.91
CA LEU KA 94 -25.48 -40.13 -0.24
C LEU KA 94 -25.98 -38.73 0.08
N SER KA 95 -25.94 -37.83 -0.91
CA SER KA 95 -26.70 -36.58 -0.82
C SER KA 95 -26.90 -36.09 -2.26
N THR KA 96 -28.05 -36.43 -2.83
CA THR KA 96 -28.39 -36.06 -4.19
C THR KA 96 -29.84 -36.43 -4.44
N PHE KA 97 -30.59 -35.52 -5.03
CA PHE KA 97 -31.95 -35.78 -5.49
C PHE KA 97 -31.92 -35.79 -7.01
N GLY KA 98 -33.10 -35.84 -7.62
CA GLY KA 98 -33.16 -35.75 -9.07
C GLY KA 98 -34.57 -35.50 -9.56
N TYR KA 99 -34.64 -34.89 -10.74
CA TYR KA 99 -35.86 -34.79 -11.54
C TYR KA 99 -36.99 -34.08 -10.79
N GLY KA 100 -36.68 -32.97 -10.12
CA GLY KA 100 -37.71 -32.15 -9.55
C GLY KA 100 -38.44 -31.39 -10.64
N VAL KA 101 -39.28 -30.45 -10.20
CA VAL KA 101 -40.08 -29.63 -11.12
C VAL KA 101 -40.10 -28.21 -10.57
N GLN KA 102 -40.14 -27.24 -11.49
CA GLN KA 102 -40.20 -25.84 -11.10
C GLN KA 102 -41.15 -25.10 -12.03
N VAL KA 103 -41.99 -24.25 -11.45
CA VAL KA 103 -42.92 -23.41 -12.17
C VAL KA 103 -42.58 -21.95 -11.86
N THR KA 104 -42.53 -21.13 -12.90
CA THR KA 104 -41.92 -19.81 -12.85
C THR KA 104 -42.68 -18.88 -13.80
N GLY KA 105 -42.05 -17.78 -14.18
CA GLY KA 105 -42.63 -16.82 -15.09
C GLY KA 105 -42.16 -16.97 -16.52
N ARG KA 106 -41.30 -16.05 -16.97
CA ARG KA 106 -40.78 -16.11 -18.33
C ARG KA 106 -39.28 -15.86 -18.32
N SER KA 107 -38.59 -16.51 -19.25
CA SER KA 107 -37.19 -16.23 -19.61
C SER KA 107 -36.33 -15.95 -18.39
N GLN KA 108 -36.38 -16.87 -17.42
CA GLN KA 108 -35.63 -16.75 -16.18
C GLN KA 108 -34.56 -17.82 -16.11
N THR KA 109 -33.41 -17.47 -15.55
CA THR KA 109 -32.33 -18.41 -15.29
C THR KA 109 -32.34 -18.72 -13.80
N ARG KA 110 -32.80 -19.91 -13.44
CA ARG KA 110 -32.82 -20.32 -12.05
C ARG KA 110 -31.40 -20.44 -11.53
N ILE KA 111 -31.24 -20.28 -10.22
CA ILE KA 111 -29.92 -19.97 -9.71
C ILE KA 111 -29.24 -21.24 -9.23
N SER KA 112 -27.93 -21.32 -9.42
CA SER KA 112 -27.16 -22.44 -8.91
C SER KA 112 -27.27 -22.49 -7.39
N THR KA 113 -27.50 -23.70 -6.87
CA THR KA 113 -27.70 -23.90 -5.43
C THR KA 113 -28.85 -23.06 -4.90
N GLY KA 114 -29.91 -22.93 -5.70
CA GLY KA 114 -31.11 -22.28 -5.24
C GLY KA 114 -31.63 -23.02 -4.02
N SER KA 115 -31.82 -22.30 -2.92
CA SER KA 115 -32.27 -22.92 -1.68
C SER KA 115 -33.79 -23.03 -1.66
N ARG KA 116 -34.27 -24.21 -1.29
CA ARG KA 116 -35.69 -24.48 -1.10
C ARG KA 116 -35.85 -25.30 0.17
N VAL KA 117 -36.90 -25.05 0.94
CA VAL KA 117 -37.10 -25.77 2.20
C VAL KA 117 -38.36 -26.61 2.07
N GLN KA 118 -38.26 -27.88 2.44
CA GLN KA 118 -39.46 -28.68 2.64
C GLN KA 118 -40.03 -28.39 4.02
N THR KA 119 -41.31 -28.73 4.20
CA THR KA 119 -41.94 -28.45 5.48
C THR KA 119 -41.25 -29.13 6.67
N PRO KA 120 -40.57 -30.29 6.53
CA PRO KA 120 -39.70 -30.74 7.64
C PRO KA 120 -38.32 -30.10 7.61
N ALA KA 121 -38.27 -28.78 7.39
CA ALA KA 121 -36.99 -28.04 7.32
C ALA KA 121 -36.04 -28.66 6.31
N GLY KA 122 -36.46 -28.66 5.05
CA GLY KA 122 -35.72 -29.26 3.96
C GLY KA 122 -34.30 -28.75 3.74
N ALA KA 123 -34.16 -27.49 3.33
CA ALA KA 123 -32.85 -26.88 3.05
C ALA KA 123 -32.09 -27.67 1.98
N ILE KA 124 -32.64 -27.61 0.77
CA ILE KA 124 -32.17 -28.35 -0.38
C ILE KA 124 -31.66 -27.34 -1.40
N PHE KA 125 -30.48 -27.59 -1.96
CA PHE KA 125 -29.94 -26.74 -3.02
C PHE KA 125 -30.21 -27.32 -4.39
N THR KA 126 -30.36 -26.42 -5.36
CA THR KA 126 -30.47 -26.78 -6.77
C THR KA 126 -29.08 -27.04 -7.35
N VAL KA 127 -28.91 -28.18 -8.00
CA VAL KA 127 -27.58 -28.59 -8.44
C VAL KA 127 -27.21 -27.91 -9.76
N LEU KA 128 -27.96 -28.19 -10.81
CA LEU KA 128 -27.62 -27.68 -12.14
C LEU KA 128 -27.91 -26.20 -12.25
N SER KA 129 -27.08 -25.52 -13.04
CA SER KA 129 -27.35 -24.14 -13.43
C SER KA 129 -28.50 -24.16 -14.43
N ASP KA 130 -29.70 -23.88 -13.96
CA ASP KA 130 -30.93 -24.10 -14.71
C ASP KA 130 -31.45 -22.77 -15.24
N VAL KA 131 -31.82 -22.74 -16.51
CA VAL KA 131 -32.53 -21.62 -17.11
C VAL KA 131 -33.89 -22.11 -17.56
N THR KA 132 -34.95 -21.40 -17.15
CA THR KA 132 -36.30 -21.86 -17.39
C THR KA 132 -36.67 -21.65 -18.86
N ILE KA 133 -37.92 -21.93 -19.20
CA ILE KA 133 -38.42 -21.78 -20.56
C ILE KA 133 -39.69 -20.94 -20.51
N PRO KA 134 -40.05 -20.25 -21.60
CA PRO KA 134 -41.27 -19.42 -21.56
C PRO KA 134 -42.55 -20.22 -21.35
N ALA KA 135 -42.52 -21.53 -21.54
CA ALA KA 135 -43.71 -22.34 -21.33
C ALA KA 135 -44.19 -22.27 -19.88
N GLY KA 136 -43.27 -22.33 -18.93
CA GLY KA 136 -43.63 -22.21 -17.53
C GLY KA 136 -43.38 -23.45 -16.70
N GLY KA 137 -42.35 -24.21 -17.05
CA GLY KA 137 -42.01 -25.39 -16.28
C GLY KA 137 -40.70 -26.02 -16.69
N VAL KA 138 -39.86 -26.36 -15.71
CA VAL KA 138 -38.56 -26.97 -15.95
C VAL KA 138 -38.29 -28.00 -14.85
N ALA KA 139 -37.14 -28.66 -14.94
CA ALA KA 139 -36.72 -29.65 -13.98
C ALA KA 139 -35.38 -29.26 -13.37
N THR KA 140 -35.24 -29.48 -12.06
CA THR KA 140 -34.02 -29.17 -11.33
C THR KA 140 -33.54 -30.41 -10.61
N ILE KA 141 -32.23 -30.56 -10.50
CA ILE KA 141 -31.65 -31.56 -9.60
C ILE KA 141 -31.47 -30.94 -8.23
N ASP KA 142 -31.49 -31.77 -7.19
CA ASP KA 142 -31.45 -31.26 -5.83
C ASP KA 142 -30.45 -32.04 -4.98
N ILE KA 143 -29.91 -31.37 -3.97
CA ILE KA 143 -29.05 -32.03 -2.97
C ILE KA 143 -29.38 -31.47 -1.59
N LYS KA 144 -29.41 -32.34 -0.59
CA LYS KA 144 -29.72 -31.94 0.77
C LYS KA 144 -28.53 -31.20 1.40
N SER KA 145 -28.85 -30.22 2.24
CA SER KA 145 -27.81 -29.43 2.91
C SER KA 145 -26.91 -30.31 3.78
N GLN KA 146 -27.47 -31.36 4.37
CA GLN KA 146 -26.72 -32.22 5.27
C GLN KA 146 -26.62 -33.63 4.68
N GLU KA 147 -25.56 -34.33 5.10
CA GLU KA 147 -25.33 -35.69 4.63
C GLU KA 147 -26.33 -36.70 5.19
N TYR KA 148 -27.23 -36.26 6.07
CA TYR KA 148 -28.11 -37.17 6.79
C TYR KA 148 -29.16 -37.80 5.89
N GLY KA 149 -29.71 -38.92 6.38
CA GLY KA 149 -30.81 -39.60 5.73
C GLY KA 149 -32.08 -38.77 5.71
N ASN KA 150 -32.71 -38.66 4.54
CA ASN KA 150 -33.88 -37.81 4.39
C ASN KA 150 -34.93 -38.50 3.54
N ILE KA 151 -36.17 -38.07 3.70
CA ILE KA 151 -37.27 -38.48 2.83
C ILE KA 151 -38.18 -37.29 2.61
N PRO KA 152 -38.14 -36.65 1.45
CA PRO KA 152 -38.99 -35.49 1.19
C PRO KA 152 -40.43 -35.89 0.91
N LEU KA 153 -41.33 -34.93 1.12
CA LEU KA 153 -42.73 -35.16 0.82
C LEU KA 153 -42.97 -35.09 -0.69
N PRO KA 154 -43.90 -35.89 -1.21
CA PRO KA 154 -44.08 -35.98 -2.67
C PRO KA 154 -44.67 -34.73 -3.31
N VAL KA 155 -45.14 -33.77 -2.52
CA VAL KA 155 -45.78 -32.57 -3.08
C VAL KA 155 -44.83 -31.39 -2.93
N GLY KA 156 -44.91 -30.47 -3.88
CA GLY KA 156 -44.14 -29.24 -3.82
C GLY KA 156 -44.49 -28.41 -2.61
N ASN KA 157 -43.49 -27.95 -1.86
CA ASN KA 157 -43.74 -27.35 -0.57
C ASN KA 157 -43.42 -25.85 -0.53
N LEU KA 158 -42.17 -25.47 -0.73
CA LEU KA 158 -41.71 -24.13 -0.33
C LEU KA 158 -40.36 -23.84 -0.97
N ILE KA 159 -40.00 -22.55 -1.00
CA ILE KA 159 -38.75 -22.09 -1.60
C ILE KA 159 -38.09 -21.05 -0.69
N ILE KA 160 -36.78 -20.88 -0.88
CA ILE KA 160 -36.01 -19.85 -0.17
C ILE KA 160 -35.40 -18.87 -1.15
N ILE KA 161 -34.50 -19.36 -1.99
CA ILE KA 161 -33.73 -18.51 -2.89
C ILE KA 161 -34.49 -18.42 -4.21
N ASP KA 162 -34.82 -17.20 -4.61
CA ASP KA 162 -35.69 -16.99 -5.77
C ASP KA 162 -35.38 -15.62 -6.35
N GLY KA 163 -36.25 -15.16 -7.24
CA GLY KA 163 -36.14 -13.83 -7.81
C GLY KA 163 -37.49 -13.15 -7.85
N THR KA 164 -38.38 -13.61 -6.98
CA THR KA 164 -39.74 -13.09 -6.81
C THR KA 164 -40.60 -13.50 -8.01
N ILE KA 165 -39.96 -14.07 -9.03
CA ILE KA 165 -40.64 -14.48 -10.25
C ILE KA 165 -40.88 -15.98 -10.27
N GLY KA 166 -39.84 -16.78 -10.06
CA GLY KA 166 -40.00 -18.22 -10.01
C GLY KA 166 -40.98 -18.63 -8.92
N TRP KA 167 -42.17 -19.08 -9.32
CA TRP KA 167 -43.26 -19.29 -8.37
C TRP KA 167 -42.91 -20.34 -7.33
N SER KA 168 -42.74 -21.59 -7.75
CA SER KA 168 -42.55 -22.63 -6.74
C SER KA 168 -41.95 -23.89 -7.34
N GLY KA 169 -41.30 -24.67 -6.48
CA GLY KA 169 -40.82 -25.98 -6.86
C GLY KA 169 -41.81 -27.05 -6.45
N ALA KA 170 -42.03 -28.00 -7.36
CA ALA KA 170 -42.94 -29.10 -7.15
C ALA KA 170 -42.21 -30.42 -7.36
N LYS KA 171 -42.81 -31.49 -6.89
CA LYS KA 171 -42.25 -32.83 -7.02
C LYS KA 171 -43.22 -33.72 -7.78
N VAL KA 172 -42.69 -34.52 -8.70
CA VAL KA 172 -43.48 -35.45 -9.50
C VAL KA 172 -43.08 -36.87 -9.13
N ILE KA 173 -43.85 -37.83 -9.64
CA ILE KA 173 -43.56 -39.22 -9.38
C ILE KA 173 -42.29 -39.65 -10.11
N ALA KA 174 -42.01 -39.06 -11.26
CA ALA KA 174 -40.78 -39.36 -12.00
C ALA KA 174 -39.53 -38.89 -11.26
N SER KA 175 -39.68 -38.02 -10.26
CA SER KA 175 -38.54 -37.61 -9.46
C SER KA 175 -38.01 -38.79 -8.64
N THR KA 176 -36.68 -38.89 -8.57
CA THR KA 176 -36.04 -40.00 -7.87
C THR KA 176 -35.61 -39.56 -6.48
N ARG KA 177 -35.71 -40.50 -5.54
CA ARG KA 177 -35.26 -40.29 -4.17
C ARG KA 177 -34.05 -41.17 -3.89
N VAL KA 178 -33.11 -40.62 -3.16
CA VAL KA 178 -31.85 -41.28 -2.84
C VAL KA 178 -31.77 -41.48 -1.34
N ASP KA 179 -31.14 -42.59 -0.93
CA ASP KA 179 -31.19 -43.11 0.44
C ASP KA 179 -29.84 -43.05 1.14
N PRO KA 180 -29.60 -42.02 1.96
CA PRO KA 180 -28.26 -41.77 2.52
C PRO KA 180 -27.99 -42.31 3.92
N GLY KA 181 -26.71 -42.56 4.17
CA GLY KA 181 -26.18 -42.75 5.51
C GLY KA 181 -25.64 -41.45 6.10
N SER KA 182 -25.01 -41.56 7.27
CA SER KA 182 -24.57 -40.35 8.00
C SER KA 182 -23.40 -40.70 8.92
N ARG KA 183 -22.17 -40.34 8.50
CA ARG KA 183 -20.89 -40.65 9.21
C ARG KA 183 -21.03 -42.04 9.82
N GLN KA 184 -20.57 -42.29 11.04
CA GLN KA 184 -20.78 -43.61 11.60
C GLN KA 184 -22.04 -43.57 12.42
N MET KA 185 -27.29 -41.85 11.45
CA MET KA 185 -25.97 -42.40 11.75
C MET KA 185 -26.04 -43.65 12.60
N SER KA 186 -24.88 -44.06 13.11
CA SER KA 186 -24.79 -45.22 13.99
C SER KA 186 -23.53 -45.06 14.84
N ASP KA 187 -23.69 -44.48 16.03
CA ASP KA 187 -22.62 -44.41 17.01
C ASP KA 187 -22.78 -45.46 18.10
N ALA KA 188 -24.00 -45.66 18.59
CA ALA KA 188 -24.35 -46.80 19.43
C ALA KA 188 -25.28 -47.78 18.73
N GLU KA 189 -26.08 -47.32 17.76
CA GLU KA 189 -26.83 -48.28 16.98
C GLU KA 189 -25.95 -49.02 15.98
N LEU KA 190 -24.71 -48.58 15.75
CA LEU KA 190 -23.75 -49.47 15.11
C LEU KA 190 -23.45 -50.67 15.99
N LYS KA 191 -23.27 -50.43 17.29
CA LYS KA 191 -23.12 -51.53 18.23
C LYS KA 191 -24.36 -52.42 18.23
N ASN KA 192 -25.54 -51.80 18.16
CA ASN KA 192 -26.77 -52.58 18.09
C ASN KA 192 -26.84 -53.44 16.82
N ALA KA 193 -26.46 -52.86 15.67
CA ALA KA 193 -26.59 -53.56 14.39
C ALA KA 193 -25.45 -54.52 14.12
N ARG KA 194 -24.38 -54.46 14.90
CA ARG KA 194 -23.29 -55.42 14.72
C ARG KA 194 -23.76 -56.85 14.95
N VAL KA 195 -24.61 -57.06 15.96
CA VAL KA 195 -25.07 -58.41 16.27
C VAL KA 195 -25.95 -58.96 15.16
N ASN KA 196 -26.63 -58.10 14.41
CA ASN KA 196 -27.48 -58.55 13.31
C ASN KA 196 -26.68 -58.76 12.03
N ARG KA 197 -25.90 -57.76 11.62
CA ARG KA 197 -25.14 -57.87 10.39
C ARG KA 197 -23.83 -58.61 10.65
N LEU KA 198 -23.89 -59.75 11.30
CA LEU KA 198 -22.70 -60.48 11.71
C LEU KA 198 -22.30 -61.56 10.71
N ALA KA 199 -23.05 -61.73 9.63
CA ALA KA 199 -22.75 -62.69 8.58
C ALA KA 199 -22.84 -62.03 7.21
N ILE KA 200 -22.31 -60.81 7.11
CA ILE KA 200 -22.25 -60.13 5.82
C ILE KA 200 -21.45 -60.97 4.82
N GLN KA 201 -20.32 -61.49 5.26
CA GLN KA 201 -19.43 -62.25 4.39
C GLN KA 201 -19.96 -63.65 4.09
N GLY KA 202 -21.01 -64.10 4.77
CA GLY KA 202 -21.60 -65.39 4.53
C GLY KA 202 -22.81 -65.29 3.62
N ARG KA 203 -23.16 -66.41 3.01
CA ARG KA 203 -24.30 -66.50 2.11
C ARG KA 203 -25.08 -67.76 2.42
N ASN KA 204 -26.30 -67.83 1.87
CA ASN KA 204 -27.11 -69.04 1.89
C ASN KA 204 -27.45 -69.46 3.31
N SER KA 205 -28.11 -68.57 4.06
CA SER KA 205 -28.51 -68.85 5.44
C SER KA 205 -29.47 -67.77 5.90
N THR KA 206 -30.17 -68.03 7.03
CA THR KA 206 -31.03 -67.00 7.60
C THR KA 206 -30.22 -65.79 8.03
N MET KA 207 -29.16 -66.02 8.79
CA MET KA 207 -28.33 -64.93 9.26
C MET KA 207 -27.69 -64.17 8.11
N ALA KA 208 -27.22 -64.91 7.10
CA ALA KA 208 -26.63 -64.27 5.93
C ALA KA 208 -27.64 -63.42 5.19
N ILE KA 209 -28.85 -63.94 4.99
CA ILE KA 209 -29.89 -63.16 4.30
C ILE KA 209 -30.23 -61.91 5.09
N LYS KA 210 -30.43 -62.06 6.40
CA LYS KA 210 -30.77 -60.92 7.23
C LYS KA 210 -29.67 -59.86 7.18
N ALA KA 211 -28.41 -60.28 7.29
CA ALA KA 211 -27.31 -59.34 7.27
C ALA KA 211 -27.19 -58.63 5.93
N TYR KA 212 -27.26 -59.39 4.84
CA TYR KA 212 -27.07 -58.79 3.52
C TYR KA 212 -28.20 -57.82 3.19
N VAL KA 213 -29.44 -58.17 3.54
CA VAL KA 213 -30.52 -57.23 3.28
C VAL KA 213 -30.51 -56.07 4.26
N SER KA 214 -29.93 -56.24 5.46
CA SER KA 214 -29.76 -55.12 6.37
C SER KA 214 -28.74 -54.13 5.83
N ALA KA 215 -27.71 -54.64 5.14
CA ALA KA 215 -26.71 -53.77 4.54
C ALA KA 215 -27.28 -52.85 3.47
N VAL KA 216 -28.44 -53.16 2.92
CA VAL KA 216 -29.08 -52.27 1.94
C VAL KA 216 -29.50 -50.98 2.64
N PRO KA 217 -29.26 -49.82 2.05
CA PRO KA 217 -29.62 -48.56 2.72
C PRO KA 217 -31.12 -48.45 2.93
N ASN KA 218 -31.49 -47.78 4.03
CA ASN KA 218 -32.88 -47.62 4.47
C ASN KA 218 -33.57 -48.98 4.66
N VAL KA 219 -32.83 -49.94 5.21
CA VAL KA 219 -33.45 -51.11 5.80
C VAL KA 219 -33.23 -50.98 7.31
N THR KA 220 -34.16 -50.33 8.00
CA THR KA 220 -33.97 -50.08 9.42
C THR KA 220 -34.12 -51.36 10.24
N SER KA 221 -34.83 -52.35 9.72
CA SER KA 221 -34.96 -53.64 10.38
C SER KA 221 -35.42 -54.66 9.34
N VAL KA 222 -35.21 -55.93 9.66
CA VAL KA 222 -35.63 -57.01 8.78
C VAL KA 222 -35.85 -58.25 9.61
N ASN KA 223 -36.82 -59.06 9.20
CA ASN KA 223 -37.12 -60.33 9.84
C ASN KA 223 -37.09 -61.42 8.78
N VAL KA 224 -36.41 -62.52 9.08
CA VAL KA 224 -36.31 -63.66 8.17
C VAL KA 224 -36.69 -64.91 8.94
N ILE KA 225 -37.68 -65.64 8.45
CA ILE KA 225 -38.12 -66.88 9.08
C ILE KA 225 -37.89 -68.02 8.11
N GLU KA 226 -37.23 -69.08 8.60
CA GLU KA 226 -36.81 -70.24 7.82
C GLU KA 226 -37.98 -71.12 7.41
N ASN KA 227 -38.86 -71.45 8.37
CA ASN KA 227 -39.96 -72.39 8.16
C ASN KA 227 -39.47 -73.69 7.56
N ASN KA 228 -38.55 -74.34 8.27
CA ASN KA 228 -37.78 -75.45 7.70
C ASN KA 228 -38.48 -76.79 7.83
N THR KA 229 -39.38 -76.97 8.79
CA THR KA 229 -40.00 -78.26 9.07
C THR KA 229 -41.17 -78.52 8.14
N GLY KA 230 -40.91 -78.50 6.84
CA GLY KA 230 -41.97 -78.30 5.87
C GLY KA 230 -43.11 -79.27 5.91
N ALA KA 231 -44.22 -78.81 6.49
CA ALA KA 231 -45.53 -79.43 6.39
C ALA KA 231 -46.58 -78.33 6.31
N VAL KA 232 -46.28 -77.28 5.53
CA VAL KA 232 -47.03 -76.03 5.52
C VAL KA 232 -46.97 -75.42 6.92
N GLN KA 233 -48.05 -75.59 7.69
CA GLN KA 233 -48.16 -75.19 9.10
C GLN KA 233 -47.75 -73.75 9.37
N VAL KA 234 -47.50 -73.44 10.66
CA VAL KA 234 -46.99 -72.13 11.07
C VAL KA 234 -45.72 -72.36 11.88
N VAL KA 235 -44.69 -71.59 11.58
CA VAL KA 235 -43.39 -71.71 12.23
C VAL KA 235 -42.96 -70.33 12.71
N ASN KA 236 -42.88 -70.15 14.03
CA ASN KA 236 -42.43 -68.89 14.64
C ASN KA 236 -43.27 -67.72 14.14
N GLY KA 237 -44.58 -67.92 14.09
CA GLY KA 237 -45.48 -66.96 13.53
C GLY KA 237 -45.51 -67.02 12.02
N VAL KA 238 -46.44 -66.26 11.43
CA VAL KA 238 -46.57 -66.11 9.98
C VAL KA 238 -47.03 -67.43 9.37
N SER KA 239 -48.33 -67.57 9.15
CA SER KA 239 -48.84 -68.76 8.49
C SER KA 239 -48.26 -68.88 7.09
N PHE KA 240 -48.06 -70.11 6.64
CA PHE KA 240 -47.32 -70.38 5.43
C PHE KA 240 -48.15 -71.18 4.43
N THR KA 241 -47.68 -71.16 3.17
CA THR KA 241 -48.31 -71.88 2.08
C THR KA 241 -47.43 -73.00 1.55
N LEU KA 242 -46.24 -72.67 1.07
CA LEU KA 242 -45.34 -73.76 0.72
C LEU KA 242 -44.79 -74.39 1.98
N PRO KA 243 -44.42 -75.66 1.93
CA PRO KA 243 -43.94 -76.32 3.15
C PRO KA 243 -42.73 -75.62 3.76
N TYR KA 244 -41.72 -75.30 2.95
CA TYR KA 244 -40.49 -74.71 3.45
C TYR KA 244 -40.06 -73.57 2.53
N ALA KA 245 -40.03 -72.36 3.07
CA ALA KA 245 -39.64 -71.20 2.28
C ALA KA 245 -39.23 -70.10 3.24
N VAL KA 246 -38.25 -69.31 2.84
CA VAL KA 246 -37.80 -68.21 3.67
C VAL KA 246 -38.74 -67.03 3.47
N TRP KA 247 -39.19 -66.47 4.59
CA TRP KA 247 -40.09 -65.33 4.59
C TRP KA 247 -39.32 -64.12 5.08
N VAL KA 248 -39.29 -63.07 4.26
CA VAL KA 248 -38.49 -61.87 4.52
C VAL KA 248 -39.43 -60.69 4.62
N CYS KA 249 -39.33 -59.95 5.73
CA CYS KA 249 -40.06 -58.70 5.92
C CYS KA 249 -39.05 -57.61 6.18
N VAL KA 250 -38.93 -56.67 5.24
CA VAL KA 250 -37.98 -55.57 5.34
C VAL KA 250 -38.75 -54.30 5.70
N ALA KA 251 -38.18 -53.52 6.62
CA ALA KA 251 -38.77 -52.25 6.99
C ALA KA 251 -38.08 -51.13 6.20
N GLY KA 252 -38.38 -49.89 6.56
CA GLY KA 252 -37.78 -48.78 5.86
C GLY KA 252 -38.33 -48.63 4.46
N ASN KA 253 -37.64 -47.81 3.67
CA ASN KA 253 -38.02 -47.50 2.30
C ASN KA 253 -36.80 -47.61 1.39
N PRO KA 254 -36.32 -48.82 1.14
CA PRO KA 254 -35.17 -48.99 0.25
C PRO KA 254 -35.61 -49.04 -1.20
N ASP KA 255 -34.61 -49.04 -2.08
CA ASP KA 255 -34.89 -49.22 -3.50
C ASP KA 255 -35.34 -50.65 -3.75
N LYS KA 256 -36.47 -50.78 -4.46
CA LYS KA 256 -37.02 -52.11 -4.73
C LYS KA 256 -36.00 -53.00 -5.43
N GLN KA 257 -35.40 -52.48 -6.50
CA GLN KA 257 -34.44 -53.28 -7.27
C GLN KA 257 -33.22 -53.65 -6.43
N ALA KA 258 -32.72 -52.71 -5.63
CA ALA KA 258 -31.52 -52.98 -4.84
C ALA KA 258 -31.78 -54.02 -3.77
N VAL KA 259 -32.87 -53.87 -3.02
CA VAL KA 259 -33.16 -54.83 -1.97
C VAL KA 259 -33.48 -56.20 -2.57
N ALA KA 260 -34.15 -56.23 -3.72
CA ALA KA 260 -34.43 -57.50 -4.37
C ALA KA 260 -33.15 -58.17 -4.85
N ASP KA 261 -32.22 -57.40 -5.40
CA ASP KA 261 -30.95 -57.96 -5.83
C ASP KA 261 -30.14 -58.51 -4.65
N ALA KA 262 -30.15 -57.81 -3.53
CA ALA KA 262 -29.46 -58.33 -2.34
C ALA KA 262 -30.12 -59.60 -1.83
N LEU KA 263 -31.46 -59.63 -1.79
CA LEU KA 263 -32.17 -60.83 -1.40
C LEU KA 263 -31.83 -61.99 -2.33
N TRP KA 264 -31.71 -61.71 -3.62
CA TRP KA 264 -31.34 -62.74 -4.58
C TRP KA 264 -29.91 -63.19 -4.41
N ALA KA 265 -28.99 -62.27 -4.11
CA ALA KA 265 -27.59 -62.63 -3.94
C ALA KA 265 -27.41 -63.52 -2.72
N ALA KA 266 -28.12 -63.23 -1.64
CA ALA KA 266 -28.24 -64.17 -0.54
C ALA KA 266 -29.30 -65.21 -0.91
N HIS KA 267 -29.00 -65.92 -2.01
CA HIS KA 267 -30.03 -66.73 -2.67
C HIS KA 267 -30.61 -67.82 -1.79
N ASN KA 268 -29.78 -68.46 -0.97
CA ASN KA 268 -30.11 -69.62 -0.14
C ASN KA 268 -30.03 -70.93 -0.93
N GLY KA 269 -29.98 -70.86 -2.25
CA GLY KA 269 -30.11 -72.05 -3.07
C GLY KA 269 -31.57 -72.34 -3.38
N GLY KA 270 -31.94 -73.61 -3.35
CA GLY KA 270 -33.21 -74.04 -3.90
C GLY KA 270 -34.41 -74.01 -2.98
N THR KA 271 -34.50 -73.04 -2.09
CA THR KA 271 -35.71 -72.87 -1.29
C THR KA 271 -36.50 -71.68 -1.79
N PRO KA 272 -37.79 -71.83 -2.07
CA PRO KA 272 -38.58 -70.74 -2.66
C PRO KA 272 -38.82 -69.59 -1.69
N TRP KA 273 -39.58 -68.60 -2.14
CA TRP KA 273 -39.95 -67.44 -1.32
C TRP KA 273 -41.45 -67.51 -1.03
N ASP KA 274 -41.81 -67.34 0.24
CA ASP KA 274 -43.21 -67.35 0.65
C ASP KA 274 -43.50 -66.08 1.45
N TYR KA 275 -44.58 -65.40 1.08
CA TYR KA 275 -45.08 -64.24 1.79
C TYR KA 275 -46.60 -64.19 1.78
N GLY KA 276 -47.24 -65.35 1.62
CA GLY KA 276 -48.68 -65.40 1.49
C GLY KA 276 -49.42 -65.29 2.80
N ALA KA 277 -50.49 -66.09 2.95
CA ALA KA 277 -51.38 -66.02 4.10
C ALA KA 277 -51.99 -64.63 4.27
N THR KA 278 -52.17 -63.92 3.16
CA THR KA 278 -52.85 -62.64 3.11
C THR KA 278 -52.21 -61.61 4.05
N ASN KA 279 -52.75 -61.50 5.26
CA ASN KA 279 -52.37 -60.42 6.17
C ASN KA 279 -50.93 -60.48 6.64
N ASN KA 280 -50.22 -61.58 6.41
CA ASN KA 280 -48.85 -61.68 6.90
C ASN KA 280 -47.95 -60.73 6.11
N GLY KA 281 -47.77 -59.52 6.62
CA GLY KA 281 -47.03 -58.50 5.91
C GLY KA 281 -47.86 -57.89 4.80
N VAL KA 282 -47.25 -56.98 4.07
CA VAL KA 282 -47.87 -56.31 2.93
C VAL KA 282 -47.12 -56.70 1.67
N PRO KA 283 -47.78 -57.30 0.68
CA PRO KA 283 -47.08 -57.67 -0.55
C PRO KA 283 -46.44 -56.47 -1.22
N VAL KA 284 -45.22 -56.66 -1.71
CA VAL KA 284 -44.51 -55.57 -2.37
C VAL KA 284 -45.13 -55.28 -3.74
N ASP KA 285 -45.43 -56.32 -4.51
CA ASP KA 285 -45.93 -56.18 -5.87
C ASP KA 285 -47.11 -57.10 -6.11
N GLY KA 286 -47.93 -57.31 -5.07
CA GLY KA 286 -48.96 -58.31 -5.13
C GLY KA 286 -48.35 -59.66 -5.43
N PRO KA 287 -49.06 -60.50 -6.17
CA PRO KA 287 -48.44 -61.74 -6.65
C PRO KA 287 -47.36 -61.44 -7.68
N ASN KA 288 -46.46 -62.40 -7.85
CA ASN KA 288 -45.42 -62.34 -8.87
C ASN KA 288 -44.52 -61.10 -8.65
N GLY KA 289 -43.77 -61.16 -7.56
CA GLY KA 289 -42.88 -60.08 -7.18
C GLY KA 289 -41.82 -59.71 -8.19
N VAL KA 290 -40.92 -58.80 -7.81
CA VAL KA 290 -39.97 -58.22 -8.76
C VAL KA 290 -39.07 -59.30 -9.33
N PRO KA 291 -38.77 -59.29 -10.63
CA PRO KA 291 -38.07 -60.42 -11.25
C PRO KA 291 -36.61 -60.59 -10.84
N VAL KA 292 -35.81 -59.53 -10.99
CA VAL KA 292 -34.35 -59.48 -10.89
C VAL KA 292 -33.68 -60.49 -11.82
N ARG KA 293 -32.42 -60.22 -12.17
CA ARG KA 293 -31.67 -61.04 -13.11
C ARG KA 293 -30.56 -61.79 -12.40
N ASP KA 294 -30.38 -63.06 -12.79
CA ASP KA 294 -29.36 -63.90 -12.19
C ASP KA 294 -27.98 -63.49 -12.70
N PRO KA 295 -27.04 -63.13 -11.82
CA PRO KA 295 -25.68 -62.82 -12.30
C PRO KA 295 -25.04 -63.96 -13.06
N ALA KA 296 -25.27 -65.20 -12.64
CA ALA KA 296 -24.87 -66.35 -13.43
C ALA KA 296 -25.81 -66.42 -14.63
N SER KA 297 -25.41 -65.78 -15.74
CA SER KA 297 -26.33 -65.37 -16.79
C SER KA 297 -27.18 -66.53 -17.30
N GLY KA 298 -28.48 -66.46 -17.02
CA GLY KA 298 -29.43 -67.41 -17.54
C GLY KA 298 -30.80 -67.19 -16.91
N ARG KA 299 -31.84 -67.16 -17.72
CA ARG KA 299 -33.22 -67.12 -17.25
C ARG KA 299 -33.54 -65.83 -16.49
N LYS KA 300 -34.81 -65.63 -16.15
CA LYS KA 300 -35.29 -64.42 -15.46
C LYS KA 300 -36.15 -64.85 -14.30
N TYR KA 301 -35.58 -64.86 -13.10
CA TYR KA 301 -36.21 -65.46 -11.93
C TYR KA 301 -37.19 -64.47 -11.30
N VAL KA 302 -37.61 -64.76 -10.07
CA VAL KA 302 -38.52 -63.91 -9.30
C VAL KA 302 -38.14 -64.01 -7.84
N VAL KA 303 -38.08 -62.87 -7.14
CA VAL KA 303 -37.82 -62.82 -5.71
C VAL KA 303 -39.00 -62.14 -5.03
N LYS KA 304 -39.56 -62.81 -4.02
CA LYS KA 304 -40.77 -62.34 -3.34
C LYS KA 304 -40.50 -62.14 -1.86
N TRP KA 305 -40.80 -60.95 -1.36
CA TRP KA 305 -40.78 -60.67 0.07
C TRP KA 305 -41.98 -59.79 0.39
N THR KA 306 -42.01 -59.24 1.59
CA THR KA 306 -43.14 -58.42 2.03
C THR KA 306 -42.64 -57.30 2.94
N THR KA 307 -43.49 -56.30 3.11
CA THR KA 307 -43.27 -55.18 4.01
C THR KA 307 -44.24 -55.27 5.19
N PRO KA 308 -43.85 -54.79 6.37
CA PRO KA 308 -44.69 -54.99 7.56
C PRO KA 308 -45.93 -54.12 7.54
N ILE KA 309 -46.85 -54.45 8.42
CA ILE KA 309 -48.06 -53.67 8.63
C ILE KA 309 -47.71 -52.50 9.55
N MET KA 310 -47.88 -51.28 9.06
CA MET KA 310 -47.55 -50.11 9.85
C MET KA 310 -48.53 -49.95 11.01
N TYR KA 311 -47.99 -49.55 12.16
CA TYR KA 311 -48.78 -49.29 13.34
C TYR KA 311 -48.39 -47.96 13.95
N ASP KA 312 -49.34 -47.32 14.62
CA ASP KA 312 -49.12 -46.04 15.29
C ASP KA 312 -49.27 -46.26 16.79
N GLY KA 313 -48.17 -46.10 17.52
CA GLY KA 313 -48.16 -46.32 18.95
C GLY KA 313 -48.44 -45.04 19.72
N TYR KA 314 -48.93 -45.20 20.95
CA TYR KA 314 -49.18 -44.06 21.81
C TYR KA 314 -48.58 -44.35 23.18
N VAL KA 315 -48.34 -43.28 23.94
CA VAL KA 315 -47.80 -43.40 25.29
C VAL KA 315 -48.36 -42.27 26.13
N ASN KA 316 -48.88 -42.61 27.31
CA ASN KA 316 -49.15 -41.62 28.35
C ASN KA 316 -48.38 -42.00 29.60
N VAL KA 317 -47.61 -41.04 30.11
CA VAL KA 317 -46.76 -41.22 31.28
C VAL KA 317 -47.26 -40.30 32.38
N THR KA 318 -47.07 -40.74 33.62
CA THR KA 318 -47.36 -39.95 34.81
C THR KA 318 -46.09 -39.84 35.64
N VAL KA 319 -45.55 -38.64 35.75
CA VAL KA 319 -44.29 -38.43 36.45
C VAL KA 319 -44.55 -37.49 37.63
N GLN KA 320 -43.50 -37.30 38.43
CA GLN KA 320 -43.60 -36.52 39.66
C GLN KA 320 -42.65 -35.34 39.72
N GLN KA 321 -41.76 -35.18 38.73
CA GLN KA 321 -40.75 -34.12 38.74
C GLN KA 321 -39.96 -34.13 40.05
N GLY KA 322 -39.42 -35.29 40.38
CA GLY KA 322 -38.67 -35.44 41.61
C GLY KA 322 -37.32 -34.75 41.54
N SER KA 323 -36.67 -34.69 42.71
CA SER KA 323 -35.35 -34.10 42.90
C SER KA 323 -35.30 -32.62 42.54
N SER KA 324 -36.45 -31.98 42.35
CA SER KA 324 -36.54 -30.55 42.04
C SER KA 324 -35.73 -30.19 40.80
N SER KA 325 -35.70 -31.11 39.83
CA SER KA 325 -35.00 -30.90 38.57
C SER KA 325 -36.07 -30.81 37.47
N VAL KA 326 -36.38 -29.58 37.05
CA VAL KA 326 -37.49 -29.38 36.12
C VAL KA 326 -37.08 -29.83 34.73
N ALA KA 327 -37.90 -30.70 34.13
CA ALA KA 327 -37.69 -31.16 32.75
C ALA KA 327 -39.04 -31.55 32.17
N PRO KA 328 -39.79 -30.57 31.68
CA PRO KA 328 -41.19 -30.84 31.27
C PRO KA 328 -41.31 -31.70 30.03
N GLU KA 329 -40.63 -31.33 28.94
CA GLU KA 329 -40.87 -31.94 27.64
C GLU KA 329 -39.64 -32.64 27.08
N ALA KA 330 -38.82 -33.23 27.96
CA ALA KA 330 -37.69 -34.05 27.55
C ALA KA 330 -38.02 -35.54 27.57
N ILE KA 331 -39.27 -35.89 27.82
CA ILE KA 331 -39.67 -37.29 27.97
C ILE KA 331 -40.04 -37.91 26.62
N GLN KA 332 -40.88 -37.22 25.84
CA GLN KA 332 -41.25 -37.77 24.54
C GLN KA 332 -40.06 -37.79 23.59
N ASN KA 333 -39.13 -36.85 23.74
CA ASN KA 333 -37.89 -36.92 22.99
C ASN KA 333 -37.13 -38.21 23.31
N ALA KA 334 -37.05 -38.56 24.60
CA ALA KA 334 -36.41 -39.80 25.00
C ALA KA 334 -37.15 -41.01 24.41
N VAL KA 335 -38.48 -40.98 24.44
CA VAL KA 335 -39.26 -42.11 23.96
C VAL KA 335 -39.03 -42.33 22.47
N VAL KA 336 -39.12 -41.26 21.68
CA VAL KA 336 -38.92 -41.40 20.24
C VAL KA 336 -37.47 -41.74 19.92
N ASN KA 337 -36.53 -41.21 20.71
CA ASN KA 337 -35.12 -41.54 20.50
C ASN KA 337 -34.86 -43.02 20.72
N TYR KA 338 -35.46 -43.60 21.77
CA TYR KA 338 -35.32 -45.03 22.00
C TYR KA 338 -36.05 -45.84 20.94
N ALA KA 339 -37.22 -45.37 20.50
CA ALA KA 339 -37.99 -46.10 19.49
C ALA KA 339 -37.24 -46.15 18.17
N GLN KA 340 -36.56 -45.07 17.80
CA GLN KA 340 -35.82 -45.03 16.54
C GLN KA 340 -34.58 -45.93 16.56
N GLY KA 341 -34.20 -46.47 17.72
CA GLY KA 341 -33.02 -47.30 17.80
C GLY KA 341 -31.75 -46.57 18.15
N LYS KA 342 -31.85 -45.33 18.64
CA LYS KA 342 -30.64 -44.55 18.94
C LYS KA 342 -29.92 -45.09 20.15
N VAL KA 343 -30.66 -45.56 21.16
CA VAL KA 343 -30.02 -45.95 22.43
C VAL KA 343 -29.15 -47.19 22.21
N GLU KA 344 -28.25 -47.40 23.16
CA GLU KA 344 -27.24 -48.45 23.05
C GLU KA 344 -27.70 -49.71 23.78
N GLY KA 345 -27.61 -50.84 23.10
CA GLY KA 345 -27.88 -52.13 23.69
C GLY KA 345 -29.33 -52.57 23.64
N GLU KA 346 -30.26 -51.65 23.47
CA GLU KA 346 -31.70 -51.96 23.43
C GLU KA 346 -32.24 -51.44 22.10
N GLU KA 347 -32.24 -52.29 21.09
CA GLU KA 347 -32.83 -51.93 19.81
C GLU KA 347 -34.30 -51.59 19.99
N GLY KA 348 -34.73 -50.50 19.34
CA GLY KA 348 -36.06 -49.99 19.57
C GLY KA 348 -37.16 -50.74 18.85
N LEU KA 349 -38.11 -50.00 18.27
CA LEU KA 349 -39.24 -50.62 17.59
C LEU KA 349 -38.79 -51.13 16.23
N VAL KA 350 -38.66 -52.45 16.11
CA VAL KA 350 -38.25 -53.09 14.87
C VAL KA 350 -39.42 -53.89 14.33
N VAL KA 351 -39.23 -54.53 13.17
CA VAL KA 351 -40.31 -55.26 12.52
C VAL KA 351 -40.83 -56.39 13.39
N GLY KA 352 -40.01 -56.94 14.27
CA GLY KA 352 -40.42 -57.98 15.18
C GLY KA 352 -40.58 -57.57 16.63
N ALA KA 353 -40.60 -56.26 16.91
CA ALA KA 353 -40.61 -55.78 18.28
C ALA KA 353 -41.96 -56.06 18.95
N SER KA 354 -42.10 -55.57 20.17
CA SER KA 354 -43.35 -55.65 20.91
C SER KA 354 -43.39 -54.46 21.85
N LEU KA 355 -44.17 -53.44 21.48
CA LEU KA 355 -44.25 -52.21 22.25
C LEU KA 355 -44.63 -52.49 23.70
N SER KA 356 -43.73 -52.18 24.63
CA SER KA 356 -43.91 -52.55 26.03
C SER KA 356 -43.81 -51.32 26.93
N ALA KA 357 -44.76 -51.21 27.85
CA ALA KA 357 -44.78 -50.12 28.80
C ALA KA 357 -43.53 -50.12 29.67
N PHE KA 358 -43.10 -51.30 30.11
CA PHE KA 358 -41.90 -51.38 30.93
C PHE KA 358 -40.65 -50.98 30.14
N GLU KA 359 -40.59 -51.35 28.86
CA GLU KA 359 -39.44 -50.95 28.05
C GLU KA 359 -39.40 -49.44 27.85
N VAL KA 360 -40.55 -48.81 27.57
CA VAL KA 360 -40.53 -47.36 27.35
C VAL KA 360 -40.26 -46.63 28.67
N ALA KA 361 -40.78 -47.14 29.78
CA ALA KA 361 -40.44 -46.57 31.08
C ALA KA 361 -38.95 -46.69 31.36
N GLY KA 362 -38.36 -47.82 31.00
CA GLY KA 362 -36.93 -47.99 31.15
C GLY KA 362 -36.14 -47.02 30.30
N ALA KA 363 -36.60 -46.76 29.08
CA ALA KA 363 -35.93 -45.78 28.22
C ALA KA 363 -36.01 -44.37 28.83
N ILE KA 364 -37.16 -44.01 29.39
CA ILE KA 364 -37.30 -42.72 30.04
C ILE KA 364 -36.35 -42.64 31.23
N ALA KA 365 -36.25 -43.73 32.01
CA ALA KA 365 -35.30 -43.76 33.12
C ALA KA 365 -33.86 -43.67 32.63
N ARG KA 366 -33.58 -44.22 31.46
CA ARG KA 366 -32.27 -44.05 30.84
C ARG KA 366 -31.94 -42.59 30.62
N GLU KA 367 -32.82 -41.89 29.90
CA GLU KA 367 -32.46 -40.54 29.47
C GLU KA 367 -32.68 -39.49 30.56
N ILE KA 368 -33.44 -39.80 31.60
CA ILE KA 368 -33.61 -38.86 32.72
C ILE KA 368 -34.03 -39.61 33.98
N PRO KA 369 -33.10 -39.88 34.89
CA PRO KA 369 -33.48 -40.47 36.17
C PRO KA 369 -33.94 -39.41 37.16
N GLY KA 370 -34.64 -39.86 38.21
CA GLY KA 370 -35.07 -38.98 39.27
C GLY KA 370 -36.43 -38.36 39.10
N ILE KA 371 -37.28 -38.90 38.23
CA ILE KA 371 -38.60 -38.35 38.01
C ILE KA 371 -39.71 -39.22 38.58
N TYR KA 372 -39.43 -40.48 38.92
CA TYR KA 372 -40.41 -41.40 39.53
C TYR KA 372 -41.65 -41.56 38.65
N ILE KA 373 -41.44 -42.24 37.52
CA ILE KA 373 -42.55 -42.62 36.66
C ILE KA 373 -43.59 -43.38 37.46
N LYS KA 374 -44.86 -43.00 37.31
CA LYS KA 374 -45.97 -43.65 38.01
C LYS KA 374 -46.79 -44.56 37.11
N LEU KA 375 -47.30 -44.02 36.01
CA LEU KA 375 -48.06 -44.79 35.03
C LEU KA 375 -47.41 -44.63 33.66
N CYS KA 376 -47.41 -45.70 32.88
CA CYS KA 376 -46.70 -45.70 31.60
C CYS KA 376 -47.53 -46.41 30.53
N GLN KA 377 -48.81 -46.08 30.44
CA GLN KA 377 -49.68 -46.83 29.54
C GLN KA 377 -49.28 -46.55 28.09
N VAL KA 378 -49.43 -47.56 27.23
CA VAL KA 378 -48.96 -47.36 25.85
C VAL KA 378 -50.05 -47.55 24.80
N ALA KA 379 -50.45 -48.80 24.56
CA ALA KA 379 -51.34 -49.17 23.46
C ALA KA 379 -50.92 -48.63 22.09
N CYS KA 380 -51.59 -49.10 21.04
CA CYS KA 380 -51.31 -48.65 19.68
C CYS KA 380 -52.48 -49.05 18.79
N VAL KA 381 -52.54 -48.41 17.62
CA VAL KA 381 -53.58 -48.64 16.63
C VAL KA 381 -52.91 -48.92 15.29
N ALA KA 382 -53.75 -49.10 14.26
CA ALA KA 382 -53.27 -49.34 12.92
C ALA KA 382 -52.64 -48.06 12.35
N ALA KA 383 -52.24 -48.13 11.08
CA ALA KA 383 -51.55 -47.00 10.46
C ALA KA 383 -52.42 -45.75 10.46
N GLY KA 384 -53.69 -45.89 10.10
CA GLY KA 384 -54.61 -44.78 10.19
C GLY KA 384 -55.25 -44.69 11.56
N SER KA 385 -56.58 -44.55 11.59
CA SER KA 385 -57.39 -44.60 12.80
C SER KA 385 -57.14 -43.39 13.72
N PRO KA 386 -58.13 -43.00 14.53
CA PRO KA 386 -57.90 -41.92 15.49
C PRO KA 386 -57.19 -42.41 16.74
N ALA KA 387 -57.06 -41.53 17.73
CA ALA KA 387 -56.46 -41.93 19.00
C ALA KA 387 -57.32 -43.00 19.66
N PRO KA 388 -56.71 -44.01 20.28
CA PRO KA 388 -57.47 -45.16 20.78
C PRO KA 388 -58.26 -44.91 22.06
N ALA KA 389 -58.35 -43.66 22.52
CA ALA KA 389 -59.05 -43.27 23.75
C ALA KA 389 -58.36 -43.83 24.98
N PRO KA 390 -58.52 -43.21 26.14
CA PRO KA 390 -57.84 -43.72 27.35
C PRO KA 390 -58.24 -45.13 27.74
N GLY KA 391 -59.39 -45.62 27.26
CA GLY KA 391 -59.80 -46.98 27.60
C GLY KA 391 -58.86 -48.03 27.04
N ASP KA 392 -58.36 -47.80 25.82
CA ASP KA 392 -57.50 -48.80 25.17
C ASP KA 392 -56.10 -48.82 25.78
N PHE KA 393 -55.66 -47.72 26.37
CA PHE KA 393 -54.30 -47.62 26.87
C PHE KA 393 -54.00 -48.69 27.92
N THR KA 394 -53.10 -49.61 27.58
CA THR KA 394 -52.76 -50.73 28.45
C THR KA 394 -51.26 -50.78 28.68
N SER KA 395 -50.79 -51.87 29.30
CA SER KA 395 -49.37 -52.01 29.64
C SER KA 395 -48.60 -52.89 28.67
N GLU KA 396 -49.23 -53.38 27.60
CA GLU KA 396 -48.55 -54.33 26.74
C GLU KA 396 -49.31 -54.48 25.43
N TYR KA 397 -48.58 -54.54 24.33
CA TYR KA 397 -49.15 -54.84 23.01
C TYR KA 397 -48.33 -55.96 22.37
N VAL KA 398 -49.03 -57.00 21.91
CA VAL KA 398 -48.34 -58.21 21.48
C VAL KA 398 -47.44 -57.94 20.28
N MET KA 399 -47.95 -57.20 19.28
CA MET KA 399 -47.18 -56.79 18.11
C MET KA 399 -46.49 -57.99 17.45
N SER KA 400 -47.32 -58.83 16.85
CA SER KA 400 -46.88 -60.08 16.22
C SER KA 400 -45.72 -59.88 15.24
N ALA KA 401 -45.06 -60.98 14.86
CA ALA KA 401 -43.78 -60.90 14.16
C ALA KA 401 -43.84 -60.08 12.88
N PHE KA 402 -45.01 -59.97 12.27
CA PHE KA 402 -45.21 -59.13 11.09
C PHE KA 402 -45.91 -57.85 11.54
N GLY KA 403 -45.32 -56.71 11.22
CA GLY KA 403 -45.88 -55.44 11.65
C GLY KA 403 -44.90 -54.63 12.47
N GLN KA 404 -44.86 -53.33 12.24
CA GLN KA 404 -43.90 -52.44 12.90
C GLN KA 404 -44.63 -51.24 13.46
N ALA KA 405 -44.31 -50.88 14.71
CA ALA KA 405 -44.92 -49.73 15.36
C ALA KA 405 -44.03 -48.51 15.25
N THR KA 406 -44.66 -47.35 15.12
CA THR KA 406 -43.95 -46.08 15.01
C THR KA 406 -44.51 -45.13 16.06
N ILE KA 407 -43.62 -44.48 16.81
CA ILE KA 407 -44.00 -43.57 17.89
C ILE KA 407 -43.65 -42.15 17.45
N SER KA 408 -44.63 -41.26 17.52
CA SER KA 408 -44.47 -39.86 17.16
C SER KA 408 -44.22 -39.01 18.40
N VAL KA 409 -43.64 -37.83 18.17
CA VAL KA 409 -43.33 -36.93 19.28
C VAL KA 409 -44.61 -36.42 19.94
N GLY KA 410 -45.69 -36.25 19.17
CA GLY KA 410 -46.93 -35.76 19.72
C GLY KA 410 -47.81 -36.86 20.27
N ASN KA 411 -47.55 -38.10 19.85
CA ASN KA 411 -48.34 -39.22 20.35
C ASN KA 411 -48.05 -39.54 21.81
N VAL KA 412 -46.91 -39.08 22.33
CA VAL KA 412 -46.53 -39.31 23.72
C VAL KA 412 -46.90 -38.08 24.53
N ARG KA 413 -47.68 -38.27 25.59
CA ARG KA 413 -48.03 -37.19 26.50
C ARG KA 413 -47.73 -37.59 27.93
N VAL KA 414 -47.22 -36.62 28.69
CA VAL KA 414 -46.77 -36.84 30.06
C VAL KA 414 -47.51 -35.87 30.97
N THR KA 415 -48.07 -36.38 32.05
CA THR KA 415 -48.77 -35.60 33.05
C THR KA 415 -47.98 -35.60 34.35
N PHE KA 416 -47.88 -34.44 34.97
CA PHE KA 416 -47.13 -34.28 36.21
C PHE KA 416 -48.10 -34.31 37.38
N VAL KA 417 -47.81 -35.14 38.38
CA VAL KA 417 -48.66 -35.27 39.54
C VAL KA 417 -47.89 -34.93 40.81
N ALA LA 2 -1.92 17.77 69.83
CA ALA LA 2 -1.31 17.67 71.15
C ALA LA 2 -1.93 16.54 71.96
N ASN LA 3 -3.17 16.19 71.63
CA ASN LA 3 -3.87 15.15 72.37
C ASN LA 3 -5.01 14.60 71.52
N TYR LA 4 -5.48 13.43 71.93
CA TYR LA 4 -6.63 12.77 71.32
C TYR LA 4 -7.75 12.70 72.36
N ASN LA 5 -8.90 13.27 72.03
CA ASN LA 5 -10.05 13.27 72.91
C ASN LA 5 -10.93 12.07 72.58
N TYR LA 6 -11.17 11.22 73.56
CA TYR LA 6 -11.98 10.01 73.38
C TYR LA 6 -13.34 10.29 74.01
N ILE LA 7 -14.36 10.53 73.19
CA ILE LA 7 -15.69 10.69 73.77
C ILE LA 7 -16.16 9.36 74.31
N VAL LA 8 -16.66 9.36 75.55
CA VAL LA 8 -16.84 8.16 76.36
C VAL LA 8 -18.03 7.33 75.88
N ASP LA 9 -19.22 7.94 75.82
CA ASP LA 9 -20.40 7.33 75.21
C ASP LA 9 -21.32 8.33 74.53
N THR LA 10 -20.98 9.63 74.54
CA THR LA 10 -21.87 10.61 73.95
C THR LA 10 -21.63 10.74 72.44
N GLY LA 11 -20.42 10.45 71.97
CA GLY LA 11 -20.09 10.77 70.59
C GLY LA 11 -19.34 9.75 69.76
N VAL LA 12 -18.89 8.64 70.36
CA VAL LA 12 -18.11 7.58 69.70
C VAL LA 12 -17.05 8.12 68.75
N ILE LA 13 -16.44 9.24 69.11
CA ILE LA 13 -15.47 9.91 68.26
C ILE LA 13 -14.16 10.08 69.00
N VAL LA 14 -13.06 9.73 68.34
CA VAL LA 14 -11.74 10.24 68.67
C VAL LA 14 -11.59 11.56 67.93
N ALA LA 15 -11.38 12.63 68.69
CA ALA LA 15 -11.22 13.96 68.12
C ALA LA 15 -9.79 14.42 68.29
N ASP LA 16 -9.21 14.95 67.22
CA ASP LA 16 -7.93 15.62 67.31
C ASP LA 16 -8.06 16.85 68.19
N THR LA 17 -6.98 17.18 68.92
CA THR LA 17 -6.96 18.44 69.66
C THR LA 17 -6.29 19.57 68.89
N ALA LA 18 -5.39 19.24 67.97
CA ALA LA 18 -4.59 20.22 67.22
C ALA LA 18 -3.79 21.02 68.25
N ASP LA 19 -3.74 22.35 68.18
CA ASP LA 19 -2.92 23.22 69.03
C ASP LA 19 -1.53 22.64 69.26
N VAL LA 20 -0.91 22.12 68.20
CA VAL LA 20 0.38 21.44 68.29
C VAL LA 20 1.57 22.36 68.07
N LEU LA 21 1.32 23.62 67.72
CA LEU LA 21 2.42 24.55 67.44
C LEU LA 21 3.25 24.81 68.70
N SER LA 22 2.57 24.90 69.85
CA SER LA 22 3.29 25.06 71.12
C SER LA 22 4.20 23.87 71.39
N ASP LA 23 3.69 22.66 71.17
CA ASP LA 23 4.53 21.48 71.36
C ASP LA 23 5.73 21.51 70.42
N VAL LA 24 5.50 21.82 69.14
CA VAL LA 24 6.59 21.83 68.16
C VAL LA 24 7.65 22.85 68.55
N GLU LA 25 7.22 24.03 68.99
CA GLU LA 25 8.16 25.03 69.51
C GLU LA 25 8.92 24.49 70.70
N ALA LA 26 8.24 23.75 71.57
CA ALA LA 26 8.91 23.16 72.73
C ALA LA 26 9.97 22.14 72.32
N GLU LA 27 9.76 21.46 71.19
CA GLU LA 27 10.79 20.55 70.72
C GLU LA 27 11.97 21.32 70.15
N PHE LA 28 11.69 22.33 69.33
CA PHE LA 28 12.79 23.09 68.72
C PHE LA 28 13.64 23.76 69.80
N ARG LA 29 12.98 24.31 70.83
CA ARG LA 29 13.66 24.71 72.04
C ARG LA 29 14.09 23.49 72.85
N ALA LA 30 15.10 23.68 73.69
CA ALA LA 30 15.64 22.63 74.56
C ALA LA 30 16.28 21.50 73.77
N ALA LA 31 16.24 21.59 72.45
CA ALA LA 31 17.01 20.71 71.57
C ALA LA 31 17.97 21.49 70.70
N LEU LA 32 17.53 22.60 70.12
CA LEU LA 32 18.41 23.54 69.44
C LEU LA 32 18.89 24.64 70.36
N GLY LA 33 18.56 24.57 71.64
CA GLY LA 33 18.86 25.61 72.60
C GLY LA 33 17.59 26.14 73.25
N ALA LA 34 17.79 27.11 74.14
CA ALA LA 34 16.68 27.75 74.82
C ALA LA 34 16.44 29.18 74.39
N ASN LA 35 17.43 29.84 73.80
CA ASN LA 35 17.32 31.22 73.38
C ASN LA 35 16.99 31.36 71.91
N ILE LA 36 16.60 30.26 71.25
CA ILE LA 36 16.25 30.33 69.83
C ILE LA 36 15.06 31.26 69.64
N ASN LA 37 15.10 32.04 68.56
CA ASN LA 37 14.06 33.00 68.24
C ASN LA 37 13.14 32.36 67.22
N LEU LA 38 11.99 31.87 67.68
CA LEU LA 38 11.07 31.12 66.84
C LEU LA 38 10.00 32.01 66.20
N ALA LA 39 10.24 33.31 66.11
CA ALA LA 39 9.31 34.20 65.43
C ALA LA 39 9.27 33.87 63.94
N ALA LA 40 8.10 34.10 63.34
CA ALA LA 40 7.92 33.83 61.92
C ALA LA 40 8.79 34.79 61.10
N SER LA 41 8.73 34.62 59.78
CA SER LA 41 9.55 35.32 58.81
C SER LA 41 11.04 35.01 58.97
N THR LA 42 11.37 33.96 59.69
CA THR LA 42 12.72 33.46 59.88
C THR LA 42 12.77 32.00 59.47
N PRO LA 43 13.94 31.48 59.10
CA PRO LA 43 14.01 30.07 58.69
C PRO LA 43 13.50 29.10 59.75
N GLN LA 44 13.86 29.30 61.01
CA GLN LA 44 13.42 28.38 62.05
C GLN LA 44 11.93 28.52 62.31
N GLY LA 45 11.40 29.74 62.24
CA GLY LA 45 9.97 29.93 62.40
C GLY LA 45 9.18 29.25 61.29
N SER LA 46 9.64 29.39 60.06
CA SER LA 46 8.97 28.73 58.94
C SER LA 46 9.07 27.21 59.07
N LEU LA 47 10.22 26.70 59.50
CA LEU LA 47 10.37 25.26 59.71
C LEU LA 47 9.41 24.76 60.78
N VAL LA 48 9.28 25.50 61.88
CA VAL LA 48 8.36 25.11 62.95
C VAL LA 48 6.92 25.15 62.46
N ALA LA 49 6.56 26.17 61.67
CA ALA LA 49 5.21 26.25 61.13
C ALA LA 49 4.92 25.05 60.22
N ALA LA 50 5.86 24.71 59.35
CA ALA LA 50 5.64 23.57 58.46
C ALA LA 50 5.52 22.27 59.23
N GLU LA 51 6.37 22.08 60.25
CA GLU LA 51 6.31 20.87 61.06
C GLU LA 51 4.98 20.78 61.80
N ALA LA 52 4.51 21.90 62.34
CA ALA LA 52 3.22 21.92 63.04
C ALA LA 52 2.09 21.59 62.08
N ILE LA 53 2.13 22.13 60.86
CA ILE LA 53 1.09 21.83 59.88
C ILE LA 53 1.09 20.34 59.56
N ALA LA 54 2.27 19.78 59.33
CA ALA LA 54 2.36 18.36 58.99
C ALA LA 54 1.83 17.49 60.12
N ARG LA 55 2.18 17.83 61.36
CA ARG LA 55 1.70 17.05 62.48
C ARG LA 55 0.19 17.16 62.64
N SER LA 56 -0.36 18.35 62.48
CA SER LA 56 -1.80 18.51 62.58
C SER LA 56 -2.50 17.67 61.53
N SER LA 57 -1.96 17.64 60.30
CA SER LA 57 -2.53 16.80 59.26
C SER LA 57 -2.44 15.32 59.64
N VAL LA 58 -1.32 14.90 60.23
CA VAL LA 58 -1.17 13.51 60.65
C VAL LA 58 -2.22 13.15 61.69
N MET LA 59 -2.40 14.02 62.69
CA MET LA 59 -3.39 13.76 63.72
C MET LA 59 -4.80 13.68 63.13
N ARG LA 60 -5.12 14.60 62.22
CA ARG LA 60 -6.46 14.58 61.61
C ARG LA 60 -6.70 13.29 60.85
N ASN LA 61 -5.72 12.87 60.04
CA ASN LA 61 -5.91 11.66 59.23
C ASN LA 61 -6.02 10.42 60.10
N GLU LA 62 -5.19 10.32 61.14
CA GLU LA 62 -5.27 9.18 62.03
C GLU LA 62 -6.59 9.16 62.79
N ALA LA 63 -7.09 10.34 63.18
CA ALA LA 63 -8.40 10.41 63.80
C ALA LA 63 -9.50 9.93 62.86
N ARG LA 64 -9.42 10.33 61.58
CA ARG LA 64 -10.40 9.88 60.61
C ARG LA 64 -10.40 8.37 60.48
N ILE LA 65 -9.21 7.77 60.36
CA ILE LA 65 -9.14 6.31 60.22
C ILE LA 65 -9.65 5.63 61.48
N ALA LA 66 -9.23 6.09 62.66
CA ALA LA 66 -9.67 5.48 63.90
C ALA LA 66 -11.14 5.73 64.19
N ASN LA 67 -11.76 6.67 63.49
CA ASN LA 67 -13.20 6.89 63.62
C ASN LA 67 -14.01 6.11 62.59
N THR LA 68 -13.39 5.72 61.47
CA THR LA 68 -14.12 4.95 60.48
C THR LA 68 -14.60 3.60 60.99
N ILE LA 69 -14.03 3.10 62.10
CA ILE LA 69 -14.45 1.81 62.62
C ILE LA 69 -15.91 1.85 63.04
N ASN LA 70 -16.30 2.89 63.76
CA ASN LA 70 -17.70 2.80 64.14
C ASN LA 70 -18.58 3.50 63.10
N PRO LA 71 -19.77 2.98 62.85
CA PRO LA 71 -20.64 3.57 61.82
C PRO LA 71 -21.17 4.94 62.23
N ASN LA 72 -22.03 5.53 61.39
CA ASN LA 72 -22.59 6.86 61.52
C ASN LA 72 -21.54 7.95 61.29
N VAL LA 73 -20.27 7.59 61.12
CA VAL LA 73 -19.23 8.53 60.73
C VAL LA 73 -18.35 7.99 59.61
N SER LA 74 -18.63 6.79 59.12
CA SER LA 74 -17.84 6.17 58.06
C SER LA 74 -18.47 6.46 56.70
N PHE LA 75 -17.87 5.91 55.65
CA PHE LA 75 -18.35 6.12 54.29
C PHE LA 75 -18.03 4.88 53.47
N GLY LA 76 -18.12 5.02 52.15
CA GLY LA 76 -17.96 3.91 51.24
C GLY LA 76 -16.65 3.15 51.40
N THR LA 77 -16.72 1.82 51.33
CA THR LA 77 -15.56 0.93 51.38
C THR LA 77 -14.93 0.95 52.76
N PHE LA 78 -15.43 1.83 53.64
CA PHE LA 78 -15.05 1.88 55.04
C PHE LA 78 -16.19 1.44 55.94
N LEU LA 79 -17.39 1.98 55.71
CA LEU LA 79 -18.58 1.45 56.33
C LEU LA 79 -18.98 0.11 55.71
N ASP LA 80 -18.52 -0.15 54.48
CA ASP LA 80 -18.78 -1.43 53.83
C ASP LA 80 -18.14 -2.58 54.59
N ALA LA 81 -16.93 -2.38 55.11
CA ALA LA 81 -16.28 -3.41 55.91
C ALA LA 81 -17.08 -3.67 57.19
N ILE LA 82 -17.61 -2.63 57.81
CA ILE LA 82 -18.45 -2.80 58.99
C ILE LA 82 -19.70 -3.60 58.64
N CYS LA 83 -20.34 -3.28 57.52
CA CYS LA 83 -21.51 -4.03 57.10
C CYS LA 83 -21.17 -5.49 56.81
N ALA LA 84 -20.03 -5.73 56.16
CA ALA LA 84 -19.63 -7.09 55.84
C ALA LA 84 -19.17 -7.86 57.06
N LEU LA 85 -18.83 -7.17 58.15
CA LEU LA 85 -18.56 -7.86 59.40
C LEU LA 85 -19.80 -8.62 59.87
N MET LA 86 -20.96 -8.01 59.76
CA MET LA 86 -22.22 -8.66 60.08
C MET LA 86 -22.86 -9.34 58.87
N GLY LA 87 -22.22 -9.26 57.71
CA GLY LA 87 -22.73 -9.92 56.53
C GLY LA 87 -23.67 -9.09 55.68
N ILE LA 88 -23.82 -7.81 55.97
CA ILE LA 88 -24.70 -6.94 55.21
C ILE LA 88 -24.02 -6.56 53.90
N GLU LA 89 -24.79 -6.61 52.81
CA GLU LA 89 -24.28 -6.29 51.49
C GLU LA 89 -24.97 -5.03 50.98
N ARG LA 90 -24.28 -4.29 50.11
CA ARG LA 90 -24.83 -3.02 49.64
C ARG LA 90 -25.89 -3.22 48.56
N GLY LA 91 -25.65 -4.09 47.59
CA GLY LA 91 -26.76 -4.28 46.65
C GLY LA 91 -26.37 -4.29 45.18
N SER LA 92 -27.02 -5.16 44.43
CA SER LA 92 -26.71 -5.35 43.01
C SER LA 92 -27.72 -4.61 42.13
N ASP LA 93 -27.48 -4.57 40.82
CA ASP LA 93 -28.47 -4.10 39.85
C ASP LA 93 -28.50 -5.05 38.67
N LEU LA 94 -29.65 -5.09 37.99
CA LEU LA 94 -29.88 -6.06 36.93
C LEU LA 94 -31.19 -5.75 36.23
N SER LA 95 -31.36 -6.33 35.04
CA SER LA 95 -32.62 -6.36 34.28
C SER LA 95 -32.42 -7.18 33.02
N THR LA 96 -33.53 -7.69 32.48
CA THR LA 96 -33.58 -8.44 31.22
C THR LA 96 -35.03 -8.79 30.94
N PHE LA 97 -35.28 -9.26 29.71
CA PHE LA 97 -36.59 -9.76 29.29
C PHE LA 97 -36.44 -11.18 28.77
N GLY LA 98 -37.53 -11.70 28.19
CA GLY LA 98 -37.51 -13.01 27.56
C GLY LA 98 -38.74 -13.23 26.73
N TYR LA 99 -38.58 -14.02 25.66
CA TYR LA 99 -39.66 -14.48 24.80
C TYR LA 99 -40.41 -13.30 24.17
N GLY LA 100 -39.70 -12.58 23.30
CA GLY LA 100 -40.31 -11.64 22.37
C GLY LA 100 -40.51 -12.31 21.03
N VAL LA 101 -41.68 -12.07 20.43
CA VAL LA 101 -41.99 -12.70 19.15
C VAL LA 101 -41.21 -12.02 18.05
N GLN LA 102 -40.75 -12.82 17.09
CA GLN LA 102 -39.98 -12.33 15.94
C GLN LA 102 -40.60 -12.98 14.70
N VAL LA 103 -41.30 -12.17 13.91
CA VAL LA 103 -41.94 -12.64 12.68
C VAL LA 103 -41.12 -12.13 11.51
N THR LA 104 -40.64 -13.06 10.69
CA THR LA 104 -39.73 -12.72 9.60
C THR LA 104 -39.64 -13.90 8.65
N GLY LA 105 -38.71 -13.82 7.71
CA GLY LA 105 -38.38 -14.92 6.84
C GLY LA 105 -37.60 -16.00 7.57
N ARG LA 106 -37.33 -17.07 6.83
CA ARG LA 106 -36.89 -18.34 7.40
C ARG LA 106 -35.43 -18.60 7.05
N SER LA 107 -34.84 -19.56 7.77
CA SER LA 107 -33.43 -19.94 7.66
C SER LA 107 -32.49 -18.78 7.96
N GLN LA 108 -33.00 -17.68 8.50
CA GLN LA 108 -32.20 -16.50 8.78
C GLN LA 108 -31.79 -16.51 10.25
N THR LA 109 -30.54 -16.12 10.51
CA THR LA 109 -29.97 -16.09 11.84
C THR LA 109 -29.79 -14.64 12.28
N ARG LA 110 -30.28 -14.33 13.48
CA ARG LA 110 -30.16 -12.98 14.00
C ARG LA 110 -28.79 -12.81 14.63
N ILE LA 111 -28.03 -11.82 14.14
CA ILE LA 111 -26.71 -11.56 14.70
C ILE LA 111 -26.85 -11.16 16.15
N SER LA 112 -25.94 -11.67 16.99
CA SER LA 112 -26.00 -11.39 18.42
C SER LA 112 -25.80 -9.91 18.68
N THR LA 113 -26.47 -9.43 19.74
CA THR LA 113 -26.46 -8.03 20.14
C THR LA 113 -26.96 -7.14 18.99
N GLY LA 114 -28.19 -7.40 18.58
CA GLY LA 114 -28.90 -6.54 17.64
C GLY LA 114 -29.75 -5.56 18.43
N SER LA 115 -29.81 -4.33 17.92
CA SER LA 115 -30.47 -3.22 18.62
C SER LA 115 -31.93 -3.12 18.20
N ARG LA 116 -32.83 -3.28 19.16
CA ARG LA 116 -34.26 -3.07 18.98
C ARG LA 116 -34.68 -2.01 19.99
N VAL LA 117 -35.17 -0.87 19.51
CA VAL LA 117 -35.43 0.28 20.37
C VAL LA 117 -36.92 0.36 20.65
N GLN LA 118 -37.28 0.37 21.93
CA GLN LA 118 -38.65 0.63 22.34
C GLN LA 118 -38.96 2.10 22.20
N THR LA 119 -40.24 2.41 21.97
CA THR LA 119 -40.60 3.80 21.69
C THR LA 119 -40.34 4.77 22.84
N PRO LA 120 -40.36 4.38 24.16
CA PRO LA 120 -39.86 5.28 25.20
C PRO LA 120 -38.37 5.07 25.50
N ALA LA 121 -37.55 5.01 24.45
CA ALA LA 121 -36.10 4.84 24.55
C ALA LA 121 -35.74 3.57 25.31
N GLY LA 122 -36.10 2.43 24.72
CA GLY LA 122 -35.74 1.14 25.29
C GLY LA 122 -34.32 0.72 24.99
N ALA LA 123 -34.01 0.55 23.70
CA ALA LA 123 -32.66 0.22 23.21
C ALA LA 123 -32.16 -1.08 23.84
N ILE LA 124 -32.86 -2.16 23.50
CA ILE LA 124 -32.58 -3.50 24.00
C ILE LA 124 -31.80 -4.26 22.96
N PHE LA 125 -30.80 -5.04 23.39
CA PHE LA 125 -30.04 -5.83 22.43
C PHE LA 125 -30.47 -7.29 22.46
N THR LA 126 -29.99 -8.03 21.47
CA THR LA 126 -30.23 -9.46 21.34
C THR LA 126 -29.32 -10.22 22.31
N VAL LA 127 -29.91 -11.14 23.07
CA VAL LA 127 -29.14 -11.93 24.02
C VAL LA 127 -28.30 -12.97 23.30
N LEU LA 128 -28.95 -13.82 22.49
CA LEU LA 128 -28.28 -14.91 21.81
C LEU LA 128 -28.83 -15.04 20.40
N SER LA 129 -27.99 -15.57 19.51
CA SER LA 129 -28.38 -15.74 18.12
C SER LA 129 -29.33 -16.92 17.96
N ASP LA 130 -30.20 -16.83 16.96
CA ASP LA 130 -31.16 -17.89 16.68
C ASP LA 130 -31.56 -17.82 15.22
N VAL LA 131 -32.11 -18.94 14.73
CA VAL LA 131 -32.50 -19.11 13.34
C VAL LA 131 -34.01 -19.27 13.29
N THR LA 132 -34.66 -18.54 12.38
CA THR LA 132 -36.11 -18.59 12.27
C THR LA 132 -36.54 -19.89 11.57
N ILE LA 133 -37.45 -20.61 12.20
CA ILE LA 133 -37.98 -21.87 11.68
C ILE LA 133 -38.98 -21.57 10.56
N PRO LA 134 -39.33 -22.54 9.70
CA PRO LA 134 -40.20 -22.22 8.55
C PRO LA 134 -41.63 -21.86 8.90
N ALA LA 135 -41.94 -21.74 10.19
CA ALA LA 135 -43.26 -21.27 10.59
C ALA LA 135 -43.42 -19.75 10.51
N GLY LA 136 -42.32 -19.02 10.38
CA GLY LA 136 -42.36 -17.58 10.21
C GLY LA 136 -42.24 -16.78 11.49
N GLY LA 137 -42.50 -17.40 12.64
CA GLY LA 137 -42.44 -16.70 13.91
C GLY LA 137 -41.71 -17.48 14.98
N VAL LA 138 -40.70 -16.86 15.59
CA VAL LA 138 -39.87 -17.49 16.59
C VAL LA 138 -39.87 -16.64 17.85
N ALA LA 139 -39.15 -17.12 18.87
CA ALA LA 139 -39.02 -16.44 20.15
C ALA LA 139 -37.56 -16.05 20.36
N THR LA 140 -37.34 -14.80 20.78
CA THR LA 140 -36.01 -14.27 21.00
C THR LA 140 -35.91 -13.70 22.40
N ILE LA 141 -34.74 -13.85 23.01
CA ILE LA 141 -34.46 -13.29 24.34
C ILE LA 141 -33.62 -12.04 24.15
N ASP LA 142 -33.98 -10.97 24.87
CA ASP LA 142 -33.33 -9.68 24.72
C ASP LA 142 -32.87 -9.16 26.08
N ILE LA 143 -31.73 -8.47 26.09
CA ILE LA 143 -31.16 -7.90 27.30
C ILE LA 143 -31.10 -6.38 27.14
N LYS LA 144 -31.55 -5.66 28.16
CA LYS LA 144 -31.65 -4.21 28.07
C LYS LA 144 -30.28 -3.56 28.12
N SER LA 145 -30.24 -2.26 27.86
CA SER LA 145 -28.98 -1.56 27.65
C SER LA 145 -28.30 -1.17 28.97
N GLN LA 146 -28.93 -0.30 29.75
CA GLN LA 146 -28.30 0.32 30.90
C GLN LA 146 -29.02 -0.11 32.18
N GLU LA 147 -28.64 0.53 33.30
CA GLU LA 147 -29.14 0.12 34.60
C GLU LA 147 -30.65 0.26 34.69
N TYR LA 148 -31.21 1.34 34.16
CA TYR LA 148 -32.64 1.60 34.24
C TYR LA 148 -33.27 1.49 32.86
N GLY LA 149 -34.52 1.07 32.84
CA GLY LA 149 -35.29 1.01 31.60
C GLY LA 149 -36.78 0.97 31.86
N ASN LA 150 -37.51 1.87 31.21
CA ASN LA 150 -38.96 1.90 31.36
C ASN LA 150 -39.55 0.58 30.88
N ILE LA 151 -40.49 0.05 31.66
CA ILE LA 151 -41.11 -1.23 31.35
C ILE LA 151 -41.81 -1.12 30.01
N PRO LA 152 -41.50 -1.98 29.05
CA PRO LA 152 -41.98 -1.78 27.68
C PRO LA 152 -43.45 -2.17 27.52
N LEU LA 153 -44.22 -1.28 26.91
CA LEU LA 153 -45.56 -1.64 26.50
C LEU LA 153 -45.49 -2.67 25.39
N PRO LA 154 -46.36 -3.69 25.41
CA PRO LA 154 -46.25 -4.73 24.38
C PRO LA 154 -46.69 -4.25 23.00
N VAL LA 155 -45.70 -3.96 22.16
CA VAL LA 155 -45.91 -3.53 20.78
C VAL LA 155 -44.75 -4.05 19.95
N GLY LA 156 -44.79 -3.80 18.64
CA GLY LA 156 -43.66 -4.14 17.80
C GLY LA 156 -42.45 -3.27 18.09
N ASN LA 157 -41.41 -3.85 18.68
CA ASN LA 157 -40.21 -3.10 18.99
C ASN LA 157 -39.54 -2.63 17.71
N LEU LA 158 -39.18 -1.35 17.67
CA LEU LA 158 -38.51 -0.79 16.50
C LEU LA 158 -37.12 -1.40 16.36
N ILE LA 159 -36.76 -1.73 15.11
CA ILE LA 159 -35.50 -2.39 14.82
C ILE LA 159 -34.60 -1.41 14.08
N ILE LA 160 -33.47 -1.06 14.70
CA ILE LA 160 -32.51 -0.15 14.10
C ILE LA 160 -31.47 -0.96 13.33
N ILE LA 161 -30.93 -2.00 13.98
CA ILE LA 161 -29.94 -2.89 13.38
C ILE LA 161 -30.62 -4.21 13.09
N ASP LA 162 -30.48 -4.69 11.86
CA ASP LA 162 -31.05 -5.98 11.47
C ASP LA 162 -30.36 -6.46 10.21
N GLY LA 163 -30.85 -7.59 9.68
CA GLY LA 163 -30.37 -8.12 8.42
C GLY LA 163 -31.31 -7.80 7.28
N THR LA 164 -31.11 -8.52 6.17
CA THR LA 164 -31.90 -8.28 4.97
C THR LA 164 -33.32 -8.81 5.09
N ILE LA 165 -33.57 -9.76 5.98
CA ILE LA 165 -34.83 -10.49 6.00
C ILE LA 165 -35.63 -10.24 7.28
N GLY LA 166 -35.00 -9.82 8.37
CA GLY LA 166 -35.71 -9.57 9.61
C GLY LA 166 -36.87 -8.61 9.45
N TRP LA 167 -38.10 -9.13 9.55
CA TRP LA 167 -39.28 -8.33 9.25
C TRP LA 167 -39.68 -7.47 10.45
N SER LA 168 -40.07 -8.10 11.56
CA SER LA 168 -40.48 -7.30 12.71
C SER LA 168 -40.42 -8.16 13.96
N GLY LA 169 -40.38 -7.47 15.11
CA GLY LA 169 -40.38 -8.12 16.40
C GLY LA 169 -41.23 -7.37 17.40
N ALA LA 170 -42.03 -8.11 18.18
CA ALA LA 170 -42.99 -7.50 19.09
C ALA LA 170 -42.91 -8.19 20.46
N LYS LA 171 -43.53 -7.54 21.44
CA LYS LA 171 -43.67 -8.10 22.77
C LYS LA 171 -44.99 -8.84 22.89
N VAL LA 172 -44.98 -9.91 23.68
CA VAL LA 172 -46.12 -10.82 23.76
C VAL LA 172 -46.60 -10.87 25.20
N ILE LA 173 -47.86 -11.29 25.37
CA ILE LA 173 -48.39 -11.55 26.71
C ILE LA 173 -47.62 -12.70 27.36
N ALA LA 174 -47.22 -13.68 26.56
CA ALA LA 174 -46.43 -14.81 27.06
C ALA LA 174 -45.04 -14.39 27.55
N SER LA 175 -44.60 -13.18 27.22
CA SER LA 175 -43.31 -12.71 27.68
C SER LA 175 -43.37 -12.38 29.17
N THR LA 176 -42.39 -12.88 29.92
CA THR LA 176 -42.29 -12.63 31.36
C THR LA 176 -41.03 -11.79 31.59
N ARG LA 177 -41.22 -10.50 31.77
CA ARG LA 177 -40.13 -9.58 32.02
C ARG LA 177 -39.67 -9.69 33.48
N VAL LA 178 -38.68 -8.88 33.83
CA VAL LA 178 -38.21 -8.78 35.21
C VAL LA 178 -38.01 -7.30 35.55
N ASP LA 179 -38.08 -7.00 36.84
CA ASP LA 179 -38.01 -5.61 37.28
C ASP LA 179 -36.63 -5.04 37.03
N PRO LA 180 -36.54 -3.78 36.57
CA PRO LA 180 -35.26 -3.08 36.59
C PRO LA 180 -34.98 -2.53 37.98
N GLY LA 181 -34.07 -3.18 38.69
CA GLY LA 181 -33.74 -2.74 40.03
C GLY LA 181 -32.34 -2.16 40.10
N SER LA 182 -32.26 -0.84 40.24
CA SER LA 182 -30.96 -0.18 40.26
C SER LA 182 -31.07 1.07 41.13
N ARG LA 183 -30.04 1.92 41.05
CA ARG LA 183 -29.91 3.13 41.86
C ARG LA 183 -29.97 2.83 43.34
N GLN LA 184 -29.52 1.65 43.76
CA GLN LA 184 -29.56 1.40 45.18
C GLN LA 184 -28.22 1.64 45.86
N MET LA 185 -27.21 0.83 45.51
CA MET LA 185 -26.10 0.65 46.44
C MET LA 185 -26.66 0.74 47.85
N SER LA 186 -26.03 1.58 48.67
CA SER LA 186 -26.70 2.38 49.68
C SER LA 186 -25.69 3.44 50.12
N ASP LA 187 -25.95 4.71 49.79
CA ASP LA 187 -24.97 5.74 50.12
C ASP LA 187 -25.18 6.25 51.53
N ALA LA 188 -26.43 6.52 51.90
CA ALA LA 188 -26.77 6.99 53.23
C ALA LA 188 -27.75 6.08 53.96
N GLU LA 189 -28.66 5.42 53.24
CA GLU LA 189 -29.57 4.48 53.88
C GLU LA 189 -28.87 3.21 54.34
N LEU LA 190 -27.60 3.01 53.96
CA LEU LA 190 -26.87 1.86 54.48
C LEU LA 190 -26.71 1.95 55.99
N LYS LA 191 -26.47 3.16 56.50
CA LYS LA 191 -26.35 3.34 57.95
C LYS LA 191 -27.68 3.02 58.64
N ASN LA 192 -28.80 3.44 58.04
CA ASN LA 192 -30.10 3.12 58.62
C ASN LA 192 -30.37 1.62 58.58
N ALA LA 193 -30.07 0.98 57.44
CA ALA LA 193 -30.36 -0.44 57.27
C ALA LA 193 -29.39 -1.33 58.03
N ARG LA 194 -28.25 -0.80 58.47
CA ARG LA 194 -27.32 -1.60 59.25
C ARG LA 194 -27.93 -2.04 60.56
N VAL LA 195 -28.72 -1.18 61.19
CA VAL LA 195 -29.37 -1.56 62.44
C VAL LA 195 -30.54 -2.51 62.22
N ASN LA 196 -31.06 -2.61 61.00
CA ASN LA 196 -32.16 -3.51 60.70
C ASN LA 196 -31.66 -4.89 60.26
N ARG LA 197 -30.87 -4.93 59.18
CA ARG LA 197 -30.30 -6.17 58.70
C ARG LA 197 -29.05 -6.51 59.49
N LEU LA 198 -29.18 -6.51 60.80
CA LEU LA 198 -28.07 -6.69 61.73
C LEU LA 198 -27.99 -8.10 62.29
N ALA LA 199 -28.90 -8.99 61.89
CA ALA LA 199 -28.87 -10.39 62.28
C ALA LA 199 -29.13 -11.28 61.07
N ILE LA 200 -28.58 -10.88 59.92
CA ILE LA 200 -28.74 -11.69 58.71
C ILE LA 200 -28.10 -13.05 58.90
N GLN LA 201 -26.90 -13.09 59.49
CA GLN LA 201 -26.19 -14.35 59.68
C GLN LA 201 -26.92 -15.29 60.63
N GLY LA 202 -27.82 -14.77 61.46
CA GLY LA 202 -28.62 -15.62 62.31
C GLY LA 202 -29.95 -15.98 61.69
N ARG LA 203 -30.58 -17.01 62.25
CA ARG LA 203 -31.90 -17.45 61.83
C ARG LA 203 -32.76 -17.69 63.06
N ASN LA 204 -34.02 -18.02 62.82
CA ASN LA 204 -34.93 -18.46 63.87
C ASN LA 204 -35.04 -17.42 64.99
N SER LA 205 -35.27 -16.17 64.62
CA SER LA 205 -35.47 -15.09 65.57
C SER LA 205 -36.23 -13.98 64.87
N THR LA 206 -36.85 -13.10 65.66
CA THR LA 206 -37.62 -12.01 65.06
C THR LA 206 -36.71 -11.06 64.29
N MET LA 207 -35.60 -10.65 64.89
CA MET LA 207 -34.65 -9.78 64.20
C MET LA 207 -34.06 -10.48 62.99
N ALA LA 208 -33.76 -11.78 63.11
CA ALA LA 208 -33.21 -12.53 61.98
C ALA LA 208 -34.21 -12.60 60.83
N ILE LA 209 -35.49 -12.83 61.14
CA ILE LA 209 -36.51 -12.86 60.11
C ILE LA 209 -36.61 -11.49 59.43
N LYS LA 210 -36.63 -10.43 60.23
CA LYS LA 210 -36.71 -9.09 59.65
C LYS LA 210 -35.51 -8.82 58.74
N ALA LA 211 -34.31 -9.21 59.17
CA ALA LA 211 -33.11 -8.97 58.39
C ALA LA 211 -33.13 -9.75 57.08
N TYR LA 212 -33.45 -11.05 57.15
CA TYR LA 212 -33.43 -11.88 55.96
C TYR LA 212 -34.49 -11.44 54.97
N VAL LA 213 -35.68 -11.07 55.47
CA VAL LA 213 -36.73 -10.59 54.57
C VAL LA 213 -36.36 -9.25 53.97
N SER LA 214 -35.70 -8.38 54.76
CA SER LA 214 -35.25 -7.10 54.23
C SER LA 214 -34.22 -7.27 53.14
N ALA LA 215 -33.36 -8.28 53.26
CA ALA LA 215 -32.34 -8.52 52.25
C ALA LA 215 -32.93 -8.92 50.90
N VAL LA 216 -34.19 -9.31 50.84
CA VAL LA 216 -34.82 -9.65 49.56
C VAL LA 216 -34.88 -8.41 48.69
N PRO LA 217 -34.64 -8.51 47.38
CA PRO LA 217 -34.70 -7.32 46.53
C PRO LA 217 -36.09 -6.69 46.53
N ASN LA 218 -36.09 -5.35 46.39
CA ASN LA 218 -37.30 -4.55 46.22
C ASN LA 218 -38.18 -4.53 47.46
N VAL LA 219 -37.66 -4.90 48.63
CA VAL LA 219 -38.42 -4.88 49.87
C VAL LA 219 -37.97 -3.65 50.64
N THR LA 220 -38.80 -2.60 50.63
CA THR LA 220 -38.40 -1.34 51.24
C THR LA 220 -38.37 -1.43 52.76
N SER LA 221 -39.37 -2.08 53.36
CA SER LA 221 -39.43 -2.16 54.81
C SER LA 221 -40.18 -3.43 55.22
N VAL LA 222 -39.86 -3.92 56.42
CA VAL LA 222 -40.48 -5.12 56.98
C VAL LA 222 -40.85 -4.83 58.43
N ASN LA 223 -42.01 -5.36 58.85
CA ASN LA 223 -42.43 -5.30 60.24
C ASN LA 223 -42.73 -6.72 60.70
N VAL LA 224 -42.18 -7.11 61.83
CA VAL LA 224 -42.34 -8.45 62.38
C VAL LA 224 -42.78 -8.34 63.83
N ILE LA 225 -43.87 -9.02 64.17
CA ILE LA 225 -44.39 -9.01 65.53
C ILE LA 225 -44.42 -10.43 66.05
N GLU LA 226 -44.04 -10.59 67.33
CA GLU LA 226 -43.73 -11.87 67.96
C GLU LA 226 -44.97 -12.55 68.51
N ASN LA 227 -45.69 -11.88 69.42
CA ASN LA 227 -46.94 -12.37 70.00
C ASN LA 227 -46.78 -13.78 70.55
N ASN LA 228 -45.91 -13.93 71.54
CA ASN LA 228 -45.66 -15.25 72.08
C ASN LA 228 -46.28 -15.45 73.45
N THR LA 229 -46.76 -14.39 74.08
CA THR LA 229 -47.53 -14.53 75.32
C THR LA 229 -48.93 -15.04 74.99
N GLY LA 230 -48.96 -16.16 74.27
CA GLY LA 230 -50.12 -16.57 73.49
C GLY LA 230 -51.38 -16.80 74.28
N ALA LA 231 -52.29 -15.84 74.21
CA ALA LA 231 -53.64 -15.95 74.70
C ALA LA 231 -54.58 -15.21 73.76
N VAL LA 232 -54.38 -15.40 72.46
CA VAL LA 232 -55.04 -14.63 71.41
C VAL LA 232 -54.61 -13.16 71.57
N GLN LA 233 -55.48 -12.34 72.12
CA GLN LA 233 -55.26 -10.94 72.51
C GLN LA 233 -54.57 -10.16 71.37
N VAL LA 234 -53.86 -9.10 71.73
CA VAL LA 234 -53.09 -8.28 70.80
C VAL LA 234 -51.78 -7.90 71.46
N VAL LA 235 -50.69 -7.95 70.71
CA VAL LA 235 -49.35 -7.65 71.22
C VAL LA 235 -48.71 -6.63 70.30
N ASN LA 236 -48.42 -5.45 70.83
CA ASN LA 236 -47.75 -4.37 70.08
C ASN LA 236 -48.49 -4.07 68.78
N GLY LA 237 -49.81 -4.05 68.85
CA GLY LA 237 -50.63 -3.88 67.67
C GLY LA 237 -50.81 -5.18 66.91
N VAL LA 238 -51.85 -5.21 66.08
CA VAL LA 238 -52.21 -6.36 65.26
C VAL LA 238 -52.63 -7.53 66.14
N SER LA 239 -53.93 -7.79 66.21
CA SER LA 239 -54.44 -8.90 67.00
C SER LA 239 -54.16 -10.22 66.28
N PHE LA 240 -54.04 -11.29 67.07
CA PHE LA 240 -53.64 -12.59 66.57
C PHE LA 240 -54.71 -13.64 66.84
N THR LA 241 -55.05 -14.40 65.80
CA THR LA 241 -55.98 -15.52 65.97
C THR LA 241 -55.37 -16.61 66.83
N LEU LA 242 -54.13 -17.05 66.48
CA LEU LA 242 -53.44 -18.12 67.17
C LEU LA 242 -52.65 -17.58 68.36
N PRO LA 243 -52.50 -18.37 69.42
CA PRO LA 243 -51.71 -17.93 70.57
C PRO LA 243 -50.25 -17.64 70.20
N TYR LA 244 -49.57 -18.65 69.68
CA TYR LA 244 -48.17 -18.54 69.29
C TYR LA 244 -48.10 -18.42 67.78
N ALA LA 245 -47.65 -17.26 67.30
CA ALA LA 245 -47.50 -17.01 65.86
C ALA LA 245 -46.80 -15.68 65.67
N VAL LA 246 -46.04 -15.58 64.58
CA VAL LA 246 -45.37 -14.34 64.22
C VAL LA 246 -46.05 -13.77 62.99
N TRP LA 247 -46.08 -12.44 62.90
CA TRP LA 247 -46.73 -11.73 61.81
C TRP LA 247 -45.71 -10.90 61.07
N VAL LA 248 -45.67 -11.05 59.75
CA VAL LA 248 -44.71 -10.37 58.89
C VAL LA 248 -45.46 -9.55 57.87
N CYS LA 249 -45.11 -8.26 57.79
CA CYS LA 249 -45.68 -7.34 56.81
C CYS LA 249 -44.53 -6.73 56.02
N VAL LA 250 -44.57 -6.89 54.70
CA VAL LA 250 -43.47 -6.46 53.83
C VAL LA 250 -44.00 -5.43 52.84
N ALA LA 251 -43.22 -4.37 52.63
CA ALA LA 251 -43.55 -3.34 51.67
C ALA LA 251 -42.89 -3.67 50.33
N GLY LA 252 -42.90 -2.72 49.41
CA GLY LA 252 -42.26 -2.91 48.13
C GLY LA 252 -43.04 -3.86 47.23
N ASN LA 253 -42.42 -4.17 46.09
CA ASN LA 253 -43.01 -5.06 45.09
C ASN LA 253 -42.00 -6.13 44.70
N PRO LA 254 -41.65 -7.03 45.61
CA PRO LA 254 -40.73 -8.11 45.28
C PRO LA 254 -41.47 -9.27 44.64
N ASP LA 255 -40.75 -10.37 44.42
CA ASP LA 255 -41.36 -11.59 43.90
C ASP LA 255 -41.83 -12.47 45.03
N LYS LA 256 -43.06 -12.98 44.89
CA LYS LA 256 -43.69 -13.76 45.94
C LYS LA 256 -42.85 -14.98 46.30
N GLN LA 257 -42.34 -15.68 45.29
CA GLN LA 257 -41.54 -16.87 45.55
C GLN LA 257 -40.29 -16.53 46.36
N ALA LA 258 -39.60 -15.44 45.99
CA ALA LA 258 -38.38 -15.08 46.69
C ALA LA 258 -38.65 -14.71 48.14
N VAL LA 259 -39.65 -13.85 48.37
CA VAL LA 259 -39.89 -13.41 49.75
C VAL LA 259 -40.41 -14.58 50.59
N ALA LA 260 -41.23 -15.45 50.00
CA ALA LA 260 -41.71 -16.62 50.72
C ALA LA 260 -40.58 -17.58 51.04
N ASP LA 261 -39.62 -17.75 50.12
CA ASP LA 261 -38.47 -18.60 50.40
C ASP LA 261 -37.62 -18.04 51.53
N ALA LA 262 -37.42 -16.72 51.56
CA ALA LA 262 -36.68 -16.13 52.67
C ALA LA 262 -37.43 -16.32 53.99
N LEU LA 263 -38.75 -16.14 53.98
CA LEU LA 263 -39.54 -16.34 55.18
C LEU LA 263 -39.45 -17.78 55.66
N TRP LA 264 -39.48 -18.74 54.73
CA TRP LA 264 -39.33 -20.14 55.11
C TRP LA 264 -37.94 -20.42 55.65
N ALA LA 265 -36.91 -19.81 55.07
CA ALA LA 265 -35.54 -20.03 55.54
C ALA LA 265 -35.37 -19.55 56.98
N ALA LA 266 -35.97 -18.42 57.32
CA ALA LA 266 -35.96 -17.92 58.70
C ALA LA 266 -37.26 -18.36 59.37
N HIS LA 267 -37.23 -19.49 60.08
CA HIS LA 267 -38.46 -20.15 60.47
C HIS LA 267 -38.74 -20.18 61.97
N ASN LA 268 -37.75 -20.53 62.80
CA ASN LA 268 -37.85 -20.76 64.24
C ASN LA 268 -38.46 -22.11 64.58
N GLY LA 269 -38.63 -22.98 63.61
CA GLY LA 269 -39.17 -24.28 63.95
C GLY LA 269 -40.69 -24.30 63.93
N GLY LA 270 -41.33 -24.34 65.10
CA GLY LA 270 -42.74 -24.65 65.12
C GLY LA 270 -43.70 -23.48 65.26
N THR LA 271 -43.29 -22.27 64.87
CA THR LA 271 -44.17 -21.12 64.98
C THR LA 271 -45.05 -21.02 63.74
N PRO LA 272 -46.37 -21.03 63.89
CA PRO LA 272 -47.25 -20.82 62.74
C PRO LA 272 -47.19 -19.38 62.26
N TRP LA 273 -47.60 -19.18 61.01
CA TRP LA 273 -47.70 -17.86 60.40
C TRP LA 273 -49.14 -17.39 60.50
N ASP LA 274 -49.35 -16.23 61.11
CA ASP LA 274 -50.67 -15.65 61.29
C ASP LA 274 -50.70 -14.28 60.63
N TYR LA 275 -51.74 -14.03 59.83
CA TYR LA 275 -51.94 -12.76 59.18
C TYR LA 275 -53.41 -12.37 59.17
N GLY LA 276 -54.18 -12.86 60.13
CA GLY LA 276 -55.62 -12.70 60.10
C GLY LA 276 -56.11 -11.35 60.59
N ALA LA 277 -57.16 -11.38 61.42
CA ALA LA 277 -57.82 -10.17 61.91
C ALA LA 277 -58.38 -9.32 60.77
N THR LA 278 -58.78 -9.97 59.69
CA THR LA 278 -59.46 -9.32 58.56
C THR LA 278 -58.67 -8.16 57.99
N ASN LA 279 -58.98 -6.94 58.45
CA ASN LA 279 -58.39 -5.73 57.90
C ASN LA 279 -56.91 -5.59 58.23
N ASN LA 280 -56.38 -6.39 59.15
CA ASN LA 280 -54.98 -6.27 59.55
C ASN LA 280 -54.08 -6.65 58.37
N GLY LA 281 -53.47 -5.65 57.76
CA GLY LA 281 -52.67 -5.91 56.58
C GLY LA 281 -53.54 -6.28 55.39
N VAL LA 282 -52.89 -6.85 54.38
CA VAL LA 282 -53.57 -7.32 53.18
C VAL LA 282 -53.09 -8.73 52.87
N PRO LA 283 -53.99 -9.69 52.69
CA PRO LA 283 -53.55 -11.05 52.31
C PRO LA 283 -52.82 -11.03 50.98
N VAL LA 284 -51.78 -11.85 50.88
CA VAL LA 284 -50.96 -11.90 49.67
C VAL LA 284 -51.51 -12.89 48.65
N ASP LA 285 -52.13 -13.98 49.11
CA ASP LA 285 -52.78 -14.94 48.24
C ASP LA 285 -54.11 -15.40 48.82
N GLY LA 286 -54.73 -14.57 49.65
CA GLY LA 286 -55.91 -14.96 50.37
C GLY LA 286 -55.57 -16.06 51.36
N PRO LA 287 -56.56 -16.87 51.73
CA PRO LA 287 -56.28 -18.04 52.58
C PRO LA 287 -55.38 -19.03 51.84
N ASN LA 288 -54.59 -19.77 52.62
CA ASN LA 288 -53.68 -20.78 52.09
C ASN LA 288 -52.67 -20.16 51.11
N GLY LA 289 -51.80 -19.33 51.69
CA GLY LA 289 -50.82 -18.57 50.93
C GLY LA 289 -49.77 -19.38 50.20
N VAL LA 290 -48.65 -18.74 49.87
CA VAL LA 290 -47.65 -19.34 48.98
C VAL LA 290 -47.08 -20.61 49.62
N PRO LA 291 -47.13 -21.76 48.94
CA PRO LA 291 -46.68 -23.01 49.56
C PRO LA 291 -45.18 -23.13 49.77
N VAL LA 292 -44.40 -22.92 48.70
CA VAL LA 292 -42.94 -23.16 48.63
C VAL LA 292 -42.57 -24.57 49.06
N ARG LA 293 -41.31 -24.94 48.84
CA ARG LA 293 -40.81 -26.28 49.06
C ARG LA 293 -39.71 -26.28 50.10
N ASP LA 294 -39.77 -27.22 51.04
CA ASP LA 294 -38.80 -27.30 52.13
C ASP LA 294 -37.46 -27.81 51.61
N PRO LA 295 -36.36 -27.06 51.80
CA PRO LA 295 -35.05 -27.57 51.37
C PRO LA 295 -34.66 -28.88 52.02
N ALA LA 296 -34.96 -29.06 53.31
CA ALA LA 296 -34.80 -30.36 53.95
C ALA LA 296 -35.96 -31.22 53.47
N SER LA 297 -35.71 -31.94 52.38
CA SER LA 297 -36.75 -32.41 51.47
C SER LA 297 -37.88 -33.20 52.12
N GLY LA 298 -39.08 -32.64 52.11
CA GLY LA 298 -40.29 -33.43 52.27
C GLY LA 298 -41.49 -32.52 52.22
N ARG LA 299 -42.50 -32.86 51.40
CA ARG LA 299 -43.82 -32.25 51.55
C ARG LA 299 -43.81 -30.74 51.29
N LYS LA 300 -44.98 -30.09 51.27
CA LYS LA 300 -45.08 -28.67 50.92
C LYS LA 300 -45.80 -27.94 52.05
N TYR LA 301 -45.09 -27.00 52.67
CA TYR LA 301 -45.62 -26.22 53.79
C TYR LA 301 -46.33 -24.99 53.25
N VAL LA 302 -46.64 -24.04 54.14
CA VAL LA 302 -47.33 -22.80 53.79
C VAL LA 302 -46.77 -21.69 54.67
N VAL LA 303 -46.45 -20.54 54.06
CA VAL LA 303 -46.01 -19.35 54.78
C VAL LA 303 -46.93 -18.20 54.42
N LYS LA 304 -47.33 -17.42 55.43
CA LYS LA 304 -48.30 -16.35 55.26
C LYS LA 304 -47.71 -15.04 55.75
N TRP LA 305 -47.51 -14.10 54.82
CA TRP LA 305 -47.16 -12.72 55.13
C TRP LA 305 -48.22 -11.81 54.55
N THR LA 306 -48.05 -10.50 54.75
CA THR LA 306 -49.07 -9.55 54.34
C THR LA 306 -48.41 -8.25 53.85
N THR LA 307 -49.19 -7.48 53.09
CA THR LA 307 -48.78 -6.19 52.55
C THR LA 307 -49.50 -5.08 53.31
N PRO LA 308 -48.81 -4.02 53.69
CA PRO LA 308 -49.45 -2.96 54.49
C PRO LA 308 -50.50 -2.20 53.70
N ILE LA 309 -51.33 -1.48 54.43
CA ILE LA 309 -52.37 -0.66 53.83
C ILE LA 309 -51.74 0.58 53.22
N MET LA 310 -52.01 0.83 51.94
CA MET LA 310 -51.45 2.00 51.27
C MET LA 310 -52.20 3.26 51.71
N TYR LA 311 -51.45 4.29 52.08
CA TYR LA 311 -51.98 5.57 52.51
C TYR LA 311 -51.33 6.69 51.71
N ASP LA 312 -52.09 7.73 51.44
CA ASP LA 312 -51.60 8.90 50.74
C ASP LA 312 -51.52 10.06 51.72
N GLY LA 313 -50.33 10.64 51.87
CA GLY LA 313 -50.12 11.72 52.80
C GLY LA 313 -50.01 13.06 52.10
N TYR LA 314 -50.28 14.12 52.86
CA TYR LA 314 -50.20 15.48 52.38
C TYR LA 314 -49.42 16.31 53.37
N VAL LA 315 -48.83 17.40 52.89
CA VAL LA 315 -48.04 18.29 53.74
C VAL LA 315 -48.36 19.72 53.34
N ASN LA 316 -48.78 20.54 54.32
CA ASN LA 316 -49.00 21.96 54.12
C ASN LA 316 -47.96 22.71 54.95
N VAL LA 317 -47.14 23.53 54.30
CA VAL LA 317 -46.07 24.25 54.97
C VAL LA 317 -46.30 25.74 54.78
N THR LA 318 -46.07 26.50 55.85
CA THR LA 318 -46.02 27.95 55.80
C THR LA 318 -44.61 28.39 56.18
N VAL LA 319 -43.95 29.11 55.28
CA VAL LA 319 -42.57 29.51 55.49
C VAL LA 319 -42.43 31.01 55.27
N GLN LA 320 -41.38 31.58 55.86
CA GLN LA 320 -41.14 33.01 55.79
C GLN LA 320 -40.16 33.39 54.68
N GLN LA 321 -39.34 32.45 54.21
CA GLN LA 321 -38.32 32.71 53.19
C GLN LA 321 -37.37 33.82 53.63
N GLY LA 322 -36.78 33.63 54.81
CA GLY LA 322 -35.86 34.60 55.36
C GLY LA 322 -34.48 34.51 54.73
N SER LA 323 -33.58 35.34 55.24
CA SER LA 323 -32.16 35.38 54.87
C SER LA 323 -31.95 35.77 53.41
N SER LA 324 -32.98 36.26 52.73
CA SER LA 324 -32.88 36.70 51.33
C SER LA 324 -32.34 35.58 50.44
N SER LA 325 -33.11 34.49 50.37
CA SER LA 325 -32.74 33.33 49.57
C SER LA 325 -34.02 32.68 49.08
N VAL LA 326 -34.28 32.77 47.77
CA VAL LA 326 -35.51 32.24 47.21
C VAL LA 326 -35.44 30.71 47.15
N ALA LA 327 -36.50 30.07 47.62
CA ALA LA 327 -36.59 28.60 47.60
C ALA LA 327 -38.05 28.21 47.38
N PRO LA 328 -38.52 28.24 46.14
CA PRO LA 328 -39.94 28.00 45.88
C PRO LA 328 -40.35 26.53 45.96
N GLU LA 329 -39.55 25.62 45.40
CA GLU LA 329 -39.97 24.24 45.24
C GLU LA 329 -39.00 23.21 45.82
N ALA LA 330 -37.86 23.62 46.37
CA ALA LA 330 -36.95 22.65 46.97
C ALA LA 330 -37.55 22.02 48.23
N ILE LA 331 -38.55 22.65 48.84
CA ILE LA 331 -39.11 22.15 50.08
C ILE LA 331 -39.79 20.80 49.87
N GLN LA 332 -40.59 20.68 48.80
CA GLN LA 332 -41.25 19.42 48.53
C GLN LA 332 -40.27 18.34 48.12
N ASN LA 333 -39.19 18.72 47.43
CA ASN LA 333 -38.14 17.75 47.13
C ASN LA 333 -37.51 17.23 48.42
N ALA LA 334 -37.25 18.12 49.38
CA ALA LA 334 -36.72 17.69 50.66
C ALA LA 334 -37.69 16.75 51.38
N VAL LA 335 -38.98 17.08 51.35
CA VAL LA 335 -39.97 16.26 52.03
C VAL LA 335 -40.05 14.87 51.40
N VAL LA 336 -40.08 14.82 50.07
CA VAL LA 336 -40.20 13.53 49.40
C VAL LA 336 -38.94 12.70 49.59
N ASN LA 337 -37.76 13.35 49.62
CA ASN LA 337 -36.54 12.62 49.91
C ASN LA 337 -36.56 12.02 51.32
N TYR LA 338 -37.00 12.81 52.30
CA TYR LA 338 -37.08 12.29 53.67
C TYR LA 338 -38.07 11.15 53.76
N ALA LA 339 -39.21 11.26 53.08
CA ALA LA 339 -40.19 10.18 53.09
C ALA LA 339 -39.61 8.92 52.45
N GLN LA 340 -38.91 9.07 51.33
CA GLN LA 340 -38.28 7.93 50.69
C GLN LA 340 -37.12 7.35 51.50
N GLY LA 341 -36.60 8.10 52.46
CA GLY LA 341 -35.58 7.58 53.35
C GLY LA 341 -34.15 7.87 52.97
N LYS LA 342 -33.92 8.85 52.09
CA LYS LA 342 -32.56 9.17 51.69
C LYS LA 342 -31.78 9.85 52.82
N VAL LA 343 -32.48 10.46 53.77
CA VAL LA 343 -31.81 11.20 54.84
C VAL LA 343 -31.05 10.24 55.74
N GLU LA 344 -30.10 10.78 56.50
CA GLU LA 344 -29.18 9.99 57.30
C GLU LA 344 -29.63 9.99 58.76
N GLY LA 345 -29.84 8.81 59.31
CA GLY LA 345 -30.13 8.63 60.72
C GLY LA 345 -31.61 8.57 61.06
N GLU LA 346 -32.48 9.05 60.18
CA GLU LA 346 -33.93 9.04 60.41
C GLU LA 346 -34.58 8.24 59.28
N GLU LA 347 -34.95 7.00 59.58
CA GLU LA 347 -35.60 6.18 58.58
C GLU LA 347 -36.92 6.82 58.15
N GLY LA 348 -37.20 6.76 56.85
CA GLY LA 348 -38.35 7.45 56.29
C GLY LA 348 -39.67 6.79 56.63
N LEU LA 349 -40.64 6.91 55.72
CA LEU LA 349 -41.97 6.36 55.94
C LEU LA 349 -41.92 4.85 55.69
N VAL LA 350 -41.93 4.08 56.77
CA VAL LA 350 -41.86 2.63 56.71
C VAL LA 350 -43.18 2.05 57.19
N VAL LA 351 -43.30 0.72 57.17
CA VAL LA 351 -44.57 0.07 57.48
C VAL LA 351 -45.02 0.43 58.89
N GLY LA 352 -44.09 0.50 59.83
CA GLY LA 352 -44.45 0.85 61.20
C GLY LA 352 -44.32 2.32 61.50
N ALA LA 353 -44.14 3.14 60.47
CA ALA LA 353 -43.87 4.55 60.66
C ALA LA 353 -45.17 5.32 60.97
N SER LA 354 -45.00 6.58 61.34
CA SER LA 354 -46.10 7.47 61.65
C SER LA 354 -45.79 8.83 61.05
N LEU LA 355 -46.70 9.34 60.22
CA LEU LA 355 -46.51 10.64 59.60
C LEU LA 355 -46.61 11.72 60.66
N SER LA 356 -45.51 12.43 60.90
CA SER LA 356 -45.43 13.42 61.96
C SER LA 356 -45.08 14.80 61.42
N ALA LA 357 -45.86 15.79 61.83
CA ALA LA 357 -45.62 17.17 61.41
C ALA LA 357 -44.25 17.65 61.84
N PHE LA 358 -43.85 17.31 63.07
CA PHE LA 358 -42.55 17.73 63.56
C PHE LA 358 -41.41 17.03 62.83
N GLU LA 359 -41.60 15.77 62.42
CA GLU LA 359 -40.56 15.11 61.62
C GLU LA 359 -40.43 15.76 60.24
N VAL LA 360 -41.56 16.11 59.61
CA VAL LA 360 -41.48 16.77 58.30
C VAL LA 360 -40.85 18.14 58.43
N ALA LA 361 -41.26 18.92 59.43
CA ALA LA 361 -40.64 20.21 59.68
C ALA LA 361 -39.15 20.06 59.96
N GLY LA 362 -38.78 19.03 60.70
CA GLY LA 362 -37.38 18.76 60.96
C GLY LA 362 -36.60 18.50 59.69
N ALA LA 363 -37.16 17.69 58.78
CA ALA LA 363 -36.50 17.43 57.51
C ALA LA 363 -36.34 18.70 56.67
N ILE LA 364 -37.37 19.53 56.64
CA ILE LA 364 -37.28 20.77 55.86
C ILE LA 364 -36.19 21.67 56.43
N ALA LA 365 -36.21 21.86 57.76
CA ALA LA 365 -35.20 22.71 58.39
C ALA LA 365 -33.80 22.10 58.26
N ARG LA 366 -33.72 20.76 58.19
CA ARG LA 366 -32.46 20.12 57.83
C ARG LA 366 -31.98 20.64 56.49
N GLU LA 367 -32.76 20.36 55.45
CA GLU LA 367 -32.26 20.46 54.09
C GLU LA 367 -32.01 21.91 53.70
N ILE LA 368 -32.75 22.83 54.30
CA ILE LA 368 -32.51 24.24 54.01
C ILE LA 368 -32.86 25.09 55.23
N PRO LA 369 -31.89 25.42 56.07
CA PRO LA 369 -32.17 26.26 57.24
C PRO LA 369 -32.27 27.72 56.84
N GLY LA 370 -32.87 28.51 57.75
CA GLY LA 370 -33.03 29.93 57.53
C GLY LA 370 -34.33 30.35 56.89
N ILE LA 371 -35.35 29.50 56.91
CA ILE LA 371 -36.64 29.82 56.30
C ILE LA 371 -37.74 30.03 57.33
N TYR LA 372 -37.57 29.58 58.57
CA TYR LA 372 -38.53 29.79 59.66
C TYR LA 372 -39.90 29.21 59.30
N ILE LA 373 -39.94 27.88 59.21
CA ILE LA 373 -41.21 27.18 58.98
C ILE LA 373 -42.21 27.57 60.05
N LYS LA 374 -43.43 27.90 59.62
CA LYS LA 374 -44.48 28.37 60.53
C LYS LA 374 -45.55 27.33 60.81
N LEU LA 375 -46.10 26.70 59.76
CA LEU LA 375 -47.10 25.65 59.91
C LEU LA 375 -46.68 24.43 59.10
N CYS LA 376 -46.87 23.25 59.67
CA CYS LA 376 -46.46 22.01 59.01
C CYS LA 376 -47.50 20.91 59.19
N GLN LA 377 -48.78 21.26 59.01
CA GLN LA 377 -49.84 20.27 59.12
C GLN LA 377 -49.66 19.16 58.07
N VAL LA 378 -50.07 17.94 58.42
CA VAL LA 378 -49.87 16.82 57.50
C VAL LA 378 -51.17 16.11 57.13
N ALA LA 379 -51.84 15.44 58.08
CA ALA LA 379 -52.98 14.58 57.80
C ALA LA 379 -52.67 13.48 56.80
N CYS LA 380 -53.58 12.53 56.61
CA CYS LA 380 -53.39 11.48 55.62
C CYS LA 380 -54.74 10.83 55.31
N VAL LA 381 -54.79 10.17 54.15
CA VAL LA 381 -55.98 9.48 53.68
C VAL LA 381 -55.57 8.09 53.18
N ALA LA 382 -56.56 7.35 52.71
CA ALA LA 382 -56.33 6.00 52.20
C ALA LA 382 -55.68 6.08 50.81
N ALA LA 383 -55.53 4.93 50.16
CA ALA LA 383 -54.86 4.89 48.87
C ALA LA 383 -55.61 5.73 47.83
N GLY LA 384 -56.92 5.64 47.81
CA GLY LA 384 -57.74 6.44 46.93
C GLY LA 384 -58.20 7.72 47.61
N SER LA 385 -59.40 8.16 47.24
CA SER LA 385 -60.09 9.32 47.82
C SER LA 385 -59.41 10.63 47.45
N PRO LA 386 -60.15 11.73 47.36
CA PRO LA 386 -59.54 13.02 47.04
C PRO LA 386 -58.81 13.63 48.23
N ALA LA 387 -58.38 14.88 48.08
CA ALA LA 387 -57.64 15.56 49.14
C ALA LA 387 -58.49 15.65 50.41
N PRO LA 388 -57.87 15.57 51.58
CA PRO LA 388 -58.62 15.50 52.84
C PRO LA 388 -59.20 16.83 53.31
N ALA LA 389 -59.16 17.88 52.48
CA ALA LA 389 -59.67 19.22 52.80
C ALA LA 389 -58.82 19.87 53.90
N PRO LA 390 -58.78 21.21 53.95
CA PRO LA 390 -57.96 21.87 54.97
C PRO LA 390 -58.40 21.58 56.40
N GLY LA 391 -59.64 21.13 56.61
CA GLY LA 391 -60.09 20.86 57.96
C GLY LA 391 -59.36 19.69 58.62
N ASP LA 392 -59.08 18.64 57.85
CA ASP LA 392 -58.47 17.44 58.39
C ASP LA 392 -56.99 17.58 58.68
N PHE LA 393 -56.35 18.66 58.22
CA PHE LA 393 -54.91 18.81 58.40
C PHE LA 393 -54.58 19.01 59.87
N THR LA 394 -54.02 17.98 60.50
CA THR LA 394 -53.59 18.01 61.88
C THR LA 394 -52.08 17.93 61.97
N SER LA 395 -51.57 17.87 63.20
CA SER LA 395 -50.14 17.88 63.45
C SER LA 395 -49.56 16.49 63.64
N GLU LA 396 -50.34 15.43 63.48
CA GLU LA 396 -49.82 14.08 63.67
C GLU LA 396 -50.87 13.07 63.23
N TYR LA 397 -50.39 11.93 62.73
CA TYR LA 397 -51.25 10.77 62.45
C TYR LA 397 -50.63 9.58 63.15
N VAL LA 398 -51.44 8.88 63.96
CA VAL LA 398 -50.91 7.82 64.80
C VAL LA 398 -50.32 6.69 63.95
N MET LA 399 -51.05 6.29 62.91
CA MET LA 399 -50.53 5.41 61.85
C MET LA 399 -50.07 4.07 62.45
N SER LA 400 -51.07 3.31 62.90
CA SER LA 400 -50.83 2.05 63.61
C SER LA 400 -49.96 1.10 62.79
N ALA LA 401 -49.54 0.01 63.46
CA ALA LA 401 -48.38 -0.77 63.04
C ALA LA 401 -48.44 -1.17 61.56
N PHE LA 402 -49.57 -1.69 61.11
CA PHE LA 402 -49.70 -2.06 59.71
C PHE LA 402 -50.13 -0.86 58.88
N GLY LA 403 -49.44 -0.65 57.77
CA GLY LA 403 -49.76 0.46 56.89
C GLY LA 403 -48.58 1.30 56.47
N GLN LA 404 -48.43 1.49 55.16
CA GLN LA 404 -47.37 2.31 54.58
C GLN LA 404 -47.98 3.61 54.04
N ALA LA 405 -47.39 4.73 54.39
CA ALA LA 405 -47.78 6.01 53.83
C ALA LA 405 -46.86 6.38 52.67
N THR LA 406 -47.38 7.21 51.77
CA THR LA 406 -46.62 7.67 50.61
C THR LA 406 -46.86 9.15 50.40
N ILE LA 407 -45.78 9.90 50.17
CA ILE LA 407 -45.84 11.33 49.90
C ILE LA 407 -45.35 11.56 48.48
N SER LA 408 -46.17 12.19 47.67
CA SER LA 408 -45.76 12.62 46.34
C SER LA 408 -45.41 14.10 46.34
N VAL LA 409 -44.77 14.55 45.26
CA VAL LA 409 -44.33 15.94 45.18
C VAL LA 409 -45.52 16.88 45.18
N GLY LA 410 -46.61 16.49 44.52
CA GLY LA 410 -47.78 17.35 44.43
C GLY LA 410 -48.54 17.50 45.74
N ASN LA 411 -48.39 16.55 46.66
CA ASN LA 411 -49.10 16.60 47.92
C ASN LA 411 -48.47 17.55 48.93
N VAL LA 412 -47.33 18.14 48.61
CA VAL LA 412 -46.66 19.10 49.49
C VAL LA 412 -46.86 20.48 48.90
N ARG LA 413 -47.56 21.35 49.63
CA ARG LA 413 -47.81 22.72 49.21
C ARG LA 413 -47.15 23.67 50.18
N VAL LA 414 -46.37 24.61 49.65
CA VAL LA 414 -45.58 25.55 50.44
C VAL LA 414 -46.10 26.95 50.18
N THR LA 415 -46.48 27.64 51.24
CA THR LA 415 -47.03 29.00 51.15
C THR LA 415 -46.08 29.95 51.85
N PHE LA 416 -45.68 31.01 51.15
CA PHE LA 416 -44.86 32.05 51.74
C PHE LA 416 -45.73 33.04 52.49
N VAL LA 417 -45.34 33.37 53.71
CA VAL LA 417 -46.10 34.29 54.55
C VAL LA 417 -45.38 35.62 54.67
N ALA MA 2 10.88 78.91 25.51
CA ALA MA 2 11.75 78.54 26.62
C ALA MA 2 11.05 78.81 27.95
N ASN MA 3 9.74 78.64 27.97
CA ASN MA 3 8.98 78.97 29.18
C ASN MA 3 7.70 78.15 29.22
N TYR MA 4 7.24 77.91 30.45
CA TYR MA 4 5.98 77.22 30.71
C TYR MA 4 5.01 78.23 31.30
N ASN MA 5 4.08 78.70 30.48
CA ASN MA 5 3.06 79.62 30.95
C ASN MA 5 2.01 78.88 31.76
N TYR MA 6 1.63 79.44 32.90
CA TYR MA 6 0.62 78.84 33.77
C TYR MA 6 -0.60 79.75 33.76
N ILE MA 7 -1.69 79.29 33.15
CA ILE MA 7 -2.94 80.04 33.23
C ILE MA 7 -3.55 79.77 34.60
N VAL MA 8 -3.44 80.75 35.51
CA VAL MA 8 -3.64 80.51 36.93
C VAL MA 8 -5.09 80.14 37.22
N ASP MA 9 -6.03 80.83 36.55
CA ASP MA 9 -7.46 80.68 36.79
C ASP MA 9 -8.33 80.57 35.56
N THR MA 10 -7.96 81.18 34.44
CA THR MA 10 -8.95 81.32 33.37
C THR MA 10 -8.93 80.12 32.44
N GLY MA 11 -7.79 79.47 32.29
CA GLY MA 11 -7.68 78.32 31.42
C GLY MA 11 -7.10 77.10 32.09
N VAL MA 12 -6.57 77.29 33.30
CA VAL MA 12 -5.98 76.28 34.19
C VAL MA 12 -5.00 75.37 33.45
N ILE MA 13 -4.43 75.85 32.37
CA ILE MA 13 -3.60 75.04 31.48
C ILE MA 13 -2.14 75.48 31.62
N VAL MA 14 -1.25 74.51 31.67
CA VAL MA 14 0.17 74.76 31.42
C VAL MA 14 0.39 74.73 29.93
N ALA MA 15 0.91 75.82 29.39
CA ALA MA 15 1.13 75.97 27.95
C ALA MA 15 2.61 76.16 27.68
N ASP MA 16 3.13 75.40 26.72
CA ASP MA 16 4.48 75.65 26.24
C ASP MA 16 4.55 76.99 25.53
N THR MA 17 5.72 77.64 25.59
CA THR MA 17 5.91 78.86 24.82
C THR MA 17 6.70 78.67 23.54
N ALA MA 18 7.37 77.53 23.37
CA ALA MA 18 8.21 77.24 22.20
C ALA MA 18 9.30 78.32 22.14
N ASP MA 19 9.52 78.98 21.00
CA ASP MA 19 10.58 79.96 20.79
C ASP MA 19 11.90 79.53 21.41
N VAL MA 20 12.23 78.24 21.27
CA VAL MA 20 13.43 77.68 21.90
C VAL MA 20 14.64 77.68 20.97
N LEU MA 21 14.46 77.99 19.69
CA LEU MA 21 15.58 77.97 18.76
C LEU MA 21 16.61 79.03 19.12
N SER MA 22 16.17 80.21 19.53
CA SER MA 22 17.11 81.25 19.95
C SER MA 22 17.90 80.82 21.17
N ASP MA 23 17.24 80.15 22.11
CA ASP MA 23 17.94 79.65 23.30
C ASP MA 23 18.97 78.58 22.92
N VAL MA 24 18.62 77.70 21.98
CA VAL MA 24 19.57 76.69 21.53
C VAL MA 24 20.77 77.36 20.84
N GLU MA 25 20.51 78.38 20.03
CA GLU MA 25 21.59 79.10 19.37
C GLU MA 25 22.51 79.77 20.37
N ALA MA 26 21.93 80.42 21.40
CA ALA MA 26 22.73 81.04 22.43
C ALA MA 26 23.45 80.02 23.30
N GLU MA 27 22.95 78.78 23.36
CA GLU MA 27 23.66 77.73 24.06
C GLU MA 27 24.87 77.26 23.26
N PHE MA 28 24.70 77.09 21.94
CA PHE MA 28 25.85 76.76 21.09
C PHE MA 28 26.89 77.87 21.14
N ARG MA 29 26.44 79.12 21.09
CA ARG MA 29 27.33 80.24 21.35
C ARG MA 29 27.77 80.22 22.80
N ALA MA 30 28.95 80.78 23.07
CA ALA MA 30 29.58 80.85 24.39
C ALA MA 30 29.96 79.48 24.93
N ALA MA 31 29.67 78.41 24.21
CA ALA MA 31 30.13 77.06 24.54
C ALA MA 31 31.03 76.48 23.47
N LEU MA 32 30.66 76.65 22.19
CA LEU MA 32 31.54 76.36 21.08
C LEU MA 32 32.33 77.57 20.63
N GLY MA 33 32.29 78.65 21.41
CA GLY MA 33 32.90 79.91 21.03
C GLY MA 33 31.84 80.99 20.90
N ALA MA 34 32.18 82.09 20.23
CA ALA MA 34 31.21 83.15 19.98
C ALA MA 34 31.07 83.50 18.51
N ASN MA 35 31.95 83.01 17.64
CA ASN MA 35 31.94 83.34 16.22
C ASN MA 35 31.30 82.25 15.38
N ILE MA 36 30.60 81.30 15.99
CA ILE MA 36 30.03 80.20 15.22
C ILE MA 36 29.00 80.73 14.24
N ASN MA 37 29.07 80.24 13.00
CA ASN MA 37 28.13 80.63 11.96
C ASN MA 37 26.90 79.75 12.08
N LEU MA 38 25.92 80.23 12.83
CA LEU MA 38 24.70 79.48 13.08
C LEU MA 38 23.71 79.53 11.92
N ALA MA 39 24.12 80.08 10.78
CA ALA MA 39 23.23 80.16 9.63
C ALA MA 39 22.89 78.76 9.12
N ALA MA 40 21.71 78.65 8.51
CA ALA MA 40 21.25 77.38 7.98
C ALA MA 40 22.12 76.96 6.79
N SER MA 41 21.83 75.78 6.26
CA SER MA 41 22.60 75.15 5.19
C SER MA 41 24.03 74.84 5.61
N THR MA 42 24.28 74.79 6.92
CA THR MA 42 25.56 74.42 7.49
C THR MA 42 25.34 73.31 8.51
N PRO MA 43 26.35 72.47 8.75
CA PRO MA 43 26.16 71.36 9.69
C PRO MA 43 25.74 71.80 11.09
N GLN MA 44 26.34 72.88 11.61
CA GLN MA 44 25.95 73.34 12.94
C GLN MA 44 24.55 73.94 12.91
N GLY MA 45 24.18 74.60 11.82
CA GLY MA 45 22.83 75.11 11.70
C GLY MA 45 21.79 74.00 11.70
N SER MA 46 22.07 72.92 10.97
CA SER MA 46 21.17 71.77 10.98
C SER MA 46 21.11 71.12 12.36
N LEU MA 47 22.25 71.04 13.04
CA LEU MA 47 22.26 70.51 14.40
C LEU MA 47 21.40 71.34 15.33
N VAL MA 48 21.52 72.67 15.24
CA VAL MA 48 20.73 73.55 16.09
C VAL MA 48 19.25 73.42 15.76
N ALA MA 49 18.91 73.33 14.48
CA ALA MA 49 17.51 73.17 14.09
C ALA MA 49 16.94 71.88 14.67
N ALA MA 50 17.70 70.78 14.57
CA ALA MA 50 17.23 69.51 15.09
C ALA MA 50 17.06 69.55 16.60
N GLU MA 51 18.03 70.15 17.30
CA GLU MA 51 17.93 70.24 18.75
C GLU MA 51 16.75 71.10 19.18
N ALA MA 52 16.51 72.20 18.48
CA ALA MA 52 15.37 73.04 18.79
C ALA MA 52 14.05 72.31 18.55
N ILE MA 53 13.97 71.54 17.46
CA ILE MA 53 12.77 70.75 17.19
C ILE MA 53 12.56 69.74 18.31
N ALA MA 54 13.61 69.04 18.69
CA ALA MA 54 13.51 68.04 19.74
C ALA MA 54 13.02 68.66 21.05
N ARG MA 55 13.51 69.85 21.36
CA ARG MA 55 13.18 70.43 22.66
C ARG MA 55 11.80 71.07 22.65
N SER MA 56 11.35 71.59 21.51
CA SER MA 56 9.96 71.97 21.39
C SER MA 56 9.05 70.76 21.57
N SER MA 57 9.43 69.63 20.99
CA SER MA 57 8.62 68.41 21.14
C SER MA 57 8.59 67.96 22.60
N VAL MA 58 9.73 68.01 23.28
CA VAL MA 58 9.78 67.63 24.69
C VAL MA 58 8.87 68.53 25.52
N MET MA 59 8.94 69.84 25.27
CA MET MA 59 8.10 70.78 26.02
C MET MA 59 6.62 70.52 25.75
N ARG MA 60 6.26 70.24 24.50
CA ARG MA 60 4.86 69.97 24.18
C ARG MA 60 4.37 68.72 24.91
N ASN MA 61 5.15 67.65 24.87
CA ASN MA 61 4.75 66.40 25.50
C ASN MA 61 4.61 66.58 27.01
N GLU MA 62 5.56 67.28 27.63
CA GLU MA 62 5.48 67.50 29.08
C GLU MA 62 4.27 68.36 29.44
N ALA MA 63 3.99 69.38 28.61
CA ALA MA 63 2.81 70.20 28.87
C ALA MA 63 1.53 69.38 28.79
N ARG MA 64 1.44 68.51 27.78
CA ARG MA 64 0.24 67.69 27.64
C ARG MA 64 0.08 66.73 28.82
N ILE MA 65 1.17 66.09 29.25
CA ILE MA 65 1.09 65.17 30.37
C ILE MA 65 0.71 65.92 31.65
N ALA MA 66 1.29 67.11 31.86
CA ALA MA 66 0.93 67.89 33.03
C ALA MA 66 -0.53 68.31 32.98
N ASN MA 67 -1.03 68.70 31.81
CA ASN MA 67 -2.41 69.14 31.69
C ASN MA 67 -3.40 68.00 31.81
N THR MA 68 -2.97 66.75 31.58
CA THR MA 68 -3.89 65.63 31.75
C THR MA 68 -4.38 65.47 33.19
N ILE MA 69 -3.73 66.13 34.15
CA ILE MA 69 -4.15 65.99 35.55
C ILE MA 69 -5.52 66.60 35.77
N ASN MA 70 -5.87 67.65 35.04
CA ASN MA 70 -7.18 68.23 35.29
C ASN MA 70 -8.13 67.90 34.16
N PRO MA 71 -9.42 67.76 34.45
CA PRO MA 71 -10.38 67.40 33.40
C PRO MA 71 -10.58 68.52 32.39
N ASN MA 72 -11.50 68.29 31.45
CA ASN MA 72 -11.84 69.22 30.37
C ASN MA 72 -10.70 69.34 29.35
N VAL MA 73 -9.56 68.71 29.63
CA VAL MA 73 -8.46 68.64 28.68
C VAL MA 73 -7.86 67.24 28.58
N SER MA 74 -8.37 66.27 29.32
CA SER MA 74 -7.83 64.93 29.29
C SER MA 74 -8.61 64.07 28.29
N PHE MA 75 -8.23 62.81 28.17
CA PHE MA 75 -8.86 61.88 27.26
C PHE MA 75 -8.82 60.49 27.89
N GLY MA 76 -9.07 59.46 27.08
CA GLY MA 76 -9.16 58.10 27.57
C GLY MA 76 -8.01 57.70 28.46
N THR MA 77 -8.29 56.96 29.52
CA THR MA 77 -7.33 56.40 30.46
C THR MA 77 -6.52 57.47 31.18
N PHE MA 78 -6.75 58.75 30.90
CA PHE MA 78 -6.13 59.87 31.61
C PHE MA 78 -7.15 60.67 32.40
N LEU MA 79 -8.23 61.10 31.75
CA LEU MA 79 -9.40 61.60 32.46
C LEU MA 79 -9.96 60.55 33.40
N ASP MA 80 -9.64 59.28 33.12
CA ASP MA 80 -10.25 58.18 33.85
C ASP MA 80 -9.53 57.95 35.17
N ALA MA 81 -8.24 58.29 35.23
CA ALA MA 81 -7.58 58.33 36.54
C ALA MA 81 -8.26 59.37 37.43
N ILE MA 82 -8.62 60.52 36.86
CA ILE MA 82 -9.34 61.52 37.62
C ILE MA 82 -10.71 61.00 38.07
N CYS MA 83 -11.43 60.34 37.16
CA CYS MA 83 -12.74 59.80 37.53
C CYS MA 83 -12.61 58.75 38.63
N ALA MA 84 -11.63 57.85 38.51
CA ALA MA 84 -11.42 56.83 39.53
C ALA MA 84 -10.87 57.39 40.83
N LEU MA 85 -10.32 58.60 40.79
CA LEU MA 85 -9.94 59.26 42.03
C LEU MA 85 -11.17 59.49 42.91
N MET MA 86 -12.27 59.92 42.30
CA MET MA 86 -13.53 60.11 43.00
C MET MA 86 -14.44 58.90 42.91
N GLY MA 87 -13.97 57.81 42.29
CA GLY MA 87 -14.74 56.59 42.25
C GLY MA 87 -15.78 56.52 41.16
N ILE MA 88 -15.89 57.56 40.35
CA ILE MA 88 -16.78 57.54 39.19
C ILE MA 88 -16.31 56.45 38.26
N GLU MA 89 -17.08 55.37 38.16
CA GLU MA 89 -16.62 54.17 37.48
C GLU MA 89 -16.49 54.43 35.99
N ARG MA 90 -15.52 53.76 35.38
CA ARG MA 90 -15.31 53.92 33.96
C ARG MA 90 -16.50 53.38 33.16
N GLY MA 91 -16.88 52.12 33.34
CA GLY MA 91 -18.14 51.65 32.77
C GLY MA 91 -18.12 50.75 31.52
N SER MA 92 -18.94 49.70 31.54
CA SER MA 92 -18.86 48.54 30.66
C SER MA 92 -19.90 48.55 29.53
N ASP MA 93 -20.01 47.41 28.84
CA ASP MA 93 -21.01 47.10 27.83
C ASP MA 93 -21.65 45.74 28.11
N LEU MA 94 -22.82 45.51 27.50
CA LEU MA 94 -23.53 44.24 27.63
C LEU MA 94 -24.68 44.22 26.62
N SER MA 95 -25.21 43.03 26.36
CA SER MA 95 -26.43 42.87 25.55
C SER MA 95 -26.99 41.47 25.76
N THR MA 96 -28.21 41.38 26.28
CA THR MA 96 -28.90 40.09 26.42
C THR MA 96 -30.37 40.32 26.71
N PHE MA 97 -31.24 39.60 25.99
CA PHE MA 97 -32.69 39.62 26.17
C PHE MA 97 -33.17 38.23 26.57
N GLY MA 98 -34.49 38.04 26.57
CA GLY MA 98 -35.06 36.72 26.83
C GLY MA 98 -36.55 36.72 26.61
N TYR MA 99 -37.13 35.52 26.68
CA TYR MA 99 -38.57 35.25 26.67
C TYR MA 99 -39.20 35.47 25.30
N GLY MA 100 -38.44 35.80 24.26
CA GLY MA 100 -39.02 36.12 22.97
C GLY MA 100 -39.78 34.96 22.36
N VAL MA 101 -41.07 35.16 22.07
CA VAL MA 101 -41.88 34.05 21.57
C VAL MA 101 -41.60 33.86 20.09
N GLN MA 102 -41.88 32.66 19.58
CA GLN MA 102 -41.67 32.34 18.18
C GLN MA 102 -42.80 31.45 17.70
N VAL MA 103 -43.70 32.00 16.89
CA VAL MA 103 -44.76 31.22 16.27
C VAL MA 103 -44.24 30.69 14.94
N THR MA 104 -44.39 29.39 14.72
CA THR MA 104 -43.59 28.65 13.76
C THR MA 104 -44.43 27.53 13.17
N GLY MA 105 -43.80 26.66 12.40
CA GLY MA 105 -44.48 25.51 11.83
C GLY MA 105 -44.52 24.36 12.83
N ARG MA 106 -44.07 23.18 12.41
CA ARG MA 106 -44.16 21.98 13.23
C ARG MA 106 -42.76 21.38 13.39
N SER MA 107 -42.28 21.35 14.62
CA SER MA 107 -41.00 20.70 14.97
C SER MA 107 -39.83 21.30 14.21
N GLN MA 108 -39.88 22.61 14.00
CA GLN MA 108 -38.75 23.31 13.38
C GLN MA 108 -37.60 23.44 14.36
N THR MA 109 -36.39 23.22 13.87
CA THR MA 109 -35.19 23.29 14.70
C THR MA 109 -34.70 24.73 14.68
N ARG MA 110 -35.24 25.54 15.60
CA ARG MA 110 -34.77 26.91 15.75
C ARG MA 110 -33.38 26.88 16.37
N ILE MA 111 -32.37 26.90 15.50
CA ILE MA 111 -30.97 26.67 15.82
C ILE MA 111 -30.35 27.97 16.34
N SER MA 112 -29.22 27.89 17.04
CA SER MA 112 -28.58 29.03 17.67
C SER MA 112 -28.33 30.14 16.66
N THR MA 113 -28.01 31.33 17.19
CA THR MA 113 -27.73 32.55 16.43
C THR MA 113 -28.63 32.71 15.20
N GLY MA 114 -29.91 32.41 15.34
CA GLY MA 114 -30.86 32.72 14.29
C GLY MA 114 -31.04 34.23 14.21
N SER MA 115 -30.57 34.83 13.13
CA SER MA 115 -30.56 36.28 13.04
C SER MA 115 -31.99 36.83 12.93
N ARG MA 116 -32.29 37.84 13.73
CA ARG MA 116 -33.56 38.55 13.73
C ARG MA 116 -33.26 40.05 13.71
N VAL MA 117 -34.25 40.85 13.38
CA VAL MA 117 -34.01 42.29 13.31
C VAL MA 117 -35.30 43.03 13.59
N GLN MA 118 -35.21 44.08 14.39
CA GLN MA 118 -36.27 45.04 14.63
C GLN MA 118 -36.00 46.33 13.86
N THR MA 119 -36.81 47.36 14.13
CA THR MA 119 -36.76 48.60 13.35
C THR MA 119 -35.39 49.25 13.38
N PRO MA 120 -34.78 49.55 14.58
CA PRO MA 120 -33.52 50.30 14.69
C PRO MA 120 -32.31 49.36 14.55
N ALA MA 121 -32.27 48.60 13.45
CA ALA MA 121 -31.16 47.69 13.14
C ALA MA 121 -30.96 46.64 14.24
N GLY MA 122 -31.97 45.79 14.37
CA GLY MA 122 -32.00 44.81 15.43
C GLY MA 122 -30.77 43.95 15.61
N ALA MA 123 -30.50 43.05 14.67
CA ALA MA 123 -29.35 42.13 14.74
C ALA MA 123 -29.33 41.39 16.08
N ILE MA 124 -30.35 40.56 16.26
CA ILE MA 124 -30.57 39.82 17.49
C ILE MA 124 -30.38 38.34 17.21
N PHE MA 125 -29.54 37.68 18.00
CA PHE MA 125 -29.32 36.25 17.85
C PHE MA 125 -29.97 35.47 18.98
N THR MA 126 -30.17 34.18 18.72
CA THR MA 126 -30.68 33.25 19.72
C THR MA 126 -29.50 32.64 20.46
N VAL MA 127 -29.57 32.64 21.80
CA VAL MA 127 -28.44 32.22 22.62
C VAL MA 127 -28.12 30.75 22.38
N LEU MA 128 -29.13 29.89 22.46
CA LEU MA 128 -28.93 28.46 22.33
C LEU MA 128 -30.04 27.88 21.46
N SER MA 129 -29.69 26.82 20.73
CA SER MA 129 -30.64 26.19 19.83
C SER MA 129 -31.77 25.52 20.60
N ASP MA 130 -33.00 25.75 20.17
CA ASP MA 130 -34.17 25.10 20.74
C ASP MA 130 -35.01 24.52 19.62
N VAL MA 131 -35.59 23.35 19.87
CA VAL MA 131 -36.42 22.65 18.89
C VAL MA 131 -37.89 22.95 19.19
N THR MA 132 -38.65 23.29 18.17
CA THR MA 132 -40.05 23.64 18.32
C THR MA 132 -40.85 22.49 18.91
N ILE MA 133 -41.70 22.79 19.89
CA ILE MA 133 -42.60 21.81 20.48
C ILE MA 133 -43.76 21.58 19.51
N PRO MA 134 -44.38 20.39 19.51
CA PRO MA 134 -45.42 20.10 18.51
C PRO MA 134 -46.61 21.03 18.55
N ALA MA 135 -46.84 21.73 19.67
CA ALA MA 135 -47.95 22.68 19.73
C ALA MA 135 -47.78 23.81 18.74
N GLY MA 136 -46.55 24.30 18.58
CA GLY MA 136 -46.27 25.40 17.66
C GLY MA 136 -45.92 26.71 18.33
N GLY MA 137 -45.81 26.75 19.66
CA GLY MA 137 -45.44 27.96 20.35
C GLY MA 137 -44.30 27.75 21.33
N VAL MA 138 -43.17 28.42 21.09
CA VAL MA 138 -41.98 28.28 21.92
C VAL MA 138 -41.47 29.65 22.30
N ALA MA 139 -40.64 29.68 23.34
CA ALA MA 139 -40.00 30.90 23.82
C ALA MA 139 -38.50 30.70 23.82
N THR MA 140 -37.77 31.65 23.22
CA THR MA 140 -36.32 31.59 23.11
C THR MA 140 -35.70 32.76 23.87
N ILE MA 141 -34.42 32.61 24.17
CA ILE MA 141 -33.62 33.66 24.80
C ILE MA 141 -32.67 34.24 23.77
N ASP MA 142 -32.56 35.57 23.75
CA ASP MA 142 -31.88 36.27 22.68
C ASP MA 142 -30.88 37.27 23.24
N ILE MA 143 -29.90 37.62 22.41
CA ILE MA 143 -28.93 38.67 22.73
C ILE MA 143 -28.79 39.60 21.53
N LYS MA 144 -28.24 40.77 21.78
CA LYS MA 144 -28.13 41.83 20.78
C LYS MA 144 -26.70 41.85 20.24
N SER MA 145 -26.58 41.99 18.91
CA SER MA 145 -25.27 41.97 18.28
C SER MA 145 -24.37 43.08 18.82
N GLN MA 146 -24.88 44.32 18.80
CA GLN MA 146 -24.08 45.44 19.26
C GLN MA 146 -24.09 45.51 20.78
N GLU MA 147 -23.35 46.47 21.32
CA GLU MA 147 -23.22 46.62 22.77
C GLU MA 147 -23.72 47.99 23.20
N TYR MA 148 -24.89 48.38 22.69
CA TYR MA 148 -25.45 49.69 22.92
C TYR MA 148 -26.80 49.58 23.61
N GLY MA 149 -27.18 50.66 24.30
CA GLY MA 149 -28.49 50.75 24.91
C GLY MA 149 -29.60 50.68 23.88
N ASN MA 150 -30.38 49.60 23.91
CA ASN MA 150 -31.37 49.32 22.89
C ASN MA 150 -32.74 49.17 23.51
N ILE MA 151 -33.76 49.59 22.76
CA ILE MA 151 -35.16 49.47 23.16
C ILE MA 151 -35.90 48.68 22.10
N PRO MA 152 -36.05 47.37 22.29
CA PRO MA 152 -36.80 46.57 21.31
C PRO MA 152 -38.28 46.83 21.40
N LEU MA 153 -38.92 46.96 20.23
CA LEU MA 153 -40.35 47.21 20.19
C LEU MA 153 -41.12 45.98 20.68
N PRO MA 154 -42.32 46.18 21.23
CA PRO MA 154 -43.08 45.04 21.76
C PRO MA 154 -43.81 44.25 20.67
N VAL MA 155 -43.42 44.47 19.42
CA VAL MA 155 -43.99 43.76 18.28
C VAL MA 155 -42.85 43.13 17.49
N GLY MA 156 -43.00 41.84 17.15
CA GLY MA 156 -42.05 41.19 16.27
C GLY MA 156 -42.00 41.88 14.93
N ASN MA 157 -40.80 42.18 14.44
CA ASN MA 157 -40.64 42.99 13.25
C ASN MA 157 -40.12 42.18 12.06
N LEU MA 158 -38.96 41.54 12.20
CA LEU MA 158 -38.39 40.81 11.07
C LEU MA 158 -37.46 39.73 11.58
N ILE MA 159 -37.34 38.66 10.79
CA ILE MA 159 -36.40 37.59 11.06
C ILE MA 159 -35.54 37.41 9.82
N ILE MA 160 -34.35 36.85 10.02
CA ILE MA 160 -33.43 36.64 8.90
C ILE MA 160 -33.39 35.16 8.55
N ILE MA 161 -33.04 34.33 9.53
CA ILE MA 161 -32.69 32.94 9.28
C ILE MA 161 -33.85 32.03 9.64
N ASP MA 162 -34.27 31.20 8.68
CA ASP MA 162 -35.36 30.26 8.92
C ASP MA 162 -35.30 29.15 7.86
N GLY MA 163 -36.06 28.09 8.12
CA GLY MA 163 -36.25 27.02 7.17
C GLY MA 163 -37.53 27.23 6.37
N THR MA 164 -38.00 28.48 6.36
CA THR MA 164 -39.15 28.94 5.59
C THR MA 164 -40.45 28.39 6.16
N ILE MA 165 -40.34 27.51 7.16
CA ILE MA 165 -41.53 26.98 7.83
C ILE MA 165 -41.96 27.86 9.00
N GLY MA 166 -41.00 28.38 9.75
CA GLY MA 166 -41.32 29.29 10.84
C GLY MA 166 -41.91 30.59 10.32
N TRP MA 167 -43.06 30.98 10.88
CA TRP MA 167 -43.68 32.21 10.42
C TRP MA 167 -42.95 33.44 10.94
N SER MA 168 -42.92 33.63 12.26
CA SER MA 168 -42.27 34.82 12.77
C SER MA 168 -42.09 34.71 14.28
N GLY MA 169 -41.10 35.44 14.80
CA GLY MA 169 -41.01 35.68 16.22
C GLY MA 169 -41.79 36.91 16.64
N ALA MA 170 -41.86 37.11 17.95
CA ALA MA 170 -42.57 38.26 18.51
C ALA MA 170 -42.09 38.50 19.93
N LYS MA 171 -42.37 39.70 20.41
CA LYS MA 171 -42.01 40.12 21.76
C LYS MA 171 -43.28 40.32 22.57
N VAL MA 172 -43.32 39.70 23.75
CA VAL MA 172 -44.49 39.77 24.61
C VAL MA 172 -44.20 40.71 25.78
N ILE MA 173 -45.25 41.04 26.53
CA ILE MA 173 -45.09 41.91 27.69
C ILE MA 173 -44.26 41.22 28.76
N ALA MA 174 -44.42 39.90 28.92
CA ALA MA 174 -43.69 39.16 29.92
C ALA MA 174 -42.20 39.04 29.61
N SER MA 175 -41.78 39.43 28.41
CA SER MA 175 -40.37 39.31 28.04
C SER MA 175 -39.50 40.22 28.89
N THR MA 176 -38.35 39.71 29.30
CA THR MA 176 -37.41 40.45 30.13
C THR MA 176 -36.44 41.21 29.25
N ARG MA 177 -36.48 42.54 29.33
CA ARG MA 177 -35.60 43.41 28.57
C ARG MA 177 -34.73 44.20 29.54
N VAL MA 178 -33.44 44.21 29.30
CA VAL MA 178 -32.49 44.99 30.09
C VAL MA 178 -31.82 45.98 29.16
N ASP MA 179 -32.01 47.27 29.43
CA ASP MA 179 -31.27 48.28 28.69
C ASP MA 179 -29.83 48.28 29.18
N PRO MA 180 -28.86 48.03 28.31
CA PRO MA 180 -27.48 47.85 28.77
C PRO MA 180 -26.64 49.11 28.70
N GLY MA 181 -25.69 49.19 29.63
CA GLY MA 181 -24.69 50.24 29.59
C GLY MA 181 -23.72 50.04 28.45
N SER MA 182 -23.00 51.11 28.09
CA SER MA 182 -22.18 51.12 26.87
C SER MA 182 -20.89 51.90 27.08
N ARG MA 183 -19.79 51.16 27.32
CA ARG MA 183 -18.41 51.62 27.29
C ARG MA 183 -18.33 53.08 27.78
N GLN MA 184 -17.75 53.97 26.99
CA GLN MA 184 -17.97 55.43 27.03
C GLN MA 184 -17.28 55.98 25.80
N MET MA 185 -22.37 54.81 24.57
CA MET MA 185 -21.04 55.37 24.47
C MET MA 185 -21.11 56.75 25.13
N SER MA 186 -20.19 57.07 26.03
CA SER MA 186 -20.19 58.42 26.61
C SER MA 186 -18.74 58.87 26.79
N ASP MA 187 -18.14 59.36 25.71
CA ASP MA 187 -16.70 59.64 25.71
C ASP MA 187 -16.38 61.11 25.94
N ALA MA 188 -17.12 62.01 25.32
CA ALA MA 188 -16.99 63.43 25.61
C ALA MA 188 -17.88 63.86 26.76
N GLU MA 189 -18.98 63.14 27.01
CA GLU MA 189 -19.90 63.48 28.07
C GLU MA 189 -19.59 62.79 29.39
N LEU MA 190 -18.53 62.00 29.46
CA LEU MA 190 -18.01 61.62 30.78
C LEU MA 190 -17.60 62.86 31.55
N LYS MA 191 -17.06 63.87 30.85
CA LYS MA 191 -16.74 65.13 31.50
C LYS MA 191 -17.98 65.80 32.06
N ASN MA 192 -19.12 65.65 31.39
CA ASN MA 192 -20.38 66.17 31.94
C ASN MA 192 -20.84 65.36 33.13
N ALA MA 193 -20.82 64.03 33.01
CA ALA MA 193 -21.35 63.17 34.07
C ALA MA 193 -20.49 63.20 35.32
N ARG MA 194 -19.20 63.53 35.17
CA ARG MA 194 -18.30 63.55 36.31
C ARG MA 194 -18.68 64.61 37.35
N VAL MA 195 -19.06 65.80 36.88
CA VAL MA 195 -19.44 66.86 37.80
C VAL MA 195 -20.68 66.45 38.59
N ASN MA 196 -21.65 65.80 37.93
CA ASN MA 196 -22.84 65.33 38.62
C ASN MA 196 -22.48 64.24 39.63
N ARG MA 197 -21.75 63.22 39.18
CA ARG MA 197 -21.34 62.11 40.04
C ARG MA 197 -19.97 62.37 40.66
N LEU MA 198 -19.77 63.56 41.19
CA LEU MA 198 -18.55 63.88 41.93
C LEU MA 198 -18.59 63.41 43.37
N ALA MA 199 -19.71 62.85 43.83
CA ALA MA 199 -19.86 62.41 45.21
C ALA MA 199 -20.49 61.03 45.26
N ILE MA 200 -20.06 60.12 44.38
CA ILE MA 200 -20.55 58.75 44.42
C ILE MA 200 -20.13 58.07 45.71
N GLN MA 201 -18.88 58.28 46.13
CA GLN MA 201 -18.35 57.62 47.31
C GLN MA 201 -18.99 58.11 48.60
N GLY MA 202 -19.74 59.21 48.56
CA GLY MA 202 -20.43 59.71 49.73
C GLY MA 202 -21.87 59.22 49.80
N ARG MA 203 -22.46 59.41 50.98
CA ARG MA 203 -23.84 59.02 51.23
C ARG MA 203 -24.52 60.11 52.05
N ASN MA 204 -25.84 59.97 52.19
CA ASN MA 204 -26.63 60.81 53.08
C ASN MA 204 -26.53 62.29 52.73
N SER MA 205 -26.79 62.60 51.46
CA SER MA 205 -26.82 63.98 51.00
C SER MA 205 -27.54 64.02 49.66
N THR MA 206 -27.99 65.22 49.28
CA THR MA 206 -28.65 65.38 47.99
C THR MA 206 -27.69 65.06 46.84
N MET MA 207 -26.46 65.56 46.92
CA MET MA 207 -25.48 65.31 45.89
C MET MA 207 -25.10 63.83 45.83
N ALA MA 208 -24.95 63.20 46.99
CA ALA MA 208 -24.65 61.77 47.02
C ALA MA 208 -25.78 60.95 46.43
N ILE MA 209 -27.03 61.30 46.76
CA ILE MA 209 -28.18 60.60 46.21
C ILE MA 209 -28.20 60.74 44.69
N LYS MA 210 -27.99 61.96 44.20
CA LYS MA 210 -27.96 62.19 42.76
C LYS MA 210 -26.86 61.36 42.10
N ALA MA 211 -25.68 61.34 42.71
CA ALA MA 211 -24.56 60.61 42.14
C ALA MA 211 -24.85 59.11 42.07
N TYR MA 212 -25.38 58.54 43.15
CA TYR MA 212 -25.63 57.11 43.18
C TYR MA 212 -26.75 56.72 42.21
N VAL MA 213 -27.83 57.50 42.17
CA VAL MA 213 -28.91 57.18 41.25
C VAL MA 213 -28.45 57.34 39.81
N SER MA 214 -27.58 58.31 39.53
CA SER MA 214 -26.98 58.42 38.21
C SER MA 214 -26.10 57.20 37.90
N ALA MA 215 -25.36 56.72 38.90
CA ALA MA 215 -24.54 55.53 38.71
C ALA MA 215 -25.37 54.30 38.40
N VAL MA 216 -26.62 54.28 38.85
CA VAL MA 216 -27.51 53.17 38.45
C VAL MA 216 -27.59 53.12 36.92
N PRO MA 217 -27.52 51.95 36.30
CA PRO MA 217 -27.55 51.89 34.84
C PRO MA 217 -28.84 52.44 34.26
N ASN MA 218 -28.72 53.00 33.05
CA ASN MA 218 -29.84 53.49 32.24
C ASN MA 218 -30.58 54.65 32.89
N VAL MA 219 -29.94 55.38 33.78
CA VAL MA 219 -30.52 56.56 34.40
C VAL MA 219 -29.86 57.77 33.76
N THR MA 220 -30.54 58.36 32.76
CA THR MA 220 -29.93 59.46 32.01
C THR MA 220 -29.77 60.70 32.88
N SER MA 221 -30.78 61.04 33.67
CA SER MA 221 -30.72 62.25 34.48
C SER MA 221 -31.49 62.06 35.77
N VAL MA 222 -31.05 62.77 36.81
CA VAL MA 222 -31.67 62.75 38.13
C VAL MA 222 -31.85 64.18 38.60
N ASN MA 223 -32.99 64.45 39.23
CA ASN MA 223 -33.24 65.72 39.91
C ASN MA 223 -33.61 65.42 41.35
N VAL MA 224 -32.87 65.99 42.29
CA VAL MA 224 -33.09 65.75 43.71
C VAL MA 224 -33.20 67.09 44.42
N ILE MA 225 -34.32 67.30 45.11
CA ILE MA 225 -34.54 68.53 45.86
C ILE MA 225 -34.46 68.22 47.35
N GLU MA 226 -34.41 69.27 48.16
CA GLU MA 226 -33.84 69.14 49.51
C GLU MA 226 -34.83 69.34 50.64
N ASN MA 227 -35.66 70.38 50.59
CA ASN MA 227 -36.58 70.74 51.69
C ASN MA 227 -35.82 71.11 52.97
N ASN MA 228 -34.75 71.91 52.82
CA ASN MA 228 -34.03 72.38 54.00
C ASN MA 228 -34.93 73.22 54.89
N THR MA 229 -35.68 74.15 54.28
CA THR MA 229 -36.69 74.93 54.99
C THR MA 229 -37.97 74.10 55.01
N GLY MA 230 -38.27 73.49 56.15
CA GLY MA 230 -39.46 72.65 56.23
C GLY MA 230 -40.67 73.40 56.73
N ALA MA 231 -41.43 73.97 55.81
CA ALA MA 231 -42.70 74.62 56.10
C ALA MA 231 -43.69 74.31 54.99
N VAL MA 232 -43.73 73.05 54.55
CA VAL MA 232 -44.49 72.62 53.38
C VAL MA 232 -44.01 73.41 52.18
N GLN MA 233 -44.78 74.44 51.78
CA GLN MA 233 -44.46 75.39 50.71
C GLN MA 233 -43.93 74.72 49.45
N VAL MA 234 -43.21 75.47 48.62
CA VAL MA 234 -42.55 74.96 47.42
C VAL MA 234 -41.12 75.46 47.42
N VAL MA 235 -40.17 74.55 47.25
CA VAL MA 235 -38.75 74.87 47.30
C VAL MA 235 -38.13 74.49 45.97
N ASN MA 236 -37.57 75.48 45.27
CA ASN MA 236 -36.90 75.27 43.98
C ASN MA 236 -37.82 74.55 42.99
N GLY MA 237 -39.08 74.93 42.98
CA GLY MA 237 -40.06 74.26 42.16
C GLY MA 237 -40.54 72.96 42.79
N VAL MA 238 -41.69 72.48 42.31
CA VAL MA 238 -42.32 71.26 42.78
C VAL MA 238 -42.80 71.44 44.21
N SER MA 239 -44.12 71.45 44.40
CA SER MA 239 -44.70 71.62 45.72
C SER MA 239 -44.31 70.45 46.62
N PHE MA 240 -44.14 70.74 47.90
CA PHE MA 240 -43.61 69.79 48.87
C PHE MA 240 -44.65 69.57 49.97
N THR MA 241 -45.32 68.42 49.91
CA THR MA 241 -46.34 68.10 50.91
C THR MA 241 -45.76 68.11 52.32
N LEU MA 242 -44.81 67.23 52.58
CA LEU MA 242 -44.18 67.17 53.90
C LEU MA 242 -43.16 68.29 54.05
N PRO MA 243 -42.92 68.74 55.29
CA PRO MA 243 -41.92 69.80 55.50
C PRO MA 243 -40.52 69.39 55.09
N TYR MA 244 -40.04 68.27 55.65
CA TYR MA 244 -38.73 67.73 55.33
C TYR MA 244 -38.91 66.49 54.49
N ALA MA 245 -38.36 66.51 53.27
CA ALA MA 245 -38.46 65.39 52.36
C ALA MA 245 -37.55 65.65 51.16
N VAL MA 246 -37.18 64.58 50.47
CA VAL MA 246 -36.34 64.67 49.28
C VAL MA 246 -37.15 64.16 48.10
N TRP MA 247 -37.28 65.00 47.08
CA TRP MA 247 -38.02 64.68 45.87
C TRP MA 247 -37.03 64.28 44.79
N VAL MA 248 -37.25 63.10 44.19
CA VAL MA 248 -36.32 62.50 43.23
C VAL MA 248 -37.08 62.24 41.94
N CYS MA 249 -36.55 62.76 40.84
CA CYS MA 249 -37.08 62.51 39.50
C CYS MA 249 -35.99 61.83 38.69
N VAL MA 250 -36.31 60.68 38.12
CA VAL MA 250 -35.33 59.82 37.44
C VAL MA 250 -35.79 59.60 36.01
N ALA MA 251 -34.91 59.88 35.05
CA ALA MA 251 -35.23 59.67 33.64
C ALA MA 251 -34.76 58.28 33.22
N GLY MA 252 -34.78 58.02 31.91
CA GLY MA 252 -34.33 56.75 31.39
C GLY MA 252 -35.35 55.63 31.57
N ASN MA 253 -34.88 54.42 31.32
CA ASN MA 253 -35.70 53.21 31.46
C ASN MA 253 -34.94 52.18 32.30
N PRO MA 254 -34.72 52.47 33.58
CA PRO MA 254 -33.99 51.53 34.43
C PRO MA 254 -34.91 50.52 35.09
N ASP MA 255 -34.35 49.67 35.95
CA ASP MA 255 -35.16 48.69 36.69
C ASP MA 255 -35.54 49.26 38.05
N LYS MA 256 -36.84 49.16 38.36
CA LYS MA 256 -37.37 49.79 39.56
C LYS MA 256 -36.69 49.27 40.81
N GLN MA 257 -36.47 47.95 40.87
CA GLN MA 257 -35.85 47.36 42.06
C GLN MA 257 -34.46 47.93 42.30
N ALA MA 258 -33.66 48.00 41.24
CA ALA MA 258 -32.29 48.50 41.39
C ALA MA 258 -32.28 49.98 41.75
N VAL MA 259 -33.10 50.79 41.09
CA VAL MA 259 -33.12 52.22 41.39
C VAL MA 259 -33.58 52.44 42.83
N ALA MA 260 -34.61 51.71 43.26
CA ALA MA 260 -35.10 51.88 44.62
C ALA MA 260 -34.08 51.39 45.64
N ASP MA 261 -33.34 50.32 45.33
CA ASP MA 261 -32.30 49.86 46.24
C ASP MA 261 -31.20 50.90 46.39
N ALA MA 262 -30.79 51.53 45.28
CA ALA MA 262 -29.78 52.58 45.38
C ALA MA 262 -30.31 53.79 46.15
N LEU MA 263 -31.57 54.15 45.91
CA LEU MA 263 -32.16 55.26 46.64
C LEU MA 263 -32.23 54.96 48.13
N TRP MA 264 -32.53 53.71 48.49
CA TRP MA 264 -32.48 53.31 49.89
C TRP MA 264 -31.05 53.39 50.43
N ALA MA 265 -30.07 52.96 49.64
CA ALA MA 265 -28.68 52.96 50.10
C ALA MA 265 -28.19 54.37 50.38
N ALA MA 266 -28.63 55.33 49.58
CA ALA MA 266 -28.38 56.74 49.86
C ALA MA 266 -29.64 57.32 50.50
N HIS MA 267 -29.77 57.15 51.83
CA HIS MA 267 -31.04 57.47 52.49
C HIS MA 267 -31.03 58.75 53.32
N ASN MA 268 -29.93 59.08 53.99
CA ASN MA 268 -29.77 60.33 54.75
C ASN MA 268 -30.40 60.25 56.14
N GLY MA 269 -30.43 59.08 56.77
CA GLY MA 269 -30.99 59.04 58.10
C GLY MA 269 -32.49 58.89 58.10
N GLY MA 270 -33.21 59.96 58.42
CA GLY MA 270 -34.66 59.87 58.56
C GLY MA 270 -35.46 60.88 57.76
N THR MA 271 -35.02 61.22 56.55
CA THR MA 271 -35.73 62.18 55.73
C THR MA 271 -36.72 61.47 54.80
N PRO MA 272 -38.01 61.74 54.89
CA PRO MA 272 -38.99 61.03 54.08
C PRO MA 272 -38.86 61.32 52.59
N TRP MA 273 -39.70 60.67 51.79
CA TRP MA 273 -39.74 60.87 50.36
C TRP MA 273 -41.08 61.47 49.97
N ASP MA 274 -41.05 62.59 49.26
CA ASP MA 274 -42.26 63.28 48.82
C ASP MA 274 -42.29 63.33 47.30
N TYR MA 275 -43.40 62.89 46.71
CA TYR MA 275 -43.57 62.92 45.27
C TYR MA 275 -44.99 63.31 44.89
N GLY MA 276 -45.71 63.99 45.77
CA GLY MA 276 -47.10 64.30 45.54
C GLY MA 276 -47.31 65.52 44.67
N ALA MA 277 -48.19 66.42 45.12
CA ALA MA 277 -48.56 67.62 44.37
C ALA MA 277 -49.14 67.27 43.00
N THR MA 278 -49.73 66.08 42.88
CA THR MA 278 -50.41 65.62 41.68
C THR MA 278 -49.52 65.69 40.45
N ASN MA 279 -49.62 66.78 39.69
CA ASN MA 279 -48.96 66.90 38.40
C ASN MA 279 -47.44 66.97 38.50
N ASN MA 280 -46.88 67.16 39.69
CA ASN MA 280 -45.44 67.25 39.84
C ASN MA 280 -44.83 65.89 39.60
N GLY MA 281 -44.34 65.66 38.38
CA GLY MA 281 -43.78 64.37 38.02
C GLY MA 281 -44.84 63.30 37.83
N VAL MA 282 -44.42 62.12 37.41
CA VAL MA 282 -45.29 60.97 37.26
C VAL MA 282 -44.95 59.98 38.37
N PRO MA 283 -45.85 59.72 39.32
CA PRO MA 283 -45.53 58.78 40.40
C PRO MA 283 -45.20 57.40 39.85
N VAL MA 284 -44.21 56.76 40.48
CA VAL MA 284 -43.75 55.46 39.97
C VAL MA 284 -44.79 54.37 40.19
N ASP MA 285 -45.41 54.36 41.38
CA ASP MA 285 -46.34 53.30 41.73
C ASP MA 285 -47.57 53.84 42.46
N GLY MA 286 -47.97 55.06 42.14
CA GLY MA 286 -49.01 55.73 42.88
C GLY MA 286 -48.64 55.82 44.34
N PRO MA 287 -49.60 55.60 45.22
CA PRO MA 287 -49.28 55.49 46.65
C PRO MA 287 -48.50 54.20 46.91
N ASN MA 288 -47.73 54.22 48.00
CA ASN MA 288 -47.01 53.05 48.49
C ASN MA 288 -46.04 52.51 47.43
N GLY MA 289 -45.01 53.31 47.17
CA GLY MA 289 -43.99 52.98 46.18
C GLY MA 289 -43.19 51.72 46.48
N VAL MA 290 -42.07 51.57 45.78
CA VAL MA 290 -41.33 50.29 45.82
C VAL MA 290 -40.86 50.00 47.24
N PRO MA 291 -41.18 48.83 47.80
CA PRO MA 291 -40.85 48.56 49.20
C PRO MA 291 -39.37 48.43 49.52
N VAL MA 292 -38.67 47.54 48.80
CA VAL MA 292 -37.29 47.11 49.02
C VAL MA 292 -37.05 46.64 50.45
N ARG MA 293 -35.87 46.06 50.69
CA ARG MA 293 -35.51 45.49 51.97
C ARG MA 293 -34.26 46.18 52.50
N ASP MA 294 -34.28 46.56 53.77
CA ASP MA 294 -33.13 47.21 54.39
C ASP MA 294 -31.97 46.22 54.51
N PRO MA 295 -30.78 46.55 54.01
CA PRO MA 295 -29.63 45.65 54.20
C PRO MA 295 -29.35 45.35 55.66
N ALA MA 296 -29.47 46.33 56.54
CA ALA MA 296 -29.49 46.07 57.97
C ALA MA 296 -30.82 45.41 58.30
N SER MA 297 -30.82 44.09 58.36
CA SER MA 297 -32.06 43.32 58.25
C SER MA 297 -33.06 43.73 59.32
N GLY MA 298 -34.12 44.38 58.87
CA GLY MA 298 -35.21 44.82 59.72
C GLY MA 298 -36.23 45.57 58.89
N ARG MA 299 -37.50 45.17 58.98
CA ARG MA 299 -38.61 45.86 58.34
C ARG MA 299 -38.56 45.86 56.82
N LYS MA 300 -39.62 46.37 56.20
CA LYS MA 300 -39.68 46.61 54.76
C LYS MA 300 -40.24 48.01 54.57
N TYR MA 301 -39.34 48.95 54.26
CA TYR MA 301 -39.69 50.36 54.17
C TYR MA 301 -40.33 50.66 52.82
N VAL MA 302 -40.41 51.93 52.45
CA VAL MA 302 -40.92 52.34 51.14
C VAL MA 302 -40.06 53.48 50.61
N VAL MA 303 -39.62 53.36 49.36
CA VAL MA 303 -38.85 54.38 48.68
C VAL MA 303 -39.72 54.99 47.59
N LYS MA 304 -39.86 56.31 47.60
CA LYS MA 304 -40.77 57.01 46.70
C LYS MA 304 -39.99 57.97 45.82
N TRP MA 305 -40.19 57.86 44.51
CA TRP MA 305 -39.64 58.81 43.55
C TRP MA 305 -40.62 58.95 42.41
N THR MA 306 -40.28 59.79 41.44
CA THR MA 306 -41.16 60.09 40.33
C THR MA 306 -40.39 60.05 39.02
N THR MA 307 -41.13 59.89 37.93
CA THR MA 307 -40.60 59.97 36.59
C THR MA 307 -41.05 61.26 35.92
N PRO MA 308 -40.23 61.86 35.06
CA PRO MA 308 -40.54 63.18 34.53
C PRO MA 308 -41.68 63.16 33.54
N ILE MA 309 -42.28 64.33 33.36
CA ILE MA 309 -43.30 64.53 32.34
C ILE MA 309 -42.63 64.59 30.98
N MET MA 310 -43.06 63.73 30.07
CA MET MA 310 -42.43 63.64 28.76
C MET MA 310 -42.95 64.75 27.85
N TYR MA 311 -42.04 65.39 27.14
CA TYR MA 311 -42.36 66.47 26.21
C TYR MA 311 -41.70 66.21 24.87
N ASP MA 312 -42.37 66.63 23.80
CA ASP MA 312 -41.86 66.50 22.45
C ASP MA 312 -41.55 67.88 21.90
N GLY MA 313 -40.31 68.10 21.48
CA GLY MA 313 -39.88 69.38 20.97
C GLY MA 313 -39.76 69.41 19.46
N TYR MA 314 -39.81 70.62 18.91
CA TYR MA 314 -39.64 70.86 17.49
C TYR MA 314 -38.64 71.98 17.29
N VAL MA 315 -38.01 72.03 16.13
CA VAL MA 315 -37.01 73.07 15.86
C VAL MA 315 -37.16 73.53 14.42
N ASN MA 316 -37.52 74.79 14.24
CA ASN MA 316 -37.58 75.43 12.92
C ASN MA 316 -36.34 76.29 12.74
N VAL MA 317 -35.51 75.95 11.77
CA VAL MA 317 -34.25 76.63 11.51
C VAL MA 317 -34.28 77.22 10.11
N THR MA 318 -33.73 78.42 9.96
CA THR MA 318 -33.51 79.06 8.67
C THR MA 318 -32.04 79.43 8.57
N VAL MA 319 -31.37 78.88 7.57
CA VAL MA 319 -29.93 79.09 7.39
C VAL MA 319 -29.65 79.57 5.99
N GLN MA 320 -28.51 80.22 5.82
CA GLN MA 320 -28.16 80.85 4.54
C GLN MA 320 -27.31 79.97 3.63
N GLN MA 321 -26.81 78.84 4.13
CA GLN MA 321 -25.92 77.96 3.37
C GLN MA 321 -24.74 78.76 2.80
N GLY MA 322 -24.17 79.61 3.64
CA GLY MA 322 -23.10 80.50 3.20
C GLY MA 322 -21.76 79.82 3.12
N SER MA 323 -20.77 80.60 2.70
CA SER MA 323 -19.37 80.18 2.61
C SER MA 323 -19.16 79.02 1.62
N SER MA 324 -20.14 78.77 0.75
CA SER MA 324 -20.05 77.77 -0.30
C SER MA 324 -19.73 76.38 0.28
N SER MA 325 -20.65 75.89 1.12
CA SER MA 325 -20.53 74.57 1.71
C SER MA 325 -21.94 74.03 1.92
N VAL MA 326 -22.38 73.18 0.98
CA VAL MA 326 -23.73 72.65 1.05
C VAL MA 326 -23.86 71.70 2.23
N ALA MA 327 -25.00 71.78 2.91
CA ALA MA 327 -25.29 70.88 4.03
C ALA MA 327 -26.78 70.74 4.20
N PRO MA 328 -27.41 69.71 3.61
CA PRO MA 328 -28.86 69.59 3.71
C PRO MA 328 -29.48 69.02 4.99
N GLU MA 329 -28.94 67.94 5.56
CA GLU MA 329 -29.60 67.35 6.72
C GLU MA 329 -28.61 66.92 7.80
N ALA MA 330 -27.48 67.61 7.93
CA ALA MA 330 -26.60 67.43 9.07
C ALA MA 330 -27.02 68.29 10.27
N ILE MA 331 -27.89 69.27 10.03
CA ILE MA 331 -28.29 70.19 11.10
C ILE MA 331 -29.11 69.46 12.16
N GLN MA 332 -30.08 68.64 11.72
CA GLN MA 332 -30.88 67.91 12.69
C GLN MA 332 -30.04 66.87 13.42
N ASN MA 333 -29.06 66.28 12.75
CA ASN MA 333 -28.15 65.36 13.43
C ASN MA 333 -27.37 66.09 14.53
N ALA MA 334 -26.88 67.30 14.23
CA ALA MA 334 -26.21 68.09 15.26
C ALA MA 334 -27.15 68.42 16.42
N VAL MA 335 -28.40 68.80 16.10
CA VAL MA 335 -29.36 69.17 17.14
C VAL MA 335 -29.66 67.97 18.03
N VAL MA 336 -29.89 66.80 17.43
CA VAL MA 336 -30.22 65.63 18.22
C VAL MA 336 -29.01 65.17 19.03
N ASN MA 337 -27.79 65.35 18.49
CA ASN MA 337 -26.60 65.04 19.28
C ASN MA 337 -26.53 65.93 20.51
N TYR MA 338 -26.71 67.24 20.34
CA TYR MA 338 -26.67 68.14 21.49
C TYR MA 338 -27.78 67.81 22.49
N ALA MA 339 -28.98 67.52 22.00
CA ALA MA 339 -30.09 67.18 22.88
C ALA MA 339 -29.80 65.92 23.67
N GLN MA 340 -29.27 64.88 23.01
CA GLN MA 340 -28.87 63.67 23.71
C GLN MA 340 -27.69 63.88 24.64
N GLY MA 341 -26.96 64.99 24.49
CA GLY MA 341 -25.88 65.31 25.39
C GLY MA 341 -24.54 64.75 25.01
N LYS MA 342 -24.33 64.41 23.73
CA LYS MA 342 -23.04 63.89 23.30
C LYS MA 342 -21.97 64.97 23.29
N VAL MA 343 -22.37 66.23 23.15
CA VAL MA 343 -21.39 67.32 23.07
C VAL MA 343 -20.68 67.48 24.41
N GLU MA 344 -19.51 68.12 24.36
CA GLU MA 344 -18.65 68.25 25.52
C GLU MA 344 -18.94 69.54 26.26
N GLY MA 345 -19.27 69.43 27.54
CA GLY MA 345 -19.43 70.58 28.41
C GLY MA 345 -20.82 71.16 28.46
N GLU MA 346 -21.68 70.83 27.49
CA GLU MA 346 -23.05 71.35 27.44
C GLU MA 346 -24.00 70.16 27.48
N GLU MA 347 -24.36 69.74 28.69
CA GLU MA 347 -25.35 68.69 28.85
C GLU MA 347 -26.66 69.12 28.20
N GLY MA 348 -27.26 68.21 27.44
CA GLY MA 348 -28.41 68.57 26.62
C GLY MA 348 -29.72 68.61 27.36
N LEU MA 349 -30.74 68.00 26.78
CA LEU MA 349 -32.08 68.01 27.37
C LEU MA 349 -32.13 66.99 28.50
N VAL MA 350 -32.07 67.48 29.73
CA VAL MA 350 -32.10 66.64 30.92
C VAL MA 350 -33.39 66.93 31.67
N VAL MA 351 -33.60 66.25 32.80
CA VAL MA 351 -34.83 66.41 33.56
C VAL MA 351 -35.01 67.84 34.03
N GLY MA 352 -33.92 68.58 34.21
CA GLY MA 352 -34.02 69.97 34.64
C GLY MA 352 -33.70 70.96 33.55
N ALA MA 353 -33.78 70.53 32.30
CA ALA MA 353 -33.33 71.36 31.19
C ALA MA 353 -34.33 72.47 30.91
N SER MA 354 -34.05 73.23 29.86
CA SER MA 354 -34.95 74.29 29.39
C SER MA 354 -34.62 74.51 27.92
N LEU MA 355 -35.54 74.11 27.04
CA LEU MA 355 -35.30 74.16 25.60
C LEU MA 355 -35.09 75.60 25.14
N SER MA 356 -33.88 75.93 24.72
CA SER MA 356 -33.50 77.29 24.35
C SER MA 356 -33.17 77.38 22.86
N ALA MA 357 -33.81 78.32 22.18
CA ALA MA 357 -33.52 78.54 20.77
C ALA MA 357 -32.07 78.97 20.57
N PHE MA 358 -31.57 79.84 21.45
CA PHE MA 358 -30.19 80.26 21.36
C PHE MA 358 -29.23 79.11 21.60
N GLU MA 359 -29.56 78.21 22.54
CA GLU MA 359 -28.72 77.05 22.77
C GLU MA 359 -28.72 76.12 21.56
N VAL MA 360 -29.88 75.92 20.93
CA VAL MA 360 -29.93 75.06 19.75
C VAL MA 360 -29.13 75.67 18.61
N ALA MA 361 -29.29 76.97 18.37
CA ALA MA 361 -28.50 77.64 17.34
C ALA MA 361 -27.02 77.59 17.67
N GLY MA 362 -26.67 77.66 18.96
CA GLY MA 362 -25.28 77.53 19.36
C GLY MA 362 -24.71 76.15 19.07
N ALA MA 363 -25.50 75.10 19.31
CA ALA MA 363 -25.05 73.75 18.97
C ALA MA 363 -24.88 73.58 17.47
N ILE MA 364 -25.80 74.16 16.69
CA ILE MA 364 -25.68 74.08 15.24
C ILE MA 364 -24.41 74.78 14.77
N ALA MA 365 -24.15 75.98 15.30
CA ALA MA 365 -22.93 76.70 14.98
C ALA MA 365 -21.69 75.96 15.49
N ARG MA 366 -21.82 75.21 16.57
CA ARG MA 366 -20.76 74.32 17.00
C ARG MA 366 -20.39 73.38 15.87
N GLU MA 367 -21.32 72.49 15.55
CA GLU MA 367 -21.00 71.34 14.75
C GLU MA 367 -20.68 71.74 13.32
N ILE MA 368 -21.31 72.81 12.84
CA ILE MA 368 -21.03 73.28 11.48
C ILE MA 368 -21.12 74.80 11.43
N PRO MA 369 -19.99 75.50 11.47
CA PRO MA 369 -20.01 76.95 11.30
C PRO MA 369 -20.06 77.32 9.82
N GLY MA 370 -20.35 78.59 9.57
CA GLY MA 370 -20.39 79.09 8.22
C GLY MA 370 -21.69 78.91 7.49
N ILE MA 371 -22.80 78.71 8.20
CA ILE MA 371 -24.12 78.61 7.57
C ILE MA 371 -25.00 79.80 7.88
N TYR MA 372 -24.64 80.64 8.86
CA TYR MA 372 -25.38 81.85 9.21
C TYR MA 372 -26.85 81.54 9.54
N ILE MA 373 -27.01 80.84 10.66
CA ILE MA 373 -28.35 80.59 11.19
C ILE MA 373 -29.09 81.91 11.36
N LYS MA 374 -30.32 81.97 10.88
CA LYS MA 374 -31.15 83.17 10.95
C LYS MA 374 -32.28 83.06 11.97
N LEU MA 375 -33.09 82.01 11.90
CA LEU MA 375 -34.17 81.78 12.85
C LEU MA 375 -34.04 80.35 13.39
N CYS MA 376 -34.29 80.18 14.68
CA CYS MA 376 -34.12 78.90 15.35
C CYS MA 376 -35.26 78.67 16.34
N GLN MA 377 -36.49 78.91 15.90
CA GLN MA 377 -37.63 78.80 16.80
C GLN MA 377 -37.80 77.37 17.29
N VAL MA 378 -38.30 77.21 18.52
CA VAL MA 378 -38.37 75.85 19.06
C VAL MA 378 -39.78 75.41 19.47
N ALA MA 379 -40.36 76.02 20.50
CA ALA MA 379 -41.64 75.55 21.07
C ALA MA 379 -41.56 74.09 21.50
N CYS MA 380 -42.63 73.56 22.07
CA CYS MA 380 -42.76 72.13 22.34
C CYS MA 380 -44.19 71.83 22.78
N VAL MA 381 -44.51 70.53 22.81
CA VAL MA 381 -45.82 70.04 23.21
C VAL MA 381 -45.62 68.86 24.15
N ALA MA 382 -46.73 68.25 24.56
CA ALA MA 382 -46.68 67.09 25.44
C ALA MA 382 -46.23 65.87 24.65
N ALA MA 383 -46.28 64.69 25.28
CA ALA MA 383 -45.80 63.47 24.64
C ALA MA 383 -46.61 63.14 23.39
N GLY MA 384 -47.92 63.28 23.47
CA GLY MA 384 -48.76 63.10 22.29
C GLY MA 384 -48.95 64.41 21.56
N SER MA 385 -50.18 64.68 21.12
CA SER MA 385 -50.60 65.94 20.52
C SER MA 385 -49.96 66.16 19.15
N PRO MA 386 -50.60 66.93 18.27
CA PRO MA 386 -49.99 67.23 16.97
C PRO MA 386 -48.92 68.29 17.05
N ALA MA 387 -48.41 68.72 15.90
CA ALA MA 387 -47.44 69.80 15.88
C ALA MA 387 -48.05 71.07 16.47
N PRO MA 388 -47.28 71.88 17.19
CA PRO MA 388 -47.85 73.04 17.87
C PRO MA 388 -48.25 74.17 16.95
N ALA MA 389 -48.18 73.93 15.63
CA ALA MA 389 -48.47 74.91 14.58
C ALA MA 389 -47.41 76.01 14.56
N PRO MA 390 -47.18 76.66 13.42
CA PRO MA 390 -46.14 77.69 13.37
C PRO MA 390 -46.39 78.87 14.29
N GLY MA 391 -47.62 79.05 14.78
CA GLY MA 391 -47.89 80.15 15.69
C GLY MA 391 -47.23 79.99 17.05
N ASP MA 392 -47.00 78.76 17.48
CA ASP MA 392 -46.42 78.50 18.80
C ASP MA 392 -44.90 78.51 18.81
N PHE MA 393 -44.25 78.48 17.65
CA PHE MA 393 -42.80 78.42 17.58
C PHE MA 393 -42.21 79.75 18.08
N THR MA 394 -41.65 79.72 19.29
CA THR MA 394 -41.06 80.89 19.93
C THR MA 394 -39.58 80.66 20.17
N SER MA 395 -38.96 81.58 20.90
CA SER MA 395 -37.52 81.58 21.12
C SER MA 395 -37.11 80.91 22.43
N GLU MA 396 -38.04 80.38 23.21
CA GLU MA 396 -37.69 79.84 24.51
C GLU MA 396 -38.86 79.06 25.07
N TYR MA 397 -38.54 78.03 25.86
CA TYR MA 397 -39.53 77.30 26.65
C TYR MA 397 -39.00 77.12 28.06
N VAL MA 398 -39.86 77.34 29.05
CA VAL MA 398 -39.43 77.38 30.45
C VAL MA 398 -38.97 76.00 30.91
N MET MA 399 -39.79 74.98 30.67
CA MET MA 399 -39.43 73.58 30.93
C MET MA 399 -39.04 73.39 32.41
N SER MA 400 -40.05 73.55 33.27
CA SER MA 400 -39.85 73.61 34.71
C SER MA 400 -39.11 72.38 35.24
N ALA MA 401 -38.75 72.45 36.53
CA ALA MA 401 -37.83 71.47 37.12
C ALA MA 401 -38.32 70.04 36.91
N PHE MA 402 -39.62 69.81 37.01
CA PHE MA 402 -40.18 68.49 36.77
C PHE MA 402 -40.57 68.36 35.30
N GLY MA 403 -40.22 67.24 34.69
CA GLY MA 403 -40.46 67.01 33.28
C GLY MA 403 -39.17 66.74 32.54
N GLN MA 404 -39.31 66.47 31.24
CA GLN MA 404 -38.15 66.14 30.41
C GLN MA 404 -38.52 66.34 28.95
N ALA MA 405 -37.74 67.14 28.23
CA ALA MA 405 -37.95 67.34 26.81
C ALA MA 405 -37.18 66.32 25.99
N THR MA 406 -37.58 66.15 24.74
CA THR MA 406 -36.91 65.24 23.83
C THR MA 406 -37.16 65.73 22.40
N ILE MA 407 -36.08 65.79 21.61
CA ILE MA 407 -36.13 66.25 20.24
C ILE MA 407 -35.94 65.05 19.31
N SER MA 408 -36.88 64.86 18.41
CA SER MA 408 -36.79 63.79 17.42
C SER MA 408 -35.96 64.23 16.23
N VAL MA 409 -35.51 63.25 15.45
CA VAL MA 409 -34.76 63.55 14.23
C VAL MA 409 -35.65 64.24 13.21
N GLY MA 410 -36.91 63.78 13.09
CA GLY MA 410 -37.85 64.38 12.15
C GLY MA 410 -38.56 65.62 12.64
N ASN MA 411 -38.40 65.97 13.92
CA ASN MA 411 -39.02 67.16 14.47
C ASN MA 411 -38.20 68.41 14.24
N VAL MA 412 -37.09 68.30 13.52
CA VAL MA 412 -36.30 69.46 13.13
C VAL MA 412 -36.50 69.71 11.64
N ARG MA 413 -36.97 70.93 11.32
CA ARG MA 413 -37.18 71.36 9.95
C ARG MA 413 -36.21 72.49 9.64
N VAL MA 414 -35.43 72.31 8.57
CA VAL MA 414 -34.39 73.25 8.18
C VAL MA 414 -34.75 73.81 6.82
N THR MA 415 -34.72 75.14 6.70
CA THR MA 415 -35.04 75.84 5.47
C THR MA 415 -33.89 76.75 5.09
N PHE MA 416 -33.56 76.77 3.80
CA PHE MA 416 -32.49 77.60 3.28
C PHE MA 416 -33.07 78.89 2.73
N VAL MA 417 -32.50 80.02 3.13
CA VAL MA 417 -32.94 81.32 2.66
C VAL MA 417 -31.96 81.89 1.65
N MET NA 1 106.23 27.88 -7.55
CA MET NA 1 105.50 27.26 -6.46
C MET NA 1 104.27 28.08 -6.10
N ILE NA 2 103.35 27.46 -5.37
CA ILE NA 2 102.12 28.12 -4.92
C ILE NA 2 102.06 28.00 -3.41
N ASN NA 3 101.87 29.14 -2.75
CA ASN NA 3 101.78 29.18 -1.29
C ASN NA 3 100.33 28.98 -0.88
N VAL NA 4 100.02 27.82 -0.32
CA VAL NA 4 98.66 27.48 0.09
C VAL NA 4 98.57 27.47 1.60
N SER NA 5 99.42 28.28 2.25
CA SER NA 5 99.47 28.32 3.70
C SER NA 5 98.17 28.92 4.26
N GLY NA 6 98.07 28.95 5.57
CA GLY NA 6 96.88 29.47 6.22
C GLY NA 6 97.20 30.49 7.29
N PHE NA 7 98.48 30.67 7.61
CA PHE NA 7 98.88 31.63 8.62
C PHE NA 7 98.53 33.05 8.19
N GLY NA 8 98.10 33.85 9.15
CA GLY NA 8 97.72 35.23 8.89
C GLY NA 8 96.28 35.42 8.47
N THR NA 9 95.49 34.35 8.42
CA THR NA 9 94.08 34.48 8.08
C THR NA 9 93.32 35.18 9.20
N GLY NA 10 92.50 36.15 8.84
CA GLY NA 10 91.67 36.83 9.82
C GLY NA 10 90.22 36.83 9.37
N ILE NA 11 89.34 36.84 10.36
CA ILE NA 11 87.90 36.88 10.09
C ILE NA 11 87.30 38.05 10.85
N VAL NA 12 86.42 38.80 10.21
CA VAL NA 12 85.69 39.89 10.84
C VAL NA 12 84.21 39.56 10.73
N ILE NA 13 83.57 39.32 11.87
CA ILE NA 13 82.15 38.99 11.89
C ILE NA 13 81.39 40.21 12.39
N VAL NA 14 80.47 40.70 11.56
CA VAL NA 14 79.62 41.83 11.92
C VAL NA 14 78.17 41.37 11.86
N SER NA 15 77.46 41.55 12.97
CA SER NA 15 76.06 41.17 13.07
C SER NA 15 75.18 42.41 13.06
N ALA NA 16 73.96 42.25 12.57
CA ALA NA 16 73.05 43.40 12.45
C ALA NA 16 72.76 44.03 13.80
N SER NA 17 72.51 43.22 14.82
CA SER NA 17 72.10 43.76 16.11
C SER NA 17 73.01 43.39 17.25
N SER NA 18 73.49 42.15 17.31
CA SER NA 18 74.32 41.73 18.44
C SER NA 18 75.66 42.46 18.43
N PHE NA 19 76.34 42.49 17.29
CA PHE NA 19 77.64 43.14 17.16
C PHE NA 19 77.60 44.04 15.93
N PRO NA 20 76.97 45.21 16.03
CA PRO NA 20 76.94 46.12 14.88
C PRO NA 20 78.33 46.54 14.42
N MET NA 21 79.26 46.76 15.36
CA MET NA 21 80.63 47.07 14.98
C MET NA 21 81.40 45.83 14.57
N GLY NA 22 81.10 44.70 15.19
CA GLY NA 22 81.71 43.44 14.81
C GLY NA 22 82.94 43.10 15.63
N PHE NA 23 83.28 41.82 15.61
CA PHE NA 23 84.47 41.32 16.29
C PHE NA 23 85.37 40.60 15.30
N SER NA 24 86.56 40.23 15.77
CA SER NA 24 87.59 39.63 14.93
C SER NA 24 88.00 38.28 15.49
N LEU NA 25 88.03 37.28 14.62
CA LEU NA 25 88.55 35.96 14.93
C LEU NA 25 89.97 35.86 14.35
N SER NA 26 90.94 35.63 15.25
CA SER NA 26 92.33 35.43 14.88
C SER NA 26 92.88 34.19 15.57
N LYS NA 27 92.35 33.86 16.74
CA LYS NA 27 92.80 32.71 17.52
C LYS NA 27 92.00 31.49 17.08
N PHE NA 28 92.56 30.71 16.16
CA PHE NA 28 91.92 29.52 15.63
C PHE NA 28 92.44 28.27 16.32
N ALA NA 29 91.65 27.20 16.24
CA ALA NA 29 91.97 25.98 16.96
C ALA NA 29 93.14 25.25 16.32
N ASP NA 30 93.73 24.33 17.08
CA ASP NA 30 94.86 23.55 16.63
C ASP NA 30 94.50 22.12 16.26
N ASP NA 31 93.46 21.55 16.89
CA ASP NA 31 93.05 20.19 16.61
C ASP NA 31 92.02 20.10 15.49
N GLU NA 32 91.09 21.04 15.46
CA GLU NA 32 90.05 21.07 14.44
C GLU NA 32 90.42 22.04 13.31
N SER NA 33 89.80 21.84 12.16
CA SER NA 33 90.08 22.68 11.00
C SER NA 33 89.62 24.10 11.29
N PRO NA 34 90.50 25.10 11.18
CA PRO NA 34 90.09 26.47 11.51
C PRO NA 34 88.90 26.96 10.69
N ILE NA 35 88.85 26.64 9.40
CA ILE NA 35 87.71 26.98 8.55
C ILE NA 35 87.40 25.76 7.68
N SER NA 36 86.14 25.33 7.71
CA SER NA 36 85.72 24.16 6.95
C SER NA 36 84.33 24.39 6.39
N SER NA 37 84.18 24.22 5.08
CA SER NA 37 82.91 24.44 4.41
C SER NA 37 82.60 23.27 3.49
N LYS NA 38 81.36 22.78 3.55
CA LYS NA 38 80.96 21.71 2.66
C LYS NA 38 80.74 22.26 1.25
N GLU NA 39 80.85 21.36 0.27
CA GLU NA 39 80.84 21.76 -1.12
C GLU NA 39 79.48 22.33 -1.51
N LEU NA 40 79.50 23.52 -2.11
CA LEU NA 40 78.27 24.15 -2.57
C LEU NA 40 77.67 23.36 -3.72
N GLU NA 41 76.34 23.30 -3.75
CA GLU NA 41 75.61 22.57 -4.79
C GLU NA 41 74.55 23.49 -5.38
N PRO NA 42 74.93 24.39 -6.27
CA PRO NA 42 73.96 25.30 -6.89
C PRO NA 42 73.33 24.80 -8.18
N PHE NA 43 73.62 23.57 -8.58
CA PHE NA 43 73.03 22.99 -9.78
C PHE NA 43 72.57 21.56 -9.50
N GLY NA 44 71.61 21.12 -10.30
CA GLY NA 44 71.12 19.76 -10.21
C GLY NA 44 70.81 19.22 -11.60
N TYR NA 45 70.74 17.90 -11.68
CA TYR NA 45 70.50 17.23 -12.95
C TYR NA 45 69.40 16.19 -12.77
N GLU NA 46 68.62 16.01 -13.84
CA GLU NA 46 67.58 15.00 -13.89
C GLU NA 46 67.69 14.23 -15.20
N MET NA 47 67.23 12.99 -15.15
CA MET NA 47 67.29 12.07 -16.29
C MET NA 47 65.96 12.06 -17.03
N LEU NA 48 66.00 12.42 -18.31
CA LEU NA 48 64.83 12.30 -19.16
C LEU NA 48 64.61 10.83 -19.53
N TYR NA 49 63.44 10.55 -20.08
CA TYR NA 49 63.07 9.15 -20.32
C TYR NA 49 63.67 8.62 -21.61
N ASP NA 50 64.36 9.46 -22.37
CA ASP NA 50 65.08 9.06 -23.56
C ASP NA 50 66.57 8.92 -23.32
N GLY NA 51 66.99 8.95 -22.06
CA GLY NA 51 68.40 8.91 -21.72
C GLY NA 51 69.08 10.27 -21.64
N GLY NA 52 68.36 11.35 -21.96
CA GLY NA 52 68.94 12.66 -21.96
C GLY NA 52 69.13 13.21 -20.56
N LEU NA 53 69.73 14.39 -20.51
CA LEU NA 53 70.06 15.06 -19.25
C LEU NA 53 69.45 16.45 -19.24
N PHE NA 54 68.94 16.87 -18.09
CA PHE NA 54 68.47 18.23 -17.89
C PHE NA 54 69.15 18.83 -16.68
N ALA NA 55 69.59 20.08 -16.78
CA ALA NA 55 70.33 20.75 -15.73
C ALA NA 55 69.60 22.01 -15.31
N PHE NA 56 69.43 22.19 -14.00
CA PHE NA 56 68.66 23.30 -13.46
C PHE NA 56 69.37 23.84 -12.22
N ASP NA 57 68.82 24.90 -11.65
CA ASP NA 57 69.36 25.51 -10.44
C ASP NA 57 68.70 24.94 -9.20
N LYS NA 58 69.43 24.96 -8.09
CA LYS NA 58 68.89 24.61 -6.78
C LYS NA 58 69.27 25.70 -5.78
N ALA NA 59 68.59 25.70 -4.65
CA ALA NA 59 68.92 26.60 -3.55
C ALA NA 59 70.14 26.05 -2.84
N ALA NA 60 71.19 26.86 -2.75
CA ALA NA 60 72.49 26.40 -2.25
C ALA NA 60 72.89 27.16 -0.99
N PRO NA 61 72.68 26.60 0.20
CA PRO NA 61 73.24 27.20 1.39
C PRO NA 61 74.75 27.01 1.43
N LEU NA 62 75.45 27.98 2.01
CA LEU NA 62 76.87 27.86 2.26
C LEU NA 62 77.05 27.66 3.76
N GLU NA 63 77.35 26.44 4.16
CA GLU NA 63 77.53 26.10 5.57
C GLU NA 63 79.02 26.11 5.88
N VAL NA 64 79.46 27.18 6.53
CA VAL NA 64 80.84 27.37 6.92
C VAL NA 64 80.94 27.03 8.41
N SER NA 65 82.14 26.63 8.84
CA SER NA 65 82.37 26.36 10.25
C SER NA 65 83.75 26.84 10.62
N VAL NA 66 83.84 27.58 11.73
CA VAL NA 66 85.10 28.13 12.21
C VAL NA 66 85.40 27.53 13.58
N SER NA 67 86.66 27.15 13.77
CA SER NA 67 87.12 26.53 15.01
C SER NA 67 88.01 27.49 15.76
N VAL NA 68 87.73 27.66 17.06
CA VAL NA 68 88.46 28.59 17.89
C VAL NA 68 88.92 27.87 19.16
N ILE NA 69 89.96 28.44 19.78
CA ILE NA 69 90.52 27.86 20.99
C ILE NA 69 89.58 28.09 22.16
N ALA NA 70 89.36 27.05 22.95
CA ALA NA 70 88.43 27.14 24.08
C ALA NA 70 88.92 28.17 25.09
N GLY NA 71 88.02 29.06 25.50
CA GLY NA 71 88.32 30.07 26.50
C GLY NA 71 88.80 31.40 25.94
N SER NA 72 89.07 31.49 24.65
CA SER NA 72 89.58 32.72 24.08
C SER NA 72 88.46 33.74 23.90
N GLU NA 73 88.86 34.99 23.66
CA GLU NA 73 87.87 36.06 23.47
C GLU NA 73 87.02 35.82 22.23
N ASP NA 74 87.60 35.24 21.18
CA ASP NA 74 86.81 34.89 20.01
C ASP NA 74 85.77 33.83 20.35
N ASP NA 75 86.15 32.85 21.17
CA ASP NA 75 85.19 31.83 21.60
C ASP NA 75 84.07 32.47 22.42
N ILE NA 76 84.42 33.40 23.31
CA ILE NA 76 83.40 34.06 24.12
C ILE NA 76 82.45 34.87 23.24
N ASN NA 77 82.98 35.58 22.25
CA ASN NA 77 82.14 36.35 21.35
C ASN NA 77 81.22 35.44 20.53
N LEU NA 78 81.75 34.31 20.06
CA LEU NA 78 80.93 33.39 19.29
C LEU NA 78 79.84 32.77 20.15
N ARG NA 79 80.15 32.48 21.42
CA ARG NA 79 79.12 31.96 22.32
C ARG NA 79 78.04 32.99 22.60
N ILE NA 80 78.45 34.26 22.74
CA ILE NA 80 77.47 35.33 22.91
C ILE NA 80 76.57 35.43 21.69
N LEU NA 81 77.16 35.30 20.50
CA LEU NA 81 76.37 35.28 19.27
C LEU NA 81 75.41 34.10 19.25
N LEU NA 82 75.89 32.92 19.66
CA LEU NA 82 75.05 31.73 19.68
C LEU NA 82 73.87 31.90 20.64
N ASN NA 83 74.10 32.53 21.78
CA ASN NA 83 73.06 32.64 22.80
C ASN NA 83 72.25 33.92 22.63
N SER NA 84 71.76 34.15 21.41
CA SER NA 84 70.99 35.33 21.07
C SER NA 84 69.78 34.87 20.26
N LYS NA 85 68.64 34.72 20.95
CA LYS NA 85 67.44 34.22 20.29
C LYS NA 85 66.94 35.20 19.24
N LYS NA 86 66.51 34.66 18.11
CA LYS NA 86 66.06 35.50 16.99
C LYS NA 86 64.77 36.25 17.31
N GLY NA 87 63.99 35.77 18.28
CA GLY NA 87 62.73 36.41 18.59
C GLY NA 87 62.82 37.67 19.42
N SER NA 88 64.03 38.05 19.85
CA SER NA 88 64.22 39.20 20.70
C SER NA 88 64.68 40.44 19.92
N PHE NA 89 64.61 40.40 18.59
CA PHE NA 89 65.09 41.50 17.76
C PHE NA 89 63.99 41.97 16.83
N ARG NA 90 64.05 43.26 16.48
CA ARG NA 90 63.10 43.82 15.54
C ARG NA 90 63.33 43.22 14.15
N PHE NA 91 62.25 43.10 13.39
CA PHE NA 91 62.29 42.41 12.11
C PHE NA 91 62.22 43.40 10.95
N LEU NA 92 63.03 43.15 9.93
CA LEU NA 92 63.09 43.91 8.70
C LEU NA 92 62.93 42.95 7.53
N PRO NA 93 62.60 43.46 6.34
CA PRO NA 93 62.53 42.60 5.15
C PRO NA 93 63.79 41.76 4.94
N GLY NA 94 64.89 42.13 5.59
CA GLY NA 94 66.09 41.33 5.56
C GLY NA 94 65.98 40.10 6.44
N ILE NA 95 67.08 39.69 7.06
CA ILE NA 95 67.13 38.48 7.88
C ILE NA 95 67.25 38.91 9.33
N ILE NA 96 66.60 38.09 10.22
CA ILE NA 96 66.77 38.26 11.70
C ILE NA 96 68.25 38.54 11.76
N PRO NA 97 68.85 39.31 12.72
CA PRO NA 97 70.31 39.52 12.77
C PRO NA 97 71.16 38.99 11.62
N ASP NA 98 71.25 39.77 10.53
CA ASP NA 98 72.06 39.41 9.39
C ASP NA 98 73.52 39.64 9.73
N MET NA 99 74.32 38.59 9.68
CA MET NA 99 75.71 38.68 10.07
C MET NA 99 76.58 38.24 8.91
N THR NA 100 77.61 39.01 8.63
CA THR NA 100 78.50 38.77 7.51
C THR NA 100 79.92 38.56 8.04
N THR NA 101 80.64 37.64 7.42
CA THR NA 101 82.01 37.33 7.80
C THR NA 101 82.93 37.74 6.65
N LEU NA 102 83.67 38.82 6.85
CA LEU NA 102 84.73 39.21 5.94
C LEU NA 102 85.96 38.38 6.25
N VAL NA 103 86.39 37.57 5.29
CA VAL NA 103 87.50 36.65 5.46
C VAL NA 103 88.67 37.19 4.67
N ALA NA 104 89.75 37.57 5.37
CA ALA NA 104 90.98 37.99 4.74
C ALA NA 104 91.97 36.83 4.84
N THR NA 105 92.25 36.18 3.71
CA THR NA 105 93.11 35.00 3.66
C THR NA 105 94.50 35.43 3.23
N LEU NA 106 95.45 35.39 4.17
CA LEU NA 106 96.87 35.54 3.90
C LEU NA 106 97.20 36.94 3.40
N PRO NA 107 98.50 37.29 3.28
CA PRO NA 107 98.86 38.52 2.56
C PRO NA 107 98.49 38.50 1.08
N ASP NA 108 97.95 37.40 0.56
CA ASP NA 108 97.45 37.40 -0.81
C ASP NA 108 96.33 38.40 -1.00
N GLY NA 109 95.62 38.76 0.08
CA GLY NA 109 94.55 39.71 0.00
C GLY NA 109 93.22 39.14 -0.41
N GLY NA 110 93.09 37.82 -0.51
CA GLY NA 110 91.82 37.20 -0.82
C GLY NA 110 90.76 37.55 0.19
N ARG NA 111 89.80 38.36 -0.22
CA ARG NA 111 88.72 38.82 0.66
C ARG NA 111 87.43 38.14 0.23
N THR NA 112 86.79 37.44 1.17
CA THR NA 112 85.51 36.80 0.94
C THR NA 112 84.45 37.49 1.79
N VAL NA 113 83.30 37.78 1.18
CA VAL NA 113 82.34 38.69 1.78
C VAL NA 113 81.06 37.90 2.05
N LEU NA 114 81.22 36.65 2.47
CA LEU NA 114 80.07 35.83 2.87
C LEU NA 114 79.11 36.63 3.73
N SER NA 115 77.86 36.74 3.27
CA SER NA 115 76.88 37.61 3.88
C SER NA 115 75.51 36.94 3.74
N ASN NA 116 74.47 37.67 4.15
CA ASN NA 116 73.10 37.17 4.12
C ASN NA 116 73.00 35.83 4.82
N GLY NA 117 73.43 35.78 6.07
CA GLY NA 117 73.43 34.52 6.79
C GLY NA 117 73.30 34.66 8.29
N THR NA 118 73.43 33.54 8.99
CA THR NA 118 73.28 33.52 10.43
C THR NA 118 74.02 32.29 10.98
N ILE NA 119 74.31 32.35 12.28
CA ILE NA 119 74.88 31.19 12.95
C ILE NA 119 73.80 30.11 13.08
N ILE NA 120 74.24 28.85 13.20
CA ILE NA 120 73.32 27.73 13.24
C ILE NA 120 73.56 26.91 14.50
N LYS NA 121 74.78 26.44 14.70
CA LYS NA 121 75.07 25.52 15.78
C LYS NA 121 76.45 25.79 16.35
N GLY NA 122 76.67 25.31 17.56
CA GLY NA 122 77.93 25.44 18.24
C GLY NA 122 77.87 24.78 19.61
N PRO NA 123 79.02 24.70 20.29
CA PRO NA 123 79.02 24.09 21.62
C PRO NA 123 78.70 25.07 22.73
N ALA NA 124 77.75 24.71 23.60
CA ALA NA 124 77.39 25.58 24.70
C ALA NA 124 78.42 25.55 25.82
N ILE NA 125 78.98 24.38 26.11
CA ILE NA 125 79.96 24.22 27.16
C ILE NA 125 81.19 23.53 26.58
N ASP NA 126 82.34 23.77 27.21
CA ASP NA 126 83.60 23.20 26.73
C ASP NA 126 83.70 21.74 27.12
N THR NA 127 84.07 20.89 26.16
CA THR NA 127 84.22 19.46 26.41
C THR NA 127 85.68 19.16 26.72
N ILE NA 128 85.90 18.47 27.82
CA ILE NA 128 87.25 18.09 28.24
C ILE NA 128 87.57 16.73 27.64
N GLN NA 129 88.63 16.65 26.86
CA GLN NA 129 88.99 15.44 26.15
C GLN NA 129 89.59 14.42 27.11
N ASN NA 130 89.88 13.23 26.58
CA ASN NA 130 90.55 12.20 27.36
C ASN NA 130 91.96 12.64 27.77
N THR NA 131 92.65 13.33 26.87
CA THR NA 131 94.00 13.81 27.17
C THR NA 131 94.01 14.84 28.31
N GLY NA 132 92.86 15.44 28.61
CA GLY NA 132 92.78 16.46 29.63
C GLY NA 132 92.81 17.87 29.10
N ARG NA 133 92.88 18.05 27.79
CA ARG NA 133 92.96 19.37 27.18
C ARG NA 133 91.64 19.65 26.48
N ARG NA 134 91.05 20.81 26.78
CA ARG NA 134 89.72 21.14 26.28
C ARG NA 134 89.70 21.19 24.76
N LYS NA 135 88.68 20.56 24.18
CA LYS NA 135 88.58 20.47 22.74
C LYS NA 135 88.28 21.84 22.12
N GLY NA 136 88.87 22.10 20.96
CA GLY NA 136 88.56 23.33 20.25
C GLY NA 136 87.10 23.38 19.84
N ASN NA 137 86.54 24.58 19.85
CA ASN NA 137 85.11 24.77 19.67
C ASN NA 137 84.83 25.17 18.23
N THR NA 138 83.99 24.40 17.54
CA THR NA 138 83.64 24.65 16.15
C THR NA 138 82.22 25.17 16.08
N TYR NA 139 82.07 26.40 15.57
CA TYR NA 139 80.78 27.04 15.40
C TYR NA 139 80.46 27.10 13.91
N THR NA 140 79.23 26.70 13.56
CA THR NA 140 78.80 26.63 12.17
C THR NA 140 77.86 27.77 11.87
N PHE NA 141 78.09 28.48 10.77
CA PHE NA 141 77.16 29.43 10.21
C PHE NA 141 76.66 28.94 8.86
N VAL NA 142 75.54 29.51 8.42
CA VAL NA 142 75.00 29.29 7.09
C VAL NA 142 74.80 30.65 6.44
N PHE NA 143 74.98 30.70 5.12
CA PHE NA 143 74.89 31.93 4.37
C PHE NA 143 74.17 31.69 3.05
N GLY NA 144 73.59 32.74 2.50
CA GLY NA 144 72.93 32.68 1.22
C GLY NA 144 73.60 33.52 0.16
N SER NA 145 74.53 34.40 0.59
CA SER NA 145 75.33 35.21 -0.31
C SER NA 145 76.77 34.75 -0.21
N TYR NA 146 77.35 34.35 -1.34
CA TYR NA 146 78.67 33.71 -1.35
C TYR NA 146 79.52 34.25 -2.49
N LEU NA 147 79.46 35.57 -2.71
CA LEU NA 147 80.24 36.19 -3.77
C LEU NA 147 80.92 37.44 -3.24
N GLY NA 148 82.04 37.79 -3.87
CA GLY NA 148 82.82 38.94 -3.44
C GLY NA 148 84.30 38.64 -3.37
N ALA NA 149 84.70 37.45 -3.82
CA ALA NA 149 86.10 37.05 -3.78
C ALA NA 149 86.94 37.91 -4.71
N GLN NA 150 88.11 38.32 -4.22
CA GLN NA 150 89.05 39.13 -4.99
C GLN NA 150 90.42 38.48 -4.96
N THR NA 151 91.13 38.56 -6.07
CA THR NA 151 92.47 38.00 -6.20
C THR NA 151 92.51 36.52 -5.84
N MET OA 1 105.78 -3.57 -20.16
CA MET OA 1 105.75 -2.35 -19.37
C MET OA 1 104.72 -1.37 -19.94
N ILE OA 2 103.75 -1.01 -19.12
CA ILE OA 2 102.70 -0.06 -19.50
C ILE OA 2 102.82 1.16 -18.60
N ASN OA 3 102.95 2.33 -19.21
CA ASN OA 3 103.07 3.58 -18.47
C ASN OA 3 101.67 4.08 -18.15
N VAL OA 4 101.26 3.93 -16.90
CA VAL OA 4 99.95 4.38 -16.46
C VAL OA 4 100.05 5.70 -15.69
N SER OA 5 101.12 6.45 -15.92
CA SER OA 5 101.33 7.70 -15.18
C SER OA 5 100.29 8.73 -15.56
N GLY OA 6 100.27 9.83 -14.81
CA GLY OA 6 99.30 10.89 -15.04
C GLY OA 6 99.94 12.24 -15.28
N PHE OA 7 101.26 12.31 -15.18
CA PHE OA 7 101.96 13.57 -15.42
C PHE OA 7 101.81 13.98 -16.87
N GLY OA 8 101.57 15.28 -17.09
CA GLY OA 8 101.36 15.80 -18.42
C GLY OA 8 99.93 15.83 -18.88
N THR OA 9 99.00 15.30 -18.09
CA THR OA 9 97.59 15.36 -18.44
C THR OA 9 97.10 16.80 -18.41
N GLY OA 10 96.32 17.17 -19.42
CA GLY OA 10 95.76 18.51 -19.50
C GLY OA 10 94.27 18.44 -19.76
N ILE OA 11 93.58 19.50 -19.35
CA ILE OA 11 92.14 19.59 -19.56
C ILE OA 11 91.82 20.93 -20.22
N VAL OA 12 90.94 20.92 -21.21
CA VAL OA 12 90.47 22.13 -21.85
C VAL OA 12 88.96 22.17 -21.67
N ILE OA 13 88.49 23.07 -20.83
CA ILE OA 13 87.07 23.20 -20.53
C ILE OA 13 86.52 24.39 -21.31
N VAL OA 14 85.54 24.13 -22.16
CA VAL OA 14 84.88 25.19 -22.93
C VAL OA 14 83.40 25.19 -22.57
N SER OA 15 82.84 26.38 -22.46
CA SER OA 15 81.44 26.56 -22.08
C SER OA 15 80.70 27.34 -23.16
N ALA OA 16 79.40 27.11 -23.25
CA ALA OA 16 78.60 27.77 -24.27
C ALA OA 16 78.60 29.28 -24.11
N SER OA 17 78.44 29.77 -22.89
CA SER OA 17 78.31 31.20 -22.64
C SER OA 17 79.42 31.77 -21.77
N SER OA 18 79.76 31.11 -20.67
CA SER OA 18 80.74 31.68 -19.75
C SER OA 18 82.12 31.74 -20.39
N PHE OA 19 82.57 30.64 -21.00
CA PHE OA 19 83.90 30.56 -21.61
C PHE OA 19 83.75 30.00 -23.02
N PRO OA 20 83.30 30.81 -23.97
CA PRO OA 20 83.21 30.32 -25.36
C PRO OA 20 84.55 29.89 -25.91
N MET OA 21 85.62 30.61 -25.58
CA MET OA 21 86.96 30.21 -26.01
C MET OA 21 87.48 29.03 -25.18
N GLY OA 22 87.15 29.01 -23.90
CA GLY OA 22 87.57 27.94 -23.02
C GLY OA 22 88.87 28.25 -22.30
N PHE OA 23 89.06 27.56 -21.18
CA PHE OA 23 90.26 27.69 -20.37
C PHE OA 23 90.90 26.31 -20.19
N SER OA 24 92.06 26.30 -19.54
CA SER OA 24 92.87 25.10 -19.42
C SER OA 24 93.20 24.82 -17.97
N LEU OA 25 93.08 23.54 -17.59
CA LEU OA 25 93.49 23.05 -16.29
C LEU OA 25 94.76 22.22 -16.46
N SER OA 26 95.81 22.64 -15.76
CA SER OA 26 97.09 21.92 -15.78
C SER OA 26 97.62 21.75 -14.36
N LYS OA 27 97.21 22.64 -13.44
CA LYS OA 27 97.69 22.60 -12.07
C LYS OA 27 96.67 21.86 -11.22
N PHE OA 28 96.86 20.56 -11.05
CA PHE OA 28 95.96 19.73 -10.29
C PHE OA 28 96.40 19.63 -8.83
N ALA OA 29 95.47 19.20 -7.98
CA ALA OA 29 95.72 19.14 -6.56
C ALA OA 29 96.69 18.01 -6.23
N ASP OA 30 97.29 18.11 -5.04
CA ASP OA 30 98.28 17.13 -4.60
C ASP OA 30 97.74 16.16 -3.56
N ASP OA 31 96.66 16.50 -2.87
CA ASP OA 31 96.06 15.62 -1.87
C ASP OA 31 94.89 14.81 -2.41
N GLU OA 32 93.98 15.46 -3.14
CA GLU OA 32 92.83 14.77 -3.71
C GLU OA 32 93.17 14.23 -5.09
N SER OA 33 92.34 13.32 -5.57
CA SER OA 33 92.55 12.73 -6.88
C SER OA 33 92.33 13.78 -7.96
N PRO OA 34 93.31 14.03 -8.84
CA PRO OA 34 93.11 15.08 -9.86
C PRO OA 34 91.90 14.84 -10.74
N ILE OA 35 91.63 13.60 -11.15
CA ILE OA 35 90.44 13.27 -11.91
C ILE OA 35 89.83 12.01 -11.32
N SER OA 36 88.54 12.06 -11.00
CA SER OA 36 87.85 10.93 -10.40
C SER OA 36 86.43 10.87 -10.93
N SER OA 37 86.03 9.72 -11.46
CA SER OA 37 84.69 9.55 -12.01
C SER OA 37 84.03 8.33 -11.37
N LYS OA 38 82.78 8.48 -10.95
CA LYS OA 38 82.04 7.35 -10.41
C LYS OA 38 81.79 6.31 -11.48
N GLU OA 39 81.67 5.05 -11.05
CA GLU OA 39 81.50 3.97 -12.00
C GLU OA 39 80.19 4.13 -12.77
N LEU OA 40 80.27 3.91 -14.08
CA LEU OA 40 79.13 4.06 -14.96
C LEU OA 40 78.20 2.86 -14.88
N GLU OA 41 76.91 3.12 -15.01
CA GLU OA 41 75.89 2.06 -14.95
C GLU OA 41 74.90 2.24 -16.09
N PRO OA 42 75.29 1.87 -17.31
CA PRO OA 42 74.39 2.02 -18.47
C PRO OA 42 73.47 0.84 -18.74
N PHE OA 43 73.52 -0.20 -17.93
CA PHE OA 43 72.68 -1.37 -18.12
C PHE OA 43 72.07 -1.78 -16.78
N GLY OA 44 70.99 -2.54 -16.86
CA GLY OA 44 70.33 -3.04 -15.67
C GLY OA 44 69.78 -4.43 -15.93
N TYR OA 45 69.55 -5.14 -14.83
CA TYR OA 45 69.06 -6.51 -14.89
C TYR OA 45 67.85 -6.67 -13.98
N GLU OA 46 66.95 -7.54 -14.40
CA GLU OA 46 65.78 -7.90 -13.60
C GLU OA 46 65.59 -9.40 -13.63
N MET OA 47 64.95 -9.91 -12.58
CA MET OA 47 64.76 -11.33 -12.39
C MET OA 47 63.34 -11.73 -12.81
N LEU OA 48 63.26 -12.67 -13.75
CA LEU OA 48 61.98 -13.24 -14.13
C LEU OA 48 61.52 -14.23 -13.07
N TYR OA 49 60.24 -14.57 -13.10
CA TYR OA 49 59.68 -15.37 -12.02
C TYR OA 49 59.98 -16.85 -12.20
N ASP OA 50 60.56 -17.24 -13.33
CA ASP OA 50 60.99 -18.60 -13.58
C ASP OA 50 62.50 -18.77 -13.42
N GLY OA 51 63.19 -17.74 -12.96
CA GLY OA 51 64.60 -17.83 -12.67
C GLY OA 51 65.52 -17.25 -13.72
N GLY OA 52 64.99 -16.70 -14.80
CA GLY OA 52 65.80 -16.14 -15.85
C GLY OA 52 66.38 -14.78 -15.47
N LEU OA 53 66.95 -14.13 -16.46
CA LEU OA 53 67.53 -12.81 -16.29
C LEU OA 53 67.19 -11.96 -17.51
N PHE OA 54 66.84 -10.70 -17.28
CA PHE OA 54 66.46 -9.79 -18.34
C PHE OA 54 67.34 -8.54 -18.26
N ALA OA 55 67.96 -8.18 -19.38
CA ALA OA 55 68.90 -7.09 -19.43
C ALA OA 55 68.34 -5.95 -20.27
N PHE OA 56 68.48 -4.72 -19.77
CA PHE OA 56 67.90 -3.56 -20.41
C PHE OA 56 68.84 -2.37 -20.24
N ASP OA 57 68.50 -1.27 -20.92
CA ASP OA 57 69.25 -0.04 -20.82
C ASP OA 57 68.75 0.81 -19.67
N LYS OA 58 69.63 1.65 -19.14
CA LYS OA 58 69.27 2.66 -18.15
C LYS OA 58 69.86 4.00 -18.57
N ALA OA 59 69.46 5.05 -17.87
CA ALA OA 59 70.04 6.37 -18.06
C ALA OA 59 71.22 6.53 -17.10
N ALA OA 60 72.39 6.76 -17.65
CA ALA OA 60 73.62 6.81 -16.85
C ALA OA 60 74.35 8.12 -17.05
N PRO OA 61 74.34 9.03 -16.08
CA PRO OA 61 75.12 10.26 -16.20
C PRO OA 61 76.59 9.96 -15.94
N LEU OA 62 77.46 10.83 -16.44
CA LEU OA 62 78.88 10.72 -16.16
C LEU OA 62 79.26 11.78 -15.13
N GLU OA 63 79.55 11.34 -13.91
CA GLU OA 63 79.90 12.23 -12.80
C GLU OA 63 81.42 12.26 -12.69
N VAL OA 64 82.03 13.24 -13.33
CA VAL OA 64 83.47 13.46 -13.26
C VAL OA 64 83.75 14.48 -12.17
N SER OA 65 84.97 14.50 -11.67
CA SER OA 65 85.35 15.47 -10.66
C SER OA 65 86.84 15.75 -10.79
N VAL OA 66 87.19 17.03 -10.87
CA VAL OA 66 88.57 17.46 -11.02
C VAL OA 66 89.00 18.23 -9.79
N SER OA 67 90.23 17.96 -9.35
CA SER OA 67 90.79 18.57 -8.14
C SER OA 67 91.92 19.51 -8.53
N VAL OA 68 91.88 20.73 -8.01
CA VAL OA 68 92.83 21.77 -8.37
C VAL OA 68 93.40 22.39 -7.10
N ILE OA 69 94.56 23.03 -7.25
CA ILE OA 69 95.24 23.66 -6.13
C ILE OA 69 94.51 24.95 -5.76
N ALA OA 70 94.26 25.14 -4.47
CA ALA OA 70 93.54 26.31 -4.00
C ALA OA 70 94.30 27.59 -4.34
N GLY OA 71 93.58 28.56 -4.89
CA GLY OA 71 94.15 29.84 -5.23
C GLY OA 71 94.74 29.95 -6.61
N SER OA 72 94.77 28.86 -7.38
CA SER OA 72 95.36 28.91 -8.70
C SER OA 72 94.40 29.53 -9.71
N GLU OA 73 94.94 29.82 -10.90
CA GLU OA 73 94.10 30.40 -11.96
C GLU OA 73 93.01 29.43 -12.39
N ASP OA 74 93.33 28.14 -12.44
CA ASP OA 74 92.30 27.14 -12.76
C ASP OA 74 91.22 27.10 -11.70
N ASP OA 75 91.60 27.23 -10.43
CA ASP OA 75 90.61 27.28 -9.36
C ASP OA 75 89.74 28.52 -9.49
N ILE OA 76 90.33 29.66 -9.83
CA ILE OA 76 89.55 30.89 -10.00
C ILE OA 76 88.57 30.73 -11.15
N ASN OA 77 89.01 30.15 -12.27
CA ASN OA 77 88.13 29.93 -13.40
C ASN OA 77 86.99 28.99 -13.06
N LEU OA 78 87.29 27.90 -12.32
CA LEU OA 78 86.25 26.97 -11.95
C LEU OA 78 85.25 27.59 -10.98
N ARG OA 79 85.73 28.44 -10.06
CA ARG OA 79 84.82 29.15 -9.17
C ARG OA 79 83.92 30.11 -9.94
N ILE OA 80 84.48 30.80 -10.94
CA ILE OA 80 83.69 31.67 -11.78
C ILE OA 80 82.62 30.86 -12.50
N LEU OA 81 82.99 29.69 -13.02
CA LEU OA 81 82.03 28.84 -13.70
C LEU OA 81 80.93 28.37 -12.75
N LEU OA 82 81.30 28.01 -11.52
CA LEU OA 82 80.32 27.57 -10.53
C LEU OA 82 79.34 28.68 -10.19
N ASN OA 83 79.83 29.90 -10.02
CA ASN OA 83 78.97 31.03 -9.66
C ASN OA 83 78.38 31.70 -10.92
N SER OA 84 77.66 30.90 -11.70
CA SER OA 84 77.00 31.38 -12.91
C SER OA 84 75.67 30.63 -13.03
N LYS OA 85 74.60 31.28 -12.58
CA LYS OA 85 73.29 30.63 -12.55
C LYS OA 85 72.77 30.38 -13.96
N LYS OA 86 72.10 29.24 -14.14
CA LYS OA 86 71.54 28.89 -15.45
C LYS OA 86 70.40 29.81 -15.85
N GLY OA 87 69.81 30.54 -14.90
CA GLY OA 87 68.70 31.41 -15.21
C GLY OA 87 69.06 32.74 -15.84
N SER OA 88 70.35 33.02 -16.00
CA SER OA 88 70.81 34.27 -16.58
C SER OA 88 71.38 34.09 -17.99
N PHE OA 89 70.90 33.08 -18.70
CA PHE OA 89 71.36 32.80 -20.06
C PHE OA 89 70.17 32.51 -20.95
N ARG OA 90 70.34 32.77 -22.25
CA ARG OA 90 69.26 32.61 -23.20
C ARG OA 90 69.06 31.14 -23.55
N PHE OA 91 67.89 30.81 -24.08
CA PHE OA 91 67.49 29.42 -24.29
C PHE OA 91 67.83 28.96 -25.70
N LEU OA 92 68.46 27.81 -25.80
CA LEU OA 92 68.63 27.06 -27.03
C LEU OA 92 68.06 25.67 -26.83
N PRO OA 93 67.70 24.91 -27.90
CA PRO OA 93 67.27 23.52 -27.70
C PRO OA 93 68.33 22.75 -26.92
N GLY OA 94 69.62 23.15 -27.01
CA GLY OA 94 70.61 22.48 -26.21
C GLY OA 94 70.51 22.85 -24.75
N ILE OA 95 71.40 22.25 -23.95
CA ILE OA 95 71.36 22.46 -22.51
C ILE OA 95 71.87 23.86 -22.17
N ILE OA 96 71.50 24.32 -20.98
CA ILE OA 96 71.89 25.64 -20.50
C ILE OA 96 73.39 25.64 -20.20
N PRO OA 97 74.17 26.65 -20.62
CA PRO OA 97 75.61 26.47 -20.81
C PRO OA 97 76.11 25.04 -20.99
N ASP OA 98 76.09 24.58 -22.24
CA ASP OA 98 76.67 23.30 -22.60
C ASP OA 98 78.18 23.44 -22.51
N MET OA 99 78.82 22.65 -21.66
CA MET OA 99 80.26 22.71 -21.52
C MET OA 99 80.87 21.33 -21.77
N THR OA 100 82.03 21.35 -22.42
CA THR OA 100 82.76 20.15 -22.78
C THR OA 100 84.18 20.23 -22.21
N THR OA 101 84.67 19.10 -21.72
CA THR OA 101 86.04 19.02 -21.19
C THR OA 101 86.84 18.08 -22.07
N LEU OA 102 87.64 18.64 -22.97
CA LEU OA 102 88.58 17.87 -23.76
C LEU OA 102 89.74 17.49 -22.85
N VAL OA 103 89.84 16.21 -22.52
CA VAL OA 103 90.90 15.71 -21.65
C VAL OA 103 91.97 15.08 -22.52
N ALA OA 104 93.18 15.61 -22.46
CA ALA OA 104 94.33 15.03 -23.14
C ALA OA 104 95.15 14.32 -22.07
N THR OA 105 95.03 12.99 -22.03
CA THR OA 105 95.74 12.17 -21.07
C THR OA 105 97.09 11.77 -21.68
N LEU OA 106 98.16 12.30 -21.10
CA LEU OA 106 99.56 11.95 -21.38
C LEU OA 106 99.95 12.32 -22.81
N PRO OA 107 101.25 12.29 -23.13
CA PRO OA 107 101.65 12.20 -24.54
C PRO OA 107 101.23 10.89 -25.19
N ASP OA 108 100.65 9.98 -24.41
CA ASP OA 108 100.05 8.77 -24.96
C ASP OA 108 99.01 9.11 -26.03
N GLY OA 109 98.22 10.14 -25.77
CA GLY OA 109 97.22 10.57 -26.74
C GLY OA 109 95.82 10.22 -26.33
N GLY OA 110 95.55 10.22 -25.03
CA GLY OA 110 94.21 9.89 -24.55
C GLY OA 110 93.26 11.06 -24.65
N ARG OA 111 92.76 11.35 -25.85
CA ARG OA 111 91.85 12.48 -26.04
C ARG OA 111 90.42 12.00 -25.79
N THR OA 112 89.83 12.45 -24.70
CA THR OA 112 88.44 12.18 -24.35
C THR OA 112 87.62 13.46 -24.50
N VAL OA 113 86.43 13.31 -25.08
CA VAL OA 113 85.66 14.46 -25.57
C VAL OA 113 84.35 14.60 -24.79
N LEU OA 114 84.39 14.32 -23.48
CA LEU OA 114 83.21 14.45 -22.65
C LEU OA 114 82.52 15.80 -22.88
N SER OA 115 81.23 15.75 -23.15
CA SER OA 115 80.47 16.92 -23.54
C SER OA 115 79.01 16.75 -23.13
N ASN OA 116 78.16 17.68 -23.56
CA ASN OA 116 76.74 17.68 -23.24
C ASN OA 116 76.50 17.66 -21.73
N GLY OA 117 77.21 18.52 -21.01
CA GLY OA 117 77.10 18.47 -19.57
C GLY OA 117 77.21 19.81 -18.88
N THR OA 118 77.26 19.79 -17.55
CA THR OA 118 77.37 21.01 -16.77
C THR OA 118 77.97 20.67 -15.42
N ILE OA 119 78.44 21.71 -14.73
CA ILE OA 119 78.95 21.54 -13.38
C ILE OA 119 77.79 21.30 -12.43
N ILE OA 120 78.05 20.53 -11.37
CA ILE OA 120 77.04 20.17 -10.39
C ILE OA 120 77.35 20.78 -9.03
N LYS OA 121 78.58 20.60 -8.55
CA LYS OA 121 78.91 21.03 -7.20
C LYS OA 121 80.39 21.36 -7.13
N GLY OA 122 80.74 22.13 -6.09
CA GLY OA 122 82.10 22.53 -5.85
C GLY OA 122 82.20 23.41 -4.62
N PRO OA 123 83.41 23.60 -4.10
CA PRO OA 123 83.58 24.40 -2.88
C PRO OA 123 83.52 25.88 -3.18
N ALA OA 124 82.67 26.60 -2.46
CA ALA OA 124 82.55 28.05 -2.64
C ALA OA 124 83.70 28.78 -2.00
N ILE OA 125 84.17 28.32 -0.84
CA ILE OA 125 85.25 28.97 -0.11
C ILE OA 125 86.33 27.93 0.19
N ASP OA 126 87.55 28.42 0.41
CA ASP OA 126 88.68 27.54 0.67
C ASP OA 126 88.69 27.13 2.13
N THR OA 127 88.84 25.83 2.38
CA THR OA 127 88.85 25.27 3.72
C THR OA 127 90.30 25.11 4.18
N ILE OA 128 90.61 25.61 5.36
CA ILE OA 128 91.94 25.51 5.93
C ILE OA 128 92.00 24.26 6.80
N GLN OA 129 92.93 23.36 6.48
CA GLN OA 129 93.00 22.07 7.16
C GLN OA 129 93.63 22.22 8.53
N ASN OA 130 93.75 21.09 9.23
CA ASN OA 130 94.44 21.08 10.52
C ASN OA 130 95.91 21.45 10.34
N THR OA 131 96.54 20.96 9.29
CA THR OA 131 97.96 21.19 9.05
C THR OA 131 98.27 22.64 8.73
N GLY OA 132 97.26 23.47 8.46
CA GLY OA 132 97.47 24.85 8.10
C GLY OA 132 97.59 25.10 6.62
N ARG OA 133 97.53 24.06 5.79
CA ARG OA 133 97.61 24.19 4.35
C ARG OA 133 96.20 24.05 3.78
N ARG OA 134 95.81 25.00 2.91
CA ARG OA 134 94.46 25.01 2.37
C ARG OA 134 94.20 23.75 1.55
N LYS OA 135 93.05 23.12 1.79
CA LYS OA 135 92.71 21.89 1.10
C LYS OA 135 92.46 22.14 -0.37
N GLY OA 136 92.90 21.20 -1.20
CA GLY OA 136 92.61 21.30 -2.63
C GLY OA 136 91.13 21.24 -2.91
N ASN OA 137 90.73 21.89 -4.01
CA ASN OA 137 89.32 22.10 -4.31
C ASN OA 137 88.88 21.11 -5.39
N THR OA 138 87.84 20.34 -5.10
CA THR OA 138 87.33 19.34 -6.03
C THR OA 138 85.97 19.79 -6.56
N TYR OA 139 85.89 19.97 -7.87
CA TYR OA 139 84.67 20.39 -8.54
C TYR OA 139 84.13 19.22 -9.35
N THR OA 140 82.84 18.94 -9.18
CA THR OA 140 82.17 17.83 -9.84
C THR OA 140 81.36 18.35 -11.00
N PHE OA 141 81.54 17.75 -12.17
CA PHE OA 141 80.67 17.95 -13.32
C PHE OA 141 79.88 16.68 -13.59
N VAL OA 142 78.72 16.86 -14.19
CA VAL OA 142 77.96 15.76 -14.76
C VAL OA 142 77.91 15.98 -16.26
N PHE OA 143 77.88 14.88 -17.01
CA PHE OA 143 77.94 14.94 -18.45
C PHE OA 143 76.98 13.95 -19.06
N GLY OA 144 76.51 14.28 -20.27
CA GLY OA 144 75.62 13.48 -21.07
C GLY OA 144 76.24 12.85 -22.31
N SER OA 145 77.56 12.86 -22.41
CA SER OA 145 78.22 12.23 -23.55
C SER OA 145 79.61 11.76 -23.14
N TYR OA 146 79.85 10.45 -23.20
CA TYR OA 146 81.20 9.92 -22.99
C TYR OA 146 81.67 9.14 -24.21
N LEU OA 147 81.54 9.70 -25.41
CA LEU OA 147 82.19 9.06 -26.54
C LEU OA 147 83.07 10.06 -27.28
N GLY OA 148 84.20 9.56 -27.78
CA GLY OA 148 85.20 10.40 -28.38
C GLY OA 148 86.62 10.00 -28.03
N ALA OA 149 86.78 8.97 -27.20
CA ALA OA 149 88.11 8.53 -26.81
C ALA OA 149 88.85 7.95 -28.01
N GLN OA 150 90.10 8.39 -28.19
CA GLN OA 150 90.93 7.94 -29.31
C GLN OA 150 92.29 7.51 -28.78
N THR OA 151 92.82 6.43 -29.36
CA THR OA 151 94.10 5.86 -28.96
C THR OA 151 94.14 5.55 -27.46
N MET PA 1 100.52 -30.13 -0.43
CA MET PA 1 100.26 -28.71 -0.57
C MET PA 1 99.23 -28.45 -1.66
N ILE PA 2 98.57 -27.30 -1.58
CA ILE PA 2 97.56 -26.90 -2.56
C ILE PA 2 98.00 -25.58 -3.18
N ASN PA 3 98.07 -25.55 -4.51
CA ASN PA 3 98.48 -24.36 -5.24
C ASN PA 3 97.23 -23.55 -5.58
N VAL PA 4 97.07 -22.41 -4.92
CA VAL PA 4 95.91 -21.55 -5.13
C VAL PA 4 96.36 -20.27 -5.82
N SER PA 5 97.42 -20.35 -6.60
CA SER PA 5 97.92 -19.18 -7.30
C SER PA 5 96.96 -18.79 -8.42
N GLY PA 6 97.08 -17.53 -8.85
CA GLY PA 6 96.20 -17.02 -9.88
C GLY PA 6 96.93 -16.64 -11.16
N PHE PA 7 98.25 -16.76 -11.17
CA PHE PA 7 99.03 -16.43 -12.36
C PHE PA 7 98.69 -17.40 -13.49
N GLY PA 8 98.62 -16.86 -14.71
CA GLY PA 8 98.28 -17.65 -15.86
C GLY PA 8 96.80 -17.72 -16.18
N THR PA 9 95.96 -17.10 -15.35
CA THR PA 9 94.52 -17.10 -15.60
C THR PA 9 94.21 -16.32 -16.86
N GLY PA 10 93.38 -16.89 -17.72
CA GLY PA 10 92.95 -16.21 -18.92
C GLY PA 10 91.43 -16.20 -19.01
N ILE PA 11 90.91 -15.13 -19.60
CA ILE PA 11 89.48 -15.00 -19.79
C ILE PA 11 89.20 -14.78 -21.27
N VAL PA 12 88.21 -15.47 -21.80
CA VAL PA 12 87.77 -15.29 -23.18
C VAL PA 12 86.33 -14.81 -23.12
N ILE PA 13 86.10 -13.56 -23.54
CA ILE PA 13 84.77 -12.97 -23.52
C ILE PA 13 84.24 -12.93 -24.94
N VAL PA 14 83.13 -13.60 -25.18
CA VAL PA 14 82.51 -13.65 -26.51
C VAL PA 14 81.08 -13.15 -26.39
N SER PA 15 80.76 -12.10 -27.14
CA SER PA 15 79.44 -11.50 -27.16
C SER PA 15 78.70 -11.89 -28.44
N ALA PA 16 77.37 -11.90 -28.35
CA ALA PA 16 76.56 -12.32 -29.50
C ALA PA 16 76.76 -11.39 -30.69
N SER PA 17 76.79 -10.09 -30.47
CA SER PA 17 76.82 -9.13 -31.58
C SER PA 17 78.05 -8.24 -31.58
N SER PA 18 78.46 -7.71 -30.42
CA SER PA 18 79.59 -6.79 -30.39
C SER PA 18 80.89 -7.50 -30.76
N PHE PA 19 81.14 -8.66 -30.16
CA PHE PA 19 82.36 -9.44 -30.40
C PHE PA 19 81.96 -10.88 -30.69
N PRO PA 20 81.45 -11.16 -31.89
CA PRO PA 20 81.03 -12.55 -32.19
C PRO PA 20 82.17 -13.54 -32.08
N MET PA 21 83.39 -13.16 -32.46
CA MET PA 21 84.54 -14.03 -32.30
C MET PA 21 85.14 -13.94 -30.89
N GLY PA 22 84.89 -12.85 -30.18
CA GLY PA 22 85.36 -12.70 -28.82
C GLY PA 22 86.77 -12.14 -28.73
N PHE PA 23 87.12 -11.70 -27.53
CA PHE PA 23 88.44 -11.20 -27.23
C PHE PA 23 88.94 -11.87 -25.95
N SER PA 24 90.20 -11.59 -25.61
CA SER PA 24 90.87 -12.26 -24.51
C SER PA 24 91.39 -11.23 -23.51
N LEU PA 25 91.06 -11.45 -22.24
CA LEU PA 25 91.60 -10.68 -21.13
C LEU PA 25 92.71 -11.49 -20.48
N SER PA 26 93.91 -10.89 -20.46
CA SER PA 26 95.07 -11.45 -19.77
C SER PA 26 95.86 -10.42 -18.99
N LYS PA 27 95.63 -9.13 -19.19
CA LYS PA 27 96.35 -8.06 -18.49
C LYS PA 27 95.46 -7.54 -17.37
N PHE PA 28 95.50 -8.23 -16.23
CA PHE PA 28 94.67 -7.88 -15.09
C PHE PA 28 95.33 -6.81 -14.23
N ALA PA 29 94.53 -6.16 -13.40
CA ALA PA 29 95.01 -5.03 -12.62
C ALA PA 29 95.91 -5.49 -11.48
N ASP PA 30 96.76 -4.57 -11.03
CA ASP PA 30 97.73 -4.87 -9.98
C ASP PA 30 97.28 -4.46 -8.60
N ASP PA 31 96.27 -3.59 -8.48
CA ASP PA 31 95.78 -3.14 -7.18
C ASP PA 31 94.40 -3.70 -6.86
N GLU PA 32 93.46 -3.65 -7.79
CA GLU PA 32 92.14 -4.21 -7.58
C GLU PA 32 92.17 -5.71 -7.81
N SER PA 33 91.16 -6.39 -7.29
CA SER PA 33 91.06 -7.84 -7.45
C SER PA 33 90.79 -8.16 -8.92
N PRO PA 34 91.64 -8.96 -9.57
CA PRO PA 34 91.39 -9.26 -10.99
C PRO PA 34 90.04 -9.89 -11.26
N ILE PA 35 89.58 -10.79 -10.40
CA ILE PA 35 88.24 -11.37 -10.51
C ILE PA 35 87.61 -11.36 -9.13
N SER PA 36 86.41 -10.79 -9.02
CA SER PA 36 85.70 -10.72 -7.76
C SER PA 36 84.23 -11.04 -8.01
N SER PA 37 83.67 -11.97 -7.23
CA SER PA 37 82.30 -12.39 -7.41
C SER PA 37 81.54 -12.30 -6.10
N LYS PA 38 80.35 -11.72 -6.13
CA LYS PA 38 79.48 -11.72 -4.97
C LYS PA 38 78.98 -13.13 -4.69
N GLU PA 39 78.68 -13.40 -3.43
CA GLU PA 39 78.24 -14.73 -3.02
C GLU PA 39 76.89 -15.05 -3.64
N LEU PA 40 76.82 -16.16 -4.37
CA LEU PA 40 75.56 -16.60 -4.94
C LEU PA 40 74.60 -17.06 -3.85
N GLU PA 41 73.33 -16.68 -3.98
CA GLU PA 41 72.30 -17.00 -3.01
C GLU PA 41 71.13 -17.66 -3.74
N PRO PA 42 71.25 -18.94 -4.07
CA PRO PA 42 70.18 -19.63 -4.81
C PRO PA 42 69.11 -20.26 -3.94
N PHE PA 43 69.17 -20.08 -2.63
CA PHE PA 43 68.16 -20.63 -1.72
C PHE PA 43 67.74 -19.58 -0.71
N GLY PA 44 66.59 -19.81 -0.10
CA GLY PA 44 66.11 -18.94 0.96
C GLY PA 44 65.37 -19.76 2.00
N TYR PA 45 65.27 -19.18 3.20
CA TYR PA 45 64.61 -19.85 4.31
C TYR PA 45 63.55 -18.94 4.91
N GLU PA 46 62.49 -19.56 5.40
CA GLU PA 46 61.38 -18.86 6.04
C GLU PA 46 60.99 -19.61 7.31
N MET PA 47 60.43 -18.86 8.26
CA MET PA 47 60.05 -19.41 9.56
C MET PA 47 58.54 -19.59 9.65
N LEU PA 48 58.13 -20.79 10.03
CA LEU PA 48 56.73 -21.08 10.26
C LEU PA 48 56.35 -20.58 11.65
N TYR PA 49 55.06 -20.61 11.95
CA TYR PA 49 54.60 -20.09 13.23
C TYR PA 49 54.75 -21.09 14.36
N ASP PA 50 55.26 -22.30 14.08
CA ASP PA 50 55.61 -23.28 15.10
C ASP PA 50 57.11 -23.37 15.32
N GLY PA 51 57.87 -22.42 14.81
CA GLY PA 51 59.32 -22.47 14.92
C GLY PA 51 60.01 -23.29 13.86
N GLY PA 52 59.27 -23.93 12.97
CA GLY PA 52 59.86 -24.75 11.94
C GLY PA 52 60.55 -23.92 10.88
N LEU PA 53 61.22 -24.62 9.97
CA LEU PA 53 61.98 -23.99 8.90
C LEU PA 53 61.51 -24.52 7.55
N PHE PA 54 61.38 -23.62 6.58
CA PHE PA 54 61.08 -23.98 5.21
C PHE PA 54 62.16 -23.44 4.30
N ALA PA 55 62.62 -24.27 3.36
CA ALA PA 55 63.69 -23.91 2.45
C ALA PA 55 63.18 -23.96 1.01
N PHE PA 56 63.40 -22.88 0.27
CA PHE PA 56 62.85 -22.73 -1.07
C PHE PA 56 63.91 -22.18 -2.01
N ASP PA 57 63.62 -22.24 -3.30
CA ASP PA 57 64.51 -21.69 -4.31
C ASP PA 57 64.22 -20.20 -4.48
N LYS PA 58 65.27 -19.43 -4.74
CA LYS PA 58 65.13 -18.01 -5.07
C LYS PA 58 66.04 -17.70 -6.25
N ALA PA 59 65.66 -16.68 -7.02
CA ALA PA 59 66.43 -16.31 -8.19
C ALA PA 59 67.79 -15.77 -7.77
N ALA PA 60 68.83 -16.21 -8.45
CA ALA PA 60 70.19 -15.84 -8.06
C ALA PA 60 71.04 -15.48 -9.27
N PRO PA 61 71.39 -14.21 -9.44
CA PRO PA 61 72.35 -13.83 -10.47
C PRO PA 61 73.78 -13.95 -9.98
N LEU PA 62 74.68 -14.17 -10.92
CA LEU PA 62 76.11 -14.22 -10.62
C LEU PA 62 76.71 -12.88 -11.04
N GLU PA 63 77.13 -12.09 -10.06
CA GLU PA 63 77.72 -10.78 -10.30
C GLU PA 63 79.23 -10.92 -10.26
N VAL PA 64 79.85 -10.93 -11.44
CA VAL PA 64 81.29 -11.03 -11.56
C VAL PA 64 81.85 -9.64 -11.85
N SER PA 65 83.12 -9.45 -11.53
CA SER PA 65 83.76 -8.17 -11.79
C SER PA 65 85.24 -8.41 -12.07
N VAL PA 66 85.70 -7.99 -13.23
CA VAL PA 66 87.08 -8.20 -13.65
C VAL PA 66 87.78 -6.85 -13.71
N SER PA 67 89.02 -6.82 -13.23
CA SER PA 67 89.81 -5.60 -13.14
C SER PA 67 90.97 -5.68 -14.12
N VAL PA 68 91.15 -4.63 -14.92
CA VAL PA 68 92.18 -4.61 -15.95
C VAL PA 68 92.97 -3.31 -15.82
N ILE PA 69 94.18 -3.34 -16.38
CA ILE PA 69 95.08 -2.20 -16.31
C ILE PA 69 94.59 -1.09 -17.23
N ALA PA 70 94.59 0.14 -16.71
CA ALA PA 70 94.09 1.27 -17.48
C ALA PA 70 94.91 1.47 -18.75
N GLY PA 71 94.22 1.63 -19.87
CA GLY PA 71 94.86 1.88 -21.15
C GLY PA 71 95.20 0.66 -21.97
N SER PA 72 95.01 -0.55 -21.42
CA SER PA 72 95.38 -1.74 -22.13
C SER PA 72 94.34 -2.08 -23.20
N GLU PA 73 94.71 -3.03 -24.08
CA GLU PA 73 93.80 -3.45 -25.14
C GLU PA 73 92.56 -4.11 -24.55
N ASP PA 74 92.71 -4.85 -23.46
CA ASP PA 74 91.55 -5.42 -22.78
C ASP PA 74 90.64 -4.32 -22.26
N ASP PA 75 91.21 -3.25 -21.71
CA ASP PA 75 90.41 -2.13 -21.24
C ASP PA 75 89.66 -1.48 -22.39
N ILE PA 76 90.33 -1.29 -23.53
CA ILE PA 76 89.67 -0.68 -24.68
C ILE PA 76 88.53 -1.56 -25.18
N ASN PA 77 88.75 -2.87 -25.25
CA ASN PA 77 87.70 -3.78 -25.69
C ASN PA 77 86.52 -3.78 -24.71
N LEU PA 78 86.81 -3.75 -23.41
CA LEU PA 78 85.73 -3.73 -22.43
C LEU PA 78 84.95 -2.42 -22.51
N ARG PA 79 85.63 -1.31 -22.78
CA ARG PA 79 84.92 -0.05 -22.97
C ARG PA 79 84.04 -0.09 -24.22
N ILE PA 80 84.52 -0.73 -25.28
CA ILE PA 80 83.69 -0.91 -26.47
C ILE PA 80 82.46 -1.74 -26.12
N LEU PA 81 82.64 -2.79 -25.34
CA LEU PA 81 81.52 -3.62 -24.91
C LEU PA 81 80.52 -2.80 -24.08
N LEU PA 82 81.02 -1.96 -23.18
CA LEU PA 82 80.14 -1.18 -22.33
C LEU PA 82 79.36 -0.14 -23.13
N ASN PA 83 80.02 0.51 -24.09
CA ASN PA 83 79.37 1.57 -24.88
C ASN PA 83 78.69 0.98 -26.11
N SER PA 84 77.80 0.02 -25.86
CA SER PA 84 77.00 -0.61 -26.91
C SER PA 84 75.59 -0.81 -26.37
N LYS PA 85 74.69 0.10 -26.71
CA LYS PA 85 73.34 0.07 -26.19
C LYS PA 85 72.60 -1.17 -26.66
N LYS PA 86 71.78 -1.75 -25.77
CA LYS PA 86 71.01 -2.93 -26.12
C LYS PA 86 69.95 -2.66 -27.18
N GLY PA 87 69.52 -1.41 -27.32
CA GLY PA 87 68.49 -1.09 -28.28
C GLY PA 87 68.95 -0.97 -29.71
N SER PA 88 70.26 -1.05 -29.95
CA SER PA 88 70.81 -0.91 -31.30
C SER PA 88 70.98 -2.24 -32.01
N PHE PA 89 70.60 -3.35 -31.38
CA PHE PA 89 70.76 -4.68 -31.96
C PHE PA 89 69.39 -5.32 -32.17
N ARG PA 90 69.38 -6.40 -32.94
CA ARG PA 90 68.15 -7.12 -33.19
C ARG PA 90 67.80 -7.99 -31.98
N PHE PA 91 66.64 -8.62 -32.05
CA PHE PA 91 66.07 -9.33 -30.91
C PHE PA 91 65.81 -10.79 -31.25
N LEU PA 92 65.99 -11.64 -30.23
CA LEU PA 92 65.76 -13.08 -30.33
C LEU PA 92 65.09 -13.54 -29.04
N PRO PA 93 64.51 -14.74 -29.01
CA PRO PA 93 64.04 -15.29 -27.73
C PRO PA 93 65.10 -15.31 -26.64
N GLY PA 94 66.37 -15.30 -27.02
CA GLY PA 94 67.45 -15.16 -26.06
C GLY PA 94 67.59 -13.73 -25.57
N ILE PA 95 68.70 -13.47 -24.89
CA ILE PA 95 68.94 -12.17 -24.31
C ILE PA 95 69.66 -11.27 -25.31
N ILE PA 96 69.53 -9.98 -25.11
CA ILE PA 96 70.16 -8.98 -25.99
C ILE PA 96 71.67 -9.02 -25.79
N PRO PA 97 72.49 -9.06 -26.86
CA PRO PA 97 73.88 -9.53 -26.74
C PRO PA 97 74.19 -10.48 -25.60
N ASP PA 98 73.99 -11.77 -25.85
CA ASP PA 98 74.37 -12.82 -24.92
C ASP PA 98 75.89 -12.90 -24.93
N MET PA 99 76.52 -12.54 -23.82
CA MET PA 99 77.97 -12.59 -23.72
C MET PA 99 78.37 -13.59 -22.65
N THR PA 100 79.33 -14.45 -23.00
CA THR PA 100 79.80 -15.51 -22.12
C THR PA 100 81.30 -15.36 -21.91
N THR PA 101 81.74 -15.70 -20.70
CA THR PA 101 83.16 -15.66 -20.35
C THR PA 101 83.64 -17.06 -20.04
N LEU PA 102 84.59 -17.55 -20.83
CA LEU PA 102 85.29 -18.78 -20.55
C LEU PA 102 86.52 -18.44 -19.72
N VAL PA 103 86.59 -18.98 -18.50
CA VAL PA 103 87.66 -18.67 -17.58
C VAL PA 103 88.54 -19.90 -17.48
N ALA PA 104 89.76 -19.81 -18.01
CA ALA PA 104 90.79 -20.80 -17.74
C ALA PA 104 91.53 -20.29 -16.51
N THR PA 105 91.16 -20.82 -15.34
CA THR PA 105 91.62 -20.23 -14.09
C THR PA 105 93.08 -20.54 -13.82
N LEU PA 106 93.59 -21.66 -14.33
CA LEU PA 106 94.96 -22.09 -14.08
C LEU PA 106 95.33 -23.09 -15.16
N PRO PA 107 96.59 -23.55 -15.19
CA PRO PA 107 96.91 -24.72 -16.01
C PRO PA 107 96.18 -25.98 -15.55
N ASP PA 108 95.52 -25.94 -14.39
CA ASP PA 108 94.65 -27.04 -13.98
C ASP PA 108 93.52 -27.24 -14.98
N GLY PA 109 93.07 -26.17 -15.62
CA GLY PA 109 91.96 -26.25 -16.54
C GLY PA 109 90.62 -26.18 -15.84
N GLY PA 110 90.41 -25.10 -15.07
CA GLY PA 110 89.13 -24.94 -14.40
C GLY PA 110 87.96 -24.86 -15.37
N ARG PA 111 88.12 -24.06 -16.42
CA ARG PA 111 87.15 -23.95 -17.51
C ARG PA 111 85.75 -23.60 -16.98
N THR PA 112 85.66 -22.42 -16.39
CA THR PA 112 84.36 -21.90 -15.99
C THR PA 112 83.65 -21.33 -17.21
N VAL PA 113 82.38 -21.68 -17.38
CA VAL PA 113 81.66 -21.42 -18.62
C VAL PA 113 80.50 -20.46 -18.36
N LEU PA 114 80.70 -19.50 -17.47
CA LEU PA 114 79.67 -18.49 -17.20
C LEU PA 114 79.11 -17.93 -18.50
N SER PA 115 77.78 -17.97 -18.61
CA SER PA 115 77.08 -17.59 -19.83
C SER PA 115 75.74 -16.99 -19.45
N ASN PA 116 74.91 -16.73 -20.46
CA ASN PA 116 73.57 -16.17 -20.27
C ASN PA 116 73.63 -14.88 -19.46
N GLY PA 117 74.45 -13.94 -19.91
CA GLY PA 117 74.62 -12.72 -19.14
C GLY PA 117 74.98 -11.50 -19.96
N THR PA 118 75.25 -10.40 -19.26
CA THR PA 118 75.57 -9.14 -19.90
C THR PA 118 76.39 -8.29 -18.95
N ILE PA 119 77.09 -7.30 -19.51
CA ILE PA 119 77.82 -6.33 -18.70
C ILE PA 119 76.81 -5.39 -18.06
N ILE PA 120 77.12 -4.92 -16.85
CA ILE PA 120 76.23 -4.05 -16.08
C ILE PA 120 76.84 -2.68 -15.88
N LYS PA 121 78.05 -2.62 -15.34
CA LYS PA 121 78.64 -1.34 -14.98
C LYS PA 121 80.15 -1.40 -15.15
N GLY PA 122 80.76 -0.20 -15.21
CA GLY PA 122 82.19 -0.06 -15.38
C GLY PA 122 82.56 1.40 -15.47
N PRO PA 123 83.86 1.72 -15.48
CA PRO PA 123 84.26 3.13 -15.55
C PRO PA 123 84.38 3.61 -16.99
N ALA PA 124 83.74 4.75 -17.28
CA ALA PA 124 83.81 5.31 -18.63
C ALA PA 124 85.14 5.99 -18.90
N ILE PA 125 85.68 6.72 -17.93
CA ILE PA 125 86.94 7.44 -18.08
C ILE PA 125 87.90 7.00 -16.99
N ASP PA 126 89.19 7.11 -17.28
CA ASP PA 126 90.22 6.68 -16.34
C ASP PA 126 90.39 7.72 -15.24
N THR PA 127 90.38 7.25 -13.99
CA THR PA 127 90.56 8.11 -12.84
C THR PA 127 92.03 8.11 -12.41
N ILE PA 128 92.55 9.29 -12.12
CA ILE PA 128 93.95 9.45 -11.72
C ILE PA 128 93.98 9.56 -10.21
N GLN PA 129 94.75 8.68 -9.57
CA GLN PA 129 94.78 8.62 -8.11
C GLN PA 129 95.65 9.74 -7.56
N ASN PA 130 95.78 9.76 -6.23
CA ASN PA 130 96.64 10.73 -5.58
C ASN PA 130 98.10 10.51 -6.00
N THR PA 131 98.52 9.25 -6.08
CA THR PA 131 99.89 8.93 -6.43
C THR PA 131 100.24 9.32 -7.86
N GLY PA 132 99.24 9.57 -8.70
CA GLY PA 132 99.48 9.90 -10.09
C GLY PA 132 99.40 8.75 -11.05
N ARG PA 133 99.18 7.53 -10.56
CA ARG PA 133 99.07 6.35 -11.39
C ARG PA 133 97.59 6.06 -11.63
N ARG PA 134 97.22 5.84 -12.89
CA ARG PA 134 95.82 5.65 -13.23
C ARG PA 134 95.28 4.38 -12.58
N LYS PA 135 94.13 4.51 -11.92
CA LYS PA 135 93.56 3.39 -11.18
C LYS PA 135 93.09 2.29 -12.12
N GLY PA 136 93.28 1.05 -11.71
CA GLY PA 136 92.80 -0.08 -12.50
C GLY PA 136 91.29 -0.04 -12.64
N ASN PA 137 90.80 -0.44 -13.81
CA ASN PA 137 89.40 -0.31 -14.15
C ASN PA 137 88.68 -1.63 -13.93
N THR PA 138 87.62 -1.61 -13.13
CA THR PA 138 86.86 -2.80 -12.77
C THR PA 138 85.51 -2.75 -13.47
N TYR PA 139 85.25 -3.75 -14.32
CA TYR PA 139 84.00 -3.87 -15.05
C TYR PA 139 83.21 -5.03 -14.47
N THR PA 140 81.93 -4.79 -14.18
CA THR PA 140 81.05 -5.76 -13.56
C THR PA 140 80.10 -6.31 -14.61
N PHE PA 141 79.98 -7.64 -14.66
CA PHE PA 141 78.96 -8.31 -15.44
C PHE PA 141 78.02 -9.08 -14.53
N VAL PA 142 76.87 -9.43 -15.07
CA VAL PA 142 75.90 -10.29 -14.41
C VAL PA 142 75.62 -11.47 -15.33
N PHE PA 143 75.33 -12.62 -14.73
CA PHE PA 143 75.11 -13.84 -15.49
C PHE PA 143 73.99 -14.64 -14.85
N GLY PA 144 73.34 -15.48 -15.65
CA GLY PA 144 72.29 -16.36 -15.16
C GLY PA 144 72.63 -17.82 -15.28
N SER PA 145 73.70 -18.13 -16.01
CA SER PA 145 74.21 -19.50 -16.14
C SER PA 145 75.56 -19.57 -15.47
N TYR PA 146 75.70 -20.47 -14.50
CA TYR PA 146 76.87 -20.51 -13.64
C TYR PA 146 77.35 -21.95 -13.44
N LEU PA 147 77.23 -22.77 -14.48
CA LEU PA 147 77.64 -24.16 -14.40
C LEU PA 147 78.48 -24.51 -15.63
N GLY PA 148 79.40 -25.46 -15.43
CA GLY PA 148 80.30 -25.87 -16.49
C GLY PA 148 81.73 -26.05 -16.00
N ALA PA 149 81.94 -25.91 -14.69
CA ALA PA 149 83.27 -26.05 -14.12
C ALA PA 149 83.77 -27.47 -14.28
N GLN PA 150 85.07 -27.60 -14.58
CA GLN PA 150 85.72 -28.90 -14.71
C GLN PA 150 86.99 -28.91 -13.88
N THR PA 151 87.35 -30.11 -13.42
CA THR PA 151 88.54 -30.31 -12.58
C THR PA 151 88.53 -29.42 -11.35
N MET QA 1 94.33 -24.90 32.67
CA MET QA 1 94.69 -24.85 31.26
C MET QA 1 93.62 -25.49 30.38
N ILE QA 2 92.90 -24.66 29.65
CA ILE QA 2 91.85 -25.12 28.74
C ILE QA 2 92.39 -25.06 27.33
N ASN QA 3 92.30 -26.16 26.61
CA ASN QA 3 92.75 -26.24 25.22
C ASN QA 3 91.58 -25.84 24.32
N VAL QA 4 91.65 -24.64 23.74
CA VAL QA 4 90.59 -24.13 22.90
C VAL QA 4 91.05 -24.16 21.45
N SER QA 5 91.95 -25.07 21.12
CA SER QA 5 92.50 -25.15 19.78
C SER QA 5 91.42 -25.60 18.80
N GLY QA 6 91.79 -25.63 17.52
CA GLY QA 6 90.85 -26.01 16.48
C GLY QA 6 91.37 -27.09 15.56
N PHE QA 7 92.64 -27.45 15.71
CA PHE QA 7 93.23 -28.50 14.88
C PHE QA 7 92.55 -29.83 15.17
N GLY QA 8 92.37 -30.63 14.11
CA GLY QA 8 91.71 -31.90 14.23
C GLY QA 8 90.20 -31.86 14.11
N THR QA 9 89.62 -30.68 13.94
CA THR QA 9 88.18 -30.57 13.75
C THR QA 9 87.79 -31.18 12.40
N GLY QA 10 86.74 -31.97 12.40
CA GLY QA 10 86.24 -32.57 11.18
C GLY QA 10 84.74 -32.37 11.07
N ILE QA 11 84.26 -32.30 9.83
CA ILE QA 11 82.84 -32.17 9.57
C ILE QA 11 82.42 -33.28 8.61
N VAL QA 12 81.26 -33.87 8.87
CA VAL QA 12 80.68 -34.86 7.97
C VAL QA 12 79.32 -34.34 7.55
N ILE QA 13 79.17 -34.02 6.27
CA ILE QA 13 77.92 -33.49 5.74
C ILE QA 13 77.21 -34.60 5.00
N VAL QA 14 76.00 -34.94 5.44
CA VAL QA 14 75.17 -35.95 4.81
C VAL QA 14 73.88 -35.29 4.34
N SER QA 15 73.60 -35.40 3.04
CA SER QA 15 72.42 -34.80 2.45
C SER QA 15 71.40 -35.88 2.11
N ALA QA 16 70.13 -35.50 2.10
CA ALA QA 16 69.06 -36.47 1.88
C ALA QA 16 69.14 -37.08 0.48
N SER QA 17 69.39 -36.26 -0.54
CA SER QA 17 69.37 -36.73 -1.91
C SER QA 17 70.71 -36.56 -2.62
N SER QA 18 71.35 -35.40 -2.50
CA SER QA 18 72.59 -35.16 -3.24
C SER QA 18 73.70 -36.09 -2.78
N PHE QA 19 73.92 -36.19 -1.47
CA PHE QA 19 74.97 -37.00 -0.89
C PHE QA 19 74.37 -37.88 0.20
N PRO QA 20 73.68 -38.96 -0.18
CA PRO QA 20 73.07 -39.82 0.85
C PRO QA 20 74.08 -40.42 1.80
N MET QA 21 75.26 -40.77 1.32
CA MET QA 21 76.31 -41.29 2.18
C MET QA 21 77.13 -40.18 2.85
N GLY QA 22 77.18 -39.01 2.23
CA GLY QA 22 77.84 -37.87 2.82
C GLY QA 22 79.31 -37.78 2.46
N PHE QA 23 79.85 -36.58 2.65
CA PHE QA 23 81.27 -36.31 2.44
C PHE QA 23 81.85 -35.69 3.70
N SER QA 24 83.16 -35.45 3.68
CA SER QA 24 83.89 -34.98 4.85
C SER QA 24 84.67 -33.72 4.52
N LEU QA 25 84.53 -32.72 5.38
CA LEU QA 25 85.30 -31.49 5.31
C LEU QA 25 86.41 -31.57 6.35
N SER QA 26 87.66 -31.50 5.88
CA SER QA 26 88.84 -31.46 6.73
C SER QA 26 89.77 -30.33 6.29
N LYS QA 27 89.75 -30.01 5.00
CA LYS QA 27 90.61 -28.97 4.43
C LYS QA 27 89.92 -27.63 4.56
N PHE QA 28 90.06 -27.03 5.73
CA PHE QA 28 89.45 -25.74 6.02
C PHE QA 28 90.35 -24.60 5.54
N ALA QA 29 89.75 -23.41 5.43
CA ALA QA 29 90.46 -22.28 4.87
C ALA QA 29 91.47 -21.71 5.87
N ASP QA 30 92.39 -20.91 5.34
CA ASP QA 30 93.46 -20.33 6.14
C ASP QA 30 93.26 -18.85 6.44
N ASP QA 31 92.52 -18.12 5.61
CA ASP QA 31 92.27 -16.70 5.81
C ASP QA 31 90.94 -16.41 6.47
N GLU QA 32 89.89 -17.17 6.13
CA GLU QA 32 88.59 -17.00 6.74
C GLU QA 32 88.43 -17.92 7.95
N SER QA 33 87.43 -17.63 8.76
CA SER QA 33 87.14 -18.48 9.90
C SER QA 33 86.61 -19.81 9.39
N PRO QA 34 87.23 -20.94 9.74
CA PRO QA 34 86.75 -22.23 9.23
C PRO QA 34 85.30 -22.52 9.58
N ILE QA 35 84.85 -22.17 10.78
CA ILE QA 35 83.46 -22.33 11.18
C ILE QA 35 83.03 -21.04 11.90
N SER QA 36 81.89 -20.49 11.49
CA SER QA 36 81.39 -19.27 12.10
C SER QA 36 79.87 -19.29 12.11
N SER QA 37 79.28 -19.07 13.28
CA SER QA 37 77.84 -19.11 13.44
C SER QA 37 77.35 -17.78 14.03
N LYS QA 38 76.20 -17.32 13.54
CA LYS QA 38 75.62 -16.09 14.04
C LYS QA 38 75.03 -16.31 15.43
N GLU QA 39 74.91 -15.21 16.18
CA GLU QA 39 74.38 -15.26 17.54
C GLU QA 39 72.94 -15.74 17.52
N LEU QA 40 72.70 -16.93 18.05
CA LEU QA 40 71.36 -17.48 18.14
C LEU QA 40 70.50 -16.66 19.09
N GLU QA 41 69.26 -16.39 18.68
CA GLU QA 41 68.30 -15.63 19.49
C GLU QA 41 67.00 -16.39 19.58
N PRO QA 42 66.90 -17.34 20.51
CA PRO QA 42 65.65 -18.10 20.69
C PRO QA 42 64.66 -17.51 21.68
N PHE QA 43 64.91 -16.30 22.19
CA PHE QA 43 64.01 -15.65 23.12
C PHE QA 43 63.86 -14.19 22.72
N GLY QA 44 62.82 -13.56 23.25
CA GLY QA 44 62.59 -12.15 23.02
C GLY QA 44 61.92 -11.52 24.23
N TYR QA 45 62.10 -10.21 24.35
CA TYR QA 45 61.55 -9.47 25.48
C TYR QA 45 60.74 -8.29 24.96
N GLU QA 46 59.68 -7.98 25.69
CA GLU QA 46 58.83 -6.85 25.37
C GLU QA 46 58.49 -6.08 26.64
N MET QA 47 58.19 -4.80 26.48
CA MET QA 47 57.96 -3.90 27.59
C MET QA 47 56.47 -3.71 27.84
N LEU QA 48 56.05 -3.98 29.07
CA LEU QA 48 54.70 -3.68 29.50
C LEU QA 48 54.56 -2.18 29.80
N TYR QA 49 53.32 -1.71 29.87
CA TYR QA 49 53.13 -0.27 29.96
C TYR QA 49 53.26 0.23 31.39
N ASP QA 50 53.51 -0.67 32.35
CA ASP QA 50 53.79 -0.30 33.73
C ASP QA 50 55.25 -0.58 34.10
N GLY QA 51 56.12 -0.69 33.10
CA GLY QA 51 57.55 -0.83 33.33
C GLY QA 51 58.03 -2.25 33.50
N GLY QA 52 57.14 -3.23 33.47
CA GLY QA 52 57.54 -4.61 33.61
C GLY QA 52 58.21 -5.14 32.36
N LEU QA 53 58.55 -6.42 32.40
CA LEU QA 53 59.19 -7.10 31.30
C LEU QA 53 58.44 -8.40 31.01
N PHE QA 54 58.37 -8.77 29.74
CA PHE QA 54 57.76 -10.04 29.35
C PHE QA 54 58.71 -10.79 28.42
N ALA QA 55 58.87 -12.08 28.66
CA ALA QA 55 59.79 -12.91 27.90
C ALA QA 55 59.02 -14.01 27.18
N PHE QA 56 59.36 -14.20 25.90
CA PHE QA 56 58.64 -15.15 25.05
C PHE QA 56 59.64 -15.85 24.14
N ASP QA 57 59.15 -16.86 23.43
CA ASP QA 57 59.94 -17.60 22.47
C ASP QA 57 59.79 -17.02 21.07
N LYS QA 58 60.87 -17.10 20.29
CA LYS QA 58 60.86 -16.73 18.89
C LYS QA 58 61.41 -17.88 18.06
N ALA QA 59 61.28 -17.75 16.75
CA ALA QA 59 61.87 -18.70 15.82
C ALA QA 59 63.31 -18.28 15.55
N ALA QA 60 64.24 -19.20 15.74
CA ALA QA 60 65.66 -18.89 15.63
C ALA QA 60 66.29 -19.82 14.61
N PRO QA 61 66.92 -19.30 13.54
CA PRO QA 61 67.70 -20.16 12.65
C PRO QA 61 69.14 -20.25 13.10
N LEU QA 62 69.83 -21.29 12.63
CA LEU QA 62 71.27 -21.40 12.86
C LEU QA 62 71.93 -21.13 11.51
N GLU QA 63 72.56 -19.97 11.39
CA GLU QA 63 73.27 -19.60 10.17
C GLU QA 63 74.74 -19.93 10.39
N VAL QA 64 75.13 -21.14 10.02
CA VAL QA 64 76.50 -21.60 10.13
C VAL QA 64 77.19 -21.30 8.81
N SER QA 65 78.51 -21.15 8.85
CA SER QA 65 79.28 -20.91 7.65
C SER QA 65 80.62 -21.60 7.79
N VAL QA 66 80.96 -22.42 6.80
CA VAL QA 66 82.23 -23.15 6.79
C VAL QA 66 83.07 -22.65 5.63
N SER QA 67 84.35 -22.45 5.89
CA SER QA 67 85.29 -21.93 4.92
C SER QA 67 86.26 -23.02 4.51
N VAL QA 68 86.47 -23.17 3.21
CA VAL QA 68 87.33 -24.22 2.66
C VAL QA 68 88.28 -23.60 1.65
N ILE QA 69 89.37 -24.34 1.39
CA ILE QA 69 90.39 -23.87 0.46
C ILE QA 69 89.89 -24.03 -0.97
N ALA QA 70 90.13 -23.00 -1.78
CA ALA QA 70 89.67 -23.01 -3.15
C ALA QA 70 90.32 -24.13 -3.95
N GLY QA 71 89.51 -24.90 -4.67
CA GLY QA 71 89.99 -25.96 -5.51
C GLY QA 71 90.07 -27.33 -4.86
N SER QA 72 89.80 -27.42 -3.55
CA SER QA 72 89.90 -28.70 -2.87
C SER QA 72 88.66 -29.56 -3.14
N GLU QA 73 88.78 -30.85 -2.80
CA GLU QA 73 87.66 -31.77 -2.98
C GLU QA 73 86.47 -31.36 -2.15
N ASP QA 74 86.71 -30.84 -0.94
CA ASP QA 74 85.62 -30.34 -0.12
C ASP QA 74 84.93 -29.17 -0.80
N ASP QA 75 85.70 -28.28 -1.41
CA ASP QA 75 85.11 -27.15 -2.12
C ASP QA 75 84.28 -27.62 -3.30
N ILE QA 76 84.78 -28.62 -4.04
CA ILE QA 76 84.02 -29.15 -5.17
C ILE QA 76 82.71 -29.78 -4.70
N ASN QA 77 82.77 -30.54 -3.61
CA ASN QA 77 81.56 -31.15 -3.08
C ASN QA 77 80.56 -30.09 -2.60
N LEU QA 78 81.05 -29.04 -1.94
CA LEU QA 78 80.15 -28.00 -1.48
C LEU QA 78 79.54 -27.24 -2.65
N ARG QA 79 80.30 -27.04 -3.72
CA ARG QA 79 79.75 -26.39 -4.91
C ARG QA 79 78.70 -27.27 -5.58
N ILE QA 80 78.92 -28.58 -5.58
CA ILE QA 80 77.91 -29.50 -6.09
C ILE QA 80 76.64 -29.41 -5.26
N LEU QA 81 76.80 -29.33 -3.93
CA LEU QA 81 75.66 -29.15 -3.04
C LEU QA 81 74.92 -27.85 -3.35
N LEU QA 82 75.67 -26.76 -3.57
CA LEU QA 82 75.06 -25.46 -3.84
C LEU QA 82 74.29 -25.46 -5.15
N ASN QA 83 74.87 -26.04 -6.20
CA ASN QA 83 74.24 -26.05 -7.52
C ASN QA 83 73.30 -27.25 -7.68
N SER QA 84 72.34 -27.34 -6.76
CA SER QA 84 71.34 -28.41 -6.78
C SER QA 84 70.00 -27.78 -6.41
N LYS QA 85 69.18 -27.52 -7.43
CA LYS QA 85 67.91 -26.85 -7.20
C LYS QA 85 66.97 -27.73 -6.39
N LYS QA 86 66.20 -27.09 -5.50
CA LYS QA 86 65.25 -27.81 -4.66
C LYS QA 86 64.08 -28.37 -5.46
N GLY QA 87 63.84 -27.87 -6.66
CA GLY QA 87 62.71 -28.31 -7.46
C GLY QA 87 62.93 -29.59 -8.23
N SER QA 88 64.10 -30.22 -8.10
CA SER QA 88 64.43 -31.43 -8.86
C SER QA 88 64.41 -32.68 -8.00
N PHE QA 89 63.75 -32.65 -6.85
CA PHE QA 89 63.71 -33.79 -5.95
C PHE QA 89 62.27 -34.05 -5.51
N ARG QA 90 62.05 -35.21 -4.91
CA ARG QA 90 60.72 -35.57 -4.43
C ARG QA 90 60.40 -34.79 -3.17
N PHE QA 91 59.10 -34.61 -2.91
CA PHE QA 91 58.66 -33.99 -1.67
C PHE QA 91 58.44 -35.08 -0.64
N LEU QA 92 58.90 -34.81 0.57
CA LEU QA 92 58.57 -35.60 1.75
C LEU QA 92 58.19 -34.59 2.82
N PRO QA 93 57.41 -34.99 3.82
CA PRO QA 93 57.10 -34.03 4.90
C PRO QA 93 58.34 -33.37 5.48
N GLY QA 94 59.52 -33.96 5.30
CA GLY QA 94 60.76 -33.34 5.70
C GLY QA 94 61.24 -32.26 4.73
N ILE QA 95 62.36 -31.65 5.10
CA ILE QA 95 62.93 -30.56 4.32
C ILE QA 95 63.52 -31.10 3.02
N ILE QA 96 63.41 -30.30 1.95
CA ILE QA 96 63.96 -30.63 0.64
C ILE QA 96 65.47 -30.75 0.81
N PRO QA 97 66.11 -31.84 0.32
CA PRO QA 97 67.41 -32.26 0.86
C PRO QA 97 67.73 -31.81 2.27
N ASP QA 98 67.18 -32.53 3.25
CA ASP QA 98 67.45 -32.27 4.66
C ASP QA 98 68.86 -32.74 5.01
N MET QA 99 69.83 -31.85 4.92
CA MET QA 99 71.24 -32.19 5.12
C MET QA 99 71.67 -31.83 6.53
N THR QA 100 72.46 -32.71 7.13
CA THR QA 100 72.95 -32.56 8.49
C THR QA 100 74.47 -32.59 8.50
N THR QA 101 75.06 -31.79 9.39
CA THR QA 101 76.52 -31.73 9.54
C THR QA 101 76.89 -32.23 10.94
N LEU QA 102 77.55 -33.39 10.98
CA LEU QA 102 78.12 -33.90 12.22
C LEU QA 102 79.49 -33.27 12.41
N VAL QA 103 79.62 -32.46 13.45
CA VAL QA 103 80.85 -31.73 13.70
C VAL QA 103 81.57 -32.42 14.85
N ALA QA 104 82.74 -32.99 14.57
CA ALA QA 104 83.60 -33.56 15.60
C ALA QA 104 84.69 -32.52 15.88
N THR QA 105 84.54 -31.80 16.98
CA THR QA 105 85.45 -30.72 17.34
C THR QA 105 86.54 -31.27 18.24
N LEU QA 106 87.76 -31.37 17.70
CA LEU QA 106 88.96 -31.79 18.42
C LEU QA 106 88.88 -33.25 18.82
N PRO QA 107 90.01 -33.90 19.12
CA PRO QA 107 89.97 -35.30 19.56
C PRO QA 107 89.34 -35.52 20.91
N ASP QA 108 88.92 -34.46 21.62
CA ASP QA 108 88.25 -34.65 22.90
C ASP QA 108 86.94 -35.41 22.72
N GLY QA 109 86.19 -35.08 21.67
CA GLY QA 109 85.01 -35.85 21.34
C GLY QA 109 83.73 -35.05 21.25
N GLY QA 110 83.83 -33.72 21.29
CA GLY QA 110 82.65 -32.89 21.18
C GLY QA 110 81.95 -33.07 19.85
N ARG QA 111 80.80 -33.73 19.87
CA ARG QA 111 80.04 -34.01 18.66
C ARG QA 111 78.80 -33.14 18.62
N THR QA 112 78.63 -32.37 17.55
CA THR QA 112 77.46 -31.54 17.33
C THR QA 112 76.69 -32.09 16.14
N VAL QA 113 75.37 -32.16 16.28
CA VAL QA 113 74.54 -32.93 15.35
C VAL QA 113 73.55 -32.00 14.65
N LEU QA 114 74.00 -30.79 14.32
CA LEU QA 114 73.17 -29.86 13.57
C LEU QA 114 72.51 -30.54 12.39
N SER QA 115 71.18 -30.50 12.35
CA SER QA 115 70.39 -31.23 11.38
C SER QA 115 69.19 -30.38 10.97
N ASN QA 116 68.39 -30.94 10.07
CA ASN QA 116 67.16 -30.31 9.58
C ASN QA 116 67.48 -28.92 9.01
N GLY QA 117 68.26 -28.94 7.93
CA GLY QA 117 68.68 -27.69 7.35
C GLY QA 117 69.13 -27.86 5.92
N THR QA 118 69.62 -26.77 5.35
CA THR QA 118 70.04 -26.77 3.95
C THR QA 118 71.03 -25.63 3.74
N ILE QA 119 71.78 -25.73 2.64
CA ILE QA 119 72.70 -24.68 2.27
C ILE QA 119 71.92 -23.47 1.76
N ILE QA 120 72.43 -22.27 2.04
CA ILE QA 120 71.76 -21.03 1.68
C ILE QA 120 72.54 -20.27 0.61
N LYS QA 121 73.82 -20.03 0.83
CA LYS QA 121 74.60 -19.20 -0.07
C LYS QA 121 76.03 -19.71 -0.13
N GLY QA 122 76.73 -19.29 -1.17
CA GLY QA 122 78.11 -19.63 -1.36
C GLY QA 122 78.65 -19.08 -2.67
N PRO QA 123 79.97 -19.06 -2.81
CA PRO QA 123 80.57 -18.52 -4.05
C PRO QA 123 80.49 -19.53 -5.19
N ALA QA 124 79.92 -19.10 -6.30
CA ALA QA 124 79.83 -19.97 -7.48
C ALA QA 124 81.15 -20.08 -8.22
N ILE QA 125 81.95 -19.01 -8.23
CA ILE QA 125 83.22 -18.99 -8.94
C ILE QA 125 84.31 -18.54 -7.96
N ASP QA 126 85.54 -18.90 -8.29
CA ASP QA 126 86.68 -18.56 -7.44
C ASP QA 126 87.12 -17.13 -7.71
N THR QA 127 87.21 -16.33 -6.65
CA THR QA 127 87.65 -14.94 -6.75
C THR QA 127 89.14 -14.85 -6.46
N ILE QA 128 89.86 -14.13 -7.32
CA ILE QA 128 91.30 -13.97 -7.22
C ILE QA 128 91.58 -12.64 -6.55
N GLN QA 129 92.31 -12.68 -5.44
CA GLN QA 129 92.55 -11.49 -4.65
C GLN QA 129 93.58 -10.59 -5.32
N ASN QA 130 93.84 -9.45 -4.68
CA ASN QA 130 94.87 -8.54 -5.17
C ASN QA 130 96.24 -9.20 -5.13
N THR QA 131 96.53 -9.92 -4.04
CA THR QA 131 97.83 -10.55 -3.85
C THR QA 131 98.09 -11.68 -4.84
N GLY QA 132 97.08 -12.13 -5.58
CA GLY QA 132 97.24 -13.16 -6.57
C GLY QA 132 96.88 -14.56 -6.11
N ARG QA 133 96.46 -14.72 -4.87
CA ARG QA 133 96.12 -16.02 -4.31
C ARG QA 133 94.61 -16.10 -4.16
N ARG QA 134 94.02 -17.21 -4.62
CA ARG QA 134 92.58 -17.35 -4.63
C ARG QA 134 92.02 -17.30 -3.23
N LYS QA 135 90.93 -16.54 -3.06
CA LYS QA 135 90.31 -16.36 -1.75
C LYS QA 135 89.63 -17.66 -1.30
N GLY QA 136 89.67 -17.89 0.01
CA GLY QA 136 88.96 -19.03 0.57
C GLY QA 136 87.46 -18.90 0.40
N ASN QA 137 86.79 -20.03 0.21
CA ASN QA 137 85.38 -20.05 -0.14
C ASN QA 137 84.56 -20.37 1.10
N THR QA 138 83.65 -19.47 1.47
CA THR QA 138 82.82 -19.62 2.65
C THR QA 138 81.39 -19.92 2.22
N TYR QA 139 80.91 -21.12 2.55
CA TYR QA 139 79.56 -21.54 2.25
C TYR QA 139 78.74 -21.51 3.52
N THR QA 140 77.56 -20.91 3.44
CA THR QA 140 76.66 -20.74 4.59
C THR QA 140 75.52 -21.72 4.48
N PHE QA 141 75.25 -22.44 5.56
CA PHE QA 141 74.05 -23.24 5.71
C PHE QA 141 73.15 -22.64 6.78
N VAL QA 142 71.88 -23.01 6.74
CA VAL QA 142 70.94 -22.67 7.79
C VAL QA 142 70.32 -23.98 8.32
N PHE QA 143 70.07 -24.00 9.62
CA PHE QA 143 69.62 -25.21 10.27
C PHE QA 143 68.48 -24.90 11.22
N GLY QA 144 67.67 -25.92 11.49
CA GLY QA 144 66.52 -25.87 12.38
C GLY QA 144 66.60 -26.86 13.52
N SER QA 145 67.81 -27.32 13.87
CA SER QA 145 68.03 -28.14 15.06
C SER QA 145 69.45 -27.92 15.60
N TYR QA 146 69.57 -27.30 16.78
CA TYR QA 146 70.91 -27.29 17.39
C TYR QA 146 71.02 -28.24 18.58
N LEU QA 147 70.40 -29.41 18.57
CA LEU QA 147 70.53 -30.23 19.77
C LEU QA 147 71.14 -31.58 19.43
N GLY QA 148 72.00 -32.03 20.33
CA GLY QA 148 72.80 -33.23 20.14
C GLY QA 148 74.24 -33.05 20.60
N ALA QA 149 74.57 -31.90 21.17
CA ALA QA 149 75.94 -31.63 21.60
C ALA QA 149 76.34 -32.56 22.74
N GLN QA 150 77.56 -33.08 22.67
CA GLN QA 150 78.09 -34.01 23.65
C GLN QA 150 79.43 -33.48 24.16
N THR QA 151 79.62 -33.54 25.48
CA THR QA 151 80.84 -33.06 26.13
C THR QA 151 81.14 -31.62 25.75
N MET RA 1 94.96 5.81 45.57
CA MET RA 1 94.69 5.00 44.38
C MET RA 1 93.39 4.24 44.55
N ILE RA 2 92.75 3.92 43.42
CA ILE RA 2 91.52 3.16 43.38
C ILE RA 2 91.75 1.90 42.56
N ASN RA 3 91.48 0.74 43.14
CA ASN RA 3 91.67 -0.53 42.46
C ASN RA 3 90.40 -0.88 41.70
N VAL RA 4 90.50 -0.94 40.37
CA VAL RA 4 89.36 -1.23 39.52
C VAL RA 4 89.53 -2.57 38.82
N SER RA 5 90.41 -3.42 39.33
CA SER RA 5 90.67 -4.71 38.69
C SER RA 5 89.44 -5.61 38.78
N GLY RA 6 89.17 -6.32 37.70
CA GLY RA 6 88.07 -7.26 37.64
C GLY RA 6 88.41 -8.68 38.00
N PHE RA 7 89.64 -8.96 38.41
CA PHE RA 7 90.01 -10.31 38.83
C PHE RA 7 89.28 -10.67 40.12
N GLY RA 8 88.89 -11.94 40.23
CA GLY RA 8 88.14 -12.40 41.38
C GLY RA 8 86.64 -12.22 41.27
N THR RA 9 86.16 -11.61 40.19
CA THR RA 9 84.73 -11.46 40.00
C THR RA 9 84.09 -12.82 39.78
N GLY RA 10 83.00 -13.06 40.50
CA GLY RA 10 82.26 -14.30 40.36
C GLY RA 10 80.79 -14.03 40.12
N ILE RA 11 80.14 -14.95 39.43
CA ILE RA 11 78.71 -14.82 39.14
C ILE RA 11 78.02 -16.09 39.60
N VAL RA 12 76.85 -15.95 40.21
CA VAL RA 12 75.99 -17.06 40.55
C VAL RA 12 74.67 -16.86 39.83
N ILE RA 13 74.35 -17.75 38.90
CA ILE RA 13 73.12 -17.67 38.13
C ILE RA 13 72.19 -18.76 38.64
N VAL RA 14 71.05 -18.35 39.17
CA VAL RA 14 70.05 -19.27 39.69
C VAL RA 14 68.75 -19.06 38.93
N SER RA 15 68.23 -20.14 38.36
CA SER RA 15 67.05 -20.09 37.50
C SER RA 15 65.86 -20.70 38.22
N ALA RA 16 64.66 -20.30 37.77
CA ALA RA 16 63.44 -20.76 38.42
C ALA RA 16 63.22 -22.25 38.23
N SER RA 17 63.41 -22.76 37.01
CA SER RA 17 63.09 -24.14 36.69
C SER RA 17 64.30 -24.94 36.24
N SER RA 18 65.15 -24.38 35.38
CA SER RA 18 66.29 -25.12 34.87
C SER RA 18 67.31 -25.41 35.96
N PHE RA 19 67.67 -24.37 36.74
CA PHE RA 19 68.66 -24.50 37.80
C PHE RA 19 68.12 -23.90 39.09
N PRO RA 20 67.22 -24.61 39.79
CA PRO RA 20 66.75 -24.09 41.08
C PRO RA 20 67.87 -23.78 42.05
N MET RA 21 68.94 -24.58 42.07
CA MET RA 21 70.05 -24.34 42.96
C MET RA 21 71.07 -23.38 42.36
N GLY RA 22 71.14 -23.29 41.03
CA GLY RA 22 72.02 -22.35 40.37
C GLY RA 22 73.41 -22.90 40.15
N PHE RA 23 74.13 -22.24 39.26
CA PHE RA 23 75.52 -22.56 38.96
C PHE RA 23 76.37 -21.30 39.09
N SER RA 24 77.67 -21.46 38.90
CA SER RA 24 78.62 -20.38 39.13
C SER RA 24 79.48 -20.19 37.89
N LEU RA 25 79.62 -18.93 37.47
CA LEU RA 25 80.54 -18.53 36.42
C LEU RA 25 81.78 -17.92 37.06
N SER RA 26 82.94 -18.51 36.76
CA SER RA 26 84.22 -18.02 37.22
C SER RA 26 85.23 -18.00 36.07
N LYS RA 27 84.98 -18.79 35.04
CA LYS RA 27 85.86 -18.86 33.87
C LYS RA 27 85.33 -17.89 32.82
N PHE RA 28 85.95 -16.73 32.73
CA PHE RA 28 85.54 -15.71 31.78
C PHE RA 28 86.48 -15.68 30.58
N ALA RA 29 86.01 -15.08 29.50
CA ALA RA 29 86.75 -15.11 28.25
C ALA RA 29 88.01 -14.27 28.32
N ASP RA 30 88.95 -14.56 27.43
CA ASP RA 30 90.23 -13.89 27.37
C ASP RA 30 90.30 -12.78 26.34
N ASP RA 31 89.38 -12.75 25.38
CA ASP RA 31 89.35 -11.70 24.36
C ASP RA 31 88.11 -10.83 24.45
N GLU RA 32 86.94 -11.44 24.57
CA GLU RA 32 85.71 -10.66 24.74
C GLU RA 32 85.61 -10.13 26.16
N SER RA 33 84.83 -9.07 26.30
CA SER RA 33 84.64 -8.46 27.62
C SER RA 33 83.88 -9.42 28.52
N PRO RA 34 84.42 -9.80 29.68
CA PRO RA 34 83.71 -10.77 30.52
C PRO RA 34 82.33 -10.33 30.94
N ILE RA 35 82.13 -9.05 31.24
CA ILE RA 35 80.81 -8.52 31.57
C ILE RA 35 80.65 -7.19 30.84
N SER RA 36 79.54 -7.04 30.11
CA SER RA 36 79.28 -5.81 29.36
C SER RA 36 77.79 -5.53 29.38
N SER RA 37 77.41 -4.36 29.88
CA SER RA 37 76.01 -3.98 29.99
C SER RA 37 75.73 -2.80 29.09
N LYS RA 38 74.61 -2.86 28.36
CA LYS RA 38 74.21 -1.74 27.54
C LYS RA 38 73.76 -0.57 28.40
N GLU RA 39 73.88 0.63 27.85
CA GLU RA 39 73.57 1.86 28.58
C GLU RA 39 72.11 1.89 29.01
N LEU RA 40 71.87 1.85 30.31
CA LEU RA 40 70.50 1.93 30.82
C LEU RA 40 69.95 3.35 30.63
N GLU RA 41 68.70 3.43 30.19
CA GLU RA 41 68.03 4.70 29.91
C GLU RA 41 66.66 4.69 30.59
N PRO RA 42 66.61 5.01 31.89
CA PRO RA 42 65.33 5.05 32.61
C PRO RA 42 64.58 6.38 32.54
N PHE RA 43 65.04 7.33 31.74
CA PHE RA 43 64.37 8.63 31.63
C PHE RA 43 64.35 9.07 30.18
N GLY RA 44 63.43 9.96 29.87
CA GLY RA 44 63.33 10.52 28.54
C GLY RA 44 62.89 11.96 28.61
N TYR RA 45 63.09 12.67 27.50
CA TYR RA 45 62.80 14.10 27.45
C TYR RA 45 62.01 14.41 26.18
N GLU RA 46 61.18 15.44 26.28
CA GLU RA 46 60.42 15.96 25.15
C GLU RA 46 60.50 17.47 25.17
N MET RA 47 60.35 18.07 23.99
CA MET RA 47 60.44 19.51 23.84
C MET RA 47 59.07 20.13 23.59
N LEU RA 48 58.74 21.11 24.41
CA LEU RA 48 57.51 21.86 24.29
C LEU RA 48 57.64 22.87 23.16
N TYR RA 49 56.49 23.37 22.71
CA TYR RA 49 56.49 24.25 21.54
C TYR RA 49 56.95 25.66 21.88
N ASP RA 50 57.26 25.92 23.16
CA ASP RA 50 57.85 27.17 23.58
C ASP RA 50 59.35 27.05 23.84
N GLY RA 51 59.96 25.94 23.43
CA GLY RA 51 61.36 25.71 23.69
C GLY RA 51 61.67 25.12 25.03
N GLY RA 52 60.67 24.74 25.81
CA GLY RA 52 60.87 24.19 27.13
C GLY RA 52 61.36 22.76 27.08
N LEU RA 53 61.36 22.13 28.25
CA LEU RA 53 61.78 20.74 28.38
C LEU RA 53 60.81 20.02 29.31
N PHE RA 54 60.59 18.74 29.04
CA PHE RA 54 59.79 17.89 29.91
C PHE RA 54 60.50 16.56 30.09
N ALA RA 55 60.57 16.09 31.32
CA ALA RA 55 61.27 14.85 31.65
C ALA RA 55 60.28 13.83 32.22
N PHE RA 56 60.40 12.59 31.76
CA PHE RA 56 59.47 11.54 32.15
C PHE RA 56 60.22 10.22 32.27
N ASP RA 57 59.51 9.20 32.73
CA ASP RA 57 60.06 7.85 32.84
C ASP RA 57 59.75 7.06 31.59
N LYS RA 58 60.67 6.15 31.24
CA LYS RA 58 60.44 5.21 30.16
C LYS RA 58 60.91 3.83 30.59
N ALA RA 59 60.37 2.81 29.94
CA ALA RA 59 60.72 1.44 30.28
C ALA RA 59 62.18 1.18 29.91
N ALA RA 60 62.94 0.70 30.88
CA ALA RA 60 64.37 0.50 30.71
C ALA RA 60 64.78 -0.93 31.03
N PRO RA 61 65.18 -1.72 30.04
CA PRO RA 61 65.76 -3.03 30.33
C PRO RA 61 67.25 -2.93 30.56
N LEU RA 62 67.77 -3.85 31.38
CA LEU RA 62 69.20 -3.98 31.59
C LEU RA 62 69.68 -5.15 30.75
N GLU RA 63 70.39 -4.85 29.67
CA GLU RA 63 70.92 -5.89 28.78
C GLU RA 63 72.36 -6.16 29.16
N VAL RA 64 72.57 -7.24 29.88
CA VAL RA 64 73.89 -7.65 30.36
C VAL RA 64 74.38 -8.76 29.44
N SER RA 65 75.69 -8.87 29.29
CA SER RA 65 76.27 -9.93 28.48
C SER RA 65 77.52 -10.44 29.16
N VAL RA 66 77.61 -11.76 29.33
CA VAL RA 66 78.74 -12.40 29.98
C VAL RA 66 79.47 -13.26 28.96
N SER RA 67 80.79 -13.21 29.00
CA SER RA 67 81.65 -13.92 28.07
C SER RA 67 82.39 -15.02 28.80
N VAL RA 68 82.36 -16.23 28.25
CA VAL RA 68 82.95 -17.40 28.88
C VAL RA 68 83.84 -18.12 27.88
N ILE RA 69 84.75 -18.94 28.42
CA ILE RA 69 85.68 -19.68 27.58
C ILE RA 69 84.95 -20.85 26.92
N ALA RA 70 85.20 -21.02 25.62
CA ALA RA 70 84.54 -22.08 24.87
C ALA RA 70 84.91 -23.45 25.42
N GLY RA 71 83.90 -24.29 25.65
CA GLY RA 71 84.11 -25.64 26.12
C GLY RA 71 84.12 -25.82 27.62
N SER RA 72 84.06 -24.74 28.39
CA SER RA 72 84.13 -24.87 29.84
C SER RA 72 82.77 -25.26 30.42
N GLU RA 73 82.78 -25.60 31.71
CA GLU RA 73 81.55 -26.01 32.38
C GLU RA 73 80.55 -24.86 32.43
N ASP RA 74 81.03 -23.63 32.63
CA ASP RA 74 80.14 -22.48 32.60
C ASP RA 74 79.50 -22.32 31.23
N ASP RA 75 80.27 -22.53 30.17
CA ASP RA 75 79.72 -22.48 28.82
C ASP RA 75 78.68 -23.57 28.60
N ILE RA 76 78.94 -24.77 29.11
CA ILE RA 76 77.98 -25.86 28.98
C ILE RA 76 76.67 -25.52 29.69
N ASN RA 77 76.77 -24.99 30.91
CA ASN RA 77 75.57 -24.62 31.65
C ASN RA 77 74.81 -23.49 30.97
N LEU RA 78 75.53 -22.49 30.43
CA LEU RA 78 74.85 -21.40 29.73
C LEU RA 78 74.19 -21.90 28.45
N ARG RA 79 74.81 -22.85 27.76
CA ARG RA 79 74.17 -23.45 26.58
C ARG RA 79 72.92 -24.21 26.98
N ILE RA 80 72.96 -24.91 28.12
CA ILE RA 80 71.78 -25.61 28.61
C ILE RA 80 70.66 -24.61 28.92
N LEU RA 81 71.01 -23.49 29.54
CA LEU RA 81 70.01 -22.43 29.77
C LEU RA 81 69.45 -21.90 28.47
N LEU RA 82 70.31 -21.65 27.49
CA LEU RA 82 69.86 -21.14 26.20
C LEU RA 82 68.91 -22.11 25.52
N ASN RA 83 69.17 -23.40 25.65
CA ASN RA 83 68.44 -24.40 24.88
C ASN RA 83 67.29 -24.97 25.71
N SER RA 84 66.46 -24.06 26.24
CA SER RA 84 65.37 -24.44 27.14
C SER RA 84 64.21 -23.49 26.89
N LYS RA 85 63.23 -23.95 26.10
CA LYS RA 85 62.13 -23.11 25.68
C LYS RA 85 61.24 -22.73 26.86
N LYS RA 86 60.70 -21.51 26.80
CA LYS RA 86 59.82 -21.04 27.86
C LYS RA 86 58.46 -21.75 27.84
N GLY RA 87 58.11 -22.39 26.73
CA GLY RA 87 56.81 -23.03 26.63
C GLY RA 87 56.69 -24.35 27.35
N SER RA 88 57.79 -24.91 27.82
CA SER RA 88 57.79 -26.22 28.47
C SER RA 88 57.74 -26.14 29.98
N PHE RA 89 57.49 -24.95 30.55
CA PHE RA 89 57.47 -24.76 31.99
C PHE RA 89 56.12 -24.19 32.41
N ARG RA 90 55.77 -24.45 33.67
CA ARG RA 90 54.53 -23.93 34.22
C ARG RA 90 54.61 -22.41 34.39
N PHE RA 91 53.45 -21.78 34.44
CA PHE RA 91 53.34 -20.33 34.44
C PHE RA 91 52.89 -19.82 35.80
N LEU RA 92 53.44 -18.68 36.20
CA LEU RA 92 53.07 -17.94 37.40
C LEU RA 92 53.00 -16.48 37.02
N PRO RA 93 52.32 -15.65 37.84
CA PRO RA 93 52.35 -14.20 37.60
C PRO RA 93 53.75 -13.63 37.42
N GLY RA 94 54.78 -14.36 37.86
CA GLY RA 94 56.15 -13.98 37.62
C GLY RA 94 56.58 -14.32 36.20
N ILE RA 95 57.88 -14.20 35.97
CA ILE RA 95 58.46 -14.42 34.65
C ILE RA 95 58.77 -15.90 34.48
N ILE RA 96 58.50 -16.41 33.28
CA ILE RA 96 58.80 -17.79 32.88
C ILE RA 96 60.31 -17.95 32.96
N PRO RA 97 60.84 -19.00 33.66
CA PRO RA 97 62.20 -18.94 34.18
C PRO RA 97 62.76 -17.57 34.49
N ASP RA 98 62.53 -17.12 35.73
CA ASP RA 98 63.00 -15.84 36.23
C ASP RA 98 64.33 -16.07 36.94
N MET RA 99 65.41 -16.07 36.17
CA MET RA 99 66.72 -16.33 36.74
C MET RA 99 67.39 -15.03 37.16
N THR RA 100 68.18 -15.12 38.22
CA THR RA 100 68.89 -14.00 38.79
C THR RA 100 70.39 -14.27 38.82
N THR RA 101 71.18 -13.22 38.63
CA THR RA 101 72.63 -13.31 38.66
C THR RA 101 73.16 -12.49 39.83
N LEU RA 102 73.54 -13.16 40.91
CA LEU RA 102 74.26 -12.53 42.01
C LEU RA 102 75.71 -12.35 41.58
N VAL RA 103 76.14 -11.11 41.44
CA VAL RA 103 77.47 -10.79 40.93
C VAL RA 103 78.30 -10.24 42.07
N ALA RA 104 79.41 -10.90 42.37
CA ALA RA 104 80.38 -10.40 43.34
C ALA RA 104 81.57 -9.85 42.55
N THR RA 105 81.70 -8.53 42.51
CA THR RA 105 82.70 -7.85 41.68
C THR RA 105 83.88 -7.47 42.55
N LEU RA 106 84.98 -8.23 42.42
CA LEU RA 106 86.24 -8.02 43.13
C LEU RA 106 86.05 -8.28 44.62
N PRO RA 107 87.07 -8.78 45.33
CA PRO RA 107 86.88 -9.13 46.74
C PRO RA 107 86.56 -7.97 47.66
N ASP RA 108 86.39 -6.76 47.13
CA ASP RA 108 86.03 -5.63 47.98
C ASP RA 108 84.68 -5.84 48.64
N GLY RA 109 83.71 -6.38 47.90
CA GLY RA 109 82.42 -6.70 48.46
C GLY RA 109 81.24 -6.23 47.63
N GLY RA 110 81.50 -5.63 46.47
CA GLY RA 110 80.44 -5.16 45.61
C GLY RA 110 79.54 -6.26 45.12
N ARG RA 111 78.29 -6.28 45.59
CA ARG RA 111 77.34 -7.32 45.24
C ARG RA 111 76.18 -6.72 44.47
N THR RA 112 75.91 -7.26 43.29
CA THR RA 112 74.79 -6.85 42.46
C THR RA 112 73.78 -7.98 42.37
N VAL RA 113 72.50 -7.64 42.47
CA VAL RA 113 71.47 -8.63 42.71
C VAL RA 113 70.51 -8.56 41.52
N LEU RA 114 71.08 -8.35 40.32
CA LEU RA 114 70.29 -8.38 39.09
C LEU RA 114 69.36 -9.58 39.07
N SER RA 115 68.07 -9.31 38.90
CA SER RA 115 67.05 -10.34 38.98
C SER RA 115 65.90 -9.96 38.06
N ASN RA 116 64.87 -10.82 38.05
CA ASN RA 116 63.66 -10.60 37.28
C ASN RA 116 64.00 -10.40 35.79
N GLY RA 117 64.54 -11.45 35.19
CA GLY RA 117 64.95 -11.35 33.81
C GLY RA 117 64.98 -12.69 33.13
N THR RA 118 65.44 -12.68 31.89
CA THR RA 118 65.55 -13.87 31.07
C THR RA 118 66.86 -13.82 30.29
N ILE RA 119 67.18 -14.92 29.63
CA ILE RA 119 68.27 -14.94 28.67
C ILE RA 119 67.71 -14.67 27.29
N ILE RA 120 68.42 -13.86 26.50
CA ILE RA 120 67.95 -13.41 25.19
C ILE RA 120 68.64 -14.15 24.05
N LYS RA 121 69.98 -14.15 24.05
CA LYS RA 121 70.69 -14.69 22.91
C LYS RA 121 72.04 -15.25 23.35
N GLY RA 122 72.60 -16.09 22.50
CA GLY RA 122 73.89 -16.71 22.73
C GLY RA 122 74.29 -17.59 21.57
N PRO RA 123 75.56 -17.97 21.49
CA PRO RA 123 76.02 -18.78 20.36
C PRO RA 123 75.67 -20.25 20.55
N ALA RA 124 75.06 -20.84 19.53
CA ALA RA 124 74.68 -22.24 19.60
C ALA RA 124 75.89 -23.17 19.46
N ILE RA 125 76.78 -22.87 18.53
CA ILE RA 125 77.96 -23.69 18.28
C ILE RA 125 79.20 -22.80 18.33
N ASP RA 126 80.32 -23.42 18.68
CA ASP RA 126 81.57 -22.68 18.79
C ASP RA 126 82.11 -22.30 17.41
N THR RA 127 82.58 -21.06 17.29
CA THR RA 127 83.14 -20.56 16.05
C THR RA 127 84.65 -20.59 16.13
N ILE RA 128 85.28 -21.26 15.17
CA ILE RA 128 86.73 -21.36 15.11
C ILE RA 128 87.26 -20.15 14.35
N GLN RA 129 88.15 -19.41 14.98
CA GLN RA 129 88.65 -18.16 14.40
C GLN RA 129 89.69 -18.44 13.32
N ASN RA 130 90.19 -17.35 12.72
CA ASN RA 130 91.28 -17.47 11.76
C ASN RA 130 92.54 -18.03 12.44
N THR RA 131 92.82 -17.56 13.66
CA THR RA 131 94.01 -17.98 14.38
C THR RA 131 93.98 -19.47 14.71
N GLY RA 132 92.81 -20.11 14.65
CA GLY RA 132 92.68 -21.50 14.96
C GLY RA 132 92.23 -21.79 16.38
N ARG RA 133 91.91 -20.77 17.15
CA ARG RA 133 91.51 -20.93 18.54
C ARG RA 133 90.04 -20.53 18.67
N ARG RA 134 89.26 -21.37 19.33
CA ARG RA 134 87.81 -21.17 19.38
C ARG RA 134 87.46 -19.85 20.08
N LYS RA 135 86.57 -19.08 19.46
CA LYS RA 135 86.20 -17.78 19.97
C LYS RA 135 85.42 -17.92 21.27
N GLY RA 136 85.68 -17.01 22.21
CA GLY RA 136 84.93 -17.00 23.44
C GLY RA 136 83.46 -16.72 23.19
N ASN RA 137 82.61 -17.29 24.04
CA ASN RA 137 81.17 -17.27 23.81
C ASN RA 137 80.51 -16.22 24.69
N THR RA 138 79.76 -15.31 24.06
CA THR RA 138 79.10 -14.22 24.76
C THR RA 138 77.60 -14.49 24.79
N TYR RA 139 77.03 -14.54 25.99
CA TYR RA 139 75.61 -14.78 26.19
C TYR RA 139 74.98 -13.53 26.77
N THR RA 140 73.86 -13.10 26.18
CA THR RA 140 73.18 -11.89 26.58
C THR RA 140 71.93 -12.24 27.37
N PHE RA 141 71.77 -11.63 28.53
CA PHE RA 141 70.55 -11.65 29.31
C PHE RA 141 69.93 -10.27 29.34
N VAL RA 142 68.63 -10.24 29.60
CA VAL RA 142 67.92 -8.99 29.87
C VAL RA 142 67.27 -9.10 31.23
N PHE RA 143 67.19 -7.97 31.94
CA PHE RA 143 66.65 -7.94 33.28
C PHE RA 143 65.78 -6.70 33.45
N GLY RA 144 64.84 -6.77 34.39
CA GLY RA 144 63.99 -5.65 34.69
C GLY RA 144 64.18 -5.11 36.09
N SER RA 145 64.85 -5.88 36.93
CA SER RA 145 65.20 -5.47 38.29
C SER RA 145 66.71 -5.27 38.37
N TYR RA 146 67.13 -4.06 38.71
CA TYR RA 146 68.54 -3.69 38.63
C TYR RA 146 68.96 -2.93 39.88
N LEU RA 147 68.55 -3.41 41.05
CA LEU RA 147 68.88 -2.74 42.31
C LEU RA 147 69.33 -3.78 43.32
N GLY RA 148 70.18 -3.34 44.25
CA GLY RA 148 70.71 -4.22 45.27
C GLY RA 148 72.20 -4.06 45.47
N ALA RA 149 72.80 -3.08 44.80
CA ALA RA 149 74.24 -2.87 44.91
C ALA RA 149 74.62 -2.43 46.31
N GLN RA 150 75.68 -3.04 46.84
CA GLN RA 150 76.20 -2.71 48.17
C GLN RA 150 77.68 -2.37 48.05
N THR RA 151 78.10 -1.35 48.80
CA THR RA 151 79.49 -0.92 48.85
C THR RA 151 80.03 -0.60 47.46
N MET SA 1 100.52 32.34 25.63
CA MET SA 1 99.99 30.99 25.63
C MET SA 1 98.62 30.95 26.27
N ILE SA 2 97.84 29.91 25.96
CA ILE SA 2 96.52 29.71 26.49
C ILE SA 2 96.50 28.39 27.26
N ASN SA 3 96.09 28.45 28.52
CA ASN SA 3 96.00 27.27 29.37
C ASN SA 3 94.63 26.64 29.16
N VAL SA 4 94.57 25.65 28.28
CA VAL SA 4 93.32 24.95 27.99
C VAL SA 4 93.21 23.65 28.78
N SER SA 5 94.02 23.50 29.83
CA SER SA 5 94.06 22.26 30.60
C SER SA 5 92.73 22.03 31.31
N GLY SA 6 92.61 20.87 31.93
CA GLY SA 6 91.37 20.49 32.58
C GLY SA 6 91.53 20.03 34.01
N PHE SA 7 92.78 20.00 34.50
CA PHE SA 7 93.01 19.61 35.88
C PHE SA 7 92.45 20.65 36.83
N GLY SA 8 91.88 20.20 37.94
CA GLY SA 8 91.27 21.08 38.90
C GLY SA 8 89.80 21.35 38.68
N THR SA 9 89.23 20.84 37.59
CA THR SA 9 87.81 21.03 37.33
C THR SA 9 86.97 20.32 38.39
N GLY SA 10 85.95 21.02 38.88
CA GLY SA 10 85.03 20.42 39.83
C GLY SA 10 83.60 20.62 39.38
N ILE SA 11 82.74 19.69 39.78
CA ILE SA 11 81.32 19.76 39.44
C ILE SA 11 80.51 19.65 40.71
N VAL SA 12 79.51 20.51 40.88
CA VAL SA 12 78.59 20.44 42.00
C VAL SA 12 77.21 20.19 41.44
N ILE SA 13 76.63 19.02 41.75
CA ILE SA 13 75.32 18.65 41.28
C ILE SA 13 74.35 18.75 42.45
N VAL SA 14 73.32 19.59 42.31
CA VAL SA 14 72.30 19.75 43.32
C VAL SA 14 70.95 19.42 42.70
N SER SA 15 70.26 18.43 43.27
CA SER SA 15 68.97 17.99 42.79
C SER SA 15 67.86 18.55 43.67
N ALA SA 16 66.65 18.62 43.09
CA ALA SA 16 65.52 19.17 43.83
C ALA SA 16 65.16 18.31 45.03
N SER SA 17 65.12 16.99 44.87
CA SER SA 17 64.66 16.11 45.93
C SER SA 17 65.68 15.05 46.33
N SER SA 18 66.40 14.47 45.37
CA SER SA 18 67.35 13.41 45.71
C SER SA 18 68.50 13.95 46.53
N PHE SA 19 69.13 15.04 46.08
CA PHE SA 19 70.27 15.64 46.75
C PHE SA 19 70.02 17.14 46.90
N PRO SA 20 69.14 17.54 47.82
CA PRO SA 20 68.89 18.98 47.99
C PRO SA 20 70.14 19.76 48.35
N MET SA 21 71.00 19.20 49.20
CA MET SA 21 72.28 19.83 49.50
C MET SA 21 73.27 19.64 48.37
N GLY SA 22 73.16 18.53 47.63
CA GLY SA 22 74.01 18.28 46.49
C GLY SA 22 75.30 17.57 46.83
N PHE SA 23 75.95 17.07 45.79
CA PHE SA 23 77.23 16.39 45.92
C PHE SA 23 78.21 16.96 44.91
N SER SA 24 79.45 16.47 44.98
CA SER SA 24 80.54 17.01 44.18
C SER SA 24 81.25 15.89 43.44
N LEU SA 25 81.49 16.11 42.14
CA LEU SA 25 82.29 15.24 41.31
C LEU SA 25 83.67 15.86 41.12
N SER SA 26 84.71 15.10 41.47
CA SER SA 26 86.09 15.51 41.27
C SER SA 26 86.91 14.36 40.68
N LYS SA 27 86.43 13.12 40.86
CA LYS SA 27 87.14 11.93 40.37
C LYS SA 27 86.57 11.56 39.01
N PHE SA 28 87.16 12.14 37.96
CA PHE SA 28 86.72 11.88 36.60
C PHE SA 28 87.46 10.68 36.03
N ALA SA 29 86.89 10.10 34.97
CA ALA SA 29 87.43 8.88 34.41
C ALA SA 29 88.74 9.13 33.68
N ASP SA 30 89.52 8.07 33.52
CA ASP SA 30 90.82 8.16 32.88
C ASP SA 30 90.82 7.74 31.41
N ASP SA 31 89.80 7.00 30.98
CA ASP SA 31 89.72 6.55 29.58
C ASP SA 31 88.70 7.34 28.78
N GLU SA 32 87.48 7.49 29.31
CA GLU SA 32 86.46 8.24 28.61
C GLU SA 32 86.65 9.74 28.86
N SER SA 33 86.02 10.54 28.01
CA SER SA 33 86.13 11.99 28.16
C SER SA 33 85.40 12.42 29.43
N PRO SA 34 86.07 13.14 30.34
CA PRO SA 34 85.40 13.53 31.59
C PRO SA 34 84.13 14.34 31.38
N ILE SA 35 84.12 15.26 30.41
CA ILE SA 35 82.92 16.02 30.09
C ILE SA 35 82.79 16.10 28.57
N SER SA 36 81.63 15.74 28.05
CA SER SA 36 81.37 15.80 26.62
C SER SA 36 79.97 16.38 26.40
N SER SA 37 79.88 17.37 25.53
CA SER SA 37 78.61 18.01 25.22
C SER SA 37 78.31 17.91 23.73
N LYS SA 38 77.07 17.58 23.41
CA LYS SA 38 76.66 17.51 22.02
C LYS SA 38 76.55 18.92 21.43
N GLU SA 39 76.66 18.99 20.11
CA GLU SA 39 76.64 20.27 19.40
C GLU SA 39 75.27 20.90 19.55
N LEU SA 40 75.20 21.98 20.32
CA LEU SA 40 73.94 22.70 20.49
C LEU SA 40 73.49 23.29 19.16
N GLU SA 41 72.20 23.16 18.85
CA GLU SA 41 71.62 23.67 17.61
C GLU SA 41 70.39 24.50 17.95
N PRO SA 42 70.56 25.76 18.32
CA PRO SA 42 69.42 26.61 18.66
C PRO SA 42 68.80 27.36 17.49
N PHE SA 43 69.33 27.22 16.29
CA PHE SA 43 68.80 27.90 15.11
C PHE SA 43 68.66 26.92 13.96
N GLY SA 44 67.78 27.27 13.04
CA GLY SA 44 67.57 26.46 11.86
C GLY SA 44 67.33 27.34 10.65
N TYR SA 45 67.49 26.74 9.46
CA TYR SA 45 67.34 27.46 8.22
C TYR SA 45 66.35 26.73 7.33
N GLU SA 46 65.72 27.49 6.44
CA GLU SA 46 64.85 26.92 5.41
C GLU SA 46 65.08 27.68 4.12
N MET SA 47 64.84 26.99 3.01
CA MET SA 47 65.11 27.53 1.68
C MET SA 47 63.81 28.00 1.03
N LEU SA 48 63.78 29.27 0.64
CA LEU SA 48 62.66 29.82 -0.08
C LEU SA 48 62.72 29.38 -1.54
N TYR SA 49 61.59 29.52 -2.23
CA TYR SA 49 61.50 29.05 -3.60
C TYR SA 49 62.08 30.04 -4.60
N ASP SA 50 62.55 31.20 -4.14
CA ASP SA 50 63.25 32.16 -4.98
C ASP SA 50 64.76 32.15 -4.75
N GLY SA 51 65.27 31.17 -4.01
CA GLY SA 51 66.68 31.05 -3.74
C GLY SA 51 67.17 31.78 -2.52
N GLY SA 52 66.28 32.42 -1.78
CA GLY SA 52 66.66 33.14 -0.58
C GLY SA 52 67.00 32.22 0.57
N LEU SA 53 66.79 32.72 1.79
CA LEU SA 53 67.09 31.95 2.99
C LEU SA 53 66.23 32.50 4.11
N PHE SA 54 65.84 31.61 5.02
CA PHE SA 54 65.10 32.02 6.21
C PHE SA 54 65.73 31.37 7.44
N ALA SA 55 65.84 32.13 8.51
CA ALA SA 55 66.45 31.69 9.75
C ALA SA 55 65.46 31.80 10.89
N PHE SA 56 65.38 30.75 11.71
CA PHE SA 56 64.40 30.69 12.78
C PHE SA 56 64.99 29.98 13.98
N ASP SA 57 64.22 29.95 15.06
CA ASP SA 57 64.63 29.31 16.31
C ASP SA 57 64.03 27.91 16.42
N LYS SA 58 64.82 26.97 16.91
CA LYS SA 58 64.37 25.63 17.26
C LYS SA 58 64.56 25.40 18.75
N ALA SA 59 64.01 24.29 19.23
CA ALA SA 59 64.20 23.88 20.61
C ALA SA 59 65.47 23.07 20.72
N ALA SA 60 66.34 23.45 21.64
CA ALA SA 60 67.64 22.81 21.77
C ALA SA 60 67.81 22.19 23.14
N PRO SA 61 68.15 20.90 23.22
CA PRO SA 61 68.59 20.34 24.50
C PRO SA 61 70.09 20.50 24.66
N LEU SA 62 70.54 20.69 25.90
CA LEU SA 62 71.97 20.58 26.16
C LEU SA 62 72.22 19.19 26.72
N GLU SA 63 72.85 18.34 25.91
CA GLU SA 63 73.15 16.98 26.32
C GLU SA 63 74.59 16.96 26.81
N VAL SA 64 74.75 16.94 28.12
CA VAL SA 64 76.06 16.85 28.75
C VAL SA 64 76.29 15.40 29.14
N SER SA 65 77.53 15.01 29.29
CA SER SA 65 77.87 13.66 29.71
C SER SA 65 79.16 13.67 30.49
N VAL SA 66 79.11 13.19 31.72
CA VAL SA 66 80.25 13.21 32.62
C VAL SA 66 80.70 11.77 32.86
N SER SA 67 82.01 11.56 32.86
CA SER SA 67 82.61 10.24 33.02
C SER SA 67 83.33 10.18 34.36
N VAL SA 68 83.09 9.11 35.11
CA VAL SA 68 83.66 8.95 36.44
C VAL SA 68 84.29 7.56 36.55
N ILE SA 69 85.16 7.42 37.54
CA ILE SA 69 85.85 6.16 37.77
C ILE SA 69 84.90 5.16 38.43
N ALA SA 70 84.91 3.93 37.93
CA ALA SA 70 84.03 2.90 38.46
C ALA SA 70 84.34 2.64 39.93
N GLY SA 71 83.28 2.59 40.74
CA GLY SA 71 83.40 2.28 42.16
C GLY SA 71 83.61 3.47 43.06
N SER SA 72 83.78 4.68 42.52
CA SER SA 72 84.04 5.83 43.36
C SER SA 72 82.75 6.36 43.98
N GLU SA 73 82.92 7.26 44.95
CA GLU SA 73 81.76 7.85 45.62
C GLU SA 73 80.92 8.66 44.65
N ASP SA 74 81.55 9.34 43.69
CA ASP SA 74 80.79 10.05 42.67
C ASP SA 74 79.98 9.08 41.82
N ASP SA 75 80.55 7.93 41.49
CA ASP SA 75 79.80 6.91 40.75
C ASP SA 75 78.61 6.41 41.57
N ILE SA 76 78.81 6.19 42.86
CA ILE SA 76 77.70 5.73 43.70
C ILE SA 76 76.60 6.77 43.76
N ASN SA 77 76.98 8.04 43.92
CA ASN SA 77 75.99 9.12 43.97
C ASN SA 77 75.23 9.23 42.66
N LEU SA 78 75.95 9.13 41.53
CA LEU SA 78 75.27 9.23 40.24
C LEU SA 78 74.36 8.03 40.00
N ARG SA 79 74.74 6.84 40.48
CA ARG SA 79 73.83 5.70 40.36
C ARG SA 79 72.60 5.89 41.22
N ILE SA 80 72.75 6.47 42.41
CA ILE SA 80 71.60 6.80 43.24
C ILE SA 80 70.68 7.77 42.51
N LEU SA 81 71.27 8.78 41.86
CA LEU SA 81 70.49 9.74 41.09
C LEU SA 81 69.75 9.06 39.95
N LEU SA 82 70.43 8.14 39.25
CA LEU SA 82 69.82 7.47 38.11
C LEU SA 82 68.69 6.55 38.53
N ASN SA 83 68.87 5.81 39.62
CA ASN SA 83 67.87 4.84 40.08
C ASN SA 83 66.87 5.51 41.02
N SER SA 84 66.26 6.58 40.52
CA SER SA 84 65.24 7.33 41.26
C SER SA 84 64.13 7.69 40.27
N LYS SA 85 63.06 6.89 40.27
CA LYS SA 85 61.98 7.10 39.32
C LYS SA 85 61.29 8.43 39.56
N LYS SA 86 60.95 9.12 38.48
CA LYS SA 86 60.32 10.43 38.58
C LYS SA 86 58.92 10.35 39.17
N GLY SA 87 58.30 9.18 39.18
CA GLY SA 87 56.94 9.06 39.68
C GLY SA 87 56.81 9.05 41.18
N SER SA 88 57.93 9.08 41.92
CA SER SA 88 57.92 8.97 43.37
C SER SA 88 58.23 10.31 44.04
N PHE SA 89 57.75 11.40 43.47
CA PHE SA 89 58.03 12.73 43.98
C PHE SA 89 56.83 13.63 43.77
N ARG SA 90 56.82 14.73 44.54
CA ARG SA 90 55.76 15.72 44.38
C ARG SA 90 55.88 16.45 43.05
N PHE SA 91 54.79 17.09 42.63
CA PHE SA 91 54.79 17.90 41.43
C PHE SA 91 54.95 19.36 41.85
N LEU SA 92 55.88 20.04 41.22
CA LEU SA 92 55.95 21.49 41.27
C LEU SA 92 55.79 21.97 39.83
N PRO SA 93 55.41 23.23 39.63
CA PRO SA 93 55.38 23.74 38.25
C PRO SA 93 56.69 23.56 37.52
N GLY SA 94 57.80 23.44 38.24
CA GLY SA 94 59.08 23.13 37.64
C GLY SA 94 59.21 21.65 37.30
N ILE SA 95 60.40 21.30 36.81
CA ILE SA 95 60.66 19.93 36.40
C ILE SA 95 60.75 19.02 37.62
N ILE SA 96 60.21 17.81 37.49
CA ILE SA 96 60.34 16.79 38.53
C ILE SA 96 61.80 16.42 38.69
N PRO SA 97 62.27 16.07 39.91
CA PRO SA 97 63.66 16.30 40.31
C PRO SA 97 64.52 17.13 39.36
N ASP SA 98 64.24 18.44 39.31
CA ASP SA 98 65.07 19.37 38.56
C ASP SA 98 66.43 19.47 39.25
N MET SA 99 67.50 19.21 38.50
CA MET SA 99 68.84 19.23 39.06
C MET SA 99 69.72 20.17 38.25
N THR SA 100 70.62 20.87 38.95
CA THR SA 100 71.52 21.83 38.33
C THR SA 100 72.96 21.48 38.64
N THR SA 101 73.83 21.72 37.67
CA THR SA 101 75.26 21.52 37.81
C THR SA 101 75.99 22.85 37.75
N LEU SA 102 76.82 23.11 38.75
CA LEU SA 102 77.77 24.20 38.76
C LEU SA 102 79.13 23.62 38.42
N VAL SA 103 79.65 23.99 37.25
CA VAL SA 103 80.94 23.49 36.78
C VAL SA 103 81.97 24.59 37.02
N ALA SA 104 82.87 24.36 37.96
CA ALA SA 104 83.99 25.25 38.20
C ALA SA 104 85.15 24.71 37.37
N THR SA 105 85.37 25.32 36.21
CA THR SA 105 86.43 24.91 35.30
C THR SA 105 87.68 25.72 35.60
N LEU SA 106 88.72 25.04 36.07
CA LEU SA 106 90.06 25.55 36.31
C LEU SA 106 90.07 26.64 37.37
N PRO SA 107 91.24 27.02 37.90
CA PRO SA 107 91.28 28.12 38.87
C PRO SA 107 90.80 29.45 38.32
N ASP SA 108 90.78 29.61 37.00
CA ASP SA 108 90.28 30.85 36.42
C ASP SA 108 88.77 31.02 36.62
N GLY SA 109 88.08 29.98 37.07
CA GLY SA 109 86.68 30.10 37.42
C GLY SA 109 85.74 30.17 36.24
N GLY SA 110 85.61 29.07 35.49
CA GLY SA 110 84.65 29.05 34.40
C GLY SA 110 83.24 29.32 34.88
N ARG SA 111 82.82 28.62 35.94
CA ARG SA 111 81.51 28.82 36.58
C ARG SA 111 80.37 28.72 35.57
N THR SA 112 80.23 27.54 34.99
CA THR SA 112 79.11 27.26 34.08
C THR SA 112 77.94 26.73 34.89
N VAL SA 113 76.80 27.40 34.79
CA VAL SA 113 75.61 27.06 35.57
C VAL SA 113 74.61 26.45 34.61
N LEU SA 114 74.43 25.14 34.66
CA LEU SA 114 73.41 24.47 33.87
C LEU SA 114 72.27 24.07 34.80
N SER SA 115 71.04 24.40 34.41
CA SER SA 115 69.89 24.17 35.27
C SER SA 115 68.72 23.75 34.41
N ASN SA 116 67.56 23.59 35.06
CA ASN SA 116 66.35 23.14 34.38
C ASN SA 116 66.60 21.85 33.61
N GLY SA 117 67.13 20.85 34.30
CA GLY SA 117 67.48 19.61 33.64
C GLY SA 117 67.36 18.37 34.49
N THR SA 118 67.73 17.24 33.91
CA THR SA 118 67.63 15.96 34.59
C THR SA 118 68.58 14.97 33.94
N ILE SA 119 68.86 13.89 34.66
CA ILE SA 119 69.68 12.81 34.12
C ILE SA 119 68.84 11.99 33.16
N ILE SA 120 69.46 11.55 32.06
CA ILE SA 120 68.77 10.81 31.01
C ILE SA 120 69.16 9.34 31.00
N LYS SA 121 70.46 9.06 30.97
CA LYS SA 121 70.92 7.69 30.84
C LYS SA 121 72.24 7.51 31.57
N GLY SA 122 72.59 6.25 31.83
CA GLY SA 122 73.82 5.90 32.48
C GLY SA 122 73.90 4.40 32.68
N PRO SA 123 75.06 3.90 33.08
CA PRO SA 123 75.20 2.46 33.29
C PRO SA 123 74.70 2.03 34.65
N ALA SA 124 74.04 0.87 34.68
CA ALA SA 124 73.51 0.33 35.93
C ALA SA 124 74.51 -0.56 36.64
N ILE SA 125 75.27 -1.35 35.89
CA ILE SA 125 76.28 -2.24 36.46
C ILE SA 125 77.61 -1.96 35.79
N ASP SA 126 78.69 -2.25 36.51
CA ASP SA 126 80.04 -2.00 36.00
C ASP SA 126 80.41 -3.04 34.95
N THR SA 127 80.91 -2.57 33.81
CA THR SA 127 81.32 -3.45 32.73
C THR SA 127 82.83 -3.69 32.83
N ILE SA 128 83.21 -4.96 32.83
CA ILE SA 128 84.62 -5.33 32.93
C ILE SA 128 85.17 -5.48 31.52
N GLN SA 129 86.22 -4.72 31.23
CA GLN SA 129 86.79 -4.70 29.89
C GLN SA 129 87.60 -5.96 29.63
N ASN SA 130 88.12 -6.07 28.41
CA ASN SA 130 88.98 -7.19 28.06
C ASN SA 130 90.26 -7.17 28.88
N THR SA 131 90.80 -5.98 29.13
CA THR SA 131 92.04 -5.85 29.88
C THR SA 131 91.90 -6.30 31.32
N GLY SA 132 90.68 -6.32 31.85
CA GLY SA 132 90.43 -6.66 33.24
C GLY SA 132 90.17 -5.47 34.13
N ARG SA 133 90.32 -4.26 33.61
CA ARG SA 133 90.05 -3.04 34.36
C ARG SA 133 88.63 -2.58 34.05
N ARG SA 134 87.87 -2.26 35.10
CA ARG SA 134 86.48 -1.87 34.91
C ARG SA 134 86.38 -0.57 34.11
N LYS SA 135 85.51 -0.56 33.11
CA LYS SA 135 85.37 0.59 32.24
C LYS SA 135 84.78 1.78 33.01
N GLY SA 136 85.29 2.97 32.70
CA GLY SA 136 84.75 4.17 33.32
C GLY SA 136 83.29 4.38 32.94
N ASN SA 137 82.53 4.96 33.87
CA ASN SA 137 81.09 5.07 33.72
C ASN SA 137 80.71 6.47 33.27
N THR SA 138 79.94 6.55 32.18
CA THR SA 138 79.52 7.81 31.60
C THR SA 138 78.03 8.01 31.83
N TYR SA 139 77.66 9.13 32.44
CA TYR SA 139 76.28 9.48 32.73
C TYR SA 139 75.90 10.71 31.92
N THR SA 140 74.79 10.62 31.21
CA THR SA 140 74.32 11.70 30.34
C THR SA 140 73.19 12.43 31.05
N PHE SA 141 73.29 13.76 31.07
CA PHE SA 141 72.21 14.63 31.51
C PHE SA 141 71.73 15.46 30.34
N VAL SA 142 70.50 15.94 30.47
CA VAL SA 142 69.95 16.90 29.53
C VAL SA 142 69.53 18.13 30.33
N PHE SA 143 69.65 19.29 29.70
CA PHE SA 143 69.38 20.54 30.39
C PHE SA 143 68.62 21.47 29.46
N GLY SA 144 67.94 22.45 30.06
CA GLY SA 144 67.20 23.50 29.40
C GLY SA 144 67.61 24.92 29.77
N SER SA 145 68.77 25.12 30.38
CA SER SA 145 69.32 26.45 30.62
C SER SA 145 70.84 26.38 30.56
N TYR SA 146 71.46 27.23 29.74
CA TYR SA 146 72.93 27.23 29.70
C TYR SA 146 73.48 28.63 29.93
N LEU SA 147 72.85 29.42 30.79
CA LEU SA 147 73.31 30.79 30.96
C LEU SA 147 73.80 31.02 32.39
N GLY SA 148 74.94 31.71 32.48
CA GLY SA 148 75.64 31.90 33.74
C GLY SA 148 77.13 31.74 33.62
N ALA SA 149 77.64 31.53 32.40
CA ALA SA 149 79.08 31.39 32.20
C ALA SA 149 79.79 32.69 32.58
N GLN SA 150 80.90 32.55 33.30
CA GLN SA 150 81.65 33.70 33.79
C GLN SA 150 83.12 33.60 33.35
N THR SA 151 83.74 34.76 33.16
CA THR SA 151 85.13 34.86 32.76
C THR SA 151 85.43 34.07 31.49
N SER TA 2 38.65 33.27 -40.81
CA SER TA 2 39.09 33.85 -42.07
C SER TA 2 39.15 35.37 -41.98
N THR TA 3 40.17 35.87 -41.28
CA THR TA 3 40.30 37.29 -41.03
C THR TA 3 40.58 38.04 -42.33
N SER TA 4 40.10 39.28 -42.39
CA SER TA 4 40.38 40.18 -43.51
C SER TA 4 40.51 41.60 -42.98
N THR TA 5 41.46 42.34 -43.52
CA THR TA 5 41.76 43.68 -43.04
C THR TA 5 42.24 44.54 -44.19
N ILE TA 6 41.88 45.82 -44.16
CA ILE TA 6 42.37 46.77 -45.15
C ILE TA 6 43.89 46.92 -45.00
N ARG TA 7 44.59 46.88 -46.14
CA ARG TA 7 46.05 46.93 -46.11
C ARG TA 7 46.53 48.30 -45.67
N THR TA 8 47.48 48.31 -44.73
CA THR TA 8 48.06 49.54 -44.20
C THR TA 8 49.57 49.46 -44.27
N GLY TA 9 50.21 50.64 -44.31
CA GLY TA 9 51.65 50.74 -44.34
C GLY TA 9 52.25 50.87 -42.96
N THR TA 10 53.57 51.04 -42.94
CA THR TA 10 54.28 51.24 -41.68
C THR TA 10 53.93 52.57 -41.03
N ASN TA 11 53.54 53.57 -41.81
CA ASN TA 11 53.02 54.81 -41.25
C ASN TA 11 51.63 54.63 -40.65
N ASN TA 12 50.99 53.50 -40.90
CA ASN TA 12 49.78 53.01 -40.24
C ASN TA 12 48.53 53.76 -40.65
N ASP TA 13 48.52 54.37 -41.83
CA ASP TA 13 47.29 54.85 -42.46
C ASP TA 13 46.83 53.87 -43.52
N ILE TA 14 45.76 54.23 -44.24
CA ILE TA 14 45.33 53.44 -45.38
C ILE TA 14 46.27 53.74 -46.54
N LEU TA 15 46.95 52.71 -47.04
CA LEU TA 15 47.84 52.83 -48.17
C LEU TA 15 47.21 52.12 -49.36
N LEU TA 16 46.98 52.85 -50.44
CA LEU TA 16 46.30 52.32 -51.62
C LEU TA 16 47.29 51.61 -52.53
N ASP TA 17 46.76 50.96 -53.56
CA ASP TA 17 47.58 50.29 -54.55
C ASP TA 17 47.86 51.23 -55.71
N ASP TA 18 48.41 50.70 -56.80
CA ASP TA 18 48.74 51.52 -57.96
C ASP TA 18 47.48 51.95 -58.71
N ASN TA 19 46.43 51.14 -58.68
CA ASN TA 19 45.19 51.45 -59.37
C ASN TA 19 44.33 52.45 -58.61
N GLY TA 20 44.69 52.77 -57.36
CA GLY TA 20 43.84 53.61 -56.54
C GLY TA 20 42.73 52.86 -55.84
N ASN TA 21 42.96 51.61 -55.48
CA ASN TA 21 41.99 50.79 -54.79
C ASN TA 21 42.49 50.48 -53.38
N MET TA 22 41.60 49.90 -52.57
CA MET TA 22 41.95 49.44 -51.24
C MET TA 22 42.10 47.92 -51.29
N VAL TA 23 43.25 47.43 -50.87
CA VAL TA 23 43.52 46.00 -50.84
C VAL TA 23 42.98 45.42 -49.54
N ILE TA 24 42.31 44.28 -49.63
CA ILE TA 24 41.76 43.60 -48.47
C ILE TA 24 42.61 42.34 -48.25
N LEU TA 25 43.62 42.46 -47.40
CA LEU TA 25 44.44 41.31 -47.04
C LEU TA 25 43.59 40.28 -46.30
N ARG TA 26 43.85 39.01 -46.57
CA ARG TA 26 43.09 37.92 -45.98
C ARG TA 26 44.03 36.89 -45.40
N ASP TA 27 43.60 36.27 -44.29
CA ASP TA 27 44.32 35.18 -43.63
C ASP TA 27 45.65 35.62 -43.03
N VAL TA 28 46.76 35.12 -43.57
CA VAL TA 28 48.04 35.20 -42.86
C VAL TA 28 48.52 36.64 -42.76
N GLU TA 29 48.59 37.35 -43.89
CA GLU TA 29 49.05 38.74 -43.86
C GLU TA 29 48.11 39.63 -43.06
N ALA TA 30 46.80 39.40 -43.20
CA ALA TA 30 45.84 40.18 -42.42
C ALA TA 30 46.04 39.97 -40.93
N CYS TA 31 46.27 38.73 -40.51
CA CYS TA 31 46.47 38.46 -39.09
C CYS TA 31 47.79 39.05 -38.60
N ALA TA 32 48.83 39.00 -39.42
CA ALA TA 32 50.10 39.63 -39.02
C ALA TA 32 49.94 41.13 -38.84
N GLN TA 33 49.25 41.79 -39.78
CA GLN TA 33 49.01 43.21 -39.65
C GLN TA 33 48.15 43.52 -38.43
N ASP TA 34 47.14 42.70 -38.17
CA ASP TA 34 46.26 42.94 -37.02
C ASP TA 34 47.03 42.78 -35.71
N VAL TA 35 47.91 41.78 -35.64
CA VAL TA 35 48.69 41.58 -34.42
C VAL TA 35 49.65 42.75 -34.20
N ARG TA 36 50.31 43.20 -35.27
CA ARG TA 36 51.19 44.36 -35.14
C ARG TA 36 50.42 45.59 -34.68
N ALA TA 37 49.22 45.80 -35.23
CA ALA TA 37 48.41 46.94 -34.82
C ALA TA 37 47.96 46.81 -33.36
N ALA TA 38 47.57 45.61 -32.95
CA ALA TA 38 47.10 45.41 -31.58
C ALA TA 38 48.23 45.52 -30.56
N MET TA 39 49.47 45.29 -30.97
CA MET TA 39 50.60 45.46 -30.07
C MET TA 39 51.05 46.91 -29.96
N LEU TA 40 50.48 47.82 -30.76
CA LEU TA 40 50.83 49.23 -30.73
C LEU TA 40 49.74 50.10 -30.13
N MET TA 41 48.78 49.49 -29.43
CA MET TA 41 47.62 50.19 -28.89
C MET TA 41 47.75 50.28 -27.38
N ARG TA 42 47.87 51.51 -26.87
CA ARG TA 42 47.96 51.72 -25.44
C ARG TA 42 46.64 51.36 -24.76
N THR TA 43 46.74 50.91 -23.51
CA THR TA 43 45.55 50.55 -22.76
C THR TA 43 44.70 51.78 -22.47
N GLY TA 44 43.39 51.57 -22.38
CA GLY TA 44 42.48 52.67 -22.15
C GLY TA 44 42.22 53.54 -23.35
N GLU TA 45 42.55 53.07 -24.55
CA GLU TA 45 42.34 53.83 -25.77
C GLU TA 45 41.04 53.49 -26.47
N ASN TA 46 40.51 52.28 -26.27
CA ASN TA 46 39.21 51.91 -26.79
C ASN TA 46 38.15 52.28 -25.77
N ILE TA 47 37.36 53.30 -26.11
CA ILE TA 47 36.29 53.74 -25.22
C ILE TA 47 35.16 52.72 -25.12
N PHE TA 48 35.17 51.70 -25.96
CA PHE TA 48 34.18 50.64 -25.91
C PHE TA 48 34.72 49.34 -25.31
N ASP TA 49 36.01 49.31 -24.94
CA ASP TA 49 36.56 48.17 -24.21
C ASP TA 49 37.36 48.60 -22.98
N VAL TA 50 38.00 49.76 -23.01
CA VAL TA 50 38.71 50.34 -21.88
C VAL TA 50 39.86 49.45 -21.41
N ASN TA 51 39.52 48.26 -20.92
CA ASN TA 51 40.53 47.37 -20.35
C ASN TA 51 41.47 46.76 -21.40
N SER TA 52 41.13 46.86 -22.68
CA SER TA 52 41.94 46.26 -23.72
C SER TA 52 43.15 47.14 -24.03
N GLY TA 53 44.13 46.54 -24.69
CA GLY TA 53 45.35 47.25 -25.07
C GLY TA 53 46.52 46.91 -24.17
N VAL TA 54 47.72 47.17 -24.69
CA VAL TA 54 48.95 46.87 -23.97
C VAL TA 54 49.18 47.93 -22.90
N GLY TA 55 49.66 47.50 -21.74
CA GLY TA 55 49.99 48.41 -20.67
C GLY TA 55 51.33 49.07 -20.88
N TYR TA 56 51.41 49.97 -21.87
CA TYR TA 56 52.68 50.59 -22.23
C TYR TA 56 53.14 51.62 -21.21
N PHE TA 57 52.30 52.02 -20.27
CA PHE TA 57 52.68 52.97 -19.25
C PHE TA 57 52.54 52.45 -17.83
N GLU TA 58 51.71 51.42 -17.61
CA GLU TA 58 51.54 50.83 -16.30
C GLU TA 58 52.33 49.55 -16.12
N TYR TA 59 52.73 48.90 -17.22
CA TYR TA 59 53.50 47.67 -17.17
C TYR TA 59 54.83 47.74 -17.91
N ILE TA 60 54.93 48.60 -18.93
CA ILE TA 60 56.21 48.94 -19.54
C ILE TA 60 56.41 50.44 -19.35
N PHE TA 61 57.65 50.89 -19.55
CA PHE TA 61 58.03 52.30 -19.45
C PHE TA 61 57.93 52.85 -18.04
N SER TA 62 57.90 51.99 -17.02
CA SER TA 62 57.79 52.44 -15.65
C SER TA 62 58.87 51.79 -14.81
N PRO TA 63 59.33 52.47 -13.75
CA PRO TA 63 60.35 51.87 -12.89
C PRO TA 63 59.77 50.70 -12.11
N GLN TA 64 59.55 49.59 -12.80
CA GLN TA 64 58.83 48.46 -12.22
C GLN TA 64 59.78 47.40 -11.69
N LYS TA 65 59.21 46.56 -10.84
CA LYS TA 65 59.96 45.50 -10.20
C LYS TA 65 60.09 44.26 -11.09
N SER TA 66 58.97 43.76 -11.61
CA SER TA 66 59.00 42.65 -12.55
C SER TA 66 58.31 43.05 -13.85
N TYR TA 67 58.67 42.35 -14.90
CA TYR TA 67 58.08 42.55 -16.21
C TYR TA 67 57.14 41.41 -16.59
N ASP TA 68 56.77 40.58 -15.62
CA ASP TA 68 55.82 39.51 -15.88
C ASP TA 68 54.43 40.05 -16.17
N ASP TA 69 54.06 41.16 -15.53
CA ASP TA 69 52.82 41.83 -15.91
C ASP TA 69 52.89 42.33 -17.34
N ALA TA 70 54.04 42.84 -17.76
CA ALA TA 70 54.22 43.24 -19.16
C ALA TA 70 54.08 42.05 -20.09
N ARG TA 71 54.66 40.91 -19.72
CA ARG TA 71 54.54 39.70 -20.53
C ARG TA 71 53.08 39.28 -20.64
N LYS TA 72 52.34 39.32 -19.54
CA LYS TA 72 50.91 38.99 -19.58
C LYS TA 72 50.14 39.95 -20.47
N SER TA 73 50.43 41.25 -20.37
CA SER TA 73 49.72 42.22 -21.20
C SER TA 73 50.00 42.01 -22.67
N ILE TA 74 51.26 41.76 -23.04
CA ILE TA 74 51.60 41.53 -24.44
C ILE TA 74 50.95 40.25 -24.94
N ALA TA 75 50.96 39.20 -24.12
CA ALA TA 75 50.31 37.95 -24.53
C ALA TA 75 48.81 38.15 -24.74
N ASP TA 76 48.16 38.88 -23.83
CA ASP TA 76 46.74 39.14 -23.98
C ASP TA 76 46.45 39.95 -25.23
N ALA TA 77 47.28 40.97 -25.51
CA ALA TA 77 47.08 41.77 -26.70
C ALA TA 77 47.24 40.94 -27.97
N ILE TA 78 48.23 40.05 -28.00
CA ILE TA 78 48.43 39.20 -29.17
C ILE TA 78 47.25 38.24 -29.33
N LEU TA 79 46.80 37.62 -28.23
CA LEU TA 79 45.72 36.65 -28.33
C LEU TA 79 44.37 37.28 -28.64
N SER TA 80 44.18 38.56 -28.31
CA SER TA 80 42.89 39.19 -28.54
C SER TA 80 42.54 39.26 -30.02
N SER TA 81 43.55 39.26 -30.88
CA SER TA 81 43.28 39.31 -32.32
C SER TA 81 42.62 38.00 -32.76
N PRO TA 82 41.70 38.05 -33.72
CA PRO TA 82 41.06 36.81 -34.19
C PRO TA 82 42.06 35.92 -34.92
N ASP TA 83 41.81 34.61 -34.81
CA ASP TA 83 42.62 33.59 -35.47
C ASP TA 83 44.10 33.71 -35.08
N VAL TA 84 44.33 33.65 -33.76
CA VAL TA 84 45.67 33.68 -33.19
C VAL TA 84 46.00 32.40 -32.45
N THR TA 85 45.03 31.84 -31.73
CA THR TA 85 45.15 30.59 -30.97
C THR TA 85 46.15 30.71 -29.83
N GLY TA 86 47.44 30.83 -30.15
CA GLY TA 86 48.45 30.84 -29.10
C GLY TA 86 49.70 31.57 -29.54
N ILE TA 87 50.69 31.54 -28.65
CA ILE TA 87 52.00 32.12 -28.90
C ILE TA 87 53.03 31.02 -28.70
N GLU TA 88 53.78 30.70 -29.75
CA GLU TA 88 54.83 29.67 -29.62
C GLU TA 88 55.98 30.17 -28.77
N GLN TA 89 56.38 31.42 -28.95
CA GLN TA 89 57.48 31.99 -28.19
C GLN TA 89 57.24 33.48 -28.05
N LEU TA 90 57.49 33.99 -26.85
CA LEU TA 90 57.45 35.44 -26.61
C LEU TA 90 58.78 35.78 -25.95
N ASP TA 91 59.80 35.99 -26.79
CA ASP TA 91 61.12 36.35 -26.30
C ASP TA 91 61.10 37.80 -25.86
N ILE TA 92 61.57 38.05 -24.65
CA ILE TA 92 61.65 39.43 -24.17
C ILE TA 92 63.07 39.71 -23.73
N ASP TA 93 63.83 40.45 -24.53
CA ASP TA 93 65.21 40.79 -24.21
C ASP TA 93 65.38 42.29 -23.91
N ILE TA 94 66.19 42.62 -22.90
CA ILE TA 94 66.51 44.03 -22.62
C ILE TA 94 67.98 44.31 -22.91
N THR TA 95 68.22 45.34 -23.72
CA THR TA 95 69.50 46.00 -23.90
C THR TA 95 69.55 47.15 -22.89
N GLY TA 96 70.49 48.10 -23.01
CA GLY TA 96 70.54 49.18 -22.05
C GLY TA 96 69.21 49.91 -21.92
N GLU TA 97 68.56 50.20 -23.05
CA GLU TA 97 67.30 50.92 -23.07
C GLU TA 97 66.22 50.17 -23.83
N VAL TA 98 66.61 49.41 -24.87
CA VAL TA 98 65.66 48.77 -25.75
C VAL TA 98 64.92 47.67 -25.00
N PHE TA 99 63.58 47.71 -25.05
CA PHE TA 99 62.71 46.69 -24.46
C PHE TA 99 62.28 45.75 -25.58
N GLY TA 100 63.23 44.99 -26.11
CA GLY TA 100 62.94 44.14 -27.25
C GLY TA 100 61.92 43.05 -26.96
N VAL TA 101 60.94 42.92 -27.86
CA VAL TA 101 59.89 41.92 -27.76
C VAL TA 101 59.77 41.23 -29.11
N ASP TA 102 59.78 39.89 -29.10
CA ASP TA 102 59.63 39.10 -30.32
C ASP TA 102 58.61 38.00 -30.08
N ALA TA 103 57.70 37.83 -31.04
CA ALA TA 103 56.60 36.89 -30.92
C ALA TA 103 56.67 35.84 -32.02
N LYS TA 104 56.04 34.69 -31.76
CA LYS TA 104 56.03 33.56 -32.69
C LYS TA 104 54.61 33.01 -32.83
N VAL TA 105 53.66 33.90 -33.11
CA VAL TA 105 52.24 33.56 -33.21
C VAL TA 105 52.01 32.40 -34.17
N ILE TA 106 50.99 31.59 -33.88
CA ILE TA 106 50.82 30.30 -34.55
C ILE TA 106 49.43 30.32 -35.19
N THR TA 107 49.06 31.47 -35.78
CA THR TA 107 47.80 31.61 -36.48
C THR TA 107 47.50 30.40 -37.37
N ILE TA 108 46.26 29.93 -37.30
CA ILE TA 108 45.92 28.64 -37.92
C ILE TA 108 45.90 28.76 -39.44
N HIS TA 109 45.23 29.78 -39.96
CA HIS TA 109 45.00 29.89 -41.40
C HIS TA 109 46.31 30.04 -42.18
N SER UA 2 35.17 -15.80 -43.99
CA SER UA 2 35.77 -16.63 -45.03
C SER UA 2 36.06 -15.80 -46.28
N THR UA 3 37.17 -15.07 -46.24
CA THR UA 3 37.50 -14.15 -47.33
C THR UA 3 37.78 -14.91 -48.62
N SER UA 4 37.36 -14.32 -49.73
CA SER UA 4 37.64 -14.86 -51.06
C SER UA 4 38.03 -13.72 -51.98
N THR UA 5 38.97 -13.98 -52.88
CA THR UA 5 39.52 -12.95 -53.75
C THR UA 5 39.89 -13.56 -55.09
N ILE UA 6 39.69 -12.77 -56.16
CA ILE UA 6 40.14 -13.19 -57.48
C ILE UA 6 41.66 -13.31 -57.46
N ARG UA 7 42.16 -14.44 -57.94
CA ARG UA 7 43.59 -14.70 -57.90
C ARG UA 7 44.31 -13.84 -58.93
N THR UA 8 45.38 -13.17 -58.49
CA THR UA 8 46.16 -12.28 -59.34
C THR UA 8 47.63 -12.66 -59.27
N GLY UA 9 48.38 -12.18 -60.26
CA GLY UA 9 49.81 -12.44 -60.32
C GLY UA 9 50.62 -11.34 -59.65
N THR UA 10 51.94 -11.42 -59.86
CA THR UA 10 52.84 -10.42 -59.31
C THR UA 10 52.68 -9.06 -59.97
N ASN UA 11 52.07 -9.00 -61.16
CA ASN UA 11 51.80 -7.74 -61.84
C ASN UA 11 50.50 -7.10 -61.38
N ASN UA 12 49.85 -7.67 -60.37
CA ASN UA 12 48.60 -7.18 -59.78
C ASN UA 12 47.45 -7.25 -60.76
N ASP UA 13 47.63 -7.92 -61.88
CA ASP UA 13 46.61 -8.08 -62.91
C ASP UA 13 45.90 -9.41 -62.72
N ILE UA 14 44.68 -9.50 -63.26
CA ILE UA 14 43.91 -10.74 -63.16
C ILE UA 14 44.56 -11.80 -64.04
N LEU UA 15 45.13 -12.81 -63.39
CA LEU UA 15 45.82 -13.89 -64.09
C LEU UA 15 44.92 -15.12 -64.09
N LEU UA 16 44.57 -15.59 -65.28
CA LEU UA 16 43.64 -16.69 -65.45
C LEU UA 16 44.37 -18.03 -65.35
N ASP UA 17 43.59 -19.10 -65.25
CA ASP UA 17 44.13 -20.44 -65.19
C ASP UA 17 44.36 -20.97 -66.61
N ASP UA 18 44.64 -22.28 -66.73
CA ASP UA 18 44.95 -22.86 -68.02
C ASP UA 18 43.71 -22.87 -68.93
N ASN UA 19 42.54 -23.13 -68.36
CA ASN UA 19 41.30 -23.21 -69.14
C ASN UA 19 40.67 -21.84 -69.38
N GLY UA 20 41.36 -20.76 -69.02
CA GLY UA 20 40.80 -19.44 -69.18
C GLY UA 20 39.63 -19.15 -68.27
N ASN UA 21 39.70 -19.57 -67.02
CA ASN UA 21 38.70 -19.22 -66.01
C ASN UA 21 39.33 -18.30 -64.97
N MET UA 22 38.49 -17.82 -64.06
CA MET UA 22 38.92 -16.98 -62.96
C MET UA 22 38.97 -17.83 -61.70
N VAL UA 23 40.12 -17.86 -61.05
CA VAL UA 23 40.28 -18.62 -59.82
C VAL UA 23 39.90 -17.72 -58.64
N ILE UA 24 39.11 -18.25 -57.73
CA ILE UA 24 38.69 -17.53 -56.53
C ILE UA 24 39.43 -18.15 -55.35
N LEU UA 25 40.57 -17.56 -54.99
CA LEU UA 25 41.30 -18.00 -53.83
C LEU UA 25 40.48 -17.75 -52.57
N ARG UA 26 40.53 -18.68 -51.63
CA ARG UA 26 39.71 -18.62 -50.43
C ARG UA 26 40.57 -18.85 -49.20
N ASP UA 27 40.29 -18.07 -48.15
CA ASP UA 27 40.92 -18.20 -46.83
C ASP UA 27 42.38 -17.76 -46.83
N VAL UA 28 43.32 -18.70 -46.66
CA VAL UA 28 44.70 -18.33 -46.33
C VAL UA 28 45.37 -17.61 -47.49
N GLU UA 29 45.34 -18.22 -48.68
CA GLU UA 29 45.98 -17.60 -49.84
C GLU UA 29 45.29 -16.29 -50.20
N ALA UA 30 43.96 -16.25 -50.11
CA ALA UA 30 43.25 -15.01 -50.37
C ALA UA 30 43.70 -13.91 -49.42
N CYS UA 31 43.81 -14.22 -48.13
CA CYS UA 31 44.22 -13.23 -47.15
C CYS UA 31 45.64 -12.75 -47.40
N ALA UA 32 46.54 -13.67 -47.75
CA ALA UA 32 47.91 -13.26 -48.07
C ALA UA 32 47.94 -12.32 -49.26
N GLN UA 33 47.19 -12.64 -50.32
CA GLN UA 33 47.13 -11.77 -51.49
C GLN UA 33 46.54 -10.42 -51.13
N ASP UA 34 45.50 -10.41 -50.29
CA ASP UA 34 44.86 -9.16 -49.91
C ASP UA 34 45.81 -8.28 -49.11
N VAL UA 35 46.58 -8.87 -48.19
CA VAL UA 35 47.52 -8.09 -47.41
C VAL UA 35 48.61 -7.51 -48.31
N ARG UA 36 49.12 -8.33 -49.24
CA ARG UA 36 50.14 -7.82 -50.17
C ARG UA 36 49.59 -6.68 -51.01
N ALA UA 37 48.35 -6.80 -51.49
CA ALA UA 37 47.77 -5.74 -52.30
C ALA UA 37 47.51 -4.49 -51.47
N ALA UA 38 47.05 -4.65 -50.23
CA ALA UA 38 46.76 -3.51 -49.38
C ALA UA 38 48.02 -2.77 -48.94
N MET UA 39 49.15 -3.46 -48.88
CA MET UA 39 50.40 -2.79 -48.52
C MET UA 39 51.02 -2.03 -49.69
N LEU UA 40 50.51 -2.20 -50.91
CA LEU UA 40 51.05 -1.54 -52.09
C LEU UA 40 50.22 -0.34 -52.52
N MET UA 41 49.28 0.10 -51.70
CA MET UA 41 48.35 1.15 -52.06
C MET UA 41 48.75 2.46 -51.39
N ARG UA 42 49.12 3.44 -52.19
CA ARG UA 42 49.47 4.75 -51.68
C ARG UA 42 48.26 5.41 -51.04
N THR UA 43 48.51 6.19 -49.99
CA THR UA 43 47.43 6.85 -49.28
C THR UA 43 46.75 7.89 -50.17
N GLY UA 44 45.48 8.14 -49.89
CA GLY UA 44 44.73 9.09 -50.68
C GLY UA 44 44.37 8.61 -52.07
N GLU UA 45 44.42 7.31 -52.32
CA GLU UA 45 44.08 6.75 -53.63
C GLU UA 45 42.63 6.29 -53.71
N ASN UA 46 42.04 5.87 -52.61
CA ASN UA 46 40.64 5.48 -52.61
C ASN UA 46 39.78 6.74 -52.55
N ILE UA 47 39.18 7.11 -53.67
CA ILE UA 47 38.16 8.13 -53.68
C ILE UA 47 36.94 7.73 -52.87
N PHE UA 48 36.92 6.51 -52.33
CA PHE UA 48 35.89 6.08 -51.42
C PHE UA 48 36.39 5.79 -50.00
N ASP UA 49 37.69 5.96 -49.73
CA ASP UA 49 38.19 6.07 -48.35
C ASP UA 49 39.11 7.26 -48.10
N VAL UA 50 40.02 7.57 -49.03
CA VAL UA 50 40.96 8.69 -48.94
C VAL UA 50 41.91 8.56 -47.75
N ASN UA 51 41.36 8.43 -46.54
CA ASN UA 51 42.23 8.33 -45.39
C ASN UA 51 42.92 6.97 -45.30
N SER UA 52 42.45 5.98 -46.05
CA SER UA 52 43.08 4.67 -46.06
C SER UA 52 44.31 4.68 -46.95
N GLY UA 53 45.13 3.64 -46.78
CA GLY UA 53 46.36 3.49 -47.54
C GLY UA 53 47.59 3.74 -46.68
N VAL UA 54 48.73 3.45 -47.28
CA VAL UA 54 50.02 3.55 -46.60
C VAL UA 54 50.68 4.88 -46.96
N GLY UA 55 51.34 5.48 -45.97
CA GLY UA 55 52.01 6.75 -46.18
C GLY UA 55 53.38 6.63 -46.82
N TYR UA 56 53.40 6.23 -48.10
CA TYR UA 56 54.66 6.07 -48.80
C TYR UA 56 55.31 7.40 -49.16
N PHE UA 57 54.61 8.52 -49.01
CA PHE UA 57 55.18 9.82 -49.29
C PHE UA 57 55.15 10.77 -48.11
N GLU UA 58 54.43 10.44 -47.03
CA GLU UA 58 54.38 11.26 -45.84
C GLU UA 58 55.28 10.72 -44.73
N TYR UA 59 55.36 9.42 -44.59
CA TYR UA 59 56.17 8.77 -43.56
C TYR UA 59 57.35 7.99 -44.13
N ILE UA 60 57.18 7.37 -45.29
CA ILE UA 60 58.28 6.75 -45.99
C ILE UA 60 58.65 7.64 -47.17
N PHE UA 61 59.84 7.41 -47.73
CA PHE UA 61 60.37 8.12 -48.89
C PHE UA 61 60.58 9.61 -48.63
N SER UA 62 60.51 10.05 -47.38
CA SER UA 62 60.65 11.44 -47.01
C SER UA 62 61.62 11.54 -45.83
N PRO UA 63 62.29 12.69 -45.67
CA PRO UA 63 63.20 12.83 -44.53
C PRO UA 63 62.47 12.88 -43.19
N GLN UA 64 61.82 11.77 -42.86
CA GLN UA 64 61.10 11.65 -41.60
C GLN UA 64 62.06 11.37 -40.46
N LYS UA 65 61.82 12.03 -39.31
CA LYS UA 65 62.71 11.89 -38.17
C LYS UA 65 62.61 10.49 -37.57
N SER UA 66 61.40 10.07 -37.21
CA SER UA 66 61.17 8.78 -36.56
C SER UA 66 60.19 7.96 -37.38
N TYR UA 67 60.53 6.71 -37.63
CA TYR UA 67 59.75 5.85 -38.51
C TYR UA 67 58.65 5.08 -37.78
N ASP UA 68 58.33 5.49 -36.54
CA ASP UA 68 57.20 4.91 -35.84
C ASP UA 68 55.89 5.19 -36.57
N ASP UA 69 55.79 6.35 -37.23
CA ASP UA 69 54.60 6.63 -38.02
C ASP UA 69 54.49 5.70 -39.22
N ALA UA 70 55.61 5.39 -39.86
CA ALA UA 70 55.61 4.40 -40.94
C ALA UA 70 55.17 3.04 -40.42
N ARG UA 71 55.67 2.65 -39.26
CA ARG UA 71 55.26 1.39 -38.66
C ARG UA 71 53.76 1.37 -38.39
N LYS UA 72 53.23 2.47 -37.84
CA LYS UA 72 51.80 2.53 -37.55
C LYS UA 72 50.96 2.48 -38.82
N SER UA 73 51.40 3.17 -39.88
CA SER UA 73 50.66 3.14 -41.14
C SER UA 73 50.65 1.74 -41.74
N ILE UA 74 51.79 1.05 -41.72
CA ILE UA 74 51.82 -0.31 -42.23
C ILE UA 74 50.94 -1.24 -41.40
N ALA UA 75 50.97 -1.06 -40.07
CA ALA UA 75 50.13 -1.88 -39.21
C ALA UA 75 48.65 -1.64 -39.49
N ASP UA 76 48.26 -0.37 -39.68
CA ASP UA 76 46.87 -0.06 -40.01
C ASP UA 76 46.48 -0.67 -41.35
N ALA UA 77 47.36 -0.58 -42.35
CA ALA UA 77 47.06 -1.15 -43.65
C ALA UA 77 46.88 -2.65 -43.56
N ILE UA 78 47.73 -3.33 -42.79
CA ILE UA 78 47.59 -4.77 -42.62
C ILE UA 78 46.29 -5.11 -41.89
N LEU UA 79 45.98 -4.37 -40.82
CA LEU UA 79 44.79 -4.68 -40.03
C LEU UA 79 43.51 -4.37 -40.78
N SER UA 80 43.56 -3.45 -41.74
CA SER UA 80 42.34 -3.08 -42.47
C SER UA 80 41.81 -4.25 -43.29
N SER UA 81 42.67 -5.19 -43.69
CA SER UA 81 42.21 -6.31 -44.48
C SER UA 81 41.30 -7.22 -43.65
N PRO UA 82 40.30 -7.84 -44.26
CA PRO UA 82 39.41 -8.72 -43.50
C PRO UA 82 40.13 -9.96 -43.01
N ASP UA 83 39.71 -10.44 -41.83
CA ASP UA 83 40.22 -11.67 -41.24
C ASP UA 83 41.74 -11.61 -41.05
N VAL UA 84 42.18 -10.55 -40.38
CA VAL UA 84 43.59 -10.35 -40.09
C VAL UA 84 43.88 -10.42 -38.60
N THR UA 85 42.96 -9.89 -37.77
CA THR UA 85 43.06 -9.91 -36.31
C THR UA 85 44.23 -9.07 -35.82
N GLY UA 86 45.46 -9.50 -36.08
CA GLY UA 86 46.61 -8.78 -35.58
C GLY UA 86 47.87 -9.13 -36.33
N ILE UA 87 48.98 -8.58 -35.83
CA ILE UA 87 50.30 -8.82 -36.40
C ILE UA 87 51.20 -9.37 -35.32
N GLU UA 88 51.85 -10.50 -35.60
CA GLU UA 88 52.77 -11.09 -34.64
C GLU UA 88 54.10 -10.32 -34.59
N GLN UA 89 54.60 -9.87 -35.74
CA GLN UA 89 55.87 -9.18 -35.78
C GLN UA 89 55.91 -8.26 -37.00
N LEU UA 90 56.47 -7.08 -36.83
CA LEU UA 90 56.68 -6.13 -37.93
C LEU UA 90 58.07 -5.54 -37.80
N ASP UA 91 58.96 -5.93 -38.71
CA ASP UA 91 60.33 -5.45 -38.73
C ASP UA 91 60.50 -4.34 -39.76
N ILE UA 92 61.24 -3.30 -39.37
CA ILE UA 92 61.39 -2.06 -40.12
C ILE UA 92 62.87 -1.87 -40.44
N ASP UA 93 63.57 -2.96 -40.74
CA ASP UA 93 65.02 -2.90 -40.95
C ASP UA 93 65.35 -1.96 -42.09
N ILE UA 94 66.50 -1.29 -41.98
CA ILE UA 94 66.91 -0.29 -42.96
C ILE UA 94 68.32 -0.61 -43.44
N THR UA 95 68.44 -0.85 -44.74
CA THR UA 95 69.72 -1.02 -45.39
C THR UA 95 70.19 0.37 -45.81
N GLY UA 96 71.24 0.45 -46.65
CA GLY UA 96 71.73 1.75 -47.08
C GLY UA 96 70.67 2.58 -47.78
N GLU UA 97 69.93 1.97 -48.71
CA GLU UA 97 68.85 2.69 -49.39
C GLU UA 97 67.63 1.79 -49.57
N VAL UA 98 67.43 0.84 -48.66
CA VAL UA 98 66.30 -0.08 -48.71
C VAL UA 98 65.54 0.01 -47.40
N PHE UA 99 64.23 0.20 -47.49
CA PHE UA 99 63.36 0.27 -46.32
C PHE UA 99 62.70 -1.10 -46.10
N GLY UA 100 63.54 -2.06 -45.72
CA GLY UA 100 63.08 -3.43 -45.60
C GLY UA 100 62.04 -3.61 -44.51
N VAL UA 101 60.86 -4.08 -44.89
CA VAL UA 101 59.77 -4.31 -43.95
C VAL UA 101 59.37 -5.77 -44.04
N ASP UA 102 59.04 -6.35 -42.89
CA ASP UA 102 58.64 -7.75 -42.83
C ASP UA 102 57.48 -7.91 -41.85
N ALA UA 103 56.47 -8.66 -42.24
CA ALA UA 103 55.26 -8.84 -41.45
C ALA UA 103 55.05 -10.30 -41.12
N LYS UA 104 54.35 -10.54 -40.01
CA LYS UA 104 54.04 -11.89 -39.54
C LYS UA 104 52.57 -11.99 -39.16
N VAL UA 105 51.70 -11.57 -40.08
CA VAL UA 105 50.26 -11.52 -39.83
C VAL UA 105 49.76 -12.85 -39.27
N ILE UA 106 48.77 -12.77 -38.39
CA ILE UA 106 48.29 -13.90 -37.60
C ILE UA 106 46.84 -14.20 -37.96
N THR UA 107 46.50 -14.05 -39.25
CA THR UA 107 45.14 -14.24 -39.75
C THR UA 107 44.48 -15.47 -39.15
N ILE UA 108 43.17 -15.35 -38.90
CA ILE UA 108 42.46 -16.33 -38.08
C ILE UA 108 42.48 -17.72 -38.72
N HIS UA 109 42.23 -17.78 -40.03
CA HIS UA 109 42.20 -19.07 -40.73
C HIS UA 109 43.52 -19.35 -41.41
N SER VA 2 26.30 -42.28 -3.49
CA SER VA 2 26.37 -43.72 -3.33
C SER VA 2 26.33 -44.41 -4.69
N THR VA 3 27.46 -44.40 -5.40
CA THR VA 3 27.51 -44.94 -6.73
C THR VA 3 27.39 -46.47 -6.70
N SER VA 4 27.12 -47.04 -7.88
CA SER VA 4 27.06 -48.48 -8.05
C SER VA 4 27.46 -48.80 -9.48
N THR VA 5 28.20 -49.89 -9.66
CA THR VA 5 28.81 -50.20 -10.94
C THR VA 5 28.92 -51.71 -11.10
N ILE VA 6 28.64 -52.21 -12.31
CA ILE VA 6 28.81 -53.62 -12.58
C ILE VA 6 30.28 -53.98 -12.47
N ARG VA 7 30.57 -55.08 -11.78
CA ARG VA 7 31.96 -55.48 -11.56
C ARG VA 7 32.60 -55.91 -12.86
N THR VA 8 33.79 -55.36 -13.12
CA THR VA 8 34.57 -55.68 -14.30
C THR VA 8 35.99 -56.02 -13.90
N GLY VA 9 36.63 -56.89 -14.68
CA GLY VA 9 38.01 -57.26 -14.46
C GLY VA 9 38.98 -56.31 -15.13
N THR VA 10 40.26 -56.67 -15.09
CA THR VA 10 41.29 -55.88 -15.72
C THR VA 10 41.16 -55.87 -17.24
N ASN VA 11 40.35 -56.74 -17.81
CA ASN VA 11 40.10 -56.77 -19.25
C ASN VA 11 39.00 -55.81 -19.68
N ASN VA 12 38.43 -55.04 -18.75
CA ASN VA 12 37.39 -54.04 -18.98
C ASN VA 12 36.05 -54.65 -19.38
N ASP VA 13 35.94 -55.97 -19.40
CA ASP VA 13 34.70 -56.67 -19.74
C ASP VA 13 33.94 -56.98 -18.44
N ILE VA 14 32.63 -57.22 -18.58
CA ILE VA 14 31.83 -57.67 -17.46
C ILE VA 14 32.35 -59.03 -17.01
N LEU VA 15 32.70 -59.14 -15.73
CA LEU VA 15 33.22 -60.37 -15.16
C LEU VA 15 32.18 -60.92 -14.20
N LEU VA 16 31.75 -62.15 -14.44
CA LEU VA 16 30.68 -62.76 -13.67
C LEU VA 16 31.24 -63.48 -12.44
N ASP VA 17 30.34 -63.83 -11.53
CA ASP VA 17 30.72 -64.54 -10.32
C ASP VA 17 30.66 -66.05 -10.57
N ASP VA 18 30.74 -66.83 -9.49
CA ASP VA 18 30.77 -68.28 -9.63
C ASP VA 18 29.43 -68.83 -10.12
N ASN VA 19 28.32 -68.24 -9.66
CA ASN VA 19 27.00 -68.71 -10.04
C ASN VA 19 26.51 -68.11 -11.35
N GLY VA 20 27.38 -67.41 -12.07
CA GLY VA 20 26.97 -66.76 -13.30
C GLY VA 20 26.02 -65.59 -13.10
N ASN VA 21 26.24 -64.80 -12.06
CA ASN VA 21 25.47 -63.58 -11.84
C ASN VA 21 26.37 -62.37 -12.04
N MET VA 22 25.74 -61.19 -12.08
CA MET VA 22 26.43 -59.93 -12.17
C MET VA 22 26.41 -59.24 -10.81
N VAL VA 23 27.58 -58.86 -10.33
CA VAL VA 23 27.72 -58.21 -9.03
C VAL VA 23 27.76 -56.70 -9.24
N ILE VA 24 27.00 -55.97 -8.43
CA ILE VA 24 26.93 -54.52 -8.49
C ILE VA 24 27.77 -53.99 -7.33
N LEU VA 25 29.03 -53.69 -7.61
CA LEU VA 25 29.89 -53.06 -6.61
C LEU VA 25 29.31 -51.71 -6.21
N ARG VA 26 29.42 -51.38 -4.92
CA ARG VA 26 28.81 -50.18 -4.39
C ARG VA 26 29.83 -49.41 -3.56
N ASP VA 27 29.78 -48.09 -3.64
CA ASP VA 27 30.57 -47.18 -2.83
C ASP VA 27 32.06 -47.23 -3.17
N VAL VA 28 32.89 -47.72 -2.24
CA VAL VA 28 34.33 -47.52 -2.35
C VAL VA 28 34.90 -48.28 -3.54
N GLU VA 29 34.59 -49.58 -3.64
CA GLU VA 29 35.12 -50.38 -4.75
C GLU VA 29 34.58 -49.90 -6.08
N ALA VA 30 33.29 -49.54 -6.12
CA ALA VA 30 32.72 -49.01 -7.36
C ALA VA 30 33.43 -47.73 -7.77
N CYS VA 31 33.70 -46.84 -6.82
CA CYS VA 31 34.37 -45.59 -7.14
C CYS VA 31 35.79 -45.83 -7.63
N ALA VA 32 36.49 -46.79 -7.02
CA ALA VA 32 37.84 -47.12 -7.49
C ALA VA 32 37.80 -47.62 -8.93
N GLN VA 33 36.86 -48.53 -9.22
CA GLN VA 33 36.74 -49.05 -10.59
C GLN VA 33 36.37 -47.95 -11.56
N ASP VA 34 35.47 -47.05 -11.17
CA ASP VA 34 35.04 -45.98 -12.06
C ASP VA 34 36.17 -45.01 -12.34
N VAL VA 35 36.96 -44.67 -11.32
CA VAL VA 35 38.10 -43.79 -11.54
C VAL VA 35 39.11 -44.45 -12.46
N ARG VA 36 39.37 -45.75 -12.26
CA ARG VA 36 40.30 -46.46 -13.14
C ARG VA 36 39.79 -46.46 -14.58
N ALA VA 37 38.49 -46.66 -14.78
CA ALA VA 37 37.94 -46.67 -16.13
C ALA VA 37 37.97 -45.27 -16.74
N ALA VA 38 37.68 -44.24 -15.94
CA ALA VA 38 37.63 -42.88 -16.46
C ALA VA 38 39.01 -42.36 -16.83
N MET VA 39 40.05 -42.84 -16.15
CA MET VA 39 41.40 -42.39 -16.48
C MET VA 39 41.96 -43.07 -17.72
N LEU VA 40 41.25 -44.03 -18.29
CA LEU VA 40 41.73 -44.75 -19.46
C LEU VA 40 41.06 -44.32 -20.75
N MET VA 41 40.01 -43.51 -20.68
CA MET VA 41 39.22 -43.14 -21.85
C MET VA 41 39.84 -41.96 -22.57
N ARG VA 42 40.21 -42.16 -23.83
CA ARG VA 42 40.75 -41.08 -24.65
C ARG VA 42 39.68 -40.02 -24.89
N THR VA 43 40.13 -38.78 -25.05
CA THR VA 43 39.20 -37.68 -25.31
C THR VA 43 38.54 -37.86 -26.67
N GLY VA 44 37.33 -37.33 -26.78
CA GLY VA 44 36.58 -37.44 -28.02
C GLY VA 44 35.98 -38.79 -28.29
N GLU VA 45 35.98 -39.70 -27.31
CA GLU VA 45 35.42 -41.03 -27.51
C GLU VA 45 33.93 -41.09 -27.21
N ASN VA 46 33.46 -40.32 -26.25
CA ASN VA 46 32.03 -40.24 -25.95
C ASN VA 46 31.40 -39.25 -26.92
N ILE VA 47 30.59 -39.77 -27.85
CA ILE VA 47 29.96 -38.90 -28.83
C ILE VA 47 28.97 -37.95 -28.18
N PHE VA 48 28.51 -38.25 -26.97
CA PHE VA 48 27.56 -37.41 -26.26
C PHE VA 48 28.23 -36.41 -25.31
N ASP VA 49 29.56 -36.43 -25.19
CA ASP VA 49 30.29 -35.43 -24.42
C ASP VA 49 31.44 -34.81 -25.20
N VAL VA 50 32.14 -35.59 -26.02
CA VAL VA 50 33.18 -35.10 -26.92
C VAL VA 50 34.36 -34.50 -26.15
N ASN VA 51 34.09 -33.48 -25.33
CA ASN VA 51 35.17 -32.78 -24.64
C ASN VA 51 35.67 -33.52 -23.41
N SER VA 52 35.02 -34.60 -23.00
CA SER VA 52 35.44 -35.35 -21.83
C SER VA 52 36.52 -36.35 -22.20
N GLY VA 53 37.20 -36.86 -21.17
CA GLY VA 53 38.23 -37.86 -21.36
C GLY VA 53 39.63 -37.27 -21.24
N VAL VA 54 40.59 -38.16 -21.03
CA VAL VA 54 41.99 -37.76 -20.88
C VAL VA 54 42.58 -37.48 -22.25
N GLY VA 55 43.38 -36.42 -22.33
CA GLY VA 55 44.08 -36.10 -23.56
C GLY VA 55 45.34 -36.92 -23.76
N TYR VA 56 45.16 -38.22 -24.03
CA TYR VA 56 46.29 -39.11 -24.14
C TYR VA 56 47.13 -38.85 -25.39
N PHE VA 57 46.57 -38.17 -26.40
CA PHE VA 57 47.32 -37.87 -27.61
C PHE VA 57 47.61 -36.39 -27.77
N GLU VA 58 46.85 -35.52 -27.11
CA GLU VA 58 47.08 -34.08 -27.16
C GLU VA 58 47.85 -33.56 -25.97
N TYR VA 59 47.63 -34.13 -24.79
CA TYR VA 59 48.32 -33.71 -23.58
C TYR VA 59 49.33 -34.72 -23.08
N ILE VA 60 49.35 -35.93 -23.63
CA ILE VA 60 50.41 -36.91 -23.38
C ILE VA 60 50.78 -37.50 -24.73
N PHE VA 61 51.92 -38.20 -24.77
CA PHE VA 61 52.39 -38.98 -25.91
C PHE VA 61 52.88 -38.13 -27.08
N SER VA 62 53.03 -36.83 -26.91
CA SER VA 62 53.45 -35.96 -27.98
C SER VA 62 54.58 -35.06 -27.48
N PRO VA 63 55.39 -34.50 -28.39
CA PRO VA 63 56.53 -33.69 -27.95
C PRO VA 63 56.12 -32.35 -27.36
N GLN VA 64 55.75 -32.35 -26.09
CA GLN VA 64 55.20 -31.16 -25.46
C GLN VA 64 56.24 -30.42 -24.65
N LYS VA 65 55.87 -29.21 -24.23
CA LYS VA 65 56.81 -28.31 -23.57
C LYS VA 65 56.64 -28.36 -22.05
N SER VA 66 55.40 -28.39 -21.58
CA SER VA 66 55.07 -28.59 -20.18
C SER VA 66 53.96 -29.62 -20.06
N TYR VA 67 54.01 -30.42 -18.99
CA TYR VA 67 53.03 -31.49 -18.77
C TYR VA 67 51.93 -31.06 -17.81
N ASP VA 68 51.83 -29.76 -17.52
CA ASP VA 68 50.75 -29.26 -16.68
C ASP VA 68 49.39 -29.41 -17.33
N ASP VA 69 49.35 -29.38 -18.67
CA ASP VA 69 48.10 -29.71 -19.36
C ASP VA 69 47.70 -31.16 -19.11
N ALA VA 70 48.68 -32.06 -19.11
CA ALA VA 70 48.39 -33.45 -18.77
C ALA VA 70 47.89 -33.57 -17.34
N ARG VA 71 48.50 -32.83 -16.42
CA ARG VA 71 48.02 -32.84 -15.03
C ARG VA 71 46.57 -32.38 -14.95
N LYS VA 72 46.26 -31.27 -15.63
CA LYS VA 72 44.90 -30.74 -15.60
C LYS VA 72 43.90 -31.73 -16.21
N SER VA 73 44.28 -32.36 -17.32
CA SER VA 73 43.38 -33.33 -17.95
C SER VA 73 43.13 -34.52 -17.05
N ILE VA 74 44.17 -35.06 -16.42
CA ILE VA 74 43.99 -36.20 -15.54
C ILE VA 74 43.15 -35.82 -14.33
N ALA VA 75 43.39 -34.64 -13.76
CA ALA VA 75 42.61 -34.21 -12.61
C ALA VA 75 41.14 -34.04 -12.98
N ASP VA 76 40.87 -33.43 -14.13
CA ASP VA 76 39.48 -33.27 -14.57
C ASP VA 76 38.81 -34.61 -14.80
N ALA VA 77 39.52 -35.55 -15.43
CA ALA VA 77 38.94 -36.87 -15.67
C ALA VA 77 38.63 -37.58 -14.37
N ILE VA 78 39.54 -37.49 -13.39
CA ILE VA 78 39.29 -38.12 -12.10
C ILE VA 78 38.10 -37.48 -11.40
N LEU VA 79 38.02 -36.14 -11.41
CA LEU VA 79 36.93 -35.46 -10.74
C LEU VA 79 35.60 -35.62 -11.44
N SER VA 80 35.61 -35.99 -12.73
CA SER VA 80 34.35 -36.16 -13.45
C SER VA 80 33.50 -37.27 -12.86
N SER VA 81 34.13 -38.29 -12.27
CA SER VA 81 33.37 -39.41 -11.72
C SER VA 81 32.58 -38.96 -10.49
N PRO VA 82 31.39 -39.54 -10.28
CA PRO VA 82 30.59 -39.15 -9.11
C PRO VA 82 31.24 -39.56 -7.80
N ASP VA 83 31.03 -38.73 -6.79
CA ASP VA 83 31.53 -38.97 -5.43
C ASP VA 83 33.04 -39.16 -5.42
N VAL VA 84 33.75 -38.12 -5.84
CA VAL VA 84 35.20 -38.13 -5.90
C VAL VA 84 35.75 -37.01 -5.02
N THR VA 85 34.98 -35.94 -4.87
CA THR VA 85 35.32 -34.80 -4.02
C THR VA 85 36.58 -34.10 -4.51
N GLY VA 86 37.73 -34.75 -4.38
CA GLY VA 86 38.98 -34.14 -4.77
C GLY VA 86 40.06 -35.17 -4.95
N ILE VA 87 41.29 -34.68 -5.10
CA ILE VA 87 42.48 -35.51 -5.21
C ILE VA 87 43.46 -35.07 -4.15
N GLU VA 88 43.83 -35.98 -3.25
CA GLU VA 88 44.77 -35.64 -2.20
C GLU VA 88 46.18 -35.47 -2.76
N GLN VA 89 46.60 -36.36 -3.67
CA GLN VA 89 47.94 -36.31 -4.22
C GLN VA 89 47.92 -36.86 -5.63
N LEU VA 90 48.78 -36.29 -6.48
CA LEU VA 90 48.90 -36.70 -7.88
C LEU VA 90 50.33 -36.45 -8.32
N ASP VA 91 51.09 -37.53 -8.47
CA ASP VA 91 52.47 -37.44 -8.96
C ASP VA 91 52.56 -38.01 -10.36
N ILE VA 92 53.32 -37.33 -11.21
CA ILE VA 92 53.38 -37.55 -12.65
C ILE VA 92 54.81 -37.87 -13.06
N ASP VA 93 55.51 -38.64 -12.22
CA ASP VA 93 56.92 -38.91 -12.44
C ASP VA 93 57.16 -39.52 -13.82
N ILE VA 94 58.12 -38.96 -14.54
CA ILE VA 94 58.44 -39.40 -15.89
C ILE VA 94 59.79 -40.11 -15.87
N THR VA 95 59.78 -41.39 -16.23
CA THR VA 95 60.99 -42.20 -16.33
C THR VA 95 61.43 -42.11 -17.80
N GLY VA 96 62.35 -42.96 -18.25
CA GLY VA 96 62.81 -42.90 -19.62
C GLY VA 96 61.69 -42.99 -20.64
N GLU VA 97 60.73 -43.90 -20.40
CA GLU VA 97 59.57 -43.99 -21.27
C GLU VA 97 58.28 -44.03 -20.45
N VAL VA 98 58.36 -44.52 -19.20
CA VAL VA 98 57.16 -44.67 -18.39
C VAL VA 98 56.68 -43.30 -17.93
N PHE VA 99 55.41 -43.02 -18.19
CA PHE VA 99 54.77 -41.78 -17.75
C PHE VA 99 53.97 -42.04 -16.48
N GLY VA 100 54.71 -42.41 -15.42
CA GLY VA 100 54.08 -42.88 -14.21
C GLY VA 100 53.24 -41.84 -13.49
N VAL VA 101 51.95 -42.14 -13.33
CA VAL VA 101 51.01 -41.27 -12.63
C VAL VA 101 50.36 -42.06 -11.51
N ASP VA 102 50.29 -41.47 -10.33
CA ASP VA 102 49.61 -42.09 -9.20
C ASP VA 102 48.70 -41.08 -8.51
N ALA VA 103 47.51 -41.55 -8.12
CA ALA VA 103 46.49 -40.69 -7.54
C ALA VA 103 46.17 -41.13 -6.12
N LYS VA 104 45.61 -40.21 -5.35
CA LYS VA 104 45.22 -40.47 -3.96
C LYS VA 104 43.81 -39.95 -3.68
N VAL VA 105 42.87 -40.34 -4.54
CA VAL VA 105 41.48 -39.88 -4.50
C VAL VA 105 40.88 -39.99 -3.11
N ILE VA 106 39.99 -39.05 -2.76
CA ILE VA 106 39.50 -38.89 -1.40
C ILE VA 106 37.98 -39.02 -1.44
N THR VA 107 37.49 -39.98 -2.25
CA THR VA 107 36.07 -40.26 -2.36
C THR VA 107 35.37 -40.21 -1.00
N ILE VA 108 34.15 -39.67 -0.99
CA ILE VA 108 33.47 -39.34 0.26
C ILE VA 108 33.22 -40.59 1.09
N HIS VA 109 32.72 -41.65 0.46
CA HIS VA 109 32.41 -42.88 1.19
C HIS VA 109 33.66 -43.71 1.42
N SER WA 2 19.31 -20.14 40.02
CA SER WA 2 19.63 -20.83 41.26
C SER WA 2 19.54 -22.34 41.09
N THR WA 3 20.67 -22.96 40.79
CA THR WA 3 20.71 -24.40 40.57
C THR WA 3 20.39 -25.14 41.87
N SER WA 4 19.83 -26.35 41.72
CA SER WA 4 19.57 -27.21 42.85
C SER WA 4 19.68 -28.67 42.39
N THR WA 5 20.20 -29.52 43.27
CA THR WA 5 20.49 -30.89 42.90
C THR WA 5 20.42 -31.80 44.13
N ILE WA 6 20.03 -33.05 43.91
CA ILE WA 6 19.96 -34.03 44.98
C ILE WA 6 21.37 -34.40 45.44
N ARG WA 7 21.51 -34.70 46.72
CA ARG WA 7 22.81 -35.01 47.30
C ARG WA 7 23.27 -36.40 46.86
N THR WA 8 24.45 -36.45 46.24
CA THR WA 8 25.05 -37.70 45.80
C THR WA 8 26.44 -37.82 46.39
N GLY WA 9 26.84 -39.05 46.70
CA GLY WA 9 28.15 -39.33 47.24
C GLY WA 9 29.18 -39.53 46.14
N THR WA 10 30.37 -39.95 46.57
CA THR WA 10 31.44 -40.24 45.62
C THR WA 10 31.12 -41.44 44.74
N ASN WA 11 30.19 -42.29 45.16
CA ASN WA 11 29.72 -43.39 44.33
C ASN WA 11 28.67 -42.95 43.33
N ASN WA 12 28.38 -41.65 43.26
CA ASN WA 12 27.48 -41.03 42.29
C ASN WA 12 26.04 -41.48 42.50
N ASP WA 13 25.73 -42.09 43.63
CA ASP WA 13 24.40 -42.57 43.97
C ASP WA 13 23.71 -41.58 44.90
N ILE WA 14 22.38 -41.64 44.95
CA ILE WA 14 21.62 -40.78 45.83
C ILE WA 14 21.98 -41.10 47.28
N LEU WA 15 22.63 -40.16 47.94
CA LEU WA 15 23.04 -40.32 49.33
C LEU WA 15 22.05 -39.57 50.22
N LEU WA 16 21.41 -40.30 51.13
CA LEU WA 16 20.40 -39.72 52.01
C LEU WA 16 21.07 -39.12 53.25
N ASP WA 17 20.26 -38.41 54.03
CA ASP WA 17 20.75 -37.81 55.27
C ASP WA 17 20.50 -38.77 56.42
N ASP WA 18 20.68 -38.26 57.66
CA ASP WA 18 20.52 -39.11 58.83
C ASP WA 18 19.08 -39.54 59.05
N ASN WA 19 18.12 -38.67 58.73
CA ASN WA 19 16.70 -38.95 58.94
C ASN WA 19 16.06 -39.62 57.73
N GLY WA 20 16.85 -40.13 56.80
CA GLY WA 20 16.31 -40.79 55.63
C GLY WA 20 15.56 -39.88 54.67
N ASN WA 21 16.07 -38.67 54.45
CA ASN WA 21 15.50 -37.75 53.47
C ASN WA 21 16.53 -37.49 52.36
N MET WA 22 16.09 -36.78 51.34
CA MET WA 22 16.94 -36.37 50.23
C MET WA 22 17.29 -34.90 50.39
N VAL WA 23 18.57 -34.59 50.36
CA VAL WA 23 19.05 -33.23 50.54
C VAL WA 23 19.11 -32.55 49.17
N ILE WA 24 18.61 -31.34 49.09
CA ILE WA 24 18.61 -30.56 47.85
C ILE WA 24 19.62 -29.43 48.02
N LEU WA 25 20.83 -29.64 47.52
CA LEU WA 25 21.84 -28.59 47.54
C LEU WA 25 21.46 -27.51 46.54
N ARG WA 26 21.82 -26.27 46.86
CA ARG WA 26 21.55 -25.14 45.98
C ARG WA 26 22.80 -24.28 45.84
N ASP WA 27 22.90 -23.63 44.69
CA ASP WA 27 23.97 -22.67 44.40
C ASP WA 27 25.35 -23.33 44.30
N VAL WA 28 26.26 -22.98 45.21
CA VAL WA 28 27.67 -23.29 45.01
C VAL WA 28 27.91 -24.79 45.04
N GLU WA 29 27.45 -25.46 46.09
CA GLU WA 29 27.68 -26.89 46.21
C GLU WA 29 26.98 -27.67 45.11
N ALA WA 30 25.76 -27.29 44.77
CA ALA WA 30 25.04 -27.96 43.70
C ALA WA 30 25.78 -27.81 42.38
N CYS WA 31 26.29 -26.61 42.09
CA CYS WA 31 27.03 -26.39 40.85
C CYS WA 31 28.31 -27.21 40.83
N ALA WA 32 29.01 -27.29 41.97
CA ALA WA 32 30.24 -28.08 42.02
C ALA WA 32 29.95 -29.55 41.77
N GLN WA 33 28.90 -30.08 42.41
CA GLN WA 33 28.55 -31.48 42.19
C GLN WA 33 28.11 -31.73 40.75
N ASP WA 34 27.38 -30.79 40.17
CA ASP WA 34 26.94 -30.94 38.79
C ASP WA 34 28.13 -30.93 37.84
N VAL WA 35 29.11 -30.08 38.09
CA VAL WA 35 30.30 -30.05 37.24
C VAL WA 35 31.07 -31.36 37.35
N ARG WA 36 31.23 -31.86 38.58
CA ARG WA 36 31.93 -33.13 38.76
C ARG WA 36 31.20 -34.26 38.04
N ALA WA 37 29.87 -34.27 38.11
CA ALA WA 37 29.10 -35.31 37.43
C ALA WA 37 29.17 -35.15 35.92
N ALA WA 38 29.20 -33.92 35.41
CA ALA WA 38 29.27 -33.70 33.97
C ALA WA 38 30.63 -34.10 33.41
N MET WA 39 31.69 -33.95 34.19
CA MET WA 39 33.00 -34.36 33.70
C MET WA 39 33.20 -35.86 33.70
N LEU WA 40 32.29 -36.63 34.29
CA LEU WA 40 32.41 -38.08 34.35
C LEU WA 40 31.51 -38.79 33.34
N MET WA 41 30.89 -38.05 32.42
CA MET WA 41 29.95 -38.63 31.47
C MET WA 41 30.61 -38.77 30.11
N ARG WA 42 30.73 -40.00 29.64
CA ARG WA 42 31.33 -40.27 28.34
C ARG WA 42 30.44 -39.72 27.23
N THR WA 43 31.07 -39.34 26.12
CA THR WA 43 30.33 -38.82 24.98
C THR WA 43 29.42 -39.89 24.39
N GLY WA 44 28.28 -39.45 23.87
CA GLY WA 44 27.33 -40.36 23.29
C GLY WA 44 26.55 -41.18 24.28
N GLU WA 45 26.51 -40.77 25.55
CA GLU WA 45 25.76 -41.47 26.57
C GLU WA 45 24.37 -40.92 26.78
N ASN WA 46 24.09 -39.71 26.31
CA ASN WA 46 22.75 -39.15 26.32
C ASN WA 46 22.00 -39.64 25.09
N ILE WA 47 20.92 -40.38 25.30
CA ILE WA 47 20.02 -40.68 24.20
C ILE WA 47 19.41 -39.40 23.67
N PHE WA 48 19.27 -38.40 24.53
CA PHE WA 48 18.66 -37.13 24.15
C PHE WA 48 19.67 -36.00 23.97
N ASP WA 49 21.00 -36.28 24.04
CA ASP WA 49 21.94 -35.27 23.57
C ASP WA 49 23.04 -35.81 22.66
N VAL WA 50 23.57 -37.01 22.95
CA VAL WA 50 24.58 -37.69 22.14
C VAL WA 50 25.84 -36.85 21.96
N ASN WA 51 25.73 -35.73 21.25
CA ASN WA 51 26.93 -34.93 20.99
C ASN WA 51 27.50 -34.35 22.28
N SER WA 52 26.72 -34.32 23.35
CA SER WA 52 27.21 -33.89 24.64
C SER WA 52 28.05 -34.99 25.28
N GLY WA 53 28.89 -34.59 26.23
CA GLY WA 53 29.76 -35.52 26.91
C GLY WA 53 31.22 -35.33 26.51
N VAL WA 54 32.10 -35.81 27.37
CA VAL WA 54 33.54 -35.65 27.17
C VAL WA 54 34.06 -36.74 26.25
N GLY WA 55 35.09 -36.41 25.47
CA GLY WA 55 35.70 -37.38 24.58
C GLY WA 55 36.77 -38.22 25.25
N TYR WA 56 36.33 -39.11 26.14
CA TYR WA 56 37.28 -39.95 26.88
C TYR WA 56 37.86 -41.08 26.04
N PHE WA 57 37.34 -41.33 24.85
CA PHE WA 57 37.83 -42.42 24.02
C PHE WA 57 38.30 -41.98 22.64
N GLU WA 58 38.07 -40.73 22.26
CA GLU WA 58 38.63 -40.19 21.02
C GLU WA 58 39.64 -39.08 21.24
N TYR WA 59 39.51 -38.31 22.31
CA TYR WA 59 40.48 -37.27 22.65
C TYR WA 59 41.41 -37.67 23.77
N ILE WA 60 40.89 -38.32 24.82
CA ILE WA 60 41.72 -38.90 25.86
C ILE WA 60 41.70 -40.42 25.68
N PHE WA 61 42.64 -41.09 26.33
CA PHE WA 61 42.79 -42.54 26.33
C PHE WA 61 43.13 -43.10 24.96
N SER WA 62 43.49 -42.25 24.01
CA SER WA 62 43.80 -42.66 22.65
C SER WA 62 45.13 -42.05 22.23
N PRO WA 63 45.83 -42.66 21.27
CA PRO WA 63 47.09 -42.06 20.81
C PRO WA 63 46.85 -40.76 20.06
N GLN WA 64 46.38 -39.75 20.78
CA GLN WA 64 46.08 -38.46 20.19
C GLN WA 64 47.32 -37.59 20.14
N LYS WA 65 47.53 -36.95 18.98
CA LYS WA 65 48.73 -36.13 18.78
C LYS WA 65 48.74 -34.92 19.71
N SER WA 66 47.62 -34.19 19.76
CA SER WA 66 47.52 -32.92 20.46
C SER WA 66 46.33 -32.94 21.40
N TYR WA 67 46.57 -32.57 22.66
CA TYR WA 67 45.54 -32.63 23.69
C TYR WA 67 44.67 -31.38 23.74
N ASP WA 68 44.79 -30.50 22.75
CA ASP WA 68 43.92 -29.33 22.69
C ASP WA 68 42.47 -29.73 22.48
N ASP WA 69 42.21 -30.79 21.72
CA ASP WA 69 40.85 -31.28 21.57
C ASP WA 69 40.29 -31.79 22.88
N ALA WA 70 41.11 -32.48 23.66
CA ALA WA 70 40.67 -32.92 24.99
C ALA WA 70 40.37 -31.73 25.89
N ARG WA 71 41.22 -30.70 25.84
CA ARG WA 71 40.97 -29.50 26.62
C ARG WA 71 39.64 -28.85 26.22
N LYS WA 72 39.39 -28.75 24.90
CA LYS WA 72 38.13 -28.17 24.44
C LYS WA 72 36.93 -29.00 24.87
N SER WA 73 37.03 -30.33 24.79
CA SER WA 73 35.91 -31.16 25.21
C SER WA 73 35.62 -31.00 26.69
N ILE WA 74 36.67 -30.95 27.51
CA ILE WA 74 36.46 -30.76 28.94
C ILE WA 74 35.88 -29.38 29.23
N ALA WA 75 36.33 -28.36 28.50
CA ALA WA 75 35.80 -27.02 28.69
C ALA WA 75 34.32 -26.97 28.33
N ASP WA 76 33.94 -27.62 27.22
CA ASP WA 76 32.53 -27.67 26.83
C ASP WA 76 31.70 -28.40 27.88
N ALA WA 77 32.23 -29.51 28.41
CA ALA WA 77 31.50 -30.25 29.44
C ALA WA 77 31.30 -29.39 30.68
N ILE WA 78 32.32 -28.63 31.08
CA ILE WA 78 32.19 -27.75 32.24
C ILE WA 78 31.16 -26.66 31.97
N LEU WA 79 31.24 -26.02 30.80
CA LEU WA 79 30.34 -24.92 30.48
C LEU WA 79 28.90 -25.39 30.28
N SER WA 80 28.69 -26.66 29.98
CA SER WA 80 27.33 -27.15 29.75
C SER WA 80 26.48 -27.06 31.02
N SER WA 81 27.10 -27.12 32.19
CA SER WA 81 26.34 -27.01 33.43
C SER WA 81 25.79 -25.59 33.56
N PRO WA 82 24.58 -25.43 34.12
CA PRO WA 82 24.02 -24.09 34.27
C PRO WA 82 24.78 -23.27 35.31
N ASP WA 83 24.80 -21.96 35.09
CA ASP WA 83 25.43 -21.00 35.99
C ASP WA 83 26.91 -21.35 36.21
N VAL WA 84 27.65 -21.35 35.11
CA VAL WA 84 29.08 -21.66 35.13
C VAL WA 84 29.87 -20.48 34.57
N THR WA 85 29.25 -19.72 33.68
CA THR WA 85 29.86 -18.54 33.06
C THR WA 85 31.11 -18.90 32.29
N GLY WA 86 32.15 -19.36 32.96
CA GLY WA 86 33.39 -19.67 32.29
C GLY WA 86 34.32 -20.46 33.18
N ILE WA 87 35.55 -20.60 32.72
CA ILE WA 87 36.61 -21.28 33.45
C ILE WA 87 37.78 -20.32 33.62
N GLU WA 88 38.23 -20.12 34.86
CA GLU WA 88 39.36 -19.25 35.09
C GLU WA 88 40.68 -19.92 34.70
N GLN WA 89 40.79 -21.22 34.94
CA GLN WA 89 42.01 -21.95 34.63
C GLN WA 89 41.68 -23.41 34.40
N LEU WA 90 42.36 -24.02 33.42
CA LEU WA 90 42.15 -25.42 33.08
C LEU WA 90 43.50 -26.03 32.74
N ASP WA 91 44.10 -26.70 33.74
CA ASP WA 91 45.39 -27.35 33.57
C ASP WA 91 45.18 -28.78 33.07
N ILE WA 92 45.96 -29.16 32.06
CA ILE WA 92 45.83 -30.44 31.36
C ILE WA 92 47.15 -31.19 31.47
N ASP WA 93 47.78 -31.12 32.64
CA ASP WA 93 49.12 -31.69 32.81
C ASP WA 93 49.09 -33.19 32.55
N ILE WA 94 50.19 -33.72 32.00
CA ILE WA 94 50.35 -35.14 31.74
C ILE WA 94 51.47 -35.67 32.60
N THR WA 95 51.16 -36.66 33.44
CA THR WA 95 52.16 -37.34 34.25
C THR WA 95 52.55 -38.60 33.46
N GLY WA 96 53.30 -39.52 34.06
CA GLY WA 96 53.71 -40.73 33.37
C GLY WA 96 52.56 -41.51 32.76
N GLU WA 97 51.52 -41.79 33.56
CA GLU WA 97 50.32 -42.42 33.03
C GLU WA 97 49.07 -41.81 33.65
N VAL WA 98 49.12 -40.54 34.01
CA VAL WA 98 47.99 -39.83 34.62
C VAL WA 98 47.69 -38.59 33.80
N PHE WA 99 46.42 -38.40 33.46
CA PHE WA 99 45.97 -37.25 32.66
C PHE WA 99 45.39 -36.22 33.63
N GLY WA 100 46.30 -35.52 34.33
CA GLY WA 100 45.86 -34.63 35.39
C GLY WA 100 45.15 -33.41 34.84
N VAL WA 101 43.89 -33.24 35.25
CA VAL WA 101 43.06 -32.13 34.83
C VAL WA 101 42.62 -31.36 36.07
N ASP WA 102 42.79 -30.04 36.04
CA ASP WA 102 42.39 -29.18 37.15
C ASP WA 102 41.63 -27.98 36.61
N ALA WA 103 40.50 -27.67 37.22
CA ALA WA 103 39.62 -26.59 36.76
C ALA WA 103 39.46 -25.55 37.86
N LYS WA 104 39.13 -24.34 37.43
CA LYS WA 104 38.94 -23.20 38.33
C LYS WA 104 37.66 -22.44 37.98
N VAL WA 105 36.55 -23.19 37.89
CA VAL WA 105 35.27 -22.62 37.48
C VAL WA 105 34.93 -21.37 38.26
N ILE WA 106 34.27 -20.42 37.59
CA ILE WA 106 34.00 -19.09 38.13
C ILE WA 106 32.48 -18.93 38.17
N THR WA 107 31.79 -20.01 38.52
CA THR WA 107 30.34 -20.03 38.62
C THR WA 107 29.76 -18.78 39.30
N ILE WA 108 28.60 -18.34 38.86
CA ILE WA 108 28.06 -17.04 39.26
C ILE WA 108 27.75 -16.96 40.75
N HIS WA 109 27.54 -18.11 41.40
CA HIS WA 109 27.18 -18.12 42.81
C HIS WA 109 28.38 -17.73 43.68
N SER XA 2 22.62 28.98 42.84
CA SER XA 2 22.96 29.72 44.04
C SER XA 2 22.66 28.90 45.30
N THR XA 3 23.67 28.23 45.81
CA THR XA 3 23.49 27.38 46.98
C THR XA 3 23.18 28.22 48.22
N SER XA 4 22.52 27.58 49.19
CA SER XA 4 22.21 28.22 50.46
C SER XA 4 21.96 27.13 51.48
N THR XA 5 22.75 27.11 52.56
CA THR XA 5 22.66 26.06 53.56
C THR XA 5 22.68 26.65 54.97
N ILE XA 6 22.05 25.95 55.90
CA ILE XA 6 22.10 26.33 57.30
C ILE XA 6 23.53 26.25 57.81
N ARG XA 7 23.91 27.22 58.63
CA ARG XA 7 25.27 27.29 59.15
C ARG XA 7 25.47 26.25 60.24
N THR XA 8 26.58 25.52 60.15
CA THR XA 8 26.93 24.49 61.11
C THR XA 8 28.40 24.59 61.48
N GLY XA 9 28.73 24.11 62.67
CA GLY XA 9 30.09 24.11 63.15
C GLY XA 9 30.83 22.83 62.83
N THR XA 10 32.02 22.71 63.41
CA THR XA 10 32.82 21.50 63.21
C THR XA 10 32.16 20.27 63.80
N ASN XA 11 31.30 20.44 64.80
CA ASN XA 11 30.56 19.32 65.35
C ASN XA 11 29.40 18.90 64.47
N ASN XA 12 29.20 19.57 63.34
CA ASN XA 12 28.24 19.21 62.29
C ASN XA 12 26.80 19.35 62.73
N ASP XA 13 26.53 20.15 63.75
CA ASP XA 13 25.18 20.46 64.21
C ASP XA 13 24.86 21.91 63.88
N ILE XA 14 23.57 22.21 63.83
CA ILE XA 14 23.12 23.60 63.63
C ILE XA 14 23.57 24.41 64.83
N LEU XA 15 24.54 25.29 64.64
CA LEU XA 15 25.06 26.14 65.69
C LEU XA 15 24.56 27.55 65.44
N LEU XA 16 23.75 28.05 66.37
CA LEU XA 16 23.03 29.31 66.19
C LEU XA 16 23.97 30.49 66.38
N ASP XA 17 23.46 31.67 66.05
CA ASP XA 17 24.19 32.91 66.21
C ASP XA 17 23.99 33.46 67.62
N ASP XA 18 24.40 34.72 67.83
CA ASP XA 18 24.28 35.33 69.16
C ASP XA 18 22.83 35.60 69.53
N ASN XA 19 21.99 35.94 68.55
CA ASN XA 19 20.60 36.29 68.81
C ASN XA 19 19.67 35.08 68.74
N GLY XA 20 20.22 33.89 68.65
CA GLY XA 20 19.40 32.69 68.54
C GLY XA 20 18.63 32.56 67.25
N ASN XA 21 19.26 32.95 66.13
CA ASN XA 21 18.69 32.75 64.81
C ASN XA 21 19.50 31.74 64.02
N MET XA 22 18.94 31.33 62.89
CA MET XA 22 19.59 30.41 61.97
C MET XA 22 20.12 31.21 60.79
N VAL XA 23 21.42 31.09 60.53
CA VAL XA 23 22.07 31.79 59.43
C VAL XA 23 22.09 30.86 58.22
N ILE XA 24 21.75 31.40 57.05
CA ILE XA 24 21.77 30.65 55.81
C ILE XA 24 22.91 31.19 54.97
N LEU XA 25 24.03 30.47 54.96
CA LEU XA 25 25.15 30.85 54.12
C LEU XA 25 24.82 30.59 52.66
N ARG XA 26 25.40 31.41 51.79
CA ARG XA 26 25.14 31.32 50.36
C ARG XA 26 26.45 31.43 49.59
N ASP XA 27 26.43 30.89 48.37
CA ASP XA 27 27.53 31.00 47.41
C ASP XA 27 28.75 30.25 47.96
N VAL XA 28 29.90 30.91 48.14
CA VAL XA 28 31.16 30.19 48.34
C VAL XA 28 31.17 29.49 49.70
N GLU XA 29 30.72 30.18 50.75
CA GLU XA 29 30.73 29.57 52.08
C GLU XA 29 29.81 28.36 52.13
N ALA XA 30 28.62 28.48 51.52
CA ALA XA 30 27.69 27.36 51.49
C ALA XA 30 28.27 26.19 50.71
N CYS XA 31 28.93 26.47 49.58
CA CYS XA 31 29.54 25.40 48.80
C CYS XA 31 30.65 24.70 49.57
N ALA XA 32 31.47 25.48 50.29
CA ALA XA 32 32.55 24.88 51.08
C ALA XA 32 31.98 24.00 52.19
N GLN XA 33 30.96 24.49 52.89
CA GLN XA 33 30.34 23.69 53.93
C GLN XA 33 29.73 22.41 53.36
N ASP XA 34 29.09 22.52 52.20
CA ASP XA 34 28.48 21.35 51.58
C ASP XA 34 29.54 20.33 51.17
N VAL XA 35 30.67 20.79 50.63
CA VAL XA 35 31.72 19.87 50.24
C VAL XA 35 32.29 19.16 51.47
N ARG XA 36 32.54 19.91 52.55
CA ARG XA 36 33.04 19.28 53.76
C ARG XA 36 32.06 18.26 54.31
N ALA XA 37 30.76 18.58 54.26
CA ALA XA 37 29.75 17.64 54.75
C ALA XA 37 29.66 16.40 53.86
N ALA XA 38 29.73 16.59 52.54
CA ALA XA 38 29.58 15.48 51.61
C ALA XA 38 30.80 14.57 51.60
N MET XA 39 31.96 15.08 52.01
CA MET XA 39 33.14 14.23 52.08
C MET XA 39 33.22 13.41 53.38
N LEU XA 40 32.34 13.68 54.34
CA LEU XA 40 32.35 12.97 55.62
C LEU XA 40 31.26 11.92 55.73
N MET XA 41 30.57 11.61 54.63
CA MET XA 41 29.43 10.70 54.65
C MET XA 41 29.81 9.38 54.02
N ARG XA 42 29.72 8.31 54.81
CA ARG XA 42 29.96 6.97 54.31
C ARG XA 42 28.88 6.57 53.31
N THR XA 43 29.27 5.76 52.33
CA THR XA 43 28.31 5.29 51.34
C THR XA 43 27.28 4.36 51.98
N GLY XA 44 26.10 4.32 51.38
CA GLY XA 44 25.02 3.53 51.91
C GLY XA 44 24.30 4.13 53.10
N GLU XA 45 24.59 5.39 53.42
CA GLU XA 45 23.91 6.06 54.53
C GLU XA 45 22.64 6.76 54.09
N ASN XA 46 22.52 7.11 52.82
CA ASN XA 46 21.31 7.72 52.29
C ASN XA 46 20.37 6.61 51.83
N ILE XA 47 19.23 6.48 52.50
CA ILE XA 47 18.26 5.46 52.12
C ILE XA 47 17.66 5.72 50.75
N PHE XA 48 17.71 6.96 50.28
CA PHE XA 48 17.11 7.36 49.02
C PHE XA 48 18.11 7.44 47.87
N ASP XA 49 19.39 7.19 48.13
CA ASP XA 49 20.40 7.09 47.07
C ASP XA 49 21.24 5.83 47.16
N VAL XA 50 21.57 5.38 48.37
CA VAL XA 50 22.30 4.14 48.61
C VAL XA 50 23.70 4.19 48.01
N ASN XA 51 23.79 4.40 46.69
CA ASN XA 51 25.08 4.37 46.02
C ASN XA 51 25.89 5.64 46.26
N SER XA 52 25.27 6.71 46.73
CA SER XA 52 25.98 7.95 46.99
C SER XA 52 26.81 7.83 48.27
N GLY XA 53 27.84 8.66 48.34
CA GLY XA 53 28.74 8.69 49.48
C GLY XA 53 30.13 8.20 49.13
N VAL XA 54 31.03 8.41 50.07
CA VAL XA 54 32.44 8.03 49.92
C VAL XA 54 32.62 6.61 50.44
N GLY XA 55 33.43 5.83 49.74
CA GLY XA 55 33.71 4.47 50.16
C GLY XA 55 34.79 4.39 51.21
N TYR XA 56 34.48 4.81 52.43
CA TYR XA 56 35.48 4.83 53.49
C TYR XA 56 35.84 3.45 54.00
N PHE XA 57 35.14 2.40 53.58
CA PHE XA 57 35.40 1.06 54.09
C PHE XA 57 35.76 0.05 53.00
N GLU XA 58 35.34 0.26 51.76
CA GLU XA 58 35.76 -0.59 50.66
C GLU XA 58 36.76 0.09 49.72
N TYR XA 59 36.89 1.40 49.79
CA TYR XA 59 37.87 2.13 49.00
C TYR XA 59 38.97 2.76 49.85
N ILE XA 60 38.68 3.09 51.10
CA ILE XA 60 39.71 3.49 52.05
C ILE XA 60 39.56 2.56 53.27
N PHE XA 61 40.56 2.56 54.15
CA PHE XA 61 40.55 1.79 55.39
C PHE XA 61 40.57 0.28 55.15
N SER XA 62 41.00 -0.15 53.97
CA SER XA 62 41.04 -1.57 53.64
C SER XA 62 42.40 -1.92 53.05
N PRO XA 63 42.82 -3.18 53.17
CA PRO XA 63 44.11 -3.59 52.58
C PRO XA 63 44.03 -3.77 51.07
N GLN XA 64 44.14 -2.66 50.34
CA GLN XA 64 43.94 -2.65 48.90
C GLN XA 64 45.26 -2.58 48.14
N LYS XA 65 45.18 -2.81 46.84
CA LYS XA 65 46.34 -2.78 45.96
C LYS XA 65 46.62 -1.36 45.45
N SER XA 66 45.59 -0.69 44.94
CA SER XA 66 45.70 0.67 44.44
C SER XA 66 44.54 1.51 44.98
N TYR XA 67 44.83 2.78 45.26
CA TYR XA 67 43.85 3.70 45.82
C TYR XA 67 43.18 4.55 44.75
N ASP XA 68 43.22 4.07 43.51
CA ASP XA 68 42.55 4.73 42.39
C ASP XA 68 41.05 4.80 42.64
N ASP XA 69 40.47 3.73 43.17
CA ASP XA 69 39.05 3.74 43.51
C ASP XA 69 38.75 4.76 44.61
N ALA XA 70 39.65 4.89 45.59
CA ALA XA 70 39.46 5.89 46.62
C ALA XA 70 39.45 7.30 46.05
N ARG XA 71 40.40 7.60 45.15
CA ARG XA 71 40.42 8.92 44.52
C ARG XA 71 39.16 9.14 43.70
N LYS XA 72 38.71 8.13 42.96
CA LYS XA 72 37.50 8.27 42.16
C LYS XA 72 36.28 8.53 43.04
N SER XA 73 36.17 7.81 44.16
CA SER XA 73 35.03 8.00 45.05
C SER XA 73 35.04 9.40 45.65
N ILE XA 74 36.21 9.88 46.09
CA ILE XA 74 36.28 11.23 46.65
C ILE XA 74 35.91 12.26 45.61
N ALA XA 75 36.41 12.10 44.38
CA ALA XA 75 36.10 13.04 43.32
C ALA XA 75 34.60 13.05 43.01
N ASP XA 76 33.98 11.86 42.96
CA ASP XA 76 32.56 11.79 42.70
C ASP XA 76 31.76 12.46 43.83
N ALA XA 77 32.15 12.22 45.07
CA ALA XA 77 31.46 12.84 46.19
C ALA XA 77 31.58 14.35 46.15
N ILE XA 78 32.76 14.86 45.80
CA ILE XA 78 32.93 16.31 45.69
C ILE XA 78 32.09 16.87 44.57
N LEU XA 79 32.08 16.20 43.41
CA LEU XA 79 31.31 16.70 42.26
C LEU XA 79 29.81 16.60 42.48
N SER XA 80 29.36 15.70 43.35
CA SER XA 80 27.92 15.56 43.58
C SER XA 80 27.30 16.82 44.15
N SER XA 81 28.08 17.62 44.88
CA SER XA 81 27.55 18.84 45.46
C SER XA 81 27.19 19.84 44.38
N PRO XA 82 26.11 20.61 44.55
CA PRO XA 82 25.71 21.56 43.51
C PRO XA 82 26.71 22.70 43.36
N ASP XA 83 26.83 23.18 42.12
CA ASP XA 83 27.71 24.30 41.77
C ASP XA 83 29.15 24.05 42.22
N VAL XA 84 29.72 22.98 41.68
CA VAL XA 84 31.11 22.62 41.96
C VAL XA 84 31.90 22.57 40.67
N THR XA 85 31.22 22.25 39.56
CA THR XA 85 31.80 22.17 38.23
C THR XA 85 32.90 21.11 38.15
N GLY XA 86 34.01 21.34 38.84
CA GLY XA 86 35.12 20.40 38.77
C GLY XA 86 36.06 20.59 39.94
N ILE XA 87 37.15 19.82 39.90
CA ILE XA 87 38.20 19.87 40.92
C ILE XA 87 39.50 20.28 40.24
N GLU XA 88 40.12 21.34 40.73
CA GLU XA 88 41.37 21.80 40.13
C GLU XA 88 42.53 20.89 40.50
N GLN XA 89 42.57 20.43 41.74
CA GLN XA 89 43.70 19.64 42.22
C GLN XA 89 43.24 18.80 43.41
N LEU XA 90 43.79 17.59 43.51
CA LEU XA 90 43.43 16.66 44.56
C LEU XA 90 44.63 15.80 44.92
N ASP XA 91 44.93 15.70 46.22
CA ASP XA 91 46.02 14.89 46.73
C ASP XA 91 45.48 13.67 47.47
N ILE XA 92 46.15 12.54 47.29
CA ILE XA 92 45.79 11.28 47.94
C ILE XA 92 46.99 10.83 48.75
N ASP XA 93 47.71 11.78 49.34
CA ASP XA 93 48.96 11.48 50.02
C ASP XA 93 48.71 10.47 51.13
N ILE XA 94 49.63 9.52 51.27
CA ILE XA 94 49.57 8.53 52.35
C ILE XA 94 50.83 8.64 53.19
N THR XA 95 50.66 9.05 54.44
CA THR XA 95 51.74 9.11 55.41
C THR XA 95 51.84 7.72 56.04
N GLY XA 96 52.56 7.58 57.15
CA GLY XA 96 52.68 6.28 57.79
C GLY XA 96 51.34 5.67 58.16
N GLU XA 97 50.46 6.46 58.78
CA GLU XA 97 49.12 5.98 59.09
C GLU XA 97 48.06 7.05 58.85
N VAL XA 98 48.31 8.01 57.96
CA VAL XA 98 47.39 9.10 57.68
C VAL XA 98 47.08 9.10 56.19
N PHE XA 99 45.79 9.11 55.86
CA PHE XA 99 45.33 9.16 54.47
C PHE XA 99 44.99 10.60 54.09
N GLY XA 100 46.04 11.41 53.96
CA GLY XA 100 45.87 12.83 53.69
C GLY XA 100 45.25 13.13 52.35
N VAL XA 101 44.14 13.86 52.37
CA VAL XA 101 43.42 14.26 51.17
C VAL XA 101 43.27 15.78 51.20
N ASP XA 102 43.63 16.43 50.10
CA ASP XA 102 43.48 17.87 49.95
C ASP XA 102 42.84 18.16 48.61
N ALA XA 103 41.85 19.06 48.60
CA ALA XA 103 41.10 19.38 47.40
C ALA XA 103 41.20 20.85 47.08
N LYS XA 104 40.97 21.19 45.81
CA LYS XA 104 41.02 22.56 45.32
C LYS XA 104 39.81 22.87 44.46
N VAL XA 105 38.62 22.60 45.02
CA VAL XA 105 37.36 22.76 44.30
C VAL XA 105 37.29 24.15 43.65
N ILE XA 106 36.72 24.19 42.44
CA ILE XA 106 36.71 25.38 41.60
C ILE XA 106 35.26 25.83 41.42
N THR XA 107 34.45 25.65 42.46
CA THR XA 107 33.05 26.04 42.44
C THR XA 107 32.85 27.42 41.82
N ILE XA 108 31.79 27.55 41.03
CA ILE XA 108 31.47 28.80 40.33
C ILE XA 108 30.51 29.61 41.18
N HIS XA 109 30.87 30.87 41.43
CA HIS XA 109 30.03 31.76 42.21
C HIS XA 109 30.33 33.22 41.88
N SER YA 2 31.99 55.98 2.44
CA SER YA 2 32.74 57.22 2.60
C SER YA 2 32.49 57.84 3.98
N THR YA 3 33.44 57.63 4.88
CA THR YA 3 33.31 58.14 6.24
C THR YA 3 33.36 59.67 6.26
N SER YA 4 32.66 60.26 7.22
CA SER YA 4 32.65 61.71 7.42
C SER YA 4 32.67 62.00 8.91
N THR YA 5 33.47 62.98 9.31
CA THR YA 5 33.62 63.30 10.72
C THR YA 5 33.88 64.80 10.92
N ILE YA 6 33.38 65.33 12.02
CA ILE YA 6 33.62 66.73 12.37
C ILE YA 6 35.09 66.93 12.73
N ARG YA 7 35.66 68.05 12.28
CA ARG YA 7 37.06 68.33 12.56
C ARG YA 7 37.28 68.62 14.04
N THR YA 8 38.22 67.89 14.64
CA THR YA 8 38.58 68.05 16.04
C THR YA 8 40.10 68.18 16.13
N GLY YA 9 40.54 68.89 17.17
CA GLY YA 9 41.96 69.06 17.41
C GLY YA 9 42.50 68.01 18.35
N THR YA 10 43.75 68.23 18.78
CA THR YA 10 44.38 67.32 19.73
C THR YA 10 43.71 67.37 21.10
N ASN YA 11 43.06 68.48 21.43
CA ASN YA 11 42.31 68.59 22.68
C ASN YA 11 41.02 67.79 22.66
N ASN YA 12 40.64 67.24 21.51
CA ASN YA 12 39.51 66.35 21.29
C ASN YA 12 38.16 67.06 21.31
N ASP YA 13 38.13 68.39 21.28
CA ASP YA 13 36.87 69.11 21.18
C ASP YA 13 36.57 69.45 19.72
N ILE YA 14 35.40 70.03 19.49
CA ILE YA 14 35.06 70.55 18.18
C ILE YA 14 35.88 71.81 17.93
N LEU YA 15 36.73 71.75 16.92
CA LEU YA 15 37.59 72.88 16.55
C LEU YA 15 37.06 73.49 15.27
N LEU YA 16 36.62 74.74 15.35
CA LEU YA 16 36.02 75.41 14.21
C LEU YA 16 37.11 75.98 13.29
N ASP YA 17 36.68 76.38 12.10
CA ASP YA 17 37.59 76.98 11.14
C ASP YA 17 37.66 78.50 11.37
N ASP YA 18 38.24 79.22 10.42
CA ASP YA 18 38.43 80.66 10.57
C ASP YA 18 37.11 81.43 10.48
N ASN YA 19 36.11 80.87 9.80
CA ASN YA 19 34.82 81.53 9.64
C ASN YA 19 33.79 81.07 10.66
N GLY YA 20 34.21 80.32 11.68
CA GLY YA 20 33.28 79.79 12.65
C GLY YA 20 32.35 78.73 12.10
N ASN YA 21 32.84 77.89 11.21
CA ASN YA 21 32.08 76.77 10.68
C ASN YA 21 32.69 75.45 11.14
N MET YA 22 31.93 74.38 10.93
CA MET YA 22 32.36 73.03 11.26
C MET YA 22 32.73 72.32 9.97
N VAL YA 23 33.98 71.88 9.87
CA VAL YA 23 34.47 71.20 8.68
C VAL YA 23 34.20 69.71 8.83
N ILE YA 24 33.72 69.10 7.75
CA ILE YA 24 33.37 67.68 7.73
C ILE YA 24 34.42 66.97 6.87
N LEU YA 25 35.42 66.37 7.53
CA LEU YA 25 36.42 65.59 6.83
C LEU YA 25 35.78 64.34 6.25
N ARG YA 26 36.24 63.96 5.07
CA ARG YA 26 35.72 62.79 4.39
C ARG YA 26 36.89 61.93 3.92
N ASP YA 27 36.69 60.61 3.95
CA ASP YA 27 37.66 59.63 3.49
C ASP YA 27 38.87 59.51 4.41
N VAL YA 28 40.06 59.83 3.90
CA VAL YA 28 41.29 59.40 4.56
C VAL YA 28 41.49 60.12 5.89
N GLU YA 29 41.33 61.45 5.90
CA GLU YA 29 41.54 62.20 7.14
C GLU YA 29 40.49 61.84 8.19
N ALA YA 30 39.24 61.67 7.76
CA ALA YA 30 38.19 61.26 8.68
C ALA YA 30 38.49 59.89 9.28
N CYS YA 31 38.96 58.96 8.45
CA CYS YA 31 39.30 57.63 8.95
C CYS YA 31 40.46 57.69 9.94
N ALA YA 32 41.47 58.51 9.65
CA ALA YA 32 42.60 58.63 10.57
C ALA YA 32 42.15 59.20 11.91
N GLN YA 33 41.35 60.27 11.88
CA GLN YA 33 40.85 60.86 13.11
C GLN YA 33 39.98 59.88 13.89
N ASP YA 34 39.15 59.12 13.19
CA ASP YA 34 38.26 58.17 13.84
C ASP YA 34 39.04 57.04 14.48
N VAL YA 35 40.07 56.54 13.80
CA VAL YA 35 40.91 55.49 14.39
C VAL YA 35 41.61 56.01 15.63
N ARG YA 36 42.17 57.21 15.55
CA ARG YA 36 42.82 57.79 16.72
C ARG YA 36 41.86 57.93 17.89
N ALA YA 37 40.65 58.43 17.62
CA ALA YA 37 39.67 58.61 18.69
C ALA YA 37 39.21 57.28 19.25
N ALA YA 38 39.05 56.27 18.41
CA ALA YA 38 38.63 54.95 18.87
C ALA YA 38 39.71 54.27 19.70
N MET YA 39 40.98 54.61 19.49
CA MET YA 39 42.04 54.03 20.29
C MET YA 39 42.19 54.71 21.66
N LEU YA 40 41.47 55.79 21.92
CA LEU YA 40 41.57 56.48 23.20
C LEU YA 40 40.41 56.20 24.14
N MET YA 41 39.45 55.37 23.75
CA MET YA 41 38.26 55.12 24.56
C MET YA 41 38.50 53.93 25.47
N ARG YA 42 38.46 54.16 26.78
CA ARG YA 42 38.55 53.07 27.73
C ARG YA 42 37.35 52.15 27.60
N THR YA 43 37.56 50.86 27.85
CA THR YA 43 36.49 49.90 27.69
C THR YA 43 35.37 50.16 28.70
N GLY YA 44 34.15 49.83 28.30
CA GLY YA 44 32.99 50.04 29.14
C GLY YA 44 32.51 51.47 29.20
N GLU YA 45 33.05 52.36 28.37
CA GLU YA 45 32.62 53.75 28.35
C GLU YA 45 31.38 53.96 27.49
N ASN YA 46 31.12 53.08 26.53
CA ASN YA 46 29.88 53.08 25.77
C ASN YA 46 28.80 52.42 26.59
N ILE YA 47 27.84 53.21 27.07
CA ILE YA 47 26.63 52.61 27.61
C ILE YA 47 25.76 52.03 26.52
N PHE YA 48 26.17 52.16 25.26
CA PHE YA 48 25.49 51.56 24.14
C PHE YA 48 26.32 50.50 23.41
N ASP YA 49 27.56 50.23 23.86
CA ASP YA 49 28.29 49.02 23.47
C ASP YA 49 28.90 48.26 24.63
N VAL YA 50 29.47 48.96 25.62
CA VAL YA 50 30.12 48.36 26.79
C VAL YA 50 31.28 47.45 26.40
N ASN YA 51 30.99 46.39 25.66
CA ASN YA 51 32.05 45.46 25.27
C ASN YA 51 33.08 46.11 24.37
N SER YA 52 32.72 47.18 23.69
CA SER YA 52 33.65 47.86 22.80
C SER YA 52 34.62 48.72 23.59
N GLY YA 53 35.71 49.09 22.93
CA GLY YA 53 36.73 49.93 23.52
C GLY YA 53 38.01 49.16 23.79
N VAL YA 54 39.04 49.92 24.20
CA VAL YA 54 40.34 49.35 24.52
C VAL YA 54 40.42 49.07 26.00
N GLY YA 55 40.89 47.89 26.35
CA GLY YA 55 41.06 47.54 27.75
C GLY YA 55 42.34 48.09 28.33
N TYR YA 56 42.37 49.40 28.57
CA TYR YA 56 43.58 50.03 29.08
C TYR YA 56 43.87 49.69 30.54
N PHE YA 57 42.91 49.11 31.26
CA PHE YA 57 43.09 48.87 32.69
C PHE YA 57 43.11 47.38 33.07
N GLU YA 58 42.78 46.49 32.14
CA GLU YA 58 42.89 45.06 32.38
C GLU YA 58 44.05 44.42 31.64
N TYR YA 59 44.34 44.88 30.43
CA TYR YA 59 45.47 44.35 29.66
C TYR YA 59 46.72 45.19 29.85
N ILE YA 60 46.64 46.46 29.49
CA ILE YA 60 47.74 47.40 29.72
C ILE YA 60 47.57 47.99 31.12
N PHE YA 61 48.60 48.66 31.62
CA PHE YA 61 48.58 49.38 32.89
C PHE YA 61 48.43 48.47 34.10
N SER YA 62 48.49 47.16 33.90
CA SER YA 62 48.36 46.18 34.97
C SER YA 62 49.49 45.17 34.85
N PRO YA 63 49.82 44.48 35.94
CA PRO YA 63 50.90 43.48 35.87
C PRO YA 63 50.48 42.28 35.02
N GLN YA 64 50.27 42.51 33.73
CA GLN YA 64 49.83 41.47 32.83
C GLN YA 64 51.02 40.65 32.33
N LYS YA 65 50.85 39.32 32.33
CA LYS YA 65 51.94 38.43 31.96
C LYS YA 65 52.29 38.57 30.48
N SER YA 66 51.27 38.51 29.62
CA SER YA 66 51.46 38.49 28.18
C SER YA 66 50.65 39.60 27.53
N TYR YA 67 51.26 40.32 26.58
CA TYR YA 67 50.65 41.48 25.96
C TYR YA 67 49.90 41.12 24.67
N ASP YA 68 49.67 39.83 24.43
CA ASP YA 68 48.85 39.42 23.31
C ASP YA 68 47.41 39.90 23.45
N ASP YA 69 46.87 39.87 24.66
CA ASP YA 69 45.52 40.38 24.88
C ASP YA 69 45.45 41.88 24.60
N ALA YA 70 46.46 42.63 25.02
CA ALA YA 70 46.49 44.06 24.71
C ALA YA 70 46.57 44.29 23.21
N ARG YA 71 47.39 43.49 22.52
CA ARG YA 71 47.49 43.61 21.07
C ARG YA 71 46.15 43.35 20.40
N LYS YA 72 45.44 42.29 20.81
CA LYS YA 72 44.16 42.00 20.18
C LYS YA 72 43.12 43.06 20.51
N SER YA 73 43.13 43.58 21.74
CA SER YA 73 42.17 44.62 22.09
C SER YA 73 42.39 45.86 21.23
N ILE YA 74 43.66 46.25 21.04
CA ILE YA 74 43.94 47.41 20.20
C ILE YA 74 43.55 47.14 18.76
N ALA YA 75 43.83 45.93 18.27
CA ALA YA 75 43.46 45.58 16.90
C ALA YA 75 41.95 45.62 16.70
N ASP YA 76 41.19 45.09 17.66
CA ASP YA 76 39.73 45.12 17.58
C ASP YA 76 39.23 46.55 17.60
N ALA YA 77 39.79 47.39 18.48
CA ALA YA 77 39.37 48.79 18.54
C ALA YA 77 39.64 49.50 17.23
N ILE YA 78 40.79 49.23 16.60
CA ILE YA 78 41.11 49.86 15.32
C ILE YA 78 40.16 49.37 14.24
N LEU YA 79 39.94 48.06 14.16
CA LEU YA 79 39.08 47.50 13.12
C LEU YA 79 37.62 47.87 13.29
N SER YA 80 37.21 48.26 14.51
CA SER YA 80 35.82 48.65 14.72
C SER YA 80 35.45 49.89 13.91
N SER YA 81 36.42 50.75 13.62
CA SER YA 81 36.13 51.94 12.84
C SER YA 81 35.75 51.57 11.41
N PRO YA 82 34.81 52.27 10.80
CA PRO YA 82 34.40 51.92 9.44
C PRO YA 82 35.49 52.21 8.43
N ASP YA 83 35.50 51.41 7.37
CA ASP YA 83 36.44 51.56 6.25
C ASP YA 83 37.89 51.54 6.73
N VAL YA 84 38.23 50.49 7.48
CA VAL YA 84 39.59 50.29 7.95
C VAL YA 84 40.15 49.02 7.31
N THR YA 85 39.25 48.07 7.02
CA THR YA 85 39.59 46.81 6.37
C THR YA 85 40.54 46.00 7.25
N GLY YA 86 41.77 46.46 7.40
CA GLY YA 86 42.74 45.70 8.17
C GLY YA 86 43.91 46.53 8.64
N ILE YA 87 44.87 45.83 9.23
CA ILE YA 87 46.07 46.44 9.82
C ILE YA 87 47.29 45.83 9.13
N GLU YA 88 48.12 46.69 8.54
CA GLU YA 88 49.35 46.21 7.91
C GLU YA 88 50.39 45.82 8.94
N GLN YA 89 50.53 46.63 10.00
CA GLN YA 89 51.58 46.40 10.98
C GLN YA 89 51.14 47.02 12.30
N LEU YA 90 51.46 46.34 13.40
CA LEU YA 90 51.13 46.82 14.74
C LEU YA 90 52.28 46.45 15.67
N ASP YA 91 53.11 47.44 16.00
CA ASP YA 91 54.26 47.26 16.88
C ASP YA 91 53.90 47.68 18.30
N ILE YA 92 54.33 46.86 19.25
CA ILE YA 92 53.96 46.99 20.66
C ILE YA 92 55.25 47.13 21.46
N ASP YA 93 56.24 47.80 20.87
CA ASP YA 93 57.51 48.02 21.54
C ASP YA 93 57.29 48.66 22.91
N ILE YA 94 58.08 48.22 23.90
CA ILE YA 94 57.95 48.71 25.27
C ILE YA 94 59.32 49.22 25.73
N THR YA 95 59.40 50.52 25.96
CA THR YA 95 60.58 51.16 26.51
C THR YA 95 60.45 51.01 28.04
N GLY YA 96 61.31 51.67 28.82
CA GLY YA 96 61.34 51.53 30.26
C GLY YA 96 59.99 51.71 30.93
N GLU YA 97 59.27 52.77 30.59
CA GLU YA 97 57.93 52.97 31.14
C GLU YA 97 56.95 53.48 30.08
N VAL YA 98 57.20 53.15 28.81
CA VAL YA 98 56.33 53.57 27.72
C VAL YA 98 55.85 52.34 26.96
N PHE YA 99 54.54 52.25 26.77
CA PHE YA 99 53.92 51.15 26.02
C PHE YA 99 53.68 51.60 24.57
N GLY YA 100 54.78 51.81 23.85
CA GLY YA 100 54.68 52.38 22.53
C GLY YA 100 53.91 51.49 21.57
N VAL YA 101 52.90 52.06 20.90
CA VAL YA 101 52.11 51.35 19.90
C VAL YA 101 52.27 52.09 18.57
N ASP YA 102 52.35 51.33 17.48
CA ASP YA 102 52.47 51.90 16.15
C ASP YA 102 51.66 51.07 15.18
N ALA YA 103 50.66 51.69 14.56
CA ALA YA 103 49.76 51.02 13.63
C ALA YA 103 50.00 51.49 12.21
N LYS YA 104 49.61 50.65 11.25
CA LYS YA 104 49.79 50.91 9.83
C LYS YA 104 48.51 50.62 9.06
N VAL YA 105 47.40 51.20 9.53
CA VAL YA 105 46.08 50.95 8.96
C VAL YA 105 46.09 51.11 7.44
N ILE YA 106 45.33 50.27 6.76
CA ILE YA 106 45.31 50.20 5.30
C ILE YA 106 43.94 50.55 4.76
N THR YA 107 43.27 51.52 5.40
CA THR YA 107 41.94 51.97 5.00
C THR YA 107 41.80 52.08 3.48
N ILE YA 108 40.63 51.69 2.99
CA ILE YA 108 40.43 51.50 1.55
C ILE YA 108 40.67 52.81 0.79
N HIS YA 109 40.12 53.91 1.28
CA HIS YA 109 40.29 55.19 0.62
C HIS YA 109 41.47 55.95 1.19
N SER ZA 8 -11.68 2.03 10.49
CA SER ZA 8 -12.13 1.33 9.29
C SER ZA 8 -11.04 1.27 8.22
N ALA ZA 9 -9.92 0.65 8.55
CA ALA ZA 9 -8.80 0.51 7.65
C ALA ZA 9 -8.31 -0.93 7.67
N LYS ZA 10 -7.34 -1.22 6.79
CA LYS ZA 10 -6.76 -2.56 6.65
C LYS ZA 10 -5.26 -2.48 6.85
N ALA ZA 11 -4.71 -3.45 7.57
CA ALA ZA 11 -3.26 -3.42 7.85
C ALA ZA 11 -2.40 -3.51 6.59
N PRO ZA 12 -2.65 -4.41 5.63
CA PRO ZA 12 -1.75 -4.47 4.47
C PRO ZA 12 -1.79 -3.23 3.60
N ASP ZA 13 -2.67 -2.28 3.87
CA ASP ZA 13 -2.49 -0.93 3.36
C ASP ZA 13 -1.22 -0.33 3.97
N ARG ZA 14 -0.91 0.91 3.58
CA ARG ZA 14 0.31 1.61 4.00
C ARG ZA 14 1.57 0.82 3.69
N THR ZA 15 1.44 -0.24 2.90
CA THR ZA 15 2.58 -1.04 2.46
C THR ZA 15 2.86 -0.84 0.98
N ARG ZA 16 1.84 -0.98 0.13
CA ARG ZA 16 1.99 -0.67 -1.28
C ARG ZA 16 1.38 0.70 -1.56
N LEU ZA 17 1.97 1.41 -2.52
CA LEU ZA 17 1.43 2.72 -2.88
C LEU ZA 17 0.02 2.58 -3.41
N ILE ZA 18 -0.21 1.56 -4.24
CA ILE ZA 18 -1.55 1.33 -4.80
C ILE ZA 18 -2.54 0.97 -3.70
N ALA ZA 19 -2.07 0.43 -2.58
CA ALA ZA 19 -2.99 0.17 -1.47
C ALA ZA 19 -3.60 1.47 -0.96
N ALA ZA 20 -2.76 2.45 -0.64
CA ALA ZA 20 -3.26 3.74 -0.22
C ALA ZA 20 -4.01 4.44 -1.34
N LEU ZA 21 -3.61 4.21 -2.59
CA LEU ZA 21 -4.31 4.84 -3.71
C LEU ZA 21 -5.74 4.34 -3.84
N ASP ZA 22 -5.94 3.02 -3.73
CA ASP ZA 22 -7.28 2.47 -3.81
C ASP ZA 22 -8.08 2.82 -2.57
N ALA ZA 23 -7.43 2.89 -1.41
CA ALA ZA 23 -8.15 3.37 -0.22
C ALA ZA 23 -8.62 4.80 -0.40
N ARG ZA 24 -7.78 5.66 -1.00
CA ARG ZA 24 -8.17 7.03 -1.27
C ARG ZA 24 -9.29 7.10 -2.29
N SER ZA 25 -9.24 6.25 -3.32
CA SER ZA 25 -10.32 6.20 -4.29
C SER ZA 25 -11.64 5.82 -3.63
N ARG ZA 26 -11.61 4.81 -2.76
CA ARG ZA 26 -12.82 4.39 -2.06
C ARG ZA 26 -13.34 5.50 -1.14
N ARG ZA 27 -12.45 6.16 -0.40
CA ARG ZA 27 -12.90 7.21 0.51
C ARG ZA 27 -13.42 8.43 -0.25
N ASP ZA 28 -12.85 8.72 -1.42
CA ASP ZA 28 -13.32 9.83 -2.25
C ASP ZA 28 -14.63 9.52 -2.95
N ALA ZA 29 -14.87 8.26 -3.31
CA ALA ZA 29 -16.14 7.88 -3.91
C ALA ZA 29 -17.22 7.59 -2.87
N LEU ZA 30 -16.86 7.42 -1.61
CA LEU ZA 30 -17.87 7.22 -0.56
C LEU ZA 30 -18.58 8.53 -0.23
N ASP ZA 31 -17.86 9.64 -0.27
CA ASP ZA 31 -18.45 10.95 0.00
C ASP ZA 31 -19.15 11.53 -1.22
N PHE ZA 32 -19.10 10.85 -2.37
CA PHE ZA 32 -19.71 11.34 -3.60
C PHE ZA 32 -21.21 11.07 -3.53
N GLU ZA 33 -21.91 11.97 -2.84
CA GLU ZA 33 -23.35 11.81 -2.65
C GLU ZA 33 -24.08 11.98 -3.98
N VAL ZA 34 -24.89 10.99 -4.34
CA VAL ZA 34 -25.59 11.03 -5.62
C VAL ZA 34 -27.10 10.89 -5.44
N MET ZA 35 -27.54 9.76 -4.87
CA MET ZA 35 -28.96 9.42 -4.88
C MET ZA 35 -29.32 8.30 -3.91
N ILE ZA 36 -30.24 8.56 -2.97
CA ILE ZA 36 -30.71 7.57 -2.01
C ILE ZA 36 -32.19 7.75 -1.76
N PRO ZA 37 -32.89 6.73 -1.23
CA PRO ZA 37 -34.27 6.94 -0.78
C PRO ZA 37 -34.33 7.92 0.38
N ALA ZA 38 -35.49 8.55 0.55
CA ALA ZA 38 -35.63 9.54 1.59
C ALA ZA 38 -37.09 9.65 2.02
N GLN ZA 39 -37.30 10.24 3.20
CA GLN ZA 39 -38.61 10.47 3.77
C GLN ZA 39 -38.79 11.96 4.04
N VAL ZA 40 -40.04 12.38 4.16
CA VAL ZA 40 -40.40 13.79 4.31
C VAL ZA 40 -40.61 14.08 5.79
N VAL ZA 41 -39.83 15.02 6.32
CA VAL ZA 41 -40.08 15.51 7.66
C VAL ZA 41 -41.05 16.69 7.65
N GLN ZA 42 -40.91 17.61 6.69
CA GLN ZA 42 -41.76 18.78 6.61
C GLN ZA 42 -41.96 19.11 5.14
N TYR ZA 43 -43.03 19.86 4.86
CA TYR ZA 43 -43.34 20.27 3.49
C TYR ZA 43 -44.42 21.34 3.52
N ASP ZA 44 -44.38 22.21 2.51
CA ASP ZA 44 -45.47 23.14 2.26
C ASP ZA 44 -45.62 23.30 0.75
N ARG ZA 45 -46.87 23.25 0.28
CA ARG ZA 45 -47.13 23.23 -1.15
C ARG ZA 45 -46.91 24.58 -1.81
N ALA ZA 46 -47.03 25.68 -1.08
CA ALA ZA 46 -46.87 27.00 -1.67
C ALA ZA 46 -45.42 27.28 -2.06
N GLU ZA 47 -44.47 26.78 -1.27
CA GLU ZA 47 -43.06 27.07 -1.46
C GLU ZA 47 -42.31 25.97 -2.20
N ASN ZA 48 -42.83 24.75 -2.20
CA ASN ZA 48 -42.21 23.60 -2.85
C ASN ZA 48 -40.79 23.33 -2.33
N ILE ZA 49 -40.63 23.44 -1.01
CA ILE ZA 49 -39.39 23.06 -0.34
C ILE ZA 49 -39.76 22.21 0.87
N ALA ZA 50 -39.07 21.08 1.03
CA ALA ZA 50 -39.44 20.09 2.03
C ALA ZA 50 -38.24 19.70 2.87
N THR ZA 51 -38.43 19.67 4.18
CA THR ZA 51 -37.42 19.11 5.07
C THR ZA 51 -37.45 17.59 4.95
N ILE ZA 52 -36.28 16.99 4.76
CA ILE ZA 52 -36.17 15.60 4.33
C ILE ZA 52 -35.18 14.86 5.21
N GLN ZA 53 -35.56 13.67 5.66
CA GLN ZA 53 -34.66 12.77 6.38
C GLN ZA 53 -34.35 11.56 5.52
N PRO ZA 54 -33.10 11.33 5.14
CA PRO ZA 54 -32.78 10.18 4.31
C PRO ZA 54 -33.03 8.87 5.05
N LEU ZA 55 -33.32 7.83 4.27
CA LEU ZA 55 -33.75 6.53 4.80
C LEU ZA 55 -32.65 5.48 4.78
N ILE ZA 56 -31.41 5.87 4.51
CA ILE ZA 56 -30.28 4.93 4.50
C ILE ZA 56 -29.32 5.35 5.60
N THR ZA 57 -29.05 4.42 6.53
CA THR ZA 57 -28.23 4.75 7.69
C THR ZA 57 -26.75 4.67 7.35
N TRP ZA 58 -25.94 5.20 8.27
CA TRP ZA 58 -24.49 5.02 8.28
C TRP ZA 58 -24.15 3.92 9.27
N VAL ZA 59 -22.98 3.30 9.10
CA VAL ZA 59 -22.55 2.23 10.00
C VAL ZA 59 -21.08 2.38 10.33
N ASP ZA 60 -20.75 2.27 11.61
CA ASP ZA 60 -19.37 2.39 12.06
C ASP ZA 60 -18.72 1.01 12.13
N THR ZA 61 -17.49 0.96 12.66
CA THR ZA 61 -16.78 -0.31 12.75
C THR ZA 61 -17.48 -1.27 13.70
N GLU ZA 62 -17.98 -0.76 14.83
CA GLU ZA 62 -18.69 -1.56 15.82
C GLU ZA 62 -20.03 -2.07 15.32
N HIS ZA 63 -20.42 -1.69 14.09
CA HIS ZA 63 -21.67 -2.09 13.46
C HIS ZA 63 -22.88 -1.50 14.18
N ASN ZA 64 -22.92 -0.18 14.29
CA ASN ZA 64 -24.09 0.56 14.73
C ASN ZA 64 -24.59 1.42 13.59
N ALA ZA 65 -25.88 1.68 13.54
CA ALA ZA 65 -26.43 2.59 12.55
C ALA ZA 65 -26.52 3.97 13.17
N VAL ZA 66 -25.80 4.92 12.59
CA VAL ZA 66 -25.96 6.33 12.92
C VAL ZA 66 -26.91 6.93 11.90
N GLN ZA 67 -28.06 7.38 12.36
CA GLN ZA 67 -29.02 8.02 11.47
C GLN ZA 67 -28.42 9.29 10.89
N ARG ZA 68 -28.82 9.59 9.65
CA ARG ZA 68 -28.27 10.74 8.94
C ARG ZA 68 -28.90 12.02 9.50
N HIS ZA 69 -28.64 13.14 8.84
CA HIS ZA 69 -29.14 14.44 9.27
C HIS ZA 69 -30.27 14.89 8.35
N GLN ZA 70 -31.24 15.59 8.94
CA GLN ZA 70 -32.34 16.13 8.16
C GLN ZA 70 -31.84 17.19 7.19
N LEU ZA 71 -32.38 17.17 5.98
CA LEU ZA 71 -32.04 18.15 4.95
C LEU ZA 71 -33.22 19.07 4.74
N VAL ZA 72 -33.00 20.37 4.92
CA VAL ZA 72 -34.07 21.36 4.91
C VAL ZA 72 -34.05 22.13 3.60
N ASP ZA 73 -35.23 22.56 3.17
CA ASP ZA 73 -35.40 23.40 1.98
C ASP ZA 73 -34.84 22.75 0.73
N ILE ZA 74 -35.21 21.48 0.52
CA ILE ZA 74 -34.86 20.75 -0.69
C ILE ZA 74 -36.01 20.90 -1.67
N PRO ZA 75 -35.77 21.47 -2.87
CA PRO ZA 75 -36.87 21.58 -3.84
C PRO ZA 75 -37.42 20.23 -4.24
N VAL ZA 76 -38.73 20.18 -4.44
CA VAL ZA 76 -39.43 18.96 -4.81
C VAL ZA 76 -39.85 19.08 -6.27
N ILE ZA 77 -39.58 18.04 -7.06
CA ILE ZA 77 -39.93 18.06 -8.47
C ILE ZA 77 -41.44 18.22 -8.63
N SER ZA 78 -41.83 18.86 -9.73
CA SER ZA 78 -43.24 18.99 -10.09
C SER ZA 78 -43.55 18.54 -11.50
N MET ZA 79 -42.56 18.40 -12.37
CA MET ZA 79 -42.73 17.88 -13.74
C MET ZA 79 -43.76 18.70 -14.50
N GLY ZA 80 -43.41 19.96 -14.75
CA GLY ZA 80 -44.28 20.84 -15.51
C GLY ZA 80 -43.55 21.68 -16.54
N ALA ZA 81 -44.21 21.90 -17.68
CA ALA ZA 81 -43.65 22.70 -18.75
C ALA ZA 81 -44.75 23.57 -19.36
N GLY ZA 82 -44.45 24.85 -19.56
CA GLY ZA 82 -45.48 25.77 -19.99
C GLY ZA 82 -46.53 26.06 -18.93
N GLY ZA 83 -46.20 25.83 -17.66
CA GLY ZA 83 -47.13 25.99 -16.57
C GLY ZA 83 -48.02 24.80 -16.31
N PHE ZA 84 -47.99 23.78 -17.18
CA PHE ZA 84 -48.82 22.59 -17.02
C PHE ZA 84 -48.08 21.60 -16.14
N HIS ZA 85 -48.08 21.86 -14.84
CA HIS ZA 85 -47.39 21.02 -13.89
C HIS ZA 85 -48.35 19.98 -13.31
N ILE ZA 86 -47.77 18.97 -12.66
CA ILE ZA 86 -48.52 17.93 -11.96
C ILE ZA 86 -48.18 18.04 -10.49
N SER ZA 87 -49.22 18.10 -9.65
CA SER ZA 87 -49.05 18.27 -8.21
C SER ZA 87 -49.61 17.07 -7.47
N PHE ZA 88 -49.00 16.75 -6.34
CA PHE ZA 88 -49.46 15.70 -5.45
C PHE ZA 88 -49.38 16.22 -4.02
N PRO ZA 89 -50.28 15.77 -3.15
CA PRO ZA 89 -50.29 16.28 -1.75
C PRO ZA 89 -49.24 15.62 -0.87
N ILE ZA 90 -48.01 16.13 -0.97
CA ILE ZA 90 -46.91 15.58 -0.18
C ILE ZA 90 -47.11 15.90 1.29
N GLN ZA 91 -47.04 14.87 2.12
CA GLN ZA 91 -47.22 15.00 3.55
C GLN ZA 91 -46.13 14.23 4.28
N GLN ZA 92 -45.99 14.52 5.57
CA GLN ZA 92 -45.01 13.81 6.39
C GLN ZA 92 -45.33 12.33 6.42
N GLY ZA 93 -44.29 11.50 6.26
CA GLY ZA 93 -44.45 10.07 6.16
C GLY ZA 93 -44.34 9.53 4.75
N ASP ZA 94 -44.34 10.40 3.74
CA ASP ZA 94 -44.15 9.97 2.36
C ASP ZA 94 -42.69 9.63 2.11
N ILE ZA 95 -42.46 8.76 1.15
CA ILE ZA 95 -41.11 8.31 0.80
C ILE ZA 95 -40.85 8.56 -0.66
N GLY ZA 96 -39.59 8.80 -0.99
CA GLY ZA 96 -39.20 9.04 -2.36
C GLY ZA 96 -37.71 8.92 -2.52
N TRP ZA 97 -37.17 9.54 -3.57
CA TRP ZA 97 -35.75 9.51 -3.84
C TRP ZA 97 -35.21 10.94 -3.93
N ILE ZA 98 -34.11 11.21 -3.21
CA ILE ZA 98 -33.47 12.52 -3.23
C ILE ZA 98 -32.23 12.43 -4.10
N TYR ZA 99 -32.07 13.40 -5.00
CA TYR ZA 99 -30.90 13.47 -5.85
C TYR ZA 99 -29.93 14.50 -5.32
N ALA ZA 100 -28.78 14.61 -5.96
CA ALA ZA 100 -27.74 15.53 -5.52
C ALA ZA 100 -27.32 16.42 -6.69
N ALA ZA 101 -26.99 17.66 -6.36
CA ALA ZA 101 -26.61 18.65 -7.36
C ALA ZA 101 -25.11 18.67 -7.55
N ASP ZA 102 -24.69 18.99 -8.78
CA ASP ZA 102 -23.27 19.13 -9.05
C ASP ZA 102 -22.65 20.26 -8.25
N ARG ZA 103 -23.43 21.28 -7.90
CA ARG ZA 103 -22.92 22.47 -7.25
C ARG ZA 103 -24.00 22.99 -6.30
N ASP ZA 104 -23.66 24.09 -5.61
CA ASP ZA 104 -24.63 24.70 -4.71
C ASP ZA 104 -25.77 25.33 -5.49
N THR ZA 105 -27.00 24.96 -5.14
CA THR ZA 105 -28.20 25.51 -5.73
C THR ZA 105 -28.95 26.43 -4.77
N SER ZA 106 -28.35 26.79 -3.64
CA SER ZA 106 -28.99 27.72 -2.71
C SER ZA 106 -29.18 29.07 -3.37
N GLN ZA 107 -28.20 29.53 -4.15
CA GLN ZA 107 -28.34 30.80 -4.84
C GLN ZA 107 -29.30 30.69 -6.02
N PHE ZA 108 -29.40 29.52 -6.64
CA PHE ZA 108 -30.33 29.36 -7.75
C PHE ZA 108 -31.78 29.26 -7.26
N LEU ZA 109 -32.01 28.74 -6.06
CA LEU ZA 109 -33.37 28.48 -5.61
C LEU ZA 109 -34.18 29.77 -5.52
N GLU ZA 110 -33.61 30.80 -4.90
CA GLU ZA 110 -34.37 32.02 -4.64
C GLU ZA 110 -34.63 32.84 -5.90
N SER ZA 111 -33.91 32.58 -6.99
CA SER ZA 111 -33.99 33.43 -8.17
C SER ZA 111 -34.51 32.72 -9.42
N LEU ZA 112 -34.28 31.42 -9.55
CA LEU ZA 112 -34.73 30.64 -10.71
C LEU ZA 112 -34.17 31.21 -12.01
N SER ZA 113 -32.91 31.66 -11.97
CA SER ZA 113 -32.27 32.26 -13.13
C SER ZA 113 -30.79 31.87 -13.12
N MET ZA 114 -30.09 32.32 -14.16
CA MET ZA 114 -28.68 32.00 -14.35
C MET ZA 114 -27.88 32.58 -13.19
N SER ZA 115 -27.36 31.73 -12.31
CA SER ZA 115 -26.74 32.20 -11.08
C SER ZA 115 -25.50 31.36 -10.76
N LYS ZA 116 -24.59 31.96 -9.98
CA LYS ZA 116 -23.37 31.31 -9.58
C LYS ZA 116 -23.62 30.32 -8.45
N PRO ZA 117 -22.77 29.32 -8.29
CA PRO ZA 117 -22.86 28.46 -7.10
C PRO ZA 117 -22.39 29.23 -5.88
N ASN ZA 118 -23.24 29.26 -4.85
CA ASN ZA 118 -22.91 30.04 -3.65
C ASN ZA 118 -21.72 29.45 -2.91
N THR ZA 119 -21.71 28.13 -2.70
CA THR ZA 119 -20.60 27.50 -1.98
C THR ZA 119 -19.94 26.44 -2.85
N GLY ZA 120 -18.83 25.88 -2.36
CA GLY ZA 120 -18.09 24.86 -3.08
C GLY ZA 120 -18.47 23.44 -2.75
N ARG ZA 121 -19.63 23.23 -2.12
CA ARG ZA 121 -20.04 21.89 -1.73
C ARG ZA 121 -20.52 21.10 -2.95
N ILE ZA 122 -19.59 20.45 -3.63
CA ILE ZA 122 -19.89 19.72 -4.85
C ILE ZA 122 -20.36 18.32 -4.50
N HIS ZA 123 -21.38 17.86 -5.22
CA HIS ZA 123 -21.91 16.50 -5.09
C HIS ZA 123 -22.24 16.17 -3.65
N LYS ZA 124 -23.15 16.95 -3.07
CA LYS ZA 124 -23.59 16.75 -1.71
C LYS ZA 124 -25.12 16.73 -1.68
N PHE ZA 125 -25.67 16.02 -0.71
CA PHE ZA 125 -27.11 15.94 -0.54
C PHE ZA 125 -27.68 17.18 0.13
N GLU ZA 126 -26.82 18.10 0.56
CA GLU ZA 126 -27.29 19.39 1.04
C GLU ZA 126 -28.12 20.12 -0.01
N HIS ZA 127 -27.82 19.90 -1.28
CA HIS ZA 127 -28.54 20.51 -2.39
C HIS ZA 127 -28.97 19.43 -3.36
N GLY ZA 128 -30.27 19.32 -3.60
CA GLY ZA 128 -30.79 18.28 -4.45
C GLY ZA 128 -32.28 18.36 -4.58
N LEU ZA 129 -32.87 17.29 -5.09
CA LEU ZA 129 -34.30 17.20 -5.36
C LEU ZA 129 -34.95 16.20 -4.42
N PHE ZA 130 -36.24 15.95 -4.67
CA PHE ZA 130 -36.95 14.87 -3.99
C PHE ZA 130 -38.10 14.47 -4.91
N ILE ZA 131 -37.92 13.38 -5.65
CA ILE ZA 131 -38.95 12.83 -6.52
C ILE ZA 131 -39.78 11.85 -5.69
N PRO ZA 132 -41.06 12.12 -5.45
CA PRO ZA 132 -41.88 11.18 -4.68
C PRO ZA 132 -42.09 9.89 -5.43
N ASP ZA 133 -42.29 8.81 -4.66
CA ASP ZA 133 -42.49 7.48 -5.25
C ASP ZA 133 -43.14 6.59 -4.20
N VAL ZA 134 -44.26 5.97 -4.56
CA VAL ZA 134 -45.00 5.12 -3.62
C VAL ZA 134 -44.53 3.68 -3.62
N PHE ZA 135 -43.67 3.30 -4.57
CA PHE ZA 135 -43.16 1.92 -4.68
C PHE ZA 135 -44.36 1.00 -4.88
N ARG ZA 136 -44.45 -0.11 -4.15
CA ARG ZA 136 -45.53 -1.07 -4.31
C ARG ZA 136 -46.72 -0.80 -3.39
N ARG ZA 137 -46.69 0.29 -2.62
CA ARG ZA 137 -47.77 0.62 -1.69
C ARG ZA 137 -48.94 1.23 -2.47
N TYR ZA 138 -49.53 0.40 -3.33
CA TYR ZA 138 -50.69 0.82 -4.10
C TYR ZA 138 -51.40 -0.43 -4.60
N THR ZA 139 -52.72 -0.31 -4.76
CA THR ZA 139 -53.57 -1.39 -5.23
C THR ZA 139 -54.19 -1.01 -6.55
N ILE ZA 140 -54.01 -1.87 -7.56
CA ILE ZA 140 -54.55 -1.66 -8.89
C ILE ZA 140 -55.69 -2.64 -9.10
N ASN ZA 141 -56.83 -2.13 -9.56
CA ASN ZA 141 -57.98 -2.97 -9.81
C ASN ZA 141 -57.72 -3.90 -11.00
N SER ZA 142 -58.38 -5.06 -10.99
CA SER ZA 142 -58.18 -6.04 -12.04
C SER ZA 142 -58.62 -5.50 -13.39
N GLU ZA 143 -59.69 -4.70 -13.42
CA GLU ZA 143 -60.16 -4.13 -14.67
C GLU ZA 143 -59.16 -3.14 -15.27
N ASP ZA 144 -58.24 -2.63 -14.46
CA ASP ZA 144 -57.21 -1.69 -14.93
C ASP ZA 144 -55.86 -2.36 -15.07
N SER ZA 145 -55.84 -3.60 -15.55
CA SER ZA 145 -54.60 -4.36 -15.71
C SER ZA 145 -53.65 -3.66 -16.68
N ALA ZA 146 -54.05 -3.54 -17.93
CA ALA ZA 146 -53.26 -2.85 -18.95
C ALA ZA 146 -53.97 -1.54 -19.27
N ALA ZA 147 -53.68 -0.52 -18.47
CA ALA ZA 147 -54.31 0.79 -18.61
C ALA ZA 147 -53.58 1.78 -17.72
N MET ZA 148 -53.39 2.99 -18.23
CA MET ZA 148 -52.80 4.06 -17.43
C MET ZA 148 -53.77 4.41 -16.30
N VAL ZA 149 -53.42 4.05 -15.07
CA VAL ZA 149 -54.27 4.30 -13.92
C VAL ZA 149 -53.64 5.40 -13.08
N ILE ZA 150 -54.36 6.50 -12.91
CA ILE ZA 150 -53.99 7.58 -12.02
C ILE ZA 150 -55.00 7.55 -10.88
N GLN ZA 151 -54.61 7.00 -9.73
CA GLN ZA 151 -55.60 6.65 -8.73
C GLN ZA 151 -55.29 7.23 -7.35
N SER ZA 152 -56.08 6.82 -6.36
CA SER ZA 152 -55.88 7.25 -4.99
C SER ZA 152 -54.97 6.25 -4.28
N THR ZA 153 -54.90 6.33 -2.95
CA THR ZA 153 -54.00 5.48 -2.17
C THR ZA 153 -54.33 4.01 -2.38
N SER ZA 154 -55.52 3.58 -1.93
CA SER ZA 154 -55.97 2.23 -2.23
C SER ZA 154 -56.49 2.13 -3.65
N GLY ZA 155 -57.15 3.18 -4.12
CA GLY ZA 155 -57.68 3.25 -5.47
C GLY ZA 155 -59.18 3.08 -5.53
N ALA ZA 156 -59.88 4.22 -5.53
CA ALA ZA 156 -61.30 4.28 -5.82
C ALA ZA 156 -61.66 5.39 -6.79
N THR ZA 157 -60.82 6.42 -6.91
CA THR ZA 157 -61.03 7.53 -7.84
C THR ZA 157 -60.07 7.40 -9.03
N ARG ZA 158 -59.85 6.18 -9.49
CA ARG ZA 158 -58.89 5.93 -10.55
C ARG ZA 158 -59.38 6.52 -11.87
N ILE ZA 159 -58.50 7.27 -12.53
CA ILE ZA 159 -58.66 7.57 -13.95
C ILE ZA 159 -57.91 6.48 -14.70
N SER ZA 160 -58.66 5.57 -15.32
CA SER ZA 160 -58.09 4.43 -16.02
C SER ZA 160 -58.27 4.67 -17.52
N ILE ZA 161 -57.22 5.20 -18.15
CA ILE ZA 161 -57.22 5.43 -19.59
C ILE ZA 161 -56.70 4.16 -20.25
N ARG ZA 162 -57.53 3.56 -21.10
CA ARG ZA 162 -57.18 2.35 -21.81
C ARG ZA 162 -56.77 2.70 -23.24
N GLY ZA 163 -56.43 1.66 -24.01
CA GLY ZA 163 -56.04 1.87 -25.39
C GLY ZA 163 -57.14 2.45 -26.24
N ASP ZA 164 -58.40 2.15 -25.92
CA ASP ZA 164 -59.54 2.65 -26.65
C ASP ZA 164 -60.45 3.53 -25.79
N ASN ZA 165 -60.86 3.04 -24.62
CA ASN ZA 165 -61.80 3.75 -23.77
C ASN ZA 165 -61.09 4.36 -22.57
N ILE ZA 166 -61.85 5.10 -21.78
CA ILE ZA 166 -61.40 5.59 -20.48
C ILE ZA 166 -62.47 5.27 -19.45
N LYS ZA 167 -62.06 5.27 -18.19
CA LYS ZA 167 -62.98 5.02 -17.07
C LYS ZA 167 -62.58 5.95 -15.93
N ILE ZA 168 -63.37 6.98 -15.70
CA ILE ZA 168 -63.10 7.95 -14.64
C ILE ZA 168 -63.95 7.52 -13.44
N THR ZA 169 -63.39 6.63 -12.62
CA THR ZA 169 -64.12 6.13 -11.47
C THR ZA 169 -64.00 7.11 -10.31
N ALA ZA 170 -65.01 7.08 -9.43
CA ALA ZA 170 -65.02 7.84 -8.18
C ALA ZA 170 -66.15 7.32 -7.30
N PRO ZA 171 -65.95 7.27 -5.98
CA PRO ZA 171 -67.05 6.82 -5.11
C PRO ZA 171 -68.03 7.92 -4.72
N SER ZA 172 -67.72 9.19 -4.92
CA SER ZA 172 -68.56 10.27 -4.41
C SER ZA 172 -69.23 11.09 -5.51
N ASN ZA 173 -68.47 11.72 -6.39
CA ASN ZA 173 -69.08 12.58 -7.41
C ASN ZA 173 -68.04 12.93 -8.46
N VAL ZA 174 -68.54 13.49 -9.57
CA VAL ZA 174 -67.71 13.94 -10.69
C VAL ZA 174 -67.98 15.42 -10.89
N THR ZA 175 -68.21 16.15 -9.79
CA THR ZA 175 -68.51 17.57 -9.84
C THR ZA 175 -67.57 18.31 -10.80
N VAL ZA 176 -68.13 18.86 -11.87
CA VAL ZA 176 -67.37 19.57 -12.90
C VAL ZA 176 -67.81 21.02 -12.90
N ASP ZA 177 -66.84 21.93 -12.74
CA ASP ZA 177 -67.15 23.35 -12.67
C ASP ZA 177 -67.17 24.02 -14.04
N THR ZA 178 -66.91 23.29 -15.11
CA THR ZA 178 -67.06 23.84 -16.44
C THR ZA 178 -68.54 24.12 -16.71
N PRO ZA 179 -68.87 25.21 -17.41
CA PRO ZA 179 -70.27 25.48 -17.71
C PRO ZA 179 -70.74 25.06 -19.09
N GLN ZA 180 -69.83 24.70 -19.99
CA GLN ZA 180 -70.12 24.69 -21.42
C GLN ZA 180 -69.57 23.41 -22.05
N ALA ZA 181 -70.00 22.25 -21.54
CA ALA ZA 181 -69.64 21.00 -22.21
C ALA ZA 181 -70.09 21.04 -23.67
N ASN ZA 182 -69.15 20.74 -24.57
CA ASN ZA 182 -69.43 20.56 -25.99
C ASN ZA 182 -69.42 19.09 -26.36
N PHE ZA 183 -69.96 18.27 -25.47
CA PHE ZA 183 -69.94 16.82 -25.64
C PHE ZA 183 -70.63 16.41 -26.94
N THR ZA 184 -70.00 15.49 -27.66
CA THR ZA 184 -70.53 14.98 -28.93
C THR ZA 184 -70.48 13.45 -28.90
N GLY ZA 185 -71.55 12.84 -28.38
CA GLY ZA 185 -71.63 11.40 -28.36
C GLY ZA 185 -72.82 10.94 -27.53
N ASN ZA 186 -73.16 9.66 -27.71
CA ASN ZA 186 -74.30 9.07 -27.02
C ASN ZA 186 -73.96 8.77 -25.57
N VAL ZA 187 -74.89 9.07 -24.67
CA VAL ZA 187 -74.73 8.79 -23.26
C VAL ZA 187 -75.54 7.55 -22.90
N THR ZA 188 -75.30 7.02 -21.71
CA THR ZA 188 -76.02 5.85 -21.20
C THR ZA 188 -76.38 6.09 -19.73
N ILE ZA 189 -76.95 7.25 -19.45
CA ILE ZA 189 -77.27 7.64 -18.08
C ILE ZA 189 -78.48 6.83 -17.61
N ALA ZA 190 -78.25 5.85 -16.74
CA ALA ZA 190 -79.32 4.98 -16.25
C ALA ZA 190 -79.80 5.46 -14.87
N ASN ZA 191 -80.48 6.60 -14.89
CA ASN ZA 191 -80.94 7.26 -13.66
C ASN ZA 191 -81.83 8.43 -14.06
N THR ZA 192 -82.22 9.24 -13.08
CA THR ZA 192 -82.91 10.49 -13.35
C THR ZA 192 -81.89 11.57 -13.73
N LEU ZA 193 -82.38 12.79 -13.94
CA LEU ZA 193 -81.56 13.88 -14.43
C LEU ZA 193 -81.49 15.06 -13.47
N VAL ZA 194 -82.57 15.33 -12.73
CA VAL ZA 194 -82.72 16.48 -11.84
C VAL ZA 194 -82.12 17.73 -12.48
N VAL ZA 195 -82.30 17.85 -13.79
CA VAL ZA 195 -81.86 18.99 -14.58
C VAL ZA 195 -82.51 20.24 -14.04
N ASN ZA 196 -81.72 21.14 -13.42
CA ASN ZA 196 -82.27 22.36 -12.83
C ASN ZA 196 -83.42 22.05 -11.89
N GLY ZA 197 -83.36 20.91 -11.21
CA GLY ZA 197 -84.42 20.51 -10.30
C GLY ZA 197 -85.72 20.11 -10.97
N ILE ZA 198 -85.68 19.65 -12.22
CA ILE ZA 198 -86.89 19.26 -12.92
C ILE ZA 198 -87.04 17.75 -13.11
N ASN ZA 199 -85.95 16.98 -13.02
CA ASN ZA 199 -86.02 15.51 -13.00
C ASN ZA 199 -86.69 14.96 -14.27
N VAL ZA 200 -85.95 15.08 -15.37
CA VAL ZA 200 -86.36 14.59 -16.69
C VAL ZA 200 -87.07 13.24 -16.59
N ASN ZA 201 -86.54 12.34 -15.76
CA ASN ZA 201 -87.15 11.01 -15.64
C ASN ZA 201 -88.59 11.08 -15.17
N ASN ZA 202 -88.92 12.05 -14.32
CA ASN ZA 202 -90.28 12.19 -13.80
C ASN ZA 202 -90.90 13.54 -14.17
N HIS ZA 203 -90.43 14.17 -15.24
CA HIS ZA 203 -90.95 15.47 -15.62
C HIS ZA 203 -92.32 15.34 -16.27
N GLY ZA 204 -92.93 16.47 -16.58
CA GLY ZA 204 -94.23 16.48 -17.23
C GLY ZA 204 -94.47 17.71 -18.08
N HIS ZA 205 -95.71 17.91 -18.51
CA HIS ZA 205 -96.06 19.02 -19.38
C HIS ZA 205 -97.47 19.49 -19.05
N LEU ZA 206 -97.77 20.72 -19.46
CA LEU ZA 206 -99.11 21.28 -19.29
C LEU ZA 206 -99.61 21.86 -20.60
N GLU ZA 207 -100.88 21.61 -20.91
CA GLU ZA 207 -101.52 21.96 -22.17
C GLU ZA 207 -102.80 22.74 -21.88
N ASN ZA 208 -103.51 23.11 -22.94
CA ASN ZA 208 -104.73 23.90 -22.81
C ASN ZA 208 -106.01 23.11 -22.97
N ASN ZA 209 -105.96 21.89 -23.49
CA ASN ZA 209 -107.14 21.05 -23.65
C ASN ZA 209 -106.76 19.61 -23.33
N PRO ZA 210 -106.87 19.19 -22.07
CA PRO ZA 210 -107.39 19.92 -20.89
C PRO ZA 210 -106.51 21.09 -20.47
N PRO ZA 211 -107.05 22.11 -19.79
CA PRO ZA 211 -106.23 23.27 -19.44
C PRO ZA 211 -105.32 22.95 -18.25
N ASP ZA 212 -104.04 23.29 -18.40
CA ASP ZA 212 -103.01 22.91 -17.43
C ASP ZA 212 -103.03 21.41 -17.19
N ALA ZA 213 -103.18 20.65 -18.27
CA ALA ZA 213 -103.29 19.20 -18.17
C ALA ZA 213 -101.94 18.63 -17.77
N ARG ZA 214 -101.79 18.34 -16.49
CA ARG ZA 214 -100.59 17.69 -15.97
C ARG ZA 214 -100.54 16.28 -16.54
N THR ZA 215 -99.72 16.09 -17.58
CA THR ZA 215 -99.72 14.84 -18.31
C THR ZA 215 -99.38 13.67 -17.39
N LYS ZA 216 -100.07 12.55 -17.60
CA LYS ZA 216 -99.94 11.42 -16.68
C LYS ZA 216 -98.55 10.82 -16.76
N GLY ZA 217 -98.14 10.16 -15.68
CA GLY ZA 217 -96.85 9.53 -15.61
C GLY ZA 217 -95.71 10.56 -15.63
N GLY ZA 218 -94.52 10.03 -15.90
CA GLY ZA 218 -93.34 10.86 -15.99
C GLY ZA 218 -92.82 10.97 -17.40
N MET ZA 219 -91.81 10.17 -17.72
CA MET ZA 219 -91.12 10.22 -19.00
C MET ZA 219 -91.10 8.83 -19.61
N ILE ZA 220 -91.82 8.66 -20.71
CA ILE ZA 220 -91.89 7.37 -21.41
C ILE ZA 220 -91.82 7.63 -22.91
N ALA ZA 221 -91.04 6.83 -23.62
CA ALA ZA 221 -90.90 6.97 -25.06
C ALA ZA 221 -92.22 6.69 -25.77
N SER AB 8 -6.36 -2.31 -21.58
CA SER AB 8 -6.51 -1.01 -22.18
C SER AB 8 -5.55 -0.02 -21.57
N ALA AB 9 -4.45 0.27 -22.27
CA ALA AB 9 -3.40 1.09 -21.71
C ALA AB 9 -2.61 1.77 -22.84
N LYS AB 10 -1.75 2.69 -22.44
CA LYS AB 10 -0.92 3.48 -23.35
C LYS AB 10 0.54 3.33 -22.92
N ALA AB 11 1.45 3.31 -23.89
CA ALA AB 11 2.84 3.04 -23.54
C ALA AB 11 3.44 4.09 -22.61
N PRO AB 12 3.33 5.40 -22.84
CA PRO AB 12 4.04 6.32 -21.96
C PRO AB 12 3.48 6.41 -20.55
N ASP AB 13 2.36 5.75 -20.26
CA ASP AB 13 2.05 5.47 -18.86
C ASP AB 13 3.19 4.66 -18.25
N ARG AB 14 3.15 4.51 -16.92
CA ARG AB 14 4.18 3.81 -16.16
C ARG AB 14 5.54 4.50 -16.25
N THR AB 15 5.58 5.69 -16.85
CA THR AB 15 6.80 6.49 -16.92
C THR AB 15 6.73 7.68 -15.99
N ARG AB 16 5.70 8.52 -16.10
CA ARG AB 16 5.49 9.61 -15.15
C ARG AB 16 4.40 9.20 -14.17
N LEU AB 17 4.53 9.68 -12.92
CA LEU AB 17 3.56 9.33 -11.90
C LEU AB 17 2.16 9.81 -12.26
N ILE AB 18 2.04 11.03 -12.79
CA ILE AB 18 0.74 11.57 -13.14
C ILE AB 18 0.07 10.77 -14.25
N ALA AB 19 0.85 10.08 -15.08
CA ALA AB 19 0.26 9.20 -16.08
C ALA AB 19 -0.53 8.09 -15.41
N ALA AB 20 0.10 7.37 -14.47
CA ALA AB 20 -0.62 6.35 -13.72
C ALA AB 20 -1.75 6.96 -12.91
N LEU AB 21 -1.57 8.18 -12.42
CA LEU AB 21 -2.61 8.81 -11.60
C LEU AB 21 -3.87 9.10 -12.42
N ASP AB 22 -3.71 9.66 -13.62
CA ASP AB 22 -4.89 9.96 -14.42
C ASP AB 22 -5.49 8.69 -15.03
N ALA AB 23 -4.66 7.67 -15.30
CA ALA AB 23 -5.23 6.39 -15.68
C ALA AB 23 -6.06 5.81 -14.54
N ARG AB 24 -5.58 5.94 -13.30
CA ARG AB 24 -6.35 5.51 -12.14
C ARG AB 24 -7.66 6.29 -12.03
N SER AB 25 -7.61 7.60 -12.28
CA SER AB 25 -8.83 8.40 -12.25
C SER AB 25 -9.82 7.93 -13.30
N ARG AB 26 -9.33 7.66 -14.51
CA ARG AB 26 -10.21 7.18 -15.58
C ARG AB 26 -10.84 5.85 -15.20
N ARG AB 27 -10.05 4.93 -14.65
CA ARG AB 27 -10.62 3.63 -14.32
C ARG AB 27 -11.55 3.70 -13.11
N ASP AB 28 -11.30 4.60 -12.17
CA ASP AB 28 -12.19 4.77 -11.03
C ASP AB 28 -13.51 5.41 -11.46
N ALA AB 29 -13.46 6.33 -12.43
CA ALA AB 29 -14.68 6.94 -12.94
C ALA AB 29 -15.42 6.08 -13.95
N LEU AB 30 -14.75 5.08 -14.54
CA LEU AB 30 -15.45 4.18 -15.46
C LEU AB 30 -16.37 3.23 -14.74
N ASP AB 31 -16.02 2.80 -13.53
CA ASP AB 31 -16.85 1.92 -12.74
C ASP AB 31 -17.89 2.67 -11.92
N PHE AB 32 -17.92 4.00 -12.00
CA PHE AB 32 -18.88 4.82 -11.27
C PHE AB 32 -20.19 4.87 -12.05
N GLU AB 33 -20.98 3.82 -11.87
CA GLU AB 33 -22.26 3.73 -12.58
C GLU AB 33 -23.24 4.74 -12.02
N VAL AB 34 -23.87 5.52 -12.91
CA VAL AB 34 -24.81 6.55 -12.50
C VAL AB 34 -26.14 6.36 -13.20
N MET AB 35 -26.12 6.32 -14.53
CA MET AB 35 -27.35 6.33 -15.32
C MET AB 35 -27.15 6.01 -16.79
N ILE AB 36 -27.92 5.06 -17.32
CA ILE AB 36 -27.89 4.72 -18.74
C ILE AB 36 -29.29 4.36 -19.21
N PRO AB 37 -29.58 4.41 -20.50
CA PRO AB 37 -30.85 3.87 -21.00
C PRO AB 37 -30.92 2.37 -20.77
N ALA AB 38 -32.14 1.86 -20.60
CA ALA AB 38 -32.34 0.46 -20.26
C ALA AB 38 -33.69 -0.01 -20.79
N GLN AB 39 -33.84 -1.33 -20.85
CA GLN AB 39 -35.04 -1.98 -21.34
C GLN AB 39 -35.55 -2.95 -20.29
N VAL AB 40 -36.84 -3.27 -20.38
CA VAL AB 40 -37.52 -4.13 -19.41
C VAL AB 40 -37.74 -5.50 -20.02
N VAL AB 41 -37.27 -6.52 -19.32
CA VAL AB 41 -37.51 -7.90 -19.76
C VAL AB 41 -38.58 -8.57 -18.91
N GLN AB 42 -38.67 -8.22 -17.63
CA GLN AB 42 -39.77 -8.66 -16.79
C GLN AB 42 -40.26 -7.47 -15.98
N TYR AB 43 -41.51 -7.55 -15.56
CA TYR AB 43 -42.14 -6.55 -14.70
C TYR AB 43 -43.43 -7.13 -14.16
N ASP AB 44 -43.75 -6.78 -12.92
CA ASP AB 44 -45.06 -7.07 -12.36
C ASP AB 44 -45.57 -5.81 -11.68
N ARG AB 45 -46.83 -5.48 -11.94
CA ARG AB 45 -47.42 -4.27 -11.39
C ARG AB 45 -47.80 -4.40 -9.93
N ALA AB 46 -47.78 -5.62 -9.38
CA ALA AB 46 -48.14 -5.79 -7.97
C ALA AB 46 -47.02 -5.33 -7.04
N GLU AB 47 -45.77 -5.59 -7.42
CA GLU AB 47 -44.63 -5.29 -6.56
C GLU AB 47 -43.74 -4.18 -7.09
N ASN AB 48 -43.93 -3.75 -8.34
CA ASN AB 48 -43.17 -2.65 -8.94
C ASN AB 48 -41.67 -2.92 -8.95
N ILE AB 49 -41.30 -4.13 -9.38
CA ILE AB 49 -39.91 -4.50 -9.59
C ILE AB 49 -39.78 -5.17 -10.94
N ALA AB 50 -38.74 -4.80 -11.69
CA ALA AB 50 -38.61 -5.20 -13.08
C ALA AB 50 -37.22 -5.74 -13.38
N THR AB 51 -37.16 -6.87 -14.08
CA THR AB 51 -35.90 -7.34 -14.63
C THR AB 51 -35.52 -6.50 -15.84
N ILE AB 52 -34.29 -6.00 -15.85
CA ILE AB 52 -33.89 -4.94 -16.76
C ILE AB 52 -32.60 -5.32 -17.46
N GLN AB 53 -32.56 -5.12 -18.78
CA GLN AB 53 -31.35 -5.26 -19.58
C GLN AB 53 -30.87 -3.88 -20.01
N PRO AB 54 -29.70 -3.44 -19.57
CA PRO AB 54 -29.20 -2.13 -20.00
C PRO AB 54 -28.93 -2.11 -21.50
N LEU AB 55 -29.06 -0.92 -22.09
CA LEU AB 55 -29.01 -0.76 -23.54
C LEU AB 55 -27.73 -0.05 -24.02
N ILE AB 56 -26.70 0.00 -23.20
CA ILE AB 56 -25.41 0.58 -23.58
C ILE AB 56 -24.36 -0.49 -23.43
N THR AB 57 -23.78 -0.92 -24.56
CA THR AB 57 -22.83 -2.02 -24.53
C THR AB 57 -21.50 -1.58 -23.94
N TRP AB 58 -20.79 -2.56 -23.39
CA TRP AB 58 -19.38 -2.44 -23.11
C TRP AB 58 -18.62 -2.78 -24.38
N VAL AB 59 -17.45 -2.17 -24.58
CA VAL AB 59 -16.65 -2.44 -25.78
C VAL AB 59 -15.23 -2.78 -25.36
N ASP AB 60 -14.68 -3.88 -25.90
CA ASP AB 60 -13.34 -4.28 -25.48
C ASP AB 60 -12.27 -3.68 -26.38
N THR AB 61 -11.06 -4.21 -26.25
CA THR AB 61 -9.90 -3.71 -26.98
C THR AB 61 -10.06 -3.93 -28.48
N GLU AB 62 -10.50 -5.12 -28.88
CA GLU AB 62 -10.72 -5.53 -30.27
C GLU AB 62 -11.90 -4.81 -30.92
N HIS AB 63 -12.56 -3.93 -30.18
CA HIS AB 63 -13.74 -3.21 -30.66
C HIS AB 63 -14.90 -4.16 -30.91
N ASN AB 64 -15.26 -4.91 -29.87
CA ASN AB 64 -16.44 -5.76 -29.86
C ASN AB 64 -17.36 -5.29 -28.74
N ALA AB 65 -18.67 -5.38 -28.96
CA ALA AB 65 -19.62 -5.04 -27.91
C ALA AB 65 -19.95 -6.28 -27.10
N VAL AB 66 -19.65 -6.25 -25.81
CA VAL AB 66 -20.09 -7.28 -24.89
C VAL AB 66 -21.29 -6.74 -24.15
N GLN AB 67 -22.43 -7.41 -24.33
CA GLN AB 67 -23.69 -6.96 -23.75
C GLN AB 67 -23.62 -7.01 -22.23
N ARG AB 68 -24.22 -6.02 -21.58
CA ARG AB 68 -24.24 -5.97 -20.13
C ARG AB 68 -25.13 -7.08 -19.58
N HIS AB 69 -25.14 -7.21 -18.26
CA HIS AB 69 -25.89 -8.26 -17.60
C HIS AB 69 -27.27 -7.76 -17.21
N GLN AB 70 -28.25 -8.67 -17.24
CA GLN AB 70 -29.59 -8.31 -16.82
C GLN AB 70 -29.61 -8.02 -15.32
N LEU AB 71 -30.36 -6.98 -14.95
CA LEU AB 71 -30.49 -6.56 -13.56
C LEU AB 71 -31.91 -6.85 -13.09
N VAL AB 72 -32.04 -7.52 -11.96
CA VAL AB 72 -33.33 -7.99 -11.47
C VAL AB 72 -33.73 -7.18 -10.23
N ASP AB 73 -35.04 -7.16 -9.97
CA ASP AB 73 -35.61 -6.55 -8.78
C ASP AB 73 -35.20 -5.09 -8.64
N ILE AB 74 -35.28 -4.35 -9.74
CA ILE AB 74 -35.06 -2.91 -9.74
C ILE AB 74 -36.41 -2.23 -9.53
N PRO AB 75 -36.57 -1.44 -8.48
CA PRO AB 75 -37.83 -0.69 -8.30
C PRO AB 75 -38.06 0.28 -9.45
N VAL AB 76 -39.32 0.43 -9.84
CA VAL AB 76 -39.72 1.33 -10.90
C VAL AB 76 -40.44 2.52 -10.26
N ILE AB 77 -40.07 3.73 -10.67
CA ILE AB 77 -40.68 4.93 -10.12
C ILE AB 77 -42.19 4.92 -10.40
N SER AB 78 -42.92 5.65 -9.56
CA SER AB 78 -44.35 5.81 -9.75
C SER AB 78 -44.83 7.25 -9.61
N MET AB 79 -44.03 8.16 -9.07
CA MET AB 79 -44.37 9.58 -8.95
C MET AB 79 -45.70 9.76 -8.22
N GLY AB 80 -45.70 9.37 -6.95
CA GLY AB 80 -46.88 9.47 -6.13
C GLY AB 80 -46.60 10.07 -4.77
N ALA AB 81 -47.57 10.83 -4.28
CA ALA AB 81 -47.47 11.44 -2.96
C ALA AB 81 -48.84 11.49 -2.33
N GLY AB 82 -48.91 11.19 -1.03
CA GLY AB 82 -50.19 11.10 -0.36
C GLY AB 82 -51.07 9.99 -0.88
N GLY AB 83 -50.48 8.98 -1.52
CA GLY AB 83 -51.23 7.90 -2.12
C GLY AB 83 -51.67 8.15 -3.54
N PHE AB 84 -51.51 9.37 -4.06
CA PHE AB 84 -51.95 9.71 -5.41
C PHE AB 84 -50.79 9.49 -6.37
N HIS AB 85 -50.64 8.23 -6.79
CA HIS AB 85 -49.57 7.84 -7.70
C HIS AB 85 -50.07 7.80 -9.14
N ILE AB 86 -49.11 7.65 -10.05
CA ILE AB 86 -49.39 7.53 -11.47
C ILE AB 86 -48.76 6.24 -11.97
N SER AB 87 -49.53 5.44 -12.71
CA SER AB 87 -49.06 4.15 -13.21
C SER AB 87 -49.28 4.06 -14.71
N PHE AB 88 -48.48 3.23 -15.35
CA PHE AB 88 -48.54 2.94 -16.76
C PHE AB 88 -48.41 1.44 -16.98
N PRO AB 89 -48.96 0.91 -18.07
CA PRO AB 89 -48.86 -0.54 -18.29
C PRO AB 89 -47.46 -0.96 -18.70
N ILE AB 90 -46.57 -1.05 -17.74
CA ILE AB 90 -45.18 -1.42 -18.02
C ILE AB 90 -45.16 -2.86 -18.50
N GLN AB 91 -44.80 -3.05 -19.77
CA GLN AB 91 -44.69 -4.37 -20.38
C GLN AB 91 -43.29 -4.56 -20.92
N GLN AB 92 -42.93 -5.82 -21.15
CA GLN AB 92 -41.60 -6.12 -21.67
C GLN AB 92 -41.41 -5.47 -23.04
N GLY AB 93 -40.28 -4.80 -23.23
CA GLY AB 93 -39.95 -4.15 -24.47
C GLY AB 93 -39.91 -2.63 -24.40
N ASP AB 94 -40.53 -2.03 -23.39
CA ASP AB 94 -40.43 -0.59 -23.25
C ASP AB 94 -39.05 -0.20 -22.77
N ILE AB 95 -38.67 1.05 -23.05
CA ILE AB 95 -37.33 1.54 -22.73
C ILE AB 95 -37.43 2.70 -21.77
N GLY AB 96 -36.34 2.96 -21.07
CA GLY AB 96 -36.29 4.02 -20.10
C GLY AB 96 -34.88 4.29 -19.65
N TRP AB 97 -34.75 4.81 -18.43
CA TRP AB 97 -33.45 5.13 -17.86
C TRP AB 97 -33.31 4.49 -16.49
N ILE AB 98 -32.19 3.82 -16.25
CA ILE AB 98 -31.90 3.18 -14.97
C ILE AB 98 -30.87 4.00 -14.23
N TYR AB 99 -31.09 4.18 -12.93
CA TYR AB 99 -30.22 4.96 -12.07
C TYR AB 99 -29.50 4.04 -11.09
N ALA AB 100 -28.59 4.62 -10.31
CA ALA AB 100 -27.80 3.85 -9.35
C ALA AB 100 -27.84 4.54 -8.00
N ALA AB 101 -27.88 3.72 -6.94
CA ALA AB 101 -27.98 4.23 -5.58
C ALA AB 101 -26.60 4.42 -4.98
N ASP AB 102 -26.52 5.37 -4.04
CA ASP AB 102 -25.26 5.65 -3.36
C ASP AB 102 -24.80 4.45 -2.54
N ARG AB 103 -25.73 3.62 -2.08
CA ARG AB 103 -25.40 2.43 -1.29
C ARG AB 103 -26.40 1.34 -1.63
N ASP AB 104 -26.19 0.16 -1.05
CA ASP AB 104 -27.10 -0.96 -1.27
C ASP AB 104 -28.46 -0.66 -0.63
N THR AB 105 -29.50 -0.70 -1.45
CA THR AB 105 -30.87 -0.47 -0.99
C THR AB 105 -31.70 -1.74 -0.99
N SER AB 106 -31.05 -2.90 -1.07
CA SER AB 106 -31.79 -4.16 -1.00
C SER AB 106 -32.48 -4.32 0.35
N GLN AB 107 -31.79 -3.98 1.43
CA GLN AB 107 -32.41 -4.06 2.75
C GLN AB 107 -33.51 -3.01 2.92
N PHE AB 108 -33.37 -1.87 2.26
CA PHE AB 108 -34.43 -0.86 2.34
C PHE AB 108 -35.65 -1.26 1.52
N LEU AB 109 -35.47 -2.02 0.44
CA LEU AB 109 -36.57 -2.30 -0.46
C LEU AB 109 -37.69 -3.06 0.24
N GLU AB 110 -37.34 -4.16 0.92
CA GLU AB 110 -38.37 -5.00 1.54
C GLU AB 110 -39.01 -4.34 2.75
N SER AB 111 -38.39 -3.32 3.33
CA SER AB 111 -38.85 -2.73 4.58
C SER AB 111 -39.51 -1.36 4.41
N LEU AB 112 -39.11 -0.59 3.40
CA LEU AB 112 -39.63 0.75 3.14
C LEU AB 112 -39.50 1.65 4.37
N SER AB 113 -38.34 1.57 5.02
CA SER AB 113 -38.08 2.34 6.23
C SER AB 113 -36.58 2.54 6.38
N MET AB 114 -36.20 3.21 7.47
CA MET AB 114 -34.80 3.55 7.72
C MET AB 114 -34.01 2.27 7.95
N SER AB 115 -33.07 1.96 7.07
CA SER AB 115 -32.33 0.71 7.13
C SER AB 115 -30.89 0.93 6.71
N LYS AB 116 -30.01 0.01 7.14
CA LYS AB 116 -28.61 0.05 6.79
C LYS AB 116 -28.39 -0.45 5.37
N PRO AB 117 -27.30 -0.04 4.71
CA PRO AB 117 -26.93 -0.69 3.46
C PRO AB 117 -26.50 -2.13 3.73
N ASN AB 118 -27.10 -3.07 2.98
CA ASN AB 118 -26.84 -4.48 3.25
C ASN AB 118 -25.38 -4.83 2.97
N THR AB 119 -24.82 -4.35 1.87
CA THR AB 119 -23.44 -4.60 1.50
C THR AB 119 -22.70 -3.27 1.31
N GLY AB 120 -21.45 -3.36 0.90
CA GLY AB 120 -20.62 -2.20 0.64
C GLY AB 120 -20.59 -1.74 -0.79
N ARG AB 121 -21.43 -2.28 -1.65
CA ARG AB 121 -21.42 -1.92 -3.08
C ARG AB 121 -21.96 -0.51 -3.24
N ILE AB 122 -21.10 0.42 -3.62
CA ILE AB 122 -21.45 1.82 -3.79
C ILE AB 122 -21.50 2.15 -5.27
N HIS AB 123 -22.53 2.91 -5.67
CA HIS AB 123 -22.68 3.42 -7.03
C HIS AB 123 -22.55 2.30 -8.06
N LYS AB 124 -23.49 1.37 -8.00
CA LYS AB 124 -23.57 0.29 -8.95
C LYS AB 124 -25.00 0.18 -9.46
N PHE AB 125 -25.13 -0.25 -10.71
CA PHE AB 125 -26.44 -0.43 -11.31
C PHE AB 125 -27.18 -1.64 -10.76
N GLU AB 126 -26.53 -2.42 -9.89
CA GLU AB 126 -27.20 -3.51 -9.20
C GLU AB 126 -28.39 -3.01 -8.38
N HIS AB 127 -28.31 -1.78 -7.86
CA HIS AB 127 -29.38 -1.19 -7.07
C HIS AB 127 -29.68 0.20 -7.61
N GLY AB 128 -30.94 0.43 -7.98
CA GLY AB 128 -31.32 1.70 -8.56
C GLY AB 128 -32.77 1.66 -9.02
N LEU AB 129 -33.13 2.68 -9.81
CA LEU AB 129 -34.50 2.86 -10.29
C LEU AB 129 -34.54 2.70 -11.81
N PHE AB 130 -35.75 2.70 -12.33
CA PHE AB 130 -35.96 2.67 -13.78
C PHE AB 130 -37.16 3.58 -14.06
N ILE AB 131 -36.88 4.76 -14.60
CA ILE AB 131 -37.91 5.70 -15.02
C ILE AB 131 -38.26 5.39 -16.47
N PRO AB 132 -39.51 5.02 -16.77
CA PRO AB 132 -39.88 4.79 -18.17
C PRO AB 132 -39.82 6.09 -18.97
N ASP AB 133 -39.55 5.95 -20.27
CA ASP AB 133 -39.47 7.10 -21.15
C ASP AB 133 -39.67 6.62 -22.57
N VAL AB 134 -40.65 7.21 -23.28
CA VAL AB 134 -40.98 6.77 -24.63
C VAL AB 134 -40.13 7.43 -25.70
N PHE AB 135 -39.39 8.49 -25.37
CA PHE AB 135 -38.55 9.22 -26.33
C PHE AB 135 -39.46 9.73 -27.45
N ARG AB 136 -39.16 9.44 -28.71
CA ARG AB 136 -39.91 9.95 -29.85
C ARG AB 136 -41.04 9.03 -30.27
N ARG AB 137 -41.25 7.91 -29.56
CA ARG AB 137 -42.22 6.90 -29.97
C ARG AB 137 -43.62 7.31 -29.53
N TYR AB 138 -44.09 8.40 -30.12
CA TYR AB 138 -45.47 8.85 -29.92
C TYR AB 138 -45.85 9.79 -31.06
N THR AB 139 -47.15 10.01 -31.20
CA THR AB 139 -47.69 10.94 -32.20
C THR AB 139 -48.64 11.89 -31.51
N ILE AB 140 -48.44 13.19 -31.72
CA ILE AB 140 -49.23 14.24 -31.09
C ILE AB 140 -50.06 14.92 -32.15
N ASN AB 141 -51.36 15.04 -31.91
CA ASN AB 141 -52.27 15.68 -32.85
C ASN AB 141 -51.99 17.17 -32.94
N SER AB 142 -52.30 17.73 -34.12
CA SER AB 142 -52.08 19.16 -34.33
C SER AB 142 -52.95 20.02 -33.42
N GLU AB 143 -54.16 19.54 -33.11
CA GLU AB 143 -55.05 20.29 -32.24
C GLU AB 143 -54.49 20.45 -30.82
N ASP AB 144 -53.56 19.58 -30.42
CA ASP AB 144 -52.99 19.59 -29.08
C ASP AB 144 -51.59 20.17 -29.07
N SER AB 145 -51.35 21.23 -29.84
CA SER AB 145 -50.03 21.82 -29.96
C SER AB 145 -49.52 22.33 -28.61
N ALA AB 146 -50.15 23.38 -28.08
CA ALA AB 146 -49.82 23.90 -26.76
C ALA AB 146 -50.90 23.40 -25.79
N ALA AB 147 -50.72 22.18 -25.32
CA ALA AB 147 -51.70 21.54 -24.44
C ALA AB 147 -51.06 20.31 -23.80
N MET AB 148 -51.29 20.14 -22.50
CA MET AB 148 -50.85 18.94 -21.81
C MET AB 148 -51.63 17.76 -22.34
N VAL AB 149 -50.98 16.90 -23.13
CA VAL AB 149 -51.63 15.75 -23.74
C VAL AB 149 -51.15 14.50 -23.03
N ILE AB 150 -52.08 13.80 -22.38
CA ILE AB 150 -51.83 12.50 -21.77
C ILE AB 150 -52.56 11.49 -22.65
N GLN AB 151 -51.82 10.73 -23.45
CA GLN AB 151 -52.44 9.98 -24.52
C GLN AB 151 -51.98 8.53 -24.61
N SER AB 152 -52.36 7.86 -25.69
CA SER AB 152 -51.96 6.49 -25.97
C SER AB 152 -50.74 6.49 -26.89
N THR AB 153 -50.40 5.31 -27.42
CA THR AB 153 -49.21 5.17 -28.26
C THR AB 153 -49.28 6.08 -29.48
N SER AB 154 -50.22 5.79 -30.39
CA SER AB 154 -50.43 6.65 -31.54
C SER AB 154 -51.16 7.93 -31.15
N GLY AB 155 -52.07 7.82 -30.19
CA GLY AB 155 -52.85 8.95 -29.71
C GLY AB 155 -54.25 8.92 -30.27
N ALA AB 156 -55.17 8.35 -29.48
CA ALA AB 156 -56.60 8.41 -29.75
C ALA AB 156 -57.43 8.62 -28.51
N THR AB 157 -56.93 8.29 -27.33
CA THR AB 157 -57.61 8.51 -26.05
C THR AB 157 -56.94 9.67 -25.30
N ARG AB 158 -56.52 10.68 -26.03
CA ARG AB 158 -55.78 11.79 -25.43
C ARG AB 158 -56.66 12.62 -24.53
N ILE AB 159 -56.15 12.94 -23.35
CA ILE AB 159 -56.65 14.03 -22.53
C ILE AB 159 -55.78 15.24 -22.86
N SER AB 160 -56.35 16.19 -23.58
CA SER AB 160 -55.65 17.41 -24.00
C SER AB 160 -56.17 18.55 -23.14
N ILE AB 161 -55.40 18.90 -22.12
CA ILE AB 161 -55.75 20.00 -21.23
C ILE AB 161 -55.07 21.26 -21.76
N ARG AB 162 -55.87 22.19 -22.26
CA ARG AB 162 -55.38 23.46 -22.78
C ARG AB 162 -55.45 24.52 -21.69
N GLY AB 163 -55.03 25.74 -22.04
CA GLY AB 163 -55.07 26.83 -21.08
C GLY AB 163 -56.46 27.18 -20.61
N ASP AB 164 -57.46 26.97 -21.46
CA ASP AB 164 -58.85 27.25 -21.13
C ASP AB 164 -59.74 26.02 -21.20
N ASN AB 165 -59.68 25.27 -22.28
CA ASN AB 165 -60.57 24.13 -22.49
C ASN AB 165 -59.83 22.82 -22.28
N ILE AB 166 -60.60 21.75 -22.14
CA ILE AB 166 -60.06 20.40 -21.95
C ILE AB 166 -60.83 19.46 -22.87
N LYS AB 167 -60.10 18.71 -23.69
CA LYS AB 167 -60.69 17.75 -24.62
C LYS AB 167 -60.34 16.34 -24.17
N ILE AB 168 -61.36 15.55 -23.83
CA ILE AB 168 -61.13 14.17 -23.42
C ILE AB 168 -61.57 13.25 -24.54
N THR AB 169 -60.65 12.89 -25.44
CA THR AB 169 -60.99 12.06 -26.58
C THR AB 169 -60.90 10.59 -26.20
N ALA AB 170 -61.75 9.79 -26.83
CA ALA AB 170 -61.73 8.34 -26.70
C ALA AB 170 -62.51 7.73 -27.85
N PRO AB 171 -61.92 6.82 -28.63
CA PRO AB 171 -62.62 6.27 -29.79
C PRO AB 171 -63.79 5.34 -29.46
N SER AB 172 -63.86 4.78 -28.25
CA SER AB 172 -64.87 3.78 -27.95
C SER AB 172 -65.89 4.23 -26.92
N ASN AB 173 -65.48 4.60 -25.70
CA ASN AB 173 -66.44 5.01 -24.69
C ASN AB 173 -65.72 5.78 -23.60
N VAL AB 174 -66.49 6.64 -22.90
CA VAL AB 174 -65.97 7.51 -21.86
C VAL AB 174 -66.66 7.16 -20.54
N THR AB 175 -66.94 5.87 -20.36
CA THR AB 175 -67.62 5.34 -19.19
C THR AB 175 -67.14 5.97 -17.90
N VAL AB 176 -68.09 6.37 -17.05
CA VAL AB 176 -67.81 6.92 -15.74
C VAL AB 176 -68.66 6.14 -14.74
N ASP AB 177 -68.01 5.58 -13.72
CA ASP AB 177 -68.68 4.68 -12.78
C ASP AB 177 -69.23 5.37 -11.54
N THR AB 178 -69.03 6.68 -11.41
CA THR AB 178 -69.55 7.40 -10.27
C THR AB 178 -71.08 7.57 -10.40
N PRO AB 179 -71.81 7.55 -9.29
CA PRO AB 179 -73.27 7.72 -9.37
C PRO AB 179 -73.81 9.13 -9.17
N GLN AB 180 -72.98 10.15 -8.93
CA GLN AB 180 -73.47 11.43 -8.43
C GLN AB 180 -72.79 12.58 -9.19
N ALA AB 181 -72.87 12.58 -10.52
CA ALA AB 181 -72.33 13.71 -11.26
C ALA AB 181 -72.96 15.02 -10.81
N ASN AB 182 -72.13 16.05 -10.67
CA ASN AB 182 -72.56 17.38 -10.30
C ASN AB 182 -72.07 18.40 -11.32
N PHE AB 183 -72.21 18.07 -12.61
CA PHE AB 183 -71.86 18.97 -13.69
C PHE AB 183 -72.63 20.28 -13.55
N THR AB 184 -71.92 21.38 -13.33
CA THR AB 184 -72.54 22.69 -13.11
C THR AB 184 -72.42 23.50 -14.39
N GLY AB 185 -73.42 23.40 -15.25
CA GLY AB 185 -73.39 24.11 -16.53
C GLY AB 185 -74.43 23.53 -17.48
N ASN AB 186 -74.10 23.62 -18.76
CA ASN AB 186 -74.91 23.05 -19.83
C ASN AB 186 -74.04 22.13 -20.70
N VAL AB 187 -74.69 21.16 -21.35
CA VAL AB 187 -74.03 20.36 -22.37
C VAL AB 187 -74.48 20.83 -23.75
N THR AB 188 -73.89 20.20 -24.76
CA THR AB 188 -74.17 20.41 -26.17
C THR AB 188 -74.18 19.04 -26.85
N ILE AB 189 -74.79 18.07 -26.18
CA ILE AB 189 -74.81 16.68 -26.67
C ILE AB 189 -75.72 16.59 -27.88
N ALA AB 190 -75.14 16.38 -29.06
CA ALA AB 190 -75.88 16.41 -30.32
C ALA AB 190 -76.20 14.99 -30.78
N ASN AB 191 -77.01 14.29 -29.98
CA ASN AB 191 -77.49 12.95 -30.31
C ASN AB 191 -78.59 12.60 -29.33
N THR AB 192 -79.00 11.33 -29.33
CA THR AB 192 -80.01 10.85 -28.41
C THR AB 192 -79.44 10.76 -26.98
N LEU AB 193 -80.28 10.31 -26.06
CA LEU AB 193 -79.96 10.29 -24.64
C LEU AB 193 -80.07 8.91 -23.99
N VAL AB 194 -81.03 8.09 -24.43
CA VAL AB 194 -81.32 6.75 -23.91
C VAL AB 194 -81.19 6.72 -22.38
N VAL AB 195 -81.62 7.80 -21.73
CA VAL AB 195 -81.59 7.87 -20.28
C VAL AB 195 -82.50 6.78 -19.71
N ASN AB 196 -81.91 5.85 -18.98
CA ASN AB 196 -82.64 4.71 -18.40
C ASN AB 196 -83.39 3.93 -19.48
N GLY AB 197 -82.84 3.89 -20.69
CA GLY AB 197 -83.46 3.16 -21.78
C GLY AB 197 -84.75 3.76 -22.30
N ILE AB 198 -84.94 5.07 -22.16
CA ILE AB 198 -86.17 5.72 -22.60
C ILE AB 198 -85.97 6.64 -23.80
N ASN AB 199 -84.73 7.01 -24.13
CA ASN AB 199 -84.42 7.77 -25.34
C ASN AB 199 -85.17 9.11 -25.35
N VAL AB 200 -84.77 9.98 -24.44
CA VAL AB 200 -85.30 11.33 -24.29
C VAL AB 200 -85.46 12.02 -25.64
N ASN AB 201 -84.56 11.73 -26.59
CA ASN AB 201 -84.63 12.36 -27.90
C ASN AB 201 -85.91 12.00 -28.64
N ASN AB 202 -86.43 10.79 -28.43
CA ASN AB 202 -87.66 10.34 -29.10
C ASN AB 202 -88.75 10.02 -28.10
N HIS AB 203 -88.82 10.77 -27.01
CA HIS AB 203 -89.74 10.45 -25.93
C HIS AB 203 -91.10 11.10 -26.14
N GLY AB 204 -92.09 10.63 -25.38
CA GLY AB 204 -93.43 11.16 -25.46
C GLY AB 204 -94.10 11.26 -24.11
N HIS AB 205 -95.39 11.54 -24.09
CA HIS AB 205 -96.16 11.64 -22.85
C HIS AB 205 -97.59 11.20 -23.10
N LEU AB 206 -98.27 10.84 -22.02
CA LEU AB 206 -99.69 10.49 -22.07
C LEU AB 206 -100.44 11.28 -21.02
N GLU AB 207 -101.70 11.58 -21.32
CA GLU AB 207 -102.51 12.45 -20.47
C GLU AB 207 -103.92 11.87 -20.29
N ASN AB 208 -104.82 12.66 -19.71
CA ASN AB 208 -106.18 12.20 -19.46
C ASN AB 208 -107.10 12.39 -20.66
N ASN AB 209 -106.98 13.50 -21.37
CA ASN AB 209 -107.81 13.78 -22.54
C ASN AB 209 -106.92 14.16 -23.72
N PRO AB 210 -106.72 13.27 -24.70
CA PRO AB 210 -107.24 11.89 -24.78
C PRO AB 210 -106.54 10.96 -23.79
N PRO AB 211 -107.23 9.93 -23.32
CA PRO AB 211 -106.60 9.01 -22.36
C PRO AB 211 -105.50 8.20 -23.03
N ASP AB 212 -104.31 8.19 -22.41
CA ASP AB 212 -103.15 7.48 -22.93
C ASP AB 212 -102.81 7.95 -24.35
N ALA AB 213 -103.01 9.24 -24.61
CA ALA AB 213 -102.73 9.81 -25.92
C ALA AB 213 -101.23 9.85 -26.14
N ARG AB 214 -100.72 8.88 -26.89
CA ARG AB 214 -99.29 8.82 -27.18
C ARG AB 214 -98.88 10.05 -27.98
N THR AB 215 -98.06 10.91 -27.38
CA THR AB 215 -97.64 12.15 -28.02
C THR AB 215 -96.97 11.85 -29.36
N LYS AB 216 -97.43 12.53 -30.40
CA LYS AB 216 -96.94 12.26 -31.75
C LYS AB 216 -95.47 12.65 -31.88
N GLY AB 217 -94.73 11.83 -32.61
CA GLY AB 217 -93.32 12.09 -32.80
C GLY AB 217 -92.52 11.86 -31.53
N GLY AB 218 -91.27 12.31 -31.57
CA GLY AB 218 -90.39 12.22 -30.42
C GLY AB 218 -90.28 13.54 -29.69
N MET AB 219 -89.14 14.20 -29.83
CA MET AB 219 -88.91 15.51 -29.22
C MET AB 219 -89.08 16.60 -30.29
N ILE AB 220 -90.01 17.51 -30.05
CA ILE AB 220 -90.23 18.67 -30.89
C ILE AB 220 -90.36 19.88 -29.99
N ALA AB 221 -89.53 20.90 -30.23
CA ALA AB 221 -89.52 22.09 -29.39
C ALA AB 221 -90.79 22.91 -29.56
N SER BB 8 -6.53 28.64 -9.56
CA SER BB 8 -7.15 28.07 -8.38
C SER BB 8 -6.26 27.03 -7.73
N ALA BB 9 -5.29 27.49 -6.95
CA ALA BB 9 -4.32 26.61 -6.32
C ALA BB 9 -3.90 27.19 -4.98
N LYS BB 10 -3.32 26.33 -4.14
CA LYS BB 10 -2.88 26.68 -2.80
C LYS BB 10 -1.37 26.47 -2.70
N ALA BB 11 -0.70 27.39 -2.01
CA ALA BB 11 0.75 27.28 -1.91
C ALA BB 11 1.23 26.03 -1.18
N PRO BB 12 0.70 25.65 -0.01
CA PRO BB 12 1.26 24.48 0.68
C PRO BB 12 0.99 23.17 -0.03
N ASP BB 13 0.21 23.17 -1.10
CA ASP BB 13 0.26 22.05 -2.05
C ASP BB 13 1.67 21.96 -2.62
N ARG BB 14 1.93 20.88 -3.36
CA ARG BB 14 3.23 20.66 -3.98
C ARG BB 14 4.32 20.39 -2.92
N THR BB 15 3.94 20.39 -1.64
CA THR BB 15 4.83 20.05 -0.54
C THR BB 15 4.58 18.64 -0.03
N ARG BB 16 3.30 18.30 0.19
CA ARG BB 16 2.96 16.96 0.73
C ARG BB 16 2.24 16.18 -0.39
N LEU BB 17 2.39 14.85 -0.42
CA LEU BB 17 1.85 14.00 -1.46
C LEU BB 17 0.33 13.97 -1.42
N ILE BB 18 -0.27 13.86 -0.23
CA ILE BB 18 -1.73 13.88 -0.17
C ILE BB 18 -2.31 15.27 -0.38
N ALA BB 19 -1.50 16.32 -0.21
CA ALA BB 19 -1.94 17.62 -0.71
C ALA BB 19 -2.10 17.57 -2.22
N ALA BB 20 -1.09 17.06 -2.93
CA ALA BB 20 -1.22 16.89 -4.37
C ALA BB 20 -2.39 15.97 -4.71
N LEU BB 21 -2.56 14.89 -3.95
CA LEU BB 21 -3.55 13.88 -4.26
C LEU BB 21 -4.96 14.40 -4.04
N ASP BB 22 -5.20 15.18 -2.99
CA ASP BB 22 -6.54 15.71 -2.79
C ASP BB 22 -6.84 16.86 -3.73
N ALA BB 23 -5.82 17.61 -4.16
CA ALA BB 23 -6.05 18.54 -5.27
C ALA BB 23 -6.50 17.78 -6.53
N ARG BB 24 -5.83 16.66 -6.82
CA ARG BB 24 -6.22 15.86 -7.97
C ARG BB 24 -7.64 15.32 -7.81
N SER BB 25 -7.98 14.85 -6.61
CA SER BB 25 -9.32 14.32 -6.35
C SER BB 25 -10.37 15.41 -6.53
N ARG BB 26 -10.09 16.62 -6.04
CA ARG BB 26 -11.03 17.72 -6.20
C ARG BB 26 -11.24 18.05 -7.67
N ARG BB 27 -10.16 18.08 -8.45
CA ARG BB 27 -10.31 18.37 -9.88
C ARG BB 27 -11.11 17.27 -10.58
N ASP BB 28 -10.79 16.01 -10.29
CA ASP BB 28 -11.44 14.90 -10.97
C ASP BB 28 -12.92 14.81 -10.59
N ALA BB 29 -13.27 15.16 -9.35
CA ALA BB 29 -14.67 15.24 -8.96
C ALA BB 29 -15.36 16.47 -9.53
N LEU BB 30 -14.63 17.57 -9.71
CA LEU BB 30 -15.22 18.75 -10.33
C LEU BB 30 -15.60 18.48 -11.78
N ASP BB 31 -14.80 17.70 -12.49
CA ASP BB 31 -15.15 17.36 -13.87
C ASP BB 31 -16.27 16.33 -13.98
N PHE BB 32 -16.76 15.80 -12.86
CA PHE BB 32 -17.82 14.79 -12.84
C PHE BB 32 -19.18 15.47 -12.97
N GLU BB 33 -19.61 15.66 -14.20
CA GLU BB 33 -20.89 16.31 -14.46
C GLU BB 33 -22.04 15.35 -14.17
N VAL BB 34 -22.95 15.75 -13.28
CA VAL BB 34 -24.01 14.84 -12.83
C VAL BB 34 -25.39 15.44 -13.07
N MET BB 35 -25.67 16.59 -12.45
CA MET BB 35 -27.03 17.14 -12.46
C MET BB 35 -27.02 18.60 -12.03
N ILE BB 36 -27.60 19.47 -12.87
CA ILE BB 36 -27.76 20.90 -12.54
C ILE BB 36 -29.09 21.40 -13.10
N PRO BB 37 -29.65 22.49 -12.55
CA PRO BB 37 -30.79 23.13 -13.20
C PRO BB 37 -30.40 23.72 -14.54
N ALA BB 38 -31.37 23.80 -15.44
CA ALA BB 38 -31.10 24.29 -16.79
C ALA BB 38 -32.37 24.87 -17.39
N GLN BB 39 -32.21 25.46 -18.57
CA GLN BB 39 -33.30 26.16 -19.27
C GLN BB 39 -33.33 25.71 -20.73
N VAL BB 40 -34.48 25.91 -21.35
CA VAL BB 40 -34.71 25.47 -22.72
C VAL BB 40 -34.53 26.66 -23.66
N VAL BB 41 -33.59 26.55 -24.59
CA VAL BB 41 -33.39 27.57 -25.61
C VAL BB 41 -34.25 27.28 -26.84
N GLN BB 42 -34.21 26.04 -27.32
CA GLN BB 42 -35.03 25.59 -28.44
C GLN BB 42 -35.66 24.25 -28.08
N TYR BB 43 -36.78 23.93 -28.71
CA TYR BB 43 -37.44 22.66 -28.49
C TYR BB 43 -38.39 22.37 -29.64
N ASP BB 44 -38.58 21.07 -29.92
CA ASP BB 44 -39.61 20.61 -30.83
C ASP BB 44 -40.25 19.35 -30.24
N ARG BB 45 -41.58 19.30 -30.29
CA ARG BB 45 -42.31 18.18 -29.71
C ARG BB 45 -42.25 16.92 -30.56
N ALA BB 46 -41.94 17.05 -31.85
CA ALA BB 46 -41.95 15.88 -32.73
C ALA BB 46 -40.76 14.97 -32.50
N GLU BB 47 -39.61 15.54 -32.16
CA GLU BB 47 -38.38 14.77 -32.01
C GLU BB 47 -37.93 14.63 -30.56
N ASN BB 48 -38.54 15.37 -29.63
CA ASN BB 48 -38.24 15.29 -28.20
C ASN BB 48 -36.76 15.52 -27.91
N ILE BB 49 -36.17 16.50 -28.58
CA ILE BB 49 -34.81 16.96 -28.30
C ILE BB 49 -34.83 18.47 -28.21
N ALA BB 50 -34.15 19.02 -27.20
CA ALA BB 50 -34.21 20.44 -26.91
C ALA BB 50 -32.81 21.00 -26.71
N THR BB 51 -32.53 22.14 -27.34
CA THR BB 51 -31.31 22.89 -27.04
C THR BB 51 -31.45 23.51 -25.66
N ILE BB 52 -30.41 23.36 -24.83
CA ILE BB 52 -30.50 23.64 -23.40
C ILE BB 52 -29.33 24.51 -22.98
N GLN BB 53 -29.61 25.56 -22.20
CA GLN BB 53 -28.60 26.38 -21.56
C GLN BB 53 -28.58 26.11 -20.07
N PRO BB 54 -27.48 25.58 -19.52
CA PRO BB 54 -27.43 25.35 -18.07
C PRO BB 54 -27.51 26.66 -17.30
N LEU BB 55 -28.11 26.58 -16.10
CA LEU BB 55 -28.38 27.76 -15.30
C LEU BB 55 -27.44 27.89 -14.10
N ILE BB 56 -26.30 27.20 -14.12
CA ILE BB 56 -25.29 27.31 -13.06
C ILE BB 56 -24.00 27.78 -13.71
N THR BB 57 -23.56 28.98 -13.35
CA THR BB 57 -22.40 29.58 -14.00
C THR BB 57 -21.11 28.89 -13.57
N TRP BB 58 -20.07 29.10 -14.38
CA TRP BB 58 -18.71 28.80 -13.97
C TRP BB 58 -18.15 29.98 -13.19
N VAL BB 59 -17.06 29.74 -12.46
CA VAL BB 59 -16.38 30.76 -11.68
C VAL BB 59 -14.87 30.59 -11.84
N ASP BB 60 -14.17 31.67 -12.17
CA ASP BB 60 -12.72 31.64 -12.21
C ASP BB 60 -12.14 32.32 -10.96
N THR BB 61 -10.82 32.49 -10.94
CA THR BB 61 -10.15 33.04 -9.77
C THR BB 61 -10.52 34.50 -9.54
N GLU BB 62 -10.75 35.25 -10.61
CA GLU BB 62 -11.10 36.66 -10.50
C GLU BB 62 -12.47 36.87 -9.86
N HIS BB 63 -13.24 35.80 -9.67
CA HIS BB 63 -14.63 35.86 -9.25
C HIS BB 63 -15.50 36.50 -10.34
N ASN BB 64 -15.27 36.07 -11.57
CA ASN BB 64 -16.15 36.35 -12.70
C ASN BB 64 -16.88 35.06 -13.04
N ALA BB 65 -18.14 35.16 -13.42
CA ALA BB 65 -18.91 33.98 -13.80
C ALA BB 65 -19.01 33.90 -15.31
N VAL BB 66 -18.60 32.76 -15.86
CA VAL BB 66 -18.72 32.50 -17.29
C VAL BB 66 -19.88 31.55 -17.50
N GLN BB 67 -20.87 32.01 -18.27
CA GLN BB 67 -22.01 31.18 -18.59
C GLN BB 67 -21.58 29.92 -19.32
N ARG BB 68 -22.23 28.80 -19.00
CA ARG BB 68 -21.89 27.54 -19.64
C ARG BB 68 -22.34 27.56 -21.09
N HIS BB 69 -22.12 26.44 -21.78
CA HIS BB 69 -22.38 26.34 -23.21
C HIS BB 69 -23.73 25.67 -23.46
N GLN BB 70 -24.37 26.08 -24.54
CA GLN BB 70 -25.65 25.48 -24.91
C GLN BB 70 -25.44 24.03 -25.31
N LEU BB 71 -26.26 23.14 -24.75
CA LEU BB 71 -26.18 21.71 -25.01
C LEU BB 71 -27.31 21.33 -25.96
N VAL BB 72 -26.96 21.08 -27.23
CA VAL BB 72 -27.97 20.89 -28.26
C VAL BB 72 -28.36 19.42 -28.34
N ASP BB 73 -29.62 19.19 -28.71
CA ASP BB 73 -30.15 17.85 -28.97
C ASP BB 73 -30.06 16.95 -27.74
N ILE BB 74 -30.64 17.42 -26.64
CA ILE BB 74 -30.75 16.66 -25.40
C ILE BB 74 -32.16 16.09 -25.33
N PRO BB 75 -32.33 14.77 -25.23
CA PRO BB 75 -33.68 14.21 -25.10
C PRO BB 75 -34.35 14.68 -23.81
N VAL BB 76 -35.67 14.82 -23.88
CA VAL BB 76 -36.48 15.25 -22.74
C VAL BB 76 -37.33 14.06 -22.30
N ILE BB 77 -37.34 13.79 -20.99
CA ILE BB 77 -38.10 12.67 -20.47
C ILE BB 77 -39.59 12.84 -20.81
N SER BB 78 -40.28 11.71 -20.92
CA SER BB 78 -41.71 11.71 -21.19
C SER BB 78 -42.52 10.86 -20.21
N MET BB 79 -41.91 9.92 -19.52
CA MET BB 79 -42.58 9.11 -18.49
C MET BB 79 -43.78 8.36 -19.06
N GLY BB 80 -43.47 7.42 -19.94
CA GLY BB 80 -44.48 6.56 -20.52
C GLY BB 80 -43.99 5.14 -20.66
N ALA BB 81 -44.93 4.21 -20.51
CA ALA BB 81 -44.66 2.79 -20.68
C ALA BB 81 -45.87 2.13 -21.30
N GLY BB 82 -45.64 1.30 -22.31
CA GLY BB 82 -46.75 0.79 -23.09
C GLY BB 82 -47.35 1.79 -24.04
N GLY BB 83 -46.65 2.90 -24.30
CA GLY BB 83 -47.12 3.94 -25.18
C GLY BB 83 -47.96 5.01 -24.51
N PHE BB 84 -48.30 4.85 -23.23
CA PHE BB 84 -49.12 5.82 -22.51
C PHE BB 84 -48.19 6.84 -21.86
N HIS BB 85 -47.74 7.79 -22.67
CA HIS BB 85 -46.81 8.80 -22.19
C HIS BB 85 -47.56 10.06 -21.75
N ILE BB 86 -46.86 10.91 -21.00
CA ILE BB 86 -47.38 12.19 -20.54
C ILE BB 86 -46.55 13.28 -21.18
N SER BB 87 -47.22 14.25 -21.79
CA SER BB 87 -46.55 15.32 -22.51
C SER BB 87 -46.99 16.69 -21.99
N PHE BB 88 -46.08 17.64 -22.06
CA PHE BB 88 -46.32 19.03 -21.70
C PHE BB 88 -45.77 19.93 -22.79
N PRO BB 89 -46.35 21.11 -22.98
CA PRO BB 89 -45.85 22.02 -24.02
C PRO BB 89 -44.56 22.72 -23.61
N ILE BB 90 -43.45 21.99 -23.73
CA ILE BB 90 -42.15 22.57 -23.40
C ILE BB 90 -41.85 23.69 -24.36
N GLN BB 91 -41.58 24.87 -23.83
CA GLN BB 91 -41.34 26.06 -24.64
C GLN BB 91 -40.08 26.76 -24.16
N GLN BB 92 -39.61 27.68 -24.99
CA GLN BB 92 -38.40 28.44 -24.68
C GLN BB 92 -38.60 29.26 -23.41
N GLY BB 93 -37.62 29.22 -22.52
CA GLY BB 93 -37.70 29.94 -21.27
C GLY BB 93 -38.23 29.15 -20.10
N ASP BB 94 -38.45 27.85 -20.26
CA ASP BB 94 -38.93 27.00 -19.18
C ASP BB 94 -37.74 26.27 -18.57
N ILE BB 95 -37.78 26.12 -17.24
CA ILE BB 95 -36.64 25.63 -16.49
C ILE BB 95 -36.92 24.23 -15.96
N GLY BB 96 -35.85 23.49 -15.69
CA GLY BB 96 -35.91 22.15 -15.16
C GLY BB 96 -34.52 21.69 -14.76
N TRP BB 97 -34.28 20.39 -14.73
CA TRP BB 97 -32.95 19.88 -14.40
C TRP BB 97 -32.44 18.95 -15.49
N ILE BB 98 -31.17 19.10 -15.85
CA ILE BB 98 -30.54 18.27 -16.87
C ILE BB 98 -29.65 17.25 -16.17
N TYR BB 99 -29.75 16.00 -16.61
CA TYR BB 99 -28.93 14.92 -16.07
C TYR BB 99 -27.81 14.59 -17.04
N ALA BB 100 -26.95 13.64 -16.64
CA ALA BB 100 -25.82 13.25 -17.46
C ALA BB 100 -25.73 11.74 -17.53
N ALA BB 101 -25.27 11.24 -18.68
CA ALA BB 101 -25.20 9.82 -18.94
C ALA BB 101 -23.83 9.26 -18.57
N ASP BB 102 -23.81 7.96 -18.26
CA ASP BB 102 -22.55 7.30 -17.92
C ASP BB 102 -21.59 7.30 -19.11
N ARG BB 103 -22.11 7.08 -20.32
CA ARG BB 103 -21.32 7.10 -21.53
C ARG BB 103 -22.04 7.87 -22.63
N ASP BB 104 -21.50 7.84 -23.85
CA ASP BB 104 -22.13 8.55 -24.96
C ASP BB 104 -23.40 7.83 -25.39
N THR BB 105 -24.52 8.54 -25.33
CA THR BB 105 -25.81 8.03 -25.80
C THR BB 105 -26.17 8.55 -27.19
N SER BB 106 -25.21 9.16 -27.88
CA SER BB 106 -25.49 9.69 -29.22
C SER BB 106 -25.87 8.57 -30.18
N GLN BB 107 -25.15 7.45 -30.14
CA GLN BB 107 -25.50 6.34 -31.00
C GLN BB 107 -26.81 5.68 -30.56
N PHE BB 108 -27.13 5.74 -29.28
CA PHE BB 108 -28.39 5.17 -28.81
C PHE BB 108 -29.59 6.03 -29.19
N LEU BB 109 -29.41 7.35 -29.34
CA LEU BB 109 -30.56 8.22 -29.52
C LEU BB 109 -31.34 7.91 -30.79
N GLU BB 110 -30.64 7.82 -31.92
CA GLU BB 110 -31.33 7.65 -33.20
C GLU BB 110 -31.89 6.24 -33.41
N SER BB 111 -31.52 5.27 -32.57
CA SER BB 111 -31.92 3.89 -32.79
C SER BB 111 -32.79 3.32 -31.68
N LEU BB 112 -32.69 3.84 -30.45
CA LEU BB 112 -33.43 3.32 -29.31
C LEU BB 112 -33.22 1.81 -29.14
N SER BB 113 -31.97 1.38 -29.29
CA SER BB 113 -31.63 -0.02 -29.23
C SER BB 113 -30.23 -0.19 -28.66
N MET BB 114 -29.87 -1.44 -28.38
CA MET BB 114 -28.59 -1.78 -27.77
C MET BB 114 -27.46 -1.40 -28.71
N SER BB 115 -26.67 -0.39 -28.35
CA SER BB 115 -25.59 0.08 -29.20
C SER BB 115 -24.41 0.52 -28.34
N LYS BB 116 -23.24 0.55 -28.96
CA LYS BB 116 -22.03 0.95 -28.25
C LYS BB 116 -22.05 2.44 -27.95
N PRO BB 117 -21.29 2.88 -26.95
CA PRO BB 117 -21.04 4.32 -26.80
C PRO BB 117 -20.19 4.81 -27.96
N ASN BB 118 -20.66 5.87 -28.61
CA ASN BB 118 -19.96 6.36 -29.79
C ASN BB 118 -18.55 6.84 -29.46
N THR BB 119 -18.40 7.57 -28.36
CA THR BB 119 -17.10 8.05 -27.93
C THR BB 119 -16.80 7.63 -26.51
N GLY BB 120 -15.71 8.12 -25.94
CA GLY BB 120 -15.32 7.83 -24.58
C GLY BB 120 -15.71 8.89 -23.57
N ARG BB 121 -16.56 9.84 -23.93
CA ARG BB 121 -16.92 10.93 -23.03
C ARG BB 121 -17.80 10.40 -21.91
N ILE BB 122 -17.24 10.32 -20.70
CA ILE BB 122 -17.94 9.75 -19.55
C ILE BB 122 -18.36 10.88 -18.62
N HIS BB 123 -19.58 10.78 -18.10
CA HIS BB 123 -20.11 11.68 -17.08
C HIS BB 123 -19.94 13.14 -17.46
N LYS BB 124 -20.36 13.45 -18.68
CA LYS BB 124 -20.40 14.83 -19.12
C LYS BB 124 -21.85 15.21 -19.35
N PHE BB 125 -22.18 16.43 -18.96
CA PHE BB 125 -23.53 16.98 -19.10
C PHE BB 125 -24.02 17.00 -20.53
N GLU BB 126 -23.15 16.74 -21.49
CA GLU BB 126 -23.51 17.12 -22.84
C GLU BB 126 -24.34 16.01 -23.46
N HIS BB 127 -24.30 14.81 -22.86
CA HIS BB 127 -25.26 13.75 -23.12
C HIS BB 127 -26.04 13.50 -21.84
N GLY BB 128 -27.37 13.57 -21.92
CA GLY BB 128 -28.21 13.45 -20.75
C GLY BB 128 -29.64 13.79 -21.11
N LEU BB 129 -30.47 13.96 -20.07
CA LEU BB 129 -31.88 14.28 -20.24
C LEU BB 129 -32.21 15.63 -19.64
N PHE BB 130 -33.46 16.03 -19.80
CA PHE BB 130 -33.97 17.27 -19.20
C PHE BB 130 -35.36 16.96 -18.64
N ILE BB 131 -35.49 17.03 -17.32
CA ILE BB 131 -36.76 16.83 -16.64
C ILE BB 131 -37.32 18.19 -16.27
N PRO BB 132 -38.49 18.58 -16.80
CA PRO BB 132 -39.05 19.89 -16.45
C PRO BB 132 -39.46 19.95 -14.99
N ASP BB 133 -39.49 21.17 -14.46
CA ASP BB 133 -39.91 21.41 -13.09
C ASP BB 133 -40.27 22.88 -12.93
N VAL BB 134 -41.42 23.16 -12.30
CA VAL BB 134 -41.90 24.53 -12.21
C VAL BB 134 -41.53 25.21 -10.89
N PHE BB 135 -41.14 24.44 -9.87
CA PHE BB 135 -40.74 24.99 -8.56
C PHE BB 135 -41.92 25.80 -8.01
N ARG BB 136 -41.73 27.07 -7.65
CA ARG BB 136 -42.79 27.88 -7.08
C ARG BB 136 -43.80 28.38 -8.11
N ARG BB 137 -43.44 28.36 -9.39
CA ARG BB 137 -44.23 29.06 -10.40
C ARG BB 137 -45.54 28.35 -10.69
N TYR BB 138 -46.43 28.31 -9.70
CA TYR BB 138 -47.78 27.77 -9.85
C TYR BB 138 -48.59 28.16 -8.63
N THR BB 139 -49.90 28.33 -8.84
CA THR BB 139 -50.83 28.72 -7.79
C THR BB 139 -51.86 27.63 -7.59
N ILE BB 140 -52.01 27.17 -6.34
CA ILE BB 140 -52.98 26.14 -5.98
C ILE BB 140 -54.14 26.80 -5.26
N ASN BB 141 -55.36 26.50 -5.70
CA ASN BB 141 -56.54 27.00 -5.01
C ASN BB 141 -56.75 26.26 -3.69
N SER BB 142 -57.37 26.95 -2.73
CA SER BB 142 -57.53 26.40 -1.40
C SER BB 142 -58.42 25.15 -1.41
N GLU BB 143 -59.34 25.05 -2.37
CA GLU BB 143 -60.21 23.88 -2.45
C GLU BB 143 -59.45 22.62 -2.84
N ASP BB 144 -58.23 22.75 -3.37
CA ASP BB 144 -57.42 21.63 -3.81
C ASP BB 144 -56.21 21.44 -2.89
N SER BB 145 -56.42 21.59 -1.58
CA SER BB 145 -55.34 21.47 -0.62
C SER BB 145 -54.75 20.06 -0.62
N ALA BB 146 -55.53 19.07 -0.19
CA ALA BB 146 -55.10 17.67 -0.22
C ALA BB 146 -55.83 16.99 -1.37
N ALA BB 147 -55.26 17.11 -2.56
CA ALA BB 147 -55.84 16.55 -3.77
C ALA BB 147 -54.81 16.59 -4.88
N MET BB 148 -54.73 15.52 -5.65
CA MET BB 148 -53.86 15.51 -6.83
C MET BB 148 -54.45 16.49 -7.83
N VAL BB 149 -53.84 17.65 -7.95
CA VAL BB 149 -54.40 18.73 -8.76
C VAL BB 149 -53.41 19.04 -9.88
N ILE BB 150 -53.87 18.87 -11.13
CA ILE BB 150 -53.08 19.15 -12.32
C ILE BB 150 -53.71 20.33 -13.02
N GLN BB 151 -52.99 21.45 -13.09
CA GLN BB 151 -53.61 22.70 -13.54
C GLN BB 151 -52.80 23.31 -14.68
N SER BB 152 -53.17 24.55 -15.03
CA SER BB 152 -52.43 25.38 -15.94
C SER BB 152 -51.39 26.18 -15.16
N THR BB 153 -50.82 27.21 -15.79
CA THR BB 153 -49.76 28.01 -15.16
C THR BB 153 -50.24 28.58 -13.83
N SER BB 154 -51.22 29.49 -13.89
CA SER BB 154 -51.81 30.02 -12.67
C SER BB 154 -52.77 29.03 -12.03
N GLY BB 155 -53.41 28.20 -12.85
CA GLY BB 155 -54.36 27.21 -12.40
C GLY BB 155 -55.78 27.65 -12.64
N ALA BB 156 -56.34 27.21 -13.76
CA ALA BB 156 -57.74 27.44 -14.08
C ALA BB 156 -58.44 26.23 -14.67
N THR BB 157 -57.70 25.27 -15.23
CA THR BB 157 -58.26 24.04 -15.78
C THR BB 157 -57.82 22.84 -14.95
N ARG BB 158 -57.85 23.00 -13.63
CA ARG BB 158 -57.34 21.99 -12.72
C ARG BB 158 -58.23 20.75 -12.74
N ILE BB 159 -57.61 19.60 -13.00
CA ILE BB 159 -58.21 18.32 -12.66
C ILE BB 159 -57.77 18.01 -11.23
N SER BB 160 -58.71 18.03 -10.31
CA SER BB 160 -58.45 17.79 -8.89
C SER BB 160 -59.06 16.45 -8.52
N ILE BB 161 -58.22 15.42 -8.51
CA ILE BB 161 -58.60 14.09 -8.04
C ILE BB 161 -58.39 14.07 -6.53
N ARG BB 162 -59.49 14.05 -5.78
CA ARG BB 162 -59.43 14.00 -4.34
C ARG BB 162 -59.50 12.54 -3.88
N GLY BB 163 -59.56 12.34 -2.57
CA GLY BB 163 -59.69 10.98 -2.05
C GLY BB 163 -60.99 10.31 -2.44
N ASP BB 164 -62.06 11.10 -2.56
CA ASP BB 164 -63.38 10.57 -2.94
C ASP BB 164 -63.90 11.18 -4.24
N ASN BB 165 -63.93 12.50 -4.35
CA ASN BB 165 -64.57 13.15 -5.48
C ASN BB 165 -63.54 13.63 -6.51
N ILE BB 166 -64.07 14.09 -7.64
CA ILE BB 166 -63.26 14.61 -8.74
C ILE BB 166 -63.82 15.97 -9.14
N LYS BB 167 -62.95 16.96 -9.29
CA LYS BB 167 -63.35 18.29 -9.74
C LYS BB 167 -62.55 18.64 -10.99
N ILE BB 168 -63.19 18.55 -12.14
CA ILE BB 168 -62.53 18.81 -13.42
C ILE BB 168 -62.96 20.22 -13.83
N THR BB 169 -62.19 21.22 -13.40
CA THR BB 169 -62.50 22.61 -13.69
C THR BB 169 -61.97 23.01 -15.06
N ALA BB 170 -62.69 23.92 -15.71
CA ALA BB 170 -62.26 24.51 -16.98
C ALA BB 170 -63.05 25.80 -17.22
N PRO BB 171 -62.38 26.92 -17.47
CA PRO BB 171 -63.11 28.19 -17.66
C PRO BB 171 -64.04 28.21 -18.85
N SER BB 172 -63.70 27.52 -19.95
CA SER BB 172 -64.43 27.71 -21.20
C SER BB 172 -65.28 26.52 -21.58
N ASN BB 173 -64.70 25.34 -21.75
CA ASN BB 173 -65.49 24.18 -22.17
C ASN BB 173 -64.76 22.90 -21.80
N VAL BB 174 -65.55 21.86 -21.57
CA VAL BB 174 -65.05 20.56 -21.15
C VAL BB 174 -65.37 19.56 -22.26
N THR BB 175 -65.31 20.05 -23.50
CA THR BB 175 -65.58 19.28 -24.70
C THR BB 175 -65.05 17.85 -24.61
N VAL BB 176 -65.91 16.89 -24.90
CA VAL BB 176 -65.55 15.48 -24.93
C VAL BB 176 -65.90 14.93 -26.31
N ASP BB 177 -64.92 14.31 -26.96
CA ASP BB 177 -65.09 13.81 -28.33
C ASP BB 177 -65.48 12.34 -28.37
N THR BB 178 -65.76 11.72 -27.24
CA THR BB 178 -66.18 10.34 -27.22
C THR BB 178 -67.60 10.20 -27.76
N PRO BB 179 -67.89 9.19 -28.58
CA PRO BB 179 -69.24 9.03 -29.13
C PRO BB 179 -70.18 8.14 -28.33
N GLN BB 180 -69.71 7.40 -27.33
CA GLN BB 180 -70.50 6.35 -26.70
C GLN BB 180 -70.35 6.44 -25.19
N ALA BB 181 -70.66 7.60 -24.62
CA ALA BB 181 -70.62 7.76 -23.17
C ALA BB 181 -71.44 6.69 -22.47
N ASN BB 182 -70.86 6.09 -21.45
CA ASN BB 182 -71.52 5.10 -20.62
C ASN BB 182 -71.49 5.53 -19.17
N PHE BB 183 -71.78 6.81 -18.94
CA PHE BB 183 -71.86 7.31 -17.57
C PHE BB 183 -73.06 6.67 -16.86
N THR BB 184 -72.85 6.25 -15.61
CA THR BB 184 -73.86 5.55 -14.83
C THR BB 184 -74.03 6.25 -13.49
N GLY BB 185 -74.89 7.25 -13.45
CA GLY BB 185 -75.19 7.91 -12.19
C GLY BB 185 -75.95 9.20 -12.40
N ASN BB 186 -76.51 9.68 -11.29
CA ASN BB 186 -77.33 10.89 -11.32
C ASN BB 186 -76.49 12.09 -11.74
N VAL BB 187 -77.03 12.88 -12.67
CA VAL BB 187 -76.39 14.10 -13.09
C VAL BB 187 -77.05 15.27 -12.38
N THR BB 188 -76.40 16.42 -12.39
CA THR BB 188 -76.91 17.62 -11.74
C THR BB 188 -76.68 18.83 -12.66
N ILE BB 189 -77.03 18.70 -13.93
CA ILE BB 189 -76.85 19.80 -14.87
C ILE BB 189 -77.78 20.93 -14.45
N ALA BB 190 -77.20 22.09 -14.16
CA ALA BB 190 -77.96 23.27 -13.76
C ALA BB 190 -78.13 24.27 -14.89
N ASN BB 191 -78.57 23.82 -16.06
CA ASN BB 191 -78.80 24.72 -17.20
C ASN BB 191 -79.53 23.92 -18.28
N THR BB 192 -79.68 24.53 -19.46
CA THR BB 192 -80.34 23.88 -20.57
C THR BB 192 -79.51 22.71 -21.10
N LEU BB 193 -80.14 21.92 -21.95
CA LEU BB 193 -79.52 20.72 -22.50
C LEU BB 193 -79.11 20.86 -23.96
N VAL BB 194 -79.84 21.66 -24.74
CA VAL BB 194 -79.67 21.83 -26.18
C VAL BB 194 -79.32 20.51 -26.84
N VAL BB 195 -79.96 19.43 -26.38
CA VAL BB 195 -79.70 18.10 -26.91
C VAL BB 195 -80.07 18.07 -28.39
N ASN BB 196 -79.07 17.89 -29.24
CA ASN BB 196 -79.26 17.92 -30.70
C ASN BB 196 -79.94 19.22 -31.13
N GLY BB 197 -79.64 20.31 -30.43
CA GLY BB 197 -80.20 21.61 -30.76
C GLY BB 197 -81.71 21.71 -30.57
N ILE BB 198 -82.24 21.10 -29.52
CA ILE BB 198 -83.68 21.16 -29.24
C ILE BB 198 -83.99 21.88 -27.94
N ASN BB 199 -83.00 22.13 -27.07
CA ASN BB 199 -83.18 22.87 -25.82
C ASN BB 199 -84.24 22.20 -24.95
N VAL BB 200 -83.87 21.00 -24.46
CA VAL BB 200 -84.75 20.18 -23.63
C VAL BB 200 -85.32 20.98 -22.46
N ASN BB 201 -84.59 21.98 -21.97
CA ASN BB 201 -85.08 22.77 -20.84
C ASN BB 201 -86.37 23.51 -21.20
N ASN BB 202 -86.43 24.11 -22.39
CA ASN BB 202 -87.62 24.80 -22.86
C ASN BB 202 -88.39 23.99 -23.89
N HIS BB 203 -88.36 22.66 -23.77
CA HIS BB 203 -88.91 21.79 -24.79
C HIS BB 203 -90.43 21.72 -24.68
N GLY BB 204 -91.05 21.00 -25.61
CA GLY BB 204 -92.48 20.85 -25.63
C GLY BB 204 -92.95 19.56 -26.29
N HIS BB 205 -94.25 19.48 -26.58
CA HIS BB 205 -94.83 18.30 -27.20
C HIS BB 205 -96.04 18.71 -28.02
N LEU BB 206 -96.41 17.86 -28.97
CA LEU BB 206 -97.60 18.06 -29.78
C LEU BB 206 -98.42 16.78 -29.82
N GLU BB 207 -99.73 16.90 -29.67
CA GLU BB 207 -100.65 15.79 -29.53
C GLU BB 207 -101.73 15.88 -30.62
N ASN BB 208 -102.73 15.01 -30.51
CA ASN BB 208 -103.81 14.94 -31.49
C ASN BB 208 -105.07 15.71 -31.07
N ASN BB 209 -105.33 15.85 -29.78
CA ASN BB 209 -106.49 16.58 -29.27
C ASN BB 209 -106.03 17.52 -28.18
N PRO BB 210 -105.72 18.78 -28.51
CA PRO BB 210 -105.82 19.44 -29.83
C PRO BB 210 -104.76 18.95 -30.81
N PRO BB 211 -105.04 19.04 -32.11
CA PRO BB 211 -104.05 18.63 -33.11
C PRO BB 211 -103.05 19.74 -33.39
N ASP BB 212 -101.78 19.36 -33.48
CA ASP BB 212 -100.67 20.30 -33.58
C ASP BB 212 -100.77 21.33 -32.47
N ALA BB 213 -100.77 20.83 -31.24
CA ALA BB 213 -100.91 21.64 -30.04
C ALA BB 213 -99.54 21.80 -29.40
N ARG BB 214 -98.99 23.01 -29.48
CA ARG BB 214 -97.70 23.31 -28.85
C ARG BB 214 -97.90 23.31 -27.35
N THR BB 215 -97.50 22.23 -26.70
CA THR BB 215 -97.64 22.12 -25.25
C THR BB 215 -96.83 23.23 -24.58
N LYS BB 216 -97.53 24.18 -23.97
CA LYS BB 216 -96.88 25.39 -23.47
C LYS BB 216 -95.90 25.07 -22.34
N GLY BB 217 -94.96 25.98 -22.15
CA GLY BB 217 -93.94 25.82 -21.13
C GLY BB 217 -92.92 24.78 -21.54
N GLY BB 218 -91.95 24.59 -20.64
CA GLY BB 218 -90.93 23.58 -20.86
C GLY BB 218 -91.19 22.33 -20.04
N MET BB 219 -90.14 21.77 -19.48
CA MET BB 219 -90.25 20.63 -18.59
C MET BB 219 -90.66 21.09 -17.19
N ILE BB 220 -91.70 20.49 -16.64
CA ILE BB 220 -92.20 20.85 -15.32
C ILE BB 220 -92.91 19.65 -14.73
N ALA BB 221 -92.67 19.39 -13.45
CA ALA BB 221 -93.27 18.26 -12.76
C ALA BB 221 -94.77 18.48 -12.57
#